data_2AAZ
#
_entry.id   2AAZ
#
_cell.length_a   179.400
_cell.length_b   179.500
_cell.length_c   209.100
_cell.angle_alpha   90.00
_cell.angle_beta   89.80
_cell.angle_gamma   90.00
#
_symmetry.space_group_name_H-M   'C 1 2 1'
#
loop_
_entity.id
_entity.type
_entity.pdbx_description
1 polymer 'Thymidylate synthase'
2 non-polymer "2'-DEOXYURIDINE 5'-MONOPHOSPHATE"
3 non-polymer '10-PROPARGYL-5,8-DIDEAZAFOLIC ACID'
4 water water
#
_entity_poly.entity_id   1
_entity_poly.type   'polypeptide(L)'
_entity_poly.pdbx_seq_one_letter_code
;MTATIDDQEKNQRSNPDHEEYQYLDLIRRIINVGEVRPDRTGTGTVALFAPPSFRFSLADNTLPLLTTKRVFLRGVIAEL
LWFVSGCTDAKMLSSQGVGIWDGNGSKEFLEKVGLGHRREGDLGPVYGFQWRHFGAEYTDADGDYKGKGVDQLQRVIDTI
KNNPTDRRIILSAWNPKDLPLMALPPCHMFCQFFVSLPPADSPGSKPKLSCLMYQRSCDLGLGVPFNIASYALLTHMIAL
ITDTEPHEFILQMGDAHVYRDHVEPLKTQLEREPRDFPKLKWARSKEEIGDIDGFKVEDFVVEGYKPWGKIDMKMSA
;
_entity_poly.pdbx_strand_id   A,B,C,D,E,F,G,H,I,J,K,L,M,N,O,P
#
loop_
_chem_comp.id
_chem_comp.type
_chem_comp.name
_chem_comp.formula
CB3 non-polymer '10-PROPARGYL-5,8-DIDEAZAFOLIC ACID' 'C24 H23 N5 O6'
UMP non-polymer '2'-DEOXYURIDINE 5'-MONOPHOSPHATE' 'C9 H13 N2 O8 P'
#
# COMPACT_ATOMS: atom_id res chain seq x y z
N ARG A 13 77.85 19.03 -81.73
CA ARG A 13 76.59 18.31 -82.06
C ARG A 13 76.66 17.69 -83.46
N SER A 14 76.40 16.39 -83.54
CA SER A 14 76.43 15.67 -84.80
C SER A 14 75.33 16.14 -85.75
N ASN A 15 74.21 16.56 -85.18
CA ASN A 15 73.06 17.05 -85.95
C ASN A 15 72.50 18.25 -85.20
N PRO A 16 73.15 19.40 -85.34
CA PRO A 16 72.77 20.67 -84.69
C PRO A 16 71.34 21.11 -84.95
N ASP A 17 70.80 20.70 -86.09
CA ASP A 17 69.46 21.12 -86.46
C ASP A 17 68.36 20.23 -85.91
N HIS A 18 68.72 19.19 -85.15
CA HIS A 18 67.70 18.31 -84.62
C HIS A 18 66.75 19.13 -83.77
N GLU A 19 65.46 19.02 -84.07
CA GLU A 19 64.45 19.78 -83.34
C GLU A 19 64.43 19.58 -81.84
N GLU A 20 64.88 18.43 -81.35
CA GLU A 20 64.88 18.17 -79.90
C GLU A 20 65.79 19.11 -79.14
N TYR A 21 66.77 19.69 -79.83
CA TYR A 21 67.65 20.65 -79.16
C TYR A 21 66.90 21.87 -78.64
N GLN A 22 65.74 22.16 -79.23
CA GLN A 22 64.93 23.29 -78.76
C GLN A 22 64.55 22.99 -77.30
N TYR A 23 64.09 21.77 -77.07
CA TYR A 23 63.68 21.36 -75.71
C TYR A 23 64.89 21.34 -74.75
N LEU A 24 65.98 20.72 -75.17
CA LEU A 24 67.19 20.64 -74.33
C LEU A 24 67.78 22.02 -74.04
N ASP A 25 67.85 22.85 -75.06
CA ASP A 25 68.40 24.20 -74.88
C ASP A 25 67.56 25.04 -73.90
N LEU A 26 66.24 24.95 -74.00
CA LEU A 26 65.40 25.73 -73.12
C LEU A 26 65.59 25.32 -71.67
N ILE A 27 65.67 24.02 -71.42
CA ILE A 27 65.88 23.52 -70.07
C ILE A 27 67.22 24.04 -69.53
N ARG A 28 68.24 24.00 -70.37
CA ARG A 28 69.57 24.50 -69.97
C ARG A 28 69.49 25.98 -69.63
N ARG A 29 68.78 26.74 -70.46
CA ARG A 29 68.63 28.17 -70.21
C ARG A 29 67.87 28.44 -68.91
N ILE A 30 66.77 27.73 -68.69
CA ILE A 30 66.00 27.93 -67.46
C ILE A 30 66.85 27.64 -66.23
N ILE A 31 67.60 26.55 -66.27
CA ILE A 31 68.44 26.20 -65.12
C ILE A 31 69.50 27.30 -64.93
N ASN A 32 70.06 27.79 -66.03
CA ASN A 32 71.10 28.82 -65.96
C ASN A 32 70.65 30.21 -65.53
N VAL A 33 69.69 30.79 -66.23
CA VAL A 33 69.23 32.13 -65.92
C VAL A 33 67.77 32.24 -65.44
N GLY A 34 67.12 31.11 -65.24
CA GLY A 34 65.74 31.15 -64.78
C GLY A 34 65.63 31.75 -63.39
N GLU A 35 64.44 32.21 -63.05
CA GLU A 35 64.20 32.82 -61.75
C GLU A 35 63.65 31.78 -60.74
N VAL A 36 64.25 31.71 -59.56
CA VAL A 36 63.81 30.78 -58.52
C VAL A 36 62.51 31.30 -57.94
N ARG A 37 61.46 30.48 -57.98
CA ARG A 37 60.17 30.93 -57.46
C ARG A 37 59.41 29.90 -56.65
N PRO A 38 58.51 30.38 -55.79
CA PRO A 38 57.67 29.51 -54.94
C PRO A 38 56.53 29.13 -55.88
N ASP A 39 55.78 28.10 -55.55
CA ASP A 39 54.67 27.70 -56.40
C ASP A 39 53.59 26.98 -55.62
N ARG A 40 52.46 26.74 -56.30
CA ARG A 40 51.33 26.07 -55.70
C ARG A 40 51.67 24.73 -55.04
N THR A 41 52.53 23.93 -55.68
CA THR A 41 52.86 22.60 -55.15
C THR A 41 53.74 22.64 -53.90
N GLY A 42 54.51 23.71 -53.74
CA GLY A 42 55.37 23.81 -52.60
C GLY A 42 56.78 23.27 -52.80
N THR A 43 57.05 22.68 -53.96
CA THR A 43 58.40 22.16 -54.19
C THR A 43 59.31 23.26 -54.73
N GLY A 44 58.73 24.26 -55.39
CA GLY A 44 59.54 25.34 -55.93
C GLY A 44 60.01 25.04 -57.34
N THR A 45 60.29 26.08 -58.13
CA THR A 45 60.75 25.91 -59.50
C THR A 45 61.72 27.03 -59.89
N VAL A 46 62.25 26.91 -61.09
CA VAL A 46 63.11 27.93 -61.67
C VAL A 46 62.35 28.18 -62.99
N ALA A 47 62.06 29.43 -63.33
CA ALA A 47 61.26 29.69 -64.53
C ALA A 47 61.61 30.91 -65.34
N LEU A 48 61.08 30.90 -66.57
CA LEU A 48 61.21 31.99 -67.53
C LEU A 48 59.80 32.15 -68.11
N PHE A 49 59.41 33.39 -68.42
CA PHE A 49 58.10 33.63 -69.00
C PHE A 49 58.14 33.89 -70.49
N ALA A 50 57.23 33.25 -71.22
CA ALA A 50 57.10 33.44 -72.66
C ALA A 50 58.39 33.32 -73.47
N PRO A 51 59.07 32.17 -73.37
CA PRO A 51 60.31 32.03 -74.15
C PRO A 51 59.91 31.76 -75.59
N PRO A 52 60.87 31.84 -76.53
CA PRO A 52 60.56 31.60 -77.93
C PRO A 52 59.80 30.26 -78.08
N SER A 53 58.84 30.22 -78.99
CA SER A 53 58.05 29.01 -79.20
C SER A 53 58.83 27.89 -79.87
N PHE A 54 58.35 26.65 -79.68
CA PHE A 54 58.97 25.48 -80.31
C PHE A 54 58.26 25.20 -81.61
N ARG A 55 59.01 24.72 -82.61
CA ARG A 55 58.40 24.36 -83.89
C ARG A 55 58.86 22.95 -84.25
N PHE A 56 57.92 22.10 -84.59
CA PHE A 56 58.24 20.73 -84.96
C PHE A 56 57.61 20.35 -86.29
N SER A 57 58.40 19.80 -87.19
CA SER A 57 57.85 19.38 -88.47
C SER A 57 57.10 18.06 -88.32
N LEU A 58 55.92 17.98 -88.94
CA LEU A 58 55.11 16.77 -88.90
C LEU A 58 55.06 16.14 -90.29
N ALA A 59 55.89 16.63 -91.20
CA ALA A 59 55.93 16.09 -92.55
C ALA A 59 56.58 14.71 -92.58
N ASP A 60 56.31 13.96 -93.64
CA ASP A 60 56.86 12.61 -93.79
C ASP A 60 56.51 11.71 -92.60
N ASN A 61 55.30 11.83 -92.10
CA ASN A 61 54.82 11.01 -90.99
C ASN A 61 55.65 11.12 -89.72
N THR A 62 56.36 12.23 -89.55
CA THR A 62 57.20 12.41 -88.38
C THR A 62 56.42 12.70 -87.08
N LEU A 63 56.85 12.05 -86.01
CA LEU A 63 56.24 12.23 -84.69
C LEU A 63 57.33 12.71 -83.73
N PRO A 64 57.22 13.96 -83.25
CA PRO A 64 58.22 14.49 -82.33
C PRO A 64 58.12 13.90 -80.93
N LEU A 65 58.46 12.62 -80.81
CA LEU A 65 58.47 11.92 -79.53
C LEU A 65 59.93 12.00 -79.06
N LEU A 66 60.19 12.71 -77.96
CA LEU A 66 61.54 12.90 -77.46
C LEU A 66 62.34 11.61 -77.33
N THR A 67 63.62 11.71 -77.69
CA THR A 67 64.50 10.56 -77.66
C THR A 67 65.57 10.60 -76.60
N THR A 68 65.77 11.75 -75.95
CA THR A 68 66.81 11.81 -74.94
C THR A 68 66.40 11.13 -73.65
N LYS A 69 65.19 10.58 -73.63
CA LYS A 69 64.69 9.82 -72.49
C LYS A 69 63.53 8.99 -73.03
N ARG A 70 63.23 7.86 -72.39
CA ARG A 70 62.13 7.02 -72.84
C ARG A 70 60.82 7.67 -72.43
N VAL A 71 59.97 7.98 -73.38
CA VAL A 71 58.67 8.62 -73.08
C VAL A 71 57.58 7.57 -73.12
N PHE A 72 56.70 7.59 -72.12
CA PHE A 72 55.60 6.62 -72.03
C PHE A 72 54.58 6.87 -73.17
N LEU A 73 54.92 6.45 -74.37
CA LEU A 73 54.07 6.64 -75.53
C LEU A 73 52.62 6.19 -75.34
N ARG A 74 52.45 4.97 -74.85
CA ARG A 74 51.11 4.44 -74.64
C ARG A 74 50.31 5.35 -73.73
N GLY A 75 50.97 5.94 -72.73
CA GLY A 75 50.28 6.84 -71.82
C GLY A 75 49.83 8.11 -72.55
N VAL A 76 50.65 8.60 -73.47
CA VAL A 76 50.30 9.82 -74.23
C VAL A 76 49.06 9.51 -75.08
N ILE A 77 49.11 8.43 -75.85
CA ILE A 77 47.98 8.02 -76.68
C ILE A 77 46.71 7.81 -75.85
N ALA A 78 46.82 7.05 -74.77
CA ALA A 78 45.66 6.80 -73.95
C ALA A 78 45.01 8.09 -73.44
N GLU A 79 45.83 9.00 -72.92
CA GLU A 79 45.31 10.27 -72.43
C GLU A 79 44.62 11.06 -73.56
N LEU A 80 45.22 11.06 -74.75
CA LEU A 80 44.66 11.79 -75.88
C LEU A 80 43.30 11.24 -76.32
N LEU A 81 43.18 9.91 -76.43
CA LEU A 81 41.93 9.29 -76.84
C LEU A 81 40.88 9.51 -75.76
N TRP A 82 41.35 9.70 -74.54
CA TRP A 82 40.52 9.95 -73.37
C TRP A 82 39.96 11.39 -73.51
N PHE A 83 40.81 12.33 -73.89
CA PHE A 83 40.37 13.72 -74.09
C PHE A 83 39.29 13.71 -75.17
N VAL A 84 39.64 13.13 -76.31
CA VAL A 84 38.73 13.09 -77.45
C VAL A 84 37.35 12.53 -77.09
N SER A 85 37.33 11.51 -76.24
CA SER A 85 36.08 10.88 -75.85
C SER A 85 35.24 11.79 -74.97
N GLY A 86 35.84 12.87 -74.46
CA GLY A 86 35.10 13.78 -73.59
C GLY A 86 35.02 13.29 -72.14
N CYS A 87 35.65 12.15 -71.86
CA CYS A 87 35.64 11.54 -70.54
C CYS A 87 36.51 12.30 -69.56
N THR A 88 36.06 12.40 -68.30
CA THR A 88 36.79 13.10 -67.27
C THR A 88 37.08 12.22 -66.04
N ASP A 89 36.90 10.91 -66.21
CA ASP A 89 37.14 9.94 -65.15
C ASP A 89 38.54 9.34 -65.29
N ALA A 90 39.43 9.71 -64.38
CA ALA A 90 40.81 9.22 -64.42
C ALA A 90 40.89 7.69 -64.28
N LYS A 91 39.84 7.06 -63.75
CA LYS A 91 39.87 5.60 -63.61
C LYS A 91 39.91 4.96 -64.99
N MET A 92 39.43 5.68 -66.01
CA MET A 92 39.45 5.13 -67.37
C MET A 92 40.89 5.03 -67.87
N LEU A 93 41.79 5.79 -67.25
CA LEU A 93 43.21 5.73 -67.61
C LEU A 93 43.95 4.71 -66.72
N SER A 94 43.73 4.77 -65.40
CA SER A 94 44.40 3.83 -64.51
C SER A 94 43.98 2.37 -64.76
N SER A 95 42.76 2.16 -65.25
CA SER A 95 42.29 0.80 -65.51
C SER A 95 43.04 0.20 -66.69
N GLN A 96 43.61 1.06 -67.53
CA GLN A 96 44.38 0.55 -68.64
C GLN A 96 45.89 0.72 -68.41
N GLY A 97 46.25 0.88 -67.14
CA GLY A 97 47.65 1.00 -66.77
C GLY A 97 48.31 2.35 -66.93
N VAL A 98 47.52 3.42 -67.00
CA VAL A 98 48.05 4.78 -67.15
C VAL A 98 47.66 5.60 -65.92
N GLY A 99 48.62 5.92 -65.06
CA GLY A 99 48.32 6.64 -63.84
C GLY A 99 48.75 8.10 -63.77
N ILE A 100 48.96 8.72 -64.93
CA ILE A 100 49.39 10.13 -64.93
C ILE A 100 48.42 11.06 -64.23
N TRP A 101 47.14 10.71 -64.19
CA TRP A 101 46.16 11.56 -63.52
C TRP A 101 45.72 11.05 -62.13
N ASP A 102 46.37 10.01 -61.64
CA ASP A 102 46.04 9.45 -60.32
C ASP A 102 46.34 10.46 -59.23
N GLY A 103 47.43 11.19 -59.38
CA GLY A 103 47.82 12.18 -58.41
C GLY A 103 46.79 13.27 -58.14
N ASN A 104 46.25 13.88 -59.20
CA ASN A 104 45.27 14.93 -59.01
C ASN A 104 43.83 14.41 -58.92
N GLY A 105 43.65 13.11 -59.14
CA GLY A 105 42.32 12.54 -59.03
C GLY A 105 42.12 11.78 -57.72
N SER A 106 43.16 11.70 -56.89
CA SER A 106 43.07 10.98 -55.62
C SER A 106 42.13 11.68 -54.65
N LYS A 107 41.54 10.95 -53.73
CA LYS A 107 40.63 11.59 -52.78
C LYS A 107 41.30 12.71 -51.96
N GLU A 108 42.53 12.47 -51.52
CA GLU A 108 43.28 13.46 -50.73
C GLU A 108 43.42 14.78 -51.48
N PHE A 109 43.76 14.68 -52.77
CA PHE A 109 43.93 15.93 -53.51
C PHE A 109 42.59 16.60 -53.73
N LEU A 110 41.60 15.83 -54.19
CA LEU A 110 40.26 16.38 -54.41
C LEU A 110 39.72 17.06 -53.15
N GLU A 111 39.79 16.37 -52.01
CA GLU A 111 39.30 16.95 -50.76
C GLU A 111 40.12 18.19 -50.43
N LYS A 112 41.39 18.14 -50.78
CA LYS A 112 42.31 19.23 -50.51
C LYS A 112 41.93 20.52 -51.25
N VAL A 113 41.38 20.37 -52.46
CA VAL A 113 40.98 21.55 -53.23
C VAL A 113 39.49 21.86 -53.13
N GLY A 114 38.83 21.34 -52.11
CA GLY A 114 37.41 21.60 -51.94
C GLY A 114 36.46 20.78 -52.79
N LEU A 115 36.92 19.63 -53.29
CA LEU A 115 36.05 18.79 -54.11
C LEU A 115 35.88 17.42 -53.45
N GLY A 116 35.69 17.41 -52.12
CA GLY A 116 35.53 16.17 -51.39
C GLY A 116 34.26 15.39 -51.66
N HIS A 117 33.28 16.03 -52.29
CA HIS A 117 32.01 15.37 -52.60
C HIS A 117 32.10 14.48 -53.81
N ARG A 118 33.27 14.48 -54.46
CA ARG A 118 33.44 13.65 -55.65
C ARG A 118 34.14 12.33 -55.35
N ARG A 119 33.82 11.30 -56.13
CA ARG A 119 34.48 10.02 -55.94
C ARG A 119 35.89 10.15 -56.52
N GLU A 120 36.80 9.34 -56.02
CA GLU A 120 38.17 9.37 -56.49
C GLU A 120 38.25 9.22 -58.00
N GLY A 121 39.06 10.03 -58.66
CA GLY A 121 39.19 9.94 -60.10
C GLY A 121 38.29 10.88 -60.89
N ASP A 122 37.28 11.44 -60.24
CA ASP A 122 36.38 12.37 -60.95
C ASP A 122 36.99 13.75 -60.93
N LEU A 123 37.74 14.07 -61.99
CA LEU A 123 38.47 15.34 -62.08
C LEU A 123 37.60 16.57 -62.33
N GLY A 124 36.35 16.36 -62.73
CA GLY A 124 35.50 17.52 -62.98
C GLY A 124 35.47 17.79 -64.48
N PRO A 125 34.93 18.94 -64.93
CA PRO A 125 34.84 19.32 -66.35
C PRO A 125 36.14 19.78 -66.94
N VAL A 126 37.13 18.88 -66.97
CA VAL A 126 38.44 19.20 -67.52
C VAL A 126 38.52 18.96 -69.05
N TYR A 127 39.72 19.13 -69.59
CA TYR A 127 40.00 18.98 -71.02
C TYR A 127 38.92 18.40 -71.92
N GLY A 128 38.84 17.07 -71.93
CA GLY A 128 37.87 16.38 -72.77
C GLY A 128 36.44 16.88 -72.72
N PHE A 129 35.95 17.19 -71.54
CA PHE A 129 34.60 17.67 -71.39
C PHE A 129 34.41 19.03 -72.09
N GLN A 130 35.37 19.94 -71.89
CA GLN A 130 35.28 21.26 -72.53
C GLN A 130 35.38 21.11 -74.06
N TRP A 131 36.27 20.24 -74.52
CA TRP A 131 36.48 20.00 -75.95
C TRP A 131 35.23 19.54 -76.69
N ARG A 132 34.46 18.65 -76.07
CA ARG A 132 33.26 18.10 -76.71
C ARG A 132 31.93 18.63 -76.18
N HIS A 133 31.93 19.25 -75.00
CA HIS A 133 30.67 19.71 -74.41
C HIS A 133 30.76 21.07 -73.75
N PHE A 134 31.59 21.96 -74.30
CA PHE A 134 31.75 23.28 -73.70
C PHE A 134 30.42 23.96 -73.42
N GLY A 135 30.26 24.44 -72.19
CA GLY A 135 29.05 25.13 -71.83
C GLY A 135 27.99 24.26 -71.16
N ALA A 136 28.08 22.95 -71.34
CA ALA A 136 27.10 22.07 -70.72
C ALA A 136 27.28 22.08 -69.20
N GLU A 137 26.20 21.72 -68.50
CA GLU A 137 26.20 21.68 -67.04
C GLU A 137 26.86 20.37 -66.60
N TYR A 138 27.84 20.47 -65.71
CA TYR A 138 28.53 19.27 -65.25
C TYR A 138 27.93 18.77 -63.93
N THR A 139 27.65 17.48 -63.87
CA THR A 139 27.14 16.91 -62.62
C THR A 139 28.29 16.11 -62.03
N ASP A 140 28.59 14.95 -62.62
CA ASP A 140 29.72 14.12 -62.19
C ASP A 140 30.28 13.46 -63.45
N ALA A 141 31.29 12.57 -63.35
CA ALA A 141 31.85 11.95 -64.55
C ALA A 141 30.96 10.93 -65.24
N ASP A 142 29.88 10.53 -64.57
CA ASP A 142 28.95 9.56 -65.14
C ASP A 142 27.78 10.24 -65.86
N GLY A 143 27.72 11.56 -65.77
CA GLY A 143 26.63 12.29 -66.39
C GLY A 143 26.47 12.03 -67.88
N ASP A 144 25.26 12.20 -68.37
CA ASP A 144 24.97 12.00 -69.78
C ASP A 144 25.08 13.35 -70.50
N TYR A 145 26.17 13.54 -71.22
CA TYR A 145 26.41 14.81 -71.92
C TYR A 145 26.28 14.71 -73.44
N LYS A 146 25.90 13.54 -73.93
CA LYS A 146 25.77 13.36 -75.35
C LYS A 146 24.84 14.40 -75.97
N GLY A 147 25.31 15.11 -76.98
CA GLY A 147 24.50 16.12 -77.63
C GLY A 147 24.36 17.41 -76.84
N LYS A 148 25.07 17.53 -75.72
CA LYS A 148 25.00 18.74 -74.91
C LYS A 148 26.30 19.55 -74.97
N GLY A 149 26.16 20.88 -74.94
CA GLY A 149 27.32 21.75 -75.00
C GLY A 149 27.84 21.87 -76.42
N VAL A 150 28.91 22.64 -76.61
CA VAL A 150 29.50 22.81 -77.94
C VAL A 150 30.60 21.80 -78.22
N ASP A 151 30.45 21.06 -79.32
CA ASP A 151 31.44 20.09 -79.70
C ASP A 151 32.48 20.81 -80.57
N GLN A 152 33.46 21.41 -79.92
CA GLN A 152 34.52 22.13 -80.61
C GLN A 152 35.33 21.26 -81.54
N LEU A 153 35.66 20.05 -81.09
CA LEU A 153 36.47 19.14 -81.90
C LEU A 153 35.84 18.79 -83.24
N GLN A 154 34.58 18.37 -83.24
CA GLN A 154 33.92 18.01 -84.50
C GLN A 154 33.77 19.25 -85.39
N ARG A 155 33.54 20.42 -84.79
CA ARG A 155 33.42 21.66 -85.55
C ARG A 155 34.75 21.94 -86.24
N VAL A 156 35.87 21.69 -85.55
CA VAL A 156 37.19 21.87 -86.15
C VAL A 156 37.32 20.97 -87.39
N ILE A 157 36.94 19.70 -87.24
CA ILE A 157 37.00 18.74 -88.33
C ILE A 157 36.19 19.20 -89.54
N ASP A 158 34.92 19.55 -89.29
CA ASP A 158 34.01 20.00 -90.32
C ASP A 158 34.53 21.25 -91.03
N THR A 159 35.09 22.17 -90.25
CA THR A 159 35.62 23.43 -90.80
C THR A 159 36.84 23.23 -91.68
N ILE A 160 37.75 22.36 -91.26
CA ILE A 160 38.93 22.06 -92.05
C ILE A 160 38.54 21.45 -93.40
N LYS A 161 37.52 20.60 -93.38
CA LYS A 161 37.06 19.95 -94.60
C LYS A 161 36.24 20.85 -95.54
N ASN A 162 35.37 21.68 -94.98
CA ASN A 162 34.47 22.50 -95.80
C ASN A 162 34.77 23.98 -95.91
N ASN A 163 35.59 24.50 -95.01
CA ASN A 163 35.93 25.92 -95.06
C ASN A 163 37.30 26.13 -94.41
N PRO A 164 38.34 25.52 -95.00
CA PRO A 164 39.73 25.58 -94.53
C PRO A 164 40.35 26.95 -94.26
N THR A 165 39.92 27.98 -94.99
CA THR A 165 40.50 29.30 -94.77
C THR A 165 39.85 30.05 -93.60
N ASP A 166 38.90 29.41 -92.94
CA ASP A 166 38.25 30.01 -91.78
C ASP A 166 39.36 30.35 -90.78
N ARG A 167 39.18 31.41 -90.02
CA ARG A 167 40.20 31.84 -89.08
C ARG A 167 39.81 31.58 -87.63
N ARG A 168 38.78 30.76 -87.42
CA ARG A 168 38.31 30.48 -86.06
C ARG A 168 38.40 28.99 -85.73
N ILE A 169 39.35 28.29 -86.34
CA ILE A 169 39.50 26.86 -86.11
C ILE A 169 40.20 26.69 -84.78
N ILE A 170 39.43 26.88 -83.71
CA ILE A 170 39.97 26.84 -82.35
C ILE A 170 39.43 25.67 -81.50
N LEU A 171 40.31 25.08 -80.69
CA LEU A 171 39.94 24.01 -79.79
C LEU A 171 40.45 24.49 -78.42
N SER A 172 39.52 24.78 -77.50
CA SER A 172 39.91 25.31 -76.20
C SER A 172 39.25 24.63 -75.02
N ALA A 173 40.01 24.46 -73.95
CA ALA A 173 39.48 23.85 -72.73
C ALA A 173 39.35 24.88 -71.63
N TRP A 174 39.81 26.11 -71.88
CA TRP A 174 39.72 27.15 -70.87
C TRP A 174 38.27 27.59 -70.65
N ASN A 175 37.77 27.49 -69.41
CA ASN A 175 36.40 27.89 -69.11
C ASN A 175 36.41 28.50 -67.72
N PRO A 176 36.52 29.84 -67.66
CA PRO A 176 36.55 30.58 -66.38
C PRO A 176 35.42 30.19 -65.41
N LYS A 177 34.24 29.87 -65.94
CA LYS A 177 33.12 29.52 -65.09
C LYS A 177 33.30 28.16 -64.44
N ASP A 178 33.81 27.19 -65.21
CA ASP A 178 33.99 25.82 -64.70
C ASP A 178 35.29 25.56 -63.91
N LEU A 179 36.24 26.49 -63.99
CA LEU A 179 37.53 26.32 -63.30
C LEU A 179 37.46 25.78 -61.88
N PRO A 180 36.67 26.40 -61.00
CA PRO A 180 36.60 25.87 -59.63
C PRO A 180 36.12 24.42 -59.51
N LEU A 181 35.47 23.91 -60.55
CA LEU A 181 34.99 22.54 -60.52
C LEU A 181 36.05 21.54 -60.98
N MET A 182 37.16 22.08 -61.49
CA MET A 182 38.25 21.30 -62.01
C MET A 182 39.31 20.98 -60.96
N ALA A 183 39.75 19.74 -60.94
CA ALA A 183 40.80 19.33 -59.98
C ALA A 183 42.04 20.17 -60.28
N LEU A 184 42.22 20.52 -61.55
CA LEU A 184 43.35 21.33 -61.98
C LEU A 184 42.94 22.11 -63.23
N PRO A 185 43.29 23.41 -63.31
CA PRO A 185 42.91 24.17 -64.51
C PRO A 185 43.74 23.69 -65.71
N PRO A 186 43.18 23.81 -66.92
CA PRO A 186 43.88 23.38 -68.14
C PRO A 186 45.28 24.01 -68.30
N CYS A 187 46.29 23.21 -68.60
CA CYS A 187 47.64 23.72 -68.82
C CYS A 187 47.70 24.08 -70.31
N HIS A 188 47.36 23.13 -71.17
CA HIS A 188 47.32 23.42 -72.60
C HIS A 188 45.90 23.94 -72.74
N MET A 189 45.76 25.26 -72.68
CA MET A 189 44.45 25.86 -72.70
C MET A 189 43.74 26.01 -74.01
N PHE A 190 44.49 25.91 -75.11
CA PHE A 190 43.84 25.97 -76.41
C PHE A 190 44.84 25.85 -77.55
N CYS A 191 44.33 25.56 -78.73
CA CYS A 191 45.17 25.45 -79.90
C CYS A 191 44.38 25.96 -81.10
N GLN A 192 45.11 26.30 -82.15
CA GLN A 192 44.50 26.80 -83.37
C GLN A 192 45.07 26.00 -84.55
N PHE A 193 44.21 25.59 -85.47
CA PHE A 193 44.64 24.86 -86.64
C PHE A 193 44.62 25.80 -87.84
N PHE A 194 45.50 25.53 -88.79
CA PHE A 194 45.63 26.33 -90.00
C PHE A 194 45.80 25.38 -91.16
N VAL A 195 45.13 25.69 -92.27
CA VAL A 195 45.20 24.84 -93.46
C VAL A 195 45.73 25.63 -94.64
N SER A 196 46.84 25.16 -95.22
CA SER A 196 47.42 25.80 -96.40
C SER A 196 46.80 25.11 -97.60
N LEU A 197 46.29 25.91 -98.53
CA LEU A 197 45.66 25.38 -99.73
C LEU A 197 46.72 24.83 -100.68
N PRO A 198 46.34 23.87 -101.54
CA PRO A 198 47.26 23.26 -102.50
C PRO A 198 47.85 24.33 -103.44
N PRO A 199 49.18 24.31 -103.65
CA PRO A 199 49.84 25.28 -104.53
C PRO A 199 49.30 25.19 -105.96
N ALA A 200 49.52 26.22 -106.76
CA ALA A 200 49.06 26.23 -108.15
C ALA A 200 49.70 25.10 -108.97
N ASP A 201 51.01 24.94 -108.84
CA ASP A 201 51.76 23.92 -109.56
C ASP A 201 51.37 22.47 -109.22
N SER A 202 50.18 22.27 -108.66
CA SER A 202 49.67 20.94 -108.30
C SER A 202 48.46 21.02 -107.39
N PRO A 203 47.29 21.35 -107.94
CA PRO A 203 46.07 21.46 -107.15
C PRO A 203 45.54 20.11 -106.65
N GLY A 204 46.21 19.03 -107.05
CA GLY A 204 45.77 17.72 -106.63
C GLY A 204 46.30 17.36 -105.26
N SER A 205 47.36 18.04 -104.83
CA SER A 205 47.98 17.76 -103.54
C SER A 205 47.01 17.98 -102.38
N LYS A 206 47.32 17.35 -101.26
CA LYS A 206 46.48 17.50 -100.07
C LYS A 206 46.83 18.81 -99.35
N PRO A 207 45.82 19.52 -98.81
CA PRO A 207 46.10 20.76 -98.10
C PRO A 207 47.00 20.42 -96.90
N LYS A 208 47.80 21.38 -96.46
CA LYS A 208 48.68 21.12 -95.33
C LYS A 208 48.07 21.64 -94.02
N LEU A 209 48.11 20.80 -92.99
CA LEU A 209 47.54 21.13 -91.69
C LEU A 209 48.58 21.45 -90.64
N SER A 210 48.44 22.60 -89.99
CA SER A 210 49.35 23.01 -88.93
C SER A 210 48.55 23.27 -87.65
N CYS A 211 49.24 23.24 -86.53
CA CYS A 211 48.60 23.43 -85.24
C CYS A 211 49.50 24.24 -84.29
N LEU A 212 48.93 25.25 -83.68
CA LEU A 212 49.66 26.06 -82.70
C LEU A 212 48.92 25.87 -81.38
N MET A 213 49.65 25.46 -80.34
CA MET A 213 49.04 25.27 -79.03
C MET A 213 49.71 26.19 -78.04
N TYR A 214 48.92 26.76 -77.13
CA TYR A 214 49.45 27.65 -76.12
C TYR A 214 49.27 27.00 -74.75
N GLN A 215 50.37 26.87 -74.01
CA GLN A 215 50.38 26.25 -72.69
C GLN A 215 50.74 27.29 -71.64
N ARG A 216 49.80 27.61 -70.76
CA ARG A 216 50.01 28.61 -69.71
C ARG A 216 51.09 28.23 -68.67
N SER A 217 51.23 26.94 -68.41
CA SER A 217 52.14 26.47 -67.36
C SER A 217 52.76 25.22 -67.90
N CYS A 218 54.09 25.18 -67.93
CA CYS A 218 54.80 24.07 -68.50
C CYS A 218 55.87 23.43 -67.62
N ASP A 219 55.61 22.19 -67.21
CA ASP A 219 56.57 21.41 -66.41
C ASP A 219 57.45 20.78 -67.48
N LEU A 220 58.62 21.37 -67.72
CA LEU A 220 59.48 20.87 -68.80
C LEU A 220 59.97 19.45 -68.62
N GLY A 221 60.25 19.08 -67.37
CA GLY A 221 60.70 17.73 -67.14
C GLY A 221 59.65 16.67 -67.48
N LEU A 222 58.47 16.79 -66.88
CA LEU A 222 57.42 15.79 -67.06
C LEU A 222 56.29 16.07 -68.05
N GLY A 223 55.76 17.28 -68.00
CA GLY A 223 54.63 17.62 -68.87
C GLY A 223 54.94 17.85 -70.33
N VAL A 224 55.82 18.80 -70.62
CA VAL A 224 56.15 19.15 -72.02
C VAL A 224 56.39 17.97 -72.95
N PRO A 225 57.14 16.94 -72.50
CA PRO A 225 57.35 15.81 -73.40
C PRO A 225 56.02 15.18 -73.83
N PHE A 226 55.05 15.14 -72.92
CA PHE A 226 53.74 14.55 -73.23
C PHE A 226 52.96 15.54 -74.13
N ASN A 227 52.97 16.81 -73.73
CA ASN A 227 52.22 17.82 -74.48
C ASN A 227 52.64 17.87 -75.94
N ILE A 228 53.94 17.81 -76.19
CA ILE A 228 54.45 17.86 -77.54
C ILE A 228 53.95 16.69 -78.39
N ALA A 229 54.11 15.47 -77.87
CA ALA A 229 53.68 14.29 -78.58
C ALA A 229 52.16 14.24 -78.73
N SER A 230 51.44 14.65 -77.68
CA SER A 230 49.99 14.64 -77.69
C SER A 230 49.39 15.51 -78.82
N TYR A 231 49.75 16.78 -78.87
CA TYR A 231 49.23 17.66 -79.91
C TYR A 231 49.75 17.27 -81.30
N ALA A 232 50.94 16.68 -81.37
CA ALA A 232 51.45 16.23 -82.67
C ALA A 232 50.55 15.08 -83.12
N LEU A 233 50.23 14.16 -82.20
CA LEU A 233 49.38 13.05 -82.54
C LEU A 233 47.95 13.53 -82.90
N LEU A 234 47.44 14.51 -82.16
CA LEU A 234 46.10 15.03 -82.44
C LEU A 234 46.05 15.59 -83.87
N THR A 235 47.10 16.29 -84.26
CA THR A 235 47.16 16.84 -85.61
C THR A 235 47.19 15.72 -86.66
N HIS A 236 47.93 14.66 -86.39
CA HIS A 236 48.01 13.52 -87.32
C HIS A 236 46.61 12.89 -87.43
N MET A 237 45.93 12.76 -86.30
CA MET A 237 44.57 12.17 -86.29
C MET A 237 43.62 13.01 -87.13
N ILE A 238 43.59 14.30 -86.83
CA ILE A 238 42.69 15.20 -87.56
C ILE A 238 43.02 15.18 -89.04
N ALA A 239 44.31 15.12 -89.37
CA ALA A 239 44.74 15.12 -90.77
C ALA A 239 44.17 13.92 -91.50
N LEU A 240 44.11 12.78 -90.84
CA LEU A 240 43.59 11.57 -91.45
C LEU A 240 42.10 11.70 -91.76
N ILE A 241 41.34 12.20 -90.80
CA ILE A 241 39.90 12.35 -90.95
C ILE A 241 39.50 13.45 -91.93
N THR A 242 40.36 14.46 -92.10
CA THR A 242 40.04 15.57 -92.98
C THR A 242 40.73 15.54 -94.33
N ASP A 243 41.46 14.46 -94.61
CA ASP A 243 42.16 14.33 -95.88
C ASP A 243 43.19 15.43 -96.07
N THR A 244 43.85 15.82 -94.99
CA THR A 244 44.89 16.83 -95.08
C THR A 244 46.24 16.19 -94.71
N GLU A 245 47.33 16.91 -94.96
CA GLU A 245 48.66 16.40 -94.69
C GLU A 245 49.28 17.16 -93.52
N PRO A 246 49.63 16.46 -92.45
CA PRO A 246 50.22 17.15 -91.29
C PRO A 246 51.46 17.92 -91.74
N HIS A 247 51.60 19.14 -91.27
CA HIS A 247 52.73 19.96 -91.68
C HIS A 247 53.62 20.45 -90.54
N GLU A 248 53.06 21.22 -89.62
CA GLU A 248 53.88 21.77 -88.54
C GLU A 248 53.10 21.89 -87.22
N PHE A 249 53.83 21.77 -86.12
CA PHE A 249 53.22 21.93 -84.80
C PHE A 249 54.04 22.98 -84.07
N ILE A 250 53.37 24.01 -83.57
CA ILE A 250 54.03 25.08 -82.86
C ILE A 250 53.53 25.11 -81.41
N LEU A 251 54.46 25.26 -80.48
CA LEU A 251 54.10 25.29 -79.07
C LEU A 251 54.63 26.54 -78.38
N GLN A 252 53.71 27.41 -77.95
CA GLN A 252 54.07 28.63 -77.26
C GLN A 252 53.80 28.43 -75.78
N MET A 253 54.78 28.76 -74.97
CA MET A 253 54.67 28.58 -73.52
C MET A 253 54.52 29.88 -72.77
N GLY A 254 53.84 29.80 -71.63
CA GLY A 254 53.67 30.97 -70.78
C GLY A 254 54.69 30.81 -69.68
N ASP A 255 54.26 30.26 -68.54
CA ASP A 255 55.18 30.04 -67.41
C ASP A 255 55.92 28.73 -67.69
N ALA A 256 57.15 28.86 -68.19
CA ALA A 256 57.98 27.71 -68.53
C ALA A 256 58.90 27.46 -67.35
N HIS A 257 58.75 26.31 -66.70
CA HIS A 257 59.55 26.05 -65.50
C HIS A 257 60.12 24.65 -65.34
N VAL A 258 61.14 24.54 -64.50
CA VAL A 258 61.79 23.27 -64.21
C VAL A 258 61.67 23.13 -62.70
N TYR A 259 61.02 22.07 -62.21
CA TYR A 259 60.91 21.88 -60.77
C TYR A 259 62.27 21.67 -60.13
N ARG A 260 62.41 22.13 -58.89
CA ARG A 260 63.66 22.01 -58.14
C ARG A 260 64.20 20.58 -58.11
N ASP A 261 63.30 19.62 -57.88
CA ASP A 261 63.74 18.22 -57.82
C ASP A 261 63.93 17.57 -59.20
N HIS A 262 63.88 18.37 -60.26
CA HIS A 262 64.08 17.84 -61.61
C HIS A 262 65.41 18.28 -62.19
N VAL A 263 66.01 19.30 -61.57
CA VAL A 263 67.28 19.87 -62.06
C VAL A 263 68.37 18.82 -62.27
N GLU A 264 68.69 18.06 -61.22
CA GLU A 264 69.73 17.04 -61.37
C GLU A 264 69.38 15.96 -62.38
N PRO A 265 68.15 15.42 -62.34
CA PRO A 265 67.82 14.38 -63.32
C PRO A 265 67.93 14.90 -64.77
N LEU A 266 67.56 16.15 -64.98
CA LEU A 266 67.59 16.73 -66.32
C LEU A 266 69.02 16.95 -66.80
N LYS A 267 69.93 17.25 -65.88
CA LYS A 267 71.33 17.45 -66.27
C LYS A 267 71.85 16.20 -66.94
N THR A 268 71.39 15.04 -66.46
CA THR A 268 71.80 13.76 -67.05
C THR A 268 71.27 13.67 -68.48
N GLN A 269 70.02 14.08 -68.66
CA GLN A 269 69.40 14.04 -69.99
C GLN A 269 70.09 15.02 -70.96
N LEU A 270 70.51 16.18 -70.46
CA LEU A 270 71.15 17.19 -71.30
C LEU A 270 72.44 16.71 -71.96
N GLU A 271 73.04 15.66 -71.40
CA GLU A 271 74.30 15.12 -71.94
C GLU A 271 74.07 14.19 -73.12
N ARG A 272 72.82 13.83 -73.38
CA ARG A 272 72.51 12.91 -74.46
C ARG A 272 72.20 13.54 -75.80
N GLU A 273 72.68 12.89 -76.85
CA GLU A 273 72.46 13.34 -78.21
C GLU A 273 71.19 12.70 -78.76
N PRO A 274 70.26 13.51 -79.26
CA PRO A 274 68.99 13.03 -79.82
C PRO A 274 69.15 12.05 -80.98
N ARG A 275 68.18 11.14 -81.10
CA ARG A 275 68.17 10.18 -82.19
C ARG A 275 67.08 10.73 -83.12
N ASP A 276 67.12 10.35 -84.40
CA ASP A 276 66.09 10.83 -85.32
C ASP A 276 64.71 10.46 -84.79
N PHE A 277 63.75 11.37 -84.94
CA PHE A 277 62.39 11.14 -84.48
C PHE A 277 61.76 9.96 -85.21
N PRO A 278 60.86 9.23 -84.54
CA PRO A 278 60.18 8.08 -85.12
C PRO A 278 59.10 8.55 -86.10
N LYS A 279 58.48 7.60 -86.78
CA LYS A 279 57.41 7.93 -87.72
C LYS A 279 56.11 7.29 -87.29
N LEU A 280 55.00 7.91 -87.65
CA LEU A 280 53.69 7.38 -87.29
C LEU A 280 52.99 6.79 -88.50
N LYS A 281 52.44 5.60 -88.33
CA LYS A 281 51.68 4.92 -89.38
C LYS A 281 50.36 4.46 -88.75
N TRP A 282 49.33 4.26 -89.57
CA TRP A 282 48.03 3.84 -89.05
C TRP A 282 47.81 2.35 -89.33
N ALA A 283 47.30 1.64 -88.33
CA ALA A 283 47.05 0.21 -88.47
C ALA A 283 45.79 -0.05 -89.27
N ARG A 284 44.96 0.98 -89.43
CA ARG A 284 43.72 0.87 -90.20
C ARG A 284 43.56 2.04 -91.15
N SER A 285 42.60 1.94 -92.05
CA SER A 285 42.37 3.00 -93.01
C SER A 285 41.42 4.07 -92.47
N LYS A 286 41.36 5.19 -93.19
CA LYS A 286 40.47 6.27 -92.81
C LYS A 286 39.02 5.77 -92.70
N GLU A 287 38.61 4.99 -93.70
CA GLU A 287 37.26 4.43 -93.75
C GLU A 287 36.98 3.54 -92.56
N GLU A 288 37.93 2.70 -92.19
CA GLU A 288 37.73 1.81 -91.06
C GLU A 288 37.62 2.59 -89.77
N ILE A 289 38.52 3.57 -89.57
CA ILE A 289 38.48 4.40 -88.36
C ILE A 289 37.19 5.21 -88.36
N GLY A 290 36.80 5.69 -89.54
CA GLY A 290 35.55 6.44 -89.67
C GLY A 290 35.63 7.92 -89.36
N ASP A 291 35.69 8.27 -88.07
CA ASP A 291 35.76 9.67 -87.65
C ASP A 291 36.70 9.82 -86.46
N ILE A 292 36.77 11.03 -85.93
CA ILE A 292 37.66 11.34 -84.81
C ILE A 292 37.41 10.50 -83.56
N ASP A 293 36.23 9.91 -83.46
CA ASP A 293 35.87 9.11 -82.30
C ASP A 293 36.11 7.62 -82.52
N GLY A 294 36.62 7.26 -83.70
CA GLY A 294 36.85 5.87 -83.99
C GLY A 294 38.27 5.34 -83.77
N PHE A 295 39.19 6.16 -83.29
CA PHE A 295 40.57 5.71 -83.07
C PHE A 295 40.72 4.80 -81.85
N LYS A 296 41.69 3.89 -81.92
CA LYS A 296 42.01 2.96 -80.84
C LYS A 296 43.51 2.99 -80.63
N VAL A 297 43.95 2.67 -79.41
CA VAL A 297 45.37 2.70 -79.11
C VAL A 297 46.19 1.93 -80.13
N GLU A 298 45.73 0.73 -80.48
CA GLU A 298 46.41 -0.12 -81.44
C GLU A 298 46.48 0.43 -82.85
N ASP A 299 45.76 1.52 -83.13
CA ASP A 299 45.80 2.09 -84.47
C ASP A 299 47.11 2.83 -84.68
N PHE A 300 47.70 3.31 -83.59
CA PHE A 300 48.93 4.07 -83.65
C PHE A 300 50.18 3.20 -83.76
N VAL A 301 50.73 3.11 -84.97
CA VAL A 301 51.93 2.33 -85.19
C VAL A 301 53.16 3.23 -85.30
N VAL A 302 53.91 3.35 -84.21
CA VAL A 302 55.10 4.19 -84.17
C VAL A 302 56.34 3.36 -84.45
N GLU A 303 57.00 3.66 -85.56
CA GLU A 303 58.19 2.89 -85.92
C GLU A 303 59.46 3.72 -85.88
N GLY A 304 60.57 3.07 -85.53
CA GLY A 304 61.86 3.73 -85.49
C GLY A 304 62.10 4.52 -84.22
N TYR A 305 61.34 4.26 -83.17
CA TYR A 305 61.56 5.01 -81.92
C TYR A 305 62.78 4.39 -81.22
N LYS A 306 63.84 5.18 -81.07
CA LYS A 306 65.08 4.70 -80.46
C LYS A 306 65.58 5.66 -79.40
N PRO A 307 64.90 5.68 -78.25
CA PRO A 307 65.27 6.57 -77.15
C PRO A 307 66.40 6.05 -76.24
N TRP A 308 66.94 6.96 -75.44
CA TRP A 308 67.94 6.59 -74.46
C TRP A 308 67.13 6.06 -73.27
N GLY A 309 67.80 5.77 -72.16
CA GLY A 309 67.13 5.25 -70.98
C GLY A 309 66.15 6.21 -70.33
N LYS A 310 65.27 5.67 -69.50
CA LYS A 310 64.28 6.47 -68.80
C LYS A 310 64.99 7.31 -67.75
N ILE A 311 64.36 8.42 -67.40
CA ILE A 311 64.90 9.31 -66.39
C ILE A 311 63.78 9.54 -65.37
N ASP A 312 64.02 9.10 -64.16
CA ASP A 312 63.02 9.23 -63.09
C ASP A 312 62.85 10.65 -62.59
N MET A 313 61.61 11.12 -62.57
CA MET A 313 61.30 12.45 -62.06
C MET A 313 59.97 12.37 -61.35
N LYS A 314 59.94 12.92 -60.13
CA LYS A 314 58.72 12.91 -59.34
C LYS A 314 57.80 14.06 -59.74
N MET A 315 56.49 13.77 -59.81
CA MET A 315 55.52 14.80 -60.15
C MET A 315 55.04 15.48 -58.88
N SER A 316 54.97 16.82 -58.91
CA SER A 316 54.51 17.55 -57.74
C SER A 316 53.02 17.80 -57.91
N ALA A 317 52.23 17.25 -56.97
CA ALA A 317 50.77 17.37 -57.00
C ALA A 317 50.29 18.77 -56.70
N ARG B 13 69.64 50.91 -91.69
CA ARG B 13 68.79 51.29 -90.52
C ARG B 13 69.59 52.02 -89.46
N SER B 14 69.32 53.31 -89.32
CA SER B 14 69.99 54.11 -88.30
C SER B 14 69.96 53.36 -86.96
N ASN B 15 68.81 52.80 -86.61
CA ASN B 15 68.70 52.04 -85.37
C ASN B 15 68.00 50.71 -85.65
N PRO B 16 68.77 49.70 -86.06
CA PRO B 16 68.32 48.36 -86.40
C PRO B 16 67.63 47.62 -85.25
N ASP B 17 67.87 48.05 -84.01
CA ASP B 17 67.24 47.38 -82.88
C ASP B 17 65.89 47.96 -82.48
N HIS B 18 65.41 48.95 -83.22
CA HIS B 18 64.10 49.53 -82.88
C HIS B 18 63.03 48.44 -82.98
N GLU B 19 62.27 48.26 -81.91
CA GLU B 19 61.24 47.23 -81.87
C GLU B 19 60.21 47.28 -82.98
N GLU B 20 59.98 48.47 -83.55
CA GLU B 20 58.99 48.61 -84.60
C GLU B 20 59.38 47.84 -85.87
N TYR B 21 60.67 47.55 -86.03
CA TYR B 21 61.10 46.78 -87.21
C TYR B 21 60.49 45.38 -87.21
N GLN B 22 60.10 44.88 -86.03
CA GLN B 22 59.46 43.55 -85.95
C GLN B 22 58.19 43.58 -86.78
N TYR B 23 57.42 44.65 -86.58
CA TYR B 23 56.17 44.85 -87.29
C TYR B 23 56.40 45.06 -88.78
N LEU B 24 57.33 45.96 -89.12
CA LEU B 24 57.62 46.25 -90.54
C LEU B 24 58.18 45.04 -91.26
N ASP B 25 59.10 44.32 -90.61
CA ASP B 25 59.70 43.13 -91.22
C ASP B 25 58.66 42.03 -91.48
N LEU B 26 57.74 41.83 -90.55
CA LEU B 26 56.72 40.78 -90.74
C LEU B 26 55.82 41.09 -91.93
N ILE B 27 55.45 42.36 -92.07
CA ILE B 27 54.61 42.78 -93.20
C ILE B 27 55.36 42.52 -94.51
N ARG B 28 56.64 42.88 -94.53
CA ARG B 28 57.45 42.68 -95.73
C ARG B 28 57.51 41.19 -96.07
N ARG B 29 57.70 40.36 -95.03
CA ARG B 29 57.76 38.93 -95.23
C ARG B 29 56.43 38.37 -95.76
N ILE B 30 55.32 38.79 -95.17
CA ILE B 30 54.02 38.31 -95.61
C ILE B 30 53.76 38.68 -97.07
N ILE B 31 54.09 39.91 -97.43
CA ILE B 31 53.90 40.34 -98.81
C ILE B 31 54.78 39.51 -99.73
N ASN B 32 56.03 39.28 -99.32
CA ASN B 32 56.99 38.51 -100.12
C ASN B 32 56.72 37.01 -100.27
N VAL B 33 56.59 36.30 -99.15
CA VAL B 33 56.36 34.86 -99.21
C VAL B 33 55.03 34.37 -98.63
N GLY B 34 54.15 35.29 -98.27
CA GLY B 34 52.85 34.90 -97.75
C GLY B 34 52.02 34.17 -98.79
N GLU B 35 51.05 33.40 -98.32
CA GLU B 35 50.15 32.65 -99.21
C GLU B 35 48.86 33.44 -99.52
N VAL B 36 48.53 33.57 -100.80
CA VAL B 36 47.32 34.28 -101.23
C VAL B 36 46.11 33.42 -100.88
N ARG B 37 45.18 33.97 -100.12
CA ARG B 37 44.02 33.19 -99.70
C ARG B 37 42.70 33.94 -99.72
N PRO B 38 41.60 33.21 -99.88
CA PRO B 38 40.25 33.77 -99.88
C PRO B 38 39.96 33.95 -98.38
N ASP B 39 38.94 34.72 -98.03
CA ASP B 39 38.61 34.91 -96.63
C ASP B 39 37.16 35.30 -96.47
N ARG B 40 36.72 35.33 -95.21
CA ARG B 40 35.35 35.67 -94.87
C ARG B 40 34.85 36.98 -95.49
N THR B 41 35.69 38.02 -95.48
CA THR B 41 35.28 39.33 -95.98
C THR B 41 35.09 39.41 -97.49
N GLY B 42 35.80 38.54 -98.21
CA GLY B 42 35.69 38.56 -99.67
C GLY B 42 36.76 39.41 -100.35
N THR B 43 37.54 40.17 -99.59
CA THR B 43 38.57 40.98 -100.24
C THR B 43 39.84 40.17 -100.53
N GLY B 44 40.10 39.14 -99.73
CA GLY B 44 41.29 38.34 -99.95
C GLY B 44 42.49 38.82 -99.15
N THR B 45 43.40 37.93 -98.83
CA THR B 45 44.59 38.32 -98.08
C THR B 45 45.81 37.52 -98.49
N VAL B 46 46.95 37.88 -97.95
CA VAL B 46 48.19 37.14 -98.15
C VAL B 46 48.52 36.83 -96.68
N ALA B 47 48.85 35.57 -96.37
CA ALA B 47 49.09 35.24 -94.96
C ALA B 47 50.15 34.21 -94.64
N LEU B 48 50.56 34.21 -93.36
CA LEU B 48 51.53 33.28 -92.80
C LEU B 48 50.95 32.83 -91.44
N PHE B 49 51.15 31.57 -91.07
CA PHE B 49 50.61 31.08 -89.81
C PHE B 49 51.68 30.99 -88.74
N ALA B 50 51.34 31.43 -87.54
CA ALA B 50 52.23 31.35 -86.38
C ALA B 50 53.65 31.85 -86.58
N PRO B 51 53.81 33.11 -87.02
CA PRO B 51 55.17 33.61 -87.21
C PRO B 51 55.77 33.90 -85.83
N PRO B 52 57.08 34.13 -85.77
CA PRO B 52 57.70 34.43 -84.47
C PRO B 52 56.95 35.56 -83.76
N SER B 53 56.82 35.45 -82.45
CA SER B 53 56.10 36.44 -81.68
C SER B 53 56.82 37.78 -81.59
N PHE B 54 56.07 38.85 -81.29
CA PHE B 54 56.65 40.19 -81.13
C PHE B 54 56.91 40.41 -79.64
N ARG B 55 57.96 41.16 -79.33
CA ARG B 55 58.29 41.46 -77.94
C ARG B 55 58.53 42.95 -77.86
N PHE B 56 57.87 43.60 -76.90
CA PHE B 56 58.03 45.04 -76.72
C PHE B 56 58.32 45.35 -75.27
N SER B 57 59.36 46.14 -75.04
CA SER B 57 59.70 46.54 -73.68
C SER B 57 58.76 47.63 -73.19
N LEU B 58 58.26 47.49 -71.97
CA LEU B 58 57.37 48.49 -71.38
C LEU B 58 58.09 49.22 -70.24
N ALA B 59 59.39 49.01 -70.13
CA ALA B 59 60.19 49.66 -69.09
C ALA B 59 60.32 51.15 -69.37
N ASP B 60 60.66 51.91 -68.33
CA ASP B 60 60.83 53.35 -68.44
C ASP B 60 59.61 54.04 -69.04
N ASN B 61 58.42 53.60 -68.62
CA ASN B 61 57.16 54.17 -69.10
C ASN B 61 56.99 54.15 -70.61
N THR B 62 57.65 53.21 -71.29
CA THR B 62 57.54 53.15 -72.74
C THR B 62 56.22 52.58 -73.25
N LEU B 63 55.68 53.22 -74.29
CA LEU B 63 54.44 52.78 -74.91
C LEU B 63 54.71 52.48 -76.39
N PRO B 64 54.61 51.20 -76.78
CA PRO B 64 54.87 50.82 -78.17
C PRO B 64 53.77 51.25 -79.13
N LEU B 65 53.64 52.56 -79.32
CA LEU B 65 52.63 53.12 -80.23
C LEU B 65 53.39 53.35 -81.54
N LEU B 66 53.07 52.59 -82.58
CA LEU B 66 53.77 52.68 -83.85
C LEU B 66 53.95 54.12 -84.36
N THR B 67 55.12 54.39 -84.92
CA THR B 67 55.47 55.70 -85.43
C THR B 67 55.59 55.81 -86.94
N THR B 68 55.60 54.68 -87.64
CA THR B 68 55.71 54.74 -89.09
C THR B 68 54.41 55.19 -89.76
N LYS B 69 53.40 55.43 -88.95
CA LYS B 69 52.12 55.98 -89.41
C LYS B 69 51.43 56.56 -88.17
N ARG B 70 50.56 57.54 -88.38
CA ARG B 70 49.85 58.12 -87.25
C ARG B 70 48.78 57.14 -86.78
N VAL B 71 48.85 56.75 -85.52
CA VAL B 71 47.87 55.83 -84.96
C VAL B 71 46.84 56.59 -84.14
N PHE B 72 45.56 56.26 -84.32
CA PHE B 72 44.48 56.94 -83.61
C PHE B 72 44.52 56.56 -82.12
N LEU B 73 45.46 57.16 -81.39
CA LEU B 73 45.63 56.88 -79.96
C LEU B 73 44.35 56.96 -79.14
N ARG B 74 43.61 58.05 -79.28
CA ARG B 74 42.38 58.22 -78.54
C ARG B 74 41.40 57.06 -78.80
N GLY B 75 41.40 56.56 -80.02
CA GLY B 75 40.53 55.46 -80.36
C GLY B 75 40.95 54.19 -79.62
N VAL B 76 42.26 53.97 -79.49
CA VAL B 76 42.77 52.81 -78.77
C VAL B 76 42.35 52.91 -77.30
N ILE B 77 42.62 54.06 -76.67
CA ILE B 77 42.28 54.26 -75.27
C ILE B 77 40.78 54.11 -75.03
N ALA B 78 39.97 54.76 -75.87
CA ALA B 78 38.54 54.67 -75.72
C ALA B 78 38.04 53.21 -75.80
N GLU B 79 38.53 52.47 -76.79
CA GLU B 79 38.10 51.09 -76.96
C GLU B 79 38.51 50.25 -75.72
N LEU B 80 39.71 50.52 -75.20
CA LEU B 80 40.21 49.78 -74.05
C LEU B 80 39.37 50.01 -72.80
N LEU B 81 39.04 51.27 -72.53
CA LEU B 81 38.26 51.58 -71.32
C LEU B 81 36.86 51.01 -71.50
N TRP B 82 36.46 50.88 -72.75
CA TRP B 82 35.17 50.36 -73.10
C TRP B 82 35.18 48.86 -72.73
N PHE B 83 36.25 48.15 -73.12
CA PHE B 83 36.40 46.72 -72.80
C PHE B 83 36.32 46.55 -71.30
N VAL B 84 37.17 47.31 -70.59
CA VAL B 84 37.22 47.25 -69.13
C VAL B 84 35.86 47.42 -68.49
N SER B 85 35.07 48.38 -68.99
CA SER B 85 33.74 48.64 -68.44
C SER B 85 32.78 47.48 -68.65
N GLY B 86 33.14 46.53 -69.52
CA GLY B 86 32.27 45.40 -69.77
C GLY B 86 31.14 45.72 -70.74
N CYS B 87 31.15 46.95 -71.27
CA CYS B 87 30.13 47.41 -72.20
C CYS B 87 30.30 46.76 -73.58
N THR B 88 29.19 46.49 -74.27
CA THR B 88 29.24 45.89 -75.60
C THR B 88 28.44 46.71 -76.61
N ASP B 89 28.11 47.94 -76.24
CA ASP B 89 27.36 48.82 -77.15
C ASP B 89 28.34 49.74 -77.88
N ALA B 90 28.49 49.52 -79.18
CA ALA B 90 29.38 50.33 -80.00
C ALA B 90 29.03 51.83 -80.02
N LYS B 91 27.77 52.16 -79.73
CA LYS B 91 27.36 53.55 -79.72
C LYS B 91 28.12 54.32 -78.63
N MET B 92 28.62 53.61 -77.62
CA MET B 92 29.37 54.27 -76.55
C MET B 92 30.72 54.74 -77.08
N LEU B 93 31.15 54.19 -78.22
CA LEU B 93 32.41 54.60 -78.83
C LEU B 93 32.13 55.66 -79.90
N SER B 94 31.12 55.44 -80.74
CA SER B 94 30.81 56.40 -81.79
C SER B 94 30.32 57.74 -81.21
N SER B 95 29.70 57.71 -80.04
CA SER B 95 29.22 58.93 -79.42
C SER B 95 30.39 59.80 -78.99
N GLN B 96 31.55 59.19 -78.78
CA GLN B 96 32.74 59.95 -78.40
C GLN B 96 33.72 60.08 -79.58
N GLY B 97 33.19 59.95 -80.78
CA GLY B 97 34.02 60.08 -81.98
C GLY B 97 34.94 58.94 -82.38
N VAL B 98 34.60 57.71 -81.95
CA VAL B 98 35.43 56.55 -82.28
C VAL B 98 34.54 55.57 -83.01
N GLY B 99 34.77 55.39 -84.32
CA GLY B 99 33.90 54.51 -85.07
C GLY B 99 34.47 53.19 -85.52
N ILE B 100 35.55 52.72 -84.87
CA ILE B 100 36.18 51.47 -85.26
C ILE B 100 35.27 50.26 -85.25
N TRP B 101 34.22 50.31 -84.43
CA TRP B 101 33.26 49.20 -84.37
C TRP B 101 31.94 49.49 -85.09
N ASP B 102 31.87 50.63 -85.78
CA ASP B 102 30.64 50.98 -86.50
C ASP B 102 30.36 49.99 -87.62
N GLY B 103 31.41 49.50 -88.26
CA GLY B 103 31.25 48.57 -89.36
C GLY B 103 30.61 47.24 -88.99
N ASN B 104 31.04 46.63 -87.88
CA ASN B 104 30.46 45.34 -87.48
C ASN B 104 29.23 45.53 -86.57
N GLY B 105 28.94 46.77 -86.22
CA GLY B 105 27.79 47.03 -85.38
C GLY B 105 26.64 47.63 -86.16
N SER B 106 26.84 47.85 -87.45
CA SER B 106 25.80 48.42 -88.28
C SER B 106 24.61 47.49 -88.41
N LYS B 107 23.44 48.11 -88.58
CA LYS B 107 22.20 47.38 -88.75
C LYS B 107 22.37 46.43 -89.92
N GLU B 108 23.00 46.91 -91.00
CA GLU B 108 23.20 46.05 -92.16
C GLU B 108 24.05 44.80 -91.89
N PHE B 109 25.14 44.91 -91.14
CA PHE B 109 26.01 43.76 -90.85
C PHE B 109 25.32 42.78 -89.88
N LEU B 110 24.75 43.31 -88.81
CA LEU B 110 24.06 42.47 -87.82
C LEU B 110 22.99 41.57 -88.48
N GLU B 111 22.17 42.17 -89.33
CA GLU B 111 21.15 41.39 -90.02
C GLU B 111 21.80 40.36 -90.93
N LYS B 112 22.95 40.73 -91.49
CA LYS B 112 23.71 39.88 -92.37
C LYS B 112 24.19 38.59 -91.68
N VAL B 113 24.59 38.70 -90.42
CA VAL B 113 25.06 37.52 -89.67
C VAL B 113 23.97 36.88 -88.81
N GLY B 114 22.70 37.12 -89.15
CA GLY B 114 21.59 36.55 -88.41
C GLY B 114 21.27 37.18 -87.06
N LEU B 115 21.69 38.43 -86.84
CA LEU B 115 21.42 39.11 -85.58
C LEU B 115 20.52 40.34 -85.82
N GLY B 116 19.51 40.15 -86.66
CA GLY B 116 18.59 41.23 -87.02
C GLY B 116 17.70 41.70 -85.88
N HIS B 117 17.56 40.89 -84.84
CA HIS B 117 16.72 41.25 -83.69
C HIS B 117 17.43 42.24 -82.75
N ARG B 118 18.66 42.59 -83.04
CA ARG B 118 19.36 43.52 -82.19
C ARG B 118 19.32 44.94 -82.73
N ARG B 119 19.38 45.92 -81.83
CA ARG B 119 19.40 47.31 -82.28
C ARG B 119 20.83 47.58 -82.77
N GLU B 120 20.98 48.57 -83.64
CA GLU B 120 22.30 48.89 -84.18
C GLU B 120 23.29 49.18 -83.07
N GLY B 121 24.51 48.65 -83.19
CA GLY B 121 25.52 48.89 -82.17
C GLY B 121 25.61 47.80 -81.10
N ASP B 122 24.57 46.98 -80.98
CA ASP B 122 24.58 45.92 -79.96
C ASP B 122 25.34 44.73 -80.51
N LEU B 123 26.65 44.70 -80.25
CA LEU B 123 27.54 43.66 -80.73
C LEU B 123 27.34 42.27 -80.10
N GLY B 124 26.71 42.21 -78.94
CA GLY B 124 26.52 40.90 -78.32
C GLY B 124 27.51 40.74 -77.19
N PRO B 125 27.65 39.53 -76.63
CA PRO B 125 28.58 39.27 -75.53
C PRO B 125 30.06 39.19 -75.97
N VAL B 126 30.58 40.31 -76.49
CA VAL B 126 31.95 40.35 -76.95
C VAL B 126 32.92 40.71 -75.83
N TYR B 127 34.18 40.92 -76.21
CA TYR B 127 35.26 41.24 -75.29
C TYR B 127 34.93 41.64 -73.85
N GLY B 128 34.54 42.90 -73.67
CA GLY B 128 34.22 43.41 -72.35
C GLY B 128 33.28 42.56 -71.51
N PHE B 129 32.26 42.00 -72.13
CA PHE B 129 31.30 41.20 -71.41
C PHE B 129 31.94 39.92 -70.88
N GLN B 130 32.74 39.26 -71.72
CA GLN B 130 33.40 38.04 -71.31
C GLN B 130 34.43 38.33 -70.21
N TRP B 131 35.14 39.45 -70.36
CA TRP B 131 36.15 39.87 -69.40
C TRP B 131 35.62 40.07 -67.98
N ARG B 132 34.46 40.69 -67.87
CA ARG B 132 33.88 40.98 -66.56
C ARG B 132 32.69 40.12 -66.14
N HIS B 133 32.09 39.38 -67.07
CA HIS B 133 30.88 38.57 -66.77
C HIS B 133 30.85 37.21 -67.46
N PHE B 134 32.02 36.60 -67.67
CA PHE B 134 32.07 35.32 -68.36
C PHE B 134 31.11 34.29 -67.77
N GLY B 135 30.30 33.67 -68.63
CA GLY B 135 29.35 32.68 -68.15
C GLY B 135 27.95 33.21 -67.92
N ALA B 136 27.82 34.52 -67.70
CA ALA B 136 26.51 35.11 -67.48
C ALA B 136 25.66 34.99 -68.74
N GLU B 137 24.34 35.01 -68.57
CA GLU B 137 23.38 34.92 -69.66
C GLU B 137 23.25 36.30 -70.30
N TYR B 138 23.42 36.38 -71.61
CA TYR B 138 23.32 37.67 -72.31
C TYR B 138 21.93 37.90 -72.89
N THR B 139 21.35 39.06 -72.62
CA THR B 139 20.05 39.39 -73.19
C THR B 139 20.34 40.38 -74.30
N ASP B 140 20.65 41.61 -73.94
CA ASP B 140 20.99 42.67 -74.92
C ASP B 140 22.07 43.54 -74.25
N ALA B 141 22.50 44.65 -74.89
CA ALA B 141 23.53 45.48 -74.27
C ALA B 141 23.09 46.28 -73.06
N ASP B 142 21.78 46.38 -72.85
CA ASP B 142 21.23 47.13 -71.73
C ASP B 142 20.99 46.27 -70.49
N GLY B 143 21.20 44.97 -70.64
CA GLY B 143 21.00 44.05 -69.54
C GLY B 143 21.79 44.38 -68.29
N ASP B 144 21.28 43.95 -67.14
CA ASP B 144 21.93 44.21 -65.86
C ASP B 144 22.78 43.00 -65.52
N TYR B 145 24.09 43.15 -65.68
CA TYR B 145 25.02 42.06 -65.43
C TYR B 145 25.88 42.25 -64.19
N LYS B 146 25.66 43.33 -63.48
CA LYS B 146 26.43 43.61 -62.29
C LYS B 146 26.40 42.42 -61.32
N GLY B 147 27.59 41.95 -60.94
CA GLY B 147 27.68 40.82 -60.02
C GLY B 147 27.37 39.48 -60.66
N LYS B 148 27.20 39.44 -61.98
CA LYS B 148 26.88 38.18 -62.65
C LYS B 148 28.06 37.70 -63.50
N GLY B 149 28.26 36.38 -63.53
CA GLY B 149 29.34 35.79 -64.30
C GLY B 149 30.67 35.95 -63.60
N VAL B 150 31.74 35.49 -64.23
CA VAL B 150 33.07 35.58 -63.65
C VAL B 150 33.80 36.88 -64.03
N ASP B 151 34.22 37.65 -63.04
CA ASP B 151 34.96 38.87 -63.30
C ASP B 151 36.44 38.52 -63.40
N GLN B 152 36.88 38.12 -64.59
CA GLN B 152 38.26 37.72 -64.81
C GLN B 152 39.27 38.83 -64.55
N LEU B 153 38.90 40.04 -64.95
CA LEU B 153 39.81 41.17 -64.80
C LEU B 153 40.12 41.49 -63.34
N GLN B 154 39.10 41.57 -62.49
CA GLN B 154 39.35 41.85 -61.09
C GLN B 154 40.12 40.69 -60.46
N ARG B 155 39.84 39.47 -60.89
CA ARG B 155 40.54 38.31 -60.33
C ARG B 155 42.03 38.42 -60.65
N VAL B 156 42.33 38.89 -61.87
CA VAL B 156 43.71 39.07 -62.28
C VAL B 156 44.40 40.06 -61.35
N ILE B 157 43.72 41.17 -61.09
CA ILE B 157 44.26 42.23 -60.21
C ILE B 157 44.52 41.66 -58.80
N ASP B 158 43.52 40.98 -58.25
CA ASP B 158 43.63 40.40 -56.91
C ASP B 158 44.77 39.39 -56.82
N THR B 159 44.92 38.58 -57.86
CA THR B 159 45.95 37.55 -57.88
C THR B 159 47.38 38.13 -57.98
N ILE B 160 47.53 39.17 -58.79
CA ILE B 160 48.83 39.80 -58.96
C ILE B 160 49.28 40.39 -57.61
N LYS B 161 48.33 40.95 -56.88
CA LYS B 161 48.61 41.57 -55.59
C LYS B 161 48.81 40.58 -54.43
N ASN B 162 48.00 39.54 -54.38
CA ASN B 162 48.09 38.59 -53.26
C ASN B 162 48.74 37.24 -53.52
N ASN B 163 48.90 36.85 -54.77
CA ASN B 163 49.54 35.59 -55.08
C ASN B 163 50.14 35.65 -56.48
N PRO B 164 51.14 36.54 -56.67
CA PRO B 164 51.86 36.79 -57.94
C PRO B 164 52.44 35.61 -58.67
N THR B 165 52.90 34.59 -57.95
CA THR B 165 53.48 33.43 -58.61
C THR B 165 52.42 32.45 -59.15
N ASP B 166 51.16 32.77 -58.96
CA ASP B 166 50.08 31.93 -59.46
C ASP B 166 50.34 31.77 -60.98
N ARG B 167 49.95 30.63 -61.54
CA ARG B 167 50.16 30.38 -62.96
C ARG B 167 48.90 30.42 -63.79
N ARG B 168 47.82 30.94 -63.22
CA ARG B 168 46.52 30.99 -63.90
C ARG B 168 46.02 32.44 -64.06
N ILE B 169 46.93 33.40 -64.16
CA ILE B 169 46.53 34.79 -64.28
C ILE B 169 46.15 35.03 -65.73
N ILE B 170 44.94 34.58 -66.07
CA ILE B 170 44.45 34.63 -67.44
C ILE B 170 43.23 35.55 -67.62
N LEU B 171 43.19 36.23 -68.76
CA LEU B 171 42.09 37.12 -69.10
C LEU B 171 41.68 36.65 -70.50
N SER B 172 40.50 36.05 -70.61
CA SER B 172 40.07 35.53 -71.90
C SER B 172 38.66 35.94 -72.32
N ALA B 173 38.51 36.20 -73.62
CA ALA B 173 37.23 36.56 -74.16
C ALA B 173 36.64 35.43 -75.00
N TRP B 174 37.39 34.35 -75.18
CA TRP B 174 36.92 33.24 -75.99
C TRP B 174 35.87 32.43 -75.25
N ASN B 175 34.68 32.31 -75.87
CA ASN B 175 33.57 31.58 -75.27
C ASN B 175 32.81 30.86 -76.40
N PRO B 176 33.12 29.59 -76.62
CA PRO B 176 32.49 28.78 -77.66
C PRO B 176 30.98 28.79 -77.64
N LYS B 177 30.41 28.87 -76.44
CA LYS B 177 28.95 28.89 -76.33
C LYS B 177 28.33 30.21 -76.79
N ASP B 178 28.98 31.34 -76.48
CA ASP B 178 28.48 32.65 -76.87
C ASP B 178 28.83 33.14 -78.27
N LEU B 179 29.79 32.49 -78.91
CA LEU B 179 30.23 32.90 -80.25
C LEU B 179 29.16 33.29 -81.24
N PRO B 180 28.13 32.44 -81.42
CA PRO B 180 27.07 32.80 -82.38
C PRO B 180 26.29 34.06 -82.03
N LEU B 181 26.39 34.52 -80.79
CA LEU B 181 25.68 35.71 -80.37
C LEU B 181 26.53 36.95 -80.64
N MET B 182 27.79 36.73 -80.99
CA MET B 182 28.74 37.82 -81.24
C MET B 182 28.75 38.29 -82.68
N ALA B 183 28.77 39.61 -82.87
CA ALA B 183 28.80 40.17 -84.21
C ALA B 183 30.10 39.70 -84.86
N LEU B 184 31.13 39.50 -84.06
CA LEU B 184 32.43 39.04 -84.55
C LEU B 184 33.11 38.30 -83.40
N PRO B 185 33.73 37.14 -83.68
CA PRO B 185 34.41 36.39 -82.60
C PRO B 185 35.67 37.15 -82.18
N PRO B 186 36.09 36.99 -80.94
CA PRO B 186 37.28 37.68 -80.43
C PRO B 186 38.52 37.41 -81.29
N CYS B 187 39.29 38.46 -81.59
CA CYS B 187 40.52 38.32 -82.36
C CYS B 187 41.61 38.11 -81.30
N HIS B 188 41.71 39.02 -80.35
CA HIS B 188 42.68 38.84 -79.28
C HIS B 188 41.84 38.01 -78.30
N MET B 189 42.01 36.70 -78.36
CA MET B 189 41.21 35.81 -77.54
C MET B 189 41.59 35.64 -76.09
N PHE B 190 42.82 35.97 -75.74
CA PHE B 190 43.22 35.89 -74.35
C PHE B 190 44.65 36.35 -74.12
N CYS B 191 44.97 36.61 -72.87
CA CYS B 191 46.31 36.98 -72.52
C CYS B 191 46.64 36.44 -71.13
N GLN B 192 47.93 36.29 -70.88
CA GLN B 192 48.41 35.79 -69.60
C GLN B 192 49.42 36.77 -68.98
N PHE B 193 49.22 37.10 -67.70
CA PHE B 193 50.14 37.98 -67.00
C PHE B 193 51.12 37.17 -66.17
N PHE B 194 52.31 37.73 -65.99
CA PHE B 194 53.37 37.09 -65.23
C PHE B 194 54.03 38.18 -64.38
N VAL B 195 54.31 37.83 -63.13
CA VAL B 195 54.94 38.74 -62.18
C VAL B 195 56.31 38.23 -61.70
N SER B 196 57.36 39.00 -61.97
CA SER B 196 58.68 38.61 -61.49
C SER B 196 58.85 39.19 -60.11
N LEU B 197 59.28 38.37 -59.16
CA LEU B 197 59.48 38.84 -57.80
C LEU B 197 60.73 39.72 -57.72
N PRO B 198 60.79 40.63 -56.72
CA PRO B 198 61.93 41.52 -56.53
C PRO B 198 63.21 40.72 -56.30
N PRO B 199 64.30 41.07 -57.00
CA PRO B 199 65.58 40.36 -56.86
C PRO B 199 66.03 40.40 -55.40
N ALA B 200 66.80 39.40 -54.99
CA ALA B 200 67.30 39.28 -53.62
C ALA B 200 68.12 40.49 -53.16
N ASP B 201 68.98 41.00 -54.04
CA ASP B 201 69.83 42.14 -53.69
C ASP B 201 69.09 43.41 -53.31
N SER B 202 67.84 43.53 -53.73
CA SER B 202 67.05 44.72 -53.41
C SER B 202 65.57 44.36 -53.42
N PRO B 203 65.04 43.87 -52.28
CA PRO B 203 63.64 43.45 -52.09
C PRO B 203 62.63 44.58 -51.99
N GLY B 204 63.11 45.82 -52.05
CA GLY B 204 62.21 46.95 -51.96
C GLY B 204 61.64 47.31 -53.32
N SER B 205 62.30 46.88 -54.38
CA SER B 205 61.85 47.17 -55.74
C SER B 205 60.46 46.63 -56.02
N LYS B 206 59.80 47.19 -57.04
CA LYS B 206 58.46 46.75 -57.41
C LYS B 206 58.54 45.48 -58.28
N PRO B 207 57.62 44.54 -58.08
CA PRO B 207 57.66 43.33 -58.90
C PRO B 207 57.46 43.77 -60.36
N LYS B 208 57.98 43.00 -61.30
CA LYS B 208 57.83 43.34 -62.72
C LYS B 208 56.66 42.60 -63.34
N LEU B 209 55.83 43.32 -64.09
CA LEU B 209 54.65 42.74 -64.73
C LEU B 209 54.81 42.59 -66.24
N SER B 210 54.55 41.37 -66.73
CA SER B 210 54.63 41.09 -68.16
C SER B 210 53.27 40.55 -68.64
N CYS B 211 53.06 40.64 -69.95
CA CYS B 211 51.82 40.17 -70.54
C CYS B 211 52.06 39.51 -71.89
N LEU B 212 51.47 38.34 -72.07
CA LEU B 212 51.55 37.65 -73.35
C LEU B 212 50.11 37.54 -73.86
N MET B 213 49.87 38.01 -75.09
CA MET B 213 48.54 37.96 -75.67
C MET B 213 48.59 37.13 -76.93
N TYR B 214 47.56 36.32 -77.14
CA TYR B 214 47.49 35.49 -78.33
C TYR B 214 46.34 35.98 -79.20
N GLN B 215 46.64 36.23 -80.47
CA GLN B 215 45.64 36.76 -81.40
C GLN B 215 45.50 35.75 -82.53
N ARG B 216 44.31 35.16 -82.64
CA ARG B 216 44.00 34.14 -83.64
C ARG B 216 44.02 34.62 -85.09
N SER B 217 43.62 35.87 -85.30
CA SER B 217 43.52 36.48 -86.63
C SER B 217 44.06 37.90 -86.51
N CYS B 218 45.00 38.26 -87.38
CA CYS B 218 45.65 39.55 -87.26
C CYS B 218 45.72 40.36 -88.55
N ASP B 219 44.95 41.43 -88.59
CA ASP B 219 44.95 42.34 -89.74
C ASP B 219 46.15 43.23 -89.46
N LEU B 220 47.28 42.94 -90.08
CA LEU B 220 48.48 43.73 -89.79
C LEU B 220 48.38 45.20 -90.11
N GLY B 221 47.69 45.54 -91.20
CA GLY B 221 47.55 46.94 -91.56
C GLY B 221 46.76 47.75 -90.56
N LEU B 222 45.53 47.32 -90.27
CA LEU B 222 44.67 48.04 -89.36
C LEU B 222 44.56 47.59 -87.91
N GLY B 223 44.44 46.30 -87.68
CA GLY B 223 44.28 45.82 -86.33
C GLY B 223 45.47 45.75 -85.42
N VAL B 224 46.54 45.13 -85.88
CA VAL B 224 47.74 44.94 -85.06
C VAL B 224 48.25 46.20 -84.39
N PRO B 225 48.24 47.35 -85.12
CA PRO B 225 48.73 48.57 -84.45
C PRO B 225 47.89 48.88 -83.21
N PHE B 226 46.58 48.67 -83.31
CA PHE B 226 45.71 48.92 -82.17
C PHE B 226 45.93 47.86 -81.08
N ASN B 227 45.98 46.59 -81.47
CA ASN B 227 46.17 45.50 -80.51
C ASN B 227 47.42 45.66 -79.70
N ILE B 228 48.52 46.04 -80.36
CA ILE B 228 49.78 46.23 -79.64
C ILE B 228 49.69 47.33 -78.59
N ALA B 229 49.17 48.50 -79.00
CA ALA B 229 49.07 49.61 -78.06
C ALA B 229 48.03 49.32 -76.97
N SER B 230 46.93 48.68 -77.35
CA SER B 230 45.88 48.34 -76.40
C SER B 230 46.39 47.47 -75.23
N TYR B 231 47.01 46.34 -75.55
CA TYR B 231 47.49 45.47 -74.46
C TYR B 231 48.67 46.08 -73.70
N ALA B 232 49.44 46.92 -74.37
CA ALA B 232 50.55 47.60 -73.68
C ALA B 232 49.90 48.53 -72.64
N LEU B 233 48.85 49.24 -73.06
CA LEU B 233 48.16 50.16 -72.17
C LEU B 233 47.47 49.41 -71.02
N LEU B 234 46.86 48.27 -71.34
CA LEU B 234 46.20 47.49 -70.30
C LEU B 234 47.22 47.10 -69.23
N THR B 235 48.40 46.69 -69.66
CA THR B 235 49.45 46.26 -68.72
C THR B 235 49.90 47.44 -67.87
N HIS B 236 50.00 48.62 -68.48
CA HIS B 236 50.38 49.81 -67.71
C HIS B 236 49.29 50.09 -66.66
N MET B 237 48.03 49.99 -67.07
CA MET B 237 46.90 50.24 -66.16
C MET B 237 46.94 49.27 -64.98
N ILE B 238 47.04 47.99 -65.29
CA ILE B 238 47.07 46.97 -64.24
C ILE B 238 48.27 47.17 -63.32
N ALA B 239 49.39 47.59 -63.89
CA ALA B 239 50.59 47.82 -63.10
C ALA B 239 50.36 48.90 -62.05
N LEU B 240 49.66 49.96 -62.45
CA LEU B 240 49.39 51.05 -61.54
C LEU B 240 48.54 50.60 -60.37
N ILE B 241 47.46 49.87 -60.67
CA ILE B 241 46.56 49.39 -59.63
C ILE B 241 47.17 48.32 -58.70
N THR B 242 48.14 47.57 -59.21
CA THR B 242 48.74 46.48 -58.43
C THR B 242 50.10 46.80 -57.85
N ASP B 243 50.53 48.05 -58.00
CA ASP B 243 51.84 48.45 -57.50
C ASP B 243 52.99 47.64 -58.09
N THR B 244 52.88 47.32 -59.38
CA THR B 244 53.95 46.60 -60.06
C THR B 244 54.52 47.48 -61.16
N GLU B 245 55.66 47.08 -61.71
CA GLU B 245 56.32 47.83 -62.76
C GLU B 245 56.18 47.14 -64.12
N PRO B 246 55.55 47.81 -65.08
CA PRO B 246 55.40 47.18 -66.41
C PRO B 246 56.77 46.77 -66.96
N HIS B 247 56.85 45.56 -67.48
CA HIS B 247 58.13 45.06 -67.98
C HIS B 247 58.15 44.74 -69.47
N GLU B 248 57.35 43.76 -69.89
CA GLU B 248 57.35 43.31 -71.28
C GLU B 248 55.98 42.87 -71.78
N PHE B 249 55.74 43.10 -73.06
CA PHE B 249 54.50 42.69 -73.69
C PHE B 249 54.89 41.80 -74.86
N ILE B 250 54.31 40.59 -74.91
CA ILE B 250 54.61 39.64 -75.97
C ILE B 250 53.31 39.37 -76.72
N LEU B 251 53.41 39.35 -78.05
CA LEU B 251 52.24 39.11 -78.88
C LEU B 251 52.46 37.94 -79.84
N GLN B 252 51.68 36.87 -79.63
CA GLN B 252 51.77 35.70 -80.51
C GLN B 252 50.60 35.71 -81.48
N MET B 253 50.89 35.53 -82.76
CA MET B 253 49.85 35.56 -83.77
C MET B 253 49.57 34.21 -84.36
N GLY B 254 48.32 34.02 -84.78
CA GLY B 254 47.92 32.78 -85.41
C GLY B 254 47.89 33.09 -86.90
N ASP B 255 46.72 33.41 -87.43
CA ASP B 255 46.61 33.72 -88.86
C ASP B 255 47.03 35.18 -89.03
N ALA B 256 48.28 35.41 -89.41
CA ALA B 256 48.82 36.76 -89.60
C ALA B 256 48.67 37.10 -91.09
N HIS B 257 47.89 38.12 -91.41
CA HIS B 257 47.65 38.46 -92.80
C HIS B 257 47.65 39.95 -93.15
N VAL B 258 47.80 40.21 -94.43
CA VAL B 258 47.77 41.56 -94.98
C VAL B 258 46.68 41.54 -96.04
N TYR B 259 45.63 42.34 -95.88
CA TYR B 259 44.56 42.37 -96.88
C TYR B 259 45.09 42.86 -98.23
N ARG B 260 44.49 42.35 -99.31
CA ARG B 260 44.90 42.68 -100.67
C ARG B 260 44.95 44.19 -100.91
N ASP B 261 43.95 44.90 -100.41
CA ASP B 261 43.88 46.35 -100.63
C ASP B 261 44.74 47.14 -99.66
N HIS B 262 45.56 46.45 -98.88
CA HIS B 262 46.47 47.11 -97.94
C HIS B 262 47.92 47.03 -98.42
N VAL B 263 48.19 46.13 -99.35
CA VAL B 263 49.55 45.95 -99.85
C VAL B 263 50.24 47.24 -100.30
N GLU B 264 49.63 47.96 -101.23
CA GLU B 264 50.23 49.20 -101.71
C GLU B 264 50.38 50.25 -100.63
N PRO B 265 49.33 50.47 -99.82
CA PRO B 265 49.48 51.48 -98.77
C PRO B 265 50.61 51.14 -97.79
N LEU B 266 50.76 49.86 -97.47
CA LEU B 266 51.80 49.43 -96.53
C LEU B 266 53.22 49.59 -97.11
N LYS B 267 53.36 49.44 -98.42
CA LYS B 267 54.67 49.60 -99.06
C LYS B 267 55.19 51.00 -98.81
N THR B 268 54.28 51.96 -98.74
CA THR B 268 54.66 53.34 -98.46
C THR B 268 55.16 53.42 -97.03
N GLN B 269 54.48 52.73 -96.12
CA GLN B 269 54.88 52.74 -94.71
C GLN B 269 56.23 52.07 -94.50
N LEU B 270 56.47 51.01 -95.26
CA LEU B 270 57.73 50.24 -95.13
C LEU B 270 58.99 51.07 -95.43
N GLU B 271 58.82 52.18 -96.13
CA GLU B 271 59.93 53.05 -96.49
C GLU B 271 60.32 53.99 -95.35
N ARG B 272 59.49 54.06 -94.33
CA ARG B 272 59.74 54.98 -93.23
C ARG B 272 60.55 54.42 -92.07
N GLU B 273 61.41 55.26 -91.52
CA GLU B 273 62.24 54.91 -90.38
C GLU B 273 61.50 55.27 -89.09
N PRO B 274 61.37 54.31 -88.17
CA PRO B 274 60.69 54.54 -86.90
C PRO B 274 61.32 55.64 -86.04
N ARG B 275 60.49 56.30 -85.24
CA ARG B 275 60.95 57.32 -84.30
C ARG B 275 60.88 56.63 -82.95
N ASP B 276 61.63 57.11 -81.97
CA ASP B 276 61.61 56.49 -80.65
C ASP B 276 60.16 56.46 -80.13
N PHE B 277 59.78 55.36 -79.49
CA PHE B 277 58.45 55.24 -78.95
C PHE B 277 58.19 56.30 -77.90
N PRO B 278 56.92 56.72 -77.75
CA PRO B 278 56.54 57.72 -76.77
C PRO B 278 56.50 57.12 -75.36
N LYS B 279 56.27 57.97 -74.36
CA LYS B 279 56.18 57.48 -72.99
C LYS B 279 54.80 57.77 -72.42
N LEU B 280 54.37 56.94 -71.48
CA LEU B 280 53.06 57.11 -70.86
C LEU B 280 53.19 57.64 -69.44
N LYS B 281 52.36 58.62 -69.10
CA LYS B 281 52.34 59.19 -67.76
C LYS B 281 50.89 59.28 -67.34
N TRP B 282 50.63 59.26 -66.04
CA TRP B 282 49.25 59.35 -65.55
C TRP B 282 48.94 60.78 -65.08
N ALA B 283 47.76 61.28 -65.45
CA ALA B 283 47.34 62.62 -65.06
C ALA B 283 46.86 62.63 -63.62
N ARG B 284 46.62 61.45 -63.04
CA ARG B 284 46.17 61.35 -61.66
C ARG B 284 46.94 60.25 -60.93
N SER B 285 46.78 60.21 -59.61
CA SER B 285 47.48 59.21 -58.81
C SER B 285 46.70 57.90 -58.70
N LYS B 286 47.38 56.88 -58.20
CA LYS B 286 46.75 55.58 -58.02
C LYS B 286 45.53 55.72 -57.14
N GLU B 287 45.68 56.47 -56.05
CA GLU B 287 44.61 56.70 -55.10
C GLU B 287 43.41 57.40 -55.73
N GLU B 288 43.68 58.39 -56.57
CA GLU B 288 42.60 59.13 -57.21
C GLU B 288 41.87 58.22 -58.19
N ILE B 289 42.62 57.46 -58.99
CA ILE B 289 42.01 56.56 -59.95
C ILE B 289 41.25 55.46 -59.20
N GLY B 290 41.84 54.98 -58.11
CA GLY B 290 41.18 53.99 -57.28
C GLY B 290 41.38 52.54 -57.69
N ASP B 291 40.67 52.11 -58.72
CA ASP B 291 40.79 50.74 -59.19
C ASP B 291 40.75 50.69 -60.71
N ILE B 292 40.73 49.48 -61.27
CA ILE B 292 40.73 49.29 -62.72
C ILE B 292 39.55 49.94 -63.42
N ASP B 293 38.47 50.20 -62.67
CA ASP B 293 37.29 50.82 -63.25
C ASP B 293 37.26 52.34 -63.12
N GLY B 294 38.31 52.91 -62.55
CA GLY B 294 38.33 54.35 -62.37
C GLY B 294 39.13 55.17 -63.38
N PHE B 295 39.60 54.56 -64.45
CA PHE B 295 40.39 55.29 -65.44
C PHE B 295 39.51 56.09 -66.39
N LYS B 296 40.06 57.22 -66.87
CA LYS B 296 39.37 58.10 -67.81
C LYS B 296 40.33 58.38 -68.95
N VAL B 297 39.79 58.68 -70.13
CA VAL B 297 40.64 58.95 -71.28
C VAL B 297 41.71 59.99 -70.96
N GLU B 298 41.31 61.08 -70.31
CA GLU B 298 42.23 62.16 -69.97
C GLU B 298 43.32 61.78 -68.97
N ASP B 299 43.24 60.58 -68.38
CA ASP B 299 44.27 60.15 -67.44
C ASP B 299 45.54 59.72 -68.18
N PHE B 300 45.39 59.35 -69.45
CA PHE B 300 46.50 58.88 -70.27
C PHE B 300 47.26 60.02 -70.93
N VAL B 301 48.42 60.35 -70.36
CA VAL B 301 49.26 61.42 -70.90
C VAL B 301 50.43 60.83 -71.66
N VAL B 302 50.30 60.80 -72.99
CA VAL B 302 51.33 60.25 -73.85
C VAL B 302 52.21 61.37 -74.36
N GLU B 303 53.49 61.31 -74.00
CA GLU B 303 54.42 62.36 -74.43
C GLU B 303 55.51 61.86 -75.34
N GLY B 304 55.94 62.72 -76.26
CA GLY B 304 56.99 62.35 -77.19
C GLY B 304 56.53 61.54 -78.39
N TYR B 305 55.22 61.52 -78.67
CA TYR B 305 54.76 60.77 -79.82
C TYR B 305 55.05 61.59 -81.08
N LYS B 306 55.92 61.06 -81.95
CA LYS B 306 56.30 61.75 -83.18
C LYS B 306 56.19 60.85 -84.39
N PRO B 307 54.96 60.58 -84.84
CA PRO B 307 54.74 59.71 -85.99
C PRO B 307 54.83 60.38 -87.36
N TRP B 308 54.94 59.54 -88.38
CA TRP B 308 54.94 60.03 -89.74
C TRP B 308 53.46 60.24 -90.07
N GLY B 309 53.17 60.59 -91.31
CA GLY B 309 51.80 60.83 -91.72
C GLY B 309 50.88 59.62 -91.66
N LYS B 310 49.58 59.88 -91.69
CA LYS B 310 48.61 58.82 -91.64
C LYS B 310 48.63 58.08 -92.97
N ILE B 311 48.22 56.82 -92.93
CA ILE B 311 48.15 55.98 -94.12
C ILE B 311 46.75 55.42 -94.21
N ASP B 312 46.01 55.81 -95.24
CA ASP B 312 44.65 55.35 -95.40
C ASP B 312 44.53 53.88 -95.79
N MET B 313 43.71 53.15 -95.06
CA MET B 313 43.48 51.73 -95.33
C MET B 313 42.04 51.42 -95.01
N LYS B 314 41.35 50.79 -95.96
CA LYS B 314 39.95 50.46 -95.77
C LYS B 314 39.80 49.16 -94.96
N MET B 315 38.83 49.12 -94.07
CA MET B 315 38.61 47.94 -93.27
C MET B 315 37.61 47.05 -93.98
N SER B 316 37.87 45.75 -94.00
CA SER B 316 36.95 44.82 -94.65
C SER B 316 36.03 44.25 -93.59
N ALA B 317 34.74 44.51 -93.76
CA ALA B 317 33.72 44.07 -92.81
C ALA B 317 33.48 42.57 -92.84
N ARG C 13 -31.04 41.32 -86.21
CA ARG C 13 -29.94 41.75 -85.31
C ARG C 13 -29.74 43.26 -85.38
N SER C 14 -29.68 43.88 -84.21
CA SER C 14 -29.50 45.32 -84.08
C SER C 14 -28.15 45.83 -84.57
N ASN C 15 -27.13 45.00 -84.43
CA ASN C 15 -25.77 45.35 -84.84
C ASN C 15 -25.20 44.07 -85.44
N PRO C 16 -25.61 43.77 -86.69
CA PRO C 16 -25.21 42.59 -87.48
C PRO C 16 -23.70 42.41 -87.63
N ASP C 17 -22.96 43.52 -87.58
CA ASP C 17 -21.52 43.45 -87.78
C ASP C 17 -20.72 43.19 -86.51
N HIS C 18 -21.41 43.01 -85.39
CA HIS C 18 -20.69 42.76 -84.15
C HIS C 18 -19.87 41.51 -84.30
N GLU C 19 -18.57 41.63 -84.06
CA GLU C 19 -17.65 40.50 -84.18
C GLU C 19 -18.00 39.26 -83.39
N GLU C 20 -18.76 39.41 -82.31
CA GLU C 20 -19.12 38.24 -81.49
C GLU C 20 -20.04 37.28 -82.25
N TYR C 21 -20.74 37.78 -83.27
CA TYR C 21 -21.60 36.89 -84.05
C TYR C 21 -20.81 35.78 -84.75
N GLN C 22 -19.52 36.00 -84.97
CA GLN C 22 -18.67 34.97 -85.58
C GLN C 22 -18.69 33.77 -84.66
N TYR C 23 -18.49 34.01 -83.35
CA TYR C 23 -18.47 32.94 -82.36
C TYR C 23 -19.85 32.27 -82.25
N LEU C 24 -20.91 33.08 -82.12
CA LEU C 24 -22.27 32.55 -82.01
C LEU C 24 -22.69 31.78 -83.26
N ASP C 25 -22.40 32.33 -84.44
CA ASP C 25 -22.77 31.66 -85.68
C ASP C 25 -22.08 30.31 -85.85
N LEU C 26 -20.79 30.23 -85.50
CA LEU C 26 -20.07 28.97 -85.63
C LEU C 26 -20.68 27.91 -84.72
N ILE C 27 -21.00 28.28 -83.50
CA ILE C 27 -21.62 27.32 -82.58
C ILE C 27 -22.94 26.81 -83.15
N ARG C 28 -23.72 27.73 -83.70
CA ARG C 28 -25.02 27.35 -84.28
C ARG C 28 -24.79 26.37 -85.42
N ARG C 29 -23.79 26.67 -86.26
CA ARG C 29 -23.49 25.81 -87.39
C ARG C 29 -23.03 24.43 -86.93
N ILE C 30 -22.13 24.38 -85.95
CA ILE C 30 -21.64 23.08 -85.46
C ILE C 30 -22.80 22.25 -84.91
N ILE C 31 -23.68 22.88 -84.15
CA ILE C 31 -24.81 22.14 -83.59
C ILE C 31 -25.72 21.64 -84.73
N ASN C 32 -25.93 22.48 -85.73
CA ASN C 32 -26.78 22.14 -86.88
C ASN C 32 -26.24 21.08 -87.83
N VAL C 33 -25.05 21.32 -88.39
CA VAL C 33 -24.48 20.38 -89.35
C VAL C 33 -23.17 19.70 -88.91
N GLY C 34 -22.77 19.90 -87.66
CA GLY C 34 -21.56 19.26 -87.19
C GLY C 34 -21.69 17.75 -87.15
N GLU C 35 -20.55 17.07 -87.13
CA GLU C 35 -20.54 15.61 -87.09
C GLU C 35 -20.40 15.09 -85.65
N VAL C 36 -21.28 14.17 -85.25
CA VAL C 36 -21.24 13.60 -83.91
C VAL C 36 -20.07 12.66 -83.83
N ARG C 37 -19.19 12.87 -82.86
CA ARG C 37 -18.00 12.04 -82.75
C ARG C 37 -17.62 11.66 -81.35
N PRO C 38 -16.89 10.55 -81.20
CA PRO C 38 -16.42 10.05 -79.90
C PRO C 38 -15.14 10.89 -79.66
N ASP C 39 -14.65 10.93 -78.44
CA ASP C 39 -13.44 11.71 -78.17
C ASP C 39 -12.70 11.15 -76.96
N ARG C 40 -11.51 11.70 -76.74
CA ARG C 40 -10.66 11.30 -75.63
C ARG C 40 -11.36 11.34 -74.26
N THR C 41 -12.15 12.38 -74.02
CA THR C 41 -12.81 12.56 -72.72
C THR C 41 -13.93 11.57 -72.45
N GLY C 42 -14.55 11.07 -73.51
CA GLY C 42 -15.64 10.13 -73.34
C GLY C 42 -17.01 10.78 -73.30
N THR C 43 -17.08 12.11 -73.31
CA THR C 43 -18.40 12.73 -73.27
C THR C 43 -18.97 12.88 -74.67
N GLY C 44 -18.09 12.93 -75.67
CA GLY C 44 -18.57 13.05 -77.04
C GLY C 44 -18.73 14.50 -77.45
N THR C 45 -18.68 14.75 -78.75
CA THR C 45 -18.83 16.12 -79.26
C THR C 45 -19.47 16.12 -80.64
N VAL C 46 -19.75 17.32 -81.12
CA VAL C 46 -20.28 17.52 -82.48
C VAL C 46 -19.19 18.47 -83.03
N ALA C 47 -18.65 18.18 -84.21
CA ALA C 47 -17.55 19.01 -84.72
C ALA C 47 -17.49 19.25 -86.22
N LEU C 48 -16.71 20.27 -86.57
CA LEU C 48 -16.41 20.66 -87.94
C LEU C 48 -14.90 20.90 -87.99
N PHE C 49 -14.27 20.58 -89.12
CA PHE C 49 -12.83 20.78 -89.25
C PHE C 49 -12.50 21.99 -90.08
N ALA C 50 -11.54 22.79 -89.58
CA ALA C 50 -11.04 23.97 -90.27
C ALA C 50 -12.10 24.93 -90.80
N PRO C 51 -12.95 25.47 -89.91
CA PRO C 51 -13.97 26.39 -90.39
C PRO C 51 -13.30 27.73 -90.63
N PRO C 52 -13.99 28.65 -91.32
CA PRO C 52 -13.38 29.97 -91.57
C PRO C 52 -12.84 30.55 -90.27
N SER C 53 -11.72 31.24 -90.35
CA SER C 53 -11.09 31.84 -89.18
C SER C 53 -11.84 33.05 -88.63
N PHE C 54 -11.61 33.35 -87.36
CA PHE C 54 -12.25 34.50 -86.71
C PHE C 54 -11.29 35.68 -86.80
N ARG C 55 -11.83 36.88 -86.93
CA ARG C 55 -11.01 38.08 -86.99
C ARG C 55 -11.59 39.07 -85.99
N PHE C 56 -10.74 39.63 -85.16
CA PHE C 56 -11.18 40.59 -84.15
C PHE C 56 -10.31 41.83 -84.21
N SER C 57 -10.93 43.00 -84.27
CA SER C 57 -10.16 44.24 -84.30
C SER C 57 -9.69 44.58 -82.88
N LEU C 58 -8.42 44.98 -82.76
CA LEU C 58 -7.85 45.35 -81.46
C LEU C 58 -7.56 46.86 -81.42
N ALA C 59 -8.06 47.57 -82.43
CA ALA C 59 -7.87 49.01 -82.52
C ALA C 59 -8.69 49.74 -81.46
N ASP C 60 -8.30 50.97 -81.16
CA ASP C 60 -8.99 51.78 -80.16
C ASP C 60 -9.08 51.08 -78.81
N ASN C 61 -8.01 50.40 -78.42
CA ASN C 61 -7.94 49.69 -77.13
C ASN C 61 -9.02 48.65 -76.93
N THR C 62 -9.56 48.11 -78.01
CA THR C 62 -10.63 47.12 -77.90
C THR C 62 -10.15 45.73 -77.45
N LEU C 63 -10.93 45.12 -76.57
CA LEU C 63 -10.62 43.79 -76.05
C LEU C 63 -11.82 42.89 -76.36
N PRO C 64 -11.63 41.90 -77.23
CA PRO C 64 -12.73 41.00 -77.59
C PRO C 64 -13.07 39.99 -76.48
N LEU C 65 -13.59 40.51 -75.38
CA LEU C 65 -14.03 39.68 -74.26
C LEU C 65 -15.53 39.45 -74.47
N LEU C 66 -15.92 38.21 -74.75
CA LEU C 66 -17.31 37.87 -75.05
C LEU C 66 -18.30 38.45 -74.05
N THR C 67 -19.42 38.93 -74.57
CA THR C 67 -20.45 39.53 -73.75
C THR C 67 -21.74 38.71 -73.64
N THR C 68 -21.91 37.68 -74.46
CA THR C 68 -23.13 36.89 -74.36
C THR C 68 -23.14 35.98 -73.15
N LYS C 69 -22.07 36.04 -72.36
CA LYS C 69 -21.98 35.28 -71.10
C LYS C 69 -20.87 35.95 -70.30
N ARG C 70 -20.93 35.84 -68.97
CA ARG C 70 -19.88 36.44 -68.15
C ARG C 70 -18.63 35.58 -68.25
N VAL C 71 -17.54 36.17 -68.73
CA VAL C 71 -16.28 35.44 -68.85
C VAL C 71 -15.39 35.76 -67.66
N PHE C 72 -14.77 34.74 -67.07
CA PHE C 72 -13.87 34.92 -65.92
C PHE C 72 -12.59 35.66 -66.37
N LEU C 73 -12.68 36.96 -66.56
CA LEU C 73 -11.57 37.79 -66.98
C LEU C 73 -10.30 37.60 -66.13
N ARG C 74 -10.43 37.69 -64.81
CA ARG C 74 -9.27 37.52 -63.93
C ARG C 74 -8.58 36.19 -64.19
N GLY C 75 -9.38 35.16 -64.46
CA GLY C 75 -8.81 33.86 -64.74
C GLY C 75 -7.99 33.87 -66.04
N VAL C 76 -8.47 34.60 -67.04
CA VAL C 76 -7.76 34.69 -68.31
C VAL C 76 -6.42 35.38 -68.10
N ILE C 77 -6.45 36.55 -67.45
CA ILE C 77 -5.24 37.31 -67.17
C ILE C 77 -4.25 36.47 -66.34
N ALA C 78 -4.73 35.87 -65.26
CA ALA C 78 -3.84 35.05 -64.43
C ALA C 78 -3.16 33.97 -65.23
N GLU C 79 -3.93 33.21 -66.00
CA GLU C 79 -3.36 32.15 -66.82
C GLU C 79 -2.31 32.69 -67.80
N LEU C 80 -2.61 33.83 -68.42
CA LEU C 80 -1.68 34.45 -69.39
C LEU C 80 -0.34 34.88 -68.75
N LEU C 81 -0.41 35.56 -67.60
CA LEU C 81 0.81 35.99 -66.91
C LEU C 81 1.59 34.76 -66.44
N TRP C 82 0.86 33.68 -66.21
CA TRP C 82 1.42 32.40 -65.77
C TRP C 82 2.22 31.82 -66.96
N PHE C 83 1.62 31.86 -68.16
CA PHE C 83 2.32 31.35 -69.35
C PHE C 83 3.61 32.15 -69.50
N VAL C 84 3.46 33.48 -69.55
CA VAL C 84 4.60 34.37 -69.75
C VAL C 84 5.74 34.08 -68.77
N SER C 85 5.40 33.76 -67.53
CA SER C 85 6.42 33.51 -66.51
C SER C 85 7.15 32.23 -66.78
N GLY C 86 6.61 31.39 -67.65
CA GLY C 86 7.25 30.12 -67.96
C GLY C 86 6.93 29.04 -66.94
N CYS C 87 6.08 29.37 -65.97
CA CYS C 87 5.69 28.46 -64.90
C CYS C 87 4.73 27.39 -65.40
N THR C 88 4.87 26.18 -64.85
CA THR C 88 4.03 25.06 -65.24
C THR C 88 3.35 24.40 -64.04
N ASP C 89 3.35 25.09 -62.91
CA ASP C 89 2.72 24.60 -61.68
C ASP C 89 1.32 25.20 -61.55
N ALA C 90 0.30 24.38 -61.71
CA ALA C 90 -1.08 24.84 -61.62
C ALA C 90 -1.42 25.39 -60.23
N LYS C 91 -0.67 25.02 -59.20
CA LYS C 91 -0.95 25.55 -57.87
C LYS C 91 -0.75 27.06 -57.86
N MET C 92 0.05 27.58 -58.80
CA MET C 92 0.27 29.03 -58.85
C MET C 92 -1.01 29.73 -59.29
N LEU C 93 -1.89 28.98 -59.96
CA LEU C 93 -3.18 29.57 -60.38
C LEU C 93 -4.25 29.32 -59.29
N SER C 94 -4.32 28.09 -58.79
CA SER C 94 -5.32 27.79 -57.75
C SER C 94 -5.09 28.59 -56.47
N SER C 95 -3.84 28.92 -56.18
CA SER C 95 -3.53 29.69 -54.98
C SER C 95 -4.07 31.10 -55.09
N GLN C 96 -4.27 31.57 -56.33
CA GLN C 96 -4.84 32.89 -56.50
C GLN C 96 -6.31 32.83 -56.93
N GLY C 97 -6.95 31.70 -56.65
CA GLY C 97 -8.37 31.55 -56.96
C GLY C 97 -8.75 31.20 -58.39
N VAL C 98 -7.82 30.64 -59.15
CA VAL C 98 -8.09 30.26 -60.54
C VAL C 98 -7.87 28.77 -60.67
N GLY C 99 -8.94 28.00 -60.86
CA GLY C 99 -8.82 26.56 -60.93
C GLY C 99 -9.01 25.92 -62.28
N ILE C 100 -8.84 26.70 -63.37
CA ILE C 100 -9.05 26.16 -64.70
C ILE C 100 -8.17 24.99 -65.03
N TRP C 101 -6.99 24.91 -64.41
CA TRP C 101 -6.09 23.79 -64.66
C TRP C 101 -6.08 22.72 -63.55
N ASP C 102 -6.98 22.85 -62.58
CA ASP C 102 -7.04 21.87 -61.48
C ASP C 102 -7.44 20.50 -62.01
N GLY C 103 -8.33 20.49 -62.99
CA GLY C 103 -8.78 19.24 -63.56
C GLY C 103 -7.68 18.37 -64.18
N ASN C 104 -6.83 18.97 -65.01
CA ASN C 104 -5.77 18.19 -65.62
C ASN C 104 -4.51 18.12 -64.78
N GLY C 105 -4.47 18.84 -63.67
CA GLY C 105 -3.31 18.81 -62.81
C GLY C 105 -3.55 17.96 -61.56
N SER C 106 -4.75 17.41 -61.43
CA SER C 106 -5.09 16.60 -60.26
C SER C 106 -4.29 15.30 -60.28
N LYS C 107 -4.06 14.70 -59.13
CA LYS C 107 -3.32 13.47 -59.08
C LYS C 107 -3.99 12.38 -59.93
N GLU C 108 -5.30 12.25 -59.82
CA GLU C 108 -6.01 11.21 -60.57
C GLU C 108 -5.79 11.33 -62.06
N PHE C 109 -5.83 12.55 -62.57
CA PHE C 109 -5.63 12.68 -63.99
C PHE C 109 -4.19 12.39 -64.35
N LEU C 110 -3.25 12.96 -63.60
CA LEU C 110 -1.82 12.73 -63.88
C LEU C 110 -1.49 11.24 -63.86
N GLU C 111 -1.93 10.54 -62.81
CA GLU C 111 -1.67 9.10 -62.71
C GLU C 111 -2.35 8.40 -63.87
N LYS C 112 -3.49 8.93 -64.28
CA LYS C 112 -4.26 8.35 -65.36
C LYS C 112 -3.52 8.38 -66.70
N VAL C 113 -2.74 9.43 -66.93
CA VAL C 113 -1.99 9.54 -68.18
C VAL C 113 -0.53 9.10 -68.05
N GLY C 114 -0.23 8.30 -67.04
CA GLY C 114 1.14 7.83 -66.86
C GLY C 114 2.12 8.80 -66.24
N LEU C 115 1.63 9.82 -65.52
CA LEU C 115 2.51 10.79 -64.89
C LEU C 115 2.31 10.77 -63.37
N GLY C 116 2.19 9.57 -62.80
CA GLY C 116 1.97 9.44 -61.36
C GLY C 116 3.13 9.86 -60.48
N HIS C 117 4.32 9.95 -61.05
CA HIS C 117 5.52 10.34 -60.30
C HIS C 117 5.55 11.84 -60.00
N ARG C 118 4.60 12.59 -60.55
CA ARG C 118 4.60 14.03 -60.33
C ARG C 118 3.67 14.43 -59.20
N ARG C 119 4.00 15.53 -58.52
CA ARG C 119 3.13 16.01 -57.47
C ARG C 119 1.94 16.68 -58.16
N GLU C 120 0.81 16.74 -57.45
CA GLU C 120 -0.38 17.33 -58.00
C GLU C 120 -0.13 18.76 -58.47
N GLY C 121 -0.62 19.09 -59.67
CA GLY C 121 -0.43 20.44 -60.18
C GLY C 121 0.75 20.61 -61.12
N ASP C 122 1.66 19.65 -61.10
CA ASP C 122 2.84 19.73 -61.98
C ASP C 122 2.45 19.19 -63.36
N LEU C 123 2.04 20.09 -64.24
CA LEU C 123 1.58 19.73 -65.58
C LEU C 123 2.65 19.27 -66.55
N GLY C 124 3.90 19.57 -66.24
CA GLY C 124 4.95 19.16 -67.15
C GLY C 124 5.39 20.36 -67.98
N PRO C 125 6.20 20.15 -69.04
CA PRO C 125 6.69 21.23 -69.90
C PRO C 125 5.67 21.77 -70.87
N VAL C 126 4.58 22.32 -70.33
CA VAL C 126 3.49 22.86 -71.14
C VAL C 126 3.73 24.32 -71.56
N TYR C 127 2.72 24.92 -72.19
CA TYR C 127 2.77 26.28 -72.71
C TYR C 127 3.92 27.18 -72.30
N GLY C 128 3.80 27.76 -71.10
CA GLY C 128 4.82 28.65 -70.58
C GLY C 128 6.26 28.19 -70.67
N PHE C 129 6.50 26.92 -70.37
CA PHE C 129 7.84 26.39 -70.41
C PHE C 129 8.39 26.39 -71.85
N GLN C 130 7.57 25.98 -72.80
CA GLN C 130 8.00 25.94 -74.20
C GLN C 130 8.24 27.36 -74.71
N TRP C 131 7.36 28.28 -74.34
CA TRP C 131 7.46 29.69 -74.74
C TRP C 131 8.79 30.35 -74.33
N ARG C 132 9.24 30.09 -73.10
CA ARG C 132 10.46 30.71 -72.59
C ARG C 132 11.70 29.81 -72.52
N HIS C 133 11.53 28.49 -72.60
CA HIS C 133 12.65 27.57 -72.47
C HIS C 133 12.60 26.39 -73.45
N PHE C 134 12.10 26.63 -74.66
CA PHE C 134 11.99 25.55 -75.62
C PHE C 134 13.30 24.79 -75.80
N GLY C 135 13.23 23.47 -75.71
CA GLY C 135 14.43 22.68 -75.85
C GLY C 135 15.13 22.31 -74.56
N ALA C 136 14.89 23.07 -73.51
CA ALA C 136 15.52 22.76 -72.24
C ALA C 136 15.01 21.42 -71.69
N GLU C 137 15.82 20.80 -70.84
CA GLU C 137 15.48 19.53 -70.22
C GLU C 137 14.53 19.79 -69.04
N TYR C 138 13.40 19.11 -69.02
CA TYR C 138 12.44 19.32 -67.93
C TYR C 138 12.62 18.29 -66.82
N THR C 139 12.67 18.75 -65.58
CA THR C 139 12.79 17.81 -64.46
C THR C 139 11.41 17.82 -63.80
N ASP C 140 11.12 18.89 -63.05
CA ASP C 140 9.80 19.05 -62.43
C ASP C 140 9.46 20.54 -62.49
N ALA C 141 8.34 20.98 -61.90
CA ALA C 141 7.99 22.41 -61.98
C ALA C 141 8.84 23.33 -61.14
N ASP C 142 9.66 22.76 -60.26
CA ASP C 142 10.52 23.57 -59.40
C ASP C 142 11.92 23.72 -60.00
N GLY C 143 12.16 23.07 -61.14
CA GLY C 143 13.46 23.14 -61.77
C GLY C 143 13.93 24.54 -62.08
N ASP C 144 15.24 24.72 -62.15
CA ASP C 144 15.84 26.01 -62.44
C ASP C 144 16.11 26.08 -63.96
N TYR C 145 15.26 26.80 -64.68
CA TYR C 145 15.37 26.89 -66.13
C TYR C 145 15.84 28.24 -66.62
N LYS C 146 16.12 29.14 -65.68
CA LYS C 146 16.56 30.48 -66.07
C LYS C 146 17.77 30.42 -67.01
N GLY C 147 17.66 31.08 -68.15
CA GLY C 147 18.75 31.09 -69.12
C GLY C 147 18.89 29.80 -69.90
N LYS C 148 17.95 28.88 -69.73
CA LYS C 148 18.02 27.61 -70.45
C LYS C 148 16.93 27.52 -71.53
N GLY C 149 17.29 26.90 -72.66
CA GLY C 149 16.35 26.73 -73.74
C GLY C 149 16.19 28.01 -74.52
N VAL C 150 15.31 27.99 -75.53
CA VAL C 150 15.08 29.17 -76.34
C VAL C 150 13.93 30.03 -75.80
N ASP C 151 14.22 31.31 -75.58
CA ASP C 151 13.21 32.23 -75.11
C ASP C 151 12.53 32.83 -76.33
N GLN C 152 11.52 32.14 -76.84
CA GLN C 152 10.78 32.60 -78.01
C GLN C 152 10.08 33.92 -77.81
N LEU C 153 9.49 34.11 -76.62
CA LEU C 153 8.77 35.34 -76.34
C LEU C 153 9.64 36.58 -76.40
N GLN C 154 10.79 36.56 -75.73
CA GLN C 154 11.65 37.73 -75.76
C GLN C 154 12.19 37.97 -77.18
N ARG C 155 12.42 36.90 -77.91
CA ARG C 155 12.92 37.02 -79.28
C ARG C 155 11.86 37.72 -80.13
N VAL C 156 10.58 37.39 -79.88
CA VAL C 156 9.47 38.03 -80.59
C VAL C 156 9.51 39.53 -80.32
N ILE C 157 9.64 39.90 -79.05
CA ILE C 157 9.70 41.31 -78.65
C ILE C 157 10.85 42.04 -79.36
N ASP C 158 12.05 41.49 -79.24
CA ASP C 158 13.25 42.05 -79.85
C ASP C 158 13.12 42.20 -81.37
N THR C 159 12.55 41.20 -82.01
CA THR C 159 12.35 41.23 -83.46
C THR C 159 11.35 42.29 -83.93
N ILE C 160 10.25 42.44 -83.20
CA ILE C 160 9.24 43.43 -83.53
C ILE C 160 9.84 44.84 -83.44
N LYS C 161 10.68 45.05 -82.43
CA LYS C 161 11.32 46.34 -82.24
C LYS C 161 12.47 46.66 -83.20
N ASN C 162 13.31 45.66 -83.50
CA ASN C 162 14.49 45.89 -84.33
C ASN C 162 14.45 45.38 -85.76
N ASN C 163 13.53 44.47 -86.07
CA ASN C 163 13.42 43.96 -87.42
C ASN C 163 11.99 43.49 -87.69
N PRO C 164 11.03 44.44 -87.62
CA PRO C 164 9.60 44.21 -87.83
C PRO C 164 9.16 43.47 -89.08
N THR C 165 9.91 43.60 -90.18
CA THR C 165 9.50 42.92 -91.40
C THR C 165 9.96 41.46 -91.45
N ASP C 166 10.62 41.00 -90.39
CA ASP C 166 11.06 39.62 -90.30
C ASP C 166 9.79 38.76 -90.48
N ARG C 167 9.95 37.58 -91.07
CA ARG C 167 8.81 36.71 -91.32
C ARG C 167 8.84 35.47 -90.44
N ARG C 168 9.63 35.50 -89.37
CA ARG C 168 9.73 34.35 -88.47
C ARG C 168 9.30 34.69 -87.05
N ILE C 169 8.43 35.68 -86.88
CA ILE C 169 8.03 36.13 -85.56
C ILE C 169 7.01 35.14 -85.05
N ILE C 170 7.52 34.00 -84.61
CA ILE C 170 6.68 32.90 -84.16
C ILE C 170 6.83 32.58 -82.66
N LEU C 171 5.71 32.24 -82.03
CA LEU C 171 5.68 31.86 -80.64
C LEU C 171 4.93 30.52 -80.62
N SER C 172 5.63 29.42 -80.32
CA SER C 172 5.02 28.10 -80.36
C SER C 172 5.29 27.25 -79.13
N ALA C 173 4.29 26.47 -78.75
CA ALA C 173 4.39 25.59 -77.59
C ALA C 173 4.44 24.13 -78.03
N TRP C 174 4.25 23.90 -79.32
CA TRP C 174 4.27 22.54 -79.81
C TRP C 174 5.68 21.96 -79.78
N ASN C 175 5.83 20.80 -79.11
CA ASN C 175 7.13 20.16 -79.01
C ASN C 175 6.88 18.67 -79.00
N PRO C 176 7.00 18.02 -80.18
CA PRO C 176 6.77 16.58 -80.32
C PRO C 176 7.56 15.72 -79.34
N LYS C 177 8.77 16.15 -78.98
CA LYS C 177 9.58 15.39 -78.06
C LYS C 177 9.03 15.45 -76.62
N ASP C 178 8.58 16.64 -76.19
CA ASP C 178 8.06 16.82 -74.84
C ASP C 178 6.59 16.42 -74.60
N LEU C 179 5.82 16.25 -75.67
CA LEU C 179 4.40 15.88 -75.56
C LEU C 179 4.05 14.83 -74.50
N PRO C 180 4.72 13.67 -74.51
CA PRO C 180 4.38 12.66 -73.48
C PRO C 180 4.59 13.11 -72.04
N LEU C 181 5.38 14.17 -71.82
CA LEU C 181 5.63 14.67 -70.48
C LEU C 181 4.58 15.70 -70.05
N MET C 182 3.72 16.07 -70.99
CA MET C 182 2.67 17.03 -70.76
C MET C 182 1.37 16.40 -70.32
N ALA C 183 0.73 16.99 -69.33
CA ALA C 183 -0.57 16.46 -68.85
C ALA C 183 -1.55 16.54 -70.01
N LEU C 184 -1.37 17.57 -70.85
CA LEU C 184 -2.23 17.75 -72.02
C LEU C 184 -1.42 18.46 -73.11
N PRO C 185 -1.54 18.02 -74.36
CA PRO C 185 -0.77 18.68 -75.43
C PRO C 185 -1.34 20.08 -75.68
N PRO C 186 -0.51 21.00 -76.12
CA PRO C 186 -0.96 22.38 -76.40
C PRO C 186 -2.17 22.44 -77.35
N CYS C 187 -3.20 23.21 -77.00
CA CYS C 187 -4.36 23.40 -77.89
C CYS C 187 -4.02 24.57 -78.82
N HIS C 188 -3.65 25.70 -78.23
CA HIS C 188 -3.22 26.83 -79.04
C HIS C 188 -1.74 26.51 -79.21
N MET C 189 -1.41 25.87 -80.33
CA MET C 189 -0.06 25.43 -80.54
C MET C 189 0.96 26.43 -81.01
N PHE C 190 0.51 27.55 -81.57
CA PHE C 190 1.46 28.58 -81.97
C PHE C 190 0.74 29.79 -82.54
N CYS C 191 1.46 30.88 -82.64
CA CYS C 191 0.89 32.09 -83.20
C CYS C 191 2.00 32.83 -83.94
N GLN C 192 1.61 33.72 -84.85
CA GLN C 192 2.56 34.49 -85.62
C GLN C 192 2.18 35.96 -85.53
N PHE C 193 3.17 36.81 -85.30
CA PHE C 193 2.92 38.24 -85.24
C PHE C 193 3.36 38.90 -86.56
N PHE C 194 2.68 39.98 -86.91
CA PHE C 194 2.98 40.74 -88.13
C PHE C 194 2.95 42.21 -87.79
N VAL C 195 3.90 42.97 -88.31
CA VAL C 195 3.98 44.39 -88.05
C VAL C 195 3.87 45.20 -89.34
N SER C 196 2.87 46.07 -89.43
CA SER C 196 2.69 46.94 -90.59
C SER C 196 3.47 48.21 -90.33
N LEU C 197 4.32 48.59 -91.28
CA LEU C 197 5.11 49.80 -91.14
C LEU C 197 4.23 51.05 -91.27
N PRO C 198 4.64 52.16 -90.67
CA PRO C 198 3.90 53.42 -90.73
C PRO C 198 3.72 53.87 -92.18
N PRO C 199 2.50 54.25 -92.58
CA PRO C 199 2.22 54.71 -93.95
C PRO C 199 3.07 55.91 -94.33
N ALA C 200 3.15 56.16 -95.64
CA ALA C 200 3.90 57.28 -96.20
C ALA C 200 3.46 58.62 -95.63
N ASP C 201 2.16 58.88 -95.67
CA ASP C 201 1.61 60.15 -95.19
C ASP C 201 1.49 60.27 -93.66
N SER C 202 2.53 59.84 -92.95
CA SER C 202 2.58 59.90 -91.48
C SER C 202 3.58 58.89 -90.91
N PRO C 203 4.86 59.06 -91.22
CA PRO C 203 5.87 58.13 -90.70
C PRO C 203 6.06 58.22 -89.19
N GLY C 204 5.34 59.14 -88.55
CA GLY C 204 5.46 59.28 -87.12
C GLY C 204 4.57 58.29 -86.39
N SER C 205 3.55 57.79 -87.07
CA SER C 205 2.62 56.84 -86.47
C SER C 205 3.29 55.58 -85.98
N LYS C 206 2.65 54.91 -85.04
CA LYS C 206 3.19 53.66 -84.50
C LYS C 206 2.89 52.51 -85.45
N PRO C 207 3.84 51.57 -85.61
CA PRO C 207 3.59 50.43 -86.50
C PRO C 207 2.40 49.66 -85.95
N LYS C 208 1.67 48.96 -86.80
CA LYS C 208 0.51 48.21 -86.33
C LYS C 208 0.86 46.73 -86.12
N LEU C 209 0.45 46.19 -84.98
CA LEU C 209 0.75 44.81 -84.62
C LEU C 209 -0.45 43.88 -84.74
N SER C 210 -0.29 42.77 -85.47
CA SER C 210 -1.35 41.80 -85.64
C SER C 210 -0.86 40.42 -85.16
N CYS C 211 -1.80 39.55 -84.88
CA CYS C 211 -1.49 38.23 -84.37
C CYS C 211 -2.43 37.19 -84.93
N LEU C 212 -1.86 36.11 -85.46
CA LEU C 212 -2.67 34.99 -85.95
C LEU C 212 -2.29 33.78 -85.07
N MET C 213 -3.30 33.16 -84.47
CA MET C 213 -3.07 31.99 -83.62
C MET C 213 -3.80 30.79 -84.21
N TYR C 214 -3.19 29.62 -84.13
CA TYR C 214 -3.79 28.42 -84.67
C TYR C 214 -4.03 27.47 -83.52
N GLN C 215 -5.28 27.05 -83.36
CA GLN C 215 -5.71 26.15 -82.28
C GLN C 215 -6.14 24.81 -82.88
N ARG C 216 -5.39 23.75 -82.59
CA ARG C 216 -5.68 22.42 -83.12
C ARG C 216 -7.00 21.82 -82.66
N SER C 217 -7.40 22.13 -81.43
CA SER C 217 -8.60 21.56 -80.80
C SER C 217 -9.27 22.70 -80.05
N CYS C 218 -10.56 22.92 -80.32
CA CYS C 218 -11.26 24.05 -79.75
C CYS C 218 -12.59 23.73 -79.09
N ASP C 219 -12.63 23.86 -77.77
CA ASP C 219 -13.85 23.63 -76.99
C ASP C 219 -14.55 24.97 -77.07
N LEU C 220 -15.52 25.09 -77.98
CA LEU C 220 -16.15 26.39 -78.16
C LEU C 220 -16.88 26.94 -76.95
N GLY C 221 -17.53 26.06 -76.20
CA GLY C 221 -18.24 26.54 -75.02
C GLY C 221 -17.31 27.11 -73.96
N LEU C 222 -16.30 26.34 -73.53
CA LEU C 222 -15.40 26.77 -72.46
C LEU C 222 -14.02 27.33 -72.83
N GLY C 223 -13.34 26.69 -73.77
CA GLY C 223 -12.02 27.16 -74.15
C GLY C 223 -11.92 28.40 -75.00
N VAL C 224 -12.55 28.38 -76.17
CA VAL C 224 -12.49 29.50 -77.10
C VAL C 224 -12.68 30.88 -76.50
N PRO C 225 -13.65 31.05 -75.58
CA PRO C 225 -13.82 32.37 -75.00
C PRO C 225 -12.54 32.82 -74.29
N PHE C 226 -11.85 31.88 -73.65
CA PHE C 226 -10.59 32.23 -72.96
C PHE C 226 -9.48 32.48 -73.99
N ASN C 227 -9.36 31.57 -74.95
CA ASN C 227 -8.33 31.67 -75.99
C ASN C 227 -8.37 33.01 -76.72
N ILE C 228 -9.58 33.47 -77.04
CA ILE C 228 -9.74 34.73 -77.76
C ILE C 228 -9.25 35.91 -76.94
N ALA C 229 -9.72 36.02 -75.71
CA ALA C 229 -9.32 37.12 -74.86
C ALA C 229 -7.83 37.02 -74.50
N SER C 230 -7.34 35.80 -74.26
CA SER C 230 -5.94 35.60 -73.91
C SER C 230 -4.96 36.12 -75.00
N TYR C 231 -5.12 35.66 -76.24
CA TYR C 231 -4.22 36.13 -77.30
C TYR C 231 -4.44 37.60 -77.62
N ALA C 232 -5.66 38.09 -77.42
CA ALA C 232 -5.91 39.53 -77.65
C ALA C 232 -5.11 40.30 -76.59
N LEU C 233 -5.16 39.82 -75.35
CA LEU C 233 -4.41 40.48 -74.26
C LEU C 233 -2.90 40.37 -74.49
N LEU C 234 -2.43 39.21 -74.94
CA LEU C 234 -1.00 39.05 -75.22
C LEU C 234 -0.52 40.09 -76.25
N THR C 235 -1.34 40.29 -77.28
CA THR C 235 -0.99 41.25 -78.32
C THR C 235 -0.94 42.66 -77.76
N HIS C 236 -1.89 43.01 -76.89
CA HIS C 236 -1.90 44.32 -76.26
C HIS C 236 -0.63 44.48 -75.43
N MET C 237 -0.26 43.43 -74.69
CA MET C 237 0.93 43.47 -73.85
C MET C 237 2.19 43.70 -74.69
N ILE C 238 2.34 42.89 -75.72
CA ILE C 238 3.50 42.99 -76.58
C ILE C 238 3.55 44.37 -77.25
N ALA C 239 2.37 44.87 -77.62
CA ALA C 239 2.29 46.18 -78.28
C ALA C 239 2.84 47.27 -77.37
N LEU C 240 2.53 47.18 -76.08
CA LEU C 240 3.01 48.17 -75.12
C LEU C 240 4.52 48.17 -75.00
N ILE C 241 5.10 46.97 -74.87
CA ILE C 241 6.55 46.83 -74.73
C ILE C 241 7.34 47.16 -76.02
N THR C 242 6.72 47.01 -77.18
CA THR C 242 7.42 47.26 -78.43
C THR C 242 7.08 48.59 -79.09
N ASP C 243 6.26 49.40 -78.42
CA ASP C 243 5.86 50.68 -78.97
C ASP C 243 5.08 50.53 -80.28
N THR C 244 4.23 49.50 -80.34
CA THR C 244 3.43 49.32 -81.54
C THR C 244 1.96 49.48 -81.16
N GLU C 245 1.09 49.55 -82.15
CA GLU C 245 -0.35 49.71 -81.92
C GLU C 245 -1.10 48.43 -82.26
N PRO C 246 -1.77 47.82 -81.29
CA PRO C 246 -2.51 46.60 -81.59
C PRO C 246 -3.49 46.83 -82.73
N HIS C 247 -3.56 45.89 -83.66
CA HIS C 247 -4.43 46.06 -84.82
C HIS C 247 -5.47 44.97 -85.01
N GLU C 248 -5.03 43.74 -85.19
CA GLU C 248 -5.98 42.65 -85.45
C GLU C 248 -5.53 41.33 -84.86
N PHE C 249 -6.49 40.51 -84.46
CA PHE C 249 -6.21 39.18 -83.95
C PHE C 249 -7.00 38.21 -84.79
N ILE C 250 -6.32 37.22 -85.35
CA ILE C 250 -6.96 36.20 -86.19
C ILE C 250 -6.82 34.83 -85.52
N LEU C 251 -7.91 34.08 -85.51
CA LEU C 251 -7.89 32.75 -84.89
C LEU C 251 -8.37 31.68 -85.85
N GLN C 252 -7.46 30.79 -86.21
CA GLN C 252 -7.78 29.69 -87.11
C GLN C 252 -7.90 28.43 -86.29
N MET C 253 -8.98 27.71 -86.49
CA MET C 253 -9.24 26.49 -85.74
C MET C 253 -9.08 25.24 -86.54
N GLY C 254 -8.68 24.16 -85.86
CA GLY C 254 -8.59 22.87 -86.53
C GLY C 254 -9.87 22.11 -86.16
N ASP C 255 -9.79 21.25 -85.14
CA ASP C 255 -10.98 20.50 -84.71
C ASP C 255 -11.83 21.44 -83.84
N ALA C 256 -12.87 22.01 -84.43
CA ALA C 256 -13.75 22.94 -83.74
C ALA C 256 -14.97 22.14 -83.30
N HIS C 257 -15.15 22.03 -81.99
CA HIS C 257 -16.24 21.22 -81.46
C HIS C 257 -17.05 21.79 -80.28
N VAL C 258 -18.24 21.22 -80.11
CA VAL C 258 -19.14 21.61 -79.03
C VAL C 258 -19.40 20.31 -78.27
N TYR C 259 -19.03 20.25 -76.99
CA TYR C 259 -19.28 19.04 -76.22
C TYR C 259 -20.78 18.78 -76.08
N ARG C 260 -21.14 17.50 -76.03
CA ARG C 260 -22.54 17.09 -75.94
C ARG C 260 -23.27 17.75 -74.79
N ASP C 261 -22.63 17.85 -73.62
CA ASP C 261 -23.27 18.47 -72.47
C ASP C 261 -23.21 20.00 -72.49
N HIS C 262 -22.78 20.58 -73.61
CA HIS C 262 -22.74 22.04 -73.72
C HIS C 262 -23.82 22.55 -74.67
N VAL C 263 -24.39 21.67 -75.47
CA VAL C 263 -25.40 22.04 -76.45
C VAL C 263 -26.57 22.83 -75.88
N GLU C 264 -27.21 22.29 -74.84
CA GLU C 264 -28.34 23.01 -74.25
C GLU C 264 -27.94 24.33 -73.60
N PRO C 265 -26.84 24.34 -72.83
CA PRO C 265 -26.45 25.62 -72.22
C PRO C 265 -26.15 26.69 -73.28
N LEU C 266 -25.53 26.29 -74.39
CA LEU C 266 -25.17 27.23 -75.44
C LEU C 266 -26.39 27.77 -76.18
N LYS C 267 -27.44 26.96 -76.28
CA LYS C 267 -28.66 27.42 -76.95
C LYS C 267 -29.21 28.65 -76.23
N THR C 268 -29.04 28.68 -74.91
CA THR C 268 -29.49 29.80 -74.12
C THR C 268 -28.66 31.04 -74.47
N GLN C 269 -27.35 30.82 -74.61
CA GLN C 269 -26.45 31.93 -74.95
C GLN C 269 -26.74 32.45 -76.38
N LEU C 270 -27.11 31.56 -77.28
CA LEU C 270 -27.37 31.95 -78.68
C LEU C 270 -28.52 32.94 -78.84
N GLU C 271 -29.36 33.02 -77.82
CA GLU C 271 -30.52 33.90 -77.84
C GLU C 271 -30.15 35.32 -77.45
N ARG C 272 -28.95 35.51 -76.93
CA ARG C 272 -28.53 36.83 -76.47
C ARG C 272 -27.83 37.71 -77.49
N GLU C 273 -28.14 39.00 -77.44
CA GLU C 273 -27.55 39.98 -78.33
C GLU C 273 -26.30 40.55 -77.67
N PRO C 274 -25.17 40.53 -78.39
CA PRO C 274 -23.89 41.04 -77.87
C PRO C 274 -23.91 42.51 -77.50
N ARG C 275 -23.13 42.87 -76.49
CA ARG C 275 -22.98 44.26 -76.09
C ARG C 275 -21.63 44.67 -76.68
N ASP C 276 -21.40 45.97 -76.87
CA ASP C 276 -20.12 46.43 -77.41
C ASP C 276 -18.97 45.93 -76.55
N PHE C 277 -17.89 45.50 -77.20
CA PHE C 277 -16.72 45.00 -76.46
C PHE C 277 -16.15 46.07 -75.56
N PRO C 278 -15.57 45.66 -74.42
CA PRO C 278 -14.95 46.59 -73.47
C PRO C 278 -13.61 47.08 -74.01
N LYS C 279 -12.99 48.02 -73.31
CA LYS C 279 -11.69 48.53 -73.72
C LYS C 279 -10.64 48.24 -72.65
N LEU C 280 -9.39 48.12 -73.08
CA LEU C 280 -8.29 47.84 -72.17
C LEU C 280 -7.43 49.07 -71.96
N LYS C 281 -7.09 49.33 -70.70
CA LYS C 281 -6.24 50.46 -70.33
C LYS C 281 -5.19 49.91 -69.35
N TRP C 282 -4.03 50.56 -69.28
CA TRP C 282 -2.96 50.11 -68.39
C TRP C 282 -2.94 50.97 -67.13
N ALA C 283 -2.78 50.32 -65.98
CA ALA C 283 -2.74 51.04 -64.71
C ALA C 283 -1.38 51.67 -64.50
N ARG C 284 -0.40 51.25 -65.29
CA ARG C 284 0.95 51.78 -65.18
C ARG C 284 1.51 52.08 -66.54
N SER C 285 2.63 52.79 -66.58
CA SER C 285 3.26 53.15 -67.86
C SER C 285 4.21 52.05 -68.37
N LYS C 286 4.61 52.19 -69.63
CA LYS C 286 5.53 51.24 -70.23
C LYS C 286 6.82 51.15 -69.39
N GLU C 287 7.32 52.32 -68.99
CA GLU C 287 8.55 52.41 -68.20
C GLU C 287 8.41 51.70 -66.87
N GLU C 288 7.28 51.88 -66.20
CA GLU C 288 7.06 51.24 -64.91
C GLU C 288 6.96 49.73 -65.08
N ILE C 289 6.22 49.28 -66.08
CA ILE C 289 6.08 47.84 -66.32
C ILE C 289 7.45 47.28 -66.73
N GLY C 290 8.19 48.06 -67.53
CA GLY C 290 9.52 47.64 -67.94
C GLY C 290 9.61 46.73 -69.15
N ASP C 291 9.30 45.45 -68.96
CA ASP C 291 9.34 44.48 -70.05
C ASP C 291 8.19 43.50 -69.96
N ILE C 292 8.17 42.52 -70.85
CA ILE C 292 7.10 41.52 -70.89
C ILE C 292 6.93 40.74 -69.57
N ASP C 293 7.97 40.73 -68.74
CA ASP C 293 7.90 40.02 -67.47
C ASP C 293 7.49 40.90 -66.29
N GLY C 294 7.21 42.16 -66.57
CA GLY C 294 6.83 43.07 -65.51
C GLY C 294 5.35 43.33 -65.29
N PHE C 295 4.46 42.66 -66.04
CA PHE C 295 3.03 42.87 -65.87
C PHE C 295 2.46 42.20 -64.62
N LYS C 296 1.43 42.84 -64.07
CA LYS C 296 0.72 42.33 -62.90
C LYS C 296 -0.77 42.34 -63.21
N VAL C 297 -1.53 41.45 -62.57
CA VAL C 297 -2.98 41.39 -62.81
C VAL C 297 -3.62 42.76 -62.71
N GLU C 298 -3.28 43.52 -61.66
CA GLU C 298 -3.85 44.84 -61.46
C GLU C 298 -3.49 45.88 -62.52
N ASP C 299 -2.57 45.54 -63.43
CA ASP C 299 -2.20 46.47 -64.48
C ASP C 299 -3.29 46.53 -65.54
N PHE C 300 -4.05 45.45 -65.66
CA PHE C 300 -5.12 45.34 -66.65
C PHE C 300 -6.42 46.01 -66.22
N VAL C 301 -6.68 47.20 -66.75
CA VAL C 301 -7.90 47.92 -66.42
C VAL C 301 -8.90 47.80 -67.57
N VAL C 302 -9.86 46.89 -67.43
CA VAL C 302 -10.86 46.67 -68.45
C VAL C 302 -12.12 47.48 -68.12
N GLU C 303 -12.45 48.43 -68.98
CA GLU C 303 -13.62 49.26 -68.74
C GLU C 303 -14.74 49.06 -69.75
N GLY C 304 -15.98 49.22 -69.30
CA GLY C 304 -17.13 49.05 -70.18
C GLY C 304 -17.55 47.62 -70.43
N TYR C 305 -17.11 46.69 -69.59
CA TYR C 305 -17.49 45.30 -69.81
C TYR C 305 -18.91 45.13 -69.29
N LYS C 306 -19.85 44.81 -70.18
CA LYS C 306 -21.26 44.65 -69.81
C LYS C 306 -21.84 43.36 -70.35
N PRO C 307 -21.47 42.23 -69.75
CA PRO C 307 -21.95 40.93 -70.19
C PRO C 307 -23.32 40.52 -69.64
N TRP C 308 -23.88 39.48 -70.26
CA TRP C 308 -25.13 38.92 -69.79
C TRP C 308 -24.70 37.99 -68.67
N GLY C 309 -25.66 37.23 -68.13
CA GLY C 309 -25.35 36.33 -67.02
C GLY C 309 -24.44 35.18 -67.36
N LYS C 310 -23.87 34.55 -66.33
CA LYS C 310 -22.99 33.42 -66.54
C LYS C 310 -23.79 32.24 -67.04
N ILE C 311 -23.11 31.34 -67.74
CA ILE C 311 -23.71 30.13 -68.26
C ILE C 311 -22.84 28.96 -67.80
N ASP C 312 -23.42 28.11 -66.97
CA ASP C 312 -22.70 26.96 -66.43
C ASP C 312 -22.44 25.87 -67.45
N MET C 313 -21.19 25.45 -67.55
CA MET C 313 -20.80 24.39 -68.45
C MET C 313 -19.71 23.59 -67.79
N LYS C 314 -19.87 22.28 -67.77
CA LYS C 314 -18.89 21.39 -67.16
C LYS C 314 -17.74 21.10 -68.12
N MET C 315 -16.52 21.10 -67.58
CA MET C 315 -15.34 20.80 -68.39
C MET C 315 -15.08 19.31 -68.38
N SER C 316 -14.81 18.74 -69.56
CA SER C 316 -14.51 17.31 -69.65
C SER C 316 -13.00 17.13 -69.56
N ALA C 317 -12.55 16.42 -68.52
CA ALA C 317 -11.13 16.18 -68.29
C ALA C 317 -10.54 15.22 -69.30
N ARG D 13 -15.79 35.05 -116.39
CA ARG D 13 -15.23 33.72 -116.01
C ARG D 13 -16.19 32.59 -116.40
N SER D 14 -15.77 31.78 -117.36
CA SER D 14 -16.56 30.66 -117.81
C SER D 14 -16.99 29.76 -116.63
N ASN D 15 -16.03 29.44 -115.75
CA ASN D 15 -16.32 28.62 -114.57
C ASN D 15 -15.74 29.34 -113.36
N PRO D 16 -16.49 30.33 -112.83
CA PRO D 16 -16.16 31.17 -111.68
C PRO D 16 -15.98 30.40 -110.37
N ASP D 17 -16.41 29.14 -110.33
CA ASP D 17 -16.23 28.38 -109.10
C ASP D 17 -14.93 27.57 -109.11
N HIS D 18 -14.14 27.72 -110.17
CA HIS D 18 -12.89 26.98 -110.25
C HIS D 18 -12.01 27.40 -109.07
N GLU D 19 -11.57 26.40 -108.30
CA GLU D 19 -10.75 26.67 -107.12
C GLU D 19 -9.49 27.48 -107.37
N GLU D 20 -8.95 27.43 -108.59
CA GLU D 20 -7.73 28.15 -108.89
C GLU D 20 -7.92 29.67 -108.80
N TYR D 21 -9.16 30.14 -108.92
CA TYR D 21 -9.40 31.58 -108.81
C TYR D 21 -9.04 32.10 -107.40
N GLN D 22 -9.03 31.21 -106.42
CA GLN D 22 -8.63 31.64 -105.06
C GLN D 22 -7.19 32.15 -105.12
N TYR D 23 -6.35 31.40 -105.80
CA TYR D 23 -4.95 31.75 -105.95
C TYR D 23 -4.78 33.03 -106.79
N LEU D 24 -5.46 33.08 -107.94
CA LEU D 24 -5.36 34.25 -108.84
C LEU D 24 -5.92 35.50 -108.17
N ASP D 25 -7.07 35.37 -107.52
CA ASP D 25 -7.68 36.51 -106.84
C ASP D 25 -6.79 37.06 -105.73
N LEU D 26 -6.15 36.18 -104.97
CA LEU D 26 -5.30 36.67 -103.88
C LEU D 26 -4.12 37.46 -104.42
N ILE D 27 -3.53 36.98 -105.51
CA ILE D 27 -2.40 37.68 -106.12
C ILE D 27 -2.84 39.05 -106.58
N ARG D 28 -4.01 39.10 -107.22
CA ARG D 28 -4.53 40.38 -107.71
C ARG D 28 -4.73 41.33 -106.53
N ARG D 29 -5.30 40.81 -105.44
CA ARG D 29 -5.52 41.63 -104.25
C ARG D 29 -4.20 42.14 -103.64
N ILE D 30 -3.22 41.27 -103.52
CA ILE D 30 -1.92 41.68 -102.96
C ILE D 30 -1.28 42.78 -103.81
N ILE D 31 -1.30 42.60 -105.12
CA ILE D 31 -0.74 43.60 -106.00
C ILE D 31 -1.48 44.91 -105.85
N ASN D 32 -2.81 44.84 -105.78
CA ASN D 32 -3.67 46.03 -105.65
C ASN D 32 -3.60 46.78 -104.31
N VAL D 33 -3.84 46.08 -103.20
CA VAL D 33 -3.83 46.73 -101.89
C VAL D 33 -2.77 46.24 -100.92
N GLY D 34 -1.87 45.39 -101.39
CA GLY D 34 -0.82 44.90 -100.51
C GLY D 34 0.13 46.01 -100.09
N GLU D 35 0.83 45.80 -98.99
CA GLU D 35 1.77 46.78 -98.46
C GLU D 35 3.20 46.52 -98.96
N VAL D 36 3.84 47.56 -99.50
CA VAL D 36 5.21 47.44 -100.01
C VAL D 36 6.15 47.32 -98.83
N ARG D 37 6.94 46.25 -98.79
CA ARG D 37 7.84 46.05 -97.67
C ARG D 37 9.23 45.57 -98.01
N PRO D 38 10.21 45.85 -97.14
CA PRO D 38 11.58 45.42 -97.33
C PRO D 38 11.55 43.95 -96.82
N ASP D 39 12.57 43.16 -97.14
CA ASP D 39 12.58 41.78 -96.67
C ASP D 39 14.00 41.25 -96.59
N ARG D 40 14.13 40.07 -96.02
CA ARG D 40 15.43 39.40 -95.86
C ARG D 40 16.25 39.31 -97.17
N THR D 41 15.59 38.95 -98.27
CA THR D 41 16.30 38.76 -99.54
C THR D 41 16.84 40.05 -100.15
N GLY D 42 16.21 41.18 -99.84
CA GLY D 42 16.67 42.43 -100.41
C GLY D 42 15.94 42.82 -101.69
N THR D 43 15.10 41.95 -102.24
CA THR D 43 14.40 42.32 -103.46
C THR D 43 13.13 43.11 -103.17
N GLY D 44 12.54 42.89 -102.00
CA GLY D 44 11.31 43.61 -101.64
C GLY D 44 10.06 42.87 -102.07
N THR D 45 8.95 43.12 -101.37
CA THR D 45 7.71 42.46 -101.71
C THR D 45 6.51 43.37 -101.45
N VAL D 46 5.35 42.88 -101.84
CA VAL D 46 4.09 43.57 -101.55
C VAL D 46 3.36 42.47 -100.76
N ALA D 47 2.80 42.79 -99.60
CA ALA D 47 2.18 41.73 -98.80
C ALA D 47 0.91 42.05 -98.00
N LEU D 48 0.23 40.97 -97.59
CA LEU D 48 -0.97 41.03 -96.78
C LEU D 48 -0.80 39.94 -95.73
N PHE D 49 -1.26 40.19 -94.51
CA PHE D 49 -1.13 39.20 -93.45
C PHE D 49 -2.43 38.45 -93.19
N ALA D 50 -2.31 37.14 -93.02
CA ALA D 50 -3.44 36.30 -92.70
C ALA D 50 -4.69 36.45 -93.57
N PRO D 51 -4.55 36.34 -94.90
CA PRO D 51 -5.74 36.47 -95.73
C PRO D 51 -6.58 35.22 -95.58
N PRO D 52 -7.84 35.25 -96.07
CA PRO D 52 -8.69 34.05 -95.96
C PRO D 52 -7.94 32.83 -96.50
N SER D 53 -8.16 31.69 -95.86
CA SER D 53 -7.50 30.46 -96.26
C SER D 53 -8.02 29.89 -97.59
N PHE D 54 -7.22 29.04 -98.24
CA PHE D 54 -7.61 28.40 -99.50
C PHE D 54 -8.16 27.03 -99.17
N ARG D 55 -9.13 26.58 -99.96
CA ARG D 55 -9.71 25.27 -99.75
C ARG D 55 -9.73 24.56 -101.10
N PHE D 56 -9.24 23.34 -101.14
CA PHE D 56 -9.21 22.57 -102.36
C PHE D 56 -9.78 21.18 -102.13
N SER D 57 -10.70 20.79 -103.01
CA SER D 57 -11.30 19.47 -102.91
C SER D 57 -10.34 18.42 -103.45
N LEU D 58 -10.20 17.31 -102.72
CA LEU D 58 -9.33 16.23 -103.15
C LEU D 58 -10.17 15.01 -103.52
N ALA D 59 -11.49 15.20 -103.60
CA ALA D 59 -12.39 14.11 -103.94
C ALA D 59 -12.25 13.74 -105.42
N ASP D 60 -12.66 12.52 -105.75
CA ASP D 60 -12.59 12.02 -107.12
C ASP D 60 -11.16 12.05 -107.67
N ASN D 61 -10.20 11.71 -106.82
CA ASN D 61 -8.79 11.68 -107.21
C ASN D 61 -8.25 13.01 -107.75
N THR D 62 -8.87 14.11 -107.36
CA THR D 62 -8.45 15.42 -107.85
C THR D 62 -7.14 15.94 -107.25
N LEU D 63 -6.28 16.48 -108.11
CA LEU D 63 -5.01 17.04 -107.68
C LEU D 63 -4.98 18.52 -108.05
N PRO D 64 -4.99 19.42 -107.04
CA PRO D 64 -4.96 20.86 -107.32
C PRO D 64 -3.60 21.35 -107.82
N LEU D 65 -3.22 20.92 -109.01
CA LEU D 65 -1.96 21.34 -109.63
C LEU D 65 -2.37 22.53 -110.55
N LEU D 66 -1.91 23.72 -110.22
CA LEU D 66 -2.29 24.92 -110.96
C LEU D 66 -2.12 24.76 -112.48
N THR D 67 -3.07 25.30 -113.22
CA THR D 67 -3.07 25.22 -114.67
C THR D 67 -2.80 26.54 -115.40
N THR D 68 -2.82 27.66 -114.68
CA THR D 68 -2.57 28.94 -115.33
C THR D 68 -1.09 29.15 -115.68
N LYS D 69 -0.27 28.16 -115.33
CA LYS D 69 1.14 28.16 -115.69
C LYS D 69 1.60 26.72 -115.56
N ARG D 70 2.64 26.33 -116.29
CA ARG D 70 3.14 24.96 -116.20
C ARG D 70 3.90 24.83 -114.88
N VAL D 71 3.50 23.88 -114.05
CA VAL D 71 4.14 23.66 -112.76
C VAL D 71 5.02 22.43 -112.87
N PHE D 72 6.25 22.54 -112.35
CA PHE D 72 7.23 21.45 -112.40
C PHE D 72 6.78 20.30 -111.48
N LEU D 73 5.82 19.53 -111.96
CA LEU D 73 5.27 18.41 -111.19
C LEU D 73 6.31 17.45 -110.63
N ARG D 74 7.23 17.00 -111.48
CA ARG D 74 8.26 16.06 -111.03
C ARG D 74 9.07 16.64 -109.88
N GLY D 75 9.29 17.95 -109.90
CA GLY D 75 10.04 18.60 -108.85
C GLY D 75 9.27 18.56 -107.53
N VAL D 76 7.96 18.74 -107.62
CA VAL D 76 7.12 18.71 -106.44
C VAL D 76 7.17 17.31 -105.82
N ILE D 77 6.92 16.29 -106.64
CA ILE D 77 6.94 14.92 -106.18
C ILE D 77 8.33 14.54 -105.59
N ALA D 78 9.40 14.87 -106.32
CA ALA D 78 10.74 14.56 -105.84
C ALA D 78 11.00 15.20 -104.46
N GLU D 79 10.66 16.47 -104.31
CA GLU D 79 10.86 17.16 -103.05
C GLU D 79 10.08 16.51 -101.94
N LEU D 80 8.84 16.11 -102.25
CA LEU D 80 7.97 15.48 -101.25
C LEU D 80 8.51 14.13 -100.76
N LEU D 81 8.95 13.30 -101.68
CA LEU D 81 9.48 11.98 -101.30
C LEU D 81 10.78 12.16 -100.54
N TRP D 82 11.44 13.27 -100.83
CA TRP D 82 12.70 13.63 -100.19
C TRP D 82 12.36 13.98 -98.72
N PHE D 83 11.29 14.77 -98.50
CA PHE D 83 10.87 15.14 -97.14
C PHE D 83 10.56 13.87 -96.37
N VAL D 84 9.69 13.04 -96.95
CA VAL D 84 9.28 11.78 -96.35
C VAL D 84 10.46 10.91 -95.93
N SER D 85 11.49 10.83 -96.79
CA SER D 85 12.67 10.04 -96.47
C SER D 85 13.47 10.58 -95.28
N GLY D 86 13.20 11.81 -94.89
CA GLY D 86 13.91 12.41 -93.77
C GLY D 86 15.27 12.96 -94.19
N CYS D 87 15.57 12.89 -95.47
CA CYS D 87 16.84 13.38 -96.02
C CYS D 87 16.92 14.92 -96.03
N THR D 88 18.10 15.47 -95.78
CA THR D 88 18.27 16.91 -95.78
C THR D 88 19.40 17.35 -96.73
N ASP D 89 19.82 16.45 -97.61
CA ASP D 89 20.88 16.74 -98.57
C ASP D 89 20.26 17.12 -99.92
N ALA D 90 20.39 18.39 -100.26
CA ALA D 90 19.84 18.89 -101.51
C ALA D 90 20.41 18.21 -102.75
N LYS D 91 21.59 17.59 -102.62
CA LYS D 91 22.20 16.93 -103.76
C LYS D 91 21.33 15.76 -104.21
N MET D 92 20.51 15.25 -103.30
CA MET D 92 19.64 14.13 -103.64
C MET D 92 18.54 14.60 -104.59
N LEU D 93 18.34 15.91 -104.64
CA LEU D 93 17.34 16.46 -105.55
C LEU D 93 18.03 16.89 -106.85
N SER D 94 19.15 17.60 -106.75
CA SER D 94 19.86 18.06 -107.95
C SER D 94 20.39 16.88 -108.78
N SER D 95 20.70 15.76 -108.14
CA SER D 95 21.19 14.60 -108.86
C SER D 95 20.08 14.01 -109.74
N GLN D 96 18.84 14.26 -109.40
CA GLN D 96 17.73 13.76 -110.20
C GLN D 96 17.10 14.90 -111.02
N GLY D 97 17.86 15.96 -111.24
CA GLY D 97 17.37 17.08 -112.04
C GLY D 97 16.43 18.08 -111.41
N VAL D 98 16.43 18.16 -110.08
CA VAL D 98 15.55 19.09 -109.36
C VAL D 98 16.44 20.04 -108.57
N GLY D 99 16.48 21.31 -108.99
CA GLY D 99 17.37 22.25 -108.31
C GLY D 99 16.73 23.32 -107.47
N ILE D 100 15.48 23.10 -107.03
CA ILE D 100 14.76 24.09 -106.24
C ILE D 100 15.46 24.49 -104.94
N TRP D 101 16.26 23.56 -104.40
CA TRP D 101 17.00 23.85 -103.17
C TRP D 101 18.47 24.16 -103.39
N ASP D 102 18.90 24.27 -104.66
CA ASP D 102 20.29 24.58 -104.97
C ASP D 102 20.67 25.96 -104.47
N GLY D 103 19.74 26.90 -104.55
CA GLY D 103 20.02 28.26 -104.12
C GLY D 103 20.33 28.43 -102.63
N ASN D 104 19.57 27.77 -101.76
CA ASN D 104 19.83 27.88 -100.34
C ASN D 104 20.82 26.83 -99.84
N GLY D 105 21.18 25.91 -100.71
CA GLY D 105 22.13 24.87 -100.33
C GLY D 105 23.52 25.14 -100.89
N SER D 106 23.66 26.21 -101.67
CA SER D 106 24.93 26.55 -102.28
C SER D 106 25.97 26.91 -101.22
N LYS D 107 27.21 26.61 -101.55
CA LYS D 107 28.34 26.89 -100.67
C LYS D 107 28.32 28.35 -100.30
N GLU D 108 28.02 29.21 -101.28
CA GLU D 108 27.98 30.64 -101.06
C GLU D 108 26.92 31.09 -100.04
N PHE D 109 25.71 30.52 -100.13
CA PHE D 109 24.65 30.92 -99.22
C PHE D 109 24.92 30.39 -97.80
N LEU D 110 25.33 29.13 -97.72
CA LEU D 110 25.62 28.51 -96.42
C LEU D 110 26.65 29.33 -95.64
N GLU D 111 27.74 29.70 -96.30
CA GLU D 111 28.76 30.51 -95.65
C GLU D 111 28.21 31.88 -95.27
N LYS D 112 27.28 32.37 -96.09
CA LYS D 112 26.63 33.65 -95.86
C LYS D 112 25.81 33.66 -94.57
N VAL D 113 25.14 32.56 -94.25
CA VAL D 113 24.33 32.48 -93.03
C VAL D 113 25.07 31.84 -91.84
N GLY D 114 26.40 31.82 -91.91
CA GLY D 114 27.19 31.25 -90.82
C GLY D 114 27.28 29.73 -90.77
N LEU D 115 27.05 29.06 -91.88
CA LEU D 115 27.10 27.60 -91.94
C LEU D 115 28.21 27.16 -92.91
N GLY D 116 29.35 27.84 -92.84
CA GLY D 116 30.47 27.53 -93.71
C GLY D 116 31.13 26.18 -93.45
N HIS D 117 30.86 25.59 -92.29
CA HIS D 117 31.46 24.31 -91.94
C HIS D 117 30.74 23.13 -92.59
N ARG D 118 29.69 23.42 -93.35
CA ARG D 118 28.96 22.35 -93.98
C ARG D 118 29.31 22.20 -95.45
N ARG D 119 29.21 20.98 -95.97
CA ARG D 119 29.49 20.80 -97.39
C ARG D 119 28.27 21.31 -98.16
N GLU D 120 28.50 21.70 -99.41
CA GLU D 120 27.43 22.21 -100.23
C GLU D 120 26.24 21.25 -100.29
N GLY D 121 25.02 21.78 -100.14
CA GLY D 121 23.84 20.93 -100.19
C GLY D 121 23.35 20.46 -98.83
N ASP D 122 24.19 20.55 -97.80
CA ASP D 122 23.77 20.11 -96.46
C ASP D 122 22.98 21.22 -95.81
N LEU D 123 21.67 21.20 -96.00
CA LEU D 123 20.76 22.23 -95.49
C LEU D 123 20.59 22.26 -93.96
N GLY D 124 20.92 21.17 -93.28
CA GLY D 124 20.75 21.16 -91.84
C GLY D 124 19.51 20.38 -91.50
N PRO D 125 19.05 20.43 -90.23
CA PRO D 125 17.86 19.71 -89.78
C PRO D 125 16.54 20.34 -90.23
N VAL D 126 16.34 20.41 -91.55
CA VAL D 126 15.13 20.99 -92.10
C VAL D 126 14.00 19.98 -92.22
N TYR D 127 12.92 20.40 -92.87
CA TYR D 127 11.70 19.61 -93.04
C TYR D 127 11.75 18.13 -92.74
N GLY D 128 12.26 17.35 -93.69
CA GLY D 128 12.34 15.90 -93.54
C GLY D 128 12.93 15.39 -92.22
N PHE D 129 13.99 16.03 -91.74
CA PHE D 129 14.62 15.60 -90.50
C PHE D 129 13.68 15.81 -89.31
N GLN D 130 13.02 16.95 -89.25
CA GLN D 130 12.07 17.22 -88.16
C GLN D 130 10.88 16.27 -88.23
N TRP D 131 10.39 16.02 -89.44
CA TRP D 131 9.25 15.13 -89.67
C TRP D 131 9.45 13.70 -89.16
N ARG D 132 10.63 13.15 -89.39
CA ARG D 132 10.94 11.78 -88.98
C ARG D 132 11.85 11.62 -87.76
N HIS D 133 12.53 12.68 -87.34
CA HIS D 133 13.49 12.58 -86.22
C HIS D 133 13.46 13.78 -85.28
N PHE D 134 12.28 14.39 -85.09
CA PHE D 134 12.20 15.59 -84.24
C PHE D 134 12.83 15.38 -82.87
N GLY D 135 13.72 16.29 -82.47
CA GLY D 135 14.38 16.17 -81.19
C GLY D 135 15.74 15.52 -81.24
N ALA D 136 16.03 14.77 -82.30
CA ALA D 136 17.32 14.10 -82.41
C ALA D 136 18.42 15.14 -82.58
N GLU D 137 19.64 14.75 -82.22
CA GLU D 137 20.81 15.63 -82.34
C GLU D 137 21.30 15.57 -83.79
N TYR D 138 21.45 16.73 -84.43
CA TYR D 138 21.89 16.77 -85.83
C TYR D 138 23.40 16.98 -85.93
N THR D 139 24.08 16.16 -86.71
CA THR D 139 25.52 16.32 -86.90
C THR D 139 25.65 16.89 -88.30
N ASP D 140 25.47 16.07 -89.32
CA ASP D 140 25.53 16.54 -90.73
C ASP D 140 24.48 15.73 -91.49
N ALA D 141 24.38 15.86 -92.82
CA ALA D 141 23.37 15.10 -93.55
C ALA D 141 23.64 13.61 -93.69
N ASP D 142 24.85 13.19 -93.36
CA ASP D 142 25.23 11.78 -93.46
C ASP D 142 25.04 11.04 -92.15
N GLY D 143 24.66 11.77 -91.11
CA GLY D 143 24.46 11.16 -89.81
C GLY D 143 23.44 10.03 -89.79
N ASP D 144 23.62 9.11 -88.85
CA ASP D 144 22.73 7.96 -88.72
C ASP D 144 21.64 8.33 -87.71
N TYR D 145 20.44 8.59 -88.22
CA TYR D 145 19.33 9.01 -87.38
C TYR D 145 18.23 7.95 -87.25
N LYS D 146 18.44 6.81 -87.89
CA LYS D 146 17.44 5.74 -87.84
C LYS D 146 17.08 5.40 -86.40
N GLY D 147 15.79 5.44 -86.09
CA GLY D 147 15.32 5.13 -84.75
C GLY D 147 15.54 6.24 -83.73
N LYS D 148 16.03 7.39 -84.18
CA LYS D 148 16.29 8.51 -83.28
C LYS D 148 15.29 9.64 -83.48
N GLY D 149 14.91 10.27 -82.37
CA GLY D 149 13.95 11.37 -82.44
C GLY D 149 12.52 10.89 -82.59
N VAL D 150 11.58 11.81 -82.69
CA VAL D 150 10.18 11.45 -82.84
C VAL D 150 9.77 11.33 -84.32
N ASP D 151 9.24 10.17 -84.70
CA ASP D 151 8.79 9.98 -86.07
C ASP D 151 7.35 10.43 -86.15
N GLN D 152 7.15 11.74 -86.34
CA GLN D 152 5.81 12.30 -86.43
C GLN D 152 4.96 11.74 -87.56
N LEU D 153 5.59 11.51 -88.71
CA LEU D 153 4.86 11.01 -89.87
C LEU D 153 4.25 9.64 -89.65
N GLN D 154 5.05 8.69 -89.16
CA GLN D 154 4.51 7.37 -88.90
C GLN D 154 3.45 7.43 -87.80
N ARG D 155 3.61 8.32 -86.83
CA ARG D 155 2.64 8.43 -85.75
C ARG D 155 1.32 8.91 -86.33
N VAL D 156 1.39 9.81 -87.31
CA VAL D 156 0.19 10.30 -87.96
C VAL D 156 -0.53 9.14 -88.64
N ILE D 157 0.23 8.32 -89.34
CA ILE D 157 -0.33 7.16 -90.05
C ILE D 157 -1.02 6.20 -89.04
N ASP D 158 -0.29 5.86 -87.98
CA ASP D 158 -0.81 4.94 -86.96
C ASP D 158 -2.07 5.46 -86.30
N THR D 159 -2.11 6.76 -86.05
CA THR D 159 -3.24 7.38 -85.38
C THR D 159 -4.47 7.42 -86.28
N ILE D 160 -4.27 7.72 -87.57
CA ILE D 160 -5.39 7.78 -88.49
C ILE D 160 -6.04 6.39 -88.58
N LYS D 161 -5.22 5.36 -88.56
CA LYS D 161 -5.72 3.98 -88.66
C LYS D 161 -6.34 3.42 -87.37
N ASN D 162 -5.72 3.72 -86.23
CA ASN D 162 -6.22 3.16 -84.97
C ASN D 162 -7.00 4.08 -84.03
N ASN D 163 -6.91 5.38 -84.23
CA ASN D 163 -7.63 6.31 -83.39
C ASN D 163 -7.88 7.62 -84.15
N PRO D 164 -8.65 7.53 -85.24
CA PRO D 164 -9.02 8.66 -86.13
C PRO D 164 -9.59 9.92 -85.53
N THR D 165 -10.33 9.79 -84.43
CA THR D 165 -10.91 10.96 -83.81
C THR D 165 -9.94 11.71 -82.91
N ASP D 166 -8.71 11.21 -82.83
CA ASP D 166 -7.68 11.89 -82.02
C ASP D 166 -7.58 13.32 -82.54
N ARG D 167 -7.27 14.27 -81.67
CA ARG D 167 -7.17 15.68 -82.07
C ARG D 167 -5.74 16.19 -82.11
N ARG D 168 -4.76 15.29 -82.10
CA ARG D 168 -3.34 15.69 -82.11
C ARG D 168 -2.62 15.13 -83.33
N ILE D 169 -3.33 14.93 -84.43
CA ILE D 169 -2.70 14.37 -85.63
C ILE D 169 -1.96 15.49 -86.32
N ILE D 170 -0.79 15.80 -85.78
CA ILE D 170 0.02 16.92 -86.25
C ILE D 170 1.38 16.50 -86.83
N LEU D 171 1.77 17.19 -87.89
CA LEU D 171 3.05 16.94 -88.54
C LEU D 171 3.70 18.32 -88.59
N SER D 172 4.79 18.51 -87.84
CA SER D 172 5.42 19.83 -87.78
C SER D 172 6.93 19.81 -87.96
N ALA D 173 7.43 20.83 -88.66
CA ALA D 173 8.85 20.96 -88.89
C ALA D 173 9.43 22.10 -88.08
N TRP D 174 8.57 22.85 -87.40
CA TRP D 174 9.05 23.98 -86.62
C TRP D 174 9.79 23.54 -85.35
N ASN D 175 11.05 23.95 -85.23
CA ASN D 175 11.86 23.59 -84.07
C ASN D 175 12.73 24.78 -83.70
N PRO D 176 12.27 25.58 -82.73
CA PRO D 176 13.00 26.77 -82.28
C PRO D 176 14.46 26.51 -81.91
N LYS D 177 14.73 25.34 -81.37
CA LYS D 177 16.11 25.02 -81.00
C LYS D 177 17.01 24.77 -82.19
N ASP D 178 16.50 24.08 -83.21
CA ASP D 178 17.28 23.77 -84.43
C ASP D 178 17.32 24.87 -85.50
N LEU D 179 16.46 25.86 -85.41
CA LEU D 179 16.42 26.93 -86.41
C LEU D 179 17.76 27.47 -86.89
N PRO D 180 18.65 27.85 -85.98
CA PRO D 180 19.96 28.37 -86.42
C PRO D 180 20.82 27.40 -87.21
N LEU D 181 20.51 26.11 -87.13
CA LEU D 181 21.28 25.12 -87.86
C LEU D 181 20.70 24.94 -89.28
N MET D 182 19.55 25.54 -89.53
CA MET D 182 18.85 25.42 -90.80
C MET D 182 19.23 26.48 -91.81
N ALA D 183 19.47 26.08 -93.06
CA ALA D 183 19.82 27.03 -94.09
C ALA D 183 18.67 28.01 -94.24
N LEU D 184 17.47 27.54 -93.97
CA LEU D 184 16.28 28.37 -94.07
C LEU D 184 15.24 27.77 -93.13
N PRO D 185 14.52 28.62 -92.37
CA PRO D 185 13.50 28.10 -91.45
C PRO D 185 12.31 27.60 -92.23
N PRO D 186 11.60 26.60 -91.71
CA PRO D 186 10.43 26.03 -92.40
C PRO D 186 9.38 27.08 -92.79
N CYS D 187 8.91 27.01 -94.04
CA CYS D 187 7.89 27.93 -94.51
C CYS D 187 6.56 27.25 -94.15
N HIS D 188 6.35 26.03 -94.62
CA HIS D 188 5.16 25.29 -94.26
C HIS D 188 5.61 24.67 -92.94
N MET D 189 5.26 25.33 -91.84
CA MET D 189 5.71 24.88 -90.54
C MET D 189 4.98 23.72 -89.90
N PHE D 190 3.75 23.46 -90.34
CA PHE D 190 3.03 22.31 -89.80
C PHE D 190 1.67 22.11 -90.46
N CYS D 191 1.14 20.91 -90.30
CA CYS D 191 -0.18 20.62 -90.82
C CYS D 191 -0.93 19.70 -89.85
N GLN D 192 -2.25 19.73 -89.93
CA GLN D 192 -3.08 18.90 -89.08
C GLN D 192 -4.03 18.09 -89.95
N PHE D 193 -4.13 16.79 -89.67
CA PHE D 193 -5.03 15.92 -90.40
C PHE D 193 -6.30 15.67 -89.60
N PHE D 194 -7.40 15.47 -90.30
CA PHE D 194 -8.70 15.22 -89.69
C PHE D 194 -9.37 14.07 -90.45
N VAL D 195 -9.99 13.16 -89.70
CA VAL D 195 -10.67 12.02 -90.29
C VAL D 195 -12.16 12.03 -89.97
N SER D 196 -12.98 12.05 -91.01
CA SER D 196 -14.43 12.01 -90.81
C SER D 196 -14.82 10.56 -90.82
N LEU D 197 -15.58 10.13 -89.82
CA LEU D 197 -16.04 8.76 -89.73
C LEU D 197 -17.12 8.48 -90.77
N PRO D 198 -17.27 7.22 -91.20
CA PRO D 198 -18.27 6.82 -92.19
C PRO D 198 -19.68 7.16 -91.69
N PRO D 199 -20.50 7.79 -92.55
CA PRO D 199 -21.87 8.17 -92.16
C PRO D 199 -22.65 6.93 -91.71
N ALA D 200 -23.61 7.15 -90.81
CA ALA D 200 -24.43 6.09 -90.24
C ALA D 200 -25.09 5.16 -91.24
N ASP D 201 -25.76 5.75 -92.23
CA ASP D 201 -26.48 5.02 -93.27
C ASP D 201 -25.57 4.50 -94.39
N SER D 202 -24.41 3.95 -94.01
CA SER D 202 -23.45 3.42 -94.97
C SER D 202 -22.07 3.35 -94.31
N PRO D 203 -21.93 2.49 -93.30
CA PRO D 203 -20.70 2.28 -92.53
C PRO D 203 -19.56 1.56 -93.26
N GLY D 204 -19.83 1.14 -94.48
CA GLY D 204 -18.81 0.43 -95.24
C GLY D 204 -17.88 1.39 -95.95
N SER D 205 -18.34 2.63 -96.15
CA SER D 205 -17.55 3.63 -96.83
C SER D 205 -16.22 3.91 -96.13
N LYS D 206 -15.27 4.45 -96.87
CA LYS D 206 -13.97 4.78 -96.31
C LYS D 206 -14.04 6.12 -95.56
N PRO D 207 -13.34 6.22 -94.42
CA PRO D 207 -13.37 7.50 -93.69
C PRO D 207 -12.76 8.56 -94.61
N LYS D 208 -13.17 9.82 -94.45
CA LYS D 208 -12.62 10.88 -95.28
C LYS D 208 -11.45 11.62 -94.59
N LEU D 209 -10.36 11.81 -95.33
CA LEU D 209 -9.18 12.47 -94.78
C LEU D 209 -8.98 13.89 -95.27
N SER D 210 -8.83 14.82 -94.32
CA SER D 210 -8.59 16.23 -94.65
C SER D 210 -7.27 16.70 -94.03
N CYS D 211 -6.74 17.78 -94.58
CA CYS D 211 -5.47 18.32 -94.12
C CYS D 211 -5.47 19.83 -94.14
N LEU D 212 -5.07 20.42 -93.01
CA LEU D 212 -4.95 21.86 -92.94
C LEU D 212 -3.45 22.13 -92.72
N MET D 213 -2.87 23.00 -93.55
CA MET D 213 -1.45 23.34 -93.43
C MET D 213 -1.31 24.82 -93.20
N TYR D 214 -0.39 25.21 -92.33
CA TYR D 214 -0.19 26.63 -92.04
C TYR D 214 1.19 27.01 -92.53
N GLN D 215 1.24 28.07 -93.34
CA GLN D 215 2.50 28.52 -93.92
C GLN D 215 2.76 29.92 -93.43
N ARG D 216 3.83 30.11 -92.66
CA ARG D 216 4.19 31.41 -92.11
C ARG D 216 4.59 32.48 -93.11
N SER D 217 5.23 32.05 -94.20
CA SER D 217 5.73 32.96 -95.24
C SER D 217 5.40 32.32 -96.58
N CYS D 218 4.75 33.07 -97.46
CA CYS D 218 4.32 32.50 -98.72
C CYS D 218 4.68 33.31 -99.96
N ASP D 219 5.58 32.76 -100.75
CA ASP D 219 6.01 33.38 -102.01
C ASP D 219 4.91 32.90 -102.97
N LEU D 220 3.93 33.75 -103.24
CA LEU D 220 2.84 33.32 -104.11
C LEU D 220 3.25 32.96 -105.53
N GLY D 221 4.22 33.67 -106.08
CA GLY D 221 4.66 33.37 -107.44
C GLY D 221 5.30 32.01 -107.59
N LEU D 222 6.31 31.72 -106.76
CA LEU D 222 7.04 30.48 -106.85
C LEU D 222 6.73 29.39 -105.85
N GLY D 223 6.66 29.75 -104.58
CA GLY D 223 6.41 28.74 -103.56
C GLY D 223 5.03 28.12 -103.44
N VAL D 224 4.00 28.96 -103.32
CA VAL D 224 2.63 28.48 -103.13
C VAL D 224 2.16 27.42 -104.11
N PRO D 225 2.50 27.58 -105.42
CA PRO D 225 2.06 26.54 -106.35
C PRO D 225 2.63 25.17 -105.95
N PHE D 226 3.88 25.15 -105.46
CA PHE D 226 4.49 23.89 -105.05
C PHE D 226 3.84 23.42 -103.72
N ASN D 227 3.69 24.34 -102.78
CA ASN D 227 3.13 23.99 -101.46
C ASN D 227 1.75 23.37 -101.56
N ILE D 228 0.90 23.96 -102.41
CA ILE D 228 -0.46 23.44 -102.60
C ILE D 228 -0.44 22.01 -103.14
N ALA D 229 0.35 21.79 -104.19
CA ALA D 229 0.40 20.46 -104.80
C ALA D 229 1.10 19.46 -103.86
N SER D 230 2.16 19.92 -103.19
CA SER D 230 2.88 19.05 -102.27
C SER D 230 1.97 18.47 -101.15
N TYR D 231 1.28 19.34 -100.42
CA TYR D 231 0.43 18.84 -99.34
C TYR D 231 -0.79 18.08 -99.84
N ALA D 232 -1.25 18.41 -101.04
CA ALA D 232 -2.37 17.67 -101.63
C ALA D 232 -1.86 16.25 -101.89
N LEU D 233 -0.65 16.14 -102.44
CA LEU D 233 -0.07 14.84 -102.73
C LEU D 233 0.21 14.05 -101.45
N LEU D 234 0.71 14.73 -100.43
CA LEU D 234 0.98 14.06 -99.17
C LEU D 234 -0.32 13.43 -98.63
N THR D 235 -1.41 14.17 -98.73
CA THR D 235 -2.70 13.69 -98.24
C THR D 235 -3.15 12.48 -99.03
N HIS D 236 -2.97 12.51 -100.35
CA HIS D 236 -3.32 11.37 -101.20
C HIS D 236 -2.48 10.16 -100.77
N MET D 237 -1.18 10.37 -100.54
CA MET D 237 -0.26 9.30 -100.13
C MET D 237 -0.73 8.68 -98.82
N ILE D 238 -0.94 9.52 -97.82
CA ILE D 238 -1.38 9.05 -96.52
C ILE D 238 -2.71 8.33 -96.61
N ALA D 239 -3.59 8.82 -97.46
CA ALA D 239 -4.90 8.19 -97.65
C ALA D 239 -4.77 6.77 -98.13
N LEU D 240 -3.83 6.54 -99.06
CA LEU D 240 -3.62 5.21 -99.61
C LEU D 240 -3.14 4.24 -98.53
N ILE D 241 -2.17 4.67 -97.74
CA ILE D 241 -1.61 3.81 -96.70
C ILE D 241 -2.57 3.56 -95.54
N THR D 242 -3.48 4.50 -95.28
CA THR D 242 -4.42 4.37 -94.16
C THR D 242 -5.83 3.92 -94.55
N ASP D 243 -6.02 3.56 -95.81
CA ASP D 243 -7.33 3.13 -96.29
C ASP D 243 -8.40 4.19 -96.08
N THR D 244 -8.05 5.46 -96.30
CA THR D 244 -9.02 6.54 -96.17
C THR D 244 -9.18 7.22 -97.53
N GLU D 245 -10.20 8.04 -97.67
CA GLU D 245 -10.46 8.74 -98.91
C GLU D 245 -10.11 10.21 -98.79
N PRO D 246 -9.18 10.70 -99.61
CA PRO D 246 -8.82 12.12 -99.54
C PRO D 246 -10.06 12.99 -99.73
N HIS D 247 -10.20 14.01 -98.89
CA HIS D 247 -11.37 14.86 -98.97
C HIS D 247 -11.10 16.33 -99.26
N GLU D 248 -10.39 16.99 -98.34
CA GLU D 248 -10.14 18.42 -98.51
C GLU D 248 -8.77 18.83 -97.99
N PHE D 249 -8.18 19.83 -98.64
CA PHE D 249 -6.91 20.41 -98.24
C PHE D 249 -7.15 21.89 -98.00
N ILE D 250 -6.76 22.37 -96.81
CA ILE D 250 -6.93 23.76 -96.47
C ILE D 250 -5.56 24.38 -96.24
N LEU D 251 -5.35 25.57 -96.77
CA LEU D 251 -4.08 26.25 -96.62
C LEU D 251 -4.25 27.63 -96.00
N GLN D 252 -3.69 27.82 -94.81
CA GLN D 252 -3.75 29.12 -94.14
C GLN D 252 -2.40 29.78 -94.23
N MET D 253 -2.39 31.02 -94.67
CA MET D 253 -1.15 31.76 -94.84
C MET D 253 -0.94 32.82 -93.77
N GLY D 254 0.33 33.11 -93.49
CA GLY D 254 0.66 34.15 -92.53
C GLY D 254 1.10 35.32 -93.40
N ASP D 255 2.42 35.48 -93.61
CA ASP D 255 2.91 36.59 -94.42
C ASP D 255 2.76 36.17 -95.89
N ALA D 256 1.68 36.60 -96.53
CA ALA D 256 1.42 36.26 -97.93
C ALA D 256 1.93 37.40 -98.78
N HIS D 257 2.93 37.13 -99.61
CA HIS D 257 3.54 38.17 -100.42
C HIS D 257 3.86 37.82 -101.88
N VAL D 258 4.08 38.87 -102.66
CA VAL D 258 4.43 38.77 -104.08
C VAL D 258 5.72 39.58 -104.21
N TYR D 259 6.81 38.94 -104.62
CA TYR D 259 8.08 39.64 -104.79
C TYR D 259 7.98 40.70 -105.88
N ARG D 260 8.73 41.77 -105.71
CA ARG D 260 8.71 42.89 -106.64
C ARG D 260 8.95 42.46 -108.08
N ASP D 261 9.90 41.55 -108.28
CA ASP D 261 10.23 41.10 -109.63
C ASP D 261 9.30 40.04 -110.16
N HIS D 262 8.21 39.77 -109.44
CA HIS D 262 7.22 38.78 -109.87
C HIS D 262 5.92 39.46 -110.33
N VAL D 263 5.75 40.72 -109.97
CA VAL D 263 4.53 41.46 -110.32
C VAL D 263 4.16 41.40 -111.80
N GLU D 264 5.07 41.80 -112.67
CA GLU D 264 4.81 41.78 -114.11
C GLU D 264 4.58 40.37 -114.65
N PRO D 265 5.44 39.41 -114.28
CA PRO D 265 5.21 38.05 -114.79
C PRO D 265 3.83 37.50 -114.37
N LEU D 266 3.40 37.80 -113.14
CA LEU D 266 2.13 37.31 -112.65
C LEU D 266 0.94 37.96 -113.37
N LYS D 267 1.11 39.22 -113.77
CA LYS D 267 0.02 39.91 -114.48
C LYS D 267 -0.35 39.13 -115.73
N THR D 268 0.66 38.54 -116.36
CA THR D 268 0.44 37.74 -117.56
C THR D 268 -0.37 36.50 -117.18
N GLN D 269 -0.05 35.91 -116.03
CA GLN D 269 -0.74 34.71 -115.59
C GLN D 269 -2.20 35.02 -115.23
N LEU D 270 -2.42 36.19 -114.66
CA LEU D 270 -3.77 36.59 -114.24
C LEU D 270 -4.76 36.69 -115.37
N GLU D 271 -4.27 36.79 -116.60
CA GLU D 271 -5.11 36.90 -117.78
C GLU D 271 -5.61 35.56 -118.25
N ARG D 272 -5.06 34.47 -117.71
CA ARG D 272 -5.42 33.13 -118.15
C ARG D 272 -6.55 32.48 -117.39
N GLU D 273 -7.37 31.74 -118.12
CA GLU D 273 -8.50 31.02 -117.55
C GLU D 273 -8.05 29.61 -117.18
N PRO D 274 -8.29 29.20 -115.93
CA PRO D 274 -7.91 27.87 -115.46
C PRO D 274 -8.57 26.72 -116.24
N ARG D 275 -7.87 25.60 -116.33
CA ARG D 275 -8.37 24.40 -116.97
C ARG D 275 -8.72 23.49 -115.79
N ASP D 276 -9.61 22.52 -116.00
CA ASP D 276 -9.98 21.61 -114.93
C ASP D 276 -8.73 20.93 -114.34
N PHE D 277 -8.69 20.77 -113.03
CA PHE D 277 -7.54 20.16 -112.39
C PHE D 277 -7.37 18.73 -112.85
N PRO D 278 -6.12 18.23 -112.84
CA PRO D 278 -5.84 16.86 -113.25
C PRO D 278 -6.23 15.88 -112.15
N LYS D 279 -6.13 14.59 -112.47
CA LYS D 279 -6.43 13.57 -111.48
C LYS D 279 -5.20 12.72 -111.18
N LEU D 280 -5.13 12.18 -109.97
CA LEU D 280 -4.00 11.38 -109.56
C LEU D 280 -4.39 9.91 -109.49
N LYS D 281 -3.51 9.05 -110.02
CA LYS D 281 -3.75 7.60 -110.00
C LYS D 281 -2.43 6.97 -109.56
N TRP D 282 -2.49 5.79 -108.97
CA TRP D 282 -1.28 5.11 -108.53
C TRP D 282 -0.85 4.03 -109.52
N ALA D 283 0.44 3.98 -109.83
CA ALA D 283 0.95 2.98 -110.76
C ALA D 283 1.06 1.62 -110.08
N ARG D 284 0.99 1.60 -108.76
CA ARG D 284 1.08 0.34 -108.01
C ARG D 284 0.00 0.29 -106.93
N SER D 285 -0.18 -0.88 -106.33
CA SER D 285 -1.20 -1.05 -105.30
C SER D 285 -0.66 -0.70 -103.90
N LYS D 286 -1.58 -0.58 -102.96
CA LYS D 286 -1.23 -0.28 -101.58
C LYS D 286 -0.25 -1.31 -101.05
N GLU D 287 -0.55 -2.58 -101.33
CA GLU D 287 0.29 -3.69 -100.90
C GLU D 287 1.70 -3.60 -101.48
N GLU D 288 1.79 -3.26 -102.76
CA GLU D 288 3.09 -3.16 -103.41
C GLU D 288 3.89 -2.02 -102.82
N ILE D 289 3.25 -0.87 -102.64
CA ILE D 289 3.93 0.29 -102.08
C ILE D 289 4.31 -0.02 -100.63
N GLY D 290 3.40 -0.69 -99.92
CA GLY D 290 3.68 -1.08 -98.54
C GLY D 290 3.37 -0.05 -97.47
N ASP D 291 4.22 0.94 -97.34
CA ASP D 291 4.02 1.98 -96.35
C ASP D 291 4.40 3.34 -96.90
N ILE D 292 4.36 4.37 -96.04
CA ILE D 292 4.68 5.73 -96.45
C ILE D 292 6.10 5.89 -97.01
N ASP D 293 6.98 4.97 -96.69
CA ASP D 293 8.36 5.04 -97.18
C ASP D 293 8.58 4.25 -98.46
N GLY D 294 7.52 3.65 -99.01
CA GLY D 294 7.70 2.85 -100.21
C GLY D 294 7.31 3.50 -101.53
N PHE D 295 7.01 4.79 -101.52
CA PHE D 295 6.60 5.47 -102.76
C PHE D 295 7.79 5.82 -103.65
N LYS D 296 7.54 5.83 -104.96
CA LYS D 296 8.56 6.17 -105.95
C LYS D 296 7.96 7.20 -106.89
N VAL D 297 8.80 8.03 -107.48
CA VAL D 297 8.30 9.07 -108.38
C VAL D 297 7.35 8.51 -109.44
N GLU D 298 7.74 7.39 -110.03
CA GLU D 298 6.94 6.75 -111.08
C GLU D 298 5.60 6.20 -110.60
N ASP D 299 5.37 6.21 -109.29
CA ASP D 299 4.09 5.72 -108.78
C ASP D 299 2.99 6.74 -109.00
N PHE D 300 3.37 8.00 -109.14
CA PHE D 300 2.44 9.11 -109.32
C PHE D 300 2.02 9.29 -110.78
N VAL D 301 0.84 8.80 -111.13
CA VAL D 301 0.32 8.95 -112.47
C VAL D 301 -0.72 10.07 -112.53
N VAL D 302 -0.29 11.23 -113.00
CA VAL D 302 -1.15 12.40 -113.10
C VAL D 302 -1.72 12.50 -114.52
N GLU D 303 -3.03 12.39 -114.63
CA GLU D 303 -3.65 12.44 -115.95
C GLU D 303 -4.55 13.63 -116.12
N GLY D 304 -4.60 14.14 -117.35
CA GLY D 304 -5.45 15.27 -117.65
C GLY D 304 -4.86 16.63 -117.31
N TYR D 305 -3.55 16.70 -117.08
CA TYR D 305 -2.94 17.98 -116.76
C TYR D 305 -2.79 18.77 -118.05
N LYS D 306 -3.48 19.91 -118.14
CA LYS D 306 -3.46 20.75 -119.32
C LYS D 306 -3.21 22.20 -119.00
N PRO D 307 -1.97 22.53 -118.62
CA PRO D 307 -1.61 23.88 -118.26
C PRO D 307 -1.27 24.81 -119.42
N TRP D 308 -1.27 26.11 -119.12
CA TRP D 308 -0.86 27.11 -120.08
C TRP D 308 0.66 27.10 -120.03
N GLY D 309 1.28 28.01 -120.78
CA GLY D 309 2.73 28.07 -120.83
C GLY D 309 3.40 28.40 -119.51
N LYS D 310 4.71 28.12 -119.44
CA LYS D 310 5.47 28.40 -118.25
C LYS D 310 5.65 29.90 -118.12
N ILE D 311 5.84 30.35 -116.88
CA ILE D 311 6.05 31.75 -116.60
C ILE D 311 7.32 31.87 -115.79
N ASP D 312 8.35 32.48 -116.39
CA ASP D 312 9.63 32.63 -115.72
C ASP D 312 9.59 33.62 -114.54
N MET D 313 10.10 33.16 -113.41
CA MET D 313 10.16 33.99 -112.20
C MET D 313 11.44 33.63 -111.45
N LYS D 314 12.22 34.65 -111.10
CA LYS D 314 13.47 34.41 -110.40
C LYS D 314 13.22 34.24 -108.90
N MET D 315 13.94 33.32 -108.28
CA MET D 315 13.78 33.09 -106.85
C MET D 315 14.78 33.97 -106.12
N SER D 316 14.33 34.62 -105.05
CA SER D 316 15.22 35.46 -104.26
C SER D 316 15.76 34.62 -103.12
N ALA D 317 17.09 34.46 -103.10
CA ALA D 317 17.77 33.65 -102.08
C ALA D 317 17.76 34.28 -100.70
N ARG E 13 -19.41 32.51 -6.22
CA ARG E 13 -20.78 32.17 -6.70
C ARG E 13 -21.05 30.69 -6.45
N SER E 14 -22.00 30.40 -5.58
CA SER E 14 -22.33 29.02 -5.29
C SER E 14 -22.75 28.26 -6.54
N ASN E 15 -23.47 28.92 -7.45
CA ASN E 15 -23.89 28.29 -8.69
C ASN E 15 -23.63 29.24 -9.86
N PRO E 16 -22.38 29.27 -10.34
CA PRO E 16 -21.91 30.12 -11.44
C PRO E 16 -22.65 29.94 -12.76
N ASP E 17 -23.36 28.83 -12.91
CA ASP E 17 -24.07 28.58 -14.17
C ASP E 17 -25.50 29.07 -14.16
N HIS E 18 -25.92 29.70 -13.06
CA HIS E 18 -27.29 30.19 -12.98
C HIS E 18 -27.49 31.21 -14.10
N GLU E 19 -28.52 30.99 -14.92
CA GLU E 19 -28.82 31.86 -16.06
C GLU E 19 -29.02 33.32 -15.72
N GLU E 20 -29.40 33.62 -14.47
CA GLU E 20 -29.62 35.01 -14.09
C GLU E 20 -28.34 35.84 -14.09
N TYR E 21 -27.19 35.17 -14.00
CA TYR E 21 -25.92 35.90 -14.03
C TYR E 21 -25.71 36.59 -15.38
N GLN E 22 -26.37 36.12 -16.43
CA GLN E 22 -26.26 36.76 -17.75
C GLN E 22 -26.77 38.17 -17.60
N TYR E 23 -27.92 38.31 -16.93
CA TYR E 23 -28.53 39.62 -16.72
C TYR E 23 -27.67 40.50 -15.78
N LEU E 24 -27.26 39.94 -14.66
CA LEU E 24 -26.43 40.70 -13.71
C LEU E 24 -25.08 41.09 -14.33
N ASP E 25 -24.44 40.17 -15.03
CA ASP E 25 -23.13 40.47 -15.64
C ASP E 25 -23.22 41.57 -16.70
N LEU E 26 -24.29 41.59 -17.48
CA LEU E 26 -24.44 42.61 -18.52
C LEU E 26 -24.60 43.99 -17.88
N ILE E 27 -25.40 44.06 -16.82
CA ILE E 27 -25.59 45.32 -16.13
C ILE E 27 -24.27 45.82 -15.59
N ARG E 28 -23.49 44.91 -14.99
CA ARG E 28 -22.18 45.27 -14.44
C ARG E 28 -21.28 45.80 -15.57
N ARG E 29 -21.31 45.13 -16.71
CA ARG E 29 -20.50 45.53 -17.84
C ARG E 29 -20.91 46.91 -18.38
N ILE E 30 -22.22 47.13 -18.52
CA ILE E 30 -22.71 48.42 -19.02
C ILE E 30 -22.29 49.56 -18.08
N ILE E 31 -22.43 49.35 -16.78
CA ILE E 31 -22.03 50.37 -15.82
C ILE E 31 -20.53 50.62 -15.91
N ASN E 32 -19.75 49.55 -16.06
CA ASN E 32 -18.28 49.66 -16.13
C ASN E 32 -17.72 50.27 -17.41
N VAL E 33 -18.06 49.70 -18.56
CA VAL E 33 -17.54 50.20 -19.84
C VAL E 33 -18.56 50.79 -20.80
N GLY E 34 -19.81 50.92 -20.36
CA GLY E 34 -20.83 51.47 -21.21
C GLY E 34 -20.57 52.93 -21.56
N GLU E 35 -21.16 53.40 -22.64
CA GLU E 35 -20.98 54.77 -23.08
C GLU E 35 -22.10 55.68 -22.54
N VAL E 36 -21.73 56.80 -21.93
CA VAL E 36 -22.70 57.74 -21.38
C VAL E 36 -23.35 58.47 -22.54
N ARG E 37 -24.66 58.44 -22.62
CA ARG E 37 -25.36 59.09 -23.72
C ARG E 37 -26.63 59.82 -23.35
N PRO E 38 -27.01 60.80 -24.17
CA PRO E 38 -28.23 61.58 -23.97
C PRO E 38 -29.32 60.68 -24.55
N ASP E 39 -30.59 60.94 -24.24
CA ASP E 39 -31.65 60.12 -24.79
C ASP E 39 -32.95 60.88 -24.86
N ARG E 40 -33.94 60.27 -25.49
CA ARG E 40 -35.26 60.85 -25.66
C ARG E 40 -35.91 61.33 -24.34
N THR E 41 -35.78 60.52 -23.28
CA THR E 41 -36.42 60.87 -22.00
C THR E 41 -35.77 62.06 -21.29
N GLY E 42 -34.49 62.30 -21.57
CA GLY E 42 -33.82 63.41 -20.92
C GLY E 42 -33.10 63.03 -19.63
N THR E 43 -33.25 61.79 -19.17
CA THR E 43 -32.54 61.40 -17.94
C THR E 43 -31.11 60.93 -18.23
N GLY E 44 -30.88 60.44 -19.45
CA GLY E 44 -29.54 59.97 -19.79
C GLY E 44 -29.32 58.49 -19.44
N THR E 45 -28.43 57.84 -20.17
CA THR E 45 -28.15 56.43 -19.92
C THR E 45 -26.68 56.11 -20.16
N VAL E 46 -26.32 54.87 -19.84
CA VAL E 46 -25.00 54.35 -20.12
C VAL E 46 -25.39 53.14 -20.98
N ALA E 47 -24.76 52.97 -22.14
CA ALA E 47 -25.16 51.87 -23.02
C ALA E 47 -24.09 51.17 -23.83
N LEU E 48 -24.46 49.98 -24.31
CA LEU E 48 -23.63 49.14 -25.17
C LEU E 48 -24.56 48.68 -26.29
N PHE E 49 -24.05 48.56 -27.50
CA PHE E 49 -24.87 48.09 -28.63
C PHE E 49 -24.61 46.63 -28.96
N ALA E 50 -25.69 45.91 -29.23
CA ALA E 50 -25.62 44.52 -29.61
C ALA E 50 -24.74 43.59 -28.77
N PRO E 51 -24.95 43.53 -27.46
CA PRO E 51 -24.12 42.65 -26.64
C PRO E 51 -24.55 41.21 -26.90
N PRO E 52 -23.76 40.23 -26.44
CA PRO E 52 -24.12 38.82 -26.67
C PRO E 52 -25.54 38.59 -26.20
N SER E 53 -26.27 37.73 -26.89
CA SER E 53 -27.66 37.46 -26.55
C SER E 53 -27.81 36.60 -25.29
N PHE E 54 -28.98 36.68 -24.66
CA PHE E 54 -29.28 35.89 -23.46
C PHE E 54 -29.97 34.61 -23.88
N ARG E 55 -29.70 33.51 -23.17
CA ARG E 55 -30.35 32.25 -23.48
C ARG E 55 -30.92 31.69 -22.18
N PHE E 56 -32.19 31.31 -22.20
CA PHE E 56 -32.83 30.77 -21.00
C PHE E 56 -33.54 29.46 -21.32
N SER E 57 -33.26 28.44 -20.52
CA SER E 57 -33.91 27.15 -20.73
C SER E 57 -35.35 27.19 -20.21
N LEU E 58 -36.27 26.66 -21.00
CA LEU E 58 -37.68 26.60 -20.61
C LEU E 58 -38.11 25.16 -20.36
N ALA E 59 -37.15 24.25 -20.34
CA ALA E 59 -37.42 22.84 -20.08
C ALA E 59 -37.83 22.63 -18.62
N ASP E 60 -38.47 21.51 -18.36
CA ASP E 60 -38.95 21.17 -17.02
C ASP E 60 -39.83 22.26 -16.43
N ASN E 61 -40.69 22.85 -17.25
CA ASN E 61 -41.62 23.90 -16.81
C ASN E 61 -40.96 25.11 -16.16
N THR E 62 -39.69 25.34 -16.47
CA THR E 62 -38.98 26.48 -15.90
C THR E 62 -39.41 27.84 -16.47
N LEU E 63 -39.53 28.83 -15.57
CA LEU E 63 -39.90 30.18 -15.92
C LEU E 63 -38.79 31.11 -15.45
N PRO E 64 -38.09 31.76 -16.40
CA PRO E 64 -37.00 32.67 -16.03
C PRO E 64 -37.49 33.99 -15.47
N LEU E 65 -38.09 33.91 -14.28
CA LEU E 65 -38.57 35.10 -13.59
C LEU E 65 -37.44 35.49 -12.62
N LEU E 66 -36.79 36.63 -12.87
CA LEU E 66 -35.67 37.07 -12.06
C LEU E 66 -35.93 36.98 -10.55
N THR E 67 -34.92 36.52 -9.82
CA THR E 67 -35.00 36.37 -8.38
C THR E 67 -34.19 37.38 -7.56
N THR E 68 -33.30 38.13 -8.20
CA THR E 68 -32.49 39.08 -7.45
C THR E 68 -33.26 40.31 -7.03
N LYS E 69 -34.53 40.35 -7.41
CA LYS E 69 -35.44 41.42 -7.03
C LYS E 69 -36.84 40.87 -7.24
N ARG E 70 -37.81 41.39 -6.49
CA ARG E 70 -39.19 40.92 -6.65
C ARG E 70 -39.77 41.51 -7.94
N VAL E 71 -40.15 40.65 -8.86
CA VAL E 71 -40.73 41.09 -10.14
C VAL E 71 -42.25 41.01 -10.07
N PHE E 72 -42.93 42.05 -10.56
CA PHE E 72 -44.39 42.11 -10.54
C PHE E 72 -44.95 41.10 -11.55
N LEU E 73 -44.97 39.82 -11.16
CA LEU E 73 -45.44 38.76 -12.01
C LEU E 73 -46.83 39.00 -12.59
N ARG E 74 -47.79 39.35 -11.73
CA ARG E 74 -49.15 39.58 -12.19
C ARG E 74 -49.17 40.65 -13.27
N GLY E 75 -48.29 41.64 -13.12
CA GLY E 75 -48.24 42.71 -14.11
C GLY E 75 -47.77 42.18 -15.46
N VAL E 76 -46.80 41.27 -15.43
CA VAL E 76 -46.26 40.66 -16.64
C VAL E 76 -47.36 39.88 -17.36
N ILE E 77 -48.01 38.98 -16.62
CA ILE E 77 -49.09 38.18 -17.15
C ILE E 77 -50.22 39.05 -17.71
N ALA E 78 -50.65 40.04 -16.93
CA ALA E 78 -51.72 40.92 -17.40
C ALA E 78 -51.38 41.61 -18.72
N GLU E 79 -50.17 42.16 -18.79
CA GLU E 79 -49.75 42.85 -20.00
C GLU E 79 -49.72 41.88 -21.19
N LEU E 80 -49.24 40.65 -20.95
CA LEU E 80 -49.17 39.65 -22.00
C LEU E 80 -50.54 39.24 -22.56
N LEU E 81 -51.49 38.97 -21.68
CA LEU E 81 -52.85 38.59 -22.11
C LEU E 81 -53.50 39.77 -22.81
N TRP E 82 -53.07 40.97 -22.43
CA TRP E 82 -53.55 42.20 -23.02
C TRP E 82 -53.02 42.27 -24.48
N PHE E 83 -51.74 41.93 -24.69
CA PHE E 83 -51.15 41.92 -26.04
C PHE E 83 -51.93 40.92 -26.91
N VAL E 84 -52.04 39.71 -26.39
CA VAL E 84 -52.73 38.64 -27.10
C VAL E 84 -54.14 39.03 -27.53
N SER E 85 -54.86 39.72 -26.65
CA SER E 85 -56.22 40.16 -26.95
C SER E 85 -56.27 41.21 -28.06
N GLY E 86 -55.13 41.77 -28.42
CA GLY E 86 -55.10 42.79 -29.46
C GLY E 86 -55.53 44.17 -28.96
N CYS E 87 -55.80 44.26 -27.66
CA CYS E 87 -56.24 45.51 -27.05
C CYS E 87 -55.12 46.52 -26.90
N THR E 88 -55.44 47.81 -27.09
CA THR E 88 -54.45 48.87 -27.00
C THR E 88 -54.86 49.96 -26.00
N ASP E 89 -55.84 49.65 -25.17
CA ASP E 89 -56.30 50.60 -24.17
C ASP E 89 -55.64 50.27 -22.83
N ALA E 90 -54.75 51.15 -22.39
CA ALA E 90 -54.05 50.97 -21.13
C ALA E 90 -54.99 50.91 -19.90
N LYS E 91 -56.21 51.43 -20.05
CA LYS E 91 -57.16 51.40 -18.93
C LYS E 91 -57.52 49.96 -18.60
N MET E 92 -57.36 49.06 -19.57
CA MET E 92 -57.68 47.65 -19.33
C MET E 92 -56.64 47.05 -18.39
N LEU E 93 -55.49 47.71 -18.26
CA LEU E 93 -54.45 47.23 -17.36
C LEU E 93 -54.58 47.95 -16.01
N SER E 94 -54.76 49.27 -16.03
CA SER E 94 -54.89 50.01 -14.78
C SER E 94 -56.14 49.64 -14.00
N SER E 95 -57.18 49.19 -14.72
CA SER E 95 -58.41 48.81 -14.05
C SER E 95 -58.22 47.53 -13.25
N GLN E 96 -57.18 46.76 -13.59
CA GLN E 96 -56.90 45.53 -12.84
C GLN E 96 -55.66 45.68 -11.98
N GLY E 97 -55.31 46.93 -11.69
CA GLY E 97 -54.17 47.23 -10.84
C GLY E 97 -52.79 47.16 -11.45
N VAL E 98 -52.69 47.30 -12.76
CA VAL E 98 -51.39 47.25 -13.44
C VAL E 98 -51.19 48.60 -14.12
N GLY E 99 -50.25 49.40 -13.62
CA GLY E 99 -50.05 50.71 -14.19
C GLY E 99 -48.80 50.92 -15.03
N ILE E 100 -48.20 49.85 -15.49
CA ILE E 100 -46.96 49.98 -16.26
C ILE E 100 -47.08 50.84 -17.51
N TRP E 101 -48.28 50.96 -18.06
CA TRP E 101 -48.47 51.78 -19.26
C TRP E 101 -49.16 53.12 -19.00
N ASP E 102 -49.38 53.44 -17.72
CA ASP E 102 -50.04 54.70 -17.34
C ASP E 102 -49.18 55.88 -17.76
N GLY E 103 -47.87 55.73 -17.61
CA GLY E 103 -46.98 56.81 -17.95
C GLY E 103 -47.02 57.26 -19.41
N ASN E 104 -47.03 56.32 -20.35
CA ASN E 104 -47.06 56.70 -21.76
C ASN E 104 -48.48 56.83 -22.29
N GLY E 105 -49.46 56.49 -21.46
CA GLY E 105 -50.84 56.59 -21.88
C GLY E 105 -51.54 57.81 -21.28
N SER E 106 -50.83 58.56 -20.44
CA SER E 106 -51.40 59.75 -19.79
C SER E 106 -51.65 60.84 -20.83
N LYS E 107 -52.57 61.76 -20.56
CA LYS E 107 -52.84 62.86 -21.49
C LYS E 107 -51.62 63.73 -21.75
N GLU E 108 -50.86 64.01 -20.70
CA GLU E 108 -49.66 64.85 -20.84
C GLU E 108 -48.74 64.25 -21.87
N PHE E 109 -48.46 62.96 -21.72
CA PHE E 109 -47.54 62.35 -22.65
C PHE E 109 -48.11 62.30 -24.05
N LEU E 110 -49.35 61.83 -24.18
CA LEU E 110 -49.99 61.75 -25.50
C LEU E 110 -49.99 63.12 -26.20
N GLU E 111 -50.40 64.15 -25.48
CA GLU E 111 -50.44 65.50 -26.07
C GLU E 111 -49.02 65.92 -26.41
N LYS E 112 -48.07 65.47 -25.59
CA LYS E 112 -46.67 65.80 -25.77
C LYS E 112 -46.10 65.25 -27.08
N VAL E 113 -46.57 64.07 -27.49
CA VAL E 113 -46.09 63.46 -28.73
C VAL E 113 -47.01 63.70 -29.92
N GLY E 114 -47.89 64.68 -29.82
CA GLY E 114 -48.79 64.99 -30.93
C GLY E 114 -50.02 64.11 -31.05
N LEU E 115 -50.41 63.47 -29.96
CA LEU E 115 -51.59 62.61 -29.99
C LEU E 115 -52.64 63.11 -28.99
N GLY E 116 -52.83 64.44 -28.95
CA GLY E 116 -53.77 65.05 -28.04
C GLY E 116 -55.24 64.76 -28.32
N HIS E 117 -55.53 64.27 -29.52
CA HIS E 117 -56.90 63.97 -29.90
C HIS E 117 -57.38 62.65 -29.32
N ARG E 118 -56.50 61.93 -28.66
CA ARG E 118 -56.88 60.64 -28.09
C ARG E 118 -57.23 60.74 -26.62
N ARG E 119 -58.12 59.88 -26.17
CA ARG E 119 -58.48 59.88 -24.75
C ARG E 119 -57.31 59.23 -24.00
N GLU E 120 -57.19 59.55 -22.72
CA GLU E 120 -56.12 59.01 -21.91
C GLU E 120 -56.14 57.49 -21.95
N GLY E 121 -54.97 56.87 -22.11
CA GLY E 121 -54.88 55.42 -22.13
C GLY E 121 -54.92 54.79 -23.53
N ASP E 122 -55.33 55.55 -24.53
CA ASP E 122 -55.39 55.03 -25.91
C ASP E 122 -54.01 55.20 -26.53
N LEU E 123 -53.20 54.15 -26.43
CA LEU E 123 -51.81 54.15 -26.91
C LEU E 123 -51.65 54.13 -28.43
N GLY E 124 -52.70 53.75 -29.14
CA GLY E 124 -52.60 53.68 -30.58
C GLY E 124 -52.43 52.23 -31.02
N PRO E 125 -52.04 52.00 -32.29
CA PRO E 125 -51.84 50.65 -32.82
C PRO E 125 -50.53 49.99 -32.38
N VAL E 126 -50.39 49.79 -31.05
CA VAL E 126 -49.18 49.19 -30.52
C VAL E 126 -49.22 47.67 -30.50
N TYR E 127 -48.21 47.05 -29.89
CA TYR E 127 -48.05 45.60 -29.81
C TYR E 127 -49.23 44.70 -30.20
N GLY E 128 -50.16 44.53 -29.26
CA GLY E 128 -51.31 43.67 -29.48
C GLY E 128 -52.07 43.91 -30.78
N PHE E 129 -52.23 45.17 -31.18
CA PHE E 129 -52.95 45.47 -32.40
C PHE E 129 -52.20 44.93 -33.61
N GLN E 130 -50.88 45.16 -33.65
CA GLN E 130 -50.06 44.69 -34.77
C GLN E 130 -50.05 43.16 -34.81
N TRP E 131 -49.92 42.54 -33.64
CA TRP E 131 -49.90 41.09 -33.50
C TRP E 131 -51.14 40.40 -34.09
N ARG E 132 -52.33 40.95 -33.82
CA ARG E 132 -53.56 40.32 -34.29
C ARG E 132 -54.24 41.01 -35.48
N HIS E 133 -53.84 42.25 -35.79
CA HIS E 133 -54.52 42.97 -36.89
C HIS E 133 -53.57 43.78 -37.76
N PHE E 134 -52.34 43.29 -37.94
CA PHE E 134 -51.37 44.01 -38.74
C PHE E 134 -51.91 44.45 -40.08
N GLY E 135 -51.78 45.74 -40.38
CA GLY E 135 -52.24 46.26 -41.66
C GLY E 135 -53.62 46.88 -41.60
N ALA E 136 -54.39 46.55 -40.58
CA ALA E 136 -55.72 47.13 -40.44
C ALA E 136 -55.63 48.62 -40.18
N GLU E 137 -56.70 49.33 -40.51
CA GLU E 137 -56.77 50.78 -40.31
C GLU E 137 -57.15 51.04 -38.83
N TYR E 138 -56.39 51.88 -38.16
CA TYR E 138 -56.66 52.16 -36.76
C TYR E 138 -57.47 53.44 -36.61
N THR E 139 -58.52 53.38 -35.81
CA THR E 139 -59.32 54.57 -35.55
C THR E 139 -58.99 54.97 -34.11
N ASP E 140 -59.52 54.24 -33.15
CA ASP E 140 -59.20 54.48 -31.74
C ASP E 140 -59.19 53.11 -31.04
N ALA E 141 -59.01 53.06 -29.71
CA ALA E 141 -58.98 51.76 -29.04
C ALA E 141 -60.28 51.02 -28.96
N ASP E 142 -61.38 51.71 -29.26
CA ASP E 142 -62.71 51.09 -29.22
C ASP E 142 -63.13 50.54 -30.58
N GLY E 143 -62.31 50.78 -31.60
CA GLY E 143 -62.65 50.31 -32.93
C GLY E 143 -62.90 48.82 -33.03
N ASP E 144 -63.68 48.43 -34.05
CA ASP E 144 -63.99 47.03 -34.27
C ASP E 144 -63.00 46.48 -35.29
N TYR E 145 -62.03 45.70 -34.82
CA TYR E 145 -61.00 45.14 -35.68
C TYR E 145 -61.12 43.65 -35.91
N LYS E 146 -62.14 43.03 -35.32
CA LYS E 146 -62.33 41.61 -35.47
C LYS E 146 -62.34 41.19 -36.94
N GLY E 147 -61.50 40.22 -37.30
CA GLY E 147 -61.42 39.75 -38.67
C GLY E 147 -60.71 40.71 -39.62
N LYS E 148 -60.10 41.77 -39.08
CA LYS E 148 -59.40 42.73 -39.91
C LYS E 148 -57.88 42.66 -39.70
N GLY E 149 -57.13 42.87 -40.78
CA GLY E 149 -55.68 42.82 -40.71
C GLY E 149 -55.17 41.40 -40.63
N VAL E 150 -53.86 41.24 -40.52
CA VAL E 150 -53.27 39.91 -40.44
C VAL E 150 -53.11 39.43 -38.99
N ASP E 151 -53.65 38.25 -38.71
CA ASP E 151 -53.53 37.70 -37.37
C ASP E 151 -52.27 36.86 -37.35
N GLN E 152 -51.15 37.50 -37.09
CA GLN E 152 -49.86 36.82 -37.04
C GLN E 152 -49.82 35.75 -35.95
N LEU E 153 -50.37 36.04 -34.77
CA LEU E 153 -50.32 35.09 -33.66
C LEU E 153 -50.99 33.76 -33.99
N GLN E 154 -52.21 33.79 -34.51
CA GLN E 154 -52.90 32.54 -34.83
C GLN E 154 -52.18 31.82 -35.96
N ARG E 155 -51.61 32.58 -36.90
CA ARG E 155 -50.88 31.95 -38.00
C ARG E 155 -49.68 31.19 -37.42
N VAL E 156 -49.01 31.80 -36.44
CA VAL E 156 -47.88 31.15 -35.79
C VAL E 156 -48.33 29.81 -35.17
N ILE E 157 -49.47 29.82 -34.48
CA ILE E 157 -50.01 28.62 -33.85
C ILE E 157 -50.28 27.55 -34.91
N ASP E 158 -51.05 27.92 -35.92
CA ASP E 158 -51.39 27.01 -37.03
C ASP E 158 -50.15 26.44 -37.70
N THR E 159 -49.13 27.26 -37.89
CA THR E 159 -47.91 26.81 -38.58
C THR E 159 -47.10 25.83 -37.71
N ILE E 160 -46.99 26.11 -36.42
CA ILE E 160 -46.27 25.21 -35.54
C ILE E 160 -46.93 23.83 -35.53
N LYS E 161 -48.25 23.80 -35.56
CA LYS E 161 -49.00 22.54 -35.56
C LYS E 161 -49.02 21.78 -36.89
N ASN E 162 -49.15 22.49 -38.01
CA ASN E 162 -49.28 21.82 -39.31
C ASN E 162 -48.07 21.89 -40.25
N ASN E 163 -47.13 22.79 -39.97
CA ASN E 163 -45.94 22.87 -40.79
C ASN E 163 -44.77 23.45 -39.97
N PRO E 164 -44.37 22.72 -38.90
CA PRO E 164 -43.29 23.09 -37.97
C PRO E 164 -41.95 23.47 -38.56
N THR E 165 -41.57 22.90 -39.70
CA THR E 165 -40.27 23.22 -40.28
C THR E 165 -40.32 24.50 -41.12
N ASP E 166 -41.47 25.15 -41.15
CA ASP E 166 -41.59 26.42 -41.88
C ASP E 166 -40.54 27.38 -41.26
N ARG E 167 -39.99 28.26 -42.09
CA ARG E 167 -38.98 29.19 -41.65
C ARG E 167 -39.48 30.62 -41.53
N ARG E 168 -40.80 30.82 -41.60
CA ARG E 168 -41.38 32.15 -41.48
C ARG E 168 -42.27 32.30 -40.24
N ILE E 169 -42.00 31.53 -39.19
CA ILE E 169 -42.84 31.61 -37.98
C ILE E 169 -42.47 32.87 -37.20
N ILE E 170 -42.95 34.00 -37.70
CA ILE E 170 -42.63 35.29 -37.16
C ILE E 170 -43.83 36.04 -36.55
N LEU E 171 -43.57 36.72 -35.43
CA LEU E 171 -44.56 37.51 -34.74
C LEU E 171 -43.91 38.89 -34.59
N SER E 172 -44.43 39.88 -35.31
CA SER E 172 -43.82 41.21 -35.27
C SER E 172 -44.79 42.34 -35.03
N ALA E 173 -44.36 43.32 -34.25
CA ALA E 173 -45.17 44.51 -33.97
C ALA E 173 -44.64 45.74 -34.71
N TRP E 174 -43.48 45.62 -35.34
CA TRP E 174 -42.90 46.75 -36.06
C TRP E 174 -43.70 47.09 -37.31
N ASN E 175 -44.17 48.33 -37.40
CA ASN E 175 -44.97 48.76 -38.56
C ASN E 175 -44.57 50.21 -38.81
N PRO E 176 -43.63 50.44 -39.75
CA PRO E 176 -43.16 51.79 -40.09
C PRO E 176 -44.28 52.77 -40.42
N LYS E 177 -45.35 52.27 -41.04
CA LYS E 177 -46.46 53.17 -41.37
C LYS E 177 -47.24 53.64 -40.14
N ASP E 178 -47.46 52.74 -39.19
CA ASP E 178 -48.24 53.07 -37.99
C ASP E 178 -47.44 53.73 -36.85
N LEU E 179 -46.11 53.71 -36.94
CA LEU E 179 -45.27 54.28 -35.87
C LEU E 179 -45.72 55.63 -35.31
N PRO E 180 -45.95 56.62 -36.16
CA PRO E 180 -46.39 57.94 -35.65
C PRO E 180 -47.71 57.92 -34.87
N LEU E 181 -48.51 56.88 -35.04
CA LEU E 181 -49.78 56.79 -34.32
C LEU E 181 -49.60 56.11 -32.96
N MET E 182 -48.39 55.59 -32.72
CA MET E 182 -48.08 54.91 -31.48
C MET E 182 -47.52 55.85 -30.41
N ALA E 183 -47.99 55.70 -29.18
CA ALA E 183 -47.49 56.54 -28.09
C ALA E 183 -45.99 56.26 -27.97
N LEU E 184 -45.62 55.01 -28.24
CA LEU E 184 -44.21 54.61 -28.16
C LEU E 184 -43.99 53.49 -29.18
N PRO E 185 -42.88 53.55 -29.94
CA PRO E 185 -42.62 52.49 -30.91
C PRO E 185 -42.28 51.19 -30.16
N PRO E 186 -42.59 50.03 -30.76
CA PRO E 186 -42.32 48.72 -30.14
C PRO E 186 -40.83 48.53 -29.77
N CYS E 187 -40.58 48.08 -28.54
CA CYS E 187 -39.22 47.81 -28.06
C CYS E 187 -38.91 46.38 -28.47
N HIS E 188 -39.76 45.44 -28.08
CA HIS E 188 -39.56 44.08 -28.52
C HIS E 188 -40.29 44.09 -29.86
N MET E 189 -39.54 44.31 -30.94
CA MET E 189 -40.15 44.44 -32.25
C MET E 189 -40.55 43.19 -32.98
N PHE E 190 -40.01 42.04 -32.59
CA PHE E 190 -40.42 40.80 -33.22
C PHE E 190 -39.72 39.60 -32.61
N CYS E 191 -40.25 38.43 -32.93
CA CYS E 191 -39.66 37.20 -32.43
C CYS E 191 -39.90 36.12 -33.46
N GLN E 192 -39.09 35.08 -33.40
CA GLN E 192 -39.19 33.96 -34.32
C GLN E 192 -39.24 32.68 -33.52
N PHE E 193 -40.14 31.78 -33.90
CA PHE E 193 -40.26 30.49 -33.23
C PHE E 193 -39.64 29.42 -34.09
N PHE E 194 -39.13 28.37 -33.42
CA PHE E 194 -38.48 27.27 -34.09
C PHE E 194 -38.93 26.00 -33.42
N VAL E 195 -39.21 24.98 -34.24
CA VAL E 195 -39.68 23.71 -33.73
C VAL E 195 -38.73 22.59 -34.09
N SER E 196 -38.21 21.87 -33.09
CA SER E 196 -37.33 20.75 -33.35
C SER E 196 -38.21 19.53 -33.42
N LEU E 197 -38.03 18.74 -34.48
CA LEU E 197 -38.82 17.52 -34.65
C LEU E 197 -38.37 16.45 -33.67
N PRO E 198 -39.26 15.51 -33.32
CA PRO E 198 -38.93 14.43 -32.38
C PRO E 198 -37.77 13.59 -32.91
N PRO E 199 -36.78 13.29 -32.06
CA PRO E 199 -35.62 12.49 -32.47
C PRO E 199 -36.07 11.10 -32.96
N ALA E 200 -35.20 10.43 -33.71
CA ALA E 200 -35.49 9.11 -34.25
C ALA E 200 -35.75 8.06 -33.18
N ASP E 201 -34.89 8.01 -32.18
CA ASP E 201 -35.03 7.02 -31.12
C ASP E 201 -36.19 7.24 -30.15
N SER E 202 -37.26 7.88 -30.64
CA SER E 202 -38.46 8.17 -29.86
C SER E 202 -39.35 9.20 -30.55
N PRO E 203 -40.05 8.80 -31.62
CA PRO E 203 -40.93 9.68 -32.40
C PRO E 203 -42.23 10.04 -31.69
N GLY E 204 -42.41 9.49 -30.49
CA GLY E 204 -43.62 9.78 -29.75
C GLY E 204 -43.50 11.06 -28.95
N SER E 205 -42.27 11.48 -28.68
CA SER E 205 -42.01 12.69 -27.92
C SER E 205 -42.62 13.93 -28.58
N LYS E 206 -42.83 14.96 -27.77
CA LYS E 206 -43.40 16.21 -28.26
C LYS E 206 -42.30 17.04 -28.92
N PRO E 207 -42.62 17.74 -30.01
CA PRO E 207 -41.62 18.57 -30.68
C PRO E 207 -41.20 19.65 -29.68
N LYS E 208 -39.97 20.13 -29.77
CA LYS E 208 -39.50 21.18 -28.86
C LYS E 208 -39.64 22.57 -29.49
N LEU E 209 -40.19 23.50 -28.70
CA LEU E 209 -40.43 24.86 -29.16
C LEU E 209 -39.46 25.87 -28.57
N SER E 210 -38.84 26.66 -29.44
CA SER E 210 -37.91 27.69 -29.02
C SER E 210 -38.37 29.04 -29.58
N CYS E 211 -37.91 30.10 -28.94
CA CYS E 211 -38.28 31.45 -29.32
C CYS E 211 -37.10 32.42 -29.23
N LEU E 212 -36.90 33.19 -30.30
CA LEU E 212 -35.86 34.21 -30.30
C LEU E 212 -36.56 35.57 -30.47
N MET E 213 -36.31 36.47 -29.54
CA MET E 213 -36.91 37.79 -29.61
C MET E 213 -35.82 38.83 -29.74
N TYR E 214 -36.08 39.84 -30.55
CA TYR E 214 -35.13 40.91 -30.74
C TYR E 214 -35.75 42.18 -30.20
N GLN E 215 -35.03 42.84 -29.29
CA GLN E 215 -35.47 44.07 -28.65
C GLN E 215 -34.52 45.21 -29.05
N ARG E 216 -35.05 46.21 -29.76
CA ARG E 216 -34.23 47.34 -30.24
C ARG E 216 -33.69 48.26 -29.15
N SER E 217 -34.45 48.41 -28.08
CA SER E 217 -34.10 49.31 -26.99
C SER E 217 -34.43 48.57 -25.71
N CYS E 218 -33.48 48.49 -24.79
CA CYS E 218 -33.67 47.72 -23.58
C CYS E 218 -33.29 48.44 -22.29
N ASP E 219 -34.31 48.72 -21.49
CA ASP E 219 -34.11 49.34 -20.19
C ASP E 219 -33.82 48.15 -19.28
N LEU E 220 -32.55 47.89 -19.04
CA LEU E 220 -32.20 46.73 -18.22
C LEU E 220 -32.80 46.70 -16.82
N GLY E 221 -32.87 47.86 -16.18
CA GLY E 221 -33.42 47.93 -14.83
C GLY E 221 -34.89 47.57 -14.74
N LEU E 222 -35.72 48.23 -15.54
CA LEU E 222 -37.17 48.02 -15.49
C LEU E 222 -37.82 47.16 -16.58
N GLY E 223 -37.45 47.39 -17.83
CA GLY E 223 -38.03 46.60 -18.92
C GLY E 223 -37.60 45.15 -19.12
N VAL E 224 -36.30 44.91 -19.24
CA VAL E 224 -35.79 43.57 -19.48
C VAL E 224 -36.35 42.49 -18.57
N PRO E 225 -36.48 42.77 -17.26
CA PRO E 225 -37.03 41.73 -16.39
C PRO E 225 -38.43 41.33 -16.86
N PHE E 226 -39.21 42.31 -17.30
CA PHE E 226 -40.55 42.00 -17.80
C PHE E 226 -40.48 41.27 -19.17
N ASN E 227 -39.66 41.81 -20.08
CA ASN E 227 -39.53 41.21 -21.42
C ASN E 227 -39.13 39.74 -21.36
N ILE E 228 -38.19 39.41 -20.47
CA ILE E 228 -37.73 38.04 -20.38
C ILE E 228 -38.86 37.10 -19.95
N ALA E 229 -39.54 37.46 -18.86
CA ALA E 229 -40.64 36.63 -18.37
C ALA E 229 -41.82 36.59 -19.35
N SER E 230 -42.09 37.72 -19.98
CA SER E 230 -43.20 37.82 -20.91
C SER E 230 -43.07 36.84 -22.08
N TYR E 231 -41.94 36.92 -22.81
CA TYR E 231 -41.74 36.01 -23.93
C TYR E 231 -41.57 34.57 -23.49
N ALA E 232 -41.04 34.36 -22.28
CA ALA E 232 -40.93 32.99 -21.79
C ALA E 232 -42.35 32.45 -21.60
N LEU E 233 -43.21 33.26 -20.99
CA LEU E 233 -44.61 32.88 -20.76
C LEU E 233 -45.38 32.68 -22.10
N LEU E 234 -45.11 33.55 -23.07
CA LEU E 234 -45.78 33.41 -24.36
C LEU E 234 -45.44 32.06 -24.98
N THR E 235 -44.18 31.67 -24.87
CA THR E 235 -43.71 30.41 -25.41
C THR E 235 -44.38 29.22 -24.72
N HIS E 236 -44.51 29.30 -23.39
CA HIS E 236 -45.19 28.25 -22.63
C HIS E 236 -46.66 28.21 -23.09
N MET E 237 -47.29 29.36 -23.25
CA MET E 237 -48.69 29.39 -23.72
C MET E 237 -48.85 28.74 -25.09
N ILE E 238 -48.01 29.15 -26.04
CA ILE E 238 -48.08 28.61 -27.39
C ILE E 238 -47.80 27.10 -27.36
N ALA E 239 -46.85 26.70 -26.54
CA ALA E 239 -46.52 25.29 -26.43
C ALA E 239 -47.73 24.47 -26.02
N LEU E 240 -48.51 24.97 -25.07
CA LEU E 240 -49.71 24.26 -24.60
C LEU E 240 -50.73 24.08 -25.72
N ILE E 241 -50.99 25.15 -26.46
CA ILE E 241 -51.97 25.11 -27.54
C ILE E 241 -51.52 24.27 -28.74
N THR E 242 -50.21 24.17 -28.97
CA THR E 242 -49.69 23.43 -30.12
C THR E 242 -49.16 22.04 -29.80
N ASP E 243 -49.35 21.59 -28.56
CA ASP E 243 -48.86 20.28 -28.16
C ASP E 243 -47.35 20.14 -28.33
N THR E 244 -46.61 21.21 -28.07
CA THR E 244 -45.16 21.15 -28.15
C THR E 244 -44.60 21.36 -26.74
N GLU E 245 -43.30 21.12 -26.58
CA GLU E 245 -42.63 21.25 -25.29
C GLU E 245 -41.69 22.45 -25.32
N PRO E 246 -41.91 23.42 -24.42
CA PRO E 246 -41.05 24.60 -24.40
C PRO E 246 -39.59 24.18 -24.22
N HIS E 247 -38.70 24.78 -25.00
CA HIS E 247 -37.30 24.40 -24.92
C HIS E 247 -36.34 25.52 -24.53
N GLU E 248 -36.27 26.56 -25.35
CA GLU E 248 -35.34 27.64 -25.09
C GLU E 248 -35.86 28.99 -25.54
N PHE E 249 -35.48 30.04 -24.82
CA PHE E 249 -35.85 31.40 -25.16
C PHE E 249 -34.53 32.18 -25.30
N ILE E 250 -34.38 32.85 -26.44
CA ILE E 250 -33.19 33.63 -26.73
C ILE E 250 -33.58 35.09 -26.88
N LEU E 251 -32.80 35.96 -26.24
CA LEU E 251 -33.08 37.39 -26.33
C LEU E 251 -31.88 38.18 -26.85
N GLN E 252 -32.04 38.77 -28.04
CA GLN E 252 -30.98 39.59 -28.63
C GLN E 252 -31.35 41.06 -28.47
N MET E 253 -30.42 41.84 -27.94
CA MET E 253 -30.66 43.25 -27.71
C MET E 253 -29.94 44.17 -28.68
N GLY E 254 -30.56 45.31 -28.94
CA GLY E 254 -29.94 46.32 -29.79
C GLY E 254 -29.29 47.32 -28.85
N ASP E 255 -29.97 48.41 -28.57
CA ASP E 255 -29.45 49.44 -27.66
C ASP E 255 -29.75 48.96 -26.23
N ALA E 256 -28.75 48.37 -25.59
CA ALA E 256 -28.89 47.85 -24.23
C ALA E 256 -28.36 48.94 -23.30
N HIS E 257 -29.23 49.49 -22.44
CA HIS E 257 -28.82 50.58 -21.56
C HIS E 257 -29.32 50.54 -20.11
N VAL E 258 -28.63 51.30 -19.26
CA VAL E 258 -29.00 51.41 -17.86
C VAL E 258 -29.21 52.89 -17.65
N TYR E 259 -30.42 53.29 -17.22
CA TYR E 259 -30.68 54.71 -16.97
C TYR E 259 -29.82 55.22 -15.83
N ARG E 260 -29.44 56.49 -15.91
CA ARG E 260 -28.58 57.13 -14.91
C ARG E 260 -29.13 56.97 -13.49
N ASP E 261 -30.44 57.14 -13.31
CA ASP E 261 -31.03 57.01 -11.99
C ASP E 261 -31.30 55.56 -11.57
N HIS E 262 -30.77 54.61 -12.34
CA HIS E 262 -30.92 53.19 -12.00
C HIS E 262 -29.62 52.57 -11.53
N VAL E 263 -28.51 53.25 -11.82
CA VAL E 263 -27.19 52.75 -11.45
C VAL E 263 -27.03 52.36 -9.98
N GLU E 264 -27.33 53.28 -9.08
CA GLU E 264 -27.20 52.96 -7.66
C GLU E 264 -28.15 51.87 -7.21
N PRO E 265 -29.43 51.93 -7.62
CA PRO E 265 -30.34 50.86 -7.18
C PRO E 265 -29.89 49.50 -7.67
N LEU E 266 -29.35 49.44 -8.90
CA LEU E 266 -28.91 48.17 -9.46
C LEU E 266 -27.67 47.60 -8.75
N LYS E 267 -26.80 48.49 -8.26
CA LYS E 267 -25.60 48.04 -7.55
C LYS E 267 -26.01 47.21 -6.35
N THR E 268 -27.13 47.56 -5.74
CA THR E 268 -27.64 46.81 -4.60
C THR E 268 -28.07 45.41 -5.07
N GLN E 269 -28.74 45.37 -6.22
CA GLN E 269 -29.19 44.09 -6.76
C GLN E 269 -28.01 43.20 -7.17
N LEU E 270 -26.94 43.81 -7.68
CA LEU E 270 -25.77 43.05 -8.11
C LEU E 270 -25.09 42.25 -7.01
N GLU E 271 -25.35 42.63 -5.76
CA GLU E 271 -24.75 41.96 -4.61
C GLU E 271 -25.50 40.69 -4.24
N ARG E 272 -26.66 40.49 -4.83
CA ARG E 272 -27.48 39.34 -4.48
C ARG E 272 -27.25 38.10 -5.33
N GLU E 273 -27.31 36.94 -4.67
CA GLU E 273 -27.14 35.65 -5.30
C GLU E 273 -28.52 35.13 -5.73
N PRO E 274 -28.66 34.77 -7.01
CA PRO E 274 -29.91 34.25 -7.56
C PRO E 274 -30.42 32.99 -6.89
N ARG E 275 -31.74 32.84 -6.84
CA ARG E 275 -32.35 31.63 -6.29
C ARG E 275 -32.79 30.84 -7.52
N ASP E 276 -32.98 29.54 -7.39
CA ASP E 276 -33.41 28.74 -8.53
C ASP E 276 -34.70 29.32 -9.10
N PHE E 277 -34.82 29.34 -10.42
CA PHE E 277 -36.01 29.89 -11.07
C PHE E 277 -37.25 29.07 -10.69
N PRO E 278 -38.42 29.70 -10.68
CA PRO E 278 -39.68 29.03 -10.34
C PRO E 278 -40.16 28.19 -11.53
N LYS E 279 -41.23 27.44 -11.30
CA LYS E 279 -41.79 26.61 -12.36
C LYS E 279 -43.21 27.04 -12.67
N LEU E 280 -43.64 26.83 -13.91
CA LEU E 280 -44.98 27.22 -14.33
C LEU E 280 -45.86 26.01 -14.50
N LYS E 281 -47.08 26.09 -13.98
CA LYS E 281 -48.05 25.01 -14.10
C LYS E 281 -49.37 25.65 -14.52
N TRP E 282 -50.24 24.90 -15.18
CA TRP E 282 -51.51 25.45 -15.63
C TRP E 282 -52.64 25.02 -14.70
N ALA E 283 -53.52 25.96 -14.38
CA ALA E 283 -54.65 25.66 -13.49
C ALA E 283 -55.73 24.93 -14.23
N ARG E 284 -55.67 24.95 -15.55
CA ARG E 284 -56.66 24.27 -16.37
C ARG E 284 -56.00 23.46 -17.48
N SER E 285 -56.78 22.61 -18.15
CA SER E 285 -56.22 21.78 -19.23
C SER E 285 -56.24 22.52 -20.57
N LYS E 286 -55.55 21.95 -21.54
CA LYS E 286 -55.50 22.51 -22.88
C LYS E 286 -56.92 22.64 -23.44
N GLU E 287 -57.72 21.59 -23.25
CA GLU E 287 -59.11 21.55 -23.72
C GLU E 287 -59.95 22.65 -23.10
N GLU E 288 -59.79 22.85 -21.79
CA GLU E 288 -60.54 23.90 -21.12
C GLU E 288 -60.14 25.29 -21.60
N ILE E 289 -58.83 25.53 -21.71
CA ILE E 289 -58.35 26.82 -22.19
C ILE E 289 -58.78 27.00 -23.64
N GLY E 290 -58.75 25.92 -24.42
CA GLY E 290 -59.19 25.98 -25.81
C GLY E 290 -58.18 26.46 -26.81
N ASP E 291 -57.93 27.78 -26.87
CA ASP E 291 -56.95 28.32 -27.82
C ASP E 291 -56.16 29.44 -27.17
N ILE E 292 -55.34 30.13 -27.96
CA ILE E 292 -54.49 31.20 -27.46
C ILE E 292 -55.27 32.37 -26.84
N ASP E 293 -56.54 32.49 -27.19
CA ASP E 293 -57.37 33.55 -26.65
C ASP E 293 -58.17 33.13 -25.41
N GLY E 294 -57.94 31.91 -24.93
CA GLY E 294 -58.71 31.48 -23.77
C GLY E 294 -58.00 31.51 -22.43
N PHE E 295 -56.80 32.05 -22.38
CA PHE E 295 -56.06 32.11 -21.12
C PHE E 295 -56.55 33.19 -20.18
N LYS E 296 -56.43 32.90 -18.88
CA LYS E 296 -56.84 33.84 -17.84
C LYS E 296 -55.69 33.99 -16.84
N VAL E 297 -55.59 35.14 -16.20
CA VAL E 297 -54.50 35.35 -15.23
C VAL E 297 -54.38 34.19 -14.26
N GLU E 298 -55.51 33.74 -13.71
CA GLU E 298 -55.51 32.64 -12.73
C GLU E 298 -55.07 31.30 -13.28
N ASP E 299 -54.89 31.21 -14.60
CA ASP E 299 -54.45 29.96 -15.19
C ASP E 299 -52.96 29.74 -14.91
N PHE E 300 -52.24 30.83 -14.72
CA PHE E 300 -50.80 30.76 -14.49
C PHE E 300 -50.43 30.47 -13.04
N VAL E 301 -50.04 29.23 -12.78
CA VAL E 301 -49.65 28.83 -11.43
C VAL E 301 -48.13 28.75 -11.33
N VAL E 302 -47.50 29.77 -10.77
CA VAL E 302 -46.06 29.84 -10.63
C VAL E 302 -45.67 29.37 -9.23
N GLU E 303 -44.96 28.26 -9.16
CA GLU E 303 -44.57 27.74 -7.86
C GLU E 303 -43.06 27.80 -7.63
N GLY E 304 -42.68 27.98 -6.37
CA GLY E 304 -41.27 28.04 -6.02
C GLY E 304 -40.59 29.36 -6.29
N TYR E 305 -41.35 30.43 -6.46
CA TYR E 305 -40.74 31.74 -6.71
C TYR E 305 -40.23 32.29 -5.37
N LYS E 306 -38.92 32.44 -5.23
CA LYS E 306 -38.32 32.93 -4.00
C LYS E 306 -37.35 34.06 -4.24
N PRO E 307 -37.87 35.24 -4.55
CA PRO E 307 -37.03 36.41 -4.82
C PRO E 307 -36.57 37.18 -3.59
N TRP E 308 -35.58 38.04 -3.78
CA TRP E 308 -35.09 38.91 -2.74
C TRP E 308 -36.07 40.07 -2.74
N GLY E 309 -35.79 41.09 -1.94
CA GLY E 309 -36.66 42.25 -1.85
C GLY E 309 -36.80 43.07 -3.12
N LYS E 310 -37.83 43.90 -3.16
CA LYS E 310 -38.06 44.75 -4.32
C LYS E 310 -37.01 45.84 -4.34
N ILE E 311 -36.75 46.37 -5.53
CA ILE E 311 -35.80 47.42 -5.71
C ILE E 311 -36.51 48.52 -6.48
N ASP E 312 -36.67 49.67 -5.83
CA ASP E 312 -37.36 50.79 -6.44
C ASP E 312 -36.56 51.46 -7.54
N MET E 313 -37.19 51.64 -8.70
CA MET E 313 -36.55 52.31 -9.83
C MET E 313 -37.62 53.10 -10.56
N LYS E 314 -37.33 54.37 -10.83
CA LYS E 314 -38.28 55.23 -11.51
C LYS E 314 -38.22 55.03 -13.03
N MET E 315 -39.37 55.03 -13.68
CA MET E 315 -39.41 54.87 -15.12
C MET E 315 -39.35 56.22 -15.78
N SER E 316 -38.55 56.36 -16.82
CA SER E 316 -38.44 57.63 -17.52
C SER E 316 -39.41 57.61 -18.70
N ALA E 317 -40.38 58.51 -18.68
CA ALA E 317 -41.40 58.60 -19.72
C ALA E 317 -40.84 59.10 -21.05
N ARG F 13 -4.23 26.75 -37.02
CA ARG F 13 -4.60 28.01 -37.71
C ARG F 13 -3.54 29.08 -37.54
N SER F 14 -2.98 29.50 -38.67
CA SER F 14 -1.96 30.54 -38.70
C SER F 14 -2.47 31.80 -38.02
N ASN F 15 -3.75 32.10 -38.25
CA ASN F 15 -4.38 33.29 -37.67
C ASN F 15 -5.76 32.95 -37.13
N PRO F 16 -5.80 32.31 -35.95
CA PRO F 16 -7.05 31.90 -35.27
C PRO F 16 -8.06 33.01 -35.02
N ASP F 17 -7.60 34.26 -34.97
CA ASP F 17 -8.53 35.35 -34.72
C ASP F 17 -9.20 35.88 -35.99
N HIS F 18 -8.87 35.31 -37.15
CA HIS F 18 -9.48 35.78 -38.37
C HIS F 18 -11.02 35.63 -38.27
N GLU F 19 -11.73 36.72 -38.49
CA GLU F 19 -13.18 36.71 -38.40
C GLU F 19 -13.90 35.67 -39.26
N GLU F 20 -13.28 35.28 -40.38
CA GLU F 20 -13.92 34.30 -41.25
C GLU F 20 -14.09 32.94 -40.59
N TYR F 21 -13.30 32.66 -39.55
CA TYR F 21 -13.45 31.38 -38.87
C TYR F 21 -14.84 31.25 -38.22
N GLN F 22 -15.48 32.37 -37.96
CA GLN F 22 -16.85 32.36 -37.36
C GLN F 22 -17.77 31.63 -38.33
N TYR F 23 -17.65 32.00 -39.61
CA TYR F 23 -18.44 31.42 -40.67
C TYR F 23 -18.09 29.93 -40.88
N LEU F 24 -16.79 29.64 -40.99
CA LEU F 24 -16.34 28.27 -41.18
C LEU F 24 -16.70 27.36 -39.98
N ASP F 25 -16.50 27.88 -38.77
CA ASP F 25 -16.81 27.08 -37.57
C ASP F 25 -18.29 26.77 -37.45
N LEU F 26 -19.15 27.72 -37.81
CA LEU F 26 -20.58 27.47 -37.72
C LEU F 26 -21.01 26.38 -38.69
N ILE F 27 -20.47 26.43 -39.91
CA ILE F 27 -20.80 25.42 -40.89
C ILE F 27 -20.37 24.05 -40.40
N ARG F 28 -19.18 23.97 -39.85
CA ARG F 28 -18.66 22.70 -39.32
C ARG F 28 -19.60 22.21 -38.21
N ARG F 29 -20.01 23.12 -37.34
CA ARG F 29 -20.92 22.74 -36.25
C ARG F 29 -22.27 22.24 -36.77
N ILE F 30 -22.84 22.95 -37.74
CA ILE F 30 -24.14 22.55 -38.30
C ILE F 30 -24.07 21.16 -38.93
N ILE F 31 -22.99 20.91 -39.67
CA ILE F 31 -22.81 19.61 -40.30
C ILE F 31 -22.67 18.54 -39.20
N ASN F 32 -21.88 18.84 -38.17
CA ASN F 32 -21.64 17.89 -37.08
C ASN F 32 -22.83 17.59 -36.16
N VAL F 33 -23.42 18.62 -35.56
CA VAL F 33 -24.54 18.42 -34.66
C VAL F 33 -25.87 19.01 -35.10
N GLY F 34 -25.93 19.54 -36.32
CA GLY F 34 -27.18 20.11 -36.79
C GLY F 34 -28.27 19.05 -36.93
N GLU F 35 -29.52 19.48 -36.93
CA GLU F 35 -30.66 18.57 -37.05
C GLU F 35 -31.11 18.45 -38.52
N VAL F 36 -31.27 17.21 -39.00
CA VAL F 36 -31.70 16.96 -40.38
C VAL F 36 -33.18 17.28 -40.50
N ARG F 37 -33.54 18.17 -41.42
CA ARG F 37 -34.93 18.57 -41.54
C ARG F 37 -35.43 18.72 -42.96
N PRO F 38 -36.75 18.58 -43.16
CA PRO F 38 -37.41 18.72 -44.45
C PRO F 38 -37.54 20.24 -44.58
N ASP F 39 -37.81 20.74 -45.76
CA ASP F 39 -37.94 22.17 -45.94
C ASP F 39 -38.80 22.49 -47.17
N ARG F 40 -39.15 23.76 -47.31
CA ARG F 40 -39.96 24.24 -48.41
C ARG F 40 -39.46 23.80 -49.80
N THR F 41 -38.15 23.87 -50.03
CA THR F 41 -37.56 23.55 -51.35
C THR F 41 -37.60 22.07 -51.72
N GLY F 42 -37.64 21.21 -50.71
CA GLY F 42 -37.67 19.78 -50.97
C GLY F 42 -36.30 19.13 -50.99
N THR F 43 -35.22 19.91 -50.93
CA THR F 43 -33.90 19.31 -50.97
C THR F 43 -33.45 18.83 -49.58
N GLY F 44 -33.98 19.47 -48.53
CA GLY F 44 -33.61 19.10 -47.18
C GLY F 44 -32.39 19.87 -46.69
N THR F 45 -32.27 20.03 -45.37
CA THR F 45 -31.15 20.74 -44.79
C THR F 45 -30.76 20.14 -43.43
N VAL F 46 -29.69 20.66 -42.87
CA VAL F 46 -29.23 20.30 -41.54
C VAL F 46 -29.20 21.68 -40.90
N ALA F 47 -29.80 21.83 -39.72
CA ALA F 47 -29.88 23.17 -39.12
C ALA F 47 -29.76 23.30 -37.62
N LEU F 48 -29.46 24.53 -37.19
CA LEU F 48 -29.36 24.93 -35.78
C LEU F 48 -30.12 26.25 -35.65
N PHE F 49 -30.85 26.43 -34.55
CA PHE F 49 -31.60 27.67 -34.36
C PHE F 49 -30.89 28.64 -33.45
N ALA F 50 -30.88 29.91 -33.85
CA ALA F 50 -30.30 30.99 -33.05
C ALA F 50 -28.89 30.77 -32.52
N PRO F 51 -27.93 30.47 -33.41
CA PRO F 51 -26.56 30.26 -32.92
C PRO F 51 -25.96 31.61 -32.56
N PRO F 52 -24.83 31.60 -31.84
CA PRO F 52 -24.20 32.89 -31.49
C PRO F 52 -24.07 33.77 -32.75
N SER F 53 -24.24 35.08 -32.59
CA SER F 53 -24.15 36.01 -33.70
C SER F 53 -22.72 36.20 -34.22
N PHE F 54 -22.60 36.68 -35.45
CA PHE F 54 -21.28 36.93 -36.04
C PHE F 54 -20.98 38.40 -35.84
N ARG F 55 -19.71 38.74 -35.68
CA ARG F 55 -19.31 40.14 -35.51
C ARG F 55 -18.14 40.39 -36.46
N PHE F 56 -18.23 41.45 -37.25
CA PHE F 56 -17.18 41.78 -38.19
C PHE F 56 -16.79 43.23 -38.05
N SER F 57 -15.50 43.49 -37.95
CA SER F 57 -15.01 44.86 -37.82
C SER F 57 -15.01 45.54 -39.18
N LEU F 58 -15.50 46.78 -39.24
CA LEU F 58 -15.54 47.52 -40.48
C LEU F 58 -14.56 48.68 -40.42
N ALA F 59 -13.71 48.66 -39.38
CA ALA F 59 -12.71 49.73 -39.20
C ALA F 59 -11.60 49.62 -40.27
N ASP F 60 -10.90 50.72 -40.49
CA ASP F 60 -9.81 50.77 -41.45
C ASP F 60 -10.26 50.35 -42.84
N ASN F 61 -11.45 50.78 -43.24
CA ASN F 61 -12.02 50.45 -44.55
C ASN F 61 -12.15 48.97 -44.86
N THR F 62 -12.22 48.14 -43.83
CA THR F 62 -12.32 46.71 -44.02
C THR F 62 -13.66 46.22 -44.54
N LEU F 63 -13.64 45.29 -45.50
CA LEU F 63 -14.84 44.71 -46.07
C LEU F 63 -14.80 43.20 -45.85
N PRO F 64 -15.70 42.68 -45.01
CA PRO F 64 -15.72 41.24 -44.76
C PRO F 64 -16.25 40.40 -45.92
N LEU F 65 -15.50 40.39 -47.03
CA LEU F 65 -15.85 39.61 -48.21
C LEU F 65 -15.09 38.30 -48.05
N LEU F 66 -15.81 37.19 -47.84
CA LEU F 66 -15.19 35.90 -47.61
C LEU F 66 -14.09 35.55 -48.62
N THR F 67 -13.00 34.96 -48.10
CA THR F 67 -11.87 34.58 -48.93
C THR F 67 -11.70 33.09 -49.16
N THR F 68 -12.39 32.26 -48.37
CA THR F 68 -12.24 30.81 -48.55
C THR F 68 -12.93 30.30 -49.80
N LYS F 69 -13.55 31.22 -50.54
CA LYS F 69 -14.12 30.87 -51.84
C LYS F 69 -14.28 32.20 -52.60
N ARG F 70 -14.30 32.17 -53.93
CA ARG F 70 -14.46 33.41 -54.67
C ARG F 70 -15.93 33.84 -54.58
N VAL F 71 -16.18 35.03 -54.06
CA VAL F 71 -17.54 35.55 -53.93
C VAL F 71 -17.82 36.51 -55.07
N PHE F 72 -18.99 36.42 -55.67
CA PHE F 72 -19.39 37.27 -56.80
C PHE F 72 -19.65 38.67 -56.29
N LEU F 73 -18.56 39.41 -56.04
CA LEU F 73 -18.64 40.78 -55.53
C LEU F 73 -19.56 41.70 -56.34
N ARG F 74 -19.41 41.69 -57.66
CA ARG F 74 -20.24 42.56 -58.50
C ARG F 74 -21.72 42.24 -58.29
N GLY F 75 -22.03 40.97 -58.08
CA GLY F 75 -23.42 40.61 -57.88
C GLY F 75 -23.94 41.16 -56.56
N VAL F 76 -23.09 41.17 -55.54
CA VAL F 76 -23.49 41.68 -54.23
C VAL F 76 -23.78 43.16 -54.36
N ILE F 77 -22.85 43.90 -54.96
CA ILE F 77 -23.03 45.33 -55.14
C ILE F 77 -24.29 45.64 -55.98
N ALA F 78 -24.43 44.98 -57.11
CA ALA F 78 -25.59 45.21 -57.97
C ALA F 78 -26.90 44.99 -57.22
N GLU F 79 -27.00 43.87 -56.51
CA GLU F 79 -28.22 43.58 -55.75
C GLU F 79 -28.49 44.67 -54.71
N LEU F 80 -27.44 45.12 -54.04
CA LEU F 80 -27.58 46.16 -53.01
C LEU F 80 -28.09 47.51 -53.58
N LEU F 81 -27.49 47.94 -54.69
CA LEU F 81 -27.91 49.22 -55.27
C LEU F 81 -29.33 49.08 -55.80
N TRP F 82 -29.69 47.85 -56.11
CA TRP F 82 -31.01 47.52 -56.62
C TRP F 82 -31.99 47.70 -55.45
N PHE F 83 -31.64 47.15 -54.28
CA PHE F 83 -32.49 47.31 -53.07
C PHE F 83 -32.68 48.80 -52.82
N VAL F 84 -31.57 49.52 -52.70
CA VAL F 84 -31.60 50.95 -52.44
C VAL F 84 -32.52 51.72 -53.39
N SER F 85 -32.49 51.36 -54.68
CA SER F 85 -33.32 52.03 -55.67
C SER F 85 -34.82 51.75 -55.44
N GLY F 86 -35.13 50.73 -54.65
CA GLY F 86 -36.53 50.43 -54.39
C GLY F 86 -37.15 49.58 -55.47
N CYS F 87 -36.33 49.19 -56.44
CA CYS F 87 -36.75 48.37 -57.56
C CYS F 87 -37.01 46.92 -57.18
N THR F 88 -38.01 46.31 -57.80
CA THR F 88 -38.35 44.92 -57.50
C THR F 88 -38.39 44.06 -58.76
N ASP F 89 -37.85 44.59 -59.85
CA ASP F 89 -37.80 43.85 -61.13
C ASP F 89 -36.44 43.17 -61.25
N ALA F 90 -36.42 41.84 -61.20
CA ALA F 90 -35.20 41.07 -61.30
C ALA F 90 -34.48 41.26 -62.66
N LYS F 91 -35.23 41.69 -63.67
CA LYS F 91 -34.61 41.89 -64.98
C LYS F 91 -33.56 42.97 -64.91
N MET F 92 -33.66 43.84 -63.91
CA MET F 92 -32.69 44.93 -63.77
C MET F 92 -31.34 44.36 -63.32
N LEU F 93 -31.38 43.14 -62.79
CA LEU F 93 -30.14 42.48 -62.36
C LEU F 93 -29.64 41.57 -63.47
N SER F 94 -30.54 40.79 -64.06
CA SER F 94 -30.10 39.90 -65.13
C SER F 94 -29.60 40.67 -66.36
N SER F 95 -30.11 41.87 -66.58
CA SER F 95 -29.69 42.65 -67.73
C SER F 95 -28.25 43.11 -67.55
N GLN F 96 -27.78 43.14 -66.31
CA GLN F 96 -26.40 43.55 -66.07
C GLN F 96 -25.55 42.35 -65.69
N GLY F 97 -26.02 41.15 -66.04
CA GLY F 97 -25.27 39.95 -65.78
C GLY F 97 -25.32 39.34 -64.40
N VAL F 98 -26.36 39.68 -63.63
CA VAL F 98 -26.51 39.15 -62.27
C VAL F 98 -27.81 38.36 -62.23
N GLY F 99 -27.69 37.04 -62.10
CA GLY F 99 -28.89 36.20 -62.13
C GLY F 99 -29.32 35.58 -60.83
N ILE F 100 -28.86 36.12 -59.70
CA ILE F 100 -29.18 35.54 -58.40
C ILE F 100 -30.67 35.46 -58.11
N TRP F 101 -31.46 36.35 -58.71
CA TRP F 101 -32.90 36.34 -58.50
C TRP F 101 -33.69 35.76 -59.66
N ASP F 102 -33.00 35.21 -60.66
CA ASP F 102 -33.69 34.60 -61.82
C ASP F 102 -34.50 33.40 -61.41
N GLY F 103 -33.98 32.65 -60.43
CA GLY F 103 -34.69 31.47 -59.97
C GLY F 103 -36.06 31.73 -59.37
N ASN F 104 -36.17 32.71 -58.48
CA ASN F 104 -37.46 33.01 -57.86
C ASN F 104 -38.28 34.00 -58.67
N GLY F 105 -37.70 34.52 -59.75
CA GLY F 105 -38.42 35.47 -60.57
C GLY F 105 -38.89 34.85 -61.87
N SER F 106 -38.55 33.58 -62.08
CA SER F 106 -38.94 32.88 -63.30
C SER F 106 -40.44 32.73 -63.39
N LYS F 107 -40.92 32.73 -64.65
CA LYS F 107 -42.34 32.57 -64.90
C LYS F 107 -42.82 31.28 -64.24
N GLU F 108 -41.98 30.25 -64.30
CA GLU F 108 -42.35 28.97 -63.71
C GLU F 108 -42.55 29.04 -62.20
N PHE F 109 -41.67 29.72 -61.47
CA PHE F 109 -41.77 29.81 -60.02
C PHE F 109 -42.94 30.68 -59.61
N LEU F 110 -43.07 31.84 -60.24
CA LEU F 110 -44.15 32.76 -59.94
C LEU F 110 -45.52 32.07 -60.05
N GLU F 111 -45.74 31.36 -61.15
CA GLU F 111 -47.00 30.66 -61.33
C GLU F 111 -47.15 29.58 -60.24
N LYS F 112 -46.03 29.00 -59.84
CA LYS F 112 -45.99 27.96 -58.82
C LYS F 112 -46.49 28.47 -57.47
N VAL F 113 -46.16 29.72 -57.13
CA VAL F 113 -46.59 30.30 -55.85
C VAL F 113 -47.87 31.15 -55.95
N GLY F 114 -48.65 30.93 -57.02
CA GLY F 114 -49.88 31.67 -57.20
C GLY F 114 -49.73 33.10 -57.73
N LEU F 115 -48.61 33.42 -58.37
CA LEU F 115 -48.42 34.78 -58.88
C LEU F 115 -48.29 34.73 -60.41
N GLY F 116 -49.13 33.91 -61.05
CA GLY F 116 -49.10 33.77 -62.50
C GLY F 116 -49.49 35.02 -63.29
N HIS F 117 -50.16 35.96 -62.62
CA HIS F 117 -50.58 37.20 -63.28
C HIS F 117 -49.44 38.21 -63.43
N ARG F 118 -48.26 37.86 -62.95
CA ARG F 118 -47.15 38.78 -63.06
C ARG F 118 -46.22 38.43 -64.23
N ARG F 119 -45.56 39.43 -64.78
CA ARG F 119 -44.63 39.12 -65.85
C ARG F 119 -43.35 38.58 -65.20
N GLU F 120 -42.59 37.79 -65.94
CA GLU F 120 -41.36 37.22 -65.41
C GLU F 120 -40.46 38.30 -64.83
N GLY F 121 -39.92 38.06 -63.64
CA GLY F 121 -39.03 39.03 -63.01
C GLY F 121 -39.67 39.97 -62.02
N ASP F 122 -40.99 40.08 -62.06
CA ASP F 122 -41.71 40.94 -61.13
C ASP F 122 -41.90 40.18 -59.81
N LEU F 123 -40.96 40.38 -58.90
CA LEU F 123 -40.94 39.69 -57.61
C LEU F 123 -42.01 40.15 -56.63
N GLY F 124 -42.56 41.33 -56.86
CA GLY F 124 -43.56 41.83 -55.94
C GLY F 124 -42.95 42.87 -55.01
N PRO F 125 -43.66 43.25 -53.93
CA PRO F 125 -43.16 44.26 -52.99
C PRO F 125 -42.09 43.73 -52.04
N VAL F 126 -40.96 43.29 -52.61
CA VAL F 126 -39.88 42.76 -51.79
C VAL F 126 -38.93 43.84 -51.25
N TYR F 127 -37.82 43.42 -50.66
CA TYR F 127 -36.82 44.30 -50.05
C TYR F 127 -36.85 45.77 -50.39
N GLY F 128 -36.31 46.12 -51.54
CA GLY F 128 -36.26 47.52 -51.95
C GLY F 128 -37.57 48.31 -51.83
N PHE F 129 -38.68 47.69 -52.21
CA PHE F 129 -39.96 48.37 -52.13
C PHE F 129 -40.33 48.70 -50.66
N GLN F 130 -40.15 47.74 -49.76
CA GLN F 130 -40.45 47.98 -48.35
C GLN F 130 -39.51 49.03 -47.76
N TRP F 131 -38.24 48.97 -48.14
CA TRP F 131 -37.23 49.90 -47.66
C TRP F 131 -37.54 51.36 -47.97
N ARG F 132 -38.04 51.62 -49.17
CA ARG F 132 -38.33 52.99 -49.61
C ARG F 132 -39.79 53.40 -49.70
N HIS F 133 -40.70 52.43 -49.67
CA HIS F 133 -42.14 52.72 -49.82
C HIS F 133 -43.02 51.87 -48.89
N PHE F 134 -42.52 51.53 -47.72
CA PHE F 134 -43.30 50.71 -46.81
C PHE F 134 -44.72 51.23 -46.62
N GLY F 135 -45.70 50.36 -46.80
CA GLY F 135 -47.08 50.75 -46.61
C GLY F 135 -47.80 51.14 -47.88
N ALA F 136 -47.06 51.50 -48.93
CA ALA F 136 -47.68 51.90 -50.19
C ALA F 136 -48.38 50.70 -50.80
N GLU F 137 -49.34 50.96 -51.67
CA GLU F 137 -50.09 49.92 -52.37
C GLU F 137 -49.27 49.44 -53.59
N TYR F 138 -49.06 48.14 -53.71
CA TYR F 138 -48.26 47.62 -54.81
C TYR F 138 -49.13 47.17 -55.97
N THR F 139 -48.82 47.61 -57.18
CA THR F 139 -49.57 47.17 -58.34
C THR F 139 -48.66 46.16 -59.04
N ASP F 140 -47.63 46.65 -59.74
CA ASP F 140 -46.67 45.78 -60.40
C ASP F 140 -45.30 46.46 -60.26
N ALA F 141 -44.24 45.93 -60.89
CA ALA F 141 -42.94 46.58 -60.74
C ALA F 141 -42.78 47.89 -61.47
N ASP F 142 -43.71 48.20 -62.36
CA ASP F 142 -43.64 49.44 -63.16
C ASP F 142 -44.42 50.58 -62.51
N GLY F 143 -45.08 50.26 -61.40
CA GLY F 143 -45.88 51.25 -60.70
C GLY F 143 -45.10 52.48 -60.28
N ASP F 144 -45.80 53.61 -60.15
CA ASP F 144 -45.19 54.86 -59.75
C ASP F 144 -45.33 54.99 -58.24
N TYR F 145 -44.25 54.78 -57.52
CA TYR F 145 -44.27 54.82 -56.07
C TYR F 145 -43.55 56.01 -55.48
N LYS F 146 -43.02 56.86 -56.35
CA LYS F 146 -42.28 58.03 -55.87
C LYS F 146 -43.10 58.85 -54.88
N GLY F 147 -42.52 59.11 -53.71
CA GLY F 147 -43.22 59.87 -52.69
C GLY F 147 -44.32 59.11 -51.97
N LYS F 148 -44.45 57.81 -52.23
CA LYS F 148 -45.49 57.02 -51.59
C LYS F 148 -44.89 56.05 -50.60
N GLY F 149 -45.60 55.85 -49.48
CA GLY F 149 -45.13 54.94 -48.45
C GLY F 149 -44.06 55.57 -47.58
N VAL F 150 -43.54 54.82 -46.61
CA VAL F 150 -42.51 55.34 -45.73
C VAL F 150 -41.12 55.05 -46.26
N ASP F 151 -40.31 56.10 -46.42
CA ASP F 151 -38.94 55.91 -46.90
C ASP F 151 -38.04 55.69 -45.69
N GLN F 152 -37.97 54.44 -45.25
CA GLN F 152 -37.17 54.09 -44.08
C GLN F 152 -35.69 54.40 -44.24
N LEU F 153 -35.17 54.16 -45.44
CA LEU F 153 -33.74 54.39 -45.66
C LEU F 153 -33.33 55.83 -45.47
N GLN F 154 -34.05 56.75 -46.11
CA GLN F 154 -33.71 58.16 -45.97
C GLN F 154 -33.92 58.61 -44.53
N ARG F 155 -34.92 58.06 -43.85
CA ARG F 155 -35.17 58.42 -42.46
C ARG F 155 -33.98 58.00 -41.61
N VAL F 156 -33.41 56.83 -41.92
CA VAL F 156 -32.23 56.35 -41.20
C VAL F 156 -31.07 57.33 -41.39
N ILE F 157 -30.89 57.80 -42.62
CA ILE F 157 -29.82 58.74 -42.93
C ILE F 157 -30.01 60.05 -42.15
N ASP F 158 -31.22 60.60 -42.22
CA ASP F 158 -31.55 61.85 -41.54
C ASP F 158 -31.37 61.73 -40.03
N THR F 159 -31.77 60.60 -39.47
CA THR F 159 -31.67 60.39 -38.03
C THR F 159 -30.24 60.26 -37.55
N ILE F 160 -29.40 59.58 -38.34
CA ILE F 160 -28.01 59.41 -37.97
C ILE F 160 -27.31 60.79 -37.94
N LYS F 161 -27.66 61.64 -38.89
CA LYS F 161 -27.08 62.97 -38.99
C LYS F 161 -27.60 63.99 -37.97
N ASN F 162 -28.90 63.97 -37.69
CA ASN F 162 -29.49 64.95 -36.79
C ASN F 162 -29.89 64.50 -35.39
N ASN F 163 -29.99 63.20 -35.15
CA ASN F 163 -30.33 62.70 -33.84
C ASN F 163 -29.80 61.28 -33.69
N PRO F 164 -28.46 61.14 -33.73
CA PRO F 164 -27.72 59.87 -33.62
C PRO F 164 -28.03 58.97 -32.44
N THR F 165 -28.40 59.54 -31.29
CA THR F 165 -28.69 58.71 -30.13
C THR F 165 -30.10 58.13 -30.16
N ASP F 166 -30.84 58.45 -31.21
CA ASP F 166 -32.20 57.90 -31.36
C ASP F 166 -32.09 56.36 -31.27
N ARG F 167 -33.11 55.70 -30.74
CA ARG F 167 -33.08 54.24 -30.60
C ARG F 167 -34.01 53.52 -31.58
N ARG F 168 -34.48 54.23 -32.59
CA ARG F 168 -35.40 53.64 -33.56
C ARG F 168 -34.82 53.68 -34.97
N ILE F 169 -33.51 53.65 -35.11
CA ILE F 169 -32.88 53.70 -36.43
C ILE F 169 -32.98 52.31 -37.04
N ILE F 170 -34.16 51.99 -37.56
CA ILE F 170 -34.47 50.67 -38.09
C ILE F 170 -34.78 50.69 -39.59
N LEU F 171 -34.33 49.65 -40.27
CA LEU F 171 -34.57 49.48 -41.70
C LEU F 171 -35.15 48.07 -41.80
N SER F 172 -36.43 47.95 -42.16
CA SER F 172 -37.06 46.63 -42.22
C SER F 172 -37.85 46.37 -43.51
N ALA F 173 -37.80 45.13 -43.95
CA ALA F 173 -38.51 44.73 -45.16
C ALA F 173 -39.66 43.80 -44.81
N TRP F 174 -39.76 43.42 -43.55
CA TRP F 174 -40.83 42.53 -43.12
C TRP F 174 -42.19 43.25 -43.11
N ASN F 175 -43.14 42.73 -43.87
CA ASN F 175 -44.48 43.31 -43.97
C ASN F 175 -45.49 42.18 -44.08
N PRO F 176 -46.05 41.77 -42.93
CA PRO F 176 -47.04 40.68 -42.87
C PRO F 176 -48.18 40.82 -43.88
N LYS F 177 -48.59 42.05 -44.15
CA LYS F 177 -49.67 42.27 -45.11
C LYS F 177 -49.27 41.97 -46.56
N ASP F 178 -48.05 42.38 -46.93
CA ASP F 178 -47.55 42.18 -48.29
C ASP F 178 -46.92 40.83 -48.61
N LEU F 179 -46.61 40.04 -47.59
CA LEU F 179 -45.98 38.73 -47.77
C LEU F 179 -46.53 37.88 -48.92
N PRO F 180 -47.84 37.66 -48.96
CA PRO F 180 -48.38 36.84 -50.05
C PRO F 180 -48.14 37.37 -51.46
N LEU F 181 -47.80 38.65 -51.57
CA LEU F 181 -47.56 39.26 -52.88
C LEU F 181 -46.10 39.08 -53.28
N MET F 182 -45.30 38.58 -52.33
CA MET F 182 -43.88 38.41 -52.55
C MET F 182 -43.49 37.04 -53.08
N ALA F 183 -42.61 37.02 -54.09
CA ALA F 183 -42.19 35.75 -54.64
C ALA F 183 -41.51 34.95 -53.52
N LEU F 184 -40.88 35.67 -52.61
CA LEU F 184 -40.20 35.05 -51.47
C LEU F 184 -40.20 36.06 -50.32
N PRO F 185 -40.49 35.61 -49.09
CA PRO F 185 -40.50 36.53 -47.94
C PRO F 185 -39.06 36.94 -47.62
N PRO F 186 -38.86 38.15 -47.10
CA PRO F 186 -37.52 38.64 -46.76
C PRO F 186 -36.74 37.69 -45.85
N CYS F 187 -35.47 37.45 -46.18
CA CYS F 187 -34.61 36.59 -45.36
C CYS F 187 -33.95 37.52 -44.34
N HIS F 188 -33.31 38.57 -44.83
CA HIS F 188 -32.73 39.57 -43.94
C HIS F 188 -33.93 40.48 -43.73
N MET F 189 -34.66 40.27 -42.63
CA MET F 189 -35.87 41.02 -42.39
C MET F 189 -35.74 42.42 -41.83
N PHE F 190 -34.61 42.73 -41.22
CA PHE F 190 -34.41 44.08 -40.72
C PHE F 190 -33.03 44.25 -40.10
N CYS F 191 -32.65 45.50 -39.92
CA CYS F 191 -31.38 45.81 -39.30
C CYS F 191 -31.55 47.07 -38.49
N GLN F 192 -30.65 47.27 -37.53
CA GLN F 192 -30.67 48.44 -36.67
C GLN F 192 -29.28 49.07 -36.68
N PHE F 193 -29.26 50.40 -36.83
CA PHE F 193 -28.00 51.13 -36.80
C PHE F 193 -27.81 51.79 -35.45
N PHE F 194 -26.55 51.96 -35.06
CA PHE F 194 -26.19 52.57 -33.80
C PHE F 194 -25.01 53.51 -34.04
N VAL F 195 -25.06 54.67 -33.42
CA VAL F 195 -24.00 55.67 -33.59
C VAL F 195 -23.33 55.98 -32.26
N SER F 196 -22.03 55.77 -32.18
CA SER F 196 -21.30 56.09 -30.95
C SER F 196 -20.82 57.53 -31.11
N LEU F 197 -21.05 58.34 -30.10
CA LEU F 197 -20.63 59.73 -30.12
C LEU F 197 -19.12 59.83 -29.94
N PRO F 198 -18.49 60.90 -30.47
CA PRO F 198 -17.05 61.13 -30.36
C PRO F 198 -16.62 61.18 -28.89
N PRO F 199 -15.56 60.46 -28.52
CA PRO F 199 -15.07 60.44 -27.13
C PRO F 199 -14.73 61.87 -26.69
N ALA F 200 -14.82 62.14 -25.40
CA ALA F 200 -14.54 63.49 -24.89
C ALA F 200 -13.16 63.99 -25.32
N ASP F 201 -12.16 63.13 -25.15
CA ASP F 201 -10.77 63.45 -25.49
C ASP F 201 -10.47 63.44 -26.98
N SER F 202 -11.39 63.99 -27.78
CA SER F 202 -11.25 64.05 -29.24
C SER F 202 -12.62 64.26 -29.86
N PRO F 203 -13.30 65.37 -29.52
CA PRO F 203 -14.62 65.62 -30.08
C PRO F 203 -14.64 65.91 -31.58
N GLY F 204 -13.45 65.96 -32.19
CA GLY F 204 -13.38 66.23 -33.61
C GLY F 204 -13.55 64.98 -34.45
N SER F 205 -13.31 63.82 -33.84
CA SER F 205 -13.44 62.54 -34.52
C SER F 205 -14.84 62.29 -35.06
N LYS F 206 -14.93 61.42 -36.05
CA LYS F 206 -16.23 61.09 -36.63
C LYS F 206 -16.95 60.07 -35.76
N PRO F 207 -18.28 60.20 -35.63
CA PRO F 207 -19.02 59.24 -34.80
C PRO F 207 -18.86 57.86 -35.45
N LYS F 208 -18.91 56.81 -34.66
CA LYS F 208 -18.78 55.47 -35.22
C LYS F 208 -20.16 54.84 -35.50
N LEU F 209 -20.28 54.23 -36.68
CA LEU F 209 -21.54 53.61 -37.09
C LEU F 209 -21.48 52.09 -37.07
N SER F 210 -22.46 51.48 -36.43
CA SER F 210 -22.56 50.03 -36.35
C SER F 210 -23.92 49.59 -36.89
N CYS F 211 -23.99 48.31 -37.26
CA CYS F 211 -25.21 47.75 -37.82
C CYS F 211 -25.42 46.31 -37.36
N LEU F 212 -26.64 46.03 -36.89
CA LEU F 212 -27.00 44.68 -36.47
C LEU F 212 -28.15 44.27 -37.39
N MET F 213 -28.00 43.13 -38.07
CA MET F 213 -29.02 42.64 -38.97
C MET F 213 -29.47 41.28 -38.50
N TYR F 214 -30.77 41.05 -38.58
CA TYR F 214 -31.33 39.77 -38.17
C TYR F 214 -31.87 39.05 -39.40
N GLN F 215 -31.43 37.82 -39.60
CA GLN F 215 -31.83 37.01 -40.75
C GLN F 215 -32.59 35.80 -40.22
N ARG F 216 -33.86 35.69 -40.59
CA ARG F 216 -34.72 34.59 -40.12
C ARG F 216 -34.35 33.21 -40.66
N SER F 217 -33.85 33.18 -41.90
CA SER F 217 -33.51 31.94 -42.59
C SER F 217 -32.16 32.18 -43.28
N CYS F 218 -31.19 31.31 -43.05
CA CYS F 218 -29.87 31.52 -43.59
C CYS F 218 -29.26 30.32 -44.31
N ASP F 219 -29.08 30.49 -45.61
CA ASP F 219 -28.48 29.45 -46.43
C ASP F 219 -26.99 29.76 -46.28
N LEU F 220 -26.32 29.05 -45.38
CA LEU F 220 -24.91 29.32 -45.17
C LEU F 220 -24.00 29.18 -46.40
N GLY F 221 -24.26 28.17 -47.21
CA GLY F 221 -23.44 27.97 -48.40
C GLY F 221 -23.54 29.12 -49.39
N LEU F 222 -24.76 29.45 -49.82
CA LEU F 222 -24.95 30.50 -50.83
C LEU F 222 -25.36 31.86 -50.38
N GLY F 223 -26.33 31.93 -49.47
CA GLY F 223 -26.79 33.23 -49.02
C GLY F 223 -25.94 34.07 -48.08
N VAL F 224 -25.58 33.48 -46.95
CA VAL F 224 -24.81 34.18 -45.94
C VAL F 224 -23.61 34.95 -46.46
N PRO F 225 -22.83 34.37 -47.41
CA PRO F 225 -21.67 35.12 -47.91
C PRO F 225 -22.13 36.44 -48.53
N PHE F 226 -23.26 36.41 -49.22
CA PHE F 226 -23.79 37.64 -49.83
C PHE F 226 -24.34 38.57 -48.76
N ASN F 227 -25.13 38.02 -47.82
CA ASN F 227 -25.70 38.84 -46.75
C ASN F 227 -24.66 39.59 -45.96
N ILE F 228 -23.58 38.91 -45.62
CA ILE F 228 -22.52 39.56 -44.84
C ILE F 228 -21.90 40.72 -45.59
N ALA F 229 -21.53 40.50 -46.85
CA ALA F 229 -20.90 41.55 -47.64
C ALA F 229 -21.90 42.67 -47.94
N SER F 230 -23.13 42.29 -48.23
CA SER F 230 -24.16 43.28 -48.54
C SER F 230 -24.37 44.29 -47.39
N TYR F 231 -24.64 43.80 -46.19
CA TYR F 231 -24.86 44.75 -45.10
C TYR F 231 -23.64 45.52 -44.71
N ALA F 232 -22.47 44.91 -44.85
CA ALA F 232 -21.23 45.60 -44.56
C ALA F 232 -21.12 46.75 -45.56
N LEU F 233 -21.42 46.47 -46.83
CA LEU F 233 -21.36 47.53 -47.86
C LEU F 233 -22.39 48.62 -47.59
N LEU F 234 -23.60 48.23 -47.20
CA LEU F 234 -24.63 49.21 -46.91
C LEU F 234 -24.15 50.15 -45.81
N THR F 235 -23.54 49.59 -44.77
CA THR F 235 -23.04 50.40 -43.66
C THR F 235 -21.95 51.37 -44.13
N HIS F 236 -21.06 50.89 -45.01
CA HIS F 236 -20.02 51.77 -45.54
C HIS F 236 -20.70 52.91 -46.33
N MET F 237 -21.69 52.57 -47.14
CA MET F 237 -22.42 53.59 -47.94
C MET F 237 -23.05 54.64 -47.05
N ILE F 238 -23.80 54.18 -46.05
CA ILE F 238 -24.47 55.10 -45.16
C ILE F 238 -23.45 55.96 -44.40
N ALA F 239 -22.33 55.35 -44.03
CA ALA F 239 -21.30 56.09 -43.31
C ALA F 239 -20.78 57.25 -44.13
N LEU F 240 -20.62 57.03 -45.43
CA LEU F 240 -20.12 58.08 -46.31
C LEU F 240 -21.09 59.24 -46.38
N ILE F 241 -22.36 58.94 -46.57
CA ILE F 241 -23.39 59.98 -46.67
C ILE F 241 -23.65 60.72 -45.35
N THR F 242 -23.41 60.06 -44.22
CA THR F 242 -23.69 60.68 -42.93
C THR F 242 -22.46 61.22 -42.19
N ASP F 243 -21.31 61.20 -42.87
CA ASP F 243 -20.09 61.65 -42.25
C ASP F 243 -19.74 60.87 -40.97
N THR F 244 -19.99 59.56 -40.99
CA THR F 244 -19.64 58.73 -39.83
C THR F 244 -18.59 57.71 -40.25
N GLU F 245 -18.01 57.02 -39.28
CA GLU F 245 -16.98 56.04 -39.55
C GLU F 245 -17.51 54.63 -39.31
N PRO F 246 -17.49 53.78 -40.34
CA PRO F 246 -17.99 52.41 -40.15
C PRO F 246 -17.24 51.72 -39.03
N HIS F 247 -17.96 51.06 -38.14
CA HIS F 247 -17.30 50.41 -37.01
C HIS F 247 -17.48 48.91 -36.92
N GLU F 248 -18.72 48.46 -36.76
CA GLU F 248 -18.97 47.03 -36.61
C GLU F 248 -20.27 46.57 -37.25
N PHE F 249 -20.28 45.33 -37.73
CA PHE F 249 -21.48 44.74 -38.34
C PHE F 249 -21.73 43.46 -37.58
N ILE F 250 -22.96 43.32 -37.07
CA ILE F 250 -23.34 42.13 -36.31
C ILE F 250 -24.46 41.43 -37.05
N LEU F 251 -24.36 40.11 -37.15
CA LEU F 251 -25.38 39.32 -37.84
C LEU F 251 -25.96 38.24 -36.95
N GLN F 252 -27.26 38.35 -36.64
CA GLN F 252 -27.91 37.34 -35.81
C GLN F 252 -28.79 36.47 -36.70
N MET F 253 -28.64 35.16 -36.57
CA MET F 253 -29.39 34.24 -37.38
C MET F 253 -30.52 33.55 -36.63
N GLY F 254 -31.55 33.19 -37.37
CA GLY F 254 -32.68 32.45 -36.82
C GLY F 254 -32.44 31.01 -37.22
N ASP F 255 -33.11 30.57 -38.29
CA ASP F 255 -32.93 29.21 -38.80
C ASP F 255 -31.64 29.18 -39.65
N ALA F 256 -30.54 28.73 -39.04
CA ALA F 256 -29.24 28.64 -39.70
C ALA F 256 -29.08 27.23 -40.25
N HIS F 257 -29.00 27.11 -41.57
CA HIS F 257 -28.92 25.80 -42.19
C HIS F 257 -27.94 25.60 -43.36
N VAL F 258 -27.63 24.35 -43.61
CA VAL F 258 -26.76 23.95 -44.70
C VAL F 258 -27.56 22.96 -45.53
N TYR F 259 -27.82 23.30 -46.80
CA TYR F 259 -28.57 22.38 -47.65
C TYR F 259 -27.84 21.08 -47.86
N ARG F 260 -28.59 19.99 -47.99
CA ARG F 260 -28.02 18.65 -48.16
C ARG F 260 -27.02 18.57 -49.28
N ASP F 261 -27.32 19.23 -50.41
CA ASP F 261 -26.40 19.18 -51.54
C ASP F 261 -25.26 20.18 -51.44
N HIS F 262 -25.11 20.83 -50.28
CA HIS F 262 -24.02 21.76 -50.07
C HIS F 262 -22.96 21.18 -49.11
N VAL F 263 -23.32 20.14 -48.38
CA VAL F 263 -22.40 19.53 -47.41
C VAL F 263 -21.02 19.18 -47.98
N GLU F 264 -20.99 18.37 -49.04
CA GLU F 264 -19.70 18.00 -49.64
C GLU F 264 -18.93 19.18 -50.21
N PRO F 265 -19.60 20.09 -50.93
CA PRO F 265 -18.85 21.24 -51.47
C PRO F 265 -18.23 22.08 -50.35
N LEU F 266 -18.98 22.27 -49.27
CA LEU F 266 -18.48 23.06 -48.15
C LEU F 266 -17.30 22.40 -47.42
N LYS F 267 -17.28 21.07 -47.38
CA LYS F 267 -16.16 20.37 -46.73
C LYS F 267 -14.86 20.76 -47.39
N THR F 268 -14.90 20.99 -48.71
CA THR F 268 -13.72 21.41 -49.44
C THR F 268 -13.33 22.80 -49.00
N GLN F 269 -14.32 23.66 -48.79
CA GLN F 269 -14.03 25.03 -48.36
C GLN F 269 -13.46 25.07 -46.93
N LEU F 270 -13.97 24.19 -46.08
CA LEU F 270 -13.53 24.13 -44.67
C LEU F 270 -12.02 23.86 -44.51
N GLU F 271 -11.42 23.29 -45.54
CA GLU F 271 -9.99 22.97 -45.52
C GLU F 271 -9.11 24.17 -45.80
N ARG F 272 -9.71 25.25 -46.29
CA ARG F 272 -8.94 26.45 -46.65
C ARG F 272 -8.73 27.47 -45.56
N GLU F 273 -7.54 28.05 -45.55
CA GLU F 273 -7.18 29.07 -44.58
C GLU F 273 -7.53 30.44 -45.17
N PRO F 274 -8.27 31.26 -44.41
CA PRO F 274 -8.68 32.59 -44.86
C PRO F 274 -7.50 33.52 -45.15
N ARG F 275 -7.71 34.44 -46.08
CA ARG F 275 -6.72 35.46 -46.41
C ARG F 275 -7.26 36.73 -45.75
N ASP F 276 -6.40 37.69 -45.48
CA ASP F 276 -6.87 38.94 -44.87
C ASP F 276 -7.97 39.55 -45.74
N PHE F 277 -9.00 40.10 -45.09
CA PHE F 277 -10.12 40.69 -45.82
C PHE F 277 -9.63 41.88 -46.62
N PRO F 278 -10.33 42.17 -47.74
CA PRO F 278 -9.97 43.29 -48.61
C PRO F 278 -10.43 44.61 -48.00
N LYS F 279 -10.09 45.71 -48.65
CA LYS F 279 -10.50 47.01 -48.16
C LYS F 279 -11.36 47.71 -49.22
N LEU F 280 -12.25 48.57 -48.77
CA LEU F 280 -13.13 49.30 -49.65
C LEU F 280 -12.73 50.75 -49.77
N LYS F 281 -12.72 51.26 -51.00
CA LYS F 281 -12.39 52.67 -51.25
C LYS F 281 -13.44 53.20 -52.22
N TRP F 282 -13.68 54.50 -52.20
CA TRP F 282 -14.66 55.09 -53.11
C TRP F 282 -13.97 55.73 -54.33
N ALA F 283 -14.52 55.51 -55.51
CA ALA F 283 -13.97 56.07 -56.74
C ALA F 283 -14.34 57.53 -56.87
N ARG F 284 -15.30 57.97 -56.06
CA ARG F 284 -15.75 59.38 -56.10
C ARG F 284 -15.90 59.93 -54.69
N SER F 285 -16.11 61.24 -54.58
CA SER F 285 -16.27 61.86 -53.27
C SER F 285 -17.72 61.89 -52.80
N LYS F 286 -17.91 62.21 -51.53
CA LYS F 286 -19.23 62.29 -50.94
C LYS F 286 -20.07 63.27 -51.73
N GLU F 287 -19.47 64.42 -52.05
CA GLU F 287 -20.17 65.46 -52.79
C GLU F 287 -20.59 64.99 -54.16
N GLU F 288 -19.71 64.27 -54.85
CA GLU F 288 -20.03 63.78 -56.19
C GLU F 288 -21.17 62.75 -56.13
N ILE F 289 -21.07 61.81 -55.19
CA ILE F 289 -22.11 60.80 -55.04
C ILE F 289 -23.40 61.48 -54.62
N GLY F 290 -23.29 62.48 -53.73
CA GLY F 290 -24.45 63.22 -53.29
C GLY F 290 -25.26 62.63 -52.15
N ASP F 291 -26.05 61.60 -52.43
CA ASP F 291 -26.85 60.97 -51.39
C ASP F 291 -26.88 59.45 -51.58
N ILE F 292 -27.68 58.77 -50.77
CA ILE F 292 -27.76 57.30 -50.82
C ILE F 292 -28.23 56.78 -52.17
N ASP F 293 -28.86 57.63 -52.96
CA ASP F 293 -29.34 57.19 -54.27
C ASP F 293 -28.37 57.51 -55.39
N GLY F 294 -27.20 58.05 -55.06
CA GLY F 294 -26.25 58.40 -56.10
C GLY F 294 -25.10 57.44 -56.34
N PHE F 295 -25.10 56.28 -55.68
CA PHE F 295 -24.01 55.32 -55.88
C PHE F 295 -24.13 54.53 -57.18
N LYS F 296 -22.97 54.15 -57.71
CA LYS F 296 -22.89 53.36 -58.94
C LYS F 296 -21.95 52.19 -58.67
N VAL F 297 -22.13 51.10 -59.39
CA VAL F 297 -21.27 49.93 -59.19
C VAL F 297 -19.78 50.30 -59.23
N GLU F 298 -19.39 51.09 -60.24
CA GLU F 298 -17.99 51.51 -60.39
C GLU F 298 -17.46 52.38 -59.25
N ASP F 299 -18.33 52.80 -58.33
CA ASP F 299 -17.86 53.63 -57.21
C ASP F 299 -17.15 52.77 -56.16
N PHE F 300 -17.49 51.48 -56.15
CA PHE F 300 -16.94 50.53 -55.18
C PHE F 300 -15.59 49.96 -55.62
N VAL F 301 -14.52 50.48 -55.03
CA VAL F 301 -13.18 50.02 -55.37
C VAL F 301 -12.68 49.10 -54.26
N VAL F 302 -12.76 47.80 -54.49
CA VAL F 302 -12.32 46.80 -53.53
C VAL F 302 -10.88 46.37 -53.85
N GLU F 303 -9.96 46.66 -52.94
CA GLU F 303 -8.57 46.30 -53.17
C GLU F 303 -8.05 45.25 -52.20
N GLY F 304 -7.15 44.41 -52.68
CA GLY F 304 -6.58 43.36 -51.84
C GLY F 304 -7.42 42.11 -51.68
N TYR F 305 -8.40 41.92 -52.54
CA TYR F 305 -9.24 40.73 -52.44
C TYR F 305 -8.45 39.55 -53.04
N LYS F 306 -8.12 38.58 -52.20
CA LYS F 306 -7.35 37.42 -52.62
C LYS F 306 -8.00 36.12 -52.16
N PRO F 307 -9.09 35.73 -52.82
CA PRO F 307 -9.80 34.49 -52.46
C PRO F 307 -9.25 33.23 -53.09
N TRP F 308 -9.67 32.10 -52.53
CA TRP F 308 -9.32 30.81 -53.08
C TRP F 308 -10.31 30.60 -54.25
N GLY F 309 -10.28 29.42 -54.85
CA GLY F 309 -11.12 29.15 -55.99
C GLY F 309 -12.62 29.13 -55.68
N LYS F 310 -13.42 29.24 -56.73
CA LYS F 310 -14.86 29.21 -56.57
C LYS F 310 -15.28 27.81 -56.17
N ILE F 311 -16.42 27.73 -55.49
CA ILE F 311 -16.99 26.46 -55.08
C ILE F 311 -18.41 26.41 -55.60
N ASP F 312 -18.70 25.48 -56.50
CA ASP F 312 -20.02 25.35 -57.07
C ASP F 312 -21.05 24.80 -56.10
N MET F 313 -22.18 25.50 -56.00
CA MET F 313 -23.28 25.09 -55.13
C MET F 313 -24.58 25.47 -55.80
N LYS F 314 -25.48 24.50 -55.92
CA LYS F 314 -26.77 24.74 -56.55
C LYS F 314 -27.74 25.39 -55.58
N MET F 315 -28.51 26.35 -56.07
CA MET F 315 -29.49 27.03 -55.22
C MET F 315 -30.81 26.28 -55.32
N SER F 316 -31.45 26.07 -54.18
CA SER F 316 -32.75 25.38 -54.16
C SER F 316 -33.84 26.43 -54.20
N ALA F 317 -34.64 26.41 -55.28
CA ALA F 317 -35.74 27.37 -55.48
C ALA F 317 -36.89 27.17 -54.50
N ARG G 13 -9.27 -23.83 66.67
CA ARG G 13 -7.93 -23.52 67.23
C ARG G 13 -8.09 -23.18 68.71
N SER G 14 -7.33 -23.85 69.57
CA SER G 14 -7.40 -23.58 71.00
C SER G 14 -6.78 -22.24 71.33
N ASN G 15 -5.73 -21.87 70.59
CA ASN G 15 -5.08 -20.58 70.80
C ASN G 15 -4.97 -19.97 69.41
N PRO G 16 -6.02 -19.29 68.97
CA PRO G 16 -6.10 -18.65 67.65
C PRO G 16 -5.07 -17.56 67.43
N ASP G 17 -4.55 -16.99 68.51
CA ASP G 17 -3.59 -15.90 68.39
C ASP G 17 -2.14 -16.34 68.30
N HIS G 18 -1.89 -17.65 68.28
CA HIS G 18 -0.52 -18.14 68.19
C HIS G 18 0.09 -17.62 66.89
N GLU G 19 1.24 -16.96 67.00
CA GLU G 19 1.92 -16.38 65.85
C GLU G 19 2.23 -17.34 64.74
N GLU G 20 2.35 -18.64 65.05
CA GLU G 20 2.68 -19.62 64.01
C GLU G 20 1.58 -19.76 62.98
N TYR G 21 0.34 -19.41 63.36
CA TYR G 21 -0.75 -19.49 62.39
C TYR G 21 -0.54 -18.57 61.20
N GLN G 22 0.29 -17.54 61.36
CA GLN G 22 0.59 -16.64 60.24
C GLN G 22 1.26 -17.46 59.16
N TYR G 23 2.21 -18.30 59.57
CA TYR G 23 2.95 -19.15 58.64
C TYR G 23 2.04 -20.23 58.03
N LEU G 24 1.29 -20.93 58.87
CA LEU G 24 0.37 -21.96 58.40
C LEU G 24 -0.71 -21.40 57.47
N ASP G 25 -1.29 -20.27 57.85
CA ASP G 25 -2.36 -19.65 57.03
C ASP G 25 -1.84 -19.21 55.66
N LEU G 26 -0.61 -18.70 55.60
CA LEU G 26 -0.08 -18.25 54.31
C LEU G 26 0.12 -19.42 53.38
N ILE G 27 0.61 -20.53 53.93
CA ILE G 27 0.83 -21.72 53.12
C ILE G 27 -0.51 -22.22 52.57
N ARG G 28 -1.51 -22.23 53.44
CA ARG G 28 -2.84 -22.67 53.03
C ARG G 28 -3.36 -21.77 51.90
N ARG G 29 -3.15 -20.46 52.05
CA ARG G 29 -3.61 -19.52 51.04
C ARG G 29 -2.87 -19.72 49.71
N ILE G 30 -1.55 -19.87 49.78
CA ILE G 30 -0.78 -20.08 48.55
C ILE G 30 -1.24 -21.34 47.81
N ILE G 31 -1.44 -22.42 48.56
CA ILE G 31 -1.89 -23.65 47.94
C ILE G 31 -3.27 -23.45 47.32
N ASN G 32 -4.15 -22.75 48.02
CA ASN G 32 -5.52 -22.51 47.55
C ASN G 32 -5.67 -21.56 46.36
N VAL G 33 -5.15 -20.34 46.49
CA VAL G 33 -5.28 -19.35 45.43
C VAL G 33 -3.97 -18.90 44.78
N GLY G 34 -2.86 -19.55 45.13
CA GLY G 34 -1.58 -19.18 44.53
C GLY G 34 -1.55 -19.48 43.04
N GLU G 35 -0.64 -18.82 42.33
CA GLU G 35 -0.50 -19.00 40.90
C GLU G 35 0.58 -20.05 40.58
N VAL G 36 0.25 -21.02 39.71
CA VAL G 36 1.18 -22.06 39.33
C VAL G 36 2.18 -21.46 38.38
N ARG G 37 3.47 -21.59 38.69
CA ARG G 37 4.50 -20.97 37.86
C ARG G 37 5.74 -21.82 37.67
N PRO G 38 6.45 -21.58 36.55
CA PRO G 38 7.68 -22.28 36.22
C PRO G 38 8.73 -21.54 37.05
N ASP G 39 9.90 -22.12 37.25
CA ASP G 39 10.94 -21.44 38.00
C ASP G 39 12.31 -21.90 37.60
N ARG G 40 13.31 -21.24 38.14
CA ARG G 40 14.70 -21.55 37.88
C ARG G 40 15.08 -23.01 38.10
N THR G 41 14.61 -23.60 39.20
CA THR G 41 14.95 -24.98 39.55
C THR G 41 14.33 -26.03 38.63
N GLY G 42 13.21 -25.70 38.01
CA GLY G 42 12.56 -26.63 37.13
C GLY G 42 11.51 -27.49 37.80
N THR G 43 11.35 -27.38 39.13
CA THR G 43 10.35 -28.20 39.79
C THR G 43 8.99 -27.53 39.76
N GLY G 44 8.99 -26.21 39.67
CA GLY G 44 7.72 -25.48 39.62
C GLY G 44 7.21 -25.10 41.02
N THR G 45 6.40 -24.05 41.10
CA THR G 45 5.87 -23.62 42.38
C THR G 45 4.48 -23.05 42.22
N VAL G 46 3.87 -22.72 43.35
CA VAL G 46 2.58 -22.03 43.40
C VAL G 46 2.97 -20.81 44.24
N ALA G 47 2.64 -19.61 43.78
CA ALA G 47 3.06 -18.40 44.49
C ALA G 47 2.12 -17.21 44.53
N LEU G 48 2.39 -16.33 45.49
CA LEU G 48 1.69 -15.07 45.69
C LEU G 48 2.78 -14.03 45.88
N PHE G 49 2.54 -12.81 45.39
CA PHE G 49 3.53 -11.73 45.54
C PHE G 49 3.17 -10.76 46.65
N ALA G 50 4.17 -10.39 47.43
CA ALA G 50 4.00 -9.40 48.49
C ALA G 50 2.81 -9.60 49.43
N PRO G 51 2.69 -10.78 50.06
CA PRO G 51 1.55 -10.98 50.96
C PRO G 51 1.80 -10.20 52.24
N PRO G 52 0.77 -10.04 53.09
CA PRO G 52 0.97 -9.30 54.34
C PRO G 52 2.19 -9.83 55.08
N SER G 53 2.94 -8.95 55.73
CA SER G 53 4.14 -9.34 56.44
C SER G 53 3.87 -10.13 57.73
N PHE G 54 4.88 -10.86 58.21
CA PHE G 54 4.74 -11.64 59.45
C PHE G 54 5.31 -10.82 60.59
N ARG G 55 4.71 -10.92 61.76
CA ARG G 55 5.21 -10.19 62.92
C ARG G 55 5.36 -11.19 64.06
N PHE G 56 6.52 -11.20 64.70
CA PHE G 56 6.78 -12.12 65.80
C PHE G 56 7.32 -11.35 66.99
N SER G 57 6.74 -11.60 68.16
CA SER G 57 7.21 -10.94 69.36
C SER G 57 8.48 -11.63 69.86
N LEU G 58 9.48 -10.83 70.25
CA LEU G 58 10.73 -11.38 70.78
C LEU G 58 10.86 -11.04 72.26
N ALA G 59 9.77 -10.53 72.84
CA ALA G 59 9.77 -10.17 74.26
C ALA G 59 9.80 -11.42 75.13
N ASP G 60 10.19 -11.25 76.38
CA ASP G 60 10.28 -12.36 77.33
C ASP G 60 11.14 -13.51 76.82
N ASN G 61 12.26 -13.18 76.18
CA ASN G 61 13.19 -14.17 75.65
C ASN G 61 12.57 -15.16 74.67
N THR G 62 11.47 -14.79 74.03
CA THR G 62 10.82 -15.69 73.08
C THR G 62 11.58 -15.85 71.76
N LEU G 63 11.63 -17.09 71.27
CA LEU G 63 12.27 -17.43 70.01
C LEU G 63 11.24 -18.09 69.13
N PRO G 64 10.88 -17.44 68.01
CA PRO G 64 9.88 -17.99 67.09
C PRO G 64 10.39 -19.16 66.26
N LEU G 65 10.68 -20.27 66.94
CA LEU G 65 11.15 -21.49 66.26
C LEU G 65 9.90 -22.34 66.03
N LEU G 66 9.51 -22.51 64.78
CA LEU G 66 8.29 -23.24 64.44
C LEU G 66 8.17 -24.58 65.17
N THR G 67 6.95 -24.87 65.63
CA THR G 67 6.68 -26.10 66.36
C THR G 67 5.85 -27.14 65.60
N THR G 68 5.24 -26.78 64.47
CA THR G 68 4.44 -27.72 63.73
C THR G 68 5.28 -28.74 62.98
N LYS G 69 6.60 -28.62 63.10
CA LYS G 69 7.54 -29.57 62.53
C LYS G 69 8.85 -29.36 63.26
N ARG G 70 9.68 -30.39 63.34
CA ARG G 70 10.96 -30.25 64.02
C ARG G 70 11.92 -29.47 63.11
N VAL G 71 12.37 -28.33 63.60
CA VAL G 71 13.30 -27.48 62.83
C VAL G 71 14.73 -27.74 63.29
N PHE G 72 15.64 -27.90 62.34
CA PHE G 72 17.06 -28.15 62.64
C PHE G 72 17.68 -26.91 63.27
N LEU G 73 17.40 -26.69 64.56
CA LEU G 73 17.92 -25.52 65.29
C LEU G 73 19.43 -25.33 65.16
N ARG G 74 20.19 -26.38 65.44
CA ARG G 74 21.64 -26.30 65.36
C ARG G 74 22.10 -25.80 63.99
N GLY G 75 21.41 -26.21 62.95
CA GLY G 75 21.75 -25.79 61.62
C GLY G 75 21.50 -24.30 61.43
N VAL G 76 20.42 -23.79 62.04
CA VAL G 76 20.09 -22.37 61.94
C VAL G 76 21.19 -21.54 62.62
N ILE G 77 21.54 -21.92 63.85
CA ILE G 77 22.56 -21.25 64.61
C ILE G 77 23.90 -21.30 63.87
N ALA G 78 24.29 -22.49 63.41
CA ALA G 78 25.57 -22.63 62.73
C ALA G 78 25.65 -21.71 61.50
N GLU G 79 24.59 -21.71 60.69
CA GLU G 79 24.57 -20.87 59.48
C GLU G 79 24.68 -19.38 59.87
N LEU G 80 23.99 -19.00 60.94
CA LEU G 80 24.01 -17.62 61.39
C LEU G 80 25.41 -17.15 61.85
N LEU G 81 26.08 -17.95 62.69
CA LEU G 81 27.41 -17.62 63.17
C LEU G 81 28.38 -17.62 62.01
N TRP G 82 28.05 -18.38 60.99
CA TRP G 82 28.85 -18.49 59.78
C TRP G 82 28.69 -17.15 59.01
N PHE G 83 27.47 -16.64 58.91
CA PHE G 83 27.23 -15.34 58.25
C PHE G 83 28.04 -14.26 58.97
N VAL G 84 27.84 -14.19 60.28
CA VAL G 84 28.51 -13.21 61.10
C VAL G 84 30.02 -13.21 60.93
N SER G 85 30.61 -14.39 60.83
CA SER G 85 32.06 -14.52 60.66
C SER G 85 32.51 -14.00 59.30
N GLY G 86 31.59 -13.78 58.37
CA GLY G 86 31.97 -13.28 57.05
C GLY G 86 32.48 -14.39 56.14
N CYS G 87 32.44 -15.63 56.64
CA CYS G 87 32.90 -16.79 55.86
C CYS G 87 31.94 -17.17 54.74
N THR G 88 32.48 -17.63 53.61
CA THR G 88 31.65 -18.02 52.48
C THR G 88 31.97 -19.45 52.00
N ASP G 89 32.64 -20.22 52.85
CA ASP G 89 33.01 -21.59 52.53
C ASP G 89 32.01 -22.54 53.18
N ALA G 90 31.18 -23.17 52.36
CA ALA G 90 30.18 -24.11 52.87
C ALA G 90 30.80 -25.29 53.64
N LYS G 91 32.07 -25.59 53.39
CA LYS G 91 32.69 -26.71 54.09
C LYS G 91 32.76 -26.42 55.59
N MET G 92 32.68 -25.15 55.96
CA MET G 92 32.74 -24.79 57.37
C MET G 92 31.43 -25.20 58.04
N LEU G 93 30.39 -25.44 57.23
CA LEU G 93 29.10 -25.86 57.79
C LEU G 93 29.02 -27.38 57.72
N SER G 94 29.39 -27.97 56.58
CA SER G 94 29.34 -29.43 56.43
C SER G 94 30.31 -30.13 57.38
N SER G 95 31.41 -29.48 57.71
CA SER G 95 32.37 -30.10 58.63
C SER G 95 31.78 -30.21 60.02
N GLN G 96 30.79 -29.40 60.33
CA GLN G 96 30.15 -29.48 61.64
C GLN G 96 28.78 -30.13 61.57
N GLY G 97 28.55 -30.88 60.50
CA GLY G 97 27.30 -31.59 60.34
C GLY G 97 26.10 -30.81 59.81
N VAL G 98 26.34 -29.70 59.12
CA VAL G 98 25.24 -28.89 58.59
C VAL G 98 25.43 -28.82 57.07
N GLY G 99 24.53 -29.47 56.33
CA GLY G 99 24.68 -29.50 54.89
C GLY G 99 23.71 -28.67 54.09
N ILE G 100 23.07 -27.69 54.71
CA ILE G 100 22.09 -26.90 53.99
C ILE G 100 22.61 -26.19 52.75
N TRP G 101 23.92 -25.93 52.71
CA TRP G 101 24.51 -25.26 51.56
C TRP G 101 25.30 -26.19 50.64
N ASP G 102 25.26 -27.50 50.91
CA ASP G 102 26.00 -28.47 50.11
C ASP G 102 25.45 -28.50 48.69
N GLY G 103 24.14 -28.38 48.57
CA GLY G 103 23.51 -28.39 47.26
C GLY G 103 23.97 -27.29 46.31
N ASN G 104 24.06 -26.05 46.77
CA ASN G 104 24.50 -24.97 45.89
C ASN G 104 26.00 -24.78 45.90
N GLY G 105 26.69 -25.51 46.76
CA GLY G 105 28.14 -25.40 46.81
C GLY G 105 28.84 -26.57 46.14
N SER G 106 28.07 -27.53 45.64
CA SER G 106 28.63 -28.72 44.99
C SER G 106 29.31 -28.30 43.68
N LYS G 107 30.30 -29.07 43.23
CA LYS G 107 30.98 -28.74 41.98
C LYS G 107 29.99 -28.68 40.79
N GLU G 108 29.06 -29.63 40.75
CA GLU G 108 28.09 -29.68 39.65
C GLU G 108 27.28 -28.40 39.58
N PHE G 109 26.83 -27.94 40.73
CA PHE G 109 26.04 -26.73 40.67
C PHE G 109 26.91 -25.54 40.29
N LEU G 110 28.07 -25.42 40.94
CA LEU G 110 28.98 -24.32 40.63
C LEU G 110 29.34 -24.30 39.14
N GLU G 111 29.73 -25.45 38.61
CA GLU G 111 30.10 -25.53 37.19
C GLU G 111 28.88 -25.19 36.34
N LYS G 112 27.71 -25.57 36.84
CA LYS G 112 26.45 -25.35 36.15
C LYS G 112 26.13 -23.86 35.99
N VAL G 113 26.48 -23.06 36.99
CA VAL G 113 26.24 -21.62 36.92
C VAL G 113 27.46 -20.81 36.45
N GLY G 114 28.41 -21.46 35.80
CA GLY G 114 29.59 -20.75 35.31
C GLY G 114 30.67 -20.44 36.32
N LEU G 115 30.69 -21.17 37.44
CA LEU G 115 31.71 -20.95 38.45
C LEU G 115 32.56 -22.20 38.65
N GLY G 116 32.92 -22.86 37.54
CA GLY G 116 33.72 -24.09 37.60
C GLY G 116 35.14 -23.93 38.08
N HIS G 117 35.65 -22.70 38.08
CA HIS G 117 36.99 -22.44 38.54
C HIS G 117 37.11 -22.46 40.05
N ARG G 118 35.99 -22.61 40.73
CA ARG G 118 36.01 -22.61 42.19
C ARG G 118 36.03 -23.98 42.79
N ARG G 119 36.66 -24.13 43.95
CA ARG G 119 36.67 -25.44 44.60
C ARG G 119 35.29 -25.63 45.19
N GLU G 120 34.89 -26.89 45.38
CA GLU G 120 33.58 -27.21 45.93
C GLU G 120 33.39 -26.53 47.28
N GLY G 121 32.22 -25.94 47.49
CA GLY G 121 31.93 -25.26 48.74
C GLY G 121 32.19 -23.77 48.75
N ASP G 122 32.94 -23.27 47.78
CA ASP G 122 33.25 -21.83 47.69
C ASP G 122 32.10 -21.16 46.97
N LEU G 123 31.14 -20.65 47.75
CA LEU G 123 29.94 -20.02 47.23
C LEU G 123 30.15 -18.63 46.61
N GLY G 124 31.28 -18.01 46.90
CA GLY G 124 31.48 -16.67 46.37
C GLY G 124 31.20 -15.62 47.44
N PRO G 125 31.12 -14.33 47.06
CA PRO G 125 30.86 -13.24 48.01
C PRO G 125 29.40 -13.13 48.46
N VAL G 126 28.89 -14.21 49.09
CA VAL G 126 27.50 -14.23 49.54
C VAL G 126 27.32 -13.59 50.92
N TYR G 127 26.11 -13.69 51.46
CA TYR G 127 25.72 -13.13 52.76
C TYR G 127 26.81 -12.57 53.67
N GLY G 128 27.45 -13.46 54.42
CA GLY G 128 28.49 -13.05 55.36
C GLY G 128 29.56 -12.12 54.82
N PHE G 129 30.00 -12.34 53.59
CA PHE G 129 31.04 -11.51 53.01
C PHE G 129 30.51 -10.08 52.82
N GLN G 130 29.30 -9.94 52.30
CA GLN G 130 28.70 -8.61 52.06
C GLN G 130 28.47 -7.89 53.40
N TRP G 131 27.97 -8.65 54.37
CA TRP G 131 27.70 -8.15 55.71
C TRP G 131 28.93 -7.52 56.38
N ARG G 132 30.09 -8.18 56.27
CA ARG G 132 31.29 -7.68 56.94
C ARG G 132 32.33 -7.02 56.03
N HIS G 133 32.23 -7.21 54.72
CA HIS G 133 33.23 -6.67 53.80
C HIS G 133 32.64 -6.09 52.51
N PHE G 134 31.45 -5.53 52.57
CA PHE G 134 30.80 -5.02 51.38
C PHE G 134 31.72 -4.10 50.60
N GLY G 135 31.85 -4.37 49.31
CA GLY G 135 32.68 -3.54 48.46
C GLY G 135 34.08 -4.07 48.24
N ALA G 136 34.55 -4.93 49.16
CA ALA G 136 35.89 -5.51 48.98
C ALA G 136 35.94 -6.40 47.73
N GLU G 137 37.15 -6.58 47.22
CA GLU G 137 37.37 -7.41 46.05
C GLU G 137 37.43 -8.88 46.49
N TYR G 138 36.64 -9.74 45.84
CA TYR G 138 36.61 -11.14 46.21
C TYR G 138 37.54 -11.97 45.35
N THR G 139 38.36 -12.79 45.98
CA THR G 139 39.24 -13.67 45.21
C THR G 139 38.64 -15.07 45.33
N ASP G 140 38.79 -15.68 46.51
CA ASP G 140 38.22 -16.99 46.77
C ASP G 140 37.84 -17.02 48.25
N ALA G 141 37.33 -18.14 48.78
CA ALA G 141 36.93 -18.15 50.19
C ALA G 141 38.07 -18.09 51.20
N ASP G 142 39.29 -18.29 50.72
CA ASP G 142 40.47 -18.26 51.60
C ASP G 142 41.13 -16.89 51.64
N GLY G 143 40.61 -15.95 50.84
CA GLY G 143 41.17 -14.61 50.79
C GLY G 143 41.21 -13.90 52.13
N ASP G 144 42.15 -12.98 52.27
CA ASP G 144 42.30 -12.19 53.49
C ASP G 144 41.51 -10.89 53.33
N TYR G 145 40.35 -10.84 53.98
CA TYR G 145 39.47 -9.66 53.88
C TYR G 145 39.41 -8.83 55.15
N LYS G 146 40.19 -9.22 56.15
CA LYS G 146 40.19 -8.50 57.41
C LYS G 146 40.49 -7.02 57.18
N GLY G 147 39.63 -6.16 57.70
CA GLY G 147 39.79 -4.72 57.55
C GLY G 147 39.47 -4.20 56.16
N LYS G 148 38.97 -5.05 55.27
CA LYS G 148 38.61 -4.62 53.93
C LYS G 148 37.10 -4.55 53.74
N GLY G 149 36.67 -3.57 52.95
CA GLY G 149 35.24 -3.36 52.68
C GLY G 149 34.51 -2.73 53.85
N VAL G 150 33.19 -2.56 53.72
CA VAL G 150 32.41 -1.96 54.80
C VAL G 150 31.84 -3.01 55.76
N ASP G 151 32.15 -2.86 57.04
CA ASP G 151 31.64 -3.78 58.04
C ASP G 151 30.29 -3.24 58.51
N GLN G 152 29.24 -3.59 57.77
CA GLN G 152 27.89 -3.15 58.09
C GLN G 152 27.43 -3.62 59.46
N LEU G 153 27.73 -4.87 59.81
CA LEU G 153 27.26 -5.43 61.07
C LEU G 153 27.78 -4.65 62.28
N GLN G 154 29.08 -4.41 62.32
CA GLN G 154 29.63 -3.68 63.47
C GLN G 154 29.08 -2.23 63.49
N ARG G 155 28.89 -1.65 62.31
CA ARG G 155 28.35 -0.29 62.25
C ARG G 155 26.94 -0.28 62.87
N VAL G 156 26.16 -1.32 62.57
CA VAL G 156 24.81 -1.44 63.14
C VAL G 156 24.90 -1.47 64.68
N ILE G 157 25.84 -2.24 65.20
CA ILE G 157 26.04 -2.36 66.65
C ILE G 157 26.38 -1.00 67.25
N ASP G 158 27.41 -0.35 66.68
CA ASP G 158 27.87 0.95 67.14
C ASP G 158 26.76 2.01 67.08
N THR G 159 25.94 1.96 66.04
CA THR G 159 24.86 2.94 65.88
C THR G 159 23.72 2.73 66.90
N ILE G 160 23.38 1.47 67.16
CA ILE G 160 22.34 1.19 68.12
C ILE G 160 22.76 1.70 69.51
N LYS G 161 24.03 1.52 69.83
CA LYS G 161 24.56 1.95 71.12
C LYS G 161 24.78 3.46 71.26
N ASN G 162 25.27 4.12 70.21
CA ASN G 162 25.60 5.55 70.30
C ASN G 162 24.68 6.53 69.59
N ASN G 163 23.86 6.04 68.68
CA ASN G 163 22.91 6.92 68.01
C ASN G 163 21.69 6.12 67.55
N PRO G 164 20.95 5.55 68.53
CA PRO G 164 19.76 4.72 68.32
C PRO G 164 18.66 5.27 67.42
N THR G 165 18.48 6.59 67.40
CA THR G 165 17.42 7.16 66.57
C THR G 165 17.83 7.34 65.11
N ASP G 166 19.04 6.90 64.78
CA ASP G 166 19.53 6.99 63.41
C ASP G 166 18.53 6.18 62.54
N ARG G 167 18.35 6.60 61.30
CA ARG G 167 17.40 5.94 60.42
C ARG G 167 18.05 5.15 59.32
N ARG G 168 19.36 4.90 59.45
CA ARG G 168 20.10 4.13 58.45
C ARG G 168 20.69 2.84 59.03
N ILE G 169 20.06 2.28 60.06
CA ILE G 169 20.59 1.06 60.67
C ILE G 169 20.21 -0.12 59.78
N ILE G 170 20.95 -0.25 58.67
CA ILE G 170 20.71 -1.26 57.68
C ILE G 170 21.83 -2.31 57.55
N LEU G 171 21.41 -3.56 57.34
CA LEU G 171 22.33 -4.68 57.13
C LEU G 171 21.87 -5.31 55.82
N SER G 172 22.70 -5.22 54.78
CA SER G 172 22.30 -5.75 53.48
C SER G 172 23.35 -6.58 52.79
N ALA G 173 22.90 -7.64 52.13
CA ALA G 173 23.78 -8.52 51.39
C ALA G 173 23.63 -8.33 49.87
N TRP G 174 22.66 -7.54 49.46
CA TRP G 174 22.44 -7.32 48.03
C TRP G 174 23.56 -6.46 47.43
N ASN G 175 24.21 -6.99 46.40
CA ASN G 175 25.31 -6.29 45.74
C ASN G 175 25.23 -6.63 44.27
N PRO G 176 24.57 -5.77 43.47
CA PRO G 176 24.40 -5.97 42.02
C PRO G 176 25.71 -6.29 41.28
N LYS G 177 26.81 -5.69 41.73
CA LYS G 177 28.09 -5.94 41.07
C LYS G 177 28.63 -7.35 41.33
N ASP G 178 28.47 -7.85 42.55
CA ASP G 178 28.97 -9.18 42.93
C ASP G 178 28.03 -10.37 42.61
N LEU G 179 26.78 -10.09 42.29
CA LEU G 179 25.81 -11.16 42.01
C LEU G 179 26.32 -12.31 41.15
N PRO G 180 26.86 -12.01 39.96
CA PRO G 180 27.36 -13.10 39.11
C PRO G 180 28.45 -13.98 39.74
N LEU G 181 29.11 -13.49 40.78
CA LEU G 181 30.15 -14.29 41.45
C LEU G 181 29.53 -15.17 42.55
N MET G 182 28.24 -14.98 42.80
CA MET G 182 27.53 -15.72 43.84
C MET G 182 26.88 -16.99 43.31
N ALA G 183 27.02 -18.10 44.05
CA ALA G 183 26.41 -19.36 43.64
C ALA G 183 24.91 -19.13 43.57
N LEU G 184 24.42 -18.29 44.48
CA LEU G 184 23.00 -17.97 44.54
C LEU G 184 22.87 -16.53 45.05
N PRO G 185 21.96 -15.72 44.47
CA PRO G 185 21.80 -14.35 44.94
C PRO G 185 21.12 -14.37 46.32
N PRO G 186 21.36 -13.36 47.16
CA PRO G 186 20.75 -13.31 48.50
C PRO G 186 19.21 -13.36 48.48
N CYS G 187 18.61 -14.20 49.33
CA CYS G 187 17.16 -14.29 49.42
C CYS G 187 16.74 -13.25 50.45
N HIS G 188 17.33 -13.32 51.65
CA HIS G 188 17.05 -12.31 52.62
C HIS G 188 18.06 -11.24 52.23
N MET G 189 17.61 -10.26 51.46
CA MET G 189 18.52 -9.25 50.96
C MET G 189 18.91 -8.11 51.85
N PHE G 190 18.15 -7.88 52.92
CA PHE G 190 18.51 -6.84 53.86
C PHE G 190 17.51 -6.75 54.98
N CYS G 191 17.90 -6.04 56.02
CA CYS G 191 17.04 -5.84 57.17
C CYS G 191 17.36 -4.49 57.78
N GLN G 192 16.40 -3.96 58.55
CA GLN G 192 16.57 -2.67 59.18
C GLN G 192 16.23 -2.83 60.65
N PHE G 193 17.04 -2.22 61.50
CA PHE G 193 16.80 -2.29 62.94
C PHE G 193 16.26 -0.94 63.40
N PHE G 194 15.46 -0.99 64.46
CA PHE G 194 14.84 0.18 65.04
C PHE G 194 14.93 0.06 66.55
N VAL G 195 15.24 1.17 67.19
CA VAL G 195 15.38 1.22 68.63
C VAL G 195 14.39 2.21 69.24
N SER G 196 13.53 1.72 70.13
CA SER G 196 12.57 2.59 70.81
C SER G 196 13.26 3.05 72.07
N LEU G 197 13.20 4.35 72.32
CA LEU G 197 13.84 4.90 73.52
C LEU G 197 13.01 4.57 74.76
N PRO G 198 13.64 4.54 75.94
CA PRO G 198 12.95 4.24 77.21
C PRO G 198 11.82 5.25 77.46
N PRO G 199 10.63 4.78 77.83
CA PRO G 199 9.49 5.67 78.11
C PRO G 199 9.80 6.62 79.25
N ALA G 200 8.99 7.67 79.39
CA ALA G 200 9.16 8.68 80.43
C ALA G 200 9.06 8.11 81.84
N ASP G 201 8.02 7.33 82.09
CA ASP G 201 7.79 6.73 83.41
C ASP G 201 8.93 5.84 83.92
N SER G 202 9.88 5.49 83.06
CA SER G 202 10.99 4.63 83.48
C SER G 202 12.17 4.77 82.55
N PRO G 203 12.96 5.84 82.70
CA PRO G 203 14.11 6.02 81.83
C PRO G 203 15.25 5.04 82.11
N GLY G 204 15.04 4.19 83.11
CA GLY G 204 16.07 3.20 83.45
C GLY G 204 15.94 1.96 82.60
N SER G 205 14.76 1.74 82.03
CA SER G 205 14.51 0.57 81.21
C SER G 205 15.44 0.51 79.99
N LYS G 206 15.61 -0.70 79.46
CA LYS G 206 16.46 -0.89 78.29
C LYS G 206 15.68 -0.50 77.03
N PRO G 207 16.36 0.11 76.05
CA PRO G 207 15.66 0.48 74.81
C PRO G 207 15.18 -0.80 74.16
N LYS G 208 14.11 -0.74 73.40
CA LYS G 208 13.61 -1.93 72.73
C LYS G 208 14.11 -2.02 71.28
N LEU G 209 14.58 -3.20 70.90
CA LEU G 209 15.13 -3.44 69.58
C LEU G 209 14.21 -4.26 68.68
N SER G 210 13.97 -3.75 67.47
CA SER G 210 13.11 -4.42 66.51
C SER G 210 13.87 -4.60 65.21
N CYS G 211 13.41 -5.55 64.40
CA CYS G 211 14.06 -5.87 63.15
C CYS G 211 13.06 -6.20 62.06
N LEU G 212 13.24 -5.58 60.89
CA LEU G 212 12.40 -5.85 59.74
C LEU G 212 13.32 -6.39 58.65
N MET G 213 13.01 -7.59 58.15
CA MET G 213 13.79 -8.20 57.09
C MET G 213 12.94 -8.39 55.87
N TYR G 214 13.55 -8.17 54.71
CA TYR G 214 12.83 -8.32 53.45
C TYR G 214 13.47 -9.45 52.69
N GLN G 215 12.66 -10.42 52.29
CA GLN G 215 13.10 -11.59 51.56
C GLN G 215 12.46 -11.58 50.17
N ARG G 216 13.31 -11.47 49.14
CA ARG G 216 12.81 -11.41 47.75
C ARG G 216 12.16 -12.69 47.23
N SER G 217 12.68 -13.83 47.70
CA SER G 217 12.22 -15.15 47.27
C SER G 217 12.10 -16.01 48.52
N CYS G 218 10.94 -16.63 48.72
CA CYS G 218 10.71 -17.40 49.94
C CYS G 218 10.15 -18.81 49.73
N ASP G 219 10.96 -19.79 50.04
CA ASP G 219 10.57 -21.19 49.94
C ASP G 219 9.91 -21.42 51.31
N LEU G 220 8.57 -21.35 51.34
CA LEU G 220 7.88 -21.52 52.60
C LEU G 220 8.11 -22.82 53.31
N GLY G 221 8.19 -23.92 52.56
CA GLY G 221 8.41 -25.22 53.18
C GLY G 221 9.76 -25.35 53.89
N LEU G 222 10.84 -25.07 53.17
CA LEU G 222 12.19 -25.22 53.74
C LEU G 222 12.93 -23.99 54.23
N GLY G 223 12.89 -22.91 53.44
CA GLY G 223 13.60 -21.69 53.82
C GLY G 223 13.04 -20.82 54.92
N VAL G 224 11.80 -20.39 54.79
CA VAL G 224 11.17 -19.51 55.75
C VAL G 224 11.33 -19.95 57.19
N PRO G 225 11.16 -21.25 57.49
CA PRO G 225 11.32 -21.64 58.90
C PRO G 225 12.71 -21.25 59.39
N PHE G 226 13.71 -21.40 58.53
CA PHE G 226 15.08 -21.04 58.93
C PHE G 226 15.25 -19.51 59.01
N ASN G 227 14.76 -18.81 57.97
CA ASN G 227 14.87 -17.35 57.95
C ASN G 227 14.25 -16.69 59.17
N ILE G 228 13.09 -17.17 59.59
CA ILE G 228 12.43 -16.58 60.75
C ILE G 228 13.26 -16.74 62.01
N ALA G 229 13.69 -17.97 62.29
CA ALA G 229 14.50 -18.22 63.49
C ALA G 229 15.84 -17.49 63.41
N SER G 230 16.46 -17.51 62.23
CA SER G 230 17.75 -16.88 62.03
C SER G 230 17.74 -15.38 62.39
N TYR G 231 16.84 -14.60 61.77
CA TYR G 231 16.79 -13.17 62.09
C TYR G 231 16.32 -12.91 63.50
N ALA G 232 15.49 -13.80 64.04
CA ALA G 232 15.06 -13.61 65.43
C ALA G 232 16.28 -13.77 66.30
N LEU G 233 17.10 -14.79 66.01
CA LEU G 233 18.33 -15.03 66.78
C LEU G 233 19.34 -13.89 66.62
N LEU G 234 19.47 -13.37 65.39
CA LEU G 234 20.38 -12.25 65.16
C LEU G 234 20.01 -11.06 66.03
N THR G 235 18.70 -10.80 66.13
CA THR G 235 18.21 -9.70 66.92
C THR G 235 18.51 -9.91 68.40
N HIS G 236 18.32 -11.14 68.89
CA HIS G 236 18.65 -11.46 70.27
C HIS G 236 20.15 -11.25 70.48
N MET G 237 20.98 -11.68 69.52
CA MET G 237 22.43 -11.51 69.66
C MET G 237 22.80 -10.03 69.75
N ILE G 238 22.32 -9.23 68.80
CA ILE G 238 22.61 -7.81 68.77
C ILE G 238 22.08 -7.14 70.04
N ALA G 239 20.92 -7.56 70.52
CA ALA G 239 20.37 -6.97 71.73
C ALA G 239 21.31 -7.16 72.90
N LEU G 240 21.90 -8.35 73.01
CA LEU G 240 22.84 -8.63 74.11
C LEU G 240 24.05 -7.72 74.08
N ILE G 241 24.65 -7.57 72.90
CA ILE G 241 25.84 -6.74 72.74
C ILE G 241 25.58 -5.24 72.88
N THR G 242 24.35 -4.81 72.60
CA THR G 242 24.03 -3.38 72.66
C THR G 242 23.23 -2.97 73.89
N ASP G 243 23.04 -3.90 74.83
CA ASP G 243 22.28 -3.58 76.02
C ASP G 243 20.85 -3.12 75.72
N THR G 244 20.22 -3.73 74.71
CA THR G 244 18.86 -3.42 74.39
C THR G 244 18.02 -4.67 74.63
N GLU G 245 16.70 -4.51 74.58
CA GLU G 245 15.76 -5.61 74.81
C GLU G 245 15.07 -5.98 73.51
N PRO G 246 15.21 -7.23 73.08
CA PRO G 246 14.54 -7.63 71.83
C PRO G 246 13.04 -7.40 71.94
N HIS G 247 12.46 -6.81 70.90
CA HIS G 247 11.04 -6.52 70.94
C HIS G 247 10.20 -7.21 69.86
N GLU G 248 10.49 -6.93 68.58
CA GLU G 248 9.68 -7.49 67.51
C GLU G 248 10.49 -7.76 66.25
N PHE G 249 10.11 -8.81 65.53
CA PHE G 249 10.74 -9.15 64.27
C PHE G 249 9.65 -9.17 63.22
N ILE G 250 9.87 -8.43 62.12
CA ILE G 250 8.91 -8.34 61.03
C ILE G 250 9.54 -8.91 59.77
N LEU G 251 8.78 -9.75 59.07
CA LEU G 251 9.28 -10.34 57.84
C LEU G 251 8.37 -10.03 56.66
N GLN G 252 8.89 -9.28 55.69
CA GLN G 252 8.12 -8.94 54.48
C GLN G 252 8.65 -9.78 53.34
N MET G 253 7.75 -10.45 52.64
CA MET G 253 8.14 -11.31 51.55
C MET G 253 7.83 -10.75 50.17
N GLY G 254 8.64 -11.13 49.20
CA GLY G 254 8.41 -10.72 47.83
C GLY G 254 7.72 -11.90 47.15
N ASP G 255 8.48 -12.72 46.45
CA ASP G 255 7.92 -13.90 45.78
C ASP G 255 7.78 -15.00 46.86
N ALA G 256 6.56 -15.18 47.37
CA ALA G 256 6.30 -16.17 48.40
C ALA G 256 5.74 -17.41 47.70
N HIS G 257 6.45 -18.53 47.80
CA HIS G 257 6.03 -19.73 47.07
C HIS G 257 6.15 -21.05 47.82
N VAL G 258 5.41 -22.04 47.32
CA VAL G 258 5.44 -23.39 47.86
C VAL G 258 5.81 -24.27 46.67
N TYR G 259 6.92 -25.01 46.78
CA TYR G 259 7.33 -25.88 45.69
C TYR G 259 6.31 -27.00 45.46
N ARG G 260 6.17 -27.42 44.22
CA ARG G 260 5.20 -28.46 43.85
C ARG G 260 5.34 -29.73 44.70
N ASP G 261 6.58 -30.14 44.93
CA ASP G 261 6.81 -31.36 45.72
C ASP G 261 6.73 -31.14 47.22
N HIS G 262 6.29 -29.96 47.63
CA HIS G 262 6.14 -29.64 49.06
C HIS G 262 4.68 -29.59 49.48
N VAL G 263 3.79 -29.45 48.50
CA VAL G 263 2.35 -29.35 48.77
C VAL G 263 1.80 -30.47 49.67
N GLU G 264 2.01 -31.72 49.29
CA GLU G 264 1.50 -32.83 50.11
C GLU G 264 2.14 -32.88 51.49
N PRO G 265 3.47 -32.77 51.57
CA PRO G 265 4.09 -32.82 52.92
C PRO G 265 3.56 -31.70 53.82
N LEU G 266 3.32 -30.52 53.26
CA LEU G 266 2.83 -29.39 54.03
C LEU G 266 1.39 -29.59 54.52
N LYS G 267 0.58 -30.27 53.72
CA LYS G 267 -0.80 -30.51 54.12
C LYS G 267 -0.81 -31.27 55.44
N THR G 268 0.19 -32.13 55.64
CA THR G 268 0.28 -32.90 56.87
C THR G 268 0.59 -31.94 58.03
N GLN G 269 1.47 -30.97 57.76
CA GLN G 269 1.84 -30.01 58.78
C GLN G 269 0.68 -29.07 59.13
N LEU G 270 -0.13 -28.73 58.13
CA LEU G 270 -1.26 -27.83 58.36
C LEU G 270 -2.30 -28.37 59.34
N GLU G 271 -2.28 -29.68 59.56
CA GLU G 271 -3.22 -30.31 60.47
C GLU G 271 -2.79 -30.19 61.91
N ARG G 272 -1.56 -29.76 62.15
CA ARG G 272 -1.04 -29.70 63.50
C ARG G 272 -1.25 -28.36 64.22
N GLU G 273 -1.52 -28.46 65.52
CA GLU G 273 -1.72 -27.29 66.36
C GLU G 273 -0.38 -26.89 66.98
N PRO G 274 0.00 -25.61 66.84
CA PRO G 274 1.26 -25.10 67.37
C PRO G 274 1.39 -25.22 68.87
N ARG G 275 2.64 -25.39 69.33
CA ARG G 275 2.91 -25.45 70.77
C ARG G 275 3.51 -24.08 71.08
N ASP G 276 3.45 -23.65 72.34
CA ASP G 276 4.03 -22.36 72.69
C ASP G 276 5.51 -22.30 72.25
N PHE G 277 5.94 -21.16 71.70
CA PHE G 277 7.31 -21.00 71.27
C PHE G 277 8.28 -21.17 72.45
N PRO G 278 9.50 -21.62 72.16
CA PRO G 278 10.52 -21.82 73.21
C PRO G 278 11.15 -20.49 73.58
N LYS G 279 11.99 -20.50 74.60
CA LYS G 279 12.67 -19.29 75.03
C LYS G 279 14.17 -19.42 74.85
N LEU G 280 14.85 -18.29 74.66
CA LEU G 280 16.29 -18.28 74.46
C LEU G 280 17.01 -17.75 75.69
N LYS G 281 18.06 -18.43 76.10
CA LYS G 281 18.85 -18.00 77.25
C LYS G 281 20.32 -18.10 76.81
N TRP G 282 21.19 -17.32 77.43
CA TRP G 282 22.60 -17.36 77.07
C TRP G 282 23.39 -18.18 78.08
N ALA G 283 24.31 -19.00 77.59
CA ALA G 283 25.13 -19.84 78.47
C ALA G 283 26.25 -19.02 79.08
N ARG G 284 26.51 -17.85 78.52
CA ARG G 284 27.56 -16.97 79.04
C ARG G 284 27.07 -15.54 79.16
N SER G 285 27.84 -14.68 79.82
CA SER G 285 27.45 -13.29 80.00
C SER G 285 27.89 -12.42 78.82
N LYS G 286 27.38 -11.20 78.79
CA LYS G 286 27.72 -10.25 77.74
C LYS G 286 29.24 -10.04 77.73
N GLU G 287 29.81 -9.84 78.92
CA GLU G 287 31.25 -9.62 79.08
C GLU G 287 32.06 -10.79 78.55
N GLU G 288 31.64 -12.01 78.86
CA GLU G 288 32.35 -13.20 78.40
C GLU G 288 32.27 -13.30 76.87
N ILE G 289 31.10 -13.10 76.30
CA ILE G 289 30.94 -13.18 74.85
C ILE G 289 31.72 -12.04 74.21
N GLY G 290 31.71 -10.87 74.85
CA GLY G 290 32.48 -9.73 74.37
C GLY G 290 31.82 -8.90 73.29
N ASP G 291 31.80 -9.40 72.06
CA ASP G 291 31.18 -8.68 70.96
C ASP G 291 30.43 -9.63 70.03
N ILE G 292 29.93 -9.10 68.91
CA ILE G 292 29.16 -9.87 67.96
C ILE G 292 29.92 -11.05 67.37
N ASP G 293 31.25 -11.00 67.44
CA ASP G 293 32.08 -12.06 66.90
C ASP G 293 32.48 -13.09 67.95
N GLY G 294 31.99 -12.96 69.17
CA GLY G 294 32.38 -13.90 70.21
C GLY G 294 31.37 -14.99 70.54
N PHE G 295 30.28 -15.09 69.80
CA PHE G 295 29.29 -16.11 70.08
C PHE G 295 29.71 -17.49 69.60
N LYS G 296 29.23 -18.51 70.32
CA LYS G 296 29.50 -19.92 70.00
C LYS G 296 28.16 -20.67 70.00
N VAL G 297 28.08 -21.73 69.21
CA VAL G 297 26.84 -22.51 69.16
C VAL G 297 26.34 -22.85 70.56
N GLU G 298 27.23 -23.32 71.43
CA GLU G 298 26.84 -23.70 72.80
C GLU G 298 26.34 -22.55 73.66
N ASP G 299 26.49 -21.31 73.18
CA ASP G 299 26.01 -20.17 73.95
C ASP G 299 24.47 -20.08 73.90
N PHE G 300 23.89 -20.64 72.84
CA PHE G 300 22.45 -20.58 72.65
C PHE G 300 21.70 -21.70 73.40
N VAL G 301 21.08 -21.33 74.52
CA VAL G 301 20.33 -22.30 75.31
C VAL G 301 18.83 -22.10 75.06
N VAL G 302 18.25 -22.94 74.20
CA VAL G 302 16.84 -22.88 73.88
C VAL G 302 16.07 -23.86 74.75
N GLU G 303 15.18 -23.33 75.59
CA GLU G 303 14.42 -24.19 76.47
C GLU G 303 12.94 -24.19 76.15
N GLY G 304 12.30 -25.33 76.41
CA GLY G 304 10.87 -25.45 76.16
C GLY G 304 10.48 -25.70 74.71
N TYR G 305 11.42 -26.15 73.88
CA TYR G 305 11.07 -26.41 72.48
C TYR G 305 10.36 -27.76 72.42
N LYS G 306 9.09 -27.75 72.00
CA LYS G 306 8.28 -28.96 71.94
C LYS G 306 7.59 -29.11 70.61
N PRO G 307 8.34 -29.43 69.56
CA PRO G 307 7.77 -29.58 68.23
C PRO G 307 7.14 -30.93 67.94
N TRP G 308 6.37 -30.96 66.86
CA TRP G 308 5.78 -32.19 66.38
C TRP G 308 6.91 -32.86 65.59
N GLY G 309 6.60 -33.97 64.92
CA GLY G 309 7.58 -34.70 64.16
C GLY G 309 8.14 -33.96 62.97
N LYS G 310 9.27 -34.44 62.47
CA LYS G 310 9.89 -33.82 61.30
C LYS G 310 9.05 -34.12 60.08
N ILE G 311 9.17 -33.26 59.08
CA ILE G 311 8.45 -33.42 57.84
C ILE G 311 9.48 -33.33 56.72
N ASP G 312 9.65 -34.43 56.00
CA ASP G 312 10.62 -34.48 54.92
C ASP G 312 10.22 -33.68 53.69
N MET G 313 11.13 -32.83 53.25
CA MET G 313 10.92 -32.02 52.06
C MET G 313 12.23 -31.90 51.31
N LYS G 314 12.19 -32.18 50.01
CA LYS G 314 13.38 -32.09 49.21
C LYS G 314 13.65 -30.65 48.76
N MET G 315 14.92 -30.24 48.78
CA MET G 315 15.28 -28.90 48.35
C MET G 315 15.60 -28.91 46.87
N SER G 316 15.08 -27.94 46.13
CA SER G 316 15.33 -27.84 44.70
C SER G 316 16.55 -26.92 44.48
N ALA G 317 17.63 -27.49 43.95
CA ALA G 317 18.85 -26.76 43.70
C ALA G 317 18.69 -25.73 42.59
N ARG H 13 -17.40 8.37 56.35
CA ARG H 13 -16.68 8.34 55.04
C ARG H 13 -17.58 7.85 53.92
N SER H 14 -17.81 8.73 52.95
CA SER H 14 -18.64 8.41 51.79
C SER H 14 -18.10 7.18 51.06
N ASN H 15 -16.79 7.08 50.95
CA ASN H 15 -16.17 5.95 50.26
C ASN H 15 -15.01 5.40 51.08
N PRO H 16 -15.32 4.62 52.14
CA PRO H 16 -14.33 4.00 53.04
C PRO H 16 -13.28 3.11 52.39
N ASP H 17 -13.55 2.63 51.19
CA ASP H 17 -12.56 1.76 50.57
C ASP H 17 -11.54 2.54 49.75
N HIS H 18 -11.66 3.86 49.72
CA HIS H 18 -10.70 4.66 48.95
C HIS H 18 -9.29 4.40 49.50
N GLU H 19 -8.38 4.00 48.63
CA GLU H 19 -7.03 3.69 49.00
C GLU H 19 -6.29 4.81 49.72
N GLU H 20 -6.70 6.07 49.52
CA GLU H 20 -6.01 7.18 50.17
C GLU H 20 -6.18 7.17 51.69
N TYR H 21 -7.22 6.50 52.17
CA TYR H 21 -7.42 6.43 53.61
C TYR H 21 -6.29 5.67 54.30
N GLN H 22 -5.56 4.86 53.55
CA GLN H 22 -4.40 4.14 54.13
C GLN H 22 -3.40 5.18 54.62
N TYR H 23 -3.15 6.16 53.75
CA TYR H 23 -2.22 7.24 54.03
C TYR H 23 -2.73 8.13 55.18
N LEU H 24 -4.00 8.54 55.09
CA LEU H 24 -4.58 9.40 56.13
C LEU H 24 -4.66 8.67 57.49
N ASP H 25 -5.10 7.41 57.48
CA ASP H 25 -5.20 6.64 58.73
C ASP H 25 -3.85 6.46 59.41
N LEU H 26 -2.80 6.21 58.62
CA LEU H 26 -1.46 6.02 59.22
C LEU H 26 -0.99 7.30 59.88
N ILE H 27 -1.22 8.44 59.23
CA ILE H 27 -0.82 9.72 59.81
C ILE H 27 -1.54 9.94 61.13
N ARG H 28 -2.84 9.65 61.13
CA ARG H 28 -3.64 9.83 62.34
C ARG H 28 -3.07 8.92 63.44
N ARG H 29 -2.75 7.68 63.09
CA ARG H 29 -2.20 6.74 64.07
C ARG H 29 -0.86 7.21 64.62
N ILE H 30 0.02 7.68 63.75
CA ILE H 30 1.33 8.15 64.18
C ILE H 30 1.20 9.33 65.14
N ILE H 31 0.31 10.26 64.81
CA ILE H 31 0.11 11.42 65.67
C ILE H 31 -0.45 10.97 67.01
N ASN H 32 -1.39 10.01 66.98
CA ASN H 32 -2.03 9.51 68.20
C ASN H 32 -1.16 8.65 69.12
N VAL H 33 -0.58 7.58 68.58
CA VAL H 33 0.24 6.69 69.40
C VAL H 33 1.71 6.62 69.03
N GLY H 34 2.13 7.46 68.07
CA GLY H 34 3.54 7.44 67.68
C GLY H 34 4.46 7.85 68.82
N GLU H 35 5.73 7.46 68.72
CA GLU H 35 6.71 7.81 69.74
C GLU H 35 7.45 9.10 69.36
N VAL H 36 7.54 10.04 70.31
CA VAL H 36 8.23 11.31 70.09
C VAL H 36 9.73 11.03 70.13
N ARG H 37 10.44 11.40 69.06
CA ARG H 37 11.86 11.12 68.99
C ARG H 37 12.71 12.23 68.40
N PRO H 38 14.00 12.28 68.77
CA PRO H 38 14.95 13.27 68.27
C PRO H 38 15.34 12.70 66.91
N ASP H 39 15.94 13.50 66.05
CA ASP H 39 16.35 13.01 64.75
C ASP H 39 17.51 13.84 64.18
N ARG H 40 18.07 13.34 63.09
CA ARG H 40 19.18 13.98 62.40
C ARG H 40 18.96 15.48 62.13
N THR H 41 17.77 15.84 61.67
CA THR H 41 17.47 17.23 61.29
C THR H 41 17.38 18.20 62.46
N GLY H 42 17.05 17.67 63.64
CA GLY H 42 16.94 18.52 64.80
C GLY H 42 15.54 19.05 65.04
N THR H 43 14.60 18.80 64.12
CA THR H 43 13.25 19.31 64.34
C THR H 43 12.43 18.35 65.21
N GLY H 44 12.78 17.07 65.19
CA GLY H 44 12.04 16.08 65.97
C GLY H 44 10.88 15.50 65.18
N THR H 45 10.49 14.28 65.54
CA THR H 45 9.37 13.62 64.88
C THR H 45 8.59 12.75 65.84
N VAL H 46 7.49 12.21 65.35
CA VAL H 46 6.67 11.25 66.09
C VAL H 46 6.70 10.06 65.12
N ALA H 47 7.01 8.86 65.60
CA ALA H 47 7.13 7.74 64.67
C ALA H 47 6.68 6.36 65.13
N LEU H 48 6.48 5.50 64.14
CA LEU H 48 6.11 4.09 64.33
C LEU H 48 7.01 3.29 63.38
N PHE H 49 7.46 2.13 63.82
CA PHE H 49 8.33 1.30 62.98
C PHE H 49 7.57 0.17 62.30
N ALA H 50 7.86 -0.03 61.01
CA ALA H 50 7.28 -1.12 60.23
C ALA H 50 5.76 -1.28 60.31
N PRO H 51 5.01 -0.21 60.03
CA PRO H 51 3.56 -0.35 60.09
C PRO H 51 3.09 -1.17 58.89
N PRO H 52 1.83 -1.62 58.89
CA PRO H 52 1.34 -2.41 57.74
C PRO H 52 1.63 -1.66 56.42
N SER H 53 1.94 -2.41 55.38
CA SER H 53 2.27 -1.82 54.09
C SER H 53 1.06 -1.23 53.38
N PHE H 54 1.31 -0.33 52.42
CA PHE H 54 0.22 0.30 51.65
C PHE H 54 0.10 -0.49 50.35
N ARG H 55 -1.11 -0.60 49.83
CA ARG H 55 -1.34 -1.29 48.56
C ARG H 55 -2.18 -0.39 47.68
N PHE H 56 -1.75 -0.18 46.46
CA PHE H 56 -2.47 0.69 45.53
C PHE H 56 -2.67 -0.04 44.21
N SER H 57 -3.90 -0.04 43.71
CA SER H 57 -4.18 -0.67 42.44
C SER H 57 -3.74 0.24 41.29
N LEU H 58 -3.07 -0.32 40.29
CA LEU H 58 -2.63 0.47 39.15
C LEU H 58 -3.43 0.05 37.92
N ALA H 59 -4.48 -0.74 38.14
CA ALA H 59 -5.32 -1.21 37.05
C ALA H 59 -6.14 -0.05 36.44
N ASP H 60 -6.60 -0.24 35.20
CA ASP H 60 -7.40 0.77 34.52
C ASP H 60 -6.70 2.12 34.47
N ASN H 61 -5.41 2.11 34.19
CA ASN H 61 -4.60 3.32 34.09
C ASN H 61 -4.64 4.22 35.32
N THR H 62 -4.90 3.65 36.49
CA THR H 62 -4.99 4.43 37.70
C THR H 62 -3.64 4.90 38.26
N LEU H 63 -3.59 6.16 38.66
CA LEU H 63 -2.37 6.74 39.24
C LEU H 63 -2.70 7.22 40.65
N PRO H 64 -2.13 6.57 41.67
CA PRO H 64 -2.40 6.96 43.06
C PRO H 64 -1.73 8.27 43.47
N LEU H 65 -2.19 9.38 42.87
CA LEU H 65 -1.68 10.71 43.17
C LEU H 65 -2.64 11.26 44.23
N LEU H 66 -2.16 11.45 45.46
CA LEU H 66 -3.01 11.92 46.55
C LEU H 66 -3.87 13.14 46.21
N THR H 67 -5.13 13.11 46.66
CA THR H 67 -6.07 14.18 46.38
C THR H 67 -6.39 15.08 47.56
N THR H 68 -6.06 14.64 48.78
CA THR H 68 -6.39 15.45 49.95
C THR H 68 -5.51 16.68 50.06
N LYS H 69 -4.59 16.83 49.11
CA LYS H 69 -3.77 18.04 49.04
C LYS H 69 -3.25 18.10 47.62
N ARG H 70 -2.91 19.28 47.11
CA ARG H 70 -2.38 19.37 45.75
C ARG H 70 -0.93 18.89 45.77
N VAL H 71 -0.63 17.88 44.96
CA VAL H 71 0.72 17.33 44.88
C VAL H 71 1.40 17.86 43.63
N PHE H 72 2.66 18.28 43.77
CA PHE H 72 3.44 18.84 42.66
C PHE H 72 3.78 17.73 41.67
N LEU H 73 2.79 17.34 40.87
CA LEU H 73 2.95 16.28 39.88
C LEU H 73 4.16 16.42 38.97
N ARG H 74 4.34 17.61 38.40
CA ARG H 74 5.46 17.85 37.49
C ARG H 74 6.79 17.59 38.22
N GLY H 75 6.81 17.90 39.51
CA GLY H 75 8.03 17.70 40.26
C GLY H 75 8.32 16.23 40.42
N VAL H 76 7.26 15.44 40.60
CA VAL H 76 7.41 13.99 40.75
C VAL H 76 7.96 13.40 39.45
N ILE H 77 7.30 13.71 38.33
CA ILE H 77 7.72 13.23 37.03
C ILE H 77 9.17 13.65 36.73
N ALA H 78 9.49 14.92 36.91
CA ALA H 78 10.84 15.41 36.63
C ALA H 78 11.89 14.64 37.43
N GLU H 79 11.66 14.49 38.74
CA GLU H 79 12.59 13.75 39.57
C GLU H 79 12.76 12.32 39.08
N LEU H 80 11.66 11.69 38.70
CA LEU H 80 11.70 10.30 38.21
C LEU H 80 12.54 10.15 36.94
N LEU H 81 12.29 11.00 35.94
CA LEU H 81 13.02 10.92 34.68
C LEU H 81 14.50 11.23 34.94
N TRP H 82 14.76 12.00 35.99
CA TRP H 82 16.09 12.39 36.40
C TRP H 82 16.78 11.13 36.95
N PHE H 83 16.09 10.39 37.83
CA PHE H 83 16.62 9.13 38.36
C PHE H 83 16.97 8.20 37.19
N VAL H 84 15.98 7.99 36.33
CA VAL H 84 16.15 7.11 35.17
C VAL H 84 17.37 7.46 34.34
N SER H 85 17.60 8.75 34.14
CA SER H 85 18.74 9.20 33.34
C SER H 85 20.08 8.90 34.02
N GLY H 86 20.04 8.57 35.31
CA GLY H 86 21.27 8.27 36.01
C GLY H 86 21.99 9.51 36.47
N CYS H 87 21.38 10.68 36.24
CA CYS H 87 21.95 11.97 36.62
C CYS H 87 21.88 12.23 38.12
N THR H 88 22.88 12.90 38.66
CA THR H 88 22.92 13.19 40.10
C THR H 88 23.13 14.67 40.37
N ASP H 89 22.96 15.49 39.33
CA ASP H 89 23.11 16.94 39.48
C ASP H 89 21.72 17.57 39.70
N ALA H 90 21.49 18.11 40.89
CA ALA H 90 20.22 18.72 41.24
C ALA H 90 19.90 19.97 40.39
N LYS H 91 20.92 20.54 39.77
CA LYS H 91 20.68 21.72 38.94
C LYS H 91 19.82 21.34 37.75
N MET H 92 19.81 20.05 37.40
CA MET H 92 19.01 19.59 36.25
C MET H 92 17.52 19.64 36.62
N LEU H 93 17.24 19.69 37.92
CA LEU H 93 15.86 19.79 38.38
C LEU H 93 15.51 21.27 38.61
N SER H 94 16.39 21.99 39.30
CA SER H 94 16.09 23.40 39.56
C SER H 94 16.01 24.23 38.27
N SER H 95 16.75 23.82 37.25
CA SER H 95 16.74 24.56 35.99
C SER H 95 15.36 24.42 35.32
N GLN H 96 14.63 23.37 35.66
CA GLN H 96 13.29 23.19 35.08
C GLN H 96 12.22 23.52 36.11
N GLY H 97 12.57 24.31 37.11
CA GLY H 97 11.62 24.72 38.13
C GLY H 97 11.24 23.74 39.22
N VAL H 98 12.11 22.77 39.50
CA VAL H 98 11.83 21.77 40.52
C VAL H 98 12.96 21.87 41.53
N GLY H 99 12.65 22.35 42.72
CA GLY H 99 13.68 22.56 43.73
C GLY H 99 13.67 21.62 44.92
N ILE H 100 13.04 20.46 44.78
CA ILE H 100 12.95 19.51 45.89
C ILE H 100 14.29 19.04 46.42
N TRP H 101 15.32 19.08 45.58
CA TRP H 101 16.65 18.66 46.04
C TRP H 101 17.61 19.84 46.29
N ASP H 102 17.11 21.06 46.18
CA ASP H 102 17.94 22.25 46.41
C ASP H 102 18.44 22.29 47.85
N GLY H 103 17.62 21.81 48.77
CA GLY H 103 18.01 21.83 50.18
C GLY H 103 19.21 20.97 50.52
N ASN H 104 19.24 19.74 50.02
CA ASN H 104 20.38 18.87 50.32
C ASN H 104 21.53 19.03 49.31
N GLY H 105 21.29 19.83 48.28
CA GLY H 105 22.33 20.05 47.29
C GLY H 105 22.98 21.41 47.42
N SER H 106 22.51 22.19 48.38
CA SER H 106 23.06 23.53 48.60
C SER H 106 24.50 23.44 49.06
N LYS H 107 25.25 24.46 48.64
CA LYS H 107 26.67 24.57 48.98
C LYS H 107 26.77 24.50 50.49
N GLU H 108 25.76 25.05 51.15
CA GLU H 108 25.76 25.08 52.59
C GLU H 108 25.65 23.72 53.24
N PHE H 109 24.76 22.87 52.72
CA PHE H 109 24.54 21.54 53.26
C PHE H 109 25.70 20.62 52.93
N LEU H 110 26.15 20.65 51.67
CA LEU H 110 27.26 19.81 51.25
C LEU H 110 28.49 20.02 52.14
N GLU H 111 28.85 21.27 52.39
CA GLU H 111 30.00 21.56 53.24
C GLU H 111 29.75 21.05 54.66
N LYS H 112 28.49 21.12 55.07
CA LYS H 112 28.06 20.68 56.38
C LYS H 112 28.28 19.17 56.57
N VAL H 113 28.08 18.37 55.53
CA VAL H 113 28.27 16.92 55.65
C VAL H 113 29.64 16.45 55.15
N GLY H 114 30.60 17.38 55.10
CA GLY H 114 31.95 17.03 54.66
C GLY H 114 32.14 16.89 53.15
N LEU H 115 31.28 17.49 52.35
CA LEU H 115 31.41 17.36 50.88
C LEU H 115 31.64 18.74 50.27
N GLY H 116 32.47 19.54 50.93
CA GLY H 116 32.77 20.88 50.48
C GLY H 116 33.51 20.99 49.16
N HIS H 117 34.13 19.91 48.75
CA HIS H 117 34.90 19.87 47.50
C HIS H 117 33.99 19.74 46.27
N ARG H 118 32.70 19.62 46.49
CA ARG H 118 31.77 19.49 45.39
C ARG H 118 31.10 20.81 45.03
N ARG H 119 30.78 20.98 43.75
CA ARG H 119 30.09 22.20 43.37
C ARG H 119 28.62 22.03 43.82
N GLU H 120 27.94 23.15 44.03
CA GLU H 120 26.55 23.11 44.46
C GLU H 120 25.70 22.28 43.50
N GLY H 121 24.86 21.40 44.06
CA GLY H 121 24.01 20.57 43.25
C GLY H 121 24.53 19.18 42.95
N ASP H 122 25.82 18.95 43.19
CA ASP H 122 26.42 17.65 42.94
C ASP H 122 26.18 16.80 44.17
N LEU H 123 25.08 16.06 44.16
CA LEU H 123 24.67 15.21 45.27
C LEU H 123 25.54 13.97 45.52
N GLY H 124 26.31 13.57 44.52
CA GLY H 124 27.13 12.38 44.68
C GLY H 124 26.46 11.20 43.99
N PRO H 125 26.93 9.98 44.24
CA PRO H 125 26.38 8.77 43.63
C PRO H 125 25.05 8.32 44.23
N VAL H 126 24.04 9.17 44.12
CA VAL H 126 22.72 8.87 44.63
C VAL H 126 21.84 8.05 43.66
N TYR H 127 20.56 7.89 44.02
CA TYR H 127 19.60 7.12 43.24
C TYR H 127 19.94 6.77 41.80
N GLY H 128 19.75 7.72 40.90
CA GLY H 128 19.99 7.45 39.49
C GLY H 128 21.33 6.83 39.14
N PHE H 129 22.40 7.26 39.82
CA PHE H 129 23.72 6.68 39.53
C PHE H 129 23.77 5.20 39.92
N GLN H 130 23.20 4.85 41.07
CA GLN H 130 23.22 3.45 41.51
C GLN H 130 22.36 2.60 40.57
N TRP H 131 21.20 3.14 40.19
CA TRP H 131 20.27 2.47 39.31
C TRP H 131 20.84 2.06 37.96
N ARG H 132 21.65 2.94 37.38
CA ARG H 132 22.21 2.68 36.05
C ARG H 132 23.71 2.35 36.01
N HIS H 133 24.44 2.61 37.10
CA HIS H 133 25.90 2.39 37.11
C HIS H 133 26.41 1.80 38.45
N PHE H 134 25.60 0.98 39.11
CA PHE H 134 26.01 0.44 40.39
C PHE H 134 27.40 -0.19 40.34
N GLY H 135 28.27 0.22 41.25
CA GLY H 135 29.60 -0.34 41.31
C GLY H 135 30.66 0.51 40.64
N ALA H 136 30.24 1.39 39.73
CA ALA H 136 31.19 2.25 39.03
C ALA H 136 31.82 3.21 40.01
N GLU H 137 33.00 3.73 39.64
CA GLU H 137 33.73 4.69 40.46
C GLU H 137 33.14 6.08 40.19
N TYR H 138 32.77 6.78 41.25
CA TYR H 138 32.20 8.12 41.09
C TYR H 138 33.26 9.20 41.26
N THR H 139 33.30 10.14 40.31
CA THR H 139 34.24 11.26 40.40
C THR H 139 33.39 12.45 40.81
N ASP H 140 32.63 13.00 39.86
CA ASP H 140 31.73 14.12 40.13
C ASP H 140 30.49 13.91 39.26
N ALA H 141 29.53 14.85 39.23
CA ALA H 141 28.34 14.64 38.41
C ALA H 141 28.57 14.74 36.91
N ASP H 142 29.73 15.26 36.50
CA ASP H 142 30.04 15.42 35.07
C ASP H 142 30.79 14.23 34.51
N GLY H 143 31.14 13.30 35.39
CA GLY H 143 31.88 12.12 34.96
C GLY H 143 31.21 11.31 33.87
N ASP H 144 32.02 10.62 33.07
CA ASP H 144 31.52 9.80 31.99
C ASP H 144 31.33 8.38 32.53
N TYR H 145 30.08 7.99 32.75
CA TYR H 145 29.77 6.68 33.28
C TYR H 145 29.10 5.74 32.28
N LYS H 146 28.94 6.22 31.05
CA LYS H 146 28.29 5.41 30.03
C LYS H 146 28.97 4.05 29.90
N GLY H 147 28.17 2.98 29.98
CA GLY H 147 28.71 1.64 29.89
C GLY H 147 29.48 1.18 31.12
N LYS H 148 29.49 1.96 32.19
CA LYS H 148 30.21 1.57 33.40
C LYS H 148 29.25 1.20 34.53
N GLY H 149 29.65 0.20 35.31
CA GLY H 149 28.81 -0.25 36.41
C GLY H 149 27.66 -1.13 35.96
N VAL H 150 26.83 -1.57 36.89
CA VAL H 150 25.70 -2.42 36.53
C VAL H 150 24.44 -1.61 36.22
N ASP H 151 23.87 -1.80 35.03
CA ASP H 151 22.63 -1.10 34.69
C ASP H 151 21.46 -1.94 35.17
N GLN H 152 21.07 -1.77 36.43
CA GLN H 152 19.98 -2.52 37.03
C GLN H 152 18.63 -2.31 36.35
N LEU H 153 18.35 -1.07 35.96
CA LEU H 153 17.09 -0.76 35.33
C LEU H 153 16.89 -1.49 34.00
N GLN H 154 17.88 -1.45 33.11
CA GLN H 154 17.72 -2.13 31.83
C GLN H 154 17.65 -3.65 32.05
N ARG H 155 18.36 -4.15 33.06
CA ARG H 155 18.33 -5.58 33.36
C ARG H 155 16.91 -5.96 33.79
N VAL H 156 16.27 -5.08 34.55
CA VAL H 156 14.89 -5.33 34.99
C VAL H 156 13.98 -5.43 33.77
N ILE H 157 14.15 -4.51 32.84
CA ILE H 157 13.35 -4.50 31.61
C ILE H 157 13.55 -5.80 30.82
N ASP H 158 14.81 -6.14 30.60
CA ASP H 158 15.16 -7.34 29.85
C ASP H 158 14.62 -8.60 30.50
N THR H 159 14.70 -8.67 31.82
CA THR H 159 14.21 -9.83 32.54
C THR H 159 12.68 -9.97 32.51
N ILE H 160 11.97 -8.85 32.59
CA ILE H 160 10.52 -8.90 32.56
C ILE H 160 10.05 -9.44 31.21
N LYS H 161 10.74 -9.01 30.16
CA LYS H 161 10.41 -9.43 28.80
C LYS H 161 10.83 -10.86 28.43
N ASN H 162 12.02 -11.28 28.85
CA ASN H 162 12.51 -12.61 28.50
C ASN H 162 12.49 -13.69 29.56
N ASN H 163 12.31 -13.34 30.82
CA ASN H 163 12.27 -14.35 31.87
C ASN H 163 11.49 -13.81 33.06
N PRO H 164 10.21 -13.47 32.85
CA PRO H 164 9.28 -12.92 33.84
C PRO H 164 9.17 -13.62 35.17
N THR H 165 9.35 -14.93 35.21
CA THR H 165 9.22 -15.65 36.48
C THR H 165 10.50 -15.59 37.31
N ASP H 166 11.51 -14.91 36.79
CA ASP H 166 12.76 -14.73 37.54
C ASP H 166 12.39 -14.12 38.90
N ARG H 167 13.15 -14.46 39.95
CA ARG H 167 12.86 -13.94 41.28
C ARG H 167 13.88 -12.92 41.74
N ARG H 168 14.67 -12.38 40.82
CA ARG H 168 15.70 -11.39 41.19
C ARG H 168 15.49 -10.05 40.46
N ILE H 169 14.26 -9.73 40.12
CA ILE H 169 13.98 -8.49 39.41
C ILE H 169 14.00 -7.34 40.40
N ILE H 170 15.22 -6.94 40.77
CA ILE H 170 15.45 -5.93 41.77
C ILE H 170 16.09 -4.66 41.25
N LEU H 171 15.65 -3.54 41.81
CA LEU H 171 16.21 -2.23 41.45
C LEU H 171 16.59 -1.61 42.78
N SER H 172 17.88 -1.46 43.04
CA SER H 172 18.33 -0.92 44.34
C SER H 172 19.33 0.22 44.25
N ALA H 173 19.19 1.18 45.14
CA ALA H 173 20.11 2.32 45.20
C ALA H 173 21.00 2.25 46.43
N TRP H 174 20.74 1.26 47.29
CA TRP H 174 21.53 1.14 48.52
C TRP H 174 22.94 0.62 48.19
N ASN H 175 23.96 1.38 48.56
CA ASN H 175 25.36 1.00 48.32
C ASN H 175 26.17 1.43 49.52
N PRO H 176 26.39 0.50 50.47
CA PRO H 176 27.15 0.80 51.70
C PRO H 176 28.51 1.47 51.44
N LYS H 177 29.16 1.10 50.34
CA LYS H 177 30.47 1.67 50.06
C LYS H 177 30.37 3.14 49.62
N ASP H 178 29.34 3.46 48.84
CA ASP H 178 29.15 4.84 48.34
C ASP H 178 28.43 5.82 49.26
N LEU H 179 27.78 5.32 50.30
CA LEU H 179 27.03 6.16 51.23
C LEU H 179 27.69 7.47 51.66
N PRO H 180 28.93 7.40 52.15
CA PRO H 180 29.58 8.64 52.57
C PRO H 180 29.76 9.68 51.48
N LEU H 181 29.67 9.26 50.23
CA LEU H 181 29.84 10.21 49.12
C LEU H 181 28.52 10.88 48.78
N MET H 182 27.43 10.35 49.37
CA MET H 182 26.08 10.83 49.10
C MET H 182 25.64 11.96 50.03
N ALA H 183 25.02 13.00 49.46
CA ALA H 183 24.55 14.11 50.25
C ALA H 183 23.53 13.57 51.23
N LEU H 184 22.81 12.55 50.78
CA LEU H 184 21.80 11.92 51.63
C LEU H 184 21.67 10.46 51.21
N PRO H 185 21.61 9.53 52.17
CA PRO H 185 21.47 8.12 51.81
C PRO H 185 20.06 7.86 51.24
N PRO H 186 19.94 6.89 50.32
CA PRO H 186 18.65 6.56 49.71
C PRO H 186 17.55 6.29 50.74
N CYS H 187 16.37 6.88 50.51
CA CYS H 187 15.23 6.66 51.40
C CYS H 187 14.49 5.44 50.82
N HIS H 188 14.14 5.51 49.54
CA HIS H 188 13.52 4.38 48.88
C HIS H 188 14.76 3.63 48.42
N MET H 189 15.16 2.64 49.22
CA MET H 189 16.38 1.91 48.94
C MET H 189 16.33 0.81 47.90
N PHE H 190 15.14 0.31 47.60
CA PHE H 190 15.04 -0.71 46.57
C PHE H 190 13.60 -1.12 46.33
N CYS H 191 13.38 -1.78 45.20
CA CYS H 191 12.05 -2.26 44.88
C CYS H 191 12.20 -3.56 44.12
N GLN H 192 11.13 -4.36 44.13
CA GLN H 192 11.12 -5.63 43.44
C GLN H 192 9.90 -5.70 42.56
N PHE H 193 10.09 -6.16 41.33
CA PHE H 193 8.98 -6.31 40.39
C PHE H 193 8.58 -7.76 40.28
N PHE H 194 7.31 -7.99 40.01
CA PHE H 194 6.76 -9.32 39.87
C PHE H 194 5.83 -9.33 38.66
N VAL H 195 5.91 -10.40 37.88
CA VAL H 195 5.08 -10.53 36.69
C VAL H 195 4.17 -11.75 36.78
N SER H 196 2.86 -11.53 36.70
CA SER H 196 1.92 -12.64 36.72
C SER H 196 1.71 -13.06 35.27
N LEU H 197 1.81 -14.36 35.02
CA LEU H 197 1.63 -14.88 33.68
C LEU H 197 0.14 -14.87 33.30
N PRO H 198 -0.15 -14.77 31.99
CA PRO H 198 -1.53 -14.74 31.49
C PRO H 198 -2.28 -16.00 31.94
N PRO H 199 -3.51 -15.84 32.47
CA PRO H 199 -4.32 -16.99 32.92
C PRO H 199 -4.60 -17.95 31.76
N ALA H 200 -5.01 -19.16 32.07
CA ALA H 200 -5.34 -20.18 31.06
C ALA H 200 -6.18 -19.66 29.87
N ASP H 201 -7.27 -18.95 30.17
CA ASP H 201 -8.23 -18.43 29.16
C ASP H 201 -7.74 -17.78 27.91
N SER H 202 -7.39 -16.52 28.09
CA SER H 202 -6.94 -15.70 27.00
C SER H 202 -5.46 -15.53 27.11
N PRO H 203 -4.72 -16.65 26.97
CA PRO H 203 -3.26 -16.55 27.04
C PRO H 203 -2.82 -15.35 26.19
N GLY H 204 -3.79 -14.67 25.57
CA GLY H 204 -3.50 -13.50 24.76
C GLY H 204 -3.34 -12.24 25.60
N SER H 205 -3.90 -12.25 26.80
CA SER H 205 -3.82 -11.11 27.71
C SER H 205 -2.37 -10.73 28.03
N LYS H 206 -2.17 -9.48 28.44
CA LYS H 206 -0.84 -9.01 28.81
C LYS H 206 -0.51 -9.45 30.24
N PRO H 207 0.74 -9.83 30.49
CA PRO H 207 1.12 -10.25 31.84
C PRO H 207 0.91 -9.05 32.77
N LYS H 208 0.66 -9.29 34.04
CA LYS H 208 0.43 -8.20 34.97
C LYS H 208 1.71 -7.87 35.75
N LEU H 209 2.03 -6.58 35.85
CA LEU H 209 3.23 -6.10 36.53
C LEU H 209 2.96 -5.45 37.88
N SER H 210 3.64 -5.93 38.90
CA SER H 210 3.50 -5.37 40.23
C SER H 210 4.86 -4.90 40.74
N CYS H 211 4.83 -4.02 41.73
CA CYS H 211 6.05 -3.48 42.29
C CYS H 211 5.93 -3.31 43.79
N LEU H 212 6.95 -3.77 44.51
CA LEU H 212 7.00 -3.61 45.95
C LEU H 212 8.25 -2.78 46.23
N MET H 213 8.08 -1.69 46.96
CA MET H 213 9.21 -0.81 47.27
C MET H 213 9.35 -0.71 48.77
N TYR H 214 10.59 -0.76 49.24
CA TYR H 214 10.82 -0.62 50.67
C TYR H 214 11.50 0.72 50.93
N GLN H 215 10.94 1.50 51.85
CA GLN H 215 11.48 2.81 52.21
C GLN H 215 11.90 2.77 53.68
N ARG H 216 13.21 2.91 53.92
CA ARG H 216 13.77 2.86 55.29
C ARG H 216 13.35 4.01 56.20
N SER H 217 13.12 5.19 55.61
CA SER H 217 12.77 6.40 56.35
C SER H 217 11.68 7.12 55.56
N CYS H 218 10.58 7.44 56.22
CA CYS H 218 9.46 8.03 55.50
C CYS H 218 8.86 9.27 56.13
N ASP H 219 9.08 10.40 55.47
CA ASP H 219 8.52 11.68 55.91
C ASP H 219 7.10 11.63 55.32
N LEU H 220 6.12 11.28 56.15
CA LEU H 220 4.77 11.15 55.65
C LEU H 220 4.17 12.44 55.08
N GLY H 221 4.44 13.57 55.71
CA GLY H 221 3.92 14.81 55.20
C GLY H 221 4.41 15.19 53.81
N LEU H 222 5.73 15.22 53.62
CA LEU H 222 6.31 15.64 52.33
C LEU H 222 6.80 14.58 51.39
N GLY H 223 7.50 13.57 51.92
CA GLY H 223 8.06 12.56 51.06
C GLY H 223 7.14 11.48 50.50
N VAL H 224 6.42 10.82 51.38
CA VAL H 224 5.56 9.72 50.97
C VAL H 224 4.64 10.04 49.80
N PRO H 225 4.04 11.24 49.77
CA PRO H 225 3.16 11.54 48.63
C PRO H 225 3.95 11.44 47.32
N PHE H 226 5.19 11.90 47.34
CA PHE H 226 6.05 11.81 46.14
C PHE H 226 6.47 10.36 45.87
N ASN H 227 6.91 9.65 46.91
CA ASN H 227 7.34 8.27 46.74
C ASN H 227 6.26 7.41 46.14
N ILE H 228 5.03 7.54 46.63
CA ILE H 228 3.93 6.74 46.12
C ILE H 228 3.71 6.98 44.64
N ALA H 229 3.60 8.25 44.25
CA ALA H 229 3.34 8.57 42.84
C ALA H 229 4.53 8.19 41.97
N SER H 230 5.73 8.43 42.49
CA SER H 230 6.94 8.12 41.75
C SER H 230 7.03 6.64 41.34
N TYR H 231 6.93 5.74 42.32
CA TYR H 231 7.03 4.34 41.97
C TYR H 231 5.85 3.83 41.16
N ALA H 232 4.68 4.43 41.38
CA ALA H 232 3.52 4.05 40.60
C ALA H 232 3.84 4.43 39.15
N LEU H 233 4.38 5.63 38.95
CA LEU H 233 4.72 6.08 37.60
C LEU H 233 5.81 5.22 36.97
N LEU H 234 6.82 4.86 37.78
CA LEU H 234 7.90 4.02 37.26
C LEU H 234 7.32 2.70 36.72
N THR H 235 6.39 2.12 37.48
CA THR H 235 5.78 0.85 37.09
C THR H 235 4.99 1.02 35.79
N HIS H 236 4.30 2.15 35.65
CA HIS H 236 3.54 2.40 34.42
C HIS H 236 4.53 2.48 33.27
N MET H 237 5.63 3.21 33.47
CA MET H 237 6.67 3.37 32.45
C MET H 237 7.23 2.01 32.02
N ILE H 238 7.64 1.21 32.99
CA ILE H 238 8.21 -0.09 32.69
C ILE H 238 7.18 -0.99 32.00
N ALA H 239 5.92 -0.88 32.40
CA ALA H 239 4.87 -1.68 31.80
C ALA H 239 4.75 -1.39 30.32
N LEU H 240 4.86 -0.11 29.94
CA LEU H 240 4.74 0.29 28.55
C LEU H 240 5.86 -0.31 27.72
N ILE H 241 7.09 -0.22 28.23
CA ILE H 241 8.25 -0.73 27.51
C ILE H 241 8.30 -2.24 27.43
N THR H 242 7.72 -2.92 28.42
CA THR H 242 7.76 -4.38 28.44
C THR H 242 6.50 -5.08 27.98
N ASP H 243 5.55 -4.31 27.45
CA ASP H 243 4.28 -4.86 27.00
C ASP H 243 3.53 -5.60 28.12
N THR H 244 3.56 -5.05 29.34
CA THR H 244 2.84 -5.65 30.44
C THR H 244 1.79 -4.67 30.94
N GLU H 245 0.87 -5.14 31.77
CA GLU H 245 -0.20 -4.32 32.31
C GLU H 245 0.04 -4.00 33.79
N PRO H 246 0.15 -2.71 34.13
CA PRO H 246 0.39 -2.36 35.54
C PRO H 246 -0.72 -2.94 36.42
N HIS H 247 -0.34 -3.54 37.53
CA HIS H 247 -1.33 -4.17 38.39
C HIS H 247 -1.39 -3.62 39.81
N GLU H 248 -0.31 -3.74 40.55
CA GLU H 248 -0.33 -3.28 41.94
C GLU H 248 1.00 -2.70 42.40
N PHE H 249 0.93 -1.74 43.31
CA PHE H 249 2.13 -1.13 43.88
C PHE H 249 2.01 -1.29 45.39
N ILE H 250 3.04 -1.88 46.00
CA ILE H 250 3.05 -2.09 47.43
C ILE H 250 4.19 -1.29 48.03
N LEU H 251 3.93 -0.61 49.13
CA LEU H 251 4.96 0.19 49.77
C LEU H 251 5.14 -0.22 51.23
N GLN H 252 6.33 -0.73 51.56
CA GLN H 252 6.61 -1.12 52.96
C GLN H 252 7.52 -0.08 53.57
N MET H 253 7.16 0.40 54.75
CA MET H 253 7.95 1.43 55.43
C MET H 253 8.73 0.88 56.61
N GLY H 254 9.85 1.55 56.89
CA GLY H 254 10.67 1.21 58.03
C GLY H 254 10.34 2.25 59.09
N ASP H 255 11.16 3.29 59.20
CA ASP H 255 10.92 4.36 60.15
C ASP H 255 9.88 5.32 59.54
N ALA H 256 8.62 5.15 59.94
CA ALA H 256 7.51 5.96 59.44
C ALA H 256 7.27 7.09 60.44
N HIS H 257 7.50 8.33 60.01
CA HIS H 257 7.37 9.45 60.92
C HIS H 257 6.67 10.70 60.37
N VAL H 258 6.25 11.54 61.32
CA VAL H 258 5.61 12.81 61.01
C VAL H 258 6.44 13.85 61.74
N TYR H 259 7.02 14.79 61.00
CA TYR H 259 7.82 15.83 61.66
C TYR H 259 6.96 16.69 62.57
N ARG H 260 7.56 17.17 63.66
CA ARG H 260 6.86 18.00 64.65
C ARG H 260 6.14 19.19 64.03
N ASP H 261 6.81 19.86 63.09
CA ASP H 261 6.20 21.02 62.45
C ASP H 261 5.21 20.68 61.35
N HIS H 262 4.89 19.39 61.20
CA HIS H 262 3.92 18.95 60.18
C HIS H 262 2.60 18.51 60.82
N VAL H 263 2.63 18.28 62.13
CA VAL H 263 1.42 17.82 62.84
C VAL H 263 0.18 18.68 62.58
N GLU H 264 0.28 19.98 62.85
CA GLU H 264 -0.87 20.86 62.64
C GLU H 264 -1.30 20.96 61.19
N PRO H 265 -0.35 21.12 60.26
CA PRO H 265 -0.77 21.19 58.85
C PRO H 265 -1.49 19.91 58.40
N LEU H 266 -1.01 18.76 58.86
CA LEU H 266 -1.63 17.49 58.48
C LEU H 266 -3.04 17.32 59.06
N LYS H 267 -3.28 17.86 60.26
CA LYS H 267 -4.61 17.75 60.88
C LYS H 267 -5.64 18.38 59.96
N THR H 268 -5.24 19.44 59.26
CA THR H 268 -6.16 20.08 58.31
C THR H 268 -6.43 19.12 57.16
N GLN H 269 -5.40 18.44 56.70
CA GLN H 269 -5.57 17.49 55.60
C GLN H 269 -6.44 16.30 55.99
N LEU H 270 -6.30 15.85 57.24
CA LEU H 270 -7.07 14.70 57.73
C LEU H 270 -8.58 14.91 57.69
N GLU H 271 -9.00 16.17 57.63
CA GLU H 271 -10.41 16.50 57.59
C GLU H 271 -11.02 16.35 56.20
N ARG H 272 -10.17 16.21 55.19
CA ARG H 272 -10.65 16.13 53.82
C ARG H 272 -10.95 14.75 53.29
N GLU H 273 -12.01 14.67 52.50
CA GLU H 273 -12.43 13.42 51.90
C GLU H 273 -11.75 13.29 50.54
N PRO H 274 -11.10 12.14 50.29
CA PRO H 274 -10.40 11.89 49.01
C PRO H 274 -11.32 11.92 47.80
N ARG H 275 -10.76 12.32 46.65
CA ARG H 275 -11.48 12.32 45.40
C ARG H 275 -10.93 11.11 44.66
N ASP H 276 -11.67 10.58 43.68
CA ASP H 276 -11.17 9.43 42.95
C ASP H 276 -9.81 9.75 42.34
N PHE H 277 -8.90 8.78 42.34
CA PHE H 277 -7.57 8.97 41.79
C PHE H 277 -7.66 9.25 40.30
N PRO H 278 -6.69 10.00 39.76
CA PRO H 278 -6.65 10.34 38.34
C PRO H 278 -6.17 9.16 37.53
N LYS H 279 -6.19 9.31 36.21
CA LYS H 279 -5.71 8.25 35.35
C LYS H 279 -4.53 8.74 34.51
N LEU H 280 -3.64 7.81 34.16
CA LEU H 280 -2.47 8.16 33.37
C LEU H 280 -2.62 7.69 31.92
N LYS H 281 -2.28 8.56 30.99
CA LYS H 281 -2.32 8.23 29.55
C LYS H 281 -1.00 8.70 28.95
N TRP H 282 -0.58 8.09 27.85
CA TRP H 282 0.67 8.48 27.22
C TRP H 282 0.41 9.37 25.99
N ALA H 283 1.20 10.42 25.85
CA ALA H 283 1.04 11.34 24.73
C ALA H 283 1.66 10.77 23.48
N ARG H 284 2.46 9.72 23.63
CA ARG H 284 3.11 9.06 22.49
C ARG H 284 3.00 7.56 22.61
N SER H 285 3.35 6.86 21.53
CA SER H 285 3.27 5.41 21.53
C SER H 285 4.55 4.75 22.05
N LYS H 286 4.47 3.45 22.31
CA LYS H 286 5.62 2.70 22.79
C LYS H 286 6.77 2.83 21.80
N GLU H 287 6.44 2.70 20.52
CA GLU H 287 7.45 2.81 19.47
C GLU H 287 8.11 4.17 19.43
N GLU H 288 7.32 5.23 19.59
CA GLU H 288 7.87 6.58 19.56
C GLU H 288 8.79 6.80 20.76
N ILE H 289 8.34 6.39 21.96
CA ILE H 289 9.15 6.54 23.16
C ILE H 289 10.40 5.67 23.02
N GLY H 290 10.22 4.48 22.47
CA GLY H 290 11.35 3.58 22.26
C GLY H 290 11.75 2.71 23.42
N ASP H 291 12.42 3.28 24.41
CA ASP H 291 12.85 2.51 25.57
C ASP H 291 12.70 3.34 26.85
N ILE H 292 13.16 2.79 27.97
CA ILE H 292 13.04 3.46 29.26
C ILE H 292 13.73 4.81 29.32
N ASP H 293 14.63 5.06 28.38
CA ASP H 293 15.35 6.34 28.37
C ASP H 293 14.73 7.36 27.42
N GLY H 294 13.63 7.00 26.78
CA GLY H 294 13.01 7.90 25.83
C GLY H 294 11.81 8.71 26.31
N PHE H 295 11.49 8.64 27.60
CA PHE H 295 10.36 9.38 28.13
C PHE H 295 10.65 10.87 28.35
N LYS H 296 9.62 11.69 28.19
CA LYS H 296 9.70 13.14 28.37
C LYS H 296 8.57 13.55 29.27
N VAL H 297 8.74 14.64 30.01
CA VAL H 297 7.71 15.11 30.93
C VAL H 297 6.34 15.20 30.24
N GLU H 298 6.33 15.80 29.05
CA GLU H 298 5.08 15.97 28.28
C GLU H 298 4.43 14.66 27.84
N ASP H 299 5.11 13.54 28.04
CA ASP H 299 4.52 12.25 27.64
C ASP H 299 3.47 11.81 28.65
N PHE H 300 3.59 12.31 29.88
CA PHE H 300 2.68 11.94 30.99
C PHE H 300 1.41 12.78 30.99
N VAL H 301 0.32 12.21 30.50
CA VAL H 301 -0.96 12.90 30.46
C VAL H 301 -1.85 12.39 31.59
N VAL H 302 -1.89 13.15 32.69
CA VAL H 302 -2.71 12.80 33.85
C VAL H 302 -4.08 13.49 33.76
N GLU H 303 -5.14 12.70 33.66
CA GLU H 303 -6.45 13.27 33.55
C GLU H 303 -7.34 12.95 34.74
N GLY H 304 -8.23 13.88 35.08
CA GLY H 304 -9.13 13.65 36.20
C GLY H 304 -8.56 13.95 37.57
N TYR H 305 -7.45 14.67 37.63
CA TYR H 305 -6.85 14.98 38.92
C TYR H 305 -7.65 16.14 39.54
N LYS H 306 -8.30 15.88 40.67
CA LYS H 306 -9.11 16.86 41.34
C LYS H 306 -8.80 16.93 42.82
N PRO H 307 -7.65 17.52 43.18
CA PRO H 307 -7.22 17.65 44.57
C PRO H 307 -7.78 18.84 45.31
N TRP H 308 -7.71 18.78 46.63
CA TRP H 308 -8.09 19.89 47.47
C TRP H 308 -6.90 20.87 47.42
N GLY H 309 -6.97 21.93 48.22
CA GLY H 309 -5.92 22.92 48.22
C GLY H 309 -4.57 22.42 48.72
N LYS H 310 -3.53 23.18 48.41
CA LYS H 310 -2.20 22.83 48.83
C LYS H 310 -2.08 23.03 50.34
N ILE H 311 -1.16 22.29 50.95
CA ILE H 311 -0.91 22.40 52.38
C ILE H 311 0.57 22.65 52.55
N ASP H 312 0.92 23.81 53.07
CA ASP H 312 2.31 24.18 53.25
C ASP H 312 2.98 23.40 54.38
N MET H 313 4.15 22.83 54.09
CA MET H 313 4.93 22.07 55.06
C MET H 313 6.39 22.30 54.76
N LYS H 314 7.14 22.67 55.79
CA LYS H 314 8.56 22.95 55.63
C LYS H 314 9.38 21.66 55.68
N MET H 315 10.37 21.56 54.81
CA MET H 315 11.22 20.38 54.78
C MET H 315 12.39 20.57 55.71
N SER H 316 12.69 19.55 56.51
CA SER H 316 13.82 19.65 57.43
C SER H 316 15.04 19.07 56.74
N ALA H 317 16.06 19.93 56.52
CA ALA H 317 17.31 19.52 55.84
C ALA H 317 18.14 18.56 56.68
N PRO I 16 52.59 -27.75 -11.98
CA PRO I 16 52.30 -26.53 -11.20
C PRO I 16 50.94 -25.95 -11.53
N ASP I 17 50.29 -26.51 -12.54
CA ASP I 17 48.97 -26.05 -12.96
C ASP I 17 47.85 -26.93 -12.41
N HIS I 18 48.21 -27.96 -11.65
CA HIS I 18 47.20 -28.85 -11.09
C HIS I 18 46.25 -28.03 -10.21
N GLU I 19 44.97 -28.11 -10.52
CA GLU I 19 43.94 -27.37 -9.80
C GLU I 19 43.92 -27.58 -8.30
N GLU I 20 44.39 -28.73 -7.82
CA GLU I 20 44.38 -29.00 -6.39
C GLU I 20 45.29 -28.06 -5.60
N TYR I 21 46.26 -27.45 -6.28
CA TYR I 21 47.16 -26.53 -5.60
C TYR I 21 46.42 -25.30 -5.08
N GLN I 22 45.25 -25.02 -5.66
CA GLN I 22 44.44 -23.89 -5.23
C GLN I 22 44.06 -24.13 -3.77
N TYR I 23 43.61 -25.36 -3.51
CA TYR I 23 43.21 -25.78 -2.18
C TYR I 23 44.38 -25.82 -1.21
N LEU I 24 45.50 -26.43 -1.65
CA LEU I 24 46.68 -26.53 -0.81
C LEU I 24 47.28 -25.15 -0.50
N ASP I 25 47.36 -24.30 -1.53
CA ASP I 25 47.92 -22.97 -1.35
C ASP I 25 47.10 -22.12 -0.38
N LEU I 26 45.77 -22.20 -0.47
CA LEU I 26 44.92 -21.42 0.42
C LEU I 26 45.13 -21.83 1.87
N ILE I 27 45.22 -23.12 2.12
CA ILE I 27 45.43 -23.63 3.47
C ILE I 27 46.76 -23.11 4.01
N ARG I 28 47.79 -23.16 3.16
CA ARG I 28 49.10 -22.68 3.55
C ARG I 28 49.03 -21.20 3.89
N ARG I 29 48.29 -20.44 3.09
CA ARG I 29 48.14 -19.01 3.32
C ARG I 29 47.40 -18.72 4.62
N ILE I 30 46.31 -19.44 4.85
CA ILE I 30 45.51 -19.24 6.06
C ILE I 30 46.35 -19.52 7.31
N ILE I 31 47.14 -20.58 7.27
CA ILE I 31 47.99 -20.92 8.41
C ILE I 31 49.06 -19.85 8.62
N ASN I 32 49.60 -19.33 7.52
CA ASN I 32 50.65 -18.32 7.56
C ASN I 32 50.19 -16.92 7.99
N VAL I 33 49.23 -16.35 7.27
CA VAL I 33 48.76 -15.01 7.58
C VAL I 33 47.31 -14.91 8.06
N GLY I 34 46.68 -16.07 8.30
CA GLY I 34 45.31 -16.06 8.78
C GLY I 34 45.19 -15.43 10.16
N GLU I 35 43.98 -15.00 10.50
CA GLU I 35 43.72 -14.38 11.80
C GLU I 35 43.17 -15.39 12.79
N VAL I 36 43.78 -15.47 13.98
CA VAL I 36 43.34 -16.39 15.01
C VAL I 36 42.05 -15.86 15.59
N ARG I 37 40.99 -16.67 15.57
CA ARG I 37 39.70 -16.22 16.05
C ARG I 37 38.92 -17.25 16.86
N PRO I 38 38.05 -16.78 17.76
CA PRO I 38 37.23 -17.66 18.59
C PRO I 38 36.07 -18.05 17.67
N ASP I 39 35.31 -19.08 18.02
CA ASP I 39 34.20 -19.48 17.16
C ASP I 39 33.12 -20.21 17.94
N ARG I 40 32.01 -20.48 17.26
CA ARG I 40 30.87 -21.16 17.85
C ARG I 40 31.21 -22.49 18.51
N THR I 41 32.06 -23.29 17.86
CA THR I 41 32.43 -24.60 18.40
C THR I 41 33.29 -24.55 19.65
N GLY I 42 34.09 -23.49 19.78
CA GLY I 42 34.93 -23.36 20.96
C GLY I 42 36.35 -23.88 20.78
N THR I 43 36.64 -24.47 19.62
CA THR I 43 37.99 -24.99 19.39
C THR I 43 38.89 -23.91 18.81
N GLY I 44 38.29 -22.90 18.20
CA GLY I 44 39.07 -21.81 17.62
C GLY I 44 39.54 -22.11 16.21
N THR I 45 39.83 -21.07 15.45
CA THR I 45 40.29 -21.24 14.07
C THR I 45 41.23 -20.11 13.66
N VAL I 46 41.75 -20.23 12.45
CA VAL I 46 42.63 -19.23 11.86
C VAL I 46 41.88 -18.99 10.54
N ALA I 47 41.56 -17.74 10.24
CA ALA I 47 40.80 -17.49 9.01
C ALA I 47 41.11 -16.25 8.20
N LEU I 48 40.59 -16.27 6.97
CA LEU I 48 40.71 -15.18 6.01
C LEU I 48 39.32 -15.00 5.40
N PHE I 49 38.93 -13.78 5.09
CA PHE I 49 37.62 -13.53 4.51
C PHE I 49 37.66 -13.28 3.02
N ALA I 50 36.72 -13.87 2.30
CA ALA I 50 36.59 -13.70 0.86
C ALA I 50 37.88 -13.85 0.04
N PRO I 51 38.58 -14.98 0.17
CA PRO I 51 39.81 -15.14 -0.61
C PRO I 51 39.43 -15.41 -2.06
N PRO I 52 40.41 -15.35 -2.98
CA PRO I 52 40.09 -15.62 -4.39
C PRO I 52 39.34 -16.95 -4.53
N SER I 53 38.35 -16.98 -5.42
CA SER I 53 37.55 -18.18 -5.64
C SER I 53 38.33 -19.31 -6.30
N PHE I 54 37.84 -20.54 -6.15
CA PHE I 54 38.47 -21.71 -6.76
C PHE I 54 37.76 -21.99 -8.07
N ARG I 55 38.50 -22.48 -9.06
CA ARG I 55 37.92 -22.81 -10.36
C ARG I 55 38.38 -24.22 -10.73
N PHE I 56 37.44 -25.10 -11.03
CA PHE I 56 37.74 -26.47 -11.40
C PHE I 56 37.08 -26.84 -12.72
N SER I 57 37.87 -27.40 -13.63
CA SER I 57 37.35 -27.82 -14.92
C SER I 57 36.60 -29.14 -14.79
N LEU I 58 35.42 -29.22 -15.38
CA LEU I 58 34.62 -30.44 -15.33
C LEU I 58 34.58 -31.09 -16.71
N ALA I 59 35.38 -30.57 -17.63
CA ALA I 59 35.44 -31.11 -18.99
C ALA I 59 36.09 -32.48 -19.01
N ASP I 60 35.82 -33.24 -20.06
CA ASP I 60 36.38 -34.58 -20.22
C ASP I 60 36.03 -35.50 -19.04
N ASN I 61 34.81 -35.37 -18.55
CA ASN I 61 34.31 -36.18 -17.42
C ASN I 61 35.17 -36.06 -16.16
N THR I 62 35.89 -34.97 -16.01
CA THR I 62 36.74 -34.78 -14.84
C THR I 62 35.97 -34.49 -13.55
N LEU I 63 36.41 -35.13 -12.47
CA LEU I 63 35.80 -34.96 -11.15
C LEU I 63 36.88 -34.47 -10.19
N PRO I 64 36.77 -33.22 -9.71
CA PRO I 64 37.76 -32.67 -8.78
C PRO I 64 37.69 -33.26 -7.38
N LEU I 65 38.04 -34.54 -7.28
CA LEU I 65 38.06 -35.24 -6.00
C LEU I 65 39.50 -35.17 -5.51
N LEU I 66 39.75 -34.40 -4.45
CA LEU I 66 41.09 -34.23 -3.91
C LEU I 66 41.88 -35.54 -3.80
N THR I 67 43.15 -35.47 -4.15
CA THR I 67 44.02 -36.64 -4.12
C THR I 67 45.11 -36.60 -3.04
N THR I 68 45.35 -35.44 -2.44
CA THR I 68 46.37 -35.34 -1.41
C THR I 68 45.96 -36.03 -0.11
N LYS I 69 44.78 -36.62 -0.12
CA LYS I 69 44.25 -37.37 1.03
C LYS I 69 43.08 -38.19 0.51
N ARG I 70 42.81 -39.32 1.15
CA ARG I 70 41.69 -40.15 0.71
C ARG I 70 40.38 -39.52 1.16
N VAL I 71 39.54 -39.19 0.19
CA VAL I 71 38.25 -38.58 0.48
C VAL I 71 37.14 -39.63 0.44
N PHE I 72 36.26 -39.60 1.44
CA PHE I 72 35.15 -40.54 1.53
C PHE I 72 34.14 -40.28 0.41
N LEU I 73 34.48 -40.74 -0.79
CA LEU I 73 33.64 -40.56 -1.97
C LEU I 73 32.19 -41.01 -1.77
N ARG I 74 32.00 -42.24 -1.29
CA ARG I 74 30.66 -42.76 -1.08
C ARG I 74 29.86 -41.85 -0.16
N GLY I 75 30.54 -41.25 0.81
CA GLY I 75 29.87 -40.35 1.73
C GLY I 75 29.38 -39.10 1.02
N VAL I 76 30.20 -38.60 0.10
CA VAL I 76 29.84 -37.41 -0.67
C VAL I 76 28.61 -37.68 -1.52
N ILE I 77 28.64 -38.80 -2.25
CA ILE I 77 27.55 -39.19 -3.12
C ILE I 77 26.26 -39.40 -2.30
N ALA I 78 26.37 -40.16 -1.22
CA ALA I 78 25.21 -40.43 -0.37
C ALA I 78 24.57 -39.14 0.12
N GLU I 79 25.38 -38.22 0.63
CA GLU I 79 24.86 -36.94 1.13
C GLU I 79 24.17 -36.16 0.01
N LEU I 80 24.77 -36.17 -1.18
CA LEU I 80 24.20 -35.44 -2.32
C LEU I 80 22.84 -35.98 -2.75
N LEU I 81 22.72 -37.29 -2.90
CA LEU I 81 21.46 -37.91 -3.29
C LEU I 81 20.44 -37.67 -2.19
N TRP I 82 20.94 -37.51 -0.98
CA TRP I 82 20.12 -37.26 0.19
C TRP I 82 19.54 -35.84 0.05
N PHE I 83 20.38 -34.88 -0.33
CA PHE I 83 19.93 -33.51 -0.53
C PHE I 83 18.84 -33.50 -1.59
N VAL I 84 19.16 -34.08 -2.74
CA VAL I 84 18.25 -34.14 -3.87
C VAL I 84 16.88 -34.71 -3.49
N SER I 85 16.87 -35.75 -2.66
CA SER I 85 15.61 -36.37 -2.25
C SER I 85 14.78 -35.45 -1.37
N GLY I 86 15.40 -34.38 -0.86
CA GLY I 86 14.68 -33.45 -0.01
C GLY I 86 14.57 -33.94 1.42
N CYS I 87 15.21 -35.07 1.71
CA CYS I 87 15.19 -35.67 3.03
C CYS I 87 16.06 -34.90 4.02
N THR I 88 15.62 -34.84 5.28
CA THR I 88 16.35 -34.12 6.31
C THR I 88 16.64 -35.02 7.53
N ASP I 89 16.47 -36.33 7.35
CA ASP I 89 16.70 -37.28 8.43
C ASP I 89 18.10 -37.89 8.28
N ALA I 90 19.00 -37.51 9.19
CA ALA I 90 20.37 -38.01 9.17
C ALA I 90 20.46 -39.53 9.28
N LYS I 91 19.44 -40.17 9.83
CA LYS I 91 19.44 -41.62 9.97
C LYS I 91 19.49 -42.28 8.61
N MET I 92 19.03 -41.57 7.59
CA MET I 92 19.05 -42.12 6.22
C MET I 92 20.48 -42.22 5.71
N LEU I 93 21.38 -41.48 6.35
CA LEU I 93 22.78 -41.51 5.96
C LEU I 93 23.54 -42.51 6.84
N SER I 94 23.30 -42.46 8.15
CA SER I 94 23.97 -43.38 9.07
C SER I 94 23.55 -44.83 8.83
N SER I 95 22.34 -45.03 8.34
CA SER I 95 21.86 -46.38 8.07
C SER I 95 22.62 -47.00 6.92
N GLN I 96 23.21 -46.16 6.07
CA GLN I 96 23.99 -46.66 4.94
C GLN I 96 25.49 -46.47 5.16
N GLY I 97 25.89 -46.35 6.42
CA GLY I 97 27.30 -46.21 6.76
C GLY I 97 27.94 -44.83 6.60
N VAL I 98 27.11 -43.78 6.58
CA VAL I 98 27.63 -42.42 6.43
C VAL I 98 27.21 -41.61 7.66
N GLY I 99 28.17 -41.29 8.51
CA GLY I 99 27.85 -40.54 9.72
C GLY I 99 28.31 -39.10 9.80
N ILE I 100 28.50 -38.46 8.64
CA ILE I 100 28.96 -37.08 8.62
C ILE I 100 28.01 -36.12 9.33
N TRP I 101 26.73 -36.48 9.41
CA TRP I 101 25.75 -35.62 10.07
C TRP I 101 25.31 -36.13 11.44
N ASP I 102 25.96 -37.18 11.94
CA ASP I 102 25.62 -37.75 13.24
C ASP I 102 25.93 -36.75 14.35
N GLY I 103 27.00 -35.98 14.17
CA GLY I 103 27.38 -35.01 15.18
C GLY I 103 26.36 -33.92 15.45
N ASN I 104 25.81 -33.32 14.40
CA ASN I 104 24.84 -32.25 14.58
C ASN I 104 23.41 -32.78 14.67
N GLY I 105 23.26 -34.09 14.48
CA GLY I 105 21.94 -34.69 14.55
C GLY I 105 21.74 -35.46 15.85
N SER I 106 22.79 -35.52 16.66
CA SER I 106 22.72 -36.23 17.93
C SER I 106 21.71 -35.60 18.87
N LYS I 107 21.13 -36.41 19.73
CA LYS I 107 20.14 -35.94 20.69
C LYS I 107 20.76 -34.90 21.61
N GLU I 108 22.07 -34.99 21.79
CA GLU I 108 22.80 -34.07 22.66
C GLU I 108 22.91 -32.68 22.06
N PHE I 109 23.28 -32.63 20.77
CA PHE I 109 23.44 -31.36 20.09
C PHE I 109 22.10 -30.66 19.89
N LEU I 110 21.10 -31.42 19.43
CA LEU I 110 19.78 -30.87 19.19
C LEU I 110 19.24 -30.18 20.45
N GLU I 111 19.29 -30.87 21.58
CA GLU I 111 18.82 -30.29 22.83
C GLU I 111 19.67 -29.08 23.20
N LYS I 112 20.93 -29.13 22.79
CA LYS I 112 21.89 -28.06 23.06
C LYS I 112 21.49 -26.76 22.35
N VAL I 113 20.94 -26.88 21.14
CA VAL I 113 20.53 -25.71 20.37
C VAL I 113 19.04 -25.39 20.49
N GLY I 114 18.40 -25.92 21.52
CA GLY I 114 16.98 -25.66 21.72
C GLY I 114 16.01 -26.45 20.86
N LEU I 115 16.46 -27.60 20.37
CA LEU I 115 15.61 -28.45 19.53
C LEU I 115 15.44 -29.82 20.17
N GLY I 116 15.22 -29.84 21.48
CA GLY I 116 15.06 -31.09 22.20
C GLY I 116 13.78 -31.85 21.92
N HIS I 117 12.81 -31.18 21.32
CA HIS I 117 11.52 -31.81 21.00
C HIS I 117 11.62 -32.70 19.76
N ARG I 118 12.78 -32.70 19.13
CA ARG I 118 12.97 -33.51 17.94
C ARG I 118 13.67 -34.83 18.22
N ARG I 119 13.35 -35.85 17.45
CA ARG I 119 13.99 -37.14 17.64
C ARG I 119 15.39 -37.05 17.05
N GLU I 120 16.31 -37.87 17.55
CA GLU I 120 17.68 -37.85 17.07
C GLU I 120 17.74 -38.04 15.56
N GLY I 121 18.52 -37.19 14.89
CA GLY I 121 18.65 -37.30 13.44
C GLY I 121 17.80 -36.33 12.66
N ASP I 122 16.77 -35.78 13.30
CA ASP I 122 15.88 -34.81 12.64
C ASP I 122 16.54 -33.43 12.66
N LEU I 123 17.29 -33.14 11.61
CA LEU I 123 18.01 -31.87 11.49
C LEU I 123 17.13 -30.64 11.26
N GLY I 124 15.90 -30.86 10.81
CA GLY I 124 15.02 -29.73 10.55
C GLY I 124 14.99 -29.43 9.06
N PRO I 125 14.43 -28.27 8.66
CA PRO I 125 14.33 -27.88 7.25
C PRO I 125 15.65 -27.42 6.63
N VAL I 126 16.63 -28.31 6.60
CA VAL I 126 17.94 -28.00 6.05
C VAL I 126 18.02 -28.23 4.54
N TYR I 127 19.22 -28.05 3.98
CA TYR I 127 19.51 -28.20 2.56
C TYR I 127 18.41 -28.82 1.68
N GLY I 128 18.35 -30.14 1.67
CA GLY I 128 17.36 -30.85 0.86
C GLY I 128 15.94 -30.32 0.90
N PHE I 129 15.45 -30.00 2.09
CA PHE I 129 14.09 -29.49 2.23
C PHE I 129 13.91 -28.15 1.52
N GLN I 130 14.87 -27.24 1.69
CA GLN I 130 14.79 -25.93 1.05
C GLN I 130 14.88 -26.09 -0.47
N TRP I 131 15.77 -26.97 -0.91
CA TRP I 131 15.99 -27.24 -2.33
C TRP I 131 14.74 -27.68 -3.09
N ARG I 132 13.94 -28.56 -2.46
CA ARG I 132 12.75 -29.08 -3.11
C ARG I 132 11.40 -28.57 -2.55
N HIS I 133 11.43 -27.94 -1.38
CA HIS I 133 10.18 -27.47 -0.77
C HIS I 133 10.30 -26.09 -0.10
N PHE I 134 11.10 -25.20 -0.68
CA PHE I 134 11.27 -23.89 -0.09
C PHE I 134 9.94 -23.18 0.17
N GLY I 135 9.77 -22.69 1.39
CA GLY I 135 8.54 -22.00 1.74
C GLY I 135 7.51 -22.85 2.45
N ALA I 136 7.59 -24.16 2.28
CA ALA I 136 6.64 -25.07 2.90
C ALA I 136 6.79 -25.06 4.42
N GLU I 137 5.72 -25.42 5.11
CA GLU I 137 5.72 -25.47 6.57
C GLU I 137 6.38 -26.77 7.02
N TYR I 138 7.36 -26.67 7.91
CA TYR I 138 8.06 -27.85 8.39
C TYR I 138 7.49 -28.34 9.72
N THR I 139 7.19 -29.63 9.80
CA THR I 139 6.69 -30.21 11.04
C THR I 139 7.85 -31.04 11.61
N ASP I 140 8.11 -32.18 10.99
CA ASP I 140 9.22 -33.04 11.40
C ASP I 140 9.79 -33.70 10.14
N ALA I 141 10.77 -34.62 10.26
CA ALA I 141 11.32 -35.24 9.05
C ALA I 141 10.41 -36.23 8.36
N ASP I 142 9.34 -36.64 9.03
CA ASP I 142 8.40 -37.61 8.47
C ASP I 142 7.24 -36.92 7.77
N GLY I 143 7.19 -35.60 7.85
CA GLY I 143 6.11 -34.85 7.24
C GLY I 143 5.97 -35.09 5.74
N ASP I 144 4.74 -34.93 5.25
CA ASP I 144 4.44 -35.12 3.84
C ASP I 144 4.56 -33.76 3.14
N TYR I 145 5.64 -33.57 2.40
CA TYR I 145 5.90 -32.32 1.71
C TYR I 145 5.77 -32.40 0.20
N LYS I 146 5.41 -33.58 -0.30
CA LYS I 146 5.27 -33.76 -1.74
C LYS I 146 4.33 -32.73 -2.34
N GLY I 147 4.81 -32.01 -3.34
CA GLY I 147 4.00 -30.99 -4.00
C GLY I 147 3.85 -29.71 -3.21
N LYS I 148 4.58 -29.58 -2.11
CA LYS I 148 4.50 -28.39 -1.28
C LYS I 148 5.79 -27.57 -1.36
N GLY I 149 5.64 -26.26 -1.35
CA GLY I 149 6.79 -25.38 -1.43
C GLY I 149 7.32 -25.26 -2.85
N VAL I 150 8.40 -24.50 -3.02
CA VAL I 150 8.99 -24.33 -4.34
C VAL I 150 10.08 -25.36 -4.62
N ASP I 151 9.94 -26.08 -5.72
CA ASP I 151 10.95 -27.06 -6.10
C ASP I 151 11.98 -26.39 -6.98
N GLN I 152 12.96 -25.76 -6.33
CA GLN I 152 14.03 -25.05 -7.02
C GLN I 152 14.83 -25.93 -7.96
N LEU I 153 15.16 -27.14 -7.51
CA LEU I 153 15.96 -28.05 -8.31
C LEU I 153 15.33 -28.39 -9.65
N GLN I 154 14.06 -28.80 -9.64
CA GLN I 154 13.40 -29.15 -10.89
C GLN I 154 13.26 -27.92 -11.79
N ARG I 155 13.04 -26.76 -11.18
CA ARG I 155 12.91 -25.53 -11.97
C ARG I 155 14.23 -25.27 -12.69
N VAL I 156 15.34 -25.53 -12.00
CA VAL I 156 16.66 -25.34 -12.58
C VAL I 156 16.81 -26.24 -13.80
N ILE I 157 16.37 -27.49 -13.66
CA ILE I 157 16.44 -28.46 -14.75
C ILE I 157 15.61 -27.99 -15.94
N ASP I 158 14.36 -27.62 -15.68
CA ASP I 158 13.44 -27.16 -16.71
C ASP I 158 13.97 -25.91 -17.42
N THR I 159 14.55 -24.99 -16.66
CA THR I 159 15.07 -23.74 -17.22
C THR I 159 16.29 -23.97 -18.11
N ILE I 160 17.18 -24.85 -17.69
CA ILE I 160 18.39 -25.14 -18.47
C ILE I 160 18.00 -25.74 -19.82
N LYS I 161 16.95 -26.55 -19.83
CA LYS I 161 16.48 -27.21 -21.03
C LYS I 161 15.65 -26.33 -21.96
N ASN I 162 14.77 -25.51 -21.40
CA ASN I 162 13.88 -24.67 -22.21
C ASN I 162 14.20 -23.18 -22.32
N ASN I 163 15.05 -22.67 -21.43
CA ASN I 163 15.42 -21.26 -21.48
C ASN I 163 16.77 -21.07 -20.80
N PRO I 164 17.82 -21.67 -21.39
CA PRO I 164 19.21 -21.63 -20.92
C PRO I 164 19.83 -20.27 -20.65
N THR I 165 19.44 -19.25 -21.42
CA THR I 165 20.00 -17.92 -21.23
C THR I 165 19.37 -17.17 -20.06
N ASP I 166 18.41 -17.82 -19.39
CA ASP I 166 17.76 -17.21 -18.23
C ASP I 166 18.86 -16.86 -17.23
N ARG I 167 18.69 -15.76 -16.50
CA ARG I 167 19.70 -15.33 -15.55
C ARG I 167 19.30 -15.51 -14.09
N ARG I 168 18.31 -16.38 -13.85
CA ARG I 168 17.82 -16.67 -12.50
C ARG I 168 17.91 -18.16 -12.15
N ILE I 169 18.83 -18.88 -12.79
CA ILE I 169 18.98 -20.32 -12.53
C ILE I 169 19.68 -20.49 -11.19
N ILE I 170 18.93 -20.30 -10.12
CA ILE I 170 19.46 -20.38 -8.76
C ILE I 170 18.92 -21.53 -7.92
N LEU I 171 19.79 -22.10 -7.10
CA LEU I 171 19.45 -23.18 -6.18
C LEU I 171 19.96 -22.73 -4.83
N SER I 172 19.04 -22.36 -3.94
CA SER I 172 19.43 -21.87 -2.62
C SER I 172 18.76 -22.56 -1.44
N ALA I 173 19.52 -22.74 -0.37
CA ALA I 173 19.01 -23.37 0.84
C ALA I 173 18.88 -22.34 1.96
N TRP I 174 19.31 -21.12 1.71
CA TRP I 174 19.24 -20.08 2.72
C TRP I 174 17.81 -19.60 2.92
N ASN I 175 17.32 -19.72 4.15
CA ASN I 175 15.96 -19.30 4.49
C ASN I 175 15.98 -18.68 5.87
N PRO I 176 16.08 -17.34 5.94
CA PRO I 176 16.12 -16.61 7.22
C PRO I 176 15.00 -16.99 8.19
N LYS I 177 13.82 -17.33 7.66
CA LYS I 177 12.70 -17.69 8.52
C LYS I 177 12.86 -19.06 9.16
N ASP I 178 13.40 -20.02 8.41
CA ASP I 178 13.57 -21.39 8.91
C ASP I 178 14.87 -21.64 9.68
N LEU I 179 15.82 -20.72 9.60
CA LEU I 179 17.11 -20.89 10.28
C LEU I 179 17.03 -21.45 11.69
N PRO I 180 16.24 -20.82 12.58
CA PRO I 180 16.15 -21.33 13.95
C PRO I 180 15.67 -22.77 14.09
N LEU I 181 15.03 -23.29 13.05
CA LEU I 181 14.52 -24.66 13.09
C LEU I 181 15.60 -25.63 12.60
N MET I 182 16.70 -25.08 12.09
CA MET I 182 17.79 -25.89 11.58
C MET I 182 18.85 -26.21 12.62
N ALA I 183 19.30 -27.45 12.65
CA ALA I 183 20.32 -27.86 13.59
C ALA I 183 21.58 -27.05 13.30
N LEU I 184 21.74 -26.69 12.03
CA LEU I 184 22.89 -25.91 11.60
C LEU I 184 22.51 -25.14 10.34
N PRO I 185 22.86 -23.84 10.27
CA PRO I 185 22.51 -23.05 9.08
C PRO I 185 23.32 -23.53 7.87
N PRO I 186 22.75 -23.41 6.67
CA PRO I 186 23.44 -23.85 5.45
C PRO I 186 24.82 -23.21 5.27
N CYS I 187 25.82 -24.03 4.97
CA CYS I 187 27.18 -23.51 4.74
C CYS I 187 27.24 -23.13 3.27
N HIS I 188 26.91 -24.08 2.40
CA HIS I 188 26.86 -23.79 0.98
C HIS I 188 25.43 -23.31 0.82
N MET I 189 25.24 -22.00 0.95
CA MET I 189 23.92 -21.39 0.91
C MET I 189 23.21 -21.27 -0.43
N PHE I 190 23.96 -21.39 -1.53
CA PHE I 190 23.34 -21.30 -2.84
C PHE I 190 24.36 -21.43 -3.96
N CYS I 191 23.85 -21.69 -5.16
CA CYS I 191 24.70 -21.80 -6.33
C CYS I 191 23.91 -21.31 -7.54
N GLN I 192 24.64 -20.91 -8.58
CA GLN I 192 24.03 -20.42 -9.80
C GLN I 192 24.59 -21.17 -11.00
N PHE I 193 23.71 -21.63 -11.88
CA PHE I 193 24.14 -22.35 -13.06
C PHE I 193 24.12 -21.43 -14.27
N PHE I 194 25.03 -21.68 -15.21
CA PHE I 194 25.12 -20.88 -16.42
C PHE I 194 25.30 -21.83 -17.61
N VAL I 195 24.60 -21.53 -18.70
CA VAL I 195 24.67 -22.37 -19.89
C VAL I 195 25.20 -21.60 -21.08
N SER I 196 26.31 -22.08 -21.65
CA SER I 196 26.89 -21.45 -22.83
C SER I 196 26.28 -22.12 -24.05
N LEU I 197 25.74 -21.30 -24.95
CA LEU I 197 25.12 -21.83 -26.16
C LEU I 197 26.17 -22.38 -27.12
N PRO I 198 25.79 -23.34 -27.97
CA PRO I 198 26.71 -23.94 -28.94
C PRO I 198 27.29 -22.89 -29.87
N PRO I 199 28.62 -22.92 -30.08
CA PRO I 199 29.29 -21.96 -30.96
C PRO I 199 28.73 -22.01 -32.38
N PRO I 203 26.74 -25.86 -34.34
CA PRO I 203 25.49 -25.74 -33.58
C PRO I 203 24.96 -27.09 -33.10
N GLY I 204 25.67 -28.16 -33.45
CA GLY I 204 25.25 -29.49 -33.05
C GLY I 204 25.80 -29.89 -31.69
N SER I 205 26.84 -29.19 -31.24
CA SER I 205 27.46 -29.46 -29.96
C SER I 205 26.49 -29.23 -28.80
N LYS I 206 26.80 -29.83 -27.66
CA LYS I 206 25.97 -29.68 -26.47
C LYS I 206 26.31 -28.38 -25.76
N PRO I 207 25.30 -27.68 -25.21
CA PRO I 207 25.58 -26.43 -24.50
C PRO I 207 26.46 -26.77 -23.30
N LYS I 208 27.30 -25.83 -22.88
CA LYS I 208 28.17 -26.07 -21.74
C LYS I 208 27.55 -25.57 -20.44
N LEU I 209 27.60 -26.40 -19.41
CA LEU I 209 27.03 -26.06 -18.10
C LEU I 209 28.09 -25.75 -17.05
N SER I 210 27.93 -24.60 -16.39
CA SER I 210 28.85 -24.19 -15.34
C SER I 210 28.08 -23.95 -14.05
N CYS I 211 28.78 -23.97 -12.93
CA CYS I 211 28.16 -23.77 -11.63
C CYS I 211 29.04 -22.98 -10.69
N LEU I 212 28.45 -21.96 -10.06
CA LEU I 212 29.16 -21.15 -9.09
C LEU I 212 28.42 -21.32 -7.77
N MET I 213 29.16 -21.74 -6.73
CA MET I 213 28.57 -21.95 -5.42
C MET I 213 29.24 -21.03 -4.41
N TYR I 214 28.45 -20.45 -3.52
CA TYR I 214 28.98 -19.56 -2.50
C TYR I 214 28.82 -20.23 -1.14
N GLN I 215 29.93 -20.34 -0.41
CA GLN I 215 29.93 -20.97 0.91
C GLN I 215 30.30 -19.91 1.96
N ARG I 216 29.35 -19.61 2.85
CA ARG I 216 29.54 -18.60 3.90
C ARG I 216 30.62 -18.97 4.93
N SER I 217 30.69 -20.25 5.27
CA SER I 217 31.65 -20.73 6.27
C SER I 217 32.31 -21.98 5.70
N CYS I 218 33.64 -22.00 5.67
CA CYS I 218 34.34 -23.13 5.08
C CYS I 218 35.41 -23.80 5.94
N ASP I 219 35.14 -25.03 6.33
CA ASP I 219 36.09 -25.82 7.12
C ASP I 219 36.97 -26.47 6.06
N LEU I 220 38.09 -25.83 5.73
CA LEU I 220 38.98 -26.37 4.71
C LEU I 220 39.47 -27.79 4.93
N GLY I 221 39.75 -28.13 6.17
CA GLY I 221 40.23 -29.48 6.45
C GLY I 221 39.22 -30.57 6.14
N LEU I 222 38.03 -30.45 6.70
CA LEU I 222 36.98 -31.46 6.52
C LEU I 222 35.85 -31.14 5.54
N GLY I 223 35.33 -29.92 5.61
CA GLY I 223 34.21 -29.56 4.73
C GLY I 223 34.50 -29.34 3.26
N VAL I 224 35.36 -28.38 2.95
CA VAL I 224 35.68 -28.05 1.56
C VAL I 224 35.91 -29.23 0.64
N PRO I 225 36.65 -30.27 1.09
CA PRO I 225 36.86 -31.40 0.20
C PRO I 225 35.54 -32.01 -0.26
N PHE I 226 34.58 -32.09 0.66
CA PHE I 226 33.26 -32.64 0.35
C PHE I 226 32.47 -31.68 -0.54
N ASN I 227 32.46 -30.40 -0.15
CA ASN I 227 31.74 -29.38 -0.89
C ASN I 227 32.15 -29.32 -2.37
N ILE I 228 33.46 -29.36 -2.62
CA ILE I 228 33.95 -29.31 -3.99
C ILE I 228 33.46 -30.48 -4.82
N ALA I 229 33.65 -31.69 -4.31
CA ALA I 229 33.22 -32.89 -5.02
C ALA I 229 31.69 -32.94 -5.15
N SER I 230 30.99 -32.54 -4.11
CA SER I 230 29.53 -32.55 -4.10
C SER I 230 28.93 -31.71 -5.24
N TYR I 231 29.28 -30.43 -5.29
CA TYR I 231 28.73 -29.57 -6.33
C TYR I 231 29.24 -29.93 -7.72
N ALA I 232 30.42 -30.52 -7.79
CA ALA I 232 30.97 -30.95 -9.08
C ALA I 232 30.08 -32.09 -9.56
N LEU I 233 29.73 -32.99 -8.63
CA LEU I 233 28.89 -34.13 -8.96
C LEU I 233 27.47 -33.68 -9.32
N LEU I 234 26.95 -32.69 -8.59
CA LEU I 234 25.61 -32.17 -8.86
C LEU I 234 25.55 -31.63 -10.28
N THR I 235 26.60 -30.93 -10.69
CA THR I 235 26.66 -30.35 -12.02
C THR I 235 26.69 -31.46 -13.07
N HIS I 236 27.42 -32.54 -12.80
CA HIS I 236 27.49 -33.66 -13.72
C HIS I 236 26.10 -34.29 -13.84
N MET I 237 25.43 -34.44 -12.70
CA MET I 237 24.08 -35.01 -12.67
C MET I 237 23.12 -34.19 -13.51
N ILE I 238 23.08 -32.89 -13.25
CA ILE I 238 22.19 -31.99 -13.96
C ILE I 238 22.52 -31.97 -15.45
N ALA I 239 23.79 -32.05 -15.78
CA ALA I 239 24.23 -32.05 -17.17
C ALA I 239 23.64 -33.24 -17.93
N LEU I 240 23.62 -34.39 -17.28
CA LEU I 240 23.08 -35.61 -17.89
C LEU I 240 21.59 -35.49 -18.18
N ILE I 241 20.85 -34.97 -17.21
CA ILE I 241 19.40 -34.81 -17.35
C ILE I 241 18.99 -33.71 -18.33
N THR I 242 19.84 -32.70 -18.50
CA THR I 242 19.53 -31.59 -19.37
C THR I 242 20.22 -31.63 -20.73
N ASP I 243 20.93 -32.74 -21.01
CA ASP I 243 21.64 -32.88 -22.28
C ASP I 243 22.67 -31.78 -22.49
N THR I 244 23.35 -31.39 -21.41
CA THR I 244 24.39 -30.37 -21.51
C THR I 244 25.72 -31.00 -21.13
N GLU I 245 26.81 -30.29 -21.42
CA GLU I 245 28.16 -30.77 -21.12
C GLU I 245 28.76 -30.01 -19.96
N PRO I 246 29.12 -30.72 -18.87
CA PRO I 246 29.71 -30.04 -17.72
C PRO I 246 30.96 -29.29 -18.15
N HIS I 247 31.09 -28.04 -17.71
CA HIS I 247 32.23 -27.23 -18.11
C HIS I 247 33.12 -26.75 -16.97
N GLU I 248 32.56 -25.95 -16.06
CA GLU I 248 33.37 -25.41 -14.97
C GLU I 248 32.59 -25.26 -13.67
N PHE I 249 33.30 -25.41 -12.56
CA PHE I 249 32.72 -25.24 -11.24
C PHE I 249 33.53 -24.19 -10.49
N ILE I 250 32.85 -23.15 -10.03
CA ILE I 250 33.51 -22.08 -9.30
C ILE I 250 33.02 -22.06 -7.85
N LEU I 251 33.96 -21.92 -6.92
CA LEU I 251 33.61 -21.90 -5.51
C LEU I 251 34.12 -20.64 -4.81
N GLN I 252 33.19 -19.79 -4.38
CA GLN I 252 33.55 -18.57 -3.69
C GLN I 252 33.31 -18.76 -2.19
N MET I 253 34.31 -18.44 -1.39
CA MET I 253 34.22 -18.61 0.06
C MET I 253 34.05 -17.31 0.81
N GLY I 254 33.38 -17.39 1.95
CA GLY I 254 33.19 -16.24 2.81
C GLY I 254 34.23 -16.38 3.91
N ASP I 255 33.81 -16.95 5.03
CA ASP I 255 34.72 -17.17 6.15
C ASP I 255 35.48 -18.47 5.90
N ALA I 256 36.68 -18.35 5.34
CA ALA I 256 37.53 -19.51 5.04
C ALA I 256 38.45 -19.73 6.24
N HIS I 257 38.29 -20.87 6.91
CA HIS I 257 39.10 -21.16 8.08
C HIS I 257 39.67 -22.57 8.22
N VAL I 258 40.67 -22.68 9.09
CA VAL I 258 41.33 -23.94 9.38
C VAL I 258 41.26 -24.09 10.90
N TYR I 259 40.57 -25.11 11.38
CA TYR I 259 40.46 -25.32 12.82
C TYR I 259 41.83 -25.55 13.45
N ARG I 260 41.98 -25.08 14.69
CA ARG I 260 43.24 -25.20 15.43
C ARG I 260 43.78 -26.63 15.45
N ASP I 261 42.90 -27.59 15.68
CA ASP I 261 43.32 -28.99 15.73
C ASP I 261 43.49 -29.65 14.36
N HIS I 262 43.46 -28.85 13.30
CA HIS I 262 43.63 -29.36 11.94
C HIS I 262 44.97 -28.91 11.35
N VAL I 263 45.57 -27.90 11.94
CA VAL I 263 46.83 -27.35 11.48
C VAL I 263 47.93 -28.40 11.25
N GLU I 264 48.26 -29.16 12.29
CA GLU I 264 49.30 -30.17 12.16
C GLU I 264 48.95 -31.26 11.15
N PRO I 265 47.72 -31.80 11.20
CA PRO I 265 47.36 -32.84 10.23
C PRO I 265 47.47 -32.34 8.79
N LEU I 266 47.07 -31.09 8.56
CA LEU I 266 47.12 -30.51 7.22
C LEU I 266 48.54 -30.29 6.73
N LYS I 267 49.46 -29.99 7.65
CA LYS I 267 50.85 -29.77 7.27
C LYS I 267 51.40 -31.02 6.59
N THR I 268 50.93 -32.18 7.04
CA THR I 268 51.37 -33.44 6.46
C THR I 268 50.83 -33.55 5.03
N GLN I 269 49.59 -33.11 4.84
CA GLN I 269 48.97 -33.15 3.52
C GLN I 269 49.64 -32.19 2.55
N LEU I 270 50.07 -31.04 3.06
CA LEU I 270 50.71 -30.02 2.23
C LEU I 270 52.01 -30.50 1.58
N GLU I 271 52.59 -31.57 2.14
CA GLU I 271 53.83 -32.13 1.63
C GLU I 271 53.60 -33.03 0.43
N ARG I 272 52.35 -33.42 0.19
CA ARG I 272 52.02 -34.32 -0.90
C ARG I 272 51.73 -33.67 -2.24
N GLU I 273 52.19 -34.32 -3.30
CA GLU I 273 51.98 -33.85 -4.67
C GLU I 273 50.71 -34.49 -5.22
N PRO I 274 49.78 -33.67 -5.72
CA PRO I 274 48.51 -34.15 -6.28
C PRO I 274 48.67 -35.12 -7.46
N ARG I 275 47.71 -36.04 -7.56
CA ARG I 275 47.67 -37.00 -8.67
C ARG I 275 46.58 -36.46 -9.58
N ASP I 276 46.61 -36.82 -10.86
CA ASP I 276 45.59 -36.36 -11.78
C ASP I 276 44.20 -36.72 -11.25
N PHE I 277 43.24 -35.80 -11.39
CA PHE I 277 41.88 -36.05 -10.91
C PHE I 277 41.27 -37.24 -11.64
N PRO I 278 40.35 -37.95 -10.96
CA PRO I 278 39.68 -39.11 -11.56
C PRO I 278 38.59 -38.65 -12.52
N LYS I 279 37.97 -39.59 -13.21
CA LYS I 279 36.90 -39.25 -14.14
C LYS I 279 35.60 -39.92 -13.74
N LEU I 280 34.49 -39.28 -14.06
CA LEU I 280 33.17 -39.80 -13.72
C LEU I 280 32.48 -40.41 -14.92
N LYS I 281 31.88 -41.58 -14.73
CA LYS I 281 31.15 -42.28 -15.77
C LYS I 281 29.84 -42.75 -15.16
N TRP I 282 28.80 -42.89 -15.98
CA TRP I 282 27.50 -43.34 -15.49
C TRP I 282 27.30 -44.83 -15.77
N ALA I 283 26.80 -45.56 -14.77
CA ALA I 283 26.56 -46.98 -14.91
C ALA I 283 25.29 -47.25 -15.71
N ARG I 284 24.47 -46.21 -15.87
CA ARG I 284 23.23 -46.33 -16.63
C ARG I 284 23.06 -45.14 -17.57
N SER I 285 22.09 -45.24 -18.47
CA SER I 285 21.85 -44.18 -19.44
C SER I 285 20.90 -43.11 -18.91
N LYS I 286 20.81 -42.00 -19.62
CA LYS I 286 19.92 -40.91 -19.23
C LYS I 286 18.49 -41.42 -19.13
N GLU I 287 18.08 -42.20 -20.13
CA GLU I 287 16.73 -42.75 -20.17
C GLU I 287 16.44 -43.65 -18.97
N GLU I 288 17.40 -44.49 -18.61
CA GLU I 288 17.23 -45.39 -17.48
C GLU I 288 17.12 -44.62 -16.17
N ILE I 289 17.99 -43.64 -15.98
CA ILE I 289 17.97 -42.83 -14.77
C ILE I 289 16.68 -42.00 -14.76
N GLY I 290 16.27 -41.52 -15.94
CA GLY I 290 15.04 -40.76 -16.04
C GLY I 290 15.14 -39.28 -15.74
N ASP I 291 15.15 -38.93 -14.45
CA ASP I 291 15.24 -37.54 -14.03
C ASP I 291 16.21 -37.37 -12.87
N ILE I 292 16.27 -36.15 -12.33
CA ILE I 292 17.17 -35.85 -11.22
C ILE I 292 16.91 -36.70 -9.97
N ASP I 293 15.71 -37.26 -9.87
CA ASP I 293 15.36 -38.08 -8.71
C ASP I 293 15.60 -39.56 -8.94
N GLY I 294 16.15 -39.92 -10.09
CA GLY I 294 16.38 -41.33 -10.40
C GLY I 294 17.79 -41.85 -10.21
N PHE I 295 18.70 -41.03 -9.68
CA PHE I 295 20.07 -41.47 -9.47
C PHE I 295 20.24 -42.38 -8.26
N LYS I 296 21.22 -43.29 -8.36
CA LYS I 296 21.54 -44.23 -7.29
C LYS I 296 23.04 -44.19 -7.06
N VAL I 297 23.47 -44.50 -5.84
CA VAL I 297 24.90 -44.49 -5.53
C VAL I 297 25.72 -45.27 -6.56
N GLU I 298 25.25 -46.47 -6.89
CA GLU I 298 25.95 -47.33 -7.84
C GLU I 298 26.02 -46.78 -9.27
N ASP I 299 25.29 -45.70 -9.54
CA ASP I 299 25.32 -45.12 -10.88
C ASP I 299 26.62 -44.34 -11.10
N PHE I 300 27.21 -43.88 -10.01
CA PHE I 300 28.45 -43.11 -10.07
C PHE I 300 29.70 -43.98 -10.19
N VAL I 301 30.25 -44.09 -11.39
CA VAL I 301 31.45 -44.88 -11.62
C VAL I 301 32.67 -43.97 -11.73
N VAL I 302 33.40 -43.83 -10.63
CA VAL I 302 34.59 -42.99 -10.60
C VAL I 302 35.82 -43.84 -10.87
N GLU I 303 36.50 -43.56 -11.98
CA GLU I 303 37.68 -44.32 -12.36
C GLU I 303 38.96 -43.48 -12.34
N GLY I 304 40.07 -44.12 -12.00
CA GLY I 304 41.34 -43.42 -11.96
C GLY I 304 41.62 -42.65 -10.69
N TYR I 305 40.88 -42.91 -9.63
CA TYR I 305 41.10 -42.21 -8.37
C TYR I 305 42.30 -42.82 -7.68
N LYS I 306 43.36 -42.03 -7.53
CA LYS I 306 44.60 -42.51 -6.90
C LYS I 306 45.10 -41.53 -5.86
N PRO I 307 44.45 -41.49 -4.69
CA PRO I 307 44.82 -40.60 -3.59
C PRO I 307 45.91 -41.13 -2.68
N TRP I 308 46.45 -40.24 -1.85
CA TRP I 308 47.45 -40.64 -0.88
C TRP I 308 46.66 -41.16 0.32
N GLY I 309 47.35 -41.46 1.41
CA GLY I 309 46.69 -41.98 2.58
C GLY I 309 45.70 -41.03 3.23
N LYS I 310 44.83 -41.57 4.08
CA LYS I 310 43.85 -40.76 4.77
C LYS I 310 44.53 -39.90 5.81
N ILE I 311 43.91 -38.79 6.16
CA ILE I 311 44.44 -37.89 7.18
C ILE I 311 43.34 -37.66 8.19
N ASP I 312 43.56 -38.13 9.42
CA ASP I 312 42.58 -38.00 10.47
C ASP I 312 42.42 -36.57 10.97
N MET I 313 41.18 -36.11 11.01
CA MET I 313 40.86 -34.77 11.50
C MET I 313 39.52 -34.82 12.20
N LYS I 314 39.48 -34.31 13.43
CA LYS I 314 38.27 -34.30 14.23
C LYS I 314 37.36 -33.15 13.85
N MET I 315 36.06 -33.43 13.76
CA MET I 315 35.10 -32.39 13.42
C MET I 315 34.59 -31.73 14.69
N SER I 316 34.53 -30.41 14.68
CA SER I 316 34.05 -29.66 15.84
C SER I 316 32.56 -29.41 15.69
N ALA I 317 31.78 -29.98 16.60
CA ALA I 317 30.33 -29.86 16.60
C ALA I 317 29.87 -28.44 16.89
N PRO J 16 48.33 2.67 -12.24
CA PRO J 16 47.85 1.37 -12.77
C PRO J 16 47.18 0.54 -11.68
N ASP J 17 47.34 0.96 -10.42
CA ASP J 17 46.76 0.25 -9.29
C ASP J 17 45.39 0.80 -8.90
N HIS J 18 44.91 1.81 -9.63
CA HIS J 18 43.61 2.37 -9.31
C HIS J 18 42.55 1.28 -9.43
N GLU J 19 41.80 1.09 -8.35
CA GLU J 19 40.77 0.07 -8.30
C GLU J 19 39.72 0.14 -9.41
N GLU J 20 39.49 1.33 -9.97
CA GLU J 20 38.49 1.47 -11.01
C GLU J 20 38.86 0.71 -12.28
N TYR J 21 40.14 0.40 -12.46
CA TYR J 21 40.57 -0.34 -13.64
C TYR J 21 39.97 -1.75 -13.66
N GLN J 22 39.59 -2.25 -12.49
CA GLN J 22 38.98 -3.57 -12.39
C GLN J 22 37.70 -3.55 -13.22
N TYR J 23 36.93 -2.49 -13.03
CA TYR J 23 35.66 -2.29 -13.73
C TYR J 23 35.89 -2.08 -15.22
N LEU J 24 36.82 -1.19 -15.56
CA LEU J 24 37.12 -0.89 -16.95
C LEU J 24 37.68 -2.10 -17.69
N ASP J 25 38.60 -2.82 -17.05
CA ASP J 25 39.21 -4.00 -17.65
C ASP J 25 38.19 -5.11 -17.92
N LEU J 26 37.26 -5.31 -16.99
CA LEU J 26 36.25 -6.35 -17.18
C LEU J 26 35.36 -6.03 -18.37
N ILE J 27 34.98 -4.78 -18.52
CA ILE J 27 34.13 -4.36 -19.63
C ILE J 27 34.86 -4.60 -20.94
N ARG J 28 36.14 -4.24 -20.97
CA ARG J 28 36.95 -4.42 -22.16
C ARG J 28 37.02 -5.90 -22.51
N ARG J 29 37.20 -6.74 -21.49
CA ARG J 29 37.28 -8.18 -21.69
C ARG J 29 35.96 -8.75 -22.21
N ILE J 30 34.84 -8.33 -21.62
CA ILE J 30 33.53 -8.80 -22.04
C ILE J 30 33.26 -8.46 -23.50
N ILE J 31 33.59 -7.24 -23.88
CA ILE J 31 33.39 -6.81 -25.26
C ILE J 31 34.28 -7.62 -26.21
N ASN J 32 35.52 -7.87 -25.78
CA ASN J 32 36.48 -8.62 -26.59
C ASN J 32 36.20 -10.11 -26.73
N VAL J 33 36.12 -10.83 -25.62
CA VAL J 33 35.88 -12.27 -25.67
C VAL J 33 34.54 -12.74 -25.12
N GLY J 34 33.67 -11.81 -24.79
CA GLY J 34 32.37 -12.18 -24.25
C GLY J 34 31.55 -12.94 -25.27
N GLU J 35 30.55 -13.67 -24.79
CA GLU J 35 29.67 -14.44 -25.66
C GLU J 35 28.37 -13.69 -25.96
N VAL J 36 28.04 -13.55 -27.25
CA VAL J 36 26.82 -12.86 -27.66
C VAL J 36 25.63 -13.74 -27.30
N ARG J 37 24.69 -13.19 -26.53
CA ARG J 37 23.55 -13.99 -26.09
C ARG J 37 22.22 -13.23 -26.11
N PRO J 38 21.12 -13.97 -26.28
CA PRO J 38 19.78 -13.39 -26.29
C PRO J 38 19.45 -13.20 -24.82
N ASP J 39 18.44 -12.41 -24.50
CA ASP J 39 18.09 -12.21 -23.09
C ASP J 39 16.62 -11.83 -22.91
N ARG J 40 16.21 -11.79 -21.65
CA ARG J 40 14.83 -11.45 -21.30
C ARG J 40 14.33 -10.14 -21.92
N THR J 41 15.17 -9.10 -21.88
CA THR J 41 14.80 -7.79 -22.41
C THR J 41 14.61 -7.75 -23.92
N GLY J 42 15.35 -8.59 -24.63
CA GLY J 42 15.23 -8.62 -26.08
C GLY J 42 16.25 -7.76 -26.80
N THR J 43 17.07 -7.01 -26.07
CA THR J 43 18.08 -6.17 -26.72
C THR J 43 19.37 -6.96 -26.97
N GLY J 44 19.57 -8.03 -26.20
CA GLY J 44 20.76 -8.84 -26.37
C GLY J 44 21.95 -8.32 -25.58
N THR J 45 22.90 -9.20 -25.28
CA THR J 45 24.08 -8.82 -24.54
C THR J 45 25.30 -9.65 -24.94
N VAL J 46 26.44 -9.29 -24.36
CA VAL J 46 27.69 -10.00 -24.56
C VAL J 46 28.06 -10.30 -23.11
N ALA J 47 28.33 -11.57 -22.78
CA ALA J 47 28.61 -11.88 -21.38
C ALA J 47 29.67 -12.93 -21.08
N LEU J 48 30.07 -12.94 -19.81
CA LEU J 48 31.04 -13.88 -19.25
C LEU J 48 30.48 -14.31 -17.91
N PHE J 49 30.67 -15.57 -17.55
CA PHE J 49 30.16 -16.08 -16.28
C PHE J 49 31.22 -16.18 -15.20
N ALA J 50 30.88 -15.76 -14.00
CA ALA J 50 31.76 -15.83 -12.84
C ALA J 50 33.18 -15.32 -13.04
N PRO J 51 33.34 -14.06 -13.48
CA PRO J 51 34.70 -13.55 -13.67
C PRO J 51 35.30 -13.24 -12.30
N PRO J 52 36.62 -12.99 -12.24
CA PRO J 52 37.24 -12.69 -10.94
C PRO J 52 36.47 -11.57 -10.23
N SER J 53 36.34 -11.69 -8.92
CA SER J 53 35.61 -10.70 -8.13
C SER J 53 36.34 -9.36 -8.02
N PHE J 54 35.59 -8.31 -7.72
CA PHE J 54 36.17 -6.97 -7.55
C PHE J 54 36.43 -6.75 -6.07
N ARG J 55 37.50 -6.02 -5.76
CA ARG J 55 37.84 -5.72 -4.38
C ARG J 55 38.09 -4.23 -4.27
N PHE J 56 37.39 -3.58 -3.34
CA PHE J 56 37.53 -2.14 -3.14
C PHE J 56 37.84 -1.83 -1.69
N SER J 57 38.85 -1.00 -1.47
CA SER J 57 39.22 -0.61 -0.12
C SER J 57 38.27 0.47 0.39
N LEU J 58 37.79 0.32 1.62
CA LEU J 58 36.90 1.30 2.21
C LEU J 58 37.60 2.03 3.34
N ALA J 59 38.90 1.82 3.46
CA ALA J 59 39.70 2.47 4.50
C ALA J 59 39.85 3.97 4.22
N ASP J 60 40.16 4.73 5.26
CA ASP J 60 40.34 6.17 5.13
C ASP J 60 39.12 6.86 4.54
N ASN J 61 37.94 6.40 4.96
CA ASN J 61 36.67 6.97 4.50
C ASN J 61 36.48 6.96 2.99
N THR J 62 37.17 6.05 2.30
CA THR J 62 37.09 5.97 0.85
C THR J 62 35.75 5.41 0.35
N LEU J 63 35.22 6.04 -0.69
CA LEU J 63 33.97 5.61 -1.31
C LEU J 63 34.24 5.31 -2.77
N PRO J 64 34.14 4.03 -3.17
CA PRO J 64 34.38 3.64 -4.57
C PRO J 64 33.29 4.07 -5.54
N LEU J 65 33.16 5.38 -5.73
CA LEU J 65 32.19 5.95 -6.65
C LEU J 65 32.93 6.19 -7.96
N LEU J 66 32.60 5.41 -8.99
CA LEU J 66 33.26 5.53 -10.29
C LEU J 66 33.45 6.97 -10.77
N THR J 67 34.62 7.23 -11.33
CA THR J 67 34.96 8.56 -11.82
C THR J 67 35.07 8.68 -13.33
N THR J 68 35.11 7.57 -14.04
CA THR J 68 35.20 7.62 -15.50
C THR J 68 33.90 8.07 -16.15
N LYS J 69 32.92 8.38 -15.31
CA LYS J 69 31.62 8.89 -15.78
C LYS J 69 30.91 9.44 -14.56
N ARG J 70 30.04 10.42 -14.75
CA ARG J 70 29.31 11.00 -13.63
C ARG J 70 28.23 10.02 -13.17
N VAL J 71 28.31 9.60 -11.92
CA VAL J 71 27.34 8.68 -11.36
C VAL J 71 26.31 9.43 -10.52
N PHE J 72 25.04 9.11 -10.71
CA PHE J 72 23.94 9.77 -9.98
C PHE J 72 24.01 9.37 -8.50
N LEU J 73 24.93 10.00 -7.77
CA LEU J 73 25.13 9.71 -6.35
C LEU J 73 23.85 9.79 -5.52
N ARG J 74 23.11 10.90 -5.64
CA ARG J 74 21.88 11.07 -4.89
C ARG J 74 20.91 9.92 -5.15
N GLY J 75 20.92 9.41 -6.37
CA GLY J 75 20.05 8.30 -6.72
C GLY J 75 20.45 7.03 -5.98
N VAL J 76 21.76 6.82 -5.86
CA VAL J 76 22.29 5.65 -5.17
C VAL J 76 21.87 5.71 -3.69
N ILE J 77 22.13 6.85 -3.06
CA ILE J 77 21.79 7.04 -1.66
C ILE J 77 20.29 6.87 -1.42
N ALA J 78 19.48 7.53 -2.24
CA ALA J 78 18.03 7.44 -2.11
C ALA J 78 17.55 6.00 -2.17
N GLU J 79 18.02 5.26 -3.17
CA GLU J 79 17.62 3.86 -3.31
C GLU J 79 18.02 3.04 -2.09
N LEU J 80 19.22 3.30 -1.58
CA LEU J 80 19.74 2.56 -0.42
C LEU J 80 18.90 2.80 0.84
N LEU J 81 18.59 4.06 1.13
CA LEU J 81 17.78 4.39 2.30
C LEU J 81 16.39 3.83 2.11
N TRP J 82 16.01 3.67 0.85
CA TRP J 82 14.71 3.13 0.47
C TRP J 82 14.72 1.64 0.83
N PHE J 83 15.80 0.94 0.49
CA PHE J 83 15.92 -0.48 0.81
C PHE J 83 15.82 -0.66 2.32
N VAL J 84 16.67 0.08 3.03
CA VAL J 84 16.73 0.02 4.49
C VAL J 84 15.36 0.22 5.14
N SER J 85 14.57 1.14 4.61
CA SER J 85 13.25 1.42 5.17
C SER J 85 12.29 0.24 4.97
N GLY J 86 12.65 -0.67 4.07
CA GLY J 86 11.80 -1.82 3.82
C GLY J 86 10.68 -1.49 2.84
N CYS J 87 10.69 -0.27 2.33
CA CYS J 87 9.67 0.20 1.38
C CYS J 87 9.84 -0.43 0.01
N THR J 88 8.73 -0.72 -0.65
CA THR J 88 8.75 -1.32 -1.98
C THR J 88 7.96 -0.51 -3.00
N ASP J 89 7.65 0.73 -2.65
CA ASP J 89 6.90 1.62 -3.53
C ASP J 89 7.87 2.54 -4.26
N ALA J 90 7.99 2.34 -5.57
CA ALA J 90 8.89 3.14 -6.40
C ALA J 90 8.54 4.62 -6.42
N LYS J 91 7.28 4.95 -6.10
CA LYS J 91 6.86 6.35 -6.08
C LYS J 91 7.62 7.12 -5.01
N MET J 92 8.14 6.41 -4.02
CA MET J 92 8.89 7.05 -2.95
C MET J 92 10.23 7.53 -3.47
N LEU J 93 10.64 6.98 -4.62
CA LEU J 93 11.90 7.38 -5.24
C LEU J 93 11.63 8.45 -6.29
N SER J 94 10.63 8.23 -7.13
CA SER J 94 10.31 9.19 -8.18
C SER J 94 9.82 10.52 -7.60
N SER J 95 9.21 10.47 -6.42
CA SER J 95 8.72 11.69 -5.79
C SER J 95 9.87 12.57 -5.35
N GLN J 96 11.04 11.98 -5.17
CA GLN J 96 12.22 12.74 -4.78
C GLN J 96 13.22 12.89 -5.92
N GLY J 97 12.71 12.76 -7.15
CA GLY J 97 13.54 12.92 -8.33
C GLY J 97 14.42 11.75 -8.75
N VAL J 98 14.11 10.55 -8.29
CA VAL J 98 14.89 9.37 -8.64
C VAL J 98 13.99 8.38 -9.37
N GLY J 99 14.20 8.21 -10.67
CA GLY J 99 13.37 7.31 -11.44
C GLY J 99 13.98 6.02 -11.93
N ILE J 100 15.03 5.54 -11.25
CA ILE J 100 15.70 4.31 -11.65
C ILE J 100 14.78 3.09 -11.65
N TRP J 101 13.72 3.13 -10.84
CA TRP J 101 12.79 2.02 -10.79
C TRP J 101 11.45 2.29 -11.49
N ASP J 102 11.36 3.42 -12.19
CA ASP J 102 10.14 3.77 -12.91
C ASP J 102 9.87 2.77 -14.03
N GLY J 103 10.93 2.30 -14.66
CA GLY J 103 10.80 1.36 -15.75
C GLY J 103 10.12 0.04 -15.40
N ASN J 104 10.56 -0.58 -14.32
CA ASN J 104 9.97 -1.85 -13.91
C ASN J 104 8.76 -1.67 -13.00
N GLY J 105 8.47 -0.43 -12.64
CA GLY J 105 7.32 -0.16 -11.78
C GLY J 105 6.16 0.42 -12.57
N SER J 106 6.39 0.68 -13.85
CA SER J 106 5.35 1.25 -14.71
C SER J 106 4.15 0.31 -14.81
N LYS J 107 2.99 0.89 -14.98
CA LYS J 107 1.76 0.13 -15.09
C LYS J 107 1.81 -0.78 -16.31
N GLU J 108 2.63 -0.40 -17.29
CA GLU J 108 2.76 -1.19 -18.51
C GLU J 108 3.58 -2.45 -18.28
N PHE J 109 4.68 -2.32 -17.54
CA PHE J 109 5.53 -3.46 -17.25
C PHE J 109 4.86 -4.43 -16.29
N LEU J 110 4.26 -3.89 -15.23
CA LEU J 110 3.59 -4.73 -14.24
C LEU J 110 2.54 -5.63 -14.89
N GLU J 111 1.69 -5.05 -15.74
CA GLU J 111 0.67 -5.82 -16.43
C GLU J 111 1.34 -6.82 -17.36
N LYS J 112 2.50 -6.44 -17.87
CA LYS J 112 3.27 -7.27 -18.79
C LYS J 112 3.74 -8.56 -18.12
N VAL J 113 4.10 -8.47 -16.84
CA VAL J 113 4.58 -9.64 -16.09
C VAL J 113 3.50 -10.30 -15.24
N GLY J 114 2.24 -10.04 -15.57
CA GLY J 114 1.15 -10.64 -14.82
C GLY J 114 0.83 -10.03 -13.47
N LEU J 115 1.19 -8.77 -13.27
CA LEU J 115 0.92 -8.09 -12.01
C LEU J 115 0.06 -6.86 -12.25
N GLY J 116 -0.96 -7.01 -13.09
CA GLY J 116 -1.84 -5.91 -13.42
C GLY J 116 -2.75 -5.44 -12.29
N HIS J 117 -2.91 -6.28 -11.27
CA HIS J 117 -3.77 -5.95 -10.14
C HIS J 117 -3.10 -4.98 -9.18
N ARG J 118 -1.87 -4.61 -9.48
CA ARG J 118 -1.14 -3.69 -8.62
C ARG J 118 -1.13 -2.27 -9.17
N ARG J 119 -1.11 -1.29 -8.27
CA ARG J 119 -1.07 0.10 -8.73
C ARG J 119 0.35 0.38 -9.19
N GLU J 120 0.50 1.35 -10.09
CA GLU J 120 1.82 1.70 -10.61
C GLU J 120 2.79 2.02 -9.49
N GLY J 121 3.99 1.46 -9.56
CA GLY J 121 5.00 1.72 -8.55
C GLY J 121 5.11 0.63 -7.49
N ASP J 122 4.08 -0.21 -7.38
CA ASP J 122 4.09 -1.29 -6.40
C ASP J 122 4.87 -2.47 -6.96
N LEU J 123 6.18 -2.49 -6.67
CA LEU J 123 7.08 -3.53 -7.16
C LEU J 123 6.89 -4.90 -6.54
N GLY J 124 6.25 -4.96 -5.38
CA GLY J 124 6.06 -6.24 -4.72
C GLY J 124 7.06 -6.42 -3.59
N PRO J 125 7.18 -7.64 -3.04
CA PRO J 125 8.12 -7.92 -1.95
C PRO J 125 9.59 -7.99 -2.37
N VAL J 126 10.09 -6.88 -2.91
CA VAL J 126 11.48 -6.83 -3.37
C VAL J 126 12.46 -6.46 -2.26
N TYR J 127 13.72 -6.28 -2.63
CA TYR J 127 14.81 -5.93 -1.72
C TYR J 127 14.45 -5.54 -0.29
N GLY J 128 14.09 -4.27 -0.11
CA GLY J 128 13.74 -3.75 1.20
C GLY J 128 12.80 -4.60 2.05
N PHE J 129 11.76 -5.14 1.43
CA PHE J 129 10.81 -5.97 2.15
C PHE J 129 11.45 -7.26 2.68
N GLN J 130 12.25 -7.91 1.85
CA GLN J 130 12.93 -9.14 2.26
C GLN J 130 13.94 -8.85 3.36
N TRP J 131 14.66 -7.74 3.22
CA TRP J 131 15.67 -7.32 4.18
C TRP J 131 15.13 -7.13 5.60
N ARG J 132 13.96 -6.51 5.72
CA ARG J 132 13.39 -6.23 7.03
C ARG J 132 12.18 -7.09 7.42
N HIS J 133 11.58 -7.79 6.48
CA HIS J 133 10.40 -8.61 6.77
C HIS J 133 10.38 -9.96 6.08
N PHE J 134 11.54 -10.58 5.89
CA PHE J 134 11.60 -11.86 5.22
C PHE J 134 10.64 -12.89 5.82
N GLY J 135 9.82 -13.50 4.95
CA GLY J 135 8.88 -14.51 5.41
C GLY J 135 7.47 -13.99 5.64
N ALA J 136 7.34 -12.68 5.84
CA ALA J 136 6.03 -12.08 6.06
C ALA J 136 5.16 -12.20 4.81
N GLU J 137 3.84 -12.16 5.02
CA GLU J 137 2.88 -12.23 3.92
C GLU J 137 2.76 -10.86 3.28
N TYR J 138 2.92 -10.79 1.96
CA TYR J 138 2.84 -9.53 1.25
C TYR J 138 1.45 -9.32 0.65
N THR J 139 0.88 -8.14 0.90
CA THR J 139 -0.42 -7.81 0.34
C THR J 139 -0.16 -6.78 -0.75
N ASP J 140 0.16 -5.55 -0.35
CA ASP J 140 0.50 -4.49 -1.31
C ASP J 140 1.58 -3.62 -0.65
N ALA J 141 1.97 -2.50 -1.29
CA ALA J 141 3.02 -1.68 -0.69
C ALA J 141 2.58 -0.87 0.53
N ASP J 142 1.27 -0.78 0.74
CA ASP J 142 0.73 -0.02 1.87
C ASP J 142 0.50 -0.90 3.09
N GLY J 143 0.73 -2.20 2.93
CA GLY J 143 0.52 -3.13 4.03
C GLY J 143 1.32 -2.80 5.28
N ASP J 144 0.80 -3.22 6.43
CA ASP J 144 1.46 -2.98 7.71
C ASP J 144 2.31 -4.20 8.02
N TYR J 145 3.63 -4.05 7.88
CA TYR J 145 4.55 -5.16 8.11
C TYR J 145 5.42 -4.97 9.35
N LYS J 146 5.20 -3.87 10.07
CA LYS J 146 5.99 -3.60 11.27
C LYS J 146 5.94 -4.78 12.23
N GLY J 147 7.12 -5.26 12.62
CA GLY J 147 7.19 -6.38 13.55
C GLY J 147 6.88 -7.73 12.93
N LYS J 148 6.72 -7.77 11.60
CA LYS J 148 6.41 -9.02 10.92
C LYS J 148 7.58 -9.49 10.07
N GLY J 149 7.79 -10.81 10.04
CA GLY J 149 8.88 -11.37 9.26
C GLY J 149 10.21 -11.25 9.98
N VAL J 150 11.28 -11.69 9.33
CA VAL J 150 12.61 -11.62 9.94
C VAL J 150 13.34 -10.34 9.54
N ASP J 151 13.77 -9.58 10.54
CA ASP J 151 14.50 -8.34 10.27
C ASP J 151 15.99 -8.68 10.19
N GLN J 152 16.41 -9.11 9.01
CA GLN J 152 17.81 -9.50 8.79
C GLN J 152 18.79 -8.37 9.05
N LEU J 153 18.45 -7.17 8.61
CA LEU J 153 19.34 -6.02 8.78
C LEU J 153 19.67 -5.73 10.24
N GLN J 154 18.65 -5.63 11.09
CA GLN J 154 18.90 -5.35 12.50
C GLN J 154 19.66 -6.49 13.15
N ARG J 155 19.39 -7.72 12.73
CA ARG J 155 20.09 -8.87 13.29
C ARG J 155 21.57 -8.77 12.94
N VAL J 156 21.86 -8.28 11.74
CA VAL J 156 23.24 -8.12 11.31
C VAL J 156 23.93 -7.11 12.22
N ILE J 157 23.24 -6.01 12.52
CA ILE J 157 23.76 -4.96 13.38
C ILE J 157 24.05 -5.53 14.77
N ASP J 158 23.05 -6.18 15.35
CA ASP J 158 23.16 -6.78 16.68
C ASP J 158 24.29 -7.80 16.78
N THR J 159 24.45 -8.60 15.73
CA THR J 159 25.47 -9.64 15.70
C THR J 159 26.88 -9.06 15.60
N ILE J 160 27.05 -8.02 14.78
CA ILE J 160 28.35 -7.39 14.63
C ILE J 160 28.81 -6.78 15.95
N LYS J 161 27.86 -6.26 16.72
CA LYS J 161 28.15 -5.63 18.00
C LYS J 161 28.35 -6.60 19.16
N ASN J 162 27.56 -7.66 19.21
CA ASN J 162 27.64 -8.60 20.33
C ASN J 162 28.30 -9.96 20.06
N ASN J 163 28.44 -10.34 18.80
CA ASN J 163 29.08 -11.60 18.47
C ASN J 163 29.67 -11.52 17.06
N PRO J 164 30.67 -10.63 16.88
CA PRO J 164 31.37 -10.37 15.62
C PRO J 164 31.97 -11.58 14.89
N THR J 165 32.42 -12.59 15.64
CA THR J 165 33.01 -13.76 15.01
C THR J 165 31.97 -14.73 14.47
N ASP J 166 30.69 -14.38 14.63
CA ASP J 166 29.62 -15.23 14.12
C ASP J 166 29.85 -15.39 12.62
N ARG J 167 29.52 -16.55 12.07
CA ARG J 167 29.73 -16.80 10.65
C ARG J 167 28.45 -16.85 9.83
N ARG J 168 27.37 -16.27 10.37
CA ARG J 168 26.08 -16.23 9.69
C ARG J 168 25.57 -14.80 9.51
N ILE J 169 26.47 -13.82 9.47
CA ILE J 169 26.08 -12.42 9.31
C ILE J 169 25.69 -12.20 7.85
N ILE J 170 24.49 -12.65 7.50
CA ILE J 170 23.98 -12.57 6.14
C ILE J 170 22.76 -11.67 5.96
N LEU J 171 22.74 -10.96 4.84
CA LEU J 171 21.63 -10.07 4.48
C LEU J 171 21.22 -10.52 3.08
N SER J 172 20.06 -11.16 2.96
CA SER J 172 19.61 -11.66 1.67
C SER J 172 18.19 -11.25 1.27
N ALA J 173 18.02 -11.01 -0.02
CA ALA J 173 16.72 -10.61 -0.56
C ALA J 173 16.13 -11.73 -1.41
N TRP J 174 16.91 -12.79 -1.62
CA TRP J 174 16.44 -13.90 -2.43
C TRP J 174 15.39 -14.72 -1.70
N ASN J 175 14.21 -14.83 -2.29
CA ASN J 175 13.10 -15.58 -1.70
C ASN J 175 12.36 -16.29 -2.83
N PRO J 176 12.70 -17.57 -3.06
CA PRO J 176 12.07 -18.39 -4.11
C PRO J 176 10.54 -18.37 -4.10
N LYS J 177 9.96 -18.28 -2.91
CA LYS J 177 8.51 -18.27 -2.79
C LYS J 177 7.87 -16.96 -3.25
N ASP J 178 8.52 -15.84 -2.94
CA ASP J 178 8.00 -14.52 -3.31
C ASP J 178 8.37 -14.04 -4.71
N LEU J 179 9.34 -14.69 -5.35
CA LEU J 179 9.78 -14.28 -6.68
C LEU J 179 8.68 -13.87 -7.66
N PRO J 180 7.68 -14.74 -7.87
CA PRO J 180 6.60 -14.39 -8.82
C PRO J 180 5.82 -13.12 -8.47
N LEU J 181 5.91 -12.68 -7.21
CA LEU J 181 5.21 -11.46 -6.79
C LEU J 181 6.08 -10.23 -7.03
N MET J 182 7.33 -10.46 -7.39
CA MET J 182 8.27 -9.38 -7.65
C MET J 182 8.28 -8.92 -9.10
N ALA J 183 8.29 -7.60 -9.29
CA ALA J 183 8.33 -7.04 -10.64
C ALA J 183 9.61 -7.50 -11.30
N LEU J 184 10.64 -7.70 -10.48
CA LEU J 184 11.94 -8.14 -10.97
C LEU J 184 12.67 -8.87 -9.83
N PRO J 185 13.26 -10.04 -10.12
CA PRO J 185 13.97 -10.79 -9.08
C PRO J 185 15.23 -10.03 -8.64
N PRO J 186 15.63 -10.17 -7.39
CA PRO J 186 16.82 -9.49 -6.87
C PRO J 186 18.09 -9.76 -7.68
N CYS J 187 18.81 -8.70 -8.04
CA CYS J 187 20.06 -8.85 -8.79
C CYS J 187 21.15 -9.09 -7.74
N HIS J 188 21.26 -8.17 -6.78
CA HIS J 188 22.21 -8.35 -5.70
C HIS J 188 21.39 -9.15 -4.69
N MET J 189 21.46 -10.47 -4.80
CA MET J 189 20.68 -11.35 -3.96
C MET J 189 21.07 -11.52 -2.51
N PHE J 190 22.29 -11.13 -2.15
CA PHE J 190 22.71 -11.26 -0.75
C PHE J 190 24.15 -10.79 -0.55
N CYS J 191 24.50 -10.57 0.71
CA CYS J 191 25.84 -10.15 1.05
C CYS J 191 26.18 -10.70 2.44
N GLN J 192 27.48 -10.85 2.70
CA GLN J 192 27.94 -11.35 3.98
C GLN J 192 28.94 -10.39 4.58
N PHE J 193 28.78 -10.10 5.86
CA PHE J 193 29.68 -9.19 6.56
C PHE J 193 30.66 -9.98 7.40
N PHE J 194 31.86 -9.44 7.55
CA PHE J 194 32.93 -10.08 8.33
C PHE J 194 33.59 -9.01 9.20
N VAL J 195 33.85 -9.37 10.46
CA VAL J 195 34.48 -8.45 11.39
C VAL J 195 35.82 -8.96 11.87
N SER J 196 36.88 -8.19 11.63
CA SER J 196 38.21 -8.56 12.08
C SER J 196 38.40 -7.97 13.46
N LEU J 197 38.80 -8.79 14.41
CA LEU J 197 39.01 -8.35 15.78
C LEU J 197 40.26 -7.48 15.87
N PRO J 198 40.31 -6.57 16.86
CA PRO J 198 41.46 -5.68 17.04
C PRO J 198 42.74 -6.48 17.27
N PRO J 199 43.82 -6.11 16.57
CA PRO J 199 45.11 -6.81 16.71
C PRO J 199 45.61 -6.77 18.16
N PRO J 203 44.55 -3.18 21.30
CA PRO J 203 43.18 -3.66 21.53
C PRO J 203 42.17 -2.53 21.62
N GLY J 204 42.65 -1.29 21.52
CA GLY J 204 41.77 -0.15 21.59
C GLY J 204 41.19 0.24 20.25
N SER J 205 41.83 -0.23 19.18
CA SER J 205 41.38 0.06 17.83
C SER J 205 39.99 -0.50 17.57
N LYS J 206 39.33 0.05 16.55
CA LYS J 206 37.99 -0.40 16.18
C LYS J 206 38.08 -1.64 15.30
N PRO J 207 37.16 -2.60 15.48
CA PRO J 207 37.21 -3.82 14.66
C PRO J 207 36.98 -3.39 13.20
N LYS J 208 37.54 -4.14 12.27
CA LYS J 208 37.37 -3.81 10.86
C LYS J 208 36.21 -4.56 10.23
N LEU J 209 35.37 -3.85 9.51
CA LEU J 209 34.20 -4.43 8.86
C LEU J 209 34.36 -4.59 7.36
N SER J 210 34.09 -5.79 6.86
CA SER J 210 34.18 -6.07 5.44
C SER J 210 32.85 -6.61 4.94
N CYS J 211 32.62 -6.50 3.64
CA CYS J 211 31.37 -6.97 3.04
C CYS J 211 31.59 -7.62 1.68
N LEU J 212 31.01 -8.81 1.50
CA LEU J 212 31.09 -9.51 0.23
C LEU J 212 29.67 -9.63 -0.27
N MET J 213 29.43 -9.15 -1.49
CA MET J 213 28.10 -9.22 -2.08
C MET J 213 28.14 -10.04 -3.37
N TYR J 214 27.12 -10.87 -3.58
CA TYR J 214 27.04 -11.69 -4.77
C TYR J 214 25.90 -11.20 -5.64
N GLN J 215 26.19 -10.91 -6.90
CA GLN J 215 25.19 -10.43 -7.84
C GLN J 215 25.03 -11.48 -8.95
N ARG J 216 23.83 -12.05 -9.05
CA ARG J 216 23.54 -13.08 -10.04
C ARG J 216 23.58 -12.58 -11.49
N SER J 217 23.10 -11.35 -11.69
CA SER J 217 23.04 -10.75 -13.01
C SER J 217 23.61 -9.34 -12.90
N CYS J 218 24.54 -9.00 -13.78
CA CYS J 218 25.18 -7.69 -13.68
C CYS J 218 25.25 -6.88 -14.97
N ASP J 219 24.50 -5.78 -14.99
CA ASP J 219 24.50 -4.88 -16.13
C ASP J 219 25.67 -3.94 -15.84
N LEU J 220 26.83 -4.25 -16.41
CA LEU J 220 28.01 -3.44 -16.13
C LEU J 220 27.90 -1.97 -16.50
N GLY J 221 27.20 -1.67 -17.59
CA GLY J 221 27.05 -0.28 -18.00
C GLY J 221 26.27 0.56 -17.00
N LEU J 222 25.07 0.12 -16.67
CA LEU J 222 24.21 0.87 -15.75
C LEU J 222 24.10 0.39 -14.30
N GLY J 223 23.94 -0.91 -14.12
CA GLY J 223 23.78 -1.45 -12.77
C GLY J 223 24.98 -1.47 -11.85
N VAL J 224 26.05 -2.13 -12.28
CA VAL J 224 27.26 -2.27 -11.46
C VAL J 224 27.76 -0.98 -10.82
N PRO J 225 27.74 0.15 -11.56
CA PRO J 225 28.20 1.38 -10.92
C PRO J 225 27.40 1.70 -9.66
N PHE J 226 26.10 1.46 -9.71
CA PHE J 226 25.22 1.71 -8.57
C PHE J 226 25.46 0.66 -7.48
N ASN J 227 25.50 -0.60 -7.87
CA ASN J 227 25.70 -1.69 -6.92
C ASN J 227 26.96 -1.51 -6.09
N ILE J 228 28.06 -1.16 -6.74
CA ILE J 228 29.32 -0.97 -6.05
C ILE J 228 29.22 0.13 -4.99
N ALA J 229 28.73 1.29 -5.39
CA ALA J 229 28.59 2.42 -4.47
C ALA J 229 27.57 2.14 -3.39
N SER J 230 26.47 1.48 -3.76
CA SER J 230 25.41 1.16 -2.81
C SER J 230 25.92 0.32 -1.64
N TYR J 231 26.50 -0.84 -1.93
CA TYR J 231 26.99 -1.70 -0.86
C TYR J 231 28.18 -1.11 -0.12
N ALA J 232 28.94 -0.24 -0.78
CA ALA J 232 30.06 0.41 -0.12
C ALA J 232 29.45 1.34 0.92
N LEU J 233 28.40 2.05 0.51
CA LEU J 233 27.70 2.97 1.41
C LEU J 233 27.03 2.23 2.56
N LEU J 234 26.41 1.09 2.26
CA LEU J 234 25.75 0.31 3.28
C LEU J 234 26.74 -0.10 4.36
N THR J 235 27.93 -0.50 3.94
CA THR J 235 28.97 -0.92 4.86
C THR J 235 29.41 0.25 5.73
N HIS J 236 29.51 1.44 5.13
CA HIS J 236 29.89 2.63 5.88
C HIS J 236 28.80 2.93 6.93
N MET J 237 27.55 2.82 6.52
CA MET J 237 26.42 3.06 7.42
C MET J 237 26.47 2.11 8.61
N ILE J 238 26.57 0.82 8.31
CA ILE J 238 26.61 -0.19 9.36
C ILE J 238 27.81 0.00 10.28
N ALA J 239 28.94 0.41 9.70
CA ALA J 239 30.14 0.63 10.48
C ALA J 239 29.93 1.72 11.53
N LEU J 240 29.21 2.77 11.15
CA LEU J 240 28.94 3.87 12.06
C LEU J 240 28.07 3.43 13.24
N ILE J 241 27.03 2.67 12.94
CA ILE J 241 26.11 2.19 13.97
C ILE J 241 26.71 1.12 14.89
N THR J 242 27.66 0.35 14.36
CA THR J 242 28.27 -0.72 15.13
C THR J 242 29.64 -0.38 15.72
N ASP J 243 30.07 0.87 15.57
CA ASP J 243 31.36 1.28 16.09
C ASP J 243 32.52 0.49 15.49
N THR J 244 32.42 0.17 14.20
CA THR J 244 33.47 -0.56 13.51
C THR J 244 34.03 0.32 12.41
N GLU J 245 35.18 -0.07 11.86
CA GLU J 245 35.84 0.69 10.81
C GLU J 245 35.72 -0.02 9.46
N PRO J 246 35.09 0.65 8.47
CA PRO J 246 34.95 0.02 7.16
C PRO J 246 36.32 -0.38 6.62
N HIS J 247 36.42 -1.60 6.10
CA HIS J 247 37.69 -2.07 5.59
C HIS J 247 37.71 -2.44 4.11
N GLU J 248 36.91 -3.43 3.72
CA GLU J 248 36.91 -3.86 2.33
C GLU J 248 35.55 -4.32 1.83
N PHE J 249 35.31 -4.10 0.54
CA PHE J 249 34.06 -4.52 -0.10
C PHE J 249 34.43 -5.41 -1.27
N ILE J 250 33.87 -6.61 -1.29
CA ILE J 250 34.14 -7.57 -2.36
C ILE J 250 32.85 -7.82 -3.13
N LEU J 251 32.95 -7.83 -4.45
CA LEU J 251 31.79 -8.06 -5.30
C LEU J 251 32.00 -9.22 -6.26
N GLN J 252 31.27 -10.31 -6.05
CA GLN J 252 31.37 -11.47 -6.92
C GLN J 252 30.18 -11.48 -7.87
N MET J 253 30.46 -11.61 -9.16
CA MET J 253 29.42 -11.61 -10.18
C MET J 253 29.11 -12.97 -10.75
N GLY J 254 27.86 -13.16 -11.17
CA GLY J 254 27.45 -14.40 -11.78
C GLY J 254 27.46 -14.14 -13.27
N ASP J 255 26.29 -13.78 -13.82
CA ASP J 255 26.19 -13.46 -15.24
C ASP J 255 26.59 -12.00 -15.44
N ALA J 256 27.85 -11.78 -15.80
CA ALA J 256 28.37 -10.43 -16.03
C ALA J 256 28.21 -10.12 -17.51
N HIS J 257 27.41 -9.10 -17.82
CA HIS J 257 27.16 -8.75 -19.21
C HIS J 257 27.16 -7.26 -19.56
N VAL J 258 27.29 -6.99 -20.85
CA VAL J 258 27.28 -5.64 -21.40
C VAL J 258 26.21 -5.66 -22.49
N TYR J 259 25.15 -4.88 -22.32
CA TYR J 259 24.09 -4.85 -23.33
C TYR J 259 24.62 -4.35 -24.67
N ARG J 260 24.05 -4.88 -25.74
CA ARG J 260 24.45 -4.53 -27.10
C ARG J 260 24.48 -3.03 -27.35
N ASP J 261 23.48 -2.31 -26.86
CA ASP J 261 23.41 -0.87 -27.05
C ASP J 261 24.26 -0.07 -26.07
N HIS J 262 25.12 -0.76 -25.32
CA HIS J 262 26.00 -0.10 -24.35
C HIS J 262 27.45 -0.17 -24.81
N VAL J 263 27.74 -1.07 -25.75
CA VAL J 263 29.08 -1.27 -26.25
C VAL J 263 29.79 0.02 -26.70
N GLU J 264 29.16 0.75 -27.63
CA GLU J 264 29.77 1.99 -28.13
C GLU J 264 29.92 3.05 -27.04
N PRO J 265 28.86 3.29 -26.24
CA PRO J 265 28.98 4.29 -25.18
C PRO J 265 30.11 3.97 -24.20
N LEU J 266 30.26 2.68 -23.89
CA LEU J 266 31.30 2.26 -22.95
C LEU J 266 32.70 2.42 -23.53
N LYS J 267 32.85 2.26 -24.85
CA LYS J 267 34.15 2.42 -25.47
C LYS J 267 34.69 3.82 -25.21
N THR J 268 33.78 4.79 -25.15
CA THR J 268 34.17 6.16 -24.87
C THR J 268 34.68 6.27 -23.45
N GLN J 269 34.02 5.57 -22.54
CA GLN J 269 34.41 5.59 -21.13
C GLN J 269 35.75 4.89 -20.91
N LEU J 270 36.02 3.84 -21.68
CA LEU J 270 37.26 3.09 -21.56
C LEU J 270 38.50 3.91 -21.86
N GLU J 271 38.31 5.03 -22.56
CA GLU J 271 39.41 5.92 -22.93
C GLU J 271 39.80 6.86 -21.80
N ARG J 272 38.95 6.96 -20.78
CA ARG J 272 39.20 7.86 -19.66
C ARG J 272 40.02 7.27 -18.52
N GLU J 273 40.88 8.12 -17.95
CA GLU J 273 41.73 7.73 -16.83
C GLU J 273 41.00 8.11 -15.53
N PRO J 274 40.86 7.14 -14.62
CA PRO J 274 40.19 7.36 -13.33
C PRO J 274 40.83 8.43 -12.46
N ARG J 275 39.99 9.12 -11.68
CA ARG J 275 40.45 10.13 -10.74
C ARG J 275 40.39 9.44 -9.38
N ASP J 276 41.14 9.92 -8.41
CA ASP J 276 41.11 9.31 -7.08
C ASP J 276 39.68 9.29 -6.56
N PHE J 277 39.29 8.18 -5.92
CA PHE J 277 37.94 8.07 -5.37
C PHE J 277 37.68 9.13 -4.33
N PRO J 278 36.41 9.55 -4.17
CA PRO J 278 36.04 10.56 -3.19
C PRO J 278 35.99 9.95 -1.80
N LYS J 279 35.76 10.78 -0.79
CA LYS J 279 35.66 10.29 0.58
C LYS J 279 34.30 10.60 1.16
N LEU J 280 33.85 9.75 2.08
CA LEU J 280 32.56 9.92 2.72
C LEU J 280 32.69 10.45 4.14
N LYS J 281 31.84 11.42 4.47
CA LYS J 281 31.83 12.02 5.80
C LYS J 281 30.36 12.12 6.22
N TRP J 282 30.12 12.09 7.52
CA TRP J 282 28.75 12.18 8.04
C TRP J 282 28.42 13.59 8.51
N ALA J 283 27.25 14.08 8.13
CA ALA J 283 26.82 15.42 8.52
C ALA J 283 26.37 15.45 9.97
N ARG J 284 26.11 14.27 10.53
CA ARG J 284 25.68 14.16 11.92
C ARG J 284 26.46 13.07 12.64
N SER J 285 26.31 13.02 13.96
CA SER J 285 27.01 12.02 14.76
C SER J 285 26.22 10.72 14.88
N LYS J 286 26.89 9.68 15.39
CA LYS J 286 26.26 8.39 15.57
C LYS J 286 25.04 8.53 16.47
N GLU J 287 25.20 9.29 17.55
CA GLU J 287 24.12 9.51 18.51
C GLU J 287 22.92 10.19 17.86
N GLU J 288 23.18 11.20 17.04
CA GLU J 288 22.10 11.93 16.39
C GLU J 288 21.36 11.03 15.40
N ILE J 289 22.10 10.27 14.60
CA ILE J 289 21.50 9.36 13.64
C ILE J 289 20.75 8.26 14.39
N GLY J 290 21.32 7.81 15.50
CA GLY J 290 20.69 6.79 16.32
C GLY J 290 20.91 5.35 15.88
N ASP J 291 20.16 4.91 14.88
CA ASP J 291 20.29 3.54 14.38
C ASP J 291 20.28 3.50 12.86
N ILE J 292 20.27 2.30 12.31
CA ILE J 292 20.28 2.10 10.86
C ILE J 292 19.08 2.74 10.16
N ASP J 293 18.02 3.01 10.90
CA ASP J 293 16.82 3.62 10.33
C ASP J 293 16.78 5.12 10.49
N GLY J 294 17.85 5.71 11.02
CA GLY J 294 17.87 7.15 11.22
C GLY J 294 18.65 7.97 10.22
N PHE J 295 19.15 7.35 9.16
CA PHE J 295 19.92 8.07 8.15
C PHE J 295 19.04 8.88 7.21
N LYS J 296 19.60 10.00 6.72
CA LYS J 296 18.91 10.88 5.78
C LYS J 296 19.85 11.17 4.63
N VAL J 297 19.31 11.47 3.46
CA VAL J 297 20.13 11.76 2.29
C VAL J 297 21.21 12.80 2.60
N GLU J 298 20.81 13.89 3.26
CA GLU J 298 21.73 14.97 3.60
C GLU J 298 22.83 14.58 4.58
N ASP J 299 22.74 13.38 5.17
CA ASP J 299 23.76 12.95 6.11
C ASP J 299 25.03 12.52 5.38
N PHE J 300 24.86 12.12 4.11
CA PHE J 300 25.98 11.67 3.29
C PHE J 300 26.75 12.82 2.64
N VAL J 301 27.90 13.15 3.22
CA VAL J 301 28.74 14.22 2.68
C VAL J 301 29.91 13.63 1.90
N VAL J 302 29.77 13.59 0.59
CA VAL J 302 30.81 13.05 -0.28
C VAL J 302 31.68 14.18 -0.80
N GLU J 303 32.96 14.17 -0.43
CA GLU J 303 33.87 15.22 -0.86
C GLU J 303 34.99 14.71 -1.76
N GLY J 304 35.41 15.55 -2.69
CA GLY J 304 36.47 15.17 -3.60
C GLY J 304 36.03 14.38 -4.81
N TYR J 305 34.73 14.35 -5.10
CA TYR J 305 34.24 13.61 -6.26
C TYR J 305 34.54 14.42 -7.52
N LYS J 306 35.40 13.90 -8.38
CA LYS J 306 35.78 14.59 -9.61
C LYS J 306 35.69 13.65 -10.82
N PRO J 307 34.47 13.35 -11.27
CA PRO J 307 34.24 12.47 -12.42
C PRO J 307 34.31 13.17 -13.77
N TRP J 308 34.38 12.36 -14.82
CA TRP J 308 34.38 12.88 -16.18
C TRP J 308 32.92 13.10 -16.53
N GLY J 309 32.64 13.45 -17.78
CA GLY J 309 31.27 13.69 -18.19
C GLY J 309 30.36 12.48 -18.12
N LYS J 310 29.06 12.72 -18.15
CA LYS J 310 28.09 11.64 -18.10
C LYS J 310 28.11 10.88 -19.41
N ILE J 311 27.68 9.63 -19.36
CA ILE J 311 27.63 8.78 -20.55
C ILE J 311 26.23 8.20 -20.63
N ASP J 312 25.49 8.60 -21.66
CA ASP J 312 24.12 8.14 -21.84
C ASP J 312 24.03 6.67 -22.23
N MET J 313 23.21 5.93 -21.49
CA MET J 313 22.98 4.52 -21.76
C MET J 313 21.54 4.18 -21.42
N LYS J 314 20.84 3.58 -22.38
CA LYS J 314 19.45 3.22 -22.19
C LYS J 314 19.30 1.92 -21.41
N MET J 315 18.36 1.89 -20.48
CA MET J 315 18.13 0.70 -19.68
C MET J 315 17.11 -0.18 -20.38
N SER J 316 17.39 -1.49 -20.44
CA SER J 316 16.48 -2.42 -21.08
C SER J 316 15.54 -2.99 -20.01
N ALA J 317 14.25 -2.70 -20.16
CA ALA J 317 13.23 -3.15 -19.23
C ALA J 317 13.05 -4.67 -19.26
N PRO K 16 -45.93 -3.28 -13.17
CA PRO K 16 -45.67 -4.61 -13.75
C PRO K 16 -44.19 -4.81 -14.08
N ASP K 17 -43.42 -3.73 -13.93
CA ASP K 17 -41.99 -3.78 -14.21
C ASP K 17 -41.17 -4.04 -12.94
N HIS K 18 -41.85 -4.22 -11.81
CA HIS K 18 -41.14 -4.47 -10.56
C HIS K 18 -40.31 -5.75 -10.71
N GLU K 19 -39.01 -5.62 -10.47
CA GLU K 19 -38.08 -6.74 -10.59
C GLU K 19 -38.44 -7.98 -9.79
N GLU K 20 -39.19 -7.82 -8.71
CA GLU K 20 -39.56 -8.97 -7.88
C GLU K 20 -40.47 -9.94 -8.62
N TYR K 21 -41.16 -9.46 -9.66
CA TYR K 21 -42.04 -10.34 -10.42
C TYR K 21 -41.26 -11.45 -11.13
N GLN K 22 -39.96 -11.23 -11.33
CA GLN K 22 -39.12 -12.24 -11.97
C GLN K 22 -39.14 -13.48 -11.07
N TYR K 23 -38.94 -13.24 -9.78
CA TYR K 23 -38.94 -14.30 -8.78
C TYR K 23 -40.30 -14.95 -8.65
N LEU K 24 -41.34 -14.15 -8.53
CA LEU K 24 -42.71 -14.67 -8.40
C LEU K 24 -43.14 -15.45 -9.64
N ASP K 25 -42.85 -14.91 -10.82
CA ASP K 25 -43.23 -15.57 -12.07
C ASP K 25 -42.53 -16.92 -12.24
N LEU K 26 -41.25 -17.00 -11.89
CA LEU K 26 -40.52 -18.26 -12.02
C LEU K 26 -41.13 -19.34 -11.13
N ILE K 27 -41.46 -18.97 -9.90
CA ILE K 27 -42.07 -19.92 -8.97
C ILE K 27 -43.38 -20.42 -9.54
N ARG K 28 -44.18 -19.50 -10.06
CA ARG K 28 -45.47 -19.85 -10.65
C ARG K 28 -45.26 -20.83 -11.81
N ARG K 29 -44.25 -20.56 -12.63
CA ARG K 29 -43.94 -21.41 -13.77
C ARG K 29 -43.49 -22.80 -13.33
N ILE K 30 -42.60 -22.85 -12.34
CA ILE K 30 -42.10 -24.13 -11.83
C ILE K 30 -43.24 -24.99 -11.29
N ILE K 31 -44.15 -24.38 -10.55
CA ILE K 31 -45.28 -25.11 -10.00
C ILE K 31 -46.19 -25.60 -11.11
N ASN K 32 -46.38 -24.77 -12.13
CA ASN K 32 -47.24 -25.11 -13.26
C ASN K 32 -46.69 -26.17 -14.22
N VAL K 33 -45.52 -25.91 -14.80
CA VAL K 33 -44.94 -26.85 -15.75
C VAL K 33 -43.66 -27.55 -15.30
N GLY K 34 -43.27 -27.33 -14.04
CA GLY K 34 -42.07 -27.96 -13.54
C GLY K 34 -42.18 -29.47 -13.52
N GLU K 35 -41.04 -30.15 -13.48
CA GLU K 35 -41.00 -31.61 -13.45
C GLU K 35 -40.86 -32.13 -12.02
N VAL K 36 -41.74 -33.05 -11.63
CA VAL K 36 -41.69 -33.62 -10.27
C VAL K 36 -40.50 -34.57 -10.22
N ARG K 37 -39.60 -34.35 -9.27
CA ARG K 37 -38.41 -35.18 -9.17
C ARG K 37 -38.01 -35.55 -7.75
N PRO K 38 -37.32 -36.68 -7.60
CA PRO K 38 -36.85 -37.16 -6.29
C PRO K 38 -35.60 -36.33 -6.04
N ASP K 39 -35.12 -36.30 -4.81
CA ASP K 39 -33.90 -35.53 -4.53
C ASP K 39 -33.14 -36.07 -3.32
N ARG K 40 -31.97 -35.51 -3.10
CA ARG K 40 -31.10 -35.91 -1.99
C ARG K 40 -31.79 -35.87 -0.62
N THR K 41 -32.56 -34.81 -0.37
CA THR K 41 -33.24 -34.65 0.91
C THR K 41 -34.36 -35.66 1.16
N GLY K 42 -34.99 -36.12 0.09
CA GLY K 42 -36.06 -37.09 0.24
C GLY K 42 -37.45 -36.50 0.30
N THR K 43 -37.55 -35.17 0.30
CA THR K 43 -38.87 -34.54 0.36
C THR K 43 -39.44 -34.37 -1.05
N GLY K 44 -38.57 -34.34 -2.04
CA GLY K 44 -39.02 -34.20 -3.42
C GLY K 44 -39.18 -32.75 -3.83
N THR K 45 -39.12 -32.49 -5.14
CA THR K 45 -39.27 -31.14 -5.64
C THR K 45 -39.91 -31.12 -7.03
N VAL K 46 -40.14 -29.92 -7.54
CA VAL K 46 -40.69 -29.70 -8.87
C VAL K 46 -39.63 -28.75 -9.42
N ALA K 47 -39.07 -29.07 -10.59
CA ALA K 47 -38.00 -28.22 -11.12
C ALA K 47 -37.94 -27.98 -12.62
N LEU K 48 -37.14 -26.97 -12.96
CA LEU K 48 -36.87 -26.57 -14.34
C LEU K 48 -35.37 -26.31 -14.39
N PHE K 49 -34.74 -26.65 -15.52
CA PHE K 49 -33.30 -26.44 -15.65
C PHE K 49 -32.95 -25.22 -16.50
N ALA K 50 -31.98 -24.45 -16.01
CA ALA K 50 -31.50 -23.27 -16.71
C ALA K 50 -32.56 -22.30 -17.21
N PRO K 51 -33.43 -21.80 -16.33
CA PRO K 51 -34.44 -20.86 -16.78
C PRO K 51 -33.79 -19.50 -17.02
N PRO K 52 -34.49 -18.57 -17.68
CA PRO K 52 -33.88 -17.25 -17.92
C PRO K 52 -33.33 -16.66 -16.63
N SER K 53 -32.19 -15.99 -16.72
CA SER K 53 -31.54 -15.39 -15.56
C SER K 53 -32.30 -14.19 -15.01
N PHE K 54 -32.06 -13.87 -13.74
CA PHE K 54 -32.68 -12.73 -13.10
C PHE K 54 -31.74 -11.53 -13.19
N ARG K 55 -32.29 -10.34 -13.34
CA ARG K 55 -31.49 -9.13 -13.42
C ARG K 55 -32.06 -8.12 -12.42
N PHE K 56 -31.20 -7.60 -11.56
CA PHE K 56 -31.61 -6.63 -10.56
C PHE K 56 -30.73 -5.38 -10.61
N SER K 57 -31.36 -4.22 -10.65
CA SER K 57 -30.62 -2.97 -10.67
C SER K 57 -30.14 -2.64 -9.28
N LEU K 58 -28.88 -2.22 -9.17
CA LEU K 58 -28.29 -1.86 -7.88
C LEU K 58 -28.02 -0.36 -7.84
N ALA K 59 -28.51 0.35 -8.85
CA ALA K 59 -28.32 1.79 -8.93
C ALA K 59 -29.14 2.50 -7.86
N ASP K 60 -28.76 3.74 -7.55
CA ASP K 60 -29.46 4.53 -6.56
C ASP K 60 -29.55 3.84 -5.20
N ASN K 61 -28.46 3.16 -4.83
CA ASN K 61 -28.39 2.45 -3.55
C ASN K 61 -29.48 1.42 -3.34
N THR K 62 -30.04 0.90 -4.43
CA THR K 62 -31.11 -0.09 -4.33
C THR K 62 -30.63 -1.47 -3.88
N LEU K 63 -31.40 -2.09 -2.98
CA LEU K 63 -31.08 -3.42 -2.48
C LEU K 63 -32.28 -4.33 -2.77
N PRO K 64 -32.09 -5.32 -3.67
CA PRO K 64 -33.17 -6.23 -4.01
C PRO K 64 -33.53 -7.23 -2.91
N LEU K 65 -34.09 -6.72 -1.82
CA LEU K 65 -34.51 -7.54 -0.69
C LEU K 65 -35.99 -7.78 -0.91
N LEU K 66 -36.37 -9.02 -1.21
CA LEU K 66 -37.76 -9.36 -1.48
C LEU K 66 -38.75 -8.78 -0.46
N THR K 67 -39.88 -8.30 -0.97
CA THR K 67 -40.91 -7.69 -0.13
C THR K 67 -42.19 -8.50 0.01
N THR K 68 -42.38 -9.52 -0.84
CA THR K 68 -43.60 -10.32 -0.75
C THR K 68 -43.60 -11.23 0.47
N LYS K 69 -42.55 -11.13 1.28
CA LYS K 69 -42.44 -11.90 2.51
C LYS K 69 -41.32 -11.26 3.31
N ARG K 70 -41.37 -11.36 4.64
CA ARG K 70 -40.32 -10.78 5.46
C ARG K 70 -39.07 -11.65 5.38
N VAL K 71 -37.98 -11.06 4.91
CA VAL K 71 -36.72 -11.78 4.79
C VAL K 71 -35.81 -11.45 5.97
N PHE K 72 -35.19 -12.47 6.54
CA PHE K 72 -34.29 -12.30 7.69
C PHE K 72 -33.02 -11.57 7.24
N LEU K 73 -33.13 -10.25 7.10
CA LEU K 73 -32.01 -9.42 6.66
C LEU K 73 -30.73 -9.61 7.48
N ARG K 74 -30.86 -9.53 8.80
CA ARG K 74 -29.69 -9.69 9.67
C ARG K 74 -29.01 -11.02 9.41
N GLY K 75 -29.80 -12.04 9.11
CA GLY K 75 -29.24 -13.36 8.84
C GLY K 75 -28.42 -13.35 7.56
N VAL K 76 -28.90 -12.62 6.56
CA VAL K 76 -28.21 -12.53 5.28
C VAL K 76 -26.86 -11.83 5.49
N ILE K 77 -26.90 -10.68 6.15
CA ILE K 77 -25.70 -9.90 6.42
C ILE K 77 -24.69 -10.72 7.23
N ALA K 78 -25.17 -11.35 8.31
CA ALA K 78 -24.30 -12.16 9.16
C ALA K 78 -23.59 -13.25 8.36
N GLU K 79 -24.35 -13.99 7.56
CA GLU K 79 -23.78 -15.06 6.75
C GLU K 79 -22.74 -14.52 5.78
N LEU K 80 -23.02 -13.38 5.17
CA LEU K 80 -22.11 -12.77 4.21
C LEU K 80 -20.78 -12.36 4.83
N LEU K 81 -20.84 -11.65 5.97
CA LEU K 81 -19.62 -11.22 6.65
C LEU K 81 -18.86 -12.45 7.11
N TRP K 82 -19.60 -13.52 7.35
CA TRP K 82 -19.05 -14.79 7.79
C TRP K 82 -18.25 -15.37 6.61
N PHE K 83 -18.82 -15.33 5.41
CA PHE K 83 -18.14 -15.83 4.22
C PHE K 83 -16.83 -15.06 4.05
N VAL K 84 -16.96 -13.74 4.02
CA VAL K 84 -15.82 -12.84 3.85
C VAL K 84 -14.68 -13.13 4.83
N SER K 85 -15.02 -13.40 6.08
CA SER K 85 -14.02 -13.68 7.10
C SER K 85 -13.28 -14.99 6.82
N GLY K 86 -13.83 -15.82 5.95
CA GLY K 86 -13.20 -17.08 5.64
C GLY K 86 -13.52 -18.16 6.67
N CYS K 87 -14.37 -17.81 7.63
CA CYS K 87 -14.76 -18.73 8.69
C CYS K 87 -15.71 -19.82 8.19
N THR K 88 -15.56 -21.02 8.74
CA THR K 88 -16.41 -22.15 8.36
C THR K 88 -17.09 -22.80 9.55
N ASP K 89 -17.09 -22.09 10.68
CA ASP K 89 -17.71 -22.59 11.90
C ASP K 89 -19.10 -21.99 12.06
N ALA K 90 -20.12 -22.83 11.88
CA ALA K 90 -21.51 -22.39 11.98
C ALA K 90 -21.86 -21.81 13.36
N LYS K 91 -21.09 -22.17 14.37
CA LYS K 91 -21.35 -21.66 15.72
C LYS K 91 -21.17 -20.14 15.75
N MET K 92 -20.39 -19.62 14.81
CA MET K 92 -20.17 -18.17 14.75
C MET K 92 -21.43 -17.46 14.30
N LEU K 93 -22.34 -18.22 13.68
CA LEU K 93 -23.60 -17.66 13.23
C LEU K 93 -24.69 -17.89 14.28
N SER K 94 -24.75 -19.10 14.82
CA SER K 94 -25.74 -19.41 15.84
C SER K 94 -25.51 -18.63 17.13
N SER K 95 -24.26 -18.28 17.40
CA SER K 95 -23.94 -17.53 18.60
C SER K 95 -24.49 -16.12 18.52
N GLN K 96 -24.74 -15.65 17.30
CA GLN K 96 -25.30 -14.31 17.11
C GLN K 96 -26.76 -14.36 16.67
N GLY K 97 -27.41 -15.48 16.97
CA GLY K 97 -28.82 -15.64 16.64
C GLY K 97 -29.19 -16.01 15.22
N VAL K 98 -28.24 -16.56 14.47
CA VAL K 98 -28.50 -16.95 13.07
C VAL K 98 -28.26 -18.45 12.94
N GLY K 99 -29.33 -19.22 12.77
CA GLY K 99 -29.19 -20.66 12.67
C GLY K 99 -29.43 -21.29 11.32
N ILE K 100 -29.27 -20.52 10.24
CA ILE K 100 -29.49 -21.04 8.90
C ILE K 100 -28.60 -22.22 8.56
N TRP K 101 -27.44 -22.31 9.21
CA TRP K 101 -26.53 -23.42 8.94
C TRP K 101 -26.51 -24.48 10.04
N ASP K 102 -27.41 -24.36 11.02
CA ASP K 102 -27.48 -25.33 12.12
C ASP K 102 -27.87 -26.71 11.59
N GLY K 103 -28.75 -26.73 10.60
CA GLY K 103 -29.21 -27.99 10.04
C GLY K 103 -28.12 -28.85 9.43
N ASN K 104 -27.27 -28.27 8.59
CA ASN K 104 -26.20 -29.04 7.97
C ASN K 104 -24.93 -29.08 8.82
N GLY K 105 -24.95 -28.39 9.94
CA GLY K 105 -23.79 -28.38 10.82
C GLY K 105 -24.02 -29.23 12.05
N SER K 106 -25.23 -29.76 12.19
CA SER K 106 -25.57 -30.58 13.35
C SER K 106 -24.72 -31.83 13.39
N LYS K 107 -24.46 -32.31 14.61
CA LYS K 107 -23.64 -33.50 14.81
C LYS K 107 -24.28 -34.72 14.16
N GLU K 108 -25.57 -34.66 13.93
CA GLU K 108 -26.30 -35.76 13.31
C GLU K 108 -26.07 -35.80 11.80
N PHE K 109 -26.24 -34.65 11.15
CA PHE K 109 -26.05 -34.57 9.71
C PHE K 109 -24.60 -34.88 9.33
N LEU K 110 -23.66 -34.31 10.06
CA LEU K 110 -22.25 -34.53 9.79
C LEU K 110 -21.91 -36.02 9.80
N GLU K 111 -22.34 -36.71 10.86
CA GLU K 111 -22.08 -38.15 10.96
C GLU K 111 -22.81 -38.87 9.82
N LYS K 112 -23.93 -38.31 9.40
CA LYS K 112 -24.75 -38.87 8.33
C LYS K 112 -24.00 -38.86 6.99
N VAL K 113 -23.21 -37.82 6.75
CA VAL K 113 -22.46 -37.72 5.50
C VAL K 113 -21.01 -38.18 5.62
N GLY K 114 -20.71 -38.95 6.65
CA GLY K 114 -19.36 -39.45 6.84
C GLY K 114 -18.36 -38.47 7.42
N LEU K 115 -18.84 -37.48 8.16
CA LEU K 115 -17.95 -36.50 8.76
C LEU K 115 -18.14 -36.48 10.28
N GLY K 116 -18.26 -37.67 10.87
CA GLY K 116 -18.46 -37.79 12.30
C GLY K 116 -17.28 -37.39 13.16
N HIS K 117 -16.10 -37.29 12.57
CA HIS K 117 -14.89 -36.92 13.30
C HIS K 117 -14.82 -35.43 13.57
N ARG K 118 -15.78 -34.69 13.05
CA ARG K 118 -15.80 -33.25 13.24
C ARG K 118 -16.75 -32.82 14.36
N ARG K 119 -16.41 -31.74 15.05
CA ARG K 119 -17.27 -31.26 16.11
C ARG K 119 -18.47 -30.58 15.45
N GLU K 120 -19.58 -30.52 16.15
CA GLU K 120 -20.79 -29.89 15.62
C GLU K 120 -20.52 -28.46 15.17
N GLY K 121 -20.99 -28.11 13.98
CA GLY K 121 -20.78 -26.77 13.47
C GLY K 121 -19.62 -26.63 12.50
N ASP K 122 -18.72 -27.60 12.50
CA ASP K 122 -17.57 -27.57 11.61
C ASP K 122 -18.00 -28.09 10.23
N LEU K 123 -18.40 -27.18 9.37
CA LEU K 123 -18.88 -27.51 8.03
C LEU K 123 -17.81 -27.97 7.05
N GLY K 124 -16.54 -27.66 7.36
CA GLY K 124 -15.47 -28.05 6.46
C GLY K 124 -15.03 -26.87 5.60
N PRO K 125 -14.24 -27.11 4.55
CA PRO K 125 -13.76 -26.04 3.67
C PRO K 125 -14.81 -25.51 2.70
N VAL K 126 -15.88 -24.94 3.25
CA VAL K 126 -16.96 -24.39 2.43
C VAL K 126 -16.72 -22.94 2.02
N TYR K 127 -17.72 -22.35 1.38
CA TYR K 127 -17.67 -20.96 0.89
C TYR K 127 -16.51 -20.08 1.33
N GLY K 128 -16.63 -19.50 2.52
CA GLY K 128 -15.61 -18.63 3.05
C GLY K 128 -14.16 -19.10 2.93
N PHE K 129 -13.93 -20.37 3.23
CA PHE K 129 -12.58 -20.91 3.17
C PHE K 129 -12.05 -20.90 1.74
N GLN K 130 -12.87 -21.32 0.78
CA GLN K 130 -12.45 -21.33 -0.62
C GLN K 130 -12.20 -19.89 -1.11
N TRP K 131 -13.08 -18.98 -0.72
CA TRP K 131 -12.99 -17.58 -1.11
C TRP K 131 -11.67 -16.91 -0.72
N ARG K 132 -11.21 -17.18 0.51
CA ARG K 132 -9.98 -16.57 1.00
C ARG K 132 -8.74 -17.47 1.08
N HIS K 133 -8.93 -18.78 1.00
CA HIS K 133 -7.81 -19.72 1.11
C HIS K 133 -7.86 -20.88 0.13
N PHE K 134 -8.38 -20.65 -1.07
CA PHE K 134 -8.49 -21.73 -2.05
C PHE K 134 -7.17 -22.46 -2.25
N GLY K 135 -7.22 -23.79 -2.16
CA GLY K 135 -6.02 -24.59 -2.35
C GLY K 135 -5.32 -24.99 -1.07
N ALA K 136 -5.55 -24.25 0.01
CA ALA K 136 -4.92 -24.55 1.29
C ALA K 136 -5.42 -25.88 1.84
N GLU K 137 -4.61 -26.50 2.69
CA GLU K 137 -4.96 -27.77 3.32
C GLU K 137 -5.89 -27.49 4.49
N TYR K 138 -7.02 -28.18 4.53
CA TYR K 138 -7.99 -27.99 5.61
C TYR K 138 -7.82 -29.03 6.70
N THR K 139 -7.78 -28.59 7.94
CA THR K 139 -7.67 -29.50 9.08
C THR K 139 -9.04 -29.48 9.76
N ASP K 140 -9.32 -28.38 10.45
CA ASP K 140 -10.61 -28.21 11.12
C ASP K 140 -10.96 -26.72 11.06
N ALA K 141 -12.07 -26.28 11.70
CA ALA K 141 -12.41 -24.86 11.64
C ALA K 141 -11.52 -23.93 12.46
N ASP K 142 -10.71 -24.52 13.34
CA ASP K 142 -9.82 -23.74 14.19
C ASP K 142 -8.43 -23.60 13.58
N GLY K 143 -8.20 -24.27 12.46
CA GLY K 143 -6.92 -24.20 11.80
C GLY K 143 -6.46 -22.79 11.47
N ASP K 144 -5.15 -22.61 11.40
CA ASP K 144 -4.56 -21.32 11.08
C ASP K 144 -4.30 -21.27 9.57
N TYR K 145 -5.14 -20.53 8.86
CA TYR K 145 -5.02 -20.44 7.42
C TYR K 145 -4.56 -19.07 6.92
N LYS K 146 -4.28 -18.16 7.85
CA LYS K 146 -3.84 -16.83 7.48
C LYS K 146 -2.63 -16.90 6.55
N GLY K 147 -2.75 -16.25 5.39
CA GLY K 147 -1.66 -16.24 4.43
C GLY K 147 -1.51 -17.51 3.63
N LYS K 148 -2.45 -18.45 3.80
CA LYS K 148 -2.39 -19.70 3.08
C LYS K 148 -3.49 -19.80 2.02
N GLY K 149 -3.15 -20.42 0.89
CA GLY K 149 -4.12 -20.57 -0.18
C GLY K 149 -4.27 -19.27 -0.98
N VAL K 150 -5.14 -19.28 -1.97
CA VAL K 150 -5.37 -18.11 -2.80
C VAL K 150 -6.51 -17.25 -2.27
N ASP K 151 -6.23 -15.97 -2.02
CA ASP K 151 -7.24 -15.05 -1.53
C ASP K 151 -7.92 -14.43 -2.73
N GLN K 152 -8.93 -15.13 -3.26
CA GLN K 152 -9.68 -14.67 -4.42
C GLN K 152 -10.37 -13.33 -4.22
N LEU K 153 -10.97 -13.16 -3.05
CA LEU K 153 -11.69 -11.92 -2.75
C LEU K 153 -10.81 -10.68 -2.83
N GLN K 154 -9.66 -10.68 -2.15
CA GLN K 154 -8.79 -9.52 -2.19
C GLN K 154 -8.26 -9.29 -3.60
N ARG K 155 -8.02 -10.37 -4.34
CA ARG K 155 -7.52 -10.24 -5.70
C ARG K 155 -8.58 -9.53 -6.55
N VAL K 156 -9.84 -9.85 -6.29
CA VAL K 156 -10.94 -9.22 -7.01
C VAL K 156 -10.93 -7.72 -6.73
N ILE K 157 -10.73 -7.37 -5.47
CA ILE K 157 -10.68 -5.96 -5.05
C ILE K 157 -9.54 -5.24 -5.76
N ASP K 158 -8.34 -5.82 -5.67
CA ASP K 158 -7.15 -5.24 -6.28
C ASP K 158 -7.29 -5.09 -7.79
N THR K 159 -7.90 -6.08 -8.44
CA THR K 159 -8.08 -6.05 -9.89
C THR K 159 -9.07 -4.98 -10.34
N ILE K 160 -10.17 -4.84 -9.61
CA ILE K 160 -11.18 -3.84 -9.94
C ILE K 160 -10.58 -2.44 -9.86
N LYS K 161 -9.70 -2.24 -8.88
CA LYS K 161 -9.07 -0.94 -8.67
C LYS K 161 -7.91 -0.62 -9.62
N ASN K 162 -7.08 -1.61 -9.93
CA ASN K 162 -5.91 -1.38 -10.78
C ASN K 162 -5.97 -1.89 -12.21
N ASN K 163 -6.91 -2.77 -12.52
CA ASN K 163 -7.04 -3.30 -13.88
C ASN K 163 -8.46 -3.77 -14.10
N PRO K 164 -9.43 -2.84 -14.04
CA PRO K 164 -10.86 -3.07 -14.22
C PRO K 164 -11.31 -3.81 -15.47
N THR K 165 -10.60 -3.64 -16.58
CA THR K 165 -10.98 -4.31 -17.82
C THR K 165 -10.53 -5.76 -17.86
N ASP K 166 -9.88 -6.22 -16.80
CA ASP K 166 -9.43 -7.61 -16.72
C ASP K 166 -10.67 -8.49 -16.89
N ARG K 167 -10.52 -9.63 -17.55
CA ARG K 167 -11.65 -10.52 -17.77
C ARG K 167 -11.64 -11.79 -16.92
N ARG K 168 -10.86 -11.77 -15.83
CA ARG K 168 -10.76 -12.91 -14.93
C ARG K 168 -11.15 -12.56 -13.50
N ILE K 169 -11.98 -11.53 -13.32
CA ILE K 169 -12.41 -11.12 -11.99
C ILE K 169 -13.43 -12.12 -11.47
N ILE K 170 -12.93 -13.28 -11.04
CA ILE K 170 -13.77 -14.37 -10.56
C ILE K 170 -13.62 -14.69 -9.08
N LEU K 171 -14.74 -15.03 -8.45
CA LEU K 171 -14.79 -15.42 -7.04
C LEU K 171 -15.51 -16.75 -7.04
N SER K 172 -14.80 -17.84 -6.77
CA SER K 172 -15.41 -19.15 -6.78
C SER K 172 -15.15 -20.01 -5.55
N ALA K 173 -16.15 -20.77 -5.15
CA ALA K 173 -16.04 -21.64 -3.98
C ALA K 173 -16.02 -23.10 -4.41
N TRP K 174 -16.22 -23.36 -5.70
CA TRP K 174 -16.22 -24.73 -6.21
C TRP K 174 -14.82 -25.32 -6.22
N ASN K 175 -14.65 -26.42 -5.50
CA ASN K 175 -13.36 -27.09 -5.41
C ASN K 175 -13.61 -28.60 -5.41
N PRO K 176 -13.51 -29.24 -6.59
CA PRO K 176 -13.74 -30.68 -6.73
C PRO K 176 -12.96 -31.54 -5.75
N LYS K 177 -11.75 -31.11 -5.39
CA LYS K 177 -10.93 -31.88 -4.46
C LYS K 177 -11.45 -31.82 -3.03
N ASP K 178 -11.93 -30.65 -2.60
CA ASP K 178 -12.43 -30.48 -1.23
C ASP K 178 -13.89 -30.86 -1.00
N LEU K 179 -14.65 -31.05 -2.08
CA LEU K 179 -16.07 -31.38 -1.96
C LEU K 179 -16.42 -32.41 -0.89
N PRO K 180 -15.77 -33.58 -0.90
CA PRO K 180 -16.08 -34.59 0.11
C PRO K 180 -15.87 -34.16 1.56
N LEU K 181 -15.08 -33.11 1.77
CA LEU K 181 -14.82 -32.61 3.11
C LEU K 181 -15.89 -31.60 3.52
N MET K 182 -16.74 -31.22 2.57
CA MET K 182 -17.80 -30.25 2.83
C MET K 182 -19.11 -30.89 3.26
N ALA K 183 -19.73 -30.30 4.27
CA ALA K 183 -21.00 -30.80 4.78
C ALA K 183 -22.01 -30.70 3.64
N LEU K 184 -21.82 -29.71 2.78
CA LEU K 184 -22.69 -29.49 1.64
C LEU K 184 -21.91 -28.77 0.54
N PRO K 185 -22.03 -29.23 -0.71
CA PRO K 185 -21.30 -28.58 -1.81
C PRO K 185 -21.85 -27.17 -2.04
N PRO K 186 -21.02 -26.24 -2.52
CA PRO K 186 -21.46 -24.87 -2.77
C PRO K 186 -22.65 -24.78 -3.73
N CYS K 187 -23.67 -24.01 -3.36
CA CYS K 187 -24.84 -23.83 -4.23
C CYS K 187 -24.48 -22.67 -5.17
N HIS K 188 -24.12 -21.53 -4.60
CA HIS K 188 -23.68 -20.41 -5.41
C HIS K 188 -22.19 -20.68 -5.57
N MET K 189 -21.85 -21.43 -6.62
CA MET K 189 -20.48 -21.85 -6.86
C MET K 189 -19.48 -20.82 -7.35
N PHE K 190 -19.94 -19.67 -7.84
CA PHE K 190 -19.02 -18.64 -8.30
C PHE K 190 -19.75 -17.43 -8.88
N CYS K 191 -19.03 -16.33 -9.00
CA CYS K 191 -19.57 -15.12 -9.57
C CYS K 191 -18.47 -14.38 -10.30
N GLN K 192 -18.85 -13.54 -11.24
CA GLN K 192 -17.90 -12.75 -12.02
C GLN K 192 -18.29 -11.28 -11.95
N PHE K 193 -17.30 -10.43 -11.69
CA PHE K 193 -17.55 -9.00 -11.63
C PHE K 193 -17.10 -8.33 -12.92
N PHE K 194 -17.79 -7.26 -13.28
CA PHE K 194 -17.49 -6.51 -14.49
C PHE K 194 -17.51 -5.02 -14.16
N VAL K 195 -16.55 -4.29 -14.71
CA VAL K 195 -16.44 -2.86 -14.45
C VAL K 195 -16.56 -2.05 -15.74
N SER K 196 -17.56 -1.18 -15.80
CA SER K 196 -17.75 -0.32 -16.96
C SER K 196 -16.97 0.96 -16.71
N LEU K 197 -16.14 1.33 -17.67
CA LEU K 197 -15.33 2.54 -17.54
C LEU K 197 -16.20 3.78 -17.68
N PRO K 198 -15.78 4.90 -17.08
CA PRO K 198 -16.52 6.16 -17.13
C PRO K 198 -16.71 6.62 -18.59
N PRO K 199 -17.94 7.00 -18.95
CA PRO K 199 -18.23 7.46 -20.32
C PRO K 199 -17.36 8.67 -20.69
N PRO K 203 -15.58 11.87 -17.55
CA PRO K 203 -14.53 10.96 -17.05
C PRO K 203 -14.35 11.04 -15.54
N GLY K 204 -15.11 11.92 -14.90
CA GLY K 204 -15.00 12.07 -13.46
C GLY K 204 -15.91 11.12 -12.69
N SER K 205 -16.90 10.58 -13.39
CA SER K 205 -17.84 9.65 -12.78
C SER K 205 -17.16 8.38 -12.30
N LYS K 206 -17.80 7.67 -11.38
CA LYS K 206 -17.26 6.43 -10.86
C LYS K 206 -17.56 5.28 -11.81
N PRO K 207 -16.61 4.35 -11.96
CA PRO K 207 -16.85 3.21 -12.86
C PRO K 207 -18.04 2.41 -12.29
N LYS K 208 -18.80 1.76 -13.16
CA LYS K 208 -19.94 0.99 -12.70
C LYS K 208 -19.57 -0.48 -12.49
N LEU K 209 -19.98 -1.03 -11.35
CA LEU K 209 -19.69 -2.42 -11.00
C LEU K 209 -20.90 -3.32 -11.12
N SER K 210 -20.74 -4.44 -11.84
CA SER K 210 -21.81 -5.41 -12.01
C SER K 210 -21.32 -6.77 -11.52
N CYS K 211 -22.26 -7.65 -11.23
CA CYS K 211 -21.94 -8.98 -10.75
C CYS K 211 -22.88 -10.05 -11.28
N LEU K 212 -22.32 -11.14 -11.79
CA LEU K 212 -23.11 -12.24 -12.29
C LEU K 212 -22.73 -13.45 -11.44
N MET K 213 -23.74 -14.08 -10.84
CA MET K 213 -23.50 -15.24 -9.99
C MET K 213 -24.24 -16.44 -10.56
N TYR K 214 -23.61 -17.60 -10.53
CA TYR K 214 -24.22 -18.82 -11.03
C TYR K 214 -24.49 -19.76 -9.87
N GLN K 215 -25.75 -20.19 -9.74
CA GLN K 215 -26.16 -21.09 -8.67
C GLN K 215 -26.58 -22.43 -9.28
N ARG K 216 -25.84 -23.49 -8.95
CA ARG K 216 -26.12 -24.83 -9.48
C ARG K 216 -27.45 -25.42 -9.02
N SER K 217 -27.79 -25.16 -7.75
CA SER K 217 -29.03 -25.68 -7.16
C SER K 217 -29.72 -24.52 -6.45
N CYS K 218 -31.00 -24.33 -6.74
CA CYS K 218 -31.71 -23.21 -6.16
C CYS K 218 -33.04 -23.53 -5.47
N ASP K 219 -33.06 -23.36 -4.16
CA ASP K 219 -34.28 -23.57 -3.38
C ASP K 219 -34.95 -22.21 -3.44
N LEU K 220 -35.87 -22.04 -4.38
CA LEU K 220 -36.55 -20.76 -4.53
C LEU K 220 -37.29 -20.26 -3.31
N GLY K 221 -37.92 -21.17 -2.57
CA GLY K 221 -38.63 -20.76 -1.38
C GLY K 221 -37.76 -20.15 -0.30
N LEU K 222 -36.73 -20.89 0.12
CA LEU K 222 -35.85 -20.45 1.19
C LEU K 222 -34.48 -19.88 0.80
N GLY K 223 -33.80 -20.54 -0.14
CA GLY K 223 -32.48 -20.09 -0.54
C GLY K 223 -32.34 -18.85 -1.39
N VAL K 224 -32.99 -18.85 -2.55
CA VAL K 224 -32.91 -17.73 -3.48
C VAL K 224 -33.09 -16.35 -2.86
N PRO K 225 -34.07 -16.19 -1.95
CA PRO K 225 -34.24 -14.87 -1.34
C PRO K 225 -32.95 -14.39 -0.67
N PHE K 226 -32.26 -15.32 0.00
CA PHE K 226 -31.00 -14.99 0.66
C PHE K 226 -29.89 -14.74 -0.36
N ASN K 227 -29.77 -15.65 -1.32
CA ASN K 227 -28.74 -15.54 -2.35
C ASN K 227 -28.80 -14.20 -3.09
N ILE K 228 -30.00 -13.77 -3.47
CA ILE K 228 -30.15 -12.50 -4.17
C ILE K 228 -29.65 -11.33 -3.34
N ALA K 229 -30.13 -11.22 -2.10
CA ALA K 229 -29.73 -10.13 -1.23
C ALA K 229 -28.26 -10.21 -0.87
N SER K 230 -27.76 -11.43 -0.65
CA SER K 230 -26.36 -11.64 -0.29
C SER K 230 -25.39 -11.09 -1.33
N TYR K 231 -25.52 -11.54 -2.58
CA TYR K 231 -24.63 -11.07 -3.63
C TYR K 231 -24.84 -9.60 -3.97
N ALA K 232 -26.06 -9.12 -3.77
CA ALA K 232 -26.34 -7.71 -4.03
C ALA K 232 -25.54 -6.91 -2.99
N LEU K 233 -25.57 -7.39 -1.75
CA LEU K 233 -24.85 -6.74 -0.66
C LEU K 233 -23.33 -6.82 -0.87
N LEU K 234 -22.86 -7.98 -1.33
CA LEU K 234 -21.43 -8.16 -1.57
C LEU K 234 -20.95 -7.14 -2.60
N THR K 235 -21.76 -6.93 -3.63
CA THR K 235 -21.42 -5.99 -4.69
C THR K 235 -21.37 -4.57 -4.13
N HIS K 236 -22.30 -4.23 -3.24
CA HIS K 236 -22.32 -2.91 -2.63
C HIS K 236 -21.04 -2.74 -1.79
N MET K 237 -20.69 -3.77 -1.05
CA MET K 237 -19.50 -3.74 -0.20
C MET K 237 -18.25 -3.51 -1.04
N ILE K 238 -18.07 -4.33 -2.06
CA ILE K 238 -16.92 -4.22 -2.94
C ILE K 238 -16.87 -2.86 -3.63
N ALA K 239 -18.04 -2.34 -3.99
CA ALA K 239 -18.12 -1.04 -4.65
C ALA K 239 -17.57 0.06 -3.75
N LEU K 240 -17.87 -0.02 -2.45
CA LEU K 240 -17.41 0.98 -1.50
C LEU K 240 -15.89 0.96 -1.37
N ILE K 241 -15.33 -0.23 -1.27
CA ILE K 241 -13.88 -0.38 -1.12
C ILE K 241 -13.09 -0.06 -2.39
N THR K 242 -13.71 -0.24 -3.55
CA THR K 242 -13.03 0.01 -4.82
C THR K 242 -13.38 1.34 -5.47
N ASP K 243 -14.17 2.17 -4.78
CA ASP K 243 -14.57 3.47 -5.32
C ASP K 243 -15.34 3.33 -6.63
N THR K 244 -16.20 2.32 -6.70
CA THR K 244 -17.01 2.11 -7.89
C THR K 244 -18.48 2.25 -7.51
N GLU K 245 -19.35 2.33 -8.51
CA GLU K 245 -20.77 2.48 -8.28
C GLU K 245 -21.52 1.21 -8.63
N PRO K 246 -22.23 0.61 -7.66
CA PRO K 246 -22.97 -0.63 -7.95
C PRO K 246 -23.95 -0.38 -9.09
N HIS K 247 -23.98 -1.30 -10.05
CA HIS K 247 -24.86 -1.13 -11.19
C HIS K 247 -25.91 -2.22 -11.39
N GLU K 248 -25.46 -3.45 -11.61
CA GLU K 248 -26.40 -4.55 -11.85
C GLU K 248 -25.94 -5.88 -11.28
N PHE K 249 -26.91 -6.70 -10.87
CA PHE K 249 -26.64 -8.03 -10.36
C PHE K 249 -27.43 -9.02 -11.19
N ILE K 250 -26.74 -10.00 -11.76
CA ILE K 250 -27.38 -11.02 -12.58
C ILE K 250 -27.24 -12.37 -11.90
N LEU K 251 -28.32 -13.13 -11.88
CA LEU K 251 -28.33 -14.45 -11.25
C LEU K 251 -28.78 -15.54 -12.21
N GLN K 252 -27.86 -16.42 -12.58
CA GLN K 252 -28.18 -17.53 -13.47
C GLN K 252 -28.34 -18.80 -12.65
N MET K 253 -29.44 -19.50 -12.85
CA MET K 253 -29.72 -20.72 -12.11
C MET K 253 -29.53 -21.98 -12.93
N GLY K 254 -29.17 -23.07 -12.24
CA GLY K 254 -29.01 -24.35 -12.88
C GLY K 254 -30.28 -25.12 -12.57
N ASP K 255 -30.24 -25.93 -11.52
CA ASP K 255 -31.41 -26.70 -11.11
C ASP K 255 -32.27 -25.79 -10.22
N ALA K 256 -33.28 -25.17 -10.83
CA ALA K 256 -34.20 -24.28 -10.12
C ALA K 256 -35.39 -25.11 -9.67
N HIS K 257 -35.58 -25.20 -8.36
CA HIS K 257 -36.67 -26.02 -7.83
C HIS K 257 -37.47 -25.44 -6.67
N VAL K 258 -38.65 -26.00 -6.48
CA VAL K 258 -39.55 -25.62 -5.38
C VAL K 258 -39.85 -26.91 -4.64
N TYR K 259 -39.47 -27.00 -3.37
CA TYR K 259 -39.74 -28.21 -2.61
C TYR K 259 -41.24 -28.46 -2.48
N ARG K 260 -41.59 -29.74 -2.42
CA ARG K 260 -42.99 -30.16 -2.31
C ARG K 260 -43.73 -29.48 -1.17
N ASP K 261 -43.08 -29.37 -0.02
CA ASP K 261 -43.71 -28.75 1.14
C ASP K 261 -43.65 -27.22 1.14
N HIS K 262 -43.26 -26.64 0.02
CA HIS K 262 -43.18 -25.18 -0.11
C HIS K 262 -44.25 -24.66 -1.07
N VAL K 263 -44.82 -25.56 -1.87
CA VAL K 263 -45.84 -25.19 -2.85
C VAL K 263 -47.00 -24.37 -2.27
N GLU K 264 -47.67 -24.90 -1.26
CA GLU K 264 -48.79 -24.19 -0.65
C GLU K 264 -48.38 -22.87 -0.02
N PRO K 265 -47.31 -22.87 0.78
CA PRO K 265 -46.89 -21.60 1.40
C PRO K 265 -46.57 -20.53 0.37
N LEU K 266 -45.95 -20.93 -0.74
CA LEU K 266 -45.59 -20.00 -1.80
C LEU K 266 -46.81 -19.45 -2.53
N LYS K 267 -47.86 -20.25 -2.64
CA LYS K 267 -49.08 -19.80 -3.32
C LYS K 267 -49.63 -18.57 -2.61
N THR K 268 -49.45 -18.53 -1.29
CA THR K 268 -49.94 -17.40 -0.50
C THR K 268 -49.11 -16.17 -0.85
N GLN K 269 -47.80 -16.37 -1.03
CA GLN K 269 -46.90 -15.27 -1.35
C GLN K 269 -47.17 -14.73 -2.76
N LEU K 270 -47.52 -15.63 -3.69
CA LEU K 270 -47.80 -15.23 -5.07
C LEU K 270 -48.96 -14.26 -5.20
N GLU K 271 -49.81 -14.21 -4.17
CA GLU K 271 -50.98 -13.32 -4.18
C GLU K 271 -50.61 -11.89 -3.80
N ARG K 272 -49.42 -11.71 -3.25
CA ARG K 272 -48.98 -10.39 -2.80
C ARG K 272 -48.28 -9.53 -3.84
N GLU K 273 -48.58 -8.24 -3.80
CA GLU K 273 -47.98 -7.26 -4.70
C GLU K 273 -46.74 -6.68 -4.05
N PRO K 274 -45.60 -6.73 -4.76
CA PRO K 274 -44.32 -6.20 -4.25
C PRO K 274 -44.34 -4.72 -3.88
N ARG K 275 -43.54 -4.36 -2.88
CA ARG K 275 -43.39 -2.97 -2.47
C ARG K 275 -42.04 -2.55 -3.05
N ASP K 276 -41.82 -1.25 -3.22
CA ASP K 276 -40.55 -0.79 -3.77
C ASP K 276 -39.41 -1.31 -2.91
N PHE K 277 -38.33 -1.73 -3.55
CA PHE K 277 -37.16 -2.24 -2.83
C PHE K 277 -36.58 -1.17 -1.91
N PRO K 278 -35.97 -1.59 -0.79
CA PRO K 278 -35.36 -0.66 0.16
C PRO K 278 -34.02 -0.17 -0.38
N LYS K 279 -33.41 0.77 0.33
CA LYS K 279 -32.12 1.28 -0.09
C LYS K 279 -31.06 1.03 0.98
N LEU K 280 -29.82 0.86 0.55
CA LEU K 280 -28.72 0.60 1.46
C LEU K 280 -27.86 1.83 1.69
N LYS K 281 -27.51 2.08 2.96
CA LYS K 281 -26.67 3.21 3.33
C LYS K 281 -25.62 2.67 4.30
N TRP K 282 -24.46 3.32 4.35
CA TRP K 282 -23.40 2.88 5.25
C TRP K 282 -23.36 3.74 6.51
N ALA K 283 -23.23 3.10 7.66
CA ALA K 283 -23.18 3.82 8.94
C ALA K 283 -21.82 4.45 9.14
N ARG K 284 -20.84 4.02 8.36
CA ARG K 284 -19.48 4.55 8.46
C ARG K 284 -18.93 4.85 7.07
N SER K 285 -17.80 5.55 7.03
CA SER K 285 -17.17 5.92 5.76
C SER K 285 -16.23 4.84 5.27
N LYS K 286 -15.80 4.97 4.02
CA LYS K 286 -14.88 4.03 3.41
C LYS K 286 -13.60 3.94 4.23
N GLU K 287 -13.10 5.10 4.65
CA GLU K 287 -11.88 5.18 5.44
C GLU K 287 -12.01 4.46 6.78
N GLU K 288 -13.14 4.65 7.43
CA GLU K 288 -13.38 4.02 8.73
C GLU K 288 -13.46 2.50 8.58
N ILE K 289 -14.19 2.04 7.58
CA ILE K 289 -14.33 0.61 7.34
C ILE K 289 -12.97 0.04 6.92
N GLY K 290 -12.22 0.82 6.14
CA GLY K 290 -10.89 0.40 5.71
C GLY K 290 -10.84 -0.51 4.49
N ASP K 291 -11.11 -1.80 4.70
CA ASP K 291 -11.08 -2.76 3.61
C ASP K 291 -12.26 -3.73 3.70
N ILE K 292 -12.27 -4.72 2.82
CA ILE K 292 -13.34 -5.71 2.77
C ILE K 292 -13.52 -6.49 4.07
N ASP K 293 -12.48 -6.51 4.90
CA ASP K 293 -12.54 -7.23 6.17
C ASP K 293 -12.93 -6.34 7.34
N GLY K 294 -13.24 -5.07 7.07
CA GLY K 294 -13.61 -4.17 8.15
C GLY K 294 -15.09 -3.89 8.34
N PHE K 295 -15.95 -4.59 7.61
CA PHE K 295 -17.39 -4.37 7.75
C PHE K 295 -17.98 -5.02 9.00
N LYS K 296 -19.03 -4.40 9.52
CA LYS K 296 -19.73 -4.89 10.71
C LYS K 296 -21.23 -4.89 10.41
N VAL K 297 -21.98 -5.77 11.06
CA VAL K 297 -23.41 -5.84 10.84
C VAL K 297 -24.08 -4.47 10.94
N GLU K 298 -23.74 -3.72 11.98
CA GLU K 298 -24.32 -2.39 12.18
C GLU K 298 -23.96 -1.36 11.11
N ASP K 299 -23.03 -1.70 10.22
CA ASP K 299 -22.65 -0.78 9.16
C ASP K 299 -23.72 -0.72 8.08
N PHE K 300 -24.50 -1.80 7.97
CA PHE K 300 -25.55 -1.90 6.97
C PHE K 300 -26.86 -1.23 7.40
N VAL K 301 -27.11 -0.03 6.88
CA VAL K 301 -28.32 0.69 7.21
C VAL K 301 -29.33 0.58 6.06
N VAL K 302 -30.27 -0.35 6.21
CA VAL K 302 -31.30 -0.57 5.20
C VAL K 302 -32.55 0.23 5.54
N GLU K 303 -32.89 1.20 4.69
CA GLU K 303 -34.06 2.03 4.94
C GLU K 303 -35.15 1.85 3.89
N GLY K 304 -36.40 1.97 4.34
CA GLY K 304 -37.52 1.83 3.43
C GLY K 304 -37.97 0.40 3.18
N TYR K 305 -37.53 -0.54 4.01
CA TYR K 305 -37.94 -1.93 3.83
C TYR K 305 -39.35 -2.10 4.36
N LYS K 306 -40.29 -2.41 3.47
CA LYS K 306 -41.68 -2.58 3.85
C LYS K 306 -42.26 -3.86 3.27
N PRO K 307 -41.91 -5.02 3.86
CA PRO K 307 -42.39 -6.32 3.41
C PRO K 307 -43.73 -6.74 4.00
N TRP K 308 -44.32 -7.77 3.40
CA TRP K 308 -45.56 -8.32 3.89
C TRP K 308 -45.17 -9.26 5.02
N GLY K 309 -46.14 -10.00 5.56
CA GLY K 309 -45.85 -10.91 6.65
C GLY K 309 -44.91 -12.05 6.29
N LYS K 310 -44.36 -12.70 7.31
CA LYS K 310 -43.45 -13.81 7.10
C LYS K 310 -44.22 -15.02 6.59
N ILE K 311 -43.54 -15.91 5.89
CA ILE K 311 -44.15 -17.12 5.37
C ILE K 311 -43.29 -18.29 5.82
N ASP K 312 -43.86 -19.13 6.67
CA ASP K 312 -43.15 -20.27 7.21
C ASP K 312 -42.90 -21.36 6.18
N MET K 313 -41.64 -21.79 6.08
CA MET K 313 -41.24 -22.85 5.17
C MET K 313 -40.12 -23.66 5.82
N LYS K 314 -40.30 -24.97 5.86
CA LYS K 314 -39.32 -25.86 6.46
C LYS K 314 -38.18 -26.16 5.50
N MET K 315 -36.95 -26.15 6.03
CA MET K 315 -35.79 -26.44 5.20
C MET K 315 -35.52 -27.93 5.23
N SER K 316 -35.24 -28.51 4.07
CA SER K 316 -34.95 -29.93 3.98
C SER K 316 -33.44 -30.13 4.05
N ALA K 317 -33.00 -30.80 5.12
CA ALA K 317 -31.58 -31.06 5.35
C ALA K 317 -31.00 -32.00 4.31
N PRO L 16 -37.34 -17.16 -39.13
CA PRO L 16 -36.92 -16.18 -38.11
C PRO L 16 -36.67 -16.84 -36.76
N ASP L 17 -36.96 -18.14 -36.67
CA ASP L 17 -36.77 -18.88 -35.44
C ASP L 17 -35.46 -19.67 -35.44
N HIS L 18 -34.68 -19.55 -36.51
CA HIS L 18 -33.41 -20.27 -36.58
C HIS L 18 -32.54 -19.84 -35.40
N GLU L 19 -32.08 -20.83 -34.64
CA GLU L 19 -31.26 -20.58 -33.45
C GLU L 19 -29.98 -19.80 -33.72
N GLU L 20 -29.46 -19.84 -34.93
CA GLU L 20 -28.23 -19.12 -35.24
C GLU L 20 -28.40 -17.61 -35.15
N TYR L 21 -29.64 -17.13 -35.26
CA TYR L 21 -29.89 -15.69 -35.18
C TYR L 21 -29.53 -15.15 -33.80
N GLN L 22 -29.51 -16.03 -32.79
CA GLN L 22 -29.14 -15.62 -31.44
C GLN L 22 -27.71 -15.08 -31.50
N TYR L 23 -26.85 -15.85 -32.15
CA TYR L 23 -25.45 -15.50 -32.32
C TYR L 23 -25.29 -14.24 -33.16
N LEU L 24 -25.96 -14.19 -34.31
CA LEU L 24 -25.88 -13.04 -35.20
C LEU L 24 -26.43 -11.77 -34.55
N ASP L 25 -27.57 -11.89 -33.88
CA ASP L 25 -28.17 -10.74 -33.21
C ASP L 25 -27.29 -10.17 -32.10
N LEU L 26 -26.66 -11.03 -31.33
CA LEU L 26 -25.80 -10.56 -30.24
C LEU L 26 -24.61 -9.77 -30.79
N ILE L 27 -24.02 -10.26 -31.88
CA ILE L 27 -22.89 -9.58 -32.49
C ILE L 27 -23.32 -8.21 -32.98
N ARG L 28 -24.48 -8.15 -33.61
CA ARG L 28 -25.02 -6.90 -34.11
C ARG L 28 -25.22 -5.93 -32.95
N ARG L 29 -25.75 -6.44 -31.85
CA ARG L 29 -25.99 -5.61 -30.67
C ARG L 29 -24.69 -5.10 -30.06
N ILE L 30 -23.70 -5.98 -29.94
CA ILE L 30 -22.41 -5.59 -29.36
C ILE L 30 -21.76 -4.49 -30.19
N ILE L 31 -21.82 -4.63 -31.51
CA ILE L 31 -21.23 -3.63 -32.40
C ILE L 31 -21.97 -2.30 -32.26
N ASN L 32 -23.30 -2.39 -32.16
CA ASN L 32 -24.14 -1.20 -32.04
C ASN L 32 -24.07 -0.46 -30.72
N VAL L 33 -24.35 -1.14 -29.61
CA VAL L 33 -24.33 -0.50 -28.30
C VAL L 33 -23.25 -0.98 -27.34
N GLY L 34 -22.34 -1.81 -27.83
CA GLY L 34 -21.28 -2.32 -26.99
C GLY L 34 -20.35 -1.21 -26.52
N GLU L 35 -19.61 -1.46 -25.46
CA GLU L 35 -18.69 -0.48 -24.90
C GLU L 35 -17.26 -0.75 -25.40
N VAL L 36 -16.62 0.29 -25.95
CA VAL L 36 -15.25 0.16 -26.44
C VAL L 36 -14.33 0.06 -25.23
N ARG L 37 -13.53 -1.01 -25.19
CA ARG L 37 -12.65 -1.22 -24.05
C ARG L 37 -11.26 -1.73 -24.39
N PRO L 38 -10.27 -1.41 -23.55
CA PRO L 38 -8.88 -1.86 -23.77
C PRO L 38 -8.90 -3.30 -23.26
N ASP L 39 -7.88 -4.09 -23.59
CA ASP L 39 -7.85 -5.46 -23.12
C ASP L 39 -6.43 -6.01 -23.05
N ARG L 40 -6.31 -7.21 -22.49
CA ARG L 40 -5.03 -7.88 -22.33
C ARG L 40 -4.21 -7.99 -23.61
N THR L 41 -4.87 -8.33 -24.72
CA THR L 41 -4.19 -8.51 -25.99
C THR L 41 -3.65 -7.21 -26.59
N GLY L 42 -4.32 -6.10 -26.31
CA GLY L 42 -3.87 -4.83 -26.83
C GLY L 42 -4.55 -4.40 -28.12
N THR L 43 -5.40 -5.25 -28.68
CA THR L 43 -6.08 -4.89 -29.93
C THR L 43 -7.37 -4.13 -29.62
N GLY L 44 -7.91 -4.33 -28.42
CA GLY L 44 -9.13 -3.64 -28.04
C GLY L 44 -10.38 -4.39 -28.47
N THR L 45 -11.50 -4.12 -27.79
CA THR L 45 -12.76 -4.77 -28.11
C THR L 45 -13.95 -3.88 -27.83
N VAL L 46 -15.13 -4.37 -28.19
CA VAL L 46 -16.39 -3.70 -27.93
C VAL L 46 -17.13 -4.81 -27.18
N ALA L 47 -17.65 -4.51 -25.99
CA ALA L 47 -18.30 -5.56 -25.22
C ALA L 47 -19.55 -5.20 -24.42
N LEU L 48 -20.23 -6.27 -24.00
CA LEU L 48 -21.43 -6.20 -23.17
C LEU L 48 -21.28 -7.29 -22.12
N PHE L 49 -21.76 -7.04 -20.91
CA PHE L 49 -21.63 -8.02 -19.84
C PHE L 49 -22.93 -8.77 -19.56
N ALA L 50 -22.80 -10.08 -19.37
CA ALA L 50 -23.93 -10.94 -19.05
C ALA L 50 -25.17 -10.78 -19.93
N PRO L 51 -25.03 -10.91 -21.26
CA PRO L 51 -26.21 -10.76 -22.11
C PRO L 51 -27.06 -12.02 -21.98
N PRO L 52 -28.31 -11.98 -22.48
CA PRO L 52 -29.17 -13.17 -22.38
C PRO L 52 -28.43 -14.40 -22.90
N SER L 53 -28.63 -15.54 -22.24
CA SER L 53 -27.96 -16.78 -22.64
C SER L 53 -28.50 -17.35 -23.95
N PHE L 54 -27.69 -18.19 -24.59
CA PHE L 54 -28.08 -18.83 -25.84
C PHE L 54 -28.65 -20.21 -25.51
N ARG L 55 -29.63 -20.64 -26.29
CA ARG L 55 -30.24 -21.96 -26.08
C ARG L 55 -30.28 -22.67 -27.43
N PHE L 56 -29.73 -23.89 -27.46
CA PHE L 56 -29.69 -24.67 -28.68
C PHE L 56 -30.29 -26.05 -28.46
N SER L 57 -31.20 -26.46 -29.34
CA SER L 57 -31.81 -27.76 -29.24
C SER L 57 -30.86 -28.83 -29.77
N LEU L 58 -30.71 -29.92 -29.04
CA LEU L 58 -29.83 -31.00 -29.46
C LEU L 58 -30.66 -32.23 -29.83
N ALA L 59 -31.99 -32.06 -29.89
CA ALA L 59 -32.89 -33.15 -30.23
C ALA L 59 -32.75 -33.53 -31.71
N ASP L 60 -33.19 -34.73 -32.05
CA ASP L 60 -33.12 -35.22 -33.41
C ASP L 60 -31.70 -35.19 -33.97
N ASN L 61 -30.73 -35.53 -33.13
CA ASN L 61 -29.31 -35.56 -33.51
C ASN L 61 -28.80 -34.25 -34.07
N THR L 62 -29.42 -33.13 -33.68
CA THR L 62 -29.01 -31.82 -34.17
C THR L 62 -27.71 -31.32 -33.57
N LEU L 63 -26.84 -30.77 -34.41
CA LEU L 63 -25.57 -30.21 -33.98
C LEU L 63 -25.52 -28.74 -34.36
N PRO L 64 -25.51 -27.85 -33.35
CA PRO L 64 -25.47 -26.40 -33.63
C PRO L 64 -24.13 -25.91 -34.15
N LEU L 65 -23.78 -26.33 -35.36
CA LEU L 65 -22.53 -25.91 -35.99
C LEU L 65 -22.90 -24.74 -36.91
N LEU L 66 -22.47 -23.53 -36.54
CA LEU L 66 -22.78 -22.33 -37.32
C LEU L 66 -22.64 -22.50 -38.83
N THR L 67 -23.59 -21.95 -39.57
CA THR L 67 -23.59 -22.06 -41.02
C THR L 67 -23.31 -20.74 -41.76
N THR L 68 -23.37 -19.62 -41.06
CA THR L 68 -23.11 -18.33 -41.71
C THR L 68 -21.63 -18.14 -42.06
N LYS L 69 -20.84 -19.17 -41.78
CA LYS L 69 -19.41 -19.18 -42.10
C LYS L 69 -18.93 -20.60 -41.94
N ARG L 70 -17.89 -20.98 -42.67
CA ARG L 70 -17.37 -22.34 -42.56
C ARG L 70 -16.59 -22.49 -41.26
N VAL L 71 -17.03 -23.40 -40.41
CA VAL L 71 -16.37 -23.65 -39.13
C VAL L 71 -15.47 -24.88 -39.24
N PHE L 72 -14.24 -24.75 -38.74
CA PHE L 72 -13.28 -25.85 -38.76
C PHE L 72 -13.74 -26.97 -37.84
N LEU L 73 -14.71 -27.76 -38.31
CA LEU L 73 -15.27 -28.87 -37.55
C LEU L 73 -14.22 -29.83 -36.98
N ARG L 74 -13.33 -30.31 -37.84
CA ARG L 74 -12.29 -31.24 -37.40
C ARG L 74 -11.48 -30.64 -36.24
N GLY L 75 -11.26 -29.33 -36.30
CA GLY L 75 -10.51 -28.66 -35.24
C GLY L 75 -11.26 -28.71 -33.92
N VAL L 76 -12.58 -28.52 -33.99
CA VAL L 76 -13.42 -28.55 -32.80
C VAL L 76 -13.37 -29.94 -32.16
N ILE L 77 -13.59 -30.96 -32.99
CA ILE L 77 -13.57 -32.34 -32.53
C ILE L 77 -12.21 -32.70 -31.93
N ALA L 78 -11.15 -32.39 -32.64
CA ALA L 78 -9.80 -32.69 -32.17
C ALA L 78 -9.53 -32.07 -30.81
N GLU L 79 -9.85 -30.78 -30.66
CA GLU L 79 -9.65 -30.11 -29.39
C GLU L 79 -10.44 -30.76 -28.27
N LEU L 80 -11.69 -31.15 -28.56
CA LEU L 80 -12.54 -31.78 -27.56
C LEU L 80 -11.99 -33.12 -27.07
N LEU L 81 -11.62 -33.99 -28.01
CA LEU L 81 -11.06 -35.29 -27.65
C LEU L 81 -9.76 -35.08 -26.88
N TRP L 82 -9.12 -33.96 -27.18
CA TRP L 82 -7.86 -33.58 -26.54
C TRP L 82 -8.17 -33.24 -25.07
N PHE L 83 -9.24 -32.48 -24.85
CA PHE L 83 -9.65 -32.12 -23.48
C PHE L 83 -9.93 -33.39 -22.70
N VAL L 84 -10.81 -34.22 -23.26
CA VAL L 84 -11.21 -35.48 -22.66
C VAL L 84 -10.02 -36.34 -22.25
N SER L 85 -8.99 -36.40 -23.10
CA SER L 85 -7.81 -37.20 -22.81
C SER L 85 -7.02 -36.64 -21.64
N GLY L 86 -7.31 -35.41 -21.25
CA GLY L 86 -6.61 -34.79 -20.14
C GLY L 86 -5.24 -34.26 -20.54
N CYS L 87 -4.95 -34.33 -21.84
CA CYS L 87 -3.68 -33.86 -22.38
C CYS L 87 -3.61 -32.33 -22.41
N THR L 88 -2.42 -31.79 -22.15
CA THR L 88 -2.22 -30.34 -22.15
C THR L 88 -1.09 -29.92 -23.09
N ASP L 89 -0.71 -30.82 -23.99
CA ASP L 89 0.36 -30.54 -24.95
C ASP L 89 -0.26 -30.15 -26.28
N ALA L 90 -0.11 -28.88 -26.66
CA ALA L 90 -0.65 -28.38 -27.91
C ALA L 90 -0.08 -29.07 -29.14
N LYS L 91 1.09 -29.67 -29.01
CA LYS L 91 1.71 -30.36 -30.15
C LYS L 91 0.84 -31.53 -30.59
N MET L 92 0.00 -32.02 -29.69
CA MET L 92 -0.87 -33.14 -30.01
C MET L 92 -1.98 -32.68 -30.96
N LEU L 93 -2.17 -31.37 -31.03
CA LEU L 93 -3.18 -30.81 -31.92
C LEU L 93 -2.52 -30.38 -33.23
N SER L 94 -1.39 -29.69 -33.13
CA SER L 94 -0.68 -29.23 -34.32
C SER L 94 -0.15 -30.40 -35.15
N SER L 95 0.15 -31.52 -34.49
CA SER L 95 0.66 -32.68 -35.19
C SER L 95 -0.43 -33.29 -36.09
N GLN L 96 -1.69 -33.01 -35.76
CA GLN L 96 -2.79 -33.53 -36.56
C GLN L 96 -3.44 -32.43 -37.39
N GLY L 97 -2.69 -31.35 -37.63
CA GLY L 97 -3.20 -30.25 -38.44
C GLY L 97 -4.12 -29.23 -37.79
N VAL L 98 -4.10 -29.15 -36.46
CA VAL L 98 -4.95 -28.22 -35.74
C VAL L 98 -4.07 -27.26 -34.93
N GLY L 99 -3.98 -26.00 -35.36
CA GLY L 99 -3.13 -25.06 -34.67
C GLY L 99 -3.81 -23.97 -33.86
N ILE L 100 -5.03 -24.22 -33.42
CA ILE L 100 -5.77 -23.22 -32.65
C ILE L 100 -5.07 -22.81 -31.35
N TRP L 101 -4.23 -23.70 -30.81
CA TRP L 101 -3.51 -23.40 -29.58
C TRP L 101 -2.03 -23.10 -29.79
N ASP L 102 -1.61 -22.99 -31.05
CA ASP L 102 -0.21 -22.69 -31.36
C ASP L 102 0.17 -21.30 -30.87
N GLY L 103 -0.79 -20.36 -30.94
CA GLY L 103 -0.53 -19.00 -30.51
C GLY L 103 -0.17 -18.85 -29.05
N ASN L 104 -0.94 -19.47 -28.16
CA ASN L 104 -0.66 -19.37 -26.73
C ASN L 104 0.31 -20.43 -26.24
N GLY L 105 0.70 -21.33 -27.13
CA GLY L 105 1.63 -22.38 -26.77
C GLY L 105 3.02 -22.11 -27.32
N SER L 106 3.14 -21.05 -28.11
CA SER L 106 4.42 -20.69 -28.71
C SER L 106 5.44 -20.37 -27.63
N LYS L 107 6.71 -20.64 -27.94
CA LYS L 107 7.80 -20.39 -27.01
C LYS L 107 7.85 -18.90 -26.68
N GLU L 108 7.43 -18.07 -27.64
CA GLU L 108 7.45 -16.62 -27.46
C GLU L 108 6.42 -16.19 -26.43
N PHE L 109 5.19 -16.69 -26.55
CA PHE L 109 4.13 -16.34 -25.63
C PHE L 109 4.41 -16.86 -24.22
N LEU L 110 4.81 -18.13 -24.13
CA LEU L 110 5.10 -18.74 -22.84
C LEU L 110 6.12 -17.92 -22.05
N GLU L 111 7.22 -17.56 -22.71
CA GLU L 111 8.25 -16.77 -22.05
C GLU L 111 7.68 -15.40 -21.70
N LYS L 112 6.74 -14.94 -22.51
CA LYS L 112 6.09 -13.65 -22.32
C LYS L 112 5.27 -13.62 -21.02
N VAL L 113 4.64 -14.73 -20.67
CA VAL L 113 3.85 -14.80 -19.46
C VAL L 113 4.59 -15.43 -18.28
N GLY L 114 5.91 -15.44 -18.34
CA GLY L 114 6.70 -16.01 -17.26
C GLY L 114 6.79 -17.51 -17.19
N LEU L 115 6.57 -18.19 -18.31
CA LEU L 115 6.63 -19.65 -18.34
C LEU L 115 7.71 -20.11 -19.33
N GLY L 116 8.85 -19.44 -19.30
CA GLY L 116 9.95 -19.77 -20.20
C GLY L 116 10.64 -21.09 -19.95
N HIS L 117 10.42 -21.66 -18.76
CA HIS L 117 11.03 -22.94 -18.39
C HIS L 117 10.31 -24.12 -19.04
N ARG L 118 9.24 -23.83 -19.77
CA ARG L 118 8.47 -24.88 -20.42
C ARG L 118 8.81 -25.01 -21.89
N ARG L 119 8.72 -26.23 -22.42
CA ARG L 119 9.00 -26.43 -23.83
C ARG L 119 7.79 -25.93 -24.60
N GLU L 120 8.00 -25.55 -25.85
CA GLU L 120 6.92 -25.04 -26.69
C GLU L 120 5.76 -26.03 -26.74
N GLY L 121 4.54 -25.52 -26.56
CA GLY L 121 3.37 -26.39 -26.62
C GLY L 121 2.86 -26.84 -25.26
N ASP L 122 3.68 -26.73 -24.23
CA ASP L 122 3.28 -27.13 -22.88
C ASP L 122 2.49 -26.00 -22.24
N LEU L 123 1.17 -26.04 -22.43
CA LEU L 123 0.26 -25.02 -21.91
C LEU L 123 0.10 -25.01 -20.39
N GLY L 124 0.42 -26.12 -19.74
CA GLY L 124 0.27 -26.18 -18.31
C GLY L 124 -0.99 -26.94 -17.91
N PRO L 125 -1.41 -26.88 -16.65
CA PRO L 125 -2.61 -27.59 -16.19
C PRO L 125 -3.93 -26.94 -16.64
N VAL L 126 -4.13 -26.90 -17.95
CA VAL L 126 -5.35 -26.31 -18.52
C VAL L 126 -6.50 -27.31 -18.62
N TYR L 127 -7.59 -26.86 -19.24
CA TYR L 127 -8.81 -27.65 -19.43
C TYR L 127 -8.74 -29.14 -19.13
N GLY L 128 -8.23 -29.92 -20.09
CA GLY L 128 -8.14 -31.36 -19.93
C GLY L 128 -7.55 -31.87 -18.62
N PHE L 129 -6.49 -31.23 -18.15
CA PHE L 129 -5.87 -31.66 -16.91
C PHE L 129 -6.81 -31.47 -15.71
N GLN L 130 -7.48 -30.33 -15.65
CA GLN L 130 -8.40 -30.05 -14.56
C GLN L 130 -9.60 -31.00 -14.62
N TRP L 131 -10.07 -31.27 -15.83
CA TRP L 131 -11.22 -32.15 -16.07
C TRP L 131 -11.01 -33.58 -15.55
N ARG L 132 -9.81 -34.13 -15.77
CA ARG L 132 -9.52 -35.50 -15.35
C ARG L 132 -8.58 -35.66 -14.15
N HIS L 133 -7.89 -34.60 -13.76
CA HIS L 133 -6.94 -34.68 -12.64
C HIS L 133 -6.97 -33.46 -11.72
N PHE L 134 -8.13 -32.87 -11.51
CA PHE L 134 -8.21 -31.69 -10.65
C PHE L 134 -7.58 -31.92 -9.29
N GLY L 135 -6.71 -31.01 -8.88
CA GLY L 135 -6.06 -31.13 -7.59
C GLY L 135 -4.68 -31.76 -7.63
N ALA L 136 -4.40 -32.53 -8.67
CA ALA L 136 -3.10 -33.17 -8.81
C ALA L 136 -1.99 -32.16 -9.01
N GLU L 137 -0.77 -32.53 -8.66
CA GLU L 137 0.39 -31.68 -8.80
C GLU L 137 0.87 -31.73 -10.25
N TYR L 138 1.02 -30.56 -10.87
CA TYR L 138 1.47 -30.51 -12.25
C TYR L 138 2.97 -30.28 -12.35
N THR L 139 3.64 -31.09 -13.16
CA THR L 139 5.08 -30.93 -13.37
C THR L 139 5.24 -30.36 -14.78
N ASP L 140 5.00 -31.20 -15.79
CA ASP L 140 5.06 -30.78 -17.19
C ASP L 140 4.00 -31.58 -17.96
N ALA L 141 3.94 -31.44 -19.29
CA ALA L 141 2.92 -32.20 -20.03
C ALA L 141 3.18 -33.69 -20.15
N ASP L 142 4.41 -34.11 -19.85
CA ASP L 142 4.77 -35.52 -19.93
C ASP L 142 4.58 -36.26 -18.62
N GLY L 143 4.20 -35.50 -17.58
CA GLY L 143 4.01 -36.11 -16.27
C GLY L 143 2.99 -37.23 -16.25
N ASP L 144 3.17 -38.15 -15.31
CA ASP L 144 2.26 -39.29 -15.16
C ASP L 144 1.18 -38.92 -14.15
N TYR L 145 -0.02 -38.66 -14.64
CA TYR L 145 -1.13 -38.25 -13.79
C TYR L 145 -2.23 -39.30 -13.67
N LYS L 146 -2.03 -40.45 -14.32
CA LYS L 146 -3.02 -41.51 -14.27
C LYS L 146 -3.37 -41.86 -12.83
N GLY L 147 -4.67 -41.82 -12.51
CA GLY L 147 -5.12 -42.13 -11.17
C GLY L 147 -4.88 -41.04 -10.15
N LYS L 148 -4.42 -39.88 -10.60
CA LYS L 148 -4.15 -38.76 -9.70
C LYS L 148 -5.15 -37.63 -9.89
N GLY L 149 -5.53 -36.99 -8.79
CA GLY L 149 -6.48 -35.90 -8.86
C GLY L 149 -7.90 -36.40 -8.99
N VAL L 150 -8.85 -35.48 -9.09
CA VAL L 150 -10.25 -35.85 -9.22
C VAL L 150 -10.68 -35.94 -10.68
N ASP L 151 -11.21 -37.09 -11.07
CA ASP L 151 -11.67 -37.28 -12.45
C ASP L 151 -13.12 -36.84 -12.53
N GLN L 152 -13.33 -35.54 -12.72
CA GLN L 152 -14.67 -34.97 -12.80
C GLN L 152 -15.52 -35.55 -13.93
N LEU L 153 -14.91 -35.74 -15.09
CA LEU L 153 -15.63 -36.25 -16.25
C LEU L 153 -16.23 -37.64 -16.01
N GLN L 154 -15.44 -38.57 -15.50
CA GLN L 154 -15.97 -39.91 -15.25
C GLN L 154 -17.03 -39.88 -14.16
N ARG L 155 -16.85 -39.01 -13.17
CA ARG L 155 -17.82 -38.90 -12.09
C ARG L 155 -19.15 -38.42 -12.66
N VAL L 156 -19.08 -37.52 -13.63
CA VAL L 156 -20.28 -37.01 -14.28
C VAL L 156 -21.01 -38.17 -14.98
N ILE L 157 -20.24 -39.01 -15.66
CA ILE L 157 -20.79 -40.15 -16.37
C ILE L 157 -21.47 -41.10 -15.40
N ASP L 158 -20.76 -41.47 -14.34
CA ASP L 158 -21.27 -42.37 -13.32
C ASP L 158 -22.53 -41.84 -12.65
N THR L 159 -22.54 -40.54 -12.38
CA THR L 159 -23.68 -39.90 -11.71
C THR L 159 -24.93 -39.86 -12.60
N ILE L 160 -24.74 -39.57 -13.89
CA ILE L 160 -25.86 -39.51 -14.81
C ILE L 160 -26.52 -40.88 -14.92
N LYS L 161 -25.70 -41.92 -14.88
CA LYS L 161 -26.19 -43.29 -14.99
C LYS L 161 -26.81 -43.88 -13.72
N ASN L 162 -26.21 -43.57 -12.57
CA ASN L 162 -26.70 -44.13 -11.30
C ASN L 162 -27.47 -43.21 -10.36
N ASN L 163 -27.37 -41.91 -10.57
CA ASN L 163 -28.09 -40.96 -9.72
C ASN L 163 -28.32 -39.67 -10.50
N PRO L 164 -29.10 -39.75 -11.59
CA PRO L 164 -29.44 -38.63 -12.49
C PRO L 164 -30.02 -37.38 -11.85
N THR L 165 -30.79 -37.53 -10.77
CA THR L 165 -31.38 -36.37 -10.13
C THR L 165 -30.39 -35.62 -9.24
N ASP L 166 -29.15 -36.09 -9.17
CA ASP L 166 -28.13 -35.44 -8.38
C ASP L 166 -28.02 -34.01 -8.89
N ARG L 167 -27.74 -33.06 -8.00
CA ARG L 167 -27.65 -31.66 -8.39
C ARG L 167 -26.23 -31.10 -8.36
N ARG L 168 -25.25 -32.00 -8.41
CA ARG L 168 -23.83 -31.62 -8.41
C ARG L 168 -23.09 -32.15 -9.63
N ILE L 169 -23.80 -32.40 -10.72
CA ILE L 169 -23.18 -32.93 -11.93
C ILE L 169 -22.43 -31.79 -12.62
N ILE L 170 -21.26 -31.47 -12.08
CA ILE L 170 -20.45 -30.37 -12.58
C ILE L 170 -19.10 -30.79 -13.17
N LEU L 171 -18.70 -30.09 -14.23
CA LEU L 171 -17.43 -30.32 -14.90
C LEU L 171 -16.77 -28.95 -14.96
N SER L 172 -15.72 -28.74 -14.16
CA SER L 172 -15.06 -27.45 -14.12
C SER L 172 -13.55 -27.47 -14.31
N ALA L 173 -13.03 -26.47 -15.01
CA ALA L 173 -11.60 -26.36 -15.27
C ALA L 173 -11.01 -25.20 -14.47
N TRP L 174 -11.86 -24.43 -13.79
CA TRP L 174 -11.38 -23.30 -13.02
C TRP L 174 -10.66 -23.75 -11.76
N ASN L 175 -9.40 -23.34 -11.62
CA ASN L 175 -8.58 -23.70 -10.46
C ASN L 175 -7.73 -22.50 -10.10
N PRO L 176 -8.19 -21.69 -9.13
CA PRO L 176 -7.45 -20.50 -8.69
C PRO L 176 -5.99 -20.75 -8.34
N LYS L 177 -5.70 -21.93 -7.81
CA LYS L 177 -4.32 -22.26 -7.43
C LYS L 177 -3.42 -22.49 -8.65
N ASP L 178 -3.94 -23.19 -9.66
CA ASP L 178 -3.16 -23.50 -10.85
C ASP L 178 -3.12 -22.41 -11.94
N LEU L 179 -4.00 -21.42 -11.84
CA LEU L 179 -4.05 -20.35 -12.83
C LEU L 179 -2.70 -19.83 -13.32
N PRO L 180 -1.83 -19.41 -12.40
CA PRO L 180 -0.52 -18.89 -12.83
C PRO L 180 0.34 -19.87 -13.63
N LEU L 181 0.03 -21.16 -13.54
CA LEU L 181 0.78 -22.17 -14.27
C LEU L 181 0.19 -22.38 -15.67
N MET L 182 -0.95 -21.74 -15.91
CA MET L 182 -1.65 -21.85 -17.19
C MET L 182 -1.23 -20.78 -18.19
N ALA L 183 -1.01 -21.18 -19.43
CA ALA L 183 -0.64 -20.22 -20.47
C ALA L 183 -1.80 -19.25 -20.63
N LEU L 184 -3.01 -19.73 -20.37
CA LEU L 184 -4.21 -18.92 -20.47
C LEU L 184 -5.28 -19.49 -19.55
N PRO L 185 -5.95 -18.63 -18.76
CA PRO L 185 -6.99 -19.12 -17.85
C PRO L 185 -8.18 -19.66 -18.65
N PRO L 186 -8.90 -20.64 -18.10
CA PRO L 186 -10.05 -21.22 -18.80
C PRO L 186 -11.11 -20.19 -19.18
N CYS L 187 -11.58 -20.25 -20.42
CA CYS L 187 -12.62 -19.33 -20.89
C CYS L 187 -13.94 -20.00 -20.52
N HIS L 188 -14.13 -21.23 -20.98
CA HIS L 188 -15.33 -21.97 -20.61
C HIS L 188 -14.88 -22.64 -19.31
N MET L 189 -15.14 -21.96 -18.21
CA MET L 189 -14.72 -22.44 -16.90
C MET L 189 -15.47 -23.59 -16.26
N PHE L 190 -16.67 -23.90 -16.74
CA PHE L 190 -17.41 -25.02 -16.18
C PHE L 190 -18.77 -25.17 -16.85
N CYS L 191 -19.38 -26.33 -16.62
CA CYS L 191 -20.70 -26.62 -17.17
C CYS L 191 -21.42 -27.55 -16.20
N GLN L 192 -22.75 -27.55 -16.29
CA GLN L 192 -23.56 -28.39 -15.43
C GLN L 192 -24.52 -29.20 -16.29
N PHE L 193 -24.62 -30.49 -15.99
CA PHE L 193 -25.51 -31.36 -16.73
C PHE L 193 -26.78 -31.62 -15.93
N PHE L 194 -27.88 -31.82 -16.64
CA PHE L 194 -29.17 -32.06 -16.02
C PHE L 194 -29.85 -33.21 -16.77
N VAL L 195 -30.46 -34.11 -16.02
CA VAL L 195 -31.14 -35.25 -16.61
C VAL L 195 -32.62 -35.27 -16.27
N SER L 196 -33.46 -35.23 -17.30
CA SER L 196 -34.91 -35.26 -17.10
C SER L 196 -35.32 -36.73 -17.12
N LEU L 197 -36.06 -37.16 -16.11
CA LEU L 197 -36.51 -38.53 -16.02
C LEU L 197 -37.60 -38.81 -17.05
N PRO L 198 -37.74 -40.07 -17.47
CA PRO L 198 -38.75 -40.46 -18.46
C PRO L 198 -40.16 -40.11 -17.96
N PRO L 199 -40.98 -39.50 -18.82
CA PRO L 199 -42.35 -39.13 -18.44
C PRO L 199 -43.17 -40.35 -18.02
N PRO L 203 -42.33 -44.82 -19.65
CA PRO L 203 -41.15 -45.02 -18.82
C PRO L 203 -40.02 -45.75 -19.56
N GLY L 204 -40.28 -46.13 -20.80
CA GLY L 204 -39.28 -46.83 -21.57
C GLY L 204 -38.36 -45.90 -22.32
N SER L 205 -38.78 -44.65 -22.49
CA SER L 205 -37.99 -43.65 -23.19
C SER L 205 -36.67 -43.37 -22.46
N LYS L 206 -35.71 -42.81 -23.20
CA LYS L 206 -34.41 -42.49 -22.62
C LYS L 206 -34.48 -41.15 -21.90
N PRO L 207 -33.78 -41.03 -20.76
CA PRO L 207 -33.80 -39.76 -20.03
C PRO L 207 -33.18 -38.69 -20.93
N LYS L 208 -33.61 -37.44 -20.78
CA LYS L 208 -33.07 -36.37 -21.60
C LYS L 208 -31.91 -35.66 -20.90
N LEU L 209 -30.83 -35.45 -21.63
CA LEU L 209 -29.64 -34.80 -21.10
C LEU L 209 -29.45 -33.37 -21.61
N SER L 210 -29.27 -32.44 -20.68
CA SER L 210 -29.06 -31.04 -21.01
C SER L 210 -27.73 -30.58 -20.42
N CYS L 211 -27.20 -29.49 -20.97
CA CYS L 211 -25.94 -28.95 -20.50
C CYS L 211 -25.91 -27.43 -20.52
N LEU L 212 -25.48 -26.84 -19.41
CA LEU L 212 -25.37 -25.39 -19.32
C LEU L 212 -23.90 -25.09 -19.07
N MET L 213 -23.31 -24.26 -19.92
CA MET L 213 -21.91 -23.91 -19.78
C MET L 213 -21.78 -22.40 -19.58
N TYR L 214 -20.88 -22.01 -18.70
CA TYR L 214 -20.64 -20.59 -18.43
C TYR L 214 -19.26 -20.22 -18.94
N GLN L 215 -19.21 -19.18 -19.76
CA GLN L 215 -17.95 -18.71 -20.33
C GLN L 215 -17.69 -17.29 -19.83
N ARG L 216 -16.61 -17.13 -19.06
CA ARG L 216 -16.24 -15.84 -18.49
C ARG L 216 -15.85 -14.78 -19.52
N SER L 217 -15.17 -15.21 -20.58
CA SER L 217 -14.70 -14.31 -21.63
C SER L 217 -15.06 -14.95 -22.96
N CYS L 218 -15.72 -14.19 -23.83
CA CYS L 218 -16.16 -14.75 -25.10
C CYS L 218 -15.80 -13.95 -26.35
N ASP L 219 -14.91 -14.53 -27.15
CA ASP L 219 -14.50 -13.93 -28.41
C ASP L 219 -15.55 -14.41 -29.40
N LEU L 220 -16.58 -13.61 -29.62
CA LEU L 220 -17.66 -14.02 -30.51
C LEU L 220 -17.24 -14.35 -31.93
N GLY L 221 -16.26 -13.64 -32.47
CA GLY L 221 -15.82 -13.91 -33.82
C GLY L 221 -15.18 -15.28 -33.99
N LEU L 222 -14.17 -15.58 -33.18
CA LEU L 222 -13.43 -16.84 -33.29
C LEU L 222 -13.74 -17.91 -32.25
N GLY L 223 -13.86 -17.51 -30.98
CA GLY L 223 -14.11 -18.49 -29.93
C GLY L 223 -15.48 -19.13 -29.82
N VAL L 224 -16.50 -18.29 -29.65
CA VAL L 224 -17.88 -18.77 -29.50
C VAL L 224 -18.30 -19.86 -30.50
N PRO L 225 -17.96 -19.69 -31.79
CA PRO L 225 -18.37 -20.73 -32.74
C PRO L 225 -17.83 -22.10 -32.32
N PHE L 226 -16.60 -22.13 -31.83
CA PHE L 226 -16.00 -23.39 -31.39
C PHE L 226 -16.63 -23.86 -30.08
N ASN L 227 -16.76 -22.95 -29.12
CA ASN L 227 -17.34 -23.28 -27.83
C ASN L 227 -18.72 -23.92 -27.95
N ILE L 228 -19.57 -23.33 -28.78
CA ILE L 228 -20.93 -23.85 -28.97
C ILE L 228 -20.92 -25.28 -29.49
N ALA L 229 -20.18 -25.51 -30.58
CA ALA L 229 -20.10 -26.84 -31.17
C ALA L 229 -19.41 -27.84 -30.24
N SER L 230 -18.37 -27.37 -29.56
CA SER L 230 -17.62 -28.21 -28.64
C SER L 230 -18.50 -28.82 -27.54
N TYR L 231 -19.17 -27.96 -26.77
CA TYR L 231 -20.03 -28.46 -25.70
C TYR L 231 -21.25 -29.21 -26.21
N ALA L 232 -21.70 -28.88 -27.41
CA ALA L 232 -22.83 -29.59 -27.99
C ALA L 232 -22.35 -31.01 -28.26
N LEU L 233 -21.14 -31.13 -28.80
CA LEU L 233 -20.55 -32.43 -29.11
C LEU L 233 -20.28 -33.23 -27.83
N LEU L 234 -19.78 -32.56 -26.80
CA LEU L 234 -19.49 -33.22 -25.53
C LEU L 234 -20.77 -33.84 -24.97
N THR L 235 -21.87 -33.09 -25.07
CA THR L 235 -23.16 -33.57 -24.58
C THR L 235 -23.62 -34.79 -25.37
N HIS L 236 -23.38 -34.78 -26.69
CA HIS L 236 -23.75 -35.91 -27.53
C HIS L 236 -22.92 -37.13 -27.12
N MET L 237 -21.63 -36.90 -26.88
CA MET L 237 -20.72 -37.98 -26.47
C MET L 237 -21.19 -38.60 -25.16
N ILE L 238 -21.39 -37.76 -24.16
CA ILE L 238 -21.84 -38.22 -22.85
C ILE L 238 -23.18 -38.94 -22.94
N ALA L 239 -24.06 -38.45 -23.80
CA ALA L 239 -25.37 -39.06 -23.98
C ALA L 239 -25.24 -40.50 -24.46
N LEU L 240 -24.32 -40.73 -25.39
CA LEU L 240 -24.11 -42.07 -25.94
C LEU L 240 -23.62 -43.05 -24.87
N ILE L 241 -22.66 -42.60 -24.06
CA ILE L 241 -22.09 -43.44 -23.02
C ILE L 241 -23.05 -43.69 -21.84
N THR L 242 -23.96 -42.75 -21.59
CA THR L 242 -24.89 -42.88 -20.48
C THR L 242 -26.29 -43.34 -20.86
N ASP L 243 -26.49 -43.68 -22.14
CA ASP L 243 -27.78 -44.14 -22.60
C ASP L 243 -28.86 -43.09 -22.41
N THR L 244 -28.51 -41.82 -22.64
CA THR L 244 -29.47 -40.73 -22.50
C THR L 244 -29.63 -40.06 -23.86
N GLU L 245 -30.65 -39.22 -23.99
CA GLU L 245 -30.93 -38.52 -25.23
C GLU L 245 -30.59 -37.05 -25.12
N PRO L 246 -29.66 -36.56 -25.95
CA PRO L 246 -29.30 -35.14 -25.89
C PRO L 246 -30.54 -34.28 -26.08
N HIS L 247 -30.70 -33.27 -25.23
CA HIS L 247 -31.88 -32.42 -25.31
C HIS L 247 -31.60 -30.94 -25.59
N GLU L 248 -30.89 -30.28 -24.69
CA GLU L 248 -30.62 -28.86 -24.85
C GLU L 248 -29.26 -28.42 -24.33
N PHE L 249 -28.70 -27.40 -24.98
CA PHE L 249 -27.41 -26.85 -24.57
C PHE L 249 -27.62 -25.36 -24.33
N ILE L 250 -27.26 -24.90 -23.14
CA ILE L 250 -27.40 -23.49 -22.79
C ILE L 250 -26.01 -22.89 -22.57
N LEU L 251 -25.81 -21.70 -23.11
CA LEU L 251 -24.53 -21.01 -22.97
C LEU L 251 -24.68 -19.62 -22.37
N GLN L 252 -24.19 -19.44 -21.15
CA GLN L 252 -24.25 -18.15 -20.49
C GLN L 252 -22.89 -17.48 -20.59
N MET L 253 -22.88 -16.23 -21.05
CA MET L 253 -21.64 -15.49 -21.20
C MET L 253 -21.41 -14.42 -20.15
N GLY L 254 -20.14 -14.16 -19.87
CA GLY L 254 -19.77 -13.13 -18.92
C GLY L 254 -19.39 -11.94 -19.76
N ASP L 255 -18.10 -11.77 -20.01
CA ASP L 255 -17.61 -10.68 -20.84
C ASP L 255 -17.73 -11.09 -22.31
N ALA L 256 -18.82 -10.67 -22.94
CA ALA L 256 -19.07 -10.98 -24.36
C ALA L 256 -18.53 -9.84 -25.20
N HIS L 257 -17.53 -10.13 -26.03
CA HIS L 257 -16.90 -9.09 -26.83
C HIS L 257 -16.60 -9.44 -28.29
N VAL L 258 -16.39 -8.38 -29.07
CA VAL L 258 -16.05 -8.50 -30.48
C VAL L 258 -14.76 -7.69 -30.65
N TYR L 259 -13.67 -8.33 -31.05
CA TYR L 259 -12.43 -7.62 -31.22
C TYR L 259 -12.53 -6.56 -32.31
N ARG L 260 -11.80 -5.46 -32.14
CA ARG L 260 -11.81 -4.36 -33.08
C ARG L 260 -11.57 -4.79 -34.52
N ASP L 261 -10.61 -5.70 -34.72
CA ASP L 261 -10.28 -6.17 -36.06
C ASP L 261 -11.22 -7.26 -36.58
N HIS L 262 -12.32 -7.50 -35.87
CA HIS L 262 -13.29 -8.51 -36.29
C HIS L 262 -14.59 -7.85 -36.74
N VAL L 263 -14.77 -6.58 -36.40
CA VAL L 263 -15.98 -5.84 -36.75
C VAL L 263 -16.35 -5.91 -38.23
N GLU L 264 -15.43 -5.50 -39.09
CA GLU L 264 -15.71 -5.52 -40.53
C GLU L 264 -15.95 -6.93 -41.07
N PRO L 265 -15.09 -7.89 -40.71
CA PRO L 265 -15.31 -9.26 -41.22
C PRO L 265 -16.68 -9.81 -40.80
N LEU L 266 -17.08 -9.51 -39.57
CA LEU L 266 -18.36 -10.00 -39.05
C LEU L 266 -19.56 -9.34 -39.75
N LYS L 267 -19.41 -8.09 -40.18
CA LYS L 267 -20.49 -7.40 -40.87
C LYS L 267 -20.86 -8.17 -42.13
N THR L 268 -19.86 -8.79 -42.76
CA THR L 268 -20.09 -9.57 -43.96
C THR L 268 -20.90 -10.82 -43.60
N GLN L 269 -20.59 -11.42 -42.46
CA GLN L 269 -21.29 -12.61 -42.01
C GLN L 269 -22.73 -12.30 -41.63
N LEU L 270 -22.96 -11.12 -41.05
CA LEU L 270 -24.30 -10.71 -40.64
C LEU L 270 -25.29 -10.62 -41.79
N GLU L 271 -24.78 -10.51 -43.01
CA GLU L 271 -25.61 -10.40 -44.20
C GLU L 271 -26.12 -11.76 -44.67
N ARG L 272 -25.54 -12.83 -44.15
CA ARG L 272 -25.90 -14.18 -44.55
C ARG L 272 -27.04 -14.82 -43.78
N GLU L 273 -27.87 -15.56 -44.50
CA GLU L 273 -29.00 -16.26 -43.91
C GLU L 273 -28.57 -17.69 -43.55
N PRO L 274 -28.78 -18.10 -42.29
CA PRO L 274 -28.40 -19.43 -41.82
C PRO L 274 -29.06 -20.59 -42.57
N ARG L 275 -28.34 -21.70 -42.66
CA ARG L 275 -28.85 -22.90 -43.30
C ARG L 275 -29.21 -23.82 -42.13
N ASP L 276 -30.10 -24.79 -42.35
CA ASP L 276 -30.47 -25.69 -41.27
C ASP L 276 -29.22 -26.37 -40.70
N PHE L 277 -29.16 -26.49 -39.38
CA PHE L 277 -28.02 -27.12 -38.74
C PHE L 277 -27.86 -28.57 -39.21
N PRO L 278 -26.62 -29.08 -39.21
CA PRO L 278 -26.34 -30.45 -39.64
C PRO L 278 -26.70 -31.41 -38.52
N LYS L 279 -26.60 -32.71 -38.80
CA LYS L 279 -26.91 -33.72 -37.79
C LYS L 279 -25.69 -34.58 -37.51
N LEU L 280 -25.61 -35.08 -36.28
CA LEU L 280 -24.49 -35.91 -35.87
C LEU L 280 -24.86 -37.39 -35.81
N LYS L 281 -23.99 -38.23 -36.35
CA LYS L 281 -24.20 -39.68 -36.35
C LYS L 281 -22.88 -40.31 -35.91
N TRP L 282 -22.95 -41.50 -35.31
CA TRP L 282 -21.75 -42.18 -34.86
C TRP L 282 -21.34 -43.27 -35.85
N ALA L 283 -20.05 -43.33 -36.15
CA ALA L 283 -19.53 -44.32 -37.09
C ALA L 283 -19.43 -45.70 -36.43
N ARG L 284 -19.50 -45.71 -35.10
CA ARG L 284 -19.43 -46.96 -34.35
C ARG L 284 -20.51 -47.00 -33.27
N SER L 285 -20.68 -48.17 -32.66
CA SER L 285 -21.69 -48.33 -31.62
C SER L 285 -21.16 -47.98 -30.24
N LYS L 286 -22.07 -47.87 -29.27
CA LYS L 286 -21.70 -47.57 -27.90
C LYS L 286 -20.71 -48.60 -27.37
N GLU L 287 -21.01 -49.87 -27.66
CA GLU L 287 -20.16 -50.97 -27.22
C GLU L 287 -18.76 -50.88 -27.80
N GLU L 288 -18.67 -50.56 -29.08
CA GLU L 288 -17.37 -50.45 -29.74
C GLU L 288 -16.56 -49.29 -29.16
N ILE L 289 -17.21 -48.15 -28.97
CA ILE L 289 -16.53 -46.99 -28.42
C ILE L 289 -16.15 -47.28 -26.97
N GLY L 290 -17.03 -47.98 -26.26
CA GLY L 290 -16.76 -48.35 -24.88
C GLY L 290 -17.09 -47.31 -23.82
N ASP L 291 -16.21 -46.34 -23.66
CA ASP L 291 -16.41 -45.28 -22.68
C ASP L 291 -16.05 -43.91 -23.24
N ILE L 292 -16.08 -42.89 -22.39
CA ILE L 292 -15.78 -41.52 -22.81
C ILE L 292 -14.36 -41.36 -23.37
N ASP L 293 -13.48 -42.30 -23.06
CA ASP L 293 -12.11 -42.23 -23.54
C ASP L 293 -11.88 -43.03 -24.82
N GLY L 294 -12.95 -43.62 -25.36
CA GLY L 294 -12.80 -44.42 -26.56
C GLY L 294 -13.18 -43.78 -27.89
N PHE L 295 -13.51 -42.48 -27.87
CA PHE L 295 -13.91 -41.80 -29.10
C PHE L 295 -12.72 -41.45 -29.99
N LYS L 296 -12.97 -41.43 -31.30
CA LYS L 296 -11.95 -41.09 -32.30
C LYS L 296 -12.56 -40.06 -33.24
N VAL L 297 -11.71 -39.22 -33.84
CA VAL L 297 -12.19 -38.20 -34.76
C VAL L 297 -13.13 -38.76 -35.81
N GLU L 298 -12.75 -39.88 -36.41
CA GLU L 298 -13.55 -40.52 -37.45
C GLU L 298 -14.90 -41.06 -36.97
N ASP L 299 -15.13 -41.06 -35.65
CA ASP L 299 -16.39 -41.55 -35.13
C ASP L 299 -17.50 -40.53 -35.35
N PHE L 300 -17.10 -39.26 -35.47
CA PHE L 300 -18.06 -38.17 -35.66
C PHE L 300 -18.46 -37.99 -37.11
N VAL L 301 -19.65 -38.47 -37.45
CA VAL L 301 -20.17 -38.34 -38.82
C VAL L 301 -21.19 -37.21 -38.88
N VAL L 302 -20.75 -36.05 -39.34
CA VAL L 302 -21.63 -34.88 -39.44
C VAL L 302 -22.18 -34.79 -40.86
N GLU L 303 -23.49 -34.93 -41.00
CA GLU L 303 -24.11 -34.87 -42.31
C GLU L 303 -25.05 -33.68 -42.48
N GLY L 304 -25.12 -33.17 -43.69
CA GLY L 304 -25.97 -32.03 -43.98
C GLY L 304 -25.38 -30.68 -43.65
N TYR L 305 -24.08 -30.61 -43.44
CA TYR L 305 -23.44 -29.33 -43.13
C TYR L 305 -23.30 -28.53 -44.42
N LYS L 306 -24.01 -27.40 -44.51
CA LYS L 306 -23.98 -26.56 -45.69
C LYS L 306 -23.75 -25.10 -45.33
N PRO L 307 -22.51 -24.75 -44.97
CA PRO L 307 -22.16 -23.38 -44.59
C PRO L 307 -21.80 -22.47 -45.76
N TRP L 308 -21.74 -21.18 -45.48
CA TRP L 308 -21.34 -20.20 -46.49
C TRP L 308 -19.82 -20.21 -46.48
N GLY L 309 -19.22 -19.30 -47.23
CA GLY L 309 -17.77 -19.24 -47.28
C GLY L 309 -17.10 -18.91 -45.96
N LYS L 310 -15.80 -19.17 -45.89
CA LYS L 310 -15.04 -18.89 -44.68
C LYS L 310 -14.86 -17.38 -44.53
N ILE L 311 -14.65 -16.94 -43.29
CA ILE L 311 -14.44 -15.53 -43.01
C ILE L 311 -13.16 -15.42 -42.20
N ASP L 312 -12.15 -14.80 -42.79
CA ASP L 312 -10.86 -14.64 -42.13
C ASP L 312 -10.90 -13.66 -40.97
N MET L 313 -10.40 -14.10 -39.82
CA MET L 313 -10.33 -13.28 -38.62
C MET L 313 -9.06 -13.64 -37.85
N LYS L 314 -8.26 -12.64 -37.53
CA LYS L 314 -7.02 -12.85 -36.81
C LYS L 314 -7.27 -13.00 -35.32
N MET L 315 -6.58 -13.96 -34.69
CA MET L 315 -6.72 -14.18 -33.27
C MET L 315 -5.71 -13.33 -32.53
N SER L 316 -6.16 -12.66 -31.46
CA SER L 316 -5.26 -11.82 -30.67
C SER L 316 -4.70 -12.64 -29.52
N ALA L 317 -3.38 -12.84 -29.53
CA ALA L 317 -2.70 -13.62 -28.51
C ALA L 317 -2.75 -12.95 -27.15
N PRO M 16 -42.91 -18.22 63.24
CA PRO M 16 -42.38 -17.21 62.30
C PRO M 16 -43.04 -17.34 60.93
N ASP M 17 -43.75 -18.44 60.73
CA ASP M 17 -44.42 -18.70 59.47
C ASP M 17 -45.87 -18.18 59.46
N HIS M 18 -46.28 -17.56 60.56
CA HIS M 18 -47.65 -17.04 60.64
C HIS M 18 -47.85 -16.02 59.53
N GLU M 19 -48.86 -16.25 58.70
CA GLU M 19 -49.16 -15.39 57.57
C GLU M 19 -49.37 -13.92 57.91
N GLU M 20 -49.76 -13.62 59.14
CA GLU M 20 -50.00 -12.23 59.53
C GLU M 20 -48.71 -11.39 59.51
N TYR M 21 -47.56 -12.06 59.62
CA TYR M 21 -46.29 -11.34 59.61
C TYR M 21 -46.06 -10.64 58.27
N GLN M 22 -46.75 -11.11 57.22
CA GLN M 22 -46.62 -10.49 55.90
C GLN M 22 -47.12 -9.05 56.03
N TYR M 23 -48.27 -8.90 56.69
CA TYR M 23 -48.88 -7.60 56.90
C TYR M 23 -48.03 -6.73 57.83
N LEU M 24 -47.58 -7.30 58.95
CA LEU M 24 -46.76 -6.56 59.90
C LEU M 24 -45.42 -6.15 59.32
N ASP M 25 -44.79 -7.06 58.60
CA ASP M 25 -43.49 -6.77 57.98
C ASP M 25 -43.57 -5.66 56.93
N LEU M 26 -44.63 -5.67 56.13
CA LEU M 26 -44.78 -4.65 55.10
C LEU M 26 -44.92 -3.27 55.73
N ILE M 27 -45.72 -3.18 56.80
CA ILE M 27 -45.92 -1.91 57.48
C ILE M 27 -44.58 -1.41 58.02
N ARG M 28 -43.83 -2.31 58.63
CA ARG M 28 -42.53 -1.96 59.19
C ARG M 28 -41.62 -1.44 58.08
N ARG M 29 -41.66 -2.11 56.93
CA ARG M 29 -40.83 -1.70 55.78
C ARG M 29 -41.25 -0.34 55.25
N ILE M 30 -42.56 -0.11 55.11
CA ILE M 30 -43.06 1.16 54.61
C ILE M 30 -42.63 2.32 55.51
N ILE M 31 -42.74 2.10 56.82
CA ILE M 31 -42.36 3.13 57.78
C ILE M 31 -40.85 3.40 57.70
N ASN M 32 -40.07 2.33 57.54
CA ASN M 32 -38.62 2.43 57.46
C ASN M 32 -38.06 3.05 56.18
N VAL M 33 -38.38 2.45 55.04
CA VAL M 33 -37.87 2.95 53.77
C VAL M 33 -38.92 3.53 52.81
N GLY M 34 -40.14 3.68 53.29
CA GLY M 34 -41.18 4.24 52.45
C GLY M 34 -40.90 5.68 52.08
N GLU M 35 -41.54 6.15 51.02
CA GLU M 35 -41.36 7.53 50.55
C GLU M 35 -42.47 8.45 51.08
N VAL M 36 -42.08 9.55 51.70
CA VAL M 36 -43.06 10.50 52.24
C VAL M 36 -43.69 11.22 51.05
N ARG M 37 -45.02 11.18 50.98
CA ARG M 37 -45.71 11.80 49.85
C ARG M 37 -47.00 12.52 50.22
N PRO M 38 -47.36 13.53 49.42
CA PRO M 38 -48.58 14.31 49.63
C PRO M 38 -49.68 13.42 49.06
N ASP M 39 -50.94 13.70 49.39
CA ASP M 39 -52.02 12.88 48.86
C ASP M 39 -53.32 13.64 48.79
N ARG M 40 -54.32 13.02 48.17
CA ARG M 40 -55.64 13.60 48.00
C ARG M 40 -56.28 14.09 49.31
N THR M 41 -56.14 13.30 50.37
CA THR M 41 -56.75 13.64 51.66
C THR M 41 -56.10 14.84 52.35
N GLY M 42 -54.81 15.05 52.10
CA GLY M 42 -54.12 16.16 52.72
C GLY M 42 -53.40 15.82 54.01
N THR M 43 -53.53 14.59 54.49
CA THR M 43 -52.86 14.21 55.73
C THR M 43 -51.45 13.70 55.43
N GLY M 44 -51.22 13.25 54.21
CA GLY M 44 -49.91 12.75 53.83
C GLY M 44 -49.71 11.29 54.17
N THR M 45 -48.78 10.64 53.47
CA THR M 45 -48.50 9.22 53.71
C THR M 45 -47.04 8.90 53.44
N VAL M 46 -46.70 7.64 53.72
CA VAL M 46 -45.37 7.10 53.46
C VAL M 46 -45.74 5.88 52.62
N ALA M 47 -45.15 5.73 51.44
CA ALA M 47 -45.53 4.61 50.60
C ALA M 47 -44.45 3.92 49.77
N LEU M 48 -44.83 2.74 49.29
CA LEU M 48 -44.00 1.90 48.43
C LEU M 48 -44.93 1.41 47.31
N PHE M 49 -44.40 1.28 46.10
CA PHE M 49 -45.22 0.82 44.99
C PHE M 49 -44.98 -0.64 44.62
N ALA M 50 -46.07 -1.35 44.37
CA ALA M 50 -46.02 -2.76 43.98
C ALA M 50 -45.11 -3.66 44.80
N PRO M 51 -45.34 -3.73 46.12
CA PRO M 51 -44.49 -4.59 46.94
C PRO M 51 -44.93 -6.04 46.72
N PRO M 52 -44.12 -7.01 47.18
CA PRO M 52 -44.50 -8.42 47.00
C PRO M 52 -45.93 -8.65 47.47
N SER M 53 -46.67 -9.49 46.76
CA SER M 53 -48.06 -9.78 47.10
C SER M 53 -48.20 -10.64 48.36
N PHE M 54 -49.38 -10.58 48.98
CA PHE M 54 -49.66 -11.37 50.17
C PHE M 54 -50.36 -12.65 49.75
N ARG M 55 -50.08 -13.73 50.47
CA ARG M 55 -50.72 -15.01 50.17
C ARG M 55 -51.29 -15.57 51.47
N PHE M 56 -52.56 -15.92 51.45
CA PHE M 56 -53.22 -16.46 52.64
C PHE M 56 -53.92 -17.77 52.32
N SER M 57 -53.68 -18.78 53.14
CA SER M 57 -54.31 -20.08 52.94
C SER M 57 -55.73 -20.04 53.45
N LEU M 58 -56.66 -20.58 52.66
CA LEU M 58 -58.07 -20.60 53.05
C LEU M 58 -58.50 -22.04 53.33
N ALA M 59 -57.53 -22.95 53.35
CA ALA M 59 -57.80 -24.36 53.60
C ALA M 59 -58.21 -24.58 55.06
N ASP M 60 -58.88 -25.70 55.31
CA ASP M 60 -59.34 -26.04 56.66
C ASP M 60 -60.22 -24.94 57.26
N ASN M 61 -61.08 -24.36 56.44
CA ASN M 61 -62.00 -23.31 56.86
C ASN M 61 -61.33 -22.10 57.51
N THR M 62 -60.06 -21.88 57.18
CA THR M 62 -59.32 -20.76 57.75
C THR M 62 -59.74 -19.39 57.20
N LEU M 63 -59.87 -18.43 58.10
CA LEU M 63 -60.24 -17.06 57.74
C LEU M 63 -59.14 -16.12 58.21
N PRO M 64 -58.42 -15.49 57.27
CA PRO M 64 -57.34 -14.56 57.61
C PRO M 64 -57.82 -13.25 58.21
N LEU M 65 -58.40 -13.31 59.40
CA LEU M 65 -58.88 -12.13 60.11
C LEU M 65 -57.75 -11.74 61.06
N LEU M 66 -57.10 -10.61 60.78
CA LEU M 66 -55.98 -10.14 61.61
C LEU M 66 -56.24 -10.23 63.11
N THR M 67 -55.22 -10.67 63.85
CA THR M 67 -55.33 -10.83 65.30
C THR M 67 -54.51 -9.83 66.12
N THR M 68 -53.59 -9.11 65.47
CA THR M 68 -52.78 -8.15 66.20
C THR M 68 -53.57 -6.91 66.61
N LYS M 69 -54.86 -6.92 66.29
CA LYS M 69 -55.77 -5.84 66.67
C LYS M 69 -57.19 -6.36 66.45
N ARG M 70 -58.14 -5.84 67.19
CA ARG M 70 -59.52 -6.29 67.03
C ARG M 70 -60.10 -5.69 65.74
N VAL M 71 -60.51 -6.56 64.82
CA VAL M 71 -61.08 -6.11 63.55
C VAL M 71 -62.60 -6.19 63.62
N PHE M 72 -63.28 -5.15 63.16
CA PHE M 72 -64.74 -5.09 63.15
C PHE M 72 -65.28 -6.10 62.15
N LEU M 73 -65.30 -7.37 62.56
CA LEU M 73 -65.79 -8.45 61.70
C LEU M 73 -67.18 -8.21 61.12
N ARG M 74 -68.15 -7.88 61.98
CA ARG M 74 -69.50 -7.64 61.53
C ARG M 74 -69.54 -6.56 60.45
N GLY M 75 -68.66 -5.58 60.57
CA GLY M 75 -68.59 -4.51 59.58
C GLY M 75 -68.11 -5.03 58.24
N VAL M 76 -67.16 -5.96 58.27
CA VAL M 76 -66.61 -6.54 57.05
C VAL M 76 -67.71 -7.34 56.34
N ILE M 77 -68.38 -8.21 57.10
CA ILE M 77 -69.45 -9.03 56.55
C ILE M 77 -70.58 -8.17 55.98
N ALA M 78 -71.01 -7.17 56.76
CA ALA M 78 -72.09 -6.30 56.31
C ALA M 78 -71.75 -5.60 54.99
N GLU M 79 -70.54 -5.06 54.90
CA GLU M 79 -70.12 -4.38 53.68
C GLU M 79 -70.09 -5.35 52.49
N LEU M 80 -69.62 -6.57 52.74
CA LEU M 80 -69.55 -7.57 51.69
C LEU M 80 -70.91 -7.97 51.14
N LEU M 81 -71.85 -8.28 52.04
CA LEU M 81 -73.20 -8.66 51.62
C LEU M 81 -73.84 -7.47 50.91
N TRP M 82 -73.38 -6.28 51.27
CA TRP M 82 -73.87 -5.03 50.70
C TRP M 82 -73.38 -4.97 49.25
N PHE M 83 -72.11 -5.30 49.03
CA PHE M 83 -71.54 -5.30 47.68
C PHE M 83 -72.34 -6.28 46.82
N VAL M 84 -72.42 -7.52 47.30
CA VAL M 84 -73.14 -8.58 46.61
C VAL M 84 -74.56 -8.17 46.20
N SER M 85 -75.26 -7.48 47.08
CA SER M 85 -76.62 -7.05 46.78
C SER M 85 -76.67 -6.01 45.66
N GLY M 86 -75.53 -5.44 45.33
CA GLY M 86 -75.47 -4.44 44.28
C GLY M 86 -75.91 -3.07 44.76
N CYS M 87 -76.18 -2.96 46.07
CA CYS M 87 -76.62 -1.71 46.67
C CYS M 87 -75.48 -0.70 46.78
N THR M 88 -75.82 0.58 46.63
CA THR M 88 -74.81 1.65 46.70
C THR M 88 -75.22 2.73 47.71
N ASP M 89 -76.20 2.42 48.55
CA ASP M 89 -76.68 3.36 49.55
C ASP M 89 -76.01 3.05 50.90
N ALA M 90 -75.13 3.95 51.34
CA ALA M 90 -74.42 3.77 52.60
C ALA M 90 -75.33 3.70 53.81
N LYS M 91 -76.55 4.23 53.68
CA LYS M 91 -77.50 4.21 54.79
C LYS M 91 -77.86 2.77 55.14
N MET M 92 -77.71 1.87 54.19
CA MET M 92 -78.02 0.46 54.41
C MET M 92 -76.99 -0.16 55.37
N LEU M 93 -75.85 0.49 55.49
CA LEU M 93 -74.80 0.03 56.38
C LEU M 93 -74.90 0.73 57.73
N SER M 94 -75.09 2.04 57.71
CA SER M 94 -75.21 2.81 58.94
C SER M 94 -76.47 2.44 59.72
N SER M 95 -77.51 2.01 59.01
CA SER M 95 -78.75 1.63 59.67
C SER M 95 -78.56 0.35 60.49
N GLN M 96 -77.53 -0.43 60.13
CA GLN M 96 -77.26 -1.65 60.86
C GLN M 96 -76.01 -1.53 61.73
N GLY M 97 -75.65 -0.28 62.06
CA GLY M 97 -74.50 -0.03 62.91
C GLY M 97 -73.12 -0.07 62.28
N VAL M 98 -73.04 0.08 60.96
CA VAL M 98 -71.76 0.05 60.27
C VAL M 98 -71.58 1.38 59.54
N GLY M 99 -70.67 2.22 60.04
CA GLY M 99 -70.46 3.52 59.43
C GLY M 99 -69.17 3.72 58.67
N ILE M 100 -68.56 2.65 58.18
CA ILE M 100 -67.31 2.77 57.44
C ILE M 100 -67.41 3.64 56.20
N TRP M 101 -68.61 3.74 55.63
CA TRP M 101 -68.80 4.56 54.44
C TRP M 101 -69.51 5.89 54.71
N ASP M 102 -69.71 6.22 55.98
CA ASP M 102 -70.37 7.47 56.35
C ASP M 102 -69.52 8.67 55.94
N GLY M 103 -68.20 8.52 56.06
CA GLY M 103 -67.30 9.59 55.71
C GLY M 103 -67.36 10.06 54.27
N ASN M 104 -67.35 9.12 53.32
CA ASN M 104 -67.41 9.49 51.92
C ASN M 104 -68.84 9.60 51.40
N GLY M 105 -69.80 9.29 52.25
CA GLY M 105 -71.20 9.37 51.86
C GLY M 105 -71.88 10.57 52.47
N SER M 106 -71.15 11.31 53.31
CA SER M 106 -71.70 12.49 53.97
C SER M 106 -72.07 13.54 52.94
N LYS M 107 -73.10 14.31 53.25
CA LYS M 107 -73.57 15.36 52.35
C LYS M 107 -72.46 16.39 52.14
N GLU M 108 -71.53 16.46 53.09
CA GLU M 108 -70.43 17.40 53.01
C GLU M 108 -69.38 16.97 51.98
N PHE M 109 -68.99 15.70 52.03
CA PHE M 109 -68.01 15.16 51.10
C PHE M 109 -68.55 15.12 49.67
N LEU M 110 -69.80 14.66 49.54
CA LEU M 110 -70.42 14.58 48.22
C LEU M 110 -70.41 15.92 47.52
N GLU M 111 -70.85 16.97 48.21
CA GLU M 111 -70.86 18.31 47.64
C GLU M 111 -69.44 18.75 47.33
N LYS M 112 -68.50 18.25 48.14
CA LYS M 112 -67.10 18.58 48.00
C LYS M 112 -66.51 18.05 46.69
N VAL M 113 -66.98 16.88 46.26
CA VAL M 113 -66.50 16.29 45.01
C VAL M 113 -67.42 16.52 43.82
N GLY M 114 -68.27 17.54 43.92
CA GLY M 114 -69.17 17.86 42.83
C GLY M 114 -70.40 16.97 42.68
N LEU M 115 -70.82 16.33 43.76
CA LEU M 115 -71.99 15.46 43.73
C LEU M 115 -73.05 15.94 44.72
N GLY M 116 -73.24 17.26 44.78
CA GLY M 116 -74.20 17.84 45.70
C GLY M 116 -75.66 17.55 45.39
N HIS M 117 -75.94 17.09 44.18
CA HIS M 117 -77.31 16.78 43.77
C HIS M 117 -77.79 15.44 44.32
N ARG M 118 -76.90 14.74 45.03
CA ARG M 118 -77.25 13.44 45.59
C ARG M 118 -77.59 13.54 47.06
N ARG M 119 -78.49 12.68 47.52
CA ARG M 119 -78.85 12.68 48.92
C ARG M 119 -77.71 12.01 49.69
N GLU M 120 -77.58 12.36 50.96
CA GLU M 120 -76.51 11.78 51.79
C GLU M 120 -76.55 10.26 51.76
N GLY M 121 -75.40 9.64 51.56
CA GLY M 121 -75.34 8.19 51.53
C GLY M 121 -75.32 7.58 50.14
N ASP M 122 -75.76 8.36 49.14
CA ASP M 122 -75.77 7.87 47.76
C ASP M 122 -74.38 8.01 47.17
N LEU M 123 -73.59 6.95 47.28
CA LEU M 123 -72.21 6.93 46.80
C LEU M 123 -72.05 6.90 45.28
N GLY M 124 -73.10 6.50 44.57
CA GLY M 124 -73.02 6.43 43.13
C GLY M 124 -72.81 4.99 42.67
N PRO M 125 -72.46 4.78 41.40
CA PRO M 125 -72.25 3.43 40.86
C PRO M 125 -70.92 2.79 41.30
N VAL M 126 -70.77 2.60 42.60
CA VAL M 126 -69.56 2.00 43.15
C VAL M 126 -69.62 0.47 43.17
N TYR M 127 -68.58 -0.14 43.75
CA TYR M 127 -68.44 -1.60 43.87
C TYR M 127 -69.63 -2.47 43.50
N GLY M 128 -70.56 -2.63 44.44
CA GLY M 128 -71.74 -3.45 44.21
C GLY M 128 -72.48 -3.25 42.90
N PHE M 129 -72.64 -2.00 42.50
CA PHE M 129 -73.36 -1.71 41.26
C PHE M 129 -72.59 -2.24 40.04
N GLN M 130 -71.28 -2.04 40.01
CA GLN M 130 -70.46 -2.51 38.91
C GLN M 130 -70.44 -4.04 38.88
N TRP M 131 -70.36 -4.64 40.06
CA TRP M 131 -70.32 -6.10 40.21
C TRP M 131 -71.54 -6.80 39.61
N ARG M 132 -72.73 -6.24 39.86
CA ARG M 132 -73.97 -6.85 39.38
C ARG M 132 -74.65 -6.17 38.20
N HIS M 133 -74.27 -4.93 37.89
CA HIS M 133 -74.92 -4.20 36.79
C HIS M 133 -73.95 -3.39 35.93
N PHE M 134 -72.74 -3.90 35.73
CA PHE M 134 -71.76 -3.17 34.94
C PHE M 134 -72.29 -2.75 33.58
N GLY M 135 -72.15 -1.47 33.26
CA GLY M 135 -72.63 -0.97 31.98
C GLY M 135 -73.98 -0.31 32.03
N ALA M 136 -74.78 -0.63 33.04
CA ALA M 136 -76.11 -0.04 33.17
C ALA M 136 -76.02 1.45 33.47
N GLU M 137 -77.08 2.17 33.13
CA GLU M 137 -77.16 3.61 33.36
C GLU M 137 -77.53 3.86 34.82
N TYR M 138 -76.75 4.68 35.50
CA TYR M 138 -77.01 4.97 36.91
C TYR M 138 -77.78 6.28 37.07
N THR M 139 -78.86 6.23 37.86
CA THR M 139 -79.65 7.43 38.13
C THR M 139 -79.34 7.82 39.56
N ASP M 140 -79.87 7.05 40.52
CA ASP M 140 -79.61 7.28 41.93
C ASP M 140 -79.57 5.92 42.64
N ALA M 141 -79.44 5.87 43.97
CA ALA M 141 -79.39 4.57 44.63
C ALA M 141 -80.71 3.81 44.68
N ASP M 142 -81.81 4.52 44.39
CA ASP M 142 -83.13 3.91 44.42
C ASP M 142 -83.54 3.37 43.05
N GLY M 143 -82.72 3.60 42.05
CA GLY M 143 -83.02 3.15 40.70
C GLY M 143 -83.26 1.66 40.60
N ASP M 144 -84.05 1.27 39.61
CA ASP M 144 -84.36 -0.14 39.37
C ASP M 144 -83.37 -0.68 38.35
N TYR M 145 -82.41 -1.46 38.82
CA TYR M 145 -81.38 -2.02 37.95
C TYR M 145 -81.49 -3.52 37.75
N LYS M 146 -82.52 -4.13 38.32
CA LYS M 146 -82.72 -5.57 38.17
C LYS M 146 -82.72 -5.98 36.70
N GLY M 147 -81.86 -6.93 36.37
CA GLY M 147 -81.79 -7.41 34.99
C GLY M 147 -81.09 -6.47 34.03
N LYS M 148 -80.48 -5.40 34.56
CA LYS M 148 -79.78 -4.44 33.73
C LYS M 148 -78.28 -4.50 33.94
N GLY M 149 -77.53 -4.34 32.86
CA GLY M 149 -76.08 -4.39 32.94
C GLY M 149 -75.57 -5.81 33.01
N VAL M 150 -74.24 -5.97 33.14
CA VAL M 150 -73.65 -7.30 33.21
C VAL M 150 -73.48 -7.76 34.66
N ASP M 151 -74.04 -8.93 34.97
CA ASP M 151 -73.93 -9.48 36.32
C ASP M 151 -72.66 -10.33 36.38
N GLN M 152 -71.53 -9.68 36.62
CA GLN M 152 -70.25 -10.35 36.68
C GLN M 152 -70.19 -11.44 37.74
N LEU M 153 -70.73 -11.16 38.91
CA LEU M 153 -70.71 -12.11 40.01
C LEU M 153 -71.37 -13.44 39.68
N GLN M 154 -72.60 -13.40 39.18
CA GLN M 154 -73.29 -14.63 38.84
C GLN M 154 -72.57 -15.37 37.71
N ARG M 155 -72.00 -14.62 36.77
CA ARG M 155 -71.28 -15.25 35.67
C ARG M 155 -70.08 -16.00 36.24
N VAL M 156 -69.43 -15.41 37.25
CA VAL M 156 -68.30 -16.06 37.88
C VAL M 156 -68.74 -17.39 38.48
N ILE M 157 -69.88 -17.37 39.16
CA ILE M 157 -70.44 -18.57 39.78
C ILE M 157 -70.71 -19.64 38.72
N ASP M 158 -71.45 -19.26 37.69
CA ASP M 158 -71.80 -20.17 36.60
C ASP M 158 -70.57 -20.76 35.92
N THR M 159 -69.56 -19.94 35.69
CA THR M 159 -68.34 -20.37 35.04
C THR M 159 -67.54 -21.37 35.88
N ILE M 160 -67.45 -21.10 37.18
CA ILE M 160 -66.72 -21.99 38.07
C ILE M 160 -67.36 -23.38 38.09
N LYS M 161 -68.68 -23.41 38.03
CA LYS M 161 -69.43 -24.66 38.05
C LYS M 161 -69.47 -25.42 36.74
N ASN M 162 -69.59 -24.70 35.62
CA ASN M 162 -69.69 -25.36 34.31
C ASN M 162 -68.47 -25.31 33.39
N ASN M 163 -67.53 -24.43 33.68
CA ASN M 163 -66.32 -24.33 32.86
C ASN M 163 -65.19 -23.74 33.70
N PRO M 164 -64.78 -24.45 34.76
CA PRO M 164 -63.72 -24.07 35.70
C PRO M 164 -62.36 -23.69 35.11
N THR M 165 -61.99 -24.30 33.99
CA THR M 165 -60.69 -23.99 33.38
C THR M 165 -60.72 -22.71 32.57
N ASP M 166 -61.88 -22.04 32.53
CA ASP M 166 -62.00 -20.79 31.79
C ASP M 166 -60.96 -19.82 32.38
N ARG M 167 -60.38 -18.98 31.55
CA ARG M 167 -59.36 -18.04 32.01
C ARG M 167 -59.84 -16.59 32.10
N ARG M 168 -61.15 -16.40 32.09
CA ARG M 168 -61.76 -15.07 32.18
C ARG M 168 -62.67 -14.91 33.39
N ILE M 169 -62.43 -15.67 34.45
CA ILE M 169 -63.26 -15.59 35.64
C ILE M 169 -62.87 -14.33 36.42
N ILE M 170 -63.35 -13.20 35.94
CA ILE M 170 -63.03 -11.89 36.52
C ILE M 170 -64.22 -11.16 37.14
N LEU M 171 -63.95 -10.47 38.24
CA LEU M 171 -64.95 -9.67 38.94
C LEU M 171 -64.30 -8.30 39.09
N SER M 172 -64.80 -7.31 38.36
CA SER M 172 -64.21 -5.98 38.41
C SER M 172 -65.19 -4.84 38.65
N ALA M 173 -64.76 -3.85 39.41
CA ALA M 173 -65.59 -2.69 39.71
C ALA M 173 -65.06 -1.45 38.99
N TRP M 174 -63.90 -1.58 38.36
CA TRP M 174 -63.30 -0.45 37.64
C TRP M 174 -64.08 -0.12 36.38
N ASN M 175 -64.57 1.11 36.31
CA ASN M 175 -65.34 1.59 35.16
C ASN M 175 -64.95 3.03 34.89
N PRO M 176 -64.00 3.25 33.96
CA PRO M 176 -63.53 4.59 33.61
C PRO M 176 -64.64 5.59 33.29
N LYS M 177 -65.73 5.11 32.70
CA LYS M 177 -66.83 5.98 32.36
C LYS M 177 -67.62 6.46 33.58
N ASP M 178 -67.85 5.55 34.53
CA ASP M 178 -68.62 5.89 35.73
C ASP M 178 -67.83 6.54 36.87
N LEU M 179 -66.51 6.50 36.80
CA LEU M 179 -65.66 7.08 37.85
C LEU M 179 -66.11 8.43 38.41
N PRO M 180 -66.34 9.43 37.54
CA PRO M 180 -66.77 10.73 38.03
C PRO M 180 -68.08 10.74 38.81
N LEU M 181 -68.88 9.68 38.65
CA LEU M 181 -70.16 9.58 39.37
C LEU M 181 -69.96 8.92 40.72
N MET M 182 -68.76 8.42 40.96
CA MET M 182 -68.44 7.73 42.20
C MET M 182 -67.88 8.67 43.26
N ALA M 183 -68.36 8.53 44.49
CA ALA M 183 -67.89 9.35 45.59
C ALA M 183 -66.40 9.06 45.77
N LEU M 184 -66.00 7.84 45.45
CA LEU M 184 -64.62 7.42 45.56
C LEU M 184 -64.37 6.29 44.56
N PRO M 185 -63.27 6.34 43.81
CA PRO M 185 -62.97 5.28 42.83
C PRO M 185 -62.65 3.98 43.56
N PRO M 186 -62.95 2.83 42.94
CA PRO M 186 -62.68 1.54 43.57
C PRO M 186 -61.22 1.34 43.96
N CYS M 187 -60.98 0.87 45.19
CA CYS M 187 -59.62 0.62 45.66
C CYS M 187 -59.30 -0.80 45.22
N HIS M 188 -60.14 -1.75 45.61
CA HIS M 188 -59.94 -3.12 45.17
C HIS M 188 -60.71 -3.14 43.84
N MET M 189 -59.98 -2.83 42.76
CA MET M 189 -60.59 -2.72 41.44
C MET M 189 -61.01 -4.00 40.73
N PHE M 190 -60.49 -5.14 41.15
CA PHE M 190 -60.88 -6.39 40.51
C PHE M 190 -60.16 -7.59 41.12
N CYS M 191 -60.67 -8.77 40.82
CA CYS M 191 -60.07 -10.00 41.30
C CYS M 191 -60.32 -11.10 40.27
N GLN M 192 -59.47 -12.11 40.31
CA GLN M 192 -59.59 -13.23 39.38
C GLN M 192 -59.63 -14.53 40.17
N PHE M 193 -60.55 -15.41 39.79
CA PHE M 193 -60.68 -16.70 40.46
C PHE M 193 -60.05 -17.79 39.60
N PHE M 194 -59.52 -18.81 40.27
CA PHE M 194 -58.88 -19.93 39.59
C PHE M 194 -59.34 -21.22 40.25
N VAL M 195 -59.64 -22.22 39.42
CA VAL M 195 -60.11 -23.50 39.93
C VAL M 195 -59.17 -24.64 39.55
N SER M 196 -58.63 -25.32 40.55
CA SER M 196 -57.75 -26.45 40.30
C SER M 196 -58.62 -27.69 40.24
N LEU M 197 -58.46 -28.47 39.17
CA LEU M 197 -59.24 -29.68 39.00
C LEU M 197 -58.78 -30.77 39.97
N PRO M 198 -59.68 -31.70 40.33
CA PRO M 198 -59.36 -32.78 41.25
C PRO M 198 -58.19 -33.63 40.73
N PRO M 199 -57.21 -33.92 41.59
CA PRO M 199 -56.06 -34.72 41.18
C PRO M 199 -56.47 -36.10 40.68
N PRO M 203 -60.50 -38.41 42.01
CA PRO M 203 -61.38 -37.56 41.22
C PRO M 203 -62.67 -37.21 41.94
N GLY M 204 -62.84 -37.72 43.15
CA GLY M 204 -64.03 -37.44 43.92
C GLY M 204 -63.91 -36.17 44.75
N SER M 205 -62.68 -35.73 44.97
CA SER M 205 -62.43 -34.52 45.75
C SER M 205 -63.03 -33.29 45.09
N LYS M 206 -63.24 -32.25 45.89
CA LYS M 206 -63.79 -30.99 45.38
C LYS M 206 -62.70 -30.16 44.73
N PRO M 207 -63.02 -29.47 43.62
CA PRO M 207 -62.02 -28.64 42.97
C PRO M 207 -61.59 -27.54 43.95
N LYS M 208 -60.35 -27.08 43.85
CA LYS M 208 -59.88 -26.03 44.75
C LYS M 208 -60.04 -24.65 44.14
N LEU M 209 -60.59 -23.73 44.92
CA LEU M 209 -60.83 -22.36 44.45
C LEU M 209 -59.86 -21.35 45.05
N SER M 210 -59.24 -20.56 44.18
CA SER M 210 -58.31 -19.54 44.61
C SER M 210 -58.76 -18.18 44.08
N CYS M 211 -58.28 -17.11 44.71
CA CYS M 211 -58.65 -15.77 44.31
C CYS M 211 -57.49 -14.78 44.43
N LEU M 212 -57.27 -14.02 43.36
CA LEU M 212 -56.23 -13.00 43.36
C LEU M 212 -56.93 -11.66 43.17
N MET M 213 -56.69 -10.74 44.09
CA MET M 213 -57.31 -9.42 44.01
C MET M 213 -56.23 -8.35 43.91
N TYR M 214 -56.47 -7.34 43.08
CA TYR M 214 -55.52 -6.26 42.92
C TYR M 214 -56.11 -4.98 43.48
N GLN M 215 -55.37 -4.35 44.39
CA GLN M 215 -55.80 -3.11 45.03
C GLN M 215 -54.86 -1.98 44.60
N ARG M 216 -55.41 -0.99 43.89
CA ARG M 216 -54.63 0.15 43.39
C ARG M 216 -54.09 1.05 44.49
N SER M 217 -54.87 1.25 45.55
CA SER M 217 -54.50 2.10 46.66
C SER M 217 -54.79 1.35 47.95
N CYS M 218 -53.80 1.26 48.83
CA CYS M 218 -53.98 0.49 50.06
C CYS M 218 -53.64 1.21 51.36
N ASP M 219 -54.66 1.46 52.16
CA ASP M 219 -54.50 2.08 53.46
C ASP M 219 -54.23 0.89 54.37
N LEU M 220 -52.96 0.58 54.61
CA LEU M 220 -52.63 -0.56 55.45
C LEU M 220 -53.19 -0.53 56.87
N GLY M 221 -53.26 0.65 57.47
CA GLY M 221 -53.79 0.73 58.82
C GLY M 221 -55.26 0.36 58.93
N LEU M 222 -56.10 1.01 58.12
CA LEU M 222 -57.54 0.77 58.18
C LEU M 222 -58.16 -0.09 57.08
N GLY M 223 -57.76 0.15 55.83
CA GLY M 223 -58.33 -0.59 54.72
C GLY M 223 -57.95 -2.05 54.54
N VAL M 224 -56.65 -2.31 54.36
CA VAL M 224 -56.15 -3.66 54.14
C VAL M 224 -56.73 -4.74 55.07
N PRO M 225 -56.85 -4.45 56.37
CA PRO M 225 -57.41 -5.48 57.25
C PRO M 225 -58.80 -5.91 56.77
N PHE M 226 -59.60 -4.95 56.33
CA PHE M 226 -60.94 -5.25 55.82
C PHE M 226 -60.87 -5.96 54.47
N ASN M 227 -60.06 -5.42 53.58
CA ASN M 227 -59.90 -6.00 52.24
C ASN M 227 -59.52 -7.46 52.27
N ILE M 228 -58.56 -7.82 53.12
CA ILE M 228 -58.11 -9.19 53.24
C ILE M 228 -59.22 -10.13 53.69
N ALA M 229 -59.91 -9.77 54.77
CA ALA M 229 -60.99 -10.58 55.28
C ALA M 229 -62.17 -10.62 54.31
N SER M 230 -62.46 -9.48 53.69
CA SER M 230 -63.58 -9.40 52.76
C SER M 230 -63.45 -10.38 51.60
N TYR M 231 -62.35 -10.31 50.86
CA TYR M 231 -62.17 -11.21 49.72
C TYR M 231 -61.99 -12.67 50.15
N ALA M 232 -61.49 -12.88 51.35
CA ALA M 232 -61.33 -14.24 51.85
C ALA M 232 -62.74 -14.78 52.06
N LEU M 233 -63.60 -13.95 52.63
CA LEU M 233 -64.98 -14.35 52.89
C LEU M 233 -65.75 -14.55 51.58
N LEU M 234 -65.50 -13.68 50.60
CA LEU M 234 -66.17 -13.80 49.31
C LEU M 234 -65.83 -15.15 48.67
N THR M 235 -64.56 -15.53 48.77
CA THR M 235 -64.09 -16.80 48.22
C THR M 235 -64.77 -17.97 48.92
N HIS M 236 -64.93 -17.87 50.24
CA HIS M 236 -65.59 -18.92 51.00
C HIS M 236 -67.05 -19.01 50.55
N MET M 237 -67.68 -17.85 50.36
CA MET M 237 -69.08 -17.81 49.93
C MET M 237 -69.25 -18.48 48.57
N ILE M 238 -68.43 -18.06 47.62
CA ILE M 238 -68.49 -18.61 46.27
C ILE M 238 -68.20 -20.11 46.27
N ALA M 239 -67.26 -20.53 47.13
CA ALA M 239 -66.90 -21.94 47.22
C ALA M 239 -68.11 -22.78 47.63
N LEU M 240 -68.90 -22.27 48.57
CA LEU M 240 -70.08 -22.97 49.05
C LEU M 240 -71.11 -23.16 47.95
N ILE M 241 -71.36 -22.09 47.20
CA ILE M 241 -72.35 -22.12 46.12
C ILE M 241 -71.91 -22.94 44.91
N THR M 242 -70.61 -23.02 44.68
CA THR M 242 -70.08 -23.76 43.53
C THR M 242 -69.56 -25.15 43.85
N ASP M 243 -69.74 -25.61 45.08
CA ASP M 243 -69.27 -26.93 45.49
C ASP M 243 -67.76 -27.08 45.32
N THR M 244 -67.02 -26.01 45.61
CA THR M 244 -65.57 -26.06 45.51
C THR M 244 -64.98 -25.84 46.90
N GLU M 245 -63.68 -26.11 47.04
CA GLU M 245 -63.00 -25.97 48.33
C GLU M 245 -62.07 -24.76 48.31
N PRO M 246 -62.30 -23.79 49.21
CA PRO M 246 -61.44 -22.60 49.24
C PRO M 246 -59.99 -23.04 49.43
N HIS M 247 -59.08 -22.47 48.64
CA HIS M 247 -57.68 -22.84 48.73
C HIS M 247 -56.72 -21.72 49.10
N GLU M 248 -56.64 -20.69 48.26
CA GLU M 248 -55.72 -19.60 48.53
C GLU M 248 -56.23 -18.24 48.07
N PHE M 249 -55.82 -17.19 48.78
CA PHE M 249 -56.19 -15.83 48.44
C PHE M 249 -54.90 -15.03 48.29
N ILE M 250 -54.74 -14.39 47.14
CA ILE M 250 -53.56 -13.58 46.86
C ILE M 250 -53.96 -12.12 46.73
N LEU M 251 -53.18 -11.24 47.35
CA LEU M 251 -53.46 -9.82 47.30
C LEU M 251 -52.28 -9.02 46.77
N GLN M 252 -52.42 -8.44 45.59
CA GLN M 252 -51.37 -7.63 45.00
C GLN M 252 -51.72 -6.16 45.18
N MET M 253 -50.78 -5.39 45.71
CA MET M 253 -51.01 -3.97 45.96
C MET M 253 -50.31 -3.06 44.97
N GLY M 254 -50.91 -1.89 44.75
CA GLY M 254 -50.31 -0.90 43.87
C GLY M 254 -49.65 0.10 44.78
N ASP M 255 -50.37 1.18 45.09
CA ASP M 255 -49.84 2.20 45.99
C ASP M 255 -50.11 1.76 47.44
N ALA M 256 -49.11 1.13 48.06
CA ALA M 256 -49.24 0.66 49.43
C ALA M 256 -48.72 1.75 50.36
N HIS M 257 -49.59 2.29 51.20
CA HIS M 257 -49.19 3.38 52.08
C HIS M 257 -49.69 3.32 53.52
N VAL M 258 -49.02 4.08 54.38
CA VAL M 258 -49.36 4.20 55.79
C VAL M 258 -49.57 5.69 56.04
N TYR M 259 -50.77 6.09 56.44
CA TYR M 259 -51.01 7.50 56.71
C TYR M 259 -50.15 8.01 57.85
N ARG M 260 -49.77 9.29 57.76
CA ARG M 260 -48.93 9.91 58.77
C ARG M 260 -49.45 9.74 60.18
N ASP M 261 -50.77 9.90 60.37
CA ASP M 261 -51.36 9.77 61.69
C ASP M 261 -51.63 8.32 62.12
N HIS M 262 -51.10 7.37 61.35
CA HIS M 262 -51.27 5.95 61.66
C HIS M 262 -49.94 5.34 62.12
N VAL M 263 -48.84 6.01 61.83
CA VAL M 263 -47.52 5.52 62.19
C VAL M 263 -47.38 5.10 63.65
N GLU M 264 -47.65 6.03 64.57
CA GLU M 264 -47.53 5.71 65.99
C GLU M 264 -48.48 4.59 66.44
N PRO M 265 -49.76 4.67 66.04
CA PRO M 265 -50.69 3.61 66.46
C PRO M 265 -50.25 2.24 65.97
N LEU M 266 -49.71 2.18 64.75
CA LEU M 266 -49.26 0.93 64.17
C LEU M 266 -48.02 0.37 64.88
N LYS M 267 -47.17 1.25 65.37
CA LYS M 267 -45.96 0.81 66.07
C LYS M 267 -46.36 -0.03 67.28
N THR M 268 -47.48 0.30 67.90
CA THR M 268 -47.97 -0.45 69.04
C THR M 268 -48.40 -1.84 68.59
N GLN M 269 -49.04 -1.91 67.42
CA GLN M 269 -49.50 -3.18 66.88
C GLN M 269 -48.35 -4.08 66.47
N LEU M 270 -47.27 -3.48 65.96
CA LEU M 270 -46.10 -4.22 65.53
C LEU M 270 -45.41 -4.99 66.65
N GLU M 271 -45.70 -4.61 67.88
CA GLU M 271 -45.11 -5.27 69.05
C GLU M 271 -45.85 -6.55 69.43
N ARG M 272 -47.04 -6.73 68.87
CA ARG M 272 -47.85 -7.89 69.19
C ARG M 272 -47.61 -9.13 68.34
N GLU M 273 -47.67 -10.29 68.99
CA GLU M 273 -47.48 -11.57 68.32
C GLU M 273 -48.85 -12.10 67.89
N PRO M 274 -49.00 -12.46 66.61
CA PRO M 274 -50.24 -12.98 66.06
C PRO M 274 -50.74 -14.27 66.72
N ARG M 275 -52.06 -14.41 66.78
CA ARG M 275 -52.69 -15.62 67.33
C ARG M 275 -53.14 -16.40 66.10
N ASP M 276 -53.33 -17.71 66.23
CA ASP M 276 -53.77 -18.50 65.09
C ASP M 276 -55.07 -17.93 64.52
N PHE M 277 -55.17 -17.87 63.20
CA PHE M 277 -56.37 -17.34 62.55
C PHE M 277 -57.59 -18.16 62.94
N PRO M 278 -58.77 -17.53 62.96
CA PRO M 278 -60.01 -18.21 63.31
C PRO M 278 -60.51 -19.04 62.12
N LYS M 279 -61.57 -19.79 62.33
CA LYS M 279 -62.13 -20.60 61.26
C LYS M 279 -63.57 -20.19 60.96
N LEU M 280 -63.98 -20.36 59.72
CA LEU M 280 -65.33 -20.01 59.29
C LEU M 280 -66.23 -21.22 59.13
N LYS M 281 -67.45 -21.12 59.64
CA LYS M 281 -68.42 -22.18 59.55
C LYS M 281 -69.74 -21.54 59.12
N TRP M 282 -70.60 -22.31 58.46
CA TRP M 282 -71.88 -21.79 58.01
C TRP M 282 -73.01 -22.23 58.95
N ALA M 283 -73.88 -21.29 59.29
CA ALA M 283 -75.00 -21.57 60.18
C ALA M 283 -76.11 -22.31 59.44
N ARG M 284 -76.04 -22.29 58.11
CA ARG M 284 -77.04 -22.97 57.29
C ARG M 284 -76.36 -23.77 56.18
N SER M 285 -77.13 -24.61 55.50
CA SER M 285 -76.58 -25.43 54.42
C SER M 285 -76.63 -24.71 53.08
N LYS M 286 -75.94 -25.29 52.10
CA LYS M 286 -75.90 -24.72 50.75
C LYS M 286 -77.32 -24.58 50.21
N GLU M 287 -78.11 -25.63 50.39
CA GLU M 287 -79.50 -25.65 49.93
C GLU M 287 -80.33 -24.55 50.55
N GLU M 288 -80.17 -24.35 51.86
CA GLU M 288 -80.93 -23.32 52.56
C GLU M 288 -80.54 -21.93 52.07
N ILE M 289 -79.24 -21.69 51.95
CA ILE M 289 -78.76 -20.39 51.48
C ILE M 289 -79.19 -20.20 50.02
N GLY M 290 -79.16 -21.29 49.25
CA GLY M 290 -79.58 -21.22 47.86
C GLY M 290 -78.54 -20.75 46.86
N ASP M 291 -78.33 -19.44 46.78
CA ASP M 291 -77.36 -18.87 45.86
C ASP M 291 -76.57 -17.75 46.52
N ILE M 292 -75.73 -17.08 45.72
CA ILE M 292 -74.87 -16.01 46.22
C ILE M 292 -75.64 -14.86 46.84
N ASP M 293 -76.93 -14.75 46.51
CA ASP M 293 -77.77 -13.67 47.04
C ASP M 293 -78.56 -14.08 48.27
N GLY M 294 -78.34 -15.30 48.74
CA GLY M 294 -79.09 -15.77 49.90
C GLY M 294 -78.37 -15.75 51.24
N PHE M 295 -77.17 -15.19 51.29
CA PHE M 295 -76.42 -15.13 52.55
C PHE M 295 -76.92 -14.04 53.49
N LYS M 296 -76.79 -14.30 54.79
CA LYS M 296 -77.19 -13.37 55.84
C LYS M 296 -76.04 -13.24 56.82
N VAL M 297 -75.94 -12.10 57.50
CA VAL M 297 -74.86 -11.87 58.46
C VAL M 297 -74.73 -13.03 59.44
N GLU M 298 -75.86 -13.47 59.99
CA GLU M 298 -75.86 -14.57 60.96
C GLU M 298 -75.41 -15.92 60.40
N ASP M 299 -75.25 -16.02 59.09
CA ASP M 299 -74.81 -17.28 58.49
C ASP M 299 -73.32 -17.48 58.74
N PHE M 300 -72.59 -16.39 58.93
CA PHE M 300 -71.16 -16.45 59.16
C PHE M 300 -70.78 -16.74 60.61
N VAL M 301 -70.41 -17.98 60.89
CA VAL M 301 -70.02 -18.39 62.23
C VAL M 301 -68.49 -18.47 62.33
N VAL M 302 -67.88 -17.41 62.86
CA VAL M 302 -66.43 -17.37 63.01
C VAL M 302 -66.05 -17.82 64.42
N GLU M 303 -65.33 -18.93 64.50
CA GLU M 303 -64.92 -19.47 65.79
C GLU M 303 -63.42 -19.44 66.00
N GLY M 304 -63.01 -19.23 67.24
CA GLY M 304 -61.60 -19.21 67.56
C GLY M 304 -60.91 -17.87 67.34
N TYR M 305 -61.68 -16.79 67.16
CA TYR M 305 -61.08 -15.48 66.95
C TYR M 305 -60.58 -14.94 68.29
N LYS M 306 -59.26 -14.79 68.42
CA LYS M 306 -58.66 -14.31 69.66
C LYS M 306 -57.67 -13.18 69.38
N PRO M 307 -58.18 -11.98 69.09
CA PRO M 307 -57.34 -10.81 68.80
C PRO M 307 -56.89 -10.04 70.04
N TRP M 308 -55.93 -9.16 69.83
CA TRP M 308 -55.44 -8.30 70.90
C TRP M 308 -56.42 -7.12 70.93
N GLY M 309 -56.13 -6.13 71.77
CA GLY M 309 -57.00 -4.98 71.87
C GLY M 309 -57.12 -4.17 70.59
N LYS M 310 -58.16 -3.33 70.53
CA LYS M 310 -58.39 -2.48 69.38
C LYS M 310 -57.34 -1.39 69.33
N ILE M 311 -57.09 -0.87 68.14
CA ILE M 311 -56.13 0.20 67.94
C ILE M 311 -56.84 1.32 67.17
N ASP M 312 -57.00 2.45 67.83
CA ASP M 312 -57.69 3.59 67.22
C ASP M 312 -56.89 4.27 66.12
N MET M 313 -57.52 4.42 64.97
CA MET M 313 -56.90 5.08 63.82
C MET M 313 -57.97 5.87 63.08
N LYS M 314 -57.69 7.14 62.85
CA LYS M 314 -58.62 8.02 62.15
C LYS M 314 -58.55 7.83 60.65
N MET M 315 -59.71 7.80 60.00
CA MET M 315 -59.74 7.64 58.55
C MET M 315 -59.71 9.01 57.89
N SER M 316 -58.89 9.13 56.84
CA SER M 316 -58.79 10.40 56.13
C SER M 316 -59.75 10.40 54.95
N ALA M 317 -60.74 11.28 55.00
CA ALA M 317 -61.76 11.38 53.96
C ALA M 317 -61.18 11.87 52.63
N PRO N 16 -26.10 -14.65 37.81
CA PRO N 16 -27.30 -15.25 38.44
C PRO N 16 -28.34 -14.20 38.80
N ASP N 17 -27.99 -12.93 38.62
CA ASP N 17 -28.92 -11.84 38.93
C ASP N 17 -29.59 -11.30 37.68
N HIS N 18 -29.29 -11.87 36.52
CA HIS N 18 -29.89 -11.41 35.28
C HIS N 18 -31.41 -11.57 35.37
N GLU N 19 -32.12 -10.48 35.18
CA GLU N 19 -33.58 -10.47 35.26
C GLU N 19 -34.30 -11.48 34.37
N GLU N 20 -33.66 -11.90 33.29
CA GLU N 20 -34.30 -12.86 32.39
C GLU N 20 -34.49 -14.23 33.03
N TYR N 21 -33.72 -14.52 34.08
CA TYR N 21 -33.86 -15.80 34.76
C TYR N 21 -35.24 -15.94 35.42
N GLN N 22 -35.88 -14.80 35.68
CA GLN N 22 -37.22 -14.82 36.28
C GLN N 22 -38.13 -15.56 35.31
N TYR N 23 -38.03 -15.18 34.05
CA TYR N 23 -38.83 -15.77 32.98
C TYR N 23 -38.48 -17.25 32.78
N LEU N 24 -37.19 -17.54 32.67
CA LEU N 24 -36.73 -18.91 32.47
C LEU N 24 -37.09 -19.82 33.65
N ASP N 25 -36.88 -19.33 34.86
CA ASP N 25 -37.19 -20.11 36.07
C ASP N 25 -38.68 -20.44 36.19
N LEU N 26 -39.54 -19.47 35.85
CA LEU N 26 -40.97 -19.70 35.95
C LEU N 26 -41.41 -20.79 34.98
N ILE N 27 -40.86 -20.76 33.76
CA ILE N 27 -41.20 -21.78 32.76
C ILE N 27 -40.77 -23.14 33.26
N ARG N 28 -39.56 -23.22 33.80
CA ARG N 28 -39.04 -24.48 34.32
C ARG N 28 -39.95 -24.99 35.43
N ARG N 29 -40.40 -24.09 36.30
CA ARG N 29 -41.28 -24.46 37.40
C ARG N 29 -42.64 -24.95 36.89
N ILE N 30 -43.22 -24.24 35.92
CA ILE N 30 -44.51 -24.62 35.36
C ILE N 30 -44.45 -26.01 34.74
N ILE N 31 -43.38 -26.28 34.00
CA ILE N 31 -43.21 -27.58 33.37
C ILE N 31 -43.06 -28.68 34.43
N ASN N 32 -42.31 -28.36 35.49
CA ASN N 32 -42.06 -29.31 36.57
C ASN N 32 -43.25 -29.61 37.47
N VAL N 33 -43.81 -28.58 38.10
CA VAL N 33 -44.93 -28.78 39.02
C VAL N 33 -46.26 -28.18 38.56
N GLY N 34 -46.32 -27.70 37.32
CA GLY N 34 -47.55 -27.12 36.83
C GLY N 34 -48.65 -28.17 36.71
N GLU N 35 -49.90 -27.70 36.67
CA GLU N 35 -51.05 -28.59 36.55
C GLU N 35 -51.51 -28.72 35.10
N VAL N 36 -51.63 -29.96 34.63
CA VAL N 36 -52.09 -30.21 33.25
C VAL N 36 -53.57 -29.88 33.17
N ARG N 37 -53.94 -28.98 32.27
CA ARG N 37 -55.33 -28.57 32.14
C ARG N 37 -55.83 -28.41 30.72
N PRO N 38 -57.14 -28.58 30.53
CA PRO N 38 -57.77 -28.45 29.21
C PRO N 38 -57.94 -26.95 29.05
N ASP N 39 -58.18 -26.47 27.84
CA ASP N 39 -58.34 -25.04 27.64
C ASP N 39 -59.20 -24.71 26.43
N ARG N 40 -59.51 -23.43 26.27
CA ARG N 40 -60.34 -22.96 25.17
C ARG N 40 -59.83 -23.38 23.79
N THR N 41 -58.52 -23.27 23.57
CA THR N 41 -57.93 -23.63 22.28
C THR N 41 -58.00 -25.11 21.93
N GLY N 42 -57.99 -25.96 22.95
CA GLY N 42 -58.06 -27.39 22.70
C GLY N 42 -56.71 -28.09 22.64
N THR N 43 -55.62 -27.33 22.73
CA THR N 43 -54.29 -27.94 22.68
C THR N 43 -53.83 -28.37 24.06
N GLY N 44 -54.40 -27.74 25.10
CA GLY N 44 -54.03 -28.08 26.47
C GLY N 44 -52.82 -27.32 26.96
N THR N 45 -52.69 -27.20 28.28
CA THR N 45 -51.56 -26.49 28.86
C THR N 45 -51.19 -27.05 30.23
N VAL N 46 -50.11 -26.52 30.78
CA VAL N 46 -49.63 -26.87 32.11
C VAL N 46 -49.58 -25.49 32.75
N ALA N 47 -50.21 -25.33 33.91
CA ALA N 47 -50.23 -24.00 34.51
C ALA N 47 -50.14 -23.88 36.02
N LEU N 48 -49.88 -22.66 36.46
CA LEU N 48 -49.78 -22.27 37.87
C LEU N 48 -50.53 -20.95 37.99
N PHE N 49 -51.22 -20.75 39.11
CA PHE N 49 -51.98 -19.52 39.31
C PHE N 49 -51.28 -18.53 40.23
N ALA N 50 -51.29 -17.26 39.83
CA ALA N 50 -50.70 -16.17 40.61
C ALA N 50 -49.28 -16.41 41.14
N PRO N 51 -48.33 -16.72 40.25
CA PRO N 51 -46.96 -16.95 40.73
C PRO N 51 -46.35 -15.59 41.07
N PRO N 52 -45.19 -15.58 41.76
CA PRO N 52 -44.56 -14.31 42.11
C PRO N 52 -44.42 -13.42 40.86
N SER N 53 -44.62 -12.13 41.04
CA SER N 53 -44.54 -11.18 39.92
C SER N 53 -43.11 -10.97 39.42
N PHE N 54 -42.99 -10.50 38.19
CA PHE N 54 -41.69 -10.23 37.59
C PHE N 54 -41.38 -8.75 37.79
N ARG N 55 -40.10 -8.44 37.99
CA ARG N 55 -39.68 -7.05 38.16
C ARG N 55 -38.51 -6.79 37.21
N PHE N 56 -38.64 -5.74 36.40
CA PHE N 56 -37.59 -5.40 35.45
C PHE N 56 -37.19 -3.94 35.60
N SER N 57 -35.89 -3.69 35.69
CA SER N 57 -35.39 -2.33 35.81
C SER N 57 -35.39 -1.65 34.45
N LEU N 58 -35.88 -0.42 34.41
CA LEU N 58 -35.94 0.33 33.16
C LEU N 58 -34.95 1.49 33.21
N ALA N 59 -34.11 1.50 34.24
CA ALA N 59 -33.11 2.54 34.42
C ALA N 59 -32.00 2.42 33.38
N ASP N 60 -31.30 3.52 33.14
CA ASP N 60 -30.20 3.55 32.19
C ASP N 60 -30.66 3.13 30.78
N ASN N 61 -31.85 3.57 30.39
CA ASN N 61 -32.42 3.27 29.09
C ASN N 61 -32.53 1.78 28.79
N THR N 62 -32.60 0.94 29.83
CA THR N 62 -32.68 -0.49 29.64
C THR N 62 -34.04 -0.98 29.13
N LEU N 63 -34.01 -1.89 28.17
CA LEU N 63 -35.22 -2.47 27.60
C LEU N 63 -35.18 -3.98 27.80
N PRO N 64 -36.09 -4.51 28.63
CA PRO N 64 -36.13 -5.96 28.90
C PRO N 64 -36.64 -6.79 27.73
N LEU N 65 -35.86 -6.82 26.64
CA LEU N 65 -36.20 -7.60 25.46
C LEU N 65 -35.45 -8.92 25.60
N LEU N 66 -36.18 -10.00 25.84
CA LEU N 66 -35.57 -11.32 26.02
C LEU N 66 -34.48 -11.65 25.01
N THR N 67 -33.40 -12.25 25.51
CA THR N 67 -32.26 -12.61 24.68
C THR N 67 -32.07 -14.10 24.47
N THR N 68 -32.76 -14.94 25.23
CA THR N 68 -32.61 -16.39 25.06
C THR N 68 -33.27 -16.91 23.80
N LYS N 69 -33.83 -15.98 23.02
CA LYS N 69 -34.46 -16.30 21.74
C LYS N 69 -34.66 -14.97 21.03
N ARG N 70 -34.67 -15.00 19.70
CA ARG N 70 -34.87 -13.77 18.94
C ARG N 70 -36.33 -13.36 19.02
N VAL N 71 -36.58 -12.17 19.55
CA VAL N 71 -37.94 -11.65 19.67
C VAL N 71 -38.22 -10.65 18.54
N PHE N 72 -39.39 -10.80 17.91
CA PHE N 72 -39.79 -9.93 16.81
C PHE N 72 -40.05 -8.53 17.34
N LEU N 73 -38.96 -7.78 17.57
CA LEU N 73 -39.04 -6.41 18.09
C LEU N 73 -39.98 -5.51 17.30
N ARG N 74 -39.79 -5.45 15.98
CA ARG N 74 -40.63 -4.60 15.15
C ARG N 74 -42.10 -4.92 15.35
N GLY N 75 -42.40 -6.20 15.55
CA GLY N 75 -43.78 -6.61 15.77
C GLY N 75 -44.32 -6.06 17.07
N VAL N 76 -43.48 -6.03 18.10
CA VAL N 76 -43.89 -5.51 19.40
C VAL N 76 -44.18 -4.03 19.29
N ILE N 77 -43.26 -3.29 18.67
CA ILE N 77 -43.42 -1.85 18.48
C ILE N 77 -44.66 -1.54 17.65
N ALA N 78 -44.82 -2.23 16.54
CA ALA N 78 -45.97 -2.00 15.66
C ALA N 78 -47.29 -2.20 16.41
N GLU N 79 -47.39 -3.30 17.15
CA GLU N 79 -48.61 -3.58 17.90
C GLU N 79 -48.88 -2.49 18.93
N LEU N 80 -47.83 -2.04 19.61
CA LEU N 80 -47.96 -1.01 20.63
C LEU N 80 -48.47 0.32 20.06
N LEU N 81 -47.85 0.79 18.98
CA LEU N 81 -48.28 2.04 18.35
C LEU N 81 -49.69 1.89 17.83
N TRP N 82 -50.05 0.65 17.53
CA TRP N 82 -51.38 0.30 17.04
C TRP N 82 -52.36 0.47 18.19
N PHE N 83 -51.99 0.00 19.38
CA PHE N 83 -52.84 0.13 20.56
C PHE N 83 -53.08 1.62 20.82
N VAL N 84 -51.97 2.35 20.93
CA VAL N 84 -52.00 3.78 21.18
C VAL N 84 -52.93 4.54 20.23
N SER N 85 -52.88 4.19 18.95
CA SER N 85 -53.72 4.85 17.95
C SER N 85 -55.20 4.58 18.18
N GLY N 86 -55.52 3.58 18.99
CA GLY N 86 -56.90 3.23 19.25
C GLY N 86 -57.51 2.38 18.15
N CYS N 87 -56.68 2.01 17.18
CA CYS N 87 -57.12 1.20 16.04
C CYS N 87 -57.37 -0.25 16.44
N THR N 88 -58.38 -0.87 15.84
CA THR N 88 -58.73 -2.26 16.14
C THR N 88 -58.76 -3.12 14.88
N ASP N 89 -58.19 -2.60 13.80
CA ASP N 89 -58.16 -3.32 12.53
C ASP N 89 -56.80 -4.02 12.38
N ALA N 90 -56.80 -5.34 12.44
CA ALA N 90 -55.57 -6.13 12.33
C ALA N 90 -54.86 -5.95 10.99
N LYS N 91 -55.60 -5.52 9.98
CA LYS N 91 -55.01 -5.32 8.66
C LYS N 91 -53.95 -4.22 8.71
N MET N 92 -54.06 -3.35 9.71
CA MET N 92 -53.09 -2.27 9.86
C MET N 92 -51.75 -2.83 10.31
N LEU N 93 -51.77 -4.04 10.85
CA LEU N 93 -50.55 -4.70 11.30
C LEU N 93 -50.01 -5.60 10.20
N SER N 94 -50.89 -6.40 9.59
CA SER N 94 -50.48 -7.31 8.52
C SER N 94 -49.99 -6.55 7.29
N SER N 95 -50.51 -5.35 7.08
CA SER N 95 -50.10 -4.55 5.92
C SER N 95 -48.65 -4.10 6.09
N GLN N 96 -48.17 -4.05 7.34
CA GLN N 96 -46.80 -3.65 7.58
C GLN N 96 -45.92 -4.83 7.97
N GLY N 97 -46.35 -6.03 7.58
CA GLY N 97 -45.58 -7.23 7.86
C GLY N 97 -45.67 -7.84 9.25
N VAL N 98 -46.73 -7.51 9.99
CA VAL N 98 -46.91 -8.05 11.34
C VAL N 98 -48.23 -8.81 11.38
N GLY N 99 -48.14 -10.14 11.50
CA GLY N 99 -49.36 -10.94 11.51
C GLY N 99 -49.72 -11.62 12.81
N ILE N 100 -49.27 -11.06 13.93
CA ILE N 100 -49.55 -11.65 15.23
C ILE N 100 -51.04 -11.73 15.54
N TRP N 101 -51.85 -10.86 14.92
CA TRP N 101 -53.29 -10.87 15.15
C TRP N 101 -54.08 -11.44 13.98
N ASP N 102 -53.39 -12.02 13.00
CA ASP N 102 -54.07 -12.60 11.84
C ASP N 102 -54.89 -13.82 12.26
N GLY N 103 -54.39 -14.56 13.24
CA GLY N 103 -55.09 -15.74 13.71
C GLY N 103 -56.46 -15.49 14.29
N ASN N 104 -56.58 -14.51 15.18
CA ASN N 104 -57.87 -14.21 15.80
C ASN N 104 -58.68 -13.21 14.99
N GLY N 105 -58.09 -12.70 13.91
CA GLY N 105 -58.79 -11.75 13.07
C GLY N 105 -59.26 -12.38 11.78
N SER N 106 -58.91 -13.64 11.57
CA SER N 106 -59.30 -14.35 10.36
C SER N 106 -60.81 -14.48 10.26
N LYS N 107 -61.29 -14.51 9.02
CA LYS N 107 -62.71 -14.61 8.73
C LYS N 107 -63.26 -15.92 9.29
N GLU N 108 -62.38 -16.90 9.48
CA GLU N 108 -62.76 -18.19 10.01
C GLU N 108 -62.97 -18.16 11.52
N PHE N 109 -62.06 -17.51 12.24
CA PHE N 109 -62.16 -17.41 13.69
C PHE N 109 -63.32 -16.52 14.10
N LEU N 110 -63.45 -15.37 13.44
CA LEU N 110 -64.54 -14.44 13.75
C LEU N 110 -65.89 -15.14 13.66
N GLU N 111 -66.14 -15.84 12.56
CA GLU N 111 -67.40 -16.54 12.38
C GLU N 111 -67.53 -17.63 13.43
N LYS N 112 -66.39 -18.17 13.85
CA LYS N 112 -66.33 -19.22 14.86
C LYS N 112 -66.83 -18.74 16.20
N VAL N 113 -66.53 -17.48 16.55
CA VAL N 113 -66.97 -16.92 17.81
C VAL N 113 -68.23 -16.08 17.72
N GLY N 114 -69.00 -16.29 16.65
CA GLY N 114 -70.24 -15.55 16.48
C GLY N 114 -70.12 -14.12 15.98
N LEU N 115 -69.02 -13.80 15.32
CA LEU N 115 -68.82 -12.45 14.80
C LEU N 115 -68.66 -12.49 13.28
N GLY N 116 -69.49 -13.29 12.62
CA GLY N 116 -69.42 -13.42 11.18
C GLY N 116 -69.83 -12.20 10.38
N HIS N 117 -70.53 -11.27 11.03
CA HIS N 117 -70.98 -10.05 10.38
C HIS N 117 -69.87 -9.03 10.21
N ARG N 118 -68.68 -9.37 10.71
CA ARG N 118 -67.55 -8.45 10.62
C ARG N 118 -66.59 -8.83 9.51
N ARG N 119 -65.97 -7.84 8.90
CA ARG N 119 -65.02 -8.12 7.83
C ARG N 119 -63.75 -8.64 8.49
N GLU N 120 -62.97 -9.43 7.75
CA GLU N 120 -61.74 -10.00 8.28
C GLU N 120 -60.84 -8.90 8.84
N GLY N 121 -60.29 -9.13 10.02
CA GLY N 121 -59.40 -8.15 10.63
C GLY N 121 -60.05 -7.24 11.66
N ASP N 122 -61.38 -7.14 11.61
CA ASP N 122 -62.11 -6.30 12.55
C ASP N 122 -62.28 -7.05 13.86
N LEU N 123 -61.32 -6.86 14.76
CA LEU N 123 -61.31 -7.53 16.06
C LEU N 123 -62.38 -7.06 17.05
N GLY N 124 -62.93 -5.87 16.81
CA GLY N 124 -63.94 -5.35 17.72
C GLY N 124 -63.33 -4.31 18.65
N PRO N 125 -64.03 -3.93 19.72
CA PRO N 125 -63.54 -2.93 20.68
C PRO N 125 -62.47 -3.46 21.64
N VAL N 126 -61.34 -3.89 21.08
CA VAL N 126 -60.26 -4.43 21.90
C VAL N 126 -59.30 -3.34 22.41
N TYR N 127 -58.23 -3.78 23.05
CA TYR N 127 -57.21 -2.91 23.63
C TYR N 127 -57.26 -1.42 23.27
N GLY N 128 -56.70 -1.08 22.11
CA GLY N 128 -56.66 0.30 21.65
C GLY N 128 -57.94 1.10 21.80
N PHE N 129 -59.08 0.50 21.46
CA PHE N 129 -60.36 1.18 21.54
C PHE N 129 -60.72 1.52 22.99
N GLN N 130 -60.54 0.57 23.88
CA GLN N 130 -60.85 0.79 25.29
C GLN N 130 -59.91 1.85 25.88
N TRP N 131 -58.64 1.77 25.51
CA TRP N 131 -57.62 2.71 25.98
C TRP N 131 -57.92 4.17 25.67
N ARG N 132 -58.41 4.43 24.46
CA ARG N 132 -58.70 5.81 24.03
C ARG N 132 -60.17 6.19 23.94
N HIS N 133 -61.08 5.21 23.95
CA HIS N 133 -62.51 5.50 23.83
C HIS N 133 -63.40 4.65 24.74
N PHE N 134 -62.92 4.32 25.93
CA PHE N 134 -63.71 3.49 26.84
C PHE N 134 -65.12 4.03 27.03
N GLY N 135 -66.11 3.16 26.87
CA GLY N 135 -67.50 3.57 27.05
C GLY N 135 -68.22 3.93 25.77
N ALA N 136 -67.47 4.30 24.73
CA ALA N 136 -68.07 4.67 23.46
C ALA N 136 -68.76 3.48 22.81
N GLU N 137 -69.74 3.78 21.95
CA GLU N 137 -70.48 2.75 21.24
C GLU N 137 -69.65 2.28 20.04
N TYR N 138 -69.45 0.97 19.94
CA TYR N 138 -68.67 0.42 18.84
C TYR N 138 -69.55 -0.06 17.70
N THR N 139 -69.22 0.35 16.48
CA THR N 139 -69.98 -0.07 15.31
C THR N 139 -69.07 -1.07 14.57
N ASP N 140 -68.02 -0.55 13.94
CA ASP N 140 -67.04 -1.40 13.24
C ASP N 140 -65.67 -0.73 13.39
N ALA N 141 -64.62 -1.25 12.72
CA ALA N 141 -63.31 -0.63 12.87
C ALA N 141 -63.15 0.71 12.14
N ASP N 142 -64.08 1.01 11.24
CA ASP N 142 -64.02 2.25 10.47
C ASP N 142 -64.81 3.38 11.13
N GLY N 143 -65.49 3.05 12.22
CA GLY N 143 -66.29 4.05 12.92
C GLY N 143 -65.50 5.26 13.36
N ASP N 144 -66.20 6.39 13.48
CA ASP N 144 -65.57 7.64 13.90
C ASP N 144 -65.74 7.77 15.42
N TYR N 145 -64.65 7.55 16.15
CA TYR N 145 -64.68 7.61 17.60
C TYR N 145 -63.94 8.79 18.19
N LYS N 146 -63.39 9.64 17.33
CA LYS N 146 -62.66 10.81 17.79
C LYS N 146 -63.49 11.63 18.77
N GLY N 147 -62.94 11.88 19.96
CA GLY N 147 -63.63 12.67 20.96
C GLY N 147 -64.74 11.91 21.68
N LYS N 148 -64.87 10.62 21.42
CA LYS N 148 -65.90 9.82 22.06
C LYS N 148 -65.31 8.84 23.08
N GLY N 149 -66.02 8.64 24.18
CA GLY N 149 -65.56 7.74 25.22
C GLY N 149 -64.48 8.38 26.07
N VAL N 150 -63.95 7.62 27.03
CA VAL N 150 -62.92 8.14 27.92
C VAL N 150 -61.52 7.83 27.40
N ASP N 151 -60.71 8.88 27.24
CA ASP N 151 -59.35 8.70 26.77
C ASP N 151 -58.45 8.50 27.98
N GLN N 152 -58.36 7.24 28.43
CA GLN N 152 -57.56 6.89 29.58
C GLN N 152 -56.08 7.22 29.44
N LEU N 153 -55.54 6.94 28.26
CA LEU N 153 -54.12 7.20 28.00
C LEU N 153 -53.72 8.66 28.19
N GLN N 154 -54.46 9.57 27.56
CA GLN N 154 -54.12 10.97 27.70
C GLN N 154 -54.31 11.45 29.14
N ARG N 155 -55.32 10.90 29.81
CA ARG N 155 -55.56 11.28 31.20
C ARG N 155 -54.36 10.85 32.05
N VAL N 156 -53.80 9.69 31.74
CA VAL N 156 -52.63 9.19 32.46
C VAL N 156 -51.48 10.18 32.28
N ILE N 157 -51.29 10.63 31.04
CA ILE N 157 -50.24 11.59 30.72
C ILE N 157 -50.43 12.88 31.51
N ASP N 158 -51.62 13.44 31.42
CA ASP N 158 -51.96 14.69 32.10
C ASP N 158 -51.78 14.58 33.62
N THR N 159 -52.17 13.44 34.18
CA THR N 159 -52.07 13.23 35.62
C THR N 159 -50.62 13.11 36.10
N ILE N 160 -49.80 12.41 35.34
CA ILE N 160 -48.40 12.24 35.70
C ILE N 160 -47.69 13.59 35.72
N LYS N 161 -48.08 14.47 34.80
CA LYS N 161 -47.48 15.79 34.69
C LYS N 161 -47.99 16.82 35.69
N ASN N 162 -49.29 16.80 35.97
CA ASN N 162 -49.87 17.79 36.88
C ASN N 162 -50.27 17.33 38.28
N ASN N 163 -50.36 16.03 38.50
CA ASN N 163 -50.72 15.51 39.81
C ASN N 163 -50.17 14.09 39.95
N PRO N 164 -48.84 13.94 39.91
CA PRO N 164 -48.10 12.68 40.02
C PRO N 164 -48.42 11.78 41.21
N THR N 165 -48.76 12.37 42.35
CA THR N 165 -49.07 11.57 43.52
C THR N 165 -50.48 10.99 43.50
N ASP N 166 -51.22 11.27 42.43
CA ASP N 166 -52.57 10.75 42.29
C ASP N 166 -52.46 9.23 42.37
N ARG N 167 -53.46 8.57 42.93
CA ARG N 167 -53.43 7.12 43.07
C ARG N 167 -54.40 6.38 42.16
N ARG N 168 -54.85 7.06 41.10
CA ARG N 168 -55.78 6.48 40.14
C ARG N 168 -55.24 6.49 38.72
N ILE N 169 -53.91 6.51 38.58
CA ILE N 169 -53.28 6.54 37.26
C ILE N 169 -53.38 5.15 36.64
N ILE N 170 -54.57 4.83 36.15
CA ILE N 170 -54.86 3.52 35.58
C ILE N 170 -55.17 3.52 34.08
N LEU N 171 -54.70 2.49 33.40
CA LEU N 171 -54.95 2.31 31.97
C LEU N 171 -55.51 0.90 31.87
N SER N 172 -56.81 0.78 31.54
CA SER N 172 -57.44 -0.53 31.46
C SER N 172 -58.22 -0.78 30.18
N ALA N 173 -58.18 -2.02 29.71
CA ALA N 173 -58.88 -2.42 28.50
C ALA N 173 -60.03 -3.37 28.83
N TRP N 174 -60.14 -3.74 30.10
CA TRP N 174 -61.20 -4.65 30.53
C TRP N 174 -62.55 -3.95 30.54
N ASN N 175 -63.49 -4.48 29.76
CA ASN N 175 -64.83 -3.90 29.68
C ASN N 175 -65.84 -5.05 29.59
N PRO N 176 -66.42 -5.45 30.74
CA PRO N 176 -67.40 -6.54 30.80
C PRO N 176 -68.54 -6.41 29.79
N LYS N 177 -68.94 -5.19 29.49
CA LYS N 177 -70.04 -4.97 28.54
C LYS N 177 -69.63 -5.24 27.10
N ASP N 178 -68.41 -4.84 26.72
CA ASP N 178 -67.93 -5.03 25.36
C ASP N 178 -67.29 -6.38 25.05
N LEU N 179 -66.99 -7.17 26.09
CA LEU N 179 -66.34 -8.46 25.90
C LEU N 179 -66.88 -9.31 24.74
N PRO N 180 -68.20 -9.57 24.71
CA PRO N 180 -68.76 -10.37 23.63
C PRO N 180 -68.53 -9.83 22.21
N LEU N 181 -68.19 -8.55 22.10
CA LEU N 181 -67.94 -7.94 20.80
C LEU N 181 -66.47 -8.09 20.42
N MET N 182 -65.67 -8.58 21.36
CA MET N 182 -64.24 -8.76 21.14
C MET N 182 -63.90 -10.15 20.61
N ALA N 183 -63.01 -10.20 19.61
CA ALA N 183 -62.59 -11.46 19.05
C ALA N 183 -61.90 -12.26 20.15
N LEU N 184 -61.28 -11.53 21.07
CA LEU N 184 -60.58 -12.15 22.18
C LEU N 184 -60.54 -11.16 23.34
N PRO N 185 -60.85 -11.61 24.57
CA PRO N 185 -60.83 -10.71 25.73
C PRO N 185 -59.39 -10.28 26.04
N PRO N 186 -59.22 -9.07 26.57
CA PRO N 186 -57.88 -8.56 26.90
C PRO N 186 -57.10 -9.48 27.83
N CYS N 187 -55.84 -9.76 27.48
CA CYS N 187 -54.99 -10.59 28.31
C CYS N 187 -54.35 -9.65 29.33
N HIS N 188 -53.69 -8.61 28.84
CA HIS N 188 -53.12 -7.61 29.74
C HIS N 188 -54.29 -6.65 29.92
N MET N 189 -55.10 -6.92 30.93
CA MET N 189 -56.30 -6.14 31.20
C MET N 189 -56.14 -4.74 31.78
N PHE N 190 -54.98 -4.43 32.33
CA PHE N 190 -54.77 -3.10 32.88
C PHE N 190 -53.39 -2.94 33.49
N CYS N 191 -53.02 -1.69 33.73
CA CYS N 191 -51.74 -1.37 34.35
C CYS N 191 -51.89 -0.10 35.16
N GLN N 192 -51.01 0.07 36.14
CA GLN N 192 -51.03 1.26 36.98
C GLN N 192 -49.66 1.90 36.99
N PHE N 193 -49.63 3.22 36.86
CA PHE N 193 -48.37 3.94 36.86
C PHE N 193 -48.16 4.63 38.20
N PHE N 194 -46.90 4.75 38.60
CA PHE N 194 -46.54 5.38 39.86
C PHE N 194 -45.38 6.32 39.61
N VAL N 195 -45.44 7.49 40.23
CA VAL N 195 -44.39 8.49 40.08
C VAL N 195 -43.73 8.83 41.40
N SER N 196 -42.42 8.61 41.47
CA SER N 196 -41.67 8.93 42.69
C SER N 196 -41.17 10.35 42.54
N LEU N 197 -41.44 11.17 43.56
CA LEU N 197 -41.02 12.57 43.52
C LEU N 197 -39.51 12.67 43.70
N PRO N 198 -38.91 13.75 43.19
CA PRO N 198 -37.46 13.97 43.30
C PRO N 198 -37.03 14.02 44.76
N PRO N 199 -35.95 13.29 45.10
CA PRO N 199 -35.45 13.28 46.49
C PRO N 199 -35.09 14.68 46.98
N PRO N 203 -33.70 18.18 44.05
CA PRO N 203 -35.04 18.44 43.54
C PRO N 203 -35.06 18.73 42.03
N GLY N 204 -33.87 18.74 41.43
CA GLY N 204 -33.78 19.01 40.01
C GLY N 204 -33.92 17.76 39.16
N SER N 205 -33.73 16.60 39.79
CA SER N 205 -33.84 15.33 39.09
C SER N 205 -35.24 15.08 38.56
N LYS N 206 -35.36 14.19 37.58
CA LYS N 206 -36.64 13.87 37.00
C LYS N 206 -37.37 12.85 37.85
N PRO N 207 -38.70 12.98 37.99
CA PRO N 207 -39.45 12.03 38.80
C PRO N 207 -39.29 10.65 38.17
N LYS N 208 -39.35 9.59 38.97
CA LYS N 208 -39.22 8.24 38.42
C LYS N 208 -40.58 7.61 38.13
N LEU N 209 -40.71 7.03 36.94
CA LEU N 209 -41.96 6.39 36.53
C LEU N 209 -41.90 4.87 36.55
N SER N 210 -42.88 4.26 37.20
CA SER N 210 -42.97 2.81 37.28
C SER N 210 -44.31 2.35 36.74
N CYS N 211 -44.37 1.08 36.35
CA CYS N 211 -45.60 0.53 35.79
C CYS N 211 -45.84 -0.91 36.24
N LEU N 212 -47.05 -1.18 36.69
CA LEU N 212 -47.42 -2.53 37.11
C LEU N 212 -48.56 -2.95 36.19
N MET N 213 -48.40 -4.09 35.54
CA MET N 213 -49.43 -4.59 34.64
C MET N 213 -49.90 -5.96 35.10
N TYR N 214 -51.21 -6.19 35.01
CA TYR N 214 -51.78 -7.46 35.41
C TYR N 214 -52.29 -8.19 34.19
N GLN N 215 -51.83 -9.43 34.00
CA GLN N 215 -52.24 -10.25 32.87
C GLN N 215 -53.02 -11.46 33.38
N ARG N 216 -54.30 -11.54 33.01
CA ARG N 216 -55.17 -12.63 33.45
C ARG N 216 -54.80 -14.00 32.90
N SER N 217 -54.31 -14.02 31.66
CA SER N 217 -53.94 -15.27 30.99
C SER N 217 -52.58 -15.03 30.32
N CYS N 218 -51.62 -15.89 30.61
CA CYS N 218 -50.29 -15.72 30.07
C CYS N 218 -49.68 -16.90 29.33
N ASP N 219 -49.50 -16.74 28.03
CA ASP N 219 -48.88 -17.76 27.20
C ASP N 219 -47.39 -17.45 27.31
N LEU N 220 -46.71 -18.10 28.24
CA LEU N 220 -45.30 -17.84 28.45
C LEU N 220 -44.39 -18.02 27.24
N GLY N 221 -44.68 -19.02 26.42
CA GLY N 221 -43.88 -19.25 25.23
C GLY N 221 -43.94 -18.12 24.22
N LEU N 222 -45.14 -17.75 23.79
CA LEU N 222 -45.31 -16.72 22.78
C LEU N 222 -45.75 -15.34 23.26
N GLY N 223 -46.73 -15.29 24.16
CA GLY N 223 -47.23 -14.01 24.63
C GLY N 223 -46.36 -13.18 25.56
N VAL N 224 -46.00 -13.74 26.71
CA VAL N 224 -45.20 -13.03 27.70
C VAL N 224 -43.99 -12.27 27.16
N PRO N 225 -43.24 -12.87 26.21
CA PRO N 225 -42.09 -12.13 25.69
C PRO N 225 -42.52 -10.79 25.09
N PHE N 226 -43.66 -10.79 24.40
CA PHE N 226 -44.19 -9.58 23.79
C PHE N 226 -44.73 -8.62 24.85
N ASN N 227 -45.52 -9.16 25.77
CA ASN N 227 -46.11 -8.34 26.84
C ASN N 227 -45.06 -7.59 27.64
N ILE N 228 -43.99 -8.27 28.01
CA ILE N 228 -42.93 -7.64 28.79
C ILE N 228 -42.29 -6.47 28.05
N ALA N 229 -41.90 -6.70 26.80
CA ALA N 229 -41.27 -5.65 26.01
C ALA N 229 -42.27 -4.53 25.68
N SER N 230 -43.51 -4.90 25.40
CA SER N 230 -44.55 -3.93 25.07
C SER N 230 -44.77 -2.89 26.17
N TYR N 231 -45.08 -3.36 27.38
CA TYR N 231 -45.31 -2.43 28.48
C TYR N 231 -44.05 -1.69 28.91
N ALA N 232 -42.89 -2.31 28.69
CA ALA N 232 -41.64 -1.65 29.03
C ALA N 232 -41.50 -0.48 28.07
N LEU N 233 -41.82 -0.71 26.81
CA LEU N 233 -41.75 0.32 25.79
C LEU N 233 -42.78 1.42 26.03
N LEU N 234 -43.98 1.03 26.43
CA LEU N 234 -45.03 2.00 26.71
C LEU N 234 -44.57 2.96 27.81
N THR N 235 -43.93 2.40 28.84
CA THR N 235 -43.44 3.20 29.96
C THR N 235 -42.36 4.17 29.49
N HIS N 236 -41.49 3.71 28.59
CA HIS N 236 -40.44 4.56 28.06
C HIS N 236 -41.08 5.70 27.27
N MET N 237 -42.09 5.36 26.48
CA MET N 237 -42.80 6.36 25.67
C MET N 237 -43.43 7.43 26.55
N ILE N 238 -44.20 6.99 27.54
CA ILE N 238 -44.87 7.89 28.46
C ILE N 238 -43.86 8.75 29.22
N ALA N 239 -42.73 8.14 29.58
CA ALA N 239 -41.69 8.85 30.32
C ALA N 239 -41.17 10.04 29.51
N LEU N 240 -40.99 9.84 28.20
CA LEU N 240 -40.49 10.88 27.33
C LEU N 240 -41.46 12.06 27.23
N ILE N 241 -42.75 11.74 27.09
CA ILE N 241 -43.77 12.77 26.97
C ILE N 241 -44.06 13.52 28.28
N THR N 242 -43.84 12.85 29.40
CA THR N 242 -44.10 13.46 30.70
C THR N 242 -42.87 13.98 31.42
N ASP N 243 -41.72 13.94 30.76
CA ASP N 243 -40.48 14.42 31.37
C ASP N 243 -40.13 13.65 32.64
N THR N 244 -40.38 12.34 32.63
CA THR N 244 -40.06 11.50 33.78
C THR N 244 -39.03 10.48 33.36
N GLU N 245 -38.42 9.82 34.34
CA GLU N 245 -37.39 8.82 34.08
C GLU N 245 -37.93 7.42 34.33
N PRO N 246 -37.92 6.55 33.30
CA PRO N 246 -38.41 5.18 33.50
C PRO N 246 -37.64 4.51 34.61
N HIS N 247 -38.34 3.84 35.52
CA HIS N 247 -37.70 3.20 36.64
C HIS N 247 -37.87 1.68 36.73
N GLU N 248 -39.11 1.24 36.89
CA GLU N 248 -39.37 -0.19 37.03
C GLU N 248 -40.68 -0.65 36.40
N PHE N 249 -40.69 -1.89 35.92
CA PHE N 249 -41.87 -2.47 35.33
C PHE N 249 -42.16 -3.77 36.07
N ILE N 250 -43.38 -3.89 36.60
CA ILE N 250 -43.79 -5.08 37.33
C ILE N 250 -44.90 -5.78 36.56
N LEU N 251 -44.81 -7.10 36.49
CA LEU N 251 -45.80 -7.89 35.77
C LEU N 251 -46.38 -8.99 36.65
N GLN N 252 -47.66 -8.86 37.00
CA GLN N 252 -48.33 -9.86 37.82
C GLN N 252 -49.20 -10.72 36.91
N MET N 253 -49.05 -12.03 37.03
CA MET N 253 -49.80 -12.97 36.21
C MET N 253 -50.93 -13.68 36.95
N GLY N 254 -51.96 -14.03 36.20
CA GLY N 254 -53.08 -14.76 36.76
C GLY N 254 -52.85 -16.21 36.36
N ASP N 255 -53.47 -16.63 35.27
CA ASP N 255 -53.31 -17.99 34.78
C ASP N 255 -52.04 -18.05 33.93
N ALA N 256 -50.94 -18.47 34.55
CA ALA N 256 -49.65 -18.57 33.88
C ALA N 256 -49.51 -19.99 33.34
N HIS N 257 -49.45 -20.13 32.02
CA HIS N 257 -49.37 -21.44 31.41
C HIS N 257 -48.39 -21.62 30.26
N VAL N 258 -48.07 -22.88 29.99
CA VAL N 258 -47.18 -23.26 28.91
C VAL N 258 -47.96 -24.27 28.07
N TYR N 259 -48.23 -23.94 26.81
CA TYR N 259 -48.98 -24.86 25.95
C TYR N 259 -48.22 -26.17 25.76
N ARG N 260 -48.97 -27.26 25.65
CA ARG N 260 -48.42 -28.59 25.48
C ARG N 260 -47.38 -28.66 24.35
N ASP N 261 -47.68 -28.02 23.22
CA ASP N 261 -46.78 -28.05 22.09
C ASP N 261 -45.63 -27.05 22.18
N HIS N 262 -45.46 -26.43 23.35
CA HIS N 262 -44.38 -25.47 23.56
C HIS N 262 -43.33 -26.02 24.51
N VAL N 263 -43.68 -27.08 25.24
CA VAL N 263 -42.78 -27.70 26.21
C VAL N 263 -41.39 -28.04 25.65
N GLU N 264 -41.35 -28.83 24.59
CA GLU N 264 -40.07 -29.21 24.00
C GLU N 264 -39.29 -28.02 23.45
N PRO N 265 -39.96 -27.14 22.68
CA PRO N 265 -39.24 -25.98 22.17
C PRO N 265 -38.62 -25.11 23.27
N LEU N 266 -39.36 -24.96 24.37
CA LEU N 266 -38.89 -24.16 25.49
C LEU N 266 -37.71 -24.80 26.22
N LYS N 267 -37.68 -26.13 26.25
CA LYS N 267 -36.58 -26.83 26.92
C LYS N 267 -35.25 -26.45 26.27
N THR N 268 -35.30 -26.21 24.96
CA THR N 268 -34.10 -25.81 24.23
C THR N 268 -33.69 -24.41 24.68
N GLN N 269 -34.66 -23.55 24.88
CA GLN N 269 -34.39 -22.18 25.31
C GLN N 269 -33.85 -22.13 26.74
N LEU N 270 -34.33 -23.03 27.59
CA LEU N 270 -33.91 -23.08 28.98
C LEU N 270 -32.41 -23.38 29.14
N GLU N 271 -31.81 -23.92 28.09
CA GLU N 271 -30.38 -24.26 28.12
C GLU N 271 -29.50 -23.07 27.84
N ARG N 272 -30.09 -21.99 27.34
CA ARG N 272 -29.34 -20.79 26.99
C ARG N 272 -29.14 -19.78 28.11
N GLU N 273 -27.96 -19.18 28.13
CA GLU N 273 -27.62 -18.16 29.12
C GLU N 273 -27.94 -16.79 28.53
N PRO N 274 -28.71 -15.98 29.27
CA PRO N 274 -29.09 -14.63 28.83
C PRO N 274 -27.92 -13.68 28.56
N ARG N 275 -28.12 -12.78 27.61
CA ARG N 275 -27.13 -11.77 27.28
C ARG N 275 -27.66 -10.50 27.92
N ASP N 276 -26.81 -9.52 28.19
CA ASP N 276 -27.28 -8.28 28.80
C ASP N 276 -28.38 -7.66 27.94
N PHE N 277 -29.42 -7.13 28.59
CA PHE N 277 -30.53 -6.51 27.85
C PHE N 277 -30.04 -5.32 27.03
N PRO N 278 -30.71 -5.05 25.92
CA PRO N 278 -30.35 -3.93 25.05
C PRO N 278 -30.83 -2.62 25.65
N LYS N 279 -30.48 -1.51 25.02
CA LYS N 279 -30.92 -0.20 25.50
C LYS N 279 -31.75 0.50 24.45
N LEU N 280 -32.67 1.35 24.91
CA LEU N 280 -33.55 2.09 24.01
C LEU N 280 -33.15 3.55 23.88
N LYS N 281 -33.12 4.04 22.65
CA LYS N 281 -32.78 5.42 22.36
C LYS N 281 -33.82 5.95 21.39
N TRP N 282 -34.05 7.26 21.42
CA TRP N 282 -35.03 7.87 20.52
C TRP N 282 -34.36 8.52 19.32
N ALA N 283 -34.91 8.29 18.13
CA ALA N 283 -34.35 8.85 16.90
C ALA N 283 -34.72 10.32 16.77
N ARG N 284 -35.68 10.76 17.56
CA ARG N 284 -36.12 12.15 17.54
C ARG N 284 -36.28 12.69 18.95
N SER N 285 -36.46 14.00 19.08
CA SER N 285 -36.61 14.63 20.38
C SER N 285 -38.08 14.66 20.84
N LYS N 286 -38.27 14.99 22.11
CA LYS N 286 -39.61 15.06 22.69
C LYS N 286 -40.46 16.06 21.89
N GLU N 287 -39.86 17.21 21.58
CA GLU N 287 -40.54 18.25 20.83
C GLU N 287 -40.97 17.77 19.44
N GLU N 288 -40.09 17.05 18.76
CA GLU N 288 -40.40 16.55 17.43
C GLU N 288 -41.53 15.53 17.47
N ILE N 289 -41.45 14.60 18.42
CA ILE N 289 -42.48 13.58 18.57
C ILE N 289 -43.79 14.25 19.00
N GLY N 290 -43.68 15.27 19.84
CA GLY N 290 -44.86 16.00 20.28
C GLY N 290 -45.63 15.39 21.43
N ASP N 291 -46.44 14.39 21.14
CA ASP N 291 -47.24 13.73 22.18
C ASP N 291 -47.24 12.21 21.99
N ILE N 292 -48.04 11.53 22.82
CA ILE N 292 -48.12 10.07 22.78
C ILE N 292 -48.58 9.53 21.42
N ASP N 293 -49.21 10.38 20.62
CA ASP N 293 -49.70 9.95 19.31
C ASP N 293 -48.72 10.27 18.19
N GLY N 294 -47.57 10.82 18.52
CA GLY N 294 -46.60 11.18 17.51
C GLY N 294 -45.45 10.22 17.28
N PHE N 295 -45.45 9.07 17.93
CA PHE N 295 -44.37 8.09 17.76
C PHE N 295 -44.47 7.31 16.46
N LYS N 296 -43.31 6.92 15.93
CA LYS N 296 -43.22 6.15 14.70
C LYS N 296 -42.27 4.98 14.96
N VAL N 297 -42.46 3.88 14.23
CA VAL N 297 -41.62 2.70 14.41
C VAL N 297 -40.13 3.05 14.38
N GLU N 298 -39.74 3.87 13.40
CA GLU N 298 -38.35 4.27 13.26
C GLU N 298 -37.80 5.13 14.39
N ASP N 299 -38.68 5.57 15.30
CA ASP N 299 -38.22 6.39 16.42
C ASP N 299 -37.53 5.52 17.47
N PHE N 300 -37.88 4.24 17.50
CA PHE N 300 -37.33 3.30 18.45
C PHE N 300 -35.97 2.73 18.03
N VAL N 301 -34.90 3.26 18.61
CA VAL N 301 -33.55 2.80 18.30
C VAL N 301 -33.04 1.88 19.39
N VAL N 302 -33.16 0.57 19.16
CA VAL N 302 -32.71 -0.42 20.13
C VAL N 302 -31.29 -0.85 19.79
N GLU N 303 -30.36 -0.58 20.70
CA GLU N 303 -28.96 -0.94 20.47
C GLU N 303 -28.44 -1.97 21.46
N GLY N 304 -27.54 -2.83 21.00
CA GLY N 304 -26.97 -3.84 21.86
C GLY N 304 -27.79 -5.10 22.00
N TYR N 305 -28.78 -5.30 21.13
CA TYR N 305 -29.60 -6.51 21.22
C TYR N 305 -28.82 -7.67 20.63
N LYS N 306 -28.49 -8.64 21.48
CA LYS N 306 -27.73 -9.82 21.05
C LYS N 306 -28.37 -11.11 21.53
N PRO N 307 -29.47 -11.51 20.87
CA PRO N 307 -30.19 -12.74 21.24
C PRO N 307 -29.65 -14.00 20.59
N TRP N 308 -30.10 -15.14 21.09
CA TRP N 308 -29.72 -16.42 20.54
C TRP N 308 -30.67 -16.65 19.36
N GLY N 309 -30.60 -17.83 18.76
CA GLY N 309 -31.46 -18.13 17.63
C GLY N 309 -32.95 -18.13 17.95
N LYS N 310 -33.76 -18.05 16.91
CA LYS N 310 -35.21 -18.05 17.06
C LYS N 310 -35.66 -19.44 17.46
N ILE N 311 -36.81 -19.52 18.13
CA ILE N 311 -37.38 -20.78 18.56
C ILE N 311 -38.81 -20.84 18.05
N ASP N 312 -39.08 -21.75 17.14
CA ASP N 312 -40.40 -21.88 16.56
C ASP N 312 -41.44 -22.45 17.52
N MET N 313 -42.56 -21.75 17.64
CA MET N 313 -43.65 -22.15 18.50
C MET N 313 -44.96 -21.77 17.84
N LYS N 314 -45.87 -22.74 17.70
CA LYS N 314 -47.16 -22.50 17.07
C LYS N 314 -48.13 -21.86 18.06
N MET N 315 -48.89 -20.88 17.57
CA MET N 315 -49.87 -20.21 18.41
C MET N 315 -51.21 -20.94 18.29
N SER N 316 -51.85 -21.16 19.43
CA SER N 316 -53.15 -21.84 19.44
C SER N 316 -54.25 -20.79 19.39
N ALA N 317 -55.01 -20.81 18.30
CA ALA N 317 -56.11 -19.87 18.09
C ALA N 317 -57.23 -20.06 19.10
N PRO O 16 -26.26 -66.36 142.85
CA PRO O 16 -26.31 -65.96 141.43
C PRO O 16 -25.38 -64.78 141.15
N ASP O 17 -24.87 -64.17 142.22
CA ASP O 17 -23.97 -63.04 142.10
C ASP O 17 -22.51 -63.48 141.99
N HIS O 18 -22.28 -64.79 141.98
CA HIS O 18 -20.91 -65.29 141.86
C HIS O 18 -20.30 -64.78 140.57
N GLU O 19 -19.18 -64.09 140.68
CA GLU O 19 -18.48 -63.52 139.53
C GLU O 19 -18.14 -64.51 138.42
N GLU O 20 -18.02 -65.78 138.74
CA GLU O 20 -17.68 -66.77 137.72
C GLU O 20 -18.78 -66.94 136.68
N TYR O 21 -20.01 -66.56 137.03
CA TYR O 21 -21.11 -66.68 136.10
C TYR O 21 -20.92 -65.76 134.88
N GLN O 22 -20.07 -64.75 135.04
CA GLN O 22 -19.78 -63.83 133.93
C GLN O 22 -19.13 -64.64 132.82
N TYR O 23 -18.18 -65.47 133.23
CA TYR O 23 -17.43 -66.33 132.31
C TYR O 23 -18.35 -67.40 131.71
N LEU O 24 -19.12 -68.07 132.55
CA LEU O 24 -20.01 -69.12 132.10
C LEU O 24 -21.10 -68.58 131.18
N ASP O 25 -21.69 -67.45 131.53
CA ASP O 25 -22.74 -66.84 130.73
C ASP O 25 -22.25 -66.41 129.35
N LEU O 26 -21.04 -65.86 129.29
CA LEU O 26 -20.50 -65.42 128.00
C LEU O 26 -20.31 -66.62 127.07
N ILE O 27 -19.77 -67.71 127.60
CA ILE O 27 -19.55 -68.91 126.80
C ILE O 27 -20.89 -69.41 126.26
N ARG O 28 -21.90 -69.44 127.13
CA ARG O 28 -23.23 -69.89 126.75
C ARG O 28 -23.76 -69.00 125.62
N ARG O 29 -23.55 -67.70 125.75
CA ARG O 29 -24.01 -66.74 124.75
C ARG O 29 -23.29 -66.93 123.42
N ILE O 30 -21.97 -67.09 123.47
CA ILE O 30 -21.17 -67.29 122.26
C ILE O 30 -21.62 -68.54 121.50
N ILE O 31 -21.85 -69.62 122.23
CA ILE O 31 -22.30 -70.86 121.62
C ILE O 31 -23.69 -70.68 121.00
N ASN O 32 -24.55 -69.96 121.70
CA ASN O 32 -25.92 -69.72 121.23
C ASN O 32 -26.07 -68.77 120.05
N VAL O 33 -25.57 -67.55 120.18
CA VAL O 33 -25.70 -66.56 119.12
C VAL O 33 -24.38 -66.13 118.46
N GLY O 34 -23.29 -66.80 118.82
CA GLY O 34 -22.01 -66.45 118.23
C GLY O 34 -21.98 -66.72 116.74
N GLU O 35 -21.05 -66.09 116.05
CA GLU O 35 -20.91 -66.25 114.60
C GLU O 35 -19.83 -67.29 114.26
N VAL O 36 -20.18 -68.26 113.44
CA VAL O 36 -19.23 -69.31 113.03
C VAL O 36 -18.23 -68.67 112.07
N ARG O 37 -16.95 -68.77 112.40
CA ARG O 37 -15.92 -68.16 111.57
C ARG O 37 -14.66 -69.00 111.37
N PRO O 38 -13.98 -68.80 110.24
CA PRO O 38 -12.74 -69.52 109.94
C PRO O 38 -11.68 -68.78 110.74
N ASP O 39 -10.50 -69.37 110.92
CA ASP O 39 -9.47 -68.69 111.68
C ASP O 39 -8.07 -69.16 111.28
N ARG O 40 -7.07 -68.49 111.84
CA ARG O 40 -5.68 -68.79 111.57
C ARG O 40 -5.30 -70.26 111.81
N THR O 41 -5.80 -70.83 112.90
CA THR O 41 -5.47 -72.22 113.26
C THR O 41 -6.08 -73.25 112.32
N GLY O 42 -7.23 -72.94 111.74
CA GLY O 42 -7.87 -73.86 110.84
C GLY O 42 -8.92 -74.75 111.48
N THR O 43 -9.09 -74.65 112.80
CA THR O 43 -10.08 -75.49 113.47
C THR O 43 -11.45 -74.79 113.46
N GLY O 44 -11.43 -73.47 113.32
CA GLY O 44 -12.68 -72.72 113.30
C GLY O 44 -13.17 -72.35 114.68
N THR O 45 -14.01 -71.32 114.76
CA THR O 45 -14.55 -70.88 116.05
C THR O 45 -15.93 -70.26 115.89
N VAL O 46 -16.51 -69.91 117.02
CA VAL O 46 -17.81 -69.24 117.08
C VAL O 46 -17.45 -68.03 117.93
N ALA O 47 -17.74 -66.82 117.43
CA ALA O 47 -17.35 -65.63 118.18
C ALA O 47 -18.29 -64.44 118.22
N LEU O 48 -17.98 -63.54 119.14
CA LEU O 48 -18.70 -62.29 119.35
C LEU O 48 -17.62 -61.22 119.56
N PHE O 49 -17.86 -60.01 119.06
CA PHE O 49 -16.88 -58.94 119.21
C PHE O 49 -17.26 -57.94 120.30
N ALA O 50 -16.26 -57.55 121.08
CA ALA O 50 -16.43 -56.57 122.16
C ALA O 50 -17.62 -56.78 123.09
N PRO O 51 -17.73 -57.97 123.72
CA PRO O 51 -18.85 -58.17 124.62
C PRO O 51 -18.60 -57.40 125.91
N PRO O 52 -19.62 -57.27 126.77
CA PRO O 52 -19.43 -56.55 128.02
C PRO O 52 -18.20 -57.07 128.76
N SER O 53 -17.44 -56.17 129.39
CA SER O 53 -16.24 -56.55 130.10
C SER O 53 -16.53 -57.31 131.40
N PHE O 54 -15.54 -58.05 131.88
CA PHE O 54 -15.67 -58.82 133.12
C PHE O 54 -15.09 -57.97 134.25
N ARG O 55 -15.68 -58.11 135.44
CA ARG O 55 -15.20 -57.37 136.60
C ARG O 55 -15.04 -58.36 137.75
N PHE O 56 -13.86 -58.37 138.36
CA PHE O 56 -13.59 -59.28 139.47
C PHE O 56 -13.03 -58.52 140.67
N SER O 57 -13.62 -58.76 141.83
CA SER O 57 -13.17 -58.11 143.05
C SER O 57 -11.90 -58.80 143.56
N LEU O 58 -10.90 -58.00 143.93
CA LEU O 58 -9.65 -58.54 144.44
C LEU O 58 -9.52 -58.21 145.92
N ALA O 59 -10.59 -57.70 146.51
CA ALA O 59 -10.61 -57.34 147.93
C ALA O 59 -10.58 -58.60 148.80
N ASP O 60 -10.16 -58.42 150.05
CA ASP O 60 -10.10 -59.53 151.00
C ASP O 60 -9.23 -60.68 150.48
N ASN O 61 -8.12 -60.33 149.83
CA ASN O 61 -7.18 -61.31 149.30
C ASN O 61 -7.80 -62.30 148.32
N THR O 62 -8.90 -61.93 147.69
CA THR O 62 -9.56 -62.83 146.76
C THR O 62 -8.82 -63.00 145.43
N LEU O 63 -8.77 -64.25 144.96
CA LEU O 63 -8.12 -64.58 143.70
C LEU O 63 -9.15 -65.25 142.79
N PRO O 64 -9.53 -64.57 141.69
CA PRO O 64 -10.52 -65.12 140.76
C PRO O 64 -10.00 -66.30 139.93
N LEU O 65 -9.74 -67.42 140.60
CA LEU O 65 -9.27 -68.63 139.95
C LEU O 65 -10.51 -69.49 139.73
N LEU O 66 -10.92 -69.64 138.47
CA LEU O 66 -12.11 -70.41 138.13
C LEU O 66 -12.22 -71.74 138.86
N THR O 67 -13.44 -72.05 139.31
CA THR O 67 -13.70 -73.28 140.05
C THR O 67 -14.53 -74.32 139.31
N THR O 68 -15.13 -73.94 138.19
CA THR O 68 -15.96 -74.88 137.43
C THR O 68 -15.11 -75.92 136.70
N LYS O 69 -13.79 -75.82 136.88
CA LYS O 69 -12.85 -76.76 136.28
C LYS O 69 -11.52 -76.54 136.99
N ARG O 70 -10.69 -77.58 137.05
CA ARG O 70 -9.40 -77.43 137.71
C ARG O 70 -8.46 -76.64 136.80
N VAL O 71 -7.98 -75.51 137.30
CA VAL O 71 -7.05 -74.68 136.54
C VAL O 71 -5.63 -74.92 137.00
N PHE O 72 -4.72 -75.07 136.04
CA PHE O 72 -3.31 -75.31 136.33
C PHE O 72 -2.68 -74.06 136.96
N LEU O 73 -2.96 -73.86 138.25
CA LEU O 73 -2.45 -72.70 138.99
C LEU O 73 -0.94 -72.50 138.86
N ARG O 74 -0.17 -73.54 139.13
CA ARG O 74 1.28 -73.45 139.05
C ARG O 74 1.73 -72.96 137.67
N GLY O 75 1.00 -73.37 136.64
CA GLY O 75 1.33 -72.96 135.30
C GLY O 75 1.10 -71.47 135.11
N VAL O 76 0.02 -70.96 135.70
CA VAL O 76 -0.29 -69.54 135.61
C VAL O 76 0.80 -68.73 136.29
N ILE O 77 1.16 -69.12 137.51
CA ILE O 77 2.20 -68.44 138.28
C ILE O 77 3.53 -68.47 137.56
N ALA O 78 3.92 -69.66 137.09
CA ALA O 78 5.19 -69.81 136.39
C ALA O 78 5.27 -68.89 135.19
N GLU O 79 4.22 -68.88 134.36
CA GLU O 79 4.20 -68.03 133.19
C GLU O 79 4.31 -66.56 133.56
N LEU O 80 3.62 -66.15 134.63
CA LEU O 80 3.64 -64.77 135.07
C LEU O 80 5.03 -64.32 135.52
N LEU O 81 5.68 -65.11 136.37
CA LEU O 81 7.01 -64.77 136.86
C LEU O 81 7.97 -64.78 135.67
N TRP O 82 7.62 -65.56 134.66
CA TRP O 82 8.41 -65.66 133.44
C TRP O 82 8.29 -64.34 132.69
N PHE O 83 7.07 -63.80 132.60
CA PHE O 83 6.83 -62.52 131.92
C PHE O 83 7.65 -61.44 132.63
N VAL O 84 7.46 -61.36 133.94
CA VAL O 84 8.15 -60.38 134.76
C VAL O 84 9.66 -60.39 134.57
N SER O 85 10.24 -61.58 134.47
CA SER O 85 11.68 -61.71 134.30
C SER O 85 12.14 -61.19 132.95
N GLY O 86 11.20 -60.98 132.03
CA GLY O 86 11.55 -60.48 130.71
C GLY O 86 12.07 -61.58 129.79
N CYS O 87 12.05 -62.82 130.30
CA CYS O 87 12.51 -63.97 129.53
C CYS O 87 11.54 -64.36 128.42
N THR O 88 12.08 -64.81 127.30
CA THR O 88 11.26 -65.21 126.16
C THR O 88 11.57 -66.65 125.70
N ASP O 89 12.27 -67.39 126.53
CA ASP O 89 12.63 -68.76 126.21
C ASP O 89 11.63 -69.71 126.87
N ALA O 90 10.82 -70.37 126.06
CA ALA O 90 9.80 -71.30 126.56
C ALA O 90 10.40 -72.48 127.32
N LYS O 91 11.67 -72.78 127.08
CA LYS O 91 12.32 -73.90 127.77
C LYS O 91 12.38 -73.63 129.27
N MET O 92 12.31 -72.35 129.65
CA MET O 92 12.34 -71.98 131.05
C MET O 92 11.04 -72.39 131.74
N LEU O 93 10.02 -72.62 130.94
CA LEU O 93 8.72 -73.05 131.46
C LEU O 93 8.60 -74.56 131.40
N SER O 94 9.00 -75.15 130.28
CA SER O 94 8.93 -76.61 130.13
C SER O 94 9.89 -77.32 131.07
N SER O 95 10.99 -76.66 131.40
CA SER O 95 11.98 -77.26 132.30
C SER O 95 11.40 -77.38 133.70
N GLN O 96 10.39 -76.58 134.02
CA GLN O 96 9.77 -76.64 135.33
C GLN O 96 8.39 -77.28 135.26
N GLY O 97 8.16 -78.07 134.22
CA GLY O 97 6.89 -78.77 134.06
C GLY O 97 5.70 -77.99 133.52
N VAL O 98 5.96 -76.88 132.85
CA VAL O 98 4.88 -76.07 132.28
C VAL O 98 5.07 -75.99 130.77
N GLY O 99 4.20 -76.65 130.02
CA GLY O 99 4.34 -76.67 128.58
C GLY O 99 3.31 -75.88 127.77
N ILE O 100 2.69 -74.88 128.39
CA ILE O 100 1.68 -74.09 127.70
C ILE O 100 2.20 -73.39 126.45
N TRP O 101 3.51 -73.12 126.41
CA TRP O 101 4.10 -72.46 125.26
C TRP O 101 4.92 -73.38 124.36
N ASP O 102 4.86 -74.69 124.62
CA ASP O 102 5.60 -75.67 123.81
C ASP O 102 5.04 -75.70 122.39
N GLY O 103 3.73 -75.54 122.27
CA GLY O 103 3.10 -75.57 120.97
C GLY O 103 3.58 -74.51 120.00
N ASN O 104 3.63 -73.26 120.43
CA ASN O 104 4.07 -72.18 119.56
C ASN O 104 5.58 -71.99 119.58
N GLY O 105 6.26 -72.74 120.44
CA GLY O 105 7.71 -72.62 120.52
C GLY O 105 8.41 -73.79 119.85
N SER O 106 7.62 -74.76 119.38
CA SER O 106 8.18 -75.95 118.73
C SER O 106 8.93 -75.56 117.46
N LYS O 107 9.96 -76.32 117.15
CA LYS O 107 10.79 -76.07 115.98
C LYS O 107 9.90 -76.06 114.73
N GLU O 108 8.88 -76.91 114.74
CA GLU O 108 7.96 -77.04 113.62
C GLU O 108 7.16 -75.76 113.39
N PHE O 109 6.57 -75.23 114.45
CA PHE O 109 5.77 -74.02 114.34
C PHE O 109 6.63 -72.81 113.94
N LEU O 110 7.77 -72.67 114.58
CA LEU O 110 8.68 -71.57 114.28
C LEU O 110 9.03 -71.54 112.79
N GLU O 111 9.45 -72.69 112.25
CA GLU O 111 9.80 -72.77 110.85
C GLU O 111 8.57 -72.49 110.00
N LYS O 112 7.41 -72.85 110.53
CA LYS O 112 6.13 -72.65 109.86
C LYS O 112 5.81 -71.17 109.67
N VAL O 113 6.18 -70.34 110.63
CA VAL O 113 5.92 -68.90 110.55
C VAL O 113 7.13 -68.09 110.08
N GLY O 114 8.08 -68.76 109.42
CA GLY O 114 9.25 -68.07 108.91
C GLY O 114 10.32 -67.73 109.93
N LEU O 115 10.37 -68.46 111.04
CA LEU O 115 11.36 -68.21 112.07
C LEU O 115 12.21 -69.47 112.29
N GLY O 116 12.60 -70.12 111.20
CA GLY O 116 13.39 -71.33 111.28
C GLY O 116 14.83 -71.15 111.75
N HIS O 117 15.30 -69.91 111.74
CA HIS O 117 16.67 -69.63 112.16
C HIS O 117 16.80 -69.61 113.68
N ARG O 118 15.68 -69.78 114.37
CA ARG O 118 15.69 -69.77 115.83
C ARG O 118 15.69 -71.15 116.43
N ARG O 119 16.32 -71.31 117.58
CA ARG O 119 16.34 -72.62 118.23
C ARG O 119 14.97 -72.82 118.85
N GLU O 120 14.58 -74.08 119.03
CA GLU O 120 13.29 -74.40 119.61
C GLU O 120 13.10 -73.72 120.96
N GLY O 121 11.94 -73.10 121.16
CA GLY O 121 11.67 -72.43 122.43
C GLY O 121 11.90 -70.93 122.40
N ASP O 122 12.65 -70.45 121.41
CA ASP O 122 12.92 -69.01 121.29
C ASP O 122 11.75 -68.35 120.59
N LEU O 123 10.79 -67.86 121.39
CA LEU O 123 9.59 -67.22 120.90
C LEU O 123 9.80 -65.84 120.28
N GLY O 124 10.92 -65.20 120.59
CA GLY O 124 11.17 -63.88 120.06
C GLY O 124 10.87 -62.81 121.09
N PRO O 125 10.78 -61.54 120.70
CA PRO O 125 10.51 -60.45 121.64
C PRO O 125 9.04 -60.36 122.06
N VAL O 126 8.56 -61.39 122.75
CA VAL O 126 7.17 -61.43 123.20
C VAL O 126 7.00 -60.79 124.59
N TYR O 127 5.78 -60.87 125.11
CA TYR O 127 5.39 -60.31 126.41
C TYR O 127 6.50 -59.77 127.30
N GLY O 128 7.15 -60.68 128.03
CA GLY O 128 8.21 -60.29 128.95
C GLY O 128 9.26 -59.32 128.42
N PHE O 129 9.71 -59.54 127.20
CA PHE O 129 10.71 -58.67 126.61
C PHE O 129 10.18 -57.25 126.41
N GLN O 130 8.96 -57.13 125.91
CA GLN O 130 8.36 -55.81 125.69
C GLN O 130 8.13 -55.11 127.03
N TRP O 131 7.67 -55.87 128.02
CA TRP O 131 7.40 -55.36 129.36
C TRP O 131 8.60 -54.71 130.03
N ARG O 132 9.77 -55.35 129.91
CA ARG O 132 10.97 -54.83 130.56
C ARG O 132 12.01 -54.20 129.64
N HIS O 133 11.89 -54.42 128.32
CA HIS O 133 12.87 -53.88 127.38
C HIS O 133 12.27 -53.32 126.09
N PHE O 134 11.08 -52.73 126.18
CA PHE O 134 10.43 -52.20 124.99
C PHE O 134 11.34 -51.28 124.19
N GLY O 135 11.45 -51.54 122.90
CA GLY O 135 12.28 -50.70 122.04
C GLY O 135 13.68 -51.24 121.80
N ALA O 136 14.16 -52.10 122.69
CA ALA O 136 15.49 -52.67 122.55
C ALA O 136 15.56 -53.58 121.33
N GLU O 137 16.78 -53.75 120.79
CA GLU O 137 17.01 -54.58 119.63
C GLU O 137 17.06 -56.05 120.07
N TYR O 138 16.27 -56.90 119.44
CA TYR O 138 16.24 -58.30 119.80
C TYR O 138 17.14 -59.14 118.90
N THR O 139 17.97 -59.98 119.51
CA THR O 139 18.85 -60.86 118.74
C THR O 139 18.27 -62.27 118.89
N ASP O 140 18.44 -62.84 120.09
CA ASP O 140 17.90 -64.17 120.39
C ASP O 140 17.50 -64.17 121.87
N ALA O 141 17.05 -65.33 122.42
CA ALA O 141 16.66 -65.34 123.83
C ALA O 141 17.80 -65.25 124.82
N ASP O 142 19.02 -65.44 124.33
CA ASP O 142 20.20 -65.40 125.20
C ASP O 142 20.84 -64.01 125.22
N GLY O 143 20.32 -63.11 124.41
CA GLY O 143 20.86 -61.77 124.35
C GLY O 143 20.89 -61.04 125.69
N ASP O 144 21.83 -60.11 125.82
CA ASP O 144 21.97 -59.33 127.04
C ASP O 144 21.17 -58.04 126.88
N TYR O 145 20.03 -57.97 127.54
CA TYR O 145 19.15 -56.80 127.44
C TYR O 145 19.09 -55.97 128.71
N LYS O 146 19.84 -56.37 129.73
CA LYS O 146 19.85 -55.64 130.99
C LYS O 146 20.15 -54.16 130.77
N GLY O 147 19.27 -53.31 131.27
CA GLY O 147 19.45 -51.88 131.13
C GLY O 147 19.13 -51.34 129.74
N LYS O 148 18.59 -52.19 128.87
CA LYS O 148 18.25 -51.77 127.52
C LYS O 148 16.75 -51.71 127.31
N GLY O 149 16.29 -50.71 126.55
CA GLY O 149 14.88 -50.56 126.29
C GLY O 149 14.16 -49.92 127.45
N VAL O 150 12.84 -49.76 127.33
CA VAL O 150 12.04 -49.16 128.39
C VAL O 150 11.48 -50.21 129.34
N ASP O 151 11.78 -50.06 130.63
CA ASP O 151 11.27 -50.99 131.63
C ASP O 151 9.93 -50.45 132.11
N GLN O 152 8.87 -50.80 131.39
CA GLN O 152 7.52 -50.35 131.71
C GLN O 152 7.06 -50.82 133.08
N LEU O 153 7.35 -52.08 133.42
CA LEU O 153 6.92 -52.63 134.70
C LEU O 153 7.45 -51.85 135.91
N GLN O 154 8.75 -51.59 135.95
CA GLN O 154 9.31 -50.85 137.08
C GLN O 154 8.77 -49.42 137.11
N ARG O 155 8.56 -48.84 135.93
CA ARG O 155 8.02 -47.48 135.87
C ARG O 155 6.62 -47.47 136.47
N VAL O 156 5.86 -48.53 136.22
CA VAL O 156 4.50 -48.65 136.78
C VAL O 156 4.60 -48.66 138.30
N ILE O 157 5.55 -49.43 138.83
CA ILE O 157 5.76 -49.53 140.27
C ILE O 157 6.11 -48.16 140.86
N ASP O 158 7.11 -47.52 140.28
CA ASP O 158 7.57 -46.22 140.73
C ASP O 158 6.46 -45.17 140.69
N THR O 159 5.66 -45.19 139.63
CA THR O 159 4.57 -44.23 139.47
C THR O 159 3.46 -44.42 140.50
N ILE O 160 3.11 -45.67 140.77
CA ILE O 160 2.06 -45.97 141.75
C ILE O 160 2.47 -45.47 143.13
N LYS O 161 3.75 -45.59 143.44
CA LYS O 161 4.28 -45.17 144.73
C LYS O 161 4.51 -43.67 144.88
N ASN O 162 4.99 -43.02 143.83
CA ASN O 162 5.30 -41.60 143.91
C ASN O 162 4.35 -40.62 143.22
N ASN O 163 3.51 -41.11 142.32
CA ASN O 163 2.55 -40.25 141.63
C ASN O 163 1.36 -41.08 141.17
N PRO O 164 0.61 -41.64 142.14
CA PRO O 164 -0.57 -42.49 141.92
C PRO O 164 -1.67 -41.92 141.04
N THR O 165 -1.87 -40.62 141.05
CA THR O 165 -2.92 -40.03 140.22
C THR O 165 -2.51 -39.87 138.76
N ASP O 166 -1.30 -40.32 138.44
CA ASP O 166 -0.82 -40.23 137.06
C ASP O 166 -1.82 -41.02 136.20
N ARG O 167 -2.03 -40.56 134.97
CA ARG O 167 -2.98 -41.23 134.09
C ARG O 167 -2.33 -42.01 132.94
N ARG O 168 -1.04 -42.30 133.09
CA ARG O 168 -0.29 -43.05 132.09
C ARG O 168 0.33 -44.34 132.63
N ILE O 169 -0.26 -44.88 133.69
CA ILE O 169 0.27 -46.11 134.29
C ILE O 169 -0.10 -47.29 133.39
N ILE O 170 0.64 -47.43 132.30
CA ILE O 170 0.40 -48.47 131.30
C ILE O 170 1.50 -49.51 131.17
N LEU O 171 1.09 -50.75 130.95
CA LEU O 171 2.00 -51.87 130.76
C LEU O 171 1.54 -52.52 129.46
N SER O 172 2.32 -52.38 128.40
CA SER O 172 1.94 -52.93 127.10
C SER O 172 3.02 -53.78 126.43
N ALA O 173 2.58 -54.83 125.74
CA ALA O 173 3.47 -55.72 125.04
C ALA O 173 3.31 -55.58 123.53
N TRP O 174 2.34 -54.76 123.11
CA TRP O 174 2.09 -54.55 121.69
C TRP O 174 3.19 -53.70 121.06
N ASN O 175 3.85 -54.25 120.05
CA ASN O 175 4.92 -53.55 119.36
C ASN O 175 4.82 -53.89 117.87
N PRO O 176 4.17 -53.01 117.09
CA PRO O 176 4.00 -53.22 115.65
C PRO O 176 5.29 -53.55 114.90
N LYS O 177 6.40 -52.97 115.34
CA LYS O 177 7.68 -53.22 114.69
C LYS O 177 8.23 -54.62 114.95
N ASP O 178 8.08 -55.11 116.18
CA ASP O 178 8.59 -56.42 116.56
C ASP O 178 7.66 -57.61 116.26
N LEU O 179 6.40 -57.33 115.93
CA LEU O 179 5.42 -58.38 115.65
C LEU O 179 5.94 -59.54 114.79
N PRO O 180 6.49 -59.24 113.60
CA PRO O 180 6.99 -60.33 112.75
C PRO O 180 8.07 -61.22 113.38
N LEU O 181 8.72 -60.72 114.43
CA LEU O 181 9.76 -61.49 115.10
C LEU O 181 9.16 -62.37 116.18
N MET O 182 7.87 -62.18 116.46
CA MET O 182 7.17 -62.93 117.48
C MET O 182 6.52 -64.20 116.94
N ALA O 183 6.68 -65.31 117.66
CA ALA O 183 6.08 -66.57 117.27
C ALA O 183 4.57 -66.39 117.24
N LEU O 184 4.09 -65.49 118.10
CA LEU O 184 2.66 -65.20 118.19
C LEU O 184 2.49 -63.79 118.74
N PRO O 185 1.61 -62.98 118.12
CA PRO O 185 1.39 -61.61 118.61
C PRO O 185 0.72 -61.64 119.98
N PRO O 186 0.99 -60.64 120.82
CA PRO O 186 0.39 -60.56 122.16
C PRO O 186 -1.14 -60.61 122.15
N CYS O 187 -1.72 -61.47 122.99
CA CYS O 187 -3.18 -61.57 123.08
C CYS O 187 -3.59 -60.50 124.09
N HIS O 188 -3.03 -60.56 125.29
CA HIS O 188 -3.31 -59.53 126.28
C HIS O 188 -2.26 -58.49 125.93
N MET O 189 -2.66 -57.54 125.07
CA MET O 189 -1.74 -56.52 124.58
C MET O 189 -1.37 -55.38 125.52
N PHE O 190 -2.13 -55.18 126.59
CA PHE O 190 -1.80 -54.11 127.53
C PHE O 190 -2.81 -54.02 128.66
N CYS O 191 -2.43 -53.31 129.70
CA CYS O 191 -3.30 -53.10 130.86
C CYS O 191 -2.99 -51.75 131.46
N GLN O 192 -3.96 -51.19 132.17
CA GLN O 192 -3.80 -49.90 132.82
C GLN O 192 -4.13 -50.02 134.30
N PHE O 193 -3.28 -49.46 135.15
CA PHE O 193 -3.51 -49.50 136.58
C PHE O 193 -4.07 -48.17 137.06
N PHE O 194 -4.88 -48.23 138.10
CA PHE O 194 -5.50 -47.05 138.67
C PHE O 194 -5.40 -47.13 140.19
N VAL O 195 -5.08 -46.01 140.82
CA VAL O 195 -4.94 -45.96 142.27
C VAL O 195 -5.93 -44.99 142.90
N SER O 196 -6.77 -45.50 143.78
CA SER O 196 -7.74 -44.65 144.48
C SER O 196 -7.08 -44.17 145.76
N LEU O 197 -7.09 -42.86 145.97
CA LEU O 197 -6.48 -42.29 147.16
C LEU O 197 -7.31 -42.61 148.40
N PRO O 198 -6.66 -42.64 149.58
CA PRO O 198 -7.35 -42.94 150.84
C PRO O 198 -8.48 -41.94 151.10
N PRO O 199 -9.67 -42.43 151.47
CA PRO O 199 -10.80 -41.54 151.76
C PRO O 199 -10.49 -40.55 152.87
N PRO O 203 -7.32 -41.40 156.41
CA PRO O 203 -6.16 -41.18 155.55
C PRO O 203 -5.02 -42.18 155.83
N GLY O 204 -5.23 -43.06 156.80
CA GLY O 204 -4.23 -44.04 157.14
C GLY O 204 -4.35 -45.31 156.32
N SER O 205 -5.52 -45.52 155.72
CA SER O 205 -5.76 -46.69 154.90
C SER O 205 -4.85 -46.74 153.69
N LYS O 206 -4.69 -47.94 153.12
CA LYS O 206 -3.85 -48.11 151.95
C LYS O 206 -4.62 -47.74 150.69
N PRO O 207 -3.95 -47.11 149.72
CA PRO O 207 -4.65 -46.75 148.48
C PRO O 207 -5.12 -48.03 147.80
N LYS O 208 -6.22 -47.96 147.06
CA LYS O 208 -6.72 -49.15 146.39
C LYS O 208 -6.22 -49.23 144.95
N LEU O 209 -5.73 -50.41 144.57
CA LEU O 209 -5.20 -50.64 143.23
C LEU O 209 -6.13 -51.46 142.34
N SER O 210 -6.41 -50.94 141.15
CA SER O 210 -7.25 -51.64 140.19
C SER O 210 -6.48 -51.83 138.90
N CYS O 211 -6.95 -52.78 138.08
CA CYS O 211 -6.29 -53.08 136.82
C CYS O 211 -7.28 -53.43 135.72
N LEU O 212 -7.13 -52.79 134.56
CA LEU O 212 -7.98 -53.06 133.42
C LEU O 212 -7.06 -53.60 132.33
N MET O 213 -7.38 -54.78 131.81
CA MET O 213 -6.58 -55.38 130.76
C MET O 213 -7.44 -55.60 129.52
N TYR O 214 -6.86 -55.33 128.35
CA TYR O 214 -7.57 -55.51 127.09
C TYR O 214 -6.94 -56.67 126.34
N GLN O 215 -7.78 -57.61 125.93
CA GLN O 215 -7.32 -58.80 125.20
C GLN O 215 -7.96 -58.78 123.80
N ARG O 216 -7.12 -58.65 122.77
CA ARG O 216 -7.59 -58.60 121.39
C ARG O 216 -8.24 -59.90 120.90
N SER O 217 -7.69 -61.03 121.33
CA SER O 217 -8.19 -62.34 120.93
C SER O 217 -8.31 -63.20 122.18
N CYS O 218 -9.48 -63.79 122.39
CA CYS O 218 -9.69 -64.56 123.60
C CYS O 218 -10.24 -65.98 123.41
N ASP O 219 -9.40 -66.96 123.74
CA ASP O 219 -9.79 -68.36 123.65
C ASP O 219 -10.43 -68.62 125.01
N LEU O 220 -11.76 -68.51 125.08
CA LEU O 220 -12.45 -68.69 126.35
C LEU O 220 -12.25 -70.03 127.03
N GLY O 221 -12.15 -71.10 126.25
CA GLY O 221 -11.96 -72.40 126.84
C GLY O 221 -10.62 -72.57 127.55
N LEU O 222 -9.54 -72.28 126.86
CA LEU O 222 -8.20 -72.44 127.42
C LEU O 222 -7.47 -71.18 127.88
N GLY O 223 -7.53 -70.12 127.09
CA GLY O 223 -6.82 -68.89 127.44
C GLY O 223 -7.37 -68.03 128.56
N VAL O 224 -8.61 -67.59 128.42
CA VAL O 224 -9.25 -66.73 129.41
C VAL O 224 -9.06 -67.15 130.87
N PRO O 225 -9.19 -68.46 131.16
CA PRO O 225 -9.00 -68.86 132.57
C PRO O 225 -7.62 -68.46 133.07
N PHE O 226 -6.61 -68.60 132.22
CA PHE O 226 -5.25 -68.23 132.60
C PHE O 226 -5.10 -66.71 132.68
N ASN O 227 -5.57 -66.01 131.65
CA ASN O 227 -5.49 -64.56 131.61
C ASN O 227 -6.10 -63.89 132.83
N ILE O 228 -7.27 -64.34 133.25
CA ILE O 228 -7.94 -63.77 134.41
C ILE O 228 -7.11 -63.92 135.67
N ALA O 229 -6.66 -65.14 135.95
CA ALA O 229 -5.85 -65.41 137.13
C ALA O 229 -4.49 -64.72 137.05
N SER O 230 -3.91 -64.70 135.86
CA SER O 230 -2.61 -64.08 135.65
C SER O 230 -2.59 -62.60 136.03
N TYR O 231 -3.47 -61.81 135.44
CA TYR O 231 -3.51 -60.39 135.75
C TYR O 231 -3.99 -60.10 137.16
N ALA O 232 -4.80 -61.00 137.72
CA ALA O 232 -5.28 -60.82 139.08
C ALA O 232 -4.05 -60.97 139.97
N LEU O 233 -3.22 -61.96 139.67
CA LEU O 233 -2.01 -62.23 140.43
C LEU O 233 -1.01 -61.08 140.27
N LEU O 234 -0.87 -60.56 139.06
CA LEU O 234 0.04 -59.46 138.81
C LEU O 234 -0.33 -58.26 139.67
N THR O 235 -1.63 -58.01 139.77
CA THR O 235 -2.13 -56.89 140.56
C THR O 235 -1.83 -57.10 142.04
N HIS O 236 -1.97 -58.34 142.51
CA HIS O 236 -1.67 -58.66 143.90
C HIS O 236 -0.17 -58.43 144.15
N MET O 237 0.66 -58.86 143.21
CA MET O 237 2.11 -58.70 143.32
C MET O 237 2.48 -57.22 143.41
N ILE O 238 2.01 -56.44 142.45
CA ILE O 238 2.28 -55.02 142.42
C ILE O 238 1.77 -54.32 143.67
N ALA O 239 0.63 -54.76 144.17
CA ALA O 239 0.05 -54.18 145.38
C ALA O 239 0.99 -54.34 146.56
N LEU O 240 1.60 -55.52 146.67
CA LEU O 240 2.52 -55.81 147.76
C LEU O 240 3.76 -54.92 147.73
N ILE O 241 4.32 -54.75 146.54
CA ILE O 241 5.51 -53.93 146.37
C ILE O 241 5.26 -52.43 146.51
N THR O 242 4.04 -52.00 146.19
CA THR O 242 3.69 -50.58 146.27
C THR O 242 2.91 -50.17 147.51
N ASP O 243 2.73 -51.10 148.44
CA ASP O 243 1.99 -50.82 149.66
C ASP O 243 0.57 -50.37 149.38
N THR O 244 -0.06 -50.99 148.38
CA THR O 244 -1.44 -50.66 148.04
C THR O 244 -2.30 -51.90 148.26
N GLU O 245 -3.62 -51.71 148.27
CA GLU O 245 -4.55 -52.81 148.49
C GLU O 245 -5.27 -53.17 147.18
N PRO O 246 -5.11 -54.43 146.74
CA PRO O 246 -5.78 -54.84 145.50
C PRO O 246 -7.27 -54.61 145.61
N HIS O 247 -7.87 -54.04 144.58
CA HIS O 247 -9.30 -53.73 144.62
C HIS O 247 -10.14 -54.42 143.54
N GLU O 248 -9.88 -54.11 142.28
CA GLU O 248 -10.66 -54.67 141.20
C GLU O 248 -9.86 -54.96 139.93
N PHE O 249 -10.28 -55.98 139.20
CA PHE O 249 -9.64 -56.34 137.95
C PHE O 249 -10.73 -56.36 136.87
N ILE O 250 -10.51 -55.60 135.81
CA ILE O 250 -11.45 -55.53 134.71
C ILE O 250 -10.81 -56.12 133.45
N LEU O 251 -11.59 -56.92 132.73
CA LEU O 251 -11.09 -57.54 131.51
C LEU O 251 -11.99 -57.26 130.31
N GLN O 252 -11.48 -56.48 129.36
CA GLN O 252 -12.23 -56.15 128.16
C GLN O 252 -11.72 -57.02 127.01
N MET O 253 -12.64 -57.67 126.31
CA MET O 253 -12.27 -58.54 125.21
C MET O 253 -12.59 -57.97 123.85
N GLY O 254 -11.79 -58.35 122.86
CA GLY O 254 -12.01 -57.92 121.50
C GLY O 254 -12.71 -59.07 120.81
N ASP O 255 -11.94 -59.94 120.18
CA ASP O 255 -12.50 -61.10 119.50
C ASP O 255 -12.64 -62.22 120.53
N ALA O 256 -13.83 -62.36 121.08
CA ALA O 256 -14.12 -63.38 122.09
C ALA O 256 -14.68 -64.60 121.37
N HIS O 257 -13.95 -65.71 121.42
CA HIS O 257 -14.37 -66.92 120.72
C HIS O 257 -14.23 -68.24 121.48
N VAL O 258 -14.95 -69.24 120.97
CA VAL O 258 -14.94 -70.59 121.52
C VAL O 258 -14.60 -71.50 120.34
N TYR O 259 -13.47 -72.20 120.42
CA TYR O 259 -13.09 -73.08 119.33
C TYR O 259 -14.12 -74.20 119.14
N ARG O 260 -14.28 -74.62 117.88
CA ARG O 260 -15.24 -75.65 117.52
C ARG O 260 -15.09 -76.92 118.37
N ASP O 261 -13.85 -77.34 118.60
CA ASP O 261 -13.60 -78.55 119.39
C ASP O 261 -13.66 -78.33 120.90
N HIS O 262 -14.13 -77.16 121.32
CA HIS O 262 -14.25 -76.85 122.74
C HIS O 262 -15.72 -76.79 123.16
N VAL O 263 -16.62 -76.67 122.19
CA VAL O 263 -18.05 -76.57 122.46
C VAL O 263 -18.59 -77.67 123.37
N GLU O 264 -18.40 -78.92 122.99
CA GLU O 264 -18.90 -80.03 123.80
C GLU O 264 -18.26 -80.09 125.19
N PRO O 265 -16.92 -79.97 125.27
CA PRO O 265 -16.29 -80.01 126.59
C PRO O 265 -16.80 -78.91 127.51
N LEU O 266 -17.03 -77.72 126.95
CA LEU O 266 -17.51 -76.59 127.73
C LEU O 266 -18.96 -76.78 128.22
N LYS O 267 -19.76 -77.47 127.43
CA LYS O 267 -21.15 -77.73 127.81
C LYS O 267 -21.18 -78.48 129.14
N THR O 268 -20.18 -79.34 129.35
CA THR O 268 -20.09 -80.11 130.59
C THR O 268 -19.78 -79.15 131.74
N GLN O 269 -18.91 -78.19 131.48
CA GLN O 269 -18.52 -77.22 132.50
C GLN O 269 -19.68 -76.29 132.86
N LEU O 270 -20.49 -75.95 131.87
CA LEU O 270 -21.63 -75.06 132.07
C LEU O 270 -22.66 -75.60 133.06
N GLU O 271 -22.63 -76.92 133.28
CA GLU O 271 -23.56 -77.58 134.19
C GLU O 271 -23.13 -77.45 135.64
N ARG O 272 -21.88 -77.05 135.86
CA ARG O 272 -21.34 -76.95 137.21
C ARG O 272 -21.55 -75.61 137.91
N GLU O 273 -21.83 -75.69 139.21
CA GLU O 273 -22.04 -74.51 140.04
C GLU O 273 -20.71 -74.10 140.67
N PRO O 274 -20.31 -72.84 140.49
CA PRO O 274 -19.05 -72.32 141.04
C PRO O 274 -18.93 -72.42 142.56
N ARG O 275 -17.69 -72.59 143.02
CA ARG O 275 -17.39 -72.65 144.45
C ARG O 275 -16.79 -71.28 144.76
N ASP O 276 -16.85 -70.85 146.02
CA ASP O 276 -16.27 -69.56 146.38
C ASP O 276 -14.81 -69.51 145.94
N PHE O 277 -14.39 -68.37 145.40
CA PHE O 277 -13.01 -68.21 144.96
C PHE O 277 -12.04 -68.38 146.12
N PRO O 278 -10.82 -68.86 145.83
CA PRO O 278 -9.80 -69.05 146.87
C PRO O 278 -9.17 -67.72 147.24
N LYS O 279 -8.30 -67.72 148.25
CA LYS O 279 -7.64 -66.50 148.66
C LYS O 279 -6.13 -66.63 148.52
N LEU O 280 -5.46 -65.51 148.27
CA LEU O 280 -4.02 -65.50 148.09
C LEU O 280 -3.31 -64.96 149.33
N LYS O 281 -2.24 -65.64 149.71
CA LYS O 281 -1.42 -65.24 150.86
C LYS O 281 0.03 -65.34 150.43
N TRP O 282 0.90 -64.54 151.05
CA TRP O 282 2.32 -64.56 150.71
C TRP O 282 3.11 -65.37 151.72
N ALA O 283 4.01 -66.22 151.23
CA ALA O 283 4.84 -67.06 152.10
C ALA O 283 5.95 -66.23 152.73
N ARG O 284 6.22 -65.06 152.16
CA ARG O 284 7.26 -64.18 152.67
C ARG O 284 6.75 -62.75 152.78
N SER O 285 7.53 -61.89 153.42
CA SER O 285 7.13 -60.49 153.60
C SER O 285 7.60 -59.63 152.44
N LYS O 286 7.10 -58.39 152.40
CA LYS O 286 7.45 -57.44 151.35
C LYS O 286 8.96 -57.23 151.34
N GLU O 287 9.53 -57.07 152.54
CA GLU O 287 10.96 -56.84 152.69
C GLU O 287 11.78 -58.00 152.15
N GLU O 288 11.35 -59.23 152.46
CA GLU O 288 12.06 -60.42 151.99
C GLU O 288 12.00 -60.53 150.47
N ILE O 289 10.82 -60.33 149.91
CA ILE O 289 10.65 -60.40 148.47
C ILE O 289 11.44 -59.27 147.81
N GLY O 290 11.44 -58.11 148.46
CA GLY O 290 12.20 -56.97 147.94
C GLY O 290 11.49 -56.13 146.89
N ASP O 291 11.52 -56.60 145.65
CA ASP O 291 10.88 -55.88 144.55
C ASP O 291 10.11 -56.83 143.64
N ILE O 292 9.59 -56.30 142.54
CA ILE O 292 8.81 -57.08 141.58
C ILE O 292 9.58 -58.26 140.99
N ASP O 293 10.92 -58.20 141.04
CA ASP O 293 11.75 -59.26 140.50
C ASP O 293 12.16 -60.30 141.54
N GLY O 294 11.66 -60.15 142.77
CA GLY O 294 12.03 -61.08 143.82
C GLY O 294 11.03 -62.17 144.16
N PHE O 295 9.95 -62.28 143.40
CA PHE O 295 8.94 -63.30 143.68
C PHE O 295 9.37 -64.69 143.21
N LYS O 296 8.88 -65.71 143.92
CA LYS O 296 9.17 -67.10 143.61
C LYS O 296 7.85 -67.86 143.62
N VAL O 297 7.77 -68.94 142.85
CA VAL O 297 6.54 -69.73 142.78
C VAL O 297 6.01 -70.08 144.17
N GLU O 298 6.90 -70.55 145.04
CA GLU O 298 6.51 -70.93 146.40
C GLU O 298 6.02 -69.79 147.28
N ASP O 299 6.14 -68.55 146.79
CA ASP O 299 5.68 -67.40 147.57
C ASP O 299 4.16 -67.32 147.52
N PHE O 300 3.58 -67.84 146.45
CA PHE O 300 2.14 -67.80 146.25
C PHE O 300 1.40 -68.90 147.01
N VAL O 301 0.78 -68.55 148.12
CA VAL O 301 0.03 -69.50 148.93
C VAL O 301 -1.46 -69.32 148.69
N VAL O 302 -2.02 -70.17 147.82
CA VAL O 302 -3.44 -70.11 147.50
C VAL O 302 -4.21 -71.10 148.37
N GLU O 303 -5.09 -70.59 149.22
CA GLU O 303 -5.86 -71.44 150.11
C GLU O 303 -7.35 -71.40 149.82
N GLY O 304 -8.00 -72.54 150.04
CA GLY O 304 -9.44 -72.63 149.81
C GLY O 304 -9.85 -72.91 148.38
N TYR O 305 -8.91 -73.35 147.55
CA TYR O 305 -9.24 -73.64 146.16
C TYR O 305 -9.96 -74.98 146.10
N LYS O 306 -11.22 -74.97 145.70
CA LYS O 306 -12.01 -76.19 145.61
C LYS O 306 -12.74 -76.30 144.28
N PRO O 307 -12.01 -76.63 143.21
CA PRO O 307 -12.57 -76.75 141.87
C PRO O 307 -13.18 -78.13 141.57
N TRP O 308 -13.93 -78.19 140.48
CA TRP O 308 -14.52 -79.44 140.03
C TRP O 308 -13.42 -80.13 139.23
N GLY O 309 -13.75 -81.24 138.61
CA GLY O 309 -12.77 -81.97 137.83
C GLY O 309 -12.22 -81.20 136.63
N LYS O 310 -11.10 -81.69 136.11
CA LYS O 310 -10.47 -81.06 134.96
C LYS O 310 -11.32 -81.33 133.72
N ILE O 311 -11.17 -80.47 132.72
CA ILE O 311 -11.90 -80.63 131.47
C ILE O 311 -10.89 -80.54 130.34
N ASP O 312 -10.70 -81.65 129.64
CA ASP O 312 -9.75 -81.71 128.55
C ASP O 312 -10.16 -80.90 127.33
N MET O 313 -9.26 -80.05 126.87
CA MET O 313 -9.49 -79.22 125.68
C MET O 313 -8.18 -79.06 124.95
N LYS O 314 -8.20 -79.38 123.65
CA LYS O 314 -7.00 -79.29 122.83
C LYS O 314 -6.75 -77.85 122.38
N MET O 315 -5.48 -77.43 122.41
CA MET O 315 -5.12 -76.09 121.98
C MET O 315 -4.81 -76.10 120.50
N SER O 316 -5.33 -75.11 119.77
CA SER O 316 -5.07 -75.02 118.34
C SER O 316 -3.86 -74.12 118.11
N ALA O 317 -2.79 -74.70 117.57
CA ALA O 317 -1.57 -73.97 117.30
C ALA O 317 -1.74 -72.91 116.22
N PRO P 16 -35.77 -42.85 125.54
CA PRO P 16 -34.84 -43.25 126.62
C PRO P 16 -33.73 -44.15 126.08
N ASP P 17 -33.90 -44.60 124.84
CA ASP P 17 -32.90 -45.46 124.21
C ASP P 17 -31.86 -44.69 123.40
N HIS P 18 -31.98 -43.37 123.37
CA HIS P 18 -31.04 -42.56 122.62
C HIS P 18 -29.63 -42.81 123.16
N GLU P 19 -28.73 -43.21 122.28
CA GLU P 19 -27.35 -43.51 122.65
C GLU P 19 -26.60 -42.39 123.37
N GLU P 20 -27.01 -41.15 123.16
CA GLU P 20 -26.33 -40.03 123.79
C GLU P 20 -26.51 -40.02 125.31
N TYR P 21 -27.54 -40.70 125.80
CA TYR P 21 -27.76 -40.76 127.25
C TYR P 21 -26.62 -41.49 127.96
N GLN P 22 -25.89 -42.32 127.21
CA GLN P 22 -24.76 -43.04 127.79
C GLN P 22 -23.76 -42.00 128.26
N TYR P 23 -23.50 -41.03 127.39
CA TYR P 23 -22.57 -39.95 127.69
C TYR P 23 -23.07 -39.07 128.82
N LEU P 24 -24.34 -38.66 128.74
CA LEU P 24 -24.93 -37.81 129.76
C LEU P 24 -25.00 -38.50 131.12
N ASP P 25 -25.42 -39.77 131.13
CA ASP P 25 -25.52 -40.53 132.36
C ASP P 25 -24.17 -40.71 133.06
N LEU P 26 -23.12 -40.96 132.28
CA LEU P 26 -21.80 -41.15 132.87
C LEU P 26 -21.31 -39.88 133.55
N ILE P 27 -21.54 -38.73 132.90
CA ILE P 27 -21.14 -37.46 133.46
C ILE P 27 -21.87 -37.22 134.78
N ARG P 28 -23.17 -37.51 134.78
CA ARG P 28 -23.99 -37.33 135.97
C ARG P 28 -23.45 -38.22 137.09
N ARG P 29 -23.08 -39.45 136.75
CA ARG P 29 -22.56 -40.40 137.72
C ARG P 29 -21.21 -39.94 138.28
N ILE P 30 -20.33 -39.48 137.39
CA ILE P 30 -19.00 -39.02 137.82
C ILE P 30 -19.13 -37.84 138.79
N ILE P 31 -20.02 -36.91 138.48
CA ILE P 31 -20.22 -35.75 139.34
C ILE P 31 -20.79 -36.19 140.69
N ASN P 32 -21.71 -37.14 140.65
CA ASN P 32 -22.35 -37.65 141.86
C ASN P 32 -21.48 -38.50 142.79
N VAL P 33 -20.93 -39.60 142.26
CA VAL P 33 -20.10 -40.48 143.06
C VAL P 33 -18.63 -40.54 142.67
N GLY P 34 -18.21 -39.67 141.76
CA GLY P 34 -16.82 -39.67 141.34
C GLY P 34 -15.90 -39.27 142.48
N GLU P 35 -14.62 -39.61 142.35
CA GLU P 35 -13.63 -39.30 143.37
C GLU P 35 -12.87 -38.03 143.01
N VAL P 36 -12.80 -37.08 143.95
CA VAL P 36 -12.08 -35.83 143.73
C VAL P 36 -10.59 -36.13 143.76
N ARG P 37 -9.89 -35.78 142.69
CA ARG P 37 -8.46 -36.07 142.61
C ARG P 37 -7.62 -34.95 142.01
N PRO P 38 -6.33 -34.89 142.41
CA PRO P 38 -5.41 -33.88 141.90
C PRO P 38 -4.99 -34.43 140.54
N ASP P 39 -4.38 -33.60 139.69
CA ASP P 39 -3.97 -34.09 138.39
C ASP P 39 -2.81 -33.29 137.83
N ARG P 40 -2.28 -33.76 136.70
CA ARG P 40 -1.16 -33.11 136.03
C ARG P 40 -1.38 -31.63 135.73
N THR P 41 -2.57 -31.28 135.25
CA THR P 41 -2.88 -29.90 134.90
C THR P 41 -2.95 -28.95 136.10
N GLY P 42 -3.33 -29.48 137.25
CA GLY P 42 -3.43 -28.64 138.43
C GLY P 42 -4.81 -28.08 138.71
N THR P 43 -5.76 -28.31 137.80
CA THR P 43 -7.11 -27.80 138.02
C THR P 43 -7.94 -28.77 138.85
N GLY P 44 -7.54 -30.04 138.84
CA GLY P 44 -8.27 -31.04 139.60
C GLY P 44 -9.44 -31.63 138.83
N THR P 45 -9.86 -32.84 139.21
CA THR P 45 -10.97 -33.50 138.55
C THR P 45 -11.75 -34.39 139.50
N VAL P 46 -12.83 -34.96 138.99
CA VAL P 46 -13.66 -35.91 139.72
C VAL P 46 -13.66 -37.08 138.75
N ALA P 47 -13.30 -38.28 139.22
CA ALA P 47 -13.21 -39.40 138.30
C ALA P 47 -13.65 -40.77 138.79
N LEU P 48 -13.80 -41.66 137.80
CA LEU P 48 -14.18 -43.05 138.00
C LEU P 48 -13.28 -43.85 137.06
N PHE P 49 -12.87 -45.05 137.48
CA PHE P 49 -12.01 -45.88 136.64
C PHE P 49 -12.75 -47.02 135.98
N ALA P 50 -12.45 -47.23 134.69
CA ALA P 50 -13.05 -48.31 133.90
C ALA P 50 -14.57 -48.46 133.99
N PRO P 51 -15.32 -47.40 133.68
CA PRO P 51 -16.78 -47.51 133.75
C PRO P 51 -17.26 -48.33 132.54
N PRO P 52 -18.52 -48.76 132.54
CA PRO P 52 -19.02 -49.54 131.40
C PRO P 52 -18.73 -48.80 130.08
N SER P 53 -18.36 -49.55 129.05
CA SER P 53 -18.05 -48.97 127.76
C SER P 53 -19.27 -48.40 127.04
N PHE P 54 -19.02 -47.49 126.11
CA PHE P 54 -20.09 -46.89 125.31
C PHE P 54 -20.21 -47.67 124.00
N ARG P 55 -21.42 -47.79 123.50
CA ARG P 55 -21.66 -48.49 122.25
C ARG P 55 -22.51 -47.59 121.36
N PHE P 56 -22.05 -47.36 120.14
CA PHE P 56 -22.77 -46.50 119.20
C PHE P 56 -22.97 -47.22 117.87
N SER P 57 -24.21 -47.22 117.38
CA SER P 57 -24.51 -47.86 116.11
C SER P 57 -24.07 -46.95 114.97
N LEU P 58 -23.41 -47.52 113.97
CA LEU P 58 -22.96 -46.76 112.81
C LEU P 58 -23.74 -47.18 111.57
N ALA P 59 -24.79 -47.96 111.77
CA ALA P 59 -25.63 -48.43 110.67
C ALA P 59 -26.45 -47.28 110.10
N ASP P 60 -26.92 -47.47 108.87
CA ASP P 60 -27.73 -46.46 108.20
C ASP P 60 -27.04 -45.10 108.11
N ASN P 61 -25.73 -45.13 107.88
CA ASN P 61 -24.92 -43.92 107.76
C ASN P 61 -24.97 -43.01 108.99
N THR P 62 -25.28 -43.57 110.15
CA THR P 62 -25.37 -42.78 111.36
C THR P 62 -24.01 -42.32 111.91
N LEU P 63 -23.96 -41.06 112.34
CA LEU P 63 -22.75 -40.48 112.90
C LEU P 63 -23.06 -40.00 114.31
N PRO P 64 -22.47 -40.64 115.34
CA PRO P 64 -22.71 -40.25 116.72
C PRO P 64 -22.07 -38.92 117.11
N LEU P 65 -22.57 -37.84 116.53
CA LEU P 65 -22.07 -36.49 116.82
C LEU P 65 -23.04 -35.93 117.88
N LEU P 66 -22.54 -35.76 119.10
CA LEU P 66 -23.37 -35.26 120.19
C LEU P 66 -24.23 -34.05 119.83
N THR P 67 -25.48 -34.08 120.31
CA THR P 67 -26.43 -33.02 120.02
C THR P 67 -26.79 -32.13 121.20
N THR P 68 -26.42 -32.54 122.41
CA THR P 68 -26.75 -31.74 123.58
C THR P 68 -25.88 -30.49 123.69
N LYS P 69 -25.03 -30.30 122.70
CA LYS P 69 -24.17 -29.12 122.62
C LYS P 69 -23.60 -29.10 121.21
N ARG P 70 -23.28 -27.91 120.70
CA ARG P 70 -22.73 -27.81 119.36
C ARG P 70 -21.27 -28.28 119.38
N VAL P 71 -20.99 -29.31 118.59
CA VAL P 71 -19.63 -29.85 118.50
C VAL P 71 -18.94 -29.32 117.25
N PHE P 72 -17.69 -28.89 117.40
CA PHE P 72 -16.91 -28.35 116.28
C PHE P 72 -16.57 -29.48 115.30
N LEU P 73 -17.56 -29.85 114.49
CA LEU P 73 -17.40 -30.92 113.50
C LEU P 73 -16.19 -30.77 112.61
N ARG P 74 -16.04 -29.60 111.99
CA ARG P 74 -14.91 -29.35 111.10
C ARG P 74 -13.59 -29.61 111.82
N GLY P 75 -13.54 -29.28 113.10
CA GLY P 75 -12.33 -29.49 113.87
C GLY P 75 -12.04 -30.97 114.03
N VAL P 76 -13.09 -31.77 114.23
CA VAL P 76 -12.93 -33.21 114.38
C VAL P 76 -12.39 -33.80 113.09
N ILE P 77 -13.02 -33.46 111.97
CA ILE P 77 -12.60 -33.95 110.66
C ILE P 77 -11.17 -33.53 110.34
N ALA P 78 -10.85 -32.26 110.55
CA ALA P 78 -9.52 -31.76 110.27
C ALA P 78 -8.46 -32.53 111.06
N GLU P 79 -8.69 -32.70 112.36
CA GLU P 79 -7.74 -33.44 113.19
C GLU P 79 -7.58 -34.89 112.71
N LEU P 80 -8.68 -35.51 112.32
CA LEU P 80 -8.65 -36.89 111.85
C LEU P 80 -7.83 -37.06 110.57
N LEU P 81 -8.07 -36.21 109.58
CA LEU P 81 -7.33 -36.28 108.32
C LEU P 81 -5.86 -35.97 108.60
N TRP P 82 -5.65 -35.18 109.64
CA TRP P 82 -4.31 -34.80 110.07
C TRP P 82 -3.61 -36.05 110.61
N PHE P 83 -4.32 -36.83 111.43
CA PHE P 83 -3.76 -38.07 111.98
C PHE P 83 -3.38 -38.98 110.83
N VAL P 84 -4.35 -39.24 109.96
CA VAL P 84 -4.17 -40.09 108.80
C VAL P 84 -2.95 -39.73 107.97
N SER P 85 -2.73 -38.43 107.76
CA SER P 85 -1.60 -37.96 106.97
C SER P 85 -0.27 -38.25 107.65
N GLY P 86 -0.31 -38.59 108.94
CA GLY P 86 0.90 -38.87 109.67
C GLY P 86 1.62 -37.61 110.13
N CYS P 87 1.00 -36.46 109.87
CA CYS P 87 1.56 -35.17 110.25
C CYS P 87 1.50 -34.93 111.75
N THR P 88 2.51 -34.27 112.29
CA THR P 88 2.57 -33.99 113.72
C THR P 88 2.78 -32.49 113.99
N ASP P 89 2.56 -31.68 112.97
CA ASP P 89 2.72 -30.23 113.09
C ASP P 89 1.35 -29.59 113.32
N ALA P 90 1.14 -29.06 114.53
CA ALA P 90 -0.13 -28.43 114.88
C ALA P 90 -0.46 -27.22 114.02
N LYS P 91 0.56 -26.62 113.40
CA LYS P 91 0.33 -25.45 112.56
C LYS P 91 -0.53 -25.82 111.36
N MET P 92 -0.54 -27.11 111.01
CA MET P 92 -1.34 -27.57 109.88
C MET P 92 -2.82 -27.52 110.24
N LEU P 93 -3.11 -27.46 111.54
CA LEU P 93 -4.49 -27.38 112.01
C LEU P 93 -4.87 -25.93 112.25
N SER P 94 -4.00 -25.18 112.91
CA SER P 94 -4.28 -23.77 113.19
C SER P 94 -4.34 -22.94 111.91
N SER P 95 -3.63 -23.37 110.88
CA SER P 95 -3.62 -22.65 109.61
C SER P 95 -4.97 -22.78 108.93
N GLN P 96 -5.73 -23.81 109.29
CA GLN P 96 -7.05 -23.99 108.69
C GLN P 96 -8.16 -23.68 109.69
N GLY P 97 -7.84 -22.89 110.71
CA GLY P 97 -8.81 -22.49 111.70
C GLY P 97 -9.14 -23.46 112.81
N VAL P 98 -8.27 -24.44 113.06
CA VAL P 98 -8.49 -25.42 114.12
C VAL P 98 -7.36 -25.32 115.12
N GLY P 99 -7.66 -24.81 116.32
CA GLY P 99 -6.62 -24.66 117.33
C GLY P 99 -6.69 -25.57 118.54
N ILE P 100 -7.31 -26.74 118.39
CA ILE P 100 -7.44 -27.67 119.50
C ILE P 100 -6.08 -28.13 120.05
N TRP P 101 -5.04 -28.08 119.22
CA TRP P 101 -3.71 -28.49 119.65
C TRP P 101 -2.75 -27.34 119.89
N ASP P 102 -3.27 -26.10 119.83
CA ASP P 102 -2.43 -24.93 120.05
C ASP P 102 -1.92 -24.90 121.49
N GLY P 103 -2.76 -25.34 122.41
CA GLY P 103 -2.38 -25.34 123.82
C GLY P 103 -1.15 -26.17 124.16
N ASN P 104 -1.11 -27.41 123.67
CA ASN P 104 0.02 -28.28 123.96
C ASN P 104 1.15 -28.14 122.95
N GLY P 105 0.92 -27.32 121.92
CA GLY P 105 1.94 -27.11 120.92
C GLY P 105 2.61 -25.75 121.07
N SER P 106 2.12 -24.95 122.01
CA SER P 106 2.68 -23.62 122.25
C SER P 106 4.13 -23.72 122.70
N LYS P 107 4.91 -22.68 122.39
CA LYS P 107 6.31 -22.66 122.76
C LYS P 107 6.43 -22.68 124.27
N GLU P 108 5.43 -22.15 124.95
CA GLU P 108 5.45 -22.11 126.42
C GLU P 108 5.32 -23.52 126.98
N PHE P 109 4.38 -24.29 126.45
CA PHE P 109 4.16 -25.65 126.94
C PHE P 109 5.33 -26.57 126.59
N LEU P 110 5.77 -26.52 125.34
CA LEU P 110 6.87 -27.35 124.89
C LEU P 110 8.10 -27.17 125.78
N GLU P 111 8.50 -25.91 126.01
CA GLU P 111 9.65 -25.63 126.86
C GLU P 111 9.37 -26.11 128.27
N LYS P 112 8.09 -26.07 128.66
CA LYS P 112 7.65 -26.50 129.97
C LYS P 112 7.88 -27.99 130.20
N VAL P 113 7.71 -28.79 129.15
CA VAL P 113 7.90 -30.23 129.26
C VAL P 113 9.28 -30.71 128.77
N GLY P 114 10.23 -29.79 128.72
CA GLY P 114 11.58 -30.14 128.29
C GLY P 114 11.78 -30.31 126.79
N LEU P 115 10.93 -29.69 125.98
CA LEU P 115 11.04 -29.78 124.53
C LEU P 115 11.24 -28.40 123.92
N GLY P 116 12.08 -27.58 124.56
CA GLY P 116 12.32 -26.23 124.09
C GLY P 116 13.09 -26.12 122.78
N HIS P 117 13.74 -27.21 122.38
CA HIS P 117 14.52 -27.24 121.14
C HIS P 117 13.63 -27.37 119.91
N ARG P 118 12.33 -27.50 120.13
CA ARG P 118 11.40 -27.65 119.02
C ARG P 118 10.70 -26.34 118.68
N ARG P 119 10.36 -26.15 117.42
CA ARG P 119 9.66 -24.94 117.02
C ARG P 119 8.20 -25.10 117.46
N GLU P 120 7.51 -23.99 117.67
CA GLU P 120 6.13 -24.02 118.09
C GLU P 120 5.28 -24.86 117.14
N GLY P 121 4.44 -25.73 117.69
CA GLY P 121 3.58 -26.56 116.86
C GLY P 121 4.11 -27.96 116.62
N ASP P 122 5.41 -28.17 116.83
CA ASP P 122 6.01 -29.48 116.62
C ASP P 122 5.75 -30.34 117.86
N LEU P 123 4.66 -31.08 117.82
CA LEU P 123 4.25 -31.94 118.92
C LEU P 123 5.11 -33.18 119.15
N GLY P 124 5.88 -33.58 118.13
CA GLY P 124 6.71 -34.75 118.26
C GLY P 124 6.06 -35.95 117.58
N PRO P 125 6.56 -37.17 117.82
CA PRO P 125 6.00 -38.39 117.20
C PRO P 125 4.68 -38.84 117.81
N VAL P 126 3.65 -38.00 117.72
CA VAL P 126 2.35 -38.32 118.27
C VAL P 126 1.47 -39.12 117.29
N TYR P 127 0.22 -39.33 117.69
CA TYR P 127 -0.78 -40.08 116.91
C TYR P 127 -0.43 -40.43 115.46
N GLY P 128 -0.64 -39.47 114.56
CA GLY P 128 -0.37 -39.69 113.15
C GLY P 128 0.95 -40.34 112.79
N PHE P 129 2.03 -39.93 113.45
CA PHE P 129 3.34 -40.49 113.17
C PHE P 129 3.40 -41.96 113.54
N GLN P 130 2.87 -42.32 114.71
CA GLN P 130 2.87 -43.72 115.15
C GLN P 130 1.99 -44.56 114.22
N TRP P 131 0.85 -44.00 113.83
CA TRP P 131 -0.10 -44.68 112.96
C TRP P 131 0.48 -45.09 111.61
N ARG P 132 1.27 -44.20 110.99
CA ARG P 132 1.84 -44.49 109.68
C ARG P 132 3.35 -44.78 109.66
N HIS P 133 4.06 -44.49 110.74
CA HIS P 133 5.50 -44.71 110.77
C HIS P 133 6.03 -45.28 112.09
N PHE P 134 5.24 -46.12 112.75
CA PHE P 134 5.66 -46.68 114.02
C PHE P 134 7.06 -47.31 113.96
N GLY P 135 7.92 -46.92 114.89
CA GLY P 135 9.26 -47.47 114.92
C GLY P 135 10.31 -46.61 114.25
N ALA P 136 9.90 -45.74 113.34
CA ALA P 136 10.83 -44.87 112.63
C ALA P 136 11.48 -43.88 113.60
N GLU P 137 12.64 -43.37 113.22
CA GLU P 137 13.38 -42.40 114.02
C GLU P 137 12.79 -41.01 113.77
N TYR P 138 12.43 -40.32 114.84
CA TYR P 138 11.85 -38.98 114.71
C TYR P 138 12.90 -37.90 114.88
N THR P 139 12.93 -36.95 113.95
CA THR P 139 13.85 -35.82 114.03
C THR P 139 13.01 -34.61 114.41
N ASP P 140 12.23 -34.11 113.45
CA ASP P 140 11.33 -32.98 113.69
C ASP P 140 10.07 -33.19 112.83
N ALA P 141 9.14 -32.22 112.80
CA ALA P 141 7.94 -32.43 111.99
C ALA P 141 8.14 -32.33 110.49
N ASP P 142 9.30 -31.83 110.07
CA ASP P 142 9.60 -31.68 108.65
C ASP P 142 10.37 -32.87 108.10
N GLY P 143 10.73 -33.80 108.98
CA GLY P 143 11.47 -34.97 108.56
C GLY P 143 10.79 -35.79 107.48
N ASP P 144 11.60 -36.48 106.67
CA ASP P 144 11.09 -37.32 105.60
C ASP P 144 10.92 -38.74 106.13
N TYR P 145 9.67 -39.12 106.36
CA TYR P 145 9.37 -40.45 106.91
C TYR P 145 8.69 -41.38 105.92
N LYS P 146 8.50 -40.91 104.69
CA LYS P 146 7.85 -41.72 103.67
C LYS P 146 8.54 -43.07 103.52
N GLY P 147 7.77 -44.15 103.64
CA GLY P 147 8.33 -45.48 103.51
C GLY P 147 9.12 -45.95 104.72
N LYS P 148 9.09 -45.18 105.79
CA LYS P 148 9.82 -45.55 107.01
C LYS P 148 8.87 -45.93 108.14
N GLY P 149 9.27 -46.92 108.93
CA GLY P 149 8.44 -47.37 110.04
C GLY P 149 7.30 -48.26 109.56
N VAL P 150 6.46 -48.70 110.49
CA VAL P 150 5.35 -49.58 110.14
C VAL P 150 4.08 -48.77 109.87
N ASP P 151 3.49 -48.96 108.70
CA ASP P 151 2.26 -48.27 108.35
C ASP P 151 1.08 -49.12 108.82
N GLN P 152 0.71 -48.95 110.09
CA GLN P 152 -0.38 -49.71 110.68
C GLN P 152 -1.72 -49.50 109.99
N LEU P 153 -2.00 -48.25 109.63
CA LEU P 153 -3.28 -47.92 108.99
C LEU P 153 -3.48 -48.67 107.68
N GLN P 154 -2.50 -48.62 106.78
CA GLN P 154 -2.65 -49.31 105.51
C GLN P 154 -2.74 -50.82 105.72
N ARG P 155 -2.01 -51.33 106.69
CA ARG P 155 -2.03 -52.77 106.97
C ARG P 155 -3.45 -53.16 107.40
N VAL P 156 -4.09 -52.29 108.17
CA VAL P 156 -5.44 -52.53 108.64
C VAL P 156 -6.37 -52.63 107.43
N ILE P 157 -6.20 -51.70 106.48
CA ILE P 157 -7.00 -51.68 105.27
C ILE P 157 -6.82 -52.97 104.46
N ASP P 158 -5.55 -53.32 104.22
CA ASP P 158 -5.21 -54.52 103.47
C ASP P 158 -5.74 -55.79 104.13
N THR P 159 -5.67 -55.85 105.45
CA THR P 159 -6.13 -57.02 106.20
C THR P 159 -7.65 -57.17 106.16
N ILE P 160 -8.37 -56.07 106.28
CA ILE P 160 -9.83 -56.11 106.24
C ILE P 160 -10.31 -56.63 104.88
N LYS P 161 -9.61 -56.23 103.83
CA LYS P 161 -9.95 -56.63 102.47
C LYS P 161 -9.55 -58.06 102.08
N ASN P 162 -8.36 -58.49 102.52
CA ASN P 162 -7.87 -59.80 102.15
C ASN P 162 -7.88 -60.91 103.20
N ASN P 163 -8.03 -60.54 104.46
CA ASN P 163 -8.08 -61.54 105.53
C ASN P 163 -8.84 -60.97 106.72
N PRO P 164 -10.13 -60.66 106.53
CA PRO P 164 -11.05 -60.09 107.52
C PRO P 164 -11.16 -60.81 108.86
N THR P 165 -11.01 -62.13 108.88
CA THR P 165 -11.11 -62.87 110.13
C THR P 165 -9.83 -62.78 110.97
N ASP P 166 -8.83 -62.09 110.45
CA ASP P 166 -7.57 -61.93 111.18
C ASP P 166 -7.92 -61.31 112.53
N ARG P 167 -7.18 -61.67 113.58
CA ARG P 167 -7.44 -61.16 114.91
C ARG P 167 -6.40 -60.17 115.42
N ARG P 168 -5.64 -59.59 114.49
CA ARG P 168 -4.60 -58.61 114.84
C ARG P 168 -4.81 -57.27 114.12
N ILE P 169 -6.05 -56.96 113.76
CA ILE P 169 -6.33 -55.71 113.06
C ILE P 169 -6.30 -54.57 114.08
N ILE P 170 -5.08 -54.18 114.44
CA ILE P 170 -4.86 -53.15 115.44
C ILE P 170 -4.20 -51.86 114.91
N LEU P 171 -4.66 -50.73 115.44
CA LEU P 171 -4.12 -49.42 115.09
C LEU P 171 -3.76 -48.79 116.43
N SER P 172 -2.47 -48.66 116.70
CA SER P 172 -2.03 -48.09 117.99
C SER P 172 -1.02 -46.97 117.88
N ALA P 173 -1.14 -46.00 118.78
CA ALA P 173 -0.24 -44.85 118.81
C ALA P 173 0.66 -44.92 120.05
N TRP P 174 0.40 -45.89 120.92
CA TRP P 174 1.20 -46.02 122.14
C TRP P 174 2.60 -46.55 121.82
N ASN P 175 3.61 -45.77 122.21
CA ASN P 175 5.00 -46.15 121.97
C ASN P 175 5.83 -45.72 123.19
N PRO P 176 6.05 -46.64 124.13
CA PRO P 176 6.82 -46.35 125.34
C PRO P 176 8.17 -45.67 125.10
N LYS P 177 8.81 -46.01 123.99
CA LYS P 177 10.11 -45.42 123.68
C LYS P 177 10.02 -43.96 123.24
N ASP P 178 9.00 -43.63 122.46
CA ASP P 178 8.82 -42.27 121.96
C ASP P 178 8.07 -41.30 122.89
N LEU P 179 7.43 -41.83 123.93
CA LEU P 179 6.66 -41.00 124.86
C LEU P 179 7.33 -39.69 125.28
N PRO P 180 8.57 -39.76 125.78
CA PRO P 180 9.24 -38.51 126.19
C PRO P 180 9.41 -37.47 125.10
N LEU P 181 9.32 -37.88 123.84
CA LEU P 181 9.46 -36.95 122.72
C LEU P 181 8.11 -36.32 122.36
N MET P 182 7.05 -36.82 123.00
CA MET P 182 5.70 -36.34 122.74
C MET P 182 5.28 -35.21 123.67
N ALA P 183 4.68 -34.17 123.10
CA ALA P 183 4.20 -33.05 123.90
C ALA P 183 3.17 -33.58 124.87
N LEU P 184 2.47 -34.63 124.46
CA LEU P 184 1.45 -35.24 125.29
C LEU P 184 1.30 -36.71 124.87
N PRO P 185 1.23 -37.64 125.84
CA PRO P 185 1.08 -39.05 125.50
C PRO P 185 -0.31 -39.31 124.91
N PRO P 186 -0.42 -40.29 124.01
CA PRO P 186 -1.71 -40.61 123.38
C PRO P 186 -2.83 -40.90 124.39
N CYS P 187 -3.99 -40.28 124.19
CA CYS P 187 -5.14 -40.52 125.06
C CYS P 187 -5.85 -41.74 124.49
N HIS P 188 -6.22 -41.67 123.23
CA HIS P 188 -6.82 -42.82 122.57
C HIS P 188 -5.60 -43.57 122.07
N MET P 189 -5.11 -44.49 122.91
CA MET P 189 -3.90 -45.24 122.59
C MET P 189 -3.98 -46.34 121.54
N PHE P 190 -5.17 -46.81 121.21
CA PHE P 190 -5.29 -47.85 120.19
C PHE P 190 -6.74 -48.26 119.98
N CYS P 191 -6.98 -48.96 118.88
CA CYS P 191 -8.30 -49.45 118.56
C CYS P 191 -8.16 -50.75 117.78
N GLN P 192 -9.21 -51.56 117.82
CA GLN P 192 -9.21 -52.84 117.13
C GLN P 192 -10.44 -52.92 116.24
N PHE P 193 -10.25 -53.35 114.99
CA PHE P 193 -11.34 -53.49 114.06
C PHE P 193 -11.76 -54.95 113.92
N PHE P 194 -13.04 -55.17 113.70
CA PHE P 194 -13.59 -56.51 113.56
C PHE P 194 -14.51 -56.54 112.35
N VAL P 195 -14.42 -57.61 111.57
CA VAL P 195 -15.25 -57.76 110.38
C VAL P 195 -16.15 -58.98 110.45
N SER P 196 -17.45 -58.76 110.39
CA SER P 196 -18.41 -59.86 110.41
C SER P 196 -18.64 -60.28 108.98
N LEU P 197 -18.51 -61.58 108.72
CA LEU P 197 -18.70 -62.11 107.37
C LEU P 197 -20.18 -62.09 106.99
N PRO P 198 -20.48 -62.01 105.69
CA PRO P 198 -21.87 -61.99 105.21
C PRO P 198 -22.62 -63.25 105.65
N PRO P 199 -23.83 -63.08 106.18
CA PRO P 199 -24.64 -64.22 106.63
C PRO P 199 -24.89 -65.21 105.50
N PRO P 203 -25.05 -63.93 100.79
CA PRO P 203 -23.60 -63.79 100.68
C PRO P 203 -23.18 -62.60 99.82
N GLY P 204 -24.17 -61.87 99.30
CA GLY P 204 -23.87 -60.72 98.46
C GLY P 204 -23.73 -59.45 99.27
N SER P 205 -24.24 -59.46 100.49
CA SER P 205 -24.16 -58.30 101.37
C SER P 205 -22.72 -57.94 101.71
N LYS P 206 -22.51 -56.70 102.13
CA LYS P 206 -21.18 -56.24 102.49
C LYS P 206 -20.85 -56.66 103.92
N PRO P 207 -19.59 -57.04 104.17
CA PRO P 207 -19.21 -57.45 105.52
C PRO P 207 -19.42 -56.25 106.45
N LYS P 208 -19.71 -56.50 107.71
CA LYS P 208 -19.91 -55.41 108.65
C LYS P 208 -18.63 -55.09 109.42
N LEU P 209 -18.30 -53.80 109.50
CA LEU P 209 -17.09 -53.34 110.18
C LEU P 209 -17.38 -52.69 111.52
N SER P 210 -16.70 -53.14 112.57
CA SER P 210 -16.86 -52.58 113.90
C SER P 210 -15.51 -52.10 114.41
N CYS P 211 -15.54 -51.22 115.41
CA CYS P 211 -14.31 -50.67 115.96
C CYS P 211 -14.41 -50.46 117.47
N LEU P 212 -13.40 -50.93 118.19
CA LEU P 212 -13.35 -50.77 119.64
C LEU P 212 -12.09 -49.95 119.92
N MET P 213 -12.26 -48.83 120.62
CA MET P 213 -11.14 -47.97 120.95
C MET P 213 -11.01 -47.84 122.46
N TYR P 214 -9.77 -47.87 122.94
CA TYR P 214 -9.51 -47.75 124.36
C TYR P 214 -8.82 -46.42 124.64
N GLN P 215 -9.39 -45.65 125.55
CA GLN P 215 -8.86 -44.34 125.91
C GLN P 215 -8.42 -44.38 127.39
N ARG P 216 -7.13 -44.23 127.62
CA ARG P 216 -6.56 -44.27 128.98
C ARG P 216 -7.02 -43.12 129.88
N SER P 217 -7.15 -41.94 129.29
CA SER P 217 -7.56 -40.74 130.01
C SER P 217 -8.66 -40.07 129.21
N CYS P 218 -9.77 -39.75 129.87
CA CYS P 218 -10.89 -39.16 129.17
C CYS P 218 -11.49 -37.90 129.78
N ASP P 219 -11.31 -36.78 129.08
CA ASP P 219 -11.86 -35.50 129.50
C ASP P 219 -13.26 -35.52 128.91
N LEU P 220 -14.24 -35.94 129.70
CA LEU P 220 -15.61 -36.02 129.20
C LEU P 220 -16.19 -34.73 128.66
N GLY P 221 -15.86 -33.60 129.28
CA GLY P 221 -16.40 -32.34 128.82
C GLY P 221 -15.93 -31.96 127.43
N LEU P 222 -14.61 -31.92 127.22
CA LEU P 222 -14.04 -31.52 125.95
C LEU P 222 -13.53 -32.62 125.03
N GLY P 223 -12.81 -33.58 125.58
CA GLY P 223 -12.25 -34.65 124.76
C GLY P 223 -13.19 -35.70 124.18
N VAL P 224 -13.89 -36.41 125.06
CA VAL P 224 -14.79 -37.48 124.63
C VAL P 224 -15.71 -37.14 123.45
N PRO P 225 -16.29 -35.93 123.43
CA PRO P 225 -17.15 -35.61 122.29
C PRO P 225 -16.39 -35.74 120.97
N PHE P 226 -15.14 -35.28 120.96
CA PHE P 226 -14.31 -35.37 119.77
C PHE P 226 -13.91 -36.82 119.49
N ASN P 227 -13.43 -37.51 120.51
CA ASN P 227 -13.00 -38.91 120.37
C ASN P 227 -14.08 -39.79 119.77
N ILE P 228 -15.30 -39.66 120.26
CA ILE P 228 -16.41 -40.47 119.76
C ILE P 228 -16.65 -40.24 118.27
N ALA P 229 -16.77 -38.98 117.88
CA ALA P 229 -17.02 -38.63 116.48
C ALA P 229 -15.82 -38.99 115.60
N SER P 230 -14.62 -38.76 116.12
CA SER P 230 -13.40 -39.05 115.38
C SER P 230 -13.30 -40.51 114.95
N TYR P 231 -13.37 -41.42 115.92
CA TYR P 231 -13.27 -42.85 115.59
C TYR P 231 -14.48 -43.36 114.81
N ALA P 232 -15.63 -42.72 115.00
CA ALA P 232 -16.82 -43.12 114.26
C ALA P 232 -16.55 -42.77 112.79
N LEU P 233 -15.97 -41.60 112.58
CA LEU P 233 -15.64 -41.13 111.23
C LEU P 233 -14.55 -41.99 110.60
N LEU P 234 -13.55 -42.37 111.41
CA LEU P 234 -12.47 -43.20 110.90
C LEU P 234 -13.02 -44.54 110.40
N THR P 235 -13.97 -45.09 111.14
CA THR P 235 -14.57 -46.36 110.77
C THR P 235 -15.36 -46.21 109.46
N HIS P 236 -16.04 -45.07 109.29
CA HIS P 236 -16.79 -44.82 108.07
C HIS P 236 -15.81 -44.73 106.90
N MET P 237 -14.70 -44.02 107.12
CA MET P 237 -13.68 -43.86 106.08
C MET P 237 -13.13 -45.22 105.65
N ILE P 238 -12.69 -46.00 106.62
CA ILE P 238 -12.13 -47.32 106.35
C ILE P 238 -13.16 -48.21 105.65
N ALA P 239 -14.42 -48.09 106.06
CA ALA P 239 -15.48 -48.90 105.48
C ALA P 239 -15.61 -48.62 103.98
N LEU P 240 -15.51 -47.36 103.60
CA LEU P 240 -15.61 -46.96 102.20
C LEU P 240 -14.48 -47.54 101.36
N ILE P 241 -13.26 -47.46 101.88
CA ILE P 241 -12.09 -47.97 101.17
C ILE P 241 -12.01 -49.50 101.10
N THR P 242 -12.62 -50.17 102.09
CA THR P 242 -12.57 -51.63 102.12
C THR P 242 -13.85 -52.32 101.66
N ASP P 243 -14.80 -51.53 101.15
CA ASP P 243 -16.06 -52.09 100.68
C ASP P 243 -16.81 -52.83 101.78
N THR P 244 -16.78 -52.28 102.99
CA THR P 244 -17.49 -52.87 104.12
C THR P 244 -18.54 -51.89 104.62
N GLU P 245 -19.45 -52.37 105.45
CA GLU P 245 -20.52 -51.55 105.99
C GLU P 245 -20.28 -51.23 107.46
N PRO P 246 -20.17 -49.93 107.81
CA PRO P 246 -19.95 -49.58 109.22
C PRO P 246 -21.07 -50.16 110.07
N HIS P 247 -20.70 -50.78 111.19
CA HIS P 247 -21.70 -51.38 112.06
C HIS P 247 -21.78 -50.82 113.47
N GLU P 248 -20.69 -50.97 114.23
CA GLU P 248 -20.69 -50.50 115.61
C GLU P 248 -19.36 -49.94 116.07
N PHE P 249 -19.42 -48.96 116.98
CA PHE P 249 -18.22 -48.36 117.55
C PHE P 249 -18.32 -48.49 119.06
N ILE P 250 -17.30 -49.10 119.67
CA ILE P 250 -17.27 -49.28 121.11
C ILE P 250 -16.13 -48.46 121.70
N LEU P 251 -16.40 -47.80 122.82
CA LEU P 251 -15.39 -46.98 123.46
C LEU P 251 -15.21 -47.36 124.93
N GLN P 252 -14.05 -47.91 125.26
CA GLN P 252 -13.75 -48.29 126.63
C GLN P 252 -12.82 -47.24 127.24
N MET P 253 -13.20 -46.75 128.41
CA MET P 253 -12.42 -45.72 129.09
C MET P 253 -11.64 -46.24 130.29
N GLY P 254 -10.51 -45.60 130.55
CA GLY P 254 -9.70 -45.95 131.70
C GLY P 254 -10.03 -44.92 132.77
N ASP P 255 -9.24 -43.86 132.82
CA ASP P 255 -9.47 -42.79 133.79
C ASP P 255 -10.50 -41.82 133.19
N ALA P 256 -11.77 -42.02 133.54
CA ALA P 256 -12.86 -41.18 133.05
C ALA P 256 -13.08 -40.06 134.06
N HIS P 257 -12.82 -38.82 133.65
CA HIS P 257 -12.95 -37.69 134.56
C HIS P 257 -13.66 -36.44 134.01
N VAL P 258 -14.08 -35.60 134.94
CA VAL P 258 -14.73 -34.33 134.63
C VAL P 258 -13.93 -33.27 135.39
N TYR P 259 -13.32 -32.34 134.66
CA TYR P 259 -12.54 -31.30 135.32
C TYR P 259 -13.41 -30.42 136.22
N ARG P 260 -12.82 -29.96 137.31
CA ARG P 260 -13.52 -29.13 138.29
C ARG P 260 -14.24 -27.95 137.66
N ASP P 261 -13.59 -27.28 136.70
CA ASP P 261 -14.20 -26.12 136.05
C ASP P 261 -15.17 -26.48 134.93
N HIS P 262 -15.52 -27.76 134.81
CA HIS P 262 -16.46 -28.21 133.79
C HIS P 262 -17.78 -28.64 134.41
N VAL P 263 -17.78 -28.88 135.72
CA VAL P 263 -18.97 -29.32 136.43
C VAL P 263 -20.20 -28.46 136.19
N GLU P 264 -20.11 -27.17 136.46
CA GLU P 264 -21.25 -26.28 136.26
C GLU P 264 -21.69 -26.20 134.80
N PRO P 265 -20.73 -26.02 133.87
CA PRO P 265 -21.14 -25.95 132.46
C PRO P 265 -21.85 -27.22 131.99
N LEU P 266 -21.40 -28.37 132.47
CA LEU P 266 -22.00 -29.65 132.10
C LEU P 266 -23.39 -29.83 132.68
N LYS P 267 -23.64 -29.27 133.85
CA LYS P 267 -24.96 -29.38 134.48
C LYS P 267 -26.00 -28.76 133.57
N THR P 268 -25.61 -27.73 132.83
CA THR P 268 -26.52 -27.07 131.89
C THR P 268 -26.82 -28.02 130.74
N GLN P 269 -25.79 -28.74 130.29
CA GLN P 269 -25.95 -29.68 129.19
C GLN P 269 -26.81 -30.88 129.58
N LEU P 270 -26.69 -31.31 130.84
CA LEU P 270 -27.45 -32.45 131.33
C LEU P 270 -28.96 -32.23 131.31
N GLU P 271 -29.37 -30.97 131.22
CA GLU P 271 -30.78 -30.62 131.19
C GLU P 271 -31.39 -30.77 129.81
N ARG P 272 -30.54 -30.89 128.80
CA ARG P 272 -30.99 -30.99 127.41
C ARG P 272 -31.29 -32.39 126.91
N GLU P 273 -32.36 -32.49 126.11
CA GLU P 273 -32.77 -33.75 125.52
C GLU P 273 -32.10 -33.90 124.15
N PRO P 274 -31.43 -35.03 123.91
CA PRO P 274 -30.74 -35.29 122.64
C PRO P 274 -31.66 -35.29 121.42
N ARG P 275 -31.10 -34.89 120.29
CA ARG P 275 -31.82 -34.89 119.01
C ARG P 275 -31.25 -36.09 118.27
N ASP P 276 -32.00 -36.63 117.31
CA ASP P 276 -31.52 -37.78 116.57
C ASP P 276 -30.16 -37.47 115.94
N PHE P 277 -29.25 -38.42 115.99
CA PHE P 277 -27.92 -38.23 115.42
C PHE P 277 -28.01 -37.94 113.92
N PRO P 278 -27.04 -37.19 113.39
CA PRO P 278 -27.02 -36.86 111.96
C PRO P 278 -26.50 -38.04 111.16
N LYS P 279 -26.51 -37.92 109.84
CA LYS P 279 -26.02 -38.98 108.99
C LYS P 279 -24.86 -38.50 108.14
N LEU P 280 -23.96 -39.42 107.79
CA LEU P 280 -22.80 -39.08 106.99
C LEU P 280 -22.95 -39.55 105.55
N LYS P 281 -22.57 -38.68 104.62
CA LYS P 281 -22.64 -38.99 103.19
C LYS P 281 -21.32 -38.52 102.59
N TRP P 282 -20.90 -39.16 101.49
CA TRP P 282 -19.65 -38.78 100.83
C TRP P 282 -19.91 -37.90 99.62
N ALA P 283 -19.15 -36.83 99.49
CA ALA P 283 -19.29 -35.91 98.37
C ALA P 283 -18.69 -36.49 97.10
N ARG P 284 -17.89 -37.54 97.26
CA ARG P 284 -17.24 -38.19 96.12
C ARG P 284 -17.36 -39.70 96.25
N SER P 285 -17.01 -40.42 95.18
CA SER P 285 -17.08 -41.87 95.18
C SER P 285 -15.79 -42.51 95.69
N LYS P 286 -15.86 -43.82 95.95
CA LYS P 286 -14.71 -44.57 96.43
C LYS P 286 -13.56 -44.43 95.45
N GLU P 287 -13.88 -44.56 94.16
CA GLU P 287 -12.88 -44.46 93.10
C GLU P 287 -12.21 -43.08 93.07
N GLU P 288 -13.00 -42.03 93.21
CA GLU P 288 -12.45 -40.68 93.20
C GLU P 288 -11.54 -40.44 94.40
N ILE P 289 -11.98 -40.87 95.58
CA ILE P 289 -11.18 -40.71 96.79
C ILE P 289 -9.93 -41.58 96.68
N GLY P 290 -10.08 -42.77 96.09
CA GLY P 290 -8.96 -43.65 95.90
C GLY P 290 -8.58 -44.53 97.08
N ASP P 291 -7.88 -43.95 98.06
CA ASP P 291 -7.46 -44.70 99.24
C ASP P 291 -7.66 -43.88 100.51
N ILE P 292 -7.19 -44.43 101.63
CA ILE P 292 -7.32 -43.76 102.92
C ILE P 292 -6.63 -42.39 102.98
N ASP P 293 -5.71 -42.15 102.06
CA ASP P 293 -4.99 -40.88 102.02
C ASP P 293 -5.60 -39.87 101.05
N GLY P 294 -6.72 -40.23 100.44
CA GLY P 294 -7.34 -39.33 99.48
C GLY P 294 -8.54 -38.54 99.95
N PHE P 295 -8.86 -38.61 101.24
CA PHE P 295 -10.00 -37.86 101.77
C PHE P 295 -9.72 -36.39 101.97
N LYS P 296 -10.76 -35.57 101.83
CA LYS P 296 -10.67 -34.13 102.01
C LYS P 296 -11.82 -33.68 102.92
N VAL P 297 -11.62 -32.60 103.64
CA VAL P 297 -12.65 -32.10 104.55
C VAL P 297 -14.02 -32.00 103.87
N GLU P 298 -14.04 -31.43 102.67
CA GLU P 298 -15.28 -31.26 101.92
C GLU P 298 -15.94 -32.57 101.48
N ASP P 299 -15.26 -33.69 101.66
CA ASP P 299 -15.83 -34.98 101.28
C ASP P 299 -16.88 -35.42 102.31
N PHE P 300 -16.74 -34.93 103.53
CA PHE P 300 -17.66 -35.28 104.61
C PHE P 300 -18.93 -34.45 104.62
N VAL P 301 -20.02 -35.03 104.12
CA VAL P 301 -21.31 -34.34 104.08
C VAL P 301 -22.19 -34.83 105.22
N VAL P 302 -22.23 -34.07 106.30
CA VAL P 302 -23.04 -34.42 107.46
C VAL P 302 -24.39 -33.71 107.38
N GLU P 303 -25.46 -34.49 107.26
CA GLU P 303 -26.80 -33.91 107.15
C GLU P 303 -27.69 -34.27 108.34
N GLY P 304 -28.57 -33.34 108.69
CA GLY P 304 -29.48 -33.55 109.80
C GLY P 304 -28.92 -33.26 111.18
N TYR P 305 -27.79 -32.54 111.23
CA TYR P 305 -27.20 -32.22 112.54
C TYR P 305 -27.99 -31.06 113.15
N LYS P 306 -28.65 -31.33 114.26
CA LYS P 306 -29.45 -30.33 114.94
C LYS P 306 -29.15 -30.28 116.44
N PRO P 307 -28.00 -29.70 116.80
CA PRO P 307 -27.57 -29.59 118.20
C PRO P 307 -28.12 -28.37 118.93
N TRP P 308 -28.00 -28.39 120.26
CA TRP P 308 -28.42 -27.27 121.08
C TRP P 308 -27.25 -26.29 121.04
N GLY P 309 -27.34 -25.21 121.81
CA GLY P 309 -26.30 -24.21 121.82
C GLY P 309 -24.95 -24.71 122.33
N LYS P 310 -23.89 -23.96 122.02
CA LYS P 310 -22.55 -24.33 122.44
C LYS P 310 -22.43 -24.14 123.95
N ILE P 311 -21.50 -24.87 124.54
CA ILE P 311 -21.25 -24.78 125.97
C ILE P 311 -19.76 -24.53 126.16
N ASP P 312 -19.42 -23.35 126.68
CA ASP P 312 -18.04 -22.98 126.87
C ASP P 312 -17.37 -23.75 128.01
N MET P 313 -16.21 -24.33 127.70
CA MET P 313 -15.43 -25.07 128.67
C MET P 313 -13.95 -24.86 128.37
N LYS P 314 -13.21 -24.45 129.40
CA LYS P 314 -11.78 -24.20 129.24
C LYS P 314 -10.99 -25.50 129.31
N MET P 315 -9.99 -25.61 128.42
CA MET P 315 -9.15 -26.80 128.41
C MET P 315 -7.96 -26.59 129.32
N SER P 316 -7.64 -27.61 130.12
CA SER P 316 -6.51 -27.52 131.03
C SER P 316 -5.28 -28.10 130.34
N ALA P 317 -4.28 -27.25 130.12
CA ALA P 317 -3.04 -27.65 129.46
C ALA P 317 -2.22 -28.62 130.31
N1 UMP Q . 51.25 20.86 -66.59
C2 UMP Q . 51.86 20.57 -67.78
N3 UMP Q . 51.15 20.02 -68.78
C4 UMP Q . 49.86 19.57 -68.61
C5 UMP Q . 49.21 19.66 -67.24
C6 UMP Q . 49.78 20.80 -66.38
O2 UMP Q . 53.05 20.81 -67.95
O4 UMP Q . 49.24 19.11 -69.57
C1' UMP Q . 52.10 21.30 -65.46
C2' UMP Q . 52.29 22.83 -65.31
C3' UMP Q . 52.44 22.98 -63.80
C4' UMP Q . 51.42 21.99 -63.19
O3' UMP Q . 53.69 22.42 -63.39
O4' UMP Q . 51.39 20.92 -64.21
C5' UMP Q . 50.02 22.62 -63.09
O5' UMP Q . 50.05 23.45 -61.89
P UMP Q . 49.54 24.88 -62.03
OP1 UMP Q . 50.36 25.49 -63.15
OP2 UMP Q . 48.10 24.92 -62.36
OP3 UMP Q . 49.72 25.58 -60.73
N1 CB3 R . 51.58 18.42 -62.36
C2 CB3 R . 52.91 18.69 -62.45
NA2 CB3 R . 53.63 19.20 -61.43
N3 CB3 R . 53.54 18.42 -63.61
C4 CB3 R . 52.86 17.84 -64.66
O4 CB3 R . 53.37 17.79 -65.93
C4A CB3 R . 51.54 17.41 -64.54
C5 CB3 R . 50.91 16.76 -65.59
C6 CB3 R . 49.55 16.25 -65.48
C7 CB3 R . 48.85 16.48 -64.21
C8 CB3 R . 49.54 17.20 -63.13
C8A CB3 R . 50.89 17.68 -63.31
C9 CB3 R . 49.10 15.19 -66.48
N10 CB3 R . 50.15 14.55 -67.32
C11 CB3 R . 53.53 12.31 -65.80
C12 CB3 R . 52.45 12.61 -64.91
C13 CB3 R . 51.32 13.33 -65.44
C14 CB3 R . 51.24 13.76 -66.84
C15 CB3 R . 52.36 13.50 -67.65
C16 CB3 R . 53.53 12.78 -67.15
C CB3 R . 54.56 11.47 -65.26
O CB3 R . 54.62 11.28 -64.05
N CB3 R . 55.43 10.92 -66.04
CA CB3 R . 56.50 10.05 -65.57
CB CB3 R . 56.01 8.59 -65.45
CG CB3 R . 55.45 8.01 -66.75
CD CB3 R . 54.61 6.74 -66.53
OE1 CB3 R . 53.51 6.84 -65.99
OE2 CB3 R . 55.08 5.64 -66.92
CT CB3 R . 57.58 10.16 -66.65
O1 CB3 R . 57.25 10.66 -67.74
O2 CB3 R . 58.73 9.76 -66.38
CP1 CB3 R . 49.92 14.60 -68.83
CP2 CB3 R . 50.67 15.72 -69.44
CP3 CB3 R . 51.25 16.74 -69.70
N1 UMP S . 41.00 41.83 -86.14
C2 UMP S . 42.14 42.27 -85.60
N3 UMP S . 42.12 42.71 -84.32
C4 UMP S . 41.06 42.85 -83.50
C5 UMP S . 39.72 42.48 -84.08
C6 UMP S . 39.82 41.54 -85.30
O2 UMP S . 43.18 42.25 -86.26
O4 UMP S . 41.16 43.33 -82.35
C1' UMP S . 40.98 41.42 -87.61
C2' UMP S . 41.36 39.97 -87.95
C3' UMP S . 40.60 39.74 -89.25
C4' UMP S . 39.23 40.43 -89.01
O3' UMP S . 41.36 40.32 -90.41
O4' UMP S . 39.60 41.47 -88.03
C5' UMP S . 38.26 39.51 -88.28
O5' UMP S . 37.91 38.56 -89.27
P UMP S . 37.84 37.03 -88.89
OP1 UMP S . 39.18 36.54 -88.52
OP2 UMP S . 36.96 36.88 -87.69
OP3 UMP S . 37.28 36.37 -90.12
N1 CB3 T . 38.02 43.88 -89.33
C2 CB3 T . 39.15 43.79 -90.11
NA2 CB3 T . 39.10 43.26 -91.33
N3 CB3 T . 40.32 44.17 -89.58
C4 CB3 T . 40.38 44.68 -88.31
O4 CB3 T . 41.58 45.05 -87.79
C4A CB3 T . 39.25 44.81 -87.50
C5 CB3 T . 39.31 45.38 -86.23
C6 CB3 T . 38.12 45.64 -85.46
C7 CB3 T . 36.85 45.25 -86.03
C8 CB3 T . 36.78 44.63 -87.34
C8A CB3 T . 38.02 44.42 -88.09
C9 CB3 T . 38.16 46.61 -84.31
N10 CB3 T . 39.33 47.58 -84.15
C11 CB3 T . 40.26 50.36 -87.33
C12 CB3 T . 39.10 49.68 -87.37
C13 CB3 T . 38.81 48.79 -86.29
C14 CB3 T . 39.69 48.54 -85.14
C15 CB3 T . 40.88 49.27 -85.15
C16 CB3 T . 41.19 50.20 -86.26
C CB3 T . 40.40 51.33 -88.38
O CB3 T . 39.73 51.31 -89.42
N CB3 T . 41.30 52.23 -88.17
CA CB3 T . 41.66 53.16 -89.31
CB CB3 T . 40.85 54.43 -89.04
CG CB3 T . 41.05 54.98 -87.62
CD CB3 T . 40.13 56.12 -87.28
OE1 CB3 T . 38.92 55.89 -87.08
OE2 CB3 T . 40.62 57.28 -87.24
CT CB3 T . 43.17 53.43 -89.25
O1 CB3 T . 43.82 52.97 -88.28
O2 CB3 T . 43.68 54.08 -90.20
CP1 CB3 T . 40.11 47.46 -82.88
CP2 CB3 T . 41.30 46.64 -83.17
CP3 CB3 T . 42.21 45.90 -83.47
N1 UMP U . -8.84 23.25 -75.28
C2 UMP U . -9.18 24.58 -75.63
N3 UMP U . -8.29 25.60 -75.39
C4 UMP U . -7.15 25.41 -74.66
C5 UMP U . -6.86 24.04 -74.07
C6 UMP U . -7.47 22.87 -74.86
O2 UMP U . -10.25 24.84 -76.16
O4 UMP U . -6.40 26.36 -74.46
C1' UMP U . -9.79 22.13 -75.46
C2' UMP U . -9.70 21.33 -76.78
C3' UMP U . -10.25 19.97 -76.37
C4' UMP U . -9.64 19.65 -74.97
O3' UMP U . -11.65 20.09 -76.07
O4' UMP U . -9.59 21.02 -74.44
C5' UMP U . -8.21 19.10 -75.09
O5' UMP U . -8.33 17.71 -75.36
P UMP U . -7.58 17.15 -76.61
OP1 UMP U . -8.02 17.97 -77.80
OP2 UMP U . -6.10 17.22 -76.40
OP3 UMP U . -8.05 15.75 -76.71
N1 CB3 V . -10.54 20.57 -71.60
C2 CB3 V . -11.73 20.70 -72.24
NA2 CB3 V . -12.49 19.66 -72.42
N3 CB3 V . -12.09 21.95 -72.65
C4 CB3 V . -11.31 23.06 -72.44
O4 CB3 V . -11.65 24.29 -72.94
C4A CB3 V . -10.13 22.96 -71.70
C5 CB3 V . -9.35 24.08 -71.38
C6 CB3 V . -8.16 23.99 -70.50
C7 CB3 V . -7.82 22.67 -69.99
C8 CB3 V . -8.61 21.51 -70.35
C8A CB3 V . -9.78 21.66 -71.21
C9 CB3 V . -7.62 25.20 -69.79
N10 CB3 V . -8.48 26.39 -69.77
C11 CB3 V . -12.40 26.61 -68.02
C12 CB3 V . -11.55 25.55 -67.71
C13 CB3 V . -10.25 25.51 -68.31
C14 CB3 V . -9.79 26.52 -69.24
C15 CB3 V . -10.70 27.55 -69.61
C16 CB3 V . -12.01 27.60 -69.00
C CB3 V . -13.67 26.56 -67.36
O CB3 V . -14.05 25.56 -66.76
N CB3 V . -14.40 27.63 -67.43
CA CB3 V . -15.65 27.74 -66.75
CB CB3 V . -15.39 28.10 -65.27
CG CB3 V . -14.60 29.40 -65.06
CD CB3 V . -14.31 29.67 -63.57
OE1 CB3 V . -13.48 28.95 -62.97
OE2 CB3 V . -14.90 30.60 -63.01
CT CB3 V . -16.40 28.88 -67.43
O1 CB3 V . -15.74 29.67 -68.16
O2 CB3 V . -17.64 28.97 -67.24
CP1 CB3 V . -7.83 27.57 -70.35
CP2 CB3 V . -8.36 27.80 -71.73
CP3 CB3 V . -8.83 27.86 -72.83
N1 UMP W . 8.91 29.79 -99.16
C2 UMP W . 7.71 29.32 -99.59
N3 UMP W . 7.49 28.03 -99.50
C4 UMP W . 8.36 27.11 -99.09
C5 UMP W . 9.73 27.53 -98.66
C6 UMP W . 9.80 29.01 -98.31
O2 UMP W . 6.84 30.03 -100.07
O4 UMP W . 8.04 25.93 -99.15
C1' UMP W . 9.18 31.20 -99.44
C2' UMP W . 8.60 32.15 -98.41
C3' UMP W . 9.58 33.32 -98.52
C4' UMP W . 10.97 32.68 -98.67
O3' UMP W . 9.30 34.18 -99.71
O4' UMP W . 10.62 31.41 -99.34
C5' UMP W . 11.58 32.32 -97.31
O5' UMP W . 12.17 33.53 -96.82
P UMP W . 11.83 33.90 -95.30
OP1 UMP W . 10.33 33.97 -95.06
OP2 UMP W . 12.33 32.66 -94.46
OP3 UMP W . 12.57 35.19 -95.03
N1 CB3 X . 12.78 31.20 -101.51
C2 CB3 X . 11.87 32.13 -102.02
NA2 CB3 X . 12.13 33.40 -102.03
N3 CB3 X . 10.67 31.70 -102.49
C4 CB3 X . 10.37 30.37 -102.49
O4 CB3 X . 9.21 29.93 -102.94
C4A CB3 X . 11.27 29.38 -101.98
C5 CB3 X . 10.96 28.03 -102.00
C6 CB3 X . 11.96 27.03 -101.59
C7 CB3 X . 13.26 27.50 -101.16
C8 CB3 X . 13.56 28.89 -101.11
C8A CB3 X . 12.54 29.86 -101.53
C9 CB3 X . 11.88 25.58 -102.01
N10 CB3 X . 10.90 25.24 -103.12
C11 CB3 X . 11.17 27.01 -107.06
C12 CB3 X . 12.26 27.15 -106.17
C13 CB3 X . 12.13 26.53 -104.88
C14 CB3 X . 10.97 25.78 -104.44
C15 CB3 X . 9.87 25.69 -105.38
C16 CB3 X . 9.98 26.31 -106.69
C CB3 X . 11.40 27.56 -108.40
O CB3 X . 12.35 28.32 -108.65
N CB3 X . 10.53 27.22 -109.31
CA CB3 X . 10.71 27.75 -110.70
CB CB3 X . 11.63 26.83 -111.52
CG CB3 X . 11.17 25.36 -111.55
CD CB3 X . 12.23 24.40 -112.11
OE1 CB3 X . 13.23 24.13 -111.41
OE2 CB3 X . 12.07 23.94 -113.26
CT CB3 X . 9.31 27.82 -111.28
O1 CB3 X . 9.12 28.55 -112.27
O2 CB3 X . 8.41 27.14 -110.75
CP1 CB3 X . 9.81 24.35 -102.60
CP2 CB3 X . 8.60 25.14 -102.29
CP3 CB3 X . 7.64 25.84 -102.10
N1 UMP Y . -38.59 49.60 -23.22
C2 UMP Y . -38.29 48.35 -22.75
N3 UMP Y . -39.13 47.31 -22.94
C4 UMP Y . -40.36 47.45 -23.46
C5 UMP Y . -40.86 48.83 -23.87
C6 UMP Y . -39.71 49.82 -24.14
O2 UMP Y . -37.22 48.14 -22.19
O4 UMP Y . -41.07 46.46 -23.57
C1' UMP Y . -37.73 50.72 -22.86
C2' UMP Y . -36.58 51.02 -23.85
C3' UMP Y . -36.32 52.49 -23.65
C4' UMP Y . -37.71 53.12 -23.51
O3' UMP Y . -35.62 52.66 -22.37
O4' UMP Y . -38.39 52.01 -22.79
C5' UMP Y . -38.37 53.27 -24.87
O5' UMP Y . -37.68 54.44 -25.22
P UMP Y . -37.24 54.55 -26.76
OP1 UMP Y . -36.20 53.47 -26.90
OP2 UMP Y . -38.39 54.35 -27.67
OP3 UMP Y . -36.62 55.87 -26.92
N1 CB3 Z . -39.93 53.22 -20.57
C2 CB3 Z . -38.69 53.01 -20.02
NA2 CB3 Z . -37.80 54.00 -19.79
N3 CB3 Z . -38.38 51.75 -19.63
C4 CB3 Z . -39.18 50.67 -19.80
O4 CB3 Z . -38.73 49.39 -19.59
C4A CB3 Z . -40.50 50.87 -20.28
C5 CB3 Z . -41.42 49.82 -20.36
C6 CB3 Z . -42.79 49.99 -20.77
C7 CB3 Z . -43.19 51.34 -21.13
C8 CB3 Z . -42.25 52.43 -21.08
C8A CB3 Z . -40.88 52.20 -20.64
C9 CB3 Z . -43.82 49.00 -20.47
N10 CB3 Z . -43.48 48.02 -19.33
C11 CB3 Z . -42.55 49.03 -15.22
C12 CB3 Z . -42.95 50.04 -16.11
C13 CB3 Z . -43.24 49.67 -17.46
C14 CB3 Z . -43.14 48.32 -17.98
C15 CB3 Z . -42.70 47.32 -17.03
C16 CB3 Z . -42.42 47.66 -15.68
C CB3 Z . -42.11 49.46 -13.93
O CB3 Z . -42.21 50.64 -13.61
N CB3 Z . -41.59 48.57 -13.12
CA CB3 Z . -41.58 48.68 -11.65
CB CB3 Z . -42.91 48.79 -10.85
CG CB3 Z . -44.04 47.85 -11.43
CD CB3 Z . -45.44 47.97 -10.74
OE1 CB3 Z . -45.58 47.52 -9.58
OE2 CB3 Z . -46.42 48.44 -11.40
CT CB3 Z . -40.77 47.50 -11.17
O1 CB3 Z . -40.78 46.44 -11.84
O2 CB3 Z . -40.15 47.68 -10.10
CP1 CB3 Z . -43.56 46.59 -19.77
CP2 CB3 Z . -42.19 46.11 -20.20
CP3 CB3 Z . -41.09 45.84 -20.61
N1 UMP AA . -31.93 33.21 -48.07
C2 UMP AA . -30.77 33.74 -47.58
N3 UMP AA . -30.50 35.04 -47.81
C4 UMP AA . -31.30 35.89 -48.53
C5 UMP AA . -32.59 35.40 -49.12
C6 UMP AA . -33.04 34.07 -48.54
O2 UMP AA . -29.98 33.07 -46.95
O4 UMP AA . -30.92 37.04 -48.72
C1' UMP AA . -32.09 31.77 -48.05
C2' UMP AA . -32.64 31.16 -46.73
C3' UMP AA . -33.36 29.90 -47.25
C4' UMP AA . -34.03 30.31 -48.61
O3' UMP AA . -32.38 28.92 -47.61
O4' UMP AA . -33.08 31.35 -49.03
C5' UMP AA . -35.35 31.05 -48.43
O5' UMP AA . -36.20 30.00 -48.12
P UMP AA . -37.39 30.14 -47.06
OP1 UMP AA . -36.73 30.33 -45.76
OP2 UMP AA . -38.28 31.26 -47.37
OP3 UMP AA . -38.18 28.87 -47.14
N1 CB3 BA . -32.69 30.59 -51.97
C2 CB3 BA . -31.87 29.67 -51.38
NA2 CB3 BA . -32.22 28.39 -51.23
N3 CB3 BA . -30.68 30.13 -50.88
C4 CB3 BA . -30.34 31.47 -50.92
O4 CB3 BA . -29.26 31.93 -50.33
C4A CB3 BA . -31.14 32.37 -51.64
C5 CB3 BA . -30.71 33.67 -51.90
C6 CB3 BA . -31.49 34.52 -52.78
C7 CB3 BA . -32.72 33.99 -53.33
C8 CB3 BA . -33.19 32.68 -53.05
C8A CB3 BA . -32.36 31.86 -52.19
C9 CB3 BA . -30.91 35.74 -53.40
N10 CB3 BA . -29.41 35.89 -53.41
C11 CB3 BA . -26.77 32.98 -55.09
C12 CB3 BA . -28.13 32.97 -55.49
C13 CB3 BA . -28.97 33.94 -54.94
C14 CB3 BA . -28.52 34.94 -53.96
C15 CB3 BA . -27.14 34.86 -53.51
C16 CB3 BA . -26.26 33.88 -54.07
C CB3 BA . -25.92 32.23 -55.93
O CB3 BA . -26.39 31.29 -56.56
N CB3 BA . -24.63 32.58 -55.99
CA CB3 BA . -23.74 31.62 -56.68
CB CB3 BA . -23.19 32.23 -57.97
CG CB3 BA . -24.14 33.13 -58.70
CD CB3 BA . -23.46 33.90 -59.81
OE1 CB3 BA . -24.19 34.59 -60.53
OE2 CB3 BA . -22.20 33.83 -59.95
CT CB3 BA . -22.52 31.43 -55.78
O1 CB3 BA . -22.29 32.30 -54.93
O2 CB3 BA . -21.79 30.46 -56.01
CP1 CB3 BA . -28.85 37.06 -52.61
CP2 CB3 BA . -28.54 36.62 -51.22
CP3 CB3 BA . -28.24 36.22 -50.14
N1 UMP CA . 15.60 -19.19 49.60
C2 UMP CA . 14.98 -19.03 50.80
N3 UMP CA . 15.72 -18.61 51.88
C4 UMP CA . 17.07 -18.46 51.84
C5 UMP CA . 17.82 -18.78 50.55
C6 UMP CA . 16.96 -18.70 49.30
O2 UMP CA . 13.78 -19.26 50.84
O4 UMP CA . 17.66 -18.04 52.85
C1' UMP CA . 14.85 -19.90 48.57
C2' UMP CA . 14.03 -18.97 47.69
C3' UMP CA . 14.00 -19.76 46.41
C4' UMP CA . 15.43 -20.31 46.25
O3' UMP CA . 13.09 -20.87 46.60
O4' UMP CA . 15.76 -20.59 47.66
C5' UMP CA . 16.37 -19.23 45.72
O5' UMP CA . 16.03 -19.48 44.35
P UMP CA . 15.92 -18.09 43.50
OP1 UMP CA . 14.83 -17.33 44.12
OP2 UMP CA . 17.26 -17.43 43.66
OP3 UMP CA . 15.65 -18.54 42.06
N1 CB3 DA . 16.97 -23.44 47.75
C2 CB3 DA . 15.61 -23.66 47.80
NA2 CB3 DA . 14.90 -24.01 46.73
N3 CB3 DA . 14.97 -23.53 48.97
C4 CB3 DA . 15.59 -22.94 50.05
O4 CB3 DA . 14.82 -22.51 51.09
C4A CB3 DA . 17.01 -22.70 50.08
C5 CB3 DA . 17.70 -22.28 51.23
C6 CB3 DA . 19.17 -22.22 51.23
C7 CB3 DA . 19.90 -22.54 50.00
C8 CB3 DA . 19.16 -22.94 48.81
C8A CB3 DA . 17.71 -23.02 48.86
C9 CB3 DA . 19.95 -22.26 52.51
N10 CB3 DA . 19.28 -22.77 53.74
C11 CB3 DA . 17.33 -26.53 54.09
C12 CB3 DA . 18.18 -26.32 52.95
C13 CB3 DA . 18.83 -25.07 52.87
C14 CB3 DA . 18.66 -24.01 53.87
C15 CB3 DA . 17.78 -24.26 55.00
C16 CB3 DA . 17.11 -25.51 55.11
C CB3 DA . 16.85 -27.85 54.22
O CB3 DA . 16.99 -28.66 53.32
N CB3 DA . 16.26 -28.12 55.35
CA CB3 DA . 15.80 -29.46 55.57
CB CB3 DA . 16.94 -30.36 56.10
CG CB3 DA . 17.54 -29.89 57.44
CD CB3 DA . 18.78 -30.70 57.88
OE1 CB3 DA . 19.89 -30.49 57.34
OE2 CB3 DA . 18.63 -31.56 58.76
CT CB3 DA . 14.63 -29.38 56.57
O1 CB3 DA . 14.56 -28.41 57.36
O2 CB3 DA . 13.78 -30.28 56.53
CP1 CB3 DA . 19.15 -21.75 54.82
CP2 CB3 DA . 17.85 -21.00 54.82
CP3 CB3 DA . 16.86 -20.35 54.56
N1 UMP EA . 12.78 11.02 52.61
C2 UMP EA . 11.64 10.49 52.07
N3 UMP EA . 11.63 10.10 50.76
C4 UMP EA . 12.66 10.28 49.91
C5 UMP EA . 13.96 10.94 50.40
C6 UMP EA . 14.11 10.91 51.93
O2 UMP EA . 10.60 10.38 52.72
O4 UMP EA . 12.51 9.94 48.72
C1' UMP EA . 12.67 11.56 54.01
C2' UMP EA . 12.90 10.54 55.15
C3' UMP EA . 13.57 11.43 56.20
C4' UMP EA . 14.53 12.36 55.42
O3' UMP EA . 12.52 12.27 56.68
O4' UMP EA . 13.80 12.44 54.11
C5' UMP EA . 15.89 11.70 55.19
O5' UMP EA . 16.43 11.77 56.50
P UMP EA . 17.18 10.63 57.08
OP1 UMP EA . 16.37 9.50 57.30
OP2 UMP EA . 18.20 10.28 56.23
OP3 UMP EA . 17.75 10.97 58.28
N1 CB3 FA . 14.07 15.49 53.63
C2 CB3 FA . 13.02 15.46 54.50
NA2 CB3 FA . 13.06 15.92 55.76
N3 CB3 FA . 11.92 14.90 54.03
C4 CB3 FA . 11.75 14.49 52.74
O4 CB3 FA . 10.62 13.98 52.29
C4A CB3 FA . 12.80 14.61 51.85
C5 CB3 FA . 12.61 14.33 50.51
C6 CB3 FA . 13.67 14.58 49.59
C7 CB3 FA . 14.91 15.09 50.10
C8 CB3 FA . 15.11 15.36 51.49
C8A CB3 FA . 14.00 15.13 52.36
C9 CB3 FA . 13.39 14.65 48.14
N10 CB3 FA . 12.00 14.83 47.70
C11 CB3 FA . 9.56 18.19 48.84
C12 CB3 FA . 10.98 18.29 49.00
C13 CB3 FA . 11.76 17.20 48.57
C14 CB3 FA . 11.19 15.97 48.00
C15 CB3 FA . 9.76 15.91 47.88
C16 CB3 FA . 8.95 16.99 48.30
C CB3 FA . 8.80 19.31 49.18
O CB3 FA . 9.24 20.22 49.88
N CB3 FA . 7.55 19.38 48.72
CA CB3 FA . 6.80 20.56 49.15
CB CB3 FA . 7.03 21.67 48.11
CG CB3 FA . 6.46 21.32 46.75
CD CB3 FA . 6.88 22.29 45.66
OE1 CB3 FA . 8.05 22.25 45.23
OE2 CB3 FA . 6.06 23.11 45.23
CT CB3 FA . 5.34 20.13 49.12
O1 CB3 FA . 5.06 19.10 48.50
O2 CB3 FA . 4.50 20.85 49.71
CP1 CB3 FA . 11.51 13.69 46.87
CP2 CB3 FA . 10.78 12.73 47.74
CP3 CB3 FA . 10.14 11.95 48.38
N1 UMP GA . 30.46 -26.58 6.92
C2 UMP GA . 31.14 -26.80 5.75
N3 UMP GA . 30.47 -27.38 4.73
C4 UMP GA . 29.15 -27.76 4.76
C5 UMP GA . 28.31 -27.55 6.01
C6 UMP GA . 28.99 -26.65 7.06
O2 UMP GA . 32.33 -26.49 5.63
O4 UMP GA . 28.66 -28.29 3.76
C1' UMP GA . 31.25 -26.17 8.10
C2' UMP GA . 31.50 -24.66 8.14
C3' UMP GA . 32.04 -24.53 9.55
C4' UMP GA . 31.08 -25.33 10.45
O3' UMP GA . 33.27 -25.23 9.55
O4' UMP GA . 30.81 -26.47 9.51
C5' UMP GA . 29.79 -24.55 10.70
O5' UMP GA . 30.09 -23.36 11.48
P UMP GA . 28.86 -22.43 11.89
OP1 UMP GA . 28.42 -21.64 10.73
OP2 UMP GA . 27.76 -23.30 12.35
OP3 UMP GA . 29.30 -21.53 12.99
N1 UMP HA . 20.54 -5.36 -12.31
C2 UMP HA . 21.77 -4.95 -11.86
N3 UMP HA . 21.83 -4.47 -10.57
C4 UMP HA . 20.77 -4.37 -9.70
C5 UMP HA . 19.38 -4.80 -10.13
C6 UMP HA . 19.36 -5.57 -11.45
O2 UMP HA . 22.77 -5.00 -12.58
O4 UMP HA . 20.97 -3.92 -8.57
C1' UMP HA . 20.39 -5.66 -13.74
C2' UMP HA . 20.87 -7.06 -14.10
C3' UMP HA . 20.33 -7.18 -15.51
C4' UMP HA . 18.88 -6.68 -15.45
O3' UMP HA . 21.06 -6.21 -16.26
O4' UMP HA . 19.06 -5.57 -14.44
C5' UMP HA . 17.96 -7.76 -14.85
O5' UMP HA . 17.87 -8.90 -15.76
P UMP HA . 17.52 -10.34 -15.17
OP1 UMP HA . 18.76 -10.99 -14.70
OP2 UMP HA . 16.56 -10.23 -14.05
OP3 UMP HA . 16.92 -11.17 -16.25
N1 UMP IA . -29.05 -23.94 -1.60
C2 UMP IA . -29.46 -22.72 -2.11
N3 UMP IA . -28.65 -21.64 -1.84
C4 UMP IA . -27.49 -21.67 -1.12
C5 UMP IA . -26.99 -22.97 -0.51
C6 UMP IA . -27.71 -24.21 -1.07
O2 UMP IA . -30.49 -22.61 -2.77
O4 UMP IA . -26.86 -20.62 -0.96
C1' UMP IA . -30.02 -25.06 -1.65
C2' UMP IA . -30.01 -25.78 -3.01
C3' UMP IA . -30.83 -27.00 -2.65
C4' UMP IA . -30.27 -27.53 -1.32
O3' UMP IA . -32.15 -26.49 -2.38
O4' UMP IA . -29.95 -26.21 -0.67
C5' UMP IA . -28.97 -28.30 -1.56
O5' UMP IA . -29.25 -29.53 -2.30
P UMP IA . -28.06 -30.31 -3.04
OP1 UMP IA . -27.89 -29.76 -4.40
OP2 UMP IA . -26.82 -30.11 -2.27
OP3 UMP IA . -28.36 -31.75 -3.13
N1 UMP JA . -11.67 -17.60 -25.50
C2 UMP JA . -12.91 -18.02 -25.94
N3 UMP JA . -13.19 -19.37 -25.85
C4 UMP JA . -12.32 -20.33 -25.39
C5 UMP JA . -10.93 -19.95 -24.92
C6 UMP JA . -10.77 -18.44 -24.67
O2 UMP JA . -13.74 -17.22 -26.38
O4 UMP JA . -12.70 -21.50 -25.36
C1' UMP JA . -11.24 -16.24 -25.81
C2' UMP JA . -11.83 -15.21 -24.84
C3' UMP JA . -10.99 -13.99 -25.19
C4' UMP JA . -9.54 -14.49 -25.23
O3' UMP JA . -11.35 -13.66 -26.52
O4' UMP JA . -9.78 -15.84 -25.85
C5' UMP JA . -8.98 -14.67 -23.82
O5' UMP JA . -8.85 -13.39 -23.15
P UMP JA . -8.82 -13.33 -21.54
OP1 UMP JA . -10.21 -13.25 -21.03
OP2 UMP JA . -8.18 -14.56 -21.00
OP3 UMP JA . -8.05 -12.15 -21.09
N1 UMP KA . -58.97 2.22 50.28
C2 UMP KA . -58.50 0.95 50.59
N3 UMP KA . -59.37 -0.10 50.43
C4 UMP KA . -60.68 0.00 50.02
C5 UMP KA . -61.26 1.36 49.68
C6 UMP KA . -60.20 2.45 49.50
O2 UMP KA . -57.34 0.77 50.97
O4 UMP KA . -61.36 -1.02 49.92
C1' UMP KA . -58.19 3.40 50.68
C2' UMP KA . -57.04 3.68 49.71
C3' UMP KA . -56.66 5.08 50.17
C4' UMP KA . -57.97 5.86 50.29
O3' UMP KA . -56.15 4.92 51.49
O4' UMP KA . -58.84 4.75 50.84
C5' UMP KA . -58.49 6.28 48.91
O5' UMP KA . -57.60 7.28 48.31
P UMP KA . -57.55 7.43 46.72
OP1 UMP KA . -56.65 6.39 46.16
OP2 UMP KA . -58.90 7.26 46.16
OP3 UMP KA . -57.03 8.78 46.34
N1 UMP LA . -52.32 -13.91 25.54
C2 UMP LA . -51.11 -13.51 26.09
N3 UMP LA . -50.78 -12.18 25.98
C4 UMP LA . -51.51 -11.22 25.33
C5 UMP LA . -52.82 -11.60 24.64
C6 UMP LA . -53.36 -12.96 25.09
O2 UMP LA . -50.36 -14.31 26.65
O4 UMP LA . -51.11 -10.06 25.31
C1' UMP LA . -52.60 -15.35 25.47
C2' UMP LA . -53.12 -15.91 26.79
C3' UMP LA . -53.58 -17.29 26.33
C4' UMP LA . -54.37 -17.05 25.04
O3' UMP LA . -52.37 -17.96 25.98
O4' UMP LA . -53.55 -15.93 24.46
C5' UMP LA . -55.79 -16.56 25.35
O5' UMP LA . -56.54 -17.62 26.01
P UMP LA . -57.96 -17.36 26.71
OP1 UMP LA . -57.75 -16.81 28.07
OP2 UMP LA . -58.72 -16.36 25.90
OP3 UMP LA . -58.73 -18.61 26.78
N1 UMP MA . -4.65 -66.42 123.51
C2 UMP MA . -5.35 -66.13 124.65
N3 UMP MA . -4.66 -65.61 125.71
C4 UMP MA . -3.31 -65.37 125.72
C5 UMP MA . -2.47 -65.68 124.50
C6 UMP MA . -3.29 -65.89 123.23
O2 UMP MA . -6.57 -66.33 124.72
O4 UMP MA . -2.80 -64.90 126.74
C1' UMP MA . -5.32 -67.22 122.46
C2' UMP MA . -6.21 -66.37 121.57
C3' UMP MA . -6.42 -67.32 120.41
C4' UMP MA . -5.05 -67.92 120.09
O3' UMP MA . -7.26 -68.35 120.88
O4' UMP MA . -4.54 -68.05 121.48
C5' UMP MA . -4.19 -66.91 119.34
O5' UMP MA . -4.76 -66.69 118.04
P UMP MA . -4.47 -65.29 117.30
OP1 UMP MA . -5.53 -64.33 117.70
OP2 UMP MA . -3.15 -64.79 117.74
OP3 UMP MA . -4.49 -65.49 115.84
N1 UMP NA . -7.59 -36.29 126.17
C2 UMP NA . -8.79 -36.79 125.73
N3 UMP NA . -8.88 -37.14 124.42
C4 UMP NA . -7.88 -37.05 123.49
C5 UMP NA . -6.51 -36.51 123.88
C6 UMP NA . -6.32 -36.39 125.41
O2 UMP NA . -9.75 -36.91 126.49
O4 UMP NA . -8.10 -37.40 122.34
C1' UMP NA . -7.51 -35.67 127.50
C2' UMP NA . -7.31 -36.69 128.62
C3' UMP NA . -6.97 -35.76 129.77
C4' UMP NA . -5.93 -34.78 129.21
O3' UMP NA . -8.17 -35.02 130.02
O4' UMP NA . -6.48 -34.61 127.82
C5' UMP NA . -4.55 -35.43 129.15
O5' UMP NA . -4.06 -35.67 130.50
P UMP NA . -3.00 -36.84 130.81
OP1 UMP NA . -3.76 -38.10 131.00
OP2 UMP NA . -2.07 -36.98 129.67
OP3 UMP NA . -2.26 -36.53 132.05
N ARG A 13 77.85 19.03 -81.73
CA ARG A 13 76.59 18.31 -82.06
C ARG A 13 76.66 17.69 -83.46
N SER A 14 76.40 16.39 -83.54
CA SER A 14 76.43 15.67 -84.80
C SER A 14 75.33 16.14 -85.75
N ASN A 15 74.21 16.56 -85.18
CA ASN A 15 73.06 17.05 -85.95
C ASN A 15 72.50 18.25 -85.20
N PRO A 16 73.15 19.40 -85.34
CA PRO A 16 72.77 20.67 -84.69
C PRO A 16 71.34 21.11 -84.95
N ASP A 17 70.80 20.70 -86.09
CA ASP A 17 69.46 21.12 -86.46
C ASP A 17 68.36 20.23 -85.91
N HIS A 18 68.72 19.19 -85.15
CA HIS A 18 67.70 18.31 -84.62
C HIS A 18 66.75 19.13 -83.77
N GLU A 19 65.46 19.02 -84.07
CA GLU A 19 64.45 19.78 -83.34
C GLU A 19 64.43 19.58 -81.84
N GLU A 20 64.88 18.43 -81.35
CA GLU A 20 64.88 18.17 -79.90
C GLU A 20 65.79 19.11 -79.14
N TYR A 21 66.77 19.69 -79.83
CA TYR A 21 67.65 20.65 -79.16
C TYR A 21 66.90 21.87 -78.64
N GLN A 22 65.74 22.16 -79.23
CA GLN A 22 64.93 23.29 -78.76
C GLN A 22 64.55 22.99 -77.30
N TYR A 23 64.09 21.77 -77.07
CA TYR A 23 63.68 21.36 -75.71
C TYR A 23 64.89 21.34 -74.75
N LEU A 24 65.98 20.72 -75.17
CA LEU A 24 67.19 20.64 -74.33
C LEU A 24 67.78 22.02 -74.04
N ASP A 25 67.85 22.85 -75.06
CA ASP A 25 68.40 24.20 -74.88
C ASP A 25 67.56 25.04 -73.90
N LEU A 26 66.24 24.95 -74.00
CA LEU A 26 65.40 25.73 -73.12
C LEU A 26 65.59 25.32 -71.67
N ILE A 27 65.67 24.02 -71.42
CA ILE A 27 65.88 23.52 -70.07
C ILE A 27 67.22 24.04 -69.53
N ARG A 28 68.24 24.00 -70.37
CA ARG A 28 69.57 24.50 -69.97
C ARG A 28 69.49 25.98 -69.63
N ARG A 29 68.78 26.74 -70.46
CA ARG A 29 68.63 28.17 -70.21
C ARG A 29 67.87 28.44 -68.91
N ILE A 30 66.77 27.73 -68.69
CA ILE A 30 66.00 27.93 -67.46
C ILE A 30 66.85 27.64 -66.23
N ILE A 31 67.60 26.55 -66.27
CA ILE A 31 68.44 26.20 -65.12
C ILE A 31 69.50 27.30 -64.93
N ASN A 32 70.06 27.79 -66.03
CA ASN A 32 71.10 28.82 -65.96
C ASN A 32 70.65 30.21 -65.53
N VAL A 33 69.69 30.79 -66.23
CA VAL A 33 69.23 32.13 -65.92
C VAL A 33 67.77 32.24 -65.44
N GLY A 34 67.12 31.11 -65.24
CA GLY A 34 65.74 31.15 -64.78
C GLY A 34 65.63 31.75 -63.39
N GLU A 35 64.44 32.21 -63.05
CA GLU A 35 64.20 32.82 -61.75
C GLU A 35 63.65 31.78 -60.74
N VAL A 36 64.25 31.71 -59.56
CA VAL A 36 63.81 30.78 -58.52
C VAL A 36 62.51 31.30 -57.94
N ARG A 37 61.46 30.48 -57.98
CA ARG A 37 60.17 30.93 -57.46
C ARG A 37 59.41 29.90 -56.65
N PRO A 38 58.51 30.38 -55.79
CA PRO A 38 57.67 29.51 -54.94
C PRO A 38 56.53 29.13 -55.88
N ASP A 39 55.78 28.10 -55.55
CA ASP A 39 54.67 27.70 -56.40
C ASP A 39 53.59 26.98 -55.62
N ARG A 40 52.46 26.74 -56.30
CA ARG A 40 51.33 26.07 -55.70
C ARG A 40 51.67 24.73 -55.04
N THR A 41 52.53 23.93 -55.68
CA THR A 41 52.86 22.60 -55.15
C THR A 41 53.74 22.64 -53.90
N GLY A 42 54.51 23.71 -53.74
CA GLY A 42 55.37 23.81 -52.60
C GLY A 42 56.78 23.27 -52.80
N THR A 43 57.05 22.68 -53.96
CA THR A 43 58.40 22.16 -54.19
C THR A 43 59.31 23.26 -54.73
N GLY A 44 58.73 24.26 -55.39
CA GLY A 44 59.54 25.34 -55.93
C GLY A 44 60.01 25.04 -57.34
N THR A 45 60.29 26.08 -58.13
CA THR A 45 60.75 25.91 -59.50
C THR A 45 61.72 27.03 -59.89
N VAL A 46 62.25 26.91 -61.09
CA VAL A 46 63.11 27.93 -61.67
C VAL A 46 62.35 28.18 -62.99
N ALA A 47 62.06 29.43 -63.33
CA ALA A 47 61.26 29.69 -64.53
C ALA A 47 61.61 30.91 -65.34
N LEU A 48 61.08 30.90 -66.57
CA LEU A 48 61.21 31.99 -67.53
C LEU A 48 59.80 32.15 -68.11
N PHE A 49 59.41 33.39 -68.42
CA PHE A 49 58.10 33.63 -69.00
C PHE A 49 58.14 33.89 -70.49
N ALA A 50 57.23 33.25 -71.22
CA ALA A 50 57.10 33.44 -72.66
C ALA A 50 58.39 33.32 -73.47
N PRO A 51 59.07 32.17 -73.37
CA PRO A 51 60.31 32.03 -74.15
C PRO A 51 59.91 31.76 -75.59
N PRO A 52 60.87 31.84 -76.53
CA PRO A 52 60.56 31.60 -77.93
C PRO A 52 59.80 30.26 -78.08
N SER A 53 58.84 30.22 -78.99
CA SER A 53 58.05 29.01 -79.20
C SER A 53 58.83 27.89 -79.87
N PHE A 54 58.35 26.65 -79.68
CA PHE A 54 58.97 25.48 -80.31
C PHE A 54 58.26 25.20 -81.61
N ARG A 55 59.01 24.72 -82.61
CA ARG A 55 58.40 24.36 -83.89
C ARG A 55 58.86 22.95 -84.25
N PHE A 56 57.92 22.10 -84.59
CA PHE A 56 58.24 20.73 -84.96
C PHE A 56 57.61 20.35 -86.29
N SER A 57 58.40 19.80 -87.19
CA SER A 57 57.85 19.38 -88.47
C SER A 57 57.10 18.06 -88.32
N LEU A 58 55.92 17.98 -88.94
CA LEU A 58 55.11 16.77 -88.90
C LEU A 58 55.06 16.14 -90.29
N ALA A 59 55.89 16.63 -91.20
CA ALA A 59 55.93 16.09 -92.55
C ALA A 59 56.58 14.71 -92.58
N ASP A 60 56.31 13.96 -93.64
CA ASP A 60 56.86 12.61 -93.79
C ASP A 60 56.51 11.71 -92.60
N ASN A 61 55.30 11.83 -92.10
CA ASN A 61 54.82 11.01 -90.99
C ASN A 61 55.65 11.12 -89.72
N THR A 62 56.36 12.23 -89.55
CA THR A 62 57.20 12.41 -88.38
C THR A 62 56.42 12.70 -87.08
N LEU A 63 56.85 12.05 -86.01
CA LEU A 63 56.24 12.23 -84.69
C LEU A 63 57.33 12.71 -83.73
N PRO A 64 57.22 13.96 -83.25
CA PRO A 64 58.22 14.49 -82.33
C PRO A 64 58.12 13.90 -80.93
N LEU A 65 58.46 12.62 -80.81
CA LEU A 65 58.47 11.92 -79.53
C LEU A 65 59.93 12.00 -79.06
N LEU A 66 60.19 12.71 -77.96
CA LEU A 66 61.54 12.90 -77.46
C LEU A 66 62.34 11.61 -77.33
N THR A 67 63.62 11.71 -77.69
CA THR A 67 64.50 10.56 -77.66
C THR A 67 65.57 10.60 -76.60
N THR A 68 65.77 11.75 -75.95
CA THR A 68 66.81 11.81 -74.94
C THR A 68 66.40 11.13 -73.65
N LYS A 69 65.19 10.58 -73.63
CA LYS A 69 64.69 9.82 -72.49
C LYS A 69 63.53 8.99 -73.03
N ARG A 70 63.23 7.86 -72.39
CA ARG A 70 62.13 7.02 -72.84
C ARG A 70 60.82 7.67 -72.43
N VAL A 71 59.97 7.98 -73.38
CA VAL A 71 58.67 8.62 -73.08
C VAL A 71 57.58 7.57 -73.12
N PHE A 72 56.70 7.59 -72.12
CA PHE A 72 55.60 6.62 -72.03
C PHE A 72 54.58 6.87 -73.17
N LEU A 73 54.92 6.45 -74.37
CA LEU A 73 54.07 6.64 -75.53
C LEU A 73 52.62 6.19 -75.34
N ARG A 74 52.45 4.97 -74.85
CA ARG A 74 51.11 4.44 -74.64
C ARG A 74 50.31 5.35 -73.73
N GLY A 75 50.97 5.94 -72.73
CA GLY A 75 50.28 6.84 -71.82
C GLY A 75 49.83 8.11 -72.55
N VAL A 76 50.65 8.60 -73.47
CA VAL A 76 50.30 9.82 -74.23
C VAL A 76 49.06 9.51 -75.08
N ILE A 77 49.11 8.43 -75.85
CA ILE A 77 47.98 8.02 -76.68
C ILE A 77 46.71 7.81 -75.85
N ALA A 78 46.82 7.05 -74.77
CA ALA A 78 45.66 6.80 -73.95
C ALA A 78 45.01 8.09 -73.44
N GLU A 79 45.83 9.00 -72.92
CA GLU A 79 45.31 10.27 -72.43
C GLU A 79 44.62 11.06 -73.56
N LEU A 80 45.22 11.06 -74.75
CA LEU A 80 44.66 11.79 -75.88
C LEU A 80 43.30 11.24 -76.32
N LEU A 81 43.18 9.91 -76.43
CA LEU A 81 41.93 9.29 -76.84
C LEU A 81 40.88 9.51 -75.76
N TRP A 82 41.35 9.70 -74.54
CA TRP A 82 40.52 9.95 -73.37
C TRP A 82 39.96 11.39 -73.51
N PHE A 83 40.81 12.33 -73.89
CA PHE A 83 40.37 13.72 -74.09
C PHE A 83 39.29 13.71 -75.17
N VAL A 84 39.64 13.13 -76.31
CA VAL A 84 38.73 13.09 -77.45
C VAL A 84 37.35 12.53 -77.09
N SER A 85 37.33 11.51 -76.24
CA SER A 85 36.08 10.88 -75.85
C SER A 85 35.24 11.79 -74.97
N GLY A 86 35.84 12.87 -74.46
CA GLY A 86 35.10 13.78 -73.59
C GLY A 86 35.02 13.29 -72.14
N CYS A 87 35.65 12.15 -71.86
CA CYS A 87 35.64 11.54 -70.54
C CYS A 87 36.51 12.30 -69.56
N THR A 88 36.06 12.40 -68.30
CA THR A 88 36.79 13.10 -67.27
C THR A 88 37.08 12.22 -66.04
N ASP A 89 36.90 10.91 -66.21
CA ASP A 89 37.14 9.94 -65.15
C ASP A 89 38.54 9.34 -65.29
N ALA A 90 39.43 9.71 -64.38
CA ALA A 90 40.81 9.22 -64.42
C ALA A 90 40.89 7.69 -64.28
N LYS A 91 39.84 7.06 -63.75
CA LYS A 91 39.87 5.60 -63.61
C LYS A 91 39.91 4.96 -64.99
N MET A 92 39.43 5.68 -66.01
CA MET A 92 39.45 5.13 -67.37
C MET A 92 40.89 5.03 -67.87
N LEU A 93 41.79 5.79 -67.25
CA LEU A 93 43.21 5.73 -67.61
C LEU A 93 43.95 4.71 -66.72
N SER A 94 43.73 4.77 -65.40
CA SER A 94 44.40 3.83 -64.51
C SER A 94 43.98 2.37 -64.76
N SER A 95 42.76 2.16 -65.25
CA SER A 95 42.29 0.80 -65.51
C SER A 95 43.04 0.20 -66.69
N GLN A 96 43.61 1.06 -67.53
CA GLN A 96 44.38 0.55 -68.64
C GLN A 96 45.89 0.72 -68.41
N GLY A 97 46.25 0.88 -67.14
CA GLY A 97 47.65 1.00 -66.77
C GLY A 97 48.31 2.35 -66.93
N VAL A 98 47.52 3.42 -67.00
CA VAL A 98 48.05 4.78 -67.15
C VAL A 98 47.66 5.60 -65.92
N GLY A 99 48.62 5.92 -65.06
CA GLY A 99 48.32 6.64 -63.84
C GLY A 99 48.75 8.10 -63.77
N ILE A 100 48.96 8.72 -64.93
CA ILE A 100 49.39 10.13 -64.93
C ILE A 100 48.42 11.06 -64.23
N TRP A 101 47.14 10.71 -64.19
CA TRP A 101 46.16 11.56 -63.52
C TRP A 101 45.72 11.05 -62.13
N ASP A 102 46.37 10.01 -61.64
CA ASP A 102 46.04 9.45 -60.32
C ASP A 102 46.34 10.46 -59.23
N GLY A 103 47.43 11.19 -59.38
CA GLY A 103 47.82 12.18 -58.41
C GLY A 103 46.79 13.27 -58.14
N ASN A 104 46.25 13.88 -59.20
CA ASN A 104 45.27 14.93 -59.01
C ASN A 104 43.83 14.41 -58.92
N GLY A 105 43.65 13.11 -59.14
CA GLY A 105 42.32 12.54 -59.03
C GLY A 105 42.12 11.78 -57.72
N SER A 106 43.16 11.70 -56.89
CA SER A 106 43.07 10.98 -55.62
C SER A 106 42.13 11.68 -54.65
N LYS A 107 41.54 10.95 -53.73
CA LYS A 107 40.63 11.59 -52.78
C LYS A 107 41.30 12.71 -51.96
N GLU A 108 42.53 12.47 -51.52
CA GLU A 108 43.28 13.46 -50.73
C GLU A 108 43.42 14.78 -51.48
N PHE A 109 43.76 14.68 -52.77
CA PHE A 109 43.93 15.93 -53.51
C PHE A 109 42.59 16.60 -53.73
N LEU A 110 41.60 15.83 -54.19
CA LEU A 110 40.26 16.38 -54.41
C LEU A 110 39.72 17.06 -53.15
N GLU A 111 39.79 16.37 -52.01
CA GLU A 111 39.30 16.95 -50.76
C GLU A 111 40.12 18.19 -50.43
N LYS A 112 41.39 18.14 -50.78
CA LYS A 112 42.31 19.23 -50.51
C LYS A 112 41.93 20.52 -51.25
N VAL A 113 41.38 20.37 -52.46
CA VAL A 113 40.98 21.55 -53.23
C VAL A 113 39.49 21.86 -53.13
N GLY A 114 38.83 21.34 -52.11
CA GLY A 114 37.41 21.60 -51.94
C GLY A 114 36.46 20.78 -52.79
N LEU A 115 36.92 19.63 -53.29
CA LEU A 115 36.05 18.79 -54.11
C LEU A 115 35.88 17.42 -53.45
N GLY A 116 35.69 17.41 -52.12
CA GLY A 116 35.53 16.17 -51.39
C GLY A 116 34.26 15.39 -51.66
N HIS A 117 33.28 16.03 -52.29
CA HIS A 117 32.01 15.37 -52.60
C HIS A 117 32.10 14.48 -53.81
N ARG A 118 33.27 14.48 -54.46
CA ARG A 118 33.44 13.65 -55.65
C ARG A 118 34.14 12.33 -55.35
N ARG A 119 33.82 11.30 -56.13
CA ARG A 119 34.48 10.02 -55.94
C ARG A 119 35.89 10.15 -56.52
N GLU A 120 36.80 9.34 -56.02
CA GLU A 120 38.17 9.37 -56.49
C GLU A 120 38.25 9.22 -58.00
N GLY A 121 39.06 10.03 -58.66
CA GLY A 121 39.19 9.94 -60.10
C GLY A 121 38.29 10.88 -60.89
N ASP A 122 37.28 11.44 -60.24
CA ASP A 122 36.38 12.37 -60.95
C ASP A 122 36.99 13.75 -60.93
N LEU A 123 37.74 14.07 -61.99
CA LEU A 123 38.47 15.34 -62.08
C LEU A 123 37.60 16.57 -62.33
N GLY A 124 36.35 16.36 -62.73
CA GLY A 124 35.50 17.52 -62.98
C GLY A 124 35.47 17.79 -64.48
N PRO A 125 34.93 18.94 -64.93
CA PRO A 125 34.84 19.32 -66.35
C PRO A 125 36.14 19.78 -66.94
N VAL A 126 37.13 18.88 -66.97
CA VAL A 126 38.44 19.20 -67.52
C VAL A 126 38.52 18.96 -69.05
N TYR A 127 39.72 19.13 -69.59
CA TYR A 127 40.00 18.98 -71.02
C TYR A 127 38.92 18.40 -71.92
N GLY A 128 38.84 17.07 -71.93
CA GLY A 128 37.87 16.38 -72.77
C GLY A 128 36.44 16.88 -72.72
N PHE A 129 35.95 17.19 -71.54
CA PHE A 129 34.60 17.67 -71.39
C PHE A 129 34.41 19.03 -72.09
N GLN A 130 35.37 19.94 -71.89
CA GLN A 130 35.28 21.26 -72.53
C GLN A 130 35.38 21.11 -74.06
N TRP A 131 36.27 20.24 -74.52
CA TRP A 131 36.48 20.00 -75.95
C TRP A 131 35.23 19.54 -76.69
N ARG A 132 34.46 18.65 -76.07
CA ARG A 132 33.26 18.10 -76.71
C ARG A 132 31.93 18.63 -76.18
N HIS A 133 31.93 19.25 -75.00
CA HIS A 133 30.67 19.71 -74.41
C HIS A 133 30.76 21.07 -73.75
N PHE A 134 31.59 21.96 -74.30
CA PHE A 134 31.75 23.28 -73.70
C PHE A 134 30.42 23.96 -73.42
N GLY A 135 30.26 24.44 -72.19
CA GLY A 135 29.05 25.13 -71.83
C GLY A 135 27.99 24.26 -71.16
N ALA A 136 28.08 22.95 -71.34
CA ALA A 136 27.10 22.07 -70.72
C ALA A 136 27.28 22.08 -69.20
N GLU A 137 26.20 21.72 -68.50
CA GLU A 137 26.20 21.68 -67.04
C GLU A 137 26.86 20.37 -66.60
N TYR A 138 27.84 20.47 -65.71
CA TYR A 138 28.53 19.27 -65.25
C TYR A 138 27.93 18.77 -63.93
N THR A 139 27.65 17.48 -63.87
CA THR A 139 27.14 16.91 -62.62
C THR A 139 28.29 16.11 -62.03
N ASP A 140 28.59 14.95 -62.62
CA ASP A 140 29.72 14.12 -62.19
C ASP A 140 30.28 13.46 -63.45
N ALA A 141 31.29 12.57 -63.35
CA ALA A 141 31.85 11.95 -64.55
C ALA A 141 30.96 10.93 -65.24
N ASP A 142 29.88 10.53 -64.57
CA ASP A 142 28.95 9.56 -65.14
C ASP A 142 27.78 10.24 -65.86
N GLY A 143 27.72 11.56 -65.77
CA GLY A 143 26.63 12.29 -66.39
C GLY A 143 26.47 12.03 -67.88
N ASP A 144 25.26 12.20 -68.37
CA ASP A 144 24.97 12.00 -69.78
C ASP A 144 25.08 13.35 -70.50
N TYR A 145 26.17 13.54 -71.22
CA TYR A 145 26.41 14.81 -71.92
C TYR A 145 26.28 14.71 -73.44
N LYS A 146 25.90 13.54 -73.93
CA LYS A 146 25.77 13.36 -75.35
C LYS A 146 24.84 14.40 -75.97
N GLY A 147 25.31 15.11 -76.98
CA GLY A 147 24.50 16.12 -77.63
C GLY A 147 24.36 17.41 -76.84
N LYS A 148 25.07 17.53 -75.72
CA LYS A 148 25.00 18.74 -74.91
C LYS A 148 26.30 19.55 -74.97
N GLY A 149 26.16 20.88 -74.94
CA GLY A 149 27.32 21.75 -75.00
C GLY A 149 27.84 21.87 -76.42
N VAL A 150 28.91 22.64 -76.61
CA VAL A 150 29.50 22.81 -77.94
C VAL A 150 30.60 21.80 -78.22
N ASP A 151 30.45 21.06 -79.32
CA ASP A 151 31.44 20.09 -79.70
C ASP A 151 32.48 20.81 -80.57
N GLN A 152 33.46 21.41 -79.92
CA GLN A 152 34.52 22.13 -80.61
C GLN A 152 35.33 21.26 -81.54
N LEU A 153 35.66 20.05 -81.09
CA LEU A 153 36.47 19.14 -81.90
C LEU A 153 35.84 18.79 -83.24
N GLN A 154 34.58 18.37 -83.24
CA GLN A 154 33.92 18.01 -84.50
C GLN A 154 33.77 19.25 -85.39
N ARG A 155 33.54 20.42 -84.79
CA ARG A 155 33.42 21.66 -85.55
C ARG A 155 34.75 21.94 -86.24
N VAL A 156 35.87 21.69 -85.55
CA VAL A 156 37.19 21.87 -86.15
C VAL A 156 37.32 20.97 -87.39
N ILE A 157 36.94 19.70 -87.24
CA ILE A 157 37.00 18.74 -88.33
C ILE A 157 36.19 19.20 -89.54
N ASP A 158 34.92 19.55 -89.29
CA ASP A 158 34.01 20.00 -90.32
C ASP A 158 34.53 21.25 -91.03
N THR A 159 35.09 22.17 -90.25
CA THR A 159 35.62 23.43 -90.80
C THR A 159 36.84 23.23 -91.68
N ILE A 160 37.75 22.36 -91.26
CA ILE A 160 38.93 22.06 -92.05
C ILE A 160 38.54 21.45 -93.40
N LYS A 161 37.52 20.60 -93.38
CA LYS A 161 37.06 19.95 -94.60
C LYS A 161 36.24 20.85 -95.54
N ASN A 162 35.37 21.68 -94.98
CA ASN A 162 34.47 22.50 -95.80
C ASN A 162 34.77 23.98 -95.91
N ASN A 163 35.59 24.50 -95.01
CA ASN A 163 35.93 25.92 -95.06
C ASN A 163 37.30 26.13 -94.41
N PRO A 164 38.34 25.52 -95.00
CA PRO A 164 39.73 25.58 -94.53
C PRO A 164 40.35 26.95 -94.26
N THR A 165 39.92 27.98 -94.99
CA THR A 165 40.50 29.30 -94.77
C THR A 165 39.85 30.05 -93.60
N ASP A 166 38.90 29.41 -92.94
CA ASP A 166 38.25 30.01 -91.78
C ASP A 166 39.36 30.35 -90.78
N ARG A 167 39.18 31.41 -90.02
CA ARG A 167 40.20 31.84 -89.08
C ARG A 167 39.81 31.58 -87.63
N ARG A 168 38.78 30.76 -87.42
CA ARG A 168 38.31 30.48 -86.06
C ARG A 168 38.40 28.99 -85.73
N ILE A 169 39.35 28.29 -86.34
CA ILE A 169 39.50 26.86 -86.11
C ILE A 169 40.20 26.69 -84.78
N ILE A 170 39.43 26.88 -83.71
CA ILE A 170 39.97 26.84 -82.35
C ILE A 170 39.43 25.67 -81.50
N LEU A 171 40.31 25.08 -80.69
CA LEU A 171 39.94 24.01 -79.79
C LEU A 171 40.45 24.49 -78.42
N SER A 172 39.52 24.78 -77.50
CA SER A 172 39.91 25.31 -76.20
C SER A 172 39.25 24.63 -75.02
N ALA A 173 40.01 24.46 -73.95
CA ALA A 173 39.48 23.85 -72.73
C ALA A 173 39.35 24.88 -71.63
N TRP A 174 39.81 26.11 -71.88
CA TRP A 174 39.72 27.15 -70.87
C TRP A 174 38.27 27.59 -70.65
N ASN A 175 37.77 27.49 -69.41
CA ASN A 175 36.40 27.89 -69.11
C ASN A 175 36.41 28.50 -67.72
N PRO A 176 36.52 29.84 -67.66
CA PRO A 176 36.55 30.58 -66.38
C PRO A 176 35.42 30.19 -65.41
N LYS A 177 34.24 29.87 -65.94
CA LYS A 177 33.12 29.52 -65.09
C LYS A 177 33.30 28.16 -64.44
N ASP A 178 33.81 27.19 -65.21
CA ASP A 178 33.99 25.82 -64.70
C ASP A 178 35.29 25.56 -63.91
N LEU A 179 36.24 26.49 -63.99
CA LEU A 179 37.53 26.32 -63.30
C LEU A 179 37.46 25.78 -61.88
N PRO A 180 36.67 26.40 -61.00
CA PRO A 180 36.60 25.87 -59.63
C PRO A 180 36.12 24.42 -59.51
N LEU A 181 35.47 23.91 -60.55
CA LEU A 181 34.99 22.54 -60.52
C LEU A 181 36.05 21.54 -60.98
N MET A 182 37.16 22.08 -61.49
CA MET A 182 38.25 21.30 -62.01
C MET A 182 39.31 20.98 -60.96
N ALA A 183 39.75 19.74 -60.94
CA ALA A 183 40.80 19.33 -59.98
C ALA A 183 42.04 20.17 -60.28
N LEU A 184 42.22 20.52 -61.55
CA LEU A 184 43.35 21.33 -61.98
C LEU A 184 42.94 22.11 -63.23
N PRO A 185 43.29 23.41 -63.31
CA PRO A 185 42.91 24.17 -64.51
C PRO A 185 43.74 23.69 -65.71
N PRO A 186 43.18 23.81 -66.92
CA PRO A 186 43.88 23.38 -68.14
C PRO A 186 45.28 24.01 -68.30
N CYS A 187 46.29 23.21 -68.60
CA CYS A 187 47.64 23.72 -68.82
C CYS A 187 47.70 24.08 -70.31
N HIS A 188 47.36 23.13 -71.17
CA HIS A 188 47.32 23.42 -72.60
C HIS A 188 45.90 23.94 -72.74
N MET A 189 45.76 25.26 -72.68
CA MET A 189 44.45 25.86 -72.70
C MET A 189 43.74 26.01 -74.01
N PHE A 190 44.49 25.91 -75.11
CA PHE A 190 43.84 25.97 -76.41
C PHE A 190 44.84 25.85 -77.55
N CYS A 191 44.33 25.56 -78.73
CA CYS A 191 45.17 25.45 -79.90
C CYS A 191 44.38 25.96 -81.10
N GLN A 192 45.11 26.30 -82.15
CA GLN A 192 44.50 26.80 -83.37
C GLN A 192 45.07 26.00 -84.55
N PHE A 193 44.21 25.59 -85.47
CA PHE A 193 44.64 24.86 -86.64
C PHE A 193 44.62 25.80 -87.84
N PHE A 194 45.50 25.53 -88.79
CA PHE A 194 45.63 26.33 -90.00
C PHE A 194 45.80 25.38 -91.16
N VAL A 195 45.13 25.69 -92.27
CA VAL A 195 45.20 24.84 -93.46
C VAL A 195 45.73 25.63 -94.64
N SER A 196 46.84 25.16 -95.22
CA SER A 196 47.42 25.80 -96.40
C SER A 196 46.80 25.11 -97.60
N LEU A 197 46.29 25.91 -98.53
CA LEU A 197 45.66 25.38 -99.73
C LEU A 197 46.72 24.83 -100.68
N PRO A 198 46.34 23.87 -101.54
CA PRO A 198 47.26 23.26 -102.50
C PRO A 198 47.85 24.33 -103.44
N PRO A 199 49.18 24.31 -103.65
CA PRO A 199 49.84 25.28 -104.53
C PRO A 199 49.30 25.19 -105.96
N ALA A 200 49.52 26.22 -106.76
CA ALA A 200 49.06 26.23 -108.15
C ALA A 200 49.70 25.10 -108.97
N ASP A 201 51.01 24.94 -108.84
CA ASP A 201 51.76 23.92 -109.56
C ASP A 201 51.37 22.47 -109.22
N SER A 202 50.18 22.27 -108.66
CA SER A 202 49.67 20.94 -108.30
C SER A 202 48.46 21.02 -107.39
N PRO A 203 47.29 21.35 -107.94
CA PRO A 203 46.07 21.46 -107.15
C PRO A 203 45.54 20.11 -106.65
N GLY A 204 46.21 19.03 -107.05
CA GLY A 204 45.77 17.72 -106.63
C GLY A 204 46.30 17.36 -105.26
N SER A 205 47.36 18.04 -104.83
CA SER A 205 47.98 17.76 -103.54
C SER A 205 47.01 17.98 -102.38
N LYS A 206 47.32 17.35 -101.26
CA LYS A 206 46.48 17.50 -100.07
C LYS A 206 46.83 18.81 -99.35
N PRO A 207 45.82 19.52 -98.81
CA PRO A 207 46.10 20.76 -98.10
C PRO A 207 47.00 20.42 -96.90
N LYS A 208 47.80 21.38 -96.46
CA LYS A 208 48.68 21.12 -95.33
C LYS A 208 48.07 21.64 -94.02
N LEU A 209 48.11 20.80 -92.99
CA LEU A 209 47.54 21.13 -91.69
C LEU A 209 48.58 21.45 -90.64
N SER A 210 48.44 22.60 -89.99
CA SER A 210 49.35 23.01 -88.93
C SER A 210 48.55 23.27 -87.65
N CYS A 211 49.24 23.24 -86.53
CA CYS A 211 48.60 23.43 -85.24
C CYS A 211 49.50 24.24 -84.29
N LEU A 212 48.93 25.25 -83.68
CA LEU A 212 49.66 26.06 -82.70
C LEU A 212 48.92 25.87 -81.38
N MET A 213 49.65 25.46 -80.34
CA MET A 213 49.04 25.27 -79.03
C MET A 213 49.71 26.19 -78.04
N TYR A 214 48.92 26.76 -77.13
CA TYR A 214 49.45 27.65 -76.12
C TYR A 214 49.27 27.00 -74.75
N GLN A 215 50.37 26.87 -74.01
CA GLN A 215 50.38 26.25 -72.69
C GLN A 215 50.74 27.29 -71.64
N ARG A 216 49.80 27.61 -70.76
CA ARG A 216 50.01 28.61 -69.71
C ARG A 216 51.09 28.23 -68.67
N SER A 217 51.23 26.94 -68.41
CA SER A 217 52.14 26.47 -67.36
C SER A 217 52.76 25.22 -67.90
N CYS A 218 54.09 25.18 -67.93
CA CYS A 218 54.80 24.07 -68.50
C CYS A 218 55.87 23.43 -67.62
N ASP A 219 55.61 22.19 -67.21
CA ASP A 219 56.57 21.41 -66.41
C ASP A 219 57.45 20.78 -67.48
N LEU A 220 58.62 21.37 -67.72
CA LEU A 220 59.48 20.87 -68.80
C LEU A 220 59.97 19.45 -68.62
N GLY A 221 60.25 19.08 -67.37
CA GLY A 221 60.70 17.73 -67.14
C GLY A 221 59.65 16.67 -67.48
N LEU A 222 58.47 16.79 -66.88
CA LEU A 222 57.42 15.79 -67.06
C LEU A 222 56.29 16.07 -68.05
N GLY A 223 55.76 17.28 -68.00
CA GLY A 223 54.63 17.62 -68.87
C GLY A 223 54.94 17.85 -70.33
N VAL A 224 55.82 18.80 -70.62
CA VAL A 224 56.15 19.15 -72.02
C VAL A 224 56.39 17.97 -72.95
N PRO A 225 57.14 16.94 -72.50
CA PRO A 225 57.35 15.81 -73.40
C PRO A 225 56.02 15.18 -73.83
N PHE A 226 55.05 15.14 -72.92
CA PHE A 226 53.74 14.55 -73.23
C PHE A 226 52.96 15.54 -74.13
N ASN A 227 52.97 16.81 -73.73
CA ASN A 227 52.22 17.82 -74.48
C ASN A 227 52.64 17.87 -75.94
N ILE A 228 53.94 17.81 -76.19
CA ILE A 228 54.45 17.86 -77.54
C ILE A 228 53.95 16.69 -78.39
N ALA A 229 54.11 15.47 -77.87
CA ALA A 229 53.68 14.29 -78.58
C ALA A 229 52.16 14.24 -78.73
N SER A 230 51.44 14.65 -77.68
CA SER A 230 49.99 14.64 -77.69
C SER A 230 49.39 15.51 -78.82
N TYR A 231 49.75 16.78 -78.87
CA TYR A 231 49.23 17.66 -79.91
C TYR A 231 49.75 17.27 -81.30
N ALA A 232 50.94 16.68 -81.37
CA ALA A 232 51.45 16.23 -82.67
C ALA A 232 50.55 15.08 -83.12
N LEU A 233 50.23 14.16 -82.20
CA LEU A 233 49.38 13.05 -82.54
C LEU A 233 47.95 13.53 -82.90
N LEU A 234 47.44 14.51 -82.16
CA LEU A 234 46.10 15.03 -82.44
C LEU A 234 46.05 15.59 -83.87
N THR A 235 47.10 16.29 -84.26
CA THR A 235 47.16 16.84 -85.61
C THR A 235 47.19 15.72 -86.66
N HIS A 236 47.93 14.66 -86.39
CA HIS A 236 48.01 13.52 -87.32
C HIS A 236 46.61 12.89 -87.43
N MET A 237 45.93 12.76 -86.30
CA MET A 237 44.57 12.17 -86.29
C MET A 237 43.62 13.01 -87.13
N ILE A 238 43.59 14.30 -86.83
CA ILE A 238 42.69 15.20 -87.56
C ILE A 238 43.02 15.18 -89.04
N ALA A 239 44.31 15.12 -89.37
CA ALA A 239 44.74 15.12 -90.77
C ALA A 239 44.17 13.92 -91.50
N LEU A 240 44.11 12.78 -90.84
CA LEU A 240 43.59 11.57 -91.45
C LEU A 240 42.10 11.70 -91.76
N ILE A 241 41.34 12.20 -90.80
CA ILE A 241 39.90 12.35 -90.95
C ILE A 241 39.50 13.45 -91.93
N THR A 242 40.36 14.46 -92.10
CA THR A 242 40.04 15.57 -92.98
C THR A 242 40.73 15.54 -94.33
N ASP A 243 41.46 14.46 -94.61
CA ASP A 243 42.16 14.33 -95.88
C ASP A 243 43.19 15.43 -96.07
N THR A 244 43.85 15.82 -94.99
CA THR A 244 44.89 16.83 -95.08
C THR A 244 46.24 16.19 -94.71
N GLU A 245 47.33 16.91 -94.96
CA GLU A 245 48.66 16.40 -94.69
C GLU A 245 49.28 17.16 -93.52
N PRO A 246 49.63 16.46 -92.45
CA PRO A 246 50.22 17.15 -91.29
C PRO A 246 51.46 17.92 -91.74
N HIS A 247 51.60 19.14 -91.27
CA HIS A 247 52.73 19.96 -91.68
C HIS A 247 53.62 20.45 -90.54
N GLU A 248 53.06 21.22 -89.62
CA GLU A 248 53.88 21.77 -88.54
C GLU A 248 53.10 21.89 -87.22
N PHE A 249 53.83 21.77 -86.12
CA PHE A 249 53.22 21.93 -84.80
C PHE A 249 54.04 22.98 -84.07
N ILE A 250 53.37 24.01 -83.57
CA ILE A 250 54.03 25.08 -82.86
C ILE A 250 53.53 25.11 -81.41
N LEU A 251 54.46 25.26 -80.48
CA LEU A 251 54.10 25.29 -79.07
C LEU A 251 54.63 26.54 -78.38
N GLN A 252 53.71 27.41 -77.95
CA GLN A 252 54.07 28.63 -77.26
C GLN A 252 53.80 28.43 -75.78
N MET A 253 54.78 28.76 -74.97
CA MET A 253 54.67 28.58 -73.52
C MET A 253 54.52 29.88 -72.77
N GLY A 254 53.84 29.80 -71.63
CA GLY A 254 53.67 30.97 -70.78
C GLY A 254 54.69 30.81 -69.68
N ASP A 255 54.26 30.26 -68.54
CA ASP A 255 55.18 30.04 -67.41
C ASP A 255 55.92 28.73 -67.69
N ALA A 256 57.15 28.86 -68.19
CA ALA A 256 57.98 27.71 -68.53
C ALA A 256 58.90 27.46 -67.35
N HIS A 257 58.75 26.31 -66.70
CA HIS A 257 59.55 26.05 -65.50
C HIS A 257 60.12 24.65 -65.34
N VAL A 258 61.14 24.54 -64.50
CA VAL A 258 61.79 23.27 -64.21
C VAL A 258 61.67 23.13 -62.70
N TYR A 259 61.02 22.07 -62.21
CA TYR A 259 60.91 21.88 -60.77
C TYR A 259 62.27 21.67 -60.13
N ARG A 260 62.41 22.13 -58.89
CA ARG A 260 63.66 22.01 -58.14
C ARG A 260 64.20 20.58 -58.11
N ASP A 261 63.30 19.62 -57.88
CA ASP A 261 63.74 18.22 -57.82
C ASP A 261 63.93 17.57 -59.20
N HIS A 262 63.88 18.37 -60.26
CA HIS A 262 64.08 17.84 -61.61
C HIS A 262 65.41 18.28 -62.19
N VAL A 263 66.01 19.30 -61.57
CA VAL A 263 67.28 19.87 -62.06
C VAL A 263 68.37 18.82 -62.27
N GLU A 264 68.69 18.06 -61.22
CA GLU A 264 69.73 17.04 -61.37
C GLU A 264 69.38 15.96 -62.38
N PRO A 265 68.15 15.42 -62.34
CA PRO A 265 67.82 14.38 -63.32
C PRO A 265 67.93 14.90 -64.77
N LEU A 266 67.56 16.15 -64.98
CA LEU A 266 67.59 16.73 -66.32
C LEU A 266 69.02 16.95 -66.80
N LYS A 267 69.93 17.25 -65.88
CA LYS A 267 71.33 17.45 -66.27
C LYS A 267 71.85 16.20 -66.94
N THR A 268 71.39 15.04 -66.46
CA THR A 268 71.80 13.76 -67.05
C THR A 268 71.27 13.67 -68.48
N GLN A 269 70.02 14.08 -68.66
CA GLN A 269 69.40 14.04 -69.99
C GLN A 269 70.09 15.02 -70.96
N LEU A 270 70.51 16.18 -70.46
CA LEU A 270 71.15 17.19 -71.30
C LEU A 270 72.44 16.71 -71.96
N GLU A 271 73.04 15.66 -71.40
CA GLU A 271 74.30 15.12 -71.94
C GLU A 271 74.07 14.19 -73.12
N ARG A 272 72.82 13.83 -73.38
CA ARG A 272 72.51 12.91 -74.46
C ARG A 272 72.20 13.54 -75.80
N GLU A 273 72.68 12.89 -76.85
CA GLU A 273 72.46 13.34 -78.21
C GLU A 273 71.19 12.70 -78.76
N PRO A 274 70.26 13.51 -79.26
CA PRO A 274 68.99 13.03 -79.82
C PRO A 274 69.15 12.05 -80.98
N ARG A 275 68.18 11.14 -81.10
CA ARG A 275 68.17 10.18 -82.19
C ARG A 275 67.08 10.73 -83.12
N ASP A 276 67.12 10.35 -84.40
CA ASP A 276 66.09 10.83 -85.32
C ASP A 276 64.71 10.46 -84.79
N PHE A 277 63.75 11.37 -84.94
CA PHE A 277 62.39 11.14 -84.48
C PHE A 277 61.76 9.96 -85.21
N PRO A 278 60.86 9.23 -84.54
CA PRO A 278 60.18 8.08 -85.12
C PRO A 278 59.10 8.55 -86.10
N LYS A 279 58.48 7.60 -86.78
CA LYS A 279 57.41 7.93 -87.72
C LYS A 279 56.11 7.29 -87.29
N LEU A 280 55.00 7.91 -87.65
CA LEU A 280 53.69 7.38 -87.29
C LEU A 280 52.99 6.79 -88.50
N LYS A 281 52.44 5.60 -88.33
CA LYS A 281 51.68 4.92 -89.38
C LYS A 281 50.36 4.46 -88.75
N TRP A 282 49.33 4.26 -89.57
CA TRP A 282 48.03 3.84 -89.05
C TRP A 282 47.81 2.35 -89.33
N ALA A 283 47.30 1.64 -88.33
CA ALA A 283 47.05 0.21 -88.47
C ALA A 283 45.79 -0.05 -89.27
N ARG A 284 44.96 0.98 -89.43
CA ARG A 284 43.72 0.87 -90.20
C ARG A 284 43.56 2.04 -91.15
N SER A 285 42.60 1.94 -92.05
CA SER A 285 42.37 3.00 -93.01
C SER A 285 41.42 4.07 -92.47
N LYS A 286 41.36 5.19 -93.19
CA LYS A 286 40.47 6.27 -92.81
C LYS A 286 39.02 5.77 -92.70
N GLU A 287 38.61 4.99 -93.70
CA GLU A 287 37.26 4.43 -93.75
C GLU A 287 36.98 3.54 -92.56
N GLU A 288 37.93 2.70 -92.19
CA GLU A 288 37.73 1.81 -91.06
C GLU A 288 37.62 2.59 -89.77
N ILE A 289 38.52 3.57 -89.57
CA ILE A 289 38.48 4.40 -88.36
C ILE A 289 37.19 5.21 -88.36
N GLY A 290 36.80 5.69 -89.54
CA GLY A 290 35.55 6.44 -89.67
C GLY A 290 35.63 7.92 -89.36
N ASP A 291 35.69 8.27 -88.07
CA ASP A 291 35.76 9.67 -87.65
C ASP A 291 36.70 9.82 -86.46
N ILE A 292 36.77 11.03 -85.93
CA ILE A 292 37.66 11.34 -84.81
C ILE A 292 37.41 10.50 -83.56
N ASP A 293 36.23 9.91 -83.46
CA ASP A 293 35.87 9.11 -82.30
C ASP A 293 36.11 7.62 -82.52
N GLY A 294 36.62 7.26 -83.70
CA GLY A 294 36.85 5.87 -83.99
C GLY A 294 38.27 5.34 -83.77
N PHE A 295 39.19 6.16 -83.29
CA PHE A 295 40.57 5.71 -83.07
C PHE A 295 40.72 4.80 -81.85
N LYS A 296 41.69 3.89 -81.92
CA LYS A 296 42.01 2.96 -80.84
C LYS A 296 43.51 2.99 -80.63
N VAL A 297 43.95 2.67 -79.41
CA VAL A 297 45.37 2.70 -79.11
C VAL A 297 46.19 1.93 -80.13
N GLU A 298 45.73 0.73 -80.48
CA GLU A 298 46.41 -0.12 -81.44
C GLU A 298 46.48 0.43 -82.85
N ASP A 299 45.76 1.52 -83.13
CA ASP A 299 45.80 2.09 -84.47
C ASP A 299 47.11 2.83 -84.68
N PHE A 300 47.70 3.31 -83.59
CA PHE A 300 48.93 4.07 -83.65
C PHE A 300 50.18 3.20 -83.76
N VAL A 301 50.73 3.11 -84.97
CA VAL A 301 51.93 2.33 -85.19
C VAL A 301 53.16 3.23 -85.30
N VAL A 302 53.91 3.35 -84.21
CA VAL A 302 55.10 4.19 -84.17
C VAL A 302 56.34 3.36 -84.45
N GLU A 303 57.00 3.66 -85.56
CA GLU A 303 58.19 2.89 -85.92
C GLU A 303 59.46 3.72 -85.88
N GLY A 304 60.57 3.07 -85.53
CA GLY A 304 61.86 3.73 -85.49
C GLY A 304 62.10 4.52 -84.22
N TYR A 305 61.34 4.26 -83.17
CA TYR A 305 61.56 5.01 -81.92
C TYR A 305 62.78 4.39 -81.22
N LYS A 306 63.84 5.18 -81.07
CA LYS A 306 65.08 4.70 -80.46
C LYS A 306 65.58 5.66 -79.40
N PRO A 307 64.90 5.68 -78.25
CA PRO A 307 65.27 6.57 -77.15
C PRO A 307 66.40 6.05 -76.24
N TRP A 308 66.94 6.96 -75.44
CA TRP A 308 67.94 6.59 -74.46
C TRP A 308 67.13 6.06 -73.27
N GLY A 309 67.80 5.77 -72.16
CA GLY A 309 67.13 5.25 -70.98
C GLY A 309 66.15 6.21 -70.33
N LYS A 310 65.27 5.67 -69.50
CA LYS A 310 64.28 6.47 -68.80
C LYS A 310 64.99 7.31 -67.75
N ILE A 311 64.36 8.42 -67.40
CA ILE A 311 64.90 9.31 -66.39
C ILE A 311 63.78 9.54 -65.37
N ASP A 312 64.02 9.10 -64.16
CA ASP A 312 63.02 9.23 -63.09
C ASP A 312 62.85 10.65 -62.59
N MET A 313 61.61 11.12 -62.57
CA MET A 313 61.30 12.45 -62.06
C MET A 313 59.97 12.37 -61.35
N LYS A 314 59.94 12.92 -60.13
CA LYS A 314 58.72 12.91 -59.34
C LYS A 314 57.80 14.06 -59.74
N MET A 315 56.49 13.77 -59.81
CA MET A 315 55.52 14.80 -60.15
C MET A 315 55.04 15.48 -58.88
N SER A 316 54.97 16.82 -58.91
CA SER A 316 54.51 17.55 -57.74
C SER A 316 53.02 17.80 -57.91
N ALA A 317 52.23 17.25 -56.97
CA ALA A 317 50.77 17.37 -57.00
C ALA A 317 50.29 18.77 -56.70
N ARG B 13 69.64 50.91 -91.69
CA ARG B 13 68.79 51.29 -90.52
C ARG B 13 69.59 52.02 -89.46
N SER B 14 69.32 53.31 -89.32
CA SER B 14 69.99 54.11 -88.30
C SER B 14 69.96 53.36 -86.96
N ASN B 15 68.81 52.80 -86.61
CA ASN B 15 68.70 52.04 -85.37
C ASN B 15 68.00 50.71 -85.65
N PRO B 16 68.77 49.70 -86.06
CA PRO B 16 68.32 48.36 -86.40
C PRO B 16 67.63 47.62 -85.25
N ASP B 17 67.87 48.05 -84.01
CA ASP B 17 67.24 47.38 -82.88
C ASP B 17 65.89 47.96 -82.48
N HIS B 18 65.41 48.95 -83.22
CA HIS B 18 64.10 49.53 -82.88
C HIS B 18 63.03 48.44 -82.98
N GLU B 19 62.27 48.26 -81.91
CA GLU B 19 61.24 47.23 -81.87
C GLU B 19 60.21 47.28 -82.98
N GLU B 20 59.98 48.47 -83.55
CA GLU B 20 58.99 48.61 -84.60
C GLU B 20 59.38 47.84 -85.87
N TYR B 21 60.67 47.55 -86.03
CA TYR B 21 61.10 46.78 -87.21
C TYR B 21 60.49 45.38 -87.21
N GLN B 22 60.10 44.88 -86.03
CA GLN B 22 59.46 43.55 -85.95
C GLN B 22 58.19 43.58 -86.78
N TYR B 23 57.42 44.65 -86.58
CA TYR B 23 56.17 44.85 -87.29
C TYR B 23 56.40 45.06 -88.78
N LEU B 24 57.33 45.96 -89.12
CA LEU B 24 57.62 46.25 -90.54
C LEU B 24 58.18 45.04 -91.26
N ASP B 25 59.10 44.32 -90.61
CA ASP B 25 59.70 43.13 -91.22
C ASP B 25 58.66 42.03 -91.48
N LEU B 26 57.74 41.83 -90.55
CA LEU B 26 56.72 40.78 -90.74
C LEU B 26 55.82 41.09 -91.93
N ILE B 27 55.45 42.36 -92.07
CA ILE B 27 54.61 42.78 -93.20
C ILE B 27 55.36 42.52 -94.51
N ARG B 28 56.64 42.88 -94.53
CA ARG B 28 57.45 42.68 -95.73
C ARG B 28 57.51 41.19 -96.07
N ARG B 29 57.70 40.36 -95.03
CA ARG B 29 57.76 38.93 -95.23
C ARG B 29 56.43 38.37 -95.76
N ILE B 30 55.32 38.79 -95.17
CA ILE B 30 54.02 38.31 -95.61
C ILE B 30 53.76 38.68 -97.07
N ILE B 31 54.09 39.91 -97.43
CA ILE B 31 53.90 40.34 -98.81
C ILE B 31 54.78 39.51 -99.73
N ASN B 32 56.03 39.28 -99.32
CA ASN B 32 56.99 38.51 -100.12
C ASN B 32 56.72 37.01 -100.27
N VAL B 33 56.59 36.30 -99.15
CA VAL B 33 56.36 34.86 -99.21
C VAL B 33 55.03 34.37 -98.63
N GLY B 34 54.15 35.29 -98.27
CA GLY B 34 52.85 34.90 -97.75
C GLY B 34 52.02 34.17 -98.79
N GLU B 35 51.05 33.40 -98.32
CA GLU B 35 50.15 32.65 -99.21
C GLU B 35 48.86 33.44 -99.52
N VAL B 36 48.53 33.57 -100.80
CA VAL B 36 47.32 34.28 -101.23
C VAL B 36 46.11 33.42 -100.88
N ARG B 37 45.18 33.97 -100.12
CA ARG B 37 44.02 33.19 -99.70
C ARG B 37 42.70 33.94 -99.72
N PRO B 38 41.60 33.21 -99.88
CA PRO B 38 40.25 33.77 -99.88
C PRO B 38 39.96 33.95 -98.38
N ASP B 39 38.94 34.72 -98.03
CA ASP B 39 38.61 34.91 -96.63
C ASP B 39 37.16 35.30 -96.47
N ARG B 40 36.72 35.33 -95.21
CA ARG B 40 35.35 35.67 -94.87
C ARG B 40 34.85 36.98 -95.49
N THR B 41 35.69 38.02 -95.48
CA THR B 41 35.28 39.33 -95.98
C THR B 41 35.09 39.41 -97.49
N GLY B 42 35.80 38.54 -98.21
CA GLY B 42 35.69 38.56 -99.67
C GLY B 42 36.76 39.41 -100.35
N THR B 43 37.54 40.17 -99.59
CA THR B 43 38.57 40.98 -100.24
C THR B 43 39.84 40.17 -100.53
N GLY B 44 40.10 39.14 -99.73
CA GLY B 44 41.29 38.34 -99.95
C GLY B 44 42.49 38.82 -99.15
N THR B 45 43.40 37.93 -98.83
CA THR B 45 44.59 38.32 -98.08
C THR B 45 45.81 37.52 -98.49
N VAL B 46 46.95 37.88 -97.95
CA VAL B 46 48.19 37.14 -98.15
C VAL B 46 48.52 36.83 -96.68
N ALA B 47 48.85 35.57 -96.37
CA ALA B 47 49.09 35.24 -94.96
C ALA B 47 50.15 34.21 -94.64
N LEU B 48 50.56 34.21 -93.36
CA LEU B 48 51.53 33.28 -92.80
C LEU B 48 50.95 32.83 -91.44
N PHE B 49 51.15 31.57 -91.07
CA PHE B 49 50.61 31.08 -89.81
C PHE B 49 51.68 30.99 -88.74
N ALA B 50 51.34 31.43 -87.54
CA ALA B 50 52.23 31.35 -86.38
C ALA B 50 53.65 31.85 -86.58
N PRO B 51 53.81 33.11 -87.02
CA PRO B 51 55.17 33.61 -87.21
C PRO B 51 55.77 33.90 -85.83
N PRO B 52 57.08 34.13 -85.77
CA PRO B 52 57.70 34.43 -84.47
C PRO B 52 56.95 35.56 -83.76
N SER B 53 56.82 35.45 -82.45
CA SER B 53 56.10 36.44 -81.68
C SER B 53 56.82 37.78 -81.59
N PHE B 54 56.07 38.85 -81.29
CA PHE B 54 56.65 40.19 -81.13
C PHE B 54 56.91 40.41 -79.64
N ARG B 55 57.96 41.16 -79.33
CA ARG B 55 58.29 41.46 -77.94
C ARG B 55 58.53 42.95 -77.86
N PHE B 56 57.87 43.60 -76.90
CA PHE B 56 58.03 45.04 -76.72
C PHE B 56 58.32 45.35 -75.27
N SER B 57 59.36 46.14 -75.04
CA SER B 57 59.70 46.54 -73.68
C SER B 57 58.76 47.63 -73.19
N LEU B 58 58.26 47.49 -71.97
CA LEU B 58 57.37 48.49 -71.38
C LEU B 58 58.09 49.22 -70.24
N ALA B 59 59.39 49.01 -70.13
CA ALA B 59 60.19 49.66 -69.09
C ALA B 59 60.32 51.15 -69.37
N ASP B 60 60.66 51.91 -68.33
CA ASP B 60 60.83 53.35 -68.44
C ASP B 60 59.61 54.04 -69.04
N ASN B 61 58.42 53.60 -68.62
CA ASN B 61 57.16 54.17 -69.10
C ASN B 61 56.99 54.15 -70.61
N THR B 62 57.65 53.21 -71.29
CA THR B 62 57.54 53.15 -72.74
C THR B 62 56.22 52.58 -73.25
N LEU B 63 55.68 53.22 -74.29
CA LEU B 63 54.44 52.78 -74.91
C LEU B 63 54.71 52.48 -76.39
N PRO B 64 54.61 51.20 -76.78
CA PRO B 64 54.87 50.82 -78.17
C PRO B 64 53.77 51.25 -79.13
N LEU B 65 53.64 52.56 -79.32
CA LEU B 65 52.63 53.12 -80.23
C LEU B 65 53.39 53.35 -81.54
N LEU B 66 53.07 52.59 -82.58
CA LEU B 66 53.77 52.68 -83.85
C LEU B 66 53.95 54.12 -84.36
N THR B 67 55.12 54.39 -84.92
CA THR B 67 55.47 55.70 -85.43
C THR B 67 55.59 55.81 -86.94
N THR B 68 55.60 54.68 -87.64
CA THR B 68 55.71 54.74 -89.09
C THR B 68 54.41 55.19 -89.76
N LYS B 69 53.40 55.43 -88.95
CA LYS B 69 52.12 55.98 -89.41
C LYS B 69 51.43 56.56 -88.17
N ARG B 70 50.56 57.54 -88.38
CA ARG B 70 49.85 58.12 -87.25
C ARG B 70 48.78 57.14 -86.78
N VAL B 71 48.85 56.75 -85.52
CA VAL B 71 47.87 55.83 -84.96
C VAL B 71 46.84 56.59 -84.14
N PHE B 72 45.56 56.26 -84.32
CA PHE B 72 44.48 56.94 -83.61
C PHE B 72 44.52 56.56 -82.12
N LEU B 73 45.46 57.16 -81.39
CA LEU B 73 45.63 56.88 -79.96
C LEU B 73 44.35 56.96 -79.14
N ARG B 74 43.61 58.05 -79.28
CA ARG B 74 42.38 58.22 -78.54
C ARG B 74 41.40 57.06 -78.80
N GLY B 75 41.40 56.56 -80.02
CA GLY B 75 40.53 55.46 -80.36
C GLY B 75 40.95 54.19 -79.62
N VAL B 76 42.26 53.97 -79.49
CA VAL B 76 42.77 52.81 -78.77
C VAL B 76 42.35 52.91 -77.30
N ILE B 77 42.62 54.06 -76.67
CA ILE B 77 42.28 54.26 -75.27
C ILE B 77 40.78 54.11 -75.03
N ALA B 78 39.97 54.76 -75.87
CA ALA B 78 38.54 54.67 -75.72
C ALA B 78 38.04 53.21 -75.80
N GLU B 79 38.53 52.47 -76.79
CA GLU B 79 38.10 51.09 -76.96
C GLU B 79 38.51 50.25 -75.72
N LEU B 80 39.71 50.52 -75.20
CA LEU B 80 40.21 49.78 -74.05
C LEU B 80 39.37 50.01 -72.80
N LEU B 81 39.04 51.27 -72.53
CA LEU B 81 38.26 51.58 -71.32
C LEU B 81 36.86 51.01 -71.50
N TRP B 82 36.46 50.88 -72.75
CA TRP B 82 35.17 50.36 -73.10
C TRP B 82 35.18 48.86 -72.73
N PHE B 83 36.25 48.15 -73.12
CA PHE B 83 36.40 46.72 -72.80
C PHE B 83 36.32 46.55 -71.30
N VAL B 84 37.17 47.31 -70.59
CA VAL B 84 37.22 47.25 -69.13
C VAL B 84 35.86 47.42 -68.49
N SER B 85 35.07 48.38 -68.99
CA SER B 85 33.74 48.64 -68.44
C SER B 85 32.78 47.48 -68.65
N GLY B 86 33.14 46.53 -69.52
CA GLY B 86 32.27 45.40 -69.77
C GLY B 86 31.14 45.72 -70.74
N CYS B 87 31.15 46.95 -71.27
CA CYS B 87 30.13 47.41 -72.20
C CYS B 87 30.30 46.76 -73.58
N THR B 88 29.19 46.49 -74.27
CA THR B 88 29.24 45.89 -75.60
C THR B 88 28.44 46.71 -76.61
N ASP B 89 28.11 47.94 -76.24
CA ASP B 89 27.36 48.82 -77.15
C ASP B 89 28.34 49.74 -77.88
N ALA B 90 28.49 49.52 -79.18
CA ALA B 90 29.38 50.33 -80.00
C ALA B 90 29.03 51.83 -80.02
N LYS B 91 27.77 52.16 -79.73
CA LYS B 91 27.36 53.55 -79.72
C LYS B 91 28.12 54.32 -78.63
N MET B 92 28.62 53.61 -77.62
CA MET B 92 29.37 54.27 -76.55
C MET B 92 30.72 54.74 -77.08
N LEU B 93 31.15 54.19 -78.22
CA LEU B 93 32.41 54.60 -78.83
C LEU B 93 32.13 55.66 -79.90
N SER B 94 31.12 55.44 -80.74
CA SER B 94 30.81 56.40 -81.79
C SER B 94 30.32 57.74 -81.21
N SER B 95 29.70 57.71 -80.04
CA SER B 95 29.22 58.93 -79.42
C SER B 95 30.39 59.80 -78.99
N GLN B 96 31.55 59.19 -78.78
CA GLN B 96 32.74 59.95 -78.40
C GLN B 96 33.72 60.08 -79.58
N GLY B 97 33.19 59.95 -80.78
CA GLY B 97 34.02 60.08 -81.98
C GLY B 97 34.94 58.94 -82.38
N VAL B 98 34.60 57.71 -81.95
CA VAL B 98 35.43 56.55 -82.28
C VAL B 98 34.54 55.57 -83.01
N GLY B 99 34.77 55.39 -84.32
CA GLY B 99 33.90 54.51 -85.07
C GLY B 99 34.47 53.19 -85.52
N ILE B 100 35.55 52.72 -84.87
CA ILE B 100 36.18 51.47 -85.26
C ILE B 100 35.27 50.26 -85.25
N TRP B 101 34.22 50.31 -84.43
CA TRP B 101 33.26 49.20 -84.37
C TRP B 101 31.94 49.49 -85.09
N ASP B 102 31.87 50.63 -85.78
CA ASP B 102 30.64 50.98 -86.50
C ASP B 102 30.36 49.99 -87.62
N GLY B 103 31.41 49.50 -88.26
CA GLY B 103 31.25 48.57 -89.36
C GLY B 103 30.61 47.24 -88.99
N ASN B 104 31.04 46.63 -87.88
CA ASN B 104 30.46 45.34 -87.48
C ASN B 104 29.23 45.53 -86.57
N GLY B 105 28.94 46.77 -86.22
CA GLY B 105 27.79 47.03 -85.38
C GLY B 105 26.64 47.63 -86.16
N SER B 106 26.84 47.85 -87.45
CA SER B 106 25.80 48.42 -88.28
C SER B 106 24.61 47.49 -88.41
N LYS B 107 23.44 48.11 -88.58
CA LYS B 107 22.20 47.38 -88.75
C LYS B 107 22.37 46.43 -89.92
N GLU B 108 23.00 46.91 -91.00
CA GLU B 108 23.20 46.05 -92.16
C GLU B 108 24.05 44.80 -91.89
N PHE B 109 25.14 44.91 -91.14
CA PHE B 109 26.01 43.76 -90.85
C PHE B 109 25.32 42.78 -89.88
N LEU B 110 24.75 43.31 -88.81
CA LEU B 110 24.06 42.47 -87.82
C LEU B 110 22.99 41.57 -88.48
N GLU B 111 22.17 42.17 -89.33
CA GLU B 111 21.15 41.39 -90.02
C GLU B 111 21.80 40.36 -90.93
N LYS B 112 22.95 40.73 -91.49
CA LYS B 112 23.71 39.88 -92.37
C LYS B 112 24.19 38.59 -91.68
N VAL B 113 24.59 38.70 -90.42
CA VAL B 113 25.06 37.52 -89.67
C VAL B 113 23.97 36.88 -88.81
N GLY B 114 22.70 37.12 -89.15
CA GLY B 114 21.59 36.55 -88.41
C GLY B 114 21.27 37.18 -87.06
N LEU B 115 21.69 38.43 -86.84
CA LEU B 115 21.42 39.11 -85.58
C LEU B 115 20.52 40.34 -85.82
N GLY B 116 19.51 40.15 -86.66
CA GLY B 116 18.59 41.23 -87.02
C GLY B 116 17.70 41.70 -85.88
N HIS B 117 17.56 40.89 -84.84
CA HIS B 117 16.72 41.25 -83.69
C HIS B 117 17.43 42.24 -82.75
N ARG B 118 18.66 42.59 -83.04
CA ARG B 118 19.36 43.52 -82.19
C ARG B 118 19.32 44.94 -82.73
N ARG B 119 19.38 45.92 -81.83
CA ARG B 119 19.40 47.31 -82.28
C ARG B 119 20.83 47.58 -82.77
N GLU B 120 20.98 48.57 -83.64
CA GLU B 120 22.30 48.89 -84.18
C GLU B 120 23.29 49.18 -83.07
N GLY B 121 24.51 48.65 -83.19
CA GLY B 121 25.52 48.89 -82.17
C GLY B 121 25.61 47.80 -81.10
N ASP B 122 24.57 46.98 -80.98
CA ASP B 122 24.58 45.92 -79.96
C ASP B 122 25.34 44.73 -80.51
N LEU B 123 26.65 44.70 -80.25
CA LEU B 123 27.54 43.66 -80.73
C LEU B 123 27.34 42.27 -80.10
N GLY B 124 26.71 42.21 -78.94
CA GLY B 124 26.52 40.90 -78.32
C GLY B 124 27.51 40.74 -77.19
N PRO B 125 27.65 39.53 -76.63
CA PRO B 125 28.58 39.27 -75.53
C PRO B 125 30.06 39.19 -75.97
N VAL B 126 30.58 40.31 -76.49
CA VAL B 126 31.95 40.35 -76.95
C VAL B 126 32.92 40.71 -75.83
N TYR B 127 34.18 40.92 -76.21
CA TYR B 127 35.26 41.24 -75.29
C TYR B 127 34.93 41.64 -73.85
N GLY B 128 34.54 42.90 -73.67
CA GLY B 128 34.22 43.41 -72.35
C GLY B 128 33.28 42.56 -71.51
N PHE B 129 32.26 42.00 -72.13
CA PHE B 129 31.30 41.20 -71.41
C PHE B 129 31.94 39.92 -70.88
N GLN B 130 32.74 39.26 -71.72
CA GLN B 130 33.40 38.04 -71.31
C GLN B 130 34.43 38.33 -70.21
N TRP B 131 35.14 39.45 -70.36
CA TRP B 131 36.15 39.87 -69.40
C TRP B 131 35.62 40.07 -67.98
N ARG B 132 34.46 40.69 -67.87
CA ARG B 132 33.88 40.98 -66.56
C ARG B 132 32.69 40.12 -66.14
N HIS B 133 32.09 39.38 -67.07
CA HIS B 133 30.88 38.57 -66.77
C HIS B 133 30.85 37.21 -67.46
N PHE B 134 32.02 36.60 -67.67
CA PHE B 134 32.07 35.32 -68.36
C PHE B 134 31.11 34.29 -67.77
N GLY B 135 30.30 33.67 -68.63
CA GLY B 135 29.35 32.68 -68.15
C GLY B 135 27.95 33.21 -67.92
N ALA B 136 27.82 34.52 -67.70
CA ALA B 136 26.51 35.11 -67.48
C ALA B 136 25.66 34.99 -68.74
N GLU B 137 24.34 35.01 -68.57
CA GLU B 137 23.38 34.92 -69.66
C GLU B 137 23.25 36.30 -70.30
N TYR B 138 23.42 36.38 -71.61
CA TYR B 138 23.32 37.67 -72.31
C TYR B 138 21.93 37.90 -72.89
N THR B 139 21.35 39.06 -72.62
CA THR B 139 20.05 39.39 -73.19
C THR B 139 20.34 40.38 -74.30
N ASP B 140 20.65 41.61 -73.94
CA ASP B 140 20.99 42.67 -74.92
C ASP B 140 22.07 43.54 -74.25
N ALA B 141 22.50 44.65 -74.89
CA ALA B 141 23.53 45.48 -74.27
C ALA B 141 23.09 46.28 -73.06
N ASP B 142 21.78 46.38 -72.85
CA ASP B 142 21.23 47.13 -71.73
C ASP B 142 20.99 46.27 -70.49
N GLY B 143 21.20 44.97 -70.64
CA GLY B 143 21.00 44.05 -69.54
C GLY B 143 21.79 44.38 -68.29
N ASP B 144 21.28 43.95 -67.14
CA ASP B 144 21.93 44.21 -65.86
C ASP B 144 22.78 43.00 -65.52
N TYR B 145 24.09 43.15 -65.68
CA TYR B 145 25.02 42.06 -65.43
C TYR B 145 25.88 42.25 -64.19
N LYS B 146 25.66 43.33 -63.48
CA LYS B 146 26.43 43.61 -62.29
C LYS B 146 26.40 42.42 -61.32
N GLY B 147 27.59 41.95 -60.94
CA GLY B 147 27.68 40.82 -60.02
C GLY B 147 27.37 39.48 -60.66
N LYS B 148 27.20 39.44 -61.98
CA LYS B 148 26.88 38.18 -62.65
C LYS B 148 28.06 37.70 -63.50
N GLY B 149 28.26 36.38 -63.53
CA GLY B 149 29.34 35.79 -64.30
C GLY B 149 30.67 35.95 -63.60
N VAL B 150 31.74 35.49 -64.23
CA VAL B 150 33.07 35.58 -63.65
C VAL B 150 33.80 36.88 -64.03
N ASP B 151 34.22 37.65 -63.04
CA ASP B 151 34.96 38.87 -63.30
C ASP B 151 36.44 38.52 -63.40
N GLN B 152 36.88 38.12 -64.59
CA GLN B 152 38.26 37.72 -64.81
C GLN B 152 39.27 38.83 -64.55
N LEU B 153 38.90 40.04 -64.95
CA LEU B 153 39.81 41.17 -64.80
C LEU B 153 40.12 41.49 -63.34
N GLN B 154 39.10 41.57 -62.49
CA GLN B 154 39.35 41.85 -61.09
C GLN B 154 40.12 40.69 -60.46
N ARG B 155 39.84 39.47 -60.89
CA ARG B 155 40.54 38.31 -60.33
C ARG B 155 42.03 38.42 -60.65
N VAL B 156 42.33 38.89 -61.87
CA VAL B 156 43.71 39.07 -62.28
C VAL B 156 44.40 40.06 -61.35
N ILE B 157 43.72 41.17 -61.09
CA ILE B 157 44.26 42.23 -60.21
C ILE B 157 44.52 41.66 -58.80
N ASP B 158 43.52 40.98 -58.25
CA ASP B 158 43.63 40.40 -56.91
C ASP B 158 44.77 39.39 -56.82
N THR B 159 44.92 38.58 -57.86
CA THR B 159 45.95 37.55 -57.88
C THR B 159 47.38 38.13 -57.98
N ILE B 160 47.53 39.17 -58.79
CA ILE B 160 48.83 39.80 -58.96
C ILE B 160 49.28 40.39 -57.61
N LYS B 161 48.33 40.95 -56.88
CA LYS B 161 48.61 41.57 -55.59
C LYS B 161 48.81 40.58 -54.43
N ASN B 162 48.00 39.54 -54.38
CA ASN B 162 48.09 38.59 -53.26
C ASN B 162 48.74 37.24 -53.52
N ASN B 163 48.90 36.85 -54.77
CA ASN B 163 49.54 35.59 -55.08
C ASN B 163 50.14 35.65 -56.48
N PRO B 164 51.14 36.54 -56.67
CA PRO B 164 51.86 36.79 -57.94
C PRO B 164 52.44 35.61 -58.67
N THR B 165 52.90 34.59 -57.95
CA THR B 165 53.48 33.43 -58.61
C THR B 165 52.42 32.45 -59.15
N ASP B 166 51.16 32.77 -58.96
CA ASP B 166 50.08 31.93 -59.46
C ASP B 166 50.34 31.77 -60.98
N ARG B 167 49.95 30.63 -61.54
CA ARG B 167 50.16 30.38 -62.96
C ARG B 167 48.90 30.42 -63.79
N ARG B 168 47.82 30.94 -63.22
CA ARG B 168 46.52 30.99 -63.90
C ARG B 168 46.02 32.44 -64.06
N ILE B 169 46.93 33.40 -64.16
CA ILE B 169 46.53 34.79 -64.28
C ILE B 169 46.15 35.03 -65.73
N ILE B 170 44.94 34.58 -66.07
CA ILE B 170 44.45 34.63 -67.44
C ILE B 170 43.23 35.55 -67.62
N LEU B 171 43.19 36.23 -68.76
CA LEU B 171 42.09 37.12 -69.10
C LEU B 171 41.68 36.65 -70.50
N SER B 172 40.50 36.05 -70.61
CA SER B 172 40.07 35.53 -71.90
C SER B 172 38.66 35.94 -72.32
N ALA B 173 38.51 36.20 -73.62
CA ALA B 173 37.23 36.56 -74.16
C ALA B 173 36.64 35.43 -75.00
N TRP B 174 37.39 34.35 -75.18
CA TRP B 174 36.92 33.24 -75.99
C TRP B 174 35.87 32.43 -75.25
N ASN B 175 34.68 32.31 -75.87
CA ASN B 175 33.57 31.58 -75.27
C ASN B 175 32.81 30.86 -76.40
N PRO B 176 33.12 29.59 -76.62
CA PRO B 176 32.49 28.78 -77.66
C PRO B 176 30.98 28.79 -77.64
N LYS B 177 30.41 28.87 -76.44
CA LYS B 177 28.95 28.89 -76.33
C LYS B 177 28.33 30.21 -76.79
N ASP B 178 28.98 31.34 -76.48
CA ASP B 178 28.48 32.65 -76.87
C ASP B 178 28.83 33.14 -78.27
N LEU B 179 29.79 32.49 -78.91
CA LEU B 179 30.23 32.90 -80.25
C LEU B 179 29.16 33.29 -81.24
N PRO B 180 28.13 32.44 -81.42
CA PRO B 180 27.07 32.80 -82.38
C PRO B 180 26.29 34.06 -82.03
N LEU B 181 26.39 34.52 -80.79
CA LEU B 181 25.68 35.71 -80.37
C LEU B 181 26.53 36.95 -80.64
N MET B 182 27.79 36.73 -80.99
CA MET B 182 28.74 37.82 -81.24
C MET B 182 28.75 38.29 -82.68
N ALA B 183 28.77 39.61 -82.87
CA ALA B 183 28.80 40.17 -84.21
C ALA B 183 30.10 39.70 -84.86
N LEU B 184 31.13 39.50 -84.06
CA LEU B 184 32.43 39.04 -84.55
C LEU B 184 33.11 38.30 -83.40
N PRO B 185 33.73 37.14 -83.68
CA PRO B 185 34.41 36.39 -82.60
C PRO B 185 35.67 37.15 -82.18
N PRO B 186 36.09 36.99 -80.94
CA PRO B 186 37.28 37.68 -80.43
C PRO B 186 38.52 37.41 -81.29
N CYS B 187 39.29 38.46 -81.59
CA CYS B 187 40.52 38.32 -82.36
C CYS B 187 41.61 38.11 -81.30
N HIS B 188 41.71 39.02 -80.35
CA HIS B 188 42.68 38.84 -79.28
C HIS B 188 41.84 38.01 -78.30
N MET B 189 42.01 36.70 -78.36
CA MET B 189 41.21 35.81 -77.54
C MET B 189 41.59 35.64 -76.09
N PHE B 190 42.82 35.97 -75.74
CA PHE B 190 43.22 35.89 -74.35
C PHE B 190 44.65 36.35 -74.12
N CYS B 191 44.97 36.61 -72.87
CA CYS B 191 46.31 36.98 -72.52
C CYS B 191 46.64 36.44 -71.13
N GLN B 192 47.93 36.29 -70.88
CA GLN B 192 48.41 35.79 -69.60
C GLN B 192 49.42 36.77 -68.98
N PHE B 193 49.22 37.10 -67.70
CA PHE B 193 50.14 37.98 -67.00
C PHE B 193 51.12 37.17 -66.17
N PHE B 194 52.31 37.73 -65.99
CA PHE B 194 53.37 37.09 -65.23
C PHE B 194 54.03 38.18 -64.38
N VAL B 195 54.31 37.83 -63.13
CA VAL B 195 54.94 38.74 -62.18
C VAL B 195 56.31 38.23 -61.70
N SER B 196 57.36 39.00 -61.97
CA SER B 196 58.68 38.61 -61.49
C SER B 196 58.85 39.19 -60.11
N LEU B 197 59.28 38.37 -59.16
CA LEU B 197 59.48 38.84 -57.80
C LEU B 197 60.73 39.72 -57.72
N PRO B 198 60.79 40.63 -56.72
CA PRO B 198 61.93 41.52 -56.53
C PRO B 198 63.21 40.72 -56.30
N PRO B 199 64.30 41.07 -57.00
CA PRO B 199 65.58 40.36 -56.86
C PRO B 199 66.03 40.40 -55.40
N ALA B 200 66.80 39.40 -54.99
CA ALA B 200 67.30 39.28 -53.62
C ALA B 200 68.12 40.49 -53.16
N ASP B 201 68.98 41.00 -54.04
CA ASP B 201 69.83 42.14 -53.69
C ASP B 201 69.09 43.41 -53.31
N SER B 202 67.84 43.53 -53.73
CA SER B 202 67.05 44.72 -53.41
C SER B 202 65.57 44.36 -53.42
N PRO B 203 65.04 43.87 -52.28
CA PRO B 203 63.64 43.45 -52.09
C PRO B 203 62.63 44.58 -51.99
N GLY B 204 63.11 45.82 -52.05
CA GLY B 204 62.21 46.95 -51.96
C GLY B 204 61.64 47.31 -53.32
N SER B 205 62.30 46.88 -54.38
CA SER B 205 61.85 47.17 -55.74
C SER B 205 60.46 46.63 -56.02
N LYS B 206 59.80 47.19 -57.04
CA LYS B 206 58.46 46.75 -57.41
C LYS B 206 58.54 45.48 -58.28
N PRO B 207 57.62 44.54 -58.08
CA PRO B 207 57.66 43.33 -58.90
C PRO B 207 57.46 43.77 -60.36
N LYS B 208 57.98 43.00 -61.30
CA LYS B 208 57.83 43.34 -62.72
C LYS B 208 56.66 42.60 -63.34
N LEU B 209 55.83 43.32 -64.09
CA LEU B 209 54.65 42.74 -64.73
C LEU B 209 54.81 42.59 -66.24
N SER B 210 54.55 41.37 -66.73
CA SER B 210 54.63 41.09 -68.16
C SER B 210 53.27 40.55 -68.64
N CYS B 211 53.06 40.64 -69.95
CA CYS B 211 51.82 40.17 -70.54
C CYS B 211 52.06 39.51 -71.89
N LEU B 212 51.47 38.34 -72.07
CA LEU B 212 51.55 37.65 -73.35
C LEU B 212 50.11 37.54 -73.86
N MET B 213 49.87 38.01 -75.09
CA MET B 213 48.54 37.96 -75.67
C MET B 213 48.59 37.13 -76.93
N TYR B 214 47.56 36.32 -77.14
CA TYR B 214 47.49 35.49 -78.33
C TYR B 214 46.34 35.98 -79.20
N GLN B 215 46.64 36.23 -80.47
CA GLN B 215 45.64 36.76 -81.40
C GLN B 215 45.50 35.75 -82.53
N ARG B 216 44.31 35.16 -82.64
CA ARG B 216 44.00 34.14 -83.64
C ARG B 216 44.02 34.62 -85.09
N SER B 217 43.62 35.87 -85.30
CA SER B 217 43.52 36.48 -86.63
C SER B 217 44.06 37.90 -86.51
N CYS B 218 45.00 38.26 -87.38
CA CYS B 218 45.65 39.55 -87.26
C CYS B 218 45.72 40.36 -88.55
N ASP B 219 44.95 41.43 -88.59
CA ASP B 219 44.95 42.34 -89.74
C ASP B 219 46.15 43.23 -89.46
N LEU B 220 47.28 42.94 -90.08
CA LEU B 220 48.48 43.73 -89.79
C LEU B 220 48.38 45.20 -90.11
N GLY B 221 47.69 45.54 -91.20
CA GLY B 221 47.55 46.94 -91.56
C GLY B 221 46.76 47.75 -90.56
N LEU B 222 45.53 47.32 -90.27
CA LEU B 222 44.67 48.04 -89.36
C LEU B 222 44.56 47.59 -87.91
N GLY B 223 44.44 46.30 -87.68
CA GLY B 223 44.28 45.82 -86.33
C GLY B 223 45.47 45.75 -85.42
N VAL B 224 46.54 45.13 -85.88
CA VAL B 224 47.74 44.94 -85.06
C VAL B 224 48.25 46.20 -84.39
N PRO B 225 48.24 47.35 -85.12
CA PRO B 225 48.73 48.57 -84.45
C PRO B 225 47.89 48.88 -83.21
N PHE B 226 46.58 48.67 -83.31
CA PHE B 226 45.71 48.92 -82.17
C PHE B 226 45.93 47.86 -81.08
N ASN B 227 45.98 46.59 -81.47
CA ASN B 227 46.17 45.50 -80.51
C ASN B 227 47.42 45.66 -79.70
N ILE B 228 48.52 46.04 -80.36
CA ILE B 228 49.78 46.23 -79.64
C ILE B 228 49.69 47.33 -78.59
N ALA B 229 49.17 48.50 -79.00
CA ALA B 229 49.07 49.61 -78.06
C ALA B 229 48.03 49.32 -76.97
N SER B 230 46.93 48.68 -77.35
CA SER B 230 45.88 48.34 -76.40
C SER B 230 46.39 47.47 -75.23
N TYR B 231 47.01 46.34 -75.55
CA TYR B 231 47.49 45.47 -74.46
C TYR B 231 48.67 46.08 -73.70
N ALA B 232 49.44 46.92 -74.37
CA ALA B 232 50.55 47.60 -73.68
C ALA B 232 49.90 48.53 -72.64
N LEU B 233 48.85 49.24 -73.06
CA LEU B 233 48.16 50.16 -72.17
C LEU B 233 47.47 49.41 -71.02
N LEU B 234 46.86 48.27 -71.34
CA LEU B 234 46.20 47.49 -70.30
C LEU B 234 47.22 47.10 -69.23
N THR B 235 48.40 46.69 -69.66
CA THR B 235 49.45 46.26 -68.72
C THR B 235 49.90 47.44 -67.87
N HIS B 236 50.00 48.62 -68.48
CA HIS B 236 50.38 49.81 -67.71
C HIS B 236 49.29 50.09 -66.66
N MET B 237 48.03 49.99 -67.07
CA MET B 237 46.90 50.24 -66.16
C MET B 237 46.94 49.27 -64.98
N ILE B 238 47.04 47.99 -65.29
CA ILE B 238 47.07 46.97 -64.24
C ILE B 238 48.27 47.17 -63.32
N ALA B 239 49.39 47.59 -63.89
CA ALA B 239 50.59 47.82 -63.10
C ALA B 239 50.36 48.90 -62.05
N LEU B 240 49.66 49.96 -62.45
CA LEU B 240 49.39 51.05 -61.54
C LEU B 240 48.54 50.60 -60.37
N ILE B 241 47.46 49.87 -60.67
CA ILE B 241 46.56 49.39 -59.63
C ILE B 241 47.17 48.32 -58.70
N THR B 242 48.14 47.57 -59.21
CA THR B 242 48.74 46.48 -58.43
C THR B 242 50.10 46.80 -57.85
N ASP B 243 50.53 48.05 -58.00
CA ASP B 243 51.84 48.45 -57.50
C ASP B 243 52.99 47.64 -58.09
N THR B 244 52.88 47.32 -59.38
CA THR B 244 53.95 46.60 -60.06
C THR B 244 54.52 47.48 -61.16
N GLU B 245 55.66 47.08 -61.71
CA GLU B 245 56.32 47.83 -62.76
C GLU B 245 56.18 47.14 -64.12
N PRO B 246 55.55 47.81 -65.08
CA PRO B 246 55.40 47.18 -66.41
C PRO B 246 56.77 46.77 -66.96
N HIS B 247 56.85 45.56 -67.48
CA HIS B 247 58.13 45.06 -67.98
C HIS B 247 58.15 44.74 -69.47
N GLU B 248 57.35 43.76 -69.89
CA GLU B 248 57.35 43.31 -71.28
C GLU B 248 55.98 42.87 -71.78
N PHE B 249 55.74 43.10 -73.06
CA PHE B 249 54.50 42.69 -73.69
C PHE B 249 54.89 41.80 -74.86
N ILE B 250 54.31 40.59 -74.91
CA ILE B 250 54.61 39.64 -75.97
C ILE B 250 53.31 39.37 -76.72
N LEU B 251 53.41 39.35 -78.05
CA LEU B 251 52.24 39.11 -78.88
C LEU B 251 52.46 37.94 -79.84
N GLN B 252 51.68 36.87 -79.63
CA GLN B 252 51.77 35.70 -80.51
C GLN B 252 50.60 35.71 -81.48
N MET B 253 50.89 35.53 -82.76
CA MET B 253 49.85 35.56 -83.77
C MET B 253 49.57 34.21 -84.36
N GLY B 254 48.32 34.02 -84.78
CA GLY B 254 47.92 32.78 -85.41
C GLY B 254 47.89 33.09 -86.90
N ASP B 255 46.72 33.41 -87.43
CA ASP B 255 46.61 33.72 -88.86
C ASP B 255 47.03 35.18 -89.03
N ALA B 256 48.28 35.41 -89.41
CA ALA B 256 48.82 36.76 -89.60
C ALA B 256 48.67 37.10 -91.09
N HIS B 257 47.89 38.12 -91.41
CA HIS B 257 47.65 38.46 -92.80
C HIS B 257 47.65 39.95 -93.15
N VAL B 258 47.80 40.21 -94.43
CA VAL B 258 47.77 41.56 -94.98
C VAL B 258 46.68 41.54 -96.04
N TYR B 259 45.63 42.34 -95.88
CA TYR B 259 44.56 42.37 -96.88
C TYR B 259 45.09 42.86 -98.23
N ARG B 260 44.49 42.35 -99.31
CA ARG B 260 44.90 42.68 -100.67
C ARG B 260 44.95 44.19 -100.91
N ASP B 261 43.95 44.90 -100.41
CA ASP B 261 43.88 46.35 -100.63
C ASP B 261 44.74 47.14 -99.66
N HIS B 262 45.56 46.45 -98.88
CA HIS B 262 46.47 47.11 -97.94
C HIS B 262 47.92 47.03 -98.42
N VAL B 263 48.19 46.13 -99.35
CA VAL B 263 49.55 45.95 -99.85
C VAL B 263 50.24 47.24 -100.30
N GLU B 264 49.63 47.96 -101.23
CA GLU B 264 50.23 49.20 -101.71
C GLU B 264 50.38 50.25 -100.63
N PRO B 265 49.33 50.47 -99.82
CA PRO B 265 49.48 51.48 -98.77
C PRO B 265 50.61 51.14 -97.79
N LEU B 266 50.76 49.86 -97.47
CA LEU B 266 51.80 49.43 -96.53
C LEU B 266 53.22 49.59 -97.11
N LYS B 267 53.36 49.44 -98.42
CA LYS B 267 54.67 49.60 -99.06
C LYS B 267 55.19 51.00 -98.81
N THR B 268 54.28 51.96 -98.74
CA THR B 268 54.66 53.34 -98.46
C THR B 268 55.16 53.42 -97.03
N GLN B 269 54.48 52.73 -96.12
CA GLN B 269 54.88 52.74 -94.71
C GLN B 269 56.23 52.07 -94.50
N LEU B 270 56.47 51.01 -95.26
CA LEU B 270 57.73 50.24 -95.13
C LEU B 270 58.99 51.07 -95.43
N GLU B 271 58.82 52.18 -96.13
CA GLU B 271 59.93 53.05 -96.49
C GLU B 271 60.32 53.99 -95.35
N ARG B 272 59.49 54.06 -94.33
CA ARG B 272 59.74 54.98 -93.23
C ARG B 272 60.55 54.42 -92.07
N GLU B 273 61.41 55.26 -91.52
CA GLU B 273 62.24 54.91 -90.38
C GLU B 273 61.50 55.27 -89.09
N PRO B 274 61.37 54.31 -88.17
CA PRO B 274 60.69 54.54 -86.90
C PRO B 274 61.32 55.64 -86.04
N ARG B 275 60.49 56.30 -85.24
CA ARG B 275 60.95 57.32 -84.30
C ARG B 275 60.88 56.63 -82.95
N ASP B 276 61.63 57.11 -81.97
CA ASP B 276 61.61 56.49 -80.65
C ASP B 276 60.16 56.46 -80.13
N PHE B 277 59.78 55.36 -79.49
CA PHE B 277 58.45 55.24 -78.95
C PHE B 277 58.19 56.30 -77.90
N PRO B 278 56.92 56.72 -77.75
CA PRO B 278 56.54 57.72 -76.77
C PRO B 278 56.50 57.12 -75.36
N LYS B 279 56.27 57.97 -74.36
CA LYS B 279 56.18 57.48 -72.99
C LYS B 279 54.80 57.77 -72.42
N LEU B 280 54.37 56.94 -71.48
CA LEU B 280 53.06 57.11 -70.86
C LEU B 280 53.19 57.64 -69.44
N LYS B 281 52.36 58.62 -69.10
CA LYS B 281 52.34 59.19 -67.76
C LYS B 281 50.89 59.28 -67.34
N TRP B 282 50.63 59.26 -66.04
CA TRP B 282 49.25 59.35 -65.55
C TRP B 282 48.94 60.78 -65.08
N ALA B 283 47.76 61.28 -65.45
CA ALA B 283 47.34 62.62 -65.06
C ALA B 283 46.86 62.63 -63.62
N ARG B 284 46.62 61.45 -63.04
CA ARG B 284 46.17 61.35 -61.66
C ARG B 284 46.94 60.25 -60.93
N SER B 285 46.78 60.21 -59.61
CA SER B 285 47.48 59.21 -58.81
C SER B 285 46.70 57.90 -58.70
N LYS B 286 47.38 56.88 -58.20
CA LYS B 286 46.75 55.58 -58.02
C LYS B 286 45.53 55.72 -57.14
N GLU B 287 45.68 56.47 -56.05
CA GLU B 287 44.61 56.70 -55.10
C GLU B 287 43.41 57.40 -55.73
N GLU B 288 43.68 58.39 -56.57
CA GLU B 288 42.60 59.13 -57.21
C GLU B 288 41.87 58.22 -58.19
N ILE B 289 42.62 57.46 -58.99
CA ILE B 289 42.01 56.56 -59.95
C ILE B 289 41.25 55.46 -59.20
N GLY B 290 41.84 54.98 -58.11
CA GLY B 290 41.18 53.99 -57.28
C GLY B 290 41.38 52.54 -57.69
N ASP B 291 40.67 52.11 -58.72
CA ASP B 291 40.79 50.74 -59.19
C ASP B 291 40.75 50.69 -60.71
N ILE B 292 40.73 49.48 -61.27
CA ILE B 292 40.73 49.29 -62.72
C ILE B 292 39.55 49.94 -63.42
N ASP B 293 38.47 50.20 -62.67
CA ASP B 293 37.29 50.82 -63.25
C ASP B 293 37.26 52.34 -63.12
N GLY B 294 38.31 52.91 -62.55
CA GLY B 294 38.33 54.35 -62.37
C GLY B 294 39.13 55.17 -63.38
N PHE B 295 39.60 54.56 -64.45
CA PHE B 295 40.39 55.29 -65.44
C PHE B 295 39.51 56.09 -66.39
N LYS B 296 40.06 57.22 -66.87
CA LYS B 296 39.37 58.10 -67.81
C LYS B 296 40.33 58.38 -68.95
N VAL B 297 39.79 58.68 -70.13
CA VAL B 297 40.64 58.95 -71.28
C VAL B 297 41.71 59.99 -70.96
N GLU B 298 41.31 61.08 -70.31
CA GLU B 298 42.23 62.16 -69.97
C GLU B 298 43.32 61.78 -68.97
N ASP B 299 43.24 60.58 -68.38
CA ASP B 299 44.27 60.15 -67.44
C ASP B 299 45.54 59.72 -68.18
N PHE B 300 45.39 59.35 -69.45
CA PHE B 300 46.50 58.88 -70.27
C PHE B 300 47.26 60.02 -70.93
N VAL B 301 48.42 60.35 -70.36
CA VAL B 301 49.26 61.42 -70.90
C VAL B 301 50.43 60.83 -71.66
N VAL B 302 50.30 60.80 -72.99
CA VAL B 302 51.33 60.25 -73.85
C VAL B 302 52.21 61.37 -74.36
N GLU B 303 53.49 61.31 -74.00
CA GLU B 303 54.42 62.36 -74.43
C GLU B 303 55.51 61.86 -75.34
N GLY B 304 55.94 62.72 -76.26
CA GLY B 304 56.99 62.35 -77.19
C GLY B 304 56.53 61.54 -78.39
N TYR B 305 55.22 61.52 -78.67
CA TYR B 305 54.76 60.77 -79.82
C TYR B 305 55.05 61.59 -81.08
N LYS B 306 55.92 61.06 -81.95
CA LYS B 306 56.30 61.75 -83.18
C LYS B 306 56.19 60.85 -84.39
N PRO B 307 54.96 60.58 -84.84
CA PRO B 307 54.74 59.71 -85.99
C PRO B 307 54.83 60.38 -87.36
N TRP B 308 54.94 59.54 -88.38
CA TRP B 308 54.94 60.03 -89.74
C TRP B 308 53.46 60.24 -90.07
N GLY B 309 53.17 60.59 -91.31
CA GLY B 309 51.80 60.83 -91.72
C GLY B 309 50.88 59.62 -91.66
N LYS B 310 49.58 59.88 -91.69
CA LYS B 310 48.61 58.82 -91.64
C LYS B 310 48.63 58.08 -92.97
N ILE B 311 48.22 56.82 -92.93
CA ILE B 311 48.15 55.98 -94.12
C ILE B 311 46.75 55.42 -94.21
N ASP B 312 46.01 55.81 -95.24
CA ASP B 312 44.65 55.35 -95.40
C ASP B 312 44.53 53.88 -95.79
N MET B 313 43.71 53.15 -95.06
CA MET B 313 43.48 51.73 -95.33
C MET B 313 42.04 51.42 -95.01
N LYS B 314 41.35 50.79 -95.96
CA LYS B 314 39.95 50.46 -95.77
C LYS B 314 39.80 49.16 -94.96
N MET B 315 38.83 49.12 -94.07
CA MET B 315 38.61 47.94 -93.27
C MET B 315 37.61 47.05 -93.98
N SER B 316 37.87 45.75 -94.00
CA SER B 316 36.95 44.82 -94.65
C SER B 316 36.03 44.25 -93.59
N ALA B 317 34.74 44.51 -93.76
CA ALA B 317 33.72 44.07 -92.81
C ALA B 317 33.48 42.57 -92.84
N ARG C 13 -31.04 41.32 -86.21
CA ARG C 13 -29.94 41.75 -85.31
C ARG C 13 -29.74 43.26 -85.38
N SER C 14 -29.68 43.88 -84.21
CA SER C 14 -29.50 45.32 -84.08
C SER C 14 -28.15 45.83 -84.57
N ASN C 15 -27.13 45.00 -84.43
CA ASN C 15 -25.77 45.35 -84.84
C ASN C 15 -25.20 44.07 -85.44
N PRO C 16 -25.61 43.77 -86.69
CA PRO C 16 -25.21 42.59 -87.48
C PRO C 16 -23.70 42.41 -87.63
N ASP C 17 -22.96 43.52 -87.58
CA ASP C 17 -21.52 43.45 -87.78
C ASP C 17 -20.72 43.19 -86.51
N HIS C 18 -21.41 43.01 -85.39
CA HIS C 18 -20.69 42.76 -84.15
C HIS C 18 -19.87 41.51 -84.30
N GLU C 19 -18.57 41.63 -84.06
CA GLU C 19 -17.65 40.50 -84.18
C GLU C 19 -18.00 39.26 -83.39
N GLU C 20 -18.76 39.41 -82.31
CA GLU C 20 -19.12 38.24 -81.49
C GLU C 20 -20.04 37.28 -82.25
N TYR C 21 -20.74 37.78 -83.27
CA TYR C 21 -21.60 36.89 -84.05
C TYR C 21 -20.81 35.78 -84.75
N GLN C 22 -19.52 36.00 -84.97
CA GLN C 22 -18.67 34.97 -85.58
C GLN C 22 -18.69 33.77 -84.66
N TYR C 23 -18.49 34.01 -83.35
CA TYR C 23 -18.47 32.94 -82.36
C TYR C 23 -19.85 32.27 -82.25
N LEU C 24 -20.91 33.08 -82.12
CA LEU C 24 -22.27 32.55 -82.01
C LEU C 24 -22.69 31.78 -83.26
N ASP C 25 -22.40 32.33 -84.44
CA ASP C 25 -22.77 31.66 -85.68
C ASP C 25 -22.08 30.31 -85.85
N LEU C 26 -20.79 30.23 -85.50
CA LEU C 26 -20.07 28.97 -85.63
C LEU C 26 -20.68 27.91 -84.72
N ILE C 27 -21.00 28.28 -83.50
CA ILE C 27 -21.62 27.32 -82.58
C ILE C 27 -22.94 26.81 -83.15
N ARG C 28 -23.72 27.73 -83.70
CA ARG C 28 -25.02 27.35 -84.28
C ARG C 28 -24.79 26.37 -85.42
N ARG C 29 -23.79 26.67 -86.26
CA ARG C 29 -23.49 25.81 -87.39
C ARG C 29 -23.03 24.43 -86.93
N ILE C 30 -22.13 24.38 -85.95
CA ILE C 30 -21.64 23.08 -85.46
C ILE C 30 -22.80 22.25 -84.91
N ILE C 31 -23.68 22.88 -84.15
CA ILE C 31 -24.81 22.14 -83.59
C ILE C 31 -25.72 21.64 -84.73
N ASN C 32 -25.93 22.48 -85.73
CA ASN C 32 -26.78 22.14 -86.88
C ASN C 32 -26.24 21.08 -87.83
N VAL C 33 -25.05 21.32 -88.39
CA VAL C 33 -24.48 20.38 -89.35
C VAL C 33 -23.17 19.70 -88.91
N GLY C 34 -22.77 19.90 -87.66
CA GLY C 34 -21.56 19.26 -87.19
C GLY C 34 -21.69 17.75 -87.15
N GLU C 35 -20.55 17.07 -87.13
CA GLU C 35 -20.54 15.61 -87.09
C GLU C 35 -20.40 15.09 -85.65
N VAL C 36 -21.28 14.17 -85.25
CA VAL C 36 -21.24 13.60 -83.91
C VAL C 36 -20.07 12.66 -83.83
N ARG C 37 -19.19 12.87 -82.86
CA ARG C 37 -18.00 12.04 -82.75
C ARG C 37 -17.62 11.66 -81.35
N PRO C 38 -16.89 10.55 -81.20
CA PRO C 38 -16.42 10.05 -79.90
C PRO C 38 -15.14 10.89 -79.66
N ASP C 39 -14.65 10.93 -78.44
CA ASP C 39 -13.44 11.71 -78.17
C ASP C 39 -12.70 11.15 -76.96
N ARG C 40 -11.51 11.70 -76.74
CA ARG C 40 -10.66 11.30 -75.63
C ARG C 40 -11.36 11.34 -74.26
N THR C 41 -12.15 12.38 -74.02
CA THR C 41 -12.81 12.56 -72.72
C THR C 41 -13.93 11.57 -72.45
N GLY C 42 -14.55 11.07 -73.51
CA GLY C 42 -15.64 10.13 -73.34
C GLY C 42 -17.01 10.78 -73.30
N THR C 43 -17.08 12.11 -73.31
CA THR C 43 -18.40 12.73 -73.27
C THR C 43 -18.97 12.88 -74.67
N GLY C 44 -18.09 12.93 -75.67
CA GLY C 44 -18.57 13.05 -77.04
C GLY C 44 -18.73 14.50 -77.45
N THR C 45 -18.68 14.75 -78.75
CA THR C 45 -18.83 16.12 -79.26
C THR C 45 -19.47 16.12 -80.64
N VAL C 46 -19.75 17.32 -81.12
CA VAL C 46 -20.28 17.52 -82.48
C VAL C 46 -19.19 18.47 -83.03
N ALA C 47 -18.65 18.18 -84.21
CA ALA C 47 -17.55 19.01 -84.72
C ALA C 47 -17.49 19.25 -86.22
N LEU C 48 -16.71 20.27 -86.57
CA LEU C 48 -16.41 20.66 -87.94
C LEU C 48 -14.90 20.90 -87.99
N PHE C 49 -14.27 20.58 -89.12
CA PHE C 49 -12.83 20.78 -89.25
C PHE C 49 -12.50 21.99 -90.08
N ALA C 50 -11.54 22.79 -89.58
CA ALA C 50 -11.04 23.97 -90.27
C ALA C 50 -12.10 24.93 -90.80
N PRO C 51 -12.95 25.47 -89.91
CA PRO C 51 -13.97 26.39 -90.39
C PRO C 51 -13.30 27.73 -90.63
N PRO C 52 -13.99 28.65 -91.32
CA PRO C 52 -13.38 29.97 -91.57
C PRO C 52 -12.84 30.55 -90.27
N SER C 53 -11.72 31.24 -90.35
CA SER C 53 -11.09 31.84 -89.18
C SER C 53 -11.84 33.05 -88.63
N PHE C 54 -11.61 33.35 -87.36
CA PHE C 54 -12.25 34.50 -86.71
C PHE C 54 -11.29 35.68 -86.80
N ARG C 55 -11.83 36.88 -86.93
CA ARG C 55 -11.01 38.08 -86.99
C ARG C 55 -11.59 39.07 -85.99
N PHE C 56 -10.74 39.63 -85.16
CA PHE C 56 -11.18 40.59 -84.15
C PHE C 56 -10.31 41.83 -84.21
N SER C 57 -10.93 43.00 -84.27
CA SER C 57 -10.16 44.24 -84.30
C SER C 57 -9.69 44.58 -82.88
N LEU C 58 -8.42 44.98 -82.76
CA LEU C 58 -7.85 45.35 -81.46
C LEU C 58 -7.56 46.86 -81.42
N ALA C 59 -8.06 47.57 -82.43
CA ALA C 59 -7.87 49.01 -82.52
C ALA C 59 -8.69 49.74 -81.46
N ASP C 60 -8.30 50.97 -81.16
CA ASP C 60 -8.99 51.78 -80.16
C ASP C 60 -9.08 51.08 -78.81
N ASN C 61 -8.01 50.40 -78.42
CA ASN C 61 -7.94 49.69 -77.13
C ASN C 61 -9.02 48.65 -76.93
N THR C 62 -9.56 48.11 -78.01
CA THR C 62 -10.63 47.12 -77.90
C THR C 62 -10.15 45.73 -77.45
N LEU C 63 -10.93 45.12 -76.57
CA LEU C 63 -10.62 43.79 -76.05
C LEU C 63 -11.82 42.89 -76.36
N PRO C 64 -11.63 41.90 -77.23
CA PRO C 64 -12.73 41.00 -77.59
C PRO C 64 -13.07 39.99 -76.48
N LEU C 65 -13.59 40.51 -75.38
CA LEU C 65 -14.03 39.68 -74.26
C LEU C 65 -15.53 39.45 -74.47
N LEU C 66 -15.92 38.21 -74.75
CA LEU C 66 -17.31 37.87 -75.05
C LEU C 66 -18.30 38.45 -74.05
N THR C 67 -19.42 38.93 -74.57
CA THR C 67 -20.45 39.53 -73.75
C THR C 67 -21.74 38.71 -73.64
N THR C 68 -21.91 37.68 -74.46
CA THR C 68 -23.13 36.89 -74.36
C THR C 68 -23.14 35.98 -73.15
N LYS C 69 -22.07 36.04 -72.36
CA LYS C 69 -21.98 35.28 -71.10
C LYS C 69 -20.87 35.95 -70.30
N ARG C 70 -20.93 35.84 -68.97
CA ARG C 70 -19.88 36.44 -68.15
C ARG C 70 -18.63 35.58 -68.25
N VAL C 71 -17.54 36.17 -68.73
CA VAL C 71 -16.28 35.44 -68.85
C VAL C 71 -15.39 35.76 -67.66
N PHE C 72 -14.77 34.74 -67.07
CA PHE C 72 -13.87 34.92 -65.92
C PHE C 72 -12.59 35.66 -66.37
N LEU C 73 -12.68 36.96 -66.56
CA LEU C 73 -11.57 37.79 -66.98
C LEU C 73 -10.30 37.60 -66.13
N ARG C 74 -10.43 37.69 -64.81
CA ARG C 74 -9.27 37.52 -63.93
C ARG C 74 -8.58 36.19 -64.19
N GLY C 75 -9.38 35.16 -64.46
CA GLY C 75 -8.81 33.86 -64.74
C GLY C 75 -7.99 33.87 -66.04
N VAL C 76 -8.47 34.60 -67.04
CA VAL C 76 -7.76 34.69 -68.31
C VAL C 76 -6.42 35.38 -68.10
N ILE C 77 -6.45 36.55 -67.45
CA ILE C 77 -5.24 37.31 -67.17
C ILE C 77 -4.25 36.47 -66.34
N ALA C 78 -4.73 35.87 -65.26
CA ALA C 78 -3.84 35.05 -64.43
C ALA C 78 -3.16 33.97 -65.23
N GLU C 79 -3.93 33.21 -66.00
CA GLU C 79 -3.36 32.15 -66.82
C GLU C 79 -2.31 32.69 -67.80
N LEU C 80 -2.61 33.83 -68.42
CA LEU C 80 -1.68 34.45 -69.39
C LEU C 80 -0.34 34.88 -68.75
N LEU C 81 -0.41 35.56 -67.60
CA LEU C 81 0.81 35.99 -66.91
C LEU C 81 1.59 34.76 -66.44
N TRP C 82 0.86 33.68 -66.21
CA TRP C 82 1.42 32.40 -65.77
C TRP C 82 2.22 31.82 -66.96
N PHE C 83 1.62 31.86 -68.16
CA PHE C 83 2.32 31.35 -69.35
C PHE C 83 3.61 32.15 -69.50
N VAL C 84 3.46 33.48 -69.55
CA VAL C 84 4.60 34.37 -69.75
C VAL C 84 5.74 34.08 -68.77
N SER C 85 5.40 33.76 -67.53
CA SER C 85 6.42 33.51 -66.51
C SER C 85 7.15 32.23 -66.78
N GLY C 86 6.61 31.39 -67.65
CA GLY C 86 7.25 30.12 -67.96
C GLY C 86 6.93 29.04 -66.94
N CYS C 87 6.08 29.37 -65.97
CA CYS C 87 5.69 28.46 -64.90
C CYS C 87 4.73 27.39 -65.40
N THR C 88 4.87 26.18 -64.85
CA THR C 88 4.03 25.06 -65.24
C THR C 88 3.35 24.40 -64.04
N ASP C 89 3.35 25.09 -62.91
CA ASP C 89 2.72 24.60 -61.68
C ASP C 89 1.32 25.20 -61.55
N ALA C 90 0.30 24.38 -61.71
CA ALA C 90 -1.08 24.84 -61.62
C ALA C 90 -1.42 25.39 -60.23
N LYS C 91 -0.67 25.02 -59.20
CA LYS C 91 -0.95 25.55 -57.87
C LYS C 91 -0.75 27.06 -57.86
N MET C 92 0.05 27.58 -58.80
CA MET C 92 0.27 29.03 -58.85
C MET C 92 -1.01 29.73 -59.29
N LEU C 93 -1.89 28.98 -59.96
CA LEU C 93 -3.18 29.57 -60.38
C LEU C 93 -4.25 29.32 -59.29
N SER C 94 -4.32 28.09 -58.79
CA SER C 94 -5.32 27.79 -57.75
C SER C 94 -5.09 28.59 -56.47
N SER C 95 -3.84 28.92 -56.18
CA SER C 95 -3.53 29.69 -54.98
C SER C 95 -4.07 31.10 -55.09
N GLN C 96 -4.27 31.57 -56.33
CA GLN C 96 -4.84 32.89 -56.50
C GLN C 96 -6.31 32.83 -56.93
N GLY C 97 -6.95 31.70 -56.65
CA GLY C 97 -8.37 31.55 -56.96
C GLY C 97 -8.75 31.20 -58.39
N VAL C 98 -7.82 30.64 -59.15
CA VAL C 98 -8.09 30.26 -60.54
C VAL C 98 -7.87 28.77 -60.67
N GLY C 99 -8.94 28.00 -60.86
CA GLY C 99 -8.82 26.56 -60.93
C GLY C 99 -9.01 25.92 -62.28
N ILE C 100 -8.84 26.70 -63.37
CA ILE C 100 -9.05 26.16 -64.70
C ILE C 100 -8.17 24.99 -65.03
N TRP C 101 -6.99 24.91 -64.41
CA TRP C 101 -6.09 23.79 -64.66
C TRP C 101 -6.08 22.72 -63.55
N ASP C 102 -6.98 22.85 -62.58
CA ASP C 102 -7.04 21.87 -61.48
C ASP C 102 -7.44 20.50 -62.01
N GLY C 103 -8.33 20.49 -62.99
CA GLY C 103 -8.78 19.24 -63.56
C GLY C 103 -7.68 18.37 -64.18
N ASN C 104 -6.83 18.97 -65.01
CA ASN C 104 -5.77 18.19 -65.62
C ASN C 104 -4.51 18.12 -64.78
N GLY C 105 -4.47 18.84 -63.67
CA GLY C 105 -3.31 18.81 -62.81
C GLY C 105 -3.55 17.96 -61.56
N SER C 106 -4.75 17.41 -61.43
CA SER C 106 -5.09 16.60 -60.26
C SER C 106 -4.29 15.30 -60.28
N LYS C 107 -4.06 14.70 -59.13
CA LYS C 107 -3.32 13.47 -59.08
C LYS C 107 -3.99 12.38 -59.93
N GLU C 108 -5.30 12.25 -59.82
CA GLU C 108 -6.01 11.21 -60.57
C GLU C 108 -5.79 11.33 -62.06
N PHE C 109 -5.83 12.55 -62.57
CA PHE C 109 -5.63 12.68 -63.99
C PHE C 109 -4.19 12.39 -64.35
N LEU C 110 -3.25 12.96 -63.60
CA LEU C 110 -1.82 12.73 -63.88
C LEU C 110 -1.49 11.24 -63.86
N GLU C 111 -1.93 10.54 -62.81
CA GLU C 111 -1.67 9.10 -62.71
C GLU C 111 -2.35 8.40 -63.87
N LYS C 112 -3.49 8.93 -64.28
CA LYS C 112 -4.26 8.35 -65.36
C LYS C 112 -3.52 8.38 -66.70
N VAL C 113 -2.74 9.43 -66.93
CA VAL C 113 -1.99 9.54 -68.18
C VAL C 113 -0.53 9.10 -68.05
N GLY C 114 -0.23 8.30 -67.04
CA GLY C 114 1.14 7.83 -66.86
C GLY C 114 2.12 8.80 -66.24
N LEU C 115 1.63 9.82 -65.52
CA LEU C 115 2.51 10.79 -64.89
C LEU C 115 2.31 10.77 -63.37
N GLY C 116 2.19 9.57 -62.80
CA GLY C 116 1.97 9.44 -61.36
C GLY C 116 3.13 9.86 -60.48
N HIS C 117 4.32 9.95 -61.05
CA HIS C 117 5.52 10.34 -60.30
C HIS C 117 5.55 11.84 -60.00
N ARG C 118 4.60 12.59 -60.55
CA ARG C 118 4.60 14.03 -60.33
C ARG C 118 3.67 14.43 -59.20
N ARG C 119 4.00 15.53 -58.52
CA ARG C 119 3.13 16.01 -57.47
C ARG C 119 1.94 16.68 -58.16
N GLU C 120 0.81 16.74 -57.45
CA GLU C 120 -0.38 17.33 -58.00
C GLU C 120 -0.13 18.76 -58.47
N GLY C 121 -0.62 19.09 -59.67
CA GLY C 121 -0.43 20.44 -60.18
C GLY C 121 0.75 20.61 -61.12
N ASP C 122 1.66 19.65 -61.10
CA ASP C 122 2.84 19.73 -61.98
C ASP C 122 2.45 19.19 -63.36
N LEU C 123 2.04 20.09 -64.24
CA LEU C 123 1.58 19.73 -65.58
C LEU C 123 2.65 19.27 -66.55
N GLY C 124 3.90 19.57 -66.24
CA GLY C 124 4.95 19.16 -67.15
C GLY C 124 5.39 20.36 -67.98
N PRO C 125 6.20 20.15 -69.04
CA PRO C 125 6.69 21.23 -69.90
C PRO C 125 5.67 21.77 -70.87
N VAL C 126 4.58 22.32 -70.33
CA VAL C 126 3.49 22.86 -71.14
C VAL C 126 3.73 24.32 -71.56
N TYR C 127 2.72 24.92 -72.19
CA TYR C 127 2.77 26.28 -72.71
C TYR C 127 3.92 27.18 -72.30
N GLY C 128 3.80 27.76 -71.10
CA GLY C 128 4.82 28.65 -70.58
C GLY C 128 6.26 28.19 -70.67
N PHE C 129 6.50 26.92 -70.37
CA PHE C 129 7.84 26.39 -70.41
C PHE C 129 8.39 26.39 -71.85
N GLN C 130 7.57 25.98 -72.80
CA GLN C 130 8.00 25.94 -74.20
C GLN C 130 8.24 27.36 -74.71
N TRP C 131 7.36 28.28 -74.34
CA TRP C 131 7.46 29.69 -74.74
C TRP C 131 8.79 30.35 -74.33
N ARG C 132 9.24 30.09 -73.10
CA ARG C 132 10.46 30.71 -72.59
C ARG C 132 11.70 29.81 -72.52
N HIS C 133 11.53 28.49 -72.60
CA HIS C 133 12.65 27.57 -72.47
C HIS C 133 12.60 26.39 -73.45
N PHE C 134 12.10 26.63 -74.66
CA PHE C 134 11.99 25.55 -75.62
C PHE C 134 13.30 24.79 -75.80
N GLY C 135 13.23 23.47 -75.71
CA GLY C 135 14.43 22.68 -75.85
C GLY C 135 15.13 22.31 -74.56
N ALA C 136 14.89 23.07 -73.51
CA ALA C 136 15.52 22.76 -72.24
C ALA C 136 15.01 21.42 -71.69
N GLU C 137 15.82 20.80 -70.84
CA GLU C 137 15.48 19.53 -70.22
C GLU C 137 14.53 19.79 -69.04
N TYR C 138 13.40 19.11 -69.02
CA TYR C 138 12.44 19.32 -67.93
C TYR C 138 12.62 18.29 -66.82
N THR C 139 12.67 18.75 -65.58
CA THR C 139 12.79 17.81 -64.46
C THR C 139 11.41 17.82 -63.80
N ASP C 140 11.12 18.89 -63.05
CA ASP C 140 9.80 19.05 -62.43
C ASP C 140 9.46 20.54 -62.49
N ALA C 141 8.34 20.98 -61.90
CA ALA C 141 7.99 22.41 -61.98
C ALA C 141 8.84 23.33 -61.14
N ASP C 142 9.66 22.76 -60.26
CA ASP C 142 10.52 23.57 -59.40
C ASP C 142 11.92 23.72 -60.00
N GLY C 143 12.16 23.07 -61.14
CA GLY C 143 13.46 23.14 -61.77
C GLY C 143 13.93 24.54 -62.08
N ASP C 144 15.24 24.72 -62.15
CA ASP C 144 15.84 26.01 -62.44
C ASP C 144 16.11 26.08 -63.96
N TYR C 145 15.26 26.80 -64.68
CA TYR C 145 15.37 26.89 -66.13
C TYR C 145 15.84 28.24 -66.62
N LYS C 146 16.12 29.14 -65.68
CA LYS C 146 16.56 30.48 -66.07
C LYS C 146 17.77 30.42 -67.01
N GLY C 147 17.66 31.08 -68.15
CA GLY C 147 18.75 31.09 -69.12
C GLY C 147 18.89 29.80 -69.90
N LYS C 148 17.95 28.88 -69.73
CA LYS C 148 18.02 27.61 -70.45
C LYS C 148 16.93 27.52 -71.53
N GLY C 149 17.29 26.90 -72.66
CA GLY C 149 16.35 26.73 -73.74
C GLY C 149 16.19 28.01 -74.52
N VAL C 150 15.31 27.99 -75.53
CA VAL C 150 15.08 29.17 -76.34
C VAL C 150 13.93 30.03 -75.80
N ASP C 151 14.22 31.31 -75.58
CA ASP C 151 13.21 32.23 -75.11
C ASP C 151 12.53 32.83 -76.33
N GLN C 152 11.52 32.14 -76.84
CA GLN C 152 10.78 32.60 -78.01
C GLN C 152 10.08 33.92 -77.81
N LEU C 153 9.49 34.11 -76.62
CA LEU C 153 8.77 35.34 -76.34
C LEU C 153 9.64 36.58 -76.40
N GLN C 154 10.79 36.56 -75.73
CA GLN C 154 11.65 37.73 -75.76
C GLN C 154 12.19 37.97 -77.18
N ARG C 155 12.42 36.90 -77.91
CA ARG C 155 12.92 37.02 -79.28
C ARG C 155 11.86 37.72 -80.13
N VAL C 156 10.58 37.39 -79.88
CA VAL C 156 9.47 38.03 -80.59
C VAL C 156 9.51 39.53 -80.32
N ILE C 157 9.64 39.90 -79.05
CA ILE C 157 9.70 41.31 -78.65
C ILE C 157 10.85 42.04 -79.36
N ASP C 158 12.05 41.49 -79.24
CA ASP C 158 13.25 42.05 -79.85
C ASP C 158 13.12 42.20 -81.37
N THR C 159 12.55 41.20 -82.01
CA THR C 159 12.35 41.23 -83.46
C THR C 159 11.35 42.29 -83.93
N ILE C 160 10.25 42.44 -83.20
CA ILE C 160 9.24 43.43 -83.53
C ILE C 160 9.84 44.84 -83.44
N LYS C 161 10.68 45.05 -82.43
CA LYS C 161 11.32 46.34 -82.24
C LYS C 161 12.47 46.66 -83.20
N ASN C 162 13.31 45.66 -83.50
CA ASN C 162 14.49 45.89 -84.33
C ASN C 162 14.45 45.38 -85.76
N ASN C 163 13.53 44.47 -86.07
CA ASN C 163 13.42 43.96 -87.42
C ASN C 163 11.99 43.49 -87.69
N PRO C 164 11.03 44.44 -87.62
CA PRO C 164 9.60 44.21 -87.83
C PRO C 164 9.16 43.47 -89.08
N THR C 165 9.91 43.60 -90.18
CA THR C 165 9.50 42.92 -91.40
C THR C 165 9.96 41.46 -91.45
N ASP C 166 10.62 41.00 -90.39
CA ASP C 166 11.06 39.62 -90.30
C ASP C 166 9.79 38.76 -90.48
N ARG C 167 9.95 37.58 -91.07
CA ARG C 167 8.81 36.71 -91.32
C ARG C 167 8.84 35.47 -90.44
N ARG C 168 9.63 35.50 -89.37
CA ARG C 168 9.73 34.35 -88.47
C ARG C 168 9.30 34.69 -87.05
N ILE C 169 8.43 35.68 -86.88
CA ILE C 169 8.03 36.13 -85.56
C ILE C 169 7.01 35.14 -85.05
N ILE C 170 7.52 34.00 -84.61
CA ILE C 170 6.68 32.90 -84.16
C ILE C 170 6.83 32.58 -82.66
N LEU C 171 5.71 32.24 -82.03
CA LEU C 171 5.68 31.86 -80.64
C LEU C 171 4.93 30.52 -80.62
N SER C 172 5.63 29.42 -80.32
CA SER C 172 5.02 28.10 -80.36
C SER C 172 5.29 27.25 -79.13
N ALA C 173 4.29 26.47 -78.75
CA ALA C 173 4.39 25.59 -77.59
C ALA C 173 4.44 24.13 -78.03
N TRP C 174 4.25 23.90 -79.32
CA TRP C 174 4.27 22.54 -79.81
C TRP C 174 5.68 21.96 -79.78
N ASN C 175 5.83 20.80 -79.11
CA ASN C 175 7.13 20.16 -79.01
C ASN C 175 6.88 18.67 -79.00
N PRO C 176 7.00 18.02 -80.18
CA PRO C 176 6.77 16.58 -80.32
C PRO C 176 7.56 15.72 -79.34
N LYS C 177 8.77 16.15 -78.98
CA LYS C 177 9.58 15.39 -78.06
C LYS C 177 9.03 15.45 -76.62
N ASP C 178 8.58 16.64 -76.19
CA ASP C 178 8.06 16.82 -74.84
C ASP C 178 6.59 16.42 -74.60
N LEU C 179 5.82 16.25 -75.67
CA LEU C 179 4.40 15.88 -75.56
C LEU C 179 4.05 14.83 -74.50
N PRO C 180 4.72 13.67 -74.51
CA PRO C 180 4.38 12.66 -73.48
C PRO C 180 4.59 13.11 -72.04
N LEU C 181 5.38 14.17 -71.82
CA LEU C 181 5.63 14.67 -70.48
C LEU C 181 4.58 15.70 -70.05
N MET C 182 3.72 16.07 -70.99
CA MET C 182 2.67 17.03 -70.76
C MET C 182 1.37 16.40 -70.32
N ALA C 183 0.73 16.99 -69.33
CA ALA C 183 -0.57 16.46 -68.85
C ALA C 183 -1.55 16.54 -70.01
N LEU C 184 -1.37 17.57 -70.85
CA LEU C 184 -2.23 17.75 -72.02
C LEU C 184 -1.42 18.46 -73.11
N PRO C 185 -1.54 18.02 -74.36
CA PRO C 185 -0.77 18.68 -75.43
C PRO C 185 -1.34 20.08 -75.68
N PRO C 186 -0.51 21.00 -76.12
CA PRO C 186 -0.96 22.38 -76.40
C PRO C 186 -2.17 22.44 -77.35
N CYS C 187 -3.20 23.21 -77.00
CA CYS C 187 -4.36 23.40 -77.89
C CYS C 187 -4.02 24.57 -78.82
N HIS C 188 -3.65 25.70 -78.23
CA HIS C 188 -3.22 26.83 -79.04
C HIS C 188 -1.74 26.51 -79.21
N MET C 189 -1.41 25.87 -80.33
CA MET C 189 -0.06 25.43 -80.54
C MET C 189 0.96 26.43 -81.01
N PHE C 190 0.51 27.55 -81.57
CA PHE C 190 1.46 28.58 -81.97
C PHE C 190 0.74 29.79 -82.54
N CYS C 191 1.46 30.88 -82.64
CA CYS C 191 0.89 32.09 -83.20
C CYS C 191 2.00 32.83 -83.94
N GLN C 192 1.61 33.72 -84.85
CA GLN C 192 2.56 34.49 -85.62
C GLN C 192 2.18 35.96 -85.53
N PHE C 193 3.17 36.81 -85.30
CA PHE C 193 2.92 38.24 -85.24
C PHE C 193 3.36 38.90 -86.56
N PHE C 194 2.68 39.98 -86.91
CA PHE C 194 2.98 40.74 -88.13
C PHE C 194 2.95 42.21 -87.79
N VAL C 195 3.90 42.97 -88.31
CA VAL C 195 3.98 44.39 -88.05
C VAL C 195 3.87 45.20 -89.34
N SER C 196 2.87 46.07 -89.43
CA SER C 196 2.69 46.94 -90.59
C SER C 196 3.47 48.21 -90.33
N LEU C 197 4.32 48.59 -91.28
CA LEU C 197 5.11 49.80 -91.14
C LEU C 197 4.23 51.05 -91.27
N PRO C 198 4.64 52.16 -90.67
CA PRO C 198 3.90 53.42 -90.73
C PRO C 198 3.72 53.87 -92.18
N PRO C 199 2.50 54.25 -92.58
CA PRO C 199 2.22 54.71 -93.95
C PRO C 199 3.07 55.91 -94.33
N ALA C 200 3.15 56.16 -95.64
CA ALA C 200 3.90 57.28 -96.20
C ALA C 200 3.46 58.62 -95.63
N ASP C 201 2.16 58.88 -95.67
CA ASP C 201 1.61 60.15 -95.19
C ASP C 201 1.49 60.27 -93.66
N SER C 202 2.53 59.84 -92.95
CA SER C 202 2.58 59.90 -91.48
C SER C 202 3.58 58.89 -90.91
N PRO C 203 4.86 59.06 -91.22
CA PRO C 203 5.87 58.13 -90.70
C PRO C 203 6.06 58.22 -89.19
N GLY C 204 5.34 59.14 -88.55
CA GLY C 204 5.46 59.28 -87.12
C GLY C 204 4.57 58.29 -86.39
N SER C 205 3.55 57.79 -87.07
CA SER C 205 2.62 56.84 -86.47
C SER C 205 3.29 55.58 -85.98
N LYS C 206 2.65 54.91 -85.04
CA LYS C 206 3.19 53.66 -84.50
C LYS C 206 2.89 52.51 -85.45
N PRO C 207 3.84 51.57 -85.61
CA PRO C 207 3.59 50.43 -86.50
C PRO C 207 2.40 49.66 -85.95
N LYS C 208 1.67 48.96 -86.80
CA LYS C 208 0.51 48.21 -86.33
C LYS C 208 0.86 46.73 -86.12
N LEU C 209 0.45 46.19 -84.98
CA LEU C 209 0.75 44.81 -84.62
C LEU C 209 -0.45 43.88 -84.74
N SER C 210 -0.29 42.77 -85.47
CA SER C 210 -1.35 41.80 -85.64
C SER C 210 -0.86 40.42 -85.16
N CYS C 211 -1.80 39.55 -84.88
CA CYS C 211 -1.49 38.23 -84.37
C CYS C 211 -2.43 37.19 -84.93
N LEU C 212 -1.86 36.11 -85.46
CA LEU C 212 -2.67 34.99 -85.95
C LEU C 212 -2.29 33.78 -85.07
N MET C 213 -3.30 33.16 -84.47
CA MET C 213 -3.07 31.99 -83.62
C MET C 213 -3.80 30.79 -84.21
N TYR C 214 -3.19 29.62 -84.13
CA TYR C 214 -3.79 28.42 -84.67
C TYR C 214 -4.03 27.47 -83.52
N GLN C 215 -5.28 27.05 -83.36
CA GLN C 215 -5.71 26.15 -82.28
C GLN C 215 -6.14 24.81 -82.88
N ARG C 216 -5.39 23.75 -82.59
CA ARG C 216 -5.68 22.42 -83.12
C ARG C 216 -7.00 21.82 -82.66
N SER C 217 -7.40 22.13 -81.43
CA SER C 217 -8.60 21.56 -80.80
C SER C 217 -9.27 22.70 -80.05
N CYS C 218 -10.56 22.92 -80.32
CA CYS C 218 -11.26 24.05 -79.75
C CYS C 218 -12.59 23.73 -79.09
N ASP C 219 -12.63 23.86 -77.77
CA ASP C 219 -13.85 23.63 -76.99
C ASP C 219 -14.55 24.97 -77.07
N LEU C 220 -15.52 25.09 -77.98
CA LEU C 220 -16.15 26.39 -78.16
C LEU C 220 -16.88 26.94 -76.95
N GLY C 221 -17.53 26.06 -76.20
CA GLY C 221 -18.24 26.54 -75.02
C GLY C 221 -17.31 27.11 -73.96
N LEU C 222 -16.30 26.34 -73.53
CA LEU C 222 -15.40 26.77 -72.46
C LEU C 222 -14.02 27.33 -72.83
N GLY C 223 -13.34 26.69 -73.77
CA GLY C 223 -12.02 27.16 -74.15
C GLY C 223 -11.92 28.40 -75.00
N VAL C 224 -12.55 28.38 -76.17
CA VAL C 224 -12.49 29.50 -77.10
C VAL C 224 -12.68 30.88 -76.50
N PRO C 225 -13.65 31.05 -75.58
CA PRO C 225 -13.82 32.37 -75.00
C PRO C 225 -12.54 32.82 -74.29
N PHE C 226 -11.85 31.88 -73.65
CA PHE C 226 -10.59 32.23 -72.96
C PHE C 226 -9.48 32.48 -73.99
N ASN C 227 -9.36 31.57 -74.95
CA ASN C 227 -8.33 31.67 -75.99
C ASN C 227 -8.37 33.01 -76.72
N ILE C 228 -9.58 33.47 -77.04
CA ILE C 228 -9.74 34.73 -77.76
C ILE C 228 -9.25 35.91 -76.94
N ALA C 229 -9.72 36.02 -75.71
CA ALA C 229 -9.32 37.12 -74.86
C ALA C 229 -7.83 37.02 -74.50
N SER C 230 -7.34 35.80 -74.26
CA SER C 230 -5.94 35.60 -73.91
C SER C 230 -4.96 36.12 -75.00
N TYR C 231 -5.12 35.66 -76.24
CA TYR C 231 -4.22 36.13 -77.30
C TYR C 231 -4.44 37.60 -77.62
N ALA C 232 -5.66 38.09 -77.42
CA ALA C 232 -5.91 39.53 -77.65
C ALA C 232 -5.11 40.30 -76.59
N LEU C 233 -5.16 39.82 -75.35
CA LEU C 233 -4.41 40.48 -74.26
C LEU C 233 -2.90 40.37 -74.49
N LEU C 234 -2.43 39.21 -74.94
CA LEU C 234 -1.00 39.05 -75.22
C LEU C 234 -0.52 40.09 -76.25
N THR C 235 -1.34 40.29 -77.28
CA THR C 235 -0.99 41.25 -78.32
C THR C 235 -0.94 42.66 -77.76
N HIS C 236 -1.89 43.01 -76.89
CA HIS C 236 -1.90 44.32 -76.26
C HIS C 236 -0.63 44.48 -75.43
N MET C 237 -0.26 43.43 -74.69
CA MET C 237 0.93 43.47 -73.85
C MET C 237 2.19 43.70 -74.69
N ILE C 238 2.34 42.89 -75.72
CA ILE C 238 3.50 42.99 -76.58
C ILE C 238 3.55 44.37 -77.25
N ALA C 239 2.37 44.87 -77.62
CA ALA C 239 2.29 46.18 -78.28
C ALA C 239 2.84 47.27 -77.37
N LEU C 240 2.53 47.18 -76.08
CA LEU C 240 3.01 48.17 -75.12
C LEU C 240 4.52 48.17 -75.00
N ILE C 241 5.10 46.97 -74.87
CA ILE C 241 6.55 46.83 -74.73
C ILE C 241 7.34 47.16 -76.02
N THR C 242 6.72 47.01 -77.18
CA THR C 242 7.42 47.26 -78.43
C THR C 242 7.08 48.59 -79.09
N ASP C 243 6.26 49.40 -78.42
CA ASP C 243 5.86 50.68 -78.97
C ASP C 243 5.08 50.53 -80.28
N THR C 244 4.23 49.50 -80.34
CA THR C 244 3.43 49.32 -81.54
C THR C 244 1.96 49.48 -81.16
N GLU C 245 1.09 49.55 -82.15
CA GLU C 245 -0.35 49.71 -81.92
C GLU C 245 -1.10 48.43 -82.26
N PRO C 246 -1.77 47.82 -81.29
CA PRO C 246 -2.51 46.60 -81.59
C PRO C 246 -3.49 46.83 -82.73
N HIS C 247 -3.56 45.89 -83.66
CA HIS C 247 -4.43 46.06 -84.82
C HIS C 247 -5.47 44.97 -85.01
N GLU C 248 -5.03 43.74 -85.19
CA GLU C 248 -5.98 42.65 -85.45
C GLU C 248 -5.53 41.33 -84.86
N PHE C 249 -6.49 40.51 -84.46
CA PHE C 249 -6.21 39.18 -83.95
C PHE C 249 -7.00 38.21 -84.79
N ILE C 250 -6.32 37.22 -85.35
CA ILE C 250 -6.96 36.20 -86.19
C ILE C 250 -6.82 34.83 -85.52
N LEU C 251 -7.91 34.08 -85.51
CA LEU C 251 -7.89 32.75 -84.89
C LEU C 251 -8.37 31.68 -85.85
N GLN C 252 -7.46 30.79 -86.21
CA GLN C 252 -7.78 29.69 -87.11
C GLN C 252 -7.90 28.43 -86.29
N MET C 253 -8.98 27.71 -86.49
CA MET C 253 -9.24 26.49 -85.74
C MET C 253 -9.08 25.24 -86.54
N GLY C 254 -8.68 24.16 -85.86
CA GLY C 254 -8.59 22.87 -86.53
C GLY C 254 -9.87 22.11 -86.16
N ASP C 255 -9.79 21.25 -85.14
CA ASP C 255 -10.98 20.50 -84.71
C ASP C 255 -11.83 21.44 -83.84
N ALA C 256 -12.87 22.01 -84.43
CA ALA C 256 -13.75 22.94 -83.74
C ALA C 256 -14.97 22.14 -83.30
N HIS C 257 -15.15 22.03 -81.99
CA HIS C 257 -16.24 21.22 -81.46
C HIS C 257 -17.05 21.79 -80.28
N VAL C 258 -18.24 21.22 -80.11
CA VAL C 258 -19.14 21.61 -79.03
C VAL C 258 -19.40 20.31 -78.27
N TYR C 259 -19.03 20.25 -76.99
CA TYR C 259 -19.28 19.04 -76.22
C TYR C 259 -20.78 18.78 -76.08
N ARG C 260 -21.14 17.50 -76.03
CA ARG C 260 -22.54 17.09 -75.94
C ARG C 260 -23.27 17.75 -74.79
N ASP C 261 -22.63 17.85 -73.62
CA ASP C 261 -23.27 18.47 -72.47
C ASP C 261 -23.21 20.00 -72.49
N HIS C 262 -22.78 20.58 -73.61
CA HIS C 262 -22.74 22.04 -73.72
C HIS C 262 -23.82 22.55 -74.67
N VAL C 263 -24.39 21.67 -75.47
CA VAL C 263 -25.40 22.04 -76.45
C VAL C 263 -26.57 22.83 -75.88
N GLU C 264 -27.21 22.29 -74.84
CA GLU C 264 -28.34 23.01 -74.25
C GLU C 264 -27.94 24.33 -73.60
N PRO C 265 -26.84 24.34 -72.83
CA PRO C 265 -26.45 25.62 -72.22
C PRO C 265 -26.15 26.69 -73.28
N LEU C 266 -25.53 26.29 -74.39
CA LEU C 266 -25.17 27.23 -75.44
C LEU C 266 -26.39 27.77 -76.18
N LYS C 267 -27.44 26.96 -76.28
CA LYS C 267 -28.66 27.42 -76.95
C LYS C 267 -29.21 28.65 -76.23
N THR C 268 -29.04 28.68 -74.91
CA THR C 268 -29.49 29.80 -74.12
C THR C 268 -28.66 31.04 -74.47
N GLN C 269 -27.35 30.82 -74.61
CA GLN C 269 -26.45 31.93 -74.95
C GLN C 269 -26.74 32.45 -76.38
N LEU C 270 -27.11 31.56 -77.28
CA LEU C 270 -27.37 31.95 -78.68
C LEU C 270 -28.52 32.94 -78.84
N GLU C 271 -29.36 33.02 -77.82
CA GLU C 271 -30.52 33.90 -77.84
C GLU C 271 -30.15 35.32 -77.45
N ARG C 272 -28.95 35.51 -76.93
CA ARG C 272 -28.53 36.83 -76.47
C ARG C 272 -27.83 37.71 -77.49
N GLU C 273 -28.14 39.00 -77.44
CA GLU C 273 -27.55 39.98 -78.33
C GLU C 273 -26.30 40.55 -77.67
N PRO C 274 -25.17 40.53 -78.39
CA PRO C 274 -23.89 41.04 -77.87
C PRO C 274 -23.91 42.51 -77.50
N ARG C 275 -23.13 42.87 -76.49
CA ARG C 275 -22.98 44.26 -76.09
C ARG C 275 -21.63 44.67 -76.68
N ASP C 276 -21.40 45.97 -76.87
CA ASP C 276 -20.12 46.43 -77.41
C ASP C 276 -18.97 45.93 -76.55
N PHE C 277 -17.89 45.50 -77.20
CA PHE C 277 -16.72 45.00 -76.46
C PHE C 277 -16.15 46.07 -75.56
N PRO C 278 -15.57 45.66 -74.42
CA PRO C 278 -14.95 46.59 -73.47
C PRO C 278 -13.61 47.08 -74.01
N LYS C 279 -12.99 48.02 -73.31
CA LYS C 279 -11.69 48.53 -73.72
C LYS C 279 -10.64 48.24 -72.65
N LEU C 280 -9.39 48.12 -73.08
CA LEU C 280 -8.29 47.84 -72.17
C LEU C 280 -7.43 49.07 -71.96
N LYS C 281 -7.09 49.33 -70.70
CA LYS C 281 -6.24 50.46 -70.33
C LYS C 281 -5.19 49.91 -69.35
N TRP C 282 -4.03 50.56 -69.28
CA TRP C 282 -2.96 50.11 -68.39
C TRP C 282 -2.94 50.97 -67.13
N ALA C 283 -2.78 50.32 -65.98
CA ALA C 283 -2.74 51.04 -64.71
C ALA C 283 -1.38 51.67 -64.50
N ARG C 284 -0.40 51.25 -65.29
CA ARG C 284 0.95 51.78 -65.18
C ARG C 284 1.51 52.08 -66.54
N SER C 285 2.63 52.79 -66.58
CA SER C 285 3.26 53.15 -67.86
C SER C 285 4.21 52.05 -68.37
N LYS C 286 4.61 52.19 -69.63
CA LYS C 286 5.53 51.24 -70.23
C LYS C 286 6.82 51.15 -69.39
N GLU C 287 7.32 52.32 -68.99
CA GLU C 287 8.55 52.41 -68.20
C GLU C 287 8.41 51.70 -66.87
N GLU C 288 7.28 51.88 -66.20
CA GLU C 288 7.06 51.24 -64.91
C GLU C 288 6.96 49.73 -65.08
N ILE C 289 6.22 49.28 -66.08
CA ILE C 289 6.08 47.84 -66.32
C ILE C 289 7.45 47.28 -66.73
N GLY C 290 8.19 48.06 -67.53
CA GLY C 290 9.52 47.64 -67.94
C GLY C 290 9.61 46.73 -69.15
N ASP C 291 9.30 45.45 -68.96
CA ASP C 291 9.34 44.48 -70.05
C ASP C 291 8.19 43.50 -69.96
N ILE C 292 8.17 42.52 -70.85
CA ILE C 292 7.10 41.52 -70.89
C ILE C 292 6.93 40.74 -69.57
N ASP C 293 7.97 40.73 -68.74
CA ASP C 293 7.90 40.02 -67.47
C ASP C 293 7.49 40.90 -66.29
N GLY C 294 7.21 42.16 -66.57
CA GLY C 294 6.83 43.07 -65.51
C GLY C 294 5.35 43.33 -65.29
N PHE C 295 4.46 42.66 -66.04
CA PHE C 295 3.03 42.87 -65.87
C PHE C 295 2.46 42.20 -64.62
N LYS C 296 1.43 42.84 -64.07
CA LYS C 296 0.72 42.33 -62.90
C LYS C 296 -0.77 42.34 -63.21
N VAL C 297 -1.53 41.45 -62.57
CA VAL C 297 -2.98 41.39 -62.81
C VAL C 297 -3.62 42.76 -62.71
N GLU C 298 -3.28 43.52 -61.66
CA GLU C 298 -3.85 44.84 -61.46
C GLU C 298 -3.49 45.88 -62.52
N ASP C 299 -2.57 45.54 -63.43
CA ASP C 299 -2.20 46.47 -64.48
C ASP C 299 -3.29 46.53 -65.54
N PHE C 300 -4.05 45.45 -65.66
CA PHE C 300 -5.12 45.34 -66.65
C PHE C 300 -6.42 46.01 -66.22
N VAL C 301 -6.68 47.20 -66.75
CA VAL C 301 -7.90 47.92 -66.42
C VAL C 301 -8.90 47.80 -67.57
N VAL C 302 -9.86 46.89 -67.43
CA VAL C 302 -10.86 46.67 -68.45
C VAL C 302 -12.12 47.48 -68.12
N GLU C 303 -12.45 48.43 -68.98
CA GLU C 303 -13.62 49.26 -68.74
C GLU C 303 -14.74 49.06 -69.75
N GLY C 304 -15.98 49.22 -69.30
CA GLY C 304 -17.13 49.05 -70.18
C GLY C 304 -17.55 47.62 -70.43
N TYR C 305 -17.11 46.69 -69.59
CA TYR C 305 -17.49 45.30 -69.81
C TYR C 305 -18.91 45.13 -69.29
N LYS C 306 -19.85 44.81 -70.18
CA LYS C 306 -21.26 44.65 -69.81
C LYS C 306 -21.84 43.36 -70.35
N PRO C 307 -21.47 42.23 -69.75
CA PRO C 307 -21.95 40.93 -70.19
C PRO C 307 -23.32 40.52 -69.64
N TRP C 308 -23.88 39.48 -70.26
CA TRP C 308 -25.13 38.92 -69.79
C TRP C 308 -24.70 37.99 -68.67
N GLY C 309 -25.66 37.23 -68.13
CA GLY C 309 -25.35 36.33 -67.02
C GLY C 309 -24.44 35.18 -67.36
N LYS C 310 -23.87 34.55 -66.33
CA LYS C 310 -22.99 33.42 -66.54
C LYS C 310 -23.79 32.24 -67.04
N ILE C 311 -23.11 31.34 -67.74
CA ILE C 311 -23.71 30.13 -68.26
C ILE C 311 -22.84 28.96 -67.80
N ASP C 312 -23.42 28.11 -66.97
CA ASP C 312 -22.70 26.96 -66.43
C ASP C 312 -22.44 25.87 -67.45
N MET C 313 -21.19 25.45 -67.55
CA MET C 313 -20.80 24.39 -68.45
C MET C 313 -19.71 23.59 -67.79
N LYS C 314 -19.87 22.28 -67.77
CA LYS C 314 -18.89 21.39 -67.16
C LYS C 314 -17.74 21.10 -68.12
N MET C 315 -16.52 21.10 -67.58
CA MET C 315 -15.34 20.80 -68.39
C MET C 315 -15.08 19.31 -68.38
N SER C 316 -14.81 18.74 -69.56
CA SER C 316 -14.51 17.31 -69.65
C SER C 316 -13.00 17.13 -69.56
N ALA C 317 -12.55 16.42 -68.52
CA ALA C 317 -11.13 16.18 -68.29
C ALA C 317 -10.54 15.22 -69.30
N ARG D 13 -15.79 35.05 -116.39
CA ARG D 13 -15.23 33.72 -116.01
C ARG D 13 -16.19 32.59 -116.40
N SER D 14 -15.77 31.78 -117.36
CA SER D 14 -16.56 30.66 -117.81
C SER D 14 -16.99 29.76 -116.63
N ASN D 15 -16.03 29.44 -115.75
CA ASN D 15 -16.32 28.62 -114.57
C ASN D 15 -15.74 29.34 -113.36
N PRO D 16 -16.49 30.33 -112.83
CA PRO D 16 -16.16 31.17 -111.68
C PRO D 16 -15.98 30.40 -110.37
N ASP D 17 -16.41 29.14 -110.33
CA ASP D 17 -16.23 28.38 -109.10
C ASP D 17 -14.93 27.57 -109.11
N HIS D 18 -14.14 27.72 -110.17
CA HIS D 18 -12.89 26.98 -110.25
C HIS D 18 -12.01 27.40 -109.07
N GLU D 19 -11.57 26.40 -108.30
CA GLU D 19 -10.75 26.67 -107.12
C GLU D 19 -9.49 27.48 -107.37
N GLU D 20 -8.95 27.43 -108.59
CA GLU D 20 -7.73 28.15 -108.89
C GLU D 20 -7.92 29.67 -108.80
N TYR D 21 -9.16 30.14 -108.92
CA TYR D 21 -9.40 31.58 -108.81
C TYR D 21 -9.04 32.10 -107.40
N GLN D 22 -9.03 31.21 -106.42
CA GLN D 22 -8.63 31.64 -105.06
C GLN D 22 -7.19 32.15 -105.12
N TYR D 23 -6.35 31.40 -105.80
CA TYR D 23 -4.95 31.75 -105.95
C TYR D 23 -4.78 33.03 -106.79
N LEU D 24 -5.46 33.08 -107.94
CA LEU D 24 -5.36 34.25 -108.84
C LEU D 24 -5.92 35.50 -108.17
N ASP D 25 -7.07 35.37 -107.52
CA ASP D 25 -7.68 36.51 -106.84
C ASP D 25 -6.79 37.06 -105.73
N LEU D 26 -6.15 36.18 -104.97
CA LEU D 26 -5.30 36.67 -103.88
C LEU D 26 -4.12 37.46 -104.42
N ILE D 27 -3.53 36.98 -105.51
CA ILE D 27 -2.40 37.68 -106.12
C ILE D 27 -2.84 39.05 -106.58
N ARG D 28 -4.01 39.10 -107.22
CA ARG D 28 -4.53 40.38 -107.71
C ARG D 28 -4.73 41.33 -106.53
N ARG D 29 -5.30 40.81 -105.44
CA ARG D 29 -5.52 41.63 -104.25
C ARG D 29 -4.20 42.14 -103.64
N ILE D 30 -3.22 41.27 -103.52
CA ILE D 30 -1.92 41.68 -102.96
C ILE D 30 -1.28 42.78 -103.81
N ILE D 31 -1.30 42.60 -105.12
CA ILE D 31 -0.74 43.60 -106.00
C ILE D 31 -1.48 44.91 -105.85
N ASN D 32 -2.81 44.84 -105.78
CA ASN D 32 -3.67 46.03 -105.65
C ASN D 32 -3.60 46.78 -104.31
N VAL D 33 -3.84 46.08 -103.20
CA VAL D 33 -3.83 46.73 -101.89
C VAL D 33 -2.77 46.24 -100.92
N GLY D 34 -1.87 45.39 -101.39
CA GLY D 34 -0.82 44.90 -100.51
C GLY D 34 0.13 46.01 -100.09
N GLU D 35 0.83 45.80 -98.99
CA GLU D 35 1.77 46.78 -98.46
C GLU D 35 3.20 46.52 -98.96
N VAL D 36 3.84 47.56 -99.50
CA VAL D 36 5.21 47.44 -100.01
C VAL D 36 6.15 47.32 -98.83
N ARG D 37 6.94 46.25 -98.79
CA ARG D 37 7.84 46.05 -97.67
C ARG D 37 9.23 45.57 -98.01
N PRO D 38 10.21 45.85 -97.14
CA PRO D 38 11.58 45.42 -97.33
C PRO D 38 11.55 43.95 -96.82
N ASP D 39 12.57 43.16 -97.14
CA ASP D 39 12.58 41.78 -96.67
C ASP D 39 14.00 41.25 -96.59
N ARG D 40 14.13 40.07 -96.02
CA ARG D 40 15.43 39.40 -95.86
C ARG D 40 16.25 39.31 -97.17
N THR D 41 15.59 38.95 -98.27
CA THR D 41 16.30 38.76 -99.54
C THR D 41 16.84 40.05 -100.15
N GLY D 42 16.21 41.18 -99.84
CA GLY D 42 16.67 42.43 -100.41
C GLY D 42 15.94 42.82 -101.69
N THR D 43 15.10 41.95 -102.24
CA THR D 43 14.40 42.32 -103.46
C THR D 43 13.13 43.11 -103.17
N GLY D 44 12.54 42.89 -102.00
CA GLY D 44 11.31 43.61 -101.64
C GLY D 44 10.06 42.87 -102.07
N THR D 45 8.95 43.12 -101.37
CA THR D 45 7.71 42.46 -101.71
C THR D 45 6.51 43.37 -101.45
N VAL D 46 5.35 42.88 -101.84
CA VAL D 46 4.09 43.57 -101.55
C VAL D 46 3.36 42.47 -100.76
N ALA D 47 2.80 42.79 -99.60
CA ALA D 47 2.18 41.73 -98.80
C ALA D 47 0.91 42.05 -98.00
N LEU D 48 0.23 40.97 -97.59
CA LEU D 48 -0.97 41.03 -96.78
C LEU D 48 -0.80 39.94 -95.73
N PHE D 49 -1.26 40.19 -94.51
CA PHE D 49 -1.13 39.20 -93.45
C PHE D 49 -2.43 38.45 -93.19
N ALA D 50 -2.31 37.14 -93.02
CA ALA D 50 -3.44 36.30 -92.70
C ALA D 50 -4.69 36.45 -93.57
N PRO D 51 -4.55 36.34 -94.90
CA PRO D 51 -5.74 36.47 -95.73
C PRO D 51 -6.58 35.22 -95.58
N PRO D 52 -7.84 35.25 -96.07
CA PRO D 52 -8.69 34.05 -95.96
C PRO D 52 -7.94 32.83 -96.50
N SER D 53 -8.16 31.69 -95.86
CA SER D 53 -7.50 30.46 -96.26
C SER D 53 -8.02 29.89 -97.59
N PHE D 54 -7.22 29.04 -98.24
CA PHE D 54 -7.61 28.40 -99.50
C PHE D 54 -8.16 27.03 -99.17
N ARG D 55 -9.13 26.58 -99.96
CA ARG D 55 -9.71 25.27 -99.75
C ARG D 55 -9.73 24.56 -101.10
N PHE D 56 -9.24 23.34 -101.14
CA PHE D 56 -9.21 22.57 -102.36
C PHE D 56 -9.78 21.18 -102.13
N SER D 57 -10.70 20.79 -103.01
CA SER D 57 -11.30 19.47 -102.91
C SER D 57 -10.34 18.42 -103.45
N LEU D 58 -10.20 17.31 -102.72
CA LEU D 58 -9.33 16.23 -103.15
C LEU D 58 -10.17 15.01 -103.52
N ALA D 59 -11.49 15.20 -103.60
CA ALA D 59 -12.39 14.11 -103.94
C ALA D 59 -12.25 13.74 -105.42
N ASP D 60 -12.66 12.52 -105.75
CA ASP D 60 -12.59 12.02 -107.12
C ASP D 60 -11.16 12.05 -107.67
N ASN D 61 -10.20 11.71 -106.82
CA ASN D 61 -8.79 11.68 -107.21
C ASN D 61 -8.25 13.01 -107.75
N THR D 62 -8.87 14.11 -107.36
CA THR D 62 -8.45 15.42 -107.85
C THR D 62 -7.14 15.94 -107.25
N LEU D 63 -6.28 16.48 -108.11
CA LEU D 63 -5.01 17.04 -107.68
C LEU D 63 -4.98 18.52 -108.05
N PRO D 64 -4.99 19.42 -107.04
CA PRO D 64 -4.96 20.86 -107.32
C PRO D 64 -3.60 21.35 -107.82
N LEU D 65 -3.22 20.92 -109.01
CA LEU D 65 -1.96 21.34 -109.63
C LEU D 65 -2.37 22.53 -110.55
N LEU D 66 -1.91 23.72 -110.22
CA LEU D 66 -2.29 24.92 -110.96
C LEU D 66 -2.12 24.76 -112.48
N THR D 67 -3.07 25.30 -113.22
CA THR D 67 -3.07 25.22 -114.67
C THR D 67 -2.80 26.54 -115.40
N THR D 68 -2.82 27.66 -114.68
CA THR D 68 -2.57 28.94 -115.33
C THR D 68 -1.09 29.15 -115.68
N LYS D 69 -0.27 28.16 -115.33
CA LYS D 69 1.14 28.16 -115.69
C LYS D 69 1.60 26.72 -115.56
N ARG D 70 2.64 26.33 -116.29
CA ARG D 70 3.14 24.96 -116.20
C ARG D 70 3.90 24.83 -114.88
N VAL D 71 3.50 23.88 -114.05
CA VAL D 71 4.14 23.66 -112.76
C VAL D 71 5.02 22.43 -112.87
N PHE D 72 6.25 22.54 -112.35
CA PHE D 72 7.23 21.45 -112.40
C PHE D 72 6.78 20.30 -111.48
N LEU D 73 5.82 19.53 -111.96
CA LEU D 73 5.27 18.41 -111.19
C LEU D 73 6.31 17.45 -110.63
N ARG D 74 7.23 17.00 -111.48
CA ARG D 74 8.26 16.06 -111.03
C ARG D 74 9.07 16.64 -109.88
N GLY D 75 9.29 17.95 -109.90
CA GLY D 75 10.04 18.60 -108.85
C GLY D 75 9.27 18.56 -107.53
N VAL D 76 7.96 18.74 -107.62
CA VAL D 76 7.12 18.71 -106.44
C VAL D 76 7.17 17.31 -105.82
N ILE D 77 6.92 16.29 -106.64
CA ILE D 77 6.94 14.92 -106.18
C ILE D 77 8.33 14.54 -105.59
N ALA D 78 9.40 14.87 -106.32
CA ALA D 78 10.74 14.56 -105.84
C ALA D 78 11.00 15.20 -104.46
N GLU D 79 10.66 16.47 -104.31
CA GLU D 79 10.86 17.16 -103.05
C GLU D 79 10.08 16.51 -101.94
N LEU D 80 8.84 16.11 -102.25
CA LEU D 80 7.97 15.48 -101.25
C LEU D 80 8.51 14.13 -100.76
N LEU D 81 8.95 13.30 -101.68
CA LEU D 81 9.48 11.98 -101.30
C LEU D 81 10.78 12.16 -100.54
N TRP D 82 11.44 13.27 -100.83
CA TRP D 82 12.70 13.63 -100.19
C TRP D 82 12.36 13.98 -98.72
N PHE D 83 11.29 14.77 -98.50
CA PHE D 83 10.87 15.14 -97.14
C PHE D 83 10.56 13.87 -96.37
N VAL D 84 9.69 13.04 -96.95
CA VAL D 84 9.28 11.78 -96.35
C VAL D 84 10.46 10.91 -95.93
N SER D 85 11.49 10.83 -96.79
CA SER D 85 12.67 10.04 -96.47
C SER D 85 13.47 10.58 -95.28
N GLY D 86 13.20 11.81 -94.89
CA GLY D 86 13.91 12.41 -93.77
C GLY D 86 15.27 12.96 -94.19
N CYS D 87 15.57 12.89 -95.47
CA CYS D 87 16.84 13.38 -96.02
C CYS D 87 16.92 14.92 -96.03
N THR D 88 18.10 15.47 -95.78
CA THR D 88 18.27 16.91 -95.78
C THR D 88 19.40 17.35 -96.73
N ASP D 89 19.82 16.45 -97.61
CA ASP D 89 20.88 16.74 -98.57
C ASP D 89 20.26 17.12 -99.92
N ALA D 90 20.39 18.39 -100.26
CA ALA D 90 19.84 18.89 -101.51
C ALA D 90 20.41 18.21 -102.75
N LYS D 91 21.59 17.59 -102.62
CA LYS D 91 22.20 16.93 -103.76
C LYS D 91 21.33 15.76 -104.21
N MET D 92 20.51 15.25 -103.30
CA MET D 92 19.64 14.13 -103.64
C MET D 92 18.54 14.60 -104.59
N LEU D 93 18.34 15.91 -104.64
CA LEU D 93 17.34 16.46 -105.55
C LEU D 93 18.03 16.89 -106.85
N SER D 94 19.15 17.60 -106.75
CA SER D 94 19.86 18.06 -107.95
C SER D 94 20.39 16.88 -108.78
N SER D 95 20.70 15.76 -108.14
CA SER D 95 21.19 14.60 -108.86
C SER D 95 20.08 14.01 -109.74
N GLN D 96 18.84 14.26 -109.40
CA GLN D 96 17.73 13.76 -110.20
C GLN D 96 17.10 14.90 -111.02
N GLY D 97 17.86 15.96 -111.24
CA GLY D 97 17.37 17.08 -112.04
C GLY D 97 16.43 18.08 -111.41
N VAL D 98 16.43 18.16 -110.08
CA VAL D 98 15.55 19.09 -109.36
C VAL D 98 16.44 20.04 -108.57
N GLY D 99 16.48 21.31 -108.99
CA GLY D 99 17.37 22.25 -108.31
C GLY D 99 16.73 23.32 -107.47
N ILE D 100 15.48 23.10 -107.03
CA ILE D 100 14.76 24.09 -106.24
C ILE D 100 15.46 24.49 -104.94
N TRP D 101 16.26 23.56 -104.40
CA TRP D 101 17.00 23.85 -103.17
C TRP D 101 18.47 24.16 -103.39
N ASP D 102 18.90 24.27 -104.66
CA ASP D 102 20.29 24.58 -104.97
C ASP D 102 20.67 25.96 -104.47
N GLY D 103 19.74 26.90 -104.55
CA GLY D 103 20.02 28.26 -104.12
C GLY D 103 20.33 28.43 -102.63
N ASN D 104 19.57 27.77 -101.76
CA ASN D 104 19.83 27.88 -100.34
C ASN D 104 20.82 26.83 -99.84
N GLY D 105 21.18 25.91 -100.71
CA GLY D 105 22.13 24.87 -100.33
C GLY D 105 23.52 25.14 -100.89
N SER D 106 23.66 26.21 -101.67
CA SER D 106 24.93 26.55 -102.28
C SER D 106 25.97 26.91 -101.22
N LYS D 107 27.21 26.61 -101.55
CA LYS D 107 28.34 26.89 -100.67
C LYS D 107 28.32 28.35 -100.30
N GLU D 108 28.02 29.21 -101.28
CA GLU D 108 27.98 30.64 -101.06
C GLU D 108 26.92 31.09 -100.04
N PHE D 109 25.71 30.52 -100.13
CA PHE D 109 24.65 30.92 -99.22
C PHE D 109 24.92 30.39 -97.80
N LEU D 110 25.33 29.13 -97.72
CA LEU D 110 25.62 28.51 -96.42
C LEU D 110 26.65 29.33 -95.64
N GLU D 111 27.74 29.70 -96.30
CA GLU D 111 28.76 30.51 -95.65
C GLU D 111 28.21 31.88 -95.27
N LYS D 112 27.28 32.37 -96.09
CA LYS D 112 26.63 33.65 -95.86
C LYS D 112 25.81 33.66 -94.57
N VAL D 113 25.14 32.56 -94.25
CA VAL D 113 24.33 32.48 -93.03
C VAL D 113 25.07 31.84 -91.84
N GLY D 114 26.40 31.82 -91.91
CA GLY D 114 27.19 31.25 -90.82
C GLY D 114 27.28 29.73 -90.77
N LEU D 115 27.05 29.06 -91.88
CA LEU D 115 27.10 27.60 -91.94
C LEU D 115 28.21 27.16 -92.91
N GLY D 116 29.35 27.84 -92.84
CA GLY D 116 30.47 27.53 -93.71
C GLY D 116 31.13 26.18 -93.45
N HIS D 117 30.86 25.59 -92.29
CA HIS D 117 31.46 24.31 -91.94
C HIS D 117 30.74 23.13 -92.59
N ARG D 118 29.69 23.42 -93.35
CA ARG D 118 28.96 22.35 -93.98
C ARG D 118 29.31 22.20 -95.45
N ARG D 119 29.21 20.98 -95.97
CA ARG D 119 29.49 20.80 -97.39
C ARG D 119 28.27 21.31 -98.16
N GLU D 120 28.50 21.70 -99.41
CA GLU D 120 27.43 22.21 -100.23
C GLU D 120 26.24 21.25 -100.29
N GLY D 121 25.02 21.78 -100.14
CA GLY D 121 23.84 20.93 -100.19
C GLY D 121 23.35 20.46 -98.83
N ASP D 122 24.19 20.55 -97.80
CA ASP D 122 23.77 20.11 -96.46
C ASP D 122 22.98 21.22 -95.81
N LEU D 123 21.67 21.20 -96.00
CA LEU D 123 20.76 22.23 -95.49
C LEU D 123 20.59 22.26 -93.96
N GLY D 124 20.92 21.17 -93.28
CA GLY D 124 20.75 21.16 -91.84
C GLY D 124 19.51 20.38 -91.50
N PRO D 125 19.05 20.43 -90.23
CA PRO D 125 17.86 19.71 -89.78
C PRO D 125 16.54 20.34 -90.23
N VAL D 126 16.34 20.41 -91.55
CA VAL D 126 15.13 20.99 -92.10
C VAL D 126 14.00 19.98 -92.22
N TYR D 127 12.92 20.40 -92.87
CA TYR D 127 11.70 19.61 -93.04
C TYR D 127 11.75 18.13 -92.74
N GLY D 128 12.26 17.35 -93.69
CA GLY D 128 12.34 15.90 -93.54
C GLY D 128 12.93 15.39 -92.22
N PHE D 129 13.99 16.03 -91.74
CA PHE D 129 14.62 15.60 -90.50
C PHE D 129 13.68 15.81 -89.31
N GLN D 130 13.02 16.95 -89.25
CA GLN D 130 12.07 17.22 -88.16
C GLN D 130 10.88 16.27 -88.23
N TRP D 131 10.39 16.02 -89.44
CA TRP D 131 9.25 15.13 -89.67
C TRP D 131 9.45 13.70 -89.16
N ARG D 132 10.63 13.15 -89.39
CA ARG D 132 10.94 11.78 -88.98
C ARG D 132 11.85 11.62 -87.76
N HIS D 133 12.53 12.68 -87.34
CA HIS D 133 13.49 12.58 -86.22
C HIS D 133 13.46 13.78 -85.28
N PHE D 134 12.28 14.39 -85.09
CA PHE D 134 12.20 15.59 -84.24
C PHE D 134 12.83 15.38 -82.87
N GLY D 135 13.72 16.29 -82.47
CA GLY D 135 14.38 16.17 -81.19
C GLY D 135 15.74 15.52 -81.24
N ALA D 136 16.03 14.77 -82.30
CA ALA D 136 17.32 14.10 -82.41
C ALA D 136 18.42 15.14 -82.58
N GLU D 137 19.64 14.75 -82.22
CA GLU D 137 20.81 15.63 -82.34
C GLU D 137 21.30 15.57 -83.79
N TYR D 138 21.45 16.73 -84.43
CA TYR D 138 21.89 16.77 -85.83
C TYR D 138 23.40 16.98 -85.93
N THR D 139 24.08 16.16 -86.71
CA THR D 139 25.52 16.32 -86.90
C THR D 139 25.65 16.89 -88.30
N ASP D 140 25.47 16.07 -89.32
CA ASP D 140 25.53 16.54 -90.73
C ASP D 140 24.48 15.73 -91.49
N ALA D 141 24.38 15.86 -92.82
CA ALA D 141 23.37 15.10 -93.55
C ALA D 141 23.64 13.61 -93.69
N ASP D 142 24.85 13.19 -93.36
CA ASP D 142 25.23 11.78 -93.46
C ASP D 142 25.04 11.04 -92.15
N GLY D 143 24.66 11.77 -91.11
CA GLY D 143 24.46 11.16 -89.81
C GLY D 143 23.44 10.03 -89.79
N ASP D 144 23.62 9.11 -88.85
CA ASP D 144 22.73 7.96 -88.72
C ASP D 144 21.64 8.33 -87.71
N TYR D 145 20.44 8.59 -88.22
CA TYR D 145 19.33 9.01 -87.38
C TYR D 145 18.23 7.95 -87.25
N LYS D 146 18.44 6.81 -87.89
CA LYS D 146 17.44 5.74 -87.84
C LYS D 146 17.08 5.40 -86.40
N GLY D 147 15.79 5.44 -86.09
CA GLY D 147 15.32 5.13 -84.75
C GLY D 147 15.54 6.24 -83.73
N LYS D 148 16.03 7.39 -84.18
CA LYS D 148 16.29 8.51 -83.28
C LYS D 148 15.29 9.64 -83.48
N GLY D 149 14.91 10.27 -82.37
CA GLY D 149 13.95 11.37 -82.44
C GLY D 149 12.52 10.89 -82.59
N VAL D 150 11.58 11.81 -82.69
CA VAL D 150 10.18 11.45 -82.84
C VAL D 150 9.77 11.33 -84.32
N ASP D 151 9.24 10.17 -84.70
CA ASP D 151 8.79 9.98 -86.07
C ASP D 151 7.35 10.43 -86.15
N GLN D 152 7.15 11.74 -86.34
CA GLN D 152 5.81 12.30 -86.43
C GLN D 152 4.96 11.74 -87.56
N LEU D 153 5.59 11.51 -88.71
CA LEU D 153 4.86 11.01 -89.87
C LEU D 153 4.25 9.64 -89.65
N GLN D 154 5.05 8.69 -89.16
CA GLN D 154 4.51 7.37 -88.90
C GLN D 154 3.45 7.43 -87.80
N ARG D 155 3.61 8.32 -86.83
CA ARG D 155 2.64 8.43 -85.75
C ARG D 155 1.32 8.91 -86.33
N VAL D 156 1.39 9.81 -87.31
CA VAL D 156 0.19 10.30 -87.96
C VAL D 156 -0.53 9.14 -88.64
N ILE D 157 0.23 8.32 -89.34
CA ILE D 157 -0.33 7.16 -90.05
C ILE D 157 -1.02 6.20 -89.04
N ASP D 158 -0.29 5.86 -87.98
CA ASP D 158 -0.81 4.94 -86.96
C ASP D 158 -2.07 5.46 -86.30
N THR D 159 -2.11 6.76 -86.05
CA THR D 159 -3.24 7.38 -85.38
C THR D 159 -4.47 7.42 -86.28
N ILE D 160 -4.27 7.72 -87.57
CA ILE D 160 -5.39 7.78 -88.49
C ILE D 160 -6.04 6.39 -88.58
N LYS D 161 -5.22 5.36 -88.56
CA LYS D 161 -5.72 3.98 -88.66
C LYS D 161 -6.34 3.42 -87.37
N ASN D 162 -5.72 3.72 -86.23
CA ASN D 162 -6.22 3.16 -84.97
C ASN D 162 -7.00 4.08 -84.03
N ASN D 163 -6.91 5.38 -84.23
CA ASN D 163 -7.63 6.31 -83.39
C ASN D 163 -7.88 7.62 -84.15
N PRO D 164 -8.65 7.53 -85.24
CA PRO D 164 -9.02 8.66 -86.13
C PRO D 164 -9.59 9.92 -85.53
N THR D 165 -10.33 9.79 -84.43
CA THR D 165 -10.91 10.96 -83.81
C THR D 165 -9.94 11.71 -82.91
N ASP D 166 -8.71 11.21 -82.83
CA ASP D 166 -7.68 11.89 -82.02
C ASP D 166 -7.58 13.32 -82.54
N ARG D 167 -7.27 14.27 -81.67
CA ARG D 167 -7.17 15.68 -82.07
C ARG D 167 -5.74 16.19 -82.11
N ARG D 168 -4.76 15.29 -82.10
CA ARG D 168 -3.34 15.69 -82.11
C ARG D 168 -2.62 15.13 -83.33
N ILE D 169 -3.33 14.93 -84.43
CA ILE D 169 -2.70 14.37 -85.63
C ILE D 169 -1.96 15.49 -86.32
N ILE D 170 -0.79 15.80 -85.78
CA ILE D 170 0.02 16.92 -86.25
C ILE D 170 1.38 16.50 -86.83
N LEU D 171 1.77 17.19 -87.89
CA LEU D 171 3.05 16.94 -88.54
C LEU D 171 3.70 18.32 -88.59
N SER D 172 4.79 18.51 -87.84
CA SER D 172 5.42 19.83 -87.78
C SER D 172 6.93 19.81 -87.96
N ALA D 173 7.43 20.83 -88.66
CA ALA D 173 8.85 20.96 -88.89
C ALA D 173 9.43 22.10 -88.08
N TRP D 174 8.57 22.85 -87.40
CA TRP D 174 9.05 23.98 -86.62
C TRP D 174 9.79 23.54 -85.35
N ASN D 175 11.05 23.95 -85.23
CA ASN D 175 11.86 23.59 -84.07
C ASN D 175 12.73 24.78 -83.70
N PRO D 176 12.27 25.58 -82.73
CA PRO D 176 13.00 26.77 -82.28
C PRO D 176 14.46 26.51 -81.91
N LYS D 177 14.73 25.34 -81.37
CA LYS D 177 16.11 25.02 -81.00
C LYS D 177 17.01 24.77 -82.19
N ASP D 178 16.50 24.08 -83.21
CA ASP D 178 17.28 23.77 -84.43
C ASP D 178 17.32 24.87 -85.50
N LEU D 179 16.46 25.86 -85.41
CA LEU D 179 16.42 26.93 -86.41
C LEU D 179 17.76 27.47 -86.89
N PRO D 180 18.65 27.85 -85.98
CA PRO D 180 19.96 28.37 -86.42
C PRO D 180 20.82 27.40 -87.21
N LEU D 181 20.51 26.11 -87.13
CA LEU D 181 21.28 25.12 -87.86
C LEU D 181 20.70 24.94 -89.28
N MET D 182 19.55 25.54 -89.53
CA MET D 182 18.85 25.42 -90.80
C MET D 182 19.23 26.48 -91.81
N ALA D 183 19.47 26.08 -93.06
CA ALA D 183 19.82 27.03 -94.09
C ALA D 183 18.67 28.01 -94.24
N LEU D 184 17.47 27.54 -93.97
CA LEU D 184 16.28 28.37 -94.07
C LEU D 184 15.24 27.77 -93.13
N PRO D 185 14.52 28.62 -92.37
CA PRO D 185 13.50 28.10 -91.45
C PRO D 185 12.31 27.60 -92.23
N PRO D 186 11.60 26.60 -91.71
CA PRO D 186 10.43 26.03 -92.40
C PRO D 186 9.38 27.08 -92.79
N CYS D 187 8.91 27.01 -94.04
CA CYS D 187 7.89 27.93 -94.51
C CYS D 187 6.56 27.25 -94.15
N HIS D 188 6.35 26.03 -94.62
CA HIS D 188 5.16 25.29 -94.26
C HIS D 188 5.61 24.67 -92.94
N MET D 189 5.26 25.33 -91.84
CA MET D 189 5.71 24.88 -90.54
C MET D 189 4.98 23.72 -89.90
N PHE D 190 3.75 23.46 -90.34
CA PHE D 190 3.03 22.31 -89.80
C PHE D 190 1.67 22.11 -90.46
N CYS D 191 1.14 20.91 -90.30
CA CYS D 191 -0.18 20.62 -90.82
C CYS D 191 -0.93 19.70 -89.85
N GLN D 192 -2.25 19.73 -89.93
CA GLN D 192 -3.08 18.90 -89.08
C GLN D 192 -4.03 18.09 -89.95
N PHE D 193 -4.13 16.79 -89.67
CA PHE D 193 -5.03 15.92 -90.40
C PHE D 193 -6.30 15.67 -89.60
N PHE D 194 -7.40 15.47 -90.30
CA PHE D 194 -8.70 15.22 -89.69
C PHE D 194 -9.37 14.07 -90.45
N VAL D 195 -9.99 13.16 -89.70
CA VAL D 195 -10.67 12.02 -90.29
C VAL D 195 -12.16 12.03 -89.97
N SER D 196 -12.98 12.05 -91.01
CA SER D 196 -14.43 12.01 -90.81
C SER D 196 -14.82 10.56 -90.82
N LEU D 197 -15.58 10.13 -89.82
CA LEU D 197 -16.04 8.76 -89.73
C LEU D 197 -17.12 8.48 -90.77
N PRO D 198 -17.27 7.22 -91.20
CA PRO D 198 -18.27 6.82 -92.19
C PRO D 198 -19.68 7.16 -91.69
N PRO D 199 -20.50 7.79 -92.55
CA PRO D 199 -21.87 8.17 -92.16
C PRO D 199 -22.65 6.93 -91.71
N ALA D 200 -23.61 7.15 -90.81
CA ALA D 200 -24.43 6.09 -90.24
C ALA D 200 -25.09 5.16 -91.24
N ASP D 201 -25.76 5.75 -92.23
CA ASP D 201 -26.48 5.02 -93.27
C ASP D 201 -25.57 4.50 -94.39
N SER D 202 -24.41 3.95 -94.01
CA SER D 202 -23.45 3.42 -94.97
C SER D 202 -22.07 3.35 -94.31
N PRO D 203 -21.93 2.49 -93.30
CA PRO D 203 -20.70 2.28 -92.53
C PRO D 203 -19.56 1.56 -93.26
N GLY D 204 -19.83 1.14 -94.48
CA GLY D 204 -18.81 0.43 -95.24
C GLY D 204 -17.88 1.39 -95.95
N SER D 205 -18.34 2.63 -96.15
CA SER D 205 -17.55 3.63 -96.83
C SER D 205 -16.22 3.91 -96.13
N LYS D 206 -15.27 4.45 -96.87
CA LYS D 206 -13.97 4.78 -96.31
C LYS D 206 -14.04 6.12 -95.56
N PRO D 207 -13.34 6.22 -94.42
CA PRO D 207 -13.37 7.50 -93.69
C PRO D 207 -12.76 8.56 -94.61
N LYS D 208 -13.17 9.82 -94.45
CA LYS D 208 -12.62 10.88 -95.28
C LYS D 208 -11.45 11.62 -94.59
N LEU D 209 -10.36 11.81 -95.33
CA LEU D 209 -9.18 12.47 -94.78
C LEU D 209 -8.98 13.89 -95.27
N SER D 210 -8.83 14.82 -94.32
CA SER D 210 -8.59 16.23 -94.65
C SER D 210 -7.27 16.70 -94.03
N CYS D 211 -6.74 17.78 -94.58
CA CYS D 211 -5.47 18.32 -94.12
C CYS D 211 -5.47 19.83 -94.14
N LEU D 212 -5.07 20.42 -93.01
CA LEU D 212 -4.95 21.86 -92.94
C LEU D 212 -3.45 22.13 -92.72
N MET D 213 -2.87 23.00 -93.55
CA MET D 213 -1.45 23.34 -93.43
C MET D 213 -1.31 24.82 -93.20
N TYR D 214 -0.39 25.21 -92.33
CA TYR D 214 -0.19 26.63 -92.04
C TYR D 214 1.19 27.01 -92.53
N GLN D 215 1.24 28.07 -93.34
CA GLN D 215 2.50 28.52 -93.92
C GLN D 215 2.76 29.92 -93.43
N ARG D 216 3.83 30.11 -92.66
CA ARG D 216 4.19 31.41 -92.11
C ARG D 216 4.59 32.48 -93.11
N SER D 217 5.23 32.05 -94.20
CA SER D 217 5.73 32.96 -95.24
C SER D 217 5.40 32.32 -96.58
N CYS D 218 4.75 33.07 -97.46
CA CYS D 218 4.32 32.50 -98.72
C CYS D 218 4.68 33.31 -99.96
N ASP D 219 5.58 32.76 -100.75
CA ASP D 219 6.01 33.38 -102.01
C ASP D 219 4.91 32.90 -102.97
N LEU D 220 3.93 33.75 -103.24
CA LEU D 220 2.84 33.32 -104.11
C LEU D 220 3.25 32.96 -105.53
N GLY D 221 4.22 33.67 -106.08
CA GLY D 221 4.66 33.37 -107.44
C GLY D 221 5.30 32.01 -107.59
N LEU D 222 6.31 31.72 -106.76
CA LEU D 222 7.04 30.48 -106.85
C LEU D 222 6.73 29.39 -105.85
N GLY D 223 6.66 29.75 -104.58
CA GLY D 223 6.41 28.74 -103.56
C GLY D 223 5.03 28.12 -103.44
N VAL D 224 4.00 28.96 -103.32
CA VAL D 224 2.63 28.48 -103.13
C VAL D 224 2.16 27.42 -104.11
N PRO D 225 2.50 27.58 -105.42
CA PRO D 225 2.06 26.54 -106.35
C PRO D 225 2.63 25.17 -105.95
N PHE D 226 3.88 25.15 -105.46
CA PHE D 226 4.49 23.89 -105.05
C PHE D 226 3.84 23.42 -103.72
N ASN D 227 3.69 24.34 -102.78
CA ASN D 227 3.13 23.99 -101.46
C ASN D 227 1.75 23.37 -101.56
N ILE D 228 0.90 23.96 -102.41
CA ILE D 228 -0.46 23.44 -102.60
C ILE D 228 -0.44 22.01 -103.14
N ALA D 229 0.35 21.79 -104.19
CA ALA D 229 0.40 20.46 -104.80
C ALA D 229 1.10 19.46 -103.86
N SER D 230 2.16 19.92 -103.19
CA SER D 230 2.88 19.05 -102.27
C SER D 230 1.97 18.47 -101.15
N TYR D 231 1.28 19.34 -100.42
CA TYR D 231 0.43 18.84 -99.34
C TYR D 231 -0.79 18.08 -99.84
N ALA D 232 -1.25 18.41 -101.04
CA ALA D 232 -2.37 17.67 -101.63
C ALA D 232 -1.86 16.25 -101.89
N LEU D 233 -0.65 16.14 -102.44
CA LEU D 233 -0.07 14.84 -102.73
C LEU D 233 0.21 14.05 -101.45
N LEU D 234 0.71 14.73 -100.43
CA LEU D 234 0.98 14.06 -99.17
C LEU D 234 -0.32 13.43 -98.63
N THR D 235 -1.41 14.17 -98.73
CA THR D 235 -2.70 13.69 -98.24
C THR D 235 -3.15 12.48 -99.03
N HIS D 236 -2.97 12.51 -100.35
CA HIS D 236 -3.32 11.37 -101.20
C HIS D 236 -2.48 10.16 -100.77
N MET D 237 -1.18 10.37 -100.54
CA MET D 237 -0.26 9.30 -100.13
C MET D 237 -0.73 8.68 -98.82
N ILE D 238 -0.94 9.52 -97.82
CA ILE D 238 -1.38 9.05 -96.52
C ILE D 238 -2.71 8.33 -96.61
N ALA D 239 -3.59 8.82 -97.46
CA ALA D 239 -4.90 8.19 -97.65
C ALA D 239 -4.77 6.77 -98.13
N LEU D 240 -3.83 6.54 -99.06
CA LEU D 240 -3.62 5.21 -99.61
C LEU D 240 -3.14 4.24 -98.53
N ILE D 241 -2.17 4.67 -97.74
CA ILE D 241 -1.61 3.81 -96.70
C ILE D 241 -2.57 3.56 -95.54
N THR D 242 -3.48 4.50 -95.28
CA THR D 242 -4.42 4.37 -94.16
C THR D 242 -5.83 3.92 -94.55
N ASP D 243 -6.02 3.56 -95.81
CA ASP D 243 -7.33 3.13 -96.29
C ASP D 243 -8.40 4.19 -96.08
N THR D 244 -8.05 5.46 -96.30
CA THR D 244 -9.02 6.54 -96.17
C THR D 244 -9.18 7.22 -97.53
N GLU D 245 -10.20 8.04 -97.67
CA GLU D 245 -10.46 8.74 -98.91
C GLU D 245 -10.11 10.21 -98.79
N PRO D 246 -9.18 10.70 -99.61
CA PRO D 246 -8.82 12.12 -99.54
C PRO D 246 -10.06 12.99 -99.73
N HIS D 247 -10.20 14.01 -98.89
CA HIS D 247 -11.37 14.86 -98.97
C HIS D 247 -11.10 16.33 -99.26
N GLU D 248 -10.39 16.99 -98.34
CA GLU D 248 -10.14 18.42 -98.51
C GLU D 248 -8.77 18.83 -97.99
N PHE D 249 -8.18 19.83 -98.64
CA PHE D 249 -6.91 20.41 -98.24
C PHE D 249 -7.15 21.89 -98.00
N ILE D 250 -6.76 22.37 -96.81
CA ILE D 250 -6.93 23.76 -96.47
C ILE D 250 -5.56 24.38 -96.24
N LEU D 251 -5.35 25.57 -96.77
CA LEU D 251 -4.08 26.25 -96.62
C LEU D 251 -4.25 27.63 -96.00
N GLN D 252 -3.69 27.82 -94.81
CA GLN D 252 -3.75 29.12 -94.14
C GLN D 252 -2.40 29.78 -94.23
N MET D 253 -2.39 31.02 -94.67
CA MET D 253 -1.15 31.76 -94.84
C MET D 253 -0.94 32.82 -93.77
N GLY D 254 0.33 33.11 -93.49
CA GLY D 254 0.66 34.15 -92.53
C GLY D 254 1.10 35.32 -93.40
N ASP D 255 2.42 35.48 -93.61
CA ASP D 255 2.91 36.59 -94.42
C ASP D 255 2.76 36.17 -95.89
N ALA D 256 1.68 36.60 -96.53
CA ALA D 256 1.42 36.26 -97.93
C ALA D 256 1.93 37.40 -98.78
N HIS D 257 2.93 37.13 -99.61
CA HIS D 257 3.54 38.17 -100.42
C HIS D 257 3.86 37.82 -101.88
N VAL D 258 4.08 38.87 -102.66
CA VAL D 258 4.43 38.77 -104.08
C VAL D 258 5.72 39.58 -104.21
N TYR D 259 6.81 38.94 -104.62
CA TYR D 259 8.08 39.64 -104.79
C TYR D 259 7.98 40.70 -105.88
N ARG D 260 8.73 41.77 -105.71
CA ARG D 260 8.71 42.89 -106.64
C ARG D 260 8.95 42.46 -108.08
N ASP D 261 9.90 41.55 -108.28
CA ASP D 261 10.23 41.10 -109.63
C ASP D 261 9.30 40.04 -110.16
N HIS D 262 8.21 39.77 -109.44
CA HIS D 262 7.22 38.78 -109.87
C HIS D 262 5.92 39.46 -110.33
N VAL D 263 5.75 40.72 -109.97
CA VAL D 263 4.53 41.46 -110.32
C VAL D 263 4.16 41.40 -111.80
N GLU D 264 5.07 41.80 -112.67
CA GLU D 264 4.81 41.78 -114.11
C GLU D 264 4.58 40.37 -114.65
N PRO D 265 5.44 39.41 -114.28
CA PRO D 265 5.21 38.05 -114.79
C PRO D 265 3.83 37.50 -114.37
N LEU D 266 3.40 37.80 -113.14
CA LEU D 266 2.13 37.31 -112.65
C LEU D 266 0.94 37.96 -113.37
N LYS D 267 1.11 39.22 -113.77
CA LYS D 267 0.02 39.91 -114.48
C LYS D 267 -0.35 39.13 -115.73
N THR D 268 0.66 38.54 -116.36
CA THR D 268 0.44 37.74 -117.56
C THR D 268 -0.37 36.50 -117.18
N GLN D 269 -0.05 35.91 -116.03
CA GLN D 269 -0.74 34.71 -115.59
C GLN D 269 -2.20 35.02 -115.23
N LEU D 270 -2.42 36.19 -114.66
CA LEU D 270 -3.77 36.59 -114.24
C LEU D 270 -4.76 36.69 -115.37
N GLU D 271 -4.27 36.79 -116.60
CA GLU D 271 -5.11 36.90 -117.78
C GLU D 271 -5.61 35.56 -118.25
N ARG D 272 -5.06 34.47 -117.71
CA ARG D 272 -5.42 33.13 -118.15
C ARG D 272 -6.55 32.48 -117.39
N GLU D 273 -7.37 31.74 -118.12
CA GLU D 273 -8.50 31.02 -117.55
C GLU D 273 -8.05 29.61 -117.18
N PRO D 274 -8.29 29.20 -115.93
CA PRO D 274 -7.91 27.87 -115.46
C PRO D 274 -8.57 26.72 -116.24
N ARG D 275 -7.87 25.60 -116.33
CA ARG D 275 -8.37 24.40 -116.97
C ARG D 275 -8.72 23.49 -115.79
N ASP D 276 -9.61 22.52 -116.00
CA ASP D 276 -9.98 21.61 -114.93
C ASP D 276 -8.73 20.93 -114.34
N PHE D 277 -8.69 20.77 -113.03
CA PHE D 277 -7.54 20.16 -112.39
C PHE D 277 -7.37 18.73 -112.85
N PRO D 278 -6.12 18.23 -112.84
CA PRO D 278 -5.84 16.86 -113.25
C PRO D 278 -6.23 15.88 -112.15
N LYS D 279 -6.13 14.59 -112.47
CA LYS D 279 -6.43 13.57 -111.48
C LYS D 279 -5.20 12.72 -111.18
N LEU D 280 -5.13 12.18 -109.97
CA LEU D 280 -4.00 11.38 -109.56
C LEU D 280 -4.39 9.91 -109.49
N LYS D 281 -3.51 9.05 -110.02
CA LYS D 281 -3.75 7.60 -110.00
C LYS D 281 -2.43 6.97 -109.56
N TRP D 282 -2.49 5.79 -108.97
CA TRP D 282 -1.28 5.11 -108.53
C TRP D 282 -0.85 4.03 -109.52
N ALA D 283 0.44 3.98 -109.83
CA ALA D 283 0.95 2.98 -110.76
C ALA D 283 1.06 1.62 -110.08
N ARG D 284 0.99 1.60 -108.76
CA ARG D 284 1.08 0.34 -108.01
C ARG D 284 0.00 0.29 -106.93
N SER D 285 -0.18 -0.88 -106.33
CA SER D 285 -1.20 -1.05 -105.30
C SER D 285 -0.66 -0.70 -103.90
N LYS D 286 -1.58 -0.58 -102.96
CA LYS D 286 -1.23 -0.28 -101.58
C LYS D 286 -0.25 -1.31 -101.05
N GLU D 287 -0.55 -2.58 -101.33
CA GLU D 287 0.29 -3.69 -100.90
C GLU D 287 1.70 -3.60 -101.48
N GLU D 288 1.79 -3.26 -102.76
CA GLU D 288 3.09 -3.16 -103.41
C GLU D 288 3.89 -2.02 -102.82
N ILE D 289 3.25 -0.87 -102.64
CA ILE D 289 3.93 0.29 -102.08
C ILE D 289 4.31 -0.02 -100.63
N GLY D 290 3.40 -0.69 -99.92
CA GLY D 290 3.68 -1.08 -98.54
C GLY D 290 3.37 -0.05 -97.47
N ASP D 291 4.22 0.94 -97.34
CA ASP D 291 4.02 1.98 -96.35
C ASP D 291 4.40 3.34 -96.90
N ILE D 292 4.36 4.37 -96.04
CA ILE D 292 4.68 5.73 -96.45
C ILE D 292 6.10 5.89 -97.01
N ASP D 293 6.98 4.97 -96.69
CA ASP D 293 8.36 5.04 -97.18
C ASP D 293 8.58 4.25 -98.46
N GLY D 294 7.52 3.65 -99.01
CA GLY D 294 7.70 2.85 -100.21
C GLY D 294 7.31 3.50 -101.53
N PHE D 295 7.01 4.79 -101.52
CA PHE D 295 6.60 5.47 -102.76
C PHE D 295 7.79 5.82 -103.65
N LYS D 296 7.54 5.83 -104.96
CA LYS D 296 8.56 6.17 -105.95
C LYS D 296 7.96 7.20 -106.89
N VAL D 297 8.80 8.03 -107.48
CA VAL D 297 8.30 9.07 -108.38
C VAL D 297 7.35 8.51 -109.44
N GLU D 298 7.74 7.39 -110.03
CA GLU D 298 6.94 6.75 -111.08
C GLU D 298 5.60 6.20 -110.60
N ASP D 299 5.37 6.21 -109.29
CA ASP D 299 4.09 5.72 -108.78
C ASP D 299 2.99 6.74 -109.00
N PHE D 300 3.37 8.00 -109.14
CA PHE D 300 2.44 9.11 -109.32
C PHE D 300 2.02 9.29 -110.78
N VAL D 301 0.84 8.80 -111.13
CA VAL D 301 0.32 8.95 -112.47
C VAL D 301 -0.72 10.07 -112.53
N VAL D 302 -0.29 11.23 -113.00
CA VAL D 302 -1.15 12.40 -113.10
C VAL D 302 -1.72 12.50 -114.52
N GLU D 303 -3.03 12.39 -114.63
CA GLU D 303 -3.65 12.44 -115.95
C GLU D 303 -4.55 13.63 -116.12
N GLY D 304 -4.60 14.14 -117.35
CA GLY D 304 -5.45 15.27 -117.65
C GLY D 304 -4.86 16.63 -117.31
N TYR D 305 -3.55 16.70 -117.08
CA TYR D 305 -2.94 17.98 -116.76
C TYR D 305 -2.79 18.77 -118.05
N LYS D 306 -3.48 19.91 -118.14
CA LYS D 306 -3.46 20.75 -119.32
C LYS D 306 -3.21 22.20 -119.00
N PRO D 307 -1.97 22.53 -118.62
CA PRO D 307 -1.61 23.88 -118.26
C PRO D 307 -1.27 24.81 -119.42
N TRP D 308 -1.27 26.11 -119.12
CA TRP D 308 -0.86 27.11 -120.08
C TRP D 308 0.66 27.10 -120.03
N GLY D 309 1.28 28.01 -120.78
CA GLY D 309 2.73 28.07 -120.83
C GLY D 309 3.40 28.40 -119.51
N LYS D 310 4.71 28.12 -119.44
CA LYS D 310 5.47 28.40 -118.25
C LYS D 310 5.65 29.90 -118.12
N ILE D 311 5.84 30.35 -116.88
CA ILE D 311 6.05 31.75 -116.60
C ILE D 311 7.32 31.87 -115.79
N ASP D 312 8.35 32.48 -116.39
CA ASP D 312 9.63 32.63 -115.72
C ASP D 312 9.59 33.62 -114.54
N MET D 313 10.10 33.16 -113.41
CA MET D 313 10.16 33.99 -112.20
C MET D 313 11.44 33.63 -111.45
N LYS D 314 12.22 34.65 -111.10
CA LYS D 314 13.47 34.41 -110.40
C LYS D 314 13.22 34.24 -108.90
N MET D 315 13.94 33.32 -108.28
CA MET D 315 13.78 33.09 -106.85
C MET D 315 14.78 33.97 -106.12
N SER D 316 14.33 34.62 -105.05
CA SER D 316 15.22 35.46 -104.26
C SER D 316 15.76 34.62 -103.12
N ALA D 317 17.09 34.46 -103.10
CA ALA D 317 17.77 33.65 -102.08
C ALA D 317 17.76 34.28 -100.70
N ARG E 13 -19.41 32.51 -6.22
CA ARG E 13 -20.78 32.17 -6.70
C ARG E 13 -21.05 30.69 -6.45
N SER E 14 -22.00 30.40 -5.58
CA SER E 14 -22.33 29.02 -5.29
C SER E 14 -22.75 28.26 -6.54
N ASN E 15 -23.47 28.92 -7.45
CA ASN E 15 -23.89 28.29 -8.69
C ASN E 15 -23.63 29.24 -9.86
N PRO E 16 -22.38 29.27 -10.34
CA PRO E 16 -21.91 30.12 -11.44
C PRO E 16 -22.65 29.94 -12.76
N ASP E 17 -23.36 28.83 -12.91
CA ASP E 17 -24.07 28.58 -14.17
C ASP E 17 -25.50 29.07 -14.16
N HIS E 18 -25.92 29.70 -13.06
CA HIS E 18 -27.29 30.19 -12.98
C HIS E 18 -27.49 31.21 -14.10
N GLU E 19 -28.52 30.99 -14.92
CA GLU E 19 -28.82 31.86 -16.06
C GLU E 19 -29.02 33.32 -15.72
N GLU E 20 -29.40 33.62 -14.47
CA GLU E 20 -29.62 35.01 -14.09
C GLU E 20 -28.34 35.84 -14.09
N TYR E 21 -27.19 35.17 -14.00
CA TYR E 21 -25.92 35.90 -14.03
C TYR E 21 -25.71 36.59 -15.38
N GLN E 22 -26.37 36.12 -16.43
CA GLN E 22 -26.26 36.76 -17.75
C GLN E 22 -26.77 38.17 -17.60
N TYR E 23 -27.92 38.31 -16.93
CA TYR E 23 -28.53 39.62 -16.72
C TYR E 23 -27.67 40.50 -15.78
N LEU E 24 -27.26 39.94 -14.66
CA LEU E 24 -26.43 40.70 -13.71
C LEU E 24 -25.08 41.09 -14.33
N ASP E 25 -24.44 40.17 -15.03
CA ASP E 25 -23.13 40.47 -15.64
C ASP E 25 -23.22 41.57 -16.70
N LEU E 26 -24.29 41.59 -17.48
CA LEU E 26 -24.44 42.61 -18.52
C LEU E 26 -24.60 43.99 -17.88
N ILE E 27 -25.40 44.06 -16.82
CA ILE E 27 -25.59 45.32 -16.13
C ILE E 27 -24.27 45.82 -15.59
N ARG E 28 -23.49 44.91 -14.99
CA ARG E 28 -22.18 45.27 -14.44
C ARG E 28 -21.28 45.80 -15.57
N ARG E 29 -21.31 45.13 -16.71
CA ARG E 29 -20.50 45.53 -17.84
C ARG E 29 -20.91 46.91 -18.38
N ILE E 30 -22.22 47.13 -18.52
CA ILE E 30 -22.71 48.42 -19.02
C ILE E 30 -22.29 49.56 -18.08
N ILE E 31 -22.43 49.35 -16.78
CA ILE E 31 -22.03 50.37 -15.82
C ILE E 31 -20.53 50.62 -15.91
N ASN E 32 -19.75 49.55 -16.06
CA ASN E 32 -18.28 49.66 -16.13
C ASN E 32 -17.72 50.27 -17.41
N VAL E 33 -18.06 49.70 -18.56
CA VAL E 33 -17.54 50.20 -19.84
C VAL E 33 -18.56 50.79 -20.80
N GLY E 34 -19.81 50.92 -20.36
CA GLY E 34 -20.83 51.47 -21.21
C GLY E 34 -20.57 52.93 -21.56
N GLU E 35 -21.16 53.40 -22.64
CA GLU E 35 -20.98 54.77 -23.08
C GLU E 35 -22.10 55.68 -22.54
N VAL E 36 -21.73 56.80 -21.93
CA VAL E 36 -22.70 57.74 -21.38
C VAL E 36 -23.35 58.47 -22.54
N ARG E 37 -24.66 58.44 -22.62
CA ARG E 37 -25.36 59.09 -23.72
C ARG E 37 -26.63 59.82 -23.35
N PRO E 38 -27.01 60.80 -24.17
CA PRO E 38 -28.23 61.58 -23.97
C PRO E 38 -29.32 60.68 -24.55
N ASP E 39 -30.59 60.94 -24.24
CA ASP E 39 -31.65 60.12 -24.79
C ASP E 39 -32.95 60.88 -24.86
N ARG E 40 -33.94 60.27 -25.49
CA ARG E 40 -35.26 60.85 -25.66
C ARG E 40 -35.91 61.33 -24.34
N THR E 41 -35.78 60.52 -23.28
CA THR E 41 -36.42 60.87 -22.00
C THR E 41 -35.77 62.06 -21.29
N GLY E 42 -34.49 62.30 -21.57
CA GLY E 42 -33.82 63.41 -20.92
C GLY E 42 -33.10 63.03 -19.63
N THR E 43 -33.25 61.79 -19.17
CA THR E 43 -32.54 61.40 -17.94
C THR E 43 -31.11 60.93 -18.23
N GLY E 44 -30.88 60.44 -19.45
CA GLY E 44 -29.54 59.97 -19.79
C GLY E 44 -29.32 58.49 -19.44
N THR E 45 -28.43 57.84 -20.17
CA THR E 45 -28.15 56.43 -19.92
C THR E 45 -26.68 56.11 -20.16
N VAL E 46 -26.32 54.87 -19.84
CA VAL E 46 -25.00 54.35 -20.12
C VAL E 46 -25.39 53.14 -20.98
N ALA E 47 -24.76 52.97 -22.14
CA ALA E 47 -25.16 51.87 -23.02
C ALA E 47 -24.09 51.17 -23.83
N LEU E 48 -24.46 49.98 -24.31
CA LEU E 48 -23.63 49.14 -25.17
C LEU E 48 -24.56 48.68 -26.29
N PHE E 49 -24.05 48.56 -27.50
CA PHE E 49 -24.87 48.09 -28.63
C PHE E 49 -24.61 46.63 -28.96
N ALA E 50 -25.69 45.91 -29.23
CA ALA E 50 -25.62 44.52 -29.61
C ALA E 50 -24.74 43.59 -28.77
N PRO E 51 -24.95 43.53 -27.46
CA PRO E 51 -24.12 42.65 -26.64
C PRO E 51 -24.55 41.21 -26.90
N PRO E 52 -23.76 40.23 -26.44
CA PRO E 52 -24.12 38.82 -26.67
C PRO E 52 -25.54 38.59 -26.20
N SER E 53 -26.27 37.73 -26.89
CA SER E 53 -27.66 37.46 -26.55
C SER E 53 -27.81 36.60 -25.29
N PHE E 54 -28.98 36.68 -24.66
CA PHE E 54 -29.28 35.89 -23.46
C PHE E 54 -29.97 34.61 -23.88
N ARG E 55 -29.70 33.51 -23.17
CA ARG E 55 -30.35 32.25 -23.48
C ARG E 55 -30.92 31.69 -22.18
N PHE E 56 -32.19 31.31 -22.20
CA PHE E 56 -32.83 30.77 -21.00
C PHE E 56 -33.54 29.46 -21.32
N SER E 57 -33.26 28.44 -20.52
CA SER E 57 -33.91 27.15 -20.73
C SER E 57 -35.35 27.19 -20.21
N LEU E 58 -36.27 26.66 -21.00
CA LEU E 58 -37.68 26.60 -20.61
C LEU E 58 -38.11 25.16 -20.36
N ALA E 59 -37.15 24.25 -20.34
CA ALA E 59 -37.42 22.84 -20.08
C ALA E 59 -37.83 22.63 -18.62
N ASP E 60 -38.47 21.51 -18.36
CA ASP E 60 -38.95 21.17 -17.02
C ASP E 60 -39.83 22.26 -16.43
N ASN E 61 -40.69 22.85 -17.25
CA ASN E 61 -41.62 23.90 -16.81
C ASN E 61 -40.96 25.11 -16.16
N THR E 62 -39.69 25.34 -16.47
CA THR E 62 -38.98 26.48 -15.90
C THR E 62 -39.41 27.84 -16.47
N LEU E 63 -39.53 28.83 -15.57
CA LEU E 63 -39.90 30.18 -15.92
C LEU E 63 -38.79 31.11 -15.45
N PRO E 64 -38.09 31.76 -16.40
CA PRO E 64 -37.00 32.67 -16.03
C PRO E 64 -37.49 33.99 -15.47
N LEU E 65 -38.09 33.91 -14.28
CA LEU E 65 -38.57 35.10 -13.59
C LEU E 65 -37.44 35.49 -12.62
N LEU E 66 -36.79 36.63 -12.87
CA LEU E 66 -35.67 37.07 -12.06
C LEU E 66 -35.93 36.98 -10.55
N THR E 67 -34.92 36.52 -9.82
CA THR E 67 -35.00 36.37 -8.38
C THR E 67 -34.19 37.38 -7.56
N THR E 68 -33.30 38.13 -8.20
CA THR E 68 -32.49 39.08 -7.45
C THR E 68 -33.26 40.31 -7.03
N LYS E 69 -34.53 40.35 -7.41
CA LYS E 69 -35.44 41.42 -7.03
C LYS E 69 -36.84 40.87 -7.24
N ARG E 70 -37.81 41.39 -6.49
CA ARG E 70 -39.19 40.92 -6.65
C ARG E 70 -39.77 41.51 -7.94
N VAL E 71 -40.15 40.65 -8.86
CA VAL E 71 -40.73 41.09 -10.14
C VAL E 71 -42.25 41.01 -10.07
N PHE E 72 -42.93 42.05 -10.56
CA PHE E 72 -44.39 42.11 -10.54
C PHE E 72 -44.95 41.10 -11.55
N LEU E 73 -44.97 39.82 -11.16
CA LEU E 73 -45.44 38.76 -12.01
C LEU E 73 -46.83 39.00 -12.59
N ARG E 74 -47.79 39.35 -11.73
CA ARG E 74 -49.15 39.58 -12.19
C ARG E 74 -49.17 40.65 -13.27
N GLY E 75 -48.29 41.64 -13.12
CA GLY E 75 -48.24 42.71 -14.11
C GLY E 75 -47.77 42.18 -15.46
N VAL E 76 -46.80 41.27 -15.43
CA VAL E 76 -46.26 40.66 -16.64
C VAL E 76 -47.36 39.88 -17.36
N ILE E 77 -48.01 38.98 -16.62
CA ILE E 77 -49.09 38.18 -17.15
C ILE E 77 -50.22 39.05 -17.71
N ALA E 78 -50.65 40.04 -16.93
CA ALA E 78 -51.72 40.92 -17.40
C ALA E 78 -51.38 41.61 -18.72
N GLU E 79 -50.17 42.16 -18.79
CA GLU E 79 -49.75 42.85 -20.00
C GLU E 79 -49.72 41.88 -21.19
N LEU E 80 -49.24 40.65 -20.95
CA LEU E 80 -49.17 39.65 -22.00
C LEU E 80 -50.54 39.24 -22.56
N LEU E 81 -51.49 38.97 -21.68
CA LEU E 81 -52.85 38.59 -22.11
C LEU E 81 -53.50 39.77 -22.81
N TRP E 82 -53.07 40.97 -22.43
CA TRP E 82 -53.55 42.20 -23.02
C TRP E 82 -53.02 42.27 -24.48
N PHE E 83 -51.74 41.93 -24.69
CA PHE E 83 -51.15 41.92 -26.04
C PHE E 83 -51.93 40.92 -26.91
N VAL E 84 -52.04 39.71 -26.39
CA VAL E 84 -52.73 38.64 -27.10
C VAL E 84 -54.14 39.03 -27.53
N SER E 85 -54.86 39.72 -26.65
CA SER E 85 -56.22 40.16 -26.95
C SER E 85 -56.27 41.21 -28.06
N GLY E 86 -55.13 41.77 -28.42
CA GLY E 86 -55.10 42.79 -29.46
C GLY E 86 -55.53 44.17 -28.96
N CYS E 87 -55.80 44.26 -27.66
CA CYS E 87 -56.24 45.51 -27.05
C CYS E 87 -55.12 46.52 -26.90
N THR E 88 -55.44 47.81 -27.09
CA THR E 88 -54.45 48.87 -27.00
C THR E 88 -54.86 49.96 -26.00
N ASP E 89 -55.84 49.65 -25.17
CA ASP E 89 -56.30 50.60 -24.17
C ASP E 89 -55.64 50.27 -22.83
N ALA E 90 -54.75 51.15 -22.39
CA ALA E 90 -54.05 50.97 -21.13
C ALA E 90 -54.99 50.91 -19.90
N LYS E 91 -56.21 51.43 -20.05
CA LYS E 91 -57.16 51.40 -18.93
C LYS E 91 -57.52 49.96 -18.60
N MET E 92 -57.36 49.06 -19.57
CA MET E 92 -57.68 47.65 -19.33
C MET E 92 -56.64 47.05 -18.39
N LEU E 93 -55.49 47.71 -18.26
CA LEU E 93 -54.45 47.23 -17.36
C LEU E 93 -54.58 47.95 -16.01
N SER E 94 -54.76 49.27 -16.03
CA SER E 94 -54.89 50.01 -14.78
C SER E 94 -56.14 49.64 -14.00
N SER E 95 -57.18 49.19 -14.72
CA SER E 95 -58.41 48.81 -14.05
C SER E 95 -58.22 47.53 -13.25
N GLN E 96 -57.18 46.76 -13.59
CA GLN E 96 -56.90 45.53 -12.84
C GLN E 96 -55.66 45.68 -11.98
N GLY E 97 -55.31 46.93 -11.69
CA GLY E 97 -54.17 47.23 -10.84
C GLY E 97 -52.79 47.16 -11.45
N VAL E 98 -52.69 47.30 -12.76
CA VAL E 98 -51.39 47.25 -13.44
C VAL E 98 -51.19 48.60 -14.12
N GLY E 99 -50.25 49.40 -13.62
CA GLY E 99 -50.05 50.71 -14.19
C GLY E 99 -48.80 50.92 -15.03
N ILE E 100 -48.20 49.85 -15.49
CA ILE E 100 -46.96 49.98 -16.26
C ILE E 100 -47.08 50.84 -17.51
N TRP E 101 -48.28 50.96 -18.06
CA TRP E 101 -48.47 51.78 -19.26
C TRP E 101 -49.16 53.12 -19.00
N ASP E 102 -49.38 53.44 -17.72
CA ASP E 102 -50.04 54.70 -17.34
C ASP E 102 -49.18 55.88 -17.76
N GLY E 103 -47.87 55.73 -17.61
CA GLY E 103 -46.98 56.81 -17.95
C GLY E 103 -47.02 57.26 -19.41
N ASN E 104 -47.03 56.32 -20.35
CA ASN E 104 -47.06 56.70 -21.76
C ASN E 104 -48.48 56.83 -22.29
N GLY E 105 -49.46 56.49 -21.46
CA GLY E 105 -50.84 56.59 -21.88
C GLY E 105 -51.54 57.81 -21.28
N SER E 106 -50.83 58.56 -20.44
CA SER E 106 -51.40 59.75 -19.79
C SER E 106 -51.65 60.84 -20.83
N LYS E 107 -52.57 61.76 -20.56
CA LYS E 107 -52.84 62.86 -21.49
C LYS E 107 -51.62 63.73 -21.75
N GLU E 108 -50.86 64.01 -20.70
CA GLU E 108 -49.66 64.85 -20.84
C GLU E 108 -48.74 64.25 -21.87
N PHE E 109 -48.46 62.96 -21.72
CA PHE E 109 -47.54 62.35 -22.65
C PHE E 109 -48.11 62.30 -24.05
N LEU E 110 -49.35 61.83 -24.18
CA LEU E 110 -49.99 61.75 -25.50
C LEU E 110 -49.99 63.12 -26.20
N GLU E 111 -50.40 64.15 -25.48
CA GLU E 111 -50.44 65.50 -26.07
C GLU E 111 -49.02 65.92 -26.41
N LYS E 112 -48.07 65.47 -25.59
CA LYS E 112 -46.67 65.80 -25.77
C LYS E 112 -46.10 65.25 -27.08
N VAL E 113 -46.57 64.07 -27.49
CA VAL E 113 -46.09 63.46 -28.73
C VAL E 113 -47.01 63.70 -29.92
N GLY E 114 -47.89 64.68 -29.82
CA GLY E 114 -48.79 64.99 -30.93
C GLY E 114 -50.02 64.11 -31.05
N LEU E 115 -50.41 63.47 -29.96
CA LEU E 115 -51.59 62.61 -29.99
C LEU E 115 -52.64 63.11 -28.99
N GLY E 116 -52.83 64.44 -28.95
CA GLY E 116 -53.77 65.05 -28.04
C GLY E 116 -55.24 64.76 -28.32
N HIS E 117 -55.53 64.27 -29.52
CA HIS E 117 -56.90 63.97 -29.90
C HIS E 117 -57.38 62.65 -29.32
N ARG E 118 -56.50 61.93 -28.66
CA ARG E 118 -56.88 60.64 -28.09
C ARG E 118 -57.23 60.74 -26.62
N ARG E 119 -58.12 59.88 -26.17
CA ARG E 119 -58.48 59.88 -24.75
C ARG E 119 -57.31 59.23 -24.00
N GLU E 120 -57.19 59.55 -22.72
CA GLU E 120 -56.12 59.01 -21.91
C GLU E 120 -56.14 57.49 -21.95
N GLY E 121 -54.97 56.87 -22.11
CA GLY E 121 -54.88 55.42 -22.13
C GLY E 121 -54.92 54.79 -23.53
N ASP E 122 -55.33 55.55 -24.53
CA ASP E 122 -55.39 55.03 -25.91
C ASP E 122 -54.01 55.20 -26.53
N LEU E 123 -53.20 54.15 -26.43
CA LEU E 123 -51.81 54.15 -26.91
C LEU E 123 -51.65 54.13 -28.43
N GLY E 124 -52.70 53.75 -29.14
CA GLY E 124 -52.60 53.68 -30.58
C GLY E 124 -52.43 52.23 -31.02
N PRO E 125 -52.04 52.00 -32.29
CA PRO E 125 -51.84 50.65 -32.82
C PRO E 125 -50.53 49.99 -32.38
N VAL E 126 -50.39 49.79 -31.05
CA VAL E 126 -49.18 49.19 -30.52
C VAL E 126 -49.22 47.67 -30.50
N TYR E 127 -48.21 47.05 -29.89
CA TYR E 127 -48.05 45.60 -29.81
C TYR E 127 -49.23 44.70 -30.20
N GLY E 128 -50.16 44.53 -29.26
CA GLY E 128 -51.31 43.67 -29.48
C GLY E 128 -52.07 43.91 -30.78
N PHE E 129 -52.23 45.17 -31.18
CA PHE E 129 -52.95 45.47 -32.40
C PHE E 129 -52.20 44.93 -33.61
N GLN E 130 -50.88 45.16 -33.65
CA GLN E 130 -50.06 44.69 -34.77
C GLN E 130 -50.05 43.16 -34.81
N TRP E 131 -49.92 42.54 -33.64
CA TRP E 131 -49.90 41.09 -33.50
C TRP E 131 -51.14 40.40 -34.09
N ARG E 132 -52.33 40.95 -33.82
CA ARG E 132 -53.56 40.32 -34.29
C ARG E 132 -54.24 41.01 -35.48
N HIS E 133 -53.84 42.25 -35.79
CA HIS E 133 -54.52 42.97 -36.89
C HIS E 133 -53.57 43.78 -37.76
N PHE E 134 -52.34 43.29 -37.94
CA PHE E 134 -51.37 44.01 -38.74
C PHE E 134 -51.91 44.45 -40.08
N GLY E 135 -51.78 45.74 -40.38
CA GLY E 135 -52.24 46.26 -41.66
C GLY E 135 -53.62 46.88 -41.60
N ALA E 136 -54.39 46.55 -40.58
CA ALA E 136 -55.72 47.13 -40.44
C ALA E 136 -55.63 48.62 -40.18
N GLU E 137 -56.70 49.33 -40.51
CA GLU E 137 -56.77 50.78 -40.31
C GLU E 137 -57.15 51.04 -38.83
N TYR E 138 -56.39 51.88 -38.16
CA TYR E 138 -56.66 52.16 -36.76
C TYR E 138 -57.47 53.44 -36.61
N THR E 139 -58.52 53.38 -35.81
CA THR E 139 -59.32 54.57 -35.55
C THR E 139 -58.99 54.97 -34.11
N ASP E 140 -59.52 54.24 -33.15
CA ASP E 140 -59.20 54.48 -31.74
C ASP E 140 -59.19 53.11 -31.04
N ALA E 141 -59.01 53.06 -29.71
CA ALA E 141 -58.98 51.76 -29.04
C ALA E 141 -60.28 51.02 -28.96
N ASP E 142 -61.38 51.71 -29.26
CA ASP E 142 -62.71 51.09 -29.22
C ASP E 142 -63.13 50.54 -30.58
N GLY E 143 -62.31 50.78 -31.60
CA GLY E 143 -62.65 50.31 -32.93
C GLY E 143 -62.90 48.82 -33.03
N ASP E 144 -63.68 48.43 -34.05
CA ASP E 144 -63.99 47.03 -34.27
C ASP E 144 -63.00 46.48 -35.29
N TYR E 145 -62.03 45.70 -34.82
CA TYR E 145 -61.00 45.14 -35.68
C TYR E 145 -61.12 43.65 -35.91
N LYS E 146 -62.14 43.03 -35.32
CA LYS E 146 -62.33 41.61 -35.47
C LYS E 146 -62.34 41.19 -36.94
N GLY E 147 -61.50 40.22 -37.30
CA GLY E 147 -61.42 39.75 -38.67
C GLY E 147 -60.71 40.71 -39.62
N LYS E 148 -60.10 41.77 -39.08
CA LYS E 148 -59.40 42.73 -39.91
C LYS E 148 -57.88 42.66 -39.70
N GLY E 149 -57.13 42.87 -40.78
CA GLY E 149 -55.68 42.82 -40.71
C GLY E 149 -55.17 41.40 -40.63
N VAL E 150 -53.86 41.24 -40.52
CA VAL E 150 -53.27 39.91 -40.44
C VAL E 150 -53.11 39.43 -38.99
N ASP E 151 -53.65 38.25 -38.71
CA ASP E 151 -53.53 37.70 -37.37
C ASP E 151 -52.27 36.86 -37.35
N GLN E 152 -51.15 37.50 -37.09
CA GLN E 152 -49.86 36.82 -37.04
C GLN E 152 -49.82 35.75 -35.95
N LEU E 153 -50.37 36.04 -34.77
CA LEU E 153 -50.32 35.09 -33.66
C LEU E 153 -50.99 33.76 -33.99
N GLN E 154 -52.21 33.79 -34.51
CA GLN E 154 -52.90 32.54 -34.83
C GLN E 154 -52.18 31.82 -35.96
N ARG E 155 -51.61 32.58 -36.90
CA ARG E 155 -50.88 31.95 -38.00
C ARG E 155 -49.68 31.19 -37.42
N VAL E 156 -49.01 31.80 -36.44
CA VAL E 156 -47.88 31.15 -35.79
C VAL E 156 -48.33 29.81 -35.17
N ILE E 157 -49.47 29.82 -34.48
CA ILE E 157 -50.01 28.62 -33.85
C ILE E 157 -50.28 27.55 -34.91
N ASP E 158 -51.05 27.92 -35.92
CA ASP E 158 -51.39 27.01 -37.03
C ASP E 158 -50.15 26.44 -37.70
N THR E 159 -49.13 27.26 -37.89
CA THR E 159 -47.91 26.81 -38.58
C THR E 159 -47.10 25.83 -37.71
N ILE E 160 -46.99 26.11 -36.42
CA ILE E 160 -46.27 25.21 -35.54
C ILE E 160 -46.93 23.83 -35.53
N LYS E 161 -48.25 23.80 -35.56
CA LYS E 161 -49.00 22.54 -35.56
C LYS E 161 -49.02 21.78 -36.89
N ASN E 162 -49.15 22.49 -38.01
CA ASN E 162 -49.28 21.82 -39.31
C ASN E 162 -48.07 21.89 -40.25
N ASN E 163 -47.13 22.79 -39.97
CA ASN E 163 -45.94 22.87 -40.79
C ASN E 163 -44.77 23.45 -39.97
N PRO E 164 -44.37 22.72 -38.90
CA PRO E 164 -43.29 23.09 -37.97
C PRO E 164 -41.95 23.47 -38.56
N THR E 165 -41.57 22.90 -39.70
CA THR E 165 -40.27 23.22 -40.28
C THR E 165 -40.32 24.50 -41.12
N ASP E 166 -41.47 25.15 -41.15
CA ASP E 166 -41.59 26.42 -41.88
C ASP E 166 -40.54 27.38 -41.26
N ARG E 167 -39.99 28.26 -42.09
CA ARG E 167 -38.98 29.19 -41.65
C ARG E 167 -39.48 30.62 -41.53
N ARG E 168 -40.80 30.82 -41.60
CA ARG E 168 -41.38 32.15 -41.48
C ARG E 168 -42.27 32.30 -40.24
N ILE E 169 -42.00 31.53 -39.19
CA ILE E 169 -42.84 31.61 -37.98
C ILE E 169 -42.47 32.87 -37.20
N ILE E 170 -42.95 34.00 -37.70
CA ILE E 170 -42.63 35.29 -37.16
C ILE E 170 -43.83 36.04 -36.55
N LEU E 171 -43.57 36.72 -35.43
CA LEU E 171 -44.56 37.51 -34.74
C LEU E 171 -43.91 38.89 -34.59
N SER E 172 -44.43 39.88 -35.31
CA SER E 172 -43.82 41.21 -35.27
C SER E 172 -44.79 42.34 -35.03
N ALA E 173 -44.36 43.32 -34.25
CA ALA E 173 -45.17 44.51 -33.97
C ALA E 173 -44.64 45.74 -34.71
N TRP E 174 -43.48 45.62 -35.34
CA TRP E 174 -42.90 46.75 -36.06
C TRP E 174 -43.70 47.09 -37.31
N ASN E 175 -44.17 48.33 -37.40
CA ASN E 175 -44.97 48.76 -38.56
C ASN E 175 -44.57 50.21 -38.81
N PRO E 176 -43.63 50.44 -39.75
CA PRO E 176 -43.16 51.79 -40.09
C PRO E 176 -44.28 52.77 -40.42
N LYS E 177 -45.35 52.27 -41.04
CA LYS E 177 -46.46 53.17 -41.37
C LYS E 177 -47.24 53.64 -40.14
N ASP E 178 -47.46 52.74 -39.19
CA ASP E 178 -48.24 53.07 -37.99
C ASP E 178 -47.44 53.73 -36.85
N LEU E 179 -46.11 53.71 -36.94
CA LEU E 179 -45.27 54.28 -35.87
C LEU E 179 -45.72 55.63 -35.31
N PRO E 180 -45.95 56.62 -36.16
CA PRO E 180 -46.39 57.94 -35.65
C PRO E 180 -47.71 57.92 -34.87
N LEU E 181 -48.51 56.88 -35.04
CA LEU E 181 -49.78 56.79 -34.32
C LEU E 181 -49.60 56.11 -32.96
N MET E 182 -48.39 55.59 -32.72
CA MET E 182 -48.08 54.91 -31.48
C MET E 182 -47.52 55.85 -30.41
N ALA E 183 -47.99 55.70 -29.18
CA ALA E 183 -47.49 56.54 -28.09
C ALA E 183 -45.99 56.26 -27.97
N LEU E 184 -45.62 55.01 -28.24
CA LEU E 184 -44.21 54.61 -28.16
C LEU E 184 -43.99 53.49 -29.18
N PRO E 185 -42.88 53.55 -29.94
CA PRO E 185 -42.62 52.49 -30.91
C PRO E 185 -42.28 51.19 -30.16
N PRO E 186 -42.59 50.03 -30.76
CA PRO E 186 -42.32 48.72 -30.14
C PRO E 186 -40.83 48.53 -29.77
N CYS E 187 -40.58 48.08 -28.54
CA CYS E 187 -39.22 47.81 -28.06
C CYS E 187 -38.91 46.38 -28.47
N HIS E 188 -39.76 45.44 -28.08
CA HIS E 188 -39.56 44.08 -28.52
C HIS E 188 -40.29 44.09 -29.86
N MET E 189 -39.54 44.31 -30.94
CA MET E 189 -40.15 44.44 -32.25
C MET E 189 -40.55 43.19 -32.98
N PHE E 190 -40.01 42.04 -32.59
CA PHE E 190 -40.42 40.80 -33.22
C PHE E 190 -39.72 39.60 -32.61
N CYS E 191 -40.25 38.43 -32.93
CA CYS E 191 -39.66 37.20 -32.43
C CYS E 191 -39.90 36.12 -33.46
N GLN E 192 -39.09 35.08 -33.40
CA GLN E 192 -39.19 33.96 -34.32
C GLN E 192 -39.24 32.68 -33.52
N PHE E 193 -40.14 31.78 -33.90
CA PHE E 193 -40.26 30.49 -33.23
C PHE E 193 -39.64 29.42 -34.09
N PHE E 194 -39.13 28.37 -33.42
CA PHE E 194 -38.48 27.27 -34.09
C PHE E 194 -38.93 26.00 -33.42
N VAL E 195 -39.21 24.98 -34.24
CA VAL E 195 -39.68 23.71 -33.73
C VAL E 195 -38.73 22.59 -34.09
N SER E 196 -38.21 21.87 -33.09
CA SER E 196 -37.33 20.75 -33.35
C SER E 196 -38.21 19.53 -33.42
N LEU E 197 -38.03 18.74 -34.48
CA LEU E 197 -38.82 17.52 -34.65
C LEU E 197 -38.37 16.45 -33.67
N PRO E 198 -39.26 15.51 -33.32
CA PRO E 198 -38.93 14.43 -32.38
C PRO E 198 -37.77 13.59 -32.91
N PRO E 199 -36.78 13.29 -32.06
CA PRO E 199 -35.62 12.49 -32.47
C PRO E 199 -36.07 11.10 -32.96
N ALA E 200 -35.20 10.43 -33.71
CA ALA E 200 -35.49 9.11 -34.25
C ALA E 200 -35.75 8.06 -33.18
N ASP E 201 -34.89 8.01 -32.18
CA ASP E 201 -35.03 7.02 -31.12
C ASP E 201 -36.19 7.24 -30.15
N SER E 202 -37.26 7.88 -30.64
CA SER E 202 -38.46 8.17 -29.86
C SER E 202 -39.35 9.20 -30.55
N PRO E 203 -40.05 8.80 -31.62
CA PRO E 203 -40.93 9.68 -32.40
C PRO E 203 -42.23 10.04 -31.69
N GLY E 204 -42.41 9.49 -30.49
CA GLY E 204 -43.62 9.78 -29.75
C GLY E 204 -43.50 11.06 -28.95
N SER E 205 -42.27 11.48 -28.68
CA SER E 205 -42.01 12.69 -27.92
C SER E 205 -42.62 13.93 -28.58
N LYS E 206 -42.83 14.96 -27.77
CA LYS E 206 -43.40 16.21 -28.26
C LYS E 206 -42.30 17.04 -28.92
N PRO E 207 -42.62 17.74 -30.01
CA PRO E 207 -41.62 18.57 -30.68
C PRO E 207 -41.20 19.65 -29.68
N LYS E 208 -39.97 20.13 -29.77
CA LYS E 208 -39.50 21.18 -28.86
C LYS E 208 -39.64 22.57 -29.49
N LEU E 209 -40.19 23.50 -28.70
CA LEU E 209 -40.43 24.86 -29.16
C LEU E 209 -39.46 25.87 -28.57
N SER E 210 -38.84 26.66 -29.44
CA SER E 210 -37.91 27.69 -29.02
C SER E 210 -38.37 29.04 -29.58
N CYS E 211 -37.91 30.10 -28.94
CA CYS E 211 -38.28 31.45 -29.32
C CYS E 211 -37.10 32.42 -29.23
N LEU E 212 -36.90 33.19 -30.30
CA LEU E 212 -35.86 34.21 -30.30
C LEU E 212 -36.56 35.57 -30.47
N MET E 213 -36.31 36.47 -29.54
CA MET E 213 -36.91 37.79 -29.61
C MET E 213 -35.82 38.83 -29.74
N TYR E 214 -36.08 39.84 -30.55
CA TYR E 214 -35.13 40.91 -30.74
C TYR E 214 -35.75 42.18 -30.20
N GLN E 215 -35.03 42.84 -29.29
CA GLN E 215 -35.47 44.07 -28.65
C GLN E 215 -34.52 45.21 -29.05
N ARG E 216 -35.05 46.21 -29.76
CA ARG E 216 -34.23 47.34 -30.24
C ARG E 216 -33.69 48.26 -29.15
N SER E 217 -34.45 48.41 -28.08
CA SER E 217 -34.10 49.31 -26.99
C SER E 217 -34.43 48.57 -25.71
N CYS E 218 -33.48 48.49 -24.79
CA CYS E 218 -33.67 47.72 -23.58
C CYS E 218 -33.29 48.44 -22.29
N ASP E 219 -34.31 48.72 -21.49
CA ASP E 219 -34.11 49.34 -20.19
C ASP E 219 -33.82 48.15 -19.28
N LEU E 220 -32.55 47.89 -19.04
CA LEU E 220 -32.20 46.73 -18.22
C LEU E 220 -32.80 46.70 -16.82
N GLY E 221 -32.87 47.86 -16.18
CA GLY E 221 -33.42 47.93 -14.83
C GLY E 221 -34.89 47.57 -14.74
N LEU E 222 -35.72 48.23 -15.54
CA LEU E 222 -37.17 48.02 -15.49
C LEU E 222 -37.82 47.16 -16.58
N GLY E 223 -37.45 47.39 -17.83
CA GLY E 223 -38.03 46.60 -18.92
C GLY E 223 -37.60 45.15 -19.12
N VAL E 224 -36.30 44.91 -19.24
CA VAL E 224 -35.79 43.57 -19.48
C VAL E 224 -36.35 42.49 -18.57
N PRO E 225 -36.48 42.77 -17.26
CA PRO E 225 -37.03 41.73 -16.39
C PRO E 225 -38.43 41.33 -16.86
N PHE E 226 -39.21 42.31 -17.30
CA PHE E 226 -40.55 42.00 -17.80
C PHE E 226 -40.48 41.27 -19.17
N ASN E 227 -39.66 41.81 -20.08
CA ASN E 227 -39.53 41.21 -21.42
C ASN E 227 -39.13 39.74 -21.36
N ILE E 228 -38.19 39.41 -20.47
CA ILE E 228 -37.73 38.04 -20.38
C ILE E 228 -38.86 37.10 -19.95
N ALA E 229 -39.54 37.46 -18.86
CA ALA E 229 -40.64 36.63 -18.37
C ALA E 229 -41.82 36.59 -19.35
N SER E 230 -42.09 37.72 -19.98
CA SER E 230 -43.20 37.82 -20.91
C SER E 230 -43.07 36.84 -22.08
N TYR E 231 -41.94 36.92 -22.81
CA TYR E 231 -41.74 36.01 -23.93
C TYR E 231 -41.57 34.57 -23.49
N ALA E 232 -41.04 34.36 -22.28
CA ALA E 232 -40.93 32.99 -21.79
C ALA E 232 -42.35 32.45 -21.60
N LEU E 233 -43.21 33.26 -20.99
CA LEU E 233 -44.61 32.88 -20.76
C LEU E 233 -45.38 32.68 -22.10
N LEU E 234 -45.11 33.55 -23.07
CA LEU E 234 -45.78 33.41 -24.36
C LEU E 234 -45.44 32.06 -24.98
N THR E 235 -44.18 31.67 -24.87
CA THR E 235 -43.71 30.41 -25.41
C THR E 235 -44.38 29.22 -24.72
N HIS E 236 -44.51 29.30 -23.39
CA HIS E 236 -45.19 28.25 -22.63
C HIS E 236 -46.66 28.21 -23.09
N MET E 237 -47.29 29.36 -23.25
CA MET E 237 -48.69 29.39 -23.72
C MET E 237 -48.85 28.74 -25.09
N ILE E 238 -48.01 29.15 -26.04
CA ILE E 238 -48.08 28.61 -27.39
C ILE E 238 -47.80 27.10 -27.36
N ALA E 239 -46.85 26.70 -26.54
CA ALA E 239 -46.52 25.29 -26.43
C ALA E 239 -47.73 24.47 -26.02
N LEU E 240 -48.51 24.97 -25.07
CA LEU E 240 -49.71 24.26 -24.60
C LEU E 240 -50.73 24.08 -25.72
N ILE E 241 -50.99 25.15 -26.46
CA ILE E 241 -51.97 25.11 -27.54
C ILE E 241 -51.52 24.27 -28.74
N THR E 242 -50.21 24.17 -28.97
CA THR E 242 -49.69 23.43 -30.12
C THR E 242 -49.16 22.04 -29.80
N ASP E 243 -49.35 21.59 -28.56
CA ASP E 243 -48.86 20.28 -28.16
C ASP E 243 -47.35 20.14 -28.33
N THR E 244 -46.61 21.21 -28.07
CA THR E 244 -45.16 21.15 -28.15
C THR E 244 -44.60 21.36 -26.74
N GLU E 245 -43.30 21.12 -26.58
CA GLU E 245 -42.63 21.25 -25.29
C GLU E 245 -41.69 22.45 -25.32
N PRO E 246 -41.91 23.42 -24.42
CA PRO E 246 -41.05 24.60 -24.40
C PRO E 246 -39.59 24.18 -24.22
N HIS E 247 -38.70 24.78 -25.00
CA HIS E 247 -37.30 24.40 -24.92
C HIS E 247 -36.34 25.52 -24.53
N GLU E 248 -36.27 26.56 -25.35
CA GLU E 248 -35.34 27.64 -25.09
C GLU E 248 -35.86 28.99 -25.54
N PHE E 249 -35.48 30.04 -24.82
CA PHE E 249 -35.85 31.40 -25.16
C PHE E 249 -34.53 32.18 -25.30
N ILE E 250 -34.38 32.85 -26.44
CA ILE E 250 -33.19 33.63 -26.73
C ILE E 250 -33.58 35.09 -26.88
N LEU E 251 -32.80 35.96 -26.24
CA LEU E 251 -33.08 37.39 -26.33
C LEU E 251 -31.88 38.18 -26.85
N GLN E 252 -32.04 38.77 -28.04
CA GLN E 252 -30.98 39.59 -28.63
C GLN E 252 -31.35 41.06 -28.47
N MET E 253 -30.42 41.84 -27.94
CA MET E 253 -30.66 43.25 -27.71
C MET E 253 -29.94 44.17 -28.68
N GLY E 254 -30.56 45.31 -28.94
CA GLY E 254 -29.94 46.32 -29.79
C GLY E 254 -29.29 47.32 -28.85
N ASP E 255 -29.97 48.41 -28.57
CA ASP E 255 -29.45 49.44 -27.66
C ASP E 255 -29.75 48.96 -26.23
N ALA E 256 -28.75 48.37 -25.59
CA ALA E 256 -28.89 47.85 -24.23
C ALA E 256 -28.36 48.94 -23.30
N HIS E 257 -29.23 49.49 -22.44
CA HIS E 257 -28.82 50.58 -21.56
C HIS E 257 -29.32 50.54 -20.11
N VAL E 258 -28.63 51.30 -19.26
CA VAL E 258 -29.00 51.41 -17.86
C VAL E 258 -29.21 52.89 -17.65
N TYR E 259 -30.42 53.29 -17.22
CA TYR E 259 -30.68 54.71 -16.97
C TYR E 259 -29.82 55.22 -15.83
N ARG E 260 -29.44 56.49 -15.91
CA ARG E 260 -28.58 57.13 -14.91
C ARG E 260 -29.13 56.97 -13.49
N ASP E 261 -30.44 57.14 -13.31
CA ASP E 261 -31.03 57.01 -11.99
C ASP E 261 -31.30 55.56 -11.57
N HIS E 262 -30.77 54.61 -12.34
CA HIS E 262 -30.92 53.19 -12.00
C HIS E 262 -29.62 52.57 -11.53
N VAL E 263 -28.51 53.25 -11.82
CA VAL E 263 -27.19 52.75 -11.45
C VAL E 263 -27.03 52.36 -9.98
N GLU E 264 -27.33 53.28 -9.08
CA GLU E 264 -27.20 52.96 -7.66
C GLU E 264 -28.15 51.87 -7.21
N PRO E 265 -29.43 51.93 -7.62
CA PRO E 265 -30.34 50.86 -7.18
C PRO E 265 -29.89 49.50 -7.67
N LEU E 266 -29.35 49.44 -8.90
CA LEU E 266 -28.91 48.17 -9.46
C LEU E 266 -27.67 47.60 -8.75
N LYS E 267 -26.80 48.49 -8.26
CA LYS E 267 -25.60 48.04 -7.55
C LYS E 267 -26.01 47.21 -6.35
N THR E 268 -27.13 47.56 -5.74
CA THR E 268 -27.64 46.81 -4.60
C THR E 268 -28.07 45.41 -5.07
N GLN E 269 -28.74 45.37 -6.22
CA GLN E 269 -29.19 44.09 -6.76
C GLN E 269 -28.01 43.20 -7.17
N LEU E 270 -26.94 43.81 -7.68
CA LEU E 270 -25.77 43.05 -8.11
C LEU E 270 -25.09 42.25 -7.01
N GLU E 271 -25.35 42.63 -5.76
CA GLU E 271 -24.75 41.96 -4.61
C GLU E 271 -25.50 40.69 -4.24
N ARG E 272 -26.66 40.49 -4.83
CA ARG E 272 -27.48 39.34 -4.48
C ARG E 272 -27.25 38.10 -5.33
N GLU E 273 -27.31 36.94 -4.67
CA GLU E 273 -27.14 35.65 -5.30
C GLU E 273 -28.52 35.13 -5.73
N PRO E 274 -28.66 34.77 -7.01
CA PRO E 274 -29.91 34.25 -7.56
C PRO E 274 -30.42 32.99 -6.89
N ARG E 275 -31.74 32.84 -6.84
CA ARG E 275 -32.35 31.63 -6.29
C ARG E 275 -32.79 30.84 -7.52
N ASP E 276 -32.98 29.54 -7.39
CA ASP E 276 -33.41 28.74 -8.53
C ASP E 276 -34.70 29.32 -9.10
N PHE E 277 -34.82 29.34 -10.42
CA PHE E 277 -36.01 29.89 -11.07
C PHE E 277 -37.25 29.07 -10.69
N PRO E 278 -38.42 29.70 -10.68
CA PRO E 278 -39.68 29.03 -10.34
C PRO E 278 -40.16 28.19 -11.53
N LYS E 279 -41.23 27.44 -11.30
CA LYS E 279 -41.79 26.61 -12.36
C LYS E 279 -43.21 27.04 -12.67
N LEU E 280 -43.64 26.83 -13.91
CA LEU E 280 -44.98 27.22 -14.33
C LEU E 280 -45.86 26.01 -14.50
N LYS E 281 -47.08 26.09 -13.98
CA LYS E 281 -48.05 25.01 -14.10
C LYS E 281 -49.37 25.65 -14.52
N TRP E 282 -50.24 24.90 -15.18
CA TRP E 282 -51.51 25.45 -15.63
C TRP E 282 -52.64 25.02 -14.70
N ALA E 283 -53.52 25.96 -14.38
CA ALA E 283 -54.65 25.66 -13.49
C ALA E 283 -55.73 24.93 -14.23
N ARG E 284 -55.67 24.95 -15.55
CA ARG E 284 -56.66 24.27 -16.37
C ARG E 284 -56.00 23.46 -17.48
N SER E 285 -56.78 22.61 -18.15
CA SER E 285 -56.22 21.78 -19.23
C SER E 285 -56.24 22.52 -20.57
N LYS E 286 -55.55 21.95 -21.54
CA LYS E 286 -55.50 22.51 -22.88
C LYS E 286 -56.92 22.64 -23.44
N GLU E 287 -57.72 21.59 -23.25
CA GLU E 287 -59.11 21.55 -23.72
C GLU E 287 -59.95 22.65 -23.10
N GLU E 288 -59.79 22.85 -21.79
CA GLU E 288 -60.54 23.90 -21.12
C GLU E 288 -60.14 25.29 -21.60
N ILE E 289 -58.83 25.53 -21.71
CA ILE E 289 -58.35 26.82 -22.19
C ILE E 289 -58.78 27.00 -23.64
N GLY E 290 -58.75 25.92 -24.42
CA GLY E 290 -59.19 25.98 -25.81
C GLY E 290 -58.18 26.46 -26.81
N ASP E 291 -57.93 27.78 -26.87
CA ASP E 291 -56.95 28.32 -27.82
C ASP E 291 -56.16 29.44 -27.17
N ILE E 292 -55.34 30.13 -27.96
CA ILE E 292 -54.49 31.20 -27.46
C ILE E 292 -55.27 32.37 -26.84
N ASP E 293 -56.54 32.49 -27.19
CA ASP E 293 -57.37 33.55 -26.65
C ASP E 293 -58.17 33.13 -25.41
N GLY E 294 -57.94 31.91 -24.93
CA GLY E 294 -58.71 31.48 -23.77
C GLY E 294 -58.00 31.51 -22.43
N PHE E 295 -56.80 32.05 -22.38
CA PHE E 295 -56.06 32.11 -21.12
C PHE E 295 -56.55 33.19 -20.18
N LYS E 296 -56.43 32.90 -18.88
CA LYS E 296 -56.84 33.84 -17.84
C LYS E 296 -55.69 33.99 -16.84
N VAL E 297 -55.59 35.14 -16.20
CA VAL E 297 -54.50 35.35 -15.23
C VAL E 297 -54.38 34.19 -14.26
N GLU E 298 -55.51 33.74 -13.71
CA GLU E 298 -55.51 32.64 -12.73
C GLU E 298 -55.07 31.30 -13.28
N ASP E 299 -54.89 31.21 -14.60
CA ASP E 299 -54.45 29.96 -15.19
C ASP E 299 -52.96 29.74 -14.91
N PHE E 300 -52.24 30.83 -14.72
CA PHE E 300 -50.80 30.76 -14.49
C PHE E 300 -50.43 30.47 -13.04
N VAL E 301 -50.04 29.23 -12.78
CA VAL E 301 -49.65 28.83 -11.43
C VAL E 301 -48.13 28.75 -11.33
N VAL E 302 -47.50 29.77 -10.77
CA VAL E 302 -46.06 29.84 -10.63
C VAL E 302 -45.67 29.37 -9.23
N GLU E 303 -44.96 28.26 -9.16
CA GLU E 303 -44.57 27.74 -7.86
C GLU E 303 -43.06 27.80 -7.63
N GLY E 304 -42.68 27.98 -6.37
CA GLY E 304 -41.27 28.04 -6.02
C GLY E 304 -40.59 29.36 -6.29
N TYR E 305 -41.35 30.43 -6.46
CA TYR E 305 -40.74 31.74 -6.71
C TYR E 305 -40.23 32.29 -5.37
N LYS E 306 -38.92 32.44 -5.23
CA LYS E 306 -38.32 32.93 -4.00
C LYS E 306 -37.35 34.06 -4.24
N PRO E 307 -37.87 35.24 -4.55
CA PRO E 307 -37.03 36.41 -4.82
C PRO E 307 -36.57 37.18 -3.59
N TRP E 308 -35.58 38.04 -3.78
CA TRP E 308 -35.09 38.91 -2.74
C TRP E 308 -36.07 40.07 -2.74
N GLY E 309 -35.79 41.09 -1.94
CA GLY E 309 -36.66 42.25 -1.85
C GLY E 309 -36.80 43.07 -3.12
N LYS E 310 -37.83 43.90 -3.16
CA LYS E 310 -38.06 44.75 -4.32
C LYS E 310 -37.01 45.84 -4.34
N ILE E 311 -36.75 46.37 -5.53
CA ILE E 311 -35.80 47.42 -5.71
C ILE E 311 -36.51 48.52 -6.48
N ASP E 312 -36.67 49.67 -5.83
CA ASP E 312 -37.36 50.79 -6.44
C ASP E 312 -36.56 51.46 -7.54
N MET E 313 -37.19 51.64 -8.70
CA MET E 313 -36.55 52.31 -9.83
C MET E 313 -37.62 53.10 -10.56
N LYS E 314 -37.33 54.37 -10.83
CA LYS E 314 -38.28 55.23 -11.51
C LYS E 314 -38.22 55.03 -13.03
N MET E 315 -39.37 55.03 -13.68
CA MET E 315 -39.41 54.87 -15.12
C MET E 315 -39.35 56.22 -15.78
N SER E 316 -38.55 56.36 -16.82
CA SER E 316 -38.44 57.63 -17.52
C SER E 316 -39.41 57.61 -18.70
N ALA E 317 -40.38 58.51 -18.68
CA ALA E 317 -41.40 58.60 -19.72
C ALA E 317 -40.84 59.10 -21.05
N ARG F 13 -4.23 26.75 -37.02
CA ARG F 13 -4.60 28.01 -37.71
C ARG F 13 -3.54 29.08 -37.54
N SER F 14 -2.98 29.50 -38.67
CA SER F 14 -1.96 30.54 -38.70
C SER F 14 -2.47 31.80 -38.02
N ASN F 15 -3.75 32.10 -38.25
CA ASN F 15 -4.38 33.29 -37.67
C ASN F 15 -5.76 32.95 -37.13
N PRO F 16 -5.80 32.31 -35.95
CA PRO F 16 -7.05 31.90 -35.27
C PRO F 16 -8.06 33.01 -35.02
N ASP F 17 -7.60 34.26 -34.97
CA ASP F 17 -8.53 35.35 -34.72
C ASP F 17 -9.20 35.88 -35.99
N HIS F 18 -8.87 35.31 -37.15
CA HIS F 18 -9.48 35.78 -38.37
C HIS F 18 -11.02 35.63 -38.27
N GLU F 19 -11.73 36.72 -38.49
CA GLU F 19 -13.18 36.71 -38.40
C GLU F 19 -13.90 35.67 -39.26
N GLU F 20 -13.28 35.28 -40.38
CA GLU F 20 -13.92 34.30 -41.25
C GLU F 20 -14.09 32.94 -40.59
N TYR F 21 -13.30 32.66 -39.55
CA TYR F 21 -13.45 31.38 -38.87
C TYR F 21 -14.84 31.25 -38.22
N GLN F 22 -15.48 32.37 -37.96
CA GLN F 22 -16.85 32.36 -37.36
C GLN F 22 -17.77 31.63 -38.33
N TYR F 23 -17.65 32.00 -39.61
CA TYR F 23 -18.44 31.42 -40.67
C TYR F 23 -18.09 29.93 -40.88
N LEU F 24 -16.79 29.64 -40.99
CA LEU F 24 -16.34 28.27 -41.18
C LEU F 24 -16.70 27.36 -39.98
N ASP F 25 -16.50 27.88 -38.77
CA ASP F 25 -16.81 27.08 -37.57
C ASP F 25 -18.29 26.77 -37.45
N LEU F 26 -19.15 27.72 -37.81
CA LEU F 26 -20.58 27.47 -37.72
C LEU F 26 -21.01 26.38 -38.69
N ILE F 27 -20.47 26.43 -39.91
CA ILE F 27 -20.80 25.42 -40.89
C ILE F 27 -20.37 24.05 -40.40
N ARG F 28 -19.18 23.97 -39.85
CA ARG F 28 -18.66 22.70 -39.32
C ARG F 28 -19.60 22.21 -38.21
N ARG F 29 -20.01 23.12 -37.34
CA ARG F 29 -20.92 22.74 -36.25
C ARG F 29 -22.27 22.24 -36.77
N ILE F 30 -22.84 22.95 -37.74
CA ILE F 30 -24.14 22.55 -38.30
C ILE F 30 -24.07 21.16 -38.93
N ILE F 31 -22.99 20.91 -39.67
CA ILE F 31 -22.81 19.61 -40.30
C ILE F 31 -22.67 18.54 -39.20
N ASN F 32 -21.88 18.84 -38.17
CA ASN F 32 -21.64 17.89 -37.08
C ASN F 32 -22.83 17.59 -36.16
N VAL F 33 -23.42 18.62 -35.56
CA VAL F 33 -24.54 18.42 -34.66
C VAL F 33 -25.87 19.01 -35.10
N GLY F 34 -25.93 19.54 -36.32
CA GLY F 34 -27.18 20.11 -36.79
C GLY F 34 -28.27 19.05 -36.93
N GLU F 35 -29.52 19.48 -36.93
CA GLU F 35 -30.66 18.57 -37.05
C GLU F 35 -31.11 18.45 -38.52
N VAL F 36 -31.27 17.21 -39.00
CA VAL F 36 -31.70 16.96 -40.38
C VAL F 36 -33.18 17.28 -40.50
N ARG F 37 -33.54 18.17 -41.42
CA ARG F 37 -34.93 18.57 -41.54
C ARG F 37 -35.43 18.72 -42.96
N PRO F 38 -36.75 18.58 -43.16
CA PRO F 38 -37.41 18.72 -44.45
C PRO F 38 -37.54 20.24 -44.58
N ASP F 39 -37.81 20.74 -45.76
CA ASP F 39 -37.94 22.17 -45.94
C ASP F 39 -38.80 22.49 -47.17
N ARG F 40 -39.15 23.76 -47.31
CA ARG F 40 -39.96 24.24 -48.41
C ARG F 40 -39.46 23.80 -49.80
N THR F 41 -38.15 23.87 -50.03
CA THR F 41 -37.56 23.55 -51.35
C THR F 41 -37.60 22.07 -51.72
N GLY F 42 -37.64 21.21 -50.71
CA GLY F 42 -37.67 19.78 -50.97
C GLY F 42 -36.30 19.13 -50.99
N THR F 43 -35.22 19.91 -50.93
CA THR F 43 -33.90 19.31 -50.97
C THR F 43 -33.45 18.83 -49.58
N GLY F 44 -33.98 19.47 -48.53
CA GLY F 44 -33.61 19.10 -47.18
C GLY F 44 -32.39 19.87 -46.69
N THR F 45 -32.27 20.03 -45.37
CA THR F 45 -31.15 20.74 -44.79
C THR F 45 -30.76 20.14 -43.43
N VAL F 46 -29.69 20.66 -42.87
CA VAL F 46 -29.23 20.30 -41.54
C VAL F 46 -29.20 21.68 -40.90
N ALA F 47 -29.80 21.83 -39.72
CA ALA F 47 -29.88 23.17 -39.12
C ALA F 47 -29.76 23.30 -37.62
N LEU F 48 -29.46 24.53 -37.19
CA LEU F 48 -29.36 24.93 -35.78
C LEU F 48 -30.12 26.25 -35.65
N PHE F 49 -30.85 26.43 -34.55
CA PHE F 49 -31.60 27.67 -34.36
C PHE F 49 -30.89 28.64 -33.45
N ALA F 50 -30.88 29.91 -33.85
CA ALA F 50 -30.30 30.99 -33.05
C ALA F 50 -28.89 30.77 -32.52
N PRO F 51 -27.93 30.47 -33.41
CA PRO F 51 -26.56 30.26 -32.92
C PRO F 51 -25.96 31.61 -32.56
N PRO F 52 -24.83 31.60 -31.84
CA PRO F 52 -24.20 32.89 -31.49
C PRO F 52 -24.07 33.77 -32.75
N SER F 53 -24.24 35.08 -32.59
CA SER F 53 -24.15 36.01 -33.70
C SER F 53 -22.72 36.20 -34.22
N PHE F 54 -22.60 36.68 -35.45
CA PHE F 54 -21.28 36.93 -36.04
C PHE F 54 -20.98 38.40 -35.84
N ARG F 55 -19.71 38.74 -35.68
CA ARG F 55 -19.31 40.14 -35.51
C ARG F 55 -18.14 40.39 -36.46
N PHE F 56 -18.23 41.45 -37.25
CA PHE F 56 -17.18 41.78 -38.19
C PHE F 56 -16.79 43.23 -38.05
N SER F 57 -15.50 43.49 -37.95
CA SER F 57 -15.01 44.86 -37.82
C SER F 57 -15.01 45.54 -39.18
N LEU F 58 -15.50 46.78 -39.24
CA LEU F 58 -15.54 47.52 -40.48
C LEU F 58 -14.56 48.68 -40.42
N ALA F 59 -13.71 48.66 -39.38
CA ALA F 59 -12.71 49.73 -39.20
C ALA F 59 -11.60 49.62 -40.27
N ASP F 60 -10.90 50.72 -40.49
CA ASP F 60 -9.81 50.77 -41.45
C ASP F 60 -10.26 50.35 -42.84
N ASN F 61 -11.45 50.78 -43.24
CA ASN F 61 -12.02 50.45 -44.55
C ASN F 61 -12.15 48.97 -44.86
N THR F 62 -12.22 48.14 -43.83
CA THR F 62 -12.32 46.71 -44.02
C THR F 62 -13.66 46.22 -44.54
N LEU F 63 -13.64 45.29 -45.50
CA LEU F 63 -14.84 44.71 -46.07
C LEU F 63 -14.80 43.20 -45.85
N PRO F 64 -15.70 42.68 -45.01
CA PRO F 64 -15.72 41.24 -44.76
C PRO F 64 -16.25 40.40 -45.92
N LEU F 65 -15.50 40.39 -47.03
CA LEU F 65 -15.85 39.61 -48.21
C LEU F 65 -15.09 38.30 -48.05
N LEU F 66 -15.81 37.19 -47.84
CA LEU F 66 -15.19 35.90 -47.61
C LEU F 66 -14.09 35.55 -48.62
N THR F 67 -13.00 34.96 -48.10
CA THR F 67 -11.87 34.58 -48.93
C THR F 67 -11.70 33.09 -49.16
N THR F 68 -12.39 32.26 -48.37
CA THR F 68 -12.24 30.81 -48.55
C THR F 68 -12.93 30.30 -49.80
N LYS F 69 -13.55 31.22 -50.54
CA LYS F 69 -14.12 30.87 -51.84
C LYS F 69 -14.28 32.20 -52.60
N ARG F 70 -14.30 32.17 -53.93
CA ARG F 70 -14.46 33.41 -54.67
C ARG F 70 -15.93 33.84 -54.58
N VAL F 71 -16.18 35.03 -54.06
CA VAL F 71 -17.54 35.55 -53.93
C VAL F 71 -17.82 36.51 -55.07
N PHE F 72 -18.99 36.42 -55.67
CA PHE F 72 -19.39 37.27 -56.80
C PHE F 72 -19.65 38.67 -56.29
N LEU F 73 -18.56 39.41 -56.04
CA LEU F 73 -18.64 40.78 -55.53
C LEU F 73 -19.56 41.70 -56.34
N ARG F 74 -19.41 41.69 -57.66
CA ARG F 74 -20.24 42.56 -58.50
C ARG F 74 -21.72 42.24 -58.29
N GLY F 75 -22.03 40.97 -58.08
CA GLY F 75 -23.42 40.61 -57.88
C GLY F 75 -23.94 41.16 -56.56
N VAL F 76 -23.09 41.17 -55.54
CA VAL F 76 -23.49 41.68 -54.23
C VAL F 76 -23.78 43.16 -54.36
N ILE F 77 -22.85 43.90 -54.96
CA ILE F 77 -23.03 45.33 -55.14
C ILE F 77 -24.29 45.64 -55.98
N ALA F 78 -24.43 44.98 -57.11
CA ALA F 78 -25.59 45.21 -57.97
C ALA F 78 -26.90 44.99 -57.22
N GLU F 79 -27.00 43.87 -56.51
CA GLU F 79 -28.22 43.58 -55.75
C GLU F 79 -28.49 44.67 -54.71
N LEU F 80 -27.44 45.12 -54.04
CA LEU F 80 -27.58 46.16 -53.01
C LEU F 80 -28.09 47.51 -53.58
N LEU F 81 -27.49 47.94 -54.69
CA LEU F 81 -27.91 49.22 -55.27
C LEU F 81 -29.33 49.08 -55.80
N TRP F 82 -29.69 47.85 -56.11
CA TRP F 82 -31.01 47.52 -56.62
C TRP F 82 -31.99 47.70 -55.45
N PHE F 83 -31.64 47.15 -54.28
CA PHE F 83 -32.49 47.31 -53.07
C PHE F 83 -32.68 48.80 -52.82
N VAL F 84 -31.57 49.52 -52.70
CA VAL F 84 -31.60 50.95 -52.44
C VAL F 84 -32.52 51.72 -53.39
N SER F 85 -32.49 51.36 -54.68
CA SER F 85 -33.32 52.03 -55.67
C SER F 85 -34.82 51.75 -55.44
N GLY F 86 -35.13 50.73 -54.65
CA GLY F 86 -36.53 50.43 -54.39
C GLY F 86 -37.15 49.58 -55.47
N CYS F 87 -36.33 49.19 -56.44
CA CYS F 87 -36.75 48.37 -57.56
C CYS F 87 -37.01 46.92 -57.18
N THR F 88 -38.01 46.31 -57.80
CA THR F 88 -38.35 44.92 -57.50
C THR F 88 -38.39 44.06 -58.76
N ASP F 89 -37.85 44.59 -59.85
CA ASP F 89 -37.80 43.85 -61.13
C ASP F 89 -36.44 43.17 -61.25
N ALA F 90 -36.42 41.84 -61.20
CA ALA F 90 -35.20 41.07 -61.30
C ALA F 90 -34.48 41.26 -62.66
N LYS F 91 -35.23 41.69 -63.67
CA LYS F 91 -34.61 41.89 -64.98
C LYS F 91 -33.56 42.97 -64.91
N MET F 92 -33.66 43.84 -63.91
CA MET F 92 -32.69 44.93 -63.77
C MET F 92 -31.34 44.36 -63.32
N LEU F 93 -31.38 43.14 -62.79
CA LEU F 93 -30.14 42.48 -62.36
C LEU F 93 -29.64 41.57 -63.47
N SER F 94 -30.54 40.79 -64.06
CA SER F 94 -30.10 39.90 -65.13
C SER F 94 -29.60 40.67 -66.36
N SER F 95 -30.11 41.87 -66.58
CA SER F 95 -29.69 42.65 -67.73
C SER F 95 -28.25 43.11 -67.55
N GLN F 96 -27.78 43.14 -66.31
CA GLN F 96 -26.40 43.55 -66.07
C GLN F 96 -25.55 42.35 -65.69
N GLY F 97 -26.02 41.15 -66.04
CA GLY F 97 -25.27 39.95 -65.78
C GLY F 97 -25.32 39.34 -64.40
N VAL F 98 -26.36 39.68 -63.63
CA VAL F 98 -26.51 39.15 -62.27
C VAL F 98 -27.81 38.36 -62.23
N GLY F 99 -27.69 37.04 -62.10
CA GLY F 99 -28.89 36.20 -62.13
C GLY F 99 -29.32 35.58 -60.83
N ILE F 100 -28.86 36.12 -59.70
CA ILE F 100 -29.18 35.54 -58.40
C ILE F 100 -30.67 35.46 -58.11
N TRP F 101 -31.46 36.35 -58.71
CA TRP F 101 -32.90 36.34 -58.50
C TRP F 101 -33.69 35.76 -59.66
N ASP F 102 -33.00 35.21 -60.66
CA ASP F 102 -33.69 34.60 -61.82
C ASP F 102 -34.50 33.40 -61.41
N GLY F 103 -33.98 32.65 -60.43
CA GLY F 103 -34.69 31.47 -59.97
C GLY F 103 -36.06 31.73 -59.37
N ASN F 104 -36.17 32.71 -58.48
CA ASN F 104 -37.46 33.01 -57.86
C ASN F 104 -38.28 34.00 -58.67
N GLY F 105 -37.70 34.52 -59.75
CA GLY F 105 -38.42 35.47 -60.57
C GLY F 105 -38.89 34.85 -61.87
N SER F 106 -38.55 33.58 -62.08
CA SER F 106 -38.94 32.88 -63.30
C SER F 106 -40.44 32.73 -63.39
N LYS F 107 -40.92 32.73 -64.65
CA LYS F 107 -42.34 32.57 -64.90
C LYS F 107 -42.82 31.28 -64.24
N GLU F 108 -41.98 30.25 -64.30
CA GLU F 108 -42.35 28.97 -63.71
C GLU F 108 -42.55 29.04 -62.20
N PHE F 109 -41.67 29.72 -61.47
CA PHE F 109 -41.77 29.81 -60.02
C PHE F 109 -42.94 30.68 -59.61
N LEU F 110 -43.07 31.84 -60.24
CA LEU F 110 -44.15 32.76 -59.94
C LEU F 110 -45.52 32.07 -60.05
N GLU F 111 -45.74 31.36 -61.15
CA GLU F 111 -47.00 30.66 -61.33
C GLU F 111 -47.15 29.58 -60.24
N LYS F 112 -46.03 29.00 -59.84
CA LYS F 112 -45.99 27.96 -58.82
C LYS F 112 -46.49 28.47 -57.47
N VAL F 113 -46.16 29.72 -57.13
CA VAL F 113 -46.59 30.30 -55.85
C VAL F 113 -47.87 31.15 -55.95
N GLY F 114 -48.65 30.93 -57.02
CA GLY F 114 -49.88 31.67 -57.20
C GLY F 114 -49.73 33.10 -57.73
N LEU F 115 -48.61 33.42 -58.37
CA LEU F 115 -48.42 34.78 -58.88
C LEU F 115 -48.29 34.73 -60.41
N GLY F 116 -49.13 33.91 -61.05
CA GLY F 116 -49.10 33.77 -62.50
C GLY F 116 -49.49 35.02 -63.29
N HIS F 117 -50.16 35.96 -62.62
CA HIS F 117 -50.58 37.20 -63.28
C HIS F 117 -49.44 38.21 -63.43
N ARG F 118 -48.26 37.86 -62.95
CA ARG F 118 -47.15 38.78 -63.06
C ARG F 118 -46.22 38.43 -64.23
N ARG F 119 -45.56 39.43 -64.78
CA ARG F 119 -44.63 39.12 -65.85
C ARG F 119 -43.35 38.58 -65.20
N GLU F 120 -42.59 37.79 -65.94
CA GLU F 120 -41.36 37.22 -65.41
C GLU F 120 -40.46 38.30 -64.83
N GLY F 121 -39.92 38.06 -63.64
CA GLY F 121 -39.03 39.03 -63.01
C GLY F 121 -39.67 39.97 -62.02
N ASP F 122 -40.99 40.08 -62.06
CA ASP F 122 -41.71 40.94 -61.13
C ASP F 122 -41.90 40.18 -59.81
N LEU F 123 -40.96 40.38 -58.90
CA LEU F 123 -40.94 39.69 -57.61
C LEU F 123 -42.01 40.15 -56.63
N GLY F 124 -42.56 41.33 -56.86
CA GLY F 124 -43.56 41.83 -55.94
C GLY F 124 -42.95 42.87 -55.01
N PRO F 125 -43.66 43.25 -53.93
CA PRO F 125 -43.16 44.26 -52.99
C PRO F 125 -42.09 43.73 -52.04
N VAL F 126 -40.96 43.29 -52.61
CA VAL F 126 -39.88 42.76 -51.79
C VAL F 126 -38.93 43.84 -51.25
N TYR F 127 -37.82 43.42 -50.66
CA TYR F 127 -36.82 44.30 -50.05
C TYR F 127 -36.85 45.77 -50.39
N GLY F 128 -36.31 46.12 -51.54
CA GLY F 128 -36.26 47.52 -51.95
C GLY F 128 -37.57 48.31 -51.83
N PHE F 129 -38.68 47.69 -52.21
CA PHE F 129 -39.96 48.37 -52.13
C PHE F 129 -40.33 48.70 -50.66
N GLN F 130 -40.15 47.74 -49.76
CA GLN F 130 -40.45 47.98 -48.35
C GLN F 130 -39.51 49.03 -47.76
N TRP F 131 -38.24 48.97 -48.14
CA TRP F 131 -37.23 49.90 -47.66
C TRP F 131 -37.54 51.36 -47.97
N ARG F 132 -38.04 51.62 -49.17
CA ARG F 132 -38.33 52.99 -49.61
C ARG F 132 -39.79 53.40 -49.70
N HIS F 133 -40.70 52.43 -49.67
CA HIS F 133 -42.14 52.72 -49.82
C HIS F 133 -43.02 51.87 -48.89
N PHE F 134 -42.52 51.53 -47.72
CA PHE F 134 -43.30 50.71 -46.81
C PHE F 134 -44.72 51.23 -46.62
N GLY F 135 -45.70 50.36 -46.80
CA GLY F 135 -47.08 50.75 -46.61
C GLY F 135 -47.80 51.14 -47.88
N ALA F 136 -47.06 51.50 -48.93
CA ALA F 136 -47.68 51.90 -50.19
C ALA F 136 -48.38 50.70 -50.80
N GLU F 137 -49.34 50.96 -51.67
CA GLU F 137 -50.09 49.92 -52.37
C GLU F 137 -49.27 49.44 -53.59
N TYR F 138 -49.06 48.14 -53.71
CA TYR F 138 -48.26 47.62 -54.81
C TYR F 138 -49.13 47.17 -55.97
N THR F 139 -48.82 47.61 -57.18
CA THR F 139 -49.57 47.17 -58.34
C THR F 139 -48.66 46.16 -59.04
N ASP F 140 -47.63 46.65 -59.74
CA ASP F 140 -46.67 45.78 -60.40
C ASP F 140 -45.30 46.46 -60.26
N ALA F 141 -44.24 45.93 -60.89
CA ALA F 141 -42.94 46.58 -60.74
C ALA F 141 -42.78 47.89 -61.47
N ASP F 142 -43.71 48.20 -62.36
CA ASP F 142 -43.64 49.44 -63.16
C ASP F 142 -44.42 50.58 -62.51
N GLY F 143 -45.08 50.26 -61.40
CA GLY F 143 -45.88 51.25 -60.70
C GLY F 143 -45.10 52.48 -60.28
N ASP F 144 -45.80 53.61 -60.15
CA ASP F 144 -45.19 54.86 -59.75
C ASP F 144 -45.33 54.99 -58.24
N TYR F 145 -44.25 54.78 -57.52
CA TYR F 145 -44.27 54.82 -56.07
C TYR F 145 -43.55 56.01 -55.48
N LYS F 146 -43.02 56.86 -56.35
CA LYS F 146 -42.28 58.03 -55.87
C LYS F 146 -43.10 58.85 -54.88
N GLY F 147 -42.52 59.11 -53.71
CA GLY F 147 -43.22 59.87 -52.69
C GLY F 147 -44.32 59.11 -51.97
N LYS F 148 -44.45 57.81 -52.23
CA LYS F 148 -45.49 57.02 -51.59
C LYS F 148 -44.89 56.05 -50.60
N GLY F 149 -45.60 55.85 -49.48
CA GLY F 149 -45.13 54.94 -48.45
C GLY F 149 -44.06 55.57 -47.58
N VAL F 150 -43.54 54.82 -46.61
CA VAL F 150 -42.51 55.34 -45.73
C VAL F 150 -41.12 55.05 -46.26
N ASP F 151 -40.31 56.10 -46.42
CA ASP F 151 -38.94 55.91 -46.90
C ASP F 151 -38.04 55.69 -45.69
N GLN F 152 -37.97 54.44 -45.25
CA GLN F 152 -37.17 54.09 -44.08
C GLN F 152 -35.69 54.40 -44.24
N LEU F 153 -35.17 54.16 -45.44
CA LEU F 153 -33.74 54.39 -45.66
C LEU F 153 -33.33 55.83 -45.47
N GLN F 154 -34.05 56.75 -46.11
CA GLN F 154 -33.71 58.16 -45.97
C GLN F 154 -33.92 58.61 -44.53
N ARG F 155 -34.92 58.06 -43.85
CA ARG F 155 -35.17 58.42 -42.46
C ARG F 155 -33.98 58.00 -41.61
N VAL F 156 -33.41 56.83 -41.92
CA VAL F 156 -32.23 56.35 -41.20
C VAL F 156 -31.07 57.33 -41.39
N ILE F 157 -30.89 57.80 -42.62
CA ILE F 157 -29.82 58.74 -42.93
C ILE F 157 -30.01 60.05 -42.15
N ASP F 158 -31.22 60.60 -42.22
CA ASP F 158 -31.55 61.85 -41.54
C ASP F 158 -31.37 61.73 -40.03
N THR F 159 -31.77 60.60 -39.47
CA THR F 159 -31.67 60.39 -38.03
C THR F 159 -30.24 60.26 -37.55
N ILE F 160 -29.40 59.58 -38.34
CA ILE F 160 -28.01 59.41 -37.97
C ILE F 160 -27.31 60.79 -37.94
N LYS F 161 -27.66 61.64 -38.89
CA LYS F 161 -27.08 62.97 -38.99
C LYS F 161 -27.60 63.99 -37.97
N ASN F 162 -28.90 63.97 -37.69
CA ASN F 162 -29.49 64.95 -36.79
C ASN F 162 -29.89 64.50 -35.39
N ASN F 163 -29.99 63.20 -35.15
CA ASN F 163 -30.33 62.70 -33.84
C ASN F 163 -29.80 61.28 -33.69
N PRO F 164 -28.46 61.14 -33.73
CA PRO F 164 -27.72 59.87 -33.62
C PRO F 164 -28.03 58.97 -32.44
N THR F 165 -28.40 59.54 -31.29
CA THR F 165 -28.69 58.71 -30.13
C THR F 165 -30.10 58.13 -30.16
N ASP F 166 -30.84 58.45 -31.21
CA ASP F 166 -32.20 57.90 -31.36
C ASP F 166 -32.09 56.36 -31.27
N ARG F 167 -33.11 55.70 -30.74
CA ARG F 167 -33.08 54.24 -30.60
C ARG F 167 -34.01 53.52 -31.58
N ARG F 168 -34.48 54.23 -32.59
CA ARG F 168 -35.40 53.64 -33.56
C ARG F 168 -34.82 53.68 -34.97
N ILE F 169 -33.51 53.65 -35.11
CA ILE F 169 -32.88 53.70 -36.43
C ILE F 169 -32.98 52.31 -37.04
N ILE F 170 -34.16 51.99 -37.56
CA ILE F 170 -34.47 50.67 -38.09
C ILE F 170 -34.78 50.69 -39.59
N LEU F 171 -34.33 49.65 -40.27
CA LEU F 171 -34.57 49.48 -41.70
C LEU F 171 -35.15 48.07 -41.80
N SER F 172 -36.43 47.95 -42.16
CA SER F 172 -37.06 46.63 -42.22
C SER F 172 -37.85 46.37 -43.51
N ALA F 173 -37.80 45.13 -43.95
CA ALA F 173 -38.51 44.73 -45.16
C ALA F 173 -39.66 43.80 -44.81
N TRP F 174 -39.76 43.42 -43.55
CA TRP F 174 -40.83 42.53 -43.12
C TRP F 174 -42.19 43.25 -43.11
N ASN F 175 -43.14 42.73 -43.87
CA ASN F 175 -44.48 43.31 -43.97
C ASN F 175 -45.49 42.18 -44.08
N PRO F 176 -46.05 41.77 -42.93
CA PRO F 176 -47.04 40.68 -42.87
C PRO F 176 -48.18 40.82 -43.88
N LYS F 177 -48.59 42.05 -44.15
CA LYS F 177 -49.67 42.27 -45.11
C LYS F 177 -49.27 41.97 -46.56
N ASP F 178 -48.05 42.38 -46.93
CA ASP F 178 -47.55 42.18 -48.29
C ASP F 178 -46.92 40.83 -48.61
N LEU F 179 -46.61 40.04 -47.59
CA LEU F 179 -45.98 38.73 -47.77
C LEU F 179 -46.53 37.88 -48.92
N PRO F 180 -47.84 37.66 -48.96
CA PRO F 180 -48.38 36.84 -50.05
C PRO F 180 -48.14 37.37 -51.46
N LEU F 181 -47.80 38.65 -51.57
CA LEU F 181 -47.56 39.26 -52.88
C LEU F 181 -46.10 39.08 -53.28
N MET F 182 -45.30 38.58 -52.33
CA MET F 182 -43.88 38.41 -52.55
C MET F 182 -43.49 37.04 -53.08
N ALA F 183 -42.61 37.02 -54.09
CA ALA F 183 -42.19 35.75 -54.64
C ALA F 183 -41.51 34.95 -53.52
N LEU F 184 -40.88 35.67 -52.61
CA LEU F 184 -40.20 35.05 -51.47
C LEU F 184 -40.20 36.06 -50.32
N PRO F 185 -40.49 35.61 -49.09
CA PRO F 185 -40.50 36.53 -47.94
C PRO F 185 -39.06 36.94 -47.62
N PRO F 186 -38.86 38.15 -47.10
CA PRO F 186 -37.52 38.64 -46.76
C PRO F 186 -36.74 37.69 -45.85
N CYS F 187 -35.47 37.45 -46.18
CA CYS F 187 -34.61 36.59 -45.36
C CYS F 187 -33.95 37.52 -44.34
N HIS F 188 -33.31 38.57 -44.83
CA HIS F 188 -32.73 39.57 -43.94
C HIS F 188 -33.93 40.48 -43.73
N MET F 189 -34.66 40.27 -42.63
CA MET F 189 -35.87 41.02 -42.39
C MET F 189 -35.74 42.42 -41.83
N PHE F 190 -34.61 42.73 -41.22
CA PHE F 190 -34.41 44.08 -40.72
C PHE F 190 -33.03 44.25 -40.10
N CYS F 191 -32.65 45.50 -39.92
CA CYS F 191 -31.38 45.81 -39.30
C CYS F 191 -31.55 47.07 -38.49
N GLN F 192 -30.65 47.27 -37.53
CA GLN F 192 -30.67 48.44 -36.67
C GLN F 192 -29.28 49.07 -36.68
N PHE F 193 -29.26 50.40 -36.83
CA PHE F 193 -28.00 51.13 -36.80
C PHE F 193 -27.81 51.79 -35.45
N PHE F 194 -26.55 51.96 -35.06
CA PHE F 194 -26.19 52.57 -33.80
C PHE F 194 -25.01 53.51 -34.04
N VAL F 195 -25.06 54.67 -33.42
CA VAL F 195 -24.00 55.67 -33.59
C VAL F 195 -23.33 55.98 -32.26
N SER F 196 -22.03 55.77 -32.18
CA SER F 196 -21.30 56.09 -30.95
C SER F 196 -20.82 57.53 -31.11
N LEU F 197 -21.05 58.34 -30.10
CA LEU F 197 -20.63 59.73 -30.12
C LEU F 197 -19.12 59.83 -29.94
N PRO F 198 -18.49 60.90 -30.47
CA PRO F 198 -17.05 61.13 -30.36
C PRO F 198 -16.62 61.18 -28.89
N PRO F 199 -15.56 60.46 -28.52
CA PRO F 199 -15.07 60.44 -27.13
C PRO F 199 -14.73 61.87 -26.69
N ALA F 200 -14.82 62.14 -25.40
CA ALA F 200 -14.54 63.49 -24.89
C ALA F 200 -13.16 63.99 -25.32
N ASP F 201 -12.16 63.13 -25.15
CA ASP F 201 -10.77 63.45 -25.49
C ASP F 201 -10.47 63.44 -26.98
N SER F 202 -11.39 63.99 -27.78
CA SER F 202 -11.25 64.05 -29.24
C SER F 202 -12.62 64.26 -29.86
N PRO F 203 -13.30 65.37 -29.52
CA PRO F 203 -14.62 65.62 -30.08
C PRO F 203 -14.64 65.91 -31.58
N GLY F 204 -13.45 65.96 -32.19
CA GLY F 204 -13.38 66.23 -33.61
C GLY F 204 -13.55 64.98 -34.45
N SER F 205 -13.31 63.82 -33.84
CA SER F 205 -13.44 62.54 -34.52
C SER F 205 -14.84 62.29 -35.06
N LYS F 206 -14.93 61.42 -36.05
CA LYS F 206 -16.23 61.09 -36.63
C LYS F 206 -16.95 60.07 -35.76
N PRO F 207 -18.28 60.20 -35.63
CA PRO F 207 -19.02 59.24 -34.80
C PRO F 207 -18.86 57.86 -35.45
N LYS F 208 -18.91 56.81 -34.66
CA LYS F 208 -18.78 55.47 -35.22
C LYS F 208 -20.16 54.84 -35.50
N LEU F 209 -20.28 54.23 -36.68
CA LEU F 209 -21.54 53.61 -37.09
C LEU F 209 -21.48 52.09 -37.07
N SER F 210 -22.46 51.48 -36.43
CA SER F 210 -22.56 50.03 -36.35
C SER F 210 -23.92 49.59 -36.89
N CYS F 211 -23.99 48.31 -37.26
CA CYS F 211 -25.21 47.75 -37.82
C CYS F 211 -25.42 46.31 -37.36
N LEU F 212 -26.64 46.03 -36.89
CA LEU F 212 -27.00 44.68 -36.47
C LEU F 212 -28.15 44.27 -37.39
N MET F 213 -28.00 43.13 -38.07
CA MET F 213 -29.02 42.64 -38.97
C MET F 213 -29.47 41.28 -38.50
N TYR F 214 -30.77 41.05 -38.58
CA TYR F 214 -31.33 39.77 -38.17
C TYR F 214 -31.87 39.05 -39.40
N GLN F 215 -31.43 37.82 -39.60
CA GLN F 215 -31.83 37.01 -40.75
C GLN F 215 -32.59 35.80 -40.22
N ARG F 216 -33.86 35.69 -40.59
CA ARG F 216 -34.72 34.59 -40.12
C ARG F 216 -34.35 33.21 -40.66
N SER F 217 -33.85 33.18 -41.90
CA SER F 217 -33.51 31.94 -42.59
C SER F 217 -32.16 32.18 -43.28
N CYS F 218 -31.19 31.31 -43.05
CA CYS F 218 -29.87 31.52 -43.59
C CYS F 218 -29.26 30.32 -44.31
N ASP F 219 -29.08 30.49 -45.61
CA ASP F 219 -28.48 29.45 -46.43
C ASP F 219 -26.99 29.76 -46.28
N LEU F 220 -26.32 29.05 -45.38
CA LEU F 220 -24.91 29.32 -45.17
C LEU F 220 -24.00 29.18 -46.40
N GLY F 221 -24.26 28.17 -47.21
CA GLY F 221 -23.44 27.97 -48.40
C GLY F 221 -23.54 29.12 -49.39
N LEU F 222 -24.76 29.45 -49.82
CA LEU F 222 -24.95 30.50 -50.83
C LEU F 222 -25.36 31.86 -50.38
N GLY F 223 -26.33 31.93 -49.47
CA GLY F 223 -26.79 33.23 -49.02
C GLY F 223 -25.94 34.07 -48.08
N VAL F 224 -25.58 33.48 -46.95
CA VAL F 224 -24.81 34.18 -45.94
C VAL F 224 -23.61 34.95 -46.46
N PRO F 225 -22.83 34.37 -47.41
CA PRO F 225 -21.67 35.12 -47.91
C PRO F 225 -22.13 36.44 -48.53
N PHE F 226 -23.26 36.41 -49.22
CA PHE F 226 -23.79 37.64 -49.83
C PHE F 226 -24.34 38.57 -48.76
N ASN F 227 -25.13 38.02 -47.82
CA ASN F 227 -25.70 38.84 -46.75
C ASN F 227 -24.66 39.59 -45.96
N ILE F 228 -23.58 38.91 -45.62
CA ILE F 228 -22.52 39.56 -44.84
C ILE F 228 -21.90 40.72 -45.59
N ALA F 229 -21.53 40.50 -46.85
CA ALA F 229 -20.90 41.55 -47.64
C ALA F 229 -21.90 42.67 -47.94
N SER F 230 -23.13 42.29 -48.23
CA SER F 230 -24.16 43.28 -48.54
C SER F 230 -24.37 44.29 -47.39
N TYR F 231 -24.64 43.80 -46.19
CA TYR F 231 -24.86 44.75 -45.10
C TYR F 231 -23.64 45.52 -44.71
N ALA F 232 -22.47 44.91 -44.85
CA ALA F 232 -21.23 45.60 -44.56
C ALA F 232 -21.12 46.75 -45.56
N LEU F 233 -21.42 46.47 -46.83
CA LEU F 233 -21.36 47.53 -47.86
C LEU F 233 -22.39 48.62 -47.59
N LEU F 234 -23.60 48.23 -47.20
CA LEU F 234 -24.63 49.21 -46.91
C LEU F 234 -24.15 50.15 -45.81
N THR F 235 -23.54 49.59 -44.77
CA THR F 235 -23.04 50.40 -43.66
C THR F 235 -21.95 51.37 -44.13
N HIS F 236 -21.06 50.89 -45.01
CA HIS F 236 -20.02 51.77 -45.54
C HIS F 236 -20.70 52.91 -46.33
N MET F 237 -21.69 52.57 -47.14
CA MET F 237 -22.42 53.59 -47.94
C MET F 237 -23.05 54.64 -47.05
N ILE F 238 -23.80 54.18 -46.05
CA ILE F 238 -24.47 55.10 -45.16
C ILE F 238 -23.45 55.96 -44.40
N ALA F 239 -22.33 55.35 -44.03
CA ALA F 239 -21.30 56.09 -43.31
C ALA F 239 -20.78 57.25 -44.13
N LEU F 240 -20.62 57.03 -45.43
CA LEU F 240 -20.12 58.08 -46.31
C LEU F 240 -21.09 59.24 -46.38
N ILE F 241 -22.36 58.94 -46.57
CA ILE F 241 -23.39 59.98 -46.67
C ILE F 241 -23.65 60.72 -45.35
N THR F 242 -23.41 60.06 -44.22
CA THR F 242 -23.69 60.68 -42.93
C THR F 242 -22.46 61.22 -42.19
N ASP F 243 -21.31 61.20 -42.87
CA ASP F 243 -20.09 61.65 -42.25
C ASP F 243 -19.74 60.87 -40.97
N THR F 244 -19.99 59.56 -40.99
CA THR F 244 -19.64 58.73 -39.83
C THR F 244 -18.59 57.71 -40.25
N GLU F 245 -18.01 57.02 -39.28
CA GLU F 245 -16.98 56.04 -39.55
C GLU F 245 -17.51 54.63 -39.31
N PRO F 246 -17.49 53.78 -40.34
CA PRO F 246 -17.99 52.41 -40.15
C PRO F 246 -17.24 51.72 -39.03
N HIS F 247 -17.96 51.06 -38.14
CA HIS F 247 -17.30 50.41 -37.01
C HIS F 247 -17.48 48.91 -36.92
N GLU F 248 -18.72 48.46 -36.76
CA GLU F 248 -18.97 47.03 -36.61
C GLU F 248 -20.27 46.57 -37.25
N PHE F 249 -20.28 45.33 -37.73
CA PHE F 249 -21.48 44.74 -38.34
C PHE F 249 -21.73 43.46 -37.58
N ILE F 250 -22.96 43.32 -37.07
CA ILE F 250 -23.34 42.13 -36.31
C ILE F 250 -24.46 41.43 -37.05
N LEU F 251 -24.36 40.11 -37.15
CA LEU F 251 -25.38 39.32 -37.84
C LEU F 251 -25.96 38.24 -36.95
N GLN F 252 -27.26 38.35 -36.64
CA GLN F 252 -27.91 37.34 -35.81
C GLN F 252 -28.79 36.47 -36.70
N MET F 253 -28.64 35.16 -36.57
CA MET F 253 -29.39 34.24 -37.38
C MET F 253 -30.52 33.55 -36.63
N GLY F 254 -31.55 33.19 -37.37
CA GLY F 254 -32.68 32.45 -36.82
C GLY F 254 -32.44 31.01 -37.22
N ASP F 255 -33.11 30.57 -38.29
CA ASP F 255 -32.93 29.21 -38.80
C ASP F 255 -31.64 29.18 -39.65
N ALA F 256 -30.54 28.73 -39.04
CA ALA F 256 -29.24 28.64 -39.70
C ALA F 256 -29.08 27.23 -40.25
N HIS F 257 -29.00 27.11 -41.57
CA HIS F 257 -28.92 25.80 -42.19
C HIS F 257 -27.94 25.60 -43.36
N VAL F 258 -27.63 24.35 -43.61
CA VAL F 258 -26.76 23.95 -44.70
C VAL F 258 -27.56 22.96 -45.53
N TYR F 259 -27.82 23.30 -46.80
CA TYR F 259 -28.57 22.38 -47.65
C TYR F 259 -27.84 21.08 -47.86
N ARG F 260 -28.59 19.99 -47.99
CA ARG F 260 -28.02 18.65 -48.16
C ARG F 260 -27.02 18.57 -49.28
N ASP F 261 -27.32 19.23 -50.41
CA ASP F 261 -26.40 19.18 -51.54
C ASP F 261 -25.26 20.18 -51.44
N HIS F 262 -25.11 20.83 -50.28
CA HIS F 262 -24.02 21.76 -50.07
C HIS F 262 -22.96 21.18 -49.11
N VAL F 263 -23.32 20.14 -48.38
CA VAL F 263 -22.40 19.53 -47.41
C VAL F 263 -21.02 19.18 -47.98
N GLU F 264 -20.99 18.37 -49.04
CA GLU F 264 -19.70 18.00 -49.64
C GLU F 264 -18.93 19.18 -50.21
N PRO F 265 -19.60 20.09 -50.93
CA PRO F 265 -18.85 21.24 -51.47
C PRO F 265 -18.23 22.08 -50.35
N LEU F 266 -18.98 22.27 -49.27
CA LEU F 266 -18.48 23.06 -48.15
C LEU F 266 -17.30 22.40 -47.42
N LYS F 267 -17.28 21.07 -47.38
CA LYS F 267 -16.16 20.37 -46.73
C LYS F 267 -14.86 20.76 -47.39
N THR F 268 -14.90 20.99 -48.71
CA THR F 268 -13.72 21.41 -49.44
C THR F 268 -13.33 22.80 -49.00
N GLN F 269 -14.32 23.66 -48.79
CA GLN F 269 -14.03 25.03 -48.36
C GLN F 269 -13.46 25.07 -46.93
N LEU F 270 -13.97 24.19 -46.08
CA LEU F 270 -13.53 24.13 -44.67
C LEU F 270 -12.02 23.86 -44.51
N GLU F 271 -11.42 23.29 -45.54
CA GLU F 271 -9.99 22.97 -45.52
C GLU F 271 -9.11 24.17 -45.80
N ARG F 272 -9.71 25.25 -46.29
CA ARG F 272 -8.94 26.45 -46.65
C ARG F 272 -8.73 27.47 -45.56
N GLU F 273 -7.54 28.05 -45.55
CA GLU F 273 -7.18 29.07 -44.58
C GLU F 273 -7.53 30.44 -45.17
N PRO F 274 -8.27 31.26 -44.41
CA PRO F 274 -8.68 32.59 -44.86
C PRO F 274 -7.50 33.52 -45.15
N ARG F 275 -7.71 34.44 -46.08
CA ARG F 275 -6.72 35.46 -46.41
C ARG F 275 -7.26 36.73 -45.75
N ASP F 276 -6.40 37.69 -45.48
CA ASP F 276 -6.87 38.94 -44.87
C ASP F 276 -7.97 39.55 -45.74
N PHE F 277 -9.00 40.10 -45.09
CA PHE F 277 -10.12 40.69 -45.82
C PHE F 277 -9.63 41.88 -46.62
N PRO F 278 -10.33 42.17 -47.74
CA PRO F 278 -9.97 43.29 -48.61
C PRO F 278 -10.43 44.61 -48.00
N LYS F 279 -10.09 45.71 -48.65
CA LYS F 279 -10.50 47.01 -48.16
C LYS F 279 -11.36 47.71 -49.22
N LEU F 280 -12.25 48.57 -48.77
CA LEU F 280 -13.13 49.30 -49.65
C LEU F 280 -12.73 50.75 -49.77
N LYS F 281 -12.72 51.26 -51.00
CA LYS F 281 -12.39 52.67 -51.25
C LYS F 281 -13.44 53.20 -52.22
N TRP F 282 -13.68 54.50 -52.20
CA TRP F 282 -14.66 55.09 -53.11
C TRP F 282 -13.97 55.73 -54.33
N ALA F 283 -14.52 55.51 -55.51
CA ALA F 283 -13.97 56.07 -56.74
C ALA F 283 -14.34 57.53 -56.87
N ARG F 284 -15.30 57.97 -56.06
CA ARG F 284 -15.75 59.38 -56.10
C ARG F 284 -15.90 59.93 -54.69
N SER F 285 -16.11 61.24 -54.58
CA SER F 285 -16.27 61.86 -53.27
C SER F 285 -17.72 61.89 -52.80
N LYS F 286 -17.91 62.21 -51.53
CA LYS F 286 -19.23 62.29 -50.94
C LYS F 286 -20.07 63.27 -51.73
N GLU F 287 -19.47 64.42 -52.05
CA GLU F 287 -20.17 65.46 -52.79
C GLU F 287 -20.59 64.99 -54.16
N GLU F 288 -19.71 64.27 -54.85
CA GLU F 288 -20.03 63.78 -56.19
C GLU F 288 -21.17 62.75 -56.13
N ILE F 289 -21.07 61.81 -55.19
CA ILE F 289 -22.11 60.80 -55.04
C ILE F 289 -23.40 61.48 -54.62
N GLY F 290 -23.29 62.48 -53.73
CA GLY F 290 -24.45 63.22 -53.29
C GLY F 290 -25.26 62.63 -52.15
N ASP F 291 -26.05 61.60 -52.43
CA ASP F 291 -26.85 60.97 -51.39
C ASP F 291 -26.88 59.45 -51.58
N ILE F 292 -27.68 58.77 -50.77
CA ILE F 292 -27.76 57.30 -50.82
C ILE F 292 -28.23 56.78 -52.17
N ASP F 293 -28.86 57.63 -52.96
CA ASP F 293 -29.34 57.19 -54.27
C ASP F 293 -28.37 57.51 -55.39
N GLY F 294 -27.20 58.05 -55.06
CA GLY F 294 -26.25 58.40 -56.10
C GLY F 294 -25.10 57.44 -56.34
N PHE F 295 -25.10 56.28 -55.68
CA PHE F 295 -24.01 55.32 -55.88
C PHE F 295 -24.13 54.53 -57.18
N LYS F 296 -22.97 54.15 -57.71
CA LYS F 296 -22.89 53.36 -58.94
C LYS F 296 -21.95 52.19 -58.67
N VAL F 297 -22.13 51.10 -59.39
CA VAL F 297 -21.27 49.93 -59.19
C VAL F 297 -19.78 50.30 -59.23
N GLU F 298 -19.39 51.09 -60.24
CA GLU F 298 -17.99 51.51 -60.39
C GLU F 298 -17.46 52.38 -59.25
N ASP F 299 -18.33 52.80 -58.33
CA ASP F 299 -17.86 53.63 -57.21
C ASP F 299 -17.15 52.77 -56.16
N PHE F 300 -17.49 51.48 -56.15
CA PHE F 300 -16.94 50.53 -55.18
C PHE F 300 -15.59 49.96 -55.62
N VAL F 301 -14.52 50.48 -55.03
CA VAL F 301 -13.18 50.02 -55.37
C VAL F 301 -12.68 49.10 -54.26
N VAL F 302 -12.76 47.80 -54.49
CA VAL F 302 -12.32 46.80 -53.53
C VAL F 302 -10.88 46.37 -53.85
N GLU F 303 -9.96 46.66 -52.94
CA GLU F 303 -8.57 46.30 -53.17
C GLU F 303 -8.05 45.25 -52.20
N GLY F 304 -7.15 44.41 -52.68
CA GLY F 304 -6.58 43.36 -51.84
C GLY F 304 -7.42 42.11 -51.68
N TYR F 305 -8.40 41.92 -52.54
CA TYR F 305 -9.24 40.73 -52.44
C TYR F 305 -8.45 39.55 -53.04
N LYS F 306 -8.12 38.58 -52.20
CA LYS F 306 -7.35 37.42 -52.62
C LYS F 306 -8.00 36.12 -52.16
N PRO F 307 -9.09 35.73 -52.82
CA PRO F 307 -9.80 34.49 -52.46
C PRO F 307 -9.25 33.23 -53.09
N TRP F 308 -9.67 32.10 -52.53
CA TRP F 308 -9.32 30.81 -53.08
C TRP F 308 -10.31 30.60 -54.25
N GLY F 309 -10.28 29.42 -54.85
CA GLY F 309 -11.12 29.15 -55.99
C GLY F 309 -12.62 29.13 -55.68
N LYS F 310 -13.42 29.24 -56.73
CA LYS F 310 -14.86 29.21 -56.57
C LYS F 310 -15.28 27.81 -56.17
N ILE F 311 -16.42 27.73 -55.49
CA ILE F 311 -16.99 26.46 -55.08
C ILE F 311 -18.41 26.41 -55.60
N ASP F 312 -18.70 25.48 -56.50
CA ASP F 312 -20.02 25.35 -57.07
C ASP F 312 -21.05 24.80 -56.10
N MET F 313 -22.18 25.50 -56.00
CA MET F 313 -23.28 25.09 -55.13
C MET F 313 -24.58 25.47 -55.80
N LYS F 314 -25.48 24.50 -55.92
CA LYS F 314 -26.77 24.74 -56.55
C LYS F 314 -27.74 25.39 -55.58
N MET F 315 -28.51 26.35 -56.07
CA MET F 315 -29.49 27.03 -55.22
C MET F 315 -30.81 26.28 -55.32
N SER F 316 -31.45 26.07 -54.18
CA SER F 316 -32.75 25.38 -54.16
C SER F 316 -33.84 26.43 -54.20
N ALA F 317 -34.64 26.41 -55.28
CA ALA F 317 -35.74 27.37 -55.48
C ALA F 317 -36.89 27.17 -54.50
N ARG G 13 -9.27 -23.83 66.67
CA ARG G 13 -7.93 -23.52 67.23
C ARG G 13 -8.09 -23.18 68.71
N SER G 14 -7.33 -23.85 69.57
CA SER G 14 -7.40 -23.58 71.00
C SER G 14 -6.78 -22.24 71.33
N ASN G 15 -5.73 -21.87 70.59
CA ASN G 15 -5.08 -20.58 70.80
C ASN G 15 -4.97 -19.97 69.41
N PRO G 16 -6.02 -19.29 68.97
CA PRO G 16 -6.10 -18.65 67.65
C PRO G 16 -5.07 -17.56 67.43
N ASP G 17 -4.55 -16.99 68.51
CA ASP G 17 -3.59 -15.90 68.39
C ASP G 17 -2.14 -16.34 68.30
N HIS G 18 -1.89 -17.65 68.28
CA HIS G 18 -0.52 -18.14 68.19
C HIS G 18 0.09 -17.62 66.89
N GLU G 19 1.24 -16.96 67.00
CA GLU G 19 1.92 -16.38 65.85
C GLU G 19 2.23 -17.34 64.74
N GLU G 20 2.35 -18.64 65.05
CA GLU G 20 2.68 -19.62 64.01
C GLU G 20 1.58 -19.76 62.98
N TYR G 21 0.34 -19.41 63.36
CA TYR G 21 -0.75 -19.49 62.39
C TYR G 21 -0.54 -18.57 61.20
N GLN G 22 0.29 -17.54 61.36
CA GLN G 22 0.59 -16.64 60.24
C GLN G 22 1.26 -17.46 59.16
N TYR G 23 2.21 -18.30 59.57
CA TYR G 23 2.95 -19.15 58.64
C TYR G 23 2.04 -20.23 58.03
N LEU G 24 1.29 -20.93 58.87
CA LEU G 24 0.37 -21.96 58.40
C LEU G 24 -0.71 -21.40 57.47
N ASP G 25 -1.29 -20.27 57.85
CA ASP G 25 -2.36 -19.65 57.03
C ASP G 25 -1.84 -19.21 55.66
N LEU G 26 -0.61 -18.70 55.60
CA LEU G 26 -0.08 -18.25 54.31
C LEU G 26 0.12 -19.42 53.38
N ILE G 27 0.61 -20.53 53.93
CA ILE G 27 0.83 -21.72 53.12
C ILE G 27 -0.51 -22.22 52.57
N ARG G 28 -1.51 -22.23 53.44
CA ARG G 28 -2.84 -22.67 53.03
C ARG G 28 -3.36 -21.77 51.90
N ARG G 29 -3.15 -20.46 52.05
CA ARG G 29 -3.61 -19.52 51.04
C ARG G 29 -2.87 -19.72 49.71
N ILE G 30 -1.55 -19.87 49.78
CA ILE G 30 -0.78 -20.08 48.55
C ILE G 30 -1.24 -21.34 47.81
N ILE G 31 -1.44 -22.42 48.56
CA ILE G 31 -1.89 -23.65 47.94
C ILE G 31 -3.27 -23.45 47.32
N ASN G 32 -4.15 -22.75 48.02
CA ASN G 32 -5.52 -22.51 47.55
C ASN G 32 -5.67 -21.56 46.36
N VAL G 33 -5.15 -20.34 46.49
CA VAL G 33 -5.28 -19.35 45.43
C VAL G 33 -3.97 -18.90 44.78
N GLY G 34 -2.86 -19.55 45.13
CA GLY G 34 -1.58 -19.18 44.53
C GLY G 34 -1.55 -19.48 43.04
N GLU G 35 -0.64 -18.82 42.33
CA GLU G 35 -0.50 -19.00 40.90
C GLU G 35 0.58 -20.05 40.58
N VAL G 36 0.25 -21.02 39.71
CA VAL G 36 1.18 -22.06 39.33
C VAL G 36 2.18 -21.46 38.38
N ARG G 37 3.47 -21.59 38.69
CA ARG G 37 4.50 -20.97 37.86
C ARG G 37 5.74 -21.82 37.67
N PRO G 38 6.45 -21.58 36.55
CA PRO G 38 7.68 -22.28 36.22
C PRO G 38 8.73 -21.54 37.05
N ASP G 39 9.90 -22.12 37.25
CA ASP G 39 10.94 -21.44 38.00
C ASP G 39 12.31 -21.90 37.60
N ARG G 40 13.31 -21.24 38.14
CA ARG G 40 14.70 -21.55 37.88
C ARG G 40 15.08 -23.01 38.10
N THR G 41 14.61 -23.60 39.20
CA THR G 41 14.95 -24.98 39.55
C THR G 41 14.33 -26.03 38.63
N GLY G 42 13.21 -25.70 38.01
CA GLY G 42 12.56 -26.63 37.13
C GLY G 42 11.51 -27.49 37.80
N THR G 43 11.35 -27.38 39.13
CA THR G 43 10.35 -28.20 39.79
C THR G 43 8.99 -27.53 39.76
N GLY G 44 8.99 -26.21 39.67
CA GLY G 44 7.72 -25.48 39.62
C GLY G 44 7.21 -25.10 41.02
N THR G 45 6.40 -24.05 41.10
CA THR G 45 5.87 -23.62 42.38
C THR G 45 4.48 -23.05 42.22
N VAL G 46 3.87 -22.72 43.35
CA VAL G 46 2.58 -22.03 43.40
C VAL G 46 2.97 -20.81 44.24
N ALA G 47 2.64 -19.61 43.78
CA ALA G 47 3.06 -18.40 44.49
C ALA G 47 2.12 -17.21 44.53
N LEU G 48 2.39 -16.33 45.49
CA LEU G 48 1.69 -15.07 45.69
C LEU G 48 2.78 -14.03 45.88
N PHE G 49 2.54 -12.81 45.39
CA PHE G 49 3.53 -11.73 45.54
C PHE G 49 3.17 -10.76 46.65
N ALA G 50 4.17 -10.39 47.43
CA ALA G 50 4.00 -9.40 48.49
C ALA G 50 2.81 -9.60 49.43
N PRO G 51 2.69 -10.78 50.06
CA PRO G 51 1.55 -10.98 50.96
C PRO G 51 1.80 -10.20 52.24
N PRO G 52 0.77 -10.04 53.09
CA PRO G 52 0.97 -9.30 54.34
C PRO G 52 2.19 -9.83 55.08
N SER G 53 2.94 -8.95 55.73
CA SER G 53 4.14 -9.34 56.44
C SER G 53 3.87 -10.13 57.73
N PHE G 54 4.88 -10.86 58.21
CA PHE G 54 4.74 -11.64 59.45
C PHE G 54 5.31 -10.82 60.59
N ARG G 55 4.71 -10.92 61.76
CA ARG G 55 5.21 -10.19 62.92
C ARG G 55 5.36 -11.19 64.06
N PHE G 56 6.52 -11.20 64.70
CA PHE G 56 6.78 -12.12 65.80
C PHE G 56 7.32 -11.35 66.99
N SER G 57 6.74 -11.60 68.16
CA SER G 57 7.21 -10.94 69.36
C SER G 57 8.48 -11.63 69.86
N LEU G 58 9.48 -10.83 70.25
CA LEU G 58 10.73 -11.38 70.78
C LEU G 58 10.86 -11.04 72.26
N ALA G 59 9.77 -10.53 72.84
CA ALA G 59 9.77 -10.17 74.26
C ALA G 59 9.80 -11.42 75.13
N ASP G 60 10.19 -11.25 76.38
CA ASP G 60 10.28 -12.36 77.33
C ASP G 60 11.14 -13.51 76.82
N ASN G 61 12.26 -13.18 76.18
CA ASN G 61 13.19 -14.17 75.65
C ASN G 61 12.57 -15.16 74.67
N THR G 62 11.47 -14.79 74.03
CA THR G 62 10.82 -15.69 73.08
C THR G 62 11.58 -15.85 71.76
N LEU G 63 11.63 -17.09 71.27
CA LEU G 63 12.27 -17.43 70.01
C LEU G 63 11.24 -18.09 69.13
N PRO G 64 10.88 -17.44 68.01
CA PRO G 64 9.88 -17.99 67.09
C PRO G 64 10.39 -19.16 66.26
N LEU G 65 10.68 -20.27 66.94
CA LEU G 65 11.15 -21.49 66.26
C LEU G 65 9.90 -22.34 66.03
N LEU G 66 9.51 -22.51 64.78
CA LEU G 66 8.29 -23.24 64.44
C LEU G 66 8.17 -24.58 65.17
N THR G 67 6.95 -24.87 65.63
CA THR G 67 6.68 -26.10 66.36
C THR G 67 5.85 -27.14 65.60
N THR G 68 5.24 -26.78 64.47
CA THR G 68 4.44 -27.72 63.73
C THR G 68 5.28 -28.74 62.98
N LYS G 69 6.60 -28.62 63.10
CA LYS G 69 7.54 -29.57 62.53
C LYS G 69 8.85 -29.36 63.26
N ARG G 70 9.68 -30.39 63.34
CA ARG G 70 10.96 -30.25 64.02
C ARG G 70 11.92 -29.47 63.11
N VAL G 71 12.37 -28.33 63.60
CA VAL G 71 13.30 -27.48 62.83
C VAL G 71 14.73 -27.74 63.29
N PHE G 72 15.64 -27.90 62.34
CA PHE G 72 17.06 -28.15 62.64
C PHE G 72 17.68 -26.91 63.27
N LEU G 73 17.40 -26.69 64.56
CA LEU G 73 17.92 -25.52 65.29
C LEU G 73 19.43 -25.33 65.16
N ARG G 74 20.19 -26.38 65.44
CA ARG G 74 21.64 -26.30 65.36
C ARG G 74 22.10 -25.80 63.99
N GLY G 75 21.41 -26.21 62.95
CA GLY G 75 21.75 -25.79 61.62
C GLY G 75 21.50 -24.30 61.43
N VAL G 76 20.42 -23.79 62.04
CA VAL G 76 20.09 -22.37 61.94
C VAL G 76 21.19 -21.54 62.62
N ILE G 77 21.54 -21.92 63.85
CA ILE G 77 22.56 -21.25 64.61
C ILE G 77 23.90 -21.30 63.87
N ALA G 78 24.29 -22.49 63.41
CA ALA G 78 25.57 -22.63 62.73
C ALA G 78 25.65 -21.71 61.50
N GLU G 79 24.59 -21.71 60.69
CA GLU G 79 24.57 -20.87 59.48
C GLU G 79 24.68 -19.38 59.87
N LEU G 80 23.99 -19.00 60.94
CA LEU G 80 24.01 -17.62 61.39
C LEU G 80 25.41 -17.15 61.85
N LEU G 81 26.08 -17.95 62.69
CA LEU G 81 27.41 -17.62 63.17
C LEU G 81 28.38 -17.62 62.01
N TRP G 82 28.05 -18.38 60.99
CA TRP G 82 28.85 -18.49 59.78
C TRP G 82 28.69 -17.15 59.01
N PHE G 83 27.47 -16.64 58.91
CA PHE G 83 27.23 -15.34 58.25
C PHE G 83 28.04 -14.26 58.97
N VAL G 84 27.84 -14.19 60.28
CA VAL G 84 28.51 -13.21 61.10
C VAL G 84 30.02 -13.21 60.93
N SER G 85 30.61 -14.39 60.83
CA SER G 85 32.06 -14.52 60.66
C SER G 85 32.51 -14.00 59.30
N GLY G 86 31.59 -13.78 58.37
CA GLY G 86 31.97 -13.28 57.05
C GLY G 86 32.48 -14.39 56.14
N CYS G 87 32.44 -15.63 56.64
CA CYS G 87 32.90 -16.79 55.86
C CYS G 87 31.94 -17.17 54.74
N THR G 88 32.48 -17.63 53.61
CA THR G 88 31.65 -18.02 52.48
C THR G 88 31.97 -19.45 52.00
N ASP G 89 32.64 -20.22 52.85
CA ASP G 89 33.01 -21.59 52.53
C ASP G 89 32.01 -22.54 53.18
N ALA G 90 31.18 -23.17 52.36
CA ALA G 90 30.18 -24.11 52.87
C ALA G 90 30.80 -25.29 53.64
N LYS G 91 32.07 -25.59 53.39
CA LYS G 91 32.69 -26.71 54.09
C LYS G 91 32.76 -26.42 55.59
N MET G 92 32.68 -25.15 55.96
CA MET G 92 32.74 -24.79 57.37
C MET G 92 31.43 -25.20 58.04
N LEU G 93 30.39 -25.44 57.23
CA LEU G 93 29.10 -25.86 57.79
C LEU G 93 29.02 -27.38 57.72
N SER G 94 29.39 -27.97 56.58
CA SER G 94 29.34 -29.43 56.43
C SER G 94 30.31 -30.13 57.38
N SER G 95 31.41 -29.48 57.71
CA SER G 95 32.37 -30.10 58.63
C SER G 95 31.78 -30.21 60.02
N GLN G 96 30.79 -29.40 60.33
CA GLN G 96 30.15 -29.48 61.64
C GLN G 96 28.78 -30.13 61.57
N GLY G 97 28.55 -30.88 60.50
CA GLY G 97 27.30 -31.59 60.34
C GLY G 97 26.10 -30.81 59.81
N VAL G 98 26.34 -29.70 59.12
CA VAL G 98 25.24 -28.89 58.59
C VAL G 98 25.43 -28.82 57.07
N GLY G 99 24.53 -29.47 56.33
CA GLY G 99 24.68 -29.50 54.89
C GLY G 99 23.71 -28.67 54.09
N ILE G 100 23.07 -27.69 54.71
CA ILE G 100 22.09 -26.90 53.99
C ILE G 100 22.61 -26.19 52.75
N TRP G 101 23.92 -25.93 52.71
CA TRP G 101 24.51 -25.26 51.56
C TRP G 101 25.30 -26.19 50.64
N ASP G 102 25.26 -27.50 50.91
CA ASP G 102 26.00 -28.47 50.11
C ASP G 102 25.45 -28.50 48.69
N GLY G 103 24.14 -28.38 48.57
CA GLY G 103 23.51 -28.39 47.26
C GLY G 103 23.97 -27.29 46.31
N ASN G 104 24.06 -26.05 46.77
CA ASN G 104 24.50 -24.97 45.89
C ASN G 104 26.00 -24.78 45.90
N GLY G 105 26.69 -25.51 46.76
CA GLY G 105 28.14 -25.40 46.81
C GLY G 105 28.84 -26.57 46.14
N SER G 106 28.07 -27.53 45.64
CA SER G 106 28.63 -28.72 44.99
C SER G 106 29.31 -28.30 43.68
N LYS G 107 30.30 -29.07 43.23
CA LYS G 107 30.98 -28.74 41.98
C LYS G 107 29.99 -28.68 40.79
N GLU G 108 29.06 -29.63 40.75
CA GLU G 108 28.09 -29.68 39.65
C GLU G 108 27.28 -28.40 39.58
N PHE G 109 26.83 -27.94 40.73
CA PHE G 109 26.04 -26.73 40.67
C PHE G 109 26.91 -25.54 40.29
N LEU G 110 28.07 -25.42 40.94
CA LEU G 110 28.98 -24.32 40.63
C LEU G 110 29.34 -24.30 39.14
N GLU G 111 29.73 -25.45 38.61
CA GLU G 111 30.10 -25.53 37.19
C GLU G 111 28.88 -25.19 36.34
N LYS G 112 27.71 -25.57 36.84
CA LYS G 112 26.45 -25.35 36.15
C LYS G 112 26.13 -23.86 35.99
N VAL G 113 26.48 -23.06 36.99
CA VAL G 113 26.24 -21.62 36.92
C VAL G 113 27.46 -20.81 36.45
N GLY G 114 28.41 -21.46 35.80
CA GLY G 114 29.59 -20.75 35.31
C GLY G 114 30.67 -20.44 36.32
N LEU G 115 30.69 -21.17 37.44
CA LEU G 115 31.71 -20.95 38.45
C LEU G 115 32.56 -22.20 38.65
N GLY G 116 32.92 -22.86 37.54
CA GLY G 116 33.72 -24.09 37.60
C GLY G 116 35.14 -23.93 38.08
N HIS G 117 35.65 -22.70 38.08
CA HIS G 117 36.99 -22.44 38.54
C HIS G 117 37.11 -22.46 40.05
N ARG G 118 35.99 -22.61 40.73
CA ARG G 118 36.01 -22.61 42.19
C ARG G 118 36.03 -23.98 42.79
N ARG G 119 36.66 -24.13 43.95
CA ARG G 119 36.67 -25.44 44.60
C ARG G 119 35.29 -25.63 45.19
N GLU G 120 34.89 -26.89 45.38
CA GLU G 120 33.58 -27.21 45.93
C GLU G 120 33.39 -26.53 47.28
N GLY G 121 32.22 -25.94 47.49
CA GLY G 121 31.93 -25.26 48.74
C GLY G 121 32.19 -23.77 48.75
N ASP G 122 32.94 -23.27 47.78
CA ASP G 122 33.25 -21.83 47.69
C ASP G 122 32.10 -21.16 46.97
N LEU G 123 31.14 -20.65 47.75
CA LEU G 123 29.94 -20.02 47.23
C LEU G 123 30.15 -18.63 46.61
N GLY G 124 31.28 -18.01 46.90
CA GLY G 124 31.48 -16.67 46.37
C GLY G 124 31.20 -15.62 47.44
N PRO G 125 31.12 -14.33 47.06
CA PRO G 125 30.86 -13.24 48.01
C PRO G 125 29.40 -13.13 48.46
N VAL G 126 28.89 -14.21 49.09
CA VAL G 126 27.50 -14.23 49.54
C VAL G 126 27.32 -13.59 50.92
N TYR G 127 26.11 -13.69 51.46
CA TYR G 127 25.72 -13.13 52.76
C TYR G 127 26.81 -12.57 53.67
N GLY G 128 27.45 -13.46 54.42
CA GLY G 128 28.49 -13.05 55.36
C GLY G 128 29.56 -12.12 54.82
N PHE G 129 30.00 -12.34 53.59
CA PHE G 129 31.04 -11.51 53.01
C PHE G 129 30.51 -10.08 52.82
N GLN G 130 29.30 -9.94 52.30
CA GLN G 130 28.70 -8.61 52.06
C GLN G 130 28.47 -7.89 53.40
N TRP G 131 27.97 -8.65 54.37
CA TRP G 131 27.70 -8.15 55.71
C TRP G 131 28.93 -7.52 56.38
N ARG G 132 30.09 -8.18 56.27
CA ARG G 132 31.29 -7.68 56.94
C ARG G 132 32.33 -7.02 56.03
N HIS G 133 32.23 -7.21 54.72
CA HIS G 133 33.23 -6.67 53.80
C HIS G 133 32.64 -6.09 52.51
N PHE G 134 31.45 -5.53 52.57
CA PHE G 134 30.80 -5.02 51.38
C PHE G 134 31.72 -4.10 50.60
N GLY G 135 31.85 -4.37 49.31
CA GLY G 135 32.68 -3.54 48.46
C GLY G 135 34.08 -4.07 48.24
N ALA G 136 34.55 -4.93 49.16
CA ALA G 136 35.89 -5.51 48.98
C ALA G 136 35.94 -6.40 47.73
N GLU G 137 37.15 -6.58 47.22
CA GLU G 137 37.37 -7.41 46.05
C GLU G 137 37.43 -8.88 46.49
N TYR G 138 36.64 -9.74 45.84
CA TYR G 138 36.61 -11.14 46.21
C TYR G 138 37.54 -11.97 45.35
N THR G 139 38.36 -12.79 45.98
CA THR G 139 39.24 -13.67 45.21
C THR G 139 38.64 -15.07 45.33
N ASP G 140 38.79 -15.68 46.51
CA ASP G 140 38.22 -16.99 46.77
C ASP G 140 37.84 -17.02 48.25
N ALA G 141 37.33 -18.14 48.78
CA ALA G 141 36.93 -18.15 50.19
C ALA G 141 38.07 -18.09 51.20
N ASP G 142 39.29 -18.29 50.72
CA ASP G 142 40.47 -18.26 51.60
C ASP G 142 41.13 -16.89 51.64
N GLY G 143 40.61 -15.95 50.84
CA GLY G 143 41.17 -14.61 50.79
C GLY G 143 41.21 -13.90 52.13
N ASP G 144 42.15 -12.98 52.27
CA ASP G 144 42.30 -12.19 53.49
C ASP G 144 41.51 -10.89 53.33
N TYR G 145 40.35 -10.84 53.98
CA TYR G 145 39.47 -9.66 53.88
C TYR G 145 39.41 -8.83 55.15
N LYS G 146 40.19 -9.22 56.15
CA LYS G 146 40.19 -8.50 57.41
C LYS G 146 40.49 -7.02 57.18
N GLY G 147 39.63 -6.16 57.70
CA GLY G 147 39.79 -4.72 57.55
C GLY G 147 39.47 -4.20 56.16
N LYS G 148 38.97 -5.05 55.27
CA LYS G 148 38.61 -4.62 53.93
C LYS G 148 37.10 -4.55 53.74
N GLY G 149 36.67 -3.57 52.95
CA GLY G 149 35.24 -3.36 52.68
C GLY G 149 34.51 -2.73 53.85
N VAL G 150 33.19 -2.56 53.72
CA VAL G 150 32.41 -1.96 54.80
C VAL G 150 31.84 -3.01 55.76
N ASP G 151 32.15 -2.86 57.04
CA ASP G 151 31.64 -3.78 58.04
C ASP G 151 30.29 -3.24 58.51
N GLN G 152 29.24 -3.59 57.77
CA GLN G 152 27.89 -3.15 58.09
C GLN G 152 27.43 -3.62 59.46
N LEU G 153 27.73 -4.87 59.81
CA LEU G 153 27.26 -5.43 61.07
C LEU G 153 27.78 -4.65 62.28
N GLN G 154 29.08 -4.41 62.32
CA GLN G 154 29.63 -3.68 63.47
C GLN G 154 29.08 -2.23 63.49
N ARG G 155 28.89 -1.65 62.31
CA ARG G 155 28.35 -0.29 62.25
C ARG G 155 26.94 -0.28 62.87
N VAL G 156 26.16 -1.32 62.57
CA VAL G 156 24.81 -1.44 63.14
C VAL G 156 24.90 -1.47 64.68
N ILE G 157 25.84 -2.24 65.20
CA ILE G 157 26.04 -2.36 66.65
C ILE G 157 26.38 -1.00 67.25
N ASP G 158 27.41 -0.35 66.68
CA ASP G 158 27.87 0.95 67.14
C ASP G 158 26.76 2.01 67.08
N THR G 159 25.94 1.96 66.04
CA THR G 159 24.86 2.94 65.88
C THR G 159 23.72 2.73 66.90
N ILE G 160 23.38 1.47 67.16
CA ILE G 160 22.34 1.19 68.12
C ILE G 160 22.76 1.70 69.51
N LYS G 161 24.03 1.52 69.83
CA LYS G 161 24.56 1.95 71.12
C LYS G 161 24.78 3.46 71.26
N ASN G 162 25.27 4.12 70.21
CA ASN G 162 25.60 5.55 70.30
C ASN G 162 24.68 6.53 69.59
N ASN G 163 23.86 6.04 68.68
CA ASN G 163 22.91 6.92 68.01
C ASN G 163 21.69 6.12 67.55
N PRO G 164 20.95 5.55 68.53
CA PRO G 164 19.76 4.72 68.32
C PRO G 164 18.66 5.27 67.42
N THR G 165 18.48 6.59 67.40
CA THR G 165 17.42 7.16 66.57
C THR G 165 17.83 7.34 65.11
N ASP G 166 19.04 6.90 64.78
CA ASP G 166 19.53 6.99 63.41
C ASP G 166 18.53 6.18 62.54
N ARG G 167 18.35 6.60 61.30
CA ARG G 167 17.40 5.94 60.42
C ARG G 167 18.05 5.15 59.32
N ARG G 168 19.36 4.90 59.45
CA ARG G 168 20.10 4.13 58.45
C ARG G 168 20.69 2.84 59.03
N ILE G 169 20.06 2.28 60.06
CA ILE G 169 20.59 1.06 60.67
C ILE G 169 20.21 -0.12 59.78
N ILE G 170 20.95 -0.25 58.67
CA ILE G 170 20.71 -1.26 57.68
C ILE G 170 21.83 -2.31 57.55
N LEU G 171 21.41 -3.56 57.34
CA LEU G 171 22.33 -4.68 57.13
C LEU G 171 21.87 -5.31 55.82
N SER G 172 22.70 -5.22 54.78
CA SER G 172 22.30 -5.75 53.48
C SER G 172 23.35 -6.58 52.79
N ALA G 173 22.90 -7.64 52.13
CA ALA G 173 23.78 -8.52 51.39
C ALA G 173 23.63 -8.33 49.87
N TRP G 174 22.66 -7.54 49.46
CA TRP G 174 22.44 -7.32 48.03
C TRP G 174 23.56 -6.46 47.43
N ASN G 175 24.21 -6.99 46.40
CA ASN G 175 25.31 -6.29 45.74
C ASN G 175 25.23 -6.63 44.27
N PRO G 176 24.57 -5.77 43.47
CA PRO G 176 24.40 -5.97 42.02
C PRO G 176 25.71 -6.29 41.28
N LYS G 177 26.81 -5.69 41.73
CA LYS G 177 28.09 -5.94 41.07
C LYS G 177 28.63 -7.35 41.33
N ASP G 178 28.47 -7.85 42.55
CA ASP G 178 28.97 -9.18 42.93
C ASP G 178 28.03 -10.37 42.61
N LEU G 179 26.78 -10.09 42.29
CA LEU G 179 25.81 -11.16 42.01
C LEU G 179 26.32 -12.31 41.15
N PRO G 180 26.86 -12.01 39.96
CA PRO G 180 27.36 -13.10 39.11
C PRO G 180 28.45 -13.98 39.74
N LEU G 181 29.11 -13.49 40.78
CA LEU G 181 30.15 -14.29 41.45
C LEU G 181 29.53 -15.17 42.55
N MET G 182 28.24 -14.98 42.80
CA MET G 182 27.53 -15.72 43.84
C MET G 182 26.88 -16.99 43.31
N ALA G 183 27.02 -18.10 44.05
CA ALA G 183 26.41 -19.36 43.64
C ALA G 183 24.91 -19.13 43.57
N LEU G 184 24.42 -18.29 44.48
CA LEU G 184 23.00 -17.97 44.54
C LEU G 184 22.87 -16.53 45.05
N PRO G 185 21.96 -15.72 44.47
CA PRO G 185 21.80 -14.35 44.94
C PRO G 185 21.12 -14.37 46.32
N PRO G 186 21.36 -13.36 47.16
CA PRO G 186 20.75 -13.31 48.50
C PRO G 186 19.21 -13.36 48.48
N CYS G 187 18.61 -14.20 49.33
CA CYS G 187 17.16 -14.29 49.42
C CYS G 187 16.74 -13.25 50.45
N HIS G 188 17.33 -13.32 51.65
CA HIS G 188 17.05 -12.31 52.62
C HIS G 188 18.06 -11.24 52.23
N MET G 189 17.61 -10.26 51.46
CA MET G 189 18.52 -9.25 50.96
C MET G 189 18.91 -8.11 51.85
N PHE G 190 18.15 -7.88 52.92
CA PHE G 190 18.51 -6.84 53.86
C PHE G 190 17.51 -6.75 54.98
N CYS G 191 17.90 -6.04 56.02
CA CYS G 191 17.04 -5.84 57.17
C CYS G 191 17.36 -4.49 57.78
N GLN G 192 16.40 -3.96 58.55
CA GLN G 192 16.57 -2.67 59.18
C GLN G 192 16.23 -2.83 60.65
N PHE G 193 17.04 -2.22 61.50
CA PHE G 193 16.80 -2.29 62.94
C PHE G 193 16.26 -0.94 63.40
N PHE G 194 15.46 -0.99 64.46
CA PHE G 194 14.84 0.18 65.04
C PHE G 194 14.93 0.06 66.55
N VAL G 195 15.24 1.17 67.19
CA VAL G 195 15.38 1.22 68.63
C VAL G 195 14.39 2.21 69.24
N SER G 196 13.53 1.72 70.13
CA SER G 196 12.57 2.59 70.81
C SER G 196 13.26 3.05 72.07
N LEU G 197 13.20 4.35 72.32
CA LEU G 197 13.84 4.90 73.52
C LEU G 197 13.01 4.57 74.76
N PRO G 198 13.64 4.54 75.94
CA PRO G 198 12.95 4.24 77.21
C PRO G 198 11.82 5.25 77.46
N PRO G 199 10.63 4.78 77.83
CA PRO G 199 9.49 5.67 78.11
C PRO G 199 9.80 6.62 79.25
N ALA G 200 8.99 7.67 79.39
CA ALA G 200 9.16 8.68 80.43
C ALA G 200 9.06 8.11 81.84
N ASP G 201 8.02 7.33 82.09
CA ASP G 201 7.79 6.73 83.41
C ASP G 201 8.93 5.84 83.92
N SER G 202 9.88 5.49 83.06
CA SER G 202 10.99 4.63 83.48
C SER G 202 12.17 4.77 82.55
N PRO G 203 12.96 5.84 82.70
CA PRO G 203 14.11 6.02 81.83
C PRO G 203 15.25 5.04 82.11
N GLY G 204 15.04 4.19 83.11
CA GLY G 204 16.07 3.20 83.45
C GLY G 204 15.94 1.96 82.60
N SER G 205 14.76 1.74 82.03
CA SER G 205 14.51 0.57 81.21
C SER G 205 15.44 0.51 79.99
N LYS G 206 15.61 -0.70 79.46
CA LYS G 206 16.46 -0.89 78.29
C LYS G 206 15.68 -0.50 77.03
N PRO G 207 16.36 0.11 76.05
CA PRO G 207 15.66 0.48 74.81
C PRO G 207 15.18 -0.80 74.16
N LYS G 208 14.11 -0.74 73.40
CA LYS G 208 13.61 -1.93 72.73
C LYS G 208 14.11 -2.02 71.28
N LEU G 209 14.58 -3.20 70.90
CA LEU G 209 15.13 -3.44 69.58
C LEU G 209 14.21 -4.26 68.68
N SER G 210 13.97 -3.75 67.47
CA SER G 210 13.11 -4.42 66.51
C SER G 210 13.87 -4.60 65.21
N CYS G 211 13.41 -5.55 64.40
CA CYS G 211 14.06 -5.87 63.15
C CYS G 211 13.06 -6.20 62.06
N LEU G 212 13.24 -5.58 60.89
CA LEU G 212 12.40 -5.85 59.74
C LEU G 212 13.32 -6.39 58.65
N MET G 213 13.01 -7.59 58.15
CA MET G 213 13.79 -8.20 57.09
C MET G 213 12.94 -8.39 55.87
N TYR G 214 13.55 -8.17 54.71
CA TYR G 214 12.83 -8.32 53.45
C TYR G 214 13.47 -9.45 52.69
N GLN G 215 12.66 -10.42 52.29
CA GLN G 215 13.10 -11.59 51.56
C GLN G 215 12.46 -11.58 50.17
N ARG G 216 13.31 -11.47 49.14
CA ARG G 216 12.81 -11.41 47.75
C ARG G 216 12.16 -12.69 47.23
N SER G 217 12.68 -13.83 47.70
CA SER G 217 12.22 -15.15 47.27
C SER G 217 12.10 -16.01 48.52
N CYS G 218 10.94 -16.63 48.72
CA CYS G 218 10.71 -17.40 49.94
C CYS G 218 10.15 -18.81 49.73
N ASP G 219 10.96 -19.79 50.04
CA ASP G 219 10.57 -21.19 49.94
C ASP G 219 9.91 -21.42 51.31
N LEU G 220 8.57 -21.35 51.34
CA LEU G 220 7.88 -21.52 52.60
C LEU G 220 8.11 -22.82 53.31
N GLY G 221 8.19 -23.92 52.56
CA GLY G 221 8.41 -25.22 53.18
C GLY G 221 9.76 -25.35 53.89
N LEU G 222 10.84 -25.07 53.17
CA LEU G 222 12.19 -25.22 53.74
C LEU G 222 12.93 -23.99 54.23
N GLY G 223 12.89 -22.91 53.44
CA GLY G 223 13.60 -21.69 53.82
C GLY G 223 13.04 -20.82 54.92
N VAL G 224 11.80 -20.39 54.79
CA VAL G 224 11.17 -19.51 55.75
C VAL G 224 11.33 -19.95 57.19
N PRO G 225 11.16 -21.25 57.49
CA PRO G 225 11.32 -21.64 58.90
C PRO G 225 12.71 -21.25 59.39
N PHE G 226 13.71 -21.40 58.53
CA PHE G 226 15.08 -21.04 58.93
C PHE G 226 15.25 -19.51 59.01
N ASN G 227 14.76 -18.81 57.97
CA ASN G 227 14.87 -17.35 57.95
C ASN G 227 14.25 -16.69 59.17
N ILE G 228 13.09 -17.17 59.59
CA ILE G 228 12.43 -16.58 60.75
C ILE G 228 13.26 -16.74 62.01
N ALA G 229 13.69 -17.97 62.29
CA ALA G 229 14.50 -18.22 63.49
C ALA G 229 15.84 -17.49 63.41
N SER G 230 16.46 -17.51 62.23
CA SER G 230 17.75 -16.88 62.03
C SER G 230 17.74 -15.38 62.39
N TYR G 231 16.84 -14.60 61.77
CA TYR G 231 16.79 -13.17 62.09
C TYR G 231 16.32 -12.91 63.50
N ALA G 232 15.49 -13.80 64.04
CA ALA G 232 15.06 -13.61 65.43
C ALA G 232 16.28 -13.77 66.30
N LEU G 233 17.10 -14.79 66.01
CA LEU G 233 18.33 -15.03 66.78
C LEU G 233 19.34 -13.89 66.62
N LEU G 234 19.47 -13.37 65.39
CA LEU G 234 20.38 -12.25 65.16
C LEU G 234 20.01 -11.06 66.03
N THR G 235 18.70 -10.80 66.13
CA THR G 235 18.21 -9.70 66.92
C THR G 235 18.51 -9.91 68.40
N HIS G 236 18.32 -11.14 68.89
CA HIS G 236 18.65 -11.46 70.27
C HIS G 236 20.15 -11.25 70.48
N MET G 237 20.98 -11.68 69.52
CA MET G 237 22.43 -11.51 69.66
C MET G 237 22.80 -10.03 69.75
N ILE G 238 22.32 -9.23 68.80
CA ILE G 238 22.61 -7.81 68.77
C ILE G 238 22.08 -7.14 70.04
N ALA G 239 20.92 -7.56 70.52
CA ALA G 239 20.37 -6.97 71.73
C ALA G 239 21.31 -7.16 72.90
N LEU G 240 21.90 -8.35 73.01
CA LEU G 240 22.84 -8.63 74.11
C LEU G 240 24.05 -7.72 74.08
N ILE G 241 24.65 -7.57 72.90
CA ILE G 241 25.84 -6.74 72.74
C ILE G 241 25.58 -5.24 72.88
N THR G 242 24.35 -4.81 72.60
CA THR G 242 24.03 -3.38 72.66
C THR G 242 23.23 -2.97 73.89
N ASP G 243 23.04 -3.90 74.83
CA ASP G 243 22.28 -3.58 76.02
C ASP G 243 20.85 -3.12 75.72
N THR G 244 20.22 -3.73 74.71
CA THR G 244 18.86 -3.42 74.39
C THR G 244 18.02 -4.67 74.63
N GLU G 245 16.70 -4.51 74.58
CA GLU G 245 15.76 -5.61 74.81
C GLU G 245 15.07 -5.98 73.51
N PRO G 246 15.21 -7.23 73.08
CA PRO G 246 14.54 -7.63 71.83
C PRO G 246 13.04 -7.40 71.94
N HIS G 247 12.46 -6.81 70.90
CA HIS G 247 11.04 -6.52 70.94
C HIS G 247 10.20 -7.21 69.86
N GLU G 248 10.49 -6.93 68.58
CA GLU G 248 9.68 -7.49 67.51
C GLU G 248 10.49 -7.76 66.25
N PHE G 249 10.11 -8.81 65.53
CA PHE G 249 10.74 -9.15 64.27
C PHE G 249 9.65 -9.17 63.22
N ILE G 250 9.87 -8.43 62.12
CA ILE G 250 8.91 -8.34 61.03
C ILE G 250 9.54 -8.91 59.77
N LEU G 251 8.78 -9.75 59.07
CA LEU G 251 9.28 -10.34 57.84
C LEU G 251 8.37 -10.03 56.66
N GLN G 252 8.89 -9.28 55.69
CA GLN G 252 8.12 -8.94 54.48
C GLN G 252 8.65 -9.78 53.34
N MET G 253 7.75 -10.45 52.64
CA MET G 253 8.14 -11.31 51.55
C MET G 253 7.83 -10.75 50.17
N GLY G 254 8.64 -11.13 49.20
CA GLY G 254 8.41 -10.72 47.83
C GLY G 254 7.72 -11.90 47.15
N ASP G 255 8.48 -12.72 46.45
CA ASP G 255 7.92 -13.90 45.78
C ASP G 255 7.78 -15.00 46.86
N ALA G 256 6.56 -15.18 47.37
CA ALA G 256 6.30 -16.17 48.40
C ALA G 256 5.74 -17.41 47.70
N HIS G 257 6.45 -18.53 47.80
CA HIS G 257 6.03 -19.73 47.07
C HIS G 257 6.15 -21.05 47.82
N VAL G 258 5.41 -22.04 47.32
CA VAL G 258 5.44 -23.39 47.86
C VAL G 258 5.81 -24.27 46.67
N TYR G 259 6.92 -25.01 46.78
CA TYR G 259 7.33 -25.88 45.69
C TYR G 259 6.31 -27.00 45.46
N ARG G 260 6.17 -27.42 44.22
CA ARG G 260 5.20 -28.46 43.85
C ARG G 260 5.34 -29.73 44.70
N ASP G 261 6.58 -30.14 44.93
CA ASP G 261 6.81 -31.36 45.72
C ASP G 261 6.73 -31.14 47.22
N HIS G 262 6.29 -29.96 47.63
CA HIS G 262 6.14 -29.64 49.06
C HIS G 262 4.68 -29.59 49.48
N VAL G 263 3.79 -29.45 48.50
CA VAL G 263 2.35 -29.35 48.77
C VAL G 263 1.80 -30.47 49.67
N GLU G 264 2.01 -31.72 49.29
CA GLU G 264 1.50 -32.83 50.11
C GLU G 264 2.14 -32.88 51.49
N PRO G 265 3.47 -32.77 51.57
CA PRO G 265 4.09 -32.82 52.92
C PRO G 265 3.56 -31.70 53.82
N LEU G 266 3.32 -30.52 53.26
CA LEU G 266 2.83 -29.39 54.03
C LEU G 266 1.39 -29.59 54.52
N LYS G 267 0.58 -30.27 53.72
CA LYS G 267 -0.80 -30.51 54.12
C LYS G 267 -0.81 -31.27 55.44
N THR G 268 0.19 -32.13 55.64
CA THR G 268 0.28 -32.90 56.87
C THR G 268 0.59 -31.94 58.03
N GLN G 269 1.47 -30.97 57.76
CA GLN G 269 1.84 -30.01 58.78
C GLN G 269 0.68 -29.07 59.13
N LEU G 270 -0.13 -28.73 58.13
CA LEU G 270 -1.26 -27.83 58.36
C LEU G 270 -2.30 -28.37 59.34
N GLU G 271 -2.28 -29.68 59.56
CA GLU G 271 -3.22 -30.31 60.47
C GLU G 271 -2.79 -30.19 61.91
N ARG G 272 -1.56 -29.76 62.15
CA ARG G 272 -1.04 -29.70 63.50
C ARG G 272 -1.25 -28.36 64.22
N GLU G 273 -1.52 -28.46 65.52
CA GLU G 273 -1.72 -27.29 66.36
C GLU G 273 -0.38 -26.89 66.98
N PRO G 274 0.00 -25.61 66.84
CA PRO G 274 1.26 -25.10 67.37
C PRO G 274 1.39 -25.22 68.87
N ARG G 275 2.64 -25.39 69.33
CA ARG G 275 2.91 -25.45 70.77
C ARG G 275 3.51 -24.08 71.08
N ASP G 276 3.45 -23.65 72.34
CA ASP G 276 4.03 -22.36 72.69
C ASP G 276 5.51 -22.30 72.25
N PHE G 277 5.94 -21.16 71.70
CA PHE G 277 7.31 -21.00 71.27
C PHE G 277 8.28 -21.17 72.45
N PRO G 278 9.50 -21.62 72.16
CA PRO G 278 10.52 -21.82 73.21
C PRO G 278 11.15 -20.49 73.58
N LYS G 279 11.99 -20.50 74.60
CA LYS G 279 12.67 -19.29 75.03
C LYS G 279 14.17 -19.42 74.85
N LEU G 280 14.85 -18.29 74.66
CA LEU G 280 16.29 -18.28 74.46
C LEU G 280 17.01 -17.75 75.69
N LYS G 281 18.06 -18.43 76.10
CA LYS G 281 18.85 -18.00 77.25
C LYS G 281 20.32 -18.10 76.81
N TRP G 282 21.19 -17.32 77.43
CA TRP G 282 22.60 -17.36 77.07
C TRP G 282 23.39 -18.18 78.08
N ALA G 283 24.31 -19.00 77.59
CA ALA G 283 25.13 -19.84 78.47
C ALA G 283 26.25 -19.02 79.08
N ARG G 284 26.51 -17.85 78.52
CA ARG G 284 27.56 -16.97 79.04
C ARG G 284 27.07 -15.54 79.16
N SER G 285 27.84 -14.68 79.82
CA SER G 285 27.45 -13.29 80.00
C SER G 285 27.89 -12.42 78.82
N LYS G 286 27.38 -11.20 78.79
CA LYS G 286 27.72 -10.25 77.74
C LYS G 286 29.24 -10.04 77.73
N GLU G 287 29.81 -9.84 78.92
CA GLU G 287 31.25 -9.62 79.08
C GLU G 287 32.06 -10.79 78.55
N GLU G 288 31.64 -12.01 78.86
CA GLU G 288 32.35 -13.20 78.40
C GLU G 288 32.27 -13.30 76.87
N ILE G 289 31.10 -13.10 76.30
CA ILE G 289 30.94 -13.18 74.85
C ILE G 289 31.72 -12.04 74.21
N GLY G 290 31.71 -10.87 74.85
CA GLY G 290 32.48 -9.73 74.37
C GLY G 290 31.82 -8.90 73.29
N ASP G 291 31.80 -9.40 72.06
CA ASP G 291 31.18 -8.68 70.96
C ASP G 291 30.43 -9.63 70.03
N ILE G 292 29.93 -9.10 68.91
CA ILE G 292 29.16 -9.87 67.96
C ILE G 292 29.92 -11.05 67.37
N ASP G 293 31.25 -11.00 67.44
CA ASP G 293 32.08 -12.06 66.90
C ASP G 293 32.48 -13.09 67.95
N GLY G 294 31.99 -12.96 69.17
CA GLY G 294 32.38 -13.90 70.21
C GLY G 294 31.37 -14.99 70.54
N PHE G 295 30.28 -15.09 69.80
CA PHE G 295 29.29 -16.11 70.08
C PHE G 295 29.71 -17.49 69.60
N LYS G 296 29.23 -18.51 70.32
CA LYS G 296 29.50 -19.92 70.00
C LYS G 296 28.16 -20.67 70.00
N VAL G 297 28.08 -21.73 69.21
CA VAL G 297 26.84 -22.51 69.16
C VAL G 297 26.34 -22.85 70.56
N GLU G 298 27.23 -23.32 71.43
CA GLU G 298 26.84 -23.70 72.80
C GLU G 298 26.34 -22.55 73.66
N ASP G 299 26.49 -21.31 73.18
CA ASP G 299 26.01 -20.17 73.95
C ASP G 299 24.47 -20.08 73.90
N PHE G 300 23.89 -20.64 72.84
CA PHE G 300 22.45 -20.58 72.65
C PHE G 300 21.70 -21.70 73.40
N VAL G 301 21.08 -21.33 74.52
CA VAL G 301 20.33 -22.30 75.31
C VAL G 301 18.83 -22.10 75.06
N VAL G 302 18.25 -22.94 74.20
CA VAL G 302 16.84 -22.88 73.88
C VAL G 302 16.07 -23.86 74.75
N GLU G 303 15.18 -23.33 75.59
CA GLU G 303 14.42 -24.19 76.47
C GLU G 303 12.94 -24.19 76.15
N GLY G 304 12.30 -25.33 76.41
CA GLY G 304 10.87 -25.45 76.16
C GLY G 304 10.48 -25.70 74.71
N TYR G 305 11.42 -26.15 73.88
CA TYR G 305 11.07 -26.41 72.48
C TYR G 305 10.36 -27.76 72.42
N LYS G 306 9.09 -27.75 72.00
CA LYS G 306 8.28 -28.96 71.94
C LYS G 306 7.59 -29.11 70.61
N PRO G 307 8.34 -29.43 69.56
CA PRO G 307 7.77 -29.58 68.23
C PRO G 307 7.14 -30.93 67.94
N TRP G 308 6.37 -30.96 66.86
CA TRP G 308 5.78 -32.19 66.38
C TRP G 308 6.91 -32.86 65.59
N GLY G 309 6.60 -33.97 64.92
CA GLY G 309 7.58 -34.70 64.16
C GLY G 309 8.14 -33.96 62.97
N LYS G 310 9.27 -34.44 62.47
CA LYS G 310 9.89 -33.82 61.30
C LYS G 310 9.05 -34.12 60.08
N ILE G 311 9.17 -33.26 59.08
CA ILE G 311 8.45 -33.42 57.84
C ILE G 311 9.48 -33.33 56.72
N ASP G 312 9.65 -34.43 56.00
CA ASP G 312 10.62 -34.48 54.92
C ASP G 312 10.22 -33.68 53.69
N MET G 313 11.13 -32.83 53.25
CA MET G 313 10.92 -32.02 52.06
C MET G 313 12.23 -31.90 51.31
N LYS G 314 12.19 -32.18 50.01
CA LYS G 314 13.38 -32.09 49.21
C LYS G 314 13.65 -30.65 48.76
N MET G 315 14.92 -30.24 48.78
CA MET G 315 15.28 -28.90 48.35
C MET G 315 15.60 -28.91 46.87
N SER G 316 15.08 -27.94 46.13
CA SER G 316 15.33 -27.84 44.70
C SER G 316 16.55 -26.92 44.48
N ALA G 317 17.63 -27.49 43.95
CA ALA G 317 18.85 -26.76 43.70
C ALA G 317 18.69 -25.73 42.59
N ARG H 13 -17.40 8.37 56.35
CA ARG H 13 -16.68 8.34 55.04
C ARG H 13 -17.58 7.85 53.92
N SER H 14 -17.81 8.73 52.95
CA SER H 14 -18.64 8.41 51.79
C SER H 14 -18.10 7.18 51.06
N ASN H 15 -16.79 7.08 50.95
CA ASN H 15 -16.17 5.95 50.26
C ASN H 15 -15.01 5.40 51.08
N PRO H 16 -15.32 4.62 52.14
CA PRO H 16 -14.33 4.00 53.04
C PRO H 16 -13.28 3.11 52.39
N ASP H 17 -13.55 2.63 51.19
CA ASP H 17 -12.56 1.76 50.57
C ASP H 17 -11.54 2.54 49.75
N HIS H 18 -11.66 3.86 49.72
CA HIS H 18 -10.70 4.66 48.95
C HIS H 18 -9.29 4.40 49.50
N GLU H 19 -8.38 4.00 48.63
CA GLU H 19 -7.03 3.69 49.00
C GLU H 19 -6.29 4.81 49.72
N GLU H 20 -6.70 6.07 49.52
CA GLU H 20 -6.01 7.18 50.17
C GLU H 20 -6.18 7.17 51.69
N TYR H 21 -7.22 6.50 52.17
CA TYR H 21 -7.42 6.43 53.61
C TYR H 21 -6.29 5.67 54.30
N GLN H 22 -5.56 4.86 53.55
CA GLN H 22 -4.40 4.14 54.13
C GLN H 22 -3.40 5.18 54.62
N TYR H 23 -3.15 6.16 53.75
CA TYR H 23 -2.22 7.24 54.03
C TYR H 23 -2.73 8.13 55.18
N LEU H 24 -4.00 8.54 55.09
CA LEU H 24 -4.58 9.40 56.13
C LEU H 24 -4.66 8.67 57.49
N ASP H 25 -5.10 7.41 57.48
CA ASP H 25 -5.20 6.64 58.73
C ASP H 25 -3.85 6.46 59.41
N LEU H 26 -2.80 6.21 58.62
CA LEU H 26 -1.46 6.02 59.22
C LEU H 26 -0.99 7.30 59.88
N ILE H 27 -1.22 8.44 59.23
CA ILE H 27 -0.82 9.72 59.81
C ILE H 27 -1.54 9.94 61.13
N ARG H 28 -2.84 9.65 61.13
CA ARG H 28 -3.64 9.83 62.34
C ARG H 28 -3.07 8.92 63.44
N ARG H 29 -2.75 7.68 63.09
CA ARG H 29 -2.20 6.74 64.07
C ARG H 29 -0.86 7.21 64.62
N ILE H 30 0.02 7.68 63.75
CA ILE H 30 1.33 8.15 64.18
C ILE H 30 1.20 9.33 65.14
N ILE H 31 0.31 10.26 64.81
CA ILE H 31 0.11 11.42 65.67
C ILE H 31 -0.45 10.97 67.01
N ASN H 32 -1.39 10.01 66.98
CA ASN H 32 -2.03 9.51 68.20
C ASN H 32 -1.16 8.65 69.12
N VAL H 33 -0.58 7.58 68.58
CA VAL H 33 0.24 6.69 69.40
C VAL H 33 1.71 6.62 69.03
N GLY H 34 2.13 7.46 68.07
CA GLY H 34 3.54 7.44 67.68
C GLY H 34 4.46 7.85 68.82
N GLU H 35 5.73 7.46 68.72
CA GLU H 35 6.71 7.81 69.74
C GLU H 35 7.45 9.10 69.36
N VAL H 36 7.54 10.04 70.31
CA VAL H 36 8.23 11.31 70.09
C VAL H 36 9.73 11.03 70.13
N ARG H 37 10.44 11.40 69.06
CA ARG H 37 11.86 11.12 68.99
C ARG H 37 12.71 12.23 68.40
N PRO H 38 14.00 12.28 68.77
CA PRO H 38 14.95 13.27 68.27
C PRO H 38 15.34 12.70 66.91
N ASP H 39 15.94 13.50 66.05
CA ASP H 39 16.35 13.01 64.75
C ASP H 39 17.51 13.84 64.18
N ARG H 40 18.07 13.34 63.09
CA ARG H 40 19.18 13.98 62.40
C ARG H 40 18.96 15.48 62.13
N THR H 41 17.77 15.84 61.67
CA THR H 41 17.47 17.23 61.29
C THR H 41 17.38 18.20 62.46
N GLY H 42 17.05 17.67 63.64
CA GLY H 42 16.94 18.52 64.80
C GLY H 42 15.54 19.05 65.04
N THR H 43 14.60 18.80 64.12
CA THR H 43 13.25 19.31 64.34
C THR H 43 12.43 18.35 65.21
N GLY H 44 12.78 17.07 65.19
CA GLY H 44 12.04 16.08 65.97
C GLY H 44 10.88 15.50 65.18
N THR H 45 10.49 14.28 65.54
CA THR H 45 9.37 13.62 64.88
C THR H 45 8.59 12.75 65.84
N VAL H 46 7.49 12.21 65.35
CA VAL H 46 6.67 11.25 66.09
C VAL H 46 6.70 10.06 65.12
N ALA H 47 7.01 8.86 65.60
CA ALA H 47 7.13 7.74 64.67
C ALA H 47 6.68 6.36 65.13
N LEU H 48 6.48 5.50 64.14
CA LEU H 48 6.11 4.09 64.33
C LEU H 48 7.01 3.29 63.38
N PHE H 49 7.46 2.13 63.82
CA PHE H 49 8.33 1.30 62.98
C PHE H 49 7.57 0.17 62.30
N ALA H 50 7.86 -0.03 61.01
CA ALA H 50 7.28 -1.12 60.23
C ALA H 50 5.76 -1.28 60.31
N PRO H 51 5.01 -0.21 60.03
CA PRO H 51 3.56 -0.35 60.09
C PRO H 51 3.09 -1.17 58.89
N PRO H 52 1.83 -1.62 58.89
CA PRO H 52 1.34 -2.41 57.74
C PRO H 52 1.63 -1.66 56.42
N SER H 53 1.94 -2.41 55.38
CA SER H 53 2.27 -1.82 54.09
C SER H 53 1.06 -1.23 53.38
N PHE H 54 1.31 -0.33 52.42
CA PHE H 54 0.22 0.30 51.65
C PHE H 54 0.10 -0.49 50.35
N ARG H 55 -1.11 -0.60 49.83
CA ARG H 55 -1.34 -1.29 48.56
C ARG H 55 -2.18 -0.39 47.68
N PHE H 56 -1.75 -0.18 46.46
CA PHE H 56 -2.47 0.69 45.53
C PHE H 56 -2.67 -0.04 44.21
N SER H 57 -3.90 -0.04 43.71
CA SER H 57 -4.18 -0.67 42.44
C SER H 57 -3.74 0.24 41.29
N LEU H 58 -3.07 -0.32 40.29
CA LEU H 58 -2.63 0.47 39.15
C LEU H 58 -3.43 0.05 37.92
N ALA H 59 -4.48 -0.74 38.14
CA ALA H 59 -5.32 -1.21 37.05
C ALA H 59 -6.14 -0.05 36.44
N ASP H 60 -6.60 -0.24 35.20
CA ASP H 60 -7.40 0.77 34.52
C ASP H 60 -6.70 2.12 34.47
N ASN H 61 -5.41 2.11 34.19
CA ASN H 61 -4.60 3.32 34.09
C ASN H 61 -4.64 4.22 35.32
N THR H 62 -4.90 3.65 36.49
CA THR H 62 -4.99 4.43 37.70
C THR H 62 -3.64 4.90 38.26
N LEU H 63 -3.59 6.16 38.66
CA LEU H 63 -2.37 6.74 39.24
C LEU H 63 -2.70 7.22 40.65
N PRO H 64 -2.13 6.57 41.67
CA PRO H 64 -2.40 6.96 43.06
C PRO H 64 -1.73 8.27 43.47
N LEU H 65 -2.19 9.38 42.87
CA LEU H 65 -1.68 10.71 43.17
C LEU H 65 -2.64 11.26 44.23
N LEU H 66 -2.16 11.45 45.46
CA LEU H 66 -3.01 11.92 46.55
C LEU H 66 -3.87 13.14 46.21
N THR H 67 -5.13 13.11 46.66
CA THR H 67 -6.07 14.18 46.38
C THR H 67 -6.39 15.08 47.56
N THR H 68 -6.06 14.64 48.78
CA THR H 68 -6.39 15.45 49.95
C THR H 68 -5.51 16.68 50.06
N LYS H 69 -4.59 16.83 49.11
CA LYS H 69 -3.77 18.04 49.04
C LYS H 69 -3.25 18.10 47.62
N ARG H 70 -2.91 19.28 47.11
CA ARG H 70 -2.38 19.37 45.75
C ARG H 70 -0.93 18.89 45.77
N VAL H 71 -0.63 17.88 44.96
CA VAL H 71 0.72 17.33 44.88
C VAL H 71 1.40 17.86 43.63
N PHE H 72 2.66 18.28 43.77
CA PHE H 72 3.44 18.84 42.66
C PHE H 72 3.78 17.73 41.67
N LEU H 73 2.79 17.34 40.87
CA LEU H 73 2.95 16.28 39.88
C LEU H 73 4.16 16.42 38.97
N ARG H 74 4.34 17.61 38.40
CA ARG H 74 5.46 17.85 37.49
C ARG H 74 6.79 17.59 38.22
N GLY H 75 6.81 17.90 39.51
CA GLY H 75 8.03 17.70 40.26
C GLY H 75 8.32 16.23 40.42
N VAL H 76 7.26 15.44 40.60
CA VAL H 76 7.41 13.99 40.75
C VAL H 76 7.96 13.40 39.45
N ILE H 77 7.30 13.71 38.33
CA ILE H 77 7.72 13.23 37.03
C ILE H 77 9.17 13.65 36.73
N ALA H 78 9.49 14.92 36.91
CA ALA H 78 10.84 15.41 36.63
C ALA H 78 11.89 14.64 37.43
N GLU H 79 11.66 14.49 38.74
CA GLU H 79 12.59 13.75 39.57
C GLU H 79 12.76 12.32 39.08
N LEU H 80 11.66 11.69 38.70
CA LEU H 80 11.70 10.30 38.21
C LEU H 80 12.54 10.15 36.94
N LEU H 81 12.29 11.00 35.94
CA LEU H 81 13.02 10.92 34.68
C LEU H 81 14.50 11.23 34.94
N TRP H 82 14.76 12.00 35.99
CA TRP H 82 16.09 12.39 36.40
C TRP H 82 16.78 11.13 36.95
N PHE H 83 16.09 10.39 37.83
CA PHE H 83 16.62 9.13 38.36
C PHE H 83 16.97 8.20 37.19
N VAL H 84 15.98 7.99 36.33
CA VAL H 84 16.15 7.11 35.17
C VAL H 84 17.37 7.46 34.34
N SER H 85 17.60 8.75 34.14
CA SER H 85 18.74 9.20 33.34
C SER H 85 20.08 8.90 34.02
N GLY H 86 20.04 8.57 35.31
CA GLY H 86 21.27 8.27 36.01
C GLY H 86 21.99 9.51 36.47
N CYS H 87 21.38 10.68 36.24
CA CYS H 87 21.95 11.97 36.62
C CYS H 87 21.88 12.23 38.12
N THR H 88 22.88 12.90 38.66
CA THR H 88 22.92 13.19 40.10
C THR H 88 23.13 14.67 40.37
N ASP H 89 22.96 15.49 39.33
CA ASP H 89 23.11 16.94 39.48
C ASP H 89 21.72 17.57 39.70
N ALA H 90 21.49 18.11 40.89
CA ALA H 90 20.22 18.72 41.24
C ALA H 90 19.90 19.97 40.39
N LYS H 91 20.92 20.54 39.77
CA LYS H 91 20.68 21.72 38.94
C LYS H 91 19.82 21.34 37.75
N MET H 92 19.81 20.05 37.40
CA MET H 92 19.01 19.59 36.25
C MET H 92 17.52 19.64 36.62
N LEU H 93 17.24 19.69 37.92
CA LEU H 93 15.86 19.79 38.38
C LEU H 93 15.51 21.27 38.61
N SER H 94 16.39 21.99 39.30
CA SER H 94 16.09 23.40 39.56
C SER H 94 16.01 24.23 38.27
N SER H 95 16.75 23.82 37.25
CA SER H 95 16.74 24.56 35.99
C SER H 95 15.36 24.42 35.32
N GLN H 96 14.63 23.37 35.66
CA GLN H 96 13.29 23.19 35.08
C GLN H 96 12.22 23.52 36.11
N GLY H 97 12.57 24.31 37.11
CA GLY H 97 11.62 24.72 38.13
C GLY H 97 11.24 23.74 39.22
N VAL H 98 12.11 22.77 39.50
CA VAL H 98 11.83 21.77 40.52
C VAL H 98 12.96 21.87 41.53
N GLY H 99 12.65 22.35 42.72
CA GLY H 99 13.68 22.56 43.73
C GLY H 99 13.67 21.62 44.92
N ILE H 100 13.04 20.46 44.78
CA ILE H 100 12.95 19.51 45.89
C ILE H 100 14.29 19.04 46.42
N TRP H 101 15.32 19.08 45.58
CA TRP H 101 16.65 18.66 46.04
C TRP H 101 17.61 19.84 46.29
N ASP H 102 17.11 21.06 46.18
CA ASP H 102 17.94 22.25 46.41
C ASP H 102 18.44 22.29 47.85
N GLY H 103 17.62 21.81 48.77
CA GLY H 103 18.01 21.83 50.18
C GLY H 103 19.21 20.97 50.52
N ASN H 104 19.24 19.74 50.02
CA ASN H 104 20.38 18.87 50.32
C ASN H 104 21.53 19.03 49.31
N GLY H 105 21.29 19.83 48.28
CA GLY H 105 22.33 20.05 47.29
C GLY H 105 22.98 21.41 47.42
N SER H 106 22.51 22.19 48.38
CA SER H 106 23.06 23.53 48.60
C SER H 106 24.50 23.44 49.06
N LYS H 107 25.25 24.46 48.64
CA LYS H 107 26.67 24.57 48.98
C LYS H 107 26.77 24.50 50.49
N GLU H 108 25.76 25.05 51.15
CA GLU H 108 25.76 25.08 52.59
C GLU H 108 25.65 23.72 53.24
N PHE H 109 24.76 22.87 52.72
CA PHE H 109 24.54 21.54 53.26
C PHE H 109 25.70 20.62 52.93
N LEU H 110 26.15 20.65 51.67
CA LEU H 110 27.26 19.81 51.25
C LEU H 110 28.49 20.02 52.14
N GLU H 111 28.85 21.27 52.39
CA GLU H 111 30.00 21.56 53.24
C GLU H 111 29.75 21.05 54.66
N LYS H 112 28.49 21.12 55.07
CA LYS H 112 28.06 20.68 56.38
C LYS H 112 28.28 19.17 56.57
N VAL H 113 28.08 18.37 55.53
CA VAL H 113 28.27 16.92 55.65
C VAL H 113 29.64 16.45 55.15
N GLY H 114 30.60 17.38 55.10
CA GLY H 114 31.95 17.03 54.66
C GLY H 114 32.14 16.89 53.15
N LEU H 115 31.28 17.49 52.35
CA LEU H 115 31.41 17.36 50.88
C LEU H 115 31.64 18.74 50.27
N GLY H 116 32.47 19.54 50.93
CA GLY H 116 32.77 20.88 50.48
C GLY H 116 33.51 20.99 49.16
N HIS H 117 34.13 19.91 48.75
CA HIS H 117 34.90 19.87 47.50
C HIS H 117 33.99 19.74 46.27
N ARG H 118 32.70 19.62 46.49
CA ARG H 118 31.77 19.49 45.39
C ARG H 118 31.10 20.81 45.03
N ARG H 119 30.78 20.98 43.75
CA ARG H 119 30.09 22.20 43.37
C ARG H 119 28.62 22.03 43.82
N GLU H 120 27.94 23.15 44.03
CA GLU H 120 26.55 23.11 44.46
C GLU H 120 25.70 22.28 43.50
N GLY H 121 24.86 21.40 44.06
CA GLY H 121 24.01 20.57 43.25
C GLY H 121 24.53 19.18 42.95
N ASP H 122 25.82 18.95 43.19
CA ASP H 122 26.42 17.65 42.94
C ASP H 122 26.18 16.80 44.17
N LEU H 123 25.08 16.06 44.16
CA LEU H 123 24.67 15.21 45.27
C LEU H 123 25.54 13.97 45.52
N GLY H 124 26.31 13.57 44.52
CA GLY H 124 27.13 12.38 44.68
C GLY H 124 26.46 11.20 43.99
N PRO H 125 26.93 9.98 44.24
CA PRO H 125 26.38 8.77 43.63
C PRO H 125 25.05 8.32 44.23
N VAL H 126 24.04 9.17 44.12
CA VAL H 126 22.72 8.87 44.63
C VAL H 126 21.84 8.05 43.66
N TYR H 127 20.56 7.89 44.02
CA TYR H 127 19.60 7.12 43.24
C TYR H 127 19.94 6.77 41.80
N GLY H 128 19.75 7.72 40.90
CA GLY H 128 19.99 7.45 39.49
C GLY H 128 21.33 6.83 39.14
N PHE H 129 22.40 7.26 39.82
CA PHE H 129 23.72 6.68 39.53
C PHE H 129 23.77 5.20 39.92
N GLN H 130 23.20 4.85 41.07
CA GLN H 130 23.22 3.45 41.51
C GLN H 130 22.36 2.60 40.57
N TRP H 131 21.20 3.14 40.19
CA TRP H 131 20.27 2.47 39.31
C TRP H 131 20.84 2.06 37.96
N ARG H 132 21.65 2.94 37.38
CA ARG H 132 22.21 2.68 36.05
C ARG H 132 23.71 2.35 36.01
N HIS H 133 24.44 2.61 37.10
CA HIS H 133 25.90 2.39 37.11
C HIS H 133 26.41 1.80 38.45
N PHE H 134 25.60 0.98 39.11
CA PHE H 134 26.01 0.44 40.39
C PHE H 134 27.40 -0.19 40.34
N GLY H 135 28.27 0.22 41.25
CA GLY H 135 29.60 -0.34 41.31
C GLY H 135 30.66 0.51 40.64
N ALA H 136 30.24 1.39 39.73
CA ALA H 136 31.19 2.25 39.03
C ALA H 136 31.82 3.21 40.01
N GLU H 137 33.00 3.73 39.64
CA GLU H 137 33.73 4.69 40.46
C GLU H 137 33.14 6.08 40.19
N TYR H 138 32.77 6.78 41.25
CA TYR H 138 32.20 8.12 41.09
C TYR H 138 33.26 9.20 41.26
N THR H 139 33.30 10.14 40.31
CA THR H 139 34.24 11.26 40.40
C THR H 139 33.39 12.45 40.81
N ASP H 140 32.63 13.00 39.86
CA ASP H 140 31.73 14.12 40.13
C ASP H 140 30.49 13.91 39.26
N ALA H 141 29.53 14.85 39.23
CA ALA H 141 28.34 14.64 38.41
C ALA H 141 28.57 14.74 36.91
N ASP H 142 29.73 15.26 36.50
CA ASP H 142 30.04 15.42 35.07
C ASP H 142 30.79 14.23 34.51
N GLY H 143 31.14 13.30 35.39
CA GLY H 143 31.88 12.12 34.96
C GLY H 143 31.21 11.31 33.87
N ASP H 144 32.02 10.62 33.07
CA ASP H 144 31.52 9.80 31.99
C ASP H 144 31.33 8.38 32.53
N TYR H 145 30.08 7.99 32.75
CA TYR H 145 29.77 6.68 33.28
C TYR H 145 29.10 5.74 32.28
N LYS H 146 28.94 6.22 31.05
CA LYS H 146 28.29 5.41 30.03
C LYS H 146 28.97 4.05 29.90
N GLY H 147 28.17 2.98 29.98
CA GLY H 147 28.71 1.64 29.89
C GLY H 147 29.48 1.18 31.12
N LYS H 148 29.49 1.96 32.19
CA LYS H 148 30.21 1.57 33.40
C LYS H 148 29.25 1.20 34.53
N GLY H 149 29.65 0.20 35.31
CA GLY H 149 28.81 -0.25 36.41
C GLY H 149 27.66 -1.13 35.96
N VAL H 150 26.83 -1.57 36.89
CA VAL H 150 25.70 -2.42 36.53
C VAL H 150 24.44 -1.61 36.22
N ASP H 151 23.87 -1.80 35.03
CA ASP H 151 22.63 -1.10 34.69
C ASP H 151 21.46 -1.94 35.17
N GLN H 152 21.07 -1.77 36.43
CA GLN H 152 19.98 -2.52 37.03
C GLN H 152 18.63 -2.31 36.35
N LEU H 153 18.35 -1.07 35.96
CA LEU H 153 17.09 -0.76 35.33
C LEU H 153 16.89 -1.49 34.00
N GLN H 154 17.88 -1.45 33.11
CA GLN H 154 17.72 -2.13 31.83
C GLN H 154 17.65 -3.65 32.05
N ARG H 155 18.36 -4.15 33.06
CA ARG H 155 18.33 -5.58 33.36
C ARG H 155 16.91 -5.96 33.79
N VAL H 156 16.27 -5.08 34.55
CA VAL H 156 14.89 -5.33 34.99
C VAL H 156 13.98 -5.43 33.77
N ILE H 157 14.15 -4.51 32.84
CA ILE H 157 13.35 -4.50 31.61
C ILE H 157 13.55 -5.80 30.82
N ASP H 158 14.81 -6.14 30.60
CA ASP H 158 15.16 -7.34 29.85
C ASP H 158 14.62 -8.60 30.50
N THR H 159 14.70 -8.67 31.82
CA THR H 159 14.21 -9.83 32.54
C THR H 159 12.68 -9.97 32.51
N ILE H 160 11.97 -8.85 32.59
CA ILE H 160 10.52 -8.90 32.56
C ILE H 160 10.05 -9.44 31.21
N LYS H 161 10.74 -9.01 30.16
CA LYS H 161 10.41 -9.43 28.80
C LYS H 161 10.83 -10.86 28.43
N ASN H 162 12.02 -11.28 28.85
CA ASN H 162 12.51 -12.61 28.50
C ASN H 162 12.49 -13.69 29.56
N ASN H 163 12.31 -13.34 30.82
CA ASN H 163 12.27 -14.35 31.87
C ASN H 163 11.49 -13.81 33.06
N PRO H 164 10.21 -13.47 32.85
CA PRO H 164 9.28 -12.92 33.84
C PRO H 164 9.17 -13.62 35.17
N THR H 165 9.35 -14.93 35.21
CA THR H 165 9.22 -15.65 36.48
C THR H 165 10.50 -15.59 37.31
N ASP H 166 11.51 -14.91 36.79
CA ASP H 166 12.76 -14.73 37.54
C ASP H 166 12.39 -14.12 38.90
N ARG H 167 13.15 -14.46 39.95
CA ARG H 167 12.86 -13.94 41.28
C ARG H 167 13.88 -12.92 41.74
N ARG H 168 14.67 -12.38 40.82
CA ARG H 168 15.70 -11.39 41.19
C ARG H 168 15.49 -10.05 40.46
N ILE H 169 14.26 -9.73 40.12
CA ILE H 169 13.98 -8.49 39.41
C ILE H 169 14.00 -7.34 40.40
N ILE H 170 15.22 -6.94 40.77
CA ILE H 170 15.45 -5.93 41.77
C ILE H 170 16.09 -4.66 41.25
N LEU H 171 15.65 -3.54 41.81
CA LEU H 171 16.21 -2.23 41.45
C LEU H 171 16.59 -1.61 42.78
N SER H 172 17.88 -1.46 43.04
CA SER H 172 18.33 -0.92 44.34
C SER H 172 19.33 0.22 44.25
N ALA H 173 19.19 1.18 45.14
CA ALA H 173 20.11 2.32 45.20
C ALA H 173 21.00 2.25 46.43
N TRP H 174 20.74 1.26 47.29
CA TRP H 174 21.53 1.14 48.52
C TRP H 174 22.94 0.62 48.19
N ASN H 175 23.96 1.38 48.56
CA ASN H 175 25.36 1.00 48.32
C ASN H 175 26.17 1.43 49.52
N PRO H 176 26.39 0.50 50.47
CA PRO H 176 27.15 0.80 51.70
C PRO H 176 28.51 1.47 51.44
N LYS H 177 29.16 1.10 50.34
CA LYS H 177 30.47 1.67 50.06
C LYS H 177 30.37 3.14 49.62
N ASP H 178 29.34 3.46 48.84
CA ASP H 178 29.15 4.84 48.34
C ASP H 178 28.43 5.82 49.26
N LEU H 179 27.78 5.32 50.30
CA LEU H 179 27.03 6.16 51.23
C LEU H 179 27.69 7.47 51.66
N PRO H 180 28.93 7.40 52.15
CA PRO H 180 29.58 8.64 52.57
C PRO H 180 29.76 9.68 51.48
N LEU H 181 29.67 9.26 50.23
CA LEU H 181 29.84 10.21 49.12
C LEU H 181 28.52 10.88 48.78
N MET H 182 27.43 10.35 49.37
CA MET H 182 26.08 10.83 49.10
C MET H 182 25.64 11.96 50.03
N ALA H 183 25.02 13.00 49.46
CA ALA H 183 24.55 14.11 50.25
C ALA H 183 23.53 13.57 51.23
N LEU H 184 22.81 12.55 50.78
CA LEU H 184 21.80 11.92 51.63
C LEU H 184 21.67 10.46 51.21
N PRO H 185 21.61 9.53 52.17
CA PRO H 185 21.47 8.12 51.81
C PRO H 185 20.06 7.86 51.24
N PRO H 186 19.94 6.89 50.32
CA PRO H 186 18.65 6.56 49.71
C PRO H 186 17.55 6.29 50.74
N CYS H 187 16.37 6.88 50.51
CA CYS H 187 15.23 6.66 51.40
C CYS H 187 14.49 5.44 50.82
N HIS H 188 14.14 5.51 49.54
CA HIS H 188 13.52 4.38 48.88
C HIS H 188 14.76 3.63 48.42
N MET H 189 15.16 2.64 49.22
CA MET H 189 16.38 1.91 48.94
C MET H 189 16.33 0.81 47.90
N PHE H 190 15.14 0.31 47.60
CA PHE H 190 15.04 -0.71 46.57
C PHE H 190 13.60 -1.12 46.33
N CYS H 191 13.38 -1.78 45.20
CA CYS H 191 12.05 -2.26 44.88
C CYS H 191 12.20 -3.56 44.12
N GLN H 192 11.13 -4.36 44.13
CA GLN H 192 11.12 -5.63 43.44
C GLN H 192 9.90 -5.70 42.56
N PHE H 193 10.09 -6.16 41.33
CA PHE H 193 8.98 -6.31 40.39
C PHE H 193 8.58 -7.76 40.28
N PHE H 194 7.31 -7.99 40.01
CA PHE H 194 6.76 -9.32 39.87
C PHE H 194 5.83 -9.33 38.66
N VAL H 195 5.91 -10.40 37.88
CA VAL H 195 5.08 -10.53 36.69
C VAL H 195 4.17 -11.75 36.78
N SER H 196 2.86 -11.53 36.70
CA SER H 196 1.92 -12.64 36.72
C SER H 196 1.71 -13.06 35.27
N LEU H 197 1.81 -14.36 35.02
CA LEU H 197 1.63 -14.88 33.68
C LEU H 197 0.14 -14.87 33.30
N PRO H 198 -0.15 -14.77 31.99
CA PRO H 198 -1.53 -14.74 31.49
C PRO H 198 -2.28 -16.00 31.94
N PRO H 199 -3.51 -15.84 32.47
CA PRO H 199 -4.32 -16.99 32.92
C PRO H 199 -4.60 -17.95 31.76
N ALA H 200 -5.01 -19.16 32.07
CA ALA H 200 -5.34 -20.18 31.06
C ALA H 200 -6.18 -19.66 29.87
N ASP H 201 -7.27 -18.95 30.17
CA ASP H 201 -8.23 -18.43 29.16
C ASP H 201 -7.74 -17.78 27.91
N SER H 202 -7.39 -16.52 28.09
CA SER H 202 -6.94 -15.70 27.00
C SER H 202 -5.46 -15.53 27.11
N PRO H 203 -4.72 -16.65 26.97
CA PRO H 203 -3.26 -16.55 27.04
C PRO H 203 -2.82 -15.35 26.19
N GLY H 204 -3.79 -14.67 25.57
CA GLY H 204 -3.50 -13.50 24.76
C GLY H 204 -3.34 -12.24 25.60
N SER H 205 -3.90 -12.25 26.80
CA SER H 205 -3.82 -11.11 27.71
C SER H 205 -2.37 -10.73 28.03
N LYS H 206 -2.17 -9.48 28.44
CA LYS H 206 -0.84 -9.01 28.81
C LYS H 206 -0.51 -9.45 30.24
N PRO H 207 0.74 -9.83 30.49
CA PRO H 207 1.12 -10.25 31.84
C PRO H 207 0.91 -9.05 32.77
N LYS H 208 0.66 -9.29 34.04
CA LYS H 208 0.43 -8.20 34.97
C LYS H 208 1.71 -7.87 35.75
N LEU H 209 2.03 -6.58 35.85
CA LEU H 209 3.23 -6.10 36.53
C LEU H 209 2.96 -5.45 37.88
N SER H 210 3.64 -5.93 38.90
CA SER H 210 3.50 -5.37 40.23
C SER H 210 4.86 -4.90 40.74
N CYS H 211 4.83 -4.02 41.73
CA CYS H 211 6.05 -3.48 42.29
C CYS H 211 5.93 -3.31 43.79
N LEU H 212 6.95 -3.77 44.51
CA LEU H 212 7.00 -3.61 45.95
C LEU H 212 8.25 -2.78 46.23
N MET H 213 8.08 -1.69 46.96
CA MET H 213 9.21 -0.81 47.27
C MET H 213 9.35 -0.71 48.77
N TYR H 214 10.59 -0.76 49.24
CA TYR H 214 10.82 -0.62 50.67
C TYR H 214 11.50 0.72 50.93
N GLN H 215 10.94 1.50 51.85
CA GLN H 215 11.48 2.81 52.21
C GLN H 215 11.90 2.77 53.68
N ARG H 216 13.21 2.91 53.92
CA ARG H 216 13.77 2.86 55.29
C ARG H 216 13.35 4.01 56.20
N SER H 217 13.12 5.19 55.61
CA SER H 217 12.77 6.40 56.35
C SER H 217 11.68 7.12 55.56
N CYS H 218 10.58 7.44 56.22
CA CYS H 218 9.46 8.03 55.50
C CYS H 218 8.86 9.27 56.13
N ASP H 219 9.08 10.40 55.47
CA ASP H 219 8.52 11.68 55.91
C ASP H 219 7.10 11.63 55.32
N LEU H 220 6.12 11.28 56.15
CA LEU H 220 4.77 11.15 55.65
C LEU H 220 4.17 12.44 55.08
N GLY H 221 4.44 13.57 55.71
CA GLY H 221 3.92 14.81 55.20
C GLY H 221 4.41 15.19 53.81
N LEU H 222 5.73 15.22 53.62
CA LEU H 222 6.31 15.64 52.33
C LEU H 222 6.80 14.58 51.39
N GLY H 223 7.50 13.57 51.92
CA GLY H 223 8.06 12.56 51.06
C GLY H 223 7.14 11.48 50.50
N VAL H 224 6.42 10.82 51.38
CA VAL H 224 5.56 9.72 50.97
C VAL H 224 4.64 10.04 49.80
N PRO H 225 4.04 11.24 49.77
CA PRO H 225 3.16 11.54 48.63
C PRO H 225 3.95 11.44 47.32
N PHE H 226 5.19 11.90 47.34
CA PHE H 226 6.05 11.81 46.14
C PHE H 226 6.47 10.36 45.87
N ASN H 227 6.91 9.65 46.91
CA ASN H 227 7.34 8.27 46.74
C ASN H 227 6.26 7.41 46.14
N ILE H 228 5.03 7.54 46.63
CA ILE H 228 3.93 6.74 46.12
C ILE H 228 3.71 6.98 44.64
N ALA H 229 3.60 8.25 44.25
CA ALA H 229 3.34 8.57 42.84
C ALA H 229 4.53 8.19 41.97
N SER H 230 5.73 8.43 42.49
CA SER H 230 6.94 8.12 41.75
C SER H 230 7.03 6.64 41.34
N TYR H 231 6.93 5.74 42.32
CA TYR H 231 7.03 4.34 41.97
C TYR H 231 5.85 3.83 41.16
N ALA H 232 4.68 4.43 41.38
CA ALA H 232 3.52 4.05 40.60
C ALA H 232 3.84 4.43 39.15
N LEU H 233 4.38 5.63 38.95
CA LEU H 233 4.72 6.08 37.60
C LEU H 233 5.81 5.22 36.97
N LEU H 234 6.82 4.86 37.78
CA LEU H 234 7.90 4.02 37.26
C LEU H 234 7.32 2.70 36.72
N THR H 235 6.39 2.12 37.48
CA THR H 235 5.78 0.85 37.09
C THR H 235 4.99 1.02 35.79
N HIS H 236 4.30 2.15 35.65
CA HIS H 236 3.54 2.40 34.42
C HIS H 236 4.53 2.48 33.27
N MET H 237 5.63 3.21 33.47
CA MET H 237 6.67 3.37 32.45
C MET H 237 7.23 2.01 32.02
N ILE H 238 7.64 1.21 32.99
CA ILE H 238 8.21 -0.09 32.69
C ILE H 238 7.18 -0.99 32.00
N ALA H 239 5.92 -0.88 32.40
CA ALA H 239 4.87 -1.68 31.80
C ALA H 239 4.75 -1.39 30.32
N LEU H 240 4.86 -0.11 29.94
CA LEU H 240 4.74 0.29 28.55
C LEU H 240 5.86 -0.31 27.72
N ILE H 241 7.09 -0.22 28.23
CA ILE H 241 8.25 -0.73 27.51
C ILE H 241 8.30 -2.24 27.43
N THR H 242 7.72 -2.92 28.42
CA THR H 242 7.76 -4.38 28.44
C THR H 242 6.50 -5.08 27.98
N ASP H 243 5.55 -4.31 27.45
CA ASP H 243 4.28 -4.86 27.00
C ASP H 243 3.53 -5.60 28.12
N THR H 244 3.56 -5.05 29.34
CA THR H 244 2.84 -5.65 30.44
C THR H 244 1.79 -4.67 30.94
N GLU H 245 0.87 -5.14 31.77
CA GLU H 245 -0.20 -4.32 32.31
C GLU H 245 0.04 -4.00 33.79
N PRO H 246 0.15 -2.71 34.13
CA PRO H 246 0.39 -2.36 35.54
C PRO H 246 -0.72 -2.94 36.42
N HIS H 247 -0.34 -3.54 37.53
CA HIS H 247 -1.33 -4.17 38.39
C HIS H 247 -1.39 -3.62 39.81
N GLU H 248 -0.31 -3.74 40.55
CA GLU H 248 -0.33 -3.28 41.94
C GLU H 248 1.00 -2.70 42.40
N PHE H 249 0.93 -1.74 43.31
CA PHE H 249 2.13 -1.13 43.88
C PHE H 249 2.01 -1.29 45.39
N ILE H 250 3.04 -1.88 46.00
CA ILE H 250 3.05 -2.09 47.43
C ILE H 250 4.19 -1.29 48.03
N LEU H 251 3.93 -0.61 49.13
CA LEU H 251 4.96 0.19 49.77
C LEU H 251 5.14 -0.22 51.23
N GLN H 252 6.33 -0.73 51.56
CA GLN H 252 6.61 -1.12 52.96
C GLN H 252 7.52 -0.08 53.57
N MET H 253 7.16 0.40 54.75
CA MET H 253 7.95 1.43 55.43
C MET H 253 8.73 0.88 56.61
N GLY H 254 9.85 1.55 56.89
CA GLY H 254 10.67 1.21 58.03
C GLY H 254 10.34 2.25 59.09
N ASP H 255 11.16 3.29 59.20
CA ASP H 255 10.92 4.36 60.15
C ASP H 255 9.88 5.32 59.54
N ALA H 256 8.62 5.15 59.94
CA ALA H 256 7.51 5.96 59.44
C ALA H 256 7.27 7.09 60.44
N HIS H 257 7.50 8.33 60.01
CA HIS H 257 7.37 9.45 60.92
C HIS H 257 6.67 10.70 60.37
N VAL H 258 6.25 11.54 61.32
CA VAL H 258 5.61 12.81 61.01
C VAL H 258 6.44 13.85 61.74
N TYR H 259 7.02 14.79 61.00
CA TYR H 259 7.82 15.83 61.66
C TYR H 259 6.96 16.69 62.57
N ARG H 260 7.56 17.17 63.66
CA ARG H 260 6.86 18.00 64.65
C ARG H 260 6.14 19.19 64.03
N ASP H 261 6.81 19.86 63.09
CA ASP H 261 6.20 21.02 62.45
C ASP H 261 5.21 20.68 61.35
N HIS H 262 4.89 19.39 61.20
CA HIS H 262 3.92 18.95 60.18
C HIS H 262 2.60 18.51 60.82
N VAL H 263 2.63 18.28 62.13
CA VAL H 263 1.42 17.82 62.84
C VAL H 263 0.18 18.68 62.58
N GLU H 264 0.28 19.98 62.85
CA GLU H 264 -0.87 20.86 62.64
C GLU H 264 -1.30 20.96 61.19
N PRO H 265 -0.35 21.12 60.26
CA PRO H 265 -0.77 21.19 58.85
C PRO H 265 -1.49 19.91 58.40
N LEU H 266 -1.01 18.76 58.86
CA LEU H 266 -1.63 17.49 58.48
C LEU H 266 -3.04 17.32 59.06
N LYS H 267 -3.28 17.86 60.26
CA LYS H 267 -4.61 17.75 60.88
C LYS H 267 -5.64 18.38 59.96
N THR H 268 -5.24 19.44 59.26
CA THR H 268 -6.16 20.08 58.31
C THR H 268 -6.43 19.12 57.16
N GLN H 269 -5.40 18.44 56.70
CA GLN H 269 -5.57 17.49 55.60
C GLN H 269 -6.44 16.30 55.99
N LEU H 270 -6.30 15.85 57.24
CA LEU H 270 -7.07 14.70 57.73
C LEU H 270 -8.58 14.91 57.69
N GLU H 271 -9.00 16.17 57.63
CA GLU H 271 -10.41 16.50 57.59
C GLU H 271 -11.02 16.35 56.20
N ARG H 272 -10.17 16.21 55.19
CA ARG H 272 -10.65 16.13 53.82
C ARG H 272 -10.95 14.75 53.29
N GLU H 273 -12.01 14.67 52.50
CA GLU H 273 -12.43 13.42 51.90
C GLU H 273 -11.75 13.29 50.54
N PRO H 274 -11.10 12.14 50.29
CA PRO H 274 -10.40 11.89 49.01
C PRO H 274 -11.32 11.92 47.80
N ARG H 275 -10.76 12.32 46.65
CA ARG H 275 -11.48 12.32 45.40
C ARG H 275 -10.93 11.11 44.66
N ASP H 276 -11.67 10.58 43.68
CA ASP H 276 -11.17 9.43 42.95
C ASP H 276 -9.81 9.75 42.34
N PHE H 277 -8.90 8.78 42.34
CA PHE H 277 -7.57 8.97 41.79
C PHE H 277 -7.66 9.25 40.30
N PRO H 278 -6.69 10.00 39.76
CA PRO H 278 -6.65 10.34 38.34
C PRO H 278 -6.17 9.16 37.53
N LYS H 279 -6.19 9.31 36.21
CA LYS H 279 -5.71 8.25 35.35
C LYS H 279 -4.53 8.74 34.51
N LEU H 280 -3.64 7.81 34.16
CA LEU H 280 -2.47 8.16 33.37
C LEU H 280 -2.62 7.69 31.92
N LYS H 281 -2.28 8.56 30.99
CA LYS H 281 -2.32 8.23 29.55
C LYS H 281 -1.00 8.70 28.95
N TRP H 282 -0.58 8.09 27.85
CA TRP H 282 0.67 8.48 27.22
C TRP H 282 0.41 9.37 25.99
N ALA H 283 1.20 10.42 25.85
CA ALA H 283 1.04 11.34 24.73
C ALA H 283 1.66 10.77 23.48
N ARG H 284 2.46 9.72 23.63
CA ARG H 284 3.11 9.06 22.49
C ARG H 284 3.00 7.56 22.61
N SER H 285 3.35 6.86 21.53
CA SER H 285 3.27 5.41 21.53
C SER H 285 4.55 4.75 22.05
N LYS H 286 4.47 3.45 22.31
CA LYS H 286 5.62 2.70 22.79
C LYS H 286 6.77 2.83 21.80
N GLU H 287 6.44 2.70 20.52
CA GLU H 287 7.45 2.81 19.47
C GLU H 287 8.11 4.17 19.43
N GLU H 288 7.32 5.23 19.59
CA GLU H 288 7.87 6.58 19.56
C GLU H 288 8.79 6.80 20.76
N ILE H 289 8.34 6.39 21.96
CA ILE H 289 9.15 6.54 23.16
C ILE H 289 10.40 5.67 23.02
N GLY H 290 10.22 4.48 22.47
CA GLY H 290 11.35 3.58 22.26
C GLY H 290 11.75 2.71 23.42
N ASP H 291 12.42 3.28 24.41
CA ASP H 291 12.85 2.51 25.57
C ASP H 291 12.70 3.34 26.85
N ILE H 292 13.16 2.79 27.97
CA ILE H 292 13.04 3.46 29.26
C ILE H 292 13.73 4.81 29.32
N ASP H 293 14.63 5.06 28.38
CA ASP H 293 15.35 6.34 28.37
C ASP H 293 14.73 7.36 27.42
N GLY H 294 13.63 7.00 26.78
CA GLY H 294 13.01 7.90 25.83
C GLY H 294 11.81 8.71 26.31
N PHE H 295 11.49 8.64 27.60
CA PHE H 295 10.36 9.38 28.13
C PHE H 295 10.65 10.87 28.35
N LYS H 296 9.62 11.69 28.19
CA LYS H 296 9.70 13.14 28.37
C LYS H 296 8.57 13.55 29.27
N VAL H 297 8.74 14.64 30.01
CA VAL H 297 7.71 15.11 30.93
C VAL H 297 6.34 15.20 30.24
N GLU H 298 6.33 15.80 29.05
CA GLU H 298 5.08 15.97 28.28
C GLU H 298 4.43 14.66 27.84
N ASP H 299 5.11 13.54 28.04
CA ASP H 299 4.52 12.25 27.64
C ASP H 299 3.47 11.81 28.65
N PHE H 300 3.59 12.31 29.88
CA PHE H 300 2.68 11.94 30.99
C PHE H 300 1.41 12.78 30.99
N VAL H 301 0.32 12.21 30.50
CA VAL H 301 -0.96 12.90 30.46
C VAL H 301 -1.85 12.39 31.59
N VAL H 302 -1.89 13.15 32.69
CA VAL H 302 -2.71 12.80 33.85
C VAL H 302 -4.08 13.49 33.76
N GLU H 303 -5.14 12.70 33.66
CA GLU H 303 -6.45 13.27 33.55
C GLU H 303 -7.34 12.95 34.74
N GLY H 304 -8.23 13.88 35.08
CA GLY H 304 -9.13 13.65 36.20
C GLY H 304 -8.56 13.95 37.57
N TYR H 305 -7.45 14.67 37.63
CA TYR H 305 -6.85 14.98 38.92
C TYR H 305 -7.65 16.14 39.54
N LYS H 306 -8.30 15.88 40.67
CA LYS H 306 -9.11 16.86 41.34
C LYS H 306 -8.80 16.93 42.82
N PRO H 307 -7.65 17.52 43.18
CA PRO H 307 -7.22 17.65 44.57
C PRO H 307 -7.78 18.84 45.31
N TRP H 308 -7.71 18.78 46.63
CA TRP H 308 -8.09 19.89 47.47
C TRP H 308 -6.90 20.87 47.42
N GLY H 309 -6.97 21.93 48.22
CA GLY H 309 -5.92 22.92 48.22
C GLY H 309 -4.57 22.42 48.72
N LYS H 310 -3.53 23.18 48.41
CA LYS H 310 -2.20 22.83 48.83
C LYS H 310 -2.08 23.03 50.34
N ILE H 311 -1.16 22.29 50.95
CA ILE H 311 -0.91 22.40 52.38
C ILE H 311 0.57 22.65 52.55
N ASP H 312 0.92 23.81 53.07
CA ASP H 312 2.31 24.18 53.25
C ASP H 312 2.98 23.40 54.38
N MET H 313 4.15 22.83 54.09
CA MET H 313 4.93 22.07 55.06
C MET H 313 6.39 22.30 54.76
N LYS H 314 7.14 22.67 55.79
CA LYS H 314 8.56 22.95 55.63
C LYS H 314 9.38 21.66 55.68
N MET H 315 10.37 21.56 54.81
CA MET H 315 11.22 20.38 54.78
C MET H 315 12.39 20.57 55.71
N SER H 316 12.69 19.55 56.51
CA SER H 316 13.82 19.65 57.43
C SER H 316 15.04 19.07 56.74
N ALA H 317 16.06 19.93 56.52
CA ALA H 317 17.31 19.52 55.84
C ALA H 317 18.14 18.56 56.68
N PRO I 16 56.43 -32.96 -14.20
CA PRO I 16 56.14 -31.74 -13.42
C PRO I 16 54.77 -31.18 -13.76
N ASP I 17 54.12 -31.75 -14.77
CA ASP I 17 52.80 -31.28 -15.18
C ASP I 17 51.69 -32.18 -14.63
N HIS I 18 52.06 -33.21 -13.88
CA HIS I 18 51.06 -34.11 -13.32
C HIS I 18 50.11 -33.30 -12.44
N GLU I 19 48.82 -33.38 -12.77
CA GLU I 19 47.79 -32.65 -12.04
C GLU I 19 47.77 -32.86 -10.52
N GLU I 20 48.23 -34.01 -10.06
CA GLU I 20 48.24 -34.30 -8.62
C GLU I 20 49.14 -33.35 -7.83
N TYR I 21 50.10 -32.73 -8.51
CA TYR I 21 51.00 -31.80 -7.82
C TYR I 21 50.25 -30.58 -7.31
N GLN I 22 49.08 -30.31 -7.89
CA GLN I 22 48.26 -29.18 -7.44
C GLN I 22 47.88 -29.44 -5.98
N TYR I 23 47.45 -30.67 -5.73
CA TYR I 23 47.04 -31.09 -4.39
C TYR I 23 48.22 -31.14 -3.43
N LEU I 24 49.33 -31.72 -3.87
CA LEU I 24 50.52 -31.82 -3.03
C LEU I 24 51.11 -30.44 -2.73
N ASP I 25 51.19 -29.58 -3.73
CA ASP I 25 51.74 -28.25 -3.56
C ASP I 25 50.90 -27.41 -2.58
N LEU I 26 49.59 -27.49 -2.68
CA LEU I 26 48.72 -26.72 -1.78
C LEU I 26 48.94 -27.12 -0.33
N ILE I 27 49.04 -28.42 -0.08
CA ILE I 27 49.26 -28.92 1.27
C ILE I 27 50.58 -28.41 1.80
N ARG I 28 51.61 -28.44 0.96
CA ARG I 28 52.93 -27.97 1.34
C ARG I 28 52.85 -26.47 1.68
N ARG I 29 52.09 -25.73 0.89
CA ARG I 29 51.93 -24.30 1.12
C ARG I 29 51.19 -24.01 2.42
N ILE I 30 50.10 -24.74 2.65
CA ILE I 30 49.30 -24.56 3.86
C ILE I 30 50.12 -24.82 5.11
N ILE I 31 50.95 -25.86 5.07
CA ILE I 31 51.80 -26.21 6.20
C ILE I 31 52.86 -25.13 6.41
N ASN I 32 53.39 -24.59 5.31
CA ASN I 32 54.43 -23.57 5.36
C ASN I 32 53.96 -22.18 5.79
N VAL I 33 52.99 -21.62 5.07
CA VAL I 33 52.50 -20.28 5.38
C VAL I 33 51.05 -20.22 5.86
N GLY I 34 50.45 -21.38 6.12
CA GLY I 34 49.09 -21.40 6.60
C GLY I 34 48.94 -20.77 7.96
N GLU I 35 47.74 -20.35 8.30
CA GLU I 35 47.46 -19.73 9.59
C GLU I 35 46.92 -20.74 10.59
N VAL I 36 47.54 -20.81 11.76
CA VAL I 36 47.10 -21.74 12.81
C VAL I 36 45.80 -21.20 13.38
N ARG I 37 44.77 -22.03 13.37
CA ARG I 37 43.46 -21.58 13.86
C ARG I 37 42.70 -22.62 14.66
N PRO I 38 41.81 -22.16 15.55
CA PRO I 38 41.00 -23.06 16.38
C PRO I 38 39.85 -23.46 15.46
N ASP I 39 39.10 -24.51 15.82
CA ASP I 39 37.99 -24.91 14.98
C ASP I 39 36.91 -25.65 15.76
N ARG I 40 35.80 -25.94 15.07
CA ARG I 40 34.67 -26.64 15.66
C ARG I 40 35.03 -27.96 16.32
N THR I 41 35.89 -28.75 15.66
CA THR I 41 36.29 -30.05 16.18
C THR I 41 37.15 -29.98 17.44
N GLY I 42 37.93 -28.91 17.56
CA GLY I 42 38.77 -28.76 18.73
C GLY I 42 40.19 -29.27 18.56
N THR I 43 40.49 -29.86 17.41
CA THR I 43 41.84 -30.38 17.18
C THR I 43 42.74 -29.30 16.61
N GLY I 44 42.13 -28.28 16.00
CA GLY I 44 42.89 -27.19 15.43
C GLY I 44 43.36 -27.49 14.01
N THR I 45 43.65 -26.45 13.25
CA THR I 45 44.10 -26.61 11.88
C THR I 45 45.03 -25.46 11.47
N VAL I 46 45.54 -25.57 10.24
CA VAL I 46 46.40 -24.56 9.64
C VAL I 46 45.68 -24.33 8.33
N ALA I 47 45.32 -23.09 8.03
CA ALA I 47 44.56 -22.85 6.81
C ALA I 47 44.86 -21.60 5.99
N LEU I 48 44.33 -21.61 4.77
CA LEU I 48 44.45 -20.52 3.82
C LEU I 48 43.06 -20.36 3.20
N PHE I 49 42.68 -19.13 2.89
CA PHE I 49 41.36 -18.89 2.31
C PHE I 49 41.41 -18.64 0.81
N ALA I 50 40.46 -19.23 0.10
CA ALA I 50 40.33 -19.07 -1.35
C ALA I 50 41.62 -19.20 -2.15
N PRO I 51 42.32 -20.33 -2.03
CA PRO I 51 43.56 -20.47 -2.79
C PRO I 51 43.19 -20.77 -4.25
N PRO I 52 44.16 -20.69 -5.17
CA PRO I 52 43.86 -20.97 -6.58
C PRO I 52 43.13 -22.31 -6.73
N SER I 53 42.12 -22.33 -7.60
CA SER I 53 41.33 -23.54 -7.83
C SER I 53 42.11 -24.65 -8.50
N PHE I 54 41.62 -25.88 -8.36
CA PHE I 54 42.26 -27.04 -8.97
C PHE I 54 41.55 -27.34 -10.29
N ARG I 55 42.31 -27.81 -11.27
CA ARG I 55 41.74 -28.16 -12.57
C ARG I 55 42.21 -29.55 -12.95
N PHE I 56 41.26 -30.44 -13.24
CA PHE I 56 41.58 -31.81 -13.61
C PHE I 56 40.92 -32.19 -14.93
N SER I 57 41.71 -32.73 -15.84
CA SER I 57 41.20 -33.16 -17.14
C SER I 57 40.46 -34.48 -17.00
N LEU I 58 39.28 -34.56 -17.60
CA LEU I 58 38.50 -35.80 -17.55
C LEU I 58 38.44 -36.45 -18.93
N ALA I 59 39.25 -35.92 -19.86
CA ALA I 59 39.30 -36.45 -21.22
C ALA I 59 39.96 -37.83 -21.23
N ASP I 60 39.70 -38.58 -22.30
CA ASP I 60 40.27 -39.91 -22.46
C ASP I 60 39.93 -40.83 -21.28
N ASN I 61 38.71 -40.70 -20.77
CA ASN I 61 38.23 -41.52 -19.66
C ASN I 61 39.09 -41.41 -18.40
N THR I 62 39.80 -40.30 -18.25
CA THR I 62 40.66 -40.11 -17.08
C THR I 62 39.88 -39.84 -15.80
N LEU I 63 40.33 -40.47 -14.71
CA LEU I 63 39.72 -40.30 -13.40
C LEU I 63 40.79 -39.81 -12.43
N PRO I 64 40.67 -38.56 -11.95
CA PRO I 64 41.65 -38.00 -11.02
C PRO I 64 41.61 -38.60 -9.62
N LEU I 65 41.97 -39.88 -9.51
CA LEU I 65 42.00 -40.58 -8.25
C LEU I 65 43.44 -40.51 -7.75
N LEU I 66 43.66 -39.72 -6.69
CA LEU I 66 45.00 -39.55 -6.15
C LEU I 66 45.80 -40.84 -6.04
N THR I 67 47.08 -40.77 -6.39
CA THR I 67 47.95 -41.94 -6.36
C THR I 67 49.03 -41.91 -5.28
N THR I 68 49.27 -40.74 -4.69
CA THR I 68 50.30 -40.63 -3.65
C THR I 68 49.89 -41.34 -2.35
N LYS I 69 48.70 -41.94 -2.36
CA LYS I 69 48.20 -42.68 -1.22
C LYS I 69 47.01 -43.51 -1.73
N ARG I 70 46.77 -44.66 -1.09
CA ARG I 70 45.65 -45.49 -1.52
C ARG I 70 44.33 -44.87 -1.08
N VAL I 71 43.48 -44.55 -2.04
CA VAL I 71 42.19 -43.94 -1.76
C VAL I 71 41.10 -45.01 -1.79
N PHE I 72 40.20 -44.96 -0.80
CA PHE I 72 39.10 -45.92 -0.71
C PHE I 72 38.10 -45.66 -1.84
N LEU I 73 38.44 -46.13 -3.04
CA LEU I 73 37.60 -45.95 -4.21
C LEU I 73 36.15 -46.41 -4.02
N ARG I 74 35.98 -47.64 -3.54
CA ARG I 74 34.64 -48.18 -3.33
C ARG I 74 33.83 -47.29 -2.40
N GLY I 75 34.51 -46.68 -1.43
CA GLY I 75 33.83 -45.78 -0.51
C GLY I 75 33.33 -44.54 -1.22
N VAL I 76 34.14 -44.03 -2.15
CA VAL I 76 33.78 -42.83 -2.91
C VAL I 76 32.55 -43.11 -3.77
N ILE I 77 32.59 -44.23 -4.47
CA ILE I 77 31.48 -44.64 -5.34
C ILE I 77 30.21 -44.86 -4.54
N ALA I 78 30.32 -45.63 -3.45
CA ALA I 78 29.18 -45.91 -2.59
C ALA I 78 28.53 -44.62 -2.10
N GLU I 79 29.32 -43.69 -1.61
CA GLU I 79 28.80 -42.43 -1.12
C GLU I 79 28.10 -41.63 -2.22
N LEU I 80 28.69 -41.63 -3.41
CA LEU I 80 28.12 -40.90 -4.54
C LEU I 80 26.76 -41.45 -4.96
N LEU I 81 26.67 -42.77 -5.14
CA LEU I 81 25.40 -43.40 -5.53
C LEU I 81 24.38 -43.18 -4.42
N TRP I 82 24.89 -43.00 -3.20
CA TRP I 82 24.07 -42.75 -2.03
C TRP I 82 23.48 -41.35 -2.16
N PHE I 83 24.31 -40.38 -2.57
CA PHE I 83 23.84 -39.01 -2.74
C PHE I 83 22.74 -39.01 -3.81
N VAL I 84 23.06 -39.59 -4.96
CA VAL I 84 22.14 -39.67 -6.09
C VAL I 84 20.78 -40.24 -5.71
N SER I 85 20.78 -41.28 -4.88
CA SER I 85 19.53 -41.91 -4.46
C SER I 85 18.69 -41.00 -3.58
N GLY I 86 19.31 -39.94 -3.07
CA GLY I 86 18.61 -39.00 -2.21
C GLY I 86 18.49 -39.50 -0.79
N CYS I 87 19.13 -40.63 -0.51
CA CYS I 87 19.12 -41.23 0.82
C CYS I 87 19.98 -40.45 1.80
N THR I 88 19.55 -40.40 3.06
CA THR I 88 20.27 -39.69 4.10
C THR I 88 20.56 -40.58 5.31
N ASP I 89 20.41 -41.89 5.12
CA ASP I 89 20.65 -42.84 6.20
C ASP I 89 22.06 -43.45 6.05
N ALA I 90 22.95 -43.06 6.96
CA ALA I 90 24.33 -43.54 6.94
C ALA I 90 24.44 -45.05 7.06
N LYS I 91 23.41 -45.69 7.59
CA LYS I 91 23.42 -47.15 7.74
C LYS I 91 23.48 -47.82 6.37
N MET I 92 23.00 -47.11 5.35
CA MET I 92 23.02 -47.65 3.99
C MET I 92 24.45 -47.76 3.49
N LEU I 93 25.36 -47.00 4.10
CA LEU I 93 26.76 -47.01 3.72
C LEU I 93 27.53 -48.01 4.59
N SER I 94 27.29 -47.96 5.90
CA SER I 94 27.97 -48.87 6.82
C SER I 94 27.56 -50.32 6.59
N SER I 95 26.35 -50.52 6.10
CA SER I 95 25.87 -51.88 5.83
C SER I 95 26.65 -52.50 4.67
N GLN I 96 27.24 -51.65 3.83
CA GLN I 96 28.01 -52.15 2.70
C GLN I 96 29.51 -51.94 2.90
N GLY I 97 29.92 -51.83 4.16
CA GLY I 97 31.33 -51.67 4.49
C GLY I 97 31.94 -50.28 4.34
N VAL I 98 31.10 -49.25 4.33
CA VAL I 98 31.60 -47.88 4.20
C VAL I 98 31.17 -47.08 5.42
N GLY I 99 32.13 -46.74 6.28
CA GLY I 99 31.81 -46.00 7.48
C GLY I 99 32.27 -44.56 7.56
N ILE I 100 32.45 -43.92 6.40
CA ILE I 100 32.90 -42.54 6.38
C ILE I 100 31.95 -41.58 7.10
N TRP I 101 30.67 -41.95 7.18
CA TRP I 101 29.69 -41.10 7.85
C TRP I 101 29.25 -41.62 9.22
N ASP I 102 29.90 -42.67 9.70
CA ASP I 102 29.57 -43.23 11.00
C ASP I 102 29.87 -42.24 12.13
N GLY I 103 30.92 -41.46 11.94
CA GLY I 103 31.31 -40.48 12.94
C GLY I 103 30.28 -39.40 13.24
N ASN I 104 29.73 -38.79 12.20
CA ASN I 104 28.74 -37.74 12.37
C ASN I 104 27.32 -38.29 12.45
N GLY I 105 27.18 -39.60 12.27
CA GLY I 105 25.87 -40.21 12.33
C GLY I 105 25.67 -40.98 13.63
N SER I 106 26.72 -41.03 14.44
CA SER I 106 26.67 -41.74 15.71
C SER I 106 25.65 -41.12 16.65
N LYS I 107 25.07 -41.95 17.50
CA LYS I 107 24.07 -41.50 18.47
C LYS I 107 24.68 -40.46 19.39
N GLU I 108 26.01 -40.53 19.57
CA GLU I 108 26.72 -39.59 20.45
C GLU I 108 26.83 -38.21 19.83
N PHE I 109 27.20 -38.15 18.55
CA PHE I 109 27.33 -36.87 17.87
C PHE I 109 25.99 -36.19 17.67
N LEU I 110 25.00 -36.95 17.21
CA LEU I 110 23.67 -36.41 16.98
C LEU I 110 23.13 -35.71 18.23
N GLU I 111 23.18 -36.41 19.36
CA GLU I 111 22.70 -35.84 20.62
C GLU I 111 23.55 -34.64 20.99
N LYS I 112 24.81 -34.67 20.57
CA LYS I 112 25.75 -33.60 20.84
C LYS I 112 25.36 -32.30 20.13
N VAL I 113 24.80 -32.42 18.93
CA VAL I 113 24.38 -31.25 18.16
C VAL I 113 22.89 -30.94 18.27
N GLY I 114 22.25 -31.47 19.31
CA GLY I 114 20.83 -31.22 19.51
C GLY I 114 19.88 -32.03 18.64
N LEU I 115 20.34 -33.18 18.16
CA LEU I 115 19.50 -34.04 17.33
C LEU I 115 19.35 -35.42 17.96
N GLY I 116 19.13 -35.44 19.27
CA GLY I 116 18.98 -36.70 19.97
C GLY I 116 17.70 -37.47 19.70
N HIS I 117 16.72 -36.80 19.12
CA HIS I 117 15.44 -37.42 18.80
C HIS I 117 15.53 -38.32 17.57
N ARG I 118 16.68 -38.30 16.92
CA ARG I 118 16.87 -39.11 15.72
C ARG I 118 17.60 -40.41 16.01
N ARG I 119 17.28 -41.44 15.23
CA ARG I 119 17.94 -42.74 15.42
C ARG I 119 19.34 -42.62 14.83
N GLU I 120 20.26 -43.44 15.33
CA GLU I 120 21.64 -43.41 14.84
C GLU I 120 21.70 -43.60 13.33
N GLY I 121 22.46 -42.75 12.66
CA GLY I 121 22.60 -42.85 11.22
C GLY I 121 21.74 -41.87 10.43
N ASP I 122 20.70 -41.34 11.07
CA ASP I 122 19.82 -40.39 10.41
C ASP I 122 20.45 -39.00 10.44
N LEU I 123 21.22 -38.69 9.40
CA LEU I 123 21.92 -37.42 9.27
C LEU I 123 21.03 -36.21 9.03
N GLY I 124 19.80 -36.44 8.60
CA GLY I 124 18.90 -35.32 8.32
C GLY I 124 18.85 -35.01 6.85
N PRO I 125 18.28 -33.87 6.45
CA PRO I 125 18.17 -33.47 5.04
C PRO I 125 19.49 -32.98 4.44
N VAL I 126 20.48 -33.88 4.39
CA VAL I 126 21.79 -33.53 3.84
C VAL I 126 21.88 -33.76 2.33
N TYR I 127 23.07 -33.56 1.78
CA TYR I 127 23.37 -33.72 0.36
C TYR I 127 22.28 -34.34 -0.51
N GLY I 128 22.23 -35.67 -0.53
CA GLY I 128 21.25 -36.39 -1.33
C GLY I 128 19.83 -35.87 -1.31
N PHE I 129 19.32 -35.57 -0.11
CA PHE I 129 17.96 -35.06 0.03
C PHE I 129 17.76 -33.73 -0.68
N GLN I 130 18.71 -32.81 -0.51
CA GLN I 130 18.62 -31.50 -1.15
C GLN I 130 18.72 -31.65 -2.67
N TRP I 131 19.61 -32.52 -3.11
CA TRP I 131 19.84 -32.79 -4.53
C TRP I 131 18.59 -33.24 -5.28
N ARG I 132 17.80 -34.12 -4.66
CA ARG I 132 16.60 -34.63 -5.31
C ARG I 132 15.26 -34.14 -4.75
N HIS I 133 15.28 -33.52 -3.57
CA HIS I 133 14.05 -33.05 -2.95
C HIS I 133 14.16 -31.68 -2.28
N PHE I 134 14.94 -30.78 -2.87
CA PHE I 134 15.10 -29.45 -2.27
C PHE I 134 13.75 -28.78 -2.03
N GLY I 135 13.57 -28.27 -0.80
CA GLY I 135 12.34 -27.59 -0.45
C GLY I 135 11.31 -28.46 0.24
N ALA I 136 11.42 -29.77 0.08
CA ALA I 136 10.48 -30.70 0.71
C ALA I 136 10.63 -30.70 2.22
N GLU I 137 9.56 -31.06 2.91
CA GLU I 137 9.56 -31.12 4.37
C GLU I 137 10.22 -32.42 4.82
N TYR I 138 11.21 -32.30 5.71
CA TYR I 138 11.92 -33.48 6.19
C TYR I 138 11.37 -33.97 7.53
N THR I 139 11.07 -35.26 7.60
CA THR I 139 10.59 -35.87 8.84
C THR I 139 11.74 -36.68 9.40
N ASP I 140 12.02 -37.83 8.78
CA ASP I 140 13.13 -38.68 9.19
C ASP I 140 13.71 -39.32 7.92
N ALA I 141 14.68 -40.24 8.04
CA ALA I 141 15.24 -40.85 6.83
C ALA I 141 14.34 -41.86 6.13
N ASP I 142 13.27 -42.27 6.81
CA ASP I 142 12.34 -43.24 6.24
C ASP I 142 11.16 -42.56 5.56
N GLY I 143 11.12 -41.23 5.64
CA GLY I 143 10.03 -40.49 5.02
C GLY I 143 9.88 -40.73 3.53
N ASP I 144 8.65 -40.59 3.04
CA ASP I 144 8.36 -40.77 1.62
C ASP I 144 8.47 -39.41 0.93
N TYR I 145 9.55 -39.21 0.19
CA TYR I 145 9.79 -37.94 -0.49
C TYR I 145 9.68 -38.03 -2.01
N LYS I 146 9.31 -39.20 -2.52
CA LYS I 146 9.18 -39.39 -3.95
C LYS I 146 8.22 -38.36 -4.54
N GLY I 147 8.69 -37.63 -5.55
CA GLY I 147 7.88 -36.62 -6.19
C GLY I 147 7.70 -35.34 -5.40
N LYS I 148 8.44 -35.21 -4.31
CA LYS I 148 8.36 -34.02 -3.47
C LYS I 148 9.64 -33.19 -3.55
N GLY I 149 9.48 -31.88 -3.55
CA GLY I 149 10.63 -30.99 -3.62
C GLY I 149 11.14 -30.87 -5.04
N VAL I 150 12.22 -30.11 -5.22
CA VAL I 150 12.81 -29.91 -6.54
C VAL I 150 13.91 -30.93 -6.82
N ASP I 151 13.78 -31.65 -7.93
CA ASP I 151 14.80 -32.63 -8.31
C ASP I 151 15.84 -31.95 -9.18
N GLN I 152 16.80 -31.30 -8.53
CA GLN I 152 17.86 -30.58 -9.22
C GLN I 152 18.68 -31.46 -10.16
N LEU I 153 19.02 -32.66 -9.70
CA LEU I 153 19.82 -33.58 -10.51
C LEU I 153 19.20 -33.91 -11.86
N GLN I 154 17.93 -34.34 -11.86
CA GLN I 154 17.28 -34.69 -13.10
C GLN I 154 17.13 -33.48 -14.01
N ARG I 155 16.89 -32.31 -13.40
CA ARG I 155 16.75 -31.09 -14.20
C ARG I 155 18.06 -30.80 -14.90
N VAL I 156 19.17 -31.07 -14.21
CA VAL I 156 20.49 -30.86 -14.79
C VAL I 156 20.65 -31.76 -16.02
N ILE I 157 20.21 -33.01 -15.88
CA ILE I 157 20.28 -33.98 -16.97
C ILE I 157 19.45 -33.52 -18.16
N ASP I 158 18.20 -33.14 -17.89
CA ASP I 158 17.29 -32.69 -18.92
C ASP I 158 17.81 -31.45 -19.63
N THR I 159 18.37 -30.52 -18.86
CA THR I 159 18.88 -29.27 -19.41
C THR I 159 20.11 -29.48 -20.31
N ILE I 160 21.01 -30.35 -19.89
CA ILE I 160 22.21 -30.63 -20.67
C ILE I 160 21.84 -31.22 -22.02
N LYS I 161 20.79 -32.04 -22.03
CA LYS I 161 20.32 -32.70 -23.25
C LYS I 161 19.48 -31.82 -24.17
N ASN I 162 18.59 -31.02 -23.61
CA ASN I 162 17.70 -30.19 -24.41
C ASN I 162 18.00 -28.70 -24.52
N ASN I 163 18.86 -28.19 -23.64
CA ASN I 163 19.21 -26.77 -23.67
C ASN I 163 20.56 -26.57 -22.99
N PRO I 164 21.62 -27.15 -23.58
CA PRO I 164 23.01 -27.11 -23.11
C PRO I 164 23.61 -25.73 -22.84
N THR I 165 23.22 -24.73 -23.61
CA THR I 165 23.77 -23.39 -23.42
C THR I 165 23.14 -22.65 -22.24
N ASP I 166 22.20 -23.30 -21.56
CA ASP I 166 21.53 -22.70 -20.41
C ASP I 166 22.63 -22.34 -19.41
N ARG I 167 22.44 -21.24 -18.69
CA ARG I 167 23.44 -20.78 -17.72
C ARG I 167 23.03 -20.98 -16.26
N ARG I 168 22.05 -21.85 -16.04
CA ARG I 168 21.56 -22.16 -14.69
C ARG I 168 21.67 -23.64 -14.34
N ILE I 169 22.57 -24.36 -14.99
CA ILE I 169 22.74 -25.79 -14.73
C ILE I 169 23.45 -25.98 -13.39
N ILE I 170 22.69 -25.79 -12.31
CA ILE I 170 23.23 -25.87 -10.96
C ILE I 170 22.70 -27.03 -10.11
N LEU I 171 23.60 -27.59 -9.30
CA LEU I 171 23.26 -28.68 -8.39
C LEU I 171 23.76 -28.23 -7.02
N SER I 172 22.86 -27.84 -6.14
CA SER I 172 23.24 -27.35 -4.81
C SER I 172 22.57 -28.06 -3.65
N ALA I 173 23.32 -28.23 -2.56
CA ALA I 173 22.81 -28.89 -1.37
C ALA I 173 22.67 -27.88 -0.23
N TRP I 174 23.11 -26.64 -0.48
CA TRP I 174 23.03 -25.61 0.54
C TRP I 174 21.60 -25.13 0.73
N ASN I 175 21.10 -25.28 1.96
CA ASN I 175 19.75 -24.87 2.30
C ASN I 175 19.78 -24.24 3.69
N PRO I 176 19.85 -22.90 3.76
CA PRO I 176 19.90 -22.17 5.03
C PRO I 176 18.79 -22.56 6.02
N LYS I 177 17.61 -22.91 5.50
CA LYS I 177 16.50 -23.28 6.35
C LYS I 177 16.65 -24.67 6.98
N ASP I 178 17.21 -25.60 6.23
CA ASP I 178 17.38 -26.97 6.73
C ASP I 178 18.67 -27.21 7.50
N LEU I 179 19.64 -26.30 7.40
CA LEU I 179 20.92 -26.45 8.07
C LEU I 179 20.86 -27.01 9.50
N PRO I 180 20.07 -26.38 10.38
CA PRO I 180 19.98 -26.90 11.76
C PRO I 180 19.49 -28.34 11.89
N LEU I 181 18.85 -28.86 10.85
CA LEU I 181 18.36 -30.24 10.87
C LEU I 181 19.43 -31.20 10.38
N MET I 182 20.53 -30.65 9.88
CA MET I 182 21.63 -31.44 9.36
C MET I 182 22.68 -31.75 10.41
N ALA I 183 23.16 -32.99 10.42
CA ALA I 183 24.18 -33.40 11.38
C ALA I 183 25.43 -32.58 11.08
N LEU I 184 25.59 -32.20 9.82
CA LEU I 184 26.74 -31.42 9.39
C LEU I 184 26.36 -30.65 8.12
N PRO I 185 26.69 -29.34 8.06
CA PRO I 185 26.36 -28.55 6.88
C PRO I 185 27.16 -29.03 5.68
N PRO I 186 26.58 -28.92 4.47
CA PRO I 186 27.27 -29.35 3.24
C PRO I 186 28.63 -28.70 3.06
N CYS I 187 29.65 -29.50 2.78
CA CYS I 187 31.00 -28.98 2.55
C CYS I 187 31.05 -28.58 1.07
N HIS I 188 30.75 -29.53 0.21
CA HIS I 188 30.69 -29.23 -1.22
C HIS I 188 29.25 -28.77 -1.38
N MET I 189 29.04 -27.48 -1.23
CA MET I 189 27.70 -26.89 -1.28
C MET I 189 27.01 -26.77 -2.62
N PHE I 190 27.75 -26.89 -3.72
CA PHE I 190 27.13 -26.79 -5.04
C PHE I 190 28.16 -26.90 -6.15
N CYS I 191 27.67 -27.18 -7.36
CA CYS I 191 28.52 -27.27 -8.53
C CYS I 191 27.73 -26.79 -9.73
N GLN I 192 28.44 -26.36 -10.77
CA GLN I 192 27.81 -25.87 -11.98
C GLN I 192 28.40 -26.60 -13.19
N PHE I 193 27.52 -27.10 -14.06
CA PHE I 193 27.97 -27.80 -15.25
C PHE I 193 27.93 -26.88 -16.46
N PHE I 194 28.84 -27.11 -17.40
CA PHE I 194 28.92 -26.32 -18.61
C PHE I 194 29.10 -27.25 -19.80
N VAL I 195 28.40 -26.96 -20.88
CA VAL I 195 28.46 -27.79 -22.08
C VAL I 195 29.00 -27.02 -23.29
N SER I 196 30.10 -27.49 -23.84
CA SER I 196 30.69 -26.86 -25.02
C SER I 196 30.08 -27.53 -26.25
N LEU I 197 29.53 -26.72 -27.14
CA LEU I 197 28.92 -27.24 -28.36
C LEU I 197 29.98 -27.77 -29.31
N PRO I 198 29.60 -28.74 -30.17
CA PRO I 198 30.51 -29.33 -31.15
C PRO I 198 31.09 -28.28 -32.08
N PRO I 199 32.42 -28.30 -32.29
CA PRO I 199 33.08 -27.33 -33.17
C PRO I 199 32.52 -27.38 -34.59
N PRO I 203 30.56 -31.24 -36.55
CA PRO I 203 29.31 -31.14 -35.79
C PRO I 203 28.79 -32.49 -35.31
N GLY I 204 29.51 -33.55 -35.66
CA GLY I 204 29.10 -34.88 -35.26
C GLY I 204 29.65 -35.28 -33.91
N SER I 205 30.69 -34.57 -33.46
CA SER I 205 31.32 -34.86 -32.17
C SER I 205 30.35 -34.63 -31.02
N LYS I 206 30.66 -35.23 -29.88
CA LYS I 206 29.83 -35.08 -28.69
C LYS I 206 30.16 -33.78 -27.97
N PRO I 207 29.14 -33.09 -27.43
CA PRO I 207 29.41 -31.84 -26.71
C PRO I 207 30.29 -32.17 -25.51
N LYS I 208 31.13 -31.23 -25.09
CA LYS I 208 32.00 -31.47 -23.94
C LYS I 208 31.38 -30.97 -22.65
N LEU I 209 31.44 -31.80 -21.62
CA LEU I 209 30.86 -31.46 -20.31
C LEU I 209 31.91 -31.15 -19.26
N SER I 210 31.76 -30.02 -18.60
CA SER I 210 32.67 -29.60 -17.55
C SER I 210 31.90 -29.38 -16.25
N CYS I 211 32.60 -29.39 -15.13
CA CYS I 211 31.98 -29.21 -13.83
C CYS I 211 32.84 -28.41 -12.87
N LEU I 212 32.25 -27.40 -12.25
CA LEU I 212 32.95 -26.57 -11.28
C LEU I 212 32.23 -26.75 -9.96
N MET I 213 32.95 -27.18 -8.94
CA MET I 213 32.37 -27.37 -7.62
C MET I 213 33.04 -26.47 -6.59
N TYR I 214 32.25 -25.88 -5.72
CA TYR I 214 32.77 -25.00 -4.69
C TYR I 214 32.62 -25.67 -3.32
N GLN I 215 33.74 -25.78 -2.60
CA GLN I 215 33.75 -26.40 -1.28
C GLN I 215 34.10 -25.35 -0.23
N ARG I 216 33.15 -25.05 0.65
CA ARG I 216 33.34 -24.05 1.71
C ARG I 216 34.42 -24.41 2.72
N SER I 217 34.47 -25.68 3.10
CA SER I 217 35.45 -26.16 4.08
C SER I 217 36.11 -27.41 3.51
N CYS I 218 37.45 -27.41 3.45
CA CYS I 218 38.16 -28.53 2.87
C CYS I 218 39.23 -29.20 3.73
N ASP I 219 38.98 -30.45 4.10
CA ASP I 219 39.92 -31.22 4.89
C ASP I 219 40.81 -31.88 3.83
N LEU I 220 41.91 -31.23 3.49
CA LEU I 220 42.80 -31.76 2.45
C LEU I 220 43.32 -33.16 2.69
N GLY I 221 43.61 -33.49 3.94
CA GLY I 221 44.10 -34.82 4.23
C GLY I 221 43.11 -35.93 3.93
N LEU I 222 41.90 -35.82 4.47
CA LEU I 222 40.88 -36.83 4.29
C LEU I 222 39.73 -36.52 3.32
N GLY I 223 39.21 -35.30 3.38
CA GLY I 223 38.09 -34.93 2.53
C GLY I 223 38.38 -34.72 1.06
N VAL I 224 39.21 -33.73 0.74
CA VAL I 224 39.54 -33.40 -0.65
C VAL I 224 39.77 -34.59 -1.58
N PRO I 225 40.52 -35.61 -1.14
CA PRO I 225 40.74 -36.76 -2.02
C PRO I 225 39.43 -37.39 -2.48
N PHE I 226 38.47 -37.49 -1.56
CA PHE I 226 37.16 -38.05 -1.88
C PHE I 226 36.37 -37.09 -2.75
N ASN I 227 36.34 -35.82 -2.36
CA ASN I 227 35.62 -34.80 -3.11
C ASN I 227 36.01 -34.74 -4.57
N ILE I 228 37.31 -34.75 -4.83
CA ILE I 228 37.81 -34.70 -6.21
C ILE I 228 37.32 -35.87 -7.04
N ALA I 229 37.54 -37.08 -6.54
CA ALA I 229 37.11 -38.28 -7.24
C ALA I 229 35.59 -38.36 -7.38
N SER I 230 34.89 -37.94 -6.33
CA SER I 230 33.43 -37.96 -6.33
C SER I 230 32.82 -37.14 -7.46
N TYR I 231 33.13 -35.85 -7.50
CA TYR I 231 32.60 -34.99 -8.54
C TYR I 231 33.11 -35.32 -9.93
N ALA I 232 34.28 -35.93 -10.00
CA ALA I 232 34.83 -36.33 -11.28
C ALA I 232 33.97 -37.49 -11.78
N LEU I 233 33.62 -38.39 -10.86
CA LEU I 233 32.79 -39.54 -11.19
C LEU I 233 31.37 -39.10 -11.55
N LEU I 234 30.85 -38.12 -10.82
CA LEU I 234 29.51 -37.62 -11.08
C LEU I 234 29.43 -37.07 -12.50
N THR I 235 30.49 -36.37 -12.91
CA THR I 235 30.54 -35.78 -14.24
C THR I 235 30.56 -36.88 -15.30
N HIS I 236 31.30 -37.95 -15.02
CA HIS I 236 31.38 -39.08 -15.95
C HIS I 236 30.00 -39.72 -16.07
N MET I 237 29.33 -39.88 -14.93
CA MET I 237 28.00 -40.46 -14.89
C MET I 237 27.03 -39.65 -15.74
N ILE I 238 26.96 -38.35 -15.46
CA ILE I 238 26.07 -37.46 -16.18
C ILE I 238 26.40 -37.42 -17.67
N ALA I 239 27.68 -37.50 -18.01
CA ALA I 239 28.10 -37.48 -19.39
C ALA I 239 27.53 -38.67 -20.16
N LEU I 240 27.52 -39.84 -19.52
CA LEU I 240 26.99 -41.05 -20.13
C LEU I 240 25.50 -40.95 -20.40
N ILE I 241 24.75 -40.43 -19.44
CA ILE I 241 23.31 -40.29 -19.58
C ILE I 241 22.88 -39.18 -20.54
N THR I 242 23.74 -38.18 -20.72
CA THR I 242 23.41 -37.05 -21.60
C THR I 242 24.10 -37.10 -22.96
N ASP I 243 24.81 -38.19 -23.23
CA ASP I 243 25.53 -38.33 -24.50
C ASP I 243 26.56 -37.22 -24.71
N THR I 244 27.23 -36.83 -23.64
CA THR I 244 28.26 -35.80 -23.72
C THR I 244 29.59 -36.41 -23.34
N GLU I 245 30.67 -35.69 -23.64
CA GLU I 245 32.02 -36.17 -23.35
C GLU I 245 32.63 -35.40 -22.17
N PRO I 246 32.99 -36.11 -21.09
CA PRO I 246 33.58 -35.43 -19.94
C PRO I 246 34.84 -34.67 -20.36
N HIS I 247 34.94 -33.42 -19.93
CA HIS I 247 36.07 -32.59 -20.33
C HIS I 247 36.97 -32.12 -19.19
N GLU I 248 36.40 -31.32 -18.29
CA GLU I 248 37.19 -30.78 -17.19
C GLU I 248 36.42 -30.63 -15.88
N PHE I 249 37.14 -30.77 -14.77
CA PHE I 249 36.56 -30.61 -13.44
C PHE I 249 37.35 -29.56 -12.69
N ILE I 250 36.67 -28.52 -12.25
CA ILE I 250 37.31 -27.43 -11.51
C ILE I 250 36.83 -27.44 -10.06
N LEU I 251 37.76 -27.30 -9.13
CA LEU I 251 37.41 -27.28 -7.71
C LEU I 251 37.92 -26.02 -7.01
N GLN I 252 36.98 -25.18 -6.58
CA GLN I 252 37.33 -23.96 -5.87
C GLN I 252 37.10 -24.17 -4.38
N MET I 253 38.10 -23.82 -3.59
CA MET I 253 38.02 -23.99 -2.15
C MET I 253 37.84 -22.70 -1.37
N GLY I 254 37.16 -22.80 -0.24
CA GLY I 254 36.96 -21.65 0.62
C GLY I 254 37.99 -21.78 1.72
N ASP I 255 37.57 -22.38 2.83
CA ASP I 255 38.48 -22.59 3.96
C ASP I 255 39.27 -23.88 3.70
N ALA I 256 40.45 -23.74 3.13
CA ALA I 256 41.32 -24.88 2.85
C ALA I 256 42.24 -25.09 4.04
N HIS I 257 42.10 -26.24 4.70
CA HIS I 257 42.90 -26.52 5.88
C HIS I 257 43.48 -27.92 6.00
N VAL I 258 44.48 -28.03 6.88
CA VAL I 258 45.16 -29.29 7.17
C VAL I 258 45.09 -29.44 8.69
N TYR I 259 44.41 -30.46 9.17
CA TYR I 259 44.30 -30.68 10.61
C TYR I 259 45.67 -30.90 11.24
N ARG I 260 45.83 -30.43 12.48
CA ARG I 260 47.08 -30.55 13.20
C ARG I 260 47.64 -31.96 13.22
N ASP I 261 46.77 -32.94 13.46
CA ASP I 261 47.20 -34.33 13.51
C ASP I 261 47.37 -35.00 12.15
N HIS I 262 47.34 -34.19 11.09
CA HIS I 262 47.51 -34.70 9.73
C HIS I 262 48.85 -34.24 9.13
N VAL I 263 49.43 -33.20 9.72
CA VAL I 263 50.70 -32.65 9.24
C VAL I 263 51.79 -33.69 9.01
N GLU I 264 52.14 -34.45 10.05
CA GLU I 264 53.18 -35.45 9.93
C GLU I 264 52.85 -36.53 8.91
N PRO I 265 51.62 -37.10 8.97
CA PRO I 265 51.27 -38.14 8.01
C PRO I 265 51.38 -37.65 6.56
N LEU I 266 50.96 -36.40 6.33
CA LEU I 266 50.99 -35.82 5.00
C LEU I 266 52.42 -35.58 4.51
N LYS I 267 53.33 -35.26 5.42
CA LYS I 267 54.72 -35.03 5.03
C LYS I 267 55.29 -36.28 4.35
N THR I 268 54.83 -37.44 4.80
CA THR I 268 55.27 -38.71 4.22
C THR I 268 54.74 -38.80 2.79
N GLN I 269 53.50 -38.38 2.59
CA GLN I 269 52.87 -38.42 1.27
C GLN I 269 53.53 -37.44 0.31
N LEU I 270 53.94 -36.30 0.82
CA LEU I 270 54.58 -35.27 -0.01
C LEU I 270 55.88 -35.74 -0.65
N GLU I 271 56.46 -36.81 -0.10
CA GLU I 271 57.71 -37.36 -0.61
C GLU I 271 57.50 -38.27 -1.81
N ARG I 272 56.25 -38.67 -2.04
CA ARG I 272 55.93 -39.57 -3.13
C ARG I 272 55.64 -38.91 -4.47
N GLU I 273 56.09 -39.57 -5.55
CA GLU I 273 55.88 -39.08 -6.90
C GLU I 273 54.62 -39.73 -7.46
N PRO I 274 53.68 -38.91 -7.96
CA PRO I 274 52.42 -39.39 -8.52
C PRO I 274 52.57 -40.35 -9.69
N ARG I 275 51.64 -41.30 -9.79
CA ARG I 275 51.60 -42.25 -10.90
C ARG I 275 50.50 -41.72 -11.82
N ASP I 276 50.54 -42.09 -13.09
CA ASP I 276 49.50 -41.62 -14.02
C ASP I 276 48.12 -42.00 -13.49
N PHE I 277 47.16 -41.09 -13.61
CA PHE I 277 45.80 -41.36 -13.15
C PHE I 277 45.20 -42.55 -13.88
N PRO I 278 44.29 -43.27 -13.21
CA PRO I 278 43.63 -44.43 -13.81
C PRO I 278 42.54 -43.97 -14.76
N LYS I 279 41.92 -44.92 -15.46
CA LYS I 279 40.85 -44.58 -16.38
C LYS I 279 39.55 -45.27 -15.99
N LEU I 280 38.43 -44.63 -16.29
CA LEU I 280 37.12 -45.17 -15.96
C LEU I 280 36.42 -45.78 -17.16
N LYS I 281 35.84 -46.96 -16.96
CA LYS I 281 35.12 -47.66 -18.01
C LYS I 281 33.81 -48.16 -17.40
N TRP I 282 32.77 -48.28 -18.22
CA TRP I 282 31.48 -48.74 -17.73
C TRP I 282 31.29 -50.24 -18.02
N ALA I 283 30.79 -50.97 -17.02
CA ALA I 283 30.57 -52.40 -17.17
C ALA I 283 29.30 -52.67 -17.97
N ARG I 284 28.47 -51.64 -18.12
CA ARG I 284 27.23 -51.77 -18.88
C ARG I 284 27.06 -50.58 -19.83
N SER I 285 26.08 -50.70 -20.72
CA SER I 285 25.83 -49.63 -21.69
C SER I 285 24.87 -48.58 -21.14
N LYS I 286 24.76 -47.47 -21.86
CA LYS I 286 23.87 -46.38 -21.47
C LYS I 286 22.45 -46.91 -21.37
N GLU I 287 22.04 -47.68 -22.37
CA GLU I 287 20.70 -48.25 -22.42
C GLU I 287 20.42 -49.15 -21.22
N GLU I 288 21.38 -49.98 -20.85
CA GLU I 288 21.23 -50.89 -19.73
C GLU I 288 21.11 -50.12 -18.41
N ILE I 289 21.97 -49.13 -18.22
CA ILE I 289 21.94 -48.32 -17.02
C ILE I 289 20.65 -47.51 -16.99
N GLY I 290 20.22 -47.03 -18.16
CA GLY I 290 18.99 -46.28 -18.26
C GLY I 290 19.10 -44.79 -17.96
N ASP I 291 19.08 -44.45 -16.68
CA ASP I 291 19.17 -43.06 -16.26
C ASP I 291 20.14 -42.88 -15.10
N ILE I 292 20.17 -41.68 -14.54
CA ILE I 292 21.09 -41.36 -13.44
C ILE I 292 20.84 -42.21 -12.19
N ASP I 293 19.64 -42.77 -12.08
CA ASP I 293 19.30 -43.61 -10.93
C ASP I 293 19.54 -45.10 -11.17
N GLY I 294 20.11 -45.43 -12.33
CA GLY I 294 20.35 -46.83 -12.64
C GLY I 294 21.77 -47.35 -12.46
N PHE I 295 22.66 -46.53 -11.90
CA PHE I 295 24.03 -46.96 -11.71
C PHE I 295 24.21 -47.87 -10.50
N LYS I 296 25.19 -48.76 -10.60
CA LYS I 296 25.52 -49.70 -9.53
C LYS I 296 27.03 -49.65 -9.31
N VAL I 297 27.47 -49.97 -8.10
CA VAL I 297 28.90 -49.95 -7.78
C VAL I 297 29.72 -50.72 -8.80
N GLU I 298 29.27 -51.92 -9.14
CA GLU I 298 29.97 -52.77 -10.10
C GLU I 298 30.04 -52.22 -11.52
N ASP I 299 29.29 -51.15 -11.80
CA ASP I 299 29.33 -50.56 -13.14
C ASP I 299 30.61 -49.78 -13.35
N PHE I 300 31.20 -49.31 -12.26
CA PHE I 300 32.43 -48.52 -12.33
C PHE I 300 33.68 -49.40 -12.44
N VAL I 301 34.24 -49.48 -13.64
CA VAL I 301 35.44 -50.26 -13.87
C VAL I 301 36.66 -49.34 -13.97
N VAL I 302 37.38 -49.19 -12.87
CA VAL I 302 38.57 -48.36 -12.83
C VAL I 302 39.81 -49.20 -13.11
N GLU I 303 40.49 -48.91 -14.21
CA GLU I 303 41.67 -49.65 -14.59
C GLU I 303 42.93 -48.80 -14.59
N GLY I 304 44.06 -49.42 -14.25
CA GLY I 304 45.32 -48.70 -14.22
C GLY I 304 45.59 -47.94 -12.95
N TYR I 305 44.85 -48.21 -11.88
CA TYR I 305 45.08 -47.52 -10.62
C TYR I 305 46.29 -48.12 -9.94
N LYS I 306 47.35 -47.33 -9.79
CA LYS I 306 48.58 -47.80 -9.16
C LYS I 306 49.08 -46.81 -8.11
N PRO I 307 48.42 -46.78 -6.94
CA PRO I 307 48.77 -45.88 -5.85
C PRO I 307 49.85 -46.40 -4.92
N TRP I 308 50.39 -45.52 -4.09
CA TRP I 308 51.40 -45.91 -3.11
C TRP I 308 50.63 -46.43 -1.92
N GLY I 309 51.34 -46.75 -0.84
CA GLY I 309 50.68 -47.28 0.34
C GLY I 309 49.69 -46.33 0.98
N LYS I 310 48.82 -46.88 1.83
CA LYS I 310 47.82 -46.08 2.52
C LYS I 310 48.50 -45.23 3.57
N ILE I 311 47.86 -44.12 3.92
CA ILE I 311 48.39 -43.22 4.94
C ILE I 311 47.28 -42.99 5.96
N ASP I 312 47.51 -43.46 7.17
CA ASP I 312 46.53 -43.34 8.24
C ASP I 312 46.36 -41.91 8.73
N MET I 313 45.12 -41.45 8.78
CA MET I 313 44.79 -40.12 9.25
C MET I 313 43.44 -40.19 9.97
N LYS I 314 43.41 -39.68 11.20
CA LYS I 314 42.19 -39.69 12.00
C LYS I 314 41.26 -38.53 11.62
N MET I 315 39.97 -38.82 11.53
CA MET I 315 39.00 -37.80 11.19
C MET I 315 38.49 -37.14 12.47
N SER I 316 38.41 -35.81 12.46
CA SER I 316 37.93 -35.07 13.61
C SER I 316 36.43 -34.83 13.47
N ALA I 317 35.66 -35.43 14.38
CA ALA I 317 34.20 -35.30 14.38
C ALA I 317 33.74 -33.87 14.67
N PRO J 16 51.91 -2.58 -14.40
CA PRO J 16 51.46 -3.87 -14.93
C PRO J 16 50.80 -4.72 -13.84
N ASP J 17 50.95 -4.29 -12.59
CA ASP J 17 50.38 -5.02 -11.46
C ASP J 17 49.00 -4.49 -11.07
N HIS J 18 48.52 -3.48 -11.78
CA HIS J 18 47.21 -2.92 -11.47
C HIS J 18 46.17 -4.03 -11.59
N GLU J 19 45.40 -4.22 -10.51
CA GLU J 19 44.38 -5.26 -10.46
C GLU J 19 43.33 -5.19 -11.57
N GLU J 20 43.10 -4.00 -12.12
CA GLU J 20 42.10 -3.85 -13.16
C GLU J 20 42.45 -4.61 -14.44
N TYR J 21 43.73 -4.91 -14.62
CA TYR J 21 44.17 -5.64 -15.81
C TYR J 21 43.58 -7.05 -15.83
N GLN J 22 43.21 -7.56 -14.66
CA GLN J 22 42.61 -8.90 -14.56
C GLN J 22 41.34 -8.88 -15.39
N TYR J 23 40.56 -7.83 -15.20
CA TYR J 23 39.29 -7.64 -15.89
C TYR J 23 39.51 -7.42 -17.39
N LEU J 24 40.43 -6.52 -17.73
CA LEU J 24 40.74 -6.22 -19.13
C LEU J 24 41.31 -7.43 -19.85
N ASP J 25 42.23 -8.14 -19.22
CA ASP J 25 42.85 -9.31 -19.82
C ASP J 25 41.84 -10.43 -20.10
N LEU J 26 40.92 -10.65 -19.17
CA LEU J 26 39.92 -11.70 -19.36
C LEU J 26 39.02 -11.39 -20.54
N ILE J 27 38.63 -10.13 -20.68
CA ILE J 27 37.77 -9.72 -21.80
C ILE J 27 38.51 -9.95 -23.11
N ARG J 28 39.79 -9.56 -23.13
CA ARG J 28 40.61 -9.73 -24.32
C ARG J 28 40.69 -11.22 -24.68
N ARG J 29 40.87 -12.06 -23.66
CA ARG J 29 40.96 -13.49 -23.87
C ARG J 29 39.65 -14.09 -24.39
N ILE J 30 38.54 -13.67 -23.80
CA ILE J 30 37.22 -14.17 -24.22
C ILE J 30 36.96 -13.83 -25.67
N ILE J 31 37.27 -12.60 -26.06
CA ILE J 31 37.06 -12.16 -27.44
C ILE J 31 37.96 -12.96 -28.38
N ASN J 32 39.19 -13.20 -27.96
CA ASN J 32 40.17 -13.93 -28.76
C ASN J 32 39.90 -15.43 -28.92
N VAL J 33 39.83 -16.15 -27.80
CA VAL J 33 39.61 -17.59 -27.86
C VAL J 33 38.27 -18.08 -27.31
N GLY J 34 37.39 -17.15 -26.98
CA GLY J 34 36.09 -17.53 -26.45
C GLY J 34 35.27 -18.30 -27.47
N GLU J 35 34.27 -19.03 -26.98
CA GLU J 35 33.40 -19.82 -27.85
C GLU J 35 32.09 -19.08 -28.14
N VAL J 36 31.77 -18.93 -29.42
CA VAL J 36 30.55 -18.26 -29.83
C VAL J 36 29.37 -19.16 -29.46
N ARG J 37 28.42 -18.62 -28.71
CA ARG J 37 27.28 -19.42 -28.27
C ARG J 37 25.95 -18.68 -28.28
N PRO J 38 24.85 -19.43 -28.45
CA PRO J 38 23.51 -18.84 -28.47
C PRO J 38 23.16 -18.67 -26.99
N ASP J 39 22.14 -17.87 -26.68
CA ASP J 39 21.79 -17.67 -25.28
C ASP J 39 20.32 -17.30 -25.09
N ARG J 40 19.90 -17.27 -23.84
CA ARG J 40 18.52 -16.95 -23.48
C ARG J 40 18.02 -15.63 -24.08
N THR J 41 18.85 -14.59 -24.04
CA THR J 41 18.46 -13.28 -24.57
C THR J 41 18.28 -13.25 -26.08
N GLY J 42 19.04 -14.08 -26.79
CA GLY J 42 18.92 -14.12 -28.23
C GLY J 42 19.93 -13.26 -28.97
N THR J 43 20.74 -12.51 -28.25
CA THR J 43 21.74 -11.64 -28.89
C THR J 43 23.03 -12.41 -29.15
N GLY J 44 23.24 -13.48 -28.37
CA GLY J 44 24.45 -14.29 -28.55
C GLY J 44 25.63 -13.76 -27.76
N THR J 45 26.59 -14.63 -27.48
CA THR J 45 27.77 -14.25 -26.72
C THR J 45 28.99 -15.08 -27.11
N VAL J 46 30.12 -14.70 -26.53
CA VAL J 46 31.38 -15.41 -26.73
C VAL J 46 31.77 -15.69 -25.28
N ALA J 47 32.03 -16.95 -24.95
CA ALA J 47 32.33 -17.27 -23.55
C ALA J 47 33.40 -18.31 -23.25
N LEU J 48 33.79 -18.32 -21.99
CA LEU J 48 34.78 -19.26 -21.44
C LEU J 48 34.22 -19.71 -20.10
N PHE J 49 34.43 -20.98 -19.74
CA PHE J 49 33.92 -21.48 -18.48
C PHE J 49 34.98 -21.60 -17.39
N ALA J 50 34.63 -21.16 -16.19
CA ALA J 50 35.50 -21.22 -15.02
C ALA J 50 36.93 -20.70 -15.23
N PRO J 51 37.08 -19.44 -15.66
CA PRO J 51 38.43 -18.91 -15.85
C PRO J 51 39.03 -18.60 -14.49
N PRO J 52 40.34 -18.33 -14.42
CA PRO J 52 40.96 -18.03 -13.13
C PRO J 52 40.18 -16.91 -12.42
N SER J 53 40.03 -17.04 -11.11
CA SER J 53 39.30 -16.06 -10.32
C SER J 53 40.02 -14.72 -10.21
N PHE J 54 39.28 -13.66 -9.91
CA PHE J 54 39.84 -12.33 -9.73
C PHE J 54 40.11 -12.11 -8.25
N ARG J 55 41.18 -11.38 -7.94
CA ARG J 55 41.52 -11.08 -6.55
C ARG J 55 41.75 -9.59 -6.44
N PHE J 56 41.03 -8.94 -5.52
CA PHE J 56 41.17 -7.50 -5.31
C PHE J 56 41.47 -7.20 -3.85
N SER J 57 42.47 -6.34 -3.64
CA SER J 57 42.84 -5.95 -2.29
C SER J 57 41.89 -4.88 -1.77
N LEU J 58 41.42 -5.05 -0.54
CA LEU J 58 40.51 -4.08 0.05
C LEU J 58 41.20 -3.33 1.19
N ALA J 59 42.51 -3.53 1.30
CA ALA J 59 43.31 -2.88 2.34
C ALA J 59 43.44 -1.39 2.06
N ASP J 60 43.74 -0.62 3.10
CA ASP J 60 43.91 0.82 2.98
C ASP J 60 42.67 1.50 2.38
N ASN J 61 41.50 1.03 2.80
CA ASN J 61 40.22 1.58 2.36
C ASN J 61 40.04 1.58 0.84
N THR J 62 40.75 0.69 0.16
CA THR J 62 40.66 0.61 -1.29
C THR J 62 39.34 0.03 -1.79
N LEU J 63 38.79 0.67 -2.83
CA LEU J 63 37.54 0.22 -3.44
C LEU J 63 37.81 -0.07 -4.92
N PRO J 64 37.74 -1.35 -5.32
CA PRO J 64 37.98 -1.74 -6.71
C PRO J 64 36.89 -1.32 -7.69
N LEU J 65 36.76 -0.01 -7.89
CA LEU J 65 35.78 0.55 -8.81
C LEU J 65 36.51 0.80 -10.13
N LEU J 66 36.19 0.02 -11.15
CA LEU J 66 36.84 0.14 -12.45
C LEU J 66 37.01 1.58 -12.93
N THR J 67 38.17 1.87 -13.48
CA THR J 67 38.50 3.21 -13.96
C THR J 67 38.61 3.33 -15.48
N THR J 68 38.66 2.22 -16.19
CA THR J 68 38.76 2.27 -17.65
C THR J 68 37.45 2.72 -18.29
N LYS J 69 36.46 3.04 -17.46
CA LYS J 69 35.16 3.51 -17.91
C LYS J 69 34.43 4.04 -16.68
N ARG J 70 33.56 5.03 -16.89
CA ARG J 70 32.82 5.60 -15.77
C ARG J 70 31.75 4.62 -15.32
N VAL J 71 31.84 4.19 -14.05
CA VAL J 71 30.87 3.26 -13.49
C VAL J 71 29.83 4.01 -12.65
N PHE J 72 28.57 3.67 -12.84
CA PHE J 72 27.47 4.29 -12.11
C PHE J 72 27.55 3.90 -10.63
N LEU J 73 28.46 4.54 -9.90
CA LEU J 73 28.66 4.27 -8.48
C LEU J 73 27.38 4.33 -7.64
N ARG J 74 26.64 5.42 -7.77
CA ARG J 74 25.40 5.59 -7.02
C ARG J 74 24.45 4.44 -7.28
N GLY J 75 24.46 3.92 -8.50
CA GLY J 75 23.61 2.81 -8.85
C GLY J 75 24.01 1.55 -8.12
N VAL J 76 25.32 1.34 -8.00
CA VAL J 76 25.85 0.16 -7.31
C VAL J 76 25.44 0.21 -5.83
N ILE J 77 25.70 1.34 -5.19
CA ILE J 77 25.35 1.53 -3.79
C ILE J 77 23.86 1.35 -3.55
N ALA J 78 23.05 2.01 -4.37
CA ALA J 78 21.60 1.92 -4.23
C ALA J 78 21.14 0.47 -4.29
N GLU J 79 21.58 -0.27 -5.29
CA GLU J 79 21.19 -1.66 -5.43
C GLU J 79 21.63 -2.49 -4.22
N LEU J 80 22.82 -2.21 -3.70
CA LEU J 80 23.34 -2.94 -2.55
C LEU J 80 22.50 -2.73 -1.30
N LEU J 81 22.18 -1.47 -1.01
CA LEU J 81 21.36 -1.15 0.17
C LEU J 81 19.97 -1.73 -0.03
N TRP J 82 19.60 -1.88 -1.30
CA TRP J 82 18.32 -2.43 -1.68
C TRP J 82 18.32 -3.92 -1.35
N PHE J 83 19.43 -4.60 -1.65
CA PHE J 83 19.55 -6.02 -1.34
C PHE J 83 19.45 -6.19 0.17
N VAL J 84 20.29 -5.47 0.88
CA VAL J 84 20.34 -5.52 2.34
C VAL J 84 18.97 -5.34 3.00
N SER J 85 18.18 -4.42 2.48
CA SER J 85 16.85 -4.17 3.04
C SER J 85 15.91 -5.35 2.83
N GLY J 86 16.28 -6.25 1.92
CA GLY J 86 15.45 -7.42 1.65
C GLY J 86 14.33 -7.09 0.68
N CYS J 87 14.32 -5.85 0.18
CA CYS J 87 13.30 -5.40 -0.76
C CYS J 87 13.47 -6.03 -2.14
N THR J 88 12.35 -6.32 -2.79
CA THR J 88 12.39 -6.93 -4.13
C THR J 88 11.57 -6.13 -5.13
N ASP J 89 11.28 -4.88 -4.79
CA ASP J 89 10.51 -4.00 -5.66
C ASP J 89 11.47 -3.07 -6.40
N ALA J 90 11.58 -3.26 -7.71
CA ALA J 90 12.47 -2.46 -8.54
C ALA J 90 12.11 -0.97 -8.55
N LYS J 91 10.86 -0.65 -8.24
CA LYS J 91 10.42 0.73 -8.21
C LYS J 91 11.18 1.52 -7.16
N MET J 92 11.70 0.80 -6.16
CA MET J 92 12.45 1.44 -5.08
C MET J 92 13.80 1.94 -5.60
N LEU J 93 14.21 1.41 -6.75
CA LEU J 93 15.47 1.82 -7.36
C LEU J 93 15.20 2.89 -8.42
N SER J 94 14.20 2.65 -9.26
CA SER J 94 13.85 3.61 -10.31
C SER J 94 13.37 4.93 -9.72
N SER J 95 12.74 4.88 -8.54
CA SER J 95 12.24 6.09 -7.91
C SER J 95 13.39 6.99 -7.47
N GLN J 96 14.58 6.40 -7.30
CA GLN J 96 15.74 7.19 -6.90
C GLN J 96 16.73 7.35 -8.05
N GLY J 97 16.24 7.19 -9.28
CA GLY J 97 17.07 7.37 -10.46
C GLY J 97 17.95 6.20 -10.89
N VAL J 98 17.65 5.01 -10.41
CA VAL J 98 18.44 3.83 -10.77
C VAL J 98 17.54 2.83 -11.50
N GLY J 99 17.76 2.66 -12.80
CA GLY J 99 16.93 1.76 -13.57
C GLY J 99 17.56 0.47 -14.06
N ILE J 100 18.61 0.02 -13.39
CA ILE J 100 19.29 -1.21 -13.79
C ILE J 100 18.38 -2.44 -13.79
N TRP J 101 17.32 -2.40 -12.99
CA TRP J 101 16.39 -3.53 -12.93
C TRP J 101 15.06 -3.27 -13.63
N ASP J 102 14.97 -2.14 -14.34
CA ASP J 102 13.74 -1.80 -15.05
C ASP J 102 13.48 -2.79 -16.17
N GLY J 103 14.55 -3.26 -16.79
CA GLY J 103 14.42 -4.21 -17.90
C GLY J 103 13.73 -5.51 -17.55
N ASN J 104 14.17 -6.16 -16.47
CA ASN J 104 13.59 -7.44 -16.07
C ASN J 104 12.38 -7.25 -15.15
N GLY J 105 12.09 -6.02 -14.80
CA GLY J 105 10.95 -5.74 -13.94
C GLY J 105 9.78 -5.17 -14.71
N SER J 106 10.01 -4.88 -15.99
CA SER J 106 8.97 -4.34 -16.84
C SER J 106 7.78 -5.28 -16.94
N LYS J 107 6.60 -4.71 -17.13
CA LYS J 107 5.38 -5.49 -17.24
C LYS J 107 5.43 -6.40 -18.47
N GLU J 108 6.25 -6.03 -19.44
CA GLU J 108 6.38 -6.80 -20.66
C GLU J 108 7.21 -8.07 -20.42
N PHE J 109 8.32 -7.92 -19.69
CA PHE J 109 9.18 -9.06 -19.40
C PHE J 109 8.51 -10.03 -18.45
N LEU J 110 7.91 -9.51 -17.39
CA LEU J 110 7.24 -10.34 -16.40
C LEU J 110 6.20 -11.25 -17.05
N GLU J 111 5.35 -10.68 -17.89
CA GLU J 111 4.33 -11.46 -18.58
C GLU J 111 4.99 -12.45 -19.52
N LYS J 112 6.16 -12.05 -20.03
CA LYS J 112 6.93 -12.88 -20.95
C LYS J 112 7.41 -14.16 -20.28
N VAL J 113 7.79 -14.07 -19.01
CA VAL J 113 8.27 -15.24 -18.26
C VAL J 113 7.19 -15.91 -17.41
N GLY J 114 5.93 -15.64 -17.73
CA GLY J 114 4.84 -16.26 -16.99
C GLY J 114 4.53 -15.67 -15.62
N LEU J 115 4.86 -14.40 -15.43
CA LEU J 115 4.60 -13.73 -14.15
C LEU J 115 3.73 -12.50 -14.40
N GLY J 116 2.71 -12.65 -15.23
CA GLY J 116 1.82 -11.55 -15.56
C GLY J 116 0.91 -11.11 -14.43
N HIS J 117 0.75 -11.97 -13.42
CA HIS J 117 -0.11 -11.66 -12.28
C HIS J 117 0.56 -10.69 -11.30
N ARG J 118 1.77 -10.27 -11.62
CA ARG J 118 2.50 -9.36 -10.74
C ARG J 118 2.52 -7.94 -11.30
N ARG J 119 2.52 -6.95 -10.42
CA ARG J 119 2.55 -5.57 -10.87
C ARG J 119 3.97 -5.26 -11.33
N GLU J 120 4.11 -4.30 -12.23
CA GLU J 120 5.42 -3.94 -12.75
C GLU J 120 6.39 -3.60 -11.61
N GLY J 121 7.60 -4.15 -11.68
CA GLY J 121 8.59 -3.89 -10.65
C GLY J 121 8.73 -4.99 -9.63
N ASP J 122 7.70 -5.83 -9.51
CA ASP J 122 7.72 -6.93 -8.56
C ASP J 122 8.53 -8.10 -9.13
N LEU J 123 9.83 -8.10 -8.83
CA LEU J 123 10.74 -9.13 -9.32
C LEU J 123 10.56 -10.51 -8.69
N GLY J 124 9.95 -10.55 -7.52
CA GLY J 124 9.75 -11.83 -6.86
C GLY J 124 10.75 -12.03 -5.73
N PRO J 125 10.88 -13.25 -5.19
CA PRO J 125 11.82 -13.54 -4.10
C PRO J 125 13.28 -13.58 -4.53
N VAL J 126 13.77 -12.48 -5.08
CA VAL J 126 15.16 -12.40 -5.53
C VAL J 126 16.13 -12.02 -4.42
N TYR J 127 17.39 -11.83 -4.80
CA TYR J 127 18.49 -11.48 -3.88
C TYR J 127 18.11 -11.08 -2.46
N GLY J 128 17.73 -9.82 -2.29
CA GLY J 128 17.38 -9.30 -0.97
C GLY J 128 16.46 -10.17 -0.12
N PHE J 129 15.43 -10.73 -0.74
CA PHE J 129 14.49 -11.57 -0.01
C PHE J 129 15.14 -12.85 0.51
N GLN J 130 15.95 -13.49 -0.32
CA GLN J 130 16.63 -14.72 0.10
C GLN J 130 17.65 -14.42 1.19
N TRP J 131 18.34 -13.30 1.06
CA TRP J 131 19.35 -12.88 2.02
C TRP J 131 18.81 -12.69 3.44
N ARG J 132 17.65 -12.07 3.56
CA ARG J 132 17.06 -11.81 4.87
C ARG J 132 15.87 -12.68 5.26
N HIS J 133 15.27 -13.38 4.29
CA HIS J 133 14.11 -14.20 4.60
C HIS J 133 14.09 -15.56 3.90
N PHE J 134 15.25 -16.16 3.72
CA PHE J 134 15.32 -17.46 3.04
C PHE J 134 14.38 -18.49 3.65
N GLY J 135 13.56 -19.11 2.80
CA GLY J 135 12.63 -20.11 3.26
C GLY J 135 11.22 -19.62 3.48
N ALA J 136 11.08 -18.31 3.67
CA ALA J 136 9.76 -17.72 3.89
C ALA J 136 8.89 -17.84 2.65
N GLU J 137 7.58 -17.81 2.85
CA GLU J 137 6.62 -17.89 1.76
C GLU J 137 6.49 -16.52 1.12
N TYR J 138 6.65 -16.46 -0.20
CA TYR J 138 6.55 -15.19 -0.92
C TYR J 138 5.16 -15.00 -1.51
N THR J 139 4.57 -13.83 -1.27
CA THR J 139 3.27 -13.49 -1.82
C THR J 139 3.52 -12.46 -2.92
N ASP J 140 3.83 -11.23 -2.51
CA ASP J 140 4.14 -10.16 -3.46
C ASP J 140 5.23 -9.29 -2.81
N ALA J 141 5.60 -8.16 -3.44
CA ALA J 141 6.65 -7.33 -2.83
C ALA J 141 6.20 -6.53 -1.61
N ASP J 142 4.90 -6.44 -1.40
CA ASP J 142 4.35 -5.70 -0.27
C ASP J 142 4.13 -6.59 0.95
N GLY J 143 4.38 -7.88 0.79
CA GLY J 143 4.18 -8.82 1.88
C GLY J 143 4.98 -8.48 3.13
N ASP J 144 4.44 -8.89 4.29
CA ASP J 144 5.11 -8.67 5.56
C ASP J 144 5.97 -9.88 5.87
N TYR J 145 7.28 -9.72 5.73
CA TYR J 145 8.21 -10.82 5.96
C TYR J 145 9.08 -10.63 7.20
N LYS J 146 8.87 -9.53 7.91
CA LYS J 146 9.67 -9.25 9.11
C LYS J 146 9.63 -10.43 10.08
N GLY J 147 10.81 -10.90 10.46
CA GLY J 147 10.89 -12.02 11.39
C GLY J 147 10.57 -13.38 10.78
N LYS J 148 10.43 -13.42 9.45
CA LYS J 148 10.13 -14.66 8.76
C LYS J 148 11.30 -15.13 7.91
N GLY J 149 11.52 -16.43 7.87
CA GLY J 149 12.61 -16.99 7.10
C GLY J 149 13.94 -16.86 7.82
N VAL J 150 15.02 -17.29 7.18
CA VAL J 150 16.34 -17.22 7.77
C VAL J 150 17.07 -15.93 7.37
N ASP J 151 17.49 -15.16 8.37
CA ASP J 151 18.21 -13.92 8.11
C ASP J 151 19.69 -14.24 8.03
N GLN J 152 20.13 -14.68 6.84
CA GLN J 152 21.52 -15.04 6.61
C GLN J 152 22.50 -13.91 6.89
N LEU J 153 22.15 -12.71 6.44
CA LEU J 153 23.03 -11.56 6.62
C LEU J 153 23.35 -11.27 8.08
N GLN J 154 22.33 -11.17 8.92
CA GLN J 154 22.57 -10.90 10.33
C GLN J 154 23.35 -12.03 10.99
N ARG J 155 23.09 -13.26 10.55
CA ARG J 155 23.79 -14.40 11.12
C ARG J 155 25.27 -14.30 10.78
N VAL J 156 25.56 -13.80 9.58
CA VAL J 156 26.94 -13.62 9.14
C VAL J 156 27.62 -12.61 10.06
N ILE J 157 26.91 -11.52 10.35
CA ILE J 157 27.44 -10.47 11.23
C ILE J 157 27.72 -11.04 12.61
N ASP J 158 26.72 -11.70 13.18
CA ASP J 158 26.84 -12.30 14.51
C ASP J 158 27.98 -13.31 14.60
N THR J 159 28.14 -14.12 13.56
CA THR J 159 29.18 -15.14 13.53
C THR J 159 30.58 -14.54 13.44
N ILE J 160 30.74 -13.51 12.62
CA ILE J 160 32.04 -12.86 12.47
C ILE J 160 32.50 -12.25 13.78
N LYS J 161 31.54 -11.74 14.56
CA LYS J 161 31.82 -11.11 15.84
C LYS J 161 32.03 -12.07 17.01
N ASN J 162 31.25 -13.15 17.05
CA ASN J 162 31.34 -14.09 18.16
C ASN J 162 32.03 -15.43 17.89
N ASN J 163 32.17 -15.80 16.61
CA ASN J 163 32.81 -17.07 16.28
C ASN J 163 33.40 -16.97 14.87
N PRO J 164 34.39 -16.09 14.69
CA PRO J 164 35.09 -15.82 13.43
C PRO J 164 35.70 -17.01 12.71
N THR J 165 36.16 -18.01 13.46
CA THR J 165 36.77 -19.18 12.83
C THR J 165 35.73 -20.17 12.29
N ASP J 166 34.46 -19.83 12.44
CA ASP J 166 33.39 -20.69 11.94
C ASP J 166 33.61 -20.83 10.43
N ARG J 167 33.30 -22.00 9.89
CA ARG J 167 33.50 -22.24 8.47
C ARG J 167 32.21 -22.33 7.65
N ARG J 168 31.14 -21.74 8.19
CA ARG J 168 29.84 -21.72 7.52
C ARG J 168 29.32 -20.29 7.33
N ILE J 169 30.22 -19.32 7.30
CA ILE J 169 29.82 -17.93 7.14
C ILE J 169 29.42 -17.70 5.68
N ILE J 170 28.23 -18.16 5.33
CA ILE J 170 27.72 -18.07 3.96
C ILE J 170 26.49 -17.19 3.78
N LEU J 171 26.46 -16.46 2.67
CA LEU J 171 25.34 -15.59 2.31
C LEU J 171 24.94 -16.04 0.92
N SER J 172 23.79 -16.69 0.79
CA SER J 172 23.34 -17.19 -0.51
C SER J 172 21.93 -16.78 -0.90
N ALA J 173 21.73 -16.54 -2.19
CA ALA J 173 20.43 -16.14 -2.73
C ALA J 173 19.84 -17.26 -3.57
N TRP J 174 20.64 -18.31 -3.81
CA TRP J 174 20.18 -19.44 -4.61
C TRP J 174 19.13 -20.27 -3.87
N ASN J 175 17.95 -20.38 -4.47
CA ASN J 175 16.85 -21.14 -3.88
C ASN J 175 16.13 -21.86 -5.02
N PRO J 176 16.46 -23.15 -5.25
CA PRO J 176 15.84 -23.96 -6.29
C PRO J 176 14.31 -23.96 -6.28
N LYS J 177 13.72 -23.86 -5.10
CA LYS J 177 12.27 -23.86 -4.98
C LYS J 177 11.62 -22.56 -5.42
N ASP J 178 12.27 -21.43 -5.12
CA ASP J 178 11.73 -20.12 -5.48
C ASP J 178 12.10 -19.64 -6.88
N LEU J 179 13.08 -20.27 -7.52
CA LEU J 179 13.53 -19.86 -8.85
C LEU J 179 12.42 -19.45 -9.82
N PRO J 180 11.43 -20.33 -10.06
CA PRO J 180 10.35 -19.98 -10.98
C PRO J 180 9.56 -18.72 -10.63
N LEU J 181 9.64 -18.29 -9.38
CA LEU J 181 8.93 -17.09 -8.94
C LEU J 181 9.79 -15.84 -9.19
N MET J 182 11.05 -16.06 -9.55
CA MET J 182 11.98 -14.98 -9.81
C MET J 182 11.98 -14.51 -11.25
N ALA J 183 11.97 -13.20 -11.45
CA ALA J 183 11.99 -12.64 -12.79
C ALA J 183 13.29 -13.08 -13.46
N LEU J 184 14.31 -13.28 -12.64
CA LEU J 184 15.63 -13.69 -13.13
C LEU J 184 16.37 -14.41 -12.00
N PRO J 185 16.96 -15.59 -12.30
CA PRO J 185 17.70 -16.33 -11.27
C PRO J 185 18.95 -15.57 -10.84
N PRO J 186 19.35 -15.70 -9.56
CA PRO J 186 20.54 -15.01 -9.05
C PRO J 186 21.80 -15.27 -9.87
N CYS J 187 22.52 -14.21 -10.23
CA CYS J 187 23.76 -14.35 -10.97
C CYS J 187 24.84 -14.59 -9.92
N HIS J 188 24.96 -13.67 -8.97
CA HIS J 188 25.91 -13.85 -7.88
C HIS J 188 25.08 -14.65 -6.87
N MET J 189 25.15 -15.96 -6.98
CA MET J 189 24.37 -16.85 -6.14
C MET J 189 24.77 -17.01 -4.68
N PHE J 190 25.98 -16.60 -4.31
CA PHE J 190 26.41 -16.72 -2.93
C PHE J 190 27.84 -16.24 -2.73
N CYS J 191 28.21 -16.03 -1.47
CA CYS J 191 29.56 -15.60 -1.13
C CYS J 191 29.90 -16.16 0.25
N GLN J 192 31.19 -16.30 0.51
CA GLN J 192 31.67 -16.81 1.79
C GLN J 192 32.67 -15.84 2.39
N PHE J 193 32.48 -15.54 3.68
CA PHE J 193 33.38 -14.64 4.37
C PHE J 193 34.38 -15.41 5.21
N PHE J 194 35.57 -14.85 5.37
CA PHE J 194 36.64 -15.48 6.14
C PHE J 194 37.29 -14.43 7.02
N VAL J 195 37.56 -14.80 8.27
CA VAL J 195 38.17 -13.87 9.22
C VAL J 195 39.53 -14.37 9.69
N SER J 196 40.57 -13.58 9.44
CA SER J 196 41.92 -13.94 9.89
C SER J 196 42.11 -13.35 11.28
N LEU J 197 42.51 -14.18 12.23
CA LEU J 197 42.72 -13.73 13.59
C LEU J 197 43.97 -12.85 13.69
N PRO J 198 43.99 -11.94 14.67
CA PRO J 198 45.14 -11.05 14.86
C PRO J 198 46.44 -11.83 15.09
N PRO J 199 47.51 -11.46 14.39
CA PRO J 199 48.80 -12.14 14.53
C PRO J 199 49.31 -12.11 15.97
N PRO J 203 48.21 -8.53 19.13
CA PRO J 203 46.85 -9.03 19.35
C PRO J 203 45.83 -7.90 19.45
N GLY J 204 46.30 -6.66 19.35
CA GLY J 204 45.41 -5.51 19.43
C GLY J 204 44.83 -5.12 18.08
N SER J 205 45.47 -5.60 17.02
CA SER J 205 45.02 -5.30 15.66
C SER J 205 43.63 -5.88 15.40
N LYS J 206 42.95 -5.33 14.38
CA LYS J 206 41.63 -5.80 14.02
C LYS J 206 41.73 -7.03 13.14
N PRO J 207 40.81 -8.00 13.31
CA PRO J 207 40.87 -9.21 12.48
C PRO J 207 40.65 -8.78 11.03
N LYS J 208 41.20 -9.54 10.08
CA LYS J 208 41.04 -9.20 8.68
C LYS J 208 39.88 -9.97 8.06
N LEU J 209 39.01 -9.25 7.35
CA LEU J 209 37.85 -9.84 6.71
C LEU J 209 38.01 -9.99 5.20
N SER J 210 37.76 -11.21 4.70
CA SER J 210 37.86 -11.49 3.27
C SER J 210 36.54 -12.04 2.77
N CYS J 211 36.30 -11.90 1.47
CA CYS J 211 35.07 -12.38 0.87
C CYS J 211 35.28 -13.02 -0.49
N LEU J 212 34.71 -14.21 -0.67
CA LEU J 212 34.81 -14.91 -1.95
C LEU J 212 33.38 -15.05 -2.45
N MET J 213 33.14 -14.57 -3.67
CA MET J 213 31.82 -14.65 -4.26
C MET J 213 31.86 -15.46 -5.55
N TYR J 214 30.84 -16.30 -5.75
CA TYR J 214 30.77 -17.12 -6.96
C TYR J 214 29.60 -16.66 -7.82
N GLN J 215 29.91 -16.34 -9.08
CA GLN J 215 28.90 -15.88 -10.03
C GLN J 215 28.74 -16.94 -11.12
N ARG J 216 27.54 -17.51 -11.22
CA ARG J 216 27.25 -18.56 -12.21
C ARG J 216 27.29 -18.04 -13.65
N SER J 217 26.77 -16.83 -13.85
CA SER J 217 26.74 -16.23 -15.18
C SER J 217 27.31 -14.83 -15.05
N CYS J 218 28.23 -14.46 -15.94
CA CYS J 218 28.86 -13.15 -15.85
C CYS J 218 28.92 -12.34 -17.13
N ASP J 219 28.17 -11.24 -17.15
CA ASP J 219 28.17 -10.33 -18.28
C ASP J 219 29.32 -9.38 -17.98
N LEU J 220 30.49 -9.67 -18.53
CA LEU J 220 31.67 -8.84 -18.28
C LEU J 220 31.54 -7.37 -18.65
N GLY J 221 30.82 -7.09 -19.74
CA GLY J 221 30.65 -5.71 -20.15
C GLY J 221 29.89 -4.87 -19.16
N LEU J 222 28.68 -5.31 -18.81
CA LEU J 222 27.83 -4.56 -17.89
C LEU J 222 27.74 -5.06 -16.45
N GLY J 223 27.55 -6.37 -16.27
CA GLY J 223 27.40 -6.93 -14.94
C GLY J 223 28.60 -6.94 -14.01
N VAL J 224 29.69 -7.58 -14.43
CA VAL J 224 30.89 -7.70 -13.63
C VAL J 224 31.37 -6.39 -12.97
N PRO J 225 31.35 -5.27 -13.71
CA PRO J 225 31.80 -4.02 -13.09
C PRO J 225 31.01 -3.71 -11.82
N PHE J 226 29.70 -3.97 -11.86
CA PHE J 226 28.83 -3.73 -10.71
C PHE J 226 29.09 -4.79 -9.62
N ASN J 227 29.11 -6.05 -10.02
CA ASN J 227 29.34 -7.14 -9.08
C ASN J 227 30.60 -6.96 -8.24
N ILE J 228 31.70 -6.60 -8.90
CA ILE J 228 32.96 -6.41 -8.20
C ILE J 228 32.86 -5.30 -7.15
N ALA J 229 32.35 -4.14 -7.55
CA ALA J 229 32.21 -3.01 -6.63
C ALA J 229 31.18 -3.30 -5.53
N SER J 230 30.09 -3.96 -5.90
CA SER J 230 29.03 -4.29 -4.96
C SER J 230 29.53 -5.12 -3.79
N TYR J 231 30.13 -6.28 -4.07
CA TYR J 231 30.62 -7.15 -3.02
C TYR J 231 31.81 -6.55 -2.28
N ALA J 232 32.55 -5.66 -2.94
CA ALA J 232 33.68 -5.01 -2.30
C ALA J 232 33.08 -4.09 -1.24
N LEU J 233 32.02 -3.39 -1.63
CA LEU J 233 31.32 -2.47 -0.74
C LEU J 233 30.66 -3.23 0.41
N LEU J 234 30.04 -4.37 0.10
CA LEU J 234 29.37 -5.16 1.11
C LEU J 234 30.36 -5.57 2.20
N THR J 235 31.56 -5.96 1.78
CA THR J 235 32.61 -6.38 2.71
C THR J 235 33.03 -5.19 3.58
N HIS J 236 33.11 -4.01 2.98
CA HIS J 236 33.47 -2.81 3.73
C HIS J 236 32.40 -2.53 4.78
N MET J 237 31.14 -2.63 4.37
CA MET J 237 30.02 -2.40 5.28
C MET J 237 30.08 -3.36 6.47
N ILE J 238 30.19 -4.64 6.17
CA ILE J 238 30.25 -5.67 7.21
C ILE J 238 31.45 -5.46 8.13
N ALA J 239 32.57 -5.05 7.56
CA ALA J 239 33.78 -4.82 8.33
C ALA J 239 33.55 -3.74 9.38
N LEU J 240 32.83 -2.69 9.01
CA LEU J 240 32.54 -1.59 9.92
C LEU J 240 31.67 -2.04 11.09
N ILE J 241 30.63 -2.81 10.79
CA ILE J 241 29.72 -3.30 11.82
C ILE J 241 30.33 -4.37 12.73
N THR J 242 31.28 -5.13 12.20
CA THR J 242 31.90 -6.20 12.97
C THR J 242 33.27 -5.85 13.56
N ASP J 243 33.69 -4.60 13.41
CA ASP J 243 34.97 -4.17 13.93
C ASP J 243 36.14 -4.94 13.33
N THR J 244 36.04 -5.25 12.04
CA THR J 244 37.09 -5.97 11.34
C THR J 244 37.66 -5.09 10.24
N GLU J 245 38.81 -5.49 9.71
CA GLU J 245 39.47 -4.71 8.65
C GLU J 245 39.34 -5.42 7.30
N PRO J 246 38.72 -4.76 6.32
CA PRO J 246 38.57 -5.38 4.99
C PRO J 246 39.94 -5.77 4.45
N HIS J 247 40.05 -6.98 3.94
CA HIS J 247 41.34 -7.46 3.43
C HIS J 247 41.37 -7.81 1.95
N GLU J 248 40.58 -8.80 1.55
CA GLU J 248 40.57 -9.22 0.17
C GLU J 248 39.21 -9.71 -0.33
N PHE J 249 38.97 -9.48 -1.62
CA PHE J 249 37.74 -9.91 -2.27
C PHE J 249 38.11 -10.81 -3.43
N ILE J 250 37.55 -12.01 -3.46
CA ILE J 250 37.82 -12.97 -4.53
C ILE J 250 36.54 -13.23 -5.30
N LEU J 251 36.63 -13.23 -6.62
CA LEU J 251 35.47 -13.47 -7.47
C LEU J 251 35.69 -14.62 -8.44
N GLN J 252 34.98 -15.71 -8.22
CA GLN J 252 35.09 -16.88 -9.10
C GLN J 252 33.90 -16.89 -10.06
N MET J 253 34.20 -17.01 -11.35
CA MET J 253 33.15 -17.01 -12.36
C MET J 253 32.85 -18.38 -12.93
N GLY J 254 31.61 -18.56 -13.35
CA GLY J 254 31.20 -19.82 -13.96
C GLY J 254 31.19 -19.56 -15.45
N ASP J 255 30.04 -19.19 -16.00
CA ASP J 255 29.92 -18.89 -17.41
C ASP J 255 30.31 -17.42 -17.63
N ALA J 256 31.58 -17.19 -17.97
CA ALA J 256 32.08 -15.84 -18.21
C ALA J 256 31.90 -15.53 -19.70
N HIS J 257 31.10 -14.51 -20.00
CA HIS J 257 30.85 -14.16 -21.39
C HIS J 257 30.83 -12.68 -21.73
N VAL J 258 30.94 -12.41 -23.03
CA VAL J 258 30.92 -11.05 -23.56
C VAL J 258 29.86 -11.07 -24.66
N TYR J 259 28.79 -10.30 -24.49
CA TYR J 259 27.74 -10.27 -25.50
C TYR J 259 28.26 -9.77 -26.84
N ARG J 260 27.70 -10.31 -27.91
CA ARG J 260 28.10 -9.95 -29.27
C ARG J 260 28.12 -8.44 -29.52
N ASP J 261 27.11 -7.73 -29.01
CA ASP J 261 27.04 -6.29 -29.21
C ASP J 261 27.88 -5.49 -28.23
N HIS J 262 28.73 -6.16 -27.47
CA HIS J 262 29.61 -5.50 -26.51
C HIS J 262 31.07 -5.57 -26.95
N VAL J 263 31.36 -6.47 -27.90
CA VAL J 263 32.71 -6.65 -28.42
C VAL J 263 33.40 -5.36 -28.86
N GLU J 264 32.78 -4.63 -29.78
CA GLU J 264 33.37 -3.40 -30.27
C GLU J 264 33.51 -2.33 -29.18
N PRO J 265 32.45 -2.10 -28.39
CA PRO J 265 32.56 -1.09 -27.33
C PRO J 265 33.69 -1.40 -26.35
N LEU J 266 33.86 -2.67 -26.04
CA LEU J 266 34.89 -3.11 -25.11
C LEU J 266 36.30 -2.94 -25.68
N LYS J 267 36.44 -3.09 -27.00
CA LYS J 267 37.74 -2.93 -27.63
C LYS J 267 38.27 -1.52 -27.36
N THR J 268 37.36 -0.56 -27.29
CA THR J 268 37.73 0.82 -27.02
C THR J 268 38.24 0.94 -25.59
N GLN J 269 37.60 0.23 -24.68
CA GLN J 269 37.99 0.24 -23.27
C GLN J 269 39.33 -0.44 -23.05
N LEU J 270 39.60 -1.49 -23.82
CA LEU J 270 40.85 -2.23 -23.69
C LEU J 270 42.08 -1.39 -24.01
N GLU J 271 41.87 -0.28 -24.72
CA GLU J 271 42.96 0.62 -25.09
C GLU J 271 43.36 1.57 -23.95
N ARG J 272 42.50 1.67 -22.94
CA ARG J 272 42.74 2.56 -21.82
C ARG J 272 43.57 1.99 -20.68
N GLU J 273 44.42 2.83 -20.10
CA GLU J 273 45.27 2.45 -18.98
C GLU J 273 44.54 2.81 -17.69
N PRO J 274 44.42 1.85 -16.77
CA PRO J 274 43.74 2.05 -15.48
C PRO J 274 44.37 3.13 -14.60
N ARG J 275 43.54 3.80 -13.83
CA ARG J 275 43.98 4.82 -12.88
C ARG J 275 43.92 4.12 -11.53
N ASP J 276 44.67 4.61 -10.54
CA ASP J 276 44.66 3.98 -9.23
C ASP J 276 43.22 3.95 -8.71
N PHE J 277 42.84 2.85 -8.06
CA PHE J 277 41.50 2.71 -7.52
C PHE J 277 41.23 3.78 -6.47
N PRO J 278 39.96 4.18 -6.32
CA PRO J 278 39.58 5.20 -5.34
C PRO J 278 39.53 4.58 -3.95
N LYS J 279 39.29 5.40 -2.93
CA LYS J 279 39.21 4.91 -1.57
C LYS J 279 37.84 5.21 -0.97
N LEU J 280 37.40 4.34 -0.06
CA LEU J 280 36.10 4.50 0.59
C LEU J 280 36.23 5.05 1.99
N LYS J 281 35.36 6.00 2.33
CA LYS J 281 35.34 6.61 3.66
C LYS J 281 33.88 6.71 4.09
N TRP J 282 33.64 6.64 5.40
CA TRP J 282 32.27 6.72 5.91
C TRP J 282 31.94 8.14 6.39
N ALA J 283 30.75 8.61 6.01
CA ALA J 283 30.31 9.95 6.39
C ALA J 283 29.86 9.98 7.85
N ARG J 284 29.62 8.79 8.41
CA ARG J 284 29.19 8.67 9.79
C ARG J 284 29.98 7.60 10.51
N SER J 285 29.84 7.53 11.83
CA SER J 285 30.55 6.54 12.63
C SER J 285 29.77 5.24 12.75
N LYS J 286 30.43 4.21 13.25
CA LYS J 286 29.81 2.90 13.44
C LYS J 286 28.59 3.03 14.34
N GLU J 287 28.75 3.78 15.43
CA GLU J 287 27.67 3.99 16.38
C GLU J 287 26.46 4.67 15.75
N GLU J 288 26.72 5.69 14.93
CA GLU J 288 25.64 6.41 14.25
C GLU J 288 24.90 5.50 13.29
N ILE J 289 25.64 4.75 12.49
CA ILE J 289 25.04 3.84 11.52
C ILE J 289 24.31 2.72 12.27
N GLY J 290 24.88 2.28 13.38
CA GLY J 290 24.26 1.24 14.18
C GLY J 290 24.51 -0.18 13.73
N ASP J 291 23.74 -0.63 12.75
CA ASP J 291 23.89 -1.99 12.23
C ASP J 291 23.88 -2.03 10.69
N ILE J 292 23.89 -3.25 10.15
CA ILE J 292 23.90 -3.44 8.71
C ILE J 292 22.68 -2.81 8.01
N ASP J 293 21.63 -2.53 8.77
CA ASP J 293 20.43 -1.94 8.20
C ASP J 293 20.37 -0.43 8.37
N GLY J 294 21.43 0.15 8.89
CA GLY J 294 21.45 1.59 9.10
C GLY J 294 22.23 2.42 8.09
N PHE J 295 22.72 1.81 7.03
CA PHE J 295 23.48 2.54 6.02
C PHE J 295 22.59 3.34 5.08
N LYS J 296 23.14 4.46 4.59
CA LYS J 296 22.45 5.33 3.66
C LYS J 296 23.39 5.63 2.51
N VAL J 297 22.84 5.95 1.33
CA VAL J 297 23.66 6.25 0.17
C VAL J 297 24.73 7.30 0.47
N GLU J 298 24.31 8.38 1.13
CA GLU J 298 25.23 9.47 1.48
C GLU J 298 26.33 9.08 2.46
N ASP J 299 26.25 7.89 3.04
CA ASP J 299 27.28 7.44 3.98
C ASP J 299 28.55 7.04 3.24
N PHE J 300 28.38 6.64 1.98
CA PHE J 300 29.51 6.20 1.16
C PHE J 300 30.26 7.36 0.52
N VAL J 301 31.42 7.69 1.09
CA VAL J 301 32.24 8.77 0.55
C VAL J 301 33.42 8.20 -0.22
N VAL J 302 33.28 8.15 -1.55
CA VAL J 302 34.33 7.62 -2.41
C VAL J 302 35.17 8.77 -2.93
N GLU J 303 36.44 8.78 -2.56
CA GLU J 303 37.35 9.83 -2.99
C GLU J 303 38.48 9.32 -3.88
N GLY J 304 38.89 10.17 -4.83
CA GLY J 304 39.96 9.80 -5.73
C GLY J 304 39.54 9.00 -6.96
N TYR J 305 38.24 8.97 -7.24
CA TYR J 305 37.75 8.23 -8.40
C TYR J 305 38.03 9.05 -9.66
N LYS J 306 38.91 8.53 -10.51
CA LYS J 306 39.27 9.22 -11.74
C LYS J 306 39.20 8.29 -12.95
N PRO J 307 37.98 7.97 -13.40
CA PRO J 307 37.76 7.08 -14.54
C PRO J 307 37.81 7.78 -15.89
N TRP J 308 37.86 6.99 -16.96
CA TRP J 308 37.87 7.53 -18.30
C TRP J 308 36.41 7.75 -18.67
N GLY J 309 36.15 8.10 -19.92
CA GLY J 309 34.77 8.33 -20.34
C GLY J 309 33.88 7.11 -20.26
N LYS J 310 32.58 7.34 -20.31
CA LYS J 310 31.60 6.25 -20.24
C LYS J 310 31.62 5.49 -21.55
N ILE J 311 31.21 4.23 -21.50
CA ILE J 311 31.15 3.39 -22.68
C ILE J 311 29.76 2.79 -22.77
N ASP J 312 29.02 3.19 -23.79
CA ASP J 312 27.66 2.71 -23.97
C ASP J 312 27.59 1.24 -24.37
N MET J 313 26.76 0.49 -23.64
CA MET J 313 26.56 -0.92 -23.91
C MET J 313 25.12 -1.28 -23.57
N LYS J 314 24.41 -1.87 -24.53
CA LYS J 314 23.02 -2.25 -24.34
C LYS J 314 22.89 -3.55 -23.57
N MET J 315 21.96 -3.59 -22.63
CA MET J 315 21.74 -4.79 -21.83
C MET J 315 20.73 -5.68 -22.54
N SER J 316 21.02 -6.97 -22.60
CA SER J 316 20.12 -7.93 -23.23
C SER J 316 19.18 -8.51 -22.18
N ALA J 317 17.89 -8.21 -22.32
CA ALA J 317 16.87 -8.68 -21.39
C ALA J 317 16.72 -10.19 -21.42
N PRO K 16 -42.28 -9.31 -15.30
CA PRO K 16 -42.01 -10.65 -15.88
C PRO K 16 -40.53 -10.82 -16.20
N ASP K 17 -39.77 -9.74 -16.06
CA ASP K 17 -38.33 -9.78 -16.34
C ASP K 17 -37.52 -10.03 -15.08
N HIS K 18 -38.19 -10.24 -13.95
CA HIS K 18 -37.48 -10.48 -12.70
C HIS K 18 -36.64 -11.74 -12.84
N GLU K 19 -35.34 -11.60 -12.61
CA GLU K 19 -34.40 -12.71 -12.74
C GLU K 19 -34.75 -13.96 -11.92
N GLU K 20 -35.49 -13.81 -10.84
CA GLU K 20 -35.85 -14.95 -10.02
C GLU K 20 -36.76 -15.94 -10.75
N TYR K 21 -37.45 -15.48 -11.80
CA TYR K 21 -38.33 -16.35 -12.55
C TYR K 21 -37.55 -17.46 -13.26
N GLN K 22 -36.26 -17.23 -13.47
CA GLN K 22 -35.40 -18.22 -14.11
C GLN K 22 -35.41 -19.46 -13.21
N TYR K 23 -35.21 -19.23 -11.93
CA TYR K 23 -35.19 -20.29 -10.93
C TYR K 23 -36.56 -20.97 -10.80
N LEU K 24 -37.61 -20.15 -10.69
CA LEU K 24 -38.96 -20.68 -10.55
C LEU K 24 -39.39 -21.47 -11.79
N ASP K 25 -39.11 -20.92 -12.97
CA ASP K 25 -39.48 -21.59 -14.22
C ASP K 25 -38.77 -22.93 -14.39
N LEU K 26 -37.50 -23.00 -14.06
CA LEU K 26 -36.75 -24.25 -14.18
C LEU K 26 -37.35 -25.33 -13.30
N ILE K 27 -37.67 -24.98 -12.07
CA ILE K 27 -38.27 -25.93 -11.13
C ILE K 27 -39.58 -26.45 -11.70
N ARG K 28 -40.39 -25.53 -12.22
CA ARG K 28 -41.68 -25.89 -12.80
C ARG K 28 -41.46 -26.87 -13.96
N ARG K 29 -40.45 -26.58 -14.79
CA ARG K 29 -40.15 -27.43 -15.93
C ARG K 29 -39.68 -28.83 -15.50
N ILE K 30 -38.81 -28.87 -14.50
CA ILE K 30 -38.28 -30.13 -14.01
C ILE K 30 -39.41 -31.02 -13.47
N ILE K 31 -40.32 -30.40 -12.73
CA ILE K 31 -41.45 -31.14 -12.17
C ILE K 31 -42.36 -31.65 -13.28
N ASN K 32 -42.55 -30.82 -14.32
CA ASN K 32 -43.41 -31.17 -15.44
C ASN K 32 -42.86 -32.22 -16.39
N VAL K 33 -41.69 -31.95 -16.98
CA VAL K 33 -41.10 -32.89 -17.93
C VAL K 33 -39.82 -33.57 -17.47
N GLY K 34 -39.44 -33.34 -16.22
CA GLY K 34 -38.23 -33.96 -15.71
C GLY K 34 -38.32 -35.47 -15.69
N GLU K 35 -37.17 -36.14 -15.64
CA GLU K 35 -37.12 -37.60 -15.63
C GLU K 35 -36.98 -38.11 -14.19
N VAL K 36 -37.85 -39.04 -13.81
CA VAL K 36 -37.79 -39.63 -12.47
C VAL K 36 -36.60 -40.57 -12.43
N ARG K 37 -35.69 -40.35 -11.48
CA ARG K 37 -34.49 -41.17 -11.38
C ARG K 37 -34.09 -41.53 -9.96
N PRO K 38 -33.39 -42.66 -9.81
CA PRO K 38 -32.92 -43.12 -8.50
C PRO K 38 -31.67 -42.29 -8.24
N ASP K 39 -31.19 -42.25 -6.99
CA ASP K 39 -29.98 -41.49 -6.71
C ASP K 39 -29.22 -42.01 -5.51
N ARG K 40 -28.04 -41.44 -5.28
CA ARG K 40 -27.18 -41.83 -4.18
C ARG K 40 -27.86 -41.80 -2.81
N THR K 41 -28.65 -40.75 -2.56
CA THR K 41 -29.33 -40.60 -1.28
C THR K 41 -30.42 -41.63 -1.04
N GLY K 42 -31.06 -42.07 -2.12
CA GLY K 42 -32.11 -43.06 -1.99
C GLY K 42 -33.52 -42.49 -1.92
N THR K 43 -33.64 -41.17 -1.90
CA THR K 43 -34.96 -40.54 -1.84
C THR K 43 -35.53 -40.37 -3.23
N GLY K 44 -34.67 -40.36 -4.24
CA GLY K 44 -35.10 -40.22 -5.61
C GLY K 44 -35.28 -38.76 -6.02
N THR K 45 -35.25 -38.50 -7.32
CA THR K 45 -35.40 -37.15 -7.83
C THR K 45 -36.04 -37.13 -9.21
N VAL K 46 -36.25 -35.93 -9.72
CA VAL K 46 -36.79 -35.71 -11.04
C VAL K 46 -35.76 -34.75 -11.61
N ALA K 47 -35.19 -35.06 -12.77
CA ALA K 47 -34.15 -34.19 -13.30
C ALA K 47 -34.08 -33.95 -14.80
N LEU K 48 -33.29 -32.95 -15.15
CA LEU K 48 -33.02 -32.54 -16.52
C LEU K 48 -31.52 -32.26 -16.59
N PHE K 49 -30.90 -32.59 -17.71
CA PHE K 49 -29.46 -32.37 -17.85
C PHE K 49 -29.11 -31.15 -18.69
N ALA K 50 -28.16 -30.37 -18.20
CA ALA K 50 -27.68 -29.18 -18.89
C ALA K 50 -28.76 -28.23 -19.39
N PRO K 51 -29.62 -27.73 -18.49
CA PRO K 51 -30.66 -26.80 -18.94
C PRO K 51 -30.01 -25.43 -19.17
N PRO K 52 -30.72 -24.49 -19.81
CA PRO K 52 -30.14 -23.17 -20.06
C PRO K 52 -29.58 -22.58 -18.76
N SER K 53 -28.44 -21.92 -18.86
CA SER K 53 -27.79 -21.31 -17.71
C SER K 53 -28.55 -20.10 -17.16
N PHE K 54 -28.32 -19.80 -15.89
CA PHE K 54 -28.95 -18.65 -15.25
C PHE K 54 -28.02 -17.46 -15.34
N ARG K 55 -28.59 -16.26 -15.49
CA ARG K 55 -27.80 -15.04 -15.56
C ARG K 55 -28.37 -14.04 -14.57
N PHE K 56 -27.51 -13.52 -13.70
CA PHE K 56 -27.93 -12.55 -12.69
C PHE K 56 -27.06 -11.30 -12.74
N SER K 57 -27.71 -10.14 -12.78
CA SER K 57 -26.98 -8.88 -12.80
C SER K 57 -26.50 -8.55 -11.40
N LEU K 58 -25.24 -8.13 -11.30
CA LEU K 58 -24.65 -7.77 -10.01
C LEU K 58 -24.39 -6.27 -9.96
N ALA K 59 -24.89 -5.55 -10.97
CA ALA K 59 -24.71 -4.11 -11.04
C ALA K 59 -25.54 -3.41 -9.96
N ASP K 60 -25.18 -2.17 -9.67
CA ASP K 60 -25.89 -1.37 -8.66
C ASP K 60 -25.96 -2.08 -7.32
N ASN K 61 -24.87 -2.75 -6.94
CA ASN K 61 -24.77 -3.46 -5.67
C ASN K 61 -25.87 -4.51 -5.46
N THR K 62 -26.42 -5.02 -6.55
CA THR K 62 -27.49 -6.01 -6.45
C THR K 62 -27.01 -7.40 -6.02
N LEU K 63 -27.74 -8.02 -5.12
CA LEU K 63 -27.42 -9.36 -4.60
C LEU K 63 -28.61 -10.28 -4.90
N PRO K 64 -28.42 -11.25 -5.80
CA PRO K 64 -29.50 -12.19 -6.15
C PRO K 64 -29.84 -13.19 -5.05
N LEU K 65 -30.41 -12.68 -3.96
CA LEU K 65 -30.83 -13.51 -2.84
C LEU K 65 -32.32 -13.75 -3.04
N LEU K 66 -32.68 -15.00 -3.37
CA LEU K 66 -34.07 -15.36 -3.62
C LEU K 66 -35.05 -14.78 -2.61
N THR K 67 -36.19 -14.32 -3.11
CA THR K 67 -37.22 -13.72 -2.27
C THR K 67 -38.50 -14.53 -2.12
N THR K 68 -38.68 -15.54 -2.96
CA THR K 68 -39.89 -16.36 -2.89
C THR K 68 -39.90 -17.27 -1.66
N LYS K 69 -38.85 -17.15 -0.86
CA LYS K 69 -38.72 -17.92 0.38
C LYS K 69 -37.59 -17.29 1.18
N ARG K 70 -37.65 -17.38 2.50
CA ARG K 70 -36.61 -16.81 3.33
C ARG K 70 -35.35 -17.67 3.25
N VAL K 71 -34.27 -17.07 2.77
CA VAL K 71 -33.00 -17.78 2.65
C VAL K 71 -32.09 -17.44 3.82
N PHE K 72 -31.45 -18.46 4.40
CA PHE K 72 -30.55 -18.29 5.54
C PHE K 72 -29.30 -17.54 5.08
N LEU K 73 -29.41 -16.23 4.95
CA LEU K 73 -28.30 -15.38 4.51
C LEU K 73 -27.02 -15.57 5.33
N ARG K 74 -27.14 -15.48 6.65
CA ARG K 74 -25.98 -15.63 7.52
C ARG K 74 -25.29 -16.96 7.26
N GLY K 75 -26.08 -17.99 6.96
CA GLY K 75 -25.51 -19.30 6.69
C GLY K 75 -24.68 -19.29 5.42
N VAL K 76 -25.16 -18.55 4.42
CA VAL K 76 -24.46 -18.45 3.13
C VAL K 76 -23.13 -17.74 3.34
N ILE K 77 -23.17 -16.60 3.99
CA ILE K 77 -21.97 -15.80 4.27
C ILE K 77 -20.97 -16.63 5.07
N ALA K 78 -21.44 -17.24 6.15
CA ALA K 78 -20.58 -18.06 7.00
C ALA K 78 -19.87 -19.14 6.20
N GLU K 79 -20.61 -19.89 5.40
CA GLU K 79 -20.03 -20.96 4.60
C GLU K 79 -18.99 -20.41 3.63
N LEU K 80 -19.29 -19.26 3.02
CA LEU K 80 -18.38 -18.64 2.06
C LEU K 80 -17.04 -18.24 2.68
N LEU K 81 -17.10 -17.52 3.80
CA LEU K 81 -15.89 -17.08 4.48
C LEU K 81 -15.13 -18.31 4.94
N TRP K 82 -15.87 -19.37 5.20
CA TRP K 82 -15.32 -20.65 5.62
C TRP K 82 -14.50 -21.21 4.45
N PHE K 83 -15.07 -21.17 3.25
CA PHE K 83 -14.38 -21.66 2.06
C PHE K 83 -13.08 -20.88 1.89
N VAL K 84 -13.21 -19.56 1.86
CA VAL K 84 -12.08 -18.65 1.70
C VAL K 84 -10.94 -18.94 2.68
N SER K 85 -11.29 -19.21 3.93
CA SER K 85 -10.27 -19.49 4.95
C SER K 85 -9.53 -20.79 4.67
N GLY K 86 -10.09 -21.63 3.80
CA GLY K 86 -9.46 -22.90 3.47
C GLY K 86 -9.75 -23.96 4.52
N CYS K 87 -10.61 -23.63 5.47
CA CYS K 87 -10.98 -24.55 6.54
C CYS K 87 -11.92 -25.64 6.04
N THR K 88 -11.76 -26.85 6.57
CA THR K 88 -12.60 -27.97 6.17
C THR K 88 -13.27 -28.64 7.38
N ASP K 89 -13.29 -27.92 8.51
CA ASP K 89 -13.90 -28.44 9.72
C ASP K 89 -15.29 -27.85 9.89
N ALA K 90 -16.31 -28.70 9.71
CA ALA K 90 -17.70 -28.28 9.82
C ALA K 90 -18.05 -27.69 11.19
N LYS K 91 -17.28 -28.07 12.20
CA LYS K 91 -17.53 -27.55 13.55
C LYS K 91 -17.36 -26.05 13.59
N MET K 92 -16.61 -25.51 12.64
CA MET K 92 -16.38 -24.07 12.58
C MET K 92 -17.66 -23.36 12.14
N LEU K 93 -18.56 -24.11 11.52
CA LEU K 93 -19.82 -23.56 11.06
C LEU K 93 -20.91 -23.80 12.10
N SER K 94 -20.94 -25.01 12.66
CA SER K 94 -21.95 -25.36 13.66
C SER K 94 -21.71 -24.58 14.96
N SER K 95 -20.47 -24.20 15.23
CA SER K 95 -20.14 -23.45 16.43
C SER K 95 -20.72 -22.04 16.36
N GLN K 96 -20.99 -21.57 15.14
CA GLN K 96 -21.55 -20.24 14.96
C GLN K 96 -23.01 -20.31 14.52
N GLY K 97 -23.66 -21.43 14.82
CA GLY K 97 -25.06 -21.60 14.48
C GLY K 97 -25.42 -21.96 13.05
N VAL K 98 -24.46 -22.51 12.31
CA VAL K 98 -24.70 -22.91 10.93
C VAL K 98 -24.44 -24.40 10.79
N GLY K 99 -25.51 -25.18 10.61
CA GLY K 99 -25.34 -26.62 10.50
C GLY K 99 -25.60 -27.25 9.14
N ILE K 100 -25.45 -26.46 8.08
CA ILE K 100 -25.69 -26.98 6.73
C ILE K 100 -24.79 -28.16 6.39
N TRP K 101 -23.64 -28.25 7.03
CA TRP K 101 -22.71 -29.35 6.77
C TRP K 101 -22.67 -30.40 7.87
N ASP K 102 -23.58 -30.29 8.85
CA ASP K 102 -23.62 -31.26 9.94
C ASP K 102 -24.01 -32.64 9.41
N GLY K 103 -24.89 -32.67 8.42
CA GLY K 103 -25.34 -33.93 7.84
C GLY K 103 -24.25 -34.79 7.25
N ASN K 104 -23.41 -34.21 6.40
CA ASN K 104 -22.33 -34.96 5.77
C ASN K 104 -21.06 -34.99 6.62
N GLY K 105 -21.10 -34.30 7.75
CA GLY K 105 -19.94 -34.28 8.63
C GLY K 105 -20.15 -35.13 9.87
N SER K 106 -21.37 -35.67 10.01
CA SER K 106 -21.70 -36.49 11.17
C SER K 106 -20.84 -37.75 11.21
N LYS K 107 -20.55 -38.21 12.41
CA LYS K 107 -19.72 -39.40 12.62
C LYS K 107 -20.35 -40.63 11.97
N GLU K 108 -21.66 -40.58 11.73
CA GLU K 108 -22.37 -41.69 11.11
C GLU K 108 -22.13 -41.72 9.60
N PHE K 109 -22.31 -40.58 8.96
CA PHE K 109 -22.12 -40.49 7.51
C PHE K 109 -20.68 -40.80 7.14
N LEU K 110 -19.74 -40.21 7.86
CA LEU K 110 -18.32 -40.42 7.60
C LEU K 110 -17.97 -41.90 7.59
N GLU K 111 -18.39 -42.61 8.64
CA GLU K 111 -18.12 -44.04 8.73
C GLU K 111 -18.84 -44.77 7.61
N LYS K 112 -19.97 -44.20 7.19
CA LYS K 112 -20.78 -44.76 6.12
C LYS K 112 -20.05 -44.75 4.78
N VAL K 113 -19.26 -43.71 4.53
CA VAL K 113 -18.52 -43.60 3.28
C VAL K 113 -17.07 -44.04 3.40
N GLY K 114 -16.75 -44.81 4.43
CA GLY K 114 -15.41 -45.31 4.63
C GLY K 114 -14.40 -44.32 5.19
N LEU K 115 -14.89 -43.34 5.95
CA LEU K 115 -14.01 -42.34 6.55
C LEU K 115 -14.20 -42.33 8.07
N GLY K 116 -14.32 -43.52 8.66
CA GLY K 116 -14.52 -43.63 10.08
C GLY K 116 -13.34 -43.24 10.96
N HIS K 117 -12.16 -43.13 10.35
CA HIS K 117 -10.95 -42.77 11.09
C HIS K 117 -10.88 -41.27 11.37
N ARG K 118 -11.84 -40.53 10.85
CA ARG K 118 -11.87 -39.08 11.06
C ARG K 118 -12.84 -38.68 12.15
N ARG K 119 -12.51 -37.60 12.86
CA ARG K 119 -13.38 -37.12 13.91
C ARG K 119 -14.57 -36.45 13.25
N GLU K 120 -15.70 -36.39 13.96
CA GLU K 120 -16.90 -35.78 13.43
C GLU K 120 -16.66 -34.34 12.99
N GLY K 121 -17.12 -33.99 11.79
CA GLY K 121 -16.92 -32.64 11.30
C GLY K 121 -15.78 -32.50 10.32
N ASP K 122 -14.86 -33.47 10.34
CA ASP K 122 -13.72 -33.45 9.42
C ASP K 122 -14.14 -33.96 8.05
N LEU K 123 -14.56 -33.04 7.19
CA LEU K 123 -15.03 -33.36 5.85
C LEU K 123 -13.94 -33.80 4.86
N GLY K 124 -12.69 -33.47 5.18
CA GLY K 124 -11.60 -33.85 4.29
C GLY K 124 -11.18 -32.68 3.43
N PRO K 125 -10.38 -32.92 2.37
CA PRO K 125 -9.91 -31.85 1.48
C PRO K 125 -10.98 -31.33 0.51
N VAL K 126 -12.03 -30.75 1.07
CA VAL K 126 -13.12 -30.22 0.25
C VAL K 126 -12.89 -28.76 -0.16
N TYR K 127 -13.90 -28.18 -0.80
CA TYR K 127 -13.88 -26.80 -1.30
C TYR K 127 -12.71 -25.92 -0.84
N GLY K 128 -12.84 -25.33 0.34
CA GLY K 128 -11.82 -24.45 0.88
C GLY K 128 -10.39 -24.90 0.76
N PHE K 129 -10.14 -26.17 1.07
CA PHE K 129 -8.77 -26.71 0.99
C PHE K 129 -8.23 -26.68 -0.43
N GLN K 130 -9.05 -27.09 -1.40
CA GLN K 130 -8.63 -27.10 -2.79
C GLN K 130 -8.40 -25.67 -3.28
N TRP K 131 -9.31 -24.77 -2.90
CA TRP K 131 -9.21 -23.35 -3.27
C TRP K 131 -7.91 -22.67 -2.88
N ARG K 132 -7.43 -22.94 -1.67
CA ARG K 132 -6.21 -22.32 -1.18
C ARG K 132 -4.97 -23.22 -1.09
N HIS K 133 -5.15 -24.54 -1.17
CA HIS K 133 -4.02 -25.45 -1.07
C HIS K 133 -4.06 -26.62 -2.05
N PHE K 134 -4.60 -26.41 -3.25
CA PHE K 134 -4.69 -27.48 -4.23
C PHE K 134 -3.36 -28.20 -4.43
N GLY K 135 -3.39 -29.52 -4.35
CA GLY K 135 -2.19 -30.31 -4.53
C GLY K 135 -1.48 -30.72 -3.26
N ALA K 136 -1.72 -29.97 -2.18
CA ALA K 136 -1.08 -30.27 -0.89
C ALA K 136 -1.57 -31.60 -0.32
N GLU K 137 -0.74 -32.22 0.50
CA GLU K 137 -1.09 -33.49 1.13
C GLU K 137 -2.03 -33.22 2.29
N TYR K 138 -3.14 -33.93 2.34
CA TYR K 138 -4.10 -33.75 3.41
C TYR K 138 -3.94 -34.80 4.50
N THR K 139 -3.91 -34.36 5.75
CA THR K 139 -3.81 -35.26 6.89
C THR K 139 -5.16 -35.24 7.58
N ASP K 140 -5.47 -34.15 8.27
CA ASP K 140 -6.75 -33.98 8.94
C ASP K 140 -7.11 -32.50 8.89
N ALA K 141 -8.21 -32.07 9.52
CA ALA K 141 -8.58 -30.66 9.47
C ALA K 141 -7.68 -29.73 10.29
N ASP K 142 -6.87 -30.31 11.17
CA ASP K 142 -5.98 -29.53 12.02
C ASP K 142 -4.59 -29.39 11.41
N GLY K 143 -4.36 -30.04 10.28
CA GLY K 143 -3.08 -29.97 9.62
C GLY K 143 -2.63 -28.56 9.28
N ASP K 144 -1.32 -28.35 9.23
CA ASP K 144 -0.74 -27.06 8.90
C ASP K 144 -0.49 -27.01 7.40
N TYR K 145 -1.34 -26.27 6.69
CA TYR K 145 -1.23 -26.18 5.23
C TYR K 145 -0.78 -24.81 4.73
N LYS K 146 -0.51 -23.90 5.67
CA LYS K 146 -0.08 -22.56 5.30
C LYS K 146 1.14 -22.61 4.38
N GLY K 147 1.01 -21.98 3.21
CA GLY K 147 2.10 -21.95 2.26
C GLY K 147 2.28 -23.22 1.47
N LYS K 148 1.35 -24.15 1.61
CA LYS K 148 1.40 -25.43 0.90
C LYS K 148 0.30 -25.51 -0.16
N GLY K 149 0.64 -26.13 -1.28
CA GLY K 149 -0.33 -26.27 -2.36
C GLY K 149 -0.48 -24.98 -3.14
N VAL K 150 -1.35 -24.99 -4.15
CA VAL K 150 -1.58 -23.81 -4.97
C VAL K 150 -2.73 -22.97 -4.43
N ASP K 151 -2.47 -21.70 -4.19
CA ASP K 151 -3.50 -20.80 -3.69
C ASP K 151 -4.18 -20.17 -4.90
N GLN K 152 -5.18 -20.87 -5.42
CA GLN K 152 -5.93 -20.42 -6.59
C GLN K 152 -6.63 -19.08 -6.38
N LEU K 153 -7.24 -18.91 -5.21
CA LEU K 153 -7.96 -17.69 -4.91
C LEU K 153 -7.10 -16.44 -4.99
N GLN K 154 -5.96 -16.43 -4.31
CA GLN K 154 -5.09 -15.27 -4.35
C GLN K 154 -4.56 -15.03 -5.76
N ARG K 155 -4.31 -16.10 -6.50
CA ARG K 155 -3.81 -15.95 -7.87
C ARG K 155 -4.88 -15.25 -8.69
N VAL K 156 -6.14 -15.58 -8.44
CA VAL K 156 -7.25 -14.96 -9.16
C VAL K 156 -7.24 -13.46 -8.88
N ILE K 157 -7.04 -13.12 -7.62
CA ILE K 157 -6.99 -11.72 -7.19
C ILE K 157 -5.86 -10.98 -7.90
N ASP K 158 -4.67 -11.56 -7.82
CA ASP K 158 -3.48 -10.98 -8.43
C ASP K 158 -3.62 -10.82 -9.95
N THR K 159 -4.23 -11.81 -10.60
CA THR K 159 -4.41 -11.79 -12.04
C THR K 159 -5.40 -10.71 -12.48
N ILE K 160 -6.51 -10.59 -11.75
CA ILE K 160 -7.53 -9.60 -12.08
C ILE K 160 -6.95 -8.19 -12.00
N LYS K 161 -6.05 -7.98 -11.04
CA LYS K 161 -5.44 -6.68 -10.82
C LYS K 161 -4.29 -6.35 -11.76
N ASN K 162 -3.45 -7.33 -12.06
CA ASN K 162 -2.27 -7.08 -12.91
C ASN K 162 -2.33 -7.59 -14.34
N ASN K 163 -3.27 -8.47 -14.66
CA ASN K 163 -3.40 -9.00 -16.01
C ASN K 163 -4.82 -9.50 -16.23
N PRO K 164 -5.80 -8.58 -16.19
CA PRO K 164 -7.23 -8.82 -16.36
C PRO K 164 -7.67 -9.58 -17.62
N THR K 165 -6.96 -9.37 -18.73
CA THR K 165 -7.33 -10.04 -19.97
C THR K 165 -6.88 -11.50 -20.01
N ASP K 166 -6.22 -11.95 -18.95
CA ASP K 166 -5.77 -13.33 -18.88
C ASP K 166 -6.98 -14.22 -19.05
N ARG K 167 -6.83 -15.36 -19.71
CA ARG K 167 -7.94 -16.28 -19.94
C ARG K 167 -7.90 -17.53 -19.08
N ARG K 168 -7.13 -17.49 -18.00
CA ARG K 168 -7.00 -18.64 -17.09
C ARG K 168 -7.41 -18.30 -15.65
N ILE K 169 -8.23 -17.28 -15.48
CA ILE K 169 -8.67 -16.87 -14.15
C ILE K 169 -9.69 -17.89 -13.63
N ILE K 170 -9.17 -19.04 -13.21
CA ILE K 170 -10.02 -20.14 -12.73
C ILE K 170 -9.86 -20.47 -11.25
N LEU K 171 -10.98 -20.81 -10.62
CA LEU K 171 -11.03 -21.20 -9.22
C LEU K 171 -11.76 -22.55 -9.22
N SER K 172 -11.02 -23.62 -8.96
CA SER K 172 -11.62 -24.95 -8.97
C SER K 172 -11.33 -25.79 -7.74
N ALA K 173 -12.33 -26.57 -7.33
CA ALA K 173 -12.21 -27.44 -6.17
C ALA K 173 -12.19 -28.90 -6.59
N TRP K 174 -12.38 -29.16 -7.89
CA TRP K 174 -12.39 -30.52 -8.39
C TRP K 174 -10.98 -31.12 -8.40
N ASN K 175 -10.80 -32.20 -7.66
CA ASN K 175 -9.51 -32.88 -7.58
C ASN K 175 -9.76 -34.38 -7.60
N PRO K 176 -9.65 -35.01 -8.78
CA PRO K 176 -9.85 -36.46 -8.92
C PRO K 176 -9.07 -37.32 -7.93
N LYS K 177 -7.87 -36.87 -7.57
CA LYS K 177 -7.04 -37.64 -6.65
C LYS K 177 -7.56 -37.58 -5.21
N ASP K 178 -8.05 -36.42 -4.78
CA ASP K 178 -8.55 -36.26 -3.42
C ASP K 178 -10.01 -36.65 -3.19
N LEU K 179 -10.77 -36.84 -4.27
CA LEU K 179 -12.18 -37.19 -4.17
C LEU K 179 -12.53 -38.23 -3.09
N PRO K 180 -11.86 -39.39 -3.11
CA PRO K 180 -12.16 -40.42 -2.10
C PRO K 180 -11.95 -39.98 -0.65
N LEU K 181 -11.17 -38.92 -0.44
CA LEU K 181 -10.92 -38.43 0.91
C LEU K 181 -11.99 -37.43 1.33
N MET K 182 -12.84 -37.04 0.37
CA MET K 182 -13.91 -36.09 0.64
C MET K 182 -15.21 -36.75 1.08
N ALA K 183 -15.85 -36.15 2.08
CA ALA K 183 -17.11 -36.68 2.58
C ALA K 183 -18.13 -36.58 1.45
N LEU K 184 -17.93 -35.59 0.58
CA LEU K 184 -18.82 -35.37 -0.55
C LEU K 184 -18.05 -34.63 -1.65
N PRO K 185 -18.16 -35.10 -2.90
CA PRO K 185 -17.45 -34.43 -4.01
C PRO K 185 -18.01 -33.03 -4.23
N PRO K 186 -17.18 -32.10 -4.70
CA PRO K 186 -17.62 -30.72 -4.95
C PRO K 186 -18.81 -30.65 -5.91
N CYS K 187 -19.84 -29.88 -5.53
CA CYS K 187 -21.00 -29.70 -6.40
C CYS K 187 -20.65 -28.56 -7.34
N HIS K 188 -20.30 -27.40 -6.76
CA HIS K 188 -19.88 -26.27 -7.58
C HIS K 188 -18.39 -26.53 -7.74
N MET K 189 -18.05 -27.30 -8.77
CA MET K 189 -16.67 -27.69 -9.03
C MET K 189 -15.67 -26.65 -9.53
N PHE K 190 -16.15 -25.50 -9.98
CA PHE K 190 -15.24 -24.46 -10.46
C PHE K 190 -15.98 -23.26 -11.05
N CYS K 191 -15.27 -22.15 -11.17
CA CYS K 191 -15.83 -20.94 -11.72
C CYS K 191 -14.73 -20.19 -12.46
N GLN K 192 -15.12 -19.33 -13.40
CA GLN K 192 -14.17 -18.56 -14.18
C GLN K 192 -14.57 -17.08 -14.11
N PHE K 193 -13.59 -16.23 -13.84
CA PHE K 193 -13.85 -14.80 -13.77
C PHE K 193 -13.42 -14.13 -15.06
N PHE K 194 -14.12 -13.06 -15.43
CA PHE K 194 -13.82 -12.32 -16.64
C PHE K 194 -13.86 -10.83 -16.30
N VAL K 195 -12.90 -10.08 -16.85
CA VAL K 195 -12.81 -8.65 -16.59
C VAL K 195 -12.93 -7.83 -17.87
N SER K 196 -13.94 -6.97 -17.94
CA SER K 196 -14.13 -6.12 -19.09
C SER K 196 -13.38 -4.83 -18.85
N LEU K 197 -12.53 -4.44 -19.80
CA LEU K 197 -11.73 -3.23 -19.67
C LEU K 197 -12.61 -1.99 -19.81
N PRO K 198 -12.20 -0.87 -19.20
CA PRO K 198 -12.96 0.39 -19.26
C PRO K 198 -13.16 0.85 -20.70
N PRO K 199 -14.39 1.22 -21.07
CA PRO K 199 -14.68 1.68 -22.43
C PRO K 199 -13.83 2.89 -22.81
N PRO K 203 -12.06 6.09 -19.66
CA PRO K 203 -11.01 5.19 -19.16
C PRO K 203 -10.82 5.27 -17.65
N GLY K 204 -11.58 6.14 -17.01
CA GLY K 204 -11.49 6.29 -15.57
C GLY K 204 -12.38 5.33 -14.81
N SER K 205 -13.37 4.78 -15.50
CA SER K 205 -14.31 3.84 -14.89
C SER K 205 -13.61 2.58 -14.42
N LYS K 206 -14.25 1.86 -13.50
CA LYS K 206 -13.70 0.62 -12.97
C LYS K 206 -13.99 -0.53 -13.91
N PRO K 207 -13.04 -1.46 -14.10
CA PRO K 207 -13.27 -2.59 -14.98
C PRO K 207 -14.44 -3.39 -14.42
N LYS K 208 -15.20 -4.04 -15.29
CA LYS K 208 -16.34 -4.84 -14.83
C LYS K 208 -15.94 -6.30 -14.62
N LEU K 209 -16.36 -6.85 -13.49
CA LEU K 209 -16.05 -8.25 -13.15
C LEU K 209 -17.26 -9.16 -13.26
N SER K 210 -17.09 -10.26 -13.97
CA SER K 210 -18.15 -11.24 -14.15
C SER K 210 -17.66 -12.60 -13.67
N CYS K 211 -18.59 -13.50 -13.39
CA CYS K 211 -18.24 -14.83 -12.90
C CYS K 211 -19.18 -15.90 -13.42
N LEU K 212 -18.60 -16.99 -13.93
CA LEU K 212 -19.39 -18.10 -14.42
C LEU K 212 -19.00 -19.31 -13.58
N MET K 213 -19.99 -19.95 -12.97
CA MET K 213 -19.75 -21.11 -12.14
C MET K 213 -20.49 -22.31 -12.70
N TYR K 214 -19.83 -23.47 -12.68
CA TYR K 214 -20.45 -24.69 -13.19
C TYR K 214 -20.71 -25.64 -12.03
N GLN K 215 -21.97 -26.06 -11.89
CA GLN K 215 -22.38 -26.98 -10.83
C GLN K 215 -22.78 -28.32 -11.45
N ARG K 216 -22.04 -29.37 -11.12
CA ARG K 216 -22.29 -30.72 -11.65
C ARG K 216 -23.61 -31.31 -11.19
N SER K 217 -23.96 -31.08 -9.93
CA SER K 217 -25.19 -31.61 -9.34
C SER K 217 -25.89 -30.44 -8.63
N CYS K 218 -27.18 -30.26 -8.92
CA CYS K 218 -27.91 -29.16 -8.34
C CYS K 218 -29.23 -29.48 -7.66
N ASP K 219 -29.25 -29.30 -6.34
CA ASP K 219 -30.45 -29.51 -5.54
C ASP K 219 -31.15 -28.15 -5.58
N LEU K 220 -32.03 -27.96 -6.55
CA LEU K 220 -32.73 -26.70 -6.70
C LEU K 220 -33.48 -26.22 -5.46
N GLY K 221 -34.09 -27.14 -4.74
CA GLY K 221 -34.83 -26.76 -3.55
C GLY K 221 -33.97 -26.15 -2.47
N LEU K 222 -32.94 -26.89 -2.04
CA LEU K 222 -32.06 -26.43 -0.97
C LEU K 222 -30.70 -25.86 -1.37
N GLY K 223 -30.01 -26.52 -2.30
CA GLY K 223 -28.70 -26.07 -2.70
C GLY K 223 -28.57 -24.82 -3.55
N VAL K 224 -29.21 -24.81 -4.71
CA VAL K 224 -29.14 -23.68 -5.64
C VAL K 224 -29.32 -22.30 -5.01
N PRO K 225 -30.31 -22.16 -4.10
CA PRO K 225 -30.49 -20.83 -3.49
C PRO K 225 -29.20 -20.34 -2.82
N PHE K 226 -28.50 -21.25 -2.16
CA PHE K 226 -27.24 -20.93 -1.48
C PHE K 226 -26.14 -20.67 -2.51
N ASN K 227 -26.01 -21.57 -3.48
CA ASN K 227 -24.99 -21.46 -4.51
C ASN K 227 -25.05 -20.12 -5.23
N ILE K 228 -26.25 -19.70 -5.62
CA ILE K 228 -26.42 -18.43 -6.33
C ILE K 228 -25.93 -17.24 -5.50
N ALA K 229 -26.40 -17.15 -4.26
CA ALA K 229 -26.02 -16.06 -3.37
C ALA K 229 -24.53 -16.14 -3.01
N SER K 230 -24.03 -17.35 -2.81
CA SER K 230 -22.64 -17.54 -2.44
C SER K 230 -21.67 -16.98 -3.49
N TYR K 231 -21.78 -17.42 -4.72
CA TYR K 231 -20.90 -16.94 -5.77
C TYR K 231 -21.13 -15.47 -6.11
N ALA K 232 -22.35 -15.01 -5.91
CA ALA K 232 -22.65 -13.61 -6.17
C ALA K 232 -21.88 -12.79 -5.14
N LEU K 233 -21.88 -13.28 -3.89
CA LEU K 233 -21.16 -12.62 -2.81
C LEU K 233 -19.66 -12.69 -3.00
N LEU K 234 -19.18 -13.84 -3.49
CA LEU K 234 -17.75 -14.01 -3.72
C LEU K 234 -17.27 -12.99 -4.75
N THR K 235 -18.08 -12.78 -5.78
CA THR K 235 -17.74 -11.83 -6.83
C THR K 235 -17.69 -10.41 -6.27
N HIS K 236 -18.63 -10.09 -5.37
CA HIS K 236 -18.67 -8.77 -4.76
C HIS K 236 -17.39 -8.58 -3.93
N MET K 237 -17.03 -9.62 -3.17
CA MET K 237 -15.84 -9.58 -2.34
C MET K 237 -14.60 -9.33 -3.17
N ILE K 238 -14.41 -10.15 -4.20
CA ILE K 238 -13.25 -10.03 -5.08
C ILE K 238 -13.22 -8.66 -5.75
N ALA K 239 -14.39 -8.17 -6.13
CA ALA K 239 -14.49 -6.87 -6.78
C ALA K 239 -13.95 -5.76 -5.89
N LEU K 240 -14.24 -5.85 -4.59
CA LEU K 240 -13.79 -4.85 -3.63
C LEU K 240 -12.27 -4.84 -3.49
N ILE K 241 -11.69 -6.03 -3.41
CA ILE K 241 -10.25 -6.17 -3.25
C ILE K 241 -9.46 -5.86 -4.52
N THR K 242 -10.09 -6.03 -5.68
CA THR K 242 -9.42 -5.78 -6.95
C THR K 242 -9.77 -4.44 -7.60
N ASP K 243 -10.57 -3.63 -6.91
CA ASP K 243 -10.97 -2.33 -7.44
C ASP K 243 -11.75 -2.46 -8.74
N THR K 244 -12.59 -3.48 -8.82
CA THR K 244 -13.42 -3.70 -10.01
C THR K 244 -14.88 -3.57 -9.63
N GLU K 245 -15.75 -3.49 -10.63
CA GLU K 245 -17.18 -3.35 -10.40
C GLU K 245 -17.91 -4.64 -10.76
N PRO K 246 -18.61 -5.24 -9.79
CA PRO K 246 -19.35 -6.48 -10.07
C PRO K 246 -20.33 -6.24 -11.22
N HIS K 247 -20.36 -7.16 -12.18
CA HIS K 247 -21.24 -6.99 -13.33
C HIS K 247 -22.27 -8.09 -13.52
N GLU K 248 -21.82 -9.32 -13.74
CA GLU K 248 -22.74 -10.42 -13.98
C GLU K 248 -22.28 -11.75 -13.42
N PHE K 249 -23.25 -12.58 -13.03
CA PHE K 249 -22.96 -13.91 -12.51
C PHE K 249 -23.73 -14.92 -13.35
N ILE K 250 -23.02 -15.88 -13.93
CA ILE K 250 -23.65 -16.91 -14.74
C ILE K 250 -23.51 -18.26 -14.05
N LEU K 251 -24.59 -19.03 -14.04
CA LEU K 251 -24.58 -20.34 -13.41
C LEU K 251 -25.03 -21.44 -14.37
N GLN K 252 -24.10 -22.32 -14.73
CA GLN K 252 -24.41 -23.42 -15.63
C GLN K 252 -24.55 -24.69 -14.81
N MET K 253 -25.67 -25.39 -15.01
CA MET K 253 -25.94 -26.62 -14.27
C MET K 253 -25.73 -27.88 -15.10
N GLY K 254 -25.37 -28.96 -14.40
CA GLY K 254 -25.20 -30.24 -15.06
C GLY K 254 -26.45 -31.02 -14.75
N ASP K 255 -26.41 -31.83 -13.69
CA ASP K 255 -27.56 -32.62 -13.29
C ASP K 255 -28.45 -31.74 -12.40
N ALA K 256 -29.43 -31.10 -13.01
CA ALA K 256 -30.37 -30.23 -12.30
C ALA K 256 -31.55 -31.08 -11.84
N HIS K 257 -31.75 -31.17 -10.54
CA HIS K 257 -32.82 -32.00 -10.00
C HIS K 257 -33.62 -31.42 -8.84
N VAL K 258 -34.81 -31.99 -8.64
CA VAL K 258 -35.71 -31.61 -7.56
C VAL K 258 -36.03 -32.91 -6.83
N TYR K 259 -35.62 -33.01 -5.56
CA TYR K 259 -35.89 -34.22 -4.81
C TYR K 259 -37.38 -34.50 -4.68
N ARG K 260 -37.73 -35.77 -4.60
CA ARG K 260 -39.12 -36.19 -4.49
C ARG K 260 -39.86 -35.52 -3.34
N ASP K 261 -39.21 -35.41 -2.19
CA ASP K 261 -39.84 -34.80 -1.03
C ASP K 261 -39.79 -33.27 -1.02
N HIS K 262 -39.42 -32.68 -2.16
CA HIS K 262 -39.36 -31.23 -2.28
C HIS K 262 -40.42 -30.71 -3.25
N VAL K 263 -40.99 -31.61 -4.04
CA VAL K 263 -42.01 -31.25 -5.02
C VAL K 263 -43.17 -30.44 -4.45
N GLU K 264 -43.84 -30.98 -3.44
CA GLU K 264 -44.97 -30.28 -2.84
C GLU K 264 -44.57 -28.95 -2.20
N PRO K 265 -43.50 -28.94 -1.38
CA PRO K 265 -43.08 -27.69 -0.76
C PRO K 265 -42.76 -26.60 -1.78
N LEU K 266 -42.14 -27.00 -2.89
CA LEU K 266 -41.79 -26.05 -3.95
C LEU K 266 -43.00 -25.52 -4.69
N LYS K 267 -44.06 -26.32 -4.78
CA LYS K 267 -45.27 -25.89 -5.47
C LYS K 267 -45.84 -24.67 -4.77
N THR K 268 -45.66 -24.61 -3.45
CA THR K 268 -46.15 -23.49 -2.65
C THR K 268 -45.33 -22.25 -3.01
N GLN K 269 -44.04 -22.43 -3.18
CA GLN K 269 -43.14 -21.33 -3.52
C GLN K 269 -43.42 -20.79 -4.91
N LEU K 270 -43.77 -21.68 -5.84
CA LEU K 270 -44.04 -21.29 -7.21
C LEU K 270 -45.22 -20.33 -7.35
N GLU K 271 -46.07 -20.29 -6.32
CA GLU K 271 -47.24 -19.42 -6.31
C GLU K 271 -46.89 -17.98 -5.93
N ARG K 272 -45.70 -17.80 -5.38
CA ARG K 272 -45.27 -16.47 -4.93
C ARG K 272 -44.57 -15.61 -5.97
N GLU K 273 -44.89 -14.31 -5.93
CA GLU K 273 -44.30 -13.34 -6.84
C GLU K 273 -43.06 -12.75 -6.18
N PRO K 274 -41.92 -12.77 -6.88
CA PRO K 274 -40.65 -12.24 -6.38
C PRO K 274 -40.67 -10.76 -6.01
N ARG K 275 -39.89 -10.40 -5.01
CA ARG K 275 -39.75 -9.01 -4.58
C ARG K 275 -38.40 -8.58 -5.16
N ASP K 276 -38.19 -7.28 -5.33
CA ASP K 276 -36.92 -6.81 -5.89
C ASP K 276 -35.77 -7.31 -5.03
N PHE K 277 -34.68 -7.73 -5.67
CA PHE K 277 -33.52 -8.23 -4.95
C PHE K 277 -32.94 -7.15 -4.03
N PRO K 278 -32.33 -7.57 -2.91
CA PRO K 278 -31.73 -6.63 -1.96
C PRO K 278 -30.39 -6.14 -2.49
N LYS K 279 -29.78 -5.19 -1.79
CA LYS K 279 -28.49 -4.68 -2.21
C LYS K 279 -27.44 -4.92 -1.14
N LEU K 280 -26.20 -5.08 -1.57
CA LEU K 280 -25.09 -5.33 -0.66
C LEU K 280 -24.24 -4.08 -0.43
N LYS K 281 -23.90 -3.85 0.83
CA LYS K 281 -23.07 -2.72 1.21
C LYS K 281 -22.02 -3.23 2.19
N TRP K 282 -20.85 -2.59 2.23
CA TRP K 282 -19.79 -3.01 3.13
C TRP K 282 -19.77 -2.15 4.39
N ALA K 283 -19.62 -2.79 5.54
CA ALA K 283 -19.58 -2.08 6.82
C ALA K 283 -18.22 -1.43 7.03
N ARG K 284 -17.24 -1.85 6.24
CA ARG K 284 -15.89 -1.31 6.34
C ARG K 284 -15.33 -1.01 4.95
N SER K 285 -14.23 -0.28 4.91
CA SER K 285 -13.60 0.09 3.64
C SER K 285 -12.63 -0.99 3.15
N LYS K 286 -12.20 -0.85 1.90
CA LYS K 286 -11.27 -1.79 1.29
C LYS K 286 -9.99 -1.86 2.10
N GLU K 287 -9.50 -0.70 2.53
CA GLU K 287 -8.29 -0.60 3.32
C GLU K 287 -8.42 -1.33 4.65
N GLU K 288 -9.55 -1.15 5.32
CA GLU K 288 -9.78 -1.80 6.61
C GLU K 288 -9.85 -3.31 6.46
N ILE K 289 -10.57 -3.79 5.45
CA ILE K 289 -10.70 -5.21 5.20
C ILE K 289 -9.34 -5.77 4.79
N GLY K 290 -8.58 -4.98 4.02
CA GLY K 290 -7.26 -5.39 3.59
C GLY K 290 -7.21 -6.30 2.36
N ASP K 291 -7.45 -7.59 2.58
CA ASP K 291 -7.44 -8.55 1.48
C ASP K 291 -8.61 -9.53 1.58
N ILE K 292 -8.62 -10.51 0.68
CA ILE K 292 -9.68 -11.50 0.63
C ILE K 292 -9.84 -12.29 1.93
N ASP K 293 -8.80 -12.31 2.76
CA ASP K 293 -8.86 -13.03 4.03
C ASP K 293 -9.26 -12.14 5.20
N GLY K 294 -9.58 -10.88 4.93
CA GLY K 294 -9.95 -9.98 6.00
C GLY K 294 -11.43 -9.71 6.19
N PHE K 295 -12.29 -10.43 5.47
CA PHE K 295 -13.73 -10.22 5.60
C PHE K 295 -14.31 -10.87 6.84
N LYS K 296 -15.38 -10.26 7.37
CA LYS K 296 -16.06 -10.75 8.56
C LYS K 296 -17.56 -10.76 8.26
N VAL K 297 -18.30 -11.66 8.91
CA VAL K 297 -19.74 -11.75 8.70
C VAL K 297 -20.41 -10.38 8.80
N GLU K 298 -20.08 -9.63 9.84
CA GLU K 298 -20.66 -8.31 10.05
C GLU K 298 -20.32 -7.27 8.98
N ASP K 299 -19.39 -7.59 8.10
CA ASP K 299 -19.02 -6.66 7.03
C ASP K 299 -20.10 -6.62 5.95
N PHE K 300 -20.86 -7.71 5.83
CA PHE K 300 -21.91 -7.80 4.83
C PHE K 300 -23.21 -7.15 5.27
N VAL K 301 -23.48 -5.96 4.75
CA VAL K 301 -24.71 -5.23 5.07
C VAL K 301 -25.71 -5.35 3.93
N VAL K 302 -26.64 -6.30 4.07
CA VAL K 302 -27.67 -6.53 3.06
C VAL K 302 -28.92 -5.74 3.42
N GLU K 303 -29.28 -4.77 2.59
CA GLU K 303 -30.44 -3.94 2.83
C GLU K 303 -31.53 -4.13 1.78
N GLY K 304 -32.79 -4.04 2.22
CA GLY K 304 -33.90 -4.18 1.31
C GLY K 304 -34.34 -5.61 1.05
N TYR K 305 -33.90 -6.54 1.88
CA TYR K 305 -34.29 -7.95 1.70
C TYR K 305 -35.70 -8.12 2.24
N LYS K 306 -36.64 -8.43 1.35
CA LYS K 306 -38.03 -8.62 1.74
C LYS K 306 -38.59 -9.91 1.15
N PRO K 307 -38.24 -11.06 1.73
CA PRO K 307 -38.70 -12.37 1.27
C PRO K 307 -40.03 -12.81 1.86
N TRP K 308 -40.61 -13.85 1.27
CA TRP K 308 -41.87 -14.39 1.77
C TRP K 308 -41.47 -15.33 2.90
N GLY K 309 -42.44 -16.08 3.42
CA GLY K 309 -42.15 -17.00 4.51
C GLY K 309 -41.20 -18.12 4.15
N LYS K 310 -40.64 -18.76 5.17
CA LYS K 310 -39.72 -19.87 4.95
C LYS K 310 -40.47 -21.08 4.45
N ILE K 311 -39.78 -21.96 3.75
CA ILE K 311 -40.37 -23.19 3.22
C ILE K 311 -39.51 -24.35 3.66
N ASP K 312 -40.06 -25.19 4.52
CA ASP K 312 -39.35 -26.34 5.05
C ASP K 312 -39.09 -27.42 4.01
N MET K 313 -37.84 -27.84 3.92
CA MET K 313 -37.43 -28.89 3.01
C MET K 313 -36.30 -29.69 3.65
N LYS K 314 -36.47 -31.00 3.70
CA LYS K 314 -35.48 -31.88 4.29
C LYS K 314 -34.33 -32.17 3.33
N MET K 315 -33.10 -32.16 3.84
CA MET K 315 -31.94 -32.43 3.02
C MET K 315 -31.65 -33.93 3.05
N SER K 316 -31.38 -34.50 1.89
CA SER K 316 -31.08 -35.92 1.80
C SER K 316 -29.56 -36.11 1.88
N ALA K 317 -29.12 -36.76 2.94
CA ALA K 317 -27.70 -37.02 3.17
C ALA K 317 -27.11 -37.94 2.11
N PRO L 16 -33.60 -23.08 -41.29
CA PRO L 16 -33.18 -22.09 -40.26
C PRO L 16 -32.93 -22.76 -38.92
N ASP L 17 -33.20 -24.05 -38.84
CA ASP L 17 -33.01 -24.80 -37.60
C ASP L 17 -31.69 -25.58 -37.60
N HIS L 18 -30.91 -25.45 -38.66
CA HIS L 18 -29.63 -26.15 -38.73
C HIS L 18 -28.77 -25.73 -37.55
N GLU L 19 -28.29 -26.71 -36.80
CA GLU L 19 -27.46 -26.46 -35.62
C GLU L 19 -26.19 -25.67 -35.87
N GLU L 20 -25.67 -25.71 -37.10
CA GLU L 20 -24.45 -24.97 -37.40
C GLU L 20 -24.64 -23.46 -37.32
N TYR L 21 -25.88 -23.00 -37.42
CA TYR L 21 -26.14 -21.57 -37.34
C TYR L 21 -25.79 -21.02 -35.96
N GLN L 22 -25.75 -21.89 -34.95
CA GLN L 22 -25.40 -21.47 -33.59
C GLN L 22 -23.98 -20.92 -33.66
N TYR L 23 -23.11 -21.69 -34.31
CA TYR L 23 -21.71 -21.32 -34.47
C TYR L 23 -21.57 -20.06 -35.30
N LEU L 24 -22.23 -20.02 -36.46
CA LEU L 24 -22.17 -18.87 -37.35
C LEU L 24 -22.72 -17.59 -36.70
N ASP L 25 -23.85 -17.72 -36.01
CA ASP L 25 -24.48 -16.58 -35.36
C ASP L 25 -23.61 -16.00 -34.25
N LEU L 26 -22.95 -16.86 -33.47
CA LEU L 26 -22.10 -16.38 -32.39
C LEU L 26 -20.92 -15.58 -32.94
N ILE L 27 -20.32 -16.07 -34.02
CA ILE L 27 -19.20 -15.38 -34.64
C ILE L 27 -19.65 -14.01 -35.13
N ARG L 28 -20.82 -13.97 -35.75
CA ARG L 28 -21.37 -12.72 -36.26
C ARG L 28 -21.58 -11.75 -35.09
N ARG L 29 -22.09 -12.27 -33.99
CA ARG L 29 -22.35 -11.45 -32.81
C ARG L 29 -21.04 -10.92 -32.21
N ILE L 30 -20.05 -11.80 -32.07
CA ILE L 30 -18.76 -11.41 -31.50
C ILE L 30 -18.12 -10.29 -32.33
N ILE L 31 -18.17 -10.43 -33.64
CA ILE L 31 -17.60 -9.43 -34.52
C ILE L 31 -18.35 -8.10 -34.40
N ASN L 32 -19.68 -8.19 -34.29
CA ASN L 32 -20.54 -7.02 -34.18
C ASN L 32 -20.46 -6.27 -32.84
N VAL L 33 -20.74 -6.96 -31.74
CA VAL L 33 -20.72 -6.32 -30.43
C VAL L 33 -19.64 -6.80 -29.47
N GLY L 34 -18.71 -7.61 -29.98
CA GLY L 34 -17.64 -8.11 -29.14
C GLY L 34 -16.73 -6.99 -28.66
N GLU L 35 -15.98 -7.26 -27.60
CA GLU L 35 -15.05 -6.28 -27.03
C GLU L 35 -13.63 -6.52 -27.53
N VAL L 36 -13.01 -5.48 -28.08
CA VAL L 36 -11.63 -5.59 -28.57
C VAL L 36 -10.72 -5.69 -27.37
N ARG L 37 -9.92 -6.76 -27.31
CA ARG L 37 -9.04 -6.96 -26.17
C ARG L 37 -7.65 -7.47 -26.52
N PRO L 38 -6.65 -7.13 -25.69
CA PRO L 38 -5.26 -7.57 -25.90
C PRO L 38 -5.25 -9.01 -25.40
N ASP L 39 -4.23 -9.77 -25.74
CA ASP L 39 -4.17 -11.16 -25.27
C ASP L 39 -2.75 -11.68 -25.20
N ARG L 40 -2.62 -12.89 -24.66
CA ARG L 40 -1.33 -13.56 -24.49
C ARG L 40 -0.53 -13.67 -25.79
N THR L 41 -1.19 -14.02 -26.89
CA THR L 41 -0.51 -14.17 -28.17
C THR L 41 0.02 -12.86 -28.74
N GLY L 42 -0.67 -11.77 -28.47
CA GLY L 42 -0.23 -10.48 -28.97
C GLY L 42 -0.91 -10.04 -30.26
N THR L 43 -1.74 -10.90 -30.84
CA THR L 43 -2.43 -10.54 -32.07
C THR L 43 -3.73 -9.80 -31.76
N GLY L 44 -4.26 -10.01 -30.57
CA GLY L 44 -5.48 -9.35 -30.17
C GLY L 44 -6.72 -10.11 -30.60
N THR L 45 -7.84 -9.85 -29.93
CA THR L 45 -9.10 -10.51 -30.25
C THR L 45 -10.31 -9.62 -29.96
N VAL L 46 -11.47 -10.14 -30.32
CA VAL L 46 -12.74 -9.47 -30.06
C VAL L 46 -13.49 -10.58 -29.32
N ALA L 47 -13.99 -10.30 -28.12
CA ALA L 47 -14.65 -11.36 -27.37
C ALA L 47 -15.90 -11.00 -26.57
N LEU L 48 -16.55 -12.07 -26.12
CA LEU L 48 -17.76 -12.00 -25.31
C LEU L 48 -17.59 -13.10 -24.25
N PHE L 49 -18.09 -12.86 -23.05
CA PHE L 49 -17.97 -13.84 -21.99
C PHE L 49 -19.25 -14.60 -21.71
N ALA L 50 -19.11 -15.91 -21.51
CA ALA L 50 -20.23 -16.78 -21.20
C ALA L 50 -21.47 -16.62 -22.07
N PRO L 51 -21.33 -16.76 -23.40
CA PRO L 51 -22.51 -16.62 -24.26
C PRO L 51 -23.35 -17.89 -24.14
N PRO L 52 -24.60 -17.86 -24.63
CA PRO L 52 -25.44 -19.05 -24.54
C PRO L 52 -24.70 -20.27 -25.06
N SER L 53 -24.89 -21.42 -24.41
CA SER L 53 -24.21 -22.65 -24.80
C SER L 53 -24.75 -23.23 -26.10
N PHE L 54 -23.92 -24.05 -26.75
CA PHE L 54 -24.31 -24.70 -28.00
C PHE L 54 -24.87 -26.07 -27.67
N ARG L 55 -25.85 -26.52 -28.46
CA ARG L 55 -26.45 -27.84 -28.25
C ARG L 55 -26.48 -28.55 -29.60
N PHE L 56 -25.92 -29.76 -29.64
CA PHE L 56 -25.88 -30.54 -30.85
C PHE L 56 -26.46 -31.92 -30.64
N SER L 57 -27.35 -32.34 -31.52
CA SER L 57 -27.97 -33.66 -31.42
C SER L 57 -27.00 -34.70 -31.97
N LEU L 58 -26.85 -35.80 -31.22
CA LEU L 58 -25.96 -36.88 -31.65
C LEU L 58 -26.78 -38.11 -32.02
N ALA L 59 -28.10 -37.95 -32.08
CA ALA L 59 -28.99 -39.04 -32.42
C ALA L 59 -28.85 -39.42 -33.89
N ASP L 60 -29.28 -40.63 -34.24
CA ASP L 60 -29.22 -41.11 -35.61
C ASP L 60 -27.79 -41.06 -36.17
N ASN L 61 -26.82 -41.40 -35.31
CA ASN L 61 -25.41 -41.42 -35.70
C ASN L 61 -24.90 -40.09 -36.26
N THR L 62 -25.54 -38.99 -35.86
CA THR L 62 -25.15 -37.68 -36.36
C THR L 62 -23.84 -37.16 -35.75
N LEU L 63 -22.99 -36.60 -36.60
CA LEU L 63 -21.72 -36.04 -36.17
C LEU L 63 -21.67 -34.57 -36.54
N PRO L 64 -21.68 -33.67 -35.54
CA PRO L 64 -21.65 -32.23 -35.79
C PRO L 64 -20.31 -31.71 -36.32
N LEU L 65 -19.95 -32.12 -37.53
CA LEU L 65 -18.71 -31.69 -38.17
C LEU L 65 -19.09 -30.53 -39.08
N LEU L 66 -18.67 -29.32 -38.72
CA LEU L 66 -18.99 -28.12 -39.48
C LEU L 66 -18.84 -28.30 -40.99
N THR L 67 -19.79 -27.72 -41.74
CA THR L 67 -19.80 -27.83 -43.18
C THR L 67 -19.52 -26.53 -43.92
N THR L 68 -19.60 -25.40 -43.22
CA THR L 68 -19.36 -24.11 -43.87
C THR L 68 -17.88 -23.91 -44.22
N LYS L 69 -17.09 -24.95 -43.97
CA LYS L 69 -15.66 -24.94 -44.28
C LYS L 69 -15.16 -26.37 -44.11
N ARG L 70 -14.10 -26.72 -44.84
CA ARG L 70 -13.57 -28.08 -44.73
C ARG L 70 -12.78 -28.23 -43.44
N VAL L 71 -13.23 -29.14 -42.59
CA VAL L 71 -12.56 -29.40 -41.32
C VAL L 71 -11.65 -30.61 -41.42
N PHE L 72 -10.43 -30.47 -40.92
CA PHE L 72 -9.45 -31.56 -40.95
C PHE L 72 -9.91 -32.69 -40.02
N LEU L 73 -10.86 -33.48 -40.51
CA LEU L 73 -11.42 -34.60 -39.74
C LEU L 73 -10.37 -35.55 -39.19
N ARG L 74 -9.46 -36.01 -40.04
CA ARG L 74 -8.41 -36.93 -39.59
C ARG L 74 -7.62 -36.33 -38.44
N GLY L 75 -7.40 -35.03 -38.49
CA GLY L 75 -6.67 -34.36 -37.44
C GLY L 75 -7.42 -34.42 -36.12
N VAL L 76 -8.74 -34.22 -36.18
CA VAL L 76 -9.58 -34.26 -35.00
C VAL L 76 -9.51 -35.65 -34.36
N ILE L 77 -9.72 -36.67 -35.19
CA ILE L 77 -9.70 -38.06 -34.72
C ILE L 77 -8.34 -38.40 -34.12
N ALA L 78 -7.27 -38.09 -34.84
CA ALA L 78 -5.92 -38.38 -34.38
C ALA L 78 -5.67 -37.77 -33.01
N GLU L 79 -5.99 -36.48 -32.85
CA GLU L 79 -5.79 -35.81 -31.58
C GLU L 79 -6.58 -36.48 -30.46
N LEU L 80 -7.82 -36.86 -30.76
CA LEU L 80 -8.67 -37.51 -29.76
C LEU L 80 -8.10 -38.85 -29.28
N LEU L 81 -7.73 -39.71 -30.21
CA LEU L 81 -7.17 -41.01 -29.85
C LEU L 81 -5.87 -40.78 -29.09
N TRP L 82 -5.23 -39.65 -29.39
CA TRP L 82 -3.99 -39.27 -28.75
C TRP L 82 -4.30 -38.93 -27.29
N PHE L 83 -5.38 -38.19 -27.05
CA PHE L 83 -5.77 -37.84 -25.69
C PHE L 83 -6.04 -39.12 -24.91
N VAL L 84 -6.91 -39.95 -25.47
CA VAL L 84 -7.29 -41.22 -24.85
C VAL L 84 -6.09 -42.07 -24.46
N SER L 85 -5.07 -42.11 -25.31
CA SER L 85 -3.88 -42.90 -25.02
C SER L 85 -3.10 -42.34 -23.85
N GLY L 86 -3.40 -41.10 -23.46
CA GLY L 86 -2.71 -40.47 -22.35
C GLY L 86 -1.35 -39.92 -22.75
N CYS L 87 -1.05 -39.99 -24.05
CA CYS L 87 0.22 -39.51 -24.58
C CYS L 87 0.28 -37.99 -24.61
N THR L 88 1.45 -37.44 -24.35
CA THR L 88 1.65 -36.00 -24.34
C THR L 88 2.78 -35.57 -25.27
N ASP L 89 3.15 -36.45 -26.19
CA ASP L 89 4.22 -36.17 -27.15
C ASP L 89 3.60 -35.78 -28.49
N ALA L 90 3.73 -34.52 -28.85
CA ALA L 90 3.19 -33.99 -30.11
C ALA L 90 3.76 -34.68 -31.34
N LYS L 91 4.95 -35.28 -31.21
CA LYS L 91 5.58 -35.96 -32.33
C LYS L 91 4.73 -37.13 -32.79
N MET L 92 3.88 -37.64 -31.90
CA MET L 92 3.01 -38.76 -32.22
C MET L 92 1.91 -38.32 -33.17
N LEU L 93 1.69 -37.01 -33.25
CA LEU L 93 0.68 -36.45 -34.13
C LEU L 93 1.33 -36.01 -35.45
N SER L 94 2.45 -35.31 -35.35
CA SER L 94 3.16 -34.83 -36.52
C SER L 94 3.71 -36.00 -37.36
N SER L 95 4.01 -37.11 -36.70
CA SER L 95 4.53 -38.28 -37.40
C SER L 95 3.46 -38.89 -38.29
N GLN L 96 2.20 -38.63 -37.97
CA GLN L 96 1.10 -39.15 -38.78
C GLN L 96 0.42 -38.05 -39.60
N GLY L 97 1.16 -36.97 -39.85
CA GLY L 97 0.64 -35.88 -40.65
C GLY L 97 -0.29 -34.88 -39.99
N VAL L 98 -0.26 -34.79 -38.66
CA VAL L 98 -1.10 -33.86 -37.93
C VAL L 98 -0.23 -32.92 -37.12
N GLY L 99 -0.14 -31.66 -37.54
CA GLY L 99 0.71 -30.71 -36.84
C GLY L 99 0.01 -29.61 -36.06
N ILE L 100 -1.21 -29.88 -35.59
CA ILE L 100 -1.96 -28.88 -34.83
C ILE L 100 -1.26 -28.47 -33.54
N TRP L 101 -0.42 -29.34 -33.00
CA TRP L 101 0.31 -29.04 -31.76
C TRP L 101 1.78 -28.73 -31.98
N ASP L 102 2.19 -28.60 -33.23
CA ASP L 102 3.59 -28.29 -33.55
C ASP L 102 3.96 -26.90 -33.07
N GLY L 103 2.99 -25.98 -33.12
CA GLY L 103 3.23 -24.62 -32.69
C GLY L 103 3.61 -24.47 -31.23
N ASN L 104 2.84 -25.09 -30.34
CA ASN L 104 3.12 -24.99 -28.91
C ASN L 104 4.10 -26.05 -28.42
N GLY L 105 4.49 -26.94 -29.33
CA GLY L 105 5.43 -27.99 -28.97
C GLY L 105 6.81 -27.71 -29.52
N SER L 106 6.93 -26.65 -30.32
CA SER L 106 8.20 -26.28 -30.92
C SER L 106 9.22 -25.95 -29.84
N LYS L 107 10.48 -26.21 -30.14
CA LYS L 107 11.57 -25.94 -29.21
C LYS L 107 11.62 -24.45 -28.87
N GLU L 108 11.22 -23.63 -29.83
CA GLU L 108 11.20 -22.18 -29.64
C GLU L 108 10.17 -21.76 -28.60
N PHE L 109 8.96 -22.28 -28.73
CA PHE L 109 7.89 -21.93 -27.81
C PHE L 109 8.17 -22.45 -26.40
N LEU L 110 8.57 -23.71 -26.31
CA LEU L 110 8.87 -24.33 -25.03
C LEU L 110 9.88 -23.50 -24.23
N GLU L 111 10.98 -23.13 -24.88
CA GLU L 111 12.01 -22.33 -24.22
C GLU L 111 11.43 -20.97 -23.87
N LYS L 112 10.48 -20.52 -24.69
CA LYS L 112 9.82 -19.23 -24.50
C LYS L 112 9.01 -19.21 -23.20
N VAL L 113 8.40 -20.32 -22.85
CA VAL L 113 7.58 -20.41 -21.63
C VAL L 113 8.34 -21.04 -20.45
N GLY L 114 9.66 -21.04 -20.54
CA GLY L 114 10.48 -21.59 -19.46
C GLY L 114 10.57 -23.10 -19.39
N LEU L 115 10.35 -23.78 -20.50
CA LEU L 115 10.42 -25.24 -20.54
C LEU L 115 11.49 -25.69 -21.52
N GLY L 116 12.64 -25.02 -21.50
CA GLY L 116 13.72 -25.35 -22.41
C GLY L 116 14.43 -26.66 -22.12
N HIS L 117 14.21 -27.22 -20.95
CA HIS L 117 14.83 -28.48 -20.57
C HIS L 117 14.13 -29.67 -21.21
N ARG L 118 13.07 -29.40 -21.97
CA ARG L 118 12.31 -30.47 -22.61
C ARG L 118 12.64 -30.58 -24.10
N ARG L 119 12.57 -31.79 -24.63
CA ARG L 119 12.84 -31.99 -26.03
C ARG L 119 11.62 -31.49 -26.80
N GLU L 120 11.82 -31.11 -28.06
CA GLU L 120 10.73 -30.61 -28.89
C GLU L 120 9.58 -31.62 -28.95
N GLY L 121 8.36 -31.12 -28.77
CA GLY L 121 7.20 -32.00 -28.82
C GLY L 121 6.69 -32.45 -27.46
N ASP L 122 7.52 -32.31 -26.43
CA ASP L 122 7.12 -32.71 -25.08
C ASP L 122 6.30 -31.59 -24.43
N LEU L 123 4.99 -31.64 -24.64
CA LEU L 123 4.07 -30.64 -24.11
C LEU L 123 3.92 -30.64 -22.60
N GLY L 124 4.23 -31.77 -21.95
CA GLY L 124 4.09 -31.85 -20.51
C GLY L 124 2.83 -32.61 -20.12
N PRO L 125 2.43 -32.55 -18.84
CA PRO L 125 1.23 -33.25 -18.37
C PRO L 125 -0.09 -32.61 -18.84
N VAL L 126 -0.30 -32.60 -20.15
CA VAL L 126 -1.52 -32.01 -20.70
C VAL L 126 -2.66 -33.01 -20.81
N TYR L 127 -3.75 -32.56 -21.44
CA TYR L 127 -4.97 -33.36 -21.63
C TYR L 127 -4.88 -34.85 -21.34
N GLY L 128 -4.36 -35.62 -22.30
CA GLY L 128 -4.25 -37.05 -22.14
C GLY L 128 -3.67 -37.56 -20.82
N PHE L 129 -2.61 -36.91 -20.35
CA PHE L 129 -1.98 -37.32 -19.12
C PHE L 129 -2.91 -37.16 -17.92
N GLN L 130 -3.61 -36.04 -17.86
CA GLN L 130 -4.54 -35.77 -16.77
C GLN L 130 -5.72 -36.73 -16.83
N TRP L 131 -6.19 -37.01 -18.05
CA TRP L 131 -7.31 -37.90 -18.28
C TRP L 131 -7.10 -39.32 -17.76
N ARG L 132 -5.90 -39.85 -17.97
CA ARG L 132 -5.60 -41.22 -17.56
C ARG L 132 -4.65 -41.38 -16.37
N HIS L 133 -3.97 -40.30 -15.97
CA HIS L 133 -3.02 -40.38 -14.86
C HIS L 133 -3.06 -39.17 -13.93
N PHE L 134 -4.23 -38.59 -13.72
CA PHE L 134 -4.31 -37.41 -12.86
C PHE L 134 -3.69 -37.65 -11.49
N GLY L 135 -2.83 -36.73 -11.07
CA GLY L 135 -2.18 -36.86 -9.78
C GLY L 135 -0.79 -37.46 -9.83
N ALA L 136 -0.51 -38.24 -10.87
CA ALA L 136 0.80 -38.87 -11.01
C ALA L 136 1.90 -37.83 -11.22
N GLU L 137 3.12 -38.22 -10.87
CA GLU L 137 4.29 -37.35 -11.01
C GLU L 137 4.76 -37.38 -12.46
N TYR L 138 4.90 -36.21 -13.07
CA TYR L 138 5.34 -36.14 -14.46
C TYR L 138 6.84 -35.89 -14.56
N THR L 139 7.52 -36.69 -15.36
CA THR L 139 8.95 -36.53 -15.58
C THR L 139 9.10 -35.96 -16.99
N ASP L 140 8.86 -36.80 -18.00
CA ASP L 140 8.94 -36.38 -19.39
C ASP L 140 7.88 -37.18 -20.17
N ALA L 141 7.82 -37.06 -21.50
CA ALA L 141 6.81 -37.82 -22.24
C ALA L 141 7.07 -39.32 -22.34
N ASP L 142 8.31 -39.72 -22.07
CA ASP L 142 8.69 -41.13 -22.15
C ASP L 142 8.51 -41.85 -20.82
N GLY L 143 8.12 -41.12 -19.80
CA GLY L 143 7.93 -41.71 -18.49
C GLY L 143 6.92 -42.84 -18.45
N ASP L 144 7.11 -43.76 -17.53
CA ASP L 144 6.21 -44.91 -17.38
C ASP L 144 5.13 -44.55 -16.37
N TYR L 145 3.93 -44.29 -16.86
CA TYR L 145 2.81 -43.90 -16.00
C TYR L 145 1.73 -44.96 -15.88
N LYS L 146 1.92 -46.10 -16.54
CA LYS L 146 0.94 -47.18 -16.49
C LYS L 146 0.59 -47.54 -15.06
N GLY L 147 -0.70 -47.49 -14.74
CA GLY L 147 -1.15 -47.82 -13.40
C GLY L 147 -0.91 -46.74 -12.37
N LYS L 148 -0.47 -45.57 -12.83
CA LYS L 148 -0.20 -44.46 -11.92
C LYS L 148 -1.21 -43.32 -12.12
N GLY L 149 -1.60 -42.70 -11.01
CA GLY L 149 -2.56 -41.60 -11.08
C GLY L 149 -3.97 -42.13 -11.21
N VAL L 150 -4.94 -41.22 -11.30
CA VAL L 150 -6.34 -41.59 -11.43
C VAL L 150 -6.75 -41.68 -12.90
N ASP L 151 -7.29 -42.83 -13.30
CA ASP L 151 -7.74 -43.01 -14.67
C ASP L 151 -9.20 -42.60 -14.74
N GLN L 152 -9.42 -41.30 -14.95
CA GLN L 152 -10.77 -40.75 -15.02
C GLN L 152 -11.61 -41.34 -16.14
N LEU L 153 -11.00 -41.50 -17.31
CA LEU L 153 -11.71 -42.03 -18.47
C LEU L 153 -12.30 -43.42 -18.24
N GLN L 154 -11.51 -44.34 -17.72
CA GLN L 154 -12.02 -45.68 -17.47
C GLN L 154 -13.08 -45.68 -16.38
N ARG L 155 -12.90 -44.81 -15.38
CA ARG L 155 -13.88 -44.72 -14.31
C ARG L 155 -15.21 -44.25 -14.86
N VAL L 156 -15.15 -43.34 -15.84
CA VAL L 156 -16.36 -42.83 -16.48
C VAL L 156 -17.07 -44.00 -17.18
N ILE L 157 -16.29 -44.83 -17.87
CA ILE L 157 -16.83 -45.98 -18.58
C ILE L 157 -17.51 -46.94 -17.60
N ASP L 158 -16.79 -47.30 -16.55
CA ASP L 158 -17.30 -48.20 -15.53
C ASP L 158 -18.56 -47.67 -14.86
N THR L 159 -18.59 -46.38 -14.58
CA THR L 159 -19.73 -45.75 -13.93
C THR L 159 -20.97 -45.73 -14.81
N ILE L 160 -20.79 -45.43 -16.08
CA ILE L 160 -21.91 -45.37 -17.02
C ILE L 160 -22.56 -46.75 -17.13
N LYS L 161 -21.73 -47.79 -17.09
CA LYS L 161 -22.21 -49.17 -17.20
C LYS L 161 -22.81 -49.76 -15.93
N ASN L 162 -22.23 -49.45 -14.78
CA ASN L 162 -22.71 -50.01 -13.52
C ASN L 162 -23.48 -49.10 -12.58
N ASN L 163 -23.40 -47.79 -12.78
CA ASN L 163 -24.13 -46.85 -11.93
C ASN L 163 -24.36 -45.56 -12.71
N PRO L 164 -25.14 -45.64 -13.80
CA PRO L 164 -25.49 -44.53 -14.69
C PRO L 164 -26.06 -43.28 -14.04
N THR L 165 -26.86 -43.45 -12.99
CA THR L 165 -27.45 -42.30 -12.33
C THR L 165 -26.47 -41.53 -11.45
N ASP L 166 -25.24 -42.01 -11.38
CA ASP L 166 -24.21 -41.34 -10.58
C ASP L 166 -24.11 -39.90 -11.09
N ARG L 167 -23.84 -38.96 -10.20
CA ARG L 167 -23.76 -37.56 -10.59
C ARG L 167 -22.35 -36.99 -10.54
N ARG L 168 -21.35 -37.88 -10.60
CA ARG L 168 -19.95 -37.48 -10.58
C ARG L 168 -19.19 -37.99 -11.81
N ILE L 169 -19.91 -38.28 -12.89
CA ILE L 169 -19.29 -38.77 -14.12
C ILE L 169 -18.56 -37.62 -14.81
N ILE L 170 -17.38 -37.29 -14.26
CA ILE L 170 -16.58 -36.18 -14.77
C ILE L 170 -15.24 -36.60 -15.37
N LEU L 171 -14.84 -35.89 -16.42
CA LEU L 171 -13.56 -36.11 -17.08
C LEU L 171 -12.91 -34.73 -17.13
N SER L 172 -11.87 -34.53 -16.34
CA SER L 172 -11.22 -33.21 -16.29
C SER L 172 -9.70 -33.24 -16.49
N ALA L 173 -9.19 -32.22 -17.17
CA ALA L 173 -7.77 -32.11 -17.43
C ALA L 173 -7.17 -30.94 -16.66
N TRP L 174 -8.03 -30.19 -15.97
CA TRP L 174 -7.56 -29.05 -15.20
C TRP L 174 -6.84 -29.49 -13.94
N ASN L 175 -5.59 -29.07 -13.81
CA ASN L 175 -4.76 -29.42 -12.66
C ASN L 175 -3.92 -28.21 -12.27
N PRO L 176 -4.39 -27.42 -11.30
CA PRO L 176 -3.67 -26.22 -10.85
C PRO L 176 -2.19 -26.47 -10.53
N LYS L 177 -1.88 -27.64 -9.99
CA LYS L 177 -0.51 -27.96 -9.65
C LYS L 177 0.40 -28.19 -10.85
N ASP L 178 -0.11 -28.89 -11.86
CA ASP L 178 0.67 -29.19 -13.05
C ASP L 178 0.70 -28.09 -14.12
N LEU L 179 -0.19 -27.11 -14.01
CA LEU L 179 -0.27 -26.03 -15.00
C LEU L 179 1.08 -25.51 -15.50
N PRO L 180 1.96 -25.06 -14.59
CA PRO L 180 3.26 -24.54 -15.02
C PRO L 180 4.13 -25.52 -15.81
N LEU L 181 3.82 -26.82 -15.72
CA LEU L 181 4.58 -27.82 -16.45
C LEU L 181 3.98 -28.04 -17.84
N MET L 182 2.84 -27.39 -18.09
CA MET L 182 2.15 -27.51 -19.37
C MET L 182 2.55 -26.42 -20.36
N ALA L 183 2.77 -26.82 -21.61
CA ALA L 183 3.13 -25.87 -22.64
C ALA L 183 1.98 -24.90 -22.82
N LEU L 184 0.77 -25.38 -22.53
CA LEU L 184 -0.43 -24.58 -22.65
C LEU L 184 -1.50 -25.16 -21.74
N PRO L 185 -2.17 -24.32 -20.93
CA PRO L 185 -3.21 -24.80 -20.03
C PRO L 185 -4.39 -25.35 -20.83
N PRO L 186 -5.11 -26.34 -20.28
CA PRO L 186 -6.26 -26.94 -20.98
C PRO L 186 -7.32 -25.91 -21.35
N CYS L 187 -7.80 -25.97 -22.60
CA CYS L 187 -8.84 -25.07 -23.06
C CYS L 187 -10.15 -25.74 -22.69
N HIS L 188 -10.35 -26.97 -23.15
CA HIS L 188 -11.53 -27.73 -22.78
C HIS L 188 -11.07 -28.41 -21.51
N MET L 189 -11.32 -27.73 -20.38
CA MET L 189 -10.87 -28.22 -19.08
C MET L 189 -11.63 -29.38 -18.44
N PHE L 190 -12.82 -29.69 -18.92
CA PHE L 190 -13.58 -30.81 -18.36
C PHE L 190 -14.93 -30.97 -19.05
N CYS L 191 -15.55 -32.12 -18.81
CA CYS L 191 -16.86 -32.43 -19.36
C CYS L 191 -17.58 -33.35 -18.39
N GLN L 192 -18.90 -33.38 -18.48
CA GLN L 192 -19.72 -34.21 -17.62
C GLN L 192 -20.68 -35.05 -18.47
N PHE L 193 -20.74 -36.34 -18.17
CA PHE L 193 -21.63 -37.22 -18.92
C PHE L 193 -22.90 -37.49 -18.12
N PHE L 194 -24.00 -37.69 -18.83
CA PHE L 194 -25.28 -37.96 -18.21
C PHE L 194 -25.96 -39.09 -18.97
N VAL L 195 -26.56 -40.01 -18.21
CA VAL L 195 -27.23 -41.16 -18.81
C VAL L 195 -28.71 -41.20 -18.46
N SER L 196 -29.56 -41.15 -19.49
CA SER L 196 -31.00 -41.21 -19.30
C SER L 196 -31.39 -42.67 -19.32
N LEU L 197 -32.13 -43.10 -18.30
CA LEU L 197 -32.56 -44.48 -18.22
C LEU L 197 -33.66 -44.77 -19.25
N PRO L 198 -33.79 -46.04 -19.67
CA PRO L 198 -34.81 -46.42 -20.66
C PRO L 198 -36.21 -46.09 -20.16
N PRO L 199 -37.04 -45.48 -21.02
CA PRO L 199 -38.41 -45.13 -20.64
C PRO L 199 -39.23 -46.34 -20.22
N PRO L 203 -38.35 -50.82 -21.87
CA PRO L 203 -37.15 -51.00 -21.03
C PRO L 203 -36.02 -51.72 -21.76
N GLY L 204 -36.28 -52.10 -23.01
CA GLY L 204 -35.27 -52.80 -23.79
C GLY L 204 -34.35 -51.85 -24.54
N SER L 205 -34.80 -50.61 -24.70
CA SER L 205 -34.00 -49.60 -25.41
C SER L 205 -32.71 -49.31 -24.68
N LYS L 206 -31.74 -48.75 -25.41
CA LYS L 206 -30.45 -48.40 -24.83
C LYS L 206 -30.53 -47.07 -24.10
N PRO L 207 -29.81 -46.95 -22.97
CA PRO L 207 -29.85 -45.67 -22.24
C PRO L 207 -29.24 -44.60 -23.14
N LYS L 208 -29.68 -43.36 -22.98
CA LYS L 208 -29.15 -42.27 -23.80
C LYS L 208 -27.99 -41.56 -23.09
N LEU L 209 -26.91 -41.33 -23.82
CA LEU L 209 -25.73 -40.69 -23.29
C LEU L 209 -25.56 -39.26 -23.79
N SER L 210 -25.38 -38.33 -22.87
CA SER L 210 -25.19 -36.92 -23.21
C SER L 210 -23.87 -36.44 -22.62
N CYS L 211 -23.35 -35.34 -23.16
CA CYS L 211 -22.08 -34.80 -22.70
C CYS L 211 -22.07 -33.27 -22.70
N LEU L 212 -21.63 -32.69 -21.60
CA LEU L 212 -21.54 -31.24 -21.49
C LEU L 212 -20.07 -30.93 -21.24
N MET L 213 -19.49 -30.09 -22.10
CA MET L 213 -18.10 -29.71 -21.96
C MET L 213 -17.98 -28.22 -21.76
N TYR L 214 -17.07 -27.82 -20.87
CA TYR L 214 -16.85 -26.40 -20.60
C TYR L 214 -15.47 -26.01 -21.11
N GLN L 215 -15.43 -24.97 -21.93
CA GLN L 215 -14.18 -24.49 -22.51
C GLN L 215 -13.92 -23.07 -21.99
N ARG L 216 -12.85 -22.90 -21.23
CA ARG L 216 -12.48 -21.61 -20.65
C ARG L 216 -12.10 -20.55 -21.68
N SER L 217 -11.39 -20.98 -22.73
CA SER L 217 -10.95 -20.09 -23.79
C SER L 217 -11.33 -20.72 -25.12
N CYS L 218 -11.99 -19.96 -25.99
CA CYS L 218 -12.44 -20.50 -27.26
C CYS L 218 -12.08 -19.72 -28.51
N ASP L 219 -11.18 -20.29 -29.32
CA ASP L 219 -10.78 -19.68 -30.58
C ASP L 219 -11.82 -20.19 -31.57
N LEU L 220 -12.87 -19.42 -31.77
CA LEU L 220 -13.94 -19.83 -32.67
C LEU L 220 -13.51 -20.12 -34.10
N GLY L 221 -12.51 -19.41 -34.60
CA GLY L 221 -12.06 -19.65 -35.96
C GLY L 221 -11.41 -21.01 -36.16
N LEU L 222 -10.41 -21.31 -35.33
CA LEU L 222 -9.69 -22.57 -35.45
C LEU L 222 -9.99 -23.64 -34.40
N GLY L 223 -10.11 -23.23 -33.15
CA GLY L 223 -10.34 -24.19 -32.08
C GLY L 223 -11.72 -24.85 -31.99
N VAL L 224 -12.75 -24.04 -31.80
CA VAL L 224 -14.12 -24.54 -31.66
C VAL L 224 -14.51 -25.63 -32.66
N PRO L 225 -14.21 -25.45 -33.96
CA PRO L 225 -14.57 -26.49 -34.92
C PRO L 225 -14.03 -27.86 -34.50
N PHE L 226 -12.79 -27.89 -34.01
CA PHE L 226 -12.18 -29.14 -33.57
C PHE L 226 -12.81 -29.62 -32.26
N ASN L 227 -12.95 -28.72 -31.29
CA ASN L 227 -13.53 -29.06 -30.00
C ASN L 227 -14.91 -29.71 -30.14
N ILE L 228 -15.78 -29.09 -30.94
CA ILE L 228 -17.12 -29.63 -31.14
C ILE L 228 -17.10 -31.06 -31.66
N ALA L 229 -16.36 -31.29 -32.73
CA ALA L 229 -16.28 -32.61 -33.34
C ALA L 229 -15.57 -33.61 -32.42
N SER L 230 -14.54 -33.13 -31.74
CA SER L 230 -13.76 -33.97 -30.83
C SER L 230 -14.64 -34.60 -29.74
N TYR L 231 -15.31 -33.76 -28.95
CA TYR L 231 -16.17 -34.26 -27.88
C TYR L 231 -17.38 -35.02 -28.39
N ALA L 232 -17.83 -34.70 -29.60
CA ALA L 232 -18.96 -35.41 -30.18
C ALA L 232 -18.49 -36.83 -30.45
N LEU L 233 -17.28 -36.94 -31.00
CA LEU L 233 -16.68 -38.24 -31.30
C LEU L 233 -16.39 -39.04 -30.03
N LEU L 234 -15.91 -38.35 -29.00
CA LEU L 234 -15.61 -39.01 -27.73
C LEU L 234 -16.88 -39.63 -27.17
N THR L 235 -17.99 -38.90 -27.27
CA THR L 235 -19.27 -39.39 -26.77
C THR L 235 -19.72 -40.60 -27.57
N HIS L 236 -19.45 -40.60 -28.87
CA HIS L 236 -19.82 -41.73 -29.72
C HIS L 236 -18.99 -42.94 -29.31
N MET L 237 -17.70 -42.72 -29.09
CA MET L 237 -16.79 -43.78 -28.69
C MET L 237 -17.25 -44.42 -27.38
N ILE L 238 -17.45 -43.58 -26.36
CA ILE L 238 -17.89 -44.04 -25.06
C ILE L 238 -19.23 -44.77 -25.14
N ALA L 239 -20.12 -44.29 -26.00
CA ALA L 239 -21.43 -44.90 -26.17
C ALA L 239 -21.30 -46.34 -26.66
N LEU L 240 -20.38 -46.57 -27.59
CA LEU L 240 -20.16 -47.89 -28.14
C LEU L 240 -19.65 -48.88 -27.09
N ILE L 241 -18.72 -48.42 -26.26
CA ILE L 241 -18.13 -49.25 -25.22
C ILE L 241 -19.07 -49.51 -24.05
N THR L 242 -19.99 -48.58 -23.81
CA THR L 242 -20.92 -48.72 -22.68
C THR L 242 -22.31 -49.21 -23.07
N ASP L 243 -22.50 -49.52 -24.35
CA ASP L 243 -23.80 -50.00 -24.83
C ASP L 243 -24.89 -48.96 -24.63
N THR L 244 -24.56 -47.69 -24.86
CA THR L 244 -25.52 -46.62 -24.72
C THR L 244 -25.69 -45.93 -26.08
N GLU L 245 -26.72 -45.11 -26.19
CA GLU L 245 -27.01 -44.40 -27.43
C GLU L 245 -26.68 -42.92 -27.32
N PRO L 246 -25.75 -42.42 -28.16
CA PRO L 246 -25.38 -41.01 -28.09
C PRO L 246 -26.64 -40.16 -28.27
N HIS L 247 -26.81 -39.16 -27.43
CA HIS L 247 -28.00 -38.31 -27.50
C HIS L 247 -27.73 -36.84 -27.77
N GLU L 248 -27.04 -36.17 -26.87
CA GLU L 248 -26.78 -34.74 -27.02
C GLU L 248 -25.43 -34.29 -26.49
N PHE L 249 -24.87 -33.27 -27.15
CA PHE L 249 -23.59 -32.71 -26.74
C PHE L 249 -23.80 -31.22 -26.50
N ILE L 250 -23.43 -30.76 -25.30
CA ILE L 250 -23.58 -29.36 -24.94
C ILE L 250 -22.20 -28.74 -24.73
N LEU L 251 -22.01 -27.53 -25.26
CA LEU L 251 -20.74 -26.84 -25.14
C LEU L 251 -20.90 -25.46 -24.54
N GLN L 252 -20.42 -25.29 -23.31
CA GLN L 252 -20.50 -23.99 -22.63
C GLN L 252 -19.14 -23.31 -22.74
N MET L 253 -19.15 -22.06 -23.20
CA MET L 253 -17.91 -21.31 -23.36
C MET L 253 -17.67 -20.25 -22.30
N GLY L 254 -16.40 -19.99 -22.03
CA GLY L 254 -16.04 -18.96 -21.07
C GLY L 254 -15.69 -17.76 -21.91
N ASP L 255 -14.39 -17.58 -22.16
CA ASP L 255 -13.92 -16.47 -22.98
C ASP L 255 -14.03 -16.87 -24.46
N ALA L 256 -15.12 -16.46 -25.10
CA ALA L 256 -15.35 -16.77 -26.51
C ALA L 256 -14.82 -15.61 -27.34
N HIS L 257 -13.82 -15.89 -28.16
CA HIS L 257 -13.20 -14.84 -28.97
C HIS L 257 -12.92 -15.19 -30.43
N VAL L 258 -12.71 -14.14 -31.22
CA VAL L 258 -12.37 -14.24 -32.63
C VAL L 258 -11.10 -13.42 -32.80
N TYR L 259 -10.01 -14.06 -33.21
CA TYR L 259 -8.75 -13.34 -33.38
C TYR L 259 -8.87 -12.28 -34.48
N ARG L 260 -8.16 -11.17 -34.28
CA ARG L 260 -8.17 -10.05 -35.22
C ARG L 260 -7.92 -10.48 -36.67
N ASP L 261 -6.97 -11.39 -36.86
CA ASP L 261 -6.63 -11.85 -38.20
C ASP L 261 -7.55 -12.96 -38.73
N HIS L 262 -8.66 -13.20 -38.03
CA HIS L 262 -9.62 -14.22 -38.43
C HIS L 262 -10.92 -13.58 -38.89
N VAL L 263 -11.11 -12.30 -38.54
CA VAL L 263 -12.33 -11.58 -38.89
C VAL L 263 -12.70 -11.64 -40.37
N GLU L 264 -11.80 -11.23 -41.25
CA GLU L 264 -12.06 -11.26 -42.67
C GLU L 264 -12.30 -12.66 -43.21
N PRO L 265 -11.43 -13.62 -42.87
CA PRO L 265 -11.63 -14.97 -43.37
C PRO L 265 -12.99 -15.55 -42.96
N LEU L 266 -13.40 -15.26 -41.73
CA LEU L 266 -14.67 -15.75 -41.21
C LEU L 266 -15.88 -15.11 -41.90
N LYS L 267 -15.74 -13.86 -42.32
CA LYS L 267 -16.82 -13.17 -43.01
C LYS L 267 -17.20 -13.94 -44.27
N THR L 268 -16.19 -14.55 -44.90
CA THR L 268 -16.42 -15.33 -46.11
C THR L 268 -17.22 -16.58 -45.76
N GLN L 269 -16.91 -17.18 -44.61
CA GLN L 269 -17.60 -18.38 -44.16
C GLN L 269 -19.05 -18.08 -43.79
N LEU L 270 -19.28 -16.92 -43.20
CA LEU L 270 -20.61 -16.52 -42.78
C LEU L 270 -21.61 -16.42 -43.94
N GLU L 271 -21.08 -16.31 -45.16
CA GLU L 271 -21.92 -16.20 -46.35
C GLU L 271 -22.41 -17.56 -46.83
N ARG L 272 -21.82 -18.63 -46.31
CA ARG L 272 -22.17 -19.99 -46.71
C ARG L 272 -23.32 -20.63 -45.94
N GLU L 273 -24.14 -21.40 -46.66
CA GLU L 273 -25.27 -22.10 -46.06
C GLU L 273 -24.81 -23.52 -45.72
N PRO L 274 -25.01 -23.92 -44.46
CA PRO L 274 -24.62 -25.26 -43.99
C PRO L 274 -25.27 -26.42 -44.74
N ARG L 275 -24.55 -27.53 -44.84
CA ARG L 275 -25.05 -28.74 -45.47
C ARG L 275 -25.41 -29.65 -44.30
N ASP L 276 -26.28 -30.64 -44.52
CA ASP L 276 -26.65 -31.54 -43.45
C ASP L 276 -25.40 -32.22 -42.89
N PHE L 277 -25.33 -32.33 -41.57
CA PHE L 277 -24.19 -32.96 -40.92
C PHE L 277 -24.02 -34.40 -41.39
N PRO L 278 -22.77 -34.90 -41.41
CA PRO L 278 -22.48 -36.27 -41.83
C PRO L 278 -22.82 -37.25 -40.71
N LYS L 279 -22.73 -38.53 -40.99
CA LYS L 279 -23.02 -39.54 -39.98
C LYS L 279 -21.80 -40.41 -39.70
N LEU L 280 -21.71 -40.90 -38.48
CA LEU L 280 -20.59 -41.73 -38.07
C LEU L 280 -20.94 -43.20 -38.00
N LYS L 281 -20.06 -44.04 -38.55
CA LYS L 281 -20.24 -45.48 -38.56
C LYS L 281 -18.92 -46.11 -38.12
N TRP L 282 -19.00 -47.28 -37.52
CA TRP L 282 -17.78 -47.98 -37.07
C TRP L 282 -17.38 -49.06 -38.05
N ALA L 283 -16.08 -49.10 -38.37
CA ALA L 283 -15.55 -50.09 -39.32
C ALA L 283 -15.46 -51.46 -38.66
N ARG L 284 -15.51 -51.49 -37.33
CA ARG L 284 -15.43 -52.74 -36.58
C ARG L 284 -16.51 -52.78 -35.52
N SER L 285 -16.68 -53.94 -34.88
CA SER L 285 -17.68 -54.12 -33.85
C SER L 285 -17.15 -53.78 -32.46
N LYS L 286 -18.06 -53.68 -31.50
CA LYS L 286 -17.69 -53.38 -30.13
C LYS L 286 -16.70 -54.40 -29.61
N GLU L 287 -16.99 -55.67 -29.88
CA GLU L 287 -16.13 -56.77 -29.45
C GLU L 287 -14.73 -56.66 -30.02
N GLU L 288 -14.63 -56.34 -31.31
CA GLU L 288 -13.34 -56.21 -31.98
C GLU L 288 -12.54 -55.05 -31.39
N ILE L 289 -13.19 -53.92 -31.20
CA ILE L 289 -12.52 -52.75 -30.64
C ILE L 289 -12.15 -53.04 -29.18
N GLY L 290 -13.01 -53.76 -28.48
CA GLY L 290 -12.75 -54.12 -27.10
C GLY L 290 -13.08 -53.07 -26.06
N ASP L 291 -12.19 -52.11 -25.88
CA ASP L 291 -12.40 -51.04 -24.91
C ASP L 291 -12.07 -49.67 -25.48
N ILE L 292 -12.10 -48.66 -24.61
CA ILE L 292 -11.82 -47.29 -25.02
C ILE L 292 -10.42 -47.11 -25.59
N ASP L 293 -9.52 -48.04 -25.29
CA ASP L 293 -8.14 -47.96 -25.77
C ASP L 293 -7.90 -48.76 -27.04
N GLY L 294 -8.96 -49.35 -27.59
CA GLY L 294 -8.80 -50.15 -28.79
C GLY L 294 -9.22 -49.51 -30.10
N PHE L 295 -9.54 -48.22 -30.09
CA PHE L 295 -9.94 -47.54 -31.32
C PHE L 295 -8.76 -47.18 -32.22
N LYS L 296 -9.02 -47.15 -33.52
CA LYS L 296 -8.01 -46.80 -34.52
C LYS L 296 -8.62 -45.76 -35.46
N VAL L 297 -7.78 -44.94 -36.06
CA VAL L 297 -8.26 -43.90 -36.97
C VAL L 297 -9.20 -44.47 -38.03
N GLU L 298 -8.82 -45.59 -38.63
CA GLU L 298 -9.61 -46.24 -39.67
C GLU L 298 -10.95 -46.79 -39.18
N ASP L 299 -11.18 -46.78 -37.88
CA ASP L 299 -12.44 -47.28 -37.35
C ASP L 299 -13.55 -46.27 -37.56
N PHE L 300 -13.17 -44.99 -37.68
CA PHE L 300 -14.13 -43.92 -37.87
C PHE L 300 -14.55 -43.73 -39.33
N VAL L 301 -15.73 -44.24 -39.66
CA VAL L 301 -16.25 -44.11 -41.02
C VAL L 301 -17.27 -42.99 -41.09
N VAL L 302 -16.84 -41.81 -41.53
CA VAL L 302 -17.73 -40.66 -41.64
C VAL L 302 -18.27 -40.56 -43.06
N GLU L 303 -19.58 -40.71 -43.20
CA GLU L 303 -20.21 -40.67 -44.51
C GLU L 303 -21.16 -39.48 -44.67
N GLY L 304 -21.23 -38.96 -45.89
CA GLY L 304 -22.11 -37.84 -46.17
C GLY L 304 -21.53 -36.47 -45.85
N TYR L 305 -20.22 -36.40 -45.63
CA TYR L 305 -19.59 -35.11 -45.33
C TYR L 305 -19.46 -34.31 -46.62
N LYS L 306 -20.18 -33.19 -46.70
CA LYS L 306 -20.15 -32.35 -47.88
C LYS L 306 -19.95 -30.88 -47.50
N PRO L 307 -18.71 -30.52 -47.14
CA PRO L 307 -18.36 -29.15 -46.75
C PRO L 307 -18.00 -28.24 -47.91
N TRP L 308 -17.95 -26.94 -47.64
CA TRP L 308 -17.56 -25.97 -48.66
C TRP L 308 -16.04 -25.95 -48.66
N GLY L 309 -15.45 -25.04 -49.42
CA GLY L 309 -14.00 -24.95 -49.48
C GLY L 309 -13.35 -24.62 -48.15
N LYS L 310 -12.04 -24.86 -48.08
CA LYS L 310 -11.28 -24.60 -46.86
C LYS L 310 -11.11 -23.09 -46.70
N ILE L 311 -10.91 -22.66 -45.47
CA ILE L 311 -10.70 -21.24 -45.18
C ILE L 311 -9.42 -21.12 -44.37
N ASP L 312 -8.42 -20.48 -44.95
CA ASP L 312 -7.13 -20.31 -44.29
C ASP L 312 -7.17 -19.33 -43.13
N MET L 313 -6.68 -19.77 -41.98
CA MET L 313 -6.61 -18.95 -40.78
C MET L 313 -5.36 -19.32 -40.01
N LYS L 314 -4.54 -18.31 -39.69
CA LYS L 314 -3.30 -18.52 -38.97
C LYS L 314 -3.55 -18.67 -37.48
N MET L 315 -2.87 -19.63 -36.85
CA MET L 315 -3.00 -19.85 -35.42
C MET L 315 -1.99 -19.00 -34.67
N SER L 316 -2.44 -18.32 -33.63
CA SER L 316 -1.56 -17.48 -32.83
C SER L 316 -0.98 -18.30 -31.68
N ALA L 317 0.34 -18.50 -31.71
CA ALA L 317 1.02 -19.27 -30.68
C ALA L 317 0.96 -18.59 -29.31
N PRO M 16 -39.09 -24.39 61.09
CA PRO M 16 -38.57 -23.38 60.15
C PRO M 16 -39.23 -23.52 58.77
N ASP M 17 -39.94 -24.62 58.57
CA ASP M 17 -40.61 -24.87 57.30
C ASP M 17 -42.05 -24.38 57.31
N HIS M 18 -42.48 -23.76 58.41
CA HIS M 18 -43.84 -23.24 58.49
C HIS M 18 -44.06 -22.22 57.38
N GLU M 19 -45.06 -22.47 56.54
CA GLU M 19 -45.38 -21.60 55.42
C GLU M 19 -45.60 -20.13 55.76
N GLU M 20 -45.99 -19.83 56.99
CA GLU M 20 -46.24 -18.45 57.38
C GLU M 20 -44.96 -17.60 57.38
N TYR M 21 -43.81 -18.25 57.48
CA TYR M 21 -42.54 -17.52 57.46
C TYR M 21 -42.32 -16.82 56.12
N GLN M 22 -43.00 -17.30 55.08
CA GLN M 22 -42.88 -16.68 53.77
C GLN M 22 -43.38 -15.25 53.89
N TYR M 23 -44.52 -15.10 54.55
CA TYR M 23 -45.15 -13.80 54.78
C TYR M 23 -44.31 -12.92 55.71
N LEU M 24 -43.86 -13.50 56.81
CA LEU M 24 -43.06 -12.76 57.78
C LEU M 24 -41.71 -12.33 57.19
N ASP M 25 -41.06 -13.24 56.46
CA ASP M 25 -39.77 -12.93 55.85
C ASP M 25 -39.86 -11.81 54.81
N LEU M 26 -40.92 -11.84 54.00
CA LEU M 26 -41.07 -10.81 52.97
C LEU M 26 -41.22 -9.44 53.61
N ILE M 27 -42.03 -9.35 54.66
CA ILE M 27 -42.24 -8.09 55.35
C ILE M 27 -40.91 -7.58 55.89
N ARG M 28 -40.15 -8.48 56.52
CA ARG M 28 -38.85 -8.12 57.07
C ARG M 28 -37.95 -7.60 55.97
N ARG M 29 -37.99 -8.25 54.81
CA ARG M 29 -37.16 -7.85 53.67
C ARG M 29 -37.59 -6.48 53.13
N ILE M 30 -38.89 -6.27 52.99
CA ILE M 30 -39.41 -5.00 52.48
C ILE M 30 -38.99 -3.85 53.39
N ILE M 31 -39.09 -4.06 54.70
CA ILE M 31 -38.71 -3.03 55.66
C ILE M 31 -37.21 -2.75 55.58
N ASN M 32 -36.42 -3.80 55.42
CA ASN M 32 -34.97 -3.68 55.34
C ASN M 32 -34.42 -3.06 54.06
N VAL M 33 -34.74 -3.67 52.91
CA VAL M 33 -34.23 -3.16 51.65
C VAL M 33 -35.29 -2.59 50.70
N GLY M 34 -36.51 -2.42 51.20
CA GLY M 34 -37.57 -1.88 50.37
C GLY M 34 -37.30 -0.43 49.99
N GLU M 35 -37.95 0.03 48.93
CA GLU M 35 -37.79 1.40 48.45
C GLU M 35 -38.89 2.30 48.96
N VAL M 36 -38.51 3.40 49.61
CA VAL M 36 -39.49 4.35 50.14
C VAL M 36 -40.13 5.06 48.95
N ARG M 37 -41.45 5.00 48.86
CA ARG M 37 -42.16 5.62 47.74
C ARG M 37 -43.45 6.32 48.11
N PRO M 38 -43.81 7.34 47.32
CA PRO M 38 -45.04 8.10 47.53
C PRO M 38 -46.15 7.23 46.97
N ASP M 39 -47.40 7.48 47.32
CA ASP M 39 -48.47 6.66 46.78
C ASP M 39 -49.79 7.42 46.71
N ARG M 40 -50.78 6.77 46.10
CA ARG M 40 -52.10 7.35 45.94
C ARG M 40 -52.74 7.84 47.24
N THR M 41 -52.61 7.04 48.30
CA THR M 41 -53.20 7.38 49.60
C THR M 41 -52.56 8.58 50.28
N GLY M 42 -51.27 8.79 50.03
CA GLY M 42 -50.58 9.91 50.64
C GLY M 42 -49.86 9.58 51.93
N THR M 43 -49.99 8.36 52.41
CA THR M 43 -49.32 7.97 53.66
C THR M 43 -47.90 7.47 53.37
N GLY M 44 -47.67 7.04 52.13
CA GLY M 44 -46.36 6.56 51.75
C GLY M 44 -46.15 5.10 52.08
N THR M 45 -45.21 4.46 51.38
CA THR M 45 -44.92 3.05 51.61
C THR M 45 -43.45 2.71 51.34
N VAL M 46 -43.11 1.46 51.60
CA VAL M 46 -41.79 0.93 51.34
C VAL M 46 -42.14 -0.30 50.51
N ALA M 47 -41.55 -0.44 49.33
CA ALA M 47 -41.92 -1.57 48.50
C ALA M 47 -40.84 -2.24 47.65
N LEU M 48 -41.19 -3.43 47.16
CA LEU M 48 -40.35 -4.25 46.30
C LEU M 48 -41.28 -4.75 45.19
N PHE M 49 -40.76 -4.87 43.98
CA PHE M 49 -41.57 -5.32 42.86
C PHE M 49 -41.32 -6.78 42.50
N ALA M 50 -42.41 -7.50 42.23
CA ALA M 50 -42.35 -8.90 41.84
C ALA M 50 -41.43 -9.81 42.67
N PRO M 51 -41.65 -9.87 43.99
CA PRO M 51 -40.79 -10.74 44.81
C PRO M 51 -41.23 -12.18 44.59
N PRO M 52 -40.41 -13.16 45.05
CA PRO M 52 -40.77 -14.56 44.87
C PRO M 52 -42.20 -14.81 45.36
N SER M 53 -42.93 -15.66 44.63
CA SER M 53 -44.32 -15.96 44.97
C SER M 53 -44.45 -16.81 46.22
N PHE M 54 -45.63 -16.77 46.84
CA PHE M 54 -45.91 -17.56 48.04
C PHE M 54 -46.60 -18.85 47.61
N ARG M 55 -46.31 -19.94 48.32
CA ARG M 55 -46.93 -21.22 48.03
C ARG M 55 -47.50 -21.78 49.33
N PHE M 56 -48.77 -22.14 49.31
CA PHE M 56 -49.44 -22.68 50.49
C PHE M 56 -50.11 -24.01 50.16
N SER M 57 -49.89 -25.02 50.99
CA SER M 57 -50.49 -26.32 50.79
C SER M 57 -51.92 -26.31 51.30
N LEU M 58 -52.84 -26.83 50.51
CA LEU M 58 -54.24 -26.88 50.89
C LEU M 58 -54.66 -28.32 51.18
N ALA M 59 -53.69 -29.22 51.18
CA ALA M 59 -53.95 -30.63 51.43
C ALA M 59 -54.35 -30.85 52.89
N ASP M 60 -55.02 -31.98 53.15
CA ASP M 60 -55.47 -32.32 54.49
C ASP M 60 -56.35 -31.25 55.11
N ASN M 61 -57.21 -30.66 54.27
CA ASN M 61 -58.15 -29.63 54.71
C ASN M 61 -57.47 -28.41 55.36
N THR M 62 -56.21 -28.18 55.02
CA THR M 62 -55.48 -27.06 55.60
C THR M 62 -55.89 -25.70 55.05
N LEU M 63 -56.05 -24.74 55.95
CA LEU M 63 -56.43 -23.37 55.60
C LEU M 63 -55.33 -22.42 56.07
N PRO M 64 -54.63 -21.78 55.12
CA PRO M 64 -53.56 -20.84 55.47
C PRO M 64 -54.03 -19.53 56.08
N LEU M 65 -54.62 -19.61 57.26
CA LEU M 65 -55.10 -18.43 57.98
C LEU M 65 -53.97 -18.03 58.93
N LEU M 66 -53.34 -16.89 58.66
CA LEU M 66 -52.23 -16.41 59.48
C LEU M 66 -52.48 -16.51 60.98
N THR M 67 -51.46 -16.95 61.72
CA THR M 67 -51.58 -17.10 63.16
C THR M 67 -50.77 -16.10 63.99
N THR M 68 -49.86 -15.37 63.34
CA THR M 68 -49.05 -14.40 64.07
C THR M 68 -49.86 -13.18 64.49
N LYS M 69 -51.15 -13.20 64.19
CA LYS M 69 -52.07 -12.13 64.55
C LYS M 69 -53.48 -12.67 64.33
N ARG M 70 -54.44 -12.15 65.07
CA ARG M 70 -55.82 -12.61 64.91
C ARG M 70 -56.40 -12.01 63.63
N VAL M 71 -56.81 -12.88 62.71
CA VAL M 71 -57.39 -12.44 61.45
C VAL M 71 -58.91 -12.53 61.52
N PHE M 72 -59.58 -11.48 61.05
CA PHE M 72 -61.04 -11.43 61.04
C PHE M 72 -61.57 -12.46 60.03
N LEU M 73 -61.60 -13.72 60.44
CA LEU M 73 -62.07 -14.81 59.58
C LEU M 73 -63.46 -14.58 59.01
N ARG M 74 -64.42 -14.26 59.87
CA ARG M 74 -65.79 -14.03 59.42
C ARG M 74 -65.83 -12.95 58.33
N GLY M 75 -64.94 -11.97 58.45
CA GLY M 75 -64.90 -10.90 57.47
C GLY M 75 -64.43 -11.41 56.13
N VAL M 76 -63.46 -12.32 56.16
CA VAL M 76 -62.91 -12.91 54.93
C VAL M 76 -63.99 -13.71 54.22
N ILE M 77 -64.67 -14.57 54.98
CA ILE M 77 -65.73 -15.40 54.44
C ILE M 77 -66.86 -14.55 53.86
N ALA M 78 -67.30 -13.55 54.64
CA ALA M 78 -68.38 -12.67 54.20
C ALA M 78 -68.05 -11.98 52.88
N GLU M 79 -66.85 -11.44 52.78
CA GLU M 79 -66.44 -10.76 51.55
C GLU M 79 -66.40 -11.72 50.38
N LEU M 80 -65.92 -12.94 50.62
CA LEU M 80 -65.82 -13.95 49.56
C LEU M 80 -67.19 -14.35 49.03
N LEU M 81 -68.11 -14.68 49.91
CA LEU M 81 -69.46 -15.06 49.50
C LEU M 81 -70.11 -13.87 48.81
N TRP M 82 -69.64 -12.68 49.17
CA TRP M 82 -70.14 -11.44 48.60
C TRP M 82 -69.67 -11.36 47.16
N PHE M 83 -68.39 -11.69 46.92
CA PHE M 83 -67.85 -11.68 45.56
C PHE M 83 -68.65 -12.64 44.71
N VAL M 84 -68.71 -13.89 45.18
CA VAL M 84 -69.42 -14.96 44.48
C VAL M 84 -70.85 -14.58 44.08
N SER M 85 -71.55 -13.86 44.97
CA SER M 85 -72.92 -13.46 44.68
C SER M 85 -72.97 -12.42 43.55
N GLY M 86 -71.82 -11.84 43.24
CA GLY M 86 -71.77 -10.84 42.18
C GLY M 86 -72.22 -9.47 42.66
N CYS M 87 -72.49 -9.38 43.96
CA CYS M 87 -72.94 -8.12 44.57
C CYS M 87 -71.81 -7.11 44.66
N THR M 88 -72.16 -5.83 44.54
CA THR M 88 -71.17 -4.76 44.62
C THR M 88 -71.58 -3.68 45.61
N ASP M 89 -72.56 -4.00 46.46
CA ASP M 89 -73.05 -3.06 47.47
C ASP M 89 -72.38 -3.37 48.80
N ALA M 90 -71.52 -2.47 49.24
CA ALA M 90 -70.79 -2.63 50.49
C ALA M 90 -71.71 -2.70 51.72
N LYS M 91 -72.93 -2.20 51.59
CA LYS M 91 -73.88 -2.23 52.70
C LYS M 91 -74.22 -3.67 53.05
N MET M 92 -74.06 -4.57 52.10
CA MET M 92 -74.36 -5.98 52.33
C MET M 92 -73.34 -6.59 53.27
N LEU M 93 -72.19 -5.93 53.40
CA LEU M 93 -71.14 -6.39 54.30
C LEU M 93 -71.25 -5.70 55.65
N SER M 94 -71.44 -4.39 55.63
CA SER M 94 -71.57 -3.61 56.86
C SER M 94 -72.82 -4.01 57.63
N SER M 95 -73.86 -4.43 56.92
CA SER M 95 -75.11 -4.83 57.57
C SER M 95 -74.90 -6.10 58.38
N GLN M 96 -73.87 -6.88 58.04
CA GLN M 96 -73.58 -8.10 58.77
C GLN M 96 -72.34 -7.98 59.64
N GLY M 97 -71.98 -6.73 59.96
CA GLY M 97 -70.83 -6.48 60.82
C GLY M 97 -69.45 -6.51 60.19
N VAL M 98 -69.38 -6.35 58.86
CA VAL M 98 -68.11 -6.35 58.16
C VAL M 98 -67.94 -5.03 57.41
N GLY M 99 -67.06 -4.17 57.92
CA GLY M 99 -66.86 -2.87 57.29
C GLY M 99 -65.56 -2.65 56.55
N ILE M 100 -64.94 -3.72 56.07
CA ILE M 100 -63.68 -3.60 55.34
C ILE M 100 -63.79 -2.71 54.10
N TRP M 101 -64.99 -2.62 53.52
CA TRP M 101 -65.18 -1.79 52.34
C TRP M 101 -65.89 -0.47 52.61
N ASP M 102 -66.11 -0.16 53.88
CA ASP M 102 -66.78 1.09 54.26
C ASP M 102 -65.93 2.29 53.85
N GLY M 103 -64.61 2.14 53.97
CA GLY M 103 -63.70 3.22 53.62
C GLY M 103 -63.77 3.71 52.19
N ASN M 104 -63.77 2.78 51.24
CA ASN M 104 -63.83 3.16 49.83
C ASN M 104 -65.26 3.26 49.32
N GLY M 105 -66.22 2.91 50.17
CA GLY M 105 -67.61 2.97 49.79
C GLY M 105 -68.30 4.17 50.41
N SER M 106 -67.58 4.91 51.24
CA SER M 106 -68.14 6.09 51.89
C SER M 106 -68.53 7.14 50.87
N LYS M 107 -69.57 7.91 51.18
CA LYS M 107 -70.04 8.95 50.29
C LYS M 107 -68.94 9.99 50.07
N GLU M 108 -68.02 10.08 51.01
CA GLU M 108 -66.92 11.02 50.94
C GLU M 108 -65.88 10.60 49.91
N PHE M 109 -65.48 9.33 49.96
CA PHE M 109 -64.49 8.81 49.03
C PHE M 109 -65.02 8.76 47.61
N LEU M 110 -66.26 8.31 47.45
CA LEU M 110 -66.89 8.21 46.14
C LEU M 110 -66.89 9.56 45.43
N GLU M 111 -67.33 10.59 46.13
CA GLU M 111 -67.36 11.94 45.57
C GLU M 111 -65.95 12.39 45.28
N LYS M 112 -65.01 11.89 46.07
CA LYS M 112 -63.60 12.22 45.94
C LYS M 112 -63.01 11.71 44.63
N VAL M 113 -63.47 10.54 44.18
CA VAL M 113 -62.98 9.95 42.94
C VAL M 113 -63.89 10.20 41.74
N GLY M 114 -64.77 11.20 41.85
CA GLY M 114 -65.67 11.52 40.76
C GLY M 114 -66.87 10.62 40.60
N LEU M 115 -67.30 9.98 41.69
CA LEU M 115 -68.46 9.09 41.65
C LEU M 115 -69.52 9.56 42.65
N GLY M 116 -69.72 10.87 42.72
CA GLY M 116 -70.69 11.43 43.64
C GLY M 116 -72.14 11.13 43.33
N HIS M 117 -72.43 10.69 42.12
CA HIS M 117 -73.79 10.37 41.70
C HIS M 117 -74.26 9.03 42.26
N ARG M 118 -73.37 8.33 42.95
CA ARG M 118 -73.71 7.02 43.51
C ARG M 118 -74.04 7.11 44.99
N ARG M 119 -74.93 6.24 45.45
CA ARG M 119 -75.29 6.24 46.85
C ARG M 119 -74.15 5.58 47.62
N GLU M 120 -74.02 5.92 48.88
CA GLU M 120 -72.95 5.37 49.71
C GLU M 120 -72.99 3.83 49.69
N GLY M 121 -71.83 3.22 49.47
CA GLY M 121 -71.76 1.77 49.45
C GLY M 121 -71.72 1.18 48.05
N ASP M 122 -72.18 1.93 47.06
CA ASP M 122 -72.19 1.47 45.68
C ASP M 122 -70.78 1.62 45.09
N LEU M 123 -69.99 0.56 45.20
CA LEU M 123 -68.61 0.55 44.72
C LEU M 123 -68.45 0.52 43.21
N GLY M 124 -69.50 0.09 42.50
CA GLY M 124 -69.43 0.03 41.05
C GLY M 124 -69.19 -1.40 40.58
N PRO M 125 -68.86 -1.59 39.30
CA PRO M 125 -68.62 -2.93 38.75
C PRO M 125 -67.30 -3.56 39.20
N VAL M 126 -67.15 -3.77 40.50
CA VAL M 126 -65.93 -4.35 41.05
C VAL M 126 -65.98 -5.88 41.07
N TYR M 127 -64.93 -6.48 41.64
CA TYR M 127 -64.77 -7.93 41.76
C TYR M 127 -65.97 -8.80 41.38
N GLY M 128 -66.88 -8.99 42.33
CA GLY M 128 -68.06 -9.81 42.11
C GLY M 128 -68.79 -9.62 40.80
N PHE M 129 -68.98 -8.37 40.39
CA PHE M 129 -69.70 -8.08 39.15
C PHE M 129 -68.94 -8.60 37.94
N GLN M 130 -67.62 -8.39 37.91
CA GLN M 130 -66.80 -8.86 36.80
C GLN M 130 -66.77 -10.39 36.77
N TRP M 131 -66.68 -11.00 37.95
CA TRP M 131 -66.63 -12.45 38.09
C TRP M 131 -67.85 -13.15 37.50
N ARG M 132 -69.04 -12.61 37.73
CA ARG M 132 -70.27 -13.23 37.26
C ARG M 132 -70.96 -12.55 36.09
N HIS M 133 -70.59 -11.31 35.78
CA HIS M 133 -71.25 -10.58 34.69
C HIS M 133 -70.29 -9.77 33.83
N PHE M 134 -69.07 -10.25 33.63
CA PHE M 134 -68.09 -9.52 32.83
C PHE M 134 -68.63 -9.12 31.46
N GLY M 135 -68.51 -7.84 31.15
CA GLY M 135 -68.99 -7.35 29.87
C GLY M 135 -70.34 -6.67 29.92
N ALA M 136 -71.13 -6.99 30.93
CA ALA M 136 -72.46 -6.42 31.08
C ALA M 136 -72.40 -4.93 31.38
N GLU M 137 -73.46 -4.22 31.03
CA GLU M 137 -73.55 -2.79 31.26
C GLU M 137 -73.93 -2.55 32.72
N TYR M 138 -73.16 -1.71 33.40
CA TYR M 138 -73.41 -1.42 34.81
C TYR M 138 -74.18 -0.12 34.99
N THR M 139 -75.25 -0.17 35.78
CA THR M 139 -76.06 1.01 36.05
C THR M 139 -75.75 1.40 37.50
N ASP M 140 -76.27 0.63 38.44
CA ASP M 140 -76.02 0.86 39.87
C ASP M 140 -75.97 -0.52 40.56
N ALA M 141 -75.86 -0.57 41.90
CA ALA M 141 -75.78 -1.87 42.55
C ALA M 141 -77.11 -2.63 42.60
N ASP M 142 -78.20 -1.94 42.31
CA ASP M 142 -79.53 -2.56 42.33
C ASP M 142 -79.94 -3.09 40.97
N GLY M 143 -79.10 -2.85 39.96
CA GLY M 143 -79.41 -3.30 38.62
C GLY M 143 -79.62 -4.80 38.51
N ASP M 144 -80.42 -5.20 37.52
CA ASP M 144 -80.71 -6.61 37.28
C ASP M 144 -79.72 -7.14 36.26
N TYR M 145 -78.75 -7.91 36.72
CA TYR M 145 -77.71 -8.46 35.85
C TYR M 145 -77.80 -9.97 35.65
N LYS M 146 -78.84 -10.58 36.21
CA LYS M 146 -79.02 -12.02 36.08
C LYS M 146 -79.03 -12.43 34.60
N GLY M 147 -78.15 -13.37 34.26
CA GLY M 147 -78.08 -13.85 32.89
C GLY M 147 -77.39 -12.90 31.92
N LYS M 148 -76.78 -11.83 32.45
CA LYS M 148 -76.09 -10.86 31.61
C LYS M 148 -74.59 -10.90 31.83
N GLY M 149 -73.84 -10.75 30.73
CA GLY M 149 -72.39 -10.79 30.82
C GLY M 149 -71.87 -12.21 30.89
N VAL M 150 -70.56 -12.36 31.02
CA VAL M 150 -69.94 -13.69 31.09
C VAL M 150 -69.77 -14.14 32.53
N ASP M 151 -70.31 -15.31 32.85
CA ASP M 151 -70.19 -15.86 34.19
C ASP M 151 -68.93 -16.71 34.26
N GLN M 152 -67.80 -16.03 34.48
CA GLN M 152 -66.51 -16.69 34.54
C GLN M 152 -66.43 -17.80 35.59
N LEU M 153 -66.97 -17.51 36.78
CA LEU M 153 -66.94 -18.47 37.88
C LEU M 153 -67.59 -19.80 37.53
N GLN M 154 -68.83 -19.77 37.07
CA GLN M 154 -69.52 -21.01 36.72
C GLN M 154 -68.80 -21.74 35.59
N ARG M 155 -68.24 -20.99 34.64
CA ARG M 155 -67.51 -21.60 33.54
C ARG M 155 -66.30 -22.35 34.11
N VAL M 156 -65.65 -21.76 35.10
CA VAL M 156 -64.50 -22.38 35.74
C VAL M 156 -64.93 -23.72 36.34
N ILE M 157 -66.08 -23.71 37.02
CA ILE M 157 -66.62 -24.92 37.63
C ILE M 157 -66.87 -25.98 36.56
N ASP M 158 -67.65 -25.61 35.55
CA ASP M 158 -67.99 -26.53 34.46
C ASP M 158 -66.75 -27.11 33.78
N THR M 159 -65.76 -26.27 33.54
CA THR M 159 -64.53 -26.70 32.88
C THR M 159 -63.73 -27.68 33.72
N ILE M 160 -63.62 -27.42 35.02
CA ILE M 160 -62.89 -28.31 35.92
C ILE M 160 -63.51 -29.69 35.92
N LYS M 161 -64.83 -29.74 35.88
CA LYS M 161 -65.57 -31.00 35.90
C LYS M 161 -65.62 -31.75 34.58
N ASN M 162 -65.73 -31.04 33.46
CA ASN M 162 -65.84 -31.69 32.16
C ASN M 162 -64.62 -31.63 31.24
N ASN M 163 -63.68 -30.74 31.53
CA ASN M 163 -62.47 -30.62 30.72
C ASN M 163 -61.35 -30.02 31.55
N PRO M 164 -60.93 -30.73 32.62
CA PRO M 164 -59.87 -30.35 33.55
C PRO M 164 -58.52 -29.95 32.95
N THR M 165 -58.14 -30.57 31.84
CA THR M 165 -56.85 -30.25 31.22
C THR M 165 -56.89 -28.96 30.40
N ASP M 166 -58.04 -28.29 30.38
CA ASP M 166 -58.18 -27.04 29.65
C ASP M 166 -57.17 -26.06 30.25
N ARG M 167 -56.56 -25.23 29.39
CA ARG M 167 -55.56 -24.26 29.85
C ARG M 167 -56.06 -22.82 29.92
N ARG M 168 -57.38 -22.66 29.94
CA ARG M 168 -57.99 -21.33 30.02
C ARG M 168 -58.91 -21.17 31.24
N ILE M 169 -58.66 -21.95 32.29
CA ILE M 169 -59.49 -21.87 33.49
C ILE M 169 -59.10 -20.62 34.26
N ILE M 170 -59.60 -19.48 33.79
CA ILE M 170 -59.29 -18.18 34.38
C ILE M 170 -60.48 -17.47 35.00
N LEU M 171 -60.21 -16.76 36.10
CA LEU M 171 -61.22 -15.96 36.80
C LEU M 171 -60.58 -14.59 36.97
N SER M 172 -61.09 -13.61 36.23
CA SER M 172 -60.52 -12.27 36.29
C SER M 172 -61.52 -11.14 36.52
N ALA M 173 -61.09 -10.14 37.28
CA ALA M 173 -61.93 -8.99 37.59
C ALA M 173 -61.42 -7.75 36.86
N TRP M 174 -60.24 -7.86 36.25
CA TRP M 174 -59.66 -6.73 35.55
C TRP M 174 -60.44 -6.41 34.27
N ASN M 175 -60.95 -5.18 34.21
CA ASN M 175 -61.71 -4.71 33.07
C ASN M 175 -61.32 -3.26 32.80
N PRO M 176 -60.38 -3.04 31.87
CA PRO M 176 -59.92 -1.70 31.52
C PRO M 176 -61.04 -0.71 31.21
N LYS M 177 -62.12 -1.20 30.61
CA LYS M 177 -63.23 -0.32 30.27
C LYS M 177 -64.03 0.14 31.48
N ASP M 178 -64.24 -0.76 32.45
CA ASP M 178 -65.01 -0.43 33.65
C ASP M 178 -64.24 0.23 34.79
N LEU M 179 -62.91 0.19 34.72
CA LEU M 179 -62.07 0.78 35.76
C LEU M 179 -62.53 2.12 36.33
N PRO M 180 -62.76 3.11 35.46
CA PRO M 180 -63.22 4.42 35.95
C PRO M 180 -64.53 4.42 36.73
N LEU M 181 -65.32 3.35 36.56
CA LEU M 181 -66.59 3.24 37.27
C LEU M 181 -66.39 2.56 38.63
N MET M 182 -65.17 2.08 38.86
CA MET M 182 -64.84 1.39 40.11
C MET M 182 -64.28 2.34 41.16
N ALA M 183 -64.77 2.18 42.39
CA ALA M 183 -64.30 3.00 43.51
C ALA M 183 -62.82 2.74 43.68
N LEU M 184 -62.42 1.52 43.36
CA LEU M 184 -61.02 1.10 43.47
C LEU M 184 -60.76 -0.03 42.48
N PRO M 185 -59.66 0.05 41.71
CA PRO M 185 -59.35 -1.00 40.74
C PRO M 185 -59.04 -2.30 41.48
N PRO M 186 -59.32 -3.45 40.84
CA PRO M 186 -59.04 -4.75 41.48
C PRO M 186 -57.58 -4.93 41.87
N CYS M 187 -57.34 -5.40 43.09
CA CYS M 187 -55.97 -5.65 43.55
C CYS M 187 -55.64 -7.06 43.10
N HIS M 188 -56.46 -8.02 43.49
CA HIS M 188 -56.27 -9.39 43.04
C HIS M 188 -57.03 -9.41 41.72
N MET M 189 -56.34 -9.06 40.65
CA MET M 189 -56.95 -8.98 39.33
C MET M 189 -57.34 -10.27 38.61
N PHE M 190 -56.82 -11.40 39.04
CA PHE M 190 -57.19 -12.66 38.40
C PHE M 190 -56.46 -13.85 39.01
N CYS M 191 -56.94 -15.04 38.70
CA CYS M 191 -56.34 -16.27 39.20
C CYS M 191 -56.58 -17.37 38.17
N GLN M 192 -55.71 -18.37 38.17
CA GLN M 192 -55.83 -19.49 37.25
C GLN M 192 -55.87 -20.80 38.03
N PHE M 193 -56.78 -21.68 37.65
CA PHE M 193 -56.89 -22.97 38.31
C PHE M 193 -56.26 -24.05 37.46
N PHE M 194 -55.70 -25.06 38.11
CA PHE M 194 -55.06 -26.18 37.43
C PHE M 194 -55.50 -27.47 38.09
N VAL M 195 -55.80 -28.48 37.27
CA VAL M 195 -56.26 -29.76 37.77
C VAL M 195 -55.31 -30.90 37.38
N SER M 196 -54.77 -31.57 38.39
CA SER M 196 -53.88 -32.70 38.14
C SER M 196 -54.73 -33.95 38.07
N LEU M 197 -54.57 -34.72 37.00
CA LEU M 197 -55.34 -35.95 36.83
C LEU M 197 -54.87 -37.02 37.79
N PRO M 198 -55.77 -37.95 38.15
CA PRO M 198 -55.44 -39.05 39.07
C PRO M 198 -54.27 -39.88 38.55
N PRO M 199 -53.28 -40.16 39.41
CA PRO M 199 -52.11 -40.95 39.01
C PRO M 199 -52.52 -42.34 38.50
N PRO M 203 -56.53 -44.68 39.84
CA PRO M 203 -57.42 -43.85 39.03
C PRO M 203 -58.72 -43.50 39.76
N GLY M 204 -58.87 -44.02 40.97
CA GLY M 204 -60.06 -43.74 41.74
C GLY M 204 -59.96 -42.48 42.57
N SER M 205 -58.73 -42.02 42.79
CA SER M 205 -58.48 -40.82 43.57
C SER M 205 -59.10 -39.59 42.92
N LYS M 206 -59.30 -38.54 43.72
CA LYS M 206 -59.88 -37.30 43.22
C LYS M 206 -58.80 -36.44 42.57
N PRO M 207 -59.12 -35.76 41.47
CA PRO M 207 -58.13 -34.92 40.81
C PRO M 207 -57.71 -33.82 41.79
N LYS M 208 -56.47 -33.35 41.69
CA LYS M 208 -56.00 -32.30 42.60
C LYS M 208 -56.17 -30.92 41.98
N LEU M 209 -56.75 -30.00 42.76
CA LEU M 209 -57.00 -28.64 42.31
C LEU M 209 -56.02 -27.62 42.90
N SER M 210 -55.41 -26.82 42.04
CA SER M 210 -54.48 -25.79 42.47
C SER M 210 -54.94 -24.45 41.94
N CYS M 211 -54.47 -23.37 42.57
CA CYS M 211 -54.85 -22.03 42.17
C CYS M 211 -53.72 -21.03 42.30
N LEU M 212 -53.51 -20.26 41.23
CA LEU M 212 -52.47 -19.23 41.22
C LEU M 212 -53.18 -17.91 41.03
N MET M 213 -52.96 -16.97 41.95
CA MET M 213 -53.59 -15.67 41.87
C MET M 213 -52.52 -14.58 41.79
N TYR M 214 -52.77 -13.57 40.96
CA TYR M 214 -51.84 -12.48 40.80
C TYR M 214 -52.42 -11.20 41.38
N GLN M 215 -51.67 -10.57 42.28
CA GLN M 215 -52.11 -9.34 42.94
C GLN M 215 -51.18 -8.20 42.50
N ARG M 216 -51.75 -7.22 41.78
CA ARG M 216 -50.98 -6.07 41.28
C ARG M 216 -50.44 -5.16 42.38
N SER M 217 -51.24 -4.96 43.44
CA SER M 217 -50.85 -4.11 44.55
C SER M 217 -51.14 -4.88 45.84
N CYS M 218 -50.14 -4.98 46.70
CA CYS M 218 -50.31 -5.75 47.93
C CYS M 218 -49.99 -5.02 49.24
N ASP M 219 -51.01 -4.80 50.05
CA ASP M 219 -50.86 -4.18 51.35
C ASP M 219 -50.61 -5.35 52.29
N LEU M 220 -49.34 -5.68 52.50
CA LEU M 220 -49.00 -6.83 53.34
C LEU M 220 -49.54 -6.80 54.76
N GLY M 221 -49.64 -5.61 55.35
CA GLY M 221 -50.15 -5.51 56.70
C GLY M 221 -51.61 -5.89 56.83
N LEU M 222 -52.46 -5.26 56.01
CA LEU M 222 -53.90 -5.52 56.07
C LEU M 222 -54.50 -6.37 54.96
N GLY M 223 -54.11 -6.13 53.72
CA GLY M 223 -54.67 -6.86 52.59
C GLY M 223 -54.27 -8.31 52.41
N VAL M 224 -52.98 -8.57 52.24
CA VAL M 224 -52.48 -9.92 52.02
C VAL M 224 -53.04 -11.01 52.95
N PRO M 225 -53.17 -10.72 54.24
CA PRO M 225 -53.72 -11.75 55.14
C PRO M 225 -55.11 -12.20 54.65
N PHE M 226 -55.91 -11.24 54.20
CA PHE M 226 -57.25 -11.55 53.70
C PHE M 226 -57.17 -12.26 52.35
N ASN M 227 -56.36 -11.71 51.45
CA ASN M 227 -56.20 -12.28 50.11
C ASN M 227 -55.78 -13.75 50.13
N ILE M 228 -54.84 -14.09 51.00
CA ILE M 228 -54.37 -15.47 51.11
C ILE M 228 -55.48 -16.41 51.56
N ALA M 229 -56.15 -16.06 52.65
CA ALA M 229 -57.25 -16.89 53.16
C ALA M 229 -58.42 -16.94 52.19
N SER M 230 -58.72 -15.80 51.57
CA SER M 230 -59.85 -15.71 50.63
C SER M 230 -59.73 -16.71 49.48
N TYR M 231 -58.65 -16.62 48.72
CA TYR M 231 -58.45 -17.50 47.59
C TYR M 231 -58.24 -18.96 48.00
N ALA M 232 -57.75 -19.18 49.22
CA ALA M 232 -57.56 -20.54 49.70
C ALA M 232 -58.97 -21.10 49.92
N LEU M 233 -59.84 -20.28 50.49
CA LEU M 233 -61.21 -20.68 50.76
C LEU M 233 -61.98 -20.89 49.47
N LEU M 234 -61.74 -20.03 48.47
CA LEU M 234 -62.41 -20.14 47.18
C LEU M 234 -62.05 -21.48 46.55
N THR M 235 -60.78 -21.85 46.64
CA THR M 235 -60.31 -23.11 46.08
C THR M 235 -60.98 -24.29 46.78
N HIS M 236 -61.14 -24.18 48.09
CA HIS M 236 -61.79 -25.24 48.87
C HIS M 236 -63.24 -25.35 48.42
N MET M 237 -63.89 -24.19 48.23
CA MET M 237 -65.28 -24.14 47.79
C MET M 237 -65.44 -24.83 46.44
N ILE M 238 -64.64 -24.40 45.47
CA ILE M 238 -64.69 -24.96 44.13
C ILE M 238 -64.37 -26.45 44.13
N ALA M 239 -63.45 -26.86 44.98
CA ALA M 239 -63.07 -28.27 45.08
C ALA M 239 -64.25 -29.13 45.49
N LEU M 240 -65.06 -28.62 46.42
CA LEU M 240 -66.23 -29.35 46.90
C LEU M 240 -67.27 -29.54 45.80
N ILE M 241 -67.52 -28.47 45.05
CA ILE M 241 -68.51 -28.50 43.99
C ILE M 241 -68.07 -29.31 42.77
N THR M 242 -66.75 -29.38 42.54
CA THR M 242 -66.22 -30.11 41.39
C THR M 242 -65.67 -31.49 41.70
N ASP M 243 -65.88 -31.96 42.92
CA ASP M 243 -65.39 -33.28 43.33
C ASP M 243 -63.88 -33.42 43.16
N THR M 244 -63.15 -32.36 43.45
CA THR M 244 -61.70 -32.38 43.36
C THR M 244 -61.11 -32.16 44.75
N GLU M 245 -59.82 -32.42 44.88
CA GLU M 245 -59.14 -32.27 46.16
C GLU M 245 -58.21 -31.06 46.16
N PRO M 246 -58.45 -30.09 47.05
CA PRO M 246 -57.59 -28.90 47.09
C PRO M 246 -56.14 -29.31 47.28
N HIS M 247 -55.25 -28.75 46.49
CA HIS M 247 -53.83 -29.10 46.57
C HIS M 247 -52.89 -27.98 46.95
N GLU M 248 -52.81 -26.95 46.11
CA GLU M 248 -51.90 -25.85 46.37
C GLU M 248 -52.42 -24.50 45.90
N PHE M 249 -52.01 -23.45 46.61
CA PHE M 249 -52.39 -22.08 46.29
C PHE M 249 -51.11 -21.27 46.13
N ILE M 250 -50.97 -20.62 44.98
CA ILE M 250 -49.79 -19.81 44.71
C ILE M 250 -50.20 -18.35 44.58
N LEU M 251 -49.43 -17.46 45.21
CA LEU M 251 -49.73 -16.03 45.16
C LEU M 251 -48.54 -15.23 44.66
N GLN M 252 -48.69 -14.65 43.48
CA GLN M 252 -47.64 -13.83 42.88
C GLN M 252 -48.01 -12.37 43.06
N MET M 253 -47.07 -11.59 43.59
CA MET M 253 -47.32 -10.18 43.84
C MET M 253 -46.62 -9.25 42.86
N GLY M 254 -47.25 -8.09 42.64
CA GLY M 254 -46.67 -7.10 41.75
C GLY M 254 -46.00 -6.09 42.66
N ASP M 255 -46.73 -5.03 43.00
CA ASP M 255 -46.20 -4.00 43.89
C ASP M 255 -46.47 -4.42 45.33
N ALA M 256 -45.48 -5.07 45.95
CA ALA M 256 -45.59 -5.53 47.33
C ALA M 256 -45.08 -4.42 48.25
N HIS M 257 -45.95 -3.88 49.08
CA HIS M 257 -45.57 -2.80 49.96
C HIS M 257 -46.06 -2.88 51.41
N VAL M 258 -45.41 -2.09 52.26
CA VAL M 258 -45.74 -2.01 53.68
C VAL M 258 -45.94 -0.52 53.95
N TYR M 259 -47.15 -0.12 54.34
CA TYR M 259 -47.41 1.28 54.61
C TYR M 259 -46.55 1.81 55.76
N ARG M 260 -46.18 3.07 55.67
CA ARG M 260 -45.34 3.72 56.68
C ARG M 260 -45.87 3.53 58.10
N ASP M 261 -47.17 3.67 58.28
CA ASP M 261 -47.78 3.53 59.60
C ASP M 261 -48.03 2.09 60.03
N HIS M 262 -47.49 1.14 59.26
CA HIS M 262 -47.65 -0.28 59.56
C HIS M 262 -46.33 -0.89 60.03
N VAL M 263 -45.23 -0.20 59.72
CA VAL M 263 -43.89 -0.68 60.08
C VAL M 263 -43.75 -1.11 61.54
N GLU M 264 -44.02 -0.20 62.47
CA GLU M 264 -43.90 -0.52 63.89
C GLU M 264 -44.85 -1.63 64.32
N PRO M 265 -46.13 -1.56 63.94
CA PRO M 265 -47.06 -2.63 64.34
C PRO M 265 -46.61 -4.00 63.85
N LEU M 266 -46.07 -4.05 62.64
CA LEU M 266 -45.60 -5.30 62.06
C LEU M 266 -44.37 -5.86 62.76
N LYS M 267 -43.52 -4.97 63.26
CA LYS M 267 -42.31 -5.39 63.96
C LYS M 267 -42.68 -6.25 65.16
N THR M 268 -43.82 -5.93 65.77
CA THR M 268 -44.30 -6.69 66.92
C THR M 268 -44.72 -8.08 66.48
N GLN M 269 -45.34 -8.15 65.30
CA GLN M 269 -45.80 -9.43 64.76
C GLN M 269 -44.64 -10.32 64.33
N LEU M 270 -43.57 -9.70 63.84
CA LEU M 270 -42.39 -10.44 63.40
C LEU M 270 -41.70 -11.20 64.52
N GLU M 271 -41.99 -10.82 65.76
CA GLU M 271 -41.40 -11.47 66.93
C GLU M 271 -42.12 -12.75 67.30
N ARG M 272 -43.31 -12.94 66.75
CA ARG M 272 -44.12 -14.11 67.06
C ARG M 272 -43.86 -15.35 66.21
N GLU M 273 -43.92 -16.51 66.86
CA GLU M 273 -43.72 -17.79 66.19
C GLU M 273 -45.07 -18.34 65.76
N PRO M 274 -45.22 -18.69 64.47
CA PRO M 274 -46.47 -19.23 63.93
C PRO M 274 -46.95 -20.52 64.57
N ARG M 275 -48.28 -20.67 64.64
CA ARG M 275 -48.90 -21.88 65.18
C ARG M 275 -49.34 -22.66 63.94
N ASP M 276 -49.52 -23.97 64.08
CA ASP M 276 -49.96 -24.77 62.93
C ASP M 276 -51.26 -24.21 62.37
N PHE M 277 -51.35 -24.13 61.04
CA PHE M 277 -52.56 -23.62 60.40
C PHE M 277 -53.77 -24.45 60.79
N PRO M 278 -54.95 -23.82 60.82
CA PRO M 278 -56.19 -24.52 61.17
C PRO M 278 -56.68 -25.35 59.98
N LYS M 279 -57.75 -26.11 60.18
CA LYS M 279 -58.29 -26.92 59.11
C LYS M 279 -59.74 -26.53 58.81
N LEU M 280 -60.14 -26.70 57.56
CA LEU M 280 -61.49 -26.36 57.14
C LEU M 280 -62.39 -27.59 56.98
N LYS M 281 -63.61 -27.48 57.48
CA LYS M 281 -64.58 -28.55 57.40
C LYS M 281 -65.90 -27.93 56.96
N TRP M 282 -66.75 -28.70 56.31
CA TRP M 282 -68.04 -28.19 55.86
C TRP M 282 -69.16 -28.64 56.80
N ALA M 283 -70.04 -27.70 57.14
CA ALA M 283 -71.16 -28.00 58.03
C ALA M 283 -72.25 -28.75 57.29
N ARG M 284 -72.20 -28.74 55.96
CA ARG M 284 -73.19 -29.42 55.14
C ARG M 284 -72.49 -30.20 54.02
N SER M 285 -73.25 -31.06 53.36
CA SER M 285 -72.72 -31.88 52.27
C SER M 285 -72.77 -31.15 50.93
N LYS M 286 -72.08 -31.71 49.94
CA LYS M 286 -72.05 -31.14 48.60
C LYS M 286 -73.46 -31.01 48.06
N GLU M 287 -74.25 -32.07 48.25
CA GLU M 287 -75.62 -32.11 47.77
C GLU M 287 -76.48 -31.01 48.40
N GLU M 288 -76.32 -30.81 49.71
CA GLU M 288 -77.08 -29.78 50.42
C GLU M 288 -76.71 -28.39 49.92
N ILE M 289 -75.42 -28.13 49.81
CA ILE M 289 -74.95 -26.83 49.33
C ILE M 289 -75.37 -26.64 47.88
N GLY M 290 -75.34 -27.73 47.11
CA GLY M 290 -75.75 -27.66 45.72
C GLY M 290 -74.71 -27.18 44.73
N ASP M 291 -74.53 -25.86 44.65
CA ASP M 291 -73.56 -25.28 43.73
C ASP M 291 -72.76 -24.16 44.40
N ILE M 292 -71.92 -23.49 43.60
CA ILE M 292 -71.07 -22.42 44.09
C ILE M 292 -71.85 -21.27 44.71
N ASP M 293 -73.14 -21.16 44.38
CA ASP M 293 -73.98 -20.09 44.90
C ASP M 293 -74.79 -20.51 46.14
N GLY M 294 -74.55 -21.73 46.62
CA GLY M 294 -75.29 -22.21 47.77
C GLY M 294 -74.58 -22.19 49.11
N PHE M 295 -73.38 -21.62 49.17
CA PHE M 295 -72.63 -21.56 50.42
C PHE M 295 -73.15 -20.48 51.37
N LYS M 296 -73.00 -20.74 52.67
CA LYS M 296 -73.41 -19.81 53.71
C LYS M 296 -72.26 -19.67 54.69
N VAL M 297 -72.17 -18.53 55.36
CA VAL M 297 -71.10 -18.30 56.33
C VAL M 297 -70.96 -19.45 57.32
N GLU M 298 -72.08 -19.92 57.86
CA GLU M 298 -72.08 -21.01 58.83
C GLU M 298 -71.62 -22.35 58.28
N ASP M 299 -71.44 -22.45 56.96
CA ASP M 299 -70.99 -23.69 56.37
C ASP M 299 -69.50 -23.90 56.61
N PHE M 300 -68.79 -22.79 56.79
CA PHE M 300 -67.35 -22.84 57.02
C PHE M 300 -66.98 -23.12 58.47
N VAL M 301 -66.59 -24.37 58.75
CA VAL M 301 -66.20 -24.77 60.09
C VAL M 301 -64.68 -24.84 60.18
N VAL M 302 -64.07 -23.79 60.70
CA VAL M 302 -62.62 -23.73 60.86
C VAL M 302 -62.24 -24.18 62.27
N GLU M 303 -61.51 -25.29 62.36
CA GLU M 303 -61.11 -25.82 63.65
C GLU M 303 -59.60 -25.80 63.85
N GLY M 304 -59.18 -25.57 65.10
CA GLY M 304 -57.77 -25.53 65.41
C GLY M 304 -57.09 -24.19 65.18
N TYR M 305 -57.87 -23.13 65.03
CA TYR M 305 -57.28 -21.81 64.82
C TYR M 305 -56.79 -21.27 66.16
N LYS M 306 -55.48 -21.12 66.28
CA LYS M 306 -54.88 -20.62 67.52
C LYS M 306 -53.89 -19.49 67.23
N PRO M 307 -54.40 -18.29 66.95
CA PRO M 307 -53.57 -17.12 66.67
C PRO M 307 -53.14 -16.34 67.89
N TRP M 308 -52.20 -15.43 67.69
CA TRP M 308 -51.73 -14.58 68.77
C TRP M 308 -52.70 -13.41 68.82
N GLY M 309 -52.41 -12.43 69.67
CA GLY M 309 -53.30 -11.28 69.78
C GLY M 309 -53.42 -10.47 68.50
N LYS M 310 -54.46 -9.64 68.43
CA LYS M 310 -54.70 -8.80 67.27
C LYS M 310 -53.66 -7.69 67.22
N ILE M 311 -53.43 -7.17 66.02
CA ILE M 311 -52.48 -6.09 65.82
C ILE M 311 -53.19 -4.98 65.07
N ASP M 312 -53.35 -3.83 65.72
CA ASP M 312 -54.05 -2.70 65.12
C ASP M 312 -53.25 -2.01 64.03
N MET M 313 -53.89 -1.87 62.87
CA MET M 313 -53.28 -1.19 61.72
C MET M 313 -54.36 -0.41 60.98
N LYS M 314 -54.09 0.87 60.75
CA LYS M 314 -55.04 1.74 60.06
C LYS M 314 -54.95 1.54 58.55
N MET M 315 -56.10 1.51 57.90
CA MET M 315 -56.13 1.34 56.45
C MET M 315 -56.12 2.72 55.79
N SER M 316 -55.32 2.85 54.74
CA SER M 316 -55.21 4.10 54.03
C SER M 316 -56.19 4.10 52.84
N ALA M 317 -57.20 4.97 52.91
CA ALA M 317 -58.20 5.08 51.86
C ALA M 317 -57.61 5.57 50.55
N PRO N 16 -22.33 -20.62 35.65
CA PRO N 16 -23.52 -21.24 36.28
C PRO N 16 -24.58 -20.19 36.65
N ASP N 17 -24.24 -18.92 36.46
CA ASP N 17 -25.17 -17.84 36.78
C ASP N 17 -25.85 -17.30 35.53
N HIS N 18 -25.55 -17.88 34.37
CA HIS N 18 -26.17 -17.42 33.13
C HIS N 18 -27.68 -17.60 33.21
N GLU N 19 -28.40 -16.50 33.03
CA GLU N 19 -29.85 -16.49 33.11
C GLU N 19 -30.57 -17.51 32.21
N GLU N 20 -29.92 -17.93 31.14
CA GLU N 20 -30.54 -18.89 30.24
C GLU N 20 -30.73 -20.27 30.87
N TYR N 21 -29.96 -20.55 31.93
CA TYR N 21 -30.09 -21.83 32.60
C TYR N 21 -31.46 -21.98 33.26
N GLN N 22 -32.12 -20.85 33.53
CA GLN N 22 -33.45 -20.89 34.13
C GLN N 22 -34.36 -21.63 33.16
N TYR N 23 -34.27 -21.24 31.90
CA TYR N 23 -35.06 -21.84 30.83
C TYR N 23 -34.70 -23.31 30.62
N LEU N 24 -33.40 -23.60 30.51
CA LEU N 24 -32.93 -24.96 30.31
C LEU N 24 -33.29 -25.88 31.48
N ASP N 25 -33.08 -25.40 32.71
CA ASP N 25 -33.38 -26.17 33.90
C ASP N 25 -34.87 -26.50 34.02
N LEU N 26 -35.73 -25.55 33.70
CA LEU N 26 -37.17 -25.79 33.78
C LEU N 26 -37.60 -26.89 32.81
N ILE N 27 -37.05 -26.86 31.60
CA ILE N 27 -37.37 -27.87 30.60
C ILE N 27 -36.93 -29.24 31.10
N ARG N 28 -35.72 -29.30 31.64
CA ARG N 28 -35.18 -30.54 32.17
C ARG N 28 -36.09 -31.08 33.27
N ARG N 29 -36.55 -30.17 34.14
CA ARG N 29 -37.43 -30.56 35.23
C ARG N 29 -38.78 -31.06 34.73
N ILE N 30 -39.37 -30.35 33.77
CA ILE N 30 -40.65 -30.74 33.20
C ILE N 30 -40.59 -32.13 32.58
N ILE N 31 -39.51 -32.39 31.84
CA ILE N 31 -39.34 -33.69 31.20
C ILE N 31 -39.17 -34.79 32.25
N ASN N 32 -38.43 -34.47 33.32
CA ASN N 32 -38.17 -35.42 34.38
C ASN N 32 -39.36 -35.73 35.28
N VAL N 33 -39.92 -34.71 35.93
CA VAL N 33 -41.05 -34.92 36.85
C VAL N 33 -42.37 -34.33 36.39
N GLY N 34 -42.43 -33.85 35.15
CA GLY N 34 -43.67 -33.29 34.65
C GLY N 34 -44.76 -34.33 34.53
N GLU N 35 -46.01 -33.88 34.48
CA GLU N 35 -47.16 -34.77 34.37
C GLU N 35 -47.63 -34.90 32.93
N VAL N 36 -47.73 -36.13 32.45
CA VAL N 36 -48.19 -36.39 31.09
C VAL N 36 -49.68 -36.06 31.01
N ARG N 37 -50.05 -35.17 30.10
CA ARG N 37 -51.44 -34.76 29.99
C ARG N 37 -51.95 -34.60 28.57
N PRO N 38 -53.27 -34.80 28.37
CA PRO N 38 -53.89 -34.67 27.06
C PRO N 38 -54.08 -33.16 26.88
N ASP N 39 -54.33 -32.70 25.67
CA ASP N 39 -54.51 -31.27 25.47
C ASP N 39 -55.37 -30.95 24.26
N ARG N 40 -55.68 -29.67 24.11
CA ARG N 40 -56.50 -29.18 23.00
C ARG N 40 -56.00 -29.61 21.62
N THR N 41 -54.69 -29.47 21.40
CA THR N 41 -54.09 -29.83 20.11
C THR N 41 -54.16 -31.31 19.77
N GLY N 42 -54.13 -32.17 20.79
CA GLY N 42 -54.20 -33.59 20.54
C GLY N 42 -52.85 -34.29 20.47
N THR N 43 -51.76 -33.53 20.57
CA THR N 43 -50.43 -34.14 20.51
C THR N 43 -49.96 -34.56 21.90
N GLY N 44 -50.53 -33.94 22.93
CA GLY N 44 -50.17 -34.27 24.29
C GLY N 44 -48.95 -33.51 24.79
N THR N 45 -48.83 -33.38 26.11
CA THR N 45 -47.70 -32.67 26.70
C THR N 45 -47.34 -33.22 28.07
N VAL N 46 -46.25 -32.68 28.61
CA VAL N 46 -45.76 -33.03 29.94
C VAL N 46 -45.71 -31.65 30.58
N ALA N 47 -46.35 -31.49 31.74
CA ALA N 47 -46.37 -30.16 32.35
C ALA N 47 -46.29 -30.06 33.87
N LEU N 48 -46.04 -28.82 34.30
CA LEU N 48 -45.94 -28.45 35.71
C LEU N 48 -46.70 -27.13 35.84
N PHE N 49 -47.40 -26.94 36.96
CA PHE N 49 -48.16 -25.72 37.16
C PHE N 49 -47.48 -24.73 38.10
N ALA N 50 -47.50 -23.45 37.70
CA ALA N 50 -46.92 -22.37 38.47
C ALA N 50 -45.50 -22.59 39.00
N PRO N 51 -44.54 -22.89 38.11
CA PRO N 51 -43.17 -23.10 38.57
C PRO N 51 -42.56 -21.74 38.92
N PRO N 52 -41.40 -21.73 39.60
CA PRO N 52 -40.78 -20.45 39.95
C PRO N 52 -40.66 -19.56 38.71
N SER N 53 -40.86 -18.26 38.89
CA SER N 53 -40.80 -17.31 37.78
C SER N 53 -39.38 -17.10 37.28
N PHE N 54 -39.26 -16.61 36.05
CA PHE N 54 -37.96 -16.33 35.45
C PHE N 54 -37.66 -14.84 35.64
N ARG N 55 -36.39 -14.52 35.85
CA ARG N 55 -35.97 -13.14 36.03
C ARG N 55 -34.81 -12.86 35.08
N PHE N 56 -34.94 -11.82 34.27
CA PHE N 56 -33.91 -11.46 33.31
C PHE N 56 -33.52 -10.00 33.46
N SER N 57 -32.21 -9.75 33.55
CA SER N 57 -31.72 -8.39 33.69
C SER N 57 -31.73 -7.70 32.33
N LEU N 58 -32.24 -6.48 32.29
CA LEU N 58 -32.29 -5.72 31.04
C LEU N 58 -31.32 -4.55 31.10
N ALA N 59 -30.47 -4.54 32.12
CA ALA N 59 -29.49 -3.48 32.30
C ALA N 59 -28.37 -3.60 31.26
N ASP N 60 -27.69 -2.49 31.02
CA ASP N 60 -26.59 -2.46 30.05
C ASP N 60 -27.05 -2.88 28.65
N ASN N 61 -28.24 -2.45 28.27
CA ASN N 61 -28.81 -2.75 26.96
C ASN N 61 -28.91 -4.24 26.67
N THR N 62 -28.95 -5.07 27.70
CA THR N 62 -29.04 -6.52 27.52
C THR N 62 -30.38 -7.01 27.01
N LEU N 63 -30.35 -7.92 26.05
CA LEU N 63 -31.55 -8.51 25.48
C LEU N 63 -31.50 -10.02 25.67
N PRO N 64 -32.40 -10.56 26.50
CA PRO N 64 -32.43 -12.01 26.77
C PRO N 64 -32.94 -12.84 25.59
N LEU N 65 -32.15 -12.87 24.51
CA LEU N 65 -32.49 -13.64 23.32
C LEU N 65 -31.73 -14.95 23.45
N LEU N 66 -32.46 -16.04 23.71
CA LEU N 66 -31.85 -17.36 23.87
C LEU N 66 -30.74 -17.67 22.87
N THR N 67 -29.66 -18.28 23.37
CA THR N 67 -28.52 -18.61 22.53
C THR N 67 -28.31 -20.11 22.30
N THR N 68 -28.99 -20.95 23.08
CA THR N 68 -28.84 -22.40 22.91
C THR N 68 -29.50 -22.91 21.64
N LYS N 69 -30.04 -21.99 20.85
CA LYS N 69 -30.68 -22.31 19.58
C LYS N 69 -30.90 -20.99 18.87
N ARG N 70 -30.91 -21.00 17.54
CA ARG N 70 -31.13 -19.78 16.78
C ARG N 70 -32.59 -19.38 16.87
N VAL N 71 -32.85 -18.18 17.38
CA VAL N 71 -34.20 -17.67 17.51
C VAL N 71 -34.50 -16.68 16.39
N PHE N 72 -35.66 -16.85 15.76
CA PHE N 72 -36.08 -15.98 14.66
C PHE N 72 -36.34 -14.56 15.19
N LEU N 73 -35.26 -13.82 15.43
CA LEU N 73 -35.34 -12.46 15.95
C LEU N 73 -36.29 -11.56 15.16
N ARG N 74 -36.10 -11.48 13.85
CA ARG N 74 -36.95 -10.65 13.01
C ARG N 74 -38.42 -10.99 13.22
N GLY N 75 -38.70 -12.27 13.42
CA GLY N 75 -40.08 -12.70 13.64
C GLY N 75 -40.64 -12.15 14.93
N VAL N 76 -39.80 -12.12 15.97
CA VAL N 76 -40.21 -11.60 17.27
C VAL N 76 -40.51 -10.11 17.17
N ILE N 77 -39.60 -9.38 16.52
CA ILE N 77 -39.76 -7.95 16.35
C ILE N 77 -41.01 -7.62 15.53
N ALA N 78 -41.18 -8.32 14.41
CA ALA N 78 -42.32 -8.11 13.53
C ALA N 78 -43.64 -8.32 14.28
N GLU N 79 -43.73 -9.41 15.03
CA GLU N 79 -44.95 -9.70 15.78
C GLU N 79 -45.23 -8.61 16.80
N LEU N 80 -44.18 -8.16 17.49
CA LEU N 80 -44.32 -7.12 18.51
C LEU N 80 -44.85 -5.81 17.94
N LEU N 81 -44.21 -5.32 16.87
CA LEU N 81 -44.65 -4.08 16.25
C LEU N 81 -46.06 -4.25 15.71
N TRP N 82 -46.41 -5.49 15.43
CA TRP N 82 -47.73 -5.85 14.93
C TRP N 82 -48.72 -5.69 16.08
N PHE N 83 -48.34 -6.15 17.28
CA PHE N 83 -49.20 -6.03 18.45
C PHE N 83 -49.45 -4.55 18.70
N VAL N 84 -48.36 -3.79 18.81
CA VAL N 84 -48.41 -2.37 19.07
C VAL N 84 -49.34 -1.63 18.12
N SER N 85 -49.29 -1.96 16.84
CA SER N 85 -50.13 -1.31 15.84
C SER N 85 -51.61 -1.59 16.08
N GLY N 86 -51.90 -2.61 16.87
CA GLY N 86 -53.28 -2.97 17.14
C GLY N 86 -53.88 -3.81 16.04
N CYS N 87 -53.06 -4.18 15.06
CA CYS N 87 -53.49 -4.99 13.93
C CYS N 87 -53.74 -6.44 14.33
N THR N 88 -54.75 -7.06 13.74
CA THR N 88 -55.08 -8.45 14.03
C THR N 88 -55.10 -9.31 12.77
N ASP N 89 -54.53 -8.79 11.70
CA ASP N 89 -54.48 -9.52 10.43
C ASP N 89 -53.12 -10.19 10.28
N ALA N 90 -53.13 -11.53 10.32
CA ALA N 90 -51.89 -12.30 10.21
C ALA N 90 -51.18 -12.11 8.87
N LYS N 91 -51.92 -11.68 7.85
CA LYS N 91 -51.34 -11.47 6.53
C LYS N 91 -50.29 -10.37 6.58
N MET N 92 -50.40 -9.50 7.60
CA MET N 92 -49.44 -8.41 7.75
C MET N 92 -48.09 -8.96 8.19
N LEU N 93 -48.11 -10.18 8.73
CA LEU N 93 -46.88 -10.82 9.17
C LEU N 93 -46.32 -11.72 8.06
N SER N 94 -47.20 -12.52 7.46
CA SER N 94 -46.79 -13.43 6.39
C SER N 94 -46.30 -12.67 5.17
N SER N 95 -46.83 -11.47 4.95
CA SER N 95 -46.42 -10.67 3.80
C SER N 95 -44.98 -10.20 3.96
N GLN N 96 -44.50 -10.15 5.19
CA GLN N 96 -43.13 -9.73 5.45
C GLN N 96 -42.24 -10.91 5.83
N GLY N 97 -42.65 -12.11 5.44
CA GLY N 97 -41.87 -13.30 5.72
C GLY N 97 -41.97 -13.91 7.11
N VAL N 98 -43.03 -13.60 7.83
CA VAL N 98 -43.22 -14.13 9.18
C VAL N 98 -44.53 -14.90 9.22
N GLY N 99 -44.45 -16.23 9.34
CA GLY N 99 -45.66 -17.03 9.36
C GLY N 99 -45.99 -17.74 10.66
N ILE N 100 -45.56 -17.16 11.79
CA ILE N 100 -45.82 -17.77 13.09
C ILE N 100 -47.31 -17.86 13.41
N TRP N 101 -48.12 -17.01 12.78
CA TRP N 101 -49.56 -17.03 13.02
C TRP N 101 -50.36 -17.60 11.85
N ASP N 102 -49.65 -18.17 10.87
CA ASP N 102 -50.32 -18.76 9.71
C ASP N 102 -51.14 -19.99 10.12
N GLY N 103 -50.64 -20.72 11.12
CA GLY N 103 -51.32 -21.91 11.59
C GLY N 103 -52.71 -21.68 12.15
N ASN N 104 -52.84 -20.70 13.06
CA ASN N 104 -54.13 -20.42 13.67
C ASN N 104 -54.93 -19.40 12.86
N GLY N 105 -54.34 -18.90 11.78
CA GLY N 105 -55.03 -17.94 10.94
C GLY N 105 -55.51 -18.57 9.64
N SER N 106 -55.16 -19.84 9.44
CA SER N 106 -55.55 -20.55 8.22
C SER N 106 -57.05 -20.68 8.11
N LYS N 107 -57.54 -20.72 6.87
CA LYS N 107 -58.96 -20.83 6.60
C LYS N 107 -59.50 -22.15 7.16
N GLU N 108 -58.61 -23.11 7.33
CA GLU N 108 -58.99 -24.42 7.86
C GLU N 108 -59.19 -24.39 9.37
N PHE N 109 -58.28 -23.72 10.08
CA PHE N 109 -58.37 -23.63 11.53
C PHE N 109 -59.55 -22.77 11.95
N LEU N 110 -59.69 -21.62 11.29
CA LEU N 110 -60.78 -20.70 11.60
C LEU N 110 -62.13 -21.39 11.52
N GLU N 111 -62.38 -22.09 10.41
CA GLU N 111 -63.64 -22.81 10.24
C GLU N 111 -63.76 -23.90 11.29
N LYS N 112 -62.60 -24.43 11.70
CA LYS N 112 -62.53 -25.49 12.70
C LYS N 112 -63.03 -25.01 14.06
N VAL N 113 -62.75 -23.76 14.40
CA VAL N 113 -63.19 -23.20 15.67
C VAL N 113 -64.47 -22.37 15.57
N GLY N 114 -65.22 -22.57 14.50
CA GLY N 114 -66.47 -21.85 14.32
C GLY N 114 -66.38 -20.43 13.83
N LEU N 115 -65.27 -20.10 13.16
CA LEU N 115 -65.07 -18.74 12.65
C LEU N 115 -64.90 -18.78 11.12
N GLY N 116 -65.73 -19.58 10.47
CA GLY N 116 -65.67 -19.71 9.02
C GLY N 116 -66.08 -18.47 8.24
N HIS N 117 -66.80 -17.58 8.90
CA HIS N 117 -67.28 -16.34 8.26
C HIS N 117 -66.16 -15.31 8.10
N ARG N 118 -64.97 -15.63 8.58
CA ARG N 118 -63.85 -14.72 8.49
C ARG N 118 -62.87 -15.10 7.40
N ARG N 119 -62.27 -14.10 6.76
CA ARG N 119 -61.31 -14.37 5.71
C ARG N 119 -60.03 -14.87 6.37
N GLU N 120 -59.26 -15.66 5.63
CA GLU N 120 -58.01 -16.21 6.16
C GLU N 120 -57.12 -15.09 6.72
N GLY N 121 -56.58 -15.32 7.90
CA GLY N 121 -55.71 -14.33 8.51
C GLY N 121 -56.37 -13.44 9.55
N ASP N 122 -57.70 -13.35 9.49
CA ASP N 122 -58.44 -12.53 10.44
C ASP N 122 -58.60 -13.29 11.76
N LEU N 123 -57.63 -13.10 12.65
CA LEU N 123 -57.61 -13.77 13.95
C LEU N 123 -58.68 -13.30 14.94
N GLY N 124 -59.23 -12.11 14.70
CA GLY N 124 -60.24 -11.60 15.61
C GLY N 124 -59.65 -10.54 16.54
N PRO N 125 -60.35 -10.19 17.63
CA PRO N 125 -59.87 -9.18 18.58
C PRO N 125 -58.80 -9.71 19.54
N VAL N 126 -57.67 -10.12 18.98
CA VAL N 126 -56.57 -10.64 19.79
C VAL N 126 -55.63 -9.55 20.29
N TYR N 127 -54.56 -9.98 20.94
CA TYR N 127 -53.53 -9.10 21.51
C TYR N 127 -53.60 -7.62 21.13
N GLY N 128 -53.06 -7.29 19.97
CA GLY N 128 -53.03 -5.91 19.50
C GLY N 128 -54.31 -5.11 19.67
N PHE N 129 -55.44 -5.72 19.33
CA PHE N 129 -56.74 -5.05 19.43
C PHE N 129 -57.10 -4.70 20.88
N GLN N 130 -56.91 -5.66 21.77
CA GLN N 130 -57.21 -5.44 23.19
C GLN N 130 -56.29 -4.38 23.77
N TRP N 131 -55.01 -4.45 23.40
CA TRP N 131 -54.00 -3.50 23.87
C TRP N 131 -54.32 -2.05 23.56
N ARG N 132 -54.82 -1.78 22.36
CA ARG N 132 -55.11 -0.42 21.94
C ARG N 132 -56.59 -0.04 21.83
N HIS N 133 -57.48 -1.04 21.85
CA HIS N 133 -58.91 -0.76 21.73
C HIS N 133 -59.80 -1.60 22.63
N PHE N 134 -59.32 -1.96 23.82
CA PHE N 134 -60.10 -2.78 24.73
C PHE N 134 -61.52 -2.24 24.93
N GLY N 135 -62.50 -3.12 24.77
CA GLY N 135 -63.89 -2.71 24.95
C GLY N 135 -64.62 -2.37 23.68
N ALA N 136 -63.88 -1.98 22.65
CA ALA N 136 -64.47 -1.62 21.37
C ALA N 136 -65.15 -2.82 20.70
N GLU N 137 -66.13 -2.52 19.85
CA GLU N 137 -66.86 -3.56 19.12
C GLU N 137 -66.04 -4.01 17.93
N TYR N 138 -65.83 -5.33 17.83
CA TYR N 138 -65.03 -5.88 16.73
C TYR N 138 -65.92 -6.36 15.60
N THR N 139 -65.60 -5.96 14.38
CA THR N 139 -66.33 -6.37 13.20
C THR N 139 -65.43 -7.37 12.47
N ASP N 140 -64.38 -6.85 11.84
CA ASP N 140 -63.40 -7.67 11.14
C ASP N 140 -62.02 -7.00 11.29
N ALA N 141 -60.98 -7.50 10.60
CA ALA N 141 -59.68 -6.86 10.76
C ALA N 141 -59.52 -5.52 10.03
N ASP N 142 -60.46 -5.23 9.13
CA ASP N 142 -60.42 -3.99 8.37
C ASP N 142 -61.21 -2.87 9.03
N GLY N 143 -61.90 -3.21 10.12
CA GLY N 143 -62.70 -2.21 10.82
C GLY N 143 -61.92 -0.99 11.26
N ASP N 144 -62.62 0.13 11.39
CA ASP N 144 -62.01 1.38 11.82
C ASP N 144 -62.18 1.48 13.33
N TYR N 145 -61.08 1.30 14.05
CA TYR N 145 -61.10 1.35 15.51
C TYR N 145 -60.38 2.54 16.10
N LYS N 146 -59.82 3.39 15.24
CA LYS N 146 -59.10 4.56 15.72
C LYS N 146 -59.94 5.39 16.69
N GLY N 147 -59.39 5.63 17.87
CA GLY N 147 -60.09 6.39 18.89
C GLY N 147 -61.20 5.64 19.61
N LYS N 148 -61.31 4.35 19.35
CA LYS N 148 -62.34 3.54 19.98
C LYS N 148 -61.75 2.57 20.99
N GLY N 149 -62.46 2.36 22.09
CA GLY N 149 -61.97 1.45 23.12
C GLY N 149 -60.91 2.11 24.00
N VAL N 150 -60.37 1.35 24.93
CA VAL N 150 -59.35 1.86 25.83
C VAL N 150 -57.94 1.57 25.31
N ASP N 151 -57.14 2.62 25.15
CA ASP N 151 -55.77 2.47 24.68
C ASP N 151 -54.87 2.26 25.89
N GLN N 152 -54.77 1.02 26.34
CA GLN N 152 -53.96 0.66 27.49
C GLN N 152 -52.48 1.00 27.34
N LEU N 153 -51.93 0.74 26.16
CA LEU N 153 -50.53 1.01 25.90
C LEU N 153 -50.14 2.47 26.09
N GLN N 154 -50.88 3.38 25.47
CA GLN N 154 -50.56 4.79 25.60
C GLN N 154 -50.76 5.25 27.04
N ARG N 155 -51.75 4.70 27.72
CA ARG N 155 -52.00 5.06 29.11
C ARG N 155 -50.81 4.65 29.96
N VAL N 156 -50.23 3.50 29.64
CA VAL N 156 -49.06 3.00 30.36
C VAL N 156 -47.93 4.00 30.19
N ILE N 157 -47.73 4.46 28.95
CA ILE N 157 -46.69 5.43 28.64
C ILE N 157 -46.89 6.72 29.42
N ASP N 158 -48.11 7.27 29.33
CA ASP N 158 -48.45 8.51 30.03
C ASP N 158 -48.27 8.40 31.53
N THR N 159 -48.65 7.26 32.10
CA THR N 159 -48.54 7.05 33.54
C THR N 159 -47.10 6.94 34.02
N ILE N 160 -46.26 6.25 33.25
CA ILE N 160 -44.86 6.08 33.61
C ILE N 160 -44.15 7.43 33.63
N LYS N 161 -44.56 8.32 32.72
CA LYS N 161 -43.96 9.64 32.61
C LYS N 161 -44.49 10.68 33.61
N ASN N 162 -45.78 10.64 33.90
CA ASN N 162 -46.37 11.62 34.80
C ASN N 162 -46.75 11.16 36.20
N ASN N 163 -46.83 9.84 36.42
CA ASN N 163 -47.19 9.32 37.73
C ASN N 163 -46.63 7.90 37.87
N PRO N 164 -45.30 7.77 37.82
CA PRO N 164 -44.55 6.51 37.92
C PRO N 164 -44.87 5.61 39.11
N THR N 165 -45.22 6.19 40.26
CA THR N 165 -45.51 5.40 41.44
C THR N 165 -46.91 4.80 41.41
N ASP N 166 -47.66 5.08 40.35
CA ASP N 166 -49.00 4.54 40.21
C ASP N 166 -48.88 3.01 40.26
N ARG N 167 -49.87 2.35 40.84
CA ARG N 167 -49.81 0.90 40.96
C ARG N 167 -50.81 0.16 40.07
N ARG N 168 -51.26 0.84 39.01
CA ARG N 168 -52.21 0.26 38.06
C ARG N 168 -51.65 0.27 36.63
N ILE N 169 -50.33 0.34 36.50
CA ILE N 169 -49.70 0.36 35.17
C ILE N 169 -49.78 -1.04 34.55
N ILE N 170 -50.97 -1.38 34.06
CA ILE N 170 -51.23 -2.69 33.49
C ILE N 170 -51.55 -2.67 31.99
N LEU N 171 -51.08 -3.72 31.30
CA LEU N 171 -51.33 -3.90 29.88
C LEU N 171 -51.88 -5.32 29.75
N SER N 172 -53.17 -5.44 29.46
CA SER N 172 -53.79 -6.75 29.36
C SER N 172 -54.56 -7.00 28.07
N ALA N 173 -54.52 -8.24 27.61
CA ALA N 173 -55.21 -8.64 26.39
C ALA N 173 -56.35 -9.60 26.71
N TRP N 174 -56.46 -9.99 27.97
CA TRP N 174 -57.51 -10.91 28.39
C TRP N 174 -58.86 -10.21 28.41
N ASN N 175 -59.80 -10.76 27.64
CA ASN N 175 -61.15 -10.20 27.56
C ASN N 175 -62.15 -11.35 27.48
N PRO N 176 -62.73 -11.74 28.63
CA PRO N 176 -63.69 -12.84 28.69
C PRO N 176 -64.84 -12.73 27.67
N LYS N 177 -65.25 -11.50 27.37
CA LYS N 177 -66.34 -11.30 26.42
C LYS N 177 -65.94 -11.56 24.97
N ASP N 178 -64.72 -11.16 24.60
CA ASP N 178 -64.24 -11.33 23.23
C ASP N 178 -63.57 -12.67 22.94
N LEU N 179 -63.29 -13.46 23.97
CA LEU N 179 -62.63 -14.75 23.79
C LEU N 179 -63.16 -15.59 22.63
N PRO N 180 -64.48 -15.88 22.59
CA PRO N 180 -65.04 -16.69 21.50
C PRO N 180 -64.82 -16.14 20.09
N LEU N 181 -64.49 -14.85 19.98
CA LEU N 181 -64.24 -14.23 18.69
C LEU N 181 -62.77 -14.37 18.31
N MET N 182 -61.97 -14.84 19.25
CA MET N 182 -60.54 -15.02 19.02
C MET N 182 -60.20 -16.41 18.50
N ALA N 183 -59.32 -16.45 17.50
CA ALA N 183 -58.89 -17.72 16.92
C ALA N 183 -58.17 -18.51 18.02
N LEU N 184 -57.56 -17.77 18.95
CA LEU N 184 -56.84 -18.39 20.05
C LEU N 184 -56.79 -17.40 21.21
N PRO N 185 -57.10 -17.86 22.43
CA PRO N 185 -57.09 -16.98 23.61
C PRO N 185 -55.66 -16.53 23.91
N PRO N 186 -55.49 -15.31 24.44
CA PRO N 186 -54.16 -14.79 24.77
C PRO N 186 -53.37 -15.70 25.70
N CYS N 187 -52.12 -15.97 25.34
CA CYS N 187 -51.25 -16.80 26.18
C CYS N 187 -50.63 -15.85 27.20
N HIS N 188 -49.98 -14.80 26.71
CA HIS N 188 -49.43 -13.79 27.62
C HIS N 188 -50.59 -12.83 27.80
N MET N 189 -51.43 -13.13 28.79
CA MET N 189 -52.63 -12.34 29.05
C MET N 189 -52.47 -10.95 29.64
N PHE N 190 -51.30 -10.64 30.18
CA PHE N 190 -51.09 -9.30 30.75
C PHE N 190 -49.72 -9.15 31.37
N CYS N 191 -49.35 -7.89 31.61
CA CYS N 191 -48.08 -7.57 32.22
C CYS N 191 -48.24 -6.29 33.04
N GLN N 192 -47.36 -6.12 34.02
CA GLN N 192 -47.40 -4.93 34.87
C GLN N 192 -46.02 -4.29 34.87
N PHE N 193 -46.01 -2.96 34.75
CA PHE N 193 -44.75 -2.23 34.76
C PHE N 193 -44.55 -1.53 36.10
N PHE N 194 -43.28 -1.42 36.50
CA PHE N 194 -42.93 -0.79 37.76
C PHE N 194 -41.78 0.17 37.52
N VAL N 195 -41.85 1.35 38.13
CA VAL N 195 -40.82 2.36 37.98
C VAL N 195 -40.16 2.71 39.30
N SER N 196 -38.85 2.49 39.38
CA SER N 196 -38.10 2.81 40.59
C SER N 196 -37.61 4.25 40.45
N LEU N 197 -37.89 5.06 41.46
CA LEU N 197 -37.48 6.46 41.43
C LEU N 197 -35.97 6.58 41.62
N PRO N 198 -35.38 7.66 41.10
CA PRO N 198 -33.94 7.89 41.22
C PRO N 198 -33.50 7.94 42.67
N PRO N 199 -32.42 7.22 43.02
CA PRO N 199 -31.90 7.21 44.39
C PRO N 199 -31.56 8.60 44.89
N PRO N 203 -30.20 12.12 41.96
CA PRO N 203 -31.56 12.38 41.45
C PRO N 203 -31.56 12.68 39.95
N GLY N 204 -30.38 12.69 39.35
CA GLY N 204 -30.28 12.96 37.92
C GLY N 204 -30.41 11.72 37.07
N SER N 205 -30.23 10.56 37.70
CA SER N 205 -30.31 9.28 36.99
C SER N 205 -31.72 9.04 36.46
N LYS N 206 -31.82 8.14 35.48
CA LYS N 206 -33.10 7.81 34.89
C LYS N 206 -33.83 6.78 35.75
N PRO N 207 -35.16 6.91 35.89
CA PRO N 207 -35.90 5.93 36.70
C PRO N 207 -35.73 4.56 36.06
N LYS N 208 -35.79 3.50 36.86
CA LYS N 208 -35.63 2.16 36.31
C LYS N 208 -36.99 1.52 36.02
N LEU N 209 -37.12 0.93 34.85
CA LEU N 209 -38.35 0.29 34.42
C LEU N 209 -38.28 -1.24 34.46
N SER N 210 -39.27 -1.85 35.10
CA SER N 210 -39.33 -3.31 35.19
C SER N 210 -40.67 -3.79 34.64
N CYS N 211 -40.72 -5.05 34.24
CA CYS N 211 -41.94 -5.61 33.68
C CYS N 211 -42.17 -7.07 34.11
N LEU N 212 -43.38 -7.34 34.57
CA LEU N 212 -43.75 -8.69 34.98
C LEU N 212 -44.89 -9.11 34.08
N MET N 213 -44.72 -10.25 33.42
CA MET N 213 -45.74 -10.76 32.51
C MET N 213 -46.20 -12.14 32.97
N TYR N 214 -47.51 -12.37 32.89
CA TYR N 214 -48.08 -13.66 33.27
C TYR N 214 -48.59 -14.40 32.04
N GLN N 215 -48.11 -15.62 31.88
CA GLN N 215 -48.49 -16.46 30.74
C GLN N 215 -49.27 -17.67 31.24
N ARG N 216 -50.57 -17.74 30.89
CA ARG N 216 -51.44 -18.83 31.31
C ARG N 216 -51.04 -20.20 30.75
N SER N 217 -50.57 -20.22 29.50
CA SER N 217 -50.17 -21.45 28.84
C SER N 217 -48.82 -21.22 28.18
N CYS N 218 -47.85 -22.06 28.48
CA CYS N 218 -46.50 -21.87 27.94
C CYS N 218 -45.90 -23.06 27.19
N ASP N 219 -45.71 -22.89 25.90
CA ASP N 219 -45.09 -23.91 25.06
C ASP N 219 -43.61 -23.58 25.16
N LEU N 220 -42.91 -24.19 26.10
CA LEU N 220 -41.50 -23.92 26.30
C LEU N 220 -40.61 -24.10 25.07
N GLY N 221 -40.90 -25.11 24.26
CA GLY N 221 -40.10 -25.35 23.09
C GLY N 221 -40.15 -24.23 22.06
N LEU N 222 -41.35 -23.87 21.64
CA LEU N 222 -41.53 -22.82 20.63
C LEU N 222 -41.99 -21.46 21.11
N GLY N 223 -42.96 -21.42 22.01
CA GLY N 223 -43.48 -20.16 22.50
C GLY N 223 -42.62 -19.32 23.42
N VAL N 224 -42.25 -19.87 24.57
CA VAL N 224 -41.45 -19.16 25.57
C VAL N 224 -40.24 -18.38 25.02
N PRO N 225 -39.50 -18.96 24.07
CA PRO N 225 -38.35 -18.22 23.54
C PRO N 225 -38.79 -16.88 22.93
N PHE N 226 -39.93 -16.89 22.27
CA PHE N 226 -40.48 -15.68 21.66
C PHE N 226 -41.02 -14.71 22.72
N ASN N 227 -41.81 -15.26 23.65
CA ASN N 227 -42.40 -14.46 24.72
C ASN N 227 -41.35 -13.69 25.52
N ILE N 228 -40.28 -14.38 25.90
CA ILE N 228 -39.22 -13.75 26.67
C ILE N 228 -38.58 -12.57 25.93
N ALA N 229 -38.20 -12.77 24.68
CA ALA N 229 -37.58 -11.72 23.88
C ALA N 229 -38.58 -10.61 23.55
N SER N 230 -39.82 -11.00 23.28
CA SER N 230 -40.87 -10.04 22.94
C SER N 230 -41.10 -9.00 24.03
N TYR N 231 -41.41 -9.47 25.24
CA TYR N 231 -41.66 -8.55 26.35
C TYR N 231 -40.40 -7.80 26.78
N ALA N 232 -39.24 -8.40 26.56
CA ALA N 232 -37.98 -7.75 26.90
C ALA N 232 -37.84 -6.56 25.95
N LEU N 233 -38.18 -6.78 24.69
CA LEU N 233 -38.11 -5.75 23.67
C LEU N 233 -39.14 -4.66 23.92
N LEU N 234 -40.35 -5.07 24.31
CA LEU N 234 -41.41 -4.10 24.58
C LEU N 234 -40.95 -3.15 25.70
N THR N 235 -40.31 -3.71 26.72
CA THR N 235 -39.83 -2.92 27.85
C THR N 235 -38.76 -1.93 27.37
N HIS N 236 -37.88 -2.38 26.48
CA HIS N 236 -36.83 -1.51 25.95
C HIS N 236 -37.48 -0.37 25.16
N MET N 237 -38.49 -0.70 24.37
CA MET N 237 -39.21 0.27 23.57
C MET N 237 -39.84 1.33 24.45
N ILE N 238 -40.62 0.88 25.42
CA ILE N 238 -41.30 1.79 26.35
C ILE N 238 -40.29 2.64 27.12
N ALA N 239 -39.17 2.04 27.48
CA ALA N 239 -38.13 2.75 28.22
C ALA N 239 -37.60 3.95 27.42
N LEU N 240 -37.43 3.76 26.12
CA LEU N 240 -36.94 4.81 25.24
C LEU N 240 -37.92 5.97 25.14
N ILE N 241 -39.20 5.65 25.01
CA ILE N 241 -40.24 6.67 24.89
C ILE N 241 -40.53 7.41 26.19
N THR N 242 -40.30 6.75 27.32
CA THR N 242 -40.57 7.35 28.62
C THR N 242 -39.35 7.89 29.34
N ASP N 243 -38.19 7.85 28.68
CA ASP N 243 -36.96 8.33 29.27
C ASP N 243 -36.59 7.58 30.54
N THR N 244 -36.83 6.27 30.53
CA THR N 244 -36.51 5.43 31.68
C THR N 244 -35.47 4.40 31.25
N GLU N 245 -34.85 3.75 32.24
CA GLU N 245 -33.82 2.76 31.98
C GLU N 245 -34.34 1.35 32.23
N PRO N 246 -34.32 0.49 31.19
CA PRO N 246 -34.81 -0.88 31.38
C PRO N 246 -34.02 -1.55 32.50
N HIS N 247 -34.73 -2.22 33.40
CA HIS N 247 -34.07 -2.87 34.52
C HIS N 247 -34.24 -4.39 34.61
N GLU N 248 -35.48 -4.84 34.78
CA GLU N 248 -35.72 -6.27 34.92
C GLU N 248 -37.03 -6.74 34.29
N PHE N 249 -37.02 -7.97 33.79
CA PHE N 249 -38.20 -8.58 33.20
C PHE N 249 -38.49 -9.87 33.95
N ILE N 250 -39.69 -10.00 34.48
CA ILE N 250 -40.09 -11.20 35.21
C ILE N 250 -41.19 -11.90 34.43
N LEU N 251 -41.11 -13.22 34.35
CA LEU N 251 -42.10 -14.02 33.64
C LEU N 251 -42.66 -15.12 34.52
N GLN N 252 -43.93 -15.00 34.88
CA GLN N 252 -44.59 -16.03 35.68
C GLN N 252 -45.45 -16.89 34.77
N MET N 253 -45.28 -18.21 34.90
CA MET N 253 -46.03 -19.15 34.07
C MET N 253 -47.16 -19.86 34.80
N GLY N 254 -48.19 -20.23 34.05
CA GLY N 254 -49.30 -20.97 34.61
C GLY N 254 -49.07 -22.41 34.22
N ASP N 255 -49.69 -22.83 33.12
CA ASP N 255 -49.52 -24.20 32.63
C ASP N 255 -48.24 -24.24 31.79
N ALA N 256 -47.14 -24.64 32.41
CA ALA N 256 -45.85 -24.74 31.73
C ALA N 256 -45.70 -26.15 31.19
N HIS N 257 -45.66 -26.29 29.88
CA HIS N 257 -45.56 -27.62 29.26
C HIS N 257 -44.58 -27.77 28.11
N VAL N 258 -44.26 -29.03 27.82
CA VAL N 258 -43.36 -29.40 26.73
C VAL N 258 -44.12 -30.42 25.90
N TYR N 259 -44.40 -30.09 24.64
CA TYR N 259 -45.13 -31.02 23.78
C TYR N 259 -44.37 -32.31 23.58
N ARG N 260 -45.10 -33.41 23.49
CA ARG N 260 -44.53 -34.74 23.32
C ARG N 260 -43.50 -34.80 22.19
N ASP N 261 -43.80 -34.14 21.07
CA ASP N 261 -42.90 -34.17 19.93
C ASP N 261 -41.76 -33.16 20.01
N HIS N 262 -41.60 -32.54 21.18
CA HIS N 262 -40.53 -31.58 21.39
C HIS N 262 -39.47 -32.12 22.34
N VAL N 263 -39.82 -33.18 23.07
CA VAL N 263 -38.91 -33.79 24.04
C VAL N 263 -37.52 -34.11 23.48
N GLU N 264 -37.47 -34.92 22.42
CA GLU N 264 -36.18 -35.27 21.83
C GLU N 264 -35.41 -34.07 21.28
N PRO N 265 -36.09 -33.19 20.52
CA PRO N 265 -35.38 -32.02 19.98
C PRO N 265 -34.78 -31.16 21.09
N LEU N 266 -35.52 -31.01 22.19
CA LEU N 266 -35.06 -30.21 23.31
C LEU N 266 -33.87 -30.84 24.04
N LYS N 267 -33.82 -32.16 24.07
CA LYS N 267 -32.72 -32.86 24.74
C LYS N 267 -31.40 -32.47 24.08
N THR N 268 -31.43 -32.22 22.78
CA THR N 268 -30.24 -31.82 22.05
C THR N 268 -29.83 -30.43 22.49
N GLN N 269 -30.82 -29.56 22.72
CA GLN N 269 -30.56 -28.19 23.14
C GLN N 269 -30.02 -28.13 24.57
N LEU N 270 -30.49 -29.04 25.41
CA LEU N 270 -30.07 -29.10 26.81
C LEU N 270 -28.57 -29.40 26.97
N GLU N 271 -27.96 -29.93 25.92
CA GLU N 271 -26.54 -30.27 25.95
C GLU N 271 -25.66 -29.06 25.66
N ARG N 272 -26.26 -27.99 25.16
CA ARG N 272 -25.51 -26.78 24.82
C ARG N 272 -25.34 -25.77 25.95
N GLU N 273 -24.17 -25.16 25.98
CA GLU N 273 -23.83 -24.15 26.97
C GLU N 273 -24.15 -22.77 26.38
N PRO N 274 -24.93 -21.96 27.11
CA PRO N 274 -25.32 -20.62 26.69
C PRO N 274 -24.17 -19.65 26.42
N ARG N 275 -24.37 -18.75 25.46
CA ARG N 275 -23.38 -17.73 25.14
C ARG N 275 -23.94 -16.47 25.78
N ASP N 276 -23.09 -15.48 26.05
CA ASP N 276 -23.58 -14.24 26.65
C ASP N 276 -24.69 -13.65 25.80
N PHE N 277 -25.72 -13.11 26.44
CA PHE N 277 -26.83 -12.51 25.71
C PHE N 277 -26.35 -11.32 24.90
N PRO N 278 -27.04 -11.03 23.78
CA PRO N 278 -26.67 -9.91 22.92
C PRO N 278 -27.17 -8.61 23.52
N LYS N 279 -26.84 -7.49 22.89
CA LYS N 279 -27.29 -6.20 23.38
C LYS N 279 -28.12 -5.48 22.33
N LEU N 280 -29.06 -4.65 22.79
CA LEU N 280 -29.94 -3.91 21.90
C LEU N 280 -29.54 -2.45 21.77
N LYS N 281 -29.53 -1.97 20.53
CA LYS N 281 -29.20 -0.58 20.24
C LYS N 281 -30.23 -0.05 19.26
N TRP N 282 -30.49 1.25 19.30
CA TRP N 282 -31.46 1.86 18.41
C TRP N 282 -30.79 2.51 17.21
N ALA N 283 -31.34 2.28 16.02
CA ALA N 283 -30.78 2.85 14.79
C ALA N 283 -31.17 4.32 14.66
N ARG N 284 -32.13 4.76 15.46
CA ARG N 284 -32.59 6.14 15.44
C ARG N 284 -32.75 6.67 16.86
N SER N 285 -32.93 7.98 16.99
CA SER N 285 -33.09 8.60 18.29
C SER N 285 -34.55 8.63 18.75
N LYS N 286 -34.76 8.95 20.02
CA LYS N 286 -36.09 9.02 20.60
C LYS N 286 -36.95 10.00 19.80
N GLU N 287 -36.37 11.16 19.49
CA GLU N 287 -37.06 12.20 18.74
C GLU N 287 -37.49 11.71 17.37
N GLU N 288 -36.60 11.01 16.68
CA GLU N 288 -36.90 10.50 15.35
C GLU N 288 -38.02 9.47 15.39
N ILE N 289 -37.94 8.54 16.33
CA ILE N 289 -38.96 7.51 16.48
C ILE N 289 -40.28 8.17 16.90
N GLY N 290 -40.18 9.20 17.74
CA GLY N 290 -41.36 9.91 18.19
C GLY N 290 -42.12 9.28 19.34
N ASP N 291 -42.95 8.28 19.05
CA ASP N 291 -43.73 7.61 20.08
C ASP N 291 -43.71 6.10 19.90
N ILE N 292 -44.48 5.41 20.72
CA ILE N 292 -44.56 3.95 20.69
C ILE N 292 -45.02 3.40 19.33
N ASP N 293 -45.66 4.24 18.52
CA ASP N 293 -46.14 3.81 17.22
C ASP N 293 -45.17 4.16 16.08
N GLY N 294 -44.01 4.70 16.43
CA GLY N 294 -43.05 5.07 15.42
C GLY N 294 -41.89 4.13 15.18
N PHE N 295 -41.89 2.97 15.83
CA PHE N 295 -40.81 2.01 15.66
C PHE N 295 -40.90 1.23 14.36
N LYS N 296 -39.72 0.85 13.84
CA LYS N 296 -39.62 0.08 12.61
C LYS N 296 -38.67 -1.09 12.86
N VAL N 297 -38.85 -2.18 12.13
CA VAL N 297 -38.00 -3.35 12.30
C VAL N 297 -36.52 -2.99 12.26
N GLU N 298 -36.14 -2.17 11.30
CA GLU N 298 -34.75 -1.75 11.14
C GLU N 298 -34.21 -0.90 12.28
N ASP N 299 -35.09 -0.47 13.19
CA ASP N 299 -34.65 0.35 14.32
C ASP N 299 -33.95 -0.52 15.37
N PHE N 300 -34.29 -1.80 15.38
CA PHE N 300 -33.72 -2.73 16.35
C PHE N 300 -32.37 -3.28 15.92
N VAL N 301 -31.30 -2.75 16.51
CA VAL N 301 -29.94 -3.19 16.19
C VAL N 301 -29.42 -4.11 17.27
N VAL N 302 -29.53 -5.43 17.04
CA VAL N 302 -29.07 -6.42 18.00
C VAL N 302 -27.64 -6.84 17.64
N GLU N 303 -26.71 -6.57 18.55
CA GLU N 303 -25.32 -6.91 18.32
C GLU N 303 -24.78 -7.92 19.33
N GLY N 304 -23.88 -8.78 18.86
CA GLY N 304 -23.31 -9.78 19.74
C GLY N 304 -24.11 -11.07 19.88
N TYR N 305 -25.10 -11.25 19.01
CA TYR N 305 -25.91 -12.48 19.08
C TYR N 305 -25.11 -13.63 18.49
N LYS N 306 -24.78 -14.60 19.33
CA LYS N 306 -24.01 -15.76 18.90
C LYS N 306 -24.65 -17.07 19.38
N PRO N 307 -25.75 -17.48 18.74
CA PRO N 307 -26.47 -18.70 19.10
C PRO N 307 -25.91 -19.96 18.44
N TRP N 308 -26.37 -21.12 18.93
CA TRP N 308 -25.96 -22.39 18.36
C TRP N 308 -26.89 -22.63 17.19
N GLY N 309 -26.81 -23.83 16.61
CA GLY N 309 -27.66 -24.14 15.47
C GLY N 309 -29.15 -24.15 15.78
N LYS N 310 -29.96 -24.06 14.75
CA LYS N 310 -31.42 -24.07 14.90
C LYS N 310 -31.87 -25.47 15.30
N ILE N 311 -33.01 -25.54 15.96
CA ILE N 311 -33.58 -26.81 16.39
C ILE N 311 -35.00 -26.88 15.88
N ASP N 312 -35.27 -27.80 14.96
CA ASP N 312 -36.59 -27.95 14.39
C ASP N 312 -37.62 -28.51 15.35
N MET N 313 -38.74 -27.81 15.48
CA MET N 313 -39.84 -28.24 16.34
C MET N 313 -41.16 -27.86 15.69
N LYS N 314 -42.05 -28.84 15.54
CA LYS N 314 -43.34 -28.61 14.93
C LYS N 314 -44.33 -27.98 15.90
N MET N 315 -45.08 -27.01 15.42
CA MET N 315 -46.07 -26.35 16.26
C MET N 315 -47.40 -27.09 16.14
N SER N 316 -48.04 -27.31 17.28
CA SER N 316 -49.33 -28.00 17.29
C SER N 316 -50.46 -26.97 17.24
N ALA N 317 -51.20 -26.98 16.13
CA ALA N 317 -52.30 -26.05 15.92
C ALA N 317 -53.41 -26.25 16.95
N PRO O 16 -22.00 -72.56 140.59
CA PRO O 16 -22.05 -72.15 139.16
C PRO O 16 -21.13 -70.97 138.90
N ASP O 17 -20.63 -70.35 139.97
CA ASP O 17 -19.73 -69.22 139.86
C ASP O 17 -18.28 -69.63 139.75
N HIS O 18 -18.03 -70.94 139.71
CA HIS O 18 -16.65 -71.43 139.60
C HIS O 18 -16.05 -70.92 138.30
N GLU O 19 -14.93 -70.22 138.42
CA GLU O 19 -14.24 -69.64 137.27
C GLU O 19 -13.90 -70.61 136.15
N GLU O 20 -13.76 -71.89 136.47
CA GLU O 20 -13.41 -72.87 135.45
C GLU O 20 -14.51 -73.05 134.41
N TYR O 21 -15.74 -72.69 134.76
CA TYR O 21 -16.85 -72.81 133.83
C TYR O 21 -16.66 -71.89 132.63
N GLN O 22 -15.81 -70.88 132.77
CA GLN O 22 -15.54 -69.95 131.69
C GLN O 22 -14.87 -70.75 130.56
N TYR O 23 -13.93 -71.59 130.96
CA TYR O 23 -13.18 -72.43 130.03
C TYR O 23 -14.07 -73.50 129.43
N LEU O 24 -14.83 -74.18 130.28
CA LEU O 24 -15.72 -75.24 129.82
C LEU O 24 -16.84 -74.72 128.91
N ASP O 25 -17.41 -73.57 129.27
CA ASP O 25 -18.48 -72.98 128.46
C ASP O 25 -18.00 -72.53 127.09
N LEU O 26 -16.79 -71.98 127.02
CA LEU O 26 -16.25 -71.53 125.73
C LEU O 26 -16.06 -72.72 124.80
N ILE O 27 -15.50 -73.81 125.32
CA ILE O 27 -15.28 -75.01 124.52
C ILE O 27 -16.61 -75.52 123.99
N ARG O 28 -17.61 -75.57 124.86
CA ARG O 28 -18.93 -76.04 124.48
C ARG O 28 -19.49 -75.15 123.36
N ARG O 29 -19.29 -73.84 123.49
CA ARG O 29 -19.76 -72.89 122.49
C ARG O 29 -19.03 -73.07 121.17
N ILE O 30 -17.71 -73.22 121.23
CA ILE O 30 -16.91 -73.40 120.02
C ILE O 30 -17.35 -74.64 119.25
N ILE O 31 -17.58 -75.73 119.96
CA ILE O 31 -18.01 -76.97 119.34
C ILE O 31 -19.39 -76.81 118.73
N ASN O 32 -20.27 -76.09 119.43
CA ASN O 32 -21.64 -75.87 118.96
C ASN O 32 -21.79 -74.92 117.78
N VAL O 33 -21.32 -73.68 117.93
CA VAL O 33 -21.44 -72.70 116.86
C VAL O 33 -20.13 -72.26 116.21
N GLY O 34 -19.04 -72.93 116.56
CA GLY O 34 -17.76 -72.59 115.98
C GLY O 34 -17.72 -72.84 114.48
N GLU O 35 -16.80 -72.19 113.79
CA GLU O 35 -16.66 -72.35 112.35
C GLU O 35 -15.57 -73.36 112.00
N VAL O 36 -15.91 -74.35 111.18
CA VAL O 36 -14.95 -75.37 110.77
C VAL O 36 -13.96 -74.72 109.81
N ARG O 37 -12.67 -74.80 110.13
CA ARG O 37 -11.66 -74.18 109.30
C ARG O 37 -10.40 -75.01 109.11
N PRO O 38 -9.71 -74.80 107.97
CA PRO O 38 -8.48 -75.52 107.67
C PRO O 38 -7.40 -74.79 108.47
N ASP O 39 -6.23 -75.38 108.64
CA ASP O 39 -5.19 -74.69 109.40
C ASP O 39 -3.79 -75.14 108.99
N ARG O 40 -2.80 -74.48 109.57
CA ARG O 40 -1.39 -74.76 109.30
C ARG O 40 -1.00 -76.22 109.54
N THR O 41 -1.51 -76.80 110.63
CA THR O 41 -1.18 -78.18 110.98
C THR O 41 -1.78 -79.22 110.03
N GLY O 42 -2.94 -78.90 109.47
CA GLY O 42 -3.58 -79.82 108.56
C GLY O 42 -4.61 -80.74 109.19
N THR O 43 -4.79 -80.65 110.50
CA THR O 43 -5.77 -81.49 111.18
C THR O 43 -7.13 -80.80 111.17
N GLY O 44 -7.13 -79.48 111.02
CA GLY O 44 -8.37 -78.73 111.01
C GLY O 44 -8.86 -78.38 112.40
N THR O 45 -9.72 -77.36 112.48
CA THR O 45 -10.27 -76.92 113.76
C THR O 45 -11.66 -76.33 113.60
N VAL O 46 -12.23 -75.95 114.75
CA VAL O 46 -13.53 -75.30 114.80
C VAL O 46 -13.19 -74.09 115.67
N ALA O 47 -13.48 -72.88 115.18
CA ALA O 47 -13.10 -71.71 115.94
C ALA O 47 -14.06 -70.52 115.97
N LEU O 48 -13.75 -69.61 116.89
CA LEU O 48 -14.48 -68.36 117.09
C LEU O 48 -13.42 -67.29 117.30
N PHE O 49 -13.66 -66.08 116.82
CA PHE O 49 -12.70 -65.00 116.97
C PHE O 49 -13.08 -64.02 118.06
N ALA O 50 -12.07 -63.59 118.82
CA ALA O 50 -12.25 -62.63 119.90
C ALA O 50 -13.44 -62.85 120.83
N PRO O 51 -13.53 -64.02 121.47
CA PRO O 51 -14.67 -64.26 122.37
C PRO O 51 -14.42 -63.49 123.66
N PRO O 52 -15.45 -63.38 124.52
CA PRO O 52 -15.26 -62.66 125.78
C PRO O 52 -14.02 -63.17 126.52
N SER O 53 -13.28 -62.26 127.14
CA SER O 53 -12.07 -62.63 127.87
C SER O 53 -12.35 -63.39 129.16
N PHE O 54 -11.35 -64.14 129.62
CA PHE O 54 -11.47 -64.89 130.87
C PHE O 54 -10.91 -64.04 132.00
N ARG O 55 -11.48 -64.19 133.19
CA ARG O 55 -11.01 -63.45 134.35
C ARG O 55 -10.85 -64.44 135.50
N PHE O 56 -9.66 -64.44 136.11
CA PHE O 56 -9.37 -65.35 137.21
C PHE O 56 -8.83 -64.60 138.42
N SER O 57 -9.41 -64.84 139.58
CA SER O 57 -8.96 -64.19 140.81
C SER O 57 -7.70 -64.87 141.31
N LEU O 58 -6.71 -64.06 141.68
CA LEU O 58 -5.45 -64.59 142.19
C LEU O 58 -5.32 -64.28 143.68
N ALA O 59 -6.39 -63.77 144.26
CA ALA O 59 -6.41 -63.41 145.68
C ALA O 59 -6.38 -64.66 146.54
N ASP O 60 -5.97 -64.50 147.79
CA ASP O 60 -5.89 -65.61 148.73
C ASP O 60 -5.01 -66.75 148.22
N ASN O 61 -3.90 -66.39 147.57
CA ASN O 61 -2.95 -67.36 147.03
C ASN O 61 -3.57 -68.36 146.06
N THR O 62 -4.67 -67.99 145.42
CA THR O 62 -5.34 -68.88 144.48
C THR O 62 -4.60 -69.05 143.16
N LEU O 63 -4.55 -70.30 142.69
CA LEU O 63 -3.89 -70.63 141.42
C LEU O 63 -4.90 -71.29 140.51
N PRO O 64 -5.28 -70.61 139.42
CA PRO O 64 -6.26 -71.16 138.48
C PRO O 64 -5.72 -72.35 137.66
N LEU O 65 -5.49 -73.47 138.33
CA LEU O 65 -5.01 -74.67 137.67
C LEU O 65 -6.23 -75.54 137.44
N LEU O 66 -6.64 -75.67 136.19
CA LEU O 66 -7.82 -76.47 135.84
C LEU O 66 -7.92 -77.79 136.58
N THR O 67 -9.13 -78.13 137.01
CA THR O 67 -9.38 -79.37 137.76
C THR O 67 -10.21 -80.41 137.03
N THR O 68 -10.81 -80.03 135.90
CA THR O 68 -11.62 -80.99 135.14
C THR O 68 -10.77 -82.00 134.40
N LYS O 69 -9.46 -81.91 134.60
CA LYS O 69 -8.49 -82.84 134.00
C LYS O 69 -7.17 -82.60 134.71
N ARG O 70 -6.33 -83.62 134.76
CA ARG O 70 -5.03 -83.47 135.41
C ARG O 70 -4.09 -82.68 134.51
N VAL O 71 -3.64 -81.54 135.00
CA VAL O 71 -2.72 -80.69 134.25
C VAL O 71 -1.28 -80.93 134.71
N PHE O 72 -0.38 -81.06 133.75
CA PHE O 72 1.04 -81.30 134.03
C PHE O 72 1.65 -80.04 134.67
N LEU O 73 1.37 -79.85 135.95
CA LEU O 73 1.87 -78.69 136.70
C LEU O 73 3.37 -78.47 136.57
N ARG O 74 4.16 -79.50 136.85
CA ARG O 74 5.61 -79.40 136.75
C ARG O 74 6.04 -78.91 135.38
N GLY O 75 5.32 -79.32 134.35
CA GLY O 75 5.64 -78.90 132.99
C GLY O 75 5.41 -77.41 132.82
N VAL O 76 4.32 -76.92 133.40
CA VAL O 76 3.98 -75.50 133.32
C VAL O 76 5.07 -74.67 134.00
N ILE O 77 5.45 -75.09 135.21
CA ILE O 77 6.46 -74.38 135.98
C ILE O 77 7.81 -74.40 135.27
N ALA O 78 8.22 -75.58 134.80
CA ALA O 78 9.49 -75.73 134.10
C ALA O 78 9.56 -74.80 132.90
N GLU O 79 8.50 -74.78 132.09
CA GLU O 79 8.47 -73.93 130.92
C GLU O 79 8.58 -72.46 131.28
N LEU O 80 7.88 -72.07 132.35
CA LEU O 80 7.90 -70.68 132.80
C LEU O 80 9.28 -70.23 133.24
N LEU O 81 9.92 -71.00 134.10
CA LEU O 81 11.26 -70.66 134.57
C LEU O 81 12.22 -70.66 133.39
N TRP O 82 11.86 -71.44 132.37
CA TRP O 82 12.64 -71.55 131.16
C TRP O 82 12.52 -70.21 130.41
N PHE O 83 11.30 -69.70 130.32
CA PHE O 83 11.06 -68.41 129.65
C PHE O 83 11.86 -67.32 130.35
N VAL O 84 11.69 -67.25 131.67
CA VAL O 84 12.37 -66.25 132.49
C VAL O 84 13.88 -66.26 132.31
N SER O 85 14.47 -67.44 132.19
CA SER O 85 15.91 -67.57 132.02
C SER O 85 16.36 -67.03 130.67
N GLY O 86 15.42 -66.85 129.75
CA GLY O 86 15.76 -66.35 128.43
C GLY O 86 16.27 -67.44 127.51
N CYS O 87 16.28 -68.66 128.02
CA CYS O 87 16.75 -69.82 127.26
C CYS O 87 15.78 -70.22 126.15
N THR O 88 16.32 -70.66 125.02
CA THR O 88 15.50 -71.06 123.88
C THR O 88 15.82 -72.48 123.42
N ASP O 89 16.53 -73.23 124.25
CA ASP O 89 16.90 -74.60 123.92
C ASP O 89 15.91 -75.55 124.58
N ALA O 90 15.10 -76.22 123.77
CA ALA O 90 14.10 -77.15 124.27
C ALA O 90 14.70 -78.34 125.02
N LYS O 91 15.98 -78.62 124.78
CA LYS O 91 16.64 -79.73 125.45
C LYS O 91 16.70 -79.46 126.96
N MET O 92 16.62 -78.19 127.35
CA MET O 92 16.65 -77.83 128.76
C MET O 92 15.36 -78.24 129.43
N LEU O 93 14.32 -78.49 128.63
CA LEU O 93 13.04 -78.92 129.16
C LEU O 93 12.91 -80.43 129.11
N SER O 94 13.33 -81.03 127.99
CA SER O 94 13.25 -82.47 127.83
C SER O 94 14.24 -83.18 128.76
N SER O 95 15.33 -82.51 129.10
CA SER O 95 16.33 -83.10 129.99
C SER O 95 15.75 -83.25 131.39
N GLN O 96 14.75 -82.43 131.71
CA GLN O 96 14.12 -82.51 133.02
C GLN O 96 12.73 -83.14 132.97
N GLY O 97 12.51 -83.96 131.94
CA GLY O 97 11.24 -84.66 131.80
C GLY O 97 10.06 -83.89 131.23
N VAL O 98 10.31 -82.78 130.56
CA VAL O 98 9.23 -81.98 129.98
C VAL O 98 9.42 -81.89 128.47
N GLY O 99 8.56 -82.57 127.72
CA GLY O 99 8.70 -82.55 126.27
C GLY O 99 7.65 -81.80 125.48
N ILE O 100 7.02 -80.80 126.09
CA ILE O 100 5.99 -80.03 125.41
C ILE O 100 6.51 -79.31 124.15
N TRP O 101 7.82 -79.04 124.11
CA TRP O 101 8.41 -78.37 122.96
C TRP O 101 9.24 -79.27 122.06
N ASP O 102 9.19 -80.58 122.31
CA ASP O 102 9.93 -81.54 121.51
C ASP O 102 9.37 -81.57 120.09
N GLY O 103 8.05 -81.43 119.98
CA GLY O 103 7.41 -81.45 118.69
C GLY O 103 7.89 -80.40 117.71
N ASN O 104 7.93 -79.14 118.14
CA ASN O 104 8.37 -78.06 117.26
C ASN O 104 9.87 -77.85 117.29
N GLY O 105 10.57 -78.62 118.13
CA GLY O 105 12.01 -78.49 118.23
C GLY O 105 12.72 -79.65 117.55
N SER O 106 11.95 -80.63 117.09
CA SER O 106 12.50 -81.81 116.43
C SER O 106 13.24 -81.40 115.16
N LYS O 107 14.30 -82.14 114.85
CA LYS O 107 15.11 -81.89 113.67
C LYS O 107 14.23 -81.89 112.42
N GLU O 108 13.22 -82.75 112.44
CA GLU O 108 12.29 -82.88 111.32
C GLU O 108 11.48 -81.61 111.09
N PHE O 109 10.89 -81.08 112.15
CA PHE O 109 10.08 -79.87 112.05
C PHE O 109 10.92 -78.67 111.64
N LEU O 110 12.08 -78.51 112.28
CA LEU O 110 12.97 -77.39 111.98
C LEU O 110 13.33 -77.36 110.49
N GLU O 111 13.76 -78.50 109.96
CA GLU O 111 14.11 -78.59 108.54
C GLU O 111 12.87 -78.32 107.70
N LYS O 112 11.71 -78.68 108.25
CA LYS O 112 10.44 -78.50 107.57
C LYS O 112 10.09 -77.02 107.37
N VAL O 113 10.47 -76.19 108.34
CA VAL O 113 10.19 -74.75 108.27
C VAL O 113 11.39 -73.93 107.79
N GLY O 114 12.34 -74.59 107.14
CA GLY O 114 13.51 -73.89 106.62
C GLY O 114 14.58 -73.54 107.64
N LEU O 115 14.62 -74.27 108.74
CA LEU O 115 15.62 -74.02 109.79
C LEU O 115 16.47 -75.28 110.01
N GLY O 116 16.88 -75.92 108.92
CA GLY O 116 17.67 -77.13 109.01
C GLY O 116 19.11 -76.94 109.45
N HIS O 117 19.57 -75.69 109.46
CA HIS O 117 20.94 -75.39 109.86
C HIS O 117 21.08 -75.37 111.38
N ARG O 118 19.96 -75.56 112.07
CA ARG O 118 19.98 -75.53 113.53
C ARG O 118 19.96 -76.94 114.13
N ARG O 119 20.61 -77.09 115.27
CA ARG O 119 20.64 -78.40 115.92
C ARG O 119 19.27 -78.61 116.55
N GLU O 120 18.90 -79.87 116.74
CA GLU O 120 17.61 -80.20 117.32
C GLU O 120 17.43 -79.54 118.67
N GLY O 121 16.27 -78.92 118.88
CA GLY O 121 16.01 -78.26 120.15
C GLY O 121 16.21 -76.76 120.11
N ASP O 122 16.94 -76.27 119.11
CA ASP O 122 17.19 -74.84 119.00
C ASP O 122 16.00 -74.17 118.29
N LEU O 123 15.05 -73.70 119.10
CA LEU O 123 13.84 -73.06 118.60
C LEU O 123 14.04 -71.68 118.00
N GLY O 124 15.18 -71.05 118.31
CA GLY O 124 15.44 -69.72 117.79
C GLY O 124 15.12 -68.66 118.83
N PRO O 125 15.01 -67.38 118.42
CA PRO O 125 14.70 -66.29 119.35
C PRO O 125 13.24 -66.23 119.78
N VAL O 126 12.78 -67.26 120.49
CA VAL O 126 11.39 -67.30 120.94
C VAL O 126 11.21 -66.66 122.32
N TYR O 127 9.99 -66.75 122.83
CA TYR O 127 9.59 -66.20 124.13
C TYR O 127 10.71 -65.66 125.03
N GLY O 128 11.35 -66.56 125.77
CA GLY O 128 12.42 -66.16 126.68
C GLY O 128 13.44 -65.19 126.16
N PHE O 129 13.90 -65.39 124.92
CA PHE O 129 14.90 -64.51 124.34
C PHE O 129 14.35 -63.09 124.16
N GLN O 130 13.14 -62.98 123.63
CA GLN O 130 12.52 -61.67 123.43
C GLN O 130 12.28 -60.98 124.76
N TRP O 131 11.85 -61.75 125.75
CA TRP O 131 11.57 -61.24 127.09
C TRP O 131 12.77 -60.58 127.77
N ARG O 132 13.94 -61.21 127.65
CA ARG O 132 15.13 -60.69 128.30
C ARG O 132 16.16 -60.04 127.37
N HIS O 133 16.04 -60.28 126.06
CA HIS O 133 17.02 -59.73 125.12
C HIS O 133 16.40 -59.18 123.83
N PHE O 134 15.21 -58.59 123.91
CA PHE O 134 14.56 -58.06 122.72
C PHE O 134 15.46 -57.12 121.93
N GLY O 135 15.58 -57.37 120.63
CA GLY O 135 16.41 -56.53 119.79
C GLY O 135 17.81 -57.05 119.54
N ALA O 136 18.29 -57.92 120.43
CA ALA O 136 19.63 -58.48 120.29
C ALA O 136 19.71 -59.38 119.06
N GLU O 137 20.93 -59.53 118.54
CA GLU O 137 21.17 -60.38 117.37
C GLU O 137 21.23 -61.82 117.82
N TYR O 138 20.45 -62.69 117.18
CA TYR O 138 20.42 -64.10 117.53
C TYR O 138 21.32 -64.92 116.62
N THR O 139 22.16 -65.76 117.22
CA THR O 139 23.04 -66.64 116.47
C THR O 139 22.48 -68.05 116.63
N ASP O 140 22.66 -68.63 117.81
CA ASP O 140 22.14 -69.95 118.11
C ASP O 140 21.75 -69.97 119.61
N ALA O 141 21.31 -71.12 120.14
CA ALA O 141 20.91 -71.14 121.55
C ALA O 141 22.07 -71.05 122.55
N ASP O 142 23.28 -71.22 122.06
CA ASP O 142 24.47 -71.17 122.90
C ASP O 142 25.10 -69.78 122.93
N GLY O 143 24.55 -68.87 122.13
CA GLY O 143 25.08 -67.52 122.07
C GLY O 143 25.11 -66.81 123.41
N ASP O 144 26.03 -65.87 123.55
CA ASP O 144 26.17 -65.08 124.77
C ASP O 144 25.36 -63.80 124.60
N TYR O 145 24.21 -63.74 125.27
CA TYR O 145 23.34 -62.57 125.16
C TYR O 145 23.27 -61.75 126.44
N LYS O 146 24.00 -62.15 127.47
CA LYS O 146 24.00 -61.43 128.73
C LYS O 146 24.30 -59.94 128.51
N GLY O 147 23.40 -59.09 129.00
CA GLY O 147 23.59 -57.66 128.87
C GLY O 147 23.27 -57.12 127.48
N LYS O 148 22.73 -57.97 126.62
CA LYS O 148 22.39 -57.56 125.27
C LYS O 148 20.88 -57.51 125.05
N GLY O 149 20.42 -56.51 124.31
CA GLY O 149 19.00 -56.38 124.04
C GLY O 149 18.27 -55.76 125.22
N VAL O 150 16.96 -55.60 125.08
CA VAL O 150 16.16 -55.00 126.14
C VAL O 150 15.60 -56.05 127.08
N ASP O 151 15.90 -55.91 128.38
CA ASP O 151 15.40 -56.85 129.37
C ASP O 151 14.05 -56.32 129.86
N GLN O 152 12.99 -56.68 129.14
CA GLN O 152 11.64 -56.24 129.47
C GLN O 152 11.19 -56.71 130.85
N LEU O 153 11.48 -57.96 131.17
CA LEU O 153 11.07 -58.53 132.44
C LEU O 153 11.59 -57.76 133.66
N GLN O 154 12.88 -57.47 133.69
CA GLN O 154 13.43 -56.74 134.82
C GLN O 154 12.88 -55.32 134.87
N ARG O 155 12.66 -54.73 133.69
CA ARG O 155 12.12 -53.37 133.64
C ARG O 155 10.72 -53.38 134.24
N VAL O 156 9.97 -54.45 133.99
CA VAL O 156 8.62 -54.58 134.52
C VAL O 156 8.70 -54.60 136.05
N ILE O 157 9.67 -55.34 136.58
CA ILE O 157 9.88 -55.45 138.01
C ILE O 157 10.21 -54.09 138.62
N ASP O 158 11.22 -53.44 138.04
CA ASP O 158 11.65 -52.12 138.49
C ASP O 158 10.54 -51.08 138.45
N THR O 159 9.74 -51.11 137.39
CA THR O 159 8.65 -50.16 137.24
C THR O 159 7.53 -50.35 138.26
N ILE O 160 7.19 -51.61 138.53
CA ILE O 160 6.15 -51.91 139.51
C ILE O 160 6.55 -51.42 140.90
N LYS O 161 7.85 -51.51 141.20
CA LYS O 161 8.36 -51.10 142.49
C LYS O 161 8.58 -49.59 142.66
N ASN O 162 9.07 -48.95 141.61
CA ASN O 162 9.36 -47.51 141.69
C ASN O 162 8.39 -46.55 140.99
N ASN O 163 7.56 -47.05 140.10
CA ASN O 163 6.59 -46.20 139.41
C ASN O 163 5.41 -47.04 138.95
N PRO O 164 4.66 -47.61 139.91
CA PRO O 164 3.48 -48.46 139.69
C PRO O 164 2.37 -47.91 138.82
N THR O 165 2.18 -46.58 138.83
CA THR O 165 1.12 -46.00 138.02
C THR O 165 1.53 -45.83 136.56
N ASP O 166 2.73 -46.30 136.23
CA ASP O 166 3.21 -46.22 134.85
C ASP O 166 2.23 -47.00 133.99
N ARG O 167 2.01 -46.53 132.76
CA ARG O 167 1.07 -47.18 131.86
C ARG O 167 1.73 -47.95 130.71
N ARG O 168 3.03 -48.25 130.86
CA ARG O 168 3.79 -48.98 129.85
C ARG O 168 4.42 -50.26 130.40
N ILE O 169 3.84 -50.81 131.46
CA ILE O 169 4.36 -52.04 132.05
C ILE O 169 4.00 -53.22 131.14
N ILE O 170 4.76 -53.36 130.05
CA ILE O 170 4.51 -54.40 129.06
C ILE O 170 5.62 -55.44 128.93
N LEU O 171 5.21 -56.69 128.70
CA LEU O 171 6.13 -57.80 128.50
C LEU O 171 5.67 -58.46 127.21
N SER O 172 6.45 -58.30 126.15
CA SER O 172 6.08 -58.86 124.85
C SER O 172 7.17 -59.69 124.19
N ALA O 173 6.75 -60.73 123.49
CA ALA O 173 7.67 -61.63 122.79
C ALA O 173 7.50 -61.48 121.28
N TRP O 174 6.51 -60.69 120.87
CA TRP O 174 6.26 -60.49 119.44
C TRP O 174 7.34 -59.61 118.82
N ASN O 175 8.00 -60.16 117.81
CA ASN O 175 9.06 -59.45 117.10
C ASN O 175 8.96 -59.77 115.61
N PRO O 176 8.30 -58.90 114.83
CA PRO O 176 8.13 -59.10 113.39
C PRO O 176 9.42 -59.41 112.63
N LYS O 177 10.53 -58.85 113.09
CA LYS O 177 11.81 -59.08 112.43
C LYS O 177 12.38 -60.48 112.70
N ASP O 178 12.22 -60.97 113.92
CA ASP O 178 12.75 -62.28 114.30
C ASP O 178 11.83 -63.47 114.00
N LEU O 179 10.57 -63.20 113.66
CA LEU O 179 9.60 -64.26 113.38
C LEU O 179 10.13 -65.41 112.52
N PRO O 180 10.68 -65.10 111.33
CA PRO O 180 11.18 -66.18 110.47
C PRO O 180 12.27 -67.06 111.11
N LEU O 181 12.91 -66.56 112.15
CA LEU O 181 13.96 -67.32 112.83
C LEU O 181 13.36 -68.20 113.92
N MET O 182 12.08 -68.01 114.19
CA MET O 182 11.38 -68.78 115.22
C MET O 182 10.75 -70.05 114.68
N ALA O 183 10.92 -71.16 115.39
CA ALA O 183 10.35 -72.42 114.98
C ALA O 183 8.83 -72.27 114.96
N LEU O 184 8.34 -71.37 115.81
CA LEU O 184 6.90 -71.10 115.91
C LEU O 184 6.70 -69.70 116.48
N PRO O 185 5.83 -68.88 115.85
CA PRO O 185 5.58 -67.53 116.35
C PRO O 185 4.91 -67.57 117.72
N PRO O 186 5.18 -66.56 118.56
CA PRO O 186 4.59 -66.49 119.90
C PRO O 186 3.05 -66.54 119.90
N CYS O 187 2.48 -67.43 120.72
CA CYS O 187 1.04 -67.53 120.82
C CYS O 187 0.62 -66.45 121.82
N HIS O 188 1.15 -66.53 123.03
CA HIS O 188 0.87 -65.50 124.02
C HIS O 188 1.91 -64.44 123.68
N MET O 189 1.52 -63.51 122.81
CA MET O 189 2.44 -62.48 122.33
C MET O 189 2.80 -61.33 123.27
N PHE O 190 2.05 -61.16 124.36
CA PHE O 190 2.36 -60.08 125.30
C PHE O 190 1.34 -60.01 126.43
N CYS O 191 1.69 -59.27 127.47
CA CYS O 191 0.82 -59.08 128.62
C CYS O 191 1.13 -57.72 129.24
N GLN O 192 0.15 -57.17 129.93
CA GLN O 192 0.32 -55.87 130.58
C GLN O 192 -0.03 -55.99 132.05
N PHE O 193 0.83 -55.44 132.90
CA PHE O 193 0.60 -55.48 134.34
C PHE O 193 0.04 -54.15 134.82
N PHE O 194 -0.80 -54.23 135.85
CA PHE O 194 -1.42 -53.06 136.44
C PHE O 194 -1.31 -53.15 137.96
N VAL O 195 -0.99 -52.02 138.59
CA VAL O 195 -0.85 -51.98 140.03
C VAL O 195 -1.84 -51.01 140.66
N SER O 196 -2.69 -51.53 141.55
CA SER O 196 -3.65 -50.70 142.25
C SER O 196 -3.00 -50.21 143.53
N LEU O 197 -3.01 -48.90 143.74
CA LEU O 197 -2.42 -48.31 144.93
C LEU O 197 -3.25 -48.64 146.18
N PRO O 198 -2.60 -48.68 147.35
CA PRO O 198 -3.29 -48.98 148.61
C PRO O 198 -4.41 -47.99 148.89
N PRO O 199 -5.60 -48.49 149.25
CA PRO O 199 -6.75 -47.63 149.54
C PRO O 199 -6.44 -46.63 150.66
N PRO O 203 -3.25 -47.45 154.19
CA PRO O 203 -2.09 -47.23 153.33
C PRO O 203 -0.95 -48.21 153.59
N GLY O 204 -1.16 -49.09 154.57
CA GLY O 204 -0.14 -50.08 154.90
C GLY O 204 -0.26 -51.35 154.09
N SER O 205 -1.42 -51.55 153.48
CA SER O 205 -1.66 -52.73 152.67
C SER O 205 -0.75 -52.78 151.45
N LYS O 206 -0.58 -53.96 150.88
CA LYS O 206 0.26 -54.14 149.70
C LYS O 206 -0.51 -53.77 148.44
N PRO O 207 0.16 -53.13 147.48
CA PRO O 207 -0.53 -52.77 146.23
C PRO O 207 -0.99 -54.05 145.56
N LYS O 208 -2.12 -54.00 144.83
CA LYS O 208 -2.61 -55.19 144.15
C LYS O 208 -2.11 -55.25 142.72
N LEU O 209 -1.61 -56.43 142.33
CA LEU O 209 -1.07 -56.64 141.00
C LEU O 209 -2.00 -57.48 140.12
N SER O 210 -2.28 -56.98 138.91
CA SER O 210 -3.12 -57.67 137.96
C SER O 210 -2.36 -57.86 136.66
N CYS O 211 -2.80 -58.81 135.85
CA CYS O 211 -2.15 -59.10 134.58
C CYS O 211 -3.13 -59.47 133.48
N LEU O 212 -2.98 -58.81 132.32
CA LEU O 212 -3.83 -59.09 131.18
C LEU O 212 -2.91 -59.61 130.09
N MET O 213 -3.21 -60.79 129.56
CA MET O 213 -2.41 -61.38 128.50
C MET O 213 -3.27 -61.61 127.27
N TYR O 214 -2.69 -61.33 126.11
CA TYR O 214 -3.41 -61.51 124.85
C TYR O 214 -2.78 -62.67 124.10
N GLN O 215 -3.61 -63.61 123.66
CA GLN O 215 -3.15 -64.78 122.93
C GLN O 215 -3.78 -64.77 121.53
N ARG O 216 -2.93 -64.65 120.51
CA ARG O 216 -3.40 -64.59 119.13
C ARG O 216 -4.05 -65.89 118.64
N SER O 217 -3.46 -67.01 119.03
CA SER O 217 -3.95 -68.33 118.64
C SER O 217 -4.07 -69.18 119.90
N CYS O 218 -5.24 -69.78 120.12
CA CYS O 218 -5.44 -70.57 121.34
C CYS O 218 -5.97 -71.98 121.14
N ASP O 219 -5.14 -72.96 121.47
CA ASP O 219 -5.52 -74.36 121.39
C ASP O 219 -6.14 -74.63 122.75
N LEU O 220 -7.47 -74.52 122.83
CA LEU O 220 -8.15 -74.71 124.10
C LEU O 220 -7.97 -76.05 124.76
N GLY O 221 -7.84 -77.11 123.97
CA GLY O 221 -7.65 -78.43 124.55
C GLY O 221 -6.32 -78.59 125.27
N LEU O 222 -5.23 -78.30 124.56
CA LEU O 222 -3.89 -78.45 125.14
C LEU O 222 -3.17 -77.19 125.61
N GLY O 223 -3.26 -76.12 124.81
CA GLY O 223 -2.56 -74.89 125.16
C GLY O 223 -3.12 -74.04 126.29
N VAL O 224 -4.37 -73.61 126.14
CA VAL O 224 -5.01 -72.76 127.14
C VAL O 224 -4.81 -73.18 128.60
N PRO O 225 -4.92 -74.49 128.89
CA PRO O 225 -4.72 -74.90 130.28
C PRO O 225 -3.34 -74.46 130.80
N PHE O 226 -2.32 -74.61 129.96
CA PHE O 226 -0.97 -74.22 130.32
C PHE O 226 -0.83 -72.70 130.41
N ASN O 227 -1.31 -72.00 129.38
CA ASN O 227 -1.23 -70.54 129.35
C ASN O 227 -1.84 -69.89 130.58
N ILE O 228 -3.03 -70.35 130.98
CA ILE O 228 -3.71 -69.78 132.14
C ILE O 228 -2.87 -69.93 133.40
N ALA O 229 -2.41 -71.14 133.68
CA ALA O 229 -1.60 -71.42 134.86
C ALA O 229 -0.25 -70.71 134.78
N SER O 230 0.33 -70.69 133.59
CA SER O 230 1.63 -70.06 133.37
C SER O 230 1.65 -68.58 133.76
N TYR O 231 0.75 -67.80 133.19
CA TYR O 231 0.71 -66.37 133.50
C TYR O 231 0.23 -66.08 134.90
N ALA O 232 -0.57 -66.99 135.46
CA ALA O 232 -1.05 -66.82 136.82
C ALA O 232 0.17 -66.96 137.72
N LEU O 233 1.01 -67.95 137.40
CA LEU O 233 2.23 -68.20 138.16
C LEU O 233 3.22 -67.05 138.01
N LEU O 234 3.34 -66.53 136.80
CA LEU O 234 4.25 -65.41 136.55
C LEU O 234 3.87 -64.22 137.41
N THR O 235 2.56 -63.97 137.52
CA THR O 235 2.05 -62.86 138.30
C THR O 235 2.36 -63.07 139.79
N HIS O 236 2.24 -64.32 140.25
CA HIS O 236 2.54 -64.64 141.64
C HIS O 236 4.03 -64.40 141.89
N MET O 237 4.86 -64.81 140.94
CA MET O 237 6.32 -64.64 141.05
C MET O 237 6.67 -63.16 141.16
N ILE O 238 6.20 -62.38 140.20
CA ILE O 238 6.46 -60.95 140.16
C ILE O 238 5.94 -60.26 141.41
N ALA O 239 4.81 -60.73 141.93
CA ALA O 239 4.22 -60.15 143.13
C ALA O 239 5.17 -60.31 144.31
N LEU O 240 5.77 -61.48 144.43
CA LEU O 240 6.70 -61.77 145.52
C LEU O 240 7.93 -60.87 145.48
N ILE O 241 8.49 -60.68 144.29
CA ILE O 241 9.68 -59.85 144.12
C ILE O 241 9.40 -58.36 144.26
N THR O 242 8.18 -57.94 143.95
CA THR O 242 7.82 -56.53 144.03
C THR O 242 7.03 -56.13 145.27
N ASP O 243 6.87 -57.07 146.20
CA ASP O 243 6.13 -56.79 147.42
C ASP O 243 4.69 -56.35 147.14
N THR O 244 4.08 -56.97 146.14
CA THR O 244 2.69 -56.66 145.80
C THR O 244 1.84 -57.91 146.02
N GLU O 245 0.53 -57.71 146.03
CA GLU O 245 -0.40 -58.82 146.25
C GLU O 245 -1.10 -59.19 144.95
N PRO O 246 -0.94 -60.45 144.49
CA PRO O 246 -1.61 -60.85 143.25
C PRO O 246 -3.11 -60.63 143.38
N HIS O 247 -3.71 -60.06 142.33
CA HIS O 247 -5.14 -59.79 142.37
C HIS O 247 -5.97 -60.48 141.30
N GLU O 248 -5.73 -60.15 140.04
CA GLU O 248 -6.50 -60.73 138.95
C GLU O 248 -5.70 -61.00 137.70
N PHE O 249 -6.12 -62.01 136.95
CA PHE O 249 -5.47 -62.37 135.69
C PHE O 249 -6.55 -62.40 134.62
N ILE O 250 -6.33 -61.62 133.55
CA ILE O 250 -7.28 -61.57 132.45
C ILE O 250 -6.64 -62.17 131.20
N LEU O 251 -7.40 -62.97 130.47
CA LEU O 251 -6.91 -63.59 129.26
C LEU O 251 -7.81 -63.31 128.06
N GLN O 252 -7.31 -62.52 127.12
CA GLN O 252 -8.05 -62.21 125.91
C GLN O 252 -7.54 -63.08 124.77
N MET O 253 -8.46 -63.72 124.06
CA MET O 253 -8.10 -64.60 122.96
C MET O 253 -8.41 -64.02 121.58
N GLY O 254 -7.59 -64.38 120.61
CA GLY O 254 -7.80 -63.93 119.25
C GLY O 254 -8.51 -65.08 118.55
N ASP O 255 -7.74 -65.97 117.95
CA ASP O 255 -8.29 -67.13 117.26
C ASP O 255 -8.42 -68.24 118.29
N ALA O 256 -9.62 -68.39 118.84
CA ALA O 256 -9.90 -69.43 119.83
C ALA O 256 -10.44 -70.65 119.10
N HIS O 257 -9.70 -71.76 119.16
CA HIS O 257 -10.11 -72.96 118.46
C HIS O 257 -9.97 -74.29 119.21
N VAL O 258 -10.66 -75.29 118.70
CA VAL O 258 -10.63 -76.64 119.25
C VAL O 258 -10.30 -77.55 118.07
N TYR O 259 -9.16 -78.23 118.14
CA TYR O 259 -8.78 -79.12 117.05
C TYR O 259 -9.80 -80.24 116.86
N ARG O 260 -9.97 -80.65 115.60
CA ARG O 260 -10.91 -81.70 115.23
C ARG O 260 -10.76 -82.97 116.07
N ASP O 261 -9.51 -83.36 116.32
CA ASP O 261 -9.25 -84.58 117.09
C ASP O 261 -9.31 -84.37 118.60
N HIS O 262 -9.80 -83.22 119.04
CA HIS O 262 -9.92 -82.91 120.46
C HIS O 262 -11.38 -82.85 120.89
N VAL O 263 -12.27 -82.74 119.91
CA VAL O 263 -13.71 -82.65 120.17
C VAL O 263 -14.24 -83.75 121.09
N GLU O 264 -14.05 -85.01 120.70
CA GLU O 264 -14.53 -86.11 121.51
C GLU O 264 -13.90 -86.18 122.89
N PRO O 265 -12.56 -86.04 122.98
CA PRO O 265 -11.93 -86.09 124.29
C PRO O 265 -12.44 -85.00 125.22
N LEU O 266 -12.67 -83.82 124.66
CA LEU O 266 -13.17 -82.68 125.44
C LEU O 266 -14.60 -82.89 125.93
N LYS O 267 -15.41 -83.58 125.14
CA LYS O 267 -16.80 -83.84 125.53
C LYS O 267 -16.82 -84.61 126.85
N THR O 268 -15.81 -85.44 127.06
CA THR O 268 -15.73 -86.22 128.29
C THR O 268 -15.43 -85.27 129.45
N GLN O 269 -14.56 -84.30 129.20
CA GLN O 269 -14.18 -83.34 130.23
C GLN O 269 -15.35 -82.42 130.59
N LEU O 270 -16.16 -82.07 129.59
CA LEU O 270 -17.30 -81.19 129.80
C LEU O 270 -18.33 -81.76 130.78
N GLU O 271 -18.27 -83.07 131.00
CA GLU O 271 -19.20 -83.74 131.91
C GLU O 271 -18.76 -83.62 133.36
N ARG O 272 -17.51 -83.20 133.58
CA ARG O 272 -16.97 -83.09 134.93
C ARG O 272 -17.20 -81.76 135.63
N GLU O 273 -17.49 -81.84 136.93
CA GLU O 273 -17.71 -80.66 137.75
C GLU O 273 -16.39 -80.24 138.38
N PRO O 274 -15.99 -78.97 138.22
CA PRO O 274 -14.74 -78.46 138.76
C PRO O 274 -14.61 -78.55 140.28
N ARG O 275 -13.37 -78.72 140.74
CA ARG O 275 -13.08 -78.77 142.17
C ARG O 275 -12.49 -77.40 142.49
N ASP O 276 -12.55 -76.97 143.74
CA ASP O 276 -11.98 -75.68 144.10
C ASP O 276 -10.51 -75.61 143.67
N PHE O 277 -10.11 -74.47 143.13
CA PHE O 277 -8.73 -74.29 142.68
C PHE O 277 -7.76 -74.45 143.85
N PRO O 278 -6.53 -74.92 143.56
CA PRO O 278 -5.51 -75.11 144.58
C PRO O 278 -4.89 -73.78 144.95
N LYS O 279 -4.02 -73.78 145.97
CA LYS O 279 -3.36 -72.55 146.39
C LYS O 279 -1.85 -72.67 146.25
N LEU O 280 -1.20 -71.54 145.99
CA LEU O 280 0.24 -71.52 145.82
C LEU O 280 0.96 -70.97 147.04
N LYS O 281 2.03 -71.64 147.44
CA LYS O 281 2.83 -71.24 148.58
C LYS O 281 4.29 -71.33 148.16
N TRP O 282 5.15 -70.53 148.78
CA TRP O 282 6.57 -70.53 148.44
C TRP O 282 7.38 -71.33 149.45
N ALA O 283 8.28 -72.17 148.95
CA ALA O 283 9.12 -73.01 149.81
C ALA O 283 10.22 -72.17 150.46
N ARG O 284 10.49 -71.01 149.88
CA ARG O 284 11.51 -70.11 150.40
C ARG O 284 10.98 -68.69 150.50
N SER O 285 11.75 -67.82 151.15
CA SER O 285 11.35 -66.43 151.33
C SER O 285 11.80 -65.55 150.17
N LYS O 286 11.31 -64.32 150.14
CA LYS O 286 11.65 -63.38 149.10
C LYS O 286 13.16 -63.14 149.09
N GLU O 287 13.73 -62.96 150.28
CA GLU O 287 15.15 -62.73 150.43
C GLU O 287 15.98 -63.89 149.89
N GLU O 288 15.57 -65.12 150.18
CA GLU O 288 16.29 -66.30 149.73
C GLU O 288 16.22 -66.42 148.21
N ILE O 289 15.04 -66.22 147.65
CA ILE O 289 14.87 -66.29 146.21
C ILE O 289 15.66 -65.16 145.54
N GLY O 290 15.68 -64.00 146.19
CA GLY O 290 16.41 -62.86 145.66
C GLY O 290 15.68 -62.03 144.63
N ASP O 291 15.72 -62.47 143.37
CA ASP O 291 15.06 -61.76 142.28
C ASP O 291 14.28 -62.72 141.39
N ILE O 292 13.78 -62.19 140.27
CA ILE O 292 13.00 -62.97 139.32
C ILE O 292 13.78 -64.15 138.73
N ASP O 293 15.10 -64.08 138.77
CA ASP O 293 15.94 -65.14 138.22
C ASP O 293 16.37 -66.16 139.27
N GLY O 294 15.87 -66.02 140.49
CA GLY O 294 16.25 -66.95 141.55
C GLY O 294 15.26 -68.04 141.89
N PHE O 295 14.17 -68.16 141.13
CA PHE O 295 13.18 -69.19 141.40
C PHE O 295 13.62 -70.58 140.93
N LYS O 296 13.13 -71.60 141.64
CA LYS O 296 13.43 -72.99 141.32
C LYS O 296 12.11 -73.77 141.33
N VAL O 297 12.05 -74.84 140.56
CA VAL O 297 10.84 -75.65 140.49
C VAL O 297 10.30 -76.01 141.88
N GLU O 298 11.20 -76.47 142.75
CA GLU O 298 10.82 -76.87 144.11
C GLU O 298 10.32 -75.72 144.99
N ASP O 299 10.42 -74.48 144.51
CA ASP O 299 9.95 -73.35 145.30
C ASP O 299 8.43 -73.27 145.24
N PHE O 300 7.85 -73.78 144.16
CA PHE O 300 6.41 -73.76 143.97
C PHE O 300 5.69 -74.87 144.72
N VAL O 301 5.06 -74.51 145.84
CA VAL O 301 4.32 -75.47 146.64
C VAL O 301 2.83 -75.31 146.40
N VAL O 302 2.28 -76.15 145.53
CA VAL O 302 0.85 -76.11 145.21
C VAL O 302 0.11 -77.12 146.08
N GLU O 303 -0.78 -76.62 146.93
CA GLU O 303 -1.54 -77.49 147.83
C GLU O 303 -3.04 -77.45 147.54
N GLY O 304 -3.69 -78.60 147.76
CA GLY O 304 -5.12 -78.69 147.54
C GLY O 304 -5.53 -78.97 146.10
N TYR O 305 -4.59 -79.40 145.26
CA TYR O 305 -4.92 -79.69 143.87
C TYR O 305 -5.62 -81.05 143.81
N LYS O 306 -6.89 -81.05 143.41
CA LYS O 306 -7.66 -82.28 143.33
C LYS O 306 -8.40 -82.38 141.99
N PRO O 307 -7.66 -82.70 140.92
CA PRO O 307 -8.23 -82.82 139.57
C PRO O 307 -8.82 -84.20 139.27
N TRP O 308 -9.56 -84.27 138.18
CA TRP O 308 -10.14 -85.52 137.73
C TRP O 308 -9.05 -86.21 136.92
N GLY O 309 -9.38 -87.33 136.31
CA GLY O 309 -8.39 -88.06 135.52
C GLY O 309 -7.84 -87.28 134.34
N LYS O 310 -6.72 -87.75 133.81
CA LYS O 310 -6.10 -87.10 132.66
C LYS O 310 -6.93 -87.38 131.42
N ILE O 311 -6.78 -86.52 130.41
CA ILE O 311 -7.51 -86.66 129.17
C ILE O 311 -6.50 -86.58 128.04
N ASP O 312 -6.31 -87.69 127.33
CA ASP O 312 -5.36 -87.74 126.23
C ASP O 312 -5.78 -86.93 125.02
N MET O 313 -4.90 -86.06 124.56
CA MET O 313 -5.15 -85.24 123.38
C MET O 313 -3.83 -85.06 122.64
N LYS O 314 -3.84 -85.38 121.36
CA LYS O 314 -2.64 -85.27 120.53
C LYS O 314 -2.40 -83.83 120.09
N MET O 315 -1.14 -83.41 120.11
CA MET O 315 -0.79 -82.06 119.69
C MET O 315 -0.48 -82.06 118.20
N SER O 316 -0.99 -81.08 117.48
CA SER O 316 -0.75 -80.97 116.05
C SER O 316 0.45 -80.06 115.80
N ALA O 317 1.54 -80.64 115.29
CA ALA O 317 2.76 -79.90 115.01
C ALA O 317 2.56 -78.85 113.92
N PRO P 16 -31.71 -49.09 123.34
CA PRO P 16 -30.77 -49.48 124.41
C PRO P 16 -29.65 -50.38 123.87
N ASP P 17 -29.82 -50.82 122.62
CA ASP P 17 -28.82 -51.68 122.00
C ASP P 17 -27.80 -50.90 121.19
N HIS P 18 -27.93 -49.57 121.16
CA HIS P 18 -26.98 -48.76 120.41
C HIS P 18 -25.58 -48.99 120.96
N GLU P 19 -24.67 -49.37 120.07
CA GLU P 19 -23.29 -49.68 120.44
C GLU P 19 -22.54 -48.55 121.15
N GLU P 20 -22.96 -47.30 120.95
CA GLU P 20 -22.28 -46.18 121.58
C GLU P 20 -22.47 -46.17 123.10
N TYR P 21 -23.48 -46.86 123.60
CA TYR P 21 -23.71 -46.92 125.04
C TYR P 21 -22.57 -47.65 125.74
N GLN P 22 -21.84 -48.46 125.00
CA GLN P 22 -20.71 -49.19 125.57
C GLN P 22 -19.72 -48.14 126.05
N TYR P 23 -19.45 -47.18 125.18
CA TYR P 23 -18.52 -46.09 125.47
C TYR P 23 -19.04 -45.21 126.60
N LEU P 24 -20.31 -44.83 126.53
CA LEU P 24 -20.92 -43.98 127.55
C LEU P 24 -20.98 -44.67 128.91
N ASP P 25 -21.37 -45.94 128.91
CA ASP P 25 -21.48 -46.70 130.16
C ASP P 25 -20.13 -46.88 130.85
N LEU P 26 -19.07 -47.11 130.08
CA LEU P 26 -17.74 -47.28 130.66
C LEU P 26 -17.26 -46.00 131.34
N ILE P 27 -17.52 -44.87 130.70
CA ILE P 27 -17.12 -43.58 131.26
C ILE P 27 -17.86 -43.36 132.58
N ARG P 28 -19.15 -43.65 132.57
CA ARG P 28 -19.97 -43.49 133.76
C ARG P 28 -19.43 -44.38 134.88
N ARG P 29 -19.05 -45.60 134.53
CA ARG P 29 -18.52 -46.54 135.51
C ARG P 29 -17.18 -46.09 136.06
N ILE P 30 -16.29 -45.61 135.19
CA ILE P 30 -14.98 -45.14 135.60
C ILE P 30 -15.11 -43.98 136.59
N ILE P 31 -16.00 -43.04 136.27
CA ILE P 31 -16.21 -41.89 137.13
C ILE P 31 -16.78 -42.33 138.48
N ASN P 32 -17.69 -43.29 138.45
CA ASN P 32 -18.33 -43.80 139.66
C ASN P 32 -17.45 -44.65 140.57
N VAL P 33 -16.90 -45.74 140.04
CA VAL P 33 -16.06 -46.63 140.85
C VAL P 33 -14.59 -46.67 140.46
N GLY P 34 -14.19 -45.78 139.56
CA GLY P 34 -12.79 -45.77 139.14
C GLY P 34 -11.87 -45.37 140.28
N GLU P 35 -10.59 -45.69 140.14
CA GLU P 35 -9.60 -45.37 141.15
C GLU P 35 -8.84 -44.10 140.79
N VAL P 36 -8.79 -43.16 141.74
CA VAL P 36 -8.08 -41.90 141.52
C VAL P 36 -6.59 -42.20 141.55
N ARG P 37 -5.88 -41.85 140.48
CA ARG P 37 -4.46 -42.13 140.40
C ARG P 37 -3.62 -41.01 139.80
N PRO P 38 -2.35 -40.93 140.20
CA PRO P 38 -1.43 -39.90 139.70
C PRO P 38 -1.01 -40.43 138.32
N ASP P 39 -0.39 -39.59 137.50
CA ASP P 39 0.02 -40.06 136.18
C ASP P 39 1.18 -39.26 135.61
N ARG P 40 1.69 -39.72 134.48
CA ARG P 40 2.82 -39.07 133.81
C ARG P 40 2.58 -37.59 133.52
N THR P 41 1.40 -37.26 133.03
CA THR P 41 1.08 -35.88 132.69
C THR P 41 1.00 -34.94 133.88
N GLY P 42 0.61 -35.46 135.04
CA GLY P 42 0.51 -34.65 136.23
C GLY P 42 -0.86 -34.09 136.52
N THR P 43 -1.83 -34.32 135.63
CA THR P 43 -3.18 -33.81 135.84
C THR P 43 -4.00 -34.80 136.65
N GLY P 44 -3.58 -36.06 136.66
CA GLY P 44 -4.30 -37.07 137.42
C GLY P 44 -5.45 -37.67 136.64
N THR P 45 -5.88 -38.87 137.04
CA THR P 45 -6.99 -39.55 136.36
C THR P 45 -7.75 -40.45 137.31
N VAL P 46 -8.83 -41.03 136.79
CA VAL P 46 -9.65 -41.98 137.51
C VAL P 46 -9.65 -43.16 136.53
N ALA P 47 -9.27 -44.35 137.00
CA ALA P 47 -9.20 -45.47 136.07
C ALA P 47 -9.61 -46.85 136.56
N LEU P 48 -9.75 -47.74 135.58
CA LEU P 48 -10.10 -49.15 135.79
C LEU P 48 -9.19 -49.93 134.85
N PHE P 49 -8.80 -51.13 135.26
CA PHE P 49 -7.93 -51.94 134.42
C PHE P 49 -8.65 -53.11 133.75
N ALA P 50 -8.36 -53.29 132.46
CA ALA P 50 -8.95 -54.38 131.67
C ALA P 50 -10.46 -54.55 131.75
N PRO P 51 -11.21 -53.48 131.46
CA PRO P 51 -12.67 -53.61 131.52
C PRO P 51 -13.16 -54.41 130.31
N PRO P 52 -14.42 -54.85 130.30
CA PRO P 52 -14.92 -55.62 129.15
C PRO P 52 -14.63 -54.89 127.85
N SER P 53 -14.26 -55.63 126.82
CA SER P 53 -13.93 -55.05 125.52
C SER P 53 -15.15 -54.50 124.79
N PHE P 54 -14.91 -53.57 123.87
CA PHE P 54 -15.99 -52.98 123.07
C PHE P 54 -16.10 -53.77 121.78
N ARG P 55 -17.33 -53.90 121.28
CA ARG P 55 -17.57 -54.60 120.03
C ARG P 55 -18.43 -53.71 119.13
N PHE P 56 -17.95 -53.46 117.92
CA PHE P 56 -18.67 -52.62 116.98
C PHE P 56 -18.87 -53.34 115.65
N SER P 57 -20.10 -53.33 115.16
CA SER P 57 -20.40 -53.98 113.89
C SER P 57 -19.97 -53.06 112.74
N LEU P 58 -19.32 -53.64 111.74
CA LEU P 58 -18.87 -52.87 110.59
C LEU P 58 -19.65 -53.27 109.34
N ALA P 59 -20.69 -54.08 109.54
CA ALA P 59 -21.52 -54.54 108.44
C ALA P 59 -22.36 -53.41 107.87
N ASP P 60 -22.83 -53.59 106.65
CA ASP P 60 -23.66 -52.59 105.97
C ASP P 60 -22.97 -51.22 105.89
N ASN P 61 -21.66 -51.24 105.67
CA ASN P 61 -20.86 -50.03 105.55
C ASN P 61 -20.92 -49.12 106.77
N THR P 62 -21.23 -49.69 107.93
CA THR P 62 -21.33 -48.90 109.15
C THR P 62 -19.98 -48.44 109.70
N LEU P 63 -19.93 -47.17 110.13
CA LEU P 63 -18.73 -46.59 110.70
C LEU P 63 -19.04 -46.10 112.11
N PRO P 64 -18.43 -46.75 113.13
CA PRO P 64 -18.67 -46.37 114.52
C PRO P 64 -18.06 -45.03 114.92
N LEU P 65 -18.57 -43.95 114.33
CA LEU P 65 -18.10 -42.60 114.63
C LEU P 65 -19.06 -42.04 115.68
N LEU P 66 -18.57 -41.88 116.91
CA LEU P 66 -19.38 -41.38 118.01
C LEU P 66 -20.26 -40.18 117.65
N THR P 67 -21.50 -40.22 118.11
CA THR P 67 -22.45 -39.16 117.82
C THR P 67 -22.84 -38.28 119.02
N THR P 68 -22.46 -38.68 120.22
CA THR P 68 -22.79 -37.90 121.40
C THR P 68 -21.93 -36.63 121.51
N LYS P 69 -21.09 -36.44 120.51
CA LYS P 69 -20.23 -35.26 120.42
C LYS P 69 -19.66 -35.23 119.01
N ARG P 70 -19.34 -34.04 118.52
CA ARG P 70 -18.78 -33.93 117.17
C ARG P 70 -17.33 -34.38 117.18
N VAL P 71 -17.04 -35.40 116.39
CA VAL P 71 -15.69 -35.93 116.30
C VAL P 71 -14.99 -35.40 115.06
N PHE P 72 -13.75 -34.95 115.21
CA PHE P 72 -12.97 -34.41 114.11
C PHE P 72 -12.64 -35.54 113.11
N LEU P 73 -13.63 -35.91 112.30
CA LEU P 73 -13.46 -36.97 111.32
C LEU P 73 -12.24 -36.81 110.42
N ARG P 74 -12.10 -35.65 109.79
CA ARG P 74 -10.97 -35.39 108.91
C ARG P 74 -9.65 -35.64 109.62
N GLY P 75 -9.61 -35.30 110.91
CA GLY P 75 -8.40 -35.52 111.69
C GLY P 75 -8.09 -36.99 111.84
N VAL P 76 -9.12 -37.79 112.04
CA VAL P 76 -8.95 -39.23 112.18
C VAL P 76 -8.41 -39.82 110.88
N ILE P 77 -9.05 -39.46 109.76
CA ILE P 77 -8.63 -39.95 108.45
C ILE P 77 -7.19 -39.54 108.13
N ALA P 78 -6.89 -38.25 108.34
CA ALA P 78 -5.56 -37.74 108.06
C ALA P 78 -4.50 -38.52 108.84
N GLU P 79 -4.71 -38.69 110.14
CA GLU P 79 -3.77 -39.42 110.98
C GLU P 79 -3.59 -40.85 110.49
N LEU P 80 -4.69 -41.49 110.11
CA LEU P 80 -4.64 -42.87 109.63
C LEU P 80 -3.81 -43.03 108.35
N LEU P 81 -4.08 -42.18 107.36
CA LEU P 81 -3.33 -42.25 106.11
C LEU P 81 -1.88 -41.92 106.40
N TRP P 82 -1.68 -41.14 107.44
CA TRP P 82 -0.34 -40.74 107.87
C TRP P 82 0.37 -42.00 108.41
N PHE P 83 -0.33 -42.78 109.23
CA PHE P 83 0.24 -44.02 109.77
C PHE P 83 0.64 -44.92 108.61
N VAL P 84 -0.33 -45.19 107.75
CA VAL P 84 -0.14 -46.05 106.58
C VAL P 84 1.08 -45.66 105.75
N SER P 85 1.27 -44.36 105.53
CA SER P 85 2.40 -43.88 104.75
C SER P 85 3.74 -44.16 105.43
N GLY P 86 3.69 -44.49 106.72
CA GLY P 86 4.92 -44.76 107.45
C GLY P 86 5.62 -43.49 107.91
N CYS P 87 4.99 -42.36 107.64
CA CYS P 87 5.54 -41.06 108.02
C CYS P 87 5.48 -40.83 109.53
N THR P 88 6.49 -40.15 110.06
CA THR P 88 6.55 -39.88 111.50
C THR P 88 6.75 -38.39 111.78
N ASP P 89 6.52 -37.57 110.76
CA ASP P 89 6.67 -36.12 110.90
C ASP P 89 5.29 -35.50 111.12
N ALA P 90 5.08 -34.97 112.32
CA ALA P 90 3.81 -34.35 112.69
C ALA P 90 3.48 -33.13 111.82
N LYS P 91 4.48 -32.54 111.20
CA LYS P 91 4.25 -31.36 110.36
C LYS P 91 3.39 -31.73 109.17
N MET P 92 3.38 -33.01 108.82
CA MET P 92 2.57 -33.48 107.69
C MET P 92 1.10 -33.45 108.04
N LEU P 93 0.81 -33.37 109.33
CA LEU P 93 -0.57 -33.31 109.82
C LEU P 93 -0.97 -31.86 110.06
N SER P 94 -0.10 -31.10 110.72
CA SER P 94 -0.40 -29.71 111.01
C SER P 94 -0.46 -28.88 109.73
N SER P 95 0.25 -29.31 108.69
CA SER P 95 0.26 -28.58 107.43
C SER P 95 -1.09 -28.72 106.74
N GLN P 96 -1.86 -29.75 107.11
CA GLN P 96 -3.17 -29.95 106.51
C GLN P 96 -4.29 -29.65 107.51
N GLY P 97 -3.96 -28.85 108.52
CA GLY P 97 -4.95 -28.47 109.52
C GLY P 97 -5.26 -29.46 110.63
N VAL P 98 -4.38 -30.42 110.87
CA VAL P 98 -4.58 -31.40 111.92
C VAL P 98 -3.44 -31.32 112.93
N GLY P 99 -3.73 -30.80 114.12
CA GLY P 99 -2.69 -30.66 115.12
C GLY P 99 -2.78 -31.56 116.34
N ILE P 100 -3.38 -32.74 116.19
CA ILE P 100 -3.51 -33.67 117.30
C ILE P 100 -2.16 -34.13 117.85
N TRP P 101 -1.12 -34.04 117.03
CA TRP P 101 0.22 -34.45 117.46
C TRP P 101 1.17 -33.28 117.69
N ASP P 102 0.65 -32.06 117.63
CA ASP P 102 1.47 -30.88 117.85
C ASP P 102 1.98 -30.84 119.29
N GLY P 103 1.15 -31.31 120.22
CA GLY P 103 1.53 -31.31 121.62
C GLY P 103 2.77 -32.11 121.97
N ASN P 104 2.83 -33.35 121.50
CA ASN P 104 3.97 -34.20 121.77
C ASN P 104 5.09 -34.05 120.76
N GLY P 105 4.85 -33.23 119.74
CA GLY P 105 5.86 -33.01 118.72
C GLY P 105 6.51 -31.65 118.88
N SER P 106 6.02 -30.85 119.81
CA SER P 106 6.56 -29.53 120.06
C SER P 106 8.03 -29.61 120.50
N LYS P 107 8.79 -28.58 120.19
CA LYS P 107 10.20 -28.54 120.57
C LYS P 107 10.32 -28.57 122.09
N GLU P 108 9.32 -28.04 122.77
CA GLU P 108 9.33 -28.01 124.22
C GLU P 108 9.21 -29.41 124.80
N PHE P 109 8.27 -30.19 124.27
CA PHE P 109 8.07 -31.55 124.75
C PHE P 109 9.25 -32.45 124.40
N LEU P 110 9.68 -32.39 123.14
CA LEU P 110 10.81 -33.21 122.69
C LEU P 110 12.03 -33.03 123.58
N GLU P 111 12.41 -31.78 123.81
CA GLU P 111 13.57 -31.49 124.66
C GLU P 111 13.29 -31.98 126.07
N LYS P 112 12.01 -31.95 126.44
CA LYS P 112 11.57 -32.37 127.77
C LYS P 112 11.82 -33.86 128.00
N VAL P 113 11.66 -34.67 126.93
CA VAL P 113 11.86 -36.11 127.04
C VAL P 113 13.24 -36.56 126.55
N GLY P 114 14.18 -35.64 126.51
CA GLY P 114 15.53 -35.97 126.08
C GLY P 114 15.73 -36.14 124.58
N LEU P 115 14.89 -35.50 123.77
CA LEU P 115 14.99 -35.60 122.32
C LEU P 115 15.17 -34.21 121.71
N GLY P 116 16.00 -33.40 122.35
CA GLY P 116 16.23 -32.04 121.87
C GLY P 116 17.03 -31.94 120.58
N HIS P 117 17.65 -33.03 120.17
CA HIS P 117 18.45 -33.05 118.95
C HIS P 117 17.57 -33.19 117.70
N ARG P 118 16.27 -33.33 117.91
CA ARG P 118 15.35 -33.48 116.78
C ARG P 118 14.62 -32.18 116.48
N ARG P 119 14.26 -31.98 115.21
CA ARG P 119 13.54 -30.78 114.82
C ARG P 119 12.09 -30.96 115.25
N GLU P 120 11.40 -29.85 115.46
CA GLU P 120 10.01 -29.89 115.88
C GLU P 120 9.17 -30.73 114.92
N GLY P 121 8.33 -31.60 115.47
CA GLY P 121 7.49 -32.43 114.63
C GLY P 121 8.03 -33.83 114.40
N ASP P 122 9.33 -34.03 114.62
CA ASP P 122 9.94 -35.34 114.43
C ASP P 122 9.70 -36.21 115.66
N LEU P 123 8.61 -36.96 115.63
CA LEU P 123 8.20 -37.83 116.73
C LEU P 123 9.07 -39.05 116.94
N GLY P 124 9.83 -39.44 115.92
CA GLY P 124 10.68 -40.61 116.03
C GLY P 124 10.04 -41.81 115.35
N PRO P 125 10.56 -43.03 115.58
CA PRO P 125 10.01 -44.25 114.97
C PRO P 125 8.69 -44.71 115.59
N VAL P 126 7.66 -43.90 115.47
CA VAL P 126 6.35 -44.23 116.03
C VAL P 126 5.48 -45.03 115.06
N TYR P 127 4.24 -45.26 115.47
CA TYR P 127 3.25 -46.01 114.69
C TYR P 127 3.62 -46.34 113.23
N GLY P 128 3.38 -45.39 112.34
CA GLY P 128 3.66 -45.58 110.92
C GLY P 128 4.97 -46.24 110.58
N PHE P 129 6.05 -45.82 111.22
CA PHE P 129 7.37 -46.38 110.95
C PHE P 129 7.45 -47.86 111.32
N GLN P 130 6.91 -48.22 112.48
CA GLN P 130 6.93 -49.61 112.92
C GLN P 130 6.04 -50.46 112.00
N TRP P 131 4.92 -49.89 111.60
CA TRP P 131 3.96 -50.57 110.73
C TRP P 131 4.54 -50.98 109.37
N ARG P 132 5.32 -50.10 108.76
CA ARG P 132 5.89 -50.38 107.45
C ARG P 132 7.39 -50.65 107.42
N HIS P 133 8.11 -50.34 108.51
CA HIS P 133 9.55 -50.54 108.55
C HIS P 133 10.09 -51.11 109.87
N PHE P 134 9.31 -51.96 110.53
CA PHE P 134 9.75 -52.53 111.80
C PHE P 134 11.14 -53.15 111.71
N GLY P 135 12.00 -52.78 112.65
CA GLY P 135 13.35 -53.32 112.67
C GLY P 135 14.40 -52.45 112.01
N ALA P 136 13.97 -51.58 111.10
CA ALA P 136 14.90 -50.71 110.41
C ALA P 136 15.54 -49.71 111.37
N GLU P 137 16.69 -49.17 110.97
CA GLU P 137 17.42 -48.20 111.77
C GLU P 137 16.83 -46.82 111.53
N TYR P 138 16.46 -46.13 112.60
CA TYR P 138 15.86 -44.81 112.48
C TYR P 138 16.90 -43.70 112.66
N THR P 139 16.91 -42.74 111.74
CA THR P 139 17.83 -41.62 111.82
C THR P 139 16.98 -40.41 112.19
N ASP P 140 16.19 -39.92 111.24
CA ASP P 140 15.29 -38.80 111.48
C ASP P 140 14.04 -39.01 110.62
N ALA P 141 13.10 -38.04 110.58
CA ALA P 141 11.90 -38.26 109.77
C ALA P 141 12.11 -38.16 108.26
N ASP P 142 13.26 -37.64 107.85
CA ASP P 142 13.57 -37.49 106.44
C ASP P 142 14.35 -38.68 105.89
N GLY P 143 14.71 -39.60 106.76
CA GLY P 143 15.46 -40.77 106.34
C GLY P 143 14.78 -41.59 105.26
N ASP P 144 15.60 -42.28 104.46
CA ASP P 144 15.09 -43.13 103.38
C ASP P 144 14.94 -44.54 103.90
N TYR P 145 13.69 -44.95 104.15
CA TYR P 145 13.42 -46.27 104.68
C TYR P 145 12.73 -47.21 103.70
N LYS P 146 12.53 -46.73 102.47
CA LYS P 146 11.88 -47.56 101.45
C LYS P 146 12.59 -48.89 101.29
N GLY P 147 11.83 -49.97 101.41
CA GLY P 147 12.40 -51.30 101.27
C GLY P 147 13.20 -51.78 102.48
N LYS P 148 13.17 -51.00 103.55
CA LYS P 148 13.90 -51.36 104.77
C LYS P 148 12.94 -51.76 105.89
N GLY P 149 13.35 -52.75 106.68
CA GLY P 149 12.52 -53.20 107.78
C GLY P 149 11.40 -54.11 107.31
N VAL P 150 10.56 -54.56 108.23
CA VAL P 150 9.46 -55.44 107.89
C VAL P 150 8.18 -54.65 107.63
N ASP P 151 7.58 -54.86 106.46
CA ASP P 151 6.34 -54.16 106.12
C ASP P 151 5.18 -55.03 106.59
N GLN P 152 4.80 -54.86 107.85
CA GLN P 152 3.71 -55.63 108.44
C GLN P 152 2.37 -55.41 107.75
N LEU P 153 2.08 -54.17 107.40
CA LEU P 153 0.80 -53.85 106.77
C LEU P 153 0.60 -54.59 105.45
N GLN P 154 1.58 -54.54 104.55
CA GLN P 154 1.43 -55.23 103.28
C GLN P 154 1.35 -56.74 103.48
N ARG P 155 2.12 -57.25 104.44
CA ARG P 155 2.09 -58.69 104.71
C ARG P 155 0.69 -59.09 105.15
N VAL P 156 0.04 -58.21 105.92
CA VAL P 156 -1.31 -58.49 106.37
C VAL P 156 -2.24 -58.59 105.17
N ILE P 157 -2.07 -57.66 104.23
CA ILE P 157 -2.88 -57.64 103.00
C ILE P 157 -2.68 -58.92 102.21
N ASP P 158 -1.42 -59.27 101.98
CA ASP P 158 -1.07 -60.46 101.22
C ASP P 158 -1.58 -61.74 101.88
N THR P 159 -1.50 -61.79 103.20
CA THR P 159 -1.96 -62.96 103.95
C THR P 159 -3.47 -63.14 103.90
N ILE P 160 -4.20 -62.04 104.00
CA ILE P 160 -5.67 -62.09 103.97
C ILE P 160 -6.14 -62.60 102.63
N LYS P 161 -5.44 -62.22 101.57
CA LYS P 161 -5.79 -62.62 100.21
C LYS P 161 -5.37 -64.02 99.81
N ASN P 162 -4.19 -64.44 100.25
CA ASN P 162 -3.68 -65.76 99.88
C ASN P 162 -3.69 -66.87 100.93
N ASN P 163 -3.84 -66.51 102.21
CA ASN P 163 -3.89 -67.51 103.27
C ASN P 163 -4.64 -66.94 104.46
N PRO P 164 -5.94 -66.64 104.27
CA PRO P 164 -6.85 -66.08 105.27
C PRO P 164 -6.95 -66.80 106.60
N THR P 165 -6.80 -68.12 106.62
CA THR P 165 -6.90 -68.86 107.86
C THR P 165 -5.63 -68.77 108.70
N ASP P 166 -4.62 -68.07 108.19
CA ASP P 166 -3.36 -67.90 108.91
C ASP P 166 -3.70 -67.28 110.28
N ARG P 167 -2.96 -67.64 111.31
CA ARG P 167 -3.21 -67.14 112.65
C ARG P 167 -2.17 -66.14 113.14
N ARG P 168 -1.44 -65.54 112.21
CA ARG P 168 -0.40 -64.57 112.55
C ARG P 168 -0.62 -63.23 111.86
N ILE P 169 -1.86 -62.93 111.49
CA ILE P 169 -2.17 -61.68 110.81
C ILE P 169 -2.13 -60.56 111.84
N ILE P 170 -0.92 -60.14 112.18
CA ILE P 170 -0.71 -59.11 113.20
C ILE P 170 -0.07 -57.82 112.67
N LEU P 171 -0.54 -56.69 113.20
CA LEU P 171 -0.02 -55.38 112.86
C LEU P 171 0.33 -54.74 114.20
N SER P 172 1.63 -54.61 114.48
CA SER P 172 2.05 -54.03 115.76
C SER P 172 3.05 -52.90 115.64
N ALA P 173 2.93 -51.94 116.56
CA ALA P 173 3.82 -50.78 116.58
C ALA P 173 4.73 -50.83 117.81
N TRP P 174 4.48 -51.79 118.69
CA TRP P 174 5.28 -51.93 119.90
C TRP P 174 6.68 -52.46 119.59
N ASN P 175 7.69 -51.67 119.96
CA ASN P 175 9.08 -52.03 119.73
C ASN P 175 9.91 -51.60 120.94
N PRO P 176 10.14 -52.52 121.89
CA PRO P 176 10.90 -52.24 123.10
C PRO P 176 12.25 -51.55 122.86
N LYS P 177 12.88 -51.86 121.74
CA LYS P 177 14.18 -51.26 121.42
C LYS P 177 14.07 -49.80 120.99
N ASP P 178 13.05 -49.47 120.22
CA ASP P 178 12.86 -48.11 119.73
C ASP P 178 12.11 -47.15 120.66
N LEU P 179 11.46 -47.70 121.70
CA LEU P 179 10.70 -46.88 122.64
C LEU P 179 11.36 -45.56 123.05
N PRO P 180 12.60 -45.61 123.54
CA PRO P 180 13.27 -44.38 123.96
C PRO P 180 13.43 -43.32 122.87
N LEU P 181 13.33 -43.74 121.61
CA LEU P 181 13.46 -42.81 120.49
C LEU P 181 12.11 -42.21 120.14
N MET P 182 11.06 -42.69 120.78
CA MET P 182 9.70 -42.23 120.52
C MET P 182 9.27 -41.10 121.47
N ALA P 183 8.66 -40.07 120.89
CA ALA P 183 8.19 -38.95 121.69
C ALA P 183 7.14 -39.47 122.66
N LEU P 184 6.47 -40.55 122.27
CA LEU P 184 5.44 -41.17 123.07
C LEU P 184 5.30 -42.63 122.66
N PRO P 185 5.24 -43.56 123.63
CA PRO P 185 5.09 -44.98 123.30
C PRO P 185 3.71 -45.24 122.70
N PRO P 186 3.60 -46.22 121.80
CA PRO P 186 2.32 -46.55 121.17
C PRO P 186 1.20 -46.85 122.17
N CYS P 187 0.04 -46.24 121.97
CA CYS P 187 -1.10 -46.49 122.84
C CYS P 187 -1.79 -47.72 122.28
N HIS P 188 -2.18 -47.66 121.01
CA HIS P 188 -2.77 -48.81 120.35
C HIS P 188 -1.54 -49.55 119.84
N MET P 189 -1.03 -50.45 120.67
CA MET P 189 0.19 -51.18 120.35
C MET P 189 0.12 -52.29 119.29
N PHE P 190 -1.08 -52.77 118.98
CA PHE P 190 -1.20 -53.81 117.96
C PHE P 190 -2.64 -54.24 117.75
N CYS P 191 -2.88 -54.94 116.64
CA CYS P 191 -4.20 -55.44 116.32
C CYS P 191 -4.05 -56.75 115.54
N GLN P 192 -5.09 -57.56 115.59
CA GLN P 192 -5.09 -58.84 114.89
C GLN P 192 -6.32 -58.94 113.99
N PHE P 193 -6.11 -59.35 112.74
CA PHE P 193 -7.21 -59.50 111.80
C PHE P 193 -7.61 -60.97 111.67
N PHE P 194 -8.89 -61.19 111.46
CA PHE P 194 -9.43 -62.54 111.31
C PHE P 194 -10.35 -62.58 110.11
N VAL P 195 -10.24 -63.64 109.32
CA VAL P 195 -11.07 -63.78 108.12
C VAL P 195 -11.96 -65.01 108.19
N SER P 196 -13.27 -64.80 108.12
CA SER P 196 -14.21 -65.91 108.16
C SER P 196 -14.45 -66.34 106.72
N LEU P 197 -14.30 -67.64 106.45
CA LEU P 197 -14.50 -68.17 105.11
C LEU P 197 -15.98 -68.17 104.74
N PRO P 198 -16.28 -68.08 103.44
CA PRO P 198 -17.67 -68.08 102.95
C PRO P 198 -18.40 -69.33 103.38
N PRO P 199 -19.62 -69.17 103.93
CA PRO P 199 -20.42 -70.33 104.38
C PRO P 199 -20.67 -71.32 103.25
N PRO P 203 -20.83 -70.03 98.52
CA PRO P 203 -19.38 -69.88 98.41
C PRO P 203 -18.97 -68.69 97.56
N GLY P 204 -19.96 -67.97 97.03
CA GLY P 204 -19.67 -66.81 96.20
C GLY P 204 -19.54 -65.54 97.01
N SER P 205 -20.05 -65.55 98.24
CA SER P 205 -19.99 -64.39 99.12
C SER P 205 -18.55 -64.02 99.45
N LYS P 206 -18.35 -62.78 99.88
CA LYS P 206 -17.02 -62.30 100.25
C LYS P 206 -16.69 -62.72 101.67
N PRO P 207 -15.43 -63.11 101.92
CA PRO P 207 -15.04 -63.51 103.27
C PRO P 207 -15.25 -62.31 104.19
N LYS P 208 -15.55 -62.56 105.47
CA LYS P 208 -15.76 -61.48 106.41
C LYS P 208 -14.47 -61.15 107.16
N LEU P 209 -14.16 -59.86 107.25
CA LEU P 209 -12.96 -59.40 107.93
C LEU P 209 -13.25 -58.75 109.28
N SER P 210 -12.56 -59.20 110.32
CA SER P 210 -12.72 -58.65 111.65
C SER P 210 -11.39 -58.14 112.16
N CYS P 211 -11.42 -57.28 113.17
CA CYS P 211 -10.20 -56.71 113.73
C CYS P 211 -10.30 -56.50 115.24
N LEU P 212 -9.29 -56.97 115.95
CA LEU P 212 -9.22 -56.80 117.40
C LEU P 212 -7.98 -55.97 117.69
N MET P 213 -8.16 -54.85 118.39
CA MET P 213 -7.05 -53.99 118.72
C MET P 213 -6.92 -53.86 120.24
N TYR P 214 -5.68 -53.88 120.71
CA TYR P 214 -5.42 -53.75 122.15
C TYR P 214 -4.74 -52.41 122.43
N GLN P 215 -5.32 -51.64 123.34
CA GLN P 215 -4.79 -50.34 123.71
C GLN P 215 -4.35 -50.37 125.18
N ARG P 216 -3.05 -50.23 125.41
CA ARG P 216 -2.48 -50.26 126.77
C ARG P 216 -2.95 -49.12 127.66
N SER P 217 -3.08 -47.94 127.08
CA SER P 217 -3.51 -46.75 127.81
C SER P 217 -4.63 -46.10 127.01
N CYS P 218 -5.72 -45.77 127.66
CA CYS P 218 -6.85 -45.19 126.96
C CYS P 218 -7.46 -43.94 127.58
N ASP P 219 -7.30 -42.82 126.88
CA ASP P 219 -7.86 -41.55 127.31
C ASP P 219 -9.25 -41.57 126.70
N LEU P 220 -10.24 -42.01 127.47
CA LEU P 220 -11.60 -42.10 126.96
C LEU P 220 -12.20 -40.80 126.45
N GLY P 221 -11.86 -39.69 127.06
CA GLY P 221 -12.40 -38.42 126.62
C GLY P 221 -11.95 -38.01 125.23
N LEU P 222 -10.64 -37.98 125.02
CA LEU P 222 -10.08 -37.56 123.74
C LEU P 222 -9.56 -38.66 122.81
N GLY P 223 -8.84 -39.62 123.38
CA GLY P 223 -8.27 -40.69 122.58
C GLY P 223 -9.19 -41.74 121.99
N VAL P 224 -9.88 -42.47 122.86
CA VAL P 224 -10.79 -43.53 122.43
C VAL P 224 -11.70 -43.21 121.25
N PRO P 225 -12.29 -42.01 121.23
CA PRO P 225 -13.16 -41.68 120.09
C PRO P 225 -12.40 -41.81 118.76
N PHE P 226 -11.16 -41.33 118.75
CA PHE P 226 -10.32 -41.42 117.55
C PHE P 226 -9.92 -42.87 117.27
N ASN P 227 -9.41 -43.55 118.30
CA ASN P 227 -8.98 -44.94 118.16
C ASN P 227 -10.05 -45.84 117.56
N ILE P 228 -11.27 -45.72 118.05
CA ILE P 228 -12.37 -46.54 117.55
C ILE P 228 -12.61 -46.31 116.06
N ALA P 229 -12.75 -45.04 115.67
CA ALA P 229 -12.99 -44.70 114.27
C ALA P 229 -11.81 -45.05 113.39
N SER P 230 -10.60 -44.79 113.91
CA SER P 230 -9.37 -45.06 113.17
C SER P 230 -9.25 -46.51 112.73
N TYR P 231 -9.33 -47.44 113.69
CA TYR P 231 -9.22 -48.85 113.35
C TYR P 231 -10.41 -49.37 112.56
N ALA P 232 -11.57 -48.76 112.76
CA ALA P 232 -12.76 -49.17 112.03
C ALA P 232 -12.50 -48.82 110.58
N LEU P 233 -11.93 -47.65 110.35
CA LEU P 233 -11.61 -47.17 109.01
C LEU P 233 -10.52 -48.03 108.38
N LEU P 234 -9.52 -48.40 109.18
CA LEU P 234 -8.42 -49.22 108.68
C LEU P 234 -8.96 -50.55 108.17
N THR P 235 -9.90 -51.12 108.92
CA THR P 235 -10.50 -52.40 108.54
C THR P 235 -11.28 -52.25 107.23
N HIS P 236 -11.96 -51.12 107.07
CA HIS P 236 -12.71 -50.87 105.84
C HIS P 236 -11.74 -50.78 104.68
N MET P 237 -10.64 -50.06 104.88
CA MET P 237 -9.62 -49.88 103.85
C MET P 237 -9.06 -51.24 103.42
N ILE P 238 -8.61 -52.01 104.39
CA ILE P 238 -8.04 -53.32 104.12
C ILE P 238 -9.06 -54.24 103.43
N ALA P 239 -10.32 -54.12 103.84
CA ALA P 239 -11.38 -54.93 103.25
C ALA P 239 -11.51 -54.65 101.76
N LEU P 240 -11.42 -53.38 101.38
CA LEU P 240 -11.54 -52.98 99.99
C LEU P 240 -10.40 -53.56 99.14
N ILE P 241 -9.18 -53.47 99.65
CA ILE P 241 -8.01 -53.95 98.93
C ILE P 241 -7.91 -55.48 98.87
N THR P 242 -8.49 -56.16 99.85
CA THR P 242 -8.44 -57.62 99.89
C THR P 242 -9.72 -58.32 99.42
N ASP P 243 -10.68 -57.55 98.92
CA ASP P 243 -11.93 -58.11 98.44
C ASP P 243 -12.67 -58.86 99.54
N THR P 244 -12.66 -58.29 100.75
CA THR P 244 -13.36 -58.90 101.87
C THR P 244 -14.42 -57.94 102.38
N GLU P 245 -15.32 -58.44 103.22
CA GLU P 245 -16.39 -57.62 103.76
C GLU P 245 -16.16 -57.31 105.24
N PRO P 246 -16.06 -56.00 105.58
CA PRO P 246 -15.84 -55.64 106.99
C PRO P 246 -16.96 -56.23 107.84
N HIS P 247 -16.58 -56.85 108.96
CA HIS P 247 -17.58 -57.48 109.82
C HIS P 247 -17.66 -56.91 111.24
N GLU P 248 -16.58 -57.06 112.00
CA GLU P 248 -16.58 -56.59 113.38
C GLU P 248 -15.25 -56.03 113.85
N PHE P 249 -15.31 -55.06 114.75
CA PHE P 249 -14.12 -54.45 115.32
C PHE P 249 -14.21 -54.57 116.83
N ILE P 250 -13.20 -55.18 117.43
CA ILE P 250 -13.16 -55.35 118.87
C ILE P 250 -12.03 -54.51 119.46
N LEU P 251 -12.29 -53.88 120.59
CA LEU P 251 -11.29 -53.04 121.24
C LEU P 251 -11.11 -53.42 122.71
N GLN P 252 -9.94 -53.95 123.03
CA GLN P 252 -9.63 -54.34 124.41
C GLN P 252 -8.73 -53.28 125.02
N MET P 253 -9.11 -52.80 126.20
CA MET P 253 -8.34 -51.77 126.88
C MET P 253 -7.57 -52.28 128.08
N GLY P 254 -6.44 -51.64 128.35
CA GLY P 254 -5.63 -51.99 129.50
C GLY P 254 -5.96 -50.97 130.57
N ASP P 255 -5.20 -49.88 130.59
CA ASP P 255 -5.43 -48.81 131.55
C ASP P 255 -6.45 -47.85 130.97
N ALA P 256 -7.72 -48.07 131.31
CA ALA P 256 -8.81 -47.22 130.83
C ALA P 256 -9.04 -46.11 131.84
N HIS P 257 -8.78 -44.87 131.43
CA HIS P 257 -8.92 -43.75 132.35
C HIS P 257 -9.64 -42.52 131.80
N VAL P 258 -10.05 -41.66 132.72
CA VAL P 258 -10.73 -40.41 132.42
C VAL P 258 -9.96 -39.34 133.19
N TYR P 259 -9.34 -38.39 132.47
CA TYR P 259 -8.58 -37.35 133.13
C TYR P 259 -9.45 -36.50 134.04
N ARG P 260 -8.86 -36.01 135.12
CA ARG P 260 -9.57 -35.19 136.10
C ARG P 260 -10.31 -34.01 135.48
N ASP P 261 -9.67 -33.35 134.51
CA ASP P 261 -10.28 -32.20 133.86
C ASP P 261 -11.25 -32.56 132.74
N HIS P 262 -11.58 -33.84 132.61
CA HIS P 262 -12.52 -34.31 131.59
C HIS P 262 -13.83 -34.77 132.22
N VAL P 263 -13.82 -34.99 133.52
CA VAL P 263 -15.02 -35.45 134.24
C VAL P 263 -16.26 -34.60 133.99
N GLU P 264 -16.18 -33.31 134.27
CA GLU P 264 -17.33 -32.42 134.07
C GLU P 264 -17.77 -32.35 132.61
N PRO P 265 -16.82 -32.15 131.67
CA PRO P 265 -17.21 -32.08 130.27
C PRO P 265 -17.92 -33.34 129.80
N LEU P 266 -17.46 -34.50 130.28
CA LEU P 266 -18.05 -35.78 129.90
C LEU P 266 -19.45 -35.98 130.48
N LYS P 267 -19.69 -35.42 131.67
CA LYS P 267 -21.01 -35.55 132.28
C LYS P 267 -22.06 -34.94 131.37
N THR P 268 -21.68 -33.90 130.64
CA THR P 268 -22.59 -33.25 129.71
C THR P 268 -22.89 -34.19 128.56
N GLN P 269 -21.87 -34.92 128.11
CA GLN P 269 -22.01 -35.85 127.01
C GLN P 269 -22.86 -37.06 127.38
N LEU P 270 -22.73 -37.49 128.64
CA LEU P 270 -23.48 -38.64 129.15
C LEU P 270 -24.99 -38.43 129.12
N GLU P 271 -25.40 -37.17 129.03
CA GLU P 271 -26.83 -36.83 129.01
C GLU P 271 -27.43 -36.97 127.61
N ARG P 272 -26.58 -37.07 126.61
CA ARG P 272 -27.03 -37.18 125.23
C ARG P 272 -27.33 -38.59 124.71
N GLU P 273 -28.38 -38.69 123.91
CA GLU P 273 -28.79 -39.96 123.33
C GLU P 273 -28.13 -40.09 121.96
N PRO P 274 -27.44 -41.22 121.72
CA PRO P 274 -26.76 -41.48 120.45
C PRO P 274 -27.66 -41.48 119.23
N ARG P 275 -27.10 -41.07 118.09
CA ARG P 275 -27.81 -41.07 116.82
C ARG P 275 -27.24 -42.28 116.06
N ASP P 276 -27.99 -42.82 115.11
CA ASP P 276 -27.50 -43.98 114.37
C ASP P 276 -26.16 -43.63 113.73
N PHE P 277 -25.22 -44.58 113.80
CA PHE P 277 -23.91 -44.37 113.22
C PHE P 277 -24.00 -44.08 111.73
N PRO P 278 -23.03 -43.32 111.18
CA PRO P 278 -23.03 -42.98 109.76
C PRO P 278 -22.48 -44.17 108.96
N LYS P 279 -22.50 -44.05 107.64
CA LYS P 279 -21.99 -45.11 106.78
C LYS P 279 -20.84 -44.61 105.93
N LEU P 280 -19.94 -45.51 105.59
CA LEU P 280 -18.77 -45.18 104.77
C LEU P 280 -18.92 -45.64 103.34
N LYS P 281 -18.55 -44.78 102.41
CA LYS P 281 -18.61 -45.08 100.99
C LYS P 281 -17.29 -44.59 100.38
N TRP P 282 -16.88 -45.21 99.28
CA TRP P 282 -15.63 -44.83 98.62
C TRP P 282 -15.90 -43.96 97.41
N ALA P 283 -15.15 -42.87 97.30
CA ALA P 283 -15.30 -41.94 96.17
C ALA P 283 -14.70 -42.51 94.90
N ARG P 284 -13.89 -43.57 95.05
CA ARG P 284 -13.26 -44.21 93.91
C ARG P 284 -13.36 -45.73 94.04
N SER P 285 -12.98 -46.43 92.98
CA SER P 285 -13.05 -47.89 92.98
C SER P 285 -11.75 -48.52 93.48
N LYS P 286 -11.81 -49.83 93.73
CA LYS P 286 -10.65 -50.57 94.20
C LYS P 286 -9.50 -50.42 93.21
N GLU P 287 -9.81 -50.55 91.93
CA GLU P 287 -8.82 -50.43 90.86
C GLU P 287 -8.15 -49.06 90.84
N GLU P 288 -8.96 -48.01 90.99
CA GLU P 288 -8.44 -46.66 90.98
C GLU P 288 -7.51 -46.42 92.18
N ILE P 289 -7.95 -46.84 93.35
CA ILE P 289 -7.16 -46.68 94.57
C ILE P 289 -5.90 -47.53 94.45
N GLY P 290 -6.03 -48.71 93.86
CA GLY P 290 -4.89 -49.59 93.68
C GLY P 290 -4.52 -50.48 94.86
N ASP P 291 -3.82 -49.89 95.83
CA ASP P 291 -3.41 -50.63 97.01
C ASP P 291 -3.61 -49.82 98.28
N ILE P 292 -3.13 -50.36 99.40
CA ILE P 292 -3.27 -49.71 100.71
C ILE P 292 -2.59 -48.34 100.77
N ASP P 293 -1.68 -48.08 99.83
CA ASP P 293 -0.97 -46.80 99.80
C ASP P 293 -1.59 -45.80 98.83
N GLY P 294 -2.71 -46.17 98.22
CA GLY P 294 -3.34 -45.27 97.26
C GLY P 294 -4.55 -44.49 97.73
N PHE P 295 -4.86 -44.57 99.03
CA PHE P 295 -6.00 -43.84 99.56
C PHE P 295 -5.73 -42.35 99.76
N LYS P 296 -6.79 -41.55 99.63
CA LYS P 296 -6.71 -40.10 99.80
C LYS P 296 -7.86 -39.68 100.71
N VAL P 297 -7.67 -38.59 101.45
CA VAL P 297 -8.71 -38.09 102.35
C VAL P 297 -10.07 -38.00 101.67
N GLU P 298 -10.10 -37.44 100.47
CA GLU P 298 -11.34 -37.27 99.73
C GLU P 298 -11.99 -38.58 99.28
N ASP P 299 -11.29 -39.71 99.47
CA ASP P 299 -11.86 -41.00 99.09
C ASP P 299 -12.89 -41.45 100.11
N PHE P 300 -12.76 -40.97 101.34
CA PHE P 300 -13.67 -41.33 102.42
C PHE P 300 -14.95 -40.51 102.42
N VAL P 301 -16.03 -41.10 101.92
CA VAL P 301 -17.32 -40.42 101.89
C VAL P 301 -18.21 -40.92 103.02
N VAL P 302 -18.25 -40.16 104.11
CA VAL P 302 -19.07 -40.51 105.27
C VAL P 302 -20.42 -39.81 105.18
N GLU P 303 -21.49 -40.59 105.05
CA GLU P 303 -22.83 -40.03 104.95
C GLU P 303 -23.72 -40.41 106.13
N GLY P 304 -24.59 -39.47 106.51
CA GLY P 304 -25.50 -39.72 107.61
C GLY P 304 -24.94 -39.41 108.99
N TYR P 305 -23.83 -38.69 109.05
CA TYR P 305 -23.24 -38.35 110.34
C TYR P 305 -24.04 -37.21 110.97
N LYS P 306 -24.71 -37.48 112.08
CA LYS P 306 -25.51 -36.48 112.75
C LYS P 306 -25.21 -36.44 114.26
N PRO P 307 -24.06 -35.86 114.62
CA PRO P 307 -23.63 -35.75 116.02
C PRO P 307 -24.17 -34.52 116.75
N TRP P 308 -24.04 -34.55 118.08
CA TRP P 308 -24.47 -33.43 118.89
C TRP P 308 -23.32 -32.43 118.87
N GLY P 309 -23.44 -31.36 119.64
CA GLY P 309 -22.41 -30.34 119.67
C GLY P 309 -21.06 -30.83 120.17
N LYS P 310 -20.01 -30.09 119.84
CA LYS P 310 -18.66 -30.45 120.27
C LYS P 310 -18.53 -30.26 121.77
N ILE P 311 -17.58 -30.98 122.36
CA ILE P 311 -17.33 -30.89 123.79
C ILE P 311 -15.86 -30.63 123.99
N ASP P 312 -15.53 -29.45 124.49
CA ASP P 312 -14.14 -29.07 124.70
C ASP P 312 -13.47 -29.84 125.83
N MET P 313 -12.30 -30.40 125.53
CA MET P 313 -11.52 -31.15 126.50
C MET P 313 -10.04 -30.93 126.20
N LYS P 314 -9.30 -30.49 127.21
CA LYS P 314 -7.88 -30.23 127.07
C LYS P 314 -7.08 -31.52 127.13
N MET P 315 -6.08 -31.64 126.25
CA MET P 315 -5.23 -32.82 126.23
C MET P 315 -4.04 -32.61 127.14
N SER P 316 -3.70 -33.63 127.92
CA SER P 316 -2.57 -33.53 128.83
C SER P 316 -1.32 -34.10 128.15
N ALA P 317 -0.34 -33.23 127.91
CA ALA P 317 0.91 -33.62 127.27
C ALA P 317 1.71 -34.59 128.11
N1 UMP Q . 51.25 20.86 -66.59
C2 UMP Q . 51.86 20.57 -67.78
N3 UMP Q . 51.15 20.02 -68.78
C4 UMP Q . 49.86 19.57 -68.61
C5 UMP Q . 49.21 19.66 -67.24
C6 UMP Q . 49.78 20.80 -66.38
O2 UMP Q . 53.05 20.81 -67.95
O4 UMP Q . 49.24 19.11 -69.57
C1' UMP Q . 52.10 21.30 -65.46
C2' UMP Q . 52.29 22.83 -65.31
C3' UMP Q . 52.44 22.98 -63.80
C4' UMP Q . 51.42 21.99 -63.19
O3' UMP Q . 53.69 22.42 -63.39
O4' UMP Q . 51.39 20.92 -64.21
C5' UMP Q . 50.02 22.62 -63.09
O5' UMP Q . 50.05 23.45 -61.89
P UMP Q . 49.54 24.88 -62.03
OP1 UMP Q . 50.36 25.49 -63.15
OP2 UMP Q . 48.10 24.92 -62.36
OP3 UMP Q . 49.72 25.58 -60.73
N1 CB3 R . 51.58 18.42 -62.36
C2 CB3 R . 52.91 18.69 -62.45
NA2 CB3 R . 53.63 19.20 -61.43
N3 CB3 R . 53.54 18.42 -63.61
C4 CB3 R . 52.86 17.84 -64.66
O4 CB3 R . 53.37 17.79 -65.93
C4A CB3 R . 51.54 17.41 -64.54
C5 CB3 R . 50.91 16.76 -65.59
C6 CB3 R . 49.55 16.25 -65.48
C7 CB3 R . 48.85 16.48 -64.21
C8 CB3 R . 49.54 17.20 -63.13
C8A CB3 R . 50.89 17.68 -63.31
C9 CB3 R . 49.10 15.19 -66.48
N10 CB3 R . 50.15 14.55 -67.32
C11 CB3 R . 53.53 12.31 -65.80
C12 CB3 R . 52.45 12.61 -64.91
C13 CB3 R . 51.32 13.33 -65.44
C14 CB3 R . 51.24 13.76 -66.84
C15 CB3 R . 52.36 13.50 -67.65
C16 CB3 R . 53.53 12.78 -67.15
C CB3 R . 54.56 11.47 -65.26
O CB3 R . 54.62 11.28 -64.05
N CB3 R . 55.43 10.92 -66.04
CA CB3 R . 56.50 10.05 -65.57
CB CB3 R . 56.01 8.59 -65.45
CG CB3 R . 55.45 8.01 -66.75
CD CB3 R . 54.61 6.74 -66.53
OE1 CB3 R . 53.51 6.84 -65.99
OE2 CB3 R . 55.08 5.64 -66.92
CT CB3 R . 57.58 10.16 -66.65
O1 CB3 R . 57.25 10.66 -67.74
O2 CB3 R . 58.73 9.76 -66.38
CP1 CB3 R . 49.92 14.60 -68.83
CP2 CB3 R . 50.67 15.72 -69.44
CP3 CB3 R . 51.25 16.74 -69.70
N1 UMP S . 41.00 41.83 -86.14
C2 UMP S . 42.14 42.27 -85.60
N3 UMP S . 42.12 42.71 -84.32
C4 UMP S . 41.06 42.85 -83.50
C5 UMP S . 39.72 42.48 -84.08
C6 UMP S . 39.82 41.54 -85.30
O2 UMP S . 43.18 42.25 -86.26
O4 UMP S . 41.16 43.33 -82.35
C1' UMP S . 40.98 41.42 -87.61
C2' UMP S . 41.36 39.97 -87.95
C3' UMP S . 40.60 39.74 -89.25
C4' UMP S . 39.23 40.43 -89.01
O3' UMP S . 41.36 40.32 -90.41
O4' UMP S . 39.60 41.47 -88.03
C5' UMP S . 38.26 39.51 -88.28
O5' UMP S . 37.91 38.56 -89.27
P UMP S . 37.84 37.03 -88.89
OP1 UMP S . 39.18 36.54 -88.52
OP2 UMP S . 36.96 36.88 -87.69
OP3 UMP S . 37.28 36.37 -90.12
N1 CB3 T . 38.02 43.88 -89.33
C2 CB3 T . 39.15 43.79 -90.11
NA2 CB3 T . 39.10 43.26 -91.33
N3 CB3 T . 40.32 44.17 -89.58
C4 CB3 T . 40.38 44.68 -88.31
O4 CB3 T . 41.58 45.05 -87.79
C4A CB3 T . 39.25 44.81 -87.50
C5 CB3 T . 39.31 45.38 -86.23
C6 CB3 T . 38.12 45.64 -85.46
C7 CB3 T . 36.85 45.25 -86.03
C8 CB3 T . 36.78 44.63 -87.34
C8A CB3 T . 38.02 44.42 -88.09
C9 CB3 T . 38.16 46.61 -84.31
N10 CB3 T . 39.33 47.58 -84.15
C11 CB3 T . 40.26 50.36 -87.33
C12 CB3 T . 39.10 49.68 -87.37
C13 CB3 T . 38.81 48.79 -86.29
C14 CB3 T . 39.69 48.54 -85.14
C15 CB3 T . 40.88 49.27 -85.15
C16 CB3 T . 41.19 50.20 -86.26
C CB3 T . 40.40 51.33 -88.38
O CB3 T . 39.73 51.31 -89.42
N CB3 T . 41.30 52.23 -88.17
CA CB3 T . 41.66 53.16 -89.31
CB CB3 T . 40.85 54.43 -89.04
CG CB3 T . 41.05 54.98 -87.62
CD CB3 T . 40.13 56.12 -87.28
OE1 CB3 T . 38.92 55.89 -87.08
OE2 CB3 T . 40.62 57.28 -87.24
CT CB3 T . 43.17 53.43 -89.25
O1 CB3 T . 43.82 52.97 -88.28
O2 CB3 T . 43.68 54.08 -90.20
CP1 CB3 T . 40.11 47.46 -82.88
CP2 CB3 T . 41.30 46.64 -83.17
CP3 CB3 T . 42.21 45.90 -83.47
N1 UMP U . -8.84 23.25 -75.28
C2 UMP U . -9.18 24.58 -75.63
N3 UMP U . -8.29 25.60 -75.39
C4 UMP U . -7.15 25.41 -74.66
C5 UMP U . -6.86 24.04 -74.07
C6 UMP U . -7.47 22.87 -74.86
O2 UMP U . -10.25 24.84 -76.16
O4 UMP U . -6.40 26.36 -74.46
C1' UMP U . -9.79 22.13 -75.46
C2' UMP U . -9.70 21.33 -76.78
C3' UMP U . -10.25 19.97 -76.37
C4' UMP U . -9.64 19.65 -74.97
O3' UMP U . -11.65 20.09 -76.07
O4' UMP U . -9.59 21.02 -74.44
C5' UMP U . -8.21 19.10 -75.09
O5' UMP U . -8.33 17.71 -75.36
P UMP U . -7.58 17.15 -76.61
OP1 UMP U . -8.02 17.97 -77.80
OP2 UMP U . -6.10 17.22 -76.40
OP3 UMP U . -8.05 15.75 -76.71
N1 CB3 V . -10.54 20.57 -71.60
C2 CB3 V . -11.73 20.70 -72.24
NA2 CB3 V . -12.49 19.66 -72.42
N3 CB3 V . -12.09 21.95 -72.65
C4 CB3 V . -11.31 23.06 -72.44
O4 CB3 V . -11.65 24.29 -72.94
C4A CB3 V . -10.13 22.96 -71.70
C5 CB3 V . -9.35 24.08 -71.38
C6 CB3 V . -8.16 23.99 -70.50
C7 CB3 V . -7.82 22.67 -69.99
C8 CB3 V . -8.61 21.51 -70.35
C8A CB3 V . -9.78 21.66 -71.21
C9 CB3 V . -7.62 25.20 -69.79
N10 CB3 V . -8.48 26.39 -69.77
C11 CB3 V . -12.40 26.61 -68.02
C12 CB3 V . -11.55 25.55 -67.71
C13 CB3 V . -10.25 25.51 -68.31
C14 CB3 V . -9.79 26.52 -69.24
C15 CB3 V . -10.70 27.55 -69.61
C16 CB3 V . -12.01 27.60 -69.00
C CB3 V . -13.67 26.56 -67.36
O CB3 V . -14.05 25.56 -66.76
N CB3 V . -14.40 27.63 -67.43
CA CB3 V . -15.65 27.74 -66.75
CB CB3 V . -15.39 28.10 -65.27
CG CB3 V . -14.60 29.40 -65.06
CD CB3 V . -14.31 29.67 -63.57
OE1 CB3 V . -13.48 28.95 -62.97
OE2 CB3 V . -14.90 30.60 -63.01
CT CB3 V . -16.40 28.88 -67.43
O1 CB3 V . -15.74 29.67 -68.16
O2 CB3 V . -17.64 28.97 -67.24
CP1 CB3 V . -7.83 27.57 -70.35
CP2 CB3 V . -8.36 27.80 -71.73
CP3 CB3 V . -8.83 27.86 -72.83
N1 UMP W . 8.91 29.79 -99.16
C2 UMP W . 7.71 29.32 -99.59
N3 UMP W . 7.49 28.03 -99.50
C4 UMP W . 8.36 27.11 -99.09
C5 UMP W . 9.73 27.53 -98.66
C6 UMP W . 9.80 29.01 -98.31
O2 UMP W . 6.84 30.03 -100.07
O4 UMP W . 8.04 25.93 -99.15
C1' UMP W . 9.18 31.20 -99.44
C2' UMP W . 8.60 32.15 -98.41
C3' UMP W . 9.58 33.32 -98.52
C4' UMP W . 10.97 32.68 -98.67
O3' UMP W . 9.30 34.18 -99.71
O4' UMP W . 10.62 31.41 -99.34
C5' UMP W . 11.58 32.32 -97.31
O5' UMP W . 12.17 33.53 -96.82
P UMP W . 11.83 33.90 -95.30
OP1 UMP W . 10.33 33.97 -95.06
OP2 UMP W . 12.33 32.66 -94.46
OP3 UMP W . 12.57 35.19 -95.03
N1 CB3 X . 12.78 31.20 -101.51
C2 CB3 X . 11.87 32.13 -102.02
NA2 CB3 X . 12.13 33.40 -102.03
N3 CB3 X . 10.67 31.70 -102.49
C4 CB3 X . 10.37 30.37 -102.49
O4 CB3 X . 9.21 29.93 -102.94
C4A CB3 X . 11.27 29.38 -101.98
C5 CB3 X . 10.96 28.03 -102.00
C6 CB3 X . 11.96 27.03 -101.59
C7 CB3 X . 13.26 27.50 -101.16
C8 CB3 X . 13.56 28.89 -101.11
C8A CB3 X . 12.54 29.86 -101.53
C9 CB3 X . 11.88 25.58 -102.01
N10 CB3 X . 10.90 25.24 -103.12
C11 CB3 X . 11.17 27.01 -107.06
C12 CB3 X . 12.26 27.15 -106.17
C13 CB3 X . 12.13 26.53 -104.88
C14 CB3 X . 10.97 25.78 -104.44
C15 CB3 X . 9.87 25.69 -105.38
C16 CB3 X . 9.98 26.31 -106.69
C CB3 X . 11.40 27.56 -108.40
O CB3 X . 12.35 28.32 -108.65
N CB3 X . 10.53 27.22 -109.31
CA CB3 X . 10.71 27.75 -110.70
CB CB3 X . 11.63 26.83 -111.52
CG CB3 X . 11.17 25.36 -111.55
CD CB3 X . 12.23 24.40 -112.11
OE1 CB3 X . 13.23 24.13 -111.41
OE2 CB3 X . 12.07 23.94 -113.26
CT CB3 X . 9.31 27.82 -111.28
O1 CB3 X . 9.12 28.55 -112.27
O2 CB3 X . 8.41 27.14 -110.75
CP1 CB3 X . 9.81 24.35 -102.60
CP2 CB3 X . 8.60 25.14 -102.29
CP3 CB3 X . 7.64 25.84 -102.10
N1 UMP Y . -38.59 49.60 -23.22
C2 UMP Y . -38.29 48.35 -22.75
N3 UMP Y . -39.13 47.31 -22.94
C4 UMP Y . -40.36 47.45 -23.46
C5 UMP Y . -40.86 48.83 -23.87
C6 UMP Y . -39.71 49.82 -24.14
O2 UMP Y . -37.22 48.14 -22.19
O4 UMP Y . -41.07 46.46 -23.57
C1' UMP Y . -37.73 50.72 -22.86
C2' UMP Y . -36.58 51.02 -23.85
C3' UMP Y . -36.32 52.49 -23.65
C4' UMP Y . -37.71 53.12 -23.51
O3' UMP Y . -35.62 52.66 -22.37
O4' UMP Y . -38.39 52.01 -22.79
C5' UMP Y . -38.37 53.27 -24.87
O5' UMP Y . -37.68 54.44 -25.22
P UMP Y . -37.24 54.55 -26.76
OP1 UMP Y . -36.20 53.47 -26.90
OP2 UMP Y . -38.39 54.35 -27.67
OP3 UMP Y . -36.62 55.87 -26.92
N1 CB3 Z . -39.93 53.22 -20.57
C2 CB3 Z . -38.69 53.01 -20.02
NA2 CB3 Z . -37.80 54.00 -19.79
N3 CB3 Z . -38.38 51.75 -19.63
C4 CB3 Z . -39.18 50.67 -19.80
O4 CB3 Z . -38.73 49.39 -19.59
C4A CB3 Z . -40.50 50.87 -20.28
C5 CB3 Z . -41.42 49.82 -20.36
C6 CB3 Z . -42.79 49.99 -20.77
C7 CB3 Z . -43.19 51.34 -21.13
C8 CB3 Z . -42.25 52.43 -21.08
C8A CB3 Z . -40.88 52.20 -20.64
C9 CB3 Z . -43.82 49.00 -20.47
N10 CB3 Z . -43.48 48.02 -19.33
C11 CB3 Z . -42.55 49.03 -15.22
C12 CB3 Z . -42.95 50.04 -16.11
C13 CB3 Z . -43.24 49.67 -17.46
C14 CB3 Z . -43.14 48.32 -17.98
C15 CB3 Z . -42.70 47.32 -17.03
C16 CB3 Z . -42.42 47.66 -15.68
C CB3 Z . -42.11 49.46 -13.93
O CB3 Z . -42.21 50.64 -13.61
N CB3 Z . -41.59 48.57 -13.12
CA CB3 Z . -41.58 48.68 -11.65
CB CB3 Z . -42.91 48.79 -10.85
CG CB3 Z . -44.04 47.85 -11.43
CD CB3 Z . -45.44 47.97 -10.74
OE1 CB3 Z . -45.58 47.52 -9.58
OE2 CB3 Z . -46.42 48.44 -11.40
CT CB3 Z . -40.77 47.50 -11.17
O1 CB3 Z . -40.78 46.44 -11.84
O2 CB3 Z . -40.15 47.68 -10.10
CP1 CB3 Z . -43.56 46.59 -19.77
CP2 CB3 Z . -42.19 46.11 -20.20
CP3 CB3 Z . -41.09 45.84 -20.61
N1 UMP AA . -31.93 33.21 -48.07
C2 UMP AA . -30.77 33.74 -47.58
N3 UMP AA . -30.50 35.04 -47.81
C4 UMP AA . -31.30 35.89 -48.53
C5 UMP AA . -32.59 35.40 -49.12
C6 UMP AA . -33.04 34.07 -48.54
O2 UMP AA . -29.98 33.07 -46.95
O4 UMP AA . -30.92 37.04 -48.72
C1' UMP AA . -32.09 31.77 -48.05
C2' UMP AA . -32.64 31.16 -46.73
C3' UMP AA . -33.36 29.90 -47.25
C4' UMP AA . -34.03 30.31 -48.61
O3' UMP AA . -32.38 28.92 -47.61
O4' UMP AA . -33.08 31.35 -49.03
C5' UMP AA . -35.35 31.05 -48.43
O5' UMP AA . -36.20 30.00 -48.12
P UMP AA . -37.39 30.14 -47.06
OP1 UMP AA . -36.73 30.33 -45.76
OP2 UMP AA . -38.28 31.26 -47.37
OP3 UMP AA . -38.18 28.87 -47.14
N1 CB3 BA . -32.69 30.59 -51.97
C2 CB3 BA . -31.87 29.67 -51.38
NA2 CB3 BA . -32.22 28.39 -51.23
N3 CB3 BA . -30.68 30.13 -50.88
C4 CB3 BA . -30.34 31.47 -50.92
O4 CB3 BA . -29.26 31.93 -50.33
C4A CB3 BA . -31.14 32.37 -51.64
C5 CB3 BA . -30.71 33.67 -51.90
C6 CB3 BA . -31.49 34.52 -52.78
C7 CB3 BA . -32.72 33.99 -53.33
C8 CB3 BA . -33.19 32.68 -53.05
C8A CB3 BA . -32.36 31.86 -52.19
C9 CB3 BA . -30.91 35.74 -53.40
N10 CB3 BA . -29.41 35.89 -53.41
C11 CB3 BA . -26.77 32.98 -55.09
C12 CB3 BA . -28.13 32.97 -55.49
C13 CB3 BA . -28.97 33.94 -54.94
C14 CB3 BA . -28.52 34.94 -53.96
C15 CB3 BA . -27.14 34.86 -53.51
C16 CB3 BA . -26.26 33.88 -54.07
C CB3 BA . -25.92 32.23 -55.93
O CB3 BA . -26.39 31.29 -56.56
N CB3 BA . -24.63 32.58 -55.99
CA CB3 BA . -23.74 31.62 -56.68
CB CB3 BA . -23.19 32.23 -57.97
CG CB3 BA . -24.14 33.13 -58.70
CD CB3 BA . -23.46 33.90 -59.81
OE1 CB3 BA . -24.19 34.59 -60.53
OE2 CB3 BA . -22.20 33.83 -59.95
CT CB3 BA . -22.52 31.43 -55.78
O1 CB3 BA . -22.29 32.30 -54.93
O2 CB3 BA . -21.79 30.46 -56.01
CP1 CB3 BA . -28.85 37.06 -52.61
CP2 CB3 BA . -28.54 36.62 -51.22
CP3 CB3 BA . -28.24 36.22 -50.14
N1 UMP CA . 15.60 -19.19 49.60
C2 UMP CA . 14.98 -19.03 50.80
N3 UMP CA . 15.72 -18.61 51.88
C4 UMP CA . 17.07 -18.46 51.84
C5 UMP CA . 17.82 -18.78 50.55
C6 UMP CA . 16.96 -18.70 49.30
O2 UMP CA . 13.78 -19.26 50.84
O4 UMP CA . 17.66 -18.04 52.85
C1' UMP CA . 14.85 -19.90 48.57
C2' UMP CA . 14.03 -18.97 47.69
C3' UMP CA . 14.00 -19.76 46.41
C4' UMP CA . 15.43 -20.31 46.25
O3' UMP CA . 13.09 -20.87 46.60
O4' UMP CA . 15.76 -20.59 47.66
C5' UMP CA . 16.37 -19.23 45.72
O5' UMP CA . 16.03 -19.48 44.35
P UMP CA . 15.92 -18.09 43.50
OP1 UMP CA . 14.83 -17.33 44.12
OP2 UMP CA . 17.26 -17.43 43.66
OP3 UMP CA . 15.65 -18.54 42.06
N1 CB3 DA . 16.97 -23.44 47.75
C2 CB3 DA . 15.61 -23.66 47.80
NA2 CB3 DA . 14.90 -24.01 46.73
N3 CB3 DA . 14.97 -23.53 48.97
C4 CB3 DA . 15.59 -22.94 50.05
O4 CB3 DA . 14.82 -22.51 51.09
C4A CB3 DA . 17.01 -22.70 50.08
C5 CB3 DA . 17.70 -22.28 51.23
C6 CB3 DA . 19.17 -22.22 51.23
C7 CB3 DA . 19.90 -22.54 50.00
C8 CB3 DA . 19.16 -22.94 48.81
C8A CB3 DA . 17.71 -23.02 48.86
C9 CB3 DA . 19.95 -22.26 52.51
N10 CB3 DA . 19.28 -22.77 53.74
C11 CB3 DA . 17.33 -26.53 54.09
C12 CB3 DA . 18.18 -26.32 52.95
C13 CB3 DA . 18.83 -25.07 52.87
C14 CB3 DA . 18.66 -24.01 53.87
C15 CB3 DA . 17.78 -24.26 55.00
C16 CB3 DA . 17.11 -25.51 55.11
C CB3 DA . 16.85 -27.85 54.22
O CB3 DA . 16.99 -28.66 53.32
N CB3 DA . 16.26 -28.12 55.35
CA CB3 DA . 15.80 -29.46 55.57
CB CB3 DA . 16.94 -30.36 56.10
CG CB3 DA . 17.54 -29.89 57.44
CD CB3 DA . 18.78 -30.70 57.88
OE1 CB3 DA . 19.89 -30.49 57.34
OE2 CB3 DA . 18.63 -31.56 58.76
CT CB3 DA . 14.63 -29.38 56.57
O1 CB3 DA . 14.56 -28.41 57.36
O2 CB3 DA . 13.78 -30.28 56.53
CP1 CB3 DA . 19.15 -21.75 54.82
CP2 CB3 DA . 17.85 -21.00 54.82
CP3 CB3 DA . 16.86 -20.35 54.56
N1 UMP EA . 12.78 11.02 52.61
C2 UMP EA . 11.64 10.49 52.07
N3 UMP EA . 11.63 10.10 50.76
C4 UMP EA . 12.66 10.28 49.91
C5 UMP EA . 13.96 10.94 50.40
C6 UMP EA . 14.11 10.91 51.93
O2 UMP EA . 10.60 10.38 52.72
O4 UMP EA . 12.51 9.94 48.72
C1' UMP EA . 12.67 11.56 54.01
C2' UMP EA . 12.90 10.54 55.15
C3' UMP EA . 13.57 11.43 56.20
C4' UMP EA . 14.53 12.36 55.42
O3' UMP EA . 12.52 12.27 56.68
O4' UMP EA . 13.80 12.44 54.11
C5' UMP EA . 15.89 11.70 55.19
O5' UMP EA . 16.43 11.77 56.50
P UMP EA . 17.18 10.63 57.08
OP1 UMP EA . 16.37 9.50 57.30
OP2 UMP EA . 18.20 10.28 56.23
OP3 UMP EA . 17.75 10.97 58.28
N1 CB3 FA . 14.07 15.49 53.63
C2 CB3 FA . 13.02 15.46 54.50
NA2 CB3 FA . 13.06 15.92 55.76
N3 CB3 FA . 11.92 14.90 54.03
C4 CB3 FA . 11.75 14.49 52.74
O4 CB3 FA . 10.62 13.98 52.29
C4A CB3 FA . 12.80 14.61 51.85
C5 CB3 FA . 12.61 14.33 50.51
C6 CB3 FA . 13.67 14.58 49.59
C7 CB3 FA . 14.91 15.09 50.10
C8 CB3 FA . 15.11 15.36 51.49
C8A CB3 FA . 14.00 15.13 52.36
C9 CB3 FA . 13.39 14.65 48.14
N10 CB3 FA . 12.00 14.83 47.70
C11 CB3 FA . 9.56 18.19 48.84
C12 CB3 FA . 10.98 18.29 49.00
C13 CB3 FA . 11.76 17.20 48.57
C14 CB3 FA . 11.19 15.97 48.00
C15 CB3 FA . 9.76 15.91 47.88
C16 CB3 FA . 8.95 16.99 48.30
C CB3 FA . 8.80 19.31 49.18
O CB3 FA . 9.24 20.22 49.88
N CB3 FA . 7.55 19.38 48.72
CA CB3 FA . 6.80 20.56 49.15
CB CB3 FA . 7.03 21.67 48.11
CG CB3 FA . 6.46 21.32 46.75
CD CB3 FA . 6.88 22.29 45.66
OE1 CB3 FA . 8.05 22.25 45.23
OE2 CB3 FA . 6.06 23.11 45.23
CT CB3 FA . 5.34 20.13 49.12
O1 CB3 FA . 5.06 19.10 48.50
O2 CB3 FA . 4.50 20.85 49.71
CP1 CB3 FA . 11.51 13.69 46.87
CP2 CB3 FA . 10.78 12.73 47.74
CP3 CB3 FA . 10.14 11.95 48.38
N1 UMP GA . 34.31 -32.02 4.71
C2 UMP GA . 35.00 -32.23 3.54
N3 UMP GA . 34.31 -32.82 2.51
C4 UMP GA . 33.00 -33.21 2.54
C5 UMP GA . 32.16 -33.01 3.79
C6 UMP GA . 32.85 -32.11 4.84
O2 UMP GA . 36.18 -31.90 3.42
O4 UMP GA . 32.52 -33.74 1.55
C1' UMP GA . 35.09 -31.60 5.90
C2' UMP GA . 35.33 -30.09 5.94
C3' UMP GA . 35.87 -29.95 7.34
C4' UMP GA . 34.92 -30.77 8.24
O3' UMP GA . 37.12 -30.66 7.33
O4' UMP GA . 34.64 -31.92 7.31
C5' UMP GA . 33.63 -30.00 8.49
O5' UMP GA . 33.92 -28.81 9.28
P UMP GA . 32.68 -27.90 9.69
OP1 UMP GA . 32.23 -27.09 8.53
OP2 UMP GA . 31.59 -28.77 10.15
OP3 UMP GA . 33.10 -26.98 10.79
N1 UMP HA . 24.19 -10.84 -14.47
C2 UMP HA . 25.43 -10.43 -14.01
N3 UMP HA . 25.49 -9.95 -12.73
C4 UMP HA . 24.43 -9.85 -11.86
C5 UMP HA . 23.04 -10.29 -12.28
C6 UMP HA . 23.02 -11.06 -13.61
O2 UMP HA . 26.43 -10.47 -14.73
O4 UMP HA . 24.63 -9.41 -10.73
C1' UMP HA . 24.06 -11.13 -15.91
C2' UMP HA . 24.54 -12.54 -16.26
C3' UMP HA . 24.00 -12.65 -17.67
C4' UMP HA . 22.55 -12.17 -17.61
O3' UMP HA . 24.73 -11.67 -18.42
O4' UMP HA . 22.72 -11.05 -16.60
C5' UMP HA . 21.64 -13.26 -17.02
O5' UMP HA . 21.57 -14.40 -17.92
P UMP HA . 21.22 -15.85 -17.35
OP1 UMP HA . 22.47 -16.48 -16.87
OP2 UMP HA . 20.26 -15.75 -16.23
OP3 UMP HA . 20.64 -16.68 -18.43
N1 UMP IA . -25.23 -29.86 -3.77
C2 UMP IA . -25.64 -28.64 -4.29
N3 UMP IA . -24.85 -27.56 -4.03
C4 UMP IA . -23.69 -27.57 -3.29
C5 UMP IA . -23.17 -28.87 -2.68
C6 UMP IA . -23.88 -30.11 -3.23
O2 UMP IA . -26.67 -28.54 -4.95
O4 UMP IA . -23.07 -26.52 -3.12
C1' UMP IA . -26.17 -30.98 -3.83
C2' UMP IA . -26.17 -31.71 -5.18
C3' UMP IA . -26.99 -32.93 -4.84
C4' UMP IA . -26.42 -33.46 -3.51
O3' UMP IA . -28.29 -32.44 -4.56
O4' UMP IA . -26.11 -32.13 -2.85
C5' UMP IA . -25.12 -34.23 -3.75
O5' UMP IA . -25.39 -35.45 -4.49
P UMP IA . -24.19 -36.21 -5.22
OP1 UMP IA . -24.01 -35.65 -6.58
OP2 UMP IA . -22.94 -36.00 -4.45
OP3 UMP IA . -24.48 -37.66 -5.32
N1 UMP JA . -7.91 -23.33 -27.67
C2 UMP JA . -9.15 -23.75 -28.11
N3 UMP JA . -9.42 -25.10 -28.03
C4 UMP JA . -8.55 -26.06 -27.57
C5 UMP JA . -7.15 -25.67 -27.10
C6 UMP JA . -7.00 -24.16 -26.86
O2 UMP JA . -9.98 -22.97 -28.55
O4 UMP JA . -8.91 -27.23 -27.54
C1' UMP JA . -7.50 -21.95 -27.97
C2' UMP JA . -8.10 -20.93 -27.01
C3' UMP JA . -7.26 -19.71 -27.34
C4' UMP JA . -5.81 -20.20 -27.39
O3' UMP JA . -7.63 -19.37 -28.69
O4' UMP JA . -6.04 -21.55 -28.02
C5' UMP JA . -5.25 -20.37 -25.98
O5' UMP JA . -5.13 -19.09 -25.30
P UMP JA . -5.10 -19.04 -23.70
OP1 UMP JA . -6.48 -18.97 -23.20
OP2 UMP JA . -4.44 -20.27 -23.17
OP3 UMP JA . -4.33 -17.86 -23.25
N1 UMP KA . -55.34 -4.06 48.19
C2 UMP KA . -54.85 -5.33 48.49
N3 UMP KA . -55.71 -6.38 48.33
C4 UMP KA . -57.02 -6.29 47.91
C5 UMP KA . -57.62 -4.93 47.58
C6 UMP KA . -56.56 -3.84 47.40
O2 UMP KA . -53.71 -5.50 48.88
O4 UMP KA . -57.70 -7.31 47.80
C1' UMP KA . -54.56 -2.87 48.57
C2' UMP KA . -53.42 -2.57 47.61
C3' UMP KA . -53.05 -1.18 48.07
C4' UMP KA . -54.37 -0.40 48.19
O3' UMP KA . -52.55 -1.34 49.38
O4' UMP KA . -55.23 -1.52 48.74
C5' UMP KA . -54.89 0.01 46.82
O5' UMP KA . -54.01 1.01 46.22
P UMP KA . -53.95 1.18 44.62
OP1 UMP KA . -53.05 0.14 44.07
OP2 UMP KA . -55.31 0.99 44.05
OP3 UMP KA . -53.44 2.52 44.25
N1 UMP LA . -48.56 -20.08 23.40
C2 UMP LA . -47.36 -19.68 23.95
N3 UMP LA . -47.04 -18.34 23.84
C4 UMP LA . -47.78 -17.38 23.19
C5 UMP LA . -49.08 -17.77 22.50
C6 UMP LA . -49.61 -19.14 22.95
O2 UMP LA . -46.60 -20.46 24.51
O4 UMP LA . -47.39 -16.22 23.18
C1' UMP LA . -48.83 -21.52 23.32
C2' UMP LA . -49.35 -22.09 24.65
C3' UMP LA . -49.79 -23.47 24.18
C4' UMP LA . -50.60 -23.24 22.90
O3' UMP LA . -48.58 -24.13 23.83
O4' UMP LA . -49.79 -22.11 22.32
C5' UMP LA . -52.01 -22.76 23.21
O5' UMP LA . -52.75 -23.83 23.86
P UMP LA . -54.18 -23.57 24.56
OP1 UMP LA . -53.97 -23.04 25.93
OP2 UMP LA . -54.94 -22.58 23.77
OP3 UMP LA . -54.93 -24.84 24.64
N1 UMP MA . -0.39 -72.41 121.24
C2 UMP MA . -1.10 -72.13 122.39
N3 UMP MA . -0.41 -71.60 123.45
C4 UMP MA . 0.94 -71.34 123.46
C5 UMP MA . 1.79 -71.65 122.23
C6 UMP MA . 0.95 -71.87 120.96
O2 UMP MA . -2.31 -72.34 122.47
O4 UMP MA . 1.45 -70.86 124.46
C1' UMP MA . -1.05 -73.22 120.19
C2' UMP MA . -1.95 -72.36 119.30
C3' UMP MA . -2.17 -73.29 118.13
C4' UMP MA . -0.79 -73.88 117.82
O3' UMP MA . -2.99 -74.33 118.62
O4' UMP MA . -0.27 -74.04 119.20
C5' UMP MA . 0.08 -72.87 117.06
O5' UMP MA . -0.51 -72.64 115.75
P UMP MA . -0.23 -71.26 115.04
OP1 UMP MA . -1.29 -70.30 115.42
OP2 UMP MA . 1.08 -70.74 115.48
OP3 UMP MA . -0.25 -71.44 113.58
N1 UMP NA . -3.58 -42.29 123.96
C2 UMP NA . -4.79 -42.79 123.53
N3 UMP NA . -4.88 -43.15 122.21
C4 UMP NA . -3.88 -43.04 121.28
C5 UMP NA . -2.51 -42.50 121.67
C6 UMP NA . -2.33 -42.37 123.19
O2 UMP NA . -5.76 -42.92 124.28
O4 UMP NA . -4.10 -43.40 120.12
C1' UMP NA . -3.52 -41.67 125.29
C2' UMP NA . -3.31 -42.69 126.41
C3' UMP NA . -2.97 -41.76 127.56
C4' UMP NA . -1.94 -40.76 127.01
O3' UMP NA . -4.18 -41.03 127.81
O4' UMP NA . -2.49 -40.61 125.61
C5' UMP NA . -0.55 -41.41 126.94
O5' UMP NA . -0.06 -41.65 128.30
P UMP NA . 1.00 -42.82 128.60
OP1 UMP NA . 0.26 -44.08 128.78
OP2 UMP NA . 1.94 -42.95 127.46
OP3 UMP NA . 1.75 -42.50 129.83
N ARG A 13 77.85 19.03 -81.73
CA ARG A 13 76.59 18.31 -82.06
C ARG A 13 76.66 17.69 -83.46
N SER A 14 76.40 16.39 -83.54
CA SER A 14 76.43 15.67 -84.80
C SER A 14 75.33 16.14 -85.75
N ASN A 15 74.21 16.56 -85.18
CA ASN A 15 73.06 17.05 -85.95
C ASN A 15 72.50 18.25 -85.20
N PRO A 16 73.15 19.40 -85.34
CA PRO A 16 72.77 20.67 -84.69
C PRO A 16 71.34 21.11 -84.95
N ASP A 17 70.80 20.70 -86.09
CA ASP A 17 69.46 21.12 -86.46
C ASP A 17 68.36 20.23 -85.91
N HIS A 18 68.72 19.19 -85.15
CA HIS A 18 67.70 18.31 -84.62
C HIS A 18 66.75 19.13 -83.77
N GLU A 19 65.46 19.02 -84.07
CA GLU A 19 64.45 19.78 -83.34
C GLU A 19 64.43 19.58 -81.84
N GLU A 20 64.88 18.43 -81.35
CA GLU A 20 64.88 18.17 -79.90
C GLU A 20 65.79 19.11 -79.14
N TYR A 21 66.77 19.69 -79.83
CA TYR A 21 67.65 20.65 -79.16
C TYR A 21 66.90 21.87 -78.64
N GLN A 22 65.74 22.16 -79.23
CA GLN A 22 64.93 23.29 -78.76
C GLN A 22 64.55 22.99 -77.30
N TYR A 23 64.09 21.77 -77.07
CA TYR A 23 63.68 21.36 -75.71
C TYR A 23 64.89 21.34 -74.75
N LEU A 24 65.98 20.72 -75.17
CA LEU A 24 67.19 20.64 -74.33
C LEU A 24 67.78 22.02 -74.04
N ASP A 25 67.85 22.85 -75.06
CA ASP A 25 68.40 24.20 -74.88
C ASP A 25 67.56 25.04 -73.90
N LEU A 26 66.24 24.95 -74.00
CA LEU A 26 65.40 25.73 -73.12
C LEU A 26 65.59 25.32 -71.67
N ILE A 27 65.67 24.02 -71.42
CA ILE A 27 65.88 23.52 -70.07
C ILE A 27 67.22 24.04 -69.53
N ARG A 28 68.24 24.00 -70.37
CA ARG A 28 69.57 24.50 -69.97
C ARG A 28 69.49 25.98 -69.63
N ARG A 29 68.78 26.74 -70.46
CA ARG A 29 68.63 28.17 -70.21
C ARG A 29 67.87 28.44 -68.91
N ILE A 30 66.77 27.73 -68.69
CA ILE A 30 66.00 27.93 -67.46
C ILE A 30 66.85 27.64 -66.23
N ILE A 31 67.60 26.55 -66.27
CA ILE A 31 68.44 26.20 -65.12
C ILE A 31 69.50 27.30 -64.93
N ASN A 32 70.06 27.79 -66.03
CA ASN A 32 71.10 28.82 -65.96
C ASN A 32 70.65 30.21 -65.53
N VAL A 33 69.69 30.79 -66.23
CA VAL A 33 69.23 32.13 -65.92
C VAL A 33 67.77 32.24 -65.44
N GLY A 34 67.12 31.11 -65.24
CA GLY A 34 65.74 31.15 -64.78
C GLY A 34 65.63 31.75 -63.39
N GLU A 35 64.44 32.21 -63.05
CA GLU A 35 64.20 32.82 -61.75
C GLU A 35 63.65 31.78 -60.74
N VAL A 36 64.25 31.71 -59.56
CA VAL A 36 63.81 30.78 -58.52
C VAL A 36 62.51 31.30 -57.94
N ARG A 37 61.46 30.48 -57.98
CA ARG A 37 60.17 30.93 -57.46
C ARG A 37 59.41 29.90 -56.65
N PRO A 38 58.51 30.38 -55.79
CA PRO A 38 57.67 29.51 -54.94
C PRO A 38 56.53 29.13 -55.88
N ASP A 39 55.78 28.10 -55.55
CA ASP A 39 54.67 27.70 -56.40
C ASP A 39 53.59 26.98 -55.62
N ARG A 40 52.46 26.74 -56.30
CA ARG A 40 51.33 26.07 -55.70
C ARG A 40 51.67 24.73 -55.04
N THR A 41 52.53 23.93 -55.68
CA THR A 41 52.86 22.60 -55.15
C THR A 41 53.74 22.64 -53.90
N GLY A 42 54.51 23.71 -53.74
CA GLY A 42 55.37 23.81 -52.60
C GLY A 42 56.78 23.27 -52.80
N THR A 43 57.05 22.68 -53.96
CA THR A 43 58.40 22.16 -54.19
C THR A 43 59.31 23.26 -54.73
N GLY A 44 58.73 24.26 -55.39
CA GLY A 44 59.54 25.34 -55.93
C GLY A 44 60.01 25.04 -57.34
N THR A 45 60.29 26.08 -58.13
CA THR A 45 60.75 25.91 -59.50
C THR A 45 61.72 27.03 -59.89
N VAL A 46 62.25 26.91 -61.09
CA VAL A 46 63.11 27.93 -61.67
C VAL A 46 62.35 28.18 -62.99
N ALA A 47 62.06 29.43 -63.33
CA ALA A 47 61.26 29.69 -64.53
C ALA A 47 61.61 30.91 -65.34
N LEU A 48 61.08 30.90 -66.57
CA LEU A 48 61.21 31.99 -67.53
C LEU A 48 59.80 32.15 -68.11
N PHE A 49 59.41 33.39 -68.42
CA PHE A 49 58.10 33.63 -69.00
C PHE A 49 58.14 33.89 -70.49
N ALA A 50 57.23 33.25 -71.22
CA ALA A 50 57.10 33.44 -72.66
C ALA A 50 58.39 33.32 -73.47
N PRO A 51 59.07 32.17 -73.37
CA PRO A 51 60.31 32.03 -74.15
C PRO A 51 59.91 31.76 -75.59
N PRO A 52 60.87 31.84 -76.53
CA PRO A 52 60.56 31.60 -77.93
C PRO A 52 59.80 30.26 -78.08
N SER A 53 58.84 30.22 -78.99
CA SER A 53 58.05 29.01 -79.20
C SER A 53 58.83 27.89 -79.87
N PHE A 54 58.35 26.65 -79.68
CA PHE A 54 58.97 25.48 -80.31
C PHE A 54 58.26 25.20 -81.61
N ARG A 55 59.01 24.72 -82.61
CA ARG A 55 58.40 24.36 -83.89
C ARG A 55 58.86 22.95 -84.25
N PHE A 56 57.92 22.10 -84.59
CA PHE A 56 58.24 20.73 -84.96
C PHE A 56 57.61 20.35 -86.29
N SER A 57 58.40 19.80 -87.19
CA SER A 57 57.85 19.38 -88.47
C SER A 57 57.10 18.06 -88.32
N LEU A 58 55.92 17.98 -88.94
CA LEU A 58 55.11 16.77 -88.90
C LEU A 58 55.06 16.14 -90.29
N ALA A 59 55.89 16.63 -91.20
CA ALA A 59 55.93 16.09 -92.55
C ALA A 59 56.58 14.71 -92.58
N ASP A 60 56.31 13.96 -93.64
CA ASP A 60 56.86 12.61 -93.79
C ASP A 60 56.51 11.71 -92.60
N ASN A 61 55.30 11.83 -92.10
CA ASN A 61 54.82 11.01 -90.99
C ASN A 61 55.65 11.12 -89.72
N THR A 62 56.36 12.23 -89.55
CA THR A 62 57.20 12.41 -88.38
C THR A 62 56.42 12.70 -87.08
N LEU A 63 56.85 12.05 -86.01
CA LEU A 63 56.24 12.23 -84.69
C LEU A 63 57.33 12.71 -83.73
N PRO A 64 57.22 13.96 -83.25
CA PRO A 64 58.22 14.49 -82.33
C PRO A 64 58.12 13.90 -80.93
N LEU A 65 58.46 12.62 -80.81
CA LEU A 65 58.47 11.92 -79.53
C LEU A 65 59.93 12.00 -79.06
N LEU A 66 60.19 12.71 -77.96
CA LEU A 66 61.54 12.90 -77.46
C LEU A 66 62.34 11.61 -77.33
N THR A 67 63.62 11.71 -77.69
CA THR A 67 64.50 10.56 -77.66
C THR A 67 65.57 10.60 -76.60
N THR A 68 65.77 11.75 -75.95
CA THR A 68 66.81 11.81 -74.94
C THR A 68 66.40 11.13 -73.65
N LYS A 69 65.19 10.58 -73.63
CA LYS A 69 64.69 9.82 -72.49
C LYS A 69 63.53 8.99 -73.03
N ARG A 70 63.23 7.86 -72.39
CA ARG A 70 62.13 7.02 -72.84
C ARG A 70 60.82 7.67 -72.43
N VAL A 71 59.97 7.98 -73.38
CA VAL A 71 58.67 8.62 -73.08
C VAL A 71 57.58 7.57 -73.12
N PHE A 72 56.70 7.59 -72.12
CA PHE A 72 55.60 6.62 -72.03
C PHE A 72 54.58 6.87 -73.17
N LEU A 73 54.92 6.45 -74.37
CA LEU A 73 54.07 6.64 -75.53
C LEU A 73 52.62 6.19 -75.34
N ARG A 74 52.45 4.97 -74.85
CA ARG A 74 51.11 4.44 -74.64
C ARG A 74 50.31 5.35 -73.73
N GLY A 75 50.97 5.94 -72.73
CA GLY A 75 50.28 6.84 -71.82
C GLY A 75 49.83 8.11 -72.55
N VAL A 76 50.65 8.60 -73.47
CA VAL A 76 50.30 9.82 -74.23
C VAL A 76 49.06 9.51 -75.08
N ILE A 77 49.11 8.43 -75.85
CA ILE A 77 47.98 8.02 -76.68
C ILE A 77 46.71 7.81 -75.85
N ALA A 78 46.82 7.05 -74.77
CA ALA A 78 45.66 6.80 -73.95
C ALA A 78 45.01 8.09 -73.44
N GLU A 79 45.83 9.00 -72.92
CA GLU A 79 45.31 10.27 -72.43
C GLU A 79 44.62 11.06 -73.56
N LEU A 80 45.22 11.06 -74.75
CA LEU A 80 44.66 11.79 -75.88
C LEU A 80 43.30 11.24 -76.32
N LEU A 81 43.18 9.91 -76.43
CA LEU A 81 41.93 9.29 -76.84
C LEU A 81 40.88 9.51 -75.76
N TRP A 82 41.35 9.70 -74.54
CA TRP A 82 40.52 9.95 -73.37
C TRP A 82 39.96 11.39 -73.51
N PHE A 83 40.81 12.33 -73.89
CA PHE A 83 40.37 13.72 -74.09
C PHE A 83 39.29 13.71 -75.17
N VAL A 84 39.64 13.13 -76.31
CA VAL A 84 38.73 13.09 -77.45
C VAL A 84 37.35 12.53 -77.09
N SER A 85 37.33 11.51 -76.24
CA SER A 85 36.08 10.88 -75.85
C SER A 85 35.24 11.79 -74.97
N GLY A 86 35.84 12.87 -74.46
CA GLY A 86 35.10 13.78 -73.59
C GLY A 86 35.02 13.29 -72.14
N CYS A 87 35.65 12.15 -71.86
CA CYS A 87 35.64 11.54 -70.54
C CYS A 87 36.51 12.30 -69.56
N THR A 88 36.06 12.40 -68.30
CA THR A 88 36.79 13.10 -67.27
C THR A 88 37.08 12.22 -66.04
N ASP A 89 36.90 10.91 -66.21
CA ASP A 89 37.14 9.94 -65.15
C ASP A 89 38.54 9.34 -65.29
N ALA A 90 39.43 9.71 -64.38
CA ALA A 90 40.81 9.22 -64.42
C ALA A 90 40.89 7.69 -64.28
N LYS A 91 39.84 7.06 -63.75
CA LYS A 91 39.87 5.60 -63.61
C LYS A 91 39.91 4.96 -64.99
N MET A 92 39.43 5.68 -66.01
CA MET A 92 39.45 5.13 -67.37
C MET A 92 40.89 5.03 -67.87
N LEU A 93 41.79 5.79 -67.25
CA LEU A 93 43.21 5.73 -67.61
C LEU A 93 43.95 4.71 -66.72
N SER A 94 43.73 4.77 -65.40
CA SER A 94 44.40 3.83 -64.51
C SER A 94 43.98 2.37 -64.76
N SER A 95 42.76 2.16 -65.25
CA SER A 95 42.29 0.80 -65.51
C SER A 95 43.04 0.20 -66.69
N GLN A 96 43.61 1.06 -67.53
CA GLN A 96 44.38 0.55 -68.64
C GLN A 96 45.89 0.72 -68.41
N GLY A 97 46.25 0.88 -67.14
CA GLY A 97 47.65 1.00 -66.77
C GLY A 97 48.31 2.35 -66.93
N VAL A 98 47.52 3.42 -67.00
CA VAL A 98 48.05 4.78 -67.15
C VAL A 98 47.66 5.60 -65.92
N GLY A 99 48.62 5.92 -65.06
CA GLY A 99 48.32 6.64 -63.84
C GLY A 99 48.75 8.10 -63.77
N ILE A 100 48.96 8.72 -64.93
CA ILE A 100 49.39 10.13 -64.93
C ILE A 100 48.42 11.06 -64.23
N TRP A 101 47.14 10.71 -64.19
CA TRP A 101 46.16 11.56 -63.52
C TRP A 101 45.72 11.05 -62.13
N ASP A 102 46.37 10.01 -61.64
CA ASP A 102 46.04 9.45 -60.32
C ASP A 102 46.34 10.46 -59.23
N GLY A 103 47.43 11.19 -59.38
CA GLY A 103 47.82 12.18 -58.41
C GLY A 103 46.79 13.27 -58.14
N ASN A 104 46.25 13.88 -59.20
CA ASN A 104 45.27 14.93 -59.01
C ASN A 104 43.83 14.41 -58.92
N GLY A 105 43.65 13.11 -59.14
CA GLY A 105 42.32 12.54 -59.03
C GLY A 105 42.12 11.78 -57.72
N SER A 106 43.16 11.70 -56.89
CA SER A 106 43.07 10.98 -55.62
C SER A 106 42.13 11.68 -54.65
N LYS A 107 41.54 10.95 -53.73
CA LYS A 107 40.63 11.59 -52.78
C LYS A 107 41.30 12.71 -51.96
N GLU A 108 42.53 12.47 -51.52
CA GLU A 108 43.28 13.46 -50.73
C GLU A 108 43.42 14.78 -51.48
N PHE A 109 43.76 14.68 -52.77
CA PHE A 109 43.93 15.93 -53.51
C PHE A 109 42.59 16.60 -53.73
N LEU A 110 41.60 15.83 -54.19
CA LEU A 110 40.26 16.38 -54.41
C LEU A 110 39.72 17.06 -53.15
N GLU A 111 39.79 16.37 -52.01
CA GLU A 111 39.30 16.95 -50.76
C GLU A 111 40.12 18.19 -50.43
N LYS A 112 41.39 18.14 -50.78
CA LYS A 112 42.31 19.23 -50.51
C LYS A 112 41.93 20.52 -51.25
N VAL A 113 41.38 20.37 -52.46
CA VAL A 113 40.98 21.55 -53.23
C VAL A 113 39.49 21.86 -53.13
N GLY A 114 38.83 21.34 -52.11
CA GLY A 114 37.41 21.60 -51.94
C GLY A 114 36.46 20.78 -52.79
N LEU A 115 36.92 19.63 -53.29
CA LEU A 115 36.05 18.79 -54.11
C LEU A 115 35.88 17.42 -53.45
N GLY A 116 35.69 17.41 -52.12
CA GLY A 116 35.53 16.17 -51.39
C GLY A 116 34.26 15.39 -51.66
N HIS A 117 33.28 16.03 -52.29
CA HIS A 117 32.01 15.37 -52.60
C HIS A 117 32.10 14.48 -53.81
N ARG A 118 33.27 14.48 -54.46
CA ARG A 118 33.44 13.65 -55.65
C ARG A 118 34.14 12.33 -55.35
N ARG A 119 33.82 11.30 -56.13
CA ARG A 119 34.48 10.02 -55.94
C ARG A 119 35.89 10.15 -56.52
N GLU A 120 36.80 9.34 -56.02
CA GLU A 120 38.17 9.37 -56.49
C GLU A 120 38.25 9.22 -58.00
N GLY A 121 39.06 10.03 -58.66
CA GLY A 121 39.19 9.94 -60.10
C GLY A 121 38.29 10.88 -60.89
N ASP A 122 37.28 11.44 -60.24
CA ASP A 122 36.38 12.37 -60.95
C ASP A 122 36.99 13.75 -60.93
N LEU A 123 37.74 14.07 -61.99
CA LEU A 123 38.47 15.34 -62.08
C LEU A 123 37.60 16.57 -62.33
N GLY A 124 36.35 16.36 -62.73
CA GLY A 124 35.50 17.52 -62.98
C GLY A 124 35.47 17.79 -64.48
N PRO A 125 34.93 18.94 -64.93
CA PRO A 125 34.84 19.32 -66.35
C PRO A 125 36.14 19.78 -66.94
N VAL A 126 37.13 18.88 -66.97
CA VAL A 126 38.44 19.20 -67.52
C VAL A 126 38.52 18.96 -69.05
N TYR A 127 39.72 19.13 -69.59
CA TYR A 127 40.00 18.98 -71.02
C TYR A 127 38.92 18.40 -71.92
N GLY A 128 38.84 17.07 -71.93
CA GLY A 128 37.87 16.38 -72.77
C GLY A 128 36.44 16.88 -72.72
N PHE A 129 35.95 17.19 -71.54
CA PHE A 129 34.60 17.67 -71.39
C PHE A 129 34.41 19.03 -72.09
N GLN A 130 35.37 19.94 -71.89
CA GLN A 130 35.28 21.26 -72.53
C GLN A 130 35.38 21.11 -74.06
N TRP A 131 36.27 20.24 -74.52
CA TRP A 131 36.48 20.00 -75.95
C TRP A 131 35.23 19.54 -76.69
N ARG A 132 34.46 18.65 -76.07
CA ARG A 132 33.26 18.10 -76.71
C ARG A 132 31.93 18.63 -76.18
N HIS A 133 31.93 19.25 -75.00
CA HIS A 133 30.67 19.71 -74.41
C HIS A 133 30.76 21.07 -73.75
N PHE A 134 31.59 21.96 -74.30
CA PHE A 134 31.75 23.28 -73.70
C PHE A 134 30.42 23.96 -73.42
N GLY A 135 30.26 24.44 -72.19
CA GLY A 135 29.05 25.13 -71.83
C GLY A 135 27.99 24.26 -71.16
N ALA A 136 28.08 22.95 -71.34
CA ALA A 136 27.10 22.07 -70.72
C ALA A 136 27.28 22.08 -69.20
N GLU A 137 26.20 21.72 -68.50
CA GLU A 137 26.20 21.68 -67.04
C GLU A 137 26.86 20.37 -66.60
N TYR A 138 27.84 20.47 -65.71
CA TYR A 138 28.53 19.27 -65.25
C TYR A 138 27.93 18.77 -63.93
N THR A 139 27.65 17.48 -63.87
CA THR A 139 27.14 16.91 -62.62
C THR A 139 28.29 16.11 -62.03
N ASP A 140 28.59 14.95 -62.62
CA ASP A 140 29.72 14.12 -62.19
C ASP A 140 30.28 13.46 -63.45
N ALA A 141 31.29 12.57 -63.35
CA ALA A 141 31.85 11.95 -64.55
C ALA A 141 30.96 10.93 -65.24
N ASP A 142 29.88 10.53 -64.57
CA ASP A 142 28.95 9.56 -65.14
C ASP A 142 27.78 10.24 -65.86
N GLY A 143 27.72 11.56 -65.77
CA GLY A 143 26.63 12.29 -66.39
C GLY A 143 26.47 12.03 -67.88
N ASP A 144 25.26 12.20 -68.37
CA ASP A 144 24.97 12.00 -69.78
C ASP A 144 25.08 13.35 -70.50
N TYR A 145 26.17 13.54 -71.22
CA TYR A 145 26.41 14.81 -71.92
C TYR A 145 26.28 14.71 -73.44
N LYS A 146 25.90 13.54 -73.93
CA LYS A 146 25.77 13.36 -75.35
C LYS A 146 24.84 14.40 -75.97
N GLY A 147 25.31 15.11 -76.98
CA GLY A 147 24.50 16.12 -77.63
C GLY A 147 24.36 17.41 -76.84
N LYS A 148 25.07 17.53 -75.72
CA LYS A 148 25.00 18.74 -74.91
C LYS A 148 26.30 19.55 -74.97
N GLY A 149 26.16 20.88 -74.94
CA GLY A 149 27.32 21.75 -75.00
C GLY A 149 27.84 21.87 -76.42
N VAL A 150 28.91 22.64 -76.61
CA VAL A 150 29.50 22.81 -77.94
C VAL A 150 30.60 21.80 -78.22
N ASP A 151 30.45 21.06 -79.32
CA ASP A 151 31.44 20.09 -79.70
C ASP A 151 32.48 20.81 -80.57
N GLN A 152 33.46 21.41 -79.92
CA GLN A 152 34.52 22.13 -80.61
C GLN A 152 35.33 21.26 -81.54
N LEU A 153 35.66 20.05 -81.09
CA LEU A 153 36.47 19.14 -81.90
C LEU A 153 35.84 18.79 -83.24
N GLN A 154 34.58 18.37 -83.24
CA GLN A 154 33.92 18.01 -84.50
C GLN A 154 33.77 19.25 -85.39
N ARG A 155 33.54 20.42 -84.79
CA ARG A 155 33.42 21.66 -85.55
C ARG A 155 34.75 21.94 -86.24
N VAL A 156 35.87 21.69 -85.55
CA VAL A 156 37.19 21.87 -86.15
C VAL A 156 37.32 20.97 -87.39
N ILE A 157 36.94 19.70 -87.24
CA ILE A 157 37.00 18.74 -88.33
C ILE A 157 36.19 19.20 -89.54
N ASP A 158 34.92 19.55 -89.29
CA ASP A 158 34.01 20.00 -90.32
C ASP A 158 34.53 21.25 -91.03
N THR A 159 35.09 22.17 -90.25
CA THR A 159 35.62 23.43 -90.80
C THR A 159 36.84 23.23 -91.68
N ILE A 160 37.75 22.36 -91.26
CA ILE A 160 38.93 22.06 -92.05
C ILE A 160 38.54 21.45 -93.40
N LYS A 161 37.52 20.60 -93.38
CA LYS A 161 37.06 19.95 -94.60
C LYS A 161 36.24 20.85 -95.54
N ASN A 162 35.37 21.68 -94.98
CA ASN A 162 34.47 22.50 -95.80
C ASN A 162 34.77 23.98 -95.91
N ASN A 163 35.59 24.50 -95.01
CA ASN A 163 35.93 25.92 -95.06
C ASN A 163 37.30 26.13 -94.41
N PRO A 164 38.34 25.52 -95.00
CA PRO A 164 39.73 25.58 -94.53
C PRO A 164 40.35 26.95 -94.26
N THR A 165 39.92 27.98 -94.99
CA THR A 165 40.50 29.30 -94.77
C THR A 165 39.85 30.05 -93.60
N ASP A 166 38.90 29.41 -92.94
CA ASP A 166 38.25 30.01 -91.78
C ASP A 166 39.36 30.35 -90.78
N ARG A 167 39.18 31.41 -90.02
CA ARG A 167 40.20 31.84 -89.08
C ARG A 167 39.81 31.58 -87.63
N ARG A 168 38.78 30.76 -87.42
CA ARG A 168 38.31 30.48 -86.06
C ARG A 168 38.40 28.99 -85.73
N ILE A 169 39.35 28.29 -86.34
CA ILE A 169 39.50 26.86 -86.11
C ILE A 169 40.20 26.69 -84.78
N ILE A 170 39.43 26.88 -83.71
CA ILE A 170 39.97 26.84 -82.35
C ILE A 170 39.43 25.67 -81.50
N LEU A 171 40.31 25.08 -80.69
CA LEU A 171 39.94 24.01 -79.79
C LEU A 171 40.45 24.49 -78.42
N SER A 172 39.52 24.78 -77.50
CA SER A 172 39.91 25.31 -76.20
C SER A 172 39.25 24.63 -75.02
N ALA A 173 40.01 24.46 -73.95
CA ALA A 173 39.48 23.85 -72.73
C ALA A 173 39.35 24.88 -71.63
N TRP A 174 39.81 26.11 -71.88
CA TRP A 174 39.72 27.15 -70.87
C TRP A 174 38.27 27.59 -70.65
N ASN A 175 37.77 27.49 -69.41
CA ASN A 175 36.40 27.89 -69.11
C ASN A 175 36.41 28.50 -67.72
N PRO A 176 36.52 29.84 -67.66
CA PRO A 176 36.55 30.58 -66.38
C PRO A 176 35.42 30.19 -65.41
N LYS A 177 34.24 29.87 -65.94
CA LYS A 177 33.12 29.52 -65.09
C LYS A 177 33.30 28.16 -64.44
N ASP A 178 33.81 27.19 -65.21
CA ASP A 178 33.99 25.82 -64.70
C ASP A 178 35.29 25.56 -63.91
N LEU A 179 36.24 26.49 -63.99
CA LEU A 179 37.53 26.32 -63.30
C LEU A 179 37.46 25.78 -61.88
N PRO A 180 36.67 26.40 -61.00
CA PRO A 180 36.60 25.87 -59.63
C PRO A 180 36.12 24.42 -59.51
N LEU A 181 35.47 23.91 -60.55
CA LEU A 181 34.99 22.54 -60.52
C LEU A 181 36.05 21.54 -60.98
N MET A 182 37.16 22.08 -61.49
CA MET A 182 38.25 21.30 -62.01
C MET A 182 39.31 20.98 -60.96
N ALA A 183 39.75 19.74 -60.94
CA ALA A 183 40.80 19.33 -59.98
C ALA A 183 42.04 20.17 -60.28
N LEU A 184 42.22 20.52 -61.55
CA LEU A 184 43.35 21.33 -61.98
C LEU A 184 42.94 22.11 -63.23
N PRO A 185 43.29 23.41 -63.31
CA PRO A 185 42.91 24.17 -64.51
C PRO A 185 43.74 23.69 -65.71
N PRO A 186 43.18 23.81 -66.92
CA PRO A 186 43.88 23.38 -68.14
C PRO A 186 45.28 24.01 -68.30
N CYS A 187 46.29 23.21 -68.60
CA CYS A 187 47.64 23.72 -68.82
C CYS A 187 47.70 24.08 -70.31
N HIS A 188 47.36 23.13 -71.17
CA HIS A 188 47.32 23.42 -72.60
C HIS A 188 45.90 23.94 -72.74
N MET A 189 45.76 25.26 -72.68
CA MET A 189 44.45 25.86 -72.70
C MET A 189 43.74 26.01 -74.01
N PHE A 190 44.49 25.91 -75.11
CA PHE A 190 43.84 25.97 -76.41
C PHE A 190 44.84 25.85 -77.55
N CYS A 191 44.33 25.56 -78.73
CA CYS A 191 45.17 25.45 -79.90
C CYS A 191 44.38 25.96 -81.10
N GLN A 192 45.11 26.30 -82.15
CA GLN A 192 44.50 26.80 -83.37
C GLN A 192 45.07 26.00 -84.55
N PHE A 193 44.21 25.59 -85.47
CA PHE A 193 44.64 24.86 -86.64
C PHE A 193 44.62 25.80 -87.84
N PHE A 194 45.50 25.53 -88.79
CA PHE A 194 45.63 26.33 -90.00
C PHE A 194 45.80 25.38 -91.16
N VAL A 195 45.13 25.69 -92.27
CA VAL A 195 45.20 24.84 -93.46
C VAL A 195 45.73 25.63 -94.64
N SER A 196 46.84 25.16 -95.22
CA SER A 196 47.42 25.80 -96.40
C SER A 196 46.80 25.11 -97.60
N LEU A 197 46.29 25.91 -98.53
CA LEU A 197 45.66 25.38 -99.73
C LEU A 197 46.72 24.83 -100.68
N PRO A 198 46.34 23.87 -101.54
CA PRO A 198 47.26 23.26 -102.50
C PRO A 198 47.85 24.33 -103.44
N PRO A 199 49.18 24.31 -103.65
CA PRO A 199 49.84 25.28 -104.53
C PRO A 199 49.30 25.19 -105.96
N ALA A 200 49.52 26.22 -106.76
CA ALA A 200 49.06 26.23 -108.15
C ALA A 200 49.70 25.10 -108.97
N ASP A 201 51.01 24.94 -108.84
CA ASP A 201 51.76 23.92 -109.56
C ASP A 201 51.37 22.47 -109.22
N SER A 202 50.18 22.27 -108.66
CA SER A 202 49.67 20.94 -108.30
C SER A 202 48.46 21.02 -107.39
N PRO A 203 47.29 21.35 -107.94
CA PRO A 203 46.07 21.46 -107.15
C PRO A 203 45.54 20.11 -106.65
N GLY A 204 46.21 19.03 -107.05
CA GLY A 204 45.77 17.72 -106.63
C GLY A 204 46.30 17.36 -105.26
N SER A 205 47.36 18.04 -104.83
CA SER A 205 47.98 17.76 -103.54
C SER A 205 47.01 17.98 -102.38
N LYS A 206 47.32 17.35 -101.26
CA LYS A 206 46.48 17.50 -100.07
C LYS A 206 46.83 18.81 -99.35
N PRO A 207 45.82 19.52 -98.81
CA PRO A 207 46.10 20.76 -98.10
C PRO A 207 47.00 20.42 -96.90
N LYS A 208 47.80 21.38 -96.46
CA LYS A 208 48.68 21.12 -95.33
C LYS A 208 48.07 21.64 -94.02
N LEU A 209 48.11 20.80 -92.99
CA LEU A 209 47.54 21.13 -91.69
C LEU A 209 48.58 21.45 -90.64
N SER A 210 48.44 22.60 -89.99
CA SER A 210 49.35 23.01 -88.93
C SER A 210 48.55 23.27 -87.65
N CYS A 211 49.24 23.24 -86.53
CA CYS A 211 48.60 23.43 -85.24
C CYS A 211 49.50 24.24 -84.29
N LEU A 212 48.93 25.25 -83.68
CA LEU A 212 49.66 26.06 -82.70
C LEU A 212 48.92 25.87 -81.38
N MET A 213 49.65 25.46 -80.34
CA MET A 213 49.04 25.27 -79.03
C MET A 213 49.71 26.19 -78.04
N TYR A 214 48.92 26.76 -77.13
CA TYR A 214 49.45 27.65 -76.12
C TYR A 214 49.27 27.00 -74.75
N GLN A 215 50.37 26.87 -74.01
CA GLN A 215 50.38 26.25 -72.69
C GLN A 215 50.74 27.29 -71.64
N ARG A 216 49.80 27.61 -70.76
CA ARG A 216 50.01 28.61 -69.71
C ARG A 216 51.09 28.23 -68.67
N SER A 217 51.23 26.94 -68.41
CA SER A 217 52.14 26.47 -67.36
C SER A 217 52.76 25.22 -67.90
N CYS A 218 54.09 25.18 -67.93
CA CYS A 218 54.80 24.07 -68.50
C CYS A 218 55.87 23.43 -67.62
N ASP A 219 55.61 22.19 -67.21
CA ASP A 219 56.57 21.41 -66.41
C ASP A 219 57.45 20.78 -67.48
N LEU A 220 58.62 21.37 -67.72
CA LEU A 220 59.48 20.87 -68.80
C LEU A 220 59.97 19.45 -68.62
N GLY A 221 60.25 19.08 -67.37
CA GLY A 221 60.70 17.73 -67.14
C GLY A 221 59.65 16.67 -67.48
N LEU A 222 58.47 16.79 -66.88
CA LEU A 222 57.42 15.79 -67.06
C LEU A 222 56.29 16.07 -68.05
N GLY A 223 55.76 17.28 -68.00
CA GLY A 223 54.63 17.62 -68.87
C GLY A 223 54.94 17.85 -70.33
N VAL A 224 55.82 18.80 -70.62
CA VAL A 224 56.15 19.15 -72.02
C VAL A 224 56.39 17.97 -72.95
N PRO A 225 57.14 16.94 -72.50
CA PRO A 225 57.35 15.81 -73.40
C PRO A 225 56.02 15.18 -73.83
N PHE A 226 55.05 15.14 -72.92
CA PHE A 226 53.74 14.55 -73.23
C PHE A 226 52.96 15.54 -74.13
N ASN A 227 52.97 16.81 -73.73
CA ASN A 227 52.22 17.82 -74.48
C ASN A 227 52.64 17.87 -75.94
N ILE A 228 53.94 17.81 -76.19
CA ILE A 228 54.45 17.86 -77.54
C ILE A 228 53.95 16.69 -78.39
N ALA A 229 54.11 15.47 -77.87
CA ALA A 229 53.68 14.29 -78.58
C ALA A 229 52.16 14.24 -78.73
N SER A 230 51.44 14.65 -77.68
CA SER A 230 49.99 14.64 -77.69
C SER A 230 49.39 15.51 -78.82
N TYR A 231 49.75 16.78 -78.87
CA TYR A 231 49.23 17.66 -79.91
C TYR A 231 49.75 17.27 -81.30
N ALA A 232 50.94 16.68 -81.37
CA ALA A 232 51.45 16.23 -82.67
C ALA A 232 50.55 15.08 -83.12
N LEU A 233 50.23 14.16 -82.20
CA LEU A 233 49.38 13.05 -82.54
C LEU A 233 47.95 13.53 -82.90
N LEU A 234 47.44 14.51 -82.16
CA LEU A 234 46.10 15.03 -82.44
C LEU A 234 46.05 15.59 -83.87
N THR A 235 47.10 16.29 -84.26
CA THR A 235 47.16 16.84 -85.61
C THR A 235 47.19 15.72 -86.66
N HIS A 236 47.93 14.66 -86.39
CA HIS A 236 48.01 13.52 -87.32
C HIS A 236 46.61 12.89 -87.43
N MET A 237 45.93 12.76 -86.30
CA MET A 237 44.57 12.17 -86.29
C MET A 237 43.62 13.01 -87.13
N ILE A 238 43.59 14.30 -86.83
CA ILE A 238 42.69 15.20 -87.56
C ILE A 238 43.02 15.18 -89.04
N ALA A 239 44.31 15.12 -89.37
CA ALA A 239 44.74 15.12 -90.77
C ALA A 239 44.17 13.92 -91.50
N LEU A 240 44.11 12.78 -90.84
CA LEU A 240 43.59 11.57 -91.45
C LEU A 240 42.10 11.70 -91.76
N ILE A 241 41.34 12.20 -90.80
CA ILE A 241 39.90 12.35 -90.95
C ILE A 241 39.50 13.45 -91.93
N THR A 242 40.36 14.46 -92.10
CA THR A 242 40.04 15.57 -92.98
C THR A 242 40.73 15.54 -94.33
N ASP A 243 41.46 14.46 -94.61
CA ASP A 243 42.16 14.33 -95.88
C ASP A 243 43.19 15.43 -96.07
N THR A 244 43.85 15.82 -94.99
CA THR A 244 44.89 16.83 -95.08
C THR A 244 46.24 16.19 -94.71
N GLU A 245 47.33 16.91 -94.96
CA GLU A 245 48.66 16.40 -94.69
C GLU A 245 49.28 17.16 -93.52
N PRO A 246 49.63 16.46 -92.45
CA PRO A 246 50.22 17.15 -91.29
C PRO A 246 51.46 17.92 -91.74
N HIS A 247 51.60 19.14 -91.27
CA HIS A 247 52.73 19.96 -91.68
C HIS A 247 53.62 20.45 -90.54
N GLU A 248 53.06 21.22 -89.62
CA GLU A 248 53.88 21.77 -88.54
C GLU A 248 53.10 21.89 -87.22
N PHE A 249 53.83 21.77 -86.12
CA PHE A 249 53.22 21.93 -84.80
C PHE A 249 54.04 22.98 -84.07
N ILE A 250 53.37 24.01 -83.57
CA ILE A 250 54.03 25.08 -82.86
C ILE A 250 53.53 25.11 -81.41
N LEU A 251 54.46 25.26 -80.48
CA LEU A 251 54.10 25.29 -79.07
C LEU A 251 54.63 26.54 -78.38
N GLN A 252 53.71 27.41 -77.95
CA GLN A 252 54.07 28.63 -77.26
C GLN A 252 53.80 28.43 -75.78
N MET A 253 54.78 28.76 -74.97
CA MET A 253 54.67 28.58 -73.52
C MET A 253 54.52 29.88 -72.77
N GLY A 254 53.84 29.80 -71.63
CA GLY A 254 53.67 30.97 -70.78
C GLY A 254 54.69 30.81 -69.68
N ASP A 255 54.26 30.26 -68.54
CA ASP A 255 55.18 30.04 -67.41
C ASP A 255 55.92 28.73 -67.69
N ALA A 256 57.15 28.86 -68.19
CA ALA A 256 57.98 27.71 -68.53
C ALA A 256 58.90 27.46 -67.35
N HIS A 257 58.75 26.31 -66.70
CA HIS A 257 59.55 26.05 -65.50
C HIS A 257 60.12 24.65 -65.34
N VAL A 258 61.14 24.54 -64.50
CA VAL A 258 61.79 23.27 -64.21
C VAL A 258 61.67 23.13 -62.70
N TYR A 259 61.02 22.07 -62.21
CA TYR A 259 60.91 21.88 -60.77
C TYR A 259 62.27 21.67 -60.13
N ARG A 260 62.41 22.13 -58.89
CA ARG A 260 63.66 22.01 -58.14
C ARG A 260 64.20 20.58 -58.11
N ASP A 261 63.30 19.62 -57.88
CA ASP A 261 63.74 18.22 -57.82
C ASP A 261 63.93 17.57 -59.20
N HIS A 262 63.88 18.37 -60.26
CA HIS A 262 64.08 17.84 -61.61
C HIS A 262 65.41 18.28 -62.19
N VAL A 263 66.01 19.30 -61.57
CA VAL A 263 67.28 19.87 -62.06
C VAL A 263 68.37 18.82 -62.27
N GLU A 264 68.69 18.06 -61.22
CA GLU A 264 69.73 17.04 -61.37
C GLU A 264 69.38 15.96 -62.38
N PRO A 265 68.15 15.42 -62.34
CA PRO A 265 67.82 14.38 -63.32
C PRO A 265 67.93 14.90 -64.77
N LEU A 266 67.56 16.15 -64.98
CA LEU A 266 67.59 16.73 -66.32
C LEU A 266 69.02 16.95 -66.80
N LYS A 267 69.93 17.25 -65.88
CA LYS A 267 71.33 17.45 -66.27
C LYS A 267 71.85 16.20 -66.94
N THR A 268 71.39 15.04 -66.46
CA THR A 268 71.80 13.76 -67.05
C THR A 268 71.27 13.67 -68.48
N GLN A 269 70.02 14.08 -68.66
CA GLN A 269 69.40 14.04 -69.99
C GLN A 269 70.09 15.02 -70.96
N LEU A 270 70.51 16.18 -70.46
CA LEU A 270 71.15 17.19 -71.30
C LEU A 270 72.44 16.71 -71.96
N GLU A 271 73.04 15.66 -71.40
CA GLU A 271 74.30 15.12 -71.94
C GLU A 271 74.07 14.19 -73.12
N ARG A 272 72.82 13.83 -73.38
CA ARG A 272 72.51 12.91 -74.46
C ARG A 272 72.20 13.54 -75.80
N GLU A 273 72.68 12.89 -76.85
CA GLU A 273 72.46 13.34 -78.21
C GLU A 273 71.19 12.70 -78.76
N PRO A 274 70.26 13.51 -79.26
CA PRO A 274 68.99 13.03 -79.82
C PRO A 274 69.15 12.05 -80.98
N ARG A 275 68.18 11.14 -81.10
CA ARG A 275 68.17 10.18 -82.19
C ARG A 275 67.08 10.73 -83.12
N ASP A 276 67.12 10.35 -84.40
CA ASP A 276 66.09 10.83 -85.32
C ASP A 276 64.71 10.46 -84.79
N PHE A 277 63.75 11.37 -84.94
CA PHE A 277 62.39 11.14 -84.48
C PHE A 277 61.76 9.96 -85.21
N PRO A 278 60.86 9.23 -84.54
CA PRO A 278 60.18 8.08 -85.12
C PRO A 278 59.10 8.55 -86.10
N LYS A 279 58.48 7.60 -86.78
CA LYS A 279 57.41 7.93 -87.72
C LYS A 279 56.11 7.29 -87.29
N LEU A 280 55.00 7.91 -87.65
CA LEU A 280 53.69 7.38 -87.29
C LEU A 280 52.99 6.79 -88.50
N LYS A 281 52.44 5.60 -88.33
CA LYS A 281 51.68 4.92 -89.38
C LYS A 281 50.36 4.46 -88.75
N TRP A 282 49.33 4.26 -89.57
CA TRP A 282 48.03 3.84 -89.05
C TRP A 282 47.81 2.35 -89.33
N ALA A 283 47.30 1.64 -88.33
CA ALA A 283 47.05 0.21 -88.47
C ALA A 283 45.79 -0.05 -89.27
N ARG A 284 44.96 0.98 -89.43
CA ARG A 284 43.72 0.87 -90.20
C ARG A 284 43.56 2.04 -91.15
N SER A 285 42.60 1.94 -92.05
CA SER A 285 42.37 3.00 -93.01
C SER A 285 41.42 4.07 -92.47
N LYS A 286 41.36 5.19 -93.19
CA LYS A 286 40.47 6.27 -92.81
C LYS A 286 39.02 5.77 -92.70
N GLU A 287 38.61 4.99 -93.70
CA GLU A 287 37.26 4.43 -93.75
C GLU A 287 36.98 3.54 -92.56
N GLU A 288 37.93 2.70 -92.19
CA GLU A 288 37.73 1.81 -91.06
C GLU A 288 37.62 2.59 -89.77
N ILE A 289 38.52 3.57 -89.57
CA ILE A 289 38.48 4.40 -88.36
C ILE A 289 37.19 5.21 -88.36
N GLY A 290 36.80 5.69 -89.54
CA GLY A 290 35.55 6.44 -89.67
C GLY A 290 35.63 7.92 -89.36
N ASP A 291 35.69 8.27 -88.07
CA ASP A 291 35.76 9.67 -87.65
C ASP A 291 36.70 9.82 -86.46
N ILE A 292 36.77 11.03 -85.93
CA ILE A 292 37.66 11.34 -84.81
C ILE A 292 37.41 10.50 -83.56
N ASP A 293 36.23 9.91 -83.46
CA ASP A 293 35.87 9.11 -82.30
C ASP A 293 36.11 7.62 -82.52
N GLY A 294 36.62 7.26 -83.70
CA GLY A 294 36.85 5.87 -83.99
C GLY A 294 38.27 5.34 -83.77
N PHE A 295 39.19 6.16 -83.29
CA PHE A 295 40.57 5.71 -83.07
C PHE A 295 40.72 4.80 -81.85
N LYS A 296 41.69 3.89 -81.92
CA LYS A 296 42.01 2.96 -80.84
C LYS A 296 43.51 2.99 -80.63
N VAL A 297 43.95 2.67 -79.41
CA VAL A 297 45.37 2.70 -79.11
C VAL A 297 46.19 1.93 -80.13
N GLU A 298 45.73 0.73 -80.48
CA GLU A 298 46.41 -0.12 -81.44
C GLU A 298 46.48 0.43 -82.85
N ASP A 299 45.76 1.52 -83.13
CA ASP A 299 45.80 2.09 -84.47
C ASP A 299 47.11 2.83 -84.68
N PHE A 300 47.70 3.31 -83.59
CA PHE A 300 48.93 4.07 -83.65
C PHE A 300 50.18 3.20 -83.76
N VAL A 301 50.73 3.11 -84.97
CA VAL A 301 51.93 2.33 -85.19
C VAL A 301 53.16 3.23 -85.30
N VAL A 302 53.91 3.35 -84.21
CA VAL A 302 55.10 4.19 -84.17
C VAL A 302 56.34 3.36 -84.45
N GLU A 303 57.00 3.66 -85.56
CA GLU A 303 58.19 2.89 -85.92
C GLU A 303 59.46 3.72 -85.88
N GLY A 304 60.57 3.07 -85.53
CA GLY A 304 61.86 3.73 -85.49
C GLY A 304 62.10 4.52 -84.22
N TYR A 305 61.34 4.26 -83.17
CA TYR A 305 61.56 5.01 -81.92
C TYR A 305 62.78 4.39 -81.22
N LYS A 306 63.84 5.18 -81.07
CA LYS A 306 65.08 4.70 -80.46
C LYS A 306 65.58 5.66 -79.40
N PRO A 307 64.90 5.68 -78.25
CA PRO A 307 65.27 6.57 -77.15
C PRO A 307 66.40 6.05 -76.24
N TRP A 308 66.94 6.96 -75.44
CA TRP A 308 67.94 6.59 -74.46
C TRP A 308 67.13 6.06 -73.27
N GLY A 309 67.80 5.77 -72.16
CA GLY A 309 67.13 5.25 -70.98
C GLY A 309 66.15 6.21 -70.33
N LYS A 310 65.27 5.67 -69.50
CA LYS A 310 64.28 6.47 -68.80
C LYS A 310 64.99 7.31 -67.75
N ILE A 311 64.36 8.42 -67.40
CA ILE A 311 64.90 9.31 -66.39
C ILE A 311 63.78 9.54 -65.37
N ASP A 312 64.02 9.10 -64.16
CA ASP A 312 63.02 9.23 -63.09
C ASP A 312 62.85 10.65 -62.59
N MET A 313 61.61 11.12 -62.57
CA MET A 313 61.30 12.45 -62.06
C MET A 313 59.97 12.37 -61.35
N LYS A 314 59.94 12.92 -60.13
CA LYS A 314 58.72 12.91 -59.34
C LYS A 314 57.80 14.06 -59.74
N MET A 315 56.49 13.77 -59.81
CA MET A 315 55.52 14.80 -60.15
C MET A 315 55.04 15.48 -58.88
N SER A 316 54.97 16.82 -58.91
CA SER A 316 54.51 17.55 -57.74
C SER A 316 53.02 17.80 -57.91
N ALA A 317 52.23 17.25 -56.97
CA ALA A 317 50.77 17.37 -57.00
C ALA A 317 50.29 18.77 -56.70
N ARG B 13 69.64 50.91 -91.69
CA ARG B 13 68.79 51.29 -90.52
C ARG B 13 69.59 52.02 -89.46
N SER B 14 69.32 53.31 -89.32
CA SER B 14 69.99 54.11 -88.30
C SER B 14 69.96 53.36 -86.96
N ASN B 15 68.81 52.80 -86.61
CA ASN B 15 68.70 52.04 -85.37
C ASN B 15 68.00 50.71 -85.65
N PRO B 16 68.77 49.70 -86.06
CA PRO B 16 68.32 48.36 -86.40
C PRO B 16 67.63 47.62 -85.25
N ASP B 17 67.87 48.05 -84.01
CA ASP B 17 67.24 47.38 -82.88
C ASP B 17 65.89 47.96 -82.48
N HIS B 18 65.41 48.95 -83.22
CA HIS B 18 64.10 49.53 -82.88
C HIS B 18 63.03 48.44 -82.98
N GLU B 19 62.27 48.26 -81.91
CA GLU B 19 61.24 47.23 -81.87
C GLU B 19 60.21 47.28 -82.98
N GLU B 20 59.98 48.47 -83.55
CA GLU B 20 58.99 48.61 -84.60
C GLU B 20 59.38 47.84 -85.87
N TYR B 21 60.67 47.55 -86.03
CA TYR B 21 61.10 46.78 -87.21
C TYR B 21 60.49 45.38 -87.21
N GLN B 22 60.10 44.88 -86.03
CA GLN B 22 59.46 43.55 -85.95
C GLN B 22 58.19 43.58 -86.78
N TYR B 23 57.42 44.65 -86.58
CA TYR B 23 56.17 44.85 -87.29
C TYR B 23 56.40 45.06 -88.78
N LEU B 24 57.33 45.96 -89.12
CA LEU B 24 57.62 46.25 -90.54
C LEU B 24 58.18 45.04 -91.26
N ASP B 25 59.10 44.32 -90.61
CA ASP B 25 59.70 43.13 -91.22
C ASP B 25 58.66 42.03 -91.48
N LEU B 26 57.74 41.83 -90.55
CA LEU B 26 56.72 40.78 -90.74
C LEU B 26 55.82 41.09 -91.93
N ILE B 27 55.45 42.36 -92.07
CA ILE B 27 54.61 42.78 -93.20
C ILE B 27 55.36 42.52 -94.51
N ARG B 28 56.64 42.88 -94.53
CA ARG B 28 57.45 42.68 -95.73
C ARG B 28 57.51 41.19 -96.07
N ARG B 29 57.70 40.36 -95.03
CA ARG B 29 57.76 38.93 -95.23
C ARG B 29 56.43 38.37 -95.76
N ILE B 30 55.32 38.79 -95.17
CA ILE B 30 54.02 38.31 -95.61
C ILE B 30 53.76 38.68 -97.07
N ILE B 31 54.09 39.91 -97.43
CA ILE B 31 53.90 40.34 -98.81
C ILE B 31 54.78 39.51 -99.73
N ASN B 32 56.03 39.28 -99.32
CA ASN B 32 56.99 38.51 -100.12
C ASN B 32 56.72 37.01 -100.27
N VAL B 33 56.59 36.30 -99.15
CA VAL B 33 56.36 34.86 -99.21
C VAL B 33 55.03 34.37 -98.63
N GLY B 34 54.15 35.29 -98.27
CA GLY B 34 52.85 34.90 -97.75
C GLY B 34 52.02 34.17 -98.79
N GLU B 35 51.05 33.40 -98.32
CA GLU B 35 50.15 32.65 -99.21
C GLU B 35 48.86 33.44 -99.52
N VAL B 36 48.53 33.57 -100.80
CA VAL B 36 47.32 34.28 -101.23
C VAL B 36 46.11 33.42 -100.88
N ARG B 37 45.18 33.97 -100.12
CA ARG B 37 44.02 33.19 -99.70
C ARG B 37 42.70 33.94 -99.72
N PRO B 38 41.60 33.21 -99.88
CA PRO B 38 40.25 33.77 -99.88
C PRO B 38 39.96 33.95 -98.38
N ASP B 39 38.94 34.72 -98.03
CA ASP B 39 38.61 34.91 -96.63
C ASP B 39 37.16 35.30 -96.47
N ARG B 40 36.72 35.33 -95.21
CA ARG B 40 35.35 35.67 -94.87
C ARG B 40 34.85 36.98 -95.49
N THR B 41 35.69 38.02 -95.48
CA THR B 41 35.28 39.33 -95.98
C THR B 41 35.09 39.41 -97.49
N GLY B 42 35.80 38.54 -98.21
CA GLY B 42 35.69 38.56 -99.67
C GLY B 42 36.76 39.41 -100.35
N THR B 43 37.54 40.17 -99.59
CA THR B 43 38.57 40.98 -100.24
C THR B 43 39.84 40.17 -100.53
N GLY B 44 40.10 39.14 -99.73
CA GLY B 44 41.29 38.34 -99.95
C GLY B 44 42.49 38.82 -99.15
N THR B 45 43.40 37.93 -98.83
CA THR B 45 44.59 38.32 -98.08
C THR B 45 45.81 37.52 -98.49
N VAL B 46 46.95 37.88 -97.95
CA VAL B 46 48.19 37.14 -98.15
C VAL B 46 48.52 36.83 -96.68
N ALA B 47 48.85 35.57 -96.37
CA ALA B 47 49.09 35.24 -94.96
C ALA B 47 50.15 34.21 -94.64
N LEU B 48 50.56 34.21 -93.36
CA LEU B 48 51.53 33.28 -92.80
C LEU B 48 50.95 32.83 -91.44
N PHE B 49 51.15 31.57 -91.07
CA PHE B 49 50.61 31.08 -89.81
C PHE B 49 51.68 30.99 -88.74
N ALA B 50 51.34 31.43 -87.54
CA ALA B 50 52.23 31.35 -86.38
C ALA B 50 53.65 31.85 -86.58
N PRO B 51 53.81 33.11 -87.02
CA PRO B 51 55.17 33.61 -87.21
C PRO B 51 55.77 33.90 -85.83
N PRO B 52 57.08 34.13 -85.77
CA PRO B 52 57.70 34.43 -84.47
C PRO B 52 56.95 35.56 -83.76
N SER B 53 56.82 35.45 -82.45
CA SER B 53 56.10 36.44 -81.68
C SER B 53 56.82 37.78 -81.59
N PHE B 54 56.07 38.85 -81.29
CA PHE B 54 56.65 40.19 -81.13
C PHE B 54 56.91 40.41 -79.64
N ARG B 55 57.96 41.16 -79.33
CA ARG B 55 58.29 41.46 -77.94
C ARG B 55 58.53 42.95 -77.86
N PHE B 56 57.87 43.60 -76.90
CA PHE B 56 58.03 45.04 -76.72
C PHE B 56 58.32 45.35 -75.27
N SER B 57 59.36 46.14 -75.04
CA SER B 57 59.70 46.54 -73.68
C SER B 57 58.76 47.63 -73.19
N LEU B 58 58.26 47.49 -71.97
CA LEU B 58 57.37 48.49 -71.38
C LEU B 58 58.09 49.22 -70.24
N ALA B 59 59.39 49.01 -70.13
CA ALA B 59 60.19 49.66 -69.09
C ALA B 59 60.32 51.15 -69.37
N ASP B 60 60.66 51.91 -68.33
CA ASP B 60 60.83 53.35 -68.44
C ASP B 60 59.61 54.04 -69.04
N ASN B 61 58.42 53.60 -68.62
CA ASN B 61 57.16 54.17 -69.10
C ASN B 61 56.99 54.15 -70.61
N THR B 62 57.65 53.21 -71.29
CA THR B 62 57.54 53.15 -72.74
C THR B 62 56.22 52.58 -73.25
N LEU B 63 55.68 53.22 -74.29
CA LEU B 63 54.44 52.78 -74.91
C LEU B 63 54.71 52.48 -76.39
N PRO B 64 54.61 51.20 -76.78
CA PRO B 64 54.87 50.82 -78.17
C PRO B 64 53.77 51.25 -79.13
N LEU B 65 53.64 52.56 -79.32
CA LEU B 65 52.63 53.12 -80.23
C LEU B 65 53.39 53.35 -81.54
N LEU B 66 53.07 52.59 -82.58
CA LEU B 66 53.77 52.68 -83.85
C LEU B 66 53.95 54.12 -84.36
N THR B 67 55.12 54.39 -84.92
CA THR B 67 55.47 55.70 -85.43
C THR B 67 55.59 55.81 -86.94
N THR B 68 55.60 54.68 -87.64
CA THR B 68 55.71 54.74 -89.09
C THR B 68 54.41 55.19 -89.76
N LYS B 69 53.40 55.43 -88.95
CA LYS B 69 52.12 55.98 -89.41
C LYS B 69 51.43 56.56 -88.17
N ARG B 70 50.56 57.54 -88.38
CA ARG B 70 49.85 58.12 -87.25
C ARG B 70 48.78 57.14 -86.78
N VAL B 71 48.85 56.75 -85.52
CA VAL B 71 47.87 55.83 -84.96
C VAL B 71 46.84 56.59 -84.14
N PHE B 72 45.56 56.26 -84.32
CA PHE B 72 44.48 56.94 -83.61
C PHE B 72 44.52 56.56 -82.12
N LEU B 73 45.46 57.16 -81.39
CA LEU B 73 45.63 56.88 -79.96
C LEU B 73 44.35 56.96 -79.14
N ARG B 74 43.61 58.05 -79.28
CA ARG B 74 42.38 58.22 -78.54
C ARG B 74 41.40 57.06 -78.80
N GLY B 75 41.40 56.56 -80.02
CA GLY B 75 40.53 55.46 -80.36
C GLY B 75 40.95 54.19 -79.62
N VAL B 76 42.26 53.97 -79.49
CA VAL B 76 42.77 52.81 -78.77
C VAL B 76 42.35 52.91 -77.30
N ILE B 77 42.62 54.06 -76.67
CA ILE B 77 42.28 54.26 -75.27
C ILE B 77 40.78 54.11 -75.03
N ALA B 78 39.97 54.76 -75.87
CA ALA B 78 38.54 54.67 -75.72
C ALA B 78 38.04 53.21 -75.80
N GLU B 79 38.53 52.47 -76.79
CA GLU B 79 38.10 51.09 -76.96
C GLU B 79 38.51 50.25 -75.72
N LEU B 80 39.71 50.52 -75.20
CA LEU B 80 40.21 49.78 -74.05
C LEU B 80 39.37 50.01 -72.80
N LEU B 81 39.04 51.27 -72.53
CA LEU B 81 38.26 51.58 -71.32
C LEU B 81 36.86 51.01 -71.50
N TRP B 82 36.46 50.88 -72.75
CA TRP B 82 35.17 50.36 -73.10
C TRP B 82 35.18 48.86 -72.73
N PHE B 83 36.25 48.15 -73.12
CA PHE B 83 36.40 46.72 -72.80
C PHE B 83 36.32 46.55 -71.30
N VAL B 84 37.17 47.31 -70.59
CA VAL B 84 37.22 47.25 -69.13
C VAL B 84 35.86 47.42 -68.49
N SER B 85 35.07 48.38 -68.99
CA SER B 85 33.74 48.64 -68.44
C SER B 85 32.78 47.48 -68.65
N GLY B 86 33.14 46.53 -69.52
CA GLY B 86 32.27 45.40 -69.77
C GLY B 86 31.14 45.72 -70.74
N CYS B 87 31.15 46.95 -71.27
CA CYS B 87 30.13 47.41 -72.20
C CYS B 87 30.30 46.76 -73.58
N THR B 88 29.19 46.49 -74.27
CA THR B 88 29.24 45.89 -75.60
C THR B 88 28.44 46.71 -76.61
N ASP B 89 28.11 47.94 -76.24
CA ASP B 89 27.36 48.82 -77.15
C ASP B 89 28.34 49.74 -77.88
N ALA B 90 28.49 49.52 -79.18
CA ALA B 90 29.38 50.33 -80.00
C ALA B 90 29.03 51.83 -80.02
N LYS B 91 27.77 52.16 -79.73
CA LYS B 91 27.36 53.55 -79.72
C LYS B 91 28.12 54.32 -78.63
N MET B 92 28.62 53.61 -77.62
CA MET B 92 29.37 54.27 -76.55
C MET B 92 30.72 54.74 -77.08
N LEU B 93 31.15 54.19 -78.22
CA LEU B 93 32.41 54.60 -78.83
C LEU B 93 32.13 55.66 -79.90
N SER B 94 31.12 55.44 -80.74
CA SER B 94 30.81 56.40 -81.79
C SER B 94 30.32 57.74 -81.21
N SER B 95 29.70 57.71 -80.04
CA SER B 95 29.22 58.93 -79.42
C SER B 95 30.39 59.80 -78.99
N GLN B 96 31.55 59.19 -78.78
CA GLN B 96 32.74 59.95 -78.40
C GLN B 96 33.72 60.08 -79.58
N GLY B 97 33.19 59.95 -80.78
CA GLY B 97 34.02 60.08 -81.98
C GLY B 97 34.94 58.94 -82.38
N VAL B 98 34.60 57.71 -81.95
CA VAL B 98 35.43 56.55 -82.28
C VAL B 98 34.54 55.57 -83.01
N GLY B 99 34.77 55.39 -84.32
CA GLY B 99 33.90 54.51 -85.07
C GLY B 99 34.47 53.19 -85.52
N ILE B 100 35.55 52.72 -84.87
CA ILE B 100 36.18 51.47 -85.26
C ILE B 100 35.27 50.26 -85.25
N TRP B 101 34.22 50.31 -84.43
CA TRP B 101 33.26 49.20 -84.37
C TRP B 101 31.94 49.49 -85.09
N ASP B 102 31.87 50.63 -85.78
CA ASP B 102 30.64 50.98 -86.50
C ASP B 102 30.36 49.99 -87.62
N GLY B 103 31.41 49.50 -88.26
CA GLY B 103 31.25 48.57 -89.36
C GLY B 103 30.61 47.24 -88.99
N ASN B 104 31.04 46.63 -87.88
CA ASN B 104 30.46 45.34 -87.48
C ASN B 104 29.23 45.53 -86.57
N GLY B 105 28.94 46.77 -86.22
CA GLY B 105 27.79 47.03 -85.38
C GLY B 105 26.64 47.63 -86.16
N SER B 106 26.84 47.85 -87.45
CA SER B 106 25.80 48.42 -88.28
C SER B 106 24.61 47.49 -88.41
N LYS B 107 23.44 48.11 -88.58
CA LYS B 107 22.20 47.38 -88.75
C LYS B 107 22.37 46.43 -89.92
N GLU B 108 23.00 46.91 -91.00
CA GLU B 108 23.20 46.05 -92.16
C GLU B 108 24.05 44.80 -91.89
N PHE B 109 25.14 44.91 -91.14
CA PHE B 109 26.01 43.76 -90.85
C PHE B 109 25.32 42.78 -89.88
N LEU B 110 24.75 43.31 -88.81
CA LEU B 110 24.06 42.47 -87.82
C LEU B 110 22.99 41.57 -88.48
N GLU B 111 22.17 42.17 -89.33
CA GLU B 111 21.15 41.39 -90.02
C GLU B 111 21.80 40.36 -90.93
N LYS B 112 22.95 40.73 -91.49
CA LYS B 112 23.71 39.88 -92.37
C LYS B 112 24.19 38.59 -91.68
N VAL B 113 24.59 38.70 -90.42
CA VAL B 113 25.06 37.52 -89.67
C VAL B 113 23.97 36.88 -88.81
N GLY B 114 22.70 37.12 -89.15
CA GLY B 114 21.59 36.55 -88.41
C GLY B 114 21.27 37.18 -87.06
N LEU B 115 21.69 38.43 -86.84
CA LEU B 115 21.42 39.11 -85.58
C LEU B 115 20.52 40.34 -85.82
N GLY B 116 19.51 40.15 -86.66
CA GLY B 116 18.59 41.23 -87.02
C GLY B 116 17.70 41.70 -85.88
N HIS B 117 17.56 40.89 -84.84
CA HIS B 117 16.72 41.25 -83.69
C HIS B 117 17.43 42.24 -82.75
N ARG B 118 18.66 42.59 -83.04
CA ARG B 118 19.36 43.52 -82.19
C ARG B 118 19.32 44.94 -82.73
N ARG B 119 19.38 45.92 -81.83
CA ARG B 119 19.40 47.31 -82.28
C ARG B 119 20.83 47.58 -82.77
N GLU B 120 20.98 48.57 -83.64
CA GLU B 120 22.30 48.89 -84.18
C GLU B 120 23.29 49.18 -83.07
N GLY B 121 24.51 48.65 -83.19
CA GLY B 121 25.52 48.89 -82.17
C GLY B 121 25.61 47.80 -81.10
N ASP B 122 24.57 46.98 -80.98
CA ASP B 122 24.58 45.92 -79.96
C ASP B 122 25.34 44.73 -80.51
N LEU B 123 26.65 44.70 -80.25
CA LEU B 123 27.54 43.66 -80.73
C LEU B 123 27.34 42.27 -80.10
N GLY B 124 26.71 42.21 -78.94
CA GLY B 124 26.52 40.90 -78.32
C GLY B 124 27.51 40.74 -77.19
N PRO B 125 27.65 39.53 -76.63
CA PRO B 125 28.58 39.27 -75.53
C PRO B 125 30.06 39.19 -75.97
N VAL B 126 30.58 40.31 -76.49
CA VAL B 126 31.95 40.35 -76.95
C VAL B 126 32.92 40.71 -75.83
N TYR B 127 34.18 40.92 -76.21
CA TYR B 127 35.26 41.24 -75.29
C TYR B 127 34.93 41.64 -73.85
N GLY B 128 34.54 42.90 -73.67
CA GLY B 128 34.22 43.41 -72.35
C GLY B 128 33.28 42.56 -71.51
N PHE B 129 32.26 42.00 -72.13
CA PHE B 129 31.30 41.20 -71.41
C PHE B 129 31.94 39.92 -70.88
N GLN B 130 32.74 39.26 -71.72
CA GLN B 130 33.40 38.04 -71.31
C GLN B 130 34.43 38.33 -70.21
N TRP B 131 35.14 39.45 -70.36
CA TRP B 131 36.15 39.87 -69.40
C TRP B 131 35.62 40.07 -67.98
N ARG B 132 34.46 40.69 -67.87
CA ARG B 132 33.88 40.98 -66.56
C ARG B 132 32.69 40.12 -66.14
N HIS B 133 32.09 39.38 -67.07
CA HIS B 133 30.88 38.57 -66.77
C HIS B 133 30.85 37.21 -67.46
N PHE B 134 32.02 36.60 -67.67
CA PHE B 134 32.07 35.32 -68.36
C PHE B 134 31.11 34.29 -67.77
N GLY B 135 30.30 33.67 -68.63
CA GLY B 135 29.35 32.68 -68.15
C GLY B 135 27.95 33.21 -67.92
N ALA B 136 27.82 34.52 -67.70
CA ALA B 136 26.51 35.11 -67.48
C ALA B 136 25.66 34.99 -68.74
N GLU B 137 24.34 35.01 -68.57
CA GLU B 137 23.38 34.92 -69.66
C GLU B 137 23.25 36.30 -70.30
N TYR B 138 23.42 36.38 -71.61
CA TYR B 138 23.32 37.67 -72.31
C TYR B 138 21.93 37.90 -72.89
N THR B 139 21.35 39.06 -72.62
CA THR B 139 20.05 39.39 -73.19
C THR B 139 20.34 40.38 -74.30
N ASP B 140 20.65 41.61 -73.94
CA ASP B 140 20.99 42.67 -74.92
C ASP B 140 22.07 43.54 -74.25
N ALA B 141 22.50 44.65 -74.89
CA ALA B 141 23.53 45.48 -74.27
C ALA B 141 23.09 46.28 -73.06
N ASP B 142 21.78 46.38 -72.85
CA ASP B 142 21.23 47.13 -71.73
C ASP B 142 20.99 46.27 -70.49
N GLY B 143 21.20 44.97 -70.64
CA GLY B 143 21.00 44.05 -69.54
C GLY B 143 21.79 44.38 -68.29
N ASP B 144 21.28 43.95 -67.14
CA ASP B 144 21.93 44.21 -65.86
C ASP B 144 22.78 43.00 -65.52
N TYR B 145 24.09 43.15 -65.68
CA TYR B 145 25.02 42.06 -65.43
C TYR B 145 25.88 42.25 -64.19
N LYS B 146 25.66 43.33 -63.48
CA LYS B 146 26.43 43.61 -62.29
C LYS B 146 26.40 42.42 -61.32
N GLY B 147 27.59 41.95 -60.94
CA GLY B 147 27.68 40.82 -60.02
C GLY B 147 27.37 39.48 -60.66
N LYS B 148 27.20 39.44 -61.98
CA LYS B 148 26.88 38.18 -62.65
C LYS B 148 28.06 37.70 -63.50
N GLY B 149 28.26 36.38 -63.53
CA GLY B 149 29.34 35.79 -64.30
C GLY B 149 30.67 35.95 -63.60
N VAL B 150 31.74 35.49 -64.23
CA VAL B 150 33.07 35.58 -63.65
C VAL B 150 33.80 36.88 -64.03
N ASP B 151 34.22 37.65 -63.04
CA ASP B 151 34.96 38.87 -63.30
C ASP B 151 36.44 38.52 -63.40
N GLN B 152 36.88 38.12 -64.59
CA GLN B 152 38.26 37.72 -64.81
C GLN B 152 39.27 38.83 -64.55
N LEU B 153 38.90 40.04 -64.95
CA LEU B 153 39.81 41.17 -64.80
C LEU B 153 40.12 41.49 -63.34
N GLN B 154 39.10 41.57 -62.49
CA GLN B 154 39.35 41.85 -61.09
C GLN B 154 40.12 40.69 -60.46
N ARG B 155 39.84 39.47 -60.89
CA ARG B 155 40.54 38.31 -60.33
C ARG B 155 42.03 38.42 -60.65
N VAL B 156 42.33 38.89 -61.87
CA VAL B 156 43.71 39.07 -62.28
C VAL B 156 44.40 40.06 -61.35
N ILE B 157 43.72 41.17 -61.09
CA ILE B 157 44.26 42.23 -60.21
C ILE B 157 44.52 41.66 -58.80
N ASP B 158 43.52 40.98 -58.25
CA ASP B 158 43.63 40.40 -56.91
C ASP B 158 44.77 39.39 -56.82
N THR B 159 44.92 38.58 -57.86
CA THR B 159 45.95 37.55 -57.88
C THR B 159 47.38 38.13 -57.98
N ILE B 160 47.53 39.17 -58.79
CA ILE B 160 48.83 39.80 -58.96
C ILE B 160 49.28 40.39 -57.61
N LYS B 161 48.33 40.95 -56.88
CA LYS B 161 48.61 41.57 -55.59
C LYS B 161 48.81 40.58 -54.43
N ASN B 162 48.00 39.54 -54.38
CA ASN B 162 48.09 38.59 -53.26
C ASN B 162 48.74 37.24 -53.52
N ASN B 163 48.90 36.85 -54.77
CA ASN B 163 49.54 35.59 -55.08
C ASN B 163 50.14 35.65 -56.48
N PRO B 164 51.14 36.54 -56.67
CA PRO B 164 51.86 36.79 -57.94
C PRO B 164 52.44 35.61 -58.67
N THR B 165 52.90 34.59 -57.95
CA THR B 165 53.48 33.43 -58.61
C THR B 165 52.42 32.45 -59.15
N ASP B 166 51.16 32.77 -58.96
CA ASP B 166 50.08 31.93 -59.46
C ASP B 166 50.34 31.77 -60.98
N ARG B 167 49.95 30.63 -61.54
CA ARG B 167 50.16 30.38 -62.96
C ARG B 167 48.90 30.42 -63.79
N ARG B 168 47.82 30.94 -63.22
CA ARG B 168 46.52 30.99 -63.90
C ARG B 168 46.02 32.44 -64.06
N ILE B 169 46.93 33.40 -64.16
CA ILE B 169 46.53 34.79 -64.28
C ILE B 169 46.15 35.03 -65.73
N ILE B 170 44.94 34.58 -66.07
CA ILE B 170 44.45 34.63 -67.44
C ILE B 170 43.23 35.55 -67.62
N LEU B 171 43.19 36.23 -68.76
CA LEU B 171 42.09 37.12 -69.10
C LEU B 171 41.68 36.65 -70.50
N SER B 172 40.50 36.05 -70.61
CA SER B 172 40.07 35.53 -71.90
C SER B 172 38.66 35.94 -72.32
N ALA B 173 38.51 36.20 -73.62
CA ALA B 173 37.23 36.56 -74.16
C ALA B 173 36.64 35.43 -75.00
N TRP B 174 37.39 34.35 -75.18
CA TRP B 174 36.92 33.24 -75.99
C TRP B 174 35.87 32.43 -75.25
N ASN B 175 34.68 32.31 -75.87
CA ASN B 175 33.57 31.58 -75.27
C ASN B 175 32.81 30.86 -76.40
N PRO B 176 33.12 29.59 -76.62
CA PRO B 176 32.49 28.78 -77.66
C PRO B 176 30.98 28.79 -77.64
N LYS B 177 30.41 28.87 -76.44
CA LYS B 177 28.95 28.89 -76.33
C LYS B 177 28.33 30.21 -76.79
N ASP B 178 28.98 31.34 -76.48
CA ASP B 178 28.48 32.65 -76.87
C ASP B 178 28.83 33.14 -78.27
N LEU B 179 29.79 32.49 -78.91
CA LEU B 179 30.23 32.90 -80.25
C LEU B 179 29.16 33.29 -81.24
N PRO B 180 28.13 32.44 -81.42
CA PRO B 180 27.07 32.80 -82.38
C PRO B 180 26.29 34.06 -82.03
N LEU B 181 26.39 34.52 -80.79
CA LEU B 181 25.68 35.71 -80.37
C LEU B 181 26.53 36.95 -80.64
N MET B 182 27.79 36.73 -80.99
CA MET B 182 28.74 37.82 -81.24
C MET B 182 28.75 38.29 -82.68
N ALA B 183 28.77 39.61 -82.87
CA ALA B 183 28.80 40.17 -84.21
C ALA B 183 30.10 39.70 -84.86
N LEU B 184 31.13 39.50 -84.06
CA LEU B 184 32.43 39.04 -84.55
C LEU B 184 33.11 38.30 -83.40
N PRO B 185 33.73 37.14 -83.68
CA PRO B 185 34.41 36.39 -82.60
C PRO B 185 35.67 37.15 -82.18
N PRO B 186 36.09 36.99 -80.94
CA PRO B 186 37.28 37.68 -80.43
C PRO B 186 38.52 37.41 -81.29
N CYS B 187 39.29 38.46 -81.59
CA CYS B 187 40.52 38.32 -82.36
C CYS B 187 41.61 38.11 -81.30
N HIS B 188 41.71 39.02 -80.35
CA HIS B 188 42.68 38.84 -79.28
C HIS B 188 41.84 38.01 -78.30
N MET B 189 42.01 36.70 -78.36
CA MET B 189 41.21 35.81 -77.54
C MET B 189 41.59 35.64 -76.09
N PHE B 190 42.82 35.97 -75.74
CA PHE B 190 43.22 35.89 -74.35
C PHE B 190 44.65 36.35 -74.12
N CYS B 191 44.97 36.61 -72.87
CA CYS B 191 46.31 36.98 -72.52
C CYS B 191 46.64 36.44 -71.13
N GLN B 192 47.93 36.29 -70.88
CA GLN B 192 48.41 35.79 -69.60
C GLN B 192 49.42 36.77 -68.98
N PHE B 193 49.22 37.10 -67.70
CA PHE B 193 50.14 37.98 -67.00
C PHE B 193 51.12 37.17 -66.17
N PHE B 194 52.31 37.73 -65.99
CA PHE B 194 53.37 37.09 -65.23
C PHE B 194 54.03 38.18 -64.38
N VAL B 195 54.31 37.83 -63.13
CA VAL B 195 54.94 38.74 -62.18
C VAL B 195 56.31 38.23 -61.70
N SER B 196 57.36 39.00 -61.97
CA SER B 196 58.68 38.61 -61.49
C SER B 196 58.85 39.19 -60.11
N LEU B 197 59.28 38.37 -59.16
CA LEU B 197 59.48 38.84 -57.80
C LEU B 197 60.73 39.72 -57.72
N PRO B 198 60.79 40.63 -56.72
CA PRO B 198 61.93 41.52 -56.53
C PRO B 198 63.21 40.72 -56.30
N PRO B 199 64.30 41.07 -57.00
CA PRO B 199 65.58 40.36 -56.86
C PRO B 199 66.03 40.40 -55.40
N ALA B 200 66.80 39.40 -54.99
CA ALA B 200 67.30 39.28 -53.62
C ALA B 200 68.12 40.49 -53.16
N ASP B 201 68.98 41.00 -54.04
CA ASP B 201 69.83 42.14 -53.69
C ASP B 201 69.09 43.41 -53.31
N SER B 202 67.84 43.53 -53.73
CA SER B 202 67.05 44.72 -53.41
C SER B 202 65.57 44.36 -53.42
N PRO B 203 65.04 43.87 -52.28
CA PRO B 203 63.64 43.45 -52.09
C PRO B 203 62.63 44.58 -51.99
N GLY B 204 63.11 45.82 -52.05
CA GLY B 204 62.21 46.95 -51.96
C GLY B 204 61.64 47.31 -53.32
N SER B 205 62.30 46.88 -54.38
CA SER B 205 61.85 47.17 -55.74
C SER B 205 60.46 46.63 -56.02
N LYS B 206 59.80 47.19 -57.04
CA LYS B 206 58.46 46.75 -57.41
C LYS B 206 58.54 45.48 -58.28
N PRO B 207 57.62 44.54 -58.08
CA PRO B 207 57.66 43.33 -58.90
C PRO B 207 57.46 43.77 -60.36
N LYS B 208 57.98 43.00 -61.30
CA LYS B 208 57.83 43.34 -62.72
C LYS B 208 56.66 42.60 -63.34
N LEU B 209 55.83 43.32 -64.09
CA LEU B 209 54.65 42.74 -64.73
C LEU B 209 54.81 42.59 -66.24
N SER B 210 54.55 41.37 -66.73
CA SER B 210 54.63 41.09 -68.16
C SER B 210 53.27 40.55 -68.64
N CYS B 211 53.06 40.64 -69.95
CA CYS B 211 51.82 40.17 -70.54
C CYS B 211 52.06 39.51 -71.89
N LEU B 212 51.47 38.34 -72.07
CA LEU B 212 51.55 37.65 -73.35
C LEU B 212 50.11 37.54 -73.86
N MET B 213 49.87 38.01 -75.09
CA MET B 213 48.54 37.96 -75.67
C MET B 213 48.59 37.13 -76.93
N TYR B 214 47.56 36.32 -77.14
CA TYR B 214 47.49 35.49 -78.33
C TYR B 214 46.34 35.98 -79.20
N GLN B 215 46.64 36.23 -80.47
CA GLN B 215 45.64 36.76 -81.40
C GLN B 215 45.50 35.75 -82.53
N ARG B 216 44.31 35.16 -82.64
CA ARG B 216 44.00 34.14 -83.64
C ARG B 216 44.02 34.62 -85.09
N SER B 217 43.62 35.87 -85.30
CA SER B 217 43.52 36.48 -86.63
C SER B 217 44.06 37.90 -86.51
N CYS B 218 45.00 38.26 -87.38
CA CYS B 218 45.65 39.55 -87.26
C CYS B 218 45.72 40.36 -88.55
N ASP B 219 44.95 41.43 -88.59
CA ASP B 219 44.95 42.34 -89.74
C ASP B 219 46.15 43.23 -89.46
N LEU B 220 47.28 42.94 -90.08
CA LEU B 220 48.48 43.73 -89.79
C LEU B 220 48.38 45.20 -90.11
N GLY B 221 47.69 45.54 -91.20
CA GLY B 221 47.55 46.94 -91.56
C GLY B 221 46.76 47.75 -90.56
N LEU B 222 45.53 47.32 -90.27
CA LEU B 222 44.67 48.04 -89.36
C LEU B 222 44.56 47.59 -87.91
N GLY B 223 44.44 46.30 -87.68
CA GLY B 223 44.28 45.82 -86.33
C GLY B 223 45.47 45.75 -85.42
N VAL B 224 46.54 45.13 -85.88
CA VAL B 224 47.74 44.94 -85.06
C VAL B 224 48.25 46.20 -84.39
N PRO B 225 48.24 47.35 -85.12
CA PRO B 225 48.73 48.57 -84.45
C PRO B 225 47.89 48.88 -83.21
N PHE B 226 46.58 48.67 -83.31
CA PHE B 226 45.71 48.92 -82.17
C PHE B 226 45.93 47.86 -81.08
N ASN B 227 45.98 46.59 -81.47
CA ASN B 227 46.17 45.50 -80.51
C ASN B 227 47.42 45.66 -79.70
N ILE B 228 48.52 46.04 -80.36
CA ILE B 228 49.78 46.23 -79.64
C ILE B 228 49.69 47.33 -78.59
N ALA B 229 49.17 48.50 -79.00
CA ALA B 229 49.07 49.61 -78.06
C ALA B 229 48.03 49.32 -76.97
N SER B 230 46.93 48.68 -77.35
CA SER B 230 45.88 48.34 -76.40
C SER B 230 46.39 47.47 -75.23
N TYR B 231 47.01 46.34 -75.55
CA TYR B 231 47.49 45.47 -74.46
C TYR B 231 48.67 46.08 -73.70
N ALA B 232 49.44 46.92 -74.37
CA ALA B 232 50.55 47.60 -73.68
C ALA B 232 49.90 48.53 -72.64
N LEU B 233 48.85 49.24 -73.06
CA LEU B 233 48.16 50.16 -72.17
C LEU B 233 47.47 49.41 -71.02
N LEU B 234 46.86 48.27 -71.34
CA LEU B 234 46.20 47.49 -70.30
C LEU B 234 47.22 47.10 -69.23
N THR B 235 48.40 46.69 -69.66
CA THR B 235 49.45 46.26 -68.72
C THR B 235 49.90 47.44 -67.87
N HIS B 236 50.00 48.62 -68.48
CA HIS B 236 50.38 49.81 -67.71
C HIS B 236 49.29 50.09 -66.66
N MET B 237 48.03 49.99 -67.07
CA MET B 237 46.90 50.24 -66.16
C MET B 237 46.94 49.27 -64.98
N ILE B 238 47.04 47.99 -65.29
CA ILE B 238 47.07 46.97 -64.24
C ILE B 238 48.27 47.17 -63.32
N ALA B 239 49.39 47.59 -63.89
CA ALA B 239 50.59 47.82 -63.10
C ALA B 239 50.36 48.90 -62.05
N LEU B 240 49.66 49.96 -62.45
CA LEU B 240 49.39 51.05 -61.54
C LEU B 240 48.54 50.60 -60.37
N ILE B 241 47.46 49.87 -60.67
CA ILE B 241 46.56 49.39 -59.63
C ILE B 241 47.17 48.32 -58.70
N THR B 242 48.14 47.57 -59.21
CA THR B 242 48.74 46.48 -58.43
C THR B 242 50.10 46.80 -57.85
N ASP B 243 50.53 48.05 -58.00
CA ASP B 243 51.84 48.45 -57.50
C ASP B 243 52.99 47.64 -58.09
N THR B 244 52.88 47.32 -59.38
CA THR B 244 53.95 46.60 -60.06
C THR B 244 54.52 47.48 -61.16
N GLU B 245 55.66 47.08 -61.71
CA GLU B 245 56.32 47.83 -62.76
C GLU B 245 56.18 47.14 -64.12
N PRO B 246 55.55 47.81 -65.08
CA PRO B 246 55.40 47.18 -66.41
C PRO B 246 56.77 46.77 -66.96
N HIS B 247 56.85 45.56 -67.48
CA HIS B 247 58.13 45.06 -67.98
C HIS B 247 58.15 44.74 -69.47
N GLU B 248 57.35 43.76 -69.89
CA GLU B 248 57.35 43.31 -71.28
C GLU B 248 55.98 42.87 -71.78
N PHE B 249 55.74 43.10 -73.06
CA PHE B 249 54.50 42.69 -73.69
C PHE B 249 54.89 41.80 -74.86
N ILE B 250 54.31 40.59 -74.91
CA ILE B 250 54.61 39.64 -75.97
C ILE B 250 53.31 39.37 -76.72
N LEU B 251 53.41 39.35 -78.05
CA LEU B 251 52.24 39.11 -78.88
C LEU B 251 52.46 37.94 -79.84
N GLN B 252 51.68 36.87 -79.63
CA GLN B 252 51.77 35.70 -80.51
C GLN B 252 50.60 35.71 -81.48
N MET B 253 50.89 35.53 -82.76
CA MET B 253 49.85 35.56 -83.77
C MET B 253 49.57 34.21 -84.36
N GLY B 254 48.32 34.02 -84.78
CA GLY B 254 47.92 32.78 -85.41
C GLY B 254 47.89 33.09 -86.90
N ASP B 255 46.72 33.41 -87.43
CA ASP B 255 46.61 33.72 -88.86
C ASP B 255 47.03 35.18 -89.03
N ALA B 256 48.28 35.41 -89.41
CA ALA B 256 48.82 36.76 -89.60
C ALA B 256 48.67 37.10 -91.09
N HIS B 257 47.89 38.12 -91.41
CA HIS B 257 47.65 38.46 -92.80
C HIS B 257 47.65 39.95 -93.15
N VAL B 258 47.80 40.21 -94.43
CA VAL B 258 47.77 41.56 -94.98
C VAL B 258 46.68 41.54 -96.04
N TYR B 259 45.63 42.34 -95.88
CA TYR B 259 44.56 42.37 -96.88
C TYR B 259 45.09 42.86 -98.23
N ARG B 260 44.49 42.35 -99.31
CA ARG B 260 44.90 42.68 -100.67
C ARG B 260 44.95 44.19 -100.91
N ASP B 261 43.95 44.90 -100.41
CA ASP B 261 43.88 46.35 -100.63
C ASP B 261 44.74 47.14 -99.66
N HIS B 262 45.56 46.45 -98.88
CA HIS B 262 46.47 47.11 -97.94
C HIS B 262 47.92 47.03 -98.42
N VAL B 263 48.19 46.13 -99.35
CA VAL B 263 49.55 45.95 -99.85
C VAL B 263 50.24 47.24 -100.30
N GLU B 264 49.63 47.96 -101.23
CA GLU B 264 50.23 49.20 -101.71
C GLU B 264 50.38 50.25 -100.63
N PRO B 265 49.33 50.47 -99.82
CA PRO B 265 49.48 51.48 -98.77
C PRO B 265 50.61 51.14 -97.79
N LEU B 266 50.76 49.86 -97.47
CA LEU B 266 51.80 49.43 -96.53
C LEU B 266 53.22 49.59 -97.11
N LYS B 267 53.36 49.44 -98.42
CA LYS B 267 54.67 49.60 -99.06
C LYS B 267 55.19 51.00 -98.81
N THR B 268 54.28 51.96 -98.74
CA THR B 268 54.66 53.34 -98.46
C THR B 268 55.16 53.42 -97.03
N GLN B 269 54.48 52.73 -96.12
CA GLN B 269 54.88 52.74 -94.71
C GLN B 269 56.23 52.07 -94.50
N LEU B 270 56.47 51.01 -95.26
CA LEU B 270 57.73 50.24 -95.13
C LEU B 270 58.99 51.07 -95.43
N GLU B 271 58.82 52.18 -96.13
CA GLU B 271 59.93 53.05 -96.49
C GLU B 271 60.32 53.99 -95.35
N ARG B 272 59.49 54.06 -94.33
CA ARG B 272 59.74 54.98 -93.23
C ARG B 272 60.55 54.42 -92.07
N GLU B 273 61.41 55.26 -91.52
CA GLU B 273 62.24 54.91 -90.38
C GLU B 273 61.50 55.27 -89.09
N PRO B 274 61.37 54.31 -88.17
CA PRO B 274 60.69 54.54 -86.90
C PRO B 274 61.32 55.64 -86.04
N ARG B 275 60.49 56.30 -85.24
CA ARG B 275 60.95 57.32 -84.30
C ARG B 275 60.88 56.63 -82.95
N ASP B 276 61.63 57.11 -81.97
CA ASP B 276 61.61 56.49 -80.65
C ASP B 276 60.16 56.46 -80.13
N PHE B 277 59.78 55.36 -79.49
CA PHE B 277 58.45 55.24 -78.95
C PHE B 277 58.19 56.30 -77.90
N PRO B 278 56.92 56.72 -77.75
CA PRO B 278 56.54 57.72 -76.77
C PRO B 278 56.50 57.12 -75.36
N LYS B 279 56.27 57.97 -74.36
CA LYS B 279 56.18 57.48 -72.99
C LYS B 279 54.80 57.77 -72.42
N LEU B 280 54.37 56.94 -71.48
CA LEU B 280 53.06 57.11 -70.86
C LEU B 280 53.19 57.64 -69.44
N LYS B 281 52.36 58.62 -69.10
CA LYS B 281 52.34 59.19 -67.76
C LYS B 281 50.89 59.28 -67.34
N TRP B 282 50.63 59.26 -66.04
CA TRP B 282 49.25 59.35 -65.55
C TRP B 282 48.94 60.78 -65.08
N ALA B 283 47.76 61.28 -65.45
CA ALA B 283 47.34 62.62 -65.06
C ALA B 283 46.86 62.63 -63.62
N ARG B 284 46.62 61.45 -63.04
CA ARG B 284 46.17 61.35 -61.66
C ARG B 284 46.94 60.25 -60.93
N SER B 285 46.78 60.21 -59.61
CA SER B 285 47.48 59.21 -58.81
C SER B 285 46.70 57.90 -58.70
N LYS B 286 47.38 56.88 -58.20
CA LYS B 286 46.75 55.58 -58.02
C LYS B 286 45.53 55.72 -57.14
N GLU B 287 45.68 56.47 -56.05
CA GLU B 287 44.61 56.70 -55.10
C GLU B 287 43.41 57.40 -55.73
N GLU B 288 43.68 58.39 -56.57
CA GLU B 288 42.60 59.13 -57.21
C GLU B 288 41.87 58.22 -58.19
N ILE B 289 42.62 57.46 -58.99
CA ILE B 289 42.01 56.56 -59.95
C ILE B 289 41.25 55.46 -59.20
N GLY B 290 41.84 54.98 -58.11
CA GLY B 290 41.18 53.99 -57.28
C GLY B 290 41.38 52.54 -57.69
N ASP B 291 40.67 52.11 -58.72
CA ASP B 291 40.79 50.74 -59.19
C ASP B 291 40.75 50.69 -60.71
N ILE B 292 40.73 49.48 -61.27
CA ILE B 292 40.73 49.29 -62.72
C ILE B 292 39.55 49.94 -63.42
N ASP B 293 38.47 50.20 -62.67
CA ASP B 293 37.29 50.82 -63.25
C ASP B 293 37.26 52.34 -63.12
N GLY B 294 38.31 52.91 -62.55
CA GLY B 294 38.33 54.35 -62.37
C GLY B 294 39.13 55.17 -63.38
N PHE B 295 39.60 54.56 -64.45
CA PHE B 295 40.39 55.29 -65.44
C PHE B 295 39.51 56.09 -66.39
N LYS B 296 40.06 57.22 -66.87
CA LYS B 296 39.37 58.10 -67.81
C LYS B 296 40.33 58.38 -68.95
N VAL B 297 39.79 58.68 -70.13
CA VAL B 297 40.64 58.95 -71.28
C VAL B 297 41.71 59.99 -70.96
N GLU B 298 41.31 61.08 -70.31
CA GLU B 298 42.23 62.16 -69.97
C GLU B 298 43.32 61.78 -68.97
N ASP B 299 43.24 60.58 -68.38
CA ASP B 299 44.27 60.15 -67.44
C ASP B 299 45.54 59.72 -68.18
N PHE B 300 45.39 59.35 -69.45
CA PHE B 300 46.50 58.88 -70.27
C PHE B 300 47.26 60.02 -70.93
N VAL B 301 48.42 60.35 -70.36
CA VAL B 301 49.26 61.42 -70.90
C VAL B 301 50.43 60.83 -71.66
N VAL B 302 50.30 60.80 -72.99
CA VAL B 302 51.33 60.25 -73.85
C VAL B 302 52.21 61.37 -74.36
N GLU B 303 53.49 61.31 -74.00
CA GLU B 303 54.42 62.36 -74.43
C GLU B 303 55.51 61.86 -75.34
N GLY B 304 55.94 62.72 -76.26
CA GLY B 304 56.99 62.35 -77.19
C GLY B 304 56.53 61.54 -78.39
N TYR B 305 55.22 61.52 -78.67
CA TYR B 305 54.76 60.77 -79.82
C TYR B 305 55.05 61.59 -81.08
N LYS B 306 55.92 61.06 -81.95
CA LYS B 306 56.30 61.75 -83.18
C LYS B 306 56.19 60.85 -84.39
N PRO B 307 54.96 60.58 -84.84
CA PRO B 307 54.74 59.71 -85.99
C PRO B 307 54.83 60.38 -87.36
N TRP B 308 54.94 59.54 -88.38
CA TRP B 308 54.94 60.03 -89.74
C TRP B 308 53.46 60.24 -90.07
N GLY B 309 53.17 60.59 -91.31
CA GLY B 309 51.80 60.83 -91.72
C GLY B 309 50.88 59.62 -91.66
N LYS B 310 49.58 59.88 -91.69
CA LYS B 310 48.61 58.82 -91.64
C LYS B 310 48.63 58.08 -92.97
N ILE B 311 48.22 56.82 -92.93
CA ILE B 311 48.15 55.98 -94.12
C ILE B 311 46.75 55.42 -94.21
N ASP B 312 46.01 55.81 -95.24
CA ASP B 312 44.65 55.35 -95.40
C ASP B 312 44.53 53.88 -95.79
N MET B 313 43.71 53.15 -95.06
CA MET B 313 43.48 51.73 -95.33
C MET B 313 42.04 51.42 -95.01
N LYS B 314 41.35 50.79 -95.96
CA LYS B 314 39.95 50.46 -95.77
C LYS B 314 39.80 49.16 -94.96
N MET B 315 38.83 49.12 -94.07
CA MET B 315 38.61 47.94 -93.27
C MET B 315 37.61 47.05 -93.98
N SER B 316 37.87 45.75 -94.00
CA SER B 316 36.95 44.82 -94.65
C SER B 316 36.03 44.25 -93.59
N ALA B 317 34.74 44.51 -93.76
CA ALA B 317 33.72 44.07 -92.81
C ALA B 317 33.48 42.57 -92.84
N ARG C 13 -31.04 41.32 -86.21
CA ARG C 13 -29.94 41.75 -85.31
C ARG C 13 -29.74 43.26 -85.38
N SER C 14 -29.68 43.88 -84.21
CA SER C 14 -29.50 45.32 -84.08
C SER C 14 -28.15 45.83 -84.57
N ASN C 15 -27.13 45.00 -84.43
CA ASN C 15 -25.77 45.35 -84.84
C ASN C 15 -25.20 44.07 -85.44
N PRO C 16 -25.61 43.77 -86.69
CA PRO C 16 -25.21 42.59 -87.48
C PRO C 16 -23.70 42.41 -87.63
N ASP C 17 -22.96 43.52 -87.58
CA ASP C 17 -21.52 43.45 -87.78
C ASP C 17 -20.72 43.19 -86.51
N HIS C 18 -21.41 43.01 -85.39
CA HIS C 18 -20.69 42.76 -84.15
C HIS C 18 -19.87 41.51 -84.30
N GLU C 19 -18.57 41.63 -84.06
CA GLU C 19 -17.65 40.50 -84.18
C GLU C 19 -18.00 39.26 -83.39
N GLU C 20 -18.76 39.41 -82.31
CA GLU C 20 -19.12 38.24 -81.49
C GLU C 20 -20.04 37.28 -82.25
N TYR C 21 -20.74 37.78 -83.27
CA TYR C 21 -21.60 36.89 -84.05
C TYR C 21 -20.81 35.78 -84.75
N GLN C 22 -19.52 36.00 -84.97
CA GLN C 22 -18.67 34.97 -85.58
C GLN C 22 -18.69 33.77 -84.66
N TYR C 23 -18.49 34.01 -83.35
CA TYR C 23 -18.47 32.94 -82.36
C TYR C 23 -19.85 32.27 -82.25
N LEU C 24 -20.91 33.08 -82.12
CA LEU C 24 -22.27 32.55 -82.01
C LEU C 24 -22.69 31.78 -83.26
N ASP C 25 -22.40 32.33 -84.44
CA ASP C 25 -22.77 31.66 -85.68
C ASP C 25 -22.08 30.31 -85.85
N LEU C 26 -20.79 30.23 -85.50
CA LEU C 26 -20.07 28.97 -85.63
C LEU C 26 -20.68 27.91 -84.72
N ILE C 27 -21.00 28.28 -83.50
CA ILE C 27 -21.62 27.32 -82.58
C ILE C 27 -22.94 26.81 -83.15
N ARG C 28 -23.72 27.73 -83.70
CA ARG C 28 -25.02 27.35 -84.28
C ARG C 28 -24.79 26.37 -85.42
N ARG C 29 -23.79 26.67 -86.26
CA ARG C 29 -23.49 25.81 -87.39
C ARG C 29 -23.03 24.43 -86.93
N ILE C 30 -22.13 24.38 -85.95
CA ILE C 30 -21.64 23.08 -85.46
C ILE C 30 -22.80 22.25 -84.91
N ILE C 31 -23.68 22.88 -84.15
CA ILE C 31 -24.81 22.14 -83.59
C ILE C 31 -25.72 21.64 -84.73
N ASN C 32 -25.93 22.48 -85.73
CA ASN C 32 -26.78 22.14 -86.88
C ASN C 32 -26.24 21.08 -87.83
N VAL C 33 -25.05 21.32 -88.39
CA VAL C 33 -24.48 20.38 -89.35
C VAL C 33 -23.17 19.70 -88.91
N GLY C 34 -22.77 19.90 -87.66
CA GLY C 34 -21.56 19.26 -87.19
C GLY C 34 -21.69 17.75 -87.15
N GLU C 35 -20.55 17.07 -87.13
CA GLU C 35 -20.54 15.61 -87.09
C GLU C 35 -20.40 15.09 -85.65
N VAL C 36 -21.28 14.17 -85.25
CA VAL C 36 -21.24 13.60 -83.91
C VAL C 36 -20.07 12.66 -83.83
N ARG C 37 -19.19 12.87 -82.86
CA ARG C 37 -18.00 12.04 -82.75
C ARG C 37 -17.62 11.66 -81.35
N PRO C 38 -16.89 10.55 -81.20
CA PRO C 38 -16.42 10.05 -79.90
C PRO C 38 -15.14 10.89 -79.66
N ASP C 39 -14.65 10.93 -78.44
CA ASP C 39 -13.44 11.71 -78.17
C ASP C 39 -12.70 11.15 -76.96
N ARG C 40 -11.51 11.70 -76.74
CA ARG C 40 -10.66 11.30 -75.63
C ARG C 40 -11.36 11.34 -74.26
N THR C 41 -12.15 12.38 -74.02
CA THR C 41 -12.81 12.56 -72.72
C THR C 41 -13.93 11.57 -72.45
N GLY C 42 -14.55 11.07 -73.51
CA GLY C 42 -15.64 10.13 -73.34
C GLY C 42 -17.01 10.78 -73.30
N THR C 43 -17.08 12.11 -73.31
CA THR C 43 -18.40 12.73 -73.27
C THR C 43 -18.97 12.88 -74.67
N GLY C 44 -18.09 12.93 -75.67
CA GLY C 44 -18.57 13.05 -77.04
C GLY C 44 -18.73 14.50 -77.45
N THR C 45 -18.68 14.75 -78.75
CA THR C 45 -18.83 16.12 -79.26
C THR C 45 -19.47 16.12 -80.64
N VAL C 46 -19.75 17.32 -81.12
CA VAL C 46 -20.28 17.52 -82.48
C VAL C 46 -19.19 18.47 -83.03
N ALA C 47 -18.65 18.18 -84.21
CA ALA C 47 -17.55 19.01 -84.72
C ALA C 47 -17.49 19.25 -86.22
N LEU C 48 -16.71 20.27 -86.57
CA LEU C 48 -16.41 20.66 -87.94
C LEU C 48 -14.90 20.90 -87.99
N PHE C 49 -14.27 20.58 -89.12
CA PHE C 49 -12.83 20.78 -89.25
C PHE C 49 -12.50 21.99 -90.08
N ALA C 50 -11.54 22.79 -89.58
CA ALA C 50 -11.04 23.97 -90.27
C ALA C 50 -12.10 24.93 -90.80
N PRO C 51 -12.95 25.47 -89.91
CA PRO C 51 -13.97 26.39 -90.39
C PRO C 51 -13.30 27.73 -90.63
N PRO C 52 -13.99 28.65 -91.32
CA PRO C 52 -13.38 29.97 -91.57
C PRO C 52 -12.84 30.55 -90.27
N SER C 53 -11.72 31.24 -90.35
CA SER C 53 -11.09 31.84 -89.18
C SER C 53 -11.84 33.05 -88.63
N PHE C 54 -11.61 33.35 -87.36
CA PHE C 54 -12.25 34.50 -86.71
C PHE C 54 -11.29 35.68 -86.80
N ARG C 55 -11.83 36.88 -86.93
CA ARG C 55 -11.01 38.08 -86.99
C ARG C 55 -11.59 39.07 -85.99
N PHE C 56 -10.74 39.63 -85.16
CA PHE C 56 -11.18 40.59 -84.15
C PHE C 56 -10.31 41.83 -84.21
N SER C 57 -10.93 43.00 -84.27
CA SER C 57 -10.16 44.24 -84.30
C SER C 57 -9.69 44.58 -82.88
N LEU C 58 -8.42 44.98 -82.76
CA LEU C 58 -7.85 45.35 -81.46
C LEU C 58 -7.56 46.86 -81.42
N ALA C 59 -8.06 47.57 -82.43
CA ALA C 59 -7.87 49.01 -82.52
C ALA C 59 -8.69 49.74 -81.46
N ASP C 60 -8.30 50.97 -81.16
CA ASP C 60 -8.99 51.78 -80.16
C ASP C 60 -9.08 51.08 -78.81
N ASN C 61 -8.01 50.40 -78.42
CA ASN C 61 -7.94 49.69 -77.13
C ASN C 61 -9.02 48.65 -76.93
N THR C 62 -9.56 48.11 -78.01
CA THR C 62 -10.63 47.12 -77.90
C THR C 62 -10.15 45.73 -77.45
N LEU C 63 -10.93 45.12 -76.57
CA LEU C 63 -10.62 43.79 -76.05
C LEU C 63 -11.82 42.89 -76.36
N PRO C 64 -11.63 41.90 -77.23
CA PRO C 64 -12.73 41.00 -77.59
C PRO C 64 -13.07 39.99 -76.48
N LEU C 65 -13.59 40.51 -75.38
CA LEU C 65 -14.03 39.68 -74.26
C LEU C 65 -15.53 39.45 -74.47
N LEU C 66 -15.92 38.21 -74.75
CA LEU C 66 -17.31 37.87 -75.05
C LEU C 66 -18.30 38.45 -74.05
N THR C 67 -19.42 38.93 -74.57
CA THR C 67 -20.45 39.53 -73.75
C THR C 67 -21.74 38.71 -73.64
N THR C 68 -21.91 37.68 -74.46
CA THR C 68 -23.13 36.89 -74.36
C THR C 68 -23.14 35.98 -73.15
N LYS C 69 -22.07 36.04 -72.36
CA LYS C 69 -21.98 35.28 -71.10
C LYS C 69 -20.87 35.95 -70.30
N ARG C 70 -20.93 35.84 -68.97
CA ARG C 70 -19.88 36.44 -68.15
C ARG C 70 -18.63 35.58 -68.25
N VAL C 71 -17.54 36.17 -68.73
CA VAL C 71 -16.28 35.44 -68.85
C VAL C 71 -15.39 35.76 -67.66
N PHE C 72 -14.77 34.74 -67.07
CA PHE C 72 -13.87 34.92 -65.92
C PHE C 72 -12.59 35.66 -66.37
N LEU C 73 -12.68 36.96 -66.56
CA LEU C 73 -11.57 37.79 -66.98
C LEU C 73 -10.30 37.60 -66.13
N ARG C 74 -10.43 37.69 -64.81
CA ARG C 74 -9.27 37.52 -63.93
C ARG C 74 -8.58 36.19 -64.19
N GLY C 75 -9.38 35.16 -64.46
CA GLY C 75 -8.81 33.86 -64.74
C GLY C 75 -7.99 33.87 -66.04
N VAL C 76 -8.47 34.60 -67.04
CA VAL C 76 -7.76 34.69 -68.31
C VAL C 76 -6.42 35.38 -68.10
N ILE C 77 -6.45 36.55 -67.45
CA ILE C 77 -5.24 37.31 -67.17
C ILE C 77 -4.25 36.47 -66.34
N ALA C 78 -4.73 35.87 -65.26
CA ALA C 78 -3.84 35.05 -64.43
C ALA C 78 -3.16 33.97 -65.23
N GLU C 79 -3.93 33.21 -66.00
CA GLU C 79 -3.36 32.15 -66.82
C GLU C 79 -2.31 32.69 -67.80
N LEU C 80 -2.61 33.83 -68.42
CA LEU C 80 -1.68 34.45 -69.39
C LEU C 80 -0.34 34.88 -68.75
N LEU C 81 -0.41 35.56 -67.60
CA LEU C 81 0.81 35.99 -66.91
C LEU C 81 1.59 34.76 -66.44
N TRP C 82 0.86 33.68 -66.21
CA TRP C 82 1.42 32.40 -65.77
C TRP C 82 2.22 31.82 -66.96
N PHE C 83 1.62 31.86 -68.16
CA PHE C 83 2.32 31.35 -69.35
C PHE C 83 3.61 32.15 -69.50
N VAL C 84 3.46 33.48 -69.55
CA VAL C 84 4.60 34.37 -69.75
C VAL C 84 5.74 34.08 -68.77
N SER C 85 5.40 33.76 -67.53
CA SER C 85 6.42 33.51 -66.51
C SER C 85 7.15 32.23 -66.78
N GLY C 86 6.61 31.39 -67.65
CA GLY C 86 7.25 30.12 -67.96
C GLY C 86 6.93 29.04 -66.94
N CYS C 87 6.08 29.37 -65.97
CA CYS C 87 5.69 28.46 -64.90
C CYS C 87 4.73 27.39 -65.40
N THR C 88 4.87 26.18 -64.85
CA THR C 88 4.03 25.06 -65.24
C THR C 88 3.35 24.40 -64.04
N ASP C 89 3.35 25.09 -62.91
CA ASP C 89 2.72 24.60 -61.68
C ASP C 89 1.32 25.20 -61.55
N ALA C 90 0.30 24.38 -61.71
CA ALA C 90 -1.08 24.84 -61.62
C ALA C 90 -1.42 25.39 -60.23
N LYS C 91 -0.67 25.02 -59.20
CA LYS C 91 -0.95 25.55 -57.87
C LYS C 91 -0.75 27.06 -57.86
N MET C 92 0.05 27.58 -58.80
CA MET C 92 0.27 29.03 -58.85
C MET C 92 -1.01 29.73 -59.29
N LEU C 93 -1.89 28.98 -59.96
CA LEU C 93 -3.18 29.57 -60.38
C LEU C 93 -4.25 29.32 -59.29
N SER C 94 -4.32 28.09 -58.79
CA SER C 94 -5.32 27.79 -57.75
C SER C 94 -5.09 28.59 -56.47
N SER C 95 -3.84 28.92 -56.18
CA SER C 95 -3.53 29.69 -54.98
C SER C 95 -4.07 31.10 -55.09
N GLN C 96 -4.27 31.57 -56.33
CA GLN C 96 -4.84 32.89 -56.50
C GLN C 96 -6.31 32.83 -56.93
N GLY C 97 -6.95 31.70 -56.65
CA GLY C 97 -8.37 31.55 -56.96
C GLY C 97 -8.75 31.20 -58.39
N VAL C 98 -7.82 30.64 -59.15
CA VAL C 98 -8.09 30.26 -60.54
C VAL C 98 -7.87 28.77 -60.67
N GLY C 99 -8.94 28.00 -60.86
CA GLY C 99 -8.82 26.56 -60.93
C GLY C 99 -9.01 25.92 -62.28
N ILE C 100 -8.84 26.70 -63.37
CA ILE C 100 -9.05 26.16 -64.70
C ILE C 100 -8.17 24.99 -65.03
N TRP C 101 -6.99 24.91 -64.41
CA TRP C 101 -6.09 23.79 -64.66
C TRP C 101 -6.08 22.72 -63.55
N ASP C 102 -6.98 22.85 -62.58
CA ASP C 102 -7.04 21.87 -61.48
C ASP C 102 -7.44 20.50 -62.01
N GLY C 103 -8.33 20.49 -62.99
CA GLY C 103 -8.78 19.24 -63.56
C GLY C 103 -7.68 18.37 -64.18
N ASN C 104 -6.83 18.97 -65.01
CA ASN C 104 -5.77 18.19 -65.62
C ASN C 104 -4.51 18.12 -64.78
N GLY C 105 -4.47 18.84 -63.67
CA GLY C 105 -3.31 18.81 -62.81
C GLY C 105 -3.55 17.96 -61.56
N SER C 106 -4.75 17.41 -61.43
CA SER C 106 -5.09 16.60 -60.26
C SER C 106 -4.29 15.30 -60.28
N LYS C 107 -4.06 14.70 -59.13
CA LYS C 107 -3.32 13.47 -59.08
C LYS C 107 -3.99 12.38 -59.93
N GLU C 108 -5.30 12.25 -59.82
CA GLU C 108 -6.01 11.21 -60.57
C GLU C 108 -5.79 11.33 -62.06
N PHE C 109 -5.83 12.55 -62.57
CA PHE C 109 -5.63 12.68 -63.99
C PHE C 109 -4.19 12.39 -64.35
N LEU C 110 -3.25 12.96 -63.60
CA LEU C 110 -1.82 12.73 -63.88
C LEU C 110 -1.49 11.24 -63.86
N GLU C 111 -1.93 10.54 -62.81
CA GLU C 111 -1.67 9.10 -62.71
C GLU C 111 -2.35 8.40 -63.87
N LYS C 112 -3.49 8.93 -64.28
CA LYS C 112 -4.26 8.35 -65.36
C LYS C 112 -3.52 8.38 -66.70
N VAL C 113 -2.74 9.43 -66.93
CA VAL C 113 -1.99 9.54 -68.18
C VAL C 113 -0.53 9.10 -68.05
N GLY C 114 -0.23 8.30 -67.04
CA GLY C 114 1.14 7.83 -66.86
C GLY C 114 2.12 8.80 -66.24
N LEU C 115 1.63 9.82 -65.52
CA LEU C 115 2.51 10.79 -64.89
C LEU C 115 2.31 10.77 -63.37
N GLY C 116 2.19 9.57 -62.80
CA GLY C 116 1.97 9.44 -61.36
C GLY C 116 3.13 9.86 -60.48
N HIS C 117 4.32 9.95 -61.05
CA HIS C 117 5.52 10.34 -60.30
C HIS C 117 5.55 11.84 -60.00
N ARG C 118 4.60 12.59 -60.55
CA ARG C 118 4.60 14.03 -60.33
C ARG C 118 3.67 14.43 -59.20
N ARG C 119 4.00 15.53 -58.52
CA ARG C 119 3.13 16.01 -57.47
C ARG C 119 1.94 16.68 -58.16
N GLU C 120 0.81 16.74 -57.45
CA GLU C 120 -0.38 17.33 -58.00
C GLU C 120 -0.13 18.76 -58.47
N GLY C 121 -0.62 19.09 -59.67
CA GLY C 121 -0.43 20.44 -60.18
C GLY C 121 0.75 20.61 -61.12
N ASP C 122 1.66 19.65 -61.10
CA ASP C 122 2.84 19.73 -61.98
C ASP C 122 2.45 19.19 -63.36
N LEU C 123 2.04 20.09 -64.24
CA LEU C 123 1.58 19.73 -65.58
C LEU C 123 2.65 19.27 -66.55
N GLY C 124 3.90 19.57 -66.24
CA GLY C 124 4.95 19.16 -67.15
C GLY C 124 5.39 20.36 -67.98
N PRO C 125 6.20 20.15 -69.04
CA PRO C 125 6.69 21.23 -69.90
C PRO C 125 5.67 21.77 -70.87
N VAL C 126 4.58 22.32 -70.33
CA VAL C 126 3.49 22.86 -71.14
C VAL C 126 3.73 24.32 -71.56
N TYR C 127 2.72 24.92 -72.19
CA TYR C 127 2.77 26.28 -72.71
C TYR C 127 3.92 27.18 -72.30
N GLY C 128 3.80 27.76 -71.10
CA GLY C 128 4.82 28.65 -70.58
C GLY C 128 6.26 28.19 -70.67
N PHE C 129 6.50 26.92 -70.37
CA PHE C 129 7.84 26.39 -70.41
C PHE C 129 8.39 26.39 -71.85
N GLN C 130 7.57 25.98 -72.80
CA GLN C 130 8.00 25.94 -74.20
C GLN C 130 8.24 27.36 -74.71
N TRP C 131 7.36 28.28 -74.34
CA TRP C 131 7.46 29.69 -74.74
C TRP C 131 8.79 30.35 -74.33
N ARG C 132 9.24 30.09 -73.10
CA ARG C 132 10.46 30.71 -72.59
C ARG C 132 11.70 29.81 -72.52
N HIS C 133 11.53 28.49 -72.60
CA HIS C 133 12.65 27.57 -72.47
C HIS C 133 12.60 26.39 -73.45
N PHE C 134 12.10 26.63 -74.66
CA PHE C 134 11.99 25.55 -75.62
C PHE C 134 13.30 24.79 -75.80
N GLY C 135 13.23 23.47 -75.71
CA GLY C 135 14.43 22.68 -75.85
C GLY C 135 15.13 22.31 -74.56
N ALA C 136 14.89 23.07 -73.51
CA ALA C 136 15.52 22.76 -72.24
C ALA C 136 15.01 21.42 -71.69
N GLU C 137 15.82 20.80 -70.84
CA GLU C 137 15.48 19.53 -70.22
C GLU C 137 14.53 19.79 -69.04
N TYR C 138 13.40 19.11 -69.02
CA TYR C 138 12.44 19.32 -67.93
C TYR C 138 12.62 18.29 -66.82
N THR C 139 12.67 18.75 -65.58
CA THR C 139 12.79 17.81 -64.46
C THR C 139 11.41 17.82 -63.80
N ASP C 140 11.12 18.89 -63.05
CA ASP C 140 9.80 19.05 -62.43
C ASP C 140 9.46 20.54 -62.49
N ALA C 141 8.34 20.98 -61.90
CA ALA C 141 7.99 22.41 -61.98
C ALA C 141 8.84 23.33 -61.14
N ASP C 142 9.66 22.76 -60.26
CA ASP C 142 10.52 23.57 -59.40
C ASP C 142 11.92 23.72 -60.00
N GLY C 143 12.16 23.07 -61.14
CA GLY C 143 13.46 23.14 -61.77
C GLY C 143 13.93 24.54 -62.08
N ASP C 144 15.24 24.72 -62.15
CA ASP C 144 15.84 26.01 -62.44
C ASP C 144 16.11 26.08 -63.96
N TYR C 145 15.26 26.80 -64.68
CA TYR C 145 15.37 26.89 -66.13
C TYR C 145 15.84 28.24 -66.62
N LYS C 146 16.12 29.14 -65.68
CA LYS C 146 16.56 30.48 -66.07
C LYS C 146 17.77 30.42 -67.01
N GLY C 147 17.66 31.08 -68.15
CA GLY C 147 18.75 31.09 -69.12
C GLY C 147 18.89 29.80 -69.90
N LYS C 148 17.95 28.88 -69.73
CA LYS C 148 18.02 27.61 -70.45
C LYS C 148 16.93 27.52 -71.53
N GLY C 149 17.29 26.90 -72.66
CA GLY C 149 16.35 26.73 -73.74
C GLY C 149 16.19 28.01 -74.52
N VAL C 150 15.31 27.99 -75.53
CA VAL C 150 15.08 29.17 -76.34
C VAL C 150 13.93 30.03 -75.80
N ASP C 151 14.22 31.31 -75.58
CA ASP C 151 13.21 32.23 -75.11
C ASP C 151 12.53 32.83 -76.33
N GLN C 152 11.52 32.14 -76.84
CA GLN C 152 10.78 32.60 -78.01
C GLN C 152 10.08 33.92 -77.81
N LEU C 153 9.49 34.11 -76.62
CA LEU C 153 8.77 35.34 -76.34
C LEU C 153 9.64 36.58 -76.40
N GLN C 154 10.79 36.56 -75.73
CA GLN C 154 11.65 37.73 -75.76
C GLN C 154 12.19 37.97 -77.18
N ARG C 155 12.42 36.90 -77.91
CA ARG C 155 12.92 37.02 -79.28
C ARG C 155 11.86 37.72 -80.13
N VAL C 156 10.58 37.39 -79.88
CA VAL C 156 9.47 38.03 -80.59
C VAL C 156 9.51 39.53 -80.32
N ILE C 157 9.64 39.90 -79.05
CA ILE C 157 9.70 41.31 -78.65
C ILE C 157 10.85 42.04 -79.36
N ASP C 158 12.05 41.49 -79.24
CA ASP C 158 13.25 42.05 -79.85
C ASP C 158 13.12 42.20 -81.37
N THR C 159 12.55 41.20 -82.01
CA THR C 159 12.35 41.23 -83.46
C THR C 159 11.35 42.29 -83.93
N ILE C 160 10.25 42.44 -83.20
CA ILE C 160 9.24 43.43 -83.53
C ILE C 160 9.84 44.84 -83.44
N LYS C 161 10.68 45.05 -82.43
CA LYS C 161 11.32 46.34 -82.24
C LYS C 161 12.47 46.66 -83.20
N ASN C 162 13.31 45.66 -83.50
CA ASN C 162 14.49 45.89 -84.33
C ASN C 162 14.45 45.38 -85.76
N ASN C 163 13.53 44.47 -86.07
CA ASN C 163 13.42 43.96 -87.42
C ASN C 163 11.99 43.49 -87.69
N PRO C 164 11.03 44.44 -87.62
CA PRO C 164 9.60 44.21 -87.83
C PRO C 164 9.16 43.47 -89.08
N THR C 165 9.91 43.60 -90.18
CA THR C 165 9.50 42.92 -91.40
C THR C 165 9.96 41.46 -91.45
N ASP C 166 10.62 41.00 -90.39
CA ASP C 166 11.06 39.62 -90.30
C ASP C 166 9.79 38.76 -90.48
N ARG C 167 9.95 37.58 -91.07
CA ARG C 167 8.81 36.71 -91.32
C ARG C 167 8.84 35.47 -90.44
N ARG C 168 9.63 35.50 -89.37
CA ARG C 168 9.73 34.35 -88.47
C ARG C 168 9.30 34.69 -87.05
N ILE C 169 8.43 35.68 -86.88
CA ILE C 169 8.03 36.13 -85.56
C ILE C 169 7.01 35.14 -85.05
N ILE C 170 7.52 34.00 -84.61
CA ILE C 170 6.68 32.90 -84.16
C ILE C 170 6.83 32.58 -82.66
N LEU C 171 5.71 32.24 -82.03
CA LEU C 171 5.68 31.86 -80.64
C LEU C 171 4.93 30.52 -80.62
N SER C 172 5.63 29.42 -80.32
CA SER C 172 5.02 28.10 -80.36
C SER C 172 5.29 27.25 -79.13
N ALA C 173 4.29 26.47 -78.75
CA ALA C 173 4.39 25.59 -77.59
C ALA C 173 4.44 24.13 -78.03
N TRP C 174 4.25 23.90 -79.32
CA TRP C 174 4.27 22.54 -79.81
C TRP C 174 5.68 21.96 -79.78
N ASN C 175 5.83 20.80 -79.11
CA ASN C 175 7.13 20.16 -79.01
C ASN C 175 6.88 18.67 -79.00
N PRO C 176 7.00 18.02 -80.18
CA PRO C 176 6.77 16.58 -80.32
C PRO C 176 7.56 15.72 -79.34
N LYS C 177 8.77 16.15 -78.98
CA LYS C 177 9.58 15.39 -78.06
C LYS C 177 9.03 15.45 -76.62
N ASP C 178 8.58 16.64 -76.19
CA ASP C 178 8.06 16.82 -74.84
C ASP C 178 6.59 16.42 -74.60
N LEU C 179 5.82 16.25 -75.67
CA LEU C 179 4.40 15.88 -75.56
C LEU C 179 4.05 14.83 -74.50
N PRO C 180 4.72 13.67 -74.51
CA PRO C 180 4.38 12.66 -73.48
C PRO C 180 4.59 13.11 -72.04
N LEU C 181 5.38 14.17 -71.82
CA LEU C 181 5.63 14.67 -70.48
C LEU C 181 4.58 15.70 -70.05
N MET C 182 3.72 16.07 -70.99
CA MET C 182 2.67 17.03 -70.76
C MET C 182 1.37 16.40 -70.32
N ALA C 183 0.73 16.99 -69.33
CA ALA C 183 -0.57 16.46 -68.85
C ALA C 183 -1.55 16.54 -70.01
N LEU C 184 -1.37 17.57 -70.85
CA LEU C 184 -2.23 17.75 -72.02
C LEU C 184 -1.42 18.46 -73.11
N PRO C 185 -1.54 18.02 -74.36
CA PRO C 185 -0.77 18.68 -75.43
C PRO C 185 -1.34 20.08 -75.68
N PRO C 186 -0.51 21.00 -76.12
CA PRO C 186 -0.96 22.38 -76.40
C PRO C 186 -2.17 22.44 -77.35
N CYS C 187 -3.20 23.21 -77.00
CA CYS C 187 -4.36 23.40 -77.89
C CYS C 187 -4.02 24.57 -78.82
N HIS C 188 -3.65 25.70 -78.23
CA HIS C 188 -3.22 26.83 -79.04
C HIS C 188 -1.74 26.51 -79.21
N MET C 189 -1.41 25.87 -80.33
CA MET C 189 -0.06 25.43 -80.54
C MET C 189 0.96 26.43 -81.01
N PHE C 190 0.51 27.55 -81.57
CA PHE C 190 1.46 28.58 -81.97
C PHE C 190 0.74 29.79 -82.54
N CYS C 191 1.46 30.88 -82.64
CA CYS C 191 0.89 32.09 -83.20
C CYS C 191 2.00 32.83 -83.94
N GLN C 192 1.61 33.72 -84.85
CA GLN C 192 2.56 34.49 -85.62
C GLN C 192 2.18 35.96 -85.53
N PHE C 193 3.17 36.81 -85.30
CA PHE C 193 2.92 38.24 -85.24
C PHE C 193 3.36 38.90 -86.56
N PHE C 194 2.68 39.98 -86.91
CA PHE C 194 2.98 40.74 -88.13
C PHE C 194 2.95 42.21 -87.79
N VAL C 195 3.90 42.97 -88.31
CA VAL C 195 3.98 44.39 -88.05
C VAL C 195 3.87 45.20 -89.34
N SER C 196 2.87 46.07 -89.43
CA SER C 196 2.69 46.94 -90.59
C SER C 196 3.47 48.21 -90.33
N LEU C 197 4.32 48.59 -91.28
CA LEU C 197 5.11 49.80 -91.14
C LEU C 197 4.23 51.05 -91.27
N PRO C 198 4.64 52.16 -90.67
CA PRO C 198 3.90 53.42 -90.73
C PRO C 198 3.72 53.87 -92.18
N PRO C 199 2.50 54.25 -92.58
CA PRO C 199 2.22 54.71 -93.95
C PRO C 199 3.07 55.91 -94.33
N ALA C 200 3.15 56.16 -95.64
CA ALA C 200 3.90 57.28 -96.20
C ALA C 200 3.46 58.62 -95.63
N ASP C 201 2.16 58.88 -95.67
CA ASP C 201 1.61 60.15 -95.19
C ASP C 201 1.49 60.27 -93.66
N SER C 202 2.53 59.84 -92.95
CA SER C 202 2.58 59.90 -91.48
C SER C 202 3.58 58.89 -90.91
N PRO C 203 4.86 59.06 -91.22
CA PRO C 203 5.87 58.13 -90.70
C PRO C 203 6.06 58.22 -89.19
N GLY C 204 5.34 59.14 -88.55
CA GLY C 204 5.46 59.28 -87.12
C GLY C 204 4.57 58.29 -86.39
N SER C 205 3.55 57.79 -87.07
CA SER C 205 2.62 56.84 -86.47
C SER C 205 3.29 55.58 -85.98
N LYS C 206 2.65 54.91 -85.04
CA LYS C 206 3.19 53.66 -84.50
C LYS C 206 2.89 52.51 -85.45
N PRO C 207 3.84 51.57 -85.61
CA PRO C 207 3.59 50.43 -86.50
C PRO C 207 2.40 49.66 -85.95
N LYS C 208 1.67 48.96 -86.80
CA LYS C 208 0.51 48.21 -86.33
C LYS C 208 0.86 46.73 -86.12
N LEU C 209 0.45 46.19 -84.98
CA LEU C 209 0.75 44.81 -84.62
C LEU C 209 -0.45 43.88 -84.74
N SER C 210 -0.29 42.77 -85.47
CA SER C 210 -1.35 41.80 -85.64
C SER C 210 -0.86 40.42 -85.16
N CYS C 211 -1.80 39.55 -84.88
CA CYS C 211 -1.49 38.23 -84.37
C CYS C 211 -2.43 37.19 -84.93
N LEU C 212 -1.86 36.11 -85.46
CA LEU C 212 -2.67 34.99 -85.95
C LEU C 212 -2.29 33.78 -85.07
N MET C 213 -3.30 33.16 -84.47
CA MET C 213 -3.07 31.99 -83.62
C MET C 213 -3.80 30.79 -84.21
N TYR C 214 -3.19 29.62 -84.13
CA TYR C 214 -3.79 28.42 -84.67
C TYR C 214 -4.03 27.47 -83.52
N GLN C 215 -5.28 27.05 -83.36
CA GLN C 215 -5.71 26.15 -82.28
C GLN C 215 -6.14 24.81 -82.88
N ARG C 216 -5.39 23.75 -82.59
CA ARG C 216 -5.68 22.42 -83.12
C ARG C 216 -7.00 21.82 -82.66
N SER C 217 -7.40 22.13 -81.43
CA SER C 217 -8.60 21.56 -80.80
C SER C 217 -9.27 22.70 -80.05
N CYS C 218 -10.56 22.92 -80.32
CA CYS C 218 -11.26 24.05 -79.75
C CYS C 218 -12.59 23.73 -79.09
N ASP C 219 -12.63 23.86 -77.77
CA ASP C 219 -13.85 23.63 -76.99
C ASP C 219 -14.55 24.97 -77.07
N LEU C 220 -15.52 25.09 -77.98
CA LEU C 220 -16.15 26.39 -78.16
C LEU C 220 -16.88 26.94 -76.95
N GLY C 221 -17.53 26.06 -76.20
CA GLY C 221 -18.24 26.54 -75.02
C GLY C 221 -17.31 27.11 -73.96
N LEU C 222 -16.30 26.34 -73.53
CA LEU C 222 -15.40 26.77 -72.46
C LEU C 222 -14.02 27.33 -72.83
N GLY C 223 -13.34 26.69 -73.77
CA GLY C 223 -12.02 27.16 -74.15
C GLY C 223 -11.92 28.40 -75.00
N VAL C 224 -12.55 28.38 -76.17
CA VAL C 224 -12.49 29.50 -77.10
C VAL C 224 -12.68 30.88 -76.50
N PRO C 225 -13.65 31.05 -75.58
CA PRO C 225 -13.82 32.37 -75.00
C PRO C 225 -12.54 32.82 -74.29
N PHE C 226 -11.85 31.88 -73.65
CA PHE C 226 -10.59 32.23 -72.96
C PHE C 226 -9.48 32.48 -73.99
N ASN C 227 -9.36 31.57 -74.95
CA ASN C 227 -8.33 31.67 -75.99
C ASN C 227 -8.37 33.01 -76.72
N ILE C 228 -9.58 33.47 -77.04
CA ILE C 228 -9.74 34.73 -77.76
C ILE C 228 -9.25 35.91 -76.94
N ALA C 229 -9.72 36.02 -75.71
CA ALA C 229 -9.32 37.12 -74.86
C ALA C 229 -7.83 37.02 -74.50
N SER C 230 -7.34 35.80 -74.26
CA SER C 230 -5.94 35.60 -73.91
C SER C 230 -4.96 36.12 -75.00
N TYR C 231 -5.12 35.66 -76.24
CA TYR C 231 -4.22 36.13 -77.30
C TYR C 231 -4.44 37.60 -77.62
N ALA C 232 -5.66 38.09 -77.42
CA ALA C 232 -5.91 39.53 -77.65
C ALA C 232 -5.11 40.30 -76.59
N LEU C 233 -5.16 39.82 -75.35
CA LEU C 233 -4.41 40.48 -74.26
C LEU C 233 -2.90 40.37 -74.49
N LEU C 234 -2.43 39.21 -74.94
CA LEU C 234 -1.00 39.05 -75.22
C LEU C 234 -0.52 40.09 -76.25
N THR C 235 -1.34 40.29 -77.28
CA THR C 235 -0.99 41.25 -78.32
C THR C 235 -0.94 42.66 -77.76
N HIS C 236 -1.89 43.01 -76.89
CA HIS C 236 -1.90 44.32 -76.26
C HIS C 236 -0.63 44.48 -75.43
N MET C 237 -0.26 43.43 -74.69
CA MET C 237 0.93 43.47 -73.85
C MET C 237 2.19 43.70 -74.69
N ILE C 238 2.34 42.89 -75.72
CA ILE C 238 3.50 42.99 -76.58
C ILE C 238 3.55 44.37 -77.25
N ALA C 239 2.37 44.87 -77.62
CA ALA C 239 2.29 46.18 -78.28
C ALA C 239 2.84 47.27 -77.37
N LEU C 240 2.53 47.18 -76.08
CA LEU C 240 3.01 48.17 -75.12
C LEU C 240 4.52 48.17 -75.00
N ILE C 241 5.10 46.97 -74.87
CA ILE C 241 6.55 46.83 -74.73
C ILE C 241 7.34 47.16 -76.02
N THR C 242 6.72 47.01 -77.18
CA THR C 242 7.42 47.26 -78.43
C THR C 242 7.08 48.59 -79.09
N ASP C 243 6.26 49.40 -78.42
CA ASP C 243 5.86 50.68 -78.97
C ASP C 243 5.08 50.53 -80.28
N THR C 244 4.23 49.50 -80.34
CA THR C 244 3.43 49.32 -81.54
C THR C 244 1.96 49.48 -81.16
N GLU C 245 1.09 49.55 -82.15
CA GLU C 245 -0.35 49.71 -81.92
C GLU C 245 -1.10 48.43 -82.26
N PRO C 246 -1.77 47.82 -81.29
CA PRO C 246 -2.51 46.60 -81.59
C PRO C 246 -3.49 46.83 -82.73
N HIS C 247 -3.56 45.89 -83.66
CA HIS C 247 -4.43 46.06 -84.82
C HIS C 247 -5.47 44.97 -85.01
N GLU C 248 -5.03 43.74 -85.19
CA GLU C 248 -5.98 42.65 -85.45
C GLU C 248 -5.53 41.33 -84.86
N PHE C 249 -6.49 40.51 -84.46
CA PHE C 249 -6.21 39.18 -83.95
C PHE C 249 -7.00 38.21 -84.79
N ILE C 250 -6.32 37.22 -85.35
CA ILE C 250 -6.96 36.20 -86.19
C ILE C 250 -6.82 34.83 -85.52
N LEU C 251 -7.91 34.08 -85.51
CA LEU C 251 -7.89 32.75 -84.89
C LEU C 251 -8.37 31.68 -85.85
N GLN C 252 -7.46 30.79 -86.21
CA GLN C 252 -7.78 29.69 -87.11
C GLN C 252 -7.90 28.43 -86.29
N MET C 253 -8.98 27.71 -86.49
CA MET C 253 -9.24 26.49 -85.74
C MET C 253 -9.08 25.24 -86.54
N GLY C 254 -8.68 24.16 -85.86
CA GLY C 254 -8.59 22.87 -86.53
C GLY C 254 -9.87 22.11 -86.16
N ASP C 255 -9.79 21.25 -85.14
CA ASP C 255 -10.98 20.50 -84.71
C ASP C 255 -11.83 21.44 -83.84
N ALA C 256 -12.87 22.01 -84.43
CA ALA C 256 -13.75 22.94 -83.74
C ALA C 256 -14.97 22.14 -83.30
N HIS C 257 -15.15 22.03 -81.99
CA HIS C 257 -16.24 21.22 -81.46
C HIS C 257 -17.05 21.79 -80.28
N VAL C 258 -18.24 21.22 -80.11
CA VAL C 258 -19.14 21.61 -79.03
C VAL C 258 -19.40 20.31 -78.27
N TYR C 259 -19.03 20.25 -76.99
CA TYR C 259 -19.28 19.04 -76.22
C TYR C 259 -20.78 18.78 -76.08
N ARG C 260 -21.14 17.50 -76.03
CA ARG C 260 -22.54 17.09 -75.94
C ARG C 260 -23.27 17.75 -74.79
N ASP C 261 -22.63 17.85 -73.62
CA ASP C 261 -23.27 18.47 -72.47
C ASP C 261 -23.21 20.00 -72.49
N HIS C 262 -22.78 20.58 -73.61
CA HIS C 262 -22.74 22.04 -73.72
C HIS C 262 -23.82 22.55 -74.67
N VAL C 263 -24.39 21.67 -75.47
CA VAL C 263 -25.40 22.04 -76.45
C VAL C 263 -26.57 22.83 -75.88
N GLU C 264 -27.21 22.29 -74.84
CA GLU C 264 -28.34 23.01 -74.25
C GLU C 264 -27.94 24.33 -73.60
N PRO C 265 -26.84 24.34 -72.83
CA PRO C 265 -26.45 25.62 -72.22
C PRO C 265 -26.15 26.69 -73.28
N LEU C 266 -25.53 26.29 -74.39
CA LEU C 266 -25.17 27.23 -75.44
C LEU C 266 -26.39 27.77 -76.18
N LYS C 267 -27.44 26.96 -76.28
CA LYS C 267 -28.66 27.42 -76.95
C LYS C 267 -29.21 28.65 -76.23
N THR C 268 -29.04 28.68 -74.91
CA THR C 268 -29.49 29.80 -74.12
C THR C 268 -28.66 31.04 -74.47
N GLN C 269 -27.35 30.82 -74.61
CA GLN C 269 -26.45 31.93 -74.95
C GLN C 269 -26.74 32.45 -76.38
N LEU C 270 -27.11 31.56 -77.28
CA LEU C 270 -27.37 31.95 -78.68
C LEU C 270 -28.52 32.94 -78.84
N GLU C 271 -29.36 33.02 -77.82
CA GLU C 271 -30.52 33.90 -77.84
C GLU C 271 -30.15 35.32 -77.45
N ARG C 272 -28.95 35.51 -76.93
CA ARG C 272 -28.53 36.83 -76.47
C ARG C 272 -27.83 37.71 -77.49
N GLU C 273 -28.14 39.00 -77.44
CA GLU C 273 -27.55 39.98 -78.33
C GLU C 273 -26.30 40.55 -77.67
N PRO C 274 -25.17 40.53 -78.39
CA PRO C 274 -23.89 41.04 -77.87
C PRO C 274 -23.91 42.51 -77.50
N ARG C 275 -23.13 42.87 -76.49
CA ARG C 275 -22.98 44.26 -76.09
C ARG C 275 -21.63 44.67 -76.68
N ASP C 276 -21.40 45.97 -76.87
CA ASP C 276 -20.12 46.43 -77.41
C ASP C 276 -18.97 45.93 -76.55
N PHE C 277 -17.89 45.50 -77.20
CA PHE C 277 -16.72 45.00 -76.46
C PHE C 277 -16.15 46.07 -75.56
N PRO C 278 -15.57 45.66 -74.42
CA PRO C 278 -14.95 46.59 -73.47
C PRO C 278 -13.61 47.08 -74.01
N LYS C 279 -12.99 48.02 -73.31
CA LYS C 279 -11.69 48.53 -73.72
C LYS C 279 -10.64 48.24 -72.65
N LEU C 280 -9.39 48.12 -73.08
CA LEU C 280 -8.29 47.84 -72.17
C LEU C 280 -7.43 49.07 -71.96
N LYS C 281 -7.09 49.33 -70.70
CA LYS C 281 -6.24 50.46 -70.33
C LYS C 281 -5.19 49.91 -69.35
N TRP C 282 -4.03 50.56 -69.28
CA TRP C 282 -2.96 50.11 -68.39
C TRP C 282 -2.94 50.97 -67.13
N ALA C 283 -2.78 50.32 -65.98
CA ALA C 283 -2.74 51.04 -64.71
C ALA C 283 -1.38 51.67 -64.50
N ARG C 284 -0.40 51.25 -65.29
CA ARG C 284 0.95 51.78 -65.18
C ARG C 284 1.51 52.08 -66.54
N SER C 285 2.63 52.79 -66.58
CA SER C 285 3.26 53.15 -67.86
C SER C 285 4.21 52.05 -68.37
N LYS C 286 4.61 52.19 -69.63
CA LYS C 286 5.53 51.24 -70.23
C LYS C 286 6.82 51.15 -69.39
N GLU C 287 7.32 52.32 -68.99
CA GLU C 287 8.55 52.41 -68.20
C GLU C 287 8.41 51.70 -66.87
N GLU C 288 7.28 51.88 -66.20
CA GLU C 288 7.06 51.24 -64.91
C GLU C 288 6.96 49.73 -65.08
N ILE C 289 6.22 49.28 -66.08
CA ILE C 289 6.08 47.84 -66.32
C ILE C 289 7.45 47.28 -66.73
N GLY C 290 8.19 48.06 -67.53
CA GLY C 290 9.52 47.64 -67.94
C GLY C 290 9.61 46.73 -69.15
N ASP C 291 9.30 45.45 -68.96
CA ASP C 291 9.34 44.48 -70.05
C ASP C 291 8.19 43.50 -69.96
N ILE C 292 8.17 42.52 -70.85
CA ILE C 292 7.10 41.52 -70.89
C ILE C 292 6.93 40.74 -69.57
N ASP C 293 7.97 40.73 -68.74
CA ASP C 293 7.90 40.02 -67.47
C ASP C 293 7.49 40.90 -66.29
N GLY C 294 7.21 42.16 -66.57
CA GLY C 294 6.83 43.07 -65.51
C GLY C 294 5.35 43.33 -65.29
N PHE C 295 4.46 42.66 -66.04
CA PHE C 295 3.03 42.87 -65.87
C PHE C 295 2.46 42.20 -64.62
N LYS C 296 1.43 42.84 -64.07
CA LYS C 296 0.72 42.33 -62.90
C LYS C 296 -0.77 42.34 -63.21
N VAL C 297 -1.53 41.45 -62.57
CA VAL C 297 -2.98 41.39 -62.81
C VAL C 297 -3.62 42.76 -62.71
N GLU C 298 -3.28 43.52 -61.66
CA GLU C 298 -3.85 44.84 -61.46
C GLU C 298 -3.49 45.88 -62.52
N ASP C 299 -2.57 45.54 -63.43
CA ASP C 299 -2.20 46.47 -64.48
C ASP C 299 -3.29 46.53 -65.54
N PHE C 300 -4.05 45.45 -65.66
CA PHE C 300 -5.12 45.34 -66.65
C PHE C 300 -6.42 46.01 -66.22
N VAL C 301 -6.68 47.20 -66.75
CA VAL C 301 -7.90 47.92 -66.42
C VAL C 301 -8.90 47.80 -67.57
N VAL C 302 -9.86 46.89 -67.43
CA VAL C 302 -10.86 46.67 -68.45
C VAL C 302 -12.12 47.48 -68.12
N GLU C 303 -12.45 48.43 -68.98
CA GLU C 303 -13.62 49.26 -68.74
C GLU C 303 -14.74 49.06 -69.75
N GLY C 304 -15.98 49.22 -69.30
CA GLY C 304 -17.13 49.05 -70.18
C GLY C 304 -17.55 47.62 -70.43
N TYR C 305 -17.11 46.69 -69.59
CA TYR C 305 -17.49 45.30 -69.81
C TYR C 305 -18.91 45.13 -69.29
N LYS C 306 -19.85 44.81 -70.18
CA LYS C 306 -21.26 44.65 -69.81
C LYS C 306 -21.84 43.36 -70.35
N PRO C 307 -21.47 42.23 -69.75
CA PRO C 307 -21.95 40.93 -70.19
C PRO C 307 -23.32 40.52 -69.64
N TRP C 308 -23.88 39.48 -70.26
CA TRP C 308 -25.13 38.92 -69.79
C TRP C 308 -24.70 37.99 -68.67
N GLY C 309 -25.66 37.23 -68.13
CA GLY C 309 -25.35 36.33 -67.02
C GLY C 309 -24.44 35.18 -67.36
N LYS C 310 -23.87 34.55 -66.33
CA LYS C 310 -22.99 33.42 -66.54
C LYS C 310 -23.79 32.24 -67.04
N ILE C 311 -23.11 31.34 -67.74
CA ILE C 311 -23.71 30.13 -68.26
C ILE C 311 -22.84 28.96 -67.80
N ASP C 312 -23.42 28.11 -66.97
CA ASP C 312 -22.70 26.96 -66.43
C ASP C 312 -22.44 25.87 -67.45
N MET C 313 -21.19 25.45 -67.55
CA MET C 313 -20.80 24.39 -68.45
C MET C 313 -19.71 23.59 -67.79
N LYS C 314 -19.87 22.28 -67.77
CA LYS C 314 -18.89 21.39 -67.16
C LYS C 314 -17.74 21.10 -68.12
N MET C 315 -16.52 21.10 -67.58
CA MET C 315 -15.34 20.80 -68.39
C MET C 315 -15.08 19.31 -68.38
N SER C 316 -14.81 18.74 -69.56
CA SER C 316 -14.51 17.31 -69.65
C SER C 316 -13.00 17.13 -69.56
N ALA C 317 -12.55 16.42 -68.52
CA ALA C 317 -11.13 16.18 -68.29
C ALA C 317 -10.54 15.22 -69.30
N ARG D 13 -15.79 35.05 -116.39
CA ARG D 13 -15.23 33.72 -116.01
C ARG D 13 -16.19 32.59 -116.40
N SER D 14 -15.77 31.78 -117.36
CA SER D 14 -16.56 30.66 -117.81
C SER D 14 -16.99 29.76 -116.63
N ASN D 15 -16.03 29.44 -115.75
CA ASN D 15 -16.32 28.62 -114.57
C ASN D 15 -15.74 29.34 -113.36
N PRO D 16 -16.49 30.33 -112.83
CA PRO D 16 -16.16 31.17 -111.68
C PRO D 16 -15.98 30.40 -110.37
N ASP D 17 -16.41 29.14 -110.33
CA ASP D 17 -16.23 28.38 -109.10
C ASP D 17 -14.93 27.57 -109.11
N HIS D 18 -14.14 27.72 -110.17
CA HIS D 18 -12.89 26.98 -110.25
C HIS D 18 -12.01 27.40 -109.07
N GLU D 19 -11.57 26.40 -108.30
CA GLU D 19 -10.75 26.67 -107.12
C GLU D 19 -9.49 27.48 -107.37
N GLU D 20 -8.95 27.43 -108.59
CA GLU D 20 -7.73 28.15 -108.89
C GLU D 20 -7.92 29.67 -108.80
N TYR D 21 -9.16 30.14 -108.92
CA TYR D 21 -9.40 31.58 -108.81
C TYR D 21 -9.04 32.10 -107.40
N GLN D 22 -9.03 31.21 -106.42
CA GLN D 22 -8.63 31.64 -105.06
C GLN D 22 -7.19 32.15 -105.12
N TYR D 23 -6.35 31.40 -105.80
CA TYR D 23 -4.95 31.75 -105.95
C TYR D 23 -4.78 33.03 -106.79
N LEU D 24 -5.46 33.08 -107.94
CA LEU D 24 -5.36 34.25 -108.84
C LEU D 24 -5.92 35.50 -108.17
N ASP D 25 -7.07 35.37 -107.52
CA ASP D 25 -7.68 36.51 -106.84
C ASP D 25 -6.79 37.06 -105.73
N LEU D 26 -6.15 36.18 -104.97
CA LEU D 26 -5.30 36.67 -103.88
C LEU D 26 -4.12 37.46 -104.42
N ILE D 27 -3.53 36.98 -105.51
CA ILE D 27 -2.40 37.68 -106.12
C ILE D 27 -2.84 39.05 -106.58
N ARG D 28 -4.01 39.10 -107.22
CA ARG D 28 -4.53 40.38 -107.71
C ARG D 28 -4.73 41.33 -106.53
N ARG D 29 -5.30 40.81 -105.44
CA ARG D 29 -5.52 41.63 -104.25
C ARG D 29 -4.20 42.14 -103.64
N ILE D 30 -3.22 41.27 -103.52
CA ILE D 30 -1.92 41.68 -102.96
C ILE D 30 -1.28 42.78 -103.81
N ILE D 31 -1.30 42.60 -105.12
CA ILE D 31 -0.74 43.60 -106.00
C ILE D 31 -1.48 44.91 -105.85
N ASN D 32 -2.81 44.84 -105.78
CA ASN D 32 -3.67 46.03 -105.65
C ASN D 32 -3.60 46.78 -104.31
N VAL D 33 -3.84 46.08 -103.20
CA VAL D 33 -3.83 46.73 -101.89
C VAL D 33 -2.77 46.24 -100.92
N GLY D 34 -1.87 45.39 -101.39
CA GLY D 34 -0.82 44.90 -100.51
C GLY D 34 0.13 46.01 -100.09
N GLU D 35 0.83 45.80 -98.99
CA GLU D 35 1.77 46.78 -98.46
C GLU D 35 3.20 46.52 -98.96
N VAL D 36 3.84 47.56 -99.50
CA VAL D 36 5.21 47.44 -100.01
C VAL D 36 6.15 47.32 -98.83
N ARG D 37 6.94 46.25 -98.79
CA ARG D 37 7.84 46.05 -97.67
C ARG D 37 9.23 45.57 -98.01
N PRO D 38 10.21 45.85 -97.14
CA PRO D 38 11.58 45.42 -97.33
C PRO D 38 11.55 43.95 -96.82
N ASP D 39 12.57 43.16 -97.14
CA ASP D 39 12.58 41.78 -96.67
C ASP D 39 14.00 41.25 -96.59
N ARG D 40 14.13 40.07 -96.02
CA ARG D 40 15.43 39.40 -95.86
C ARG D 40 16.25 39.31 -97.17
N THR D 41 15.59 38.95 -98.27
CA THR D 41 16.30 38.76 -99.54
C THR D 41 16.84 40.05 -100.15
N GLY D 42 16.21 41.18 -99.84
CA GLY D 42 16.67 42.43 -100.41
C GLY D 42 15.94 42.82 -101.69
N THR D 43 15.10 41.95 -102.24
CA THR D 43 14.40 42.32 -103.46
C THR D 43 13.13 43.11 -103.17
N GLY D 44 12.54 42.89 -102.00
CA GLY D 44 11.31 43.61 -101.64
C GLY D 44 10.06 42.87 -102.07
N THR D 45 8.95 43.12 -101.37
CA THR D 45 7.71 42.46 -101.71
C THR D 45 6.51 43.37 -101.45
N VAL D 46 5.35 42.88 -101.84
CA VAL D 46 4.09 43.57 -101.55
C VAL D 46 3.36 42.47 -100.76
N ALA D 47 2.80 42.79 -99.60
CA ALA D 47 2.18 41.73 -98.80
C ALA D 47 0.91 42.05 -98.00
N LEU D 48 0.23 40.97 -97.59
CA LEU D 48 -0.97 41.03 -96.78
C LEU D 48 -0.80 39.94 -95.73
N PHE D 49 -1.26 40.19 -94.51
CA PHE D 49 -1.13 39.20 -93.45
C PHE D 49 -2.43 38.45 -93.19
N ALA D 50 -2.31 37.14 -93.02
CA ALA D 50 -3.44 36.30 -92.70
C ALA D 50 -4.69 36.45 -93.57
N PRO D 51 -4.55 36.34 -94.90
CA PRO D 51 -5.74 36.47 -95.73
C PRO D 51 -6.58 35.22 -95.58
N PRO D 52 -7.84 35.25 -96.07
CA PRO D 52 -8.69 34.05 -95.96
C PRO D 52 -7.94 32.83 -96.50
N SER D 53 -8.16 31.69 -95.86
CA SER D 53 -7.50 30.46 -96.26
C SER D 53 -8.02 29.89 -97.59
N PHE D 54 -7.22 29.04 -98.24
CA PHE D 54 -7.61 28.40 -99.50
C PHE D 54 -8.16 27.03 -99.17
N ARG D 55 -9.13 26.58 -99.96
CA ARG D 55 -9.71 25.27 -99.75
C ARG D 55 -9.73 24.56 -101.10
N PHE D 56 -9.24 23.34 -101.14
CA PHE D 56 -9.21 22.57 -102.36
C PHE D 56 -9.78 21.18 -102.13
N SER D 57 -10.70 20.79 -103.01
CA SER D 57 -11.30 19.47 -102.91
C SER D 57 -10.34 18.42 -103.45
N LEU D 58 -10.20 17.31 -102.72
CA LEU D 58 -9.33 16.23 -103.15
C LEU D 58 -10.17 15.01 -103.52
N ALA D 59 -11.49 15.20 -103.60
CA ALA D 59 -12.39 14.11 -103.94
C ALA D 59 -12.25 13.74 -105.42
N ASP D 60 -12.66 12.52 -105.75
CA ASP D 60 -12.59 12.02 -107.12
C ASP D 60 -11.16 12.05 -107.67
N ASN D 61 -10.20 11.71 -106.82
CA ASN D 61 -8.79 11.68 -107.21
C ASN D 61 -8.25 13.01 -107.75
N THR D 62 -8.87 14.11 -107.36
CA THR D 62 -8.45 15.42 -107.85
C THR D 62 -7.14 15.94 -107.25
N LEU D 63 -6.28 16.48 -108.11
CA LEU D 63 -5.01 17.04 -107.68
C LEU D 63 -4.98 18.52 -108.05
N PRO D 64 -4.99 19.42 -107.04
CA PRO D 64 -4.96 20.86 -107.32
C PRO D 64 -3.60 21.35 -107.82
N LEU D 65 -3.22 20.92 -109.01
CA LEU D 65 -1.96 21.34 -109.63
C LEU D 65 -2.37 22.53 -110.55
N LEU D 66 -1.91 23.72 -110.22
CA LEU D 66 -2.29 24.92 -110.96
C LEU D 66 -2.12 24.76 -112.48
N THR D 67 -3.07 25.30 -113.22
CA THR D 67 -3.07 25.22 -114.67
C THR D 67 -2.80 26.54 -115.40
N THR D 68 -2.82 27.66 -114.68
CA THR D 68 -2.57 28.94 -115.33
C THR D 68 -1.09 29.15 -115.68
N LYS D 69 -0.27 28.16 -115.33
CA LYS D 69 1.14 28.16 -115.69
C LYS D 69 1.60 26.72 -115.56
N ARG D 70 2.64 26.33 -116.29
CA ARG D 70 3.14 24.96 -116.20
C ARG D 70 3.90 24.83 -114.88
N VAL D 71 3.50 23.88 -114.05
CA VAL D 71 4.14 23.66 -112.76
C VAL D 71 5.02 22.43 -112.87
N PHE D 72 6.25 22.54 -112.35
CA PHE D 72 7.23 21.45 -112.40
C PHE D 72 6.78 20.30 -111.48
N LEU D 73 5.82 19.53 -111.96
CA LEU D 73 5.27 18.41 -111.19
C LEU D 73 6.31 17.45 -110.63
N ARG D 74 7.23 17.00 -111.48
CA ARG D 74 8.26 16.06 -111.03
C ARG D 74 9.07 16.64 -109.88
N GLY D 75 9.29 17.95 -109.90
CA GLY D 75 10.04 18.60 -108.85
C GLY D 75 9.27 18.56 -107.53
N VAL D 76 7.96 18.74 -107.62
CA VAL D 76 7.12 18.71 -106.44
C VAL D 76 7.17 17.31 -105.82
N ILE D 77 6.92 16.29 -106.64
CA ILE D 77 6.94 14.92 -106.18
C ILE D 77 8.33 14.54 -105.59
N ALA D 78 9.40 14.87 -106.32
CA ALA D 78 10.74 14.56 -105.84
C ALA D 78 11.00 15.20 -104.46
N GLU D 79 10.66 16.47 -104.31
CA GLU D 79 10.86 17.16 -103.05
C GLU D 79 10.08 16.51 -101.94
N LEU D 80 8.84 16.11 -102.25
CA LEU D 80 7.97 15.48 -101.25
C LEU D 80 8.51 14.13 -100.76
N LEU D 81 8.95 13.30 -101.68
CA LEU D 81 9.48 11.98 -101.30
C LEU D 81 10.78 12.16 -100.54
N TRP D 82 11.44 13.27 -100.83
CA TRP D 82 12.70 13.63 -100.19
C TRP D 82 12.36 13.98 -98.72
N PHE D 83 11.29 14.77 -98.50
CA PHE D 83 10.87 15.14 -97.14
C PHE D 83 10.56 13.87 -96.37
N VAL D 84 9.69 13.04 -96.95
CA VAL D 84 9.28 11.78 -96.35
C VAL D 84 10.46 10.91 -95.93
N SER D 85 11.49 10.83 -96.79
CA SER D 85 12.67 10.04 -96.47
C SER D 85 13.47 10.58 -95.28
N GLY D 86 13.20 11.81 -94.89
CA GLY D 86 13.91 12.41 -93.77
C GLY D 86 15.27 12.96 -94.19
N CYS D 87 15.57 12.89 -95.47
CA CYS D 87 16.84 13.38 -96.02
C CYS D 87 16.92 14.92 -96.03
N THR D 88 18.10 15.47 -95.78
CA THR D 88 18.27 16.91 -95.78
C THR D 88 19.40 17.35 -96.73
N ASP D 89 19.82 16.45 -97.61
CA ASP D 89 20.88 16.74 -98.57
C ASP D 89 20.26 17.12 -99.92
N ALA D 90 20.39 18.39 -100.26
CA ALA D 90 19.84 18.89 -101.51
C ALA D 90 20.41 18.21 -102.75
N LYS D 91 21.59 17.59 -102.62
CA LYS D 91 22.20 16.93 -103.76
C LYS D 91 21.33 15.76 -104.21
N MET D 92 20.51 15.25 -103.30
CA MET D 92 19.64 14.13 -103.64
C MET D 92 18.54 14.60 -104.59
N LEU D 93 18.34 15.91 -104.64
CA LEU D 93 17.34 16.46 -105.55
C LEU D 93 18.03 16.89 -106.85
N SER D 94 19.15 17.60 -106.75
CA SER D 94 19.86 18.06 -107.95
C SER D 94 20.39 16.88 -108.78
N SER D 95 20.70 15.76 -108.14
CA SER D 95 21.19 14.60 -108.86
C SER D 95 20.08 14.01 -109.74
N GLN D 96 18.84 14.26 -109.40
CA GLN D 96 17.73 13.76 -110.20
C GLN D 96 17.10 14.90 -111.02
N GLY D 97 17.86 15.96 -111.24
CA GLY D 97 17.37 17.08 -112.04
C GLY D 97 16.43 18.08 -111.41
N VAL D 98 16.43 18.16 -110.08
CA VAL D 98 15.55 19.09 -109.36
C VAL D 98 16.44 20.04 -108.57
N GLY D 99 16.48 21.31 -108.99
CA GLY D 99 17.37 22.25 -108.31
C GLY D 99 16.73 23.32 -107.47
N ILE D 100 15.48 23.10 -107.03
CA ILE D 100 14.76 24.09 -106.24
C ILE D 100 15.46 24.49 -104.94
N TRP D 101 16.26 23.56 -104.40
CA TRP D 101 17.00 23.85 -103.17
C TRP D 101 18.47 24.16 -103.39
N ASP D 102 18.90 24.27 -104.66
CA ASP D 102 20.29 24.58 -104.97
C ASP D 102 20.67 25.96 -104.47
N GLY D 103 19.74 26.90 -104.55
CA GLY D 103 20.02 28.26 -104.12
C GLY D 103 20.33 28.43 -102.63
N ASN D 104 19.57 27.77 -101.76
CA ASN D 104 19.83 27.88 -100.34
C ASN D 104 20.82 26.83 -99.84
N GLY D 105 21.18 25.91 -100.71
CA GLY D 105 22.13 24.87 -100.33
C GLY D 105 23.52 25.14 -100.89
N SER D 106 23.66 26.21 -101.67
CA SER D 106 24.93 26.55 -102.28
C SER D 106 25.97 26.91 -101.22
N LYS D 107 27.21 26.61 -101.55
CA LYS D 107 28.34 26.89 -100.67
C LYS D 107 28.32 28.35 -100.30
N GLU D 108 28.02 29.21 -101.28
CA GLU D 108 27.98 30.64 -101.06
C GLU D 108 26.92 31.09 -100.04
N PHE D 109 25.71 30.52 -100.13
CA PHE D 109 24.65 30.92 -99.22
C PHE D 109 24.92 30.39 -97.80
N LEU D 110 25.33 29.13 -97.72
CA LEU D 110 25.62 28.51 -96.42
C LEU D 110 26.65 29.33 -95.64
N GLU D 111 27.74 29.70 -96.30
CA GLU D 111 28.76 30.51 -95.65
C GLU D 111 28.21 31.88 -95.27
N LYS D 112 27.28 32.37 -96.09
CA LYS D 112 26.63 33.65 -95.86
C LYS D 112 25.81 33.66 -94.57
N VAL D 113 25.14 32.56 -94.25
CA VAL D 113 24.33 32.48 -93.03
C VAL D 113 25.07 31.84 -91.84
N GLY D 114 26.40 31.82 -91.91
CA GLY D 114 27.19 31.25 -90.82
C GLY D 114 27.28 29.73 -90.77
N LEU D 115 27.05 29.06 -91.88
CA LEU D 115 27.10 27.60 -91.94
C LEU D 115 28.21 27.16 -92.91
N GLY D 116 29.35 27.84 -92.84
CA GLY D 116 30.47 27.53 -93.71
C GLY D 116 31.13 26.18 -93.45
N HIS D 117 30.86 25.59 -92.29
CA HIS D 117 31.46 24.31 -91.94
C HIS D 117 30.74 23.13 -92.59
N ARG D 118 29.69 23.42 -93.35
CA ARG D 118 28.96 22.35 -93.98
C ARG D 118 29.31 22.20 -95.45
N ARG D 119 29.21 20.98 -95.97
CA ARG D 119 29.49 20.80 -97.39
C ARG D 119 28.27 21.31 -98.16
N GLU D 120 28.50 21.70 -99.41
CA GLU D 120 27.43 22.21 -100.23
C GLU D 120 26.24 21.25 -100.29
N GLY D 121 25.02 21.78 -100.14
CA GLY D 121 23.84 20.93 -100.19
C GLY D 121 23.35 20.46 -98.83
N ASP D 122 24.19 20.55 -97.80
CA ASP D 122 23.77 20.11 -96.46
C ASP D 122 22.98 21.22 -95.81
N LEU D 123 21.67 21.20 -96.00
CA LEU D 123 20.76 22.23 -95.49
C LEU D 123 20.59 22.26 -93.96
N GLY D 124 20.92 21.17 -93.28
CA GLY D 124 20.75 21.16 -91.84
C GLY D 124 19.51 20.38 -91.50
N PRO D 125 19.05 20.43 -90.23
CA PRO D 125 17.86 19.71 -89.78
C PRO D 125 16.54 20.34 -90.23
N VAL D 126 16.34 20.41 -91.55
CA VAL D 126 15.13 20.99 -92.10
C VAL D 126 14.00 19.98 -92.22
N TYR D 127 12.92 20.40 -92.87
CA TYR D 127 11.70 19.61 -93.04
C TYR D 127 11.75 18.13 -92.74
N GLY D 128 12.26 17.35 -93.69
CA GLY D 128 12.34 15.90 -93.54
C GLY D 128 12.93 15.39 -92.22
N PHE D 129 13.99 16.03 -91.74
CA PHE D 129 14.62 15.60 -90.50
C PHE D 129 13.68 15.81 -89.31
N GLN D 130 13.02 16.95 -89.25
CA GLN D 130 12.07 17.22 -88.16
C GLN D 130 10.88 16.27 -88.23
N TRP D 131 10.39 16.02 -89.44
CA TRP D 131 9.25 15.13 -89.67
C TRP D 131 9.45 13.70 -89.16
N ARG D 132 10.63 13.15 -89.39
CA ARG D 132 10.94 11.78 -88.98
C ARG D 132 11.85 11.62 -87.76
N HIS D 133 12.53 12.68 -87.34
CA HIS D 133 13.49 12.58 -86.22
C HIS D 133 13.46 13.78 -85.28
N PHE D 134 12.28 14.39 -85.09
CA PHE D 134 12.20 15.59 -84.24
C PHE D 134 12.83 15.38 -82.87
N GLY D 135 13.72 16.29 -82.47
CA GLY D 135 14.38 16.17 -81.19
C GLY D 135 15.74 15.52 -81.24
N ALA D 136 16.03 14.77 -82.30
CA ALA D 136 17.32 14.10 -82.41
C ALA D 136 18.42 15.14 -82.58
N GLU D 137 19.64 14.75 -82.22
CA GLU D 137 20.81 15.63 -82.34
C GLU D 137 21.30 15.57 -83.79
N TYR D 138 21.45 16.73 -84.43
CA TYR D 138 21.89 16.77 -85.83
C TYR D 138 23.40 16.98 -85.93
N THR D 139 24.08 16.16 -86.71
CA THR D 139 25.52 16.32 -86.90
C THR D 139 25.65 16.89 -88.30
N ASP D 140 25.47 16.07 -89.32
CA ASP D 140 25.53 16.54 -90.73
C ASP D 140 24.48 15.73 -91.49
N ALA D 141 24.38 15.86 -92.82
CA ALA D 141 23.37 15.10 -93.55
C ALA D 141 23.64 13.61 -93.69
N ASP D 142 24.85 13.19 -93.36
CA ASP D 142 25.23 11.78 -93.46
C ASP D 142 25.04 11.04 -92.15
N GLY D 143 24.66 11.77 -91.11
CA GLY D 143 24.46 11.16 -89.81
C GLY D 143 23.44 10.03 -89.79
N ASP D 144 23.62 9.11 -88.85
CA ASP D 144 22.73 7.96 -88.72
C ASP D 144 21.64 8.33 -87.71
N TYR D 145 20.44 8.59 -88.22
CA TYR D 145 19.33 9.01 -87.38
C TYR D 145 18.23 7.95 -87.25
N LYS D 146 18.44 6.81 -87.89
CA LYS D 146 17.44 5.74 -87.84
C LYS D 146 17.08 5.40 -86.40
N GLY D 147 15.79 5.44 -86.09
CA GLY D 147 15.32 5.13 -84.75
C GLY D 147 15.54 6.24 -83.73
N LYS D 148 16.03 7.39 -84.18
CA LYS D 148 16.29 8.51 -83.28
C LYS D 148 15.29 9.64 -83.48
N GLY D 149 14.91 10.27 -82.37
CA GLY D 149 13.95 11.37 -82.44
C GLY D 149 12.52 10.89 -82.59
N VAL D 150 11.58 11.81 -82.69
CA VAL D 150 10.18 11.45 -82.84
C VAL D 150 9.77 11.33 -84.32
N ASP D 151 9.24 10.17 -84.70
CA ASP D 151 8.79 9.98 -86.07
C ASP D 151 7.35 10.43 -86.15
N GLN D 152 7.15 11.74 -86.34
CA GLN D 152 5.81 12.30 -86.43
C GLN D 152 4.96 11.74 -87.56
N LEU D 153 5.59 11.51 -88.71
CA LEU D 153 4.86 11.01 -89.87
C LEU D 153 4.25 9.64 -89.65
N GLN D 154 5.05 8.69 -89.16
CA GLN D 154 4.51 7.37 -88.90
C GLN D 154 3.45 7.43 -87.80
N ARG D 155 3.61 8.32 -86.83
CA ARG D 155 2.64 8.43 -85.75
C ARG D 155 1.32 8.91 -86.33
N VAL D 156 1.39 9.81 -87.31
CA VAL D 156 0.19 10.30 -87.96
C VAL D 156 -0.53 9.14 -88.64
N ILE D 157 0.23 8.32 -89.34
CA ILE D 157 -0.33 7.16 -90.05
C ILE D 157 -1.02 6.20 -89.04
N ASP D 158 -0.29 5.86 -87.98
CA ASP D 158 -0.81 4.94 -86.96
C ASP D 158 -2.07 5.46 -86.30
N THR D 159 -2.11 6.76 -86.05
CA THR D 159 -3.24 7.38 -85.38
C THR D 159 -4.47 7.42 -86.28
N ILE D 160 -4.27 7.72 -87.57
CA ILE D 160 -5.39 7.78 -88.49
C ILE D 160 -6.04 6.39 -88.58
N LYS D 161 -5.22 5.36 -88.56
CA LYS D 161 -5.72 3.98 -88.66
C LYS D 161 -6.34 3.42 -87.37
N ASN D 162 -5.72 3.72 -86.23
CA ASN D 162 -6.22 3.16 -84.97
C ASN D 162 -7.00 4.08 -84.03
N ASN D 163 -6.91 5.38 -84.23
CA ASN D 163 -7.63 6.31 -83.39
C ASN D 163 -7.88 7.62 -84.15
N PRO D 164 -8.65 7.53 -85.24
CA PRO D 164 -9.02 8.66 -86.13
C PRO D 164 -9.59 9.92 -85.53
N THR D 165 -10.33 9.79 -84.43
CA THR D 165 -10.91 10.96 -83.81
C THR D 165 -9.94 11.71 -82.91
N ASP D 166 -8.71 11.21 -82.83
CA ASP D 166 -7.68 11.89 -82.02
C ASP D 166 -7.58 13.32 -82.54
N ARG D 167 -7.27 14.27 -81.67
CA ARG D 167 -7.17 15.68 -82.07
C ARG D 167 -5.74 16.19 -82.11
N ARG D 168 -4.76 15.29 -82.10
CA ARG D 168 -3.34 15.69 -82.11
C ARG D 168 -2.62 15.13 -83.33
N ILE D 169 -3.33 14.93 -84.43
CA ILE D 169 -2.70 14.37 -85.63
C ILE D 169 -1.96 15.49 -86.32
N ILE D 170 -0.79 15.80 -85.78
CA ILE D 170 0.02 16.92 -86.25
C ILE D 170 1.38 16.50 -86.83
N LEU D 171 1.77 17.19 -87.89
CA LEU D 171 3.05 16.94 -88.54
C LEU D 171 3.70 18.32 -88.59
N SER D 172 4.79 18.51 -87.84
CA SER D 172 5.42 19.83 -87.78
C SER D 172 6.93 19.81 -87.96
N ALA D 173 7.43 20.83 -88.66
CA ALA D 173 8.85 20.96 -88.89
C ALA D 173 9.43 22.10 -88.08
N TRP D 174 8.57 22.85 -87.40
CA TRP D 174 9.05 23.98 -86.62
C TRP D 174 9.79 23.54 -85.35
N ASN D 175 11.05 23.95 -85.23
CA ASN D 175 11.86 23.59 -84.07
C ASN D 175 12.73 24.78 -83.70
N PRO D 176 12.27 25.58 -82.73
CA PRO D 176 13.00 26.77 -82.28
C PRO D 176 14.46 26.51 -81.91
N LYS D 177 14.73 25.34 -81.37
CA LYS D 177 16.11 25.02 -81.00
C LYS D 177 17.01 24.77 -82.19
N ASP D 178 16.50 24.08 -83.21
CA ASP D 178 17.28 23.77 -84.43
C ASP D 178 17.32 24.87 -85.50
N LEU D 179 16.46 25.86 -85.41
CA LEU D 179 16.42 26.93 -86.41
C LEU D 179 17.76 27.47 -86.89
N PRO D 180 18.65 27.85 -85.98
CA PRO D 180 19.96 28.37 -86.42
C PRO D 180 20.82 27.40 -87.21
N LEU D 181 20.51 26.11 -87.13
CA LEU D 181 21.28 25.12 -87.86
C LEU D 181 20.70 24.94 -89.28
N MET D 182 19.55 25.54 -89.53
CA MET D 182 18.85 25.42 -90.80
C MET D 182 19.23 26.48 -91.81
N ALA D 183 19.47 26.08 -93.06
CA ALA D 183 19.82 27.03 -94.09
C ALA D 183 18.67 28.01 -94.24
N LEU D 184 17.47 27.54 -93.97
CA LEU D 184 16.28 28.37 -94.07
C LEU D 184 15.24 27.77 -93.13
N PRO D 185 14.52 28.62 -92.37
CA PRO D 185 13.50 28.10 -91.45
C PRO D 185 12.31 27.60 -92.23
N PRO D 186 11.60 26.60 -91.71
CA PRO D 186 10.43 26.03 -92.40
C PRO D 186 9.38 27.08 -92.79
N CYS D 187 8.91 27.01 -94.04
CA CYS D 187 7.89 27.93 -94.51
C CYS D 187 6.56 27.25 -94.15
N HIS D 188 6.35 26.03 -94.62
CA HIS D 188 5.16 25.29 -94.26
C HIS D 188 5.61 24.67 -92.94
N MET D 189 5.26 25.33 -91.84
CA MET D 189 5.71 24.88 -90.54
C MET D 189 4.98 23.72 -89.90
N PHE D 190 3.75 23.46 -90.34
CA PHE D 190 3.03 22.31 -89.80
C PHE D 190 1.67 22.11 -90.46
N CYS D 191 1.14 20.91 -90.30
CA CYS D 191 -0.18 20.62 -90.82
C CYS D 191 -0.93 19.70 -89.85
N GLN D 192 -2.25 19.73 -89.93
CA GLN D 192 -3.08 18.90 -89.08
C GLN D 192 -4.03 18.09 -89.95
N PHE D 193 -4.13 16.79 -89.67
CA PHE D 193 -5.03 15.92 -90.40
C PHE D 193 -6.30 15.67 -89.60
N PHE D 194 -7.40 15.47 -90.30
CA PHE D 194 -8.70 15.22 -89.69
C PHE D 194 -9.37 14.07 -90.45
N VAL D 195 -9.99 13.16 -89.70
CA VAL D 195 -10.67 12.02 -90.29
C VAL D 195 -12.16 12.03 -89.97
N SER D 196 -12.98 12.05 -91.01
CA SER D 196 -14.43 12.01 -90.81
C SER D 196 -14.82 10.56 -90.82
N LEU D 197 -15.58 10.13 -89.82
CA LEU D 197 -16.04 8.76 -89.73
C LEU D 197 -17.12 8.48 -90.77
N PRO D 198 -17.27 7.22 -91.20
CA PRO D 198 -18.27 6.82 -92.19
C PRO D 198 -19.68 7.16 -91.69
N PRO D 199 -20.50 7.79 -92.55
CA PRO D 199 -21.87 8.17 -92.16
C PRO D 199 -22.65 6.93 -91.71
N ALA D 200 -23.61 7.15 -90.81
CA ALA D 200 -24.43 6.09 -90.24
C ALA D 200 -25.09 5.16 -91.24
N ASP D 201 -25.76 5.75 -92.23
CA ASP D 201 -26.48 5.02 -93.27
C ASP D 201 -25.57 4.50 -94.39
N SER D 202 -24.41 3.95 -94.01
CA SER D 202 -23.45 3.42 -94.97
C SER D 202 -22.07 3.35 -94.31
N PRO D 203 -21.93 2.49 -93.30
CA PRO D 203 -20.70 2.28 -92.53
C PRO D 203 -19.56 1.56 -93.26
N GLY D 204 -19.83 1.14 -94.48
CA GLY D 204 -18.81 0.43 -95.24
C GLY D 204 -17.88 1.39 -95.95
N SER D 205 -18.34 2.63 -96.15
CA SER D 205 -17.55 3.63 -96.83
C SER D 205 -16.22 3.91 -96.13
N LYS D 206 -15.27 4.45 -96.87
CA LYS D 206 -13.97 4.78 -96.31
C LYS D 206 -14.04 6.12 -95.56
N PRO D 207 -13.34 6.22 -94.42
CA PRO D 207 -13.37 7.50 -93.69
C PRO D 207 -12.76 8.56 -94.61
N LYS D 208 -13.17 9.82 -94.45
CA LYS D 208 -12.62 10.88 -95.28
C LYS D 208 -11.45 11.62 -94.59
N LEU D 209 -10.36 11.81 -95.33
CA LEU D 209 -9.18 12.47 -94.78
C LEU D 209 -8.98 13.89 -95.27
N SER D 210 -8.83 14.82 -94.32
CA SER D 210 -8.59 16.23 -94.65
C SER D 210 -7.27 16.70 -94.03
N CYS D 211 -6.74 17.78 -94.58
CA CYS D 211 -5.47 18.32 -94.12
C CYS D 211 -5.47 19.83 -94.14
N LEU D 212 -5.07 20.42 -93.01
CA LEU D 212 -4.95 21.86 -92.94
C LEU D 212 -3.45 22.13 -92.72
N MET D 213 -2.87 23.00 -93.55
CA MET D 213 -1.45 23.34 -93.43
C MET D 213 -1.31 24.82 -93.20
N TYR D 214 -0.39 25.21 -92.33
CA TYR D 214 -0.19 26.63 -92.04
C TYR D 214 1.19 27.01 -92.53
N GLN D 215 1.24 28.07 -93.34
CA GLN D 215 2.50 28.52 -93.92
C GLN D 215 2.76 29.92 -93.43
N ARG D 216 3.83 30.11 -92.66
CA ARG D 216 4.19 31.41 -92.11
C ARG D 216 4.59 32.48 -93.11
N SER D 217 5.23 32.05 -94.20
CA SER D 217 5.73 32.96 -95.24
C SER D 217 5.40 32.32 -96.58
N CYS D 218 4.75 33.07 -97.46
CA CYS D 218 4.32 32.50 -98.72
C CYS D 218 4.68 33.31 -99.96
N ASP D 219 5.58 32.76 -100.75
CA ASP D 219 6.01 33.38 -102.01
C ASP D 219 4.91 32.90 -102.97
N LEU D 220 3.93 33.75 -103.24
CA LEU D 220 2.84 33.32 -104.11
C LEU D 220 3.25 32.96 -105.53
N GLY D 221 4.22 33.67 -106.08
CA GLY D 221 4.66 33.37 -107.44
C GLY D 221 5.30 32.01 -107.59
N LEU D 222 6.31 31.72 -106.76
CA LEU D 222 7.04 30.48 -106.85
C LEU D 222 6.73 29.39 -105.85
N GLY D 223 6.66 29.75 -104.58
CA GLY D 223 6.41 28.74 -103.56
C GLY D 223 5.03 28.12 -103.44
N VAL D 224 4.00 28.96 -103.32
CA VAL D 224 2.63 28.48 -103.13
C VAL D 224 2.16 27.42 -104.11
N PRO D 225 2.50 27.58 -105.42
CA PRO D 225 2.06 26.54 -106.35
C PRO D 225 2.63 25.17 -105.95
N PHE D 226 3.88 25.15 -105.46
CA PHE D 226 4.49 23.89 -105.05
C PHE D 226 3.84 23.42 -103.72
N ASN D 227 3.69 24.34 -102.78
CA ASN D 227 3.13 23.99 -101.46
C ASN D 227 1.75 23.37 -101.56
N ILE D 228 0.90 23.96 -102.41
CA ILE D 228 -0.46 23.44 -102.60
C ILE D 228 -0.44 22.01 -103.14
N ALA D 229 0.35 21.79 -104.19
CA ALA D 229 0.40 20.46 -104.80
C ALA D 229 1.10 19.46 -103.86
N SER D 230 2.16 19.92 -103.19
CA SER D 230 2.88 19.05 -102.27
C SER D 230 1.97 18.47 -101.15
N TYR D 231 1.28 19.34 -100.42
CA TYR D 231 0.43 18.84 -99.34
C TYR D 231 -0.79 18.08 -99.84
N ALA D 232 -1.25 18.41 -101.04
CA ALA D 232 -2.37 17.67 -101.63
C ALA D 232 -1.86 16.25 -101.89
N LEU D 233 -0.65 16.14 -102.44
CA LEU D 233 -0.07 14.84 -102.73
C LEU D 233 0.21 14.05 -101.45
N LEU D 234 0.71 14.73 -100.43
CA LEU D 234 0.98 14.06 -99.17
C LEU D 234 -0.32 13.43 -98.63
N THR D 235 -1.41 14.17 -98.73
CA THR D 235 -2.70 13.69 -98.24
C THR D 235 -3.15 12.48 -99.03
N HIS D 236 -2.97 12.51 -100.35
CA HIS D 236 -3.32 11.37 -101.20
C HIS D 236 -2.48 10.16 -100.77
N MET D 237 -1.18 10.37 -100.54
CA MET D 237 -0.26 9.30 -100.13
C MET D 237 -0.73 8.68 -98.82
N ILE D 238 -0.94 9.52 -97.82
CA ILE D 238 -1.38 9.05 -96.52
C ILE D 238 -2.71 8.33 -96.61
N ALA D 239 -3.59 8.82 -97.46
CA ALA D 239 -4.90 8.19 -97.65
C ALA D 239 -4.77 6.77 -98.13
N LEU D 240 -3.83 6.54 -99.06
CA LEU D 240 -3.62 5.21 -99.61
C LEU D 240 -3.14 4.24 -98.53
N ILE D 241 -2.17 4.67 -97.74
CA ILE D 241 -1.61 3.81 -96.70
C ILE D 241 -2.57 3.56 -95.54
N THR D 242 -3.48 4.50 -95.28
CA THR D 242 -4.42 4.37 -94.16
C THR D 242 -5.83 3.92 -94.55
N ASP D 243 -6.02 3.56 -95.81
CA ASP D 243 -7.33 3.13 -96.29
C ASP D 243 -8.40 4.19 -96.08
N THR D 244 -8.05 5.46 -96.30
CA THR D 244 -9.02 6.54 -96.17
C THR D 244 -9.18 7.22 -97.53
N GLU D 245 -10.20 8.04 -97.67
CA GLU D 245 -10.46 8.74 -98.91
C GLU D 245 -10.11 10.21 -98.79
N PRO D 246 -9.18 10.70 -99.61
CA PRO D 246 -8.82 12.12 -99.54
C PRO D 246 -10.06 12.99 -99.73
N HIS D 247 -10.20 14.01 -98.89
CA HIS D 247 -11.37 14.86 -98.97
C HIS D 247 -11.10 16.33 -99.26
N GLU D 248 -10.39 16.99 -98.34
CA GLU D 248 -10.14 18.42 -98.51
C GLU D 248 -8.77 18.83 -97.99
N PHE D 249 -8.18 19.83 -98.64
CA PHE D 249 -6.91 20.41 -98.24
C PHE D 249 -7.15 21.89 -98.00
N ILE D 250 -6.76 22.37 -96.81
CA ILE D 250 -6.93 23.76 -96.47
C ILE D 250 -5.56 24.38 -96.24
N LEU D 251 -5.35 25.57 -96.77
CA LEU D 251 -4.08 26.25 -96.62
C LEU D 251 -4.25 27.63 -96.00
N GLN D 252 -3.69 27.82 -94.81
CA GLN D 252 -3.75 29.12 -94.14
C GLN D 252 -2.40 29.78 -94.23
N MET D 253 -2.39 31.02 -94.67
CA MET D 253 -1.15 31.76 -94.84
C MET D 253 -0.94 32.82 -93.77
N GLY D 254 0.33 33.11 -93.49
CA GLY D 254 0.66 34.15 -92.53
C GLY D 254 1.10 35.32 -93.40
N ASP D 255 2.42 35.48 -93.61
CA ASP D 255 2.91 36.59 -94.42
C ASP D 255 2.76 36.17 -95.89
N ALA D 256 1.68 36.60 -96.53
CA ALA D 256 1.42 36.26 -97.93
C ALA D 256 1.93 37.40 -98.78
N HIS D 257 2.93 37.13 -99.61
CA HIS D 257 3.54 38.17 -100.42
C HIS D 257 3.86 37.82 -101.88
N VAL D 258 4.08 38.87 -102.66
CA VAL D 258 4.43 38.77 -104.08
C VAL D 258 5.72 39.58 -104.21
N TYR D 259 6.81 38.94 -104.62
CA TYR D 259 8.08 39.64 -104.79
C TYR D 259 7.98 40.70 -105.88
N ARG D 260 8.73 41.77 -105.71
CA ARG D 260 8.71 42.89 -106.64
C ARG D 260 8.95 42.46 -108.08
N ASP D 261 9.90 41.55 -108.28
CA ASP D 261 10.23 41.10 -109.63
C ASP D 261 9.30 40.04 -110.16
N HIS D 262 8.21 39.77 -109.44
CA HIS D 262 7.22 38.78 -109.87
C HIS D 262 5.92 39.46 -110.33
N VAL D 263 5.75 40.72 -109.97
CA VAL D 263 4.53 41.46 -110.32
C VAL D 263 4.16 41.40 -111.80
N GLU D 264 5.07 41.80 -112.67
CA GLU D 264 4.81 41.78 -114.11
C GLU D 264 4.58 40.37 -114.65
N PRO D 265 5.44 39.41 -114.28
CA PRO D 265 5.21 38.05 -114.79
C PRO D 265 3.83 37.50 -114.37
N LEU D 266 3.40 37.80 -113.14
CA LEU D 266 2.13 37.31 -112.65
C LEU D 266 0.94 37.96 -113.37
N LYS D 267 1.11 39.22 -113.77
CA LYS D 267 0.02 39.91 -114.48
C LYS D 267 -0.35 39.13 -115.73
N THR D 268 0.66 38.54 -116.36
CA THR D 268 0.44 37.74 -117.56
C THR D 268 -0.37 36.50 -117.18
N GLN D 269 -0.05 35.91 -116.03
CA GLN D 269 -0.74 34.71 -115.59
C GLN D 269 -2.20 35.02 -115.23
N LEU D 270 -2.42 36.19 -114.66
CA LEU D 270 -3.77 36.59 -114.24
C LEU D 270 -4.76 36.69 -115.37
N GLU D 271 -4.27 36.79 -116.60
CA GLU D 271 -5.11 36.90 -117.78
C GLU D 271 -5.61 35.56 -118.25
N ARG D 272 -5.06 34.47 -117.71
CA ARG D 272 -5.42 33.13 -118.15
C ARG D 272 -6.55 32.48 -117.39
N GLU D 273 -7.37 31.74 -118.12
CA GLU D 273 -8.50 31.02 -117.55
C GLU D 273 -8.05 29.61 -117.18
N PRO D 274 -8.29 29.20 -115.93
CA PRO D 274 -7.91 27.87 -115.46
C PRO D 274 -8.57 26.72 -116.24
N ARG D 275 -7.87 25.60 -116.33
CA ARG D 275 -8.37 24.40 -116.97
C ARG D 275 -8.72 23.49 -115.79
N ASP D 276 -9.61 22.52 -116.00
CA ASP D 276 -9.98 21.61 -114.93
C ASP D 276 -8.73 20.93 -114.34
N PHE D 277 -8.69 20.77 -113.03
CA PHE D 277 -7.54 20.16 -112.39
C PHE D 277 -7.37 18.73 -112.85
N PRO D 278 -6.12 18.23 -112.84
CA PRO D 278 -5.84 16.86 -113.25
C PRO D 278 -6.23 15.88 -112.15
N LYS D 279 -6.13 14.59 -112.47
CA LYS D 279 -6.43 13.57 -111.48
C LYS D 279 -5.20 12.72 -111.18
N LEU D 280 -5.13 12.18 -109.97
CA LEU D 280 -4.00 11.38 -109.56
C LEU D 280 -4.39 9.91 -109.49
N LYS D 281 -3.51 9.05 -110.02
CA LYS D 281 -3.75 7.60 -110.00
C LYS D 281 -2.43 6.97 -109.56
N TRP D 282 -2.49 5.79 -108.97
CA TRP D 282 -1.28 5.11 -108.53
C TRP D 282 -0.85 4.03 -109.52
N ALA D 283 0.44 3.98 -109.83
CA ALA D 283 0.95 2.98 -110.76
C ALA D 283 1.06 1.62 -110.08
N ARG D 284 0.99 1.60 -108.76
CA ARG D 284 1.08 0.34 -108.01
C ARG D 284 0.00 0.29 -106.93
N SER D 285 -0.18 -0.88 -106.33
CA SER D 285 -1.20 -1.05 -105.30
C SER D 285 -0.66 -0.70 -103.90
N LYS D 286 -1.58 -0.58 -102.96
CA LYS D 286 -1.23 -0.28 -101.58
C LYS D 286 -0.25 -1.31 -101.05
N GLU D 287 -0.55 -2.58 -101.33
CA GLU D 287 0.29 -3.69 -100.90
C GLU D 287 1.70 -3.60 -101.48
N GLU D 288 1.79 -3.26 -102.76
CA GLU D 288 3.09 -3.16 -103.41
C GLU D 288 3.89 -2.02 -102.82
N ILE D 289 3.25 -0.87 -102.64
CA ILE D 289 3.93 0.29 -102.08
C ILE D 289 4.31 -0.02 -100.63
N GLY D 290 3.40 -0.69 -99.92
CA GLY D 290 3.68 -1.08 -98.54
C GLY D 290 3.37 -0.05 -97.47
N ASP D 291 4.22 0.94 -97.34
CA ASP D 291 4.02 1.98 -96.35
C ASP D 291 4.40 3.34 -96.90
N ILE D 292 4.36 4.37 -96.04
CA ILE D 292 4.68 5.73 -96.45
C ILE D 292 6.10 5.89 -97.01
N ASP D 293 6.98 4.97 -96.69
CA ASP D 293 8.36 5.04 -97.18
C ASP D 293 8.58 4.25 -98.46
N GLY D 294 7.52 3.65 -99.01
CA GLY D 294 7.70 2.85 -100.21
C GLY D 294 7.31 3.50 -101.53
N PHE D 295 7.01 4.79 -101.52
CA PHE D 295 6.60 5.47 -102.76
C PHE D 295 7.79 5.82 -103.65
N LYS D 296 7.54 5.83 -104.96
CA LYS D 296 8.56 6.17 -105.95
C LYS D 296 7.96 7.20 -106.89
N VAL D 297 8.80 8.03 -107.48
CA VAL D 297 8.30 9.07 -108.38
C VAL D 297 7.35 8.51 -109.44
N GLU D 298 7.74 7.39 -110.03
CA GLU D 298 6.94 6.75 -111.08
C GLU D 298 5.60 6.20 -110.60
N ASP D 299 5.37 6.21 -109.29
CA ASP D 299 4.09 5.72 -108.78
C ASP D 299 2.99 6.74 -109.00
N PHE D 300 3.37 8.00 -109.14
CA PHE D 300 2.44 9.11 -109.32
C PHE D 300 2.02 9.29 -110.78
N VAL D 301 0.84 8.80 -111.13
CA VAL D 301 0.32 8.95 -112.47
C VAL D 301 -0.72 10.07 -112.53
N VAL D 302 -0.29 11.23 -113.00
CA VAL D 302 -1.15 12.40 -113.10
C VAL D 302 -1.72 12.50 -114.52
N GLU D 303 -3.03 12.39 -114.63
CA GLU D 303 -3.65 12.44 -115.95
C GLU D 303 -4.55 13.63 -116.12
N GLY D 304 -4.60 14.14 -117.35
CA GLY D 304 -5.45 15.27 -117.65
C GLY D 304 -4.86 16.63 -117.31
N TYR D 305 -3.55 16.70 -117.08
CA TYR D 305 -2.94 17.98 -116.76
C TYR D 305 -2.79 18.77 -118.05
N LYS D 306 -3.48 19.91 -118.14
CA LYS D 306 -3.46 20.75 -119.32
C LYS D 306 -3.21 22.20 -119.00
N PRO D 307 -1.97 22.53 -118.62
CA PRO D 307 -1.61 23.88 -118.26
C PRO D 307 -1.27 24.81 -119.42
N TRP D 308 -1.27 26.11 -119.12
CA TRP D 308 -0.86 27.11 -120.08
C TRP D 308 0.66 27.10 -120.03
N GLY D 309 1.28 28.01 -120.78
CA GLY D 309 2.73 28.07 -120.83
C GLY D 309 3.40 28.40 -119.51
N LYS D 310 4.71 28.12 -119.44
CA LYS D 310 5.47 28.40 -118.25
C LYS D 310 5.65 29.90 -118.12
N ILE D 311 5.84 30.35 -116.88
CA ILE D 311 6.05 31.75 -116.60
C ILE D 311 7.32 31.87 -115.79
N ASP D 312 8.35 32.48 -116.39
CA ASP D 312 9.63 32.63 -115.72
C ASP D 312 9.59 33.62 -114.54
N MET D 313 10.10 33.16 -113.41
CA MET D 313 10.16 33.99 -112.20
C MET D 313 11.44 33.63 -111.45
N LYS D 314 12.22 34.65 -111.10
CA LYS D 314 13.47 34.41 -110.40
C LYS D 314 13.22 34.24 -108.90
N MET D 315 13.94 33.32 -108.28
CA MET D 315 13.78 33.09 -106.85
C MET D 315 14.78 33.97 -106.12
N SER D 316 14.33 34.62 -105.05
CA SER D 316 15.22 35.46 -104.26
C SER D 316 15.76 34.62 -103.12
N ALA D 317 17.09 34.46 -103.10
CA ALA D 317 17.77 33.65 -102.08
C ALA D 317 17.76 34.28 -100.70
N ARG E 13 -19.41 32.51 -6.22
CA ARG E 13 -20.78 32.17 -6.70
C ARG E 13 -21.05 30.69 -6.45
N SER E 14 -22.00 30.40 -5.58
CA SER E 14 -22.33 29.02 -5.29
C SER E 14 -22.75 28.26 -6.54
N ASN E 15 -23.47 28.92 -7.45
CA ASN E 15 -23.89 28.29 -8.69
C ASN E 15 -23.63 29.24 -9.86
N PRO E 16 -22.38 29.27 -10.34
CA PRO E 16 -21.91 30.12 -11.44
C PRO E 16 -22.65 29.94 -12.76
N ASP E 17 -23.36 28.83 -12.91
CA ASP E 17 -24.07 28.58 -14.17
C ASP E 17 -25.50 29.07 -14.16
N HIS E 18 -25.92 29.70 -13.06
CA HIS E 18 -27.29 30.19 -12.98
C HIS E 18 -27.49 31.21 -14.10
N GLU E 19 -28.52 30.99 -14.92
CA GLU E 19 -28.82 31.86 -16.06
C GLU E 19 -29.02 33.32 -15.72
N GLU E 20 -29.40 33.62 -14.47
CA GLU E 20 -29.62 35.01 -14.09
C GLU E 20 -28.34 35.84 -14.09
N TYR E 21 -27.19 35.17 -14.00
CA TYR E 21 -25.92 35.90 -14.03
C TYR E 21 -25.71 36.59 -15.38
N GLN E 22 -26.37 36.12 -16.43
CA GLN E 22 -26.26 36.76 -17.75
C GLN E 22 -26.77 38.17 -17.60
N TYR E 23 -27.92 38.31 -16.93
CA TYR E 23 -28.53 39.62 -16.72
C TYR E 23 -27.67 40.50 -15.78
N LEU E 24 -27.26 39.94 -14.66
CA LEU E 24 -26.43 40.70 -13.71
C LEU E 24 -25.08 41.09 -14.33
N ASP E 25 -24.44 40.17 -15.03
CA ASP E 25 -23.13 40.47 -15.64
C ASP E 25 -23.22 41.57 -16.70
N LEU E 26 -24.29 41.59 -17.48
CA LEU E 26 -24.44 42.61 -18.52
C LEU E 26 -24.60 43.99 -17.88
N ILE E 27 -25.40 44.06 -16.82
CA ILE E 27 -25.59 45.32 -16.13
C ILE E 27 -24.27 45.82 -15.59
N ARG E 28 -23.49 44.91 -14.99
CA ARG E 28 -22.18 45.27 -14.44
C ARG E 28 -21.28 45.80 -15.57
N ARG E 29 -21.31 45.13 -16.71
CA ARG E 29 -20.50 45.53 -17.84
C ARG E 29 -20.91 46.91 -18.38
N ILE E 30 -22.22 47.13 -18.52
CA ILE E 30 -22.71 48.42 -19.02
C ILE E 30 -22.29 49.56 -18.08
N ILE E 31 -22.43 49.35 -16.78
CA ILE E 31 -22.03 50.37 -15.82
C ILE E 31 -20.53 50.62 -15.91
N ASN E 32 -19.75 49.55 -16.06
CA ASN E 32 -18.28 49.66 -16.13
C ASN E 32 -17.72 50.27 -17.41
N VAL E 33 -18.06 49.70 -18.56
CA VAL E 33 -17.54 50.20 -19.84
C VAL E 33 -18.56 50.79 -20.80
N GLY E 34 -19.81 50.92 -20.36
CA GLY E 34 -20.83 51.47 -21.21
C GLY E 34 -20.57 52.93 -21.56
N GLU E 35 -21.16 53.40 -22.64
CA GLU E 35 -20.98 54.77 -23.08
C GLU E 35 -22.10 55.68 -22.54
N VAL E 36 -21.73 56.80 -21.93
CA VAL E 36 -22.70 57.74 -21.38
C VAL E 36 -23.35 58.47 -22.54
N ARG E 37 -24.66 58.44 -22.62
CA ARG E 37 -25.36 59.09 -23.72
C ARG E 37 -26.63 59.82 -23.35
N PRO E 38 -27.01 60.80 -24.17
CA PRO E 38 -28.23 61.58 -23.97
C PRO E 38 -29.32 60.68 -24.55
N ASP E 39 -30.59 60.94 -24.24
CA ASP E 39 -31.65 60.12 -24.79
C ASP E 39 -32.95 60.88 -24.86
N ARG E 40 -33.94 60.27 -25.49
CA ARG E 40 -35.26 60.85 -25.66
C ARG E 40 -35.91 61.33 -24.34
N THR E 41 -35.78 60.52 -23.28
CA THR E 41 -36.42 60.87 -22.00
C THR E 41 -35.77 62.06 -21.29
N GLY E 42 -34.49 62.30 -21.57
CA GLY E 42 -33.82 63.41 -20.92
C GLY E 42 -33.10 63.03 -19.63
N THR E 43 -33.25 61.79 -19.17
CA THR E 43 -32.54 61.40 -17.94
C THR E 43 -31.11 60.93 -18.23
N GLY E 44 -30.88 60.44 -19.45
CA GLY E 44 -29.54 59.97 -19.79
C GLY E 44 -29.32 58.49 -19.44
N THR E 45 -28.43 57.84 -20.17
CA THR E 45 -28.15 56.43 -19.92
C THR E 45 -26.68 56.11 -20.16
N VAL E 46 -26.32 54.87 -19.84
CA VAL E 46 -25.00 54.35 -20.12
C VAL E 46 -25.39 53.14 -20.98
N ALA E 47 -24.76 52.97 -22.14
CA ALA E 47 -25.16 51.87 -23.02
C ALA E 47 -24.09 51.17 -23.83
N LEU E 48 -24.46 49.98 -24.31
CA LEU E 48 -23.63 49.14 -25.17
C LEU E 48 -24.56 48.68 -26.29
N PHE E 49 -24.05 48.56 -27.50
CA PHE E 49 -24.87 48.09 -28.63
C PHE E 49 -24.61 46.63 -28.96
N ALA E 50 -25.69 45.91 -29.23
CA ALA E 50 -25.62 44.52 -29.61
C ALA E 50 -24.74 43.59 -28.77
N PRO E 51 -24.95 43.53 -27.46
CA PRO E 51 -24.12 42.65 -26.64
C PRO E 51 -24.55 41.21 -26.90
N PRO E 52 -23.76 40.23 -26.44
CA PRO E 52 -24.12 38.82 -26.67
C PRO E 52 -25.54 38.59 -26.20
N SER E 53 -26.27 37.73 -26.89
CA SER E 53 -27.66 37.46 -26.55
C SER E 53 -27.81 36.60 -25.29
N PHE E 54 -28.98 36.68 -24.66
CA PHE E 54 -29.28 35.89 -23.46
C PHE E 54 -29.97 34.61 -23.88
N ARG E 55 -29.70 33.51 -23.17
CA ARG E 55 -30.35 32.25 -23.48
C ARG E 55 -30.92 31.69 -22.18
N PHE E 56 -32.19 31.31 -22.20
CA PHE E 56 -32.83 30.77 -21.00
C PHE E 56 -33.54 29.46 -21.32
N SER E 57 -33.26 28.44 -20.52
CA SER E 57 -33.91 27.15 -20.73
C SER E 57 -35.35 27.19 -20.21
N LEU E 58 -36.27 26.66 -21.00
CA LEU E 58 -37.68 26.60 -20.61
C LEU E 58 -38.11 25.16 -20.36
N ALA E 59 -37.15 24.25 -20.34
CA ALA E 59 -37.42 22.84 -20.08
C ALA E 59 -37.83 22.63 -18.62
N ASP E 60 -38.47 21.51 -18.36
CA ASP E 60 -38.95 21.17 -17.02
C ASP E 60 -39.83 22.26 -16.43
N ASN E 61 -40.69 22.85 -17.25
CA ASN E 61 -41.62 23.90 -16.81
C ASN E 61 -40.96 25.11 -16.16
N THR E 62 -39.69 25.34 -16.47
CA THR E 62 -38.98 26.48 -15.90
C THR E 62 -39.41 27.84 -16.47
N LEU E 63 -39.53 28.83 -15.57
CA LEU E 63 -39.90 30.18 -15.92
C LEU E 63 -38.79 31.11 -15.45
N PRO E 64 -38.09 31.76 -16.40
CA PRO E 64 -37.00 32.67 -16.03
C PRO E 64 -37.49 33.99 -15.47
N LEU E 65 -38.09 33.91 -14.28
CA LEU E 65 -38.57 35.10 -13.59
C LEU E 65 -37.44 35.49 -12.62
N LEU E 66 -36.79 36.63 -12.87
CA LEU E 66 -35.67 37.07 -12.06
C LEU E 66 -35.93 36.98 -10.55
N THR E 67 -34.92 36.52 -9.82
CA THR E 67 -35.00 36.37 -8.38
C THR E 67 -34.19 37.38 -7.56
N THR E 68 -33.30 38.13 -8.20
CA THR E 68 -32.49 39.08 -7.45
C THR E 68 -33.26 40.31 -7.03
N LYS E 69 -34.53 40.35 -7.41
CA LYS E 69 -35.44 41.42 -7.03
C LYS E 69 -36.84 40.87 -7.24
N ARG E 70 -37.81 41.39 -6.49
CA ARG E 70 -39.19 40.92 -6.65
C ARG E 70 -39.77 41.51 -7.94
N VAL E 71 -40.15 40.65 -8.86
CA VAL E 71 -40.73 41.09 -10.14
C VAL E 71 -42.25 41.01 -10.07
N PHE E 72 -42.93 42.05 -10.56
CA PHE E 72 -44.39 42.11 -10.54
C PHE E 72 -44.95 41.10 -11.55
N LEU E 73 -44.97 39.82 -11.16
CA LEU E 73 -45.44 38.76 -12.01
C LEU E 73 -46.83 39.00 -12.59
N ARG E 74 -47.79 39.35 -11.73
CA ARG E 74 -49.15 39.58 -12.19
C ARG E 74 -49.17 40.65 -13.27
N GLY E 75 -48.29 41.64 -13.12
CA GLY E 75 -48.24 42.71 -14.11
C GLY E 75 -47.77 42.18 -15.46
N VAL E 76 -46.80 41.27 -15.43
CA VAL E 76 -46.26 40.66 -16.64
C VAL E 76 -47.36 39.88 -17.36
N ILE E 77 -48.01 38.98 -16.62
CA ILE E 77 -49.09 38.18 -17.15
C ILE E 77 -50.22 39.05 -17.71
N ALA E 78 -50.65 40.04 -16.93
CA ALA E 78 -51.72 40.92 -17.40
C ALA E 78 -51.38 41.61 -18.72
N GLU E 79 -50.17 42.16 -18.79
CA GLU E 79 -49.75 42.85 -20.00
C GLU E 79 -49.72 41.88 -21.19
N LEU E 80 -49.24 40.65 -20.95
CA LEU E 80 -49.17 39.65 -22.00
C LEU E 80 -50.54 39.24 -22.56
N LEU E 81 -51.49 38.97 -21.68
CA LEU E 81 -52.85 38.59 -22.11
C LEU E 81 -53.50 39.77 -22.81
N TRP E 82 -53.07 40.97 -22.43
CA TRP E 82 -53.55 42.20 -23.02
C TRP E 82 -53.02 42.27 -24.48
N PHE E 83 -51.74 41.93 -24.69
CA PHE E 83 -51.15 41.92 -26.04
C PHE E 83 -51.93 40.92 -26.91
N VAL E 84 -52.04 39.71 -26.39
CA VAL E 84 -52.73 38.64 -27.10
C VAL E 84 -54.14 39.03 -27.53
N SER E 85 -54.86 39.72 -26.65
CA SER E 85 -56.22 40.16 -26.95
C SER E 85 -56.27 41.21 -28.06
N GLY E 86 -55.13 41.77 -28.42
CA GLY E 86 -55.10 42.79 -29.46
C GLY E 86 -55.53 44.17 -28.96
N CYS E 87 -55.80 44.26 -27.66
CA CYS E 87 -56.24 45.51 -27.05
C CYS E 87 -55.12 46.52 -26.90
N THR E 88 -55.44 47.81 -27.09
CA THR E 88 -54.45 48.87 -27.00
C THR E 88 -54.86 49.96 -26.00
N ASP E 89 -55.84 49.65 -25.17
CA ASP E 89 -56.30 50.60 -24.17
C ASP E 89 -55.64 50.27 -22.83
N ALA E 90 -54.75 51.15 -22.39
CA ALA E 90 -54.05 50.97 -21.13
C ALA E 90 -54.99 50.91 -19.90
N LYS E 91 -56.21 51.43 -20.05
CA LYS E 91 -57.16 51.40 -18.93
C LYS E 91 -57.52 49.96 -18.60
N MET E 92 -57.36 49.06 -19.57
CA MET E 92 -57.68 47.65 -19.33
C MET E 92 -56.64 47.05 -18.39
N LEU E 93 -55.49 47.71 -18.26
CA LEU E 93 -54.45 47.23 -17.36
C LEU E 93 -54.58 47.95 -16.01
N SER E 94 -54.76 49.27 -16.03
CA SER E 94 -54.89 50.01 -14.78
C SER E 94 -56.14 49.64 -14.00
N SER E 95 -57.18 49.19 -14.72
CA SER E 95 -58.41 48.81 -14.05
C SER E 95 -58.22 47.53 -13.25
N GLN E 96 -57.18 46.76 -13.59
CA GLN E 96 -56.90 45.53 -12.84
C GLN E 96 -55.66 45.68 -11.98
N GLY E 97 -55.31 46.93 -11.69
CA GLY E 97 -54.17 47.23 -10.84
C GLY E 97 -52.79 47.16 -11.45
N VAL E 98 -52.69 47.30 -12.76
CA VAL E 98 -51.39 47.25 -13.44
C VAL E 98 -51.19 48.60 -14.12
N GLY E 99 -50.25 49.40 -13.62
CA GLY E 99 -50.05 50.71 -14.19
C GLY E 99 -48.80 50.92 -15.03
N ILE E 100 -48.20 49.85 -15.49
CA ILE E 100 -46.96 49.98 -16.26
C ILE E 100 -47.08 50.84 -17.51
N TRP E 101 -48.28 50.96 -18.06
CA TRP E 101 -48.47 51.78 -19.26
C TRP E 101 -49.16 53.12 -19.00
N ASP E 102 -49.38 53.44 -17.72
CA ASP E 102 -50.04 54.70 -17.34
C ASP E 102 -49.18 55.88 -17.76
N GLY E 103 -47.87 55.73 -17.61
CA GLY E 103 -46.98 56.81 -17.95
C GLY E 103 -47.02 57.26 -19.41
N ASN E 104 -47.03 56.32 -20.35
CA ASN E 104 -47.06 56.70 -21.76
C ASN E 104 -48.48 56.83 -22.29
N GLY E 105 -49.46 56.49 -21.46
CA GLY E 105 -50.84 56.59 -21.88
C GLY E 105 -51.54 57.81 -21.28
N SER E 106 -50.83 58.56 -20.44
CA SER E 106 -51.40 59.75 -19.79
C SER E 106 -51.65 60.84 -20.83
N LYS E 107 -52.57 61.76 -20.56
CA LYS E 107 -52.84 62.86 -21.49
C LYS E 107 -51.62 63.73 -21.75
N GLU E 108 -50.86 64.01 -20.70
CA GLU E 108 -49.66 64.85 -20.84
C GLU E 108 -48.74 64.25 -21.87
N PHE E 109 -48.46 62.96 -21.72
CA PHE E 109 -47.54 62.35 -22.65
C PHE E 109 -48.11 62.30 -24.05
N LEU E 110 -49.35 61.83 -24.18
CA LEU E 110 -49.99 61.75 -25.50
C LEU E 110 -49.99 63.12 -26.20
N GLU E 111 -50.40 64.15 -25.48
CA GLU E 111 -50.44 65.50 -26.07
C GLU E 111 -49.02 65.92 -26.41
N LYS E 112 -48.07 65.47 -25.59
CA LYS E 112 -46.67 65.80 -25.77
C LYS E 112 -46.10 65.25 -27.08
N VAL E 113 -46.57 64.07 -27.49
CA VAL E 113 -46.09 63.46 -28.73
C VAL E 113 -47.01 63.70 -29.92
N GLY E 114 -47.89 64.68 -29.82
CA GLY E 114 -48.79 64.99 -30.93
C GLY E 114 -50.02 64.11 -31.05
N LEU E 115 -50.41 63.47 -29.96
CA LEU E 115 -51.59 62.61 -29.99
C LEU E 115 -52.64 63.11 -28.99
N GLY E 116 -52.83 64.44 -28.95
CA GLY E 116 -53.77 65.05 -28.04
C GLY E 116 -55.24 64.76 -28.32
N HIS E 117 -55.53 64.27 -29.52
CA HIS E 117 -56.90 63.97 -29.90
C HIS E 117 -57.38 62.65 -29.32
N ARG E 118 -56.50 61.93 -28.66
CA ARG E 118 -56.88 60.64 -28.09
C ARG E 118 -57.23 60.74 -26.62
N ARG E 119 -58.12 59.88 -26.17
CA ARG E 119 -58.48 59.88 -24.75
C ARG E 119 -57.31 59.23 -24.00
N GLU E 120 -57.19 59.55 -22.72
CA GLU E 120 -56.12 59.01 -21.91
C GLU E 120 -56.14 57.49 -21.95
N GLY E 121 -54.97 56.87 -22.11
CA GLY E 121 -54.88 55.42 -22.13
C GLY E 121 -54.92 54.79 -23.53
N ASP E 122 -55.33 55.55 -24.53
CA ASP E 122 -55.39 55.03 -25.91
C ASP E 122 -54.01 55.20 -26.53
N LEU E 123 -53.20 54.15 -26.43
CA LEU E 123 -51.81 54.15 -26.91
C LEU E 123 -51.65 54.13 -28.43
N GLY E 124 -52.70 53.75 -29.14
CA GLY E 124 -52.60 53.68 -30.58
C GLY E 124 -52.43 52.23 -31.02
N PRO E 125 -52.04 52.00 -32.29
CA PRO E 125 -51.84 50.65 -32.82
C PRO E 125 -50.53 49.99 -32.38
N VAL E 126 -50.39 49.79 -31.05
CA VAL E 126 -49.18 49.19 -30.52
C VAL E 126 -49.22 47.67 -30.50
N TYR E 127 -48.21 47.05 -29.89
CA TYR E 127 -48.05 45.60 -29.81
C TYR E 127 -49.23 44.70 -30.20
N GLY E 128 -50.16 44.53 -29.26
CA GLY E 128 -51.31 43.67 -29.48
C GLY E 128 -52.07 43.91 -30.78
N PHE E 129 -52.23 45.17 -31.18
CA PHE E 129 -52.95 45.47 -32.40
C PHE E 129 -52.20 44.93 -33.61
N GLN E 130 -50.88 45.16 -33.65
CA GLN E 130 -50.06 44.69 -34.77
C GLN E 130 -50.05 43.16 -34.81
N TRP E 131 -49.92 42.54 -33.64
CA TRP E 131 -49.90 41.09 -33.50
C TRP E 131 -51.14 40.40 -34.09
N ARG E 132 -52.33 40.95 -33.82
CA ARG E 132 -53.56 40.32 -34.29
C ARG E 132 -54.24 41.01 -35.48
N HIS E 133 -53.84 42.25 -35.79
CA HIS E 133 -54.52 42.97 -36.89
C HIS E 133 -53.57 43.78 -37.76
N PHE E 134 -52.34 43.29 -37.94
CA PHE E 134 -51.37 44.01 -38.74
C PHE E 134 -51.91 44.45 -40.08
N GLY E 135 -51.78 45.74 -40.38
CA GLY E 135 -52.24 46.26 -41.66
C GLY E 135 -53.62 46.88 -41.60
N ALA E 136 -54.39 46.55 -40.58
CA ALA E 136 -55.72 47.13 -40.44
C ALA E 136 -55.63 48.62 -40.18
N GLU E 137 -56.70 49.33 -40.51
CA GLU E 137 -56.77 50.78 -40.31
C GLU E 137 -57.15 51.04 -38.83
N TYR E 138 -56.39 51.88 -38.16
CA TYR E 138 -56.66 52.16 -36.76
C TYR E 138 -57.47 53.44 -36.61
N THR E 139 -58.52 53.38 -35.81
CA THR E 139 -59.32 54.57 -35.55
C THR E 139 -58.99 54.97 -34.11
N ASP E 140 -59.52 54.24 -33.15
CA ASP E 140 -59.20 54.48 -31.74
C ASP E 140 -59.19 53.11 -31.04
N ALA E 141 -59.01 53.06 -29.71
CA ALA E 141 -58.98 51.76 -29.04
C ALA E 141 -60.28 51.02 -28.96
N ASP E 142 -61.38 51.71 -29.26
CA ASP E 142 -62.71 51.09 -29.22
C ASP E 142 -63.13 50.54 -30.58
N GLY E 143 -62.31 50.78 -31.60
CA GLY E 143 -62.65 50.31 -32.93
C GLY E 143 -62.90 48.82 -33.03
N ASP E 144 -63.68 48.43 -34.05
CA ASP E 144 -63.99 47.03 -34.27
C ASP E 144 -63.00 46.48 -35.29
N TYR E 145 -62.03 45.70 -34.82
CA TYR E 145 -61.00 45.14 -35.68
C TYR E 145 -61.12 43.65 -35.91
N LYS E 146 -62.14 43.03 -35.32
CA LYS E 146 -62.33 41.61 -35.47
C LYS E 146 -62.34 41.19 -36.94
N GLY E 147 -61.50 40.22 -37.30
CA GLY E 147 -61.42 39.75 -38.67
C GLY E 147 -60.71 40.71 -39.62
N LYS E 148 -60.10 41.77 -39.08
CA LYS E 148 -59.40 42.73 -39.91
C LYS E 148 -57.88 42.66 -39.70
N GLY E 149 -57.13 42.87 -40.78
CA GLY E 149 -55.68 42.82 -40.71
C GLY E 149 -55.17 41.40 -40.63
N VAL E 150 -53.86 41.24 -40.52
CA VAL E 150 -53.27 39.91 -40.44
C VAL E 150 -53.11 39.43 -38.99
N ASP E 151 -53.65 38.25 -38.71
CA ASP E 151 -53.53 37.70 -37.37
C ASP E 151 -52.27 36.86 -37.35
N GLN E 152 -51.15 37.50 -37.09
CA GLN E 152 -49.86 36.82 -37.04
C GLN E 152 -49.82 35.75 -35.95
N LEU E 153 -50.37 36.04 -34.77
CA LEU E 153 -50.32 35.09 -33.66
C LEU E 153 -50.99 33.76 -33.99
N GLN E 154 -52.21 33.79 -34.51
CA GLN E 154 -52.90 32.54 -34.83
C GLN E 154 -52.18 31.82 -35.96
N ARG E 155 -51.61 32.58 -36.90
CA ARG E 155 -50.88 31.95 -38.00
C ARG E 155 -49.68 31.19 -37.42
N VAL E 156 -49.01 31.80 -36.44
CA VAL E 156 -47.88 31.15 -35.79
C VAL E 156 -48.33 29.81 -35.17
N ILE E 157 -49.47 29.82 -34.48
CA ILE E 157 -50.01 28.62 -33.85
C ILE E 157 -50.28 27.55 -34.91
N ASP E 158 -51.05 27.92 -35.92
CA ASP E 158 -51.39 27.01 -37.03
C ASP E 158 -50.15 26.44 -37.70
N THR E 159 -49.13 27.26 -37.89
CA THR E 159 -47.91 26.81 -38.58
C THR E 159 -47.10 25.83 -37.71
N ILE E 160 -46.99 26.11 -36.42
CA ILE E 160 -46.27 25.21 -35.54
C ILE E 160 -46.93 23.83 -35.53
N LYS E 161 -48.25 23.80 -35.56
CA LYS E 161 -49.00 22.54 -35.56
C LYS E 161 -49.02 21.78 -36.89
N ASN E 162 -49.15 22.49 -38.01
CA ASN E 162 -49.28 21.82 -39.31
C ASN E 162 -48.07 21.89 -40.25
N ASN E 163 -47.13 22.79 -39.97
CA ASN E 163 -45.94 22.87 -40.79
C ASN E 163 -44.77 23.45 -39.97
N PRO E 164 -44.37 22.72 -38.90
CA PRO E 164 -43.29 23.09 -37.97
C PRO E 164 -41.95 23.47 -38.56
N THR E 165 -41.57 22.90 -39.70
CA THR E 165 -40.27 23.22 -40.28
C THR E 165 -40.32 24.50 -41.12
N ASP E 166 -41.47 25.15 -41.15
CA ASP E 166 -41.59 26.42 -41.88
C ASP E 166 -40.54 27.38 -41.26
N ARG E 167 -39.99 28.26 -42.09
CA ARG E 167 -38.98 29.19 -41.65
C ARG E 167 -39.48 30.62 -41.53
N ARG E 168 -40.80 30.82 -41.60
CA ARG E 168 -41.38 32.15 -41.48
C ARG E 168 -42.27 32.30 -40.24
N ILE E 169 -42.00 31.53 -39.19
CA ILE E 169 -42.84 31.61 -37.98
C ILE E 169 -42.47 32.87 -37.20
N ILE E 170 -42.95 34.00 -37.70
CA ILE E 170 -42.63 35.29 -37.16
C ILE E 170 -43.83 36.04 -36.55
N LEU E 171 -43.57 36.72 -35.43
CA LEU E 171 -44.56 37.51 -34.74
C LEU E 171 -43.91 38.89 -34.59
N SER E 172 -44.43 39.88 -35.31
CA SER E 172 -43.82 41.21 -35.27
C SER E 172 -44.79 42.34 -35.03
N ALA E 173 -44.36 43.32 -34.25
CA ALA E 173 -45.17 44.51 -33.97
C ALA E 173 -44.64 45.74 -34.71
N TRP E 174 -43.48 45.62 -35.34
CA TRP E 174 -42.90 46.75 -36.06
C TRP E 174 -43.70 47.09 -37.31
N ASN E 175 -44.17 48.33 -37.40
CA ASN E 175 -44.97 48.76 -38.56
C ASN E 175 -44.57 50.21 -38.81
N PRO E 176 -43.63 50.44 -39.75
CA PRO E 176 -43.16 51.79 -40.09
C PRO E 176 -44.28 52.77 -40.42
N LYS E 177 -45.35 52.27 -41.04
CA LYS E 177 -46.46 53.17 -41.37
C LYS E 177 -47.24 53.64 -40.14
N ASP E 178 -47.46 52.74 -39.19
CA ASP E 178 -48.24 53.07 -37.99
C ASP E 178 -47.44 53.73 -36.85
N LEU E 179 -46.11 53.71 -36.94
CA LEU E 179 -45.27 54.28 -35.87
C LEU E 179 -45.72 55.63 -35.31
N PRO E 180 -45.95 56.62 -36.16
CA PRO E 180 -46.39 57.94 -35.65
C PRO E 180 -47.71 57.92 -34.87
N LEU E 181 -48.51 56.88 -35.04
CA LEU E 181 -49.78 56.79 -34.32
C LEU E 181 -49.60 56.11 -32.96
N MET E 182 -48.39 55.59 -32.72
CA MET E 182 -48.08 54.91 -31.48
C MET E 182 -47.52 55.85 -30.41
N ALA E 183 -47.99 55.70 -29.18
CA ALA E 183 -47.49 56.54 -28.09
C ALA E 183 -45.99 56.26 -27.97
N LEU E 184 -45.62 55.01 -28.24
CA LEU E 184 -44.21 54.61 -28.16
C LEU E 184 -43.99 53.49 -29.18
N PRO E 185 -42.88 53.55 -29.94
CA PRO E 185 -42.62 52.49 -30.91
C PRO E 185 -42.28 51.19 -30.16
N PRO E 186 -42.59 50.03 -30.76
CA PRO E 186 -42.32 48.72 -30.14
C PRO E 186 -40.83 48.53 -29.77
N CYS E 187 -40.58 48.08 -28.54
CA CYS E 187 -39.22 47.81 -28.06
C CYS E 187 -38.91 46.38 -28.47
N HIS E 188 -39.76 45.44 -28.08
CA HIS E 188 -39.56 44.08 -28.52
C HIS E 188 -40.29 44.09 -29.86
N MET E 189 -39.54 44.31 -30.94
CA MET E 189 -40.15 44.44 -32.25
C MET E 189 -40.55 43.19 -32.98
N PHE E 190 -40.01 42.04 -32.59
CA PHE E 190 -40.42 40.80 -33.22
C PHE E 190 -39.72 39.60 -32.61
N CYS E 191 -40.25 38.43 -32.93
CA CYS E 191 -39.66 37.20 -32.43
C CYS E 191 -39.90 36.12 -33.46
N GLN E 192 -39.09 35.08 -33.40
CA GLN E 192 -39.19 33.96 -34.32
C GLN E 192 -39.24 32.68 -33.52
N PHE E 193 -40.14 31.78 -33.90
CA PHE E 193 -40.26 30.49 -33.23
C PHE E 193 -39.64 29.42 -34.09
N PHE E 194 -39.13 28.37 -33.42
CA PHE E 194 -38.48 27.27 -34.09
C PHE E 194 -38.93 26.00 -33.42
N VAL E 195 -39.21 24.98 -34.24
CA VAL E 195 -39.68 23.71 -33.73
C VAL E 195 -38.73 22.59 -34.09
N SER E 196 -38.21 21.87 -33.09
CA SER E 196 -37.33 20.75 -33.35
C SER E 196 -38.21 19.53 -33.42
N LEU E 197 -38.03 18.74 -34.48
CA LEU E 197 -38.82 17.52 -34.65
C LEU E 197 -38.37 16.45 -33.67
N PRO E 198 -39.26 15.51 -33.32
CA PRO E 198 -38.93 14.43 -32.38
C PRO E 198 -37.77 13.59 -32.91
N PRO E 199 -36.78 13.29 -32.06
CA PRO E 199 -35.62 12.49 -32.47
C PRO E 199 -36.07 11.10 -32.96
N ALA E 200 -35.20 10.43 -33.71
CA ALA E 200 -35.49 9.11 -34.25
C ALA E 200 -35.75 8.06 -33.18
N ASP E 201 -34.89 8.01 -32.18
CA ASP E 201 -35.03 7.02 -31.12
C ASP E 201 -36.19 7.24 -30.15
N SER E 202 -37.26 7.88 -30.64
CA SER E 202 -38.46 8.17 -29.86
C SER E 202 -39.35 9.20 -30.55
N PRO E 203 -40.05 8.80 -31.62
CA PRO E 203 -40.93 9.68 -32.40
C PRO E 203 -42.23 10.04 -31.69
N GLY E 204 -42.41 9.49 -30.49
CA GLY E 204 -43.62 9.78 -29.75
C GLY E 204 -43.50 11.06 -28.95
N SER E 205 -42.27 11.48 -28.68
CA SER E 205 -42.01 12.69 -27.92
C SER E 205 -42.62 13.93 -28.58
N LYS E 206 -42.83 14.96 -27.77
CA LYS E 206 -43.40 16.21 -28.26
C LYS E 206 -42.30 17.04 -28.92
N PRO E 207 -42.62 17.74 -30.01
CA PRO E 207 -41.62 18.57 -30.68
C PRO E 207 -41.20 19.65 -29.68
N LYS E 208 -39.97 20.13 -29.77
CA LYS E 208 -39.50 21.18 -28.86
C LYS E 208 -39.64 22.57 -29.49
N LEU E 209 -40.19 23.50 -28.70
CA LEU E 209 -40.43 24.86 -29.16
C LEU E 209 -39.46 25.87 -28.57
N SER E 210 -38.84 26.66 -29.44
CA SER E 210 -37.91 27.69 -29.02
C SER E 210 -38.37 29.04 -29.58
N CYS E 211 -37.91 30.10 -28.94
CA CYS E 211 -38.28 31.45 -29.32
C CYS E 211 -37.10 32.42 -29.23
N LEU E 212 -36.90 33.19 -30.30
CA LEU E 212 -35.86 34.21 -30.30
C LEU E 212 -36.56 35.57 -30.47
N MET E 213 -36.31 36.47 -29.54
CA MET E 213 -36.91 37.79 -29.61
C MET E 213 -35.82 38.83 -29.74
N TYR E 214 -36.08 39.84 -30.55
CA TYR E 214 -35.13 40.91 -30.74
C TYR E 214 -35.75 42.18 -30.20
N GLN E 215 -35.03 42.84 -29.29
CA GLN E 215 -35.47 44.07 -28.65
C GLN E 215 -34.52 45.21 -29.05
N ARG E 216 -35.05 46.21 -29.76
CA ARG E 216 -34.23 47.34 -30.24
C ARG E 216 -33.69 48.26 -29.15
N SER E 217 -34.45 48.41 -28.08
CA SER E 217 -34.10 49.31 -26.99
C SER E 217 -34.43 48.57 -25.71
N CYS E 218 -33.48 48.49 -24.79
CA CYS E 218 -33.67 47.72 -23.58
C CYS E 218 -33.29 48.44 -22.29
N ASP E 219 -34.31 48.72 -21.49
CA ASP E 219 -34.11 49.34 -20.19
C ASP E 219 -33.82 48.15 -19.28
N LEU E 220 -32.55 47.89 -19.04
CA LEU E 220 -32.20 46.73 -18.22
C LEU E 220 -32.80 46.70 -16.82
N GLY E 221 -32.87 47.86 -16.18
CA GLY E 221 -33.42 47.93 -14.83
C GLY E 221 -34.89 47.57 -14.74
N LEU E 222 -35.72 48.23 -15.54
CA LEU E 222 -37.17 48.02 -15.49
C LEU E 222 -37.82 47.16 -16.58
N GLY E 223 -37.45 47.39 -17.83
CA GLY E 223 -38.03 46.60 -18.92
C GLY E 223 -37.60 45.15 -19.12
N VAL E 224 -36.30 44.91 -19.24
CA VAL E 224 -35.79 43.57 -19.48
C VAL E 224 -36.35 42.49 -18.57
N PRO E 225 -36.48 42.77 -17.26
CA PRO E 225 -37.03 41.73 -16.39
C PRO E 225 -38.43 41.33 -16.86
N PHE E 226 -39.21 42.31 -17.30
CA PHE E 226 -40.55 42.00 -17.80
C PHE E 226 -40.48 41.27 -19.17
N ASN E 227 -39.66 41.81 -20.08
CA ASN E 227 -39.53 41.21 -21.42
C ASN E 227 -39.13 39.74 -21.36
N ILE E 228 -38.19 39.41 -20.47
CA ILE E 228 -37.73 38.04 -20.38
C ILE E 228 -38.86 37.10 -19.95
N ALA E 229 -39.54 37.46 -18.86
CA ALA E 229 -40.64 36.63 -18.37
C ALA E 229 -41.82 36.59 -19.35
N SER E 230 -42.09 37.72 -19.98
CA SER E 230 -43.20 37.82 -20.91
C SER E 230 -43.07 36.84 -22.08
N TYR E 231 -41.94 36.92 -22.81
CA TYR E 231 -41.74 36.01 -23.93
C TYR E 231 -41.57 34.57 -23.49
N ALA E 232 -41.04 34.36 -22.28
CA ALA E 232 -40.93 32.99 -21.79
C ALA E 232 -42.35 32.45 -21.60
N LEU E 233 -43.21 33.26 -20.99
CA LEU E 233 -44.61 32.88 -20.76
C LEU E 233 -45.38 32.68 -22.10
N LEU E 234 -45.11 33.55 -23.07
CA LEU E 234 -45.78 33.41 -24.36
C LEU E 234 -45.44 32.06 -24.98
N THR E 235 -44.18 31.67 -24.87
CA THR E 235 -43.71 30.41 -25.41
C THR E 235 -44.38 29.22 -24.72
N HIS E 236 -44.51 29.30 -23.39
CA HIS E 236 -45.19 28.25 -22.63
C HIS E 236 -46.66 28.21 -23.09
N MET E 237 -47.29 29.36 -23.25
CA MET E 237 -48.69 29.39 -23.72
C MET E 237 -48.85 28.74 -25.09
N ILE E 238 -48.01 29.15 -26.04
CA ILE E 238 -48.08 28.61 -27.39
C ILE E 238 -47.80 27.10 -27.36
N ALA E 239 -46.85 26.70 -26.54
CA ALA E 239 -46.52 25.29 -26.43
C ALA E 239 -47.73 24.47 -26.02
N LEU E 240 -48.51 24.97 -25.07
CA LEU E 240 -49.71 24.26 -24.60
C LEU E 240 -50.73 24.08 -25.72
N ILE E 241 -50.99 25.15 -26.46
CA ILE E 241 -51.97 25.11 -27.54
C ILE E 241 -51.52 24.27 -28.74
N THR E 242 -50.21 24.17 -28.97
CA THR E 242 -49.69 23.43 -30.12
C THR E 242 -49.16 22.04 -29.80
N ASP E 243 -49.35 21.59 -28.56
CA ASP E 243 -48.86 20.28 -28.16
C ASP E 243 -47.35 20.14 -28.33
N THR E 244 -46.61 21.21 -28.07
CA THR E 244 -45.16 21.15 -28.15
C THR E 244 -44.60 21.36 -26.74
N GLU E 245 -43.30 21.12 -26.58
CA GLU E 245 -42.63 21.25 -25.29
C GLU E 245 -41.69 22.45 -25.32
N PRO E 246 -41.91 23.42 -24.42
CA PRO E 246 -41.05 24.60 -24.40
C PRO E 246 -39.59 24.18 -24.22
N HIS E 247 -38.70 24.78 -25.00
CA HIS E 247 -37.30 24.40 -24.92
C HIS E 247 -36.34 25.52 -24.53
N GLU E 248 -36.27 26.56 -25.35
CA GLU E 248 -35.34 27.64 -25.09
C GLU E 248 -35.86 28.99 -25.54
N PHE E 249 -35.48 30.04 -24.82
CA PHE E 249 -35.85 31.40 -25.16
C PHE E 249 -34.53 32.18 -25.30
N ILE E 250 -34.38 32.85 -26.44
CA ILE E 250 -33.19 33.63 -26.73
C ILE E 250 -33.58 35.09 -26.88
N LEU E 251 -32.80 35.96 -26.24
CA LEU E 251 -33.08 37.39 -26.33
C LEU E 251 -31.88 38.18 -26.85
N GLN E 252 -32.04 38.77 -28.04
CA GLN E 252 -30.98 39.59 -28.63
C GLN E 252 -31.35 41.06 -28.47
N MET E 253 -30.42 41.84 -27.94
CA MET E 253 -30.66 43.25 -27.71
C MET E 253 -29.94 44.17 -28.68
N GLY E 254 -30.56 45.31 -28.94
CA GLY E 254 -29.94 46.32 -29.79
C GLY E 254 -29.29 47.32 -28.85
N ASP E 255 -29.97 48.41 -28.57
CA ASP E 255 -29.45 49.44 -27.66
C ASP E 255 -29.75 48.96 -26.23
N ALA E 256 -28.75 48.37 -25.59
CA ALA E 256 -28.89 47.85 -24.23
C ALA E 256 -28.36 48.94 -23.30
N HIS E 257 -29.23 49.49 -22.44
CA HIS E 257 -28.82 50.58 -21.56
C HIS E 257 -29.32 50.54 -20.11
N VAL E 258 -28.63 51.30 -19.26
CA VAL E 258 -29.00 51.41 -17.86
C VAL E 258 -29.21 52.89 -17.65
N TYR E 259 -30.42 53.29 -17.22
CA TYR E 259 -30.68 54.71 -16.97
C TYR E 259 -29.82 55.22 -15.83
N ARG E 260 -29.44 56.49 -15.91
CA ARG E 260 -28.58 57.13 -14.91
C ARG E 260 -29.13 56.97 -13.49
N ASP E 261 -30.44 57.14 -13.31
CA ASP E 261 -31.03 57.01 -11.99
C ASP E 261 -31.30 55.56 -11.57
N HIS E 262 -30.77 54.61 -12.34
CA HIS E 262 -30.92 53.19 -12.00
C HIS E 262 -29.62 52.57 -11.53
N VAL E 263 -28.51 53.25 -11.82
CA VAL E 263 -27.19 52.75 -11.45
C VAL E 263 -27.03 52.36 -9.98
N GLU E 264 -27.33 53.28 -9.08
CA GLU E 264 -27.20 52.96 -7.66
C GLU E 264 -28.15 51.87 -7.21
N PRO E 265 -29.43 51.93 -7.62
CA PRO E 265 -30.34 50.86 -7.18
C PRO E 265 -29.89 49.50 -7.67
N LEU E 266 -29.35 49.44 -8.90
CA LEU E 266 -28.91 48.17 -9.46
C LEU E 266 -27.67 47.60 -8.75
N LYS E 267 -26.80 48.49 -8.26
CA LYS E 267 -25.60 48.04 -7.55
C LYS E 267 -26.01 47.21 -6.35
N THR E 268 -27.13 47.56 -5.74
CA THR E 268 -27.64 46.81 -4.60
C THR E 268 -28.07 45.41 -5.07
N GLN E 269 -28.74 45.37 -6.22
CA GLN E 269 -29.19 44.09 -6.76
C GLN E 269 -28.01 43.20 -7.17
N LEU E 270 -26.94 43.81 -7.68
CA LEU E 270 -25.77 43.05 -8.11
C LEU E 270 -25.09 42.25 -7.01
N GLU E 271 -25.35 42.63 -5.76
CA GLU E 271 -24.75 41.96 -4.61
C GLU E 271 -25.50 40.69 -4.24
N ARG E 272 -26.66 40.49 -4.83
CA ARG E 272 -27.48 39.34 -4.48
C ARG E 272 -27.25 38.10 -5.33
N GLU E 273 -27.31 36.94 -4.67
CA GLU E 273 -27.14 35.65 -5.30
C GLU E 273 -28.52 35.13 -5.73
N PRO E 274 -28.66 34.77 -7.01
CA PRO E 274 -29.91 34.25 -7.56
C PRO E 274 -30.42 32.99 -6.89
N ARG E 275 -31.74 32.84 -6.84
CA ARG E 275 -32.35 31.63 -6.29
C ARG E 275 -32.79 30.84 -7.52
N ASP E 276 -32.98 29.54 -7.39
CA ASP E 276 -33.41 28.74 -8.53
C ASP E 276 -34.70 29.32 -9.10
N PHE E 277 -34.82 29.34 -10.42
CA PHE E 277 -36.01 29.89 -11.07
C PHE E 277 -37.25 29.07 -10.69
N PRO E 278 -38.42 29.70 -10.68
CA PRO E 278 -39.68 29.03 -10.34
C PRO E 278 -40.16 28.19 -11.53
N LYS E 279 -41.23 27.44 -11.30
CA LYS E 279 -41.79 26.61 -12.36
C LYS E 279 -43.21 27.04 -12.67
N LEU E 280 -43.64 26.83 -13.91
CA LEU E 280 -44.98 27.22 -14.33
C LEU E 280 -45.86 26.01 -14.50
N LYS E 281 -47.08 26.09 -13.98
CA LYS E 281 -48.05 25.01 -14.10
C LYS E 281 -49.37 25.65 -14.52
N TRP E 282 -50.24 24.90 -15.18
CA TRP E 282 -51.51 25.45 -15.63
C TRP E 282 -52.64 25.02 -14.70
N ALA E 283 -53.52 25.96 -14.38
CA ALA E 283 -54.65 25.66 -13.49
C ALA E 283 -55.73 24.93 -14.23
N ARG E 284 -55.67 24.95 -15.55
CA ARG E 284 -56.66 24.27 -16.37
C ARG E 284 -56.00 23.46 -17.48
N SER E 285 -56.78 22.61 -18.15
CA SER E 285 -56.22 21.78 -19.23
C SER E 285 -56.24 22.52 -20.57
N LYS E 286 -55.55 21.95 -21.54
CA LYS E 286 -55.50 22.51 -22.88
C LYS E 286 -56.92 22.64 -23.44
N GLU E 287 -57.72 21.59 -23.25
CA GLU E 287 -59.11 21.55 -23.72
C GLU E 287 -59.95 22.65 -23.10
N GLU E 288 -59.79 22.85 -21.79
CA GLU E 288 -60.54 23.90 -21.12
C GLU E 288 -60.14 25.29 -21.60
N ILE E 289 -58.83 25.53 -21.71
CA ILE E 289 -58.35 26.82 -22.19
C ILE E 289 -58.78 27.00 -23.64
N GLY E 290 -58.75 25.92 -24.42
CA GLY E 290 -59.19 25.98 -25.81
C GLY E 290 -58.18 26.46 -26.81
N ASP E 291 -57.93 27.78 -26.87
CA ASP E 291 -56.95 28.32 -27.82
C ASP E 291 -56.16 29.44 -27.17
N ILE E 292 -55.34 30.13 -27.96
CA ILE E 292 -54.49 31.20 -27.46
C ILE E 292 -55.27 32.37 -26.84
N ASP E 293 -56.54 32.49 -27.19
CA ASP E 293 -57.37 33.55 -26.65
C ASP E 293 -58.17 33.13 -25.41
N GLY E 294 -57.94 31.91 -24.93
CA GLY E 294 -58.71 31.48 -23.77
C GLY E 294 -58.00 31.51 -22.43
N PHE E 295 -56.80 32.05 -22.38
CA PHE E 295 -56.06 32.11 -21.12
C PHE E 295 -56.55 33.19 -20.18
N LYS E 296 -56.43 32.90 -18.88
CA LYS E 296 -56.84 33.84 -17.84
C LYS E 296 -55.69 33.99 -16.84
N VAL E 297 -55.59 35.14 -16.20
CA VAL E 297 -54.50 35.35 -15.23
C VAL E 297 -54.38 34.19 -14.26
N GLU E 298 -55.51 33.74 -13.71
CA GLU E 298 -55.51 32.64 -12.73
C GLU E 298 -55.07 31.30 -13.28
N ASP E 299 -54.89 31.21 -14.60
CA ASP E 299 -54.45 29.96 -15.19
C ASP E 299 -52.96 29.74 -14.91
N PHE E 300 -52.24 30.83 -14.72
CA PHE E 300 -50.80 30.76 -14.49
C PHE E 300 -50.43 30.47 -13.04
N VAL E 301 -50.04 29.23 -12.78
CA VAL E 301 -49.65 28.83 -11.43
C VAL E 301 -48.13 28.75 -11.33
N VAL E 302 -47.50 29.77 -10.77
CA VAL E 302 -46.06 29.84 -10.63
C VAL E 302 -45.67 29.37 -9.23
N GLU E 303 -44.96 28.26 -9.16
CA GLU E 303 -44.57 27.74 -7.86
C GLU E 303 -43.06 27.80 -7.63
N GLY E 304 -42.68 27.98 -6.37
CA GLY E 304 -41.27 28.04 -6.02
C GLY E 304 -40.59 29.36 -6.29
N TYR E 305 -41.35 30.43 -6.46
CA TYR E 305 -40.74 31.74 -6.71
C TYR E 305 -40.23 32.29 -5.37
N LYS E 306 -38.92 32.44 -5.23
CA LYS E 306 -38.32 32.93 -4.00
C LYS E 306 -37.35 34.06 -4.24
N PRO E 307 -37.87 35.24 -4.55
CA PRO E 307 -37.03 36.41 -4.82
C PRO E 307 -36.57 37.18 -3.59
N TRP E 308 -35.58 38.04 -3.78
CA TRP E 308 -35.09 38.91 -2.74
C TRP E 308 -36.07 40.07 -2.74
N GLY E 309 -35.79 41.09 -1.94
CA GLY E 309 -36.66 42.25 -1.85
C GLY E 309 -36.80 43.07 -3.12
N LYS E 310 -37.83 43.90 -3.16
CA LYS E 310 -38.06 44.75 -4.32
C LYS E 310 -37.01 45.84 -4.34
N ILE E 311 -36.75 46.37 -5.53
CA ILE E 311 -35.80 47.42 -5.71
C ILE E 311 -36.51 48.52 -6.48
N ASP E 312 -36.67 49.67 -5.83
CA ASP E 312 -37.36 50.79 -6.44
C ASP E 312 -36.56 51.46 -7.54
N MET E 313 -37.19 51.64 -8.70
CA MET E 313 -36.55 52.31 -9.83
C MET E 313 -37.62 53.10 -10.56
N LYS E 314 -37.33 54.37 -10.83
CA LYS E 314 -38.28 55.23 -11.51
C LYS E 314 -38.22 55.03 -13.03
N MET E 315 -39.37 55.03 -13.68
CA MET E 315 -39.41 54.87 -15.12
C MET E 315 -39.35 56.22 -15.78
N SER E 316 -38.55 56.36 -16.82
CA SER E 316 -38.44 57.63 -17.52
C SER E 316 -39.41 57.61 -18.70
N ALA E 317 -40.38 58.51 -18.68
CA ALA E 317 -41.40 58.60 -19.72
C ALA E 317 -40.84 59.10 -21.05
N ARG F 13 -4.23 26.75 -37.02
CA ARG F 13 -4.60 28.01 -37.71
C ARG F 13 -3.54 29.08 -37.54
N SER F 14 -2.98 29.50 -38.67
CA SER F 14 -1.96 30.54 -38.70
C SER F 14 -2.47 31.80 -38.02
N ASN F 15 -3.75 32.10 -38.25
CA ASN F 15 -4.38 33.29 -37.67
C ASN F 15 -5.76 32.95 -37.13
N PRO F 16 -5.80 32.31 -35.95
CA PRO F 16 -7.05 31.90 -35.27
C PRO F 16 -8.06 33.01 -35.02
N ASP F 17 -7.60 34.26 -34.97
CA ASP F 17 -8.53 35.35 -34.72
C ASP F 17 -9.20 35.88 -35.99
N HIS F 18 -8.87 35.31 -37.15
CA HIS F 18 -9.48 35.78 -38.37
C HIS F 18 -11.02 35.63 -38.27
N GLU F 19 -11.73 36.72 -38.49
CA GLU F 19 -13.18 36.71 -38.40
C GLU F 19 -13.90 35.67 -39.26
N GLU F 20 -13.28 35.28 -40.38
CA GLU F 20 -13.92 34.30 -41.25
C GLU F 20 -14.09 32.94 -40.59
N TYR F 21 -13.30 32.66 -39.55
CA TYR F 21 -13.45 31.38 -38.87
C TYR F 21 -14.84 31.25 -38.22
N GLN F 22 -15.48 32.37 -37.96
CA GLN F 22 -16.85 32.36 -37.36
C GLN F 22 -17.77 31.63 -38.33
N TYR F 23 -17.65 32.00 -39.61
CA TYR F 23 -18.44 31.42 -40.67
C TYR F 23 -18.09 29.93 -40.88
N LEU F 24 -16.79 29.64 -40.99
CA LEU F 24 -16.34 28.27 -41.18
C LEU F 24 -16.70 27.36 -39.98
N ASP F 25 -16.50 27.88 -38.77
CA ASP F 25 -16.81 27.08 -37.57
C ASP F 25 -18.29 26.77 -37.45
N LEU F 26 -19.15 27.72 -37.81
CA LEU F 26 -20.58 27.47 -37.72
C LEU F 26 -21.01 26.38 -38.69
N ILE F 27 -20.47 26.43 -39.91
CA ILE F 27 -20.80 25.42 -40.89
C ILE F 27 -20.37 24.05 -40.40
N ARG F 28 -19.18 23.97 -39.85
CA ARG F 28 -18.66 22.70 -39.32
C ARG F 28 -19.60 22.21 -38.21
N ARG F 29 -20.01 23.12 -37.34
CA ARG F 29 -20.92 22.74 -36.25
C ARG F 29 -22.27 22.24 -36.77
N ILE F 30 -22.84 22.95 -37.74
CA ILE F 30 -24.14 22.55 -38.30
C ILE F 30 -24.07 21.16 -38.93
N ILE F 31 -22.99 20.91 -39.67
CA ILE F 31 -22.81 19.61 -40.30
C ILE F 31 -22.67 18.54 -39.20
N ASN F 32 -21.88 18.84 -38.17
CA ASN F 32 -21.64 17.89 -37.08
C ASN F 32 -22.83 17.59 -36.16
N VAL F 33 -23.42 18.62 -35.56
CA VAL F 33 -24.54 18.42 -34.66
C VAL F 33 -25.87 19.01 -35.10
N GLY F 34 -25.93 19.54 -36.32
CA GLY F 34 -27.18 20.11 -36.79
C GLY F 34 -28.27 19.05 -36.93
N GLU F 35 -29.52 19.48 -36.93
CA GLU F 35 -30.66 18.57 -37.05
C GLU F 35 -31.11 18.45 -38.52
N VAL F 36 -31.27 17.21 -39.00
CA VAL F 36 -31.70 16.96 -40.38
C VAL F 36 -33.18 17.28 -40.50
N ARG F 37 -33.54 18.17 -41.42
CA ARG F 37 -34.93 18.57 -41.54
C ARG F 37 -35.43 18.72 -42.96
N PRO F 38 -36.75 18.58 -43.16
CA PRO F 38 -37.41 18.72 -44.45
C PRO F 38 -37.54 20.24 -44.58
N ASP F 39 -37.81 20.74 -45.76
CA ASP F 39 -37.94 22.17 -45.94
C ASP F 39 -38.80 22.49 -47.17
N ARG F 40 -39.15 23.76 -47.31
CA ARG F 40 -39.96 24.24 -48.41
C ARG F 40 -39.46 23.80 -49.80
N THR F 41 -38.15 23.87 -50.03
CA THR F 41 -37.56 23.55 -51.35
C THR F 41 -37.60 22.07 -51.72
N GLY F 42 -37.64 21.21 -50.71
CA GLY F 42 -37.67 19.78 -50.97
C GLY F 42 -36.30 19.13 -50.99
N THR F 43 -35.22 19.91 -50.93
CA THR F 43 -33.90 19.31 -50.97
C THR F 43 -33.45 18.83 -49.58
N GLY F 44 -33.98 19.47 -48.53
CA GLY F 44 -33.61 19.10 -47.18
C GLY F 44 -32.39 19.87 -46.69
N THR F 45 -32.27 20.03 -45.37
CA THR F 45 -31.15 20.74 -44.79
C THR F 45 -30.76 20.14 -43.43
N VAL F 46 -29.69 20.66 -42.87
CA VAL F 46 -29.23 20.30 -41.54
C VAL F 46 -29.20 21.68 -40.90
N ALA F 47 -29.80 21.83 -39.72
CA ALA F 47 -29.88 23.17 -39.12
C ALA F 47 -29.76 23.30 -37.62
N LEU F 48 -29.46 24.53 -37.19
CA LEU F 48 -29.36 24.93 -35.78
C LEU F 48 -30.12 26.25 -35.65
N PHE F 49 -30.85 26.43 -34.55
CA PHE F 49 -31.60 27.67 -34.36
C PHE F 49 -30.89 28.64 -33.45
N ALA F 50 -30.88 29.91 -33.85
CA ALA F 50 -30.30 30.99 -33.05
C ALA F 50 -28.89 30.77 -32.52
N PRO F 51 -27.93 30.47 -33.41
CA PRO F 51 -26.56 30.26 -32.92
C PRO F 51 -25.96 31.61 -32.56
N PRO F 52 -24.83 31.60 -31.84
CA PRO F 52 -24.20 32.89 -31.49
C PRO F 52 -24.07 33.77 -32.75
N SER F 53 -24.24 35.08 -32.59
CA SER F 53 -24.15 36.01 -33.70
C SER F 53 -22.72 36.20 -34.22
N PHE F 54 -22.60 36.68 -35.45
CA PHE F 54 -21.28 36.93 -36.04
C PHE F 54 -20.98 38.40 -35.84
N ARG F 55 -19.71 38.74 -35.68
CA ARG F 55 -19.31 40.14 -35.51
C ARG F 55 -18.14 40.39 -36.46
N PHE F 56 -18.23 41.45 -37.25
CA PHE F 56 -17.18 41.78 -38.19
C PHE F 56 -16.79 43.23 -38.05
N SER F 57 -15.50 43.49 -37.95
CA SER F 57 -15.01 44.86 -37.82
C SER F 57 -15.01 45.54 -39.18
N LEU F 58 -15.50 46.78 -39.24
CA LEU F 58 -15.54 47.52 -40.48
C LEU F 58 -14.56 48.68 -40.42
N ALA F 59 -13.71 48.66 -39.38
CA ALA F 59 -12.71 49.73 -39.20
C ALA F 59 -11.60 49.62 -40.27
N ASP F 60 -10.90 50.72 -40.49
CA ASP F 60 -9.81 50.77 -41.45
C ASP F 60 -10.26 50.35 -42.84
N ASN F 61 -11.45 50.78 -43.24
CA ASN F 61 -12.02 50.45 -44.55
C ASN F 61 -12.15 48.97 -44.86
N THR F 62 -12.22 48.14 -43.83
CA THR F 62 -12.32 46.71 -44.02
C THR F 62 -13.66 46.22 -44.54
N LEU F 63 -13.64 45.29 -45.50
CA LEU F 63 -14.84 44.71 -46.07
C LEU F 63 -14.80 43.20 -45.85
N PRO F 64 -15.70 42.68 -45.01
CA PRO F 64 -15.72 41.24 -44.76
C PRO F 64 -16.25 40.40 -45.92
N LEU F 65 -15.50 40.39 -47.03
CA LEU F 65 -15.85 39.61 -48.21
C LEU F 65 -15.09 38.30 -48.05
N LEU F 66 -15.81 37.19 -47.84
CA LEU F 66 -15.19 35.90 -47.61
C LEU F 66 -14.09 35.55 -48.62
N THR F 67 -13.00 34.96 -48.10
CA THR F 67 -11.87 34.58 -48.93
C THR F 67 -11.70 33.09 -49.16
N THR F 68 -12.39 32.26 -48.37
CA THR F 68 -12.24 30.81 -48.55
C THR F 68 -12.93 30.30 -49.80
N LYS F 69 -13.55 31.22 -50.54
CA LYS F 69 -14.12 30.87 -51.84
C LYS F 69 -14.28 32.20 -52.60
N ARG F 70 -14.30 32.17 -53.93
CA ARG F 70 -14.46 33.41 -54.67
C ARG F 70 -15.93 33.84 -54.58
N VAL F 71 -16.18 35.03 -54.06
CA VAL F 71 -17.54 35.55 -53.93
C VAL F 71 -17.82 36.51 -55.07
N PHE F 72 -18.99 36.42 -55.67
CA PHE F 72 -19.39 37.27 -56.80
C PHE F 72 -19.65 38.67 -56.29
N LEU F 73 -18.56 39.41 -56.04
CA LEU F 73 -18.64 40.78 -55.53
C LEU F 73 -19.56 41.70 -56.34
N ARG F 74 -19.41 41.69 -57.66
CA ARG F 74 -20.24 42.56 -58.50
C ARG F 74 -21.72 42.24 -58.29
N GLY F 75 -22.03 40.97 -58.08
CA GLY F 75 -23.42 40.61 -57.88
C GLY F 75 -23.94 41.16 -56.56
N VAL F 76 -23.09 41.17 -55.54
CA VAL F 76 -23.49 41.68 -54.23
C VAL F 76 -23.78 43.16 -54.36
N ILE F 77 -22.85 43.90 -54.96
CA ILE F 77 -23.03 45.33 -55.14
C ILE F 77 -24.29 45.64 -55.98
N ALA F 78 -24.43 44.98 -57.11
CA ALA F 78 -25.59 45.21 -57.97
C ALA F 78 -26.90 44.99 -57.22
N GLU F 79 -27.00 43.87 -56.51
CA GLU F 79 -28.22 43.58 -55.75
C GLU F 79 -28.49 44.67 -54.71
N LEU F 80 -27.44 45.12 -54.04
CA LEU F 80 -27.58 46.16 -53.01
C LEU F 80 -28.09 47.51 -53.58
N LEU F 81 -27.49 47.94 -54.69
CA LEU F 81 -27.91 49.22 -55.27
C LEU F 81 -29.33 49.08 -55.80
N TRP F 82 -29.69 47.85 -56.11
CA TRP F 82 -31.01 47.52 -56.62
C TRP F 82 -31.99 47.70 -55.45
N PHE F 83 -31.64 47.15 -54.28
CA PHE F 83 -32.49 47.31 -53.07
C PHE F 83 -32.68 48.80 -52.82
N VAL F 84 -31.57 49.52 -52.70
CA VAL F 84 -31.60 50.95 -52.44
C VAL F 84 -32.52 51.72 -53.39
N SER F 85 -32.49 51.36 -54.68
CA SER F 85 -33.32 52.03 -55.67
C SER F 85 -34.82 51.75 -55.44
N GLY F 86 -35.13 50.73 -54.65
CA GLY F 86 -36.53 50.43 -54.39
C GLY F 86 -37.15 49.58 -55.47
N CYS F 87 -36.33 49.19 -56.44
CA CYS F 87 -36.75 48.37 -57.56
C CYS F 87 -37.01 46.92 -57.18
N THR F 88 -38.01 46.31 -57.80
CA THR F 88 -38.35 44.92 -57.50
C THR F 88 -38.39 44.06 -58.76
N ASP F 89 -37.85 44.59 -59.85
CA ASP F 89 -37.80 43.85 -61.13
C ASP F 89 -36.44 43.17 -61.25
N ALA F 90 -36.42 41.84 -61.20
CA ALA F 90 -35.20 41.07 -61.30
C ALA F 90 -34.48 41.26 -62.66
N LYS F 91 -35.23 41.69 -63.67
CA LYS F 91 -34.61 41.89 -64.98
C LYS F 91 -33.56 42.97 -64.91
N MET F 92 -33.66 43.84 -63.91
CA MET F 92 -32.69 44.93 -63.77
C MET F 92 -31.34 44.36 -63.32
N LEU F 93 -31.38 43.14 -62.79
CA LEU F 93 -30.14 42.48 -62.36
C LEU F 93 -29.64 41.57 -63.47
N SER F 94 -30.54 40.79 -64.06
CA SER F 94 -30.10 39.90 -65.13
C SER F 94 -29.60 40.67 -66.36
N SER F 95 -30.11 41.87 -66.58
CA SER F 95 -29.69 42.65 -67.73
C SER F 95 -28.25 43.11 -67.55
N GLN F 96 -27.78 43.14 -66.31
CA GLN F 96 -26.40 43.55 -66.07
C GLN F 96 -25.55 42.35 -65.69
N GLY F 97 -26.02 41.15 -66.04
CA GLY F 97 -25.27 39.95 -65.78
C GLY F 97 -25.32 39.34 -64.40
N VAL F 98 -26.36 39.68 -63.63
CA VAL F 98 -26.51 39.15 -62.27
C VAL F 98 -27.81 38.36 -62.23
N GLY F 99 -27.69 37.04 -62.10
CA GLY F 99 -28.89 36.20 -62.13
C GLY F 99 -29.32 35.58 -60.83
N ILE F 100 -28.86 36.12 -59.70
CA ILE F 100 -29.18 35.54 -58.40
C ILE F 100 -30.67 35.46 -58.11
N TRP F 101 -31.46 36.35 -58.71
CA TRP F 101 -32.90 36.34 -58.50
C TRP F 101 -33.69 35.76 -59.66
N ASP F 102 -33.00 35.21 -60.66
CA ASP F 102 -33.69 34.60 -61.82
C ASP F 102 -34.50 33.40 -61.41
N GLY F 103 -33.98 32.65 -60.43
CA GLY F 103 -34.69 31.47 -59.97
C GLY F 103 -36.06 31.73 -59.37
N ASN F 104 -36.17 32.71 -58.48
CA ASN F 104 -37.46 33.01 -57.86
C ASN F 104 -38.28 34.00 -58.67
N GLY F 105 -37.70 34.52 -59.75
CA GLY F 105 -38.42 35.47 -60.57
C GLY F 105 -38.89 34.85 -61.87
N SER F 106 -38.55 33.58 -62.08
CA SER F 106 -38.94 32.88 -63.30
C SER F 106 -40.44 32.73 -63.39
N LYS F 107 -40.92 32.73 -64.65
CA LYS F 107 -42.34 32.57 -64.90
C LYS F 107 -42.82 31.28 -64.24
N GLU F 108 -41.98 30.25 -64.30
CA GLU F 108 -42.35 28.97 -63.71
C GLU F 108 -42.55 29.04 -62.20
N PHE F 109 -41.67 29.72 -61.47
CA PHE F 109 -41.77 29.81 -60.02
C PHE F 109 -42.94 30.68 -59.61
N LEU F 110 -43.07 31.84 -60.24
CA LEU F 110 -44.15 32.76 -59.94
C LEU F 110 -45.52 32.07 -60.05
N GLU F 111 -45.74 31.36 -61.15
CA GLU F 111 -47.00 30.66 -61.33
C GLU F 111 -47.15 29.58 -60.24
N LYS F 112 -46.03 29.00 -59.84
CA LYS F 112 -45.99 27.96 -58.82
C LYS F 112 -46.49 28.47 -57.47
N VAL F 113 -46.16 29.72 -57.13
CA VAL F 113 -46.59 30.30 -55.85
C VAL F 113 -47.87 31.15 -55.95
N GLY F 114 -48.65 30.93 -57.02
CA GLY F 114 -49.88 31.67 -57.20
C GLY F 114 -49.73 33.10 -57.73
N LEU F 115 -48.61 33.42 -58.37
CA LEU F 115 -48.42 34.78 -58.88
C LEU F 115 -48.29 34.73 -60.41
N GLY F 116 -49.13 33.91 -61.05
CA GLY F 116 -49.10 33.77 -62.50
C GLY F 116 -49.49 35.02 -63.29
N HIS F 117 -50.16 35.96 -62.62
CA HIS F 117 -50.58 37.20 -63.28
C HIS F 117 -49.44 38.21 -63.43
N ARG F 118 -48.26 37.86 -62.95
CA ARG F 118 -47.15 38.78 -63.06
C ARG F 118 -46.22 38.43 -64.23
N ARG F 119 -45.56 39.43 -64.78
CA ARG F 119 -44.63 39.12 -65.85
C ARG F 119 -43.35 38.58 -65.20
N GLU F 120 -42.59 37.79 -65.94
CA GLU F 120 -41.36 37.22 -65.41
C GLU F 120 -40.46 38.30 -64.83
N GLY F 121 -39.92 38.06 -63.64
CA GLY F 121 -39.03 39.03 -63.01
C GLY F 121 -39.67 39.97 -62.02
N ASP F 122 -40.99 40.08 -62.06
CA ASP F 122 -41.71 40.94 -61.13
C ASP F 122 -41.90 40.18 -59.81
N LEU F 123 -40.96 40.38 -58.90
CA LEU F 123 -40.94 39.69 -57.61
C LEU F 123 -42.01 40.15 -56.63
N GLY F 124 -42.56 41.33 -56.86
CA GLY F 124 -43.56 41.83 -55.94
C GLY F 124 -42.95 42.87 -55.01
N PRO F 125 -43.66 43.25 -53.93
CA PRO F 125 -43.16 44.26 -52.99
C PRO F 125 -42.09 43.73 -52.04
N VAL F 126 -40.96 43.29 -52.61
CA VAL F 126 -39.88 42.76 -51.79
C VAL F 126 -38.93 43.84 -51.25
N TYR F 127 -37.82 43.42 -50.66
CA TYR F 127 -36.82 44.30 -50.05
C TYR F 127 -36.85 45.77 -50.39
N GLY F 128 -36.31 46.12 -51.54
CA GLY F 128 -36.26 47.52 -51.95
C GLY F 128 -37.57 48.31 -51.83
N PHE F 129 -38.68 47.69 -52.21
CA PHE F 129 -39.96 48.37 -52.13
C PHE F 129 -40.33 48.70 -50.66
N GLN F 130 -40.15 47.74 -49.76
CA GLN F 130 -40.45 47.98 -48.35
C GLN F 130 -39.51 49.03 -47.76
N TRP F 131 -38.24 48.97 -48.14
CA TRP F 131 -37.23 49.90 -47.66
C TRP F 131 -37.54 51.36 -47.97
N ARG F 132 -38.04 51.62 -49.17
CA ARG F 132 -38.33 52.99 -49.61
C ARG F 132 -39.79 53.40 -49.70
N HIS F 133 -40.70 52.43 -49.67
CA HIS F 133 -42.14 52.72 -49.82
C HIS F 133 -43.02 51.87 -48.89
N PHE F 134 -42.52 51.53 -47.72
CA PHE F 134 -43.30 50.71 -46.81
C PHE F 134 -44.72 51.23 -46.62
N GLY F 135 -45.70 50.36 -46.80
CA GLY F 135 -47.08 50.75 -46.61
C GLY F 135 -47.80 51.14 -47.88
N ALA F 136 -47.06 51.50 -48.93
CA ALA F 136 -47.68 51.90 -50.19
C ALA F 136 -48.38 50.70 -50.80
N GLU F 137 -49.34 50.96 -51.67
CA GLU F 137 -50.09 49.92 -52.37
C GLU F 137 -49.27 49.44 -53.59
N TYR F 138 -49.06 48.14 -53.71
CA TYR F 138 -48.26 47.62 -54.81
C TYR F 138 -49.13 47.17 -55.97
N THR F 139 -48.82 47.61 -57.18
CA THR F 139 -49.57 47.17 -58.34
C THR F 139 -48.66 46.16 -59.04
N ASP F 140 -47.63 46.65 -59.74
CA ASP F 140 -46.67 45.78 -60.40
C ASP F 140 -45.30 46.46 -60.26
N ALA F 141 -44.24 45.93 -60.89
CA ALA F 141 -42.94 46.58 -60.74
C ALA F 141 -42.78 47.89 -61.47
N ASP F 142 -43.71 48.20 -62.36
CA ASP F 142 -43.64 49.44 -63.16
C ASP F 142 -44.42 50.58 -62.51
N GLY F 143 -45.08 50.26 -61.40
CA GLY F 143 -45.88 51.25 -60.70
C GLY F 143 -45.10 52.48 -60.28
N ASP F 144 -45.80 53.61 -60.15
CA ASP F 144 -45.19 54.86 -59.75
C ASP F 144 -45.33 54.99 -58.24
N TYR F 145 -44.25 54.78 -57.52
CA TYR F 145 -44.27 54.82 -56.07
C TYR F 145 -43.55 56.01 -55.48
N LYS F 146 -43.02 56.86 -56.35
CA LYS F 146 -42.28 58.03 -55.87
C LYS F 146 -43.10 58.85 -54.88
N GLY F 147 -42.52 59.11 -53.71
CA GLY F 147 -43.22 59.87 -52.69
C GLY F 147 -44.32 59.11 -51.97
N LYS F 148 -44.45 57.81 -52.23
CA LYS F 148 -45.49 57.02 -51.59
C LYS F 148 -44.89 56.05 -50.60
N GLY F 149 -45.60 55.85 -49.48
CA GLY F 149 -45.13 54.94 -48.45
C GLY F 149 -44.06 55.57 -47.58
N VAL F 150 -43.54 54.82 -46.61
CA VAL F 150 -42.51 55.34 -45.73
C VAL F 150 -41.12 55.05 -46.26
N ASP F 151 -40.31 56.10 -46.42
CA ASP F 151 -38.94 55.91 -46.90
C ASP F 151 -38.04 55.69 -45.69
N GLN F 152 -37.97 54.44 -45.25
CA GLN F 152 -37.17 54.09 -44.08
C GLN F 152 -35.69 54.40 -44.24
N LEU F 153 -35.17 54.16 -45.44
CA LEU F 153 -33.74 54.39 -45.66
C LEU F 153 -33.33 55.83 -45.47
N GLN F 154 -34.05 56.75 -46.11
CA GLN F 154 -33.71 58.16 -45.97
C GLN F 154 -33.92 58.61 -44.53
N ARG F 155 -34.92 58.06 -43.85
CA ARG F 155 -35.17 58.42 -42.46
C ARG F 155 -33.98 58.00 -41.61
N VAL F 156 -33.41 56.83 -41.92
CA VAL F 156 -32.23 56.35 -41.20
C VAL F 156 -31.07 57.33 -41.39
N ILE F 157 -30.89 57.80 -42.62
CA ILE F 157 -29.82 58.74 -42.93
C ILE F 157 -30.01 60.05 -42.15
N ASP F 158 -31.22 60.60 -42.22
CA ASP F 158 -31.55 61.85 -41.54
C ASP F 158 -31.37 61.73 -40.03
N THR F 159 -31.77 60.60 -39.47
CA THR F 159 -31.67 60.39 -38.03
C THR F 159 -30.24 60.26 -37.55
N ILE F 160 -29.40 59.58 -38.34
CA ILE F 160 -28.01 59.41 -37.97
C ILE F 160 -27.31 60.79 -37.94
N LYS F 161 -27.66 61.64 -38.89
CA LYS F 161 -27.08 62.97 -38.99
C LYS F 161 -27.60 63.99 -37.97
N ASN F 162 -28.90 63.97 -37.69
CA ASN F 162 -29.49 64.95 -36.79
C ASN F 162 -29.89 64.50 -35.39
N ASN F 163 -29.99 63.20 -35.15
CA ASN F 163 -30.33 62.70 -33.84
C ASN F 163 -29.80 61.28 -33.69
N PRO F 164 -28.46 61.14 -33.73
CA PRO F 164 -27.72 59.87 -33.62
C PRO F 164 -28.03 58.97 -32.44
N THR F 165 -28.40 59.54 -31.29
CA THR F 165 -28.69 58.71 -30.13
C THR F 165 -30.10 58.13 -30.16
N ASP F 166 -30.84 58.45 -31.21
CA ASP F 166 -32.20 57.90 -31.36
C ASP F 166 -32.09 56.36 -31.27
N ARG F 167 -33.11 55.70 -30.74
CA ARG F 167 -33.08 54.24 -30.60
C ARG F 167 -34.01 53.52 -31.58
N ARG F 168 -34.48 54.23 -32.59
CA ARG F 168 -35.40 53.64 -33.56
C ARG F 168 -34.82 53.68 -34.97
N ILE F 169 -33.51 53.65 -35.11
CA ILE F 169 -32.88 53.70 -36.43
C ILE F 169 -32.98 52.31 -37.04
N ILE F 170 -34.16 51.99 -37.56
CA ILE F 170 -34.47 50.67 -38.09
C ILE F 170 -34.78 50.69 -39.59
N LEU F 171 -34.33 49.65 -40.27
CA LEU F 171 -34.57 49.48 -41.70
C LEU F 171 -35.15 48.07 -41.80
N SER F 172 -36.43 47.95 -42.16
CA SER F 172 -37.06 46.63 -42.22
C SER F 172 -37.85 46.37 -43.51
N ALA F 173 -37.80 45.13 -43.95
CA ALA F 173 -38.51 44.73 -45.16
C ALA F 173 -39.66 43.80 -44.81
N TRP F 174 -39.76 43.42 -43.55
CA TRP F 174 -40.83 42.53 -43.12
C TRP F 174 -42.19 43.25 -43.11
N ASN F 175 -43.14 42.73 -43.87
CA ASN F 175 -44.48 43.31 -43.97
C ASN F 175 -45.49 42.18 -44.08
N PRO F 176 -46.05 41.77 -42.93
CA PRO F 176 -47.04 40.68 -42.87
C PRO F 176 -48.18 40.82 -43.88
N LYS F 177 -48.59 42.05 -44.15
CA LYS F 177 -49.67 42.27 -45.11
C LYS F 177 -49.27 41.97 -46.56
N ASP F 178 -48.05 42.38 -46.93
CA ASP F 178 -47.55 42.18 -48.29
C ASP F 178 -46.92 40.83 -48.61
N LEU F 179 -46.61 40.04 -47.59
CA LEU F 179 -45.98 38.73 -47.77
C LEU F 179 -46.53 37.88 -48.92
N PRO F 180 -47.84 37.66 -48.96
CA PRO F 180 -48.38 36.84 -50.05
C PRO F 180 -48.14 37.37 -51.46
N LEU F 181 -47.80 38.65 -51.57
CA LEU F 181 -47.56 39.26 -52.88
C LEU F 181 -46.10 39.08 -53.28
N MET F 182 -45.30 38.58 -52.33
CA MET F 182 -43.88 38.41 -52.55
C MET F 182 -43.49 37.04 -53.08
N ALA F 183 -42.61 37.02 -54.09
CA ALA F 183 -42.19 35.75 -54.64
C ALA F 183 -41.51 34.95 -53.52
N LEU F 184 -40.88 35.67 -52.61
CA LEU F 184 -40.20 35.05 -51.47
C LEU F 184 -40.20 36.06 -50.32
N PRO F 185 -40.49 35.61 -49.09
CA PRO F 185 -40.50 36.53 -47.94
C PRO F 185 -39.06 36.94 -47.62
N PRO F 186 -38.86 38.15 -47.10
CA PRO F 186 -37.52 38.64 -46.76
C PRO F 186 -36.74 37.69 -45.85
N CYS F 187 -35.47 37.45 -46.18
CA CYS F 187 -34.61 36.59 -45.36
C CYS F 187 -33.95 37.52 -44.34
N HIS F 188 -33.31 38.57 -44.83
CA HIS F 188 -32.73 39.57 -43.94
C HIS F 188 -33.93 40.48 -43.73
N MET F 189 -34.66 40.27 -42.63
CA MET F 189 -35.87 41.02 -42.39
C MET F 189 -35.74 42.42 -41.83
N PHE F 190 -34.61 42.73 -41.22
CA PHE F 190 -34.41 44.08 -40.72
C PHE F 190 -33.03 44.25 -40.10
N CYS F 191 -32.65 45.50 -39.92
CA CYS F 191 -31.38 45.81 -39.30
C CYS F 191 -31.55 47.07 -38.49
N GLN F 192 -30.65 47.27 -37.53
CA GLN F 192 -30.67 48.44 -36.67
C GLN F 192 -29.28 49.07 -36.68
N PHE F 193 -29.26 50.40 -36.83
CA PHE F 193 -28.00 51.13 -36.80
C PHE F 193 -27.81 51.79 -35.45
N PHE F 194 -26.55 51.96 -35.06
CA PHE F 194 -26.19 52.57 -33.80
C PHE F 194 -25.01 53.51 -34.04
N VAL F 195 -25.06 54.67 -33.42
CA VAL F 195 -24.00 55.67 -33.59
C VAL F 195 -23.33 55.98 -32.26
N SER F 196 -22.03 55.77 -32.18
CA SER F 196 -21.30 56.09 -30.95
C SER F 196 -20.82 57.53 -31.11
N LEU F 197 -21.05 58.34 -30.10
CA LEU F 197 -20.63 59.73 -30.12
C LEU F 197 -19.12 59.83 -29.94
N PRO F 198 -18.49 60.90 -30.47
CA PRO F 198 -17.05 61.13 -30.36
C PRO F 198 -16.62 61.18 -28.89
N PRO F 199 -15.56 60.46 -28.52
CA PRO F 199 -15.07 60.44 -27.13
C PRO F 199 -14.73 61.87 -26.69
N ALA F 200 -14.82 62.14 -25.40
CA ALA F 200 -14.54 63.49 -24.89
C ALA F 200 -13.16 63.99 -25.32
N ASP F 201 -12.16 63.13 -25.15
CA ASP F 201 -10.77 63.45 -25.49
C ASP F 201 -10.47 63.44 -26.98
N SER F 202 -11.39 63.99 -27.78
CA SER F 202 -11.25 64.05 -29.24
C SER F 202 -12.62 64.26 -29.86
N PRO F 203 -13.30 65.37 -29.52
CA PRO F 203 -14.62 65.62 -30.08
C PRO F 203 -14.64 65.91 -31.58
N GLY F 204 -13.45 65.96 -32.19
CA GLY F 204 -13.38 66.23 -33.61
C GLY F 204 -13.55 64.98 -34.45
N SER F 205 -13.31 63.82 -33.84
CA SER F 205 -13.44 62.54 -34.52
C SER F 205 -14.84 62.29 -35.06
N LYS F 206 -14.93 61.42 -36.05
CA LYS F 206 -16.23 61.09 -36.63
C LYS F 206 -16.95 60.07 -35.76
N PRO F 207 -18.28 60.20 -35.63
CA PRO F 207 -19.02 59.24 -34.80
C PRO F 207 -18.86 57.86 -35.45
N LYS F 208 -18.91 56.81 -34.66
CA LYS F 208 -18.78 55.47 -35.22
C LYS F 208 -20.16 54.84 -35.50
N LEU F 209 -20.28 54.23 -36.68
CA LEU F 209 -21.54 53.61 -37.09
C LEU F 209 -21.48 52.09 -37.07
N SER F 210 -22.46 51.48 -36.43
CA SER F 210 -22.56 50.03 -36.35
C SER F 210 -23.92 49.59 -36.89
N CYS F 211 -23.99 48.31 -37.26
CA CYS F 211 -25.21 47.75 -37.82
C CYS F 211 -25.42 46.31 -37.36
N LEU F 212 -26.64 46.03 -36.89
CA LEU F 212 -27.00 44.68 -36.47
C LEU F 212 -28.15 44.27 -37.39
N MET F 213 -28.00 43.13 -38.07
CA MET F 213 -29.02 42.64 -38.97
C MET F 213 -29.47 41.28 -38.50
N TYR F 214 -30.77 41.05 -38.58
CA TYR F 214 -31.33 39.77 -38.17
C TYR F 214 -31.87 39.05 -39.40
N GLN F 215 -31.43 37.82 -39.60
CA GLN F 215 -31.83 37.01 -40.75
C GLN F 215 -32.59 35.80 -40.22
N ARG F 216 -33.86 35.69 -40.59
CA ARG F 216 -34.72 34.59 -40.12
C ARG F 216 -34.35 33.21 -40.66
N SER F 217 -33.85 33.18 -41.90
CA SER F 217 -33.51 31.94 -42.59
C SER F 217 -32.16 32.18 -43.28
N CYS F 218 -31.19 31.31 -43.05
CA CYS F 218 -29.87 31.52 -43.59
C CYS F 218 -29.26 30.32 -44.31
N ASP F 219 -29.08 30.49 -45.61
CA ASP F 219 -28.48 29.45 -46.43
C ASP F 219 -26.99 29.76 -46.28
N LEU F 220 -26.32 29.05 -45.38
CA LEU F 220 -24.91 29.32 -45.17
C LEU F 220 -24.00 29.18 -46.40
N GLY F 221 -24.26 28.17 -47.21
CA GLY F 221 -23.44 27.97 -48.40
C GLY F 221 -23.54 29.12 -49.39
N LEU F 222 -24.76 29.45 -49.82
CA LEU F 222 -24.95 30.50 -50.83
C LEU F 222 -25.36 31.86 -50.38
N GLY F 223 -26.33 31.93 -49.47
CA GLY F 223 -26.79 33.23 -49.02
C GLY F 223 -25.94 34.07 -48.08
N VAL F 224 -25.58 33.48 -46.95
CA VAL F 224 -24.81 34.18 -45.94
C VAL F 224 -23.61 34.95 -46.46
N PRO F 225 -22.83 34.37 -47.41
CA PRO F 225 -21.67 35.12 -47.91
C PRO F 225 -22.13 36.44 -48.53
N PHE F 226 -23.26 36.41 -49.22
CA PHE F 226 -23.79 37.64 -49.83
C PHE F 226 -24.34 38.57 -48.76
N ASN F 227 -25.13 38.02 -47.82
CA ASN F 227 -25.70 38.84 -46.75
C ASN F 227 -24.66 39.59 -45.96
N ILE F 228 -23.58 38.91 -45.62
CA ILE F 228 -22.52 39.56 -44.84
C ILE F 228 -21.90 40.72 -45.59
N ALA F 229 -21.53 40.50 -46.85
CA ALA F 229 -20.90 41.55 -47.64
C ALA F 229 -21.90 42.67 -47.94
N SER F 230 -23.13 42.29 -48.23
CA SER F 230 -24.16 43.28 -48.54
C SER F 230 -24.37 44.29 -47.39
N TYR F 231 -24.64 43.80 -46.19
CA TYR F 231 -24.86 44.75 -45.10
C TYR F 231 -23.64 45.52 -44.71
N ALA F 232 -22.47 44.91 -44.85
CA ALA F 232 -21.23 45.60 -44.56
C ALA F 232 -21.12 46.75 -45.56
N LEU F 233 -21.42 46.47 -46.83
CA LEU F 233 -21.36 47.53 -47.86
C LEU F 233 -22.39 48.62 -47.59
N LEU F 234 -23.60 48.23 -47.20
CA LEU F 234 -24.63 49.21 -46.91
C LEU F 234 -24.15 50.15 -45.81
N THR F 235 -23.54 49.59 -44.77
CA THR F 235 -23.04 50.40 -43.66
C THR F 235 -21.95 51.37 -44.13
N HIS F 236 -21.06 50.89 -45.01
CA HIS F 236 -20.02 51.77 -45.54
C HIS F 236 -20.70 52.91 -46.33
N MET F 237 -21.69 52.57 -47.14
CA MET F 237 -22.42 53.59 -47.94
C MET F 237 -23.05 54.64 -47.05
N ILE F 238 -23.80 54.18 -46.05
CA ILE F 238 -24.47 55.10 -45.16
C ILE F 238 -23.45 55.96 -44.40
N ALA F 239 -22.33 55.35 -44.03
CA ALA F 239 -21.30 56.09 -43.31
C ALA F 239 -20.78 57.25 -44.13
N LEU F 240 -20.62 57.03 -45.43
CA LEU F 240 -20.12 58.08 -46.31
C LEU F 240 -21.09 59.24 -46.38
N ILE F 241 -22.36 58.94 -46.57
CA ILE F 241 -23.39 59.98 -46.67
C ILE F 241 -23.65 60.72 -45.35
N THR F 242 -23.41 60.06 -44.22
CA THR F 242 -23.69 60.68 -42.93
C THR F 242 -22.46 61.22 -42.19
N ASP F 243 -21.31 61.20 -42.87
CA ASP F 243 -20.09 61.65 -42.25
C ASP F 243 -19.74 60.87 -40.97
N THR F 244 -19.99 59.56 -40.99
CA THR F 244 -19.64 58.73 -39.83
C THR F 244 -18.59 57.71 -40.25
N GLU F 245 -18.01 57.02 -39.28
CA GLU F 245 -16.98 56.04 -39.55
C GLU F 245 -17.51 54.63 -39.31
N PRO F 246 -17.49 53.78 -40.34
CA PRO F 246 -17.99 52.41 -40.15
C PRO F 246 -17.24 51.72 -39.03
N HIS F 247 -17.96 51.06 -38.14
CA HIS F 247 -17.30 50.41 -37.01
C HIS F 247 -17.48 48.91 -36.92
N GLU F 248 -18.72 48.46 -36.76
CA GLU F 248 -18.97 47.03 -36.61
C GLU F 248 -20.27 46.57 -37.25
N PHE F 249 -20.28 45.33 -37.73
CA PHE F 249 -21.48 44.74 -38.34
C PHE F 249 -21.73 43.46 -37.58
N ILE F 250 -22.96 43.32 -37.07
CA ILE F 250 -23.34 42.13 -36.31
C ILE F 250 -24.46 41.43 -37.05
N LEU F 251 -24.36 40.11 -37.15
CA LEU F 251 -25.38 39.32 -37.84
C LEU F 251 -25.96 38.24 -36.95
N GLN F 252 -27.26 38.35 -36.64
CA GLN F 252 -27.91 37.34 -35.81
C GLN F 252 -28.79 36.47 -36.70
N MET F 253 -28.64 35.16 -36.57
CA MET F 253 -29.39 34.24 -37.38
C MET F 253 -30.52 33.55 -36.63
N GLY F 254 -31.55 33.19 -37.37
CA GLY F 254 -32.68 32.45 -36.82
C GLY F 254 -32.44 31.01 -37.22
N ASP F 255 -33.11 30.57 -38.29
CA ASP F 255 -32.93 29.21 -38.80
C ASP F 255 -31.64 29.18 -39.65
N ALA F 256 -30.54 28.73 -39.04
CA ALA F 256 -29.24 28.64 -39.70
C ALA F 256 -29.08 27.23 -40.25
N HIS F 257 -29.00 27.11 -41.57
CA HIS F 257 -28.92 25.80 -42.19
C HIS F 257 -27.94 25.60 -43.36
N VAL F 258 -27.63 24.35 -43.61
CA VAL F 258 -26.76 23.95 -44.70
C VAL F 258 -27.56 22.96 -45.53
N TYR F 259 -27.82 23.30 -46.80
CA TYR F 259 -28.57 22.38 -47.65
C TYR F 259 -27.84 21.08 -47.86
N ARG F 260 -28.59 19.99 -47.99
CA ARG F 260 -28.02 18.65 -48.16
C ARG F 260 -27.02 18.57 -49.28
N ASP F 261 -27.32 19.23 -50.41
CA ASP F 261 -26.40 19.18 -51.54
C ASP F 261 -25.26 20.18 -51.44
N HIS F 262 -25.11 20.83 -50.28
CA HIS F 262 -24.02 21.76 -50.07
C HIS F 262 -22.96 21.18 -49.11
N VAL F 263 -23.32 20.14 -48.38
CA VAL F 263 -22.40 19.53 -47.41
C VAL F 263 -21.02 19.18 -47.98
N GLU F 264 -20.99 18.37 -49.04
CA GLU F 264 -19.70 18.00 -49.64
C GLU F 264 -18.93 19.18 -50.21
N PRO F 265 -19.60 20.09 -50.93
CA PRO F 265 -18.85 21.24 -51.47
C PRO F 265 -18.23 22.08 -50.35
N LEU F 266 -18.98 22.27 -49.27
CA LEU F 266 -18.48 23.06 -48.15
C LEU F 266 -17.30 22.40 -47.42
N LYS F 267 -17.28 21.07 -47.38
CA LYS F 267 -16.16 20.37 -46.73
C LYS F 267 -14.86 20.76 -47.39
N THR F 268 -14.90 20.99 -48.71
CA THR F 268 -13.72 21.41 -49.44
C THR F 268 -13.33 22.80 -49.00
N GLN F 269 -14.32 23.66 -48.79
CA GLN F 269 -14.03 25.03 -48.36
C GLN F 269 -13.46 25.07 -46.93
N LEU F 270 -13.97 24.19 -46.08
CA LEU F 270 -13.53 24.13 -44.67
C LEU F 270 -12.02 23.86 -44.51
N GLU F 271 -11.42 23.29 -45.54
CA GLU F 271 -9.99 22.97 -45.52
C GLU F 271 -9.11 24.17 -45.80
N ARG F 272 -9.71 25.25 -46.29
CA ARG F 272 -8.94 26.45 -46.65
C ARG F 272 -8.73 27.47 -45.56
N GLU F 273 -7.54 28.05 -45.55
CA GLU F 273 -7.18 29.07 -44.58
C GLU F 273 -7.53 30.44 -45.17
N PRO F 274 -8.27 31.26 -44.41
CA PRO F 274 -8.68 32.59 -44.86
C PRO F 274 -7.50 33.52 -45.15
N ARG F 275 -7.71 34.44 -46.08
CA ARG F 275 -6.72 35.46 -46.41
C ARG F 275 -7.26 36.73 -45.75
N ASP F 276 -6.40 37.69 -45.48
CA ASP F 276 -6.87 38.94 -44.87
C ASP F 276 -7.97 39.55 -45.74
N PHE F 277 -9.00 40.10 -45.09
CA PHE F 277 -10.12 40.69 -45.82
C PHE F 277 -9.63 41.88 -46.62
N PRO F 278 -10.33 42.17 -47.74
CA PRO F 278 -9.97 43.29 -48.61
C PRO F 278 -10.43 44.61 -48.00
N LYS F 279 -10.09 45.71 -48.65
CA LYS F 279 -10.50 47.01 -48.16
C LYS F 279 -11.36 47.71 -49.22
N LEU F 280 -12.25 48.57 -48.77
CA LEU F 280 -13.13 49.30 -49.65
C LEU F 280 -12.73 50.75 -49.77
N LYS F 281 -12.72 51.26 -51.00
CA LYS F 281 -12.39 52.67 -51.25
C LYS F 281 -13.44 53.20 -52.22
N TRP F 282 -13.68 54.50 -52.20
CA TRP F 282 -14.66 55.09 -53.11
C TRP F 282 -13.97 55.73 -54.33
N ALA F 283 -14.52 55.51 -55.51
CA ALA F 283 -13.97 56.07 -56.74
C ALA F 283 -14.34 57.53 -56.87
N ARG F 284 -15.30 57.97 -56.06
CA ARG F 284 -15.75 59.38 -56.10
C ARG F 284 -15.90 59.93 -54.69
N SER F 285 -16.11 61.24 -54.58
CA SER F 285 -16.27 61.86 -53.27
C SER F 285 -17.72 61.89 -52.80
N LYS F 286 -17.91 62.21 -51.53
CA LYS F 286 -19.23 62.29 -50.94
C LYS F 286 -20.07 63.27 -51.73
N GLU F 287 -19.47 64.42 -52.05
CA GLU F 287 -20.17 65.46 -52.79
C GLU F 287 -20.59 64.99 -54.16
N GLU F 288 -19.71 64.27 -54.85
CA GLU F 288 -20.03 63.78 -56.19
C GLU F 288 -21.17 62.75 -56.13
N ILE F 289 -21.07 61.81 -55.19
CA ILE F 289 -22.11 60.80 -55.04
C ILE F 289 -23.40 61.48 -54.62
N GLY F 290 -23.29 62.48 -53.73
CA GLY F 290 -24.45 63.22 -53.29
C GLY F 290 -25.26 62.63 -52.15
N ASP F 291 -26.05 61.60 -52.43
CA ASP F 291 -26.85 60.97 -51.39
C ASP F 291 -26.88 59.45 -51.58
N ILE F 292 -27.68 58.77 -50.77
CA ILE F 292 -27.76 57.30 -50.82
C ILE F 292 -28.23 56.78 -52.17
N ASP F 293 -28.86 57.63 -52.96
CA ASP F 293 -29.34 57.19 -54.27
C ASP F 293 -28.37 57.51 -55.39
N GLY F 294 -27.20 58.05 -55.06
CA GLY F 294 -26.25 58.40 -56.10
C GLY F 294 -25.10 57.44 -56.34
N PHE F 295 -25.10 56.28 -55.68
CA PHE F 295 -24.01 55.32 -55.88
C PHE F 295 -24.13 54.53 -57.18
N LYS F 296 -22.97 54.15 -57.71
CA LYS F 296 -22.89 53.36 -58.94
C LYS F 296 -21.95 52.19 -58.67
N VAL F 297 -22.13 51.10 -59.39
CA VAL F 297 -21.27 49.93 -59.19
C VAL F 297 -19.78 50.30 -59.23
N GLU F 298 -19.39 51.09 -60.24
CA GLU F 298 -17.99 51.51 -60.39
C GLU F 298 -17.46 52.38 -59.25
N ASP F 299 -18.33 52.80 -58.33
CA ASP F 299 -17.86 53.63 -57.21
C ASP F 299 -17.15 52.77 -56.16
N PHE F 300 -17.49 51.48 -56.15
CA PHE F 300 -16.94 50.53 -55.18
C PHE F 300 -15.59 49.96 -55.62
N VAL F 301 -14.52 50.48 -55.03
CA VAL F 301 -13.18 50.02 -55.37
C VAL F 301 -12.68 49.10 -54.26
N VAL F 302 -12.76 47.80 -54.49
CA VAL F 302 -12.32 46.80 -53.53
C VAL F 302 -10.88 46.37 -53.85
N GLU F 303 -9.96 46.66 -52.94
CA GLU F 303 -8.57 46.30 -53.17
C GLU F 303 -8.05 45.25 -52.20
N GLY F 304 -7.15 44.41 -52.68
CA GLY F 304 -6.58 43.36 -51.84
C GLY F 304 -7.42 42.11 -51.68
N TYR F 305 -8.40 41.92 -52.54
CA TYR F 305 -9.24 40.73 -52.44
C TYR F 305 -8.45 39.55 -53.04
N LYS F 306 -8.12 38.58 -52.20
CA LYS F 306 -7.35 37.42 -52.62
C LYS F 306 -8.00 36.12 -52.16
N PRO F 307 -9.09 35.73 -52.82
CA PRO F 307 -9.80 34.49 -52.46
C PRO F 307 -9.25 33.23 -53.09
N TRP F 308 -9.67 32.10 -52.53
CA TRP F 308 -9.32 30.81 -53.08
C TRP F 308 -10.31 30.60 -54.25
N GLY F 309 -10.28 29.42 -54.85
CA GLY F 309 -11.12 29.15 -55.99
C GLY F 309 -12.62 29.13 -55.68
N LYS F 310 -13.42 29.24 -56.73
CA LYS F 310 -14.86 29.21 -56.57
C LYS F 310 -15.28 27.81 -56.17
N ILE F 311 -16.42 27.73 -55.49
CA ILE F 311 -16.99 26.46 -55.08
C ILE F 311 -18.41 26.41 -55.60
N ASP F 312 -18.70 25.48 -56.50
CA ASP F 312 -20.02 25.35 -57.07
C ASP F 312 -21.05 24.80 -56.10
N MET F 313 -22.18 25.50 -56.00
CA MET F 313 -23.28 25.09 -55.13
C MET F 313 -24.58 25.47 -55.80
N LYS F 314 -25.48 24.50 -55.92
CA LYS F 314 -26.77 24.74 -56.55
C LYS F 314 -27.74 25.39 -55.58
N MET F 315 -28.51 26.35 -56.07
CA MET F 315 -29.49 27.03 -55.22
C MET F 315 -30.81 26.28 -55.32
N SER F 316 -31.45 26.07 -54.18
CA SER F 316 -32.75 25.38 -54.16
C SER F 316 -33.84 26.43 -54.20
N ALA F 317 -34.64 26.41 -55.28
CA ALA F 317 -35.74 27.37 -55.48
C ALA F 317 -36.89 27.17 -54.50
N ARG G 13 -9.27 -23.83 66.67
CA ARG G 13 -7.93 -23.52 67.23
C ARG G 13 -8.09 -23.18 68.71
N SER G 14 -7.33 -23.85 69.57
CA SER G 14 -7.40 -23.58 71.00
C SER G 14 -6.78 -22.24 71.33
N ASN G 15 -5.73 -21.87 70.59
CA ASN G 15 -5.08 -20.58 70.80
C ASN G 15 -4.97 -19.97 69.41
N PRO G 16 -6.02 -19.29 68.97
CA PRO G 16 -6.10 -18.65 67.65
C PRO G 16 -5.07 -17.56 67.43
N ASP G 17 -4.55 -16.99 68.51
CA ASP G 17 -3.59 -15.90 68.39
C ASP G 17 -2.14 -16.34 68.30
N HIS G 18 -1.89 -17.65 68.28
CA HIS G 18 -0.52 -18.14 68.19
C HIS G 18 0.09 -17.62 66.89
N GLU G 19 1.24 -16.96 67.00
CA GLU G 19 1.92 -16.38 65.85
C GLU G 19 2.23 -17.34 64.74
N GLU G 20 2.35 -18.64 65.05
CA GLU G 20 2.68 -19.62 64.01
C GLU G 20 1.58 -19.76 62.98
N TYR G 21 0.34 -19.41 63.36
CA TYR G 21 -0.75 -19.49 62.39
C TYR G 21 -0.54 -18.57 61.20
N GLN G 22 0.29 -17.54 61.36
CA GLN G 22 0.59 -16.64 60.24
C GLN G 22 1.26 -17.46 59.16
N TYR G 23 2.21 -18.30 59.57
CA TYR G 23 2.95 -19.15 58.64
C TYR G 23 2.04 -20.23 58.03
N LEU G 24 1.29 -20.93 58.87
CA LEU G 24 0.37 -21.96 58.40
C LEU G 24 -0.71 -21.40 57.47
N ASP G 25 -1.29 -20.27 57.85
CA ASP G 25 -2.36 -19.65 57.03
C ASP G 25 -1.84 -19.21 55.66
N LEU G 26 -0.61 -18.70 55.60
CA LEU G 26 -0.08 -18.25 54.31
C LEU G 26 0.12 -19.42 53.38
N ILE G 27 0.61 -20.53 53.93
CA ILE G 27 0.83 -21.72 53.12
C ILE G 27 -0.51 -22.22 52.57
N ARG G 28 -1.51 -22.23 53.44
CA ARG G 28 -2.84 -22.67 53.03
C ARG G 28 -3.36 -21.77 51.90
N ARG G 29 -3.15 -20.46 52.05
CA ARG G 29 -3.61 -19.52 51.04
C ARG G 29 -2.87 -19.72 49.71
N ILE G 30 -1.55 -19.87 49.78
CA ILE G 30 -0.78 -20.08 48.55
C ILE G 30 -1.24 -21.34 47.81
N ILE G 31 -1.44 -22.42 48.56
CA ILE G 31 -1.89 -23.65 47.94
C ILE G 31 -3.27 -23.45 47.32
N ASN G 32 -4.15 -22.75 48.02
CA ASN G 32 -5.52 -22.51 47.55
C ASN G 32 -5.67 -21.56 46.36
N VAL G 33 -5.15 -20.34 46.49
CA VAL G 33 -5.28 -19.35 45.43
C VAL G 33 -3.97 -18.90 44.78
N GLY G 34 -2.86 -19.55 45.13
CA GLY G 34 -1.58 -19.18 44.53
C GLY G 34 -1.55 -19.48 43.04
N GLU G 35 -0.64 -18.82 42.33
CA GLU G 35 -0.50 -19.00 40.90
C GLU G 35 0.58 -20.05 40.58
N VAL G 36 0.25 -21.02 39.71
CA VAL G 36 1.18 -22.06 39.33
C VAL G 36 2.18 -21.46 38.38
N ARG G 37 3.47 -21.59 38.69
CA ARG G 37 4.50 -20.97 37.86
C ARG G 37 5.74 -21.82 37.67
N PRO G 38 6.45 -21.58 36.55
CA PRO G 38 7.68 -22.28 36.22
C PRO G 38 8.73 -21.54 37.05
N ASP G 39 9.90 -22.12 37.25
CA ASP G 39 10.94 -21.44 38.00
C ASP G 39 12.31 -21.90 37.60
N ARG G 40 13.31 -21.24 38.14
CA ARG G 40 14.70 -21.55 37.88
C ARG G 40 15.08 -23.01 38.10
N THR G 41 14.61 -23.60 39.20
CA THR G 41 14.95 -24.98 39.55
C THR G 41 14.33 -26.03 38.63
N GLY G 42 13.21 -25.70 38.01
CA GLY G 42 12.56 -26.63 37.13
C GLY G 42 11.51 -27.49 37.80
N THR G 43 11.35 -27.38 39.13
CA THR G 43 10.35 -28.20 39.79
C THR G 43 8.99 -27.53 39.76
N GLY G 44 8.99 -26.21 39.67
CA GLY G 44 7.72 -25.48 39.62
C GLY G 44 7.21 -25.10 41.02
N THR G 45 6.40 -24.05 41.10
CA THR G 45 5.87 -23.62 42.38
C THR G 45 4.48 -23.05 42.22
N VAL G 46 3.87 -22.72 43.35
CA VAL G 46 2.58 -22.03 43.40
C VAL G 46 2.97 -20.81 44.24
N ALA G 47 2.64 -19.61 43.78
CA ALA G 47 3.06 -18.40 44.49
C ALA G 47 2.12 -17.21 44.53
N LEU G 48 2.39 -16.33 45.49
CA LEU G 48 1.69 -15.07 45.69
C LEU G 48 2.78 -14.03 45.88
N PHE G 49 2.54 -12.81 45.39
CA PHE G 49 3.53 -11.73 45.54
C PHE G 49 3.17 -10.76 46.65
N ALA G 50 4.17 -10.39 47.43
CA ALA G 50 4.00 -9.40 48.49
C ALA G 50 2.81 -9.60 49.43
N PRO G 51 2.69 -10.78 50.06
CA PRO G 51 1.55 -10.98 50.96
C PRO G 51 1.80 -10.20 52.24
N PRO G 52 0.77 -10.04 53.09
CA PRO G 52 0.97 -9.30 54.34
C PRO G 52 2.19 -9.83 55.08
N SER G 53 2.94 -8.95 55.73
CA SER G 53 4.14 -9.34 56.44
C SER G 53 3.87 -10.13 57.73
N PHE G 54 4.88 -10.86 58.21
CA PHE G 54 4.74 -11.64 59.45
C PHE G 54 5.31 -10.82 60.59
N ARG G 55 4.71 -10.92 61.76
CA ARG G 55 5.21 -10.19 62.92
C ARG G 55 5.36 -11.19 64.06
N PHE G 56 6.52 -11.20 64.70
CA PHE G 56 6.78 -12.12 65.80
C PHE G 56 7.32 -11.35 66.99
N SER G 57 6.74 -11.60 68.16
CA SER G 57 7.21 -10.94 69.36
C SER G 57 8.48 -11.63 69.86
N LEU G 58 9.48 -10.83 70.25
CA LEU G 58 10.73 -11.38 70.78
C LEU G 58 10.86 -11.04 72.26
N ALA G 59 9.77 -10.53 72.84
CA ALA G 59 9.77 -10.17 74.26
C ALA G 59 9.80 -11.42 75.13
N ASP G 60 10.19 -11.25 76.38
CA ASP G 60 10.28 -12.36 77.33
C ASP G 60 11.14 -13.51 76.82
N ASN G 61 12.26 -13.18 76.18
CA ASN G 61 13.19 -14.17 75.65
C ASN G 61 12.57 -15.16 74.67
N THR G 62 11.47 -14.79 74.03
CA THR G 62 10.82 -15.69 73.08
C THR G 62 11.58 -15.85 71.76
N LEU G 63 11.63 -17.09 71.27
CA LEU G 63 12.27 -17.43 70.01
C LEU G 63 11.24 -18.09 69.13
N PRO G 64 10.88 -17.44 68.01
CA PRO G 64 9.88 -17.99 67.09
C PRO G 64 10.39 -19.16 66.26
N LEU G 65 10.68 -20.27 66.94
CA LEU G 65 11.15 -21.49 66.26
C LEU G 65 9.90 -22.34 66.03
N LEU G 66 9.51 -22.51 64.78
CA LEU G 66 8.29 -23.24 64.44
C LEU G 66 8.17 -24.58 65.17
N THR G 67 6.95 -24.87 65.63
CA THR G 67 6.68 -26.10 66.36
C THR G 67 5.85 -27.14 65.60
N THR G 68 5.24 -26.78 64.47
CA THR G 68 4.44 -27.72 63.73
C THR G 68 5.28 -28.74 62.98
N LYS G 69 6.60 -28.62 63.10
CA LYS G 69 7.54 -29.57 62.53
C LYS G 69 8.85 -29.36 63.26
N ARG G 70 9.68 -30.39 63.34
CA ARG G 70 10.96 -30.25 64.02
C ARG G 70 11.92 -29.47 63.11
N VAL G 71 12.37 -28.33 63.60
CA VAL G 71 13.30 -27.48 62.83
C VAL G 71 14.73 -27.74 63.29
N PHE G 72 15.64 -27.90 62.34
CA PHE G 72 17.06 -28.15 62.64
C PHE G 72 17.68 -26.91 63.27
N LEU G 73 17.40 -26.69 64.56
CA LEU G 73 17.92 -25.52 65.29
C LEU G 73 19.43 -25.33 65.16
N ARG G 74 20.19 -26.38 65.44
CA ARG G 74 21.64 -26.30 65.36
C ARG G 74 22.10 -25.80 63.99
N GLY G 75 21.41 -26.21 62.95
CA GLY G 75 21.75 -25.79 61.62
C GLY G 75 21.50 -24.30 61.43
N VAL G 76 20.42 -23.79 62.04
CA VAL G 76 20.09 -22.37 61.94
C VAL G 76 21.19 -21.54 62.62
N ILE G 77 21.54 -21.92 63.85
CA ILE G 77 22.56 -21.25 64.61
C ILE G 77 23.90 -21.30 63.87
N ALA G 78 24.29 -22.49 63.41
CA ALA G 78 25.57 -22.63 62.73
C ALA G 78 25.65 -21.71 61.50
N GLU G 79 24.59 -21.71 60.69
CA GLU G 79 24.57 -20.87 59.48
C GLU G 79 24.68 -19.38 59.87
N LEU G 80 23.99 -19.00 60.94
CA LEU G 80 24.01 -17.62 61.39
C LEU G 80 25.41 -17.15 61.85
N LEU G 81 26.08 -17.95 62.69
CA LEU G 81 27.41 -17.62 63.17
C LEU G 81 28.38 -17.62 62.01
N TRP G 82 28.05 -18.38 60.99
CA TRP G 82 28.85 -18.49 59.78
C TRP G 82 28.69 -17.15 59.01
N PHE G 83 27.47 -16.64 58.91
CA PHE G 83 27.23 -15.34 58.25
C PHE G 83 28.04 -14.26 58.97
N VAL G 84 27.84 -14.19 60.28
CA VAL G 84 28.51 -13.21 61.10
C VAL G 84 30.02 -13.21 60.93
N SER G 85 30.61 -14.39 60.83
CA SER G 85 32.06 -14.52 60.66
C SER G 85 32.51 -14.00 59.30
N GLY G 86 31.59 -13.78 58.37
CA GLY G 86 31.97 -13.28 57.05
C GLY G 86 32.48 -14.39 56.14
N CYS G 87 32.44 -15.63 56.64
CA CYS G 87 32.90 -16.79 55.86
C CYS G 87 31.94 -17.17 54.74
N THR G 88 32.48 -17.63 53.61
CA THR G 88 31.65 -18.02 52.48
C THR G 88 31.97 -19.45 52.00
N ASP G 89 32.64 -20.22 52.85
CA ASP G 89 33.01 -21.59 52.53
C ASP G 89 32.01 -22.54 53.18
N ALA G 90 31.18 -23.17 52.36
CA ALA G 90 30.18 -24.11 52.87
C ALA G 90 30.80 -25.29 53.64
N LYS G 91 32.07 -25.59 53.39
CA LYS G 91 32.69 -26.71 54.09
C LYS G 91 32.76 -26.42 55.59
N MET G 92 32.68 -25.15 55.96
CA MET G 92 32.74 -24.79 57.37
C MET G 92 31.43 -25.20 58.04
N LEU G 93 30.39 -25.44 57.23
CA LEU G 93 29.10 -25.86 57.79
C LEU G 93 29.02 -27.38 57.72
N SER G 94 29.39 -27.97 56.58
CA SER G 94 29.34 -29.43 56.43
C SER G 94 30.31 -30.13 57.38
N SER G 95 31.41 -29.48 57.71
CA SER G 95 32.37 -30.10 58.63
C SER G 95 31.78 -30.21 60.02
N GLN G 96 30.79 -29.40 60.33
CA GLN G 96 30.15 -29.48 61.64
C GLN G 96 28.78 -30.13 61.57
N GLY G 97 28.55 -30.88 60.50
CA GLY G 97 27.30 -31.59 60.34
C GLY G 97 26.10 -30.81 59.81
N VAL G 98 26.34 -29.70 59.12
CA VAL G 98 25.24 -28.89 58.59
C VAL G 98 25.43 -28.82 57.07
N GLY G 99 24.53 -29.47 56.33
CA GLY G 99 24.68 -29.50 54.89
C GLY G 99 23.71 -28.67 54.09
N ILE G 100 23.07 -27.69 54.71
CA ILE G 100 22.09 -26.90 53.99
C ILE G 100 22.61 -26.19 52.75
N TRP G 101 23.92 -25.93 52.71
CA TRP G 101 24.51 -25.26 51.56
C TRP G 101 25.30 -26.19 50.64
N ASP G 102 25.26 -27.50 50.91
CA ASP G 102 26.00 -28.47 50.11
C ASP G 102 25.45 -28.50 48.69
N GLY G 103 24.14 -28.38 48.57
CA GLY G 103 23.51 -28.39 47.26
C GLY G 103 23.97 -27.29 46.31
N ASN G 104 24.06 -26.05 46.77
CA ASN G 104 24.50 -24.97 45.89
C ASN G 104 26.00 -24.78 45.90
N GLY G 105 26.69 -25.51 46.76
CA GLY G 105 28.14 -25.40 46.81
C GLY G 105 28.84 -26.57 46.14
N SER G 106 28.07 -27.53 45.64
CA SER G 106 28.63 -28.72 44.99
C SER G 106 29.31 -28.30 43.68
N LYS G 107 30.30 -29.07 43.23
CA LYS G 107 30.98 -28.74 41.98
C LYS G 107 29.99 -28.68 40.79
N GLU G 108 29.06 -29.63 40.75
CA GLU G 108 28.09 -29.68 39.65
C GLU G 108 27.28 -28.40 39.58
N PHE G 109 26.83 -27.94 40.73
CA PHE G 109 26.04 -26.73 40.67
C PHE G 109 26.91 -25.54 40.29
N LEU G 110 28.07 -25.42 40.94
CA LEU G 110 28.98 -24.32 40.63
C LEU G 110 29.34 -24.30 39.14
N GLU G 111 29.73 -25.45 38.61
CA GLU G 111 30.10 -25.53 37.19
C GLU G 111 28.88 -25.19 36.34
N LYS G 112 27.71 -25.57 36.84
CA LYS G 112 26.45 -25.35 36.15
C LYS G 112 26.13 -23.86 35.99
N VAL G 113 26.48 -23.06 36.99
CA VAL G 113 26.24 -21.62 36.92
C VAL G 113 27.46 -20.81 36.45
N GLY G 114 28.41 -21.46 35.80
CA GLY G 114 29.59 -20.75 35.31
C GLY G 114 30.67 -20.44 36.32
N LEU G 115 30.69 -21.17 37.44
CA LEU G 115 31.71 -20.95 38.45
C LEU G 115 32.56 -22.20 38.65
N GLY G 116 32.92 -22.86 37.54
CA GLY G 116 33.72 -24.09 37.60
C GLY G 116 35.14 -23.93 38.08
N HIS G 117 35.65 -22.70 38.08
CA HIS G 117 36.99 -22.44 38.54
C HIS G 117 37.11 -22.46 40.05
N ARG G 118 35.99 -22.61 40.73
CA ARG G 118 36.01 -22.61 42.19
C ARG G 118 36.03 -23.98 42.79
N ARG G 119 36.66 -24.13 43.95
CA ARG G 119 36.67 -25.44 44.60
C ARG G 119 35.29 -25.63 45.19
N GLU G 120 34.89 -26.89 45.38
CA GLU G 120 33.58 -27.21 45.93
C GLU G 120 33.39 -26.53 47.28
N GLY G 121 32.22 -25.94 47.49
CA GLY G 121 31.93 -25.26 48.74
C GLY G 121 32.19 -23.77 48.75
N ASP G 122 32.94 -23.27 47.78
CA ASP G 122 33.25 -21.83 47.69
C ASP G 122 32.10 -21.16 46.97
N LEU G 123 31.14 -20.65 47.75
CA LEU G 123 29.94 -20.02 47.23
C LEU G 123 30.15 -18.63 46.61
N GLY G 124 31.28 -18.01 46.90
CA GLY G 124 31.48 -16.67 46.37
C GLY G 124 31.20 -15.62 47.44
N PRO G 125 31.12 -14.33 47.06
CA PRO G 125 30.86 -13.24 48.01
C PRO G 125 29.40 -13.13 48.46
N VAL G 126 28.89 -14.21 49.09
CA VAL G 126 27.50 -14.23 49.54
C VAL G 126 27.32 -13.59 50.92
N TYR G 127 26.11 -13.69 51.46
CA TYR G 127 25.72 -13.13 52.76
C TYR G 127 26.81 -12.57 53.67
N GLY G 128 27.45 -13.46 54.42
CA GLY G 128 28.49 -13.05 55.36
C GLY G 128 29.56 -12.12 54.82
N PHE G 129 30.00 -12.34 53.59
CA PHE G 129 31.04 -11.51 53.01
C PHE G 129 30.51 -10.08 52.82
N GLN G 130 29.30 -9.94 52.30
CA GLN G 130 28.70 -8.61 52.06
C GLN G 130 28.47 -7.89 53.40
N TRP G 131 27.97 -8.65 54.37
CA TRP G 131 27.70 -8.15 55.71
C TRP G 131 28.93 -7.52 56.38
N ARG G 132 30.09 -8.18 56.27
CA ARG G 132 31.29 -7.68 56.94
C ARG G 132 32.33 -7.02 56.03
N HIS G 133 32.23 -7.21 54.72
CA HIS G 133 33.23 -6.67 53.80
C HIS G 133 32.64 -6.09 52.51
N PHE G 134 31.45 -5.53 52.57
CA PHE G 134 30.80 -5.02 51.38
C PHE G 134 31.72 -4.10 50.60
N GLY G 135 31.85 -4.37 49.31
CA GLY G 135 32.68 -3.54 48.46
C GLY G 135 34.08 -4.07 48.24
N ALA G 136 34.55 -4.93 49.16
CA ALA G 136 35.89 -5.51 48.98
C ALA G 136 35.94 -6.40 47.73
N GLU G 137 37.15 -6.58 47.22
CA GLU G 137 37.37 -7.41 46.05
C GLU G 137 37.43 -8.88 46.49
N TYR G 138 36.64 -9.74 45.84
CA TYR G 138 36.61 -11.14 46.21
C TYR G 138 37.54 -11.97 45.35
N THR G 139 38.36 -12.79 45.98
CA THR G 139 39.24 -13.67 45.21
C THR G 139 38.64 -15.07 45.33
N ASP G 140 38.79 -15.68 46.51
CA ASP G 140 38.22 -16.99 46.77
C ASP G 140 37.84 -17.02 48.25
N ALA G 141 37.33 -18.14 48.78
CA ALA G 141 36.93 -18.15 50.19
C ALA G 141 38.07 -18.09 51.20
N ASP G 142 39.29 -18.29 50.72
CA ASP G 142 40.47 -18.26 51.60
C ASP G 142 41.13 -16.89 51.64
N GLY G 143 40.61 -15.95 50.84
CA GLY G 143 41.17 -14.61 50.79
C GLY G 143 41.21 -13.90 52.13
N ASP G 144 42.15 -12.98 52.27
CA ASP G 144 42.30 -12.19 53.49
C ASP G 144 41.51 -10.89 53.33
N TYR G 145 40.35 -10.84 53.98
CA TYR G 145 39.47 -9.66 53.88
C TYR G 145 39.41 -8.83 55.15
N LYS G 146 40.19 -9.22 56.15
CA LYS G 146 40.19 -8.50 57.41
C LYS G 146 40.49 -7.02 57.18
N GLY G 147 39.63 -6.16 57.70
CA GLY G 147 39.79 -4.72 57.55
C GLY G 147 39.47 -4.20 56.16
N LYS G 148 38.97 -5.05 55.27
CA LYS G 148 38.61 -4.62 53.93
C LYS G 148 37.10 -4.55 53.74
N GLY G 149 36.67 -3.57 52.95
CA GLY G 149 35.24 -3.36 52.68
C GLY G 149 34.51 -2.73 53.85
N VAL G 150 33.19 -2.56 53.72
CA VAL G 150 32.41 -1.96 54.80
C VAL G 150 31.84 -3.01 55.76
N ASP G 151 32.15 -2.86 57.04
CA ASP G 151 31.64 -3.78 58.04
C ASP G 151 30.29 -3.24 58.51
N GLN G 152 29.24 -3.59 57.77
CA GLN G 152 27.89 -3.15 58.09
C GLN G 152 27.43 -3.62 59.46
N LEU G 153 27.73 -4.87 59.81
CA LEU G 153 27.26 -5.43 61.07
C LEU G 153 27.78 -4.65 62.28
N GLN G 154 29.08 -4.41 62.32
CA GLN G 154 29.63 -3.68 63.47
C GLN G 154 29.08 -2.23 63.49
N ARG G 155 28.89 -1.65 62.31
CA ARG G 155 28.35 -0.29 62.25
C ARG G 155 26.94 -0.28 62.87
N VAL G 156 26.16 -1.32 62.57
CA VAL G 156 24.81 -1.44 63.14
C VAL G 156 24.90 -1.47 64.68
N ILE G 157 25.84 -2.24 65.20
CA ILE G 157 26.04 -2.36 66.65
C ILE G 157 26.38 -1.00 67.25
N ASP G 158 27.41 -0.35 66.68
CA ASP G 158 27.87 0.95 67.14
C ASP G 158 26.76 2.01 67.08
N THR G 159 25.94 1.96 66.04
CA THR G 159 24.86 2.94 65.88
C THR G 159 23.72 2.73 66.90
N ILE G 160 23.38 1.47 67.16
CA ILE G 160 22.34 1.19 68.12
C ILE G 160 22.76 1.70 69.51
N LYS G 161 24.03 1.52 69.83
CA LYS G 161 24.56 1.95 71.12
C LYS G 161 24.78 3.46 71.26
N ASN G 162 25.27 4.12 70.21
CA ASN G 162 25.60 5.55 70.30
C ASN G 162 24.68 6.53 69.59
N ASN G 163 23.86 6.04 68.68
CA ASN G 163 22.91 6.92 68.01
C ASN G 163 21.69 6.12 67.55
N PRO G 164 20.95 5.55 68.53
CA PRO G 164 19.76 4.72 68.32
C PRO G 164 18.66 5.27 67.42
N THR G 165 18.48 6.59 67.40
CA THR G 165 17.42 7.16 66.57
C THR G 165 17.83 7.34 65.11
N ASP G 166 19.04 6.90 64.78
CA ASP G 166 19.53 6.99 63.41
C ASP G 166 18.53 6.18 62.54
N ARG G 167 18.35 6.60 61.30
CA ARG G 167 17.40 5.94 60.42
C ARG G 167 18.05 5.15 59.32
N ARG G 168 19.36 4.90 59.45
CA ARG G 168 20.10 4.13 58.45
C ARG G 168 20.69 2.84 59.03
N ILE G 169 20.06 2.28 60.06
CA ILE G 169 20.59 1.06 60.67
C ILE G 169 20.21 -0.12 59.78
N ILE G 170 20.95 -0.25 58.67
CA ILE G 170 20.71 -1.26 57.68
C ILE G 170 21.83 -2.31 57.55
N LEU G 171 21.41 -3.56 57.34
CA LEU G 171 22.33 -4.68 57.13
C LEU G 171 21.87 -5.31 55.82
N SER G 172 22.70 -5.22 54.78
CA SER G 172 22.30 -5.75 53.48
C SER G 172 23.35 -6.58 52.79
N ALA G 173 22.90 -7.64 52.13
CA ALA G 173 23.78 -8.52 51.39
C ALA G 173 23.63 -8.33 49.87
N TRP G 174 22.66 -7.54 49.46
CA TRP G 174 22.44 -7.32 48.03
C TRP G 174 23.56 -6.46 47.43
N ASN G 175 24.21 -6.99 46.40
CA ASN G 175 25.31 -6.29 45.74
C ASN G 175 25.23 -6.63 44.27
N PRO G 176 24.57 -5.77 43.47
CA PRO G 176 24.40 -5.97 42.02
C PRO G 176 25.71 -6.29 41.28
N LYS G 177 26.81 -5.69 41.73
CA LYS G 177 28.09 -5.94 41.07
C LYS G 177 28.63 -7.35 41.33
N ASP G 178 28.47 -7.85 42.55
CA ASP G 178 28.97 -9.18 42.93
C ASP G 178 28.03 -10.37 42.61
N LEU G 179 26.78 -10.09 42.29
CA LEU G 179 25.81 -11.16 42.01
C LEU G 179 26.32 -12.31 41.15
N PRO G 180 26.86 -12.01 39.96
CA PRO G 180 27.36 -13.10 39.11
C PRO G 180 28.45 -13.98 39.74
N LEU G 181 29.11 -13.49 40.78
CA LEU G 181 30.15 -14.29 41.45
C LEU G 181 29.53 -15.17 42.55
N MET G 182 28.24 -14.98 42.80
CA MET G 182 27.53 -15.72 43.84
C MET G 182 26.88 -16.99 43.31
N ALA G 183 27.02 -18.10 44.05
CA ALA G 183 26.41 -19.36 43.64
C ALA G 183 24.91 -19.13 43.57
N LEU G 184 24.42 -18.29 44.48
CA LEU G 184 23.00 -17.97 44.54
C LEU G 184 22.87 -16.53 45.05
N PRO G 185 21.96 -15.72 44.47
CA PRO G 185 21.80 -14.35 44.94
C PRO G 185 21.12 -14.37 46.32
N PRO G 186 21.36 -13.36 47.16
CA PRO G 186 20.75 -13.31 48.50
C PRO G 186 19.21 -13.36 48.48
N CYS G 187 18.61 -14.20 49.33
CA CYS G 187 17.16 -14.29 49.42
C CYS G 187 16.74 -13.25 50.45
N HIS G 188 17.33 -13.32 51.65
CA HIS G 188 17.05 -12.31 52.62
C HIS G 188 18.06 -11.24 52.23
N MET G 189 17.61 -10.26 51.46
CA MET G 189 18.52 -9.25 50.96
C MET G 189 18.91 -8.11 51.85
N PHE G 190 18.15 -7.88 52.92
CA PHE G 190 18.51 -6.84 53.86
C PHE G 190 17.51 -6.75 54.98
N CYS G 191 17.90 -6.04 56.02
CA CYS G 191 17.04 -5.84 57.17
C CYS G 191 17.36 -4.49 57.78
N GLN G 192 16.40 -3.96 58.55
CA GLN G 192 16.57 -2.67 59.18
C GLN G 192 16.23 -2.83 60.65
N PHE G 193 17.04 -2.22 61.50
CA PHE G 193 16.80 -2.29 62.94
C PHE G 193 16.26 -0.94 63.40
N PHE G 194 15.46 -0.99 64.46
CA PHE G 194 14.84 0.18 65.04
C PHE G 194 14.93 0.06 66.55
N VAL G 195 15.24 1.17 67.19
CA VAL G 195 15.38 1.22 68.63
C VAL G 195 14.39 2.21 69.24
N SER G 196 13.53 1.72 70.13
CA SER G 196 12.57 2.59 70.81
C SER G 196 13.26 3.05 72.07
N LEU G 197 13.20 4.35 72.32
CA LEU G 197 13.84 4.90 73.52
C LEU G 197 13.01 4.57 74.76
N PRO G 198 13.64 4.54 75.94
CA PRO G 198 12.95 4.24 77.21
C PRO G 198 11.82 5.25 77.46
N PRO G 199 10.63 4.78 77.83
CA PRO G 199 9.49 5.67 78.11
C PRO G 199 9.80 6.62 79.25
N ALA G 200 8.99 7.67 79.39
CA ALA G 200 9.16 8.68 80.43
C ALA G 200 9.06 8.11 81.84
N ASP G 201 8.02 7.33 82.09
CA ASP G 201 7.79 6.73 83.41
C ASP G 201 8.93 5.84 83.92
N SER G 202 9.88 5.49 83.06
CA SER G 202 10.99 4.63 83.48
C SER G 202 12.17 4.77 82.55
N PRO G 203 12.96 5.84 82.70
CA PRO G 203 14.11 6.02 81.83
C PRO G 203 15.25 5.04 82.11
N GLY G 204 15.04 4.19 83.11
CA GLY G 204 16.07 3.20 83.45
C GLY G 204 15.94 1.96 82.60
N SER G 205 14.76 1.74 82.03
CA SER G 205 14.51 0.57 81.21
C SER G 205 15.44 0.51 79.99
N LYS G 206 15.61 -0.70 79.46
CA LYS G 206 16.46 -0.89 78.29
C LYS G 206 15.68 -0.50 77.03
N PRO G 207 16.36 0.11 76.05
CA PRO G 207 15.66 0.48 74.81
C PRO G 207 15.18 -0.80 74.16
N LYS G 208 14.11 -0.74 73.40
CA LYS G 208 13.61 -1.93 72.73
C LYS G 208 14.11 -2.02 71.28
N LEU G 209 14.58 -3.20 70.90
CA LEU G 209 15.13 -3.44 69.58
C LEU G 209 14.21 -4.26 68.68
N SER G 210 13.97 -3.75 67.47
CA SER G 210 13.11 -4.42 66.51
C SER G 210 13.87 -4.60 65.21
N CYS G 211 13.41 -5.55 64.40
CA CYS G 211 14.06 -5.87 63.15
C CYS G 211 13.06 -6.20 62.06
N LEU G 212 13.24 -5.58 60.89
CA LEU G 212 12.40 -5.85 59.74
C LEU G 212 13.32 -6.39 58.65
N MET G 213 13.01 -7.59 58.15
CA MET G 213 13.79 -8.20 57.09
C MET G 213 12.94 -8.39 55.87
N TYR G 214 13.55 -8.17 54.71
CA TYR G 214 12.83 -8.32 53.45
C TYR G 214 13.47 -9.45 52.69
N GLN G 215 12.66 -10.42 52.29
CA GLN G 215 13.10 -11.59 51.56
C GLN G 215 12.46 -11.58 50.17
N ARG G 216 13.31 -11.47 49.14
CA ARG G 216 12.81 -11.41 47.75
C ARG G 216 12.16 -12.69 47.23
N SER G 217 12.68 -13.83 47.70
CA SER G 217 12.22 -15.15 47.27
C SER G 217 12.10 -16.01 48.52
N CYS G 218 10.94 -16.63 48.72
CA CYS G 218 10.71 -17.40 49.94
C CYS G 218 10.15 -18.81 49.73
N ASP G 219 10.96 -19.79 50.04
CA ASP G 219 10.57 -21.19 49.94
C ASP G 219 9.91 -21.42 51.31
N LEU G 220 8.57 -21.35 51.34
CA LEU G 220 7.88 -21.52 52.60
C LEU G 220 8.11 -22.82 53.31
N GLY G 221 8.19 -23.92 52.56
CA GLY G 221 8.41 -25.22 53.18
C GLY G 221 9.76 -25.35 53.89
N LEU G 222 10.84 -25.07 53.17
CA LEU G 222 12.19 -25.22 53.74
C LEU G 222 12.93 -23.99 54.23
N GLY G 223 12.89 -22.91 53.44
CA GLY G 223 13.60 -21.69 53.82
C GLY G 223 13.04 -20.82 54.92
N VAL G 224 11.80 -20.39 54.79
CA VAL G 224 11.17 -19.51 55.75
C VAL G 224 11.33 -19.95 57.19
N PRO G 225 11.16 -21.25 57.49
CA PRO G 225 11.32 -21.64 58.90
C PRO G 225 12.71 -21.25 59.39
N PHE G 226 13.71 -21.40 58.53
CA PHE G 226 15.08 -21.04 58.93
C PHE G 226 15.25 -19.51 59.01
N ASN G 227 14.76 -18.81 57.97
CA ASN G 227 14.87 -17.35 57.95
C ASN G 227 14.25 -16.69 59.17
N ILE G 228 13.09 -17.17 59.59
CA ILE G 228 12.43 -16.58 60.75
C ILE G 228 13.26 -16.74 62.01
N ALA G 229 13.69 -17.97 62.29
CA ALA G 229 14.50 -18.22 63.49
C ALA G 229 15.84 -17.49 63.41
N SER G 230 16.46 -17.51 62.23
CA SER G 230 17.75 -16.88 62.03
C SER G 230 17.74 -15.38 62.39
N TYR G 231 16.84 -14.60 61.77
CA TYR G 231 16.79 -13.17 62.09
C TYR G 231 16.32 -12.91 63.50
N ALA G 232 15.49 -13.80 64.04
CA ALA G 232 15.06 -13.61 65.43
C ALA G 232 16.28 -13.77 66.30
N LEU G 233 17.10 -14.79 66.01
CA LEU G 233 18.33 -15.03 66.78
C LEU G 233 19.34 -13.89 66.62
N LEU G 234 19.47 -13.37 65.39
CA LEU G 234 20.38 -12.25 65.16
C LEU G 234 20.01 -11.06 66.03
N THR G 235 18.70 -10.80 66.13
CA THR G 235 18.21 -9.70 66.92
C THR G 235 18.51 -9.91 68.40
N HIS G 236 18.32 -11.14 68.89
CA HIS G 236 18.65 -11.46 70.27
C HIS G 236 20.15 -11.25 70.48
N MET G 237 20.98 -11.68 69.52
CA MET G 237 22.43 -11.51 69.66
C MET G 237 22.80 -10.03 69.75
N ILE G 238 22.32 -9.23 68.80
CA ILE G 238 22.61 -7.81 68.77
C ILE G 238 22.08 -7.14 70.04
N ALA G 239 20.92 -7.56 70.52
CA ALA G 239 20.37 -6.97 71.73
C ALA G 239 21.31 -7.16 72.90
N LEU G 240 21.90 -8.35 73.01
CA LEU G 240 22.84 -8.63 74.11
C LEU G 240 24.05 -7.72 74.08
N ILE G 241 24.65 -7.57 72.90
CA ILE G 241 25.84 -6.74 72.74
C ILE G 241 25.58 -5.24 72.88
N THR G 242 24.35 -4.81 72.60
CA THR G 242 24.03 -3.38 72.66
C THR G 242 23.23 -2.97 73.89
N ASP G 243 23.04 -3.90 74.83
CA ASP G 243 22.28 -3.58 76.02
C ASP G 243 20.85 -3.12 75.72
N THR G 244 20.22 -3.73 74.71
CA THR G 244 18.86 -3.42 74.39
C THR G 244 18.02 -4.67 74.63
N GLU G 245 16.70 -4.51 74.58
CA GLU G 245 15.76 -5.61 74.81
C GLU G 245 15.07 -5.98 73.51
N PRO G 246 15.21 -7.23 73.08
CA PRO G 246 14.54 -7.63 71.83
C PRO G 246 13.04 -7.40 71.94
N HIS G 247 12.46 -6.81 70.90
CA HIS G 247 11.04 -6.52 70.94
C HIS G 247 10.20 -7.21 69.86
N GLU G 248 10.49 -6.93 68.58
CA GLU G 248 9.68 -7.49 67.51
C GLU G 248 10.49 -7.76 66.25
N PHE G 249 10.11 -8.81 65.53
CA PHE G 249 10.74 -9.15 64.27
C PHE G 249 9.65 -9.17 63.22
N ILE G 250 9.87 -8.43 62.12
CA ILE G 250 8.91 -8.34 61.03
C ILE G 250 9.54 -8.91 59.77
N LEU G 251 8.78 -9.75 59.07
CA LEU G 251 9.28 -10.34 57.84
C LEU G 251 8.37 -10.03 56.66
N GLN G 252 8.89 -9.28 55.69
CA GLN G 252 8.12 -8.94 54.48
C GLN G 252 8.65 -9.78 53.34
N MET G 253 7.75 -10.45 52.64
CA MET G 253 8.14 -11.31 51.55
C MET G 253 7.83 -10.75 50.17
N GLY G 254 8.64 -11.13 49.20
CA GLY G 254 8.41 -10.72 47.83
C GLY G 254 7.72 -11.90 47.15
N ASP G 255 8.48 -12.72 46.45
CA ASP G 255 7.92 -13.90 45.78
C ASP G 255 7.78 -15.00 46.86
N ALA G 256 6.56 -15.18 47.37
CA ALA G 256 6.30 -16.17 48.40
C ALA G 256 5.74 -17.41 47.70
N HIS G 257 6.45 -18.53 47.80
CA HIS G 257 6.03 -19.73 47.07
C HIS G 257 6.15 -21.05 47.82
N VAL G 258 5.41 -22.04 47.32
CA VAL G 258 5.44 -23.39 47.86
C VAL G 258 5.81 -24.27 46.67
N TYR G 259 6.92 -25.01 46.78
CA TYR G 259 7.33 -25.88 45.69
C TYR G 259 6.31 -27.00 45.46
N ARG G 260 6.17 -27.42 44.22
CA ARG G 260 5.20 -28.46 43.85
C ARG G 260 5.34 -29.73 44.70
N ASP G 261 6.58 -30.14 44.93
CA ASP G 261 6.81 -31.36 45.72
C ASP G 261 6.73 -31.14 47.22
N HIS G 262 6.29 -29.96 47.63
CA HIS G 262 6.14 -29.64 49.06
C HIS G 262 4.68 -29.59 49.48
N VAL G 263 3.79 -29.45 48.50
CA VAL G 263 2.35 -29.35 48.77
C VAL G 263 1.80 -30.47 49.67
N GLU G 264 2.01 -31.72 49.29
CA GLU G 264 1.50 -32.83 50.11
C GLU G 264 2.14 -32.88 51.49
N PRO G 265 3.47 -32.77 51.57
CA PRO G 265 4.09 -32.82 52.92
C PRO G 265 3.56 -31.70 53.82
N LEU G 266 3.32 -30.52 53.26
CA LEU G 266 2.83 -29.39 54.03
C LEU G 266 1.39 -29.59 54.52
N LYS G 267 0.58 -30.27 53.72
CA LYS G 267 -0.80 -30.51 54.12
C LYS G 267 -0.81 -31.27 55.44
N THR G 268 0.19 -32.13 55.64
CA THR G 268 0.28 -32.90 56.87
C THR G 268 0.59 -31.94 58.03
N GLN G 269 1.47 -30.97 57.76
CA GLN G 269 1.84 -30.01 58.78
C GLN G 269 0.68 -29.07 59.13
N LEU G 270 -0.13 -28.73 58.13
CA LEU G 270 -1.26 -27.83 58.36
C LEU G 270 -2.30 -28.37 59.34
N GLU G 271 -2.28 -29.68 59.56
CA GLU G 271 -3.22 -30.31 60.47
C GLU G 271 -2.79 -30.19 61.91
N ARG G 272 -1.56 -29.76 62.15
CA ARG G 272 -1.04 -29.70 63.50
C ARG G 272 -1.25 -28.36 64.22
N GLU G 273 -1.52 -28.46 65.52
CA GLU G 273 -1.72 -27.29 66.36
C GLU G 273 -0.38 -26.89 66.98
N PRO G 274 0.00 -25.61 66.84
CA PRO G 274 1.26 -25.10 67.37
C PRO G 274 1.39 -25.22 68.87
N ARG G 275 2.64 -25.39 69.33
CA ARG G 275 2.91 -25.45 70.77
C ARG G 275 3.51 -24.08 71.08
N ASP G 276 3.45 -23.65 72.34
CA ASP G 276 4.03 -22.36 72.69
C ASP G 276 5.51 -22.30 72.25
N PHE G 277 5.94 -21.16 71.70
CA PHE G 277 7.31 -21.00 71.27
C PHE G 277 8.28 -21.17 72.45
N PRO G 278 9.50 -21.62 72.16
CA PRO G 278 10.52 -21.82 73.21
C PRO G 278 11.15 -20.49 73.58
N LYS G 279 11.99 -20.50 74.60
CA LYS G 279 12.67 -19.29 75.03
C LYS G 279 14.17 -19.42 74.85
N LEU G 280 14.85 -18.29 74.66
CA LEU G 280 16.29 -18.28 74.46
C LEU G 280 17.01 -17.75 75.69
N LYS G 281 18.06 -18.43 76.10
CA LYS G 281 18.85 -18.00 77.25
C LYS G 281 20.32 -18.10 76.81
N TRP G 282 21.19 -17.32 77.43
CA TRP G 282 22.60 -17.36 77.07
C TRP G 282 23.39 -18.18 78.08
N ALA G 283 24.31 -19.00 77.59
CA ALA G 283 25.13 -19.84 78.47
C ALA G 283 26.25 -19.02 79.08
N ARG G 284 26.51 -17.85 78.52
CA ARG G 284 27.56 -16.97 79.04
C ARG G 284 27.07 -15.54 79.16
N SER G 285 27.84 -14.68 79.82
CA SER G 285 27.45 -13.29 80.00
C SER G 285 27.89 -12.42 78.82
N LYS G 286 27.38 -11.20 78.79
CA LYS G 286 27.72 -10.25 77.74
C LYS G 286 29.24 -10.04 77.73
N GLU G 287 29.81 -9.84 78.92
CA GLU G 287 31.25 -9.62 79.08
C GLU G 287 32.06 -10.79 78.55
N GLU G 288 31.64 -12.01 78.86
CA GLU G 288 32.35 -13.20 78.40
C GLU G 288 32.27 -13.30 76.87
N ILE G 289 31.10 -13.10 76.30
CA ILE G 289 30.94 -13.18 74.85
C ILE G 289 31.72 -12.04 74.21
N GLY G 290 31.71 -10.87 74.85
CA GLY G 290 32.48 -9.73 74.37
C GLY G 290 31.82 -8.90 73.29
N ASP G 291 31.80 -9.40 72.06
CA ASP G 291 31.18 -8.68 70.96
C ASP G 291 30.43 -9.63 70.03
N ILE G 292 29.93 -9.10 68.91
CA ILE G 292 29.16 -9.87 67.96
C ILE G 292 29.92 -11.05 67.37
N ASP G 293 31.25 -11.00 67.44
CA ASP G 293 32.08 -12.06 66.90
C ASP G 293 32.48 -13.09 67.95
N GLY G 294 31.99 -12.96 69.17
CA GLY G 294 32.38 -13.90 70.21
C GLY G 294 31.37 -14.99 70.54
N PHE G 295 30.28 -15.09 69.80
CA PHE G 295 29.29 -16.11 70.08
C PHE G 295 29.71 -17.49 69.60
N LYS G 296 29.23 -18.51 70.32
CA LYS G 296 29.50 -19.92 70.00
C LYS G 296 28.16 -20.67 70.00
N VAL G 297 28.08 -21.73 69.21
CA VAL G 297 26.84 -22.51 69.16
C VAL G 297 26.34 -22.85 70.56
N GLU G 298 27.23 -23.32 71.43
CA GLU G 298 26.84 -23.70 72.80
C GLU G 298 26.34 -22.55 73.66
N ASP G 299 26.49 -21.31 73.18
CA ASP G 299 26.01 -20.17 73.95
C ASP G 299 24.47 -20.08 73.90
N PHE G 300 23.89 -20.64 72.84
CA PHE G 300 22.45 -20.58 72.65
C PHE G 300 21.70 -21.70 73.40
N VAL G 301 21.08 -21.33 74.52
CA VAL G 301 20.33 -22.30 75.31
C VAL G 301 18.83 -22.10 75.06
N VAL G 302 18.25 -22.94 74.20
CA VAL G 302 16.84 -22.88 73.88
C VAL G 302 16.07 -23.86 74.75
N GLU G 303 15.18 -23.33 75.59
CA GLU G 303 14.42 -24.19 76.47
C GLU G 303 12.94 -24.19 76.15
N GLY G 304 12.30 -25.33 76.41
CA GLY G 304 10.87 -25.45 76.16
C GLY G 304 10.48 -25.70 74.71
N TYR G 305 11.42 -26.15 73.88
CA TYR G 305 11.07 -26.41 72.48
C TYR G 305 10.36 -27.76 72.42
N LYS G 306 9.09 -27.75 72.00
CA LYS G 306 8.28 -28.96 71.94
C LYS G 306 7.59 -29.11 70.61
N PRO G 307 8.34 -29.43 69.56
CA PRO G 307 7.77 -29.58 68.23
C PRO G 307 7.14 -30.93 67.94
N TRP G 308 6.37 -30.96 66.86
CA TRP G 308 5.78 -32.19 66.38
C TRP G 308 6.91 -32.86 65.59
N GLY G 309 6.60 -33.97 64.92
CA GLY G 309 7.58 -34.70 64.16
C GLY G 309 8.14 -33.96 62.97
N LYS G 310 9.27 -34.44 62.47
CA LYS G 310 9.89 -33.82 61.30
C LYS G 310 9.05 -34.12 60.08
N ILE G 311 9.17 -33.26 59.08
CA ILE G 311 8.45 -33.42 57.84
C ILE G 311 9.48 -33.33 56.72
N ASP G 312 9.65 -34.43 56.00
CA ASP G 312 10.62 -34.48 54.92
C ASP G 312 10.22 -33.68 53.69
N MET G 313 11.13 -32.83 53.25
CA MET G 313 10.92 -32.02 52.06
C MET G 313 12.23 -31.90 51.31
N LYS G 314 12.19 -32.18 50.01
CA LYS G 314 13.38 -32.09 49.21
C LYS G 314 13.65 -30.65 48.76
N MET G 315 14.92 -30.24 48.78
CA MET G 315 15.28 -28.90 48.35
C MET G 315 15.60 -28.91 46.87
N SER G 316 15.08 -27.94 46.13
CA SER G 316 15.33 -27.84 44.70
C SER G 316 16.55 -26.92 44.48
N ALA G 317 17.63 -27.49 43.95
CA ALA G 317 18.85 -26.76 43.70
C ALA G 317 18.69 -25.73 42.59
N ARG H 13 -17.40 8.37 56.35
CA ARG H 13 -16.68 8.34 55.04
C ARG H 13 -17.58 7.85 53.92
N SER H 14 -17.81 8.73 52.95
CA SER H 14 -18.64 8.41 51.79
C SER H 14 -18.10 7.18 51.06
N ASN H 15 -16.79 7.08 50.95
CA ASN H 15 -16.17 5.95 50.26
C ASN H 15 -15.01 5.40 51.08
N PRO H 16 -15.32 4.62 52.14
CA PRO H 16 -14.33 4.00 53.04
C PRO H 16 -13.28 3.11 52.39
N ASP H 17 -13.55 2.63 51.19
CA ASP H 17 -12.56 1.76 50.57
C ASP H 17 -11.54 2.54 49.75
N HIS H 18 -11.66 3.86 49.72
CA HIS H 18 -10.70 4.66 48.95
C HIS H 18 -9.29 4.40 49.50
N GLU H 19 -8.38 4.00 48.63
CA GLU H 19 -7.03 3.69 49.00
C GLU H 19 -6.29 4.81 49.72
N GLU H 20 -6.70 6.07 49.52
CA GLU H 20 -6.01 7.18 50.17
C GLU H 20 -6.18 7.17 51.69
N TYR H 21 -7.22 6.50 52.17
CA TYR H 21 -7.42 6.43 53.61
C TYR H 21 -6.29 5.67 54.30
N GLN H 22 -5.56 4.86 53.55
CA GLN H 22 -4.40 4.14 54.13
C GLN H 22 -3.40 5.18 54.62
N TYR H 23 -3.15 6.16 53.75
CA TYR H 23 -2.22 7.24 54.03
C TYR H 23 -2.73 8.13 55.18
N LEU H 24 -4.00 8.54 55.09
CA LEU H 24 -4.58 9.40 56.13
C LEU H 24 -4.66 8.67 57.49
N ASP H 25 -5.10 7.41 57.48
CA ASP H 25 -5.20 6.64 58.73
C ASP H 25 -3.85 6.46 59.41
N LEU H 26 -2.80 6.21 58.62
CA LEU H 26 -1.46 6.02 59.22
C LEU H 26 -0.99 7.30 59.88
N ILE H 27 -1.22 8.44 59.23
CA ILE H 27 -0.82 9.72 59.81
C ILE H 27 -1.54 9.94 61.13
N ARG H 28 -2.84 9.65 61.13
CA ARG H 28 -3.64 9.83 62.34
C ARG H 28 -3.07 8.92 63.44
N ARG H 29 -2.75 7.68 63.09
CA ARG H 29 -2.20 6.74 64.07
C ARG H 29 -0.86 7.21 64.62
N ILE H 30 0.02 7.68 63.75
CA ILE H 30 1.33 8.15 64.18
C ILE H 30 1.20 9.33 65.14
N ILE H 31 0.31 10.26 64.81
CA ILE H 31 0.11 11.42 65.67
C ILE H 31 -0.45 10.97 67.01
N ASN H 32 -1.39 10.01 66.98
CA ASN H 32 -2.03 9.51 68.20
C ASN H 32 -1.16 8.65 69.12
N VAL H 33 -0.58 7.58 68.58
CA VAL H 33 0.24 6.69 69.40
C VAL H 33 1.71 6.62 69.03
N GLY H 34 2.13 7.46 68.07
CA GLY H 34 3.54 7.44 67.68
C GLY H 34 4.46 7.85 68.82
N GLU H 35 5.73 7.46 68.72
CA GLU H 35 6.71 7.81 69.74
C GLU H 35 7.45 9.10 69.36
N VAL H 36 7.54 10.04 70.31
CA VAL H 36 8.23 11.31 70.09
C VAL H 36 9.73 11.03 70.13
N ARG H 37 10.44 11.40 69.06
CA ARG H 37 11.86 11.12 68.99
C ARG H 37 12.71 12.23 68.40
N PRO H 38 14.00 12.28 68.77
CA PRO H 38 14.95 13.27 68.27
C PRO H 38 15.34 12.70 66.91
N ASP H 39 15.94 13.50 66.05
CA ASP H 39 16.35 13.01 64.75
C ASP H 39 17.51 13.84 64.18
N ARG H 40 18.07 13.34 63.09
CA ARG H 40 19.18 13.98 62.40
C ARG H 40 18.96 15.48 62.13
N THR H 41 17.77 15.84 61.67
CA THR H 41 17.47 17.23 61.29
C THR H 41 17.38 18.20 62.46
N GLY H 42 17.05 17.67 63.64
CA GLY H 42 16.94 18.52 64.80
C GLY H 42 15.54 19.05 65.04
N THR H 43 14.60 18.80 64.12
CA THR H 43 13.25 19.31 64.34
C THR H 43 12.43 18.35 65.21
N GLY H 44 12.78 17.07 65.19
CA GLY H 44 12.04 16.08 65.97
C GLY H 44 10.88 15.50 65.18
N THR H 45 10.49 14.28 65.54
CA THR H 45 9.37 13.62 64.88
C THR H 45 8.59 12.75 65.84
N VAL H 46 7.49 12.21 65.35
CA VAL H 46 6.67 11.25 66.09
C VAL H 46 6.70 10.06 65.12
N ALA H 47 7.01 8.86 65.60
CA ALA H 47 7.13 7.74 64.67
C ALA H 47 6.68 6.36 65.13
N LEU H 48 6.48 5.50 64.14
CA LEU H 48 6.11 4.09 64.33
C LEU H 48 7.01 3.29 63.38
N PHE H 49 7.46 2.13 63.82
CA PHE H 49 8.33 1.30 62.98
C PHE H 49 7.57 0.17 62.30
N ALA H 50 7.86 -0.03 61.01
CA ALA H 50 7.28 -1.12 60.23
C ALA H 50 5.76 -1.28 60.31
N PRO H 51 5.01 -0.21 60.03
CA PRO H 51 3.56 -0.35 60.09
C PRO H 51 3.09 -1.17 58.89
N PRO H 52 1.83 -1.62 58.89
CA PRO H 52 1.34 -2.41 57.74
C PRO H 52 1.63 -1.66 56.42
N SER H 53 1.94 -2.41 55.38
CA SER H 53 2.27 -1.82 54.09
C SER H 53 1.06 -1.23 53.38
N PHE H 54 1.31 -0.33 52.42
CA PHE H 54 0.22 0.30 51.65
C PHE H 54 0.10 -0.49 50.35
N ARG H 55 -1.11 -0.60 49.83
CA ARG H 55 -1.34 -1.29 48.56
C ARG H 55 -2.18 -0.39 47.68
N PHE H 56 -1.75 -0.18 46.46
CA PHE H 56 -2.47 0.69 45.53
C PHE H 56 -2.67 -0.04 44.21
N SER H 57 -3.90 -0.04 43.71
CA SER H 57 -4.18 -0.67 42.44
C SER H 57 -3.74 0.24 41.29
N LEU H 58 -3.07 -0.32 40.29
CA LEU H 58 -2.63 0.47 39.15
C LEU H 58 -3.43 0.05 37.92
N ALA H 59 -4.48 -0.74 38.14
CA ALA H 59 -5.32 -1.21 37.05
C ALA H 59 -6.14 -0.05 36.44
N ASP H 60 -6.60 -0.24 35.20
CA ASP H 60 -7.40 0.77 34.52
C ASP H 60 -6.70 2.12 34.47
N ASN H 61 -5.41 2.11 34.19
CA ASN H 61 -4.60 3.32 34.09
C ASN H 61 -4.64 4.22 35.32
N THR H 62 -4.90 3.65 36.49
CA THR H 62 -4.99 4.43 37.70
C THR H 62 -3.64 4.90 38.26
N LEU H 63 -3.59 6.16 38.66
CA LEU H 63 -2.37 6.74 39.24
C LEU H 63 -2.70 7.22 40.65
N PRO H 64 -2.13 6.57 41.67
CA PRO H 64 -2.40 6.96 43.06
C PRO H 64 -1.73 8.27 43.47
N LEU H 65 -2.19 9.38 42.87
CA LEU H 65 -1.68 10.71 43.17
C LEU H 65 -2.64 11.26 44.23
N LEU H 66 -2.16 11.45 45.46
CA LEU H 66 -3.01 11.92 46.55
C LEU H 66 -3.87 13.14 46.21
N THR H 67 -5.13 13.11 46.66
CA THR H 67 -6.07 14.18 46.38
C THR H 67 -6.39 15.08 47.56
N THR H 68 -6.06 14.64 48.78
CA THR H 68 -6.39 15.45 49.95
C THR H 68 -5.51 16.68 50.06
N LYS H 69 -4.59 16.83 49.11
CA LYS H 69 -3.77 18.04 49.04
C LYS H 69 -3.25 18.10 47.62
N ARG H 70 -2.91 19.28 47.11
CA ARG H 70 -2.38 19.37 45.75
C ARG H 70 -0.93 18.89 45.77
N VAL H 71 -0.63 17.88 44.96
CA VAL H 71 0.72 17.33 44.88
C VAL H 71 1.40 17.86 43.63
N PHE H 72 2.66 18.28 43.77
CA PHE H 72 3.44 18.84 42.66
C PHE H 72 3.78 17.73 41.67
N LEU H 73 2.79 17.34 40.87
CA LEU H 73 2.95 16.28 39.88
C LEU H 73 4.16 16.42 38.97
N ARG H 74 4.34 17.61 38.40
CA ARG H 74 5.46 17.85 37.49
C ARG H 74 6.79 17.59 38.22
N GLY H 75 6.81 17.90 39.51
CA GLY H 75 8.03 17.70 40.26
C GLY H 75 8.32 16.23 40.42
N VAL H 76 7.26 15.44 40.60
CA VAL H 76 7.41 13.99 40.75
C VAL H 76 7.96 13.40 39.45
N ILE H 77 7.30 13.71 38.33
CA ILE H 77 7.72 13.23 37.03
C ILE H 77 9.17 13.65 36.73
N ALA H 78 9.49 14.92 36.91
CA ALA H 78 10.84 15.41 36.63
C ALA H 78 11.89 14.64 37.43
N GLU H 79 11.66 14.49 38.74
CA GLU H 79 12.59 13.75 39.57
C GLU H 79 12.76 12.32 39.08
N LEU H 80 11.66 11.69 38.70
CA LEU H 80 11.70 10.30 38.21
C LEU H 80 12.54 10.15 36.94
N LEU H 81 12.29 11.00 35.94
CA LEU H 81 13.02 10.92 34.68
C LEU H 81 14.50 11.23 34.94
N TRP H 82 14.76 12.00 35.99
CA TRP H 82 16.09 12.39 36.40
C TRP H 82 16.78 11.13 36.95
N PHE H 83 16.09 10.39 37.83
CA PHE H 83 16.62 9.13 38.36
C PHE H 83 16.97 8.20 37.19
N VAL H 84 15.98 7.99 36.33
CA VAL H 84 16.15 7.11 35.17
C VAL H 84 17.37 7.46 34.34
N SER H 85 17.60 8.75 34.14
CA SER H 85 18.74 9.20 33.34
C SER H 85 20.08 8.90 34.02
N GLY H 86 20.04 8.57 35.31
CA GLY H 86 21.27 8.27 36.01
C GLY H 86 21.99 9.51 36.47
N CYS H 87 21.38 10.68 36.24
CA CYS H 87 21.95 11.97 36.62
C CYS H 87 21.88 12.23 38.12
N THR H 88 22.88 12.90 38.66
CA THR H 88 22.92 13.19 40.10
C THR H 88 23.13 14.67 40.37
N ASP H 89 22.96 15.49 39.33
CA ASP H 89 23.11 16.94 39.48
C ASP H 89 21.72 17.57 39.70
N ALA H 90 21.49 18.11 40.89
CA ALA H 90 20.22 18.72 41.24
C ALA H 90 19.90 19.97 40.39
N LYS H 91 20.92 20.54 39.77
CA LYS H 91 20.68 21.72 38.94
C LYS H 91 19.82 21.34 37.75
N MET H 92 19.81 20.05 37.40
CA MET H 92 19.01 19.59 36.25
C MET H 92 17.52 19.64 36.62
N LEU H 93 17.24 19.69 37.92
CA LEU H 93 15.86 19.79 38.38
C LEU H 93 15.51 21.27 38.61
N SER H 94 16.39 21.99 39.30
CA SER H 94 16.09 23.40 39.56
C SER H 94 16.01 24.23 38.27
N SER H 95 16.75 23.82 37.25
CA SER H 95 16.74 24.56 35.99
C SER H 95 15.36 24.42 35.32
N GLN H 96 14.63 23.37 35.66
CA GLN H 96 13.29 23.19 35.08
C GLN H 96 12.22 23.52 36.11
N GLY H 97 12.57 24.31 37.11
CA GLY H 97 11.62 24.72 38.13
C GLY H 97 11.24 23.74 39.22
N VAL H 98 12.11 22.77 39.50
CA VAL H 98 11.83 21.77 40.52
C VAL H 98 12.96 21.87 41.53
N GLY H 99 12.65 22.35 42.72
CA GLY H 99 13.68 22.56 43.73
C GLY H 99 13.67 21.62 44.92
N ILE H 100 13.04 20.46 44.78
CA ILE H 100 12.95 19.51 45.89
C ILE H 100 14.29 19.04 46.42
N TRP H 101 15.32 19.08 45.58
CA TRP H 101 16.65 18.66 46.04
C TRP H 101 17.61 19.84 46.29
N ASP H 102 17.11 21.06 46.18
CA ASP H 102 17.94 22.25 46.41
C ASP H 102 18.44 22.29 47.85
N GLY H 103 17.62 21.81 48.77
CA GLY H 103 18.01 21.83 50.18
C GLY H 103 19.21 20.97 50.52
N ASN H 104 19.24 19.74 50.02
CA ASN H 104 20.38 18.87 50.32
C ASN H 104 21.53 19.03 49.31
N GLY H 105 21.29 19.83 48.28
CA GLY H 105 22.33 20.05 47.29
C GLY H 105 22.98 21.41 47.42
N SER H 106 22.51 22.19 48.38
CA SER H 106 23.06 23.53 48.60
C SER H 106 24.50 23.44 49.06
N LYS H 107 25.25 24.46 48.64
CA LYS H 107 26.67 24.57 48.98
C LYS H 107 26.77 24.50 50.49
N GLU H 108 25.76 25.05 51.15
CA GLU H 108 25.76 25.08 52.59
C GLU H 108 25.65 23.72 53.24
N PHE H 109 24.76 22.87 52.72
CA PHE H 109 24.54 21.54 53.26
C PHE H 109 25.70 20.62 52.93
N LEU H 110 26.15 20.65 51.67
CA LEU H 110 27.26 19.81 51.25
C LEU H 110 28.49 20.02 52.14
N GLU H 111 28.85 21.27 52.39
CA GLU H 111 30.00 21.56 53.24
C GLU H 111 29.75 21.05 54.66
N LYS H 112 28.49 21.12 55.07
CA LYS H 112 28.06 20.68 56.38
C LYS H 112 28.28 19.17 56.57
N VAL H 113 28.08 18.37 55.53
CA VAL H 113 28.27 16.92 55.65
C VAL H 113 29.64 16.45 55.15
N GLY H 114 30.60 17.38 55.10
CA GLY H 114 31.95 17.03 54.66
C GLY H 114 32.14 16.89 53.15
N LEU H 115 31.28 17.49 52.35
CA LEU H 115 31.41 17.36 50.88
C LEU H 115 31.64 18.74 50.27
N GLY H 116 32.47 19.54 50.93
CA GLY H 116 32.77 20.88 50.48
C GLY H 116 33.51 20.99 49.16
N HIS H 117 34.13 19.91 48.75
CA HIS H 117 34.90 19.87 47.50
C HIS H 117 33.99 19.74 46.27
N ARG H 118 32.70 19.62 46.49
CA ARG H 118 31.77 19.49 45.39
C ARG H 118 31.10 20.81 45.03
N ARG H 119 30.78 20.98 43.75
CA ARG H 119 30.09 22.20 43.37
C ARG H 119 28.62 22.03 43.82
N GLU H 120 27.94 23.15 44.03
CA GLU H 120 26.55 23.11 44.46
C GLU H 120 25.70 22.28 43.50
N GLY H 121 24.86 21.40 44.06
CA GLY H 121 24.01 20.57 43.25
C GLY H 121 24.53 19.18 42.95
N ASP H 122 25.82 18.95 43.19
CA ASP H 122 26.42 17.65 42.94
C ASP H 122 26.18 16.80 44.17
N LEU H 123 25.08 16.06 44.16
CA LEU H 123 24.67 15.21 45.27
C LEU H 123 25.54 13.97 45.52
N GLY H 124 26.31 13.57 44.52
CA GLY H 124 27.13 12.38 44.68
C GLY H 124 26.46 11.20 43.99
N PRO H 125 26.93 9.98 44.24
CA PRO H 125 26.38 8.77 43.63
C PRO H 125 25.05 8.32 44.23
N VAL H 126 24.04 9.17 44.12
CA VAL H 126 22.72 8.87 44.63
C VAL H 126 21.84 8.05 43.66
N TYR H 127 20.56 7.89 44.02
CA TYR H 127 19.60 7.12 43.24
C TYR H 127 19.94 6.77 41.80
N GLY H 128 19.75 7.72 40.90
CA GLY H 128 19.99 7.45 39.49
C GLY H 128 21.33 6.83 39.14
N PHE H 129 22.40 7.26 39.82
CA PHE H 129 23.72 6.68 39.53
C PHE H 129 23.77 5.20 39.92
N GLN H 130 23.20 4.85 41.07
CA GLN H 130 23.22 3.45 41.51
C GLN H 130 22.36 2.60 40.57
N TRP H 131 21.20 3.14 40.19
CA TRP H 131 20.27 2.47 39.31
C TRP H 131 20.84 2.06 37.96
N ARG H 132 21.65 2.94 37.38
CA ARG H 132 22.21 2.68 36.05
C ARG H 132 23.71 2.35 36.01
N HIS H 133 24.44 2.61 37.10
CA HIS H 133 25.90 2.39 37.11
C HIS H 133 26.41 1.80 38.45
N PHE H 134 25.60 0.98 39.11
CA PHE H 134 26.01 0.44 40.39
C PHE H 134 27.40 -0.19 40.34
N GLY H 135 28.27 0.22 41.25
CA GLY H 135 29.60 -0.34 41.31
C GLY H 135 30.66 0.51 40.64
N ALA H 136 30.24 1.39 39.73
CA ALA H 136 31.19 2.25 39.03
C ALA H 136 31.82 3.21 40.01
N GLU H 137 33.00 3.73 39.64
CA GLU H 137 33.73 4.69 40.46
C GLU H 137 33.14 6.08 40.19
N TYR H 138 32.77 6.78 41.25
CA TYR H 138 32.20 8.12 41.09
C TYR H 138 33.26 9.20 41.26
N THR H 139 33.30 10.14 40.31
CA THR H 139 34.24 11.26 40.40
C THR H 139 33.39 12.45 40.81
N ASP H 140 32.63 13.00 39.86
CA ASP H 140 31.73 14.12 40.13
C ASP H 140 30.49 13.91 39.26
N ALA H 141 29.53 14.85 39.23
CA ALA H 141 28.34 14.64 38.41
C ALA H 141 28.57 14.74 36.91
N ASP H 142 29.73 15.26 36.50
CA ASP H 142 30.04 15.42 35.07
C ASP H 142 30.79 14.23 34.51
N GLY H 143 31.14 13.30 35.39
CA GLY H 143 31.88 12.12 34.96
C GLY H 143 31.21 11.31 33.87
N ASP H 144 32.02 10.62 33.07
CA ASP H 144 31.52 9.80 31.99
C ASP H 144 31.33 8.38 32.53
N TYR H 145 30.08 7.99 32.75
CA TYR H 145 29.77 6.68 33.28
C TYR H 145 29.10 5.74 32.28
N LYS H 146 28.94 6.22 31.05
CA LYS H 146 28.29 5.41 30.03
C LYS H 146 28.97 4.05 29.90
N GLY H 147 28.17 2.98 29.98
CA GLY H 147 28.71 1.64 29.89
C GLY H 147 29.48 1.18 31.12
N LYS H 148 29.49 1.96 32.19
CA LYS H 148 30.21 1.57 33.40
C LYS H 148 29.25 1.20 34.53
N GLY H 149 29.65 0.20 35.31
CA GLY H 149 28.81 -0.25 36.41
C GLY H 149 27.66 -1.13 35.96
N VAL H 150 26.83 -1.57 36.89
CA VAL H 150 25.70 -2.42 36.53
C VAL H 150 24.44 -1.61 36.22
N ASP H 151 23.87 -1.80 35.03
CA ASP H 151 22.63 -1.10 34.69
C ASP H 151 21.46 -1.94 35.17
N GLN H 152 21.07 -1.77 36.43
CA GLN H 152 19.98 -2.52 37.03
C GLN H 152 18.63 -2.31 36.35
N LEU H 153 18.35 -1.07 35.96
CA LEU H 153 17.09 -0.76 35.33
C LEU H 153 16.89 -1.49 34.00
N GLN H 154 17.88 -1.45 33.11
CA GLN H 154 17.72 -2.13 31.83
C GLN H 154 17.65 -3.65 32.05
N ARG H 155 18.36 -4.15 33.06
CA ARG H 155 18.33 -5.58 33.36
C ARG H 155 16.91 -5.96 33.79
N VAL H 156 16.27 -5.08 34.55
CA VAL H 156 14.89 -5.33 34.99
C VAL H 156 13.98 -5.43 33.77
N ILE H 157 14.15 -4.51 32.84
CA ILE H 157 13.35 -4.50 31.61
C ILE H 157 13.55 -5.80 30.82
N ASP H 158 14.81 -6.14 30.60
CA ASP H 158 15.16 -7.34 29.85
C ASP H 158 14.62 -8.60 30.50
N THR H 159 14.70 -8.67 31.82
CA THR H 159 14.21 -9.83 32.54
C THR H 159 12.68 -9.97 32.51
N ILE H 160 11.97 -8.85 32.59
CA ILE H 160 10.52 -8.90 32.56
C ILE H 160 10.05 -9.44 31.21
N LYS H 161 10.74 -9.01 30.16
CA LYS H 161 10.41 -9.43 28.80
C LYS H 161 10.83 -10.86 28.43
N ASN H 162 12.02 -11.28 28.85
CA ASN H 162 12.51 -12.61 28.50
C ASN H 162 12.49 -13.69 29.56
N ASN H 163 12.31 -13.34 30.82
CA ASN H 163 12.27 -14.35 31.87
C ASN H 163 11.49 -13.81 33.06
N PRO H 164 10.21 -13.47 32.85
CA PRO H 164 9.28 -12.92 33.84
C PRO H 164 9.17 -13.62 35.17
N THR H 165 9.35 -14.93 35.21
CA THR H 165 9.22 -15.65 36.48
C THR H 165 10.50 -15.59 37.31
N ASP H 166 11.51 -14.91 36.79
CA ASP H 166 12.76 -14.73 37.54
C ASP H 166 12.39 -14.12 38.90
N ARG H 167 13.15 -14.46 39.95
CA ARG H 167 12.86 -13.94 41.28
C ARG H 167 13.88 -12.92 41.74
N ARG H 168 14.67 -12.38 40.82
CA ARG H 168 15.70 -11.39 41.19
C ARG H 168 15.49 -10.05 40.46
N ILE H 169 14.26 -9.73 40.12
CA ILE H 169 13.98 -8.49 39.41
C ILE H 169 14.00 -7.34 40.40
N ILE H 170 15.22 -6.94 40.77
CA ILE H 170 15.45 -5.93 41.77
C ILE H 170 16.09 -4.66 41.25
N LEU H 171 15.65 -3.54 41.81
CA LEU H 171 16.21 -2.23 41.45
C LEU H 171 16.59 -1.61 42.78
N SER H 172 17.88 -1.46 43.04
CA SER H 172 18.33 -0.92 44.34
C SER H 172 19.33 0.22 44.25
N ALA H 173 19.19 1.18 45.14
CA ALA H 173 20.11 2.32 45.20
C ALA H 173 21.00 2.25 46.43
N TRP H 174 20.74 1.26 47.29
CA TRP H 174 21.53 1.14 48.52
C TRP H 174 22.94 0.62 48.19
N ASN H 175 23.96 1.38 48.56
CA ASN H 175 25.36 1.00 48.32
C ASN H 175 26.17 1.43 49.52
N PRO H 176 26.39 0.50 50.47
CA PRO H 176 27.15 0.80 51.70
C PRO H 176 28.51 1.47 51.44
N LYS H 177 29.16 1.10 50.34
CA LYS H 177 30.47 1.67 50.06
C LYS H 177 30.37 3.14 49.62
N ASP H 178 29.34 3.46 48.84
CA ASP H 178 29.15 4.84 48.34
C ASP H 178 28.43 5.82 49.26
N LEU H 179 27.78 5.32 50.30
CA LEU H 179 27.03 6.16 51.23
C LEU H 179 27.69 7.47 51.66
N PRO H 180 28.93 7.40 52.15
CA PRO H 180 29.58 8.64 52.57
C PRO H 180 29.76 9.68 51.48
N LEU H 181 29.67 9.26 50.23
CA LEU H 181 29.84 10.21 49.12
C LEU H 181 28.52 10.88 48.78
N MET H 182 27.43 10.35 49.37
CA MET H 182 26.08 10.83 49.10
C MET H 182 25.64 11.96 50.03
N ALA H 183 25.02 13.00 49.46
CA ALA H 183 24.55 14.11 50.25
C ALA H 183 23.53 13.57 51.23
N LEU H 184 22.81 12.55 50.78
CA LEU H 184 21.80 11.92 51.63
C LEU H 184 21.67 10.46 51.21
N PRO H 185 21.61 9.53 52.17
CA PRO H 185 21.47 8.12 51.81
C PRO H 185 20.06 7.86 51.24
N PRO H 186 19.94 6.89 50.32
CA PRO H 186 18.65 6.56 49.71
C PRO H 186 17.55 6.29 50.74
N CYS H 187 16.37 6.88 50.51
CA CYS H 187 15.23 6.66 51.40
C CYS H 187 14.49 5.44 50.82
N HIS H 188 14.14 5.51 49.54
CA HIS H 188 13.52 4.38 48.88
C HIS H 188 14.76 3.63 48.42
N MET H 189 15.16 2.64 49.22
CA MET H 189 16.38 1.91 48.94
C MET H 189 16.33 0.81 47.90
N PHE H 190 15.14 0.31 47.60
CA PHE H 190 15.04 -0.71 46.57
C PHE H 190 13.60 -1.12 46.33
N CYS H 191 13.38 -1.78 45.20
CA CYS H 191 12.05 -2.26 44.88
C CYS H 191 12.20 -3.56 44.12
N GLN H 192 11.13 -4.36 44.13
CA GLN H 192 11.12 -5.63 43.44
C GLN H 192 9.90 -5.70 42.56
N PHE H 193 10.09 -6.16 41.33
CA PHE H 193 8.98 -6.31 40.39
C PHE H 193 8.58 -7.76 40.28
N PHE H 194 7.31 -7.99 40.01
CA PHE H 194 6.76 -9.32 39.87
C PHE H 194 5.83 -9.33 38.66
N VAL H 195 5.91 -10.40 37.88
CA VAL H 195 5.08 -10.53 36.69
C VAL H 195 4.17 -11.75 36.78
N SER H 196 2.86 -11.53 36.70
CA SER H 196 1.92 -12.64 36.72
C SER H 196 1.71 -13.06 35.27
N LEU H 197 1.81 -14.36 35.02
CA LEU H 197 1.63 -14.88 33.68
C LEU H 197 0.14 -14.87 33.30
N PRO H 198 -0.15 -14.77 31.99
CA PRO H 198 -1.53 -14.74 31.49
C PRO H 198 -2.28 -16.00 31.94
N PRO H 199 -3.51 -15.84 32.47
CA PRO H 199 -4.32 -16.99 32.92
C PRO H 199 -4.60 -17.95 31.76
N ALA H 200 -5.01 -19.16 32.07
CA ALA H 200 -5.34 -20.18 31.06
C ALA H 200 -6.18 -19.66 29.87
N ASP H 201 -7.27 -18.95 30.17
CA ASP H 201 -8.23 -18.43 29.16
C ASP H 201 -7.74 -17.78 27.91
N SER H 202 -7.39 -16.52 28.09
CA SER H 202 -6.94 -15.70 27.00
C SER H 202 -5.46 -15.53 27.11
N PRO H 203 -4.72 -16.65 26.97
CA PRO H 203 -3.26 -16.55 27.04
C PRO H 203 -2.82 -15.35 26.19
N GLY H 204 -3.79 -14.67 25.57
CA GLY H 204 -3.50 -13.50 24.76
C GLY H 204 -3.34 -12.24 25.60
N SER H 205 -3.90 -12.25 26.80
CA SER H 205 -3.82 -11.11 27.71
C SER H 205 -2.37 -10.73 28.03
N LYS H 206 -2.17 -9.48 28.44
CA LYS H 206 -0.84 -9.01 28.81
C LYS H 206 -0.51 -9.45 30.24
N PRO H 207 0.74 -9.83 30.49
CA PRO H 207 1.12 -10.25 31.84
C PRO H 207 0.91 -9.05 32.77
N LYS H 208 0.66 -9.29 34.04
CA LYS H 208 0.43 -8.20 34.97
C LYS H 208 1.71 -7.87 35.75
N LEU H 209 2.03 -6.58 35.85
CA LEU H 209 3.23 -6.10 36.53
C LEU H 209 2.96 -5.45 37.88
N SER H 210 3.64 -5.93 38.90
CA SER H 210 3.50 -5.37 40.23
C SER H 210 4.86 -4.90 40.74
N CYS H 211 4.83 -4.02 41.73
CA CYS H 211 6.05 -3.48 42.29
C CYS H 211 5.93 -3.31 43.79
N LEU H 212 6.95 -3.77 44.51
CA LEU H 212 7.00 -3.61 45.95
C LEU H 212 8.25 -2.78 46.23
N MET H 213 8.08 -1.69 46.96
CA MET H 213 9.21 -0.81 47.27
C MET H 213 9.35 -0.71 48.77
N TYR H 214 10.59 -0.76 49.24
CA TYR H 214 10.82 -0.62 50.67
C TYR H 214 11.50 0.72 50.93
N GLN H 215 10.94 1.50 51.85
CA GLN H 215 11.48 2.81 52.21
C GLN H 215 11.90 2.77 53.68
N ARG H 216 13.21 2.91 53.92
CA ARG H 216 13.77 2.86 55.29
C ARG H 216 13.35 4.01 56.20
N SER H 217 13.12 5.19 55.61
CA SER H 217 12.77 6.40 56.35
C SER H 217 11.68 7.12 55.56
N CYS H 218 10.58 7.44 56.22
CA CYS H 218 9.46 8.03 55.50
C CYS H 218 8.86 9.27 56.13
N ASP H 219 9.08 10.40 55.47
CA ASP H 219 8.52 11.68 55.91
C ASP H 219 7.10 11.63 55.32
N LEU H 220 6.12 11.28 56.15
CA LEU H 220 4.77 11.15 55.65
C LEU H 220 4.17 12.44 55.08
N GLY H 221 4.44 13.57 55.71
CA GLY H 221 3.92 14.81 55.20
C GLY H 221 4.41 15.19 53.81
N LEU H 222 5.73 15.22 53.62
CA LEU H 222 6.31 15.64 52.33
C LEU H 222 6.80 14.58 51.39
N GLY H 223 7.50 13.57 51.92
CA GLY H 223 8.06 12.56 51.06
C GLY H 223 7.14 11.48 50.50
N VAL H 224 6.42 10.82 51.38
CA VAL H 224 5.56 9.72 50.97
C VAL H 224 4.64 10.04 49.80
N PRO H 225 4.04 11.24 49.77
CA PRO H 225 3.16 11.54 48.63
C PRO H 225 3.95 11.44 47.32
N PHE H 226 5.19 11.90 47.34
CA PHE H 226 6.05 11.81 46.14
C PHE H 226 6.47 10.36 45.87
N ASN H 227 6.91 9.65 46.91
CA ASN H 227 7.34 8.27 46.74
C ASN H 227 6.26 7.41 46.14
N ILE H 228 5.03 7.54 46.63
CA ILE H 228 3.93 6.74 46.12
C ILE H 228 3.71 6.98 44.64
N ALA H 229 3.60 8.25 44.25
CA ALA H 229 3.34 8.57 42.84
C ALA H 229 4.53 8.19 41.97
N SER H 230 5.73 8.43 42.49
CA SER H 230 6.94 8.12 41.75
C SER H 230 7.03 6.64 41.34
N TYR H 231 6.93 5.74 42.32
CA TYR H 231 7.03 4.34 41.97
C TYR H 231 5.85 3.83 41.16
N ALA H 232 4.68 4.43 41.38
CA ALA H 232 3.52 4.05 40.60
C ALA H 232 3.84 4.43 39.15
N LEU H 233 4.38 5.63 38.95
CA LEU H 233 4.72 6.08 37.60
C LEU H 233 5.81 5.22 36.97
N LEU H 234 6.82 4.86 37.78
CA LEU H 234 7.90 4.02 37.26
C LEU H 234 7.32 2.70 36.72
N THR H 235 6.39 2.12 37.48
CA THR H 235 5.78 0.85 37.09
C THR H 235 4.99 1.02 35.79
N HIS H 236 4.30 2.15 35.65
CA HIS H 236 3.54 2.40 34.42
C HIS H 236 4.53 2.48 33.27
N MET H 237 5.63 3.21 33.47
CA MET H 237 6.67 3.37 32.45
C MET H 237 7.23 2.01 32.02
N ILE H 238 7.64 1.21 32.99
CA ILE H 238 8.21 -0.09 32.69
C ILE H 238 7.18 -0.99 32.00
N ALA H 239 5.92 -0.88 32.40
CA ALA H 239 4.87 -1.68 31.80
C ALA H 239 4.75 -1.39 30.32
N LEU H 240 4.86 -0.11 29.94
CA LEU H 240 4.74 0.29 28.55
C LEU H 240 5.86 -0.31 27.72
N ILE H 241 7.09 -0.22 28.23
CA ILE H 241 8.25 -0.73 27.51
C ILE H 241 8.30 -2.24 27.43
N THR H 242 7.72 -2.92 28.42
CA THR H 242 7.76 -4.38 28.44
C THR H 242 6.50 -5.08 27.98
N ASP H 243 5.55 -4.31 27.45
CA ASP H 243 4.28 -4.86 27.00
C ASP H 243 3.53 -5.60 28.12
N THR H 244 3.56 -5.05 29.34
CA THR H 244 2.84 -5.65 30.44
C THR H 244 1.79 -4.67 30.94
N GLU H 245 0.87 -5.14 31.77
CA GLU H 245 -0.20 -4.32 32.31
C GLU H 245 0.04 -4.00 33.79
N PRO H 246 0.15 -2.71 34.13
CA PRO H 246 0.39 -2.36 35.54
C PRO H 246 -0.72 -2.94 36.42
N HIS H 247 -0.34 -3.54 37.53
CA HIS H 247 -1.33 -4.17 38.39
C HIS H 247 -1.39 -3.62 39.81
N GLU H 248 -0.31 -3.74 40.55
CA GLU H 248 -0.33 -3.28 41.94
C GLU H 248 1.00 -2.70 42.40
N PHE H 249 0.93 -1.74 43.31
CA PHE H 249 2.13 -1.13 43.88
C PHE H 249 2.01 -1.29 45.39
N ILE H 250 3.04 -1.88 46.00
CA ILE H 250 3.05 -2.09 47.43
C ILE H 250 4.19 -1.29 48.03
N LEU H 251 3.93 -0.61 49.13
CA LEU H 251 4.96 0.19 49.77
C LEU H 251 5.14 -0.22 51.23
N GLN H 252 6.33 -0.73 51.56
CA GLN H 252 6.61 -1.12 52.96
C GLN H 252 7.52 -0.08 53.57
N MET H 253 7.16 0.40 54.75
CA MET H 253 7.95 1.43 55.43
C MET H 253 8.73 0.88 56.61
N GLY H 254 9.85 1.55 56.89
CA GLY H 254 10.67 1.21 58.03
C GLY H 254 10.34 2.25 59.09
N ASP H 255 11.16 3.29 59.20
CA ASP H 255 10.92 4.36 60.15
C ASP H 255 9.88 5.32 59.54
N ALA H 256 8.62 5.15 59.94
CA ALA H 256 7.51 5.96 59.44
C ALA H 256 7.27 7.09 60.44
N HIS H 257 7.50 8.33 60.01
CA HIS H 257 7.37 9.45 60.92
C HIS H 257 6.67 10.70 60.37
N VAL H 258 6.25 11.54 61.32
CA VAL H 258 5.61 12.81 61.01
C VAL H 258 6.44 13.85 61.74
N TYR H 259 7.02 14.79 61.00
CA TYR H 259 7.82 15.83 61.66
C TYR H 259 6.96 16.69 62.57
N ARG H 260 7.56 17.17 63.66
CA ARG H 260 6.86 18.00 64.65
C ARG H 260 6.14 19.19 64.03
N ASP H 261 6.81 19.86 63.09
CA ASP H 261 6.20 21.02 62.45
C ASP H 261 5.21 20.68 61.35
N HIS H 262 4.89 19.39 61.20
CA HIS H 262 3.92 18.95 60.18
C HIS H 262 2.60 18.51 60.82
N VAL H 263 2.63 18.28 62.13
CA VAL H 263 1.42 17.82 62.84
C VAL H 263 0.18 18.68 62.58
N GLU H 264 0.28 19.98 62.85
CA GLU H 264 -0.87 20.86 62.64
C GLU H 264 -1.30 20.96 61.19
N PRO H 265 -0.35 21.12 60.26
CA PRO H 265 -0.77 21.19 58.85
C PRO H 265 -1.49 19.91 58.40
N LEU H 266 -1.01 18.76 58.86
CA LEU H 266 -1.63 17.49 58.48
C LEU H 266 -3.04 17.32 59.06
N LYS H 267 -3.28 17.86 60.26
CA LYS H 267 -4.61 17.75 60.88
C LYS H 267 -5.64 18.38 59.96
N THR H 268 -5.24 19.44 59.26
CA THR H 268 -6.16 20.08 58.31
C THR H 268 -6.43 19.12 57.16
N GLN H 269 -5.40 18.44 56.70
CA GLN H 269 -5.57 17.49 55.60
C GLN H 269 -6.44 16.30 55.99
N LEU H 270 -6.30 15.85 57.24
CA LEU H 270 -7.07 14.70 57.73
C LEU H 270 -8.58 14.91 57.69
N GLU H 271 -9.00 16.17 57.63
CA GLU H 271 -10.41 16.50 57.59
C GLU H 271 -11.02 16.35 56.20
N ARG H 272 -10.17 16.21 55.19
CA ARG H 272 -10.65 16.13 53.82
C ARG H 272 -10.95 14.75 53.29
N GLU H 273 -12.01 14.67 52.50
CA GLU H 273 -12.43 13.42 51.90
C GLU H 273 -11.75 13.29 50.54
N PRO H 274 -11.10 12.14 50.29
CA PRO H 274 -10.40 11.89 49.01
C PRO H 274 -11.32 11.92 47.80
N ARG H 275 -10.76 12.32 46.65
CA ARG H 275 -11.48 12.32 45.40
C ARG H 275 -10.93 11.11 44.66
N ASP H 276 -11.67 10.58 43.68
CA ASP H 276 -11.17 9.43 42.95
C ASP H 276 -9.81 9.75 42.34
N PHE H 277 -8.90 8.78 42.34
CA PHE H 277 -7.57 8.97 41.79
C PHE H 277 -7.66 9.25 40.30
N PRO H 278 -6.69 10.00 39.76
CA PRO H 278 -6.65 10.34 38.34
C PRO H 278 -6.17 9.16 37.53
N LYS H 279 -6.19 9.31 36.21
CA LYS H 279 -5.71 8.25 35.35
C LYS H 279 -4.53 8.74 34.51
N LEU H 280 -3.64 7.81 34.16
CA LEU H 280 -2.47 8.16 33.37
C LEU H 280 -2.62 7.69 31.92
N LYS H 281 -2.28 8.56 30.99
CA LYS H 281 -2.32 8.23 29.55
C LYS H 281 -1.00 8.70 28.95
N TRP H 282 -0.58 8.09 27.85
CA TRP H 282 0.67 8.48 27.22
C TRP H 282 0.41 9.37 25.99
N ALA H 283 1.20 10.42 25.85
CA ALA H 283 1.04 11.34 24.73
C ALA H 283 1.66 10.77 23.48
N ARG H 284 2.46 9.72 23.63
CA ARG H 284 3.11 9.06 22.49
C ARG H 284 3.00 7.56 22.61
N SER H 285 3.35 6.86 21.53
CA SER H 285 3.27 5.41 21.53
C SER H 285 4.55 4.75 22.05
N LYS H 286 4.47 3.45 22.31
CA LYS H 286 5.62 2.70 22.79
C LYS H 286 6.77 2.83 21.80
N GLU H 287 6.44 2.70 20.52
CA GLU H 287 7.45 2.81 19.47
C GLU H 287 8.11 4.17 19.43
N GLU H 288 7.32 5.23 19.59
CA GLU H 288 7.87 6.58 19.56
C GLU H 288 8.79 6.80 20.76
N ILE H 289 8.34 6.39 21.96
CA ILE H 289 9.15 6.54 23.16
C ILE H 289 10.40 5.67 23.02
N GLY H 290 10.22 4.48 22.47
CA GLY H 290 11.35 3.58 22.26
C GLY H 290 11.75 2.71 23.42
N ASP H 291 12.42 3.28 24.41
CA ASP H 291 12.85 2.51 25.57
C ASP H 291 12.70 3.34 26.85
N ILE H 292 13.16 2.79 27.97
CA ILE H 292 13.04 3.46 29.26
C ILE H 292 13.73 4.81 29.32
N ASP H 293 14.63 5.06 28.38
CA ASP H 293 15.35 6.34 28.37
C ASP H 293 14.73 7.36 27.42
N GLY H 294 13.63 7.00 26.78
CA GLY H 294 13.01 7.90 25.83
C GLY H 294 11.81 8.71 26.31
N PHE H 295 11.49 8.64 27.60
CA PHE H 295 10.36 9.38 28.13
C PHE H 295 10.65 10.87 28.35
N LYS H 296 9.62 11.69 28.19
CA LYS H 296 9.70 13.14 28.37
C LYS H 296 8.57 13.55 29.27
N VAL H 297 8.74 14.64 30.01
CA VAL H 297 7.71 15.11 30.93
C VAL H 297 6.34 15.20 30.24
N GLU H 298 6.33 15.80 29.05
CA GLU H 298 5.08 15.97 28.28
C GLU H 298 4.43 14.66 27.84
N ASP H 299 5.11 13.54 28.04
CA ASP H 299 4.52 12.25 27.64
C ASP H 299 3.47 11.81 28.65
N PHE H 300 3.59 12.31 29.88
CA PHE H 300 2.68 11.94 30.99
C PHE H 300 1.41 12.78 30.99
N VAL H 301 0.32 12.21 30.50
CA VAL H 301 -0.96 12.90 30.46
C VAL H 301 -1.85 12.39 31.59
N VAL H 302 -1.89 13.15 32.69
CA VAL H 302 -2.71 12.80 33.85
C VAL H 302 -4.08 13.49 33.76
N GLU H 303 -5.14 12.70 33.66
CA GLU H 303 -6.45 13.27 33.55
C GLU H 303 -7.34 12.95 34.74
N GLY H 304 -8.23 13.88 35.08
CA GLY H 304 -9.13 13.65 36.20
C GLY H 304 -8.56 13.95 37.57
N TYR H 305 -7.45 14.67 37.63
CA TYR H 305 -6.85 14.98 38.92
C TYR H 305 -7.65 16.14 39.54
N LYS H 306 -8.30 15.88 40.67
CA LYS H 306 -9.11 16.86 41.34
C LYS H 306 -8.80 16.93 42.82
N PRO H 307 -7.65 17.52 43.18
CA PRO H 307 -7.22 17.65 44.57
C PRO H 307 -7.78 18.84 45.31
N TRP H 308 -7.71 18.78 46.63
CA TRP H 308 -8.09 19.89 47.47
C TRP H 308 -6.90 20.87 47.42
N GLY H 309 -6.97 21.93 48.22
CA GLY H 309 -5.92 22.92 48.22
C GLY H 309 -4.57 22.42 48.72
N LYS H 310 -3.53 23.18 48.41
CA LYS H 310 -2.20 22.83 48.83
C LYS H 310 -2.08 23.03 50.34
N ILE H 311 -1.16 22.29 50.95
CA ILE H 311 -0.91 22.40 52.38
C ILE H 311 0.57 22.65 52.55
N ASP H 312 0.92 23.81 53.07
CA ASP H 312 2.31 24.18 53.25
C ASP H 312 2.98 23.40 54.38
N MET H 313 4.15 22.83 54.09
CA MET H 313 4.93 22.07 55.06
C MET H 313 6.39 22.30 54.76
N LYS H 314 7.14 22.67 55.79
CA LYS H 314 8.56 22.95 55.63
C LYS H 314 9.38 21.66 55.68
N MET H 315 10.37 21.56 54.81
CA MET H 315 11.22 20.38 54.78
C MET H 315 12.39 20.57 55.71
N SER H 316 12.69 19.55 56.51
CA SER H 316 13.82 19.65 57.43
C SER H 316 15.04 19.07 56.74
N ALA H 317 16.06 19.93 56.52
CA ALA H 317 17.31 19.52 55.84
C ALA H 317 18.14 18.56 56.68
N PRO I 16 67.88 -29.26 -10.51
CA PRO I 16 67.60 -28.04 -9.74
C PRO I 16 66.23 -27.46 -10.07
N ASP I 17 65.59 -28.02 -11.09
CA ASP I 17 64.27 -27.55 -11.50
C ASP I 17 63.15 -28.42 -10.96
N HIS I 18 63.50 -29.46 -10.20
CA HIS I 18 62.49 -30.35 -9.64
C HIS I 18 61.54 -29.53 -8.76
N GLU I 19 60.26 -29.59 -9.08
CA GLU I 19 59.24 -28.85 -8.36
C GLU I 19 59.21 -29.05 -6.84
N GLU I 20 59.67 -30.21 -6.38
CA GLU I 20 59.65 -30.49 -4.95
C GLU I 20 60.57 -29.56 -4.16
N TYR I 21 61.53 -28.94 -4.83
CA TYR I 21 62.45 -28.03 -4.15
C TYR I 21 61.72 -26.80 -3.64
N GLN I 22 60.54 -26.51 -4.21
CA GLN I 22 59.74 -25.38 -3.77
C GLN I 22 59.35 -25.63 -2.32
N TYR I 23 58.91 -26.85 -2.06
CA TYR I 23 58.49 -27.28 -0.73
C TYR I 23 59.67 -27.32 0.24
N LEU I 24 60.78 -27.92 -0.19
CA LEU I 24 61.95 -28.03 0.65
C LEU I 24 62.56 -26.67 0.96
N ASP I 25 62.65 -25.81 -0.06
CA ASP I 25 63.22 -24.47 0.13
C ASP I 25 62.40 -23.63 1.10
N LEU I 26 61.07 -23.70 1.00
CA LEU I 26 60.22 -22.92 1.89
C LEU I 26 60.42 -23.32 3.34
N ILE I 27 60.51 -24.62 3.59
CA ILE I 27 60.72 -25.13 4.94
C ILE I 27 62.05 -24.62 5.48
N ARG I 28 63.08 -24.66 4.63
CA ARG I 28 64.40 -24.20 5.01
C ARG I 28 64.34 -22.72 5.36
N ARG I 29 63.59 -21.96 4.57
CA ARG I 29 63.44 -20.53 4.78
C ARG I 29 62.71 -20.23 6.09
N ILE I 30 61.60 -20.94 6.31
CA ILE I 30 60.81 -20.75 7.53
C ILE I 30 61.64 -21.03 8.78
N ILE I 31 62.45 -22.07 8.73
CA ILE I 31 63.29 -22.43 9.87
C ILE I 31 64.36 -21.36 10.09
N ASN I 32 64.90 -20.85 8.99
CA ASN I 32 65.95 -19.82 9.04
C ASN I 32 65.49 -18.43 9.46
N VAL I 33 64.54 -17.86 8.74
CA VAL I 33 64.05 -16.52 9.05
C VAL I 33 62.61 -16.44 9.53
N GLY I 34 62.00 -17.59 9.79
CA GLY I 34 60.62 -17.59 10.26
C GLY I 34 60.50 -16.96 11.63
N GLU I 35 59.29 -16.52 11.96
CA GLU I 35 59.02 -15.89 13.25
C GLU I 35 58.46 -16.90 14.25
N VAL I 36 59.08 -16.99 15.43
CA VAL I 36 58.63 -17.91 16.47
C VAL I 36 57.33 -17.35 17.04
N ARG I 37 56.28 -18.16 17.03
CA ARG I 37 54.99 -17.71 17.51
C ARG I 37 54.21 -18.74 18.31
N PRO I 38 53.33 -18.27 19.20
CA PRO I 38 52.50 -19.15 20.03
C PRO I 38 51.34 -19.54 19.12
N ASP I 39 50.60 -20.58 19.47
CA ASP I 39 49.48 -20.97 18.62
C ASP I 39 48.39 -21.70 19.40
N ARG I 40 47.29 -21.97 18.71
CA ARG I 40 46.14 -22.65 19.30
C ARG I 40 46.48 -23.99 19.96
N THR I 41 47.33 -24.79 19.31
CA THR I 41 47.70 -26.10 19.83
C THR I 41 48.56 -26.03 21.09
N GLY I 42 49.36 -24.98 21.21
CA GLY I 42 50.20 -24.83 22.38
C GLY I 42 51.62 -25.36 22.22
N THR I 43 51.92 -25.95 21.07
CA THR I 43 53.26 -26.48 20.85
C THR I 43 54.17 -25.40 20.27
N GLY I 44 53.56 -24.39 19.65
CA GLY I 44 54.34 -23.30 19.08
C GLY I 44 54.81 -23.61 17.67
N THR I 45 55.11 -22.57 16.91
CA THR I 45 55.58 -22.73 15.53
C THR I 45 56.52 -21.61 15.13
N VAL I 46 57.03 -21.73 13.91
CA VAL I 46 57.89 -20.73 13.30
C VAL I 46 57.18 -20.49 11.98
N ALA I 47 56.83 -19.24 11.68
CA ALA I 47 56.08 -19.00 10.45
C ALA I 47 56.40 -17.75 9.65
N LEU I 48 55.87 -17.76 8.43
CA LEU I 48 56.00 -16.67 7.46
C LEU I 48 54.62 -16.49 6.85
N PHE I 49 54.24 -15.26 6.53
CA PHE I 49 52.93 -15.01 5.96
C PHE I 49 52.98 -14.76 4.46
N ALA I 50 52.02 -15.34 3.75
CA ALA I 50 51.90 -15.17 2.30
C ALA I 50 53.19 -15.31 1.50
N PRO I 51 53.89 -16.45 1.62
CA PRO I 51 55.13 -16.61 0.85
C PRO I 51 54.76 -16.91 -0.60
N PRO I 52 55.73 -16.84 -1.52
CA PRO I 52 55.44 -17.12 -2.93
C PRO I 52 54.68 -18.44 -3.08
N SER I 53 53.68 -18.46 -3.95
CA SER I 53 52.87 -19.66 -4.17
C SER I 53 53.65 -20.78 -4.84
N PHE I 54 53.14 -22.00 -4.70
CA PHE I 54 53.77 -23.17 -5.31
C PHE I 54 53.06 -23.46 -6.63
N ARG I 55 53.81 -23.95 -7.62
CA ARG I 55 53.26 -24.28 -8.92
C ARG I 55 53.70 -25.69 -9.29
N PHE I 56 52.74 -26.56 -9.58
CA PHE I 56 53.04 -27.94 -9.94
C PHE I 56 52.38 -28.31 -11.26
N SER I 57 53.16 -28.87 -12.18
CA SER I 57 52.64 -29.28 -13.48
C SER I 57 51.90 -30.61 -13.34
N LEU I 58 50.72 -30.68 -13.95
CA LEU I 58 49.92 -31.89 -13.90
C LEU I 58 49.86 -32.55 -15.27
N ALA I 59 50.67 -32.03 -16.19
CA ALA I 59 50.72 -32.56 -17.56
C ALA I 59 51.37 -33.94 -17.58
N ASP I 60 51.10 -34.70 -18.64
CA ASP I 60 51.66 -36.04 -18.79
C ASP I 60 51.30 -36.95 -17.61
N ASN I 61 50.09 -36.81 -17.11
CA ASN I 61 49.58 -37.61 -15.99
C ASN I 61 50.44 -37.51 -14.73
N THR I 62 51.16 -36.41 -14.58
CA THR I 62 52.02 -36.23 -13.42
C THR I 62 51.26 -35.96 -12.13
N LEU I 63 51.69 -36.59 -11.04
CA LEU I 63 51.08 -36.41 -9.73
C LEU I 63 52.16 -35.93 -8.76
N PRO I 64 52.06 -34.68 -8.28
CA PRO I 64 53.04 -34.13 -7.34
C PRO I 64 52.98 -34.73 -5.94
N LEU I 65 53.34 -36.00 -5.84
CA LEU I 65 53.35 -36.70 -4.57
C LEU I 65 54.79 -36.64 -4.07
N LEU I 66 55.02 -35.86 -3.02
CA LEU I 66 56.37 -35.70 -2.47
C LEU I 66 57.14 -37.01 -2.36
N THR I 67 58.43 -36.95 -2.70
CA THR I 67 59.28 -38.13 -2.67
C THR I 67 60.36 -38.11 -1.59
N THR I 68 60.61 -36.94 -0.99
CA THR I 68 61.64 -36.85 0.04
C THR I 68 61.22 -37.55 1.34
N LYS I 69 60.02 -38.13 1.32
CA LYS I 69 59.50 -38.87 2.46
C LYS I 69 58.32 -39.69 1.95
N ARG I 70 58.06 -40.83 2.59
CA ARG I 70 56.93 -41.65 2.16
C ARG I 70 55.62 -41.02 2.61
N VAL I 71 54.78 -40.69 1.63
CA VAL I 71 53.49 -40.07 1.92
C VAL I 71 52.39 -41.12 1.89
N PHE I 72 51.49 -41.07 2.87
CA PHE I 72 50.38 -42.02 2.97
C PHE I 72 49.39 -41.76 1.83
N LEU I 73 49.73 -42.21 0.64
CA LEU I 73 48.89 -42.03 -0.55
C LEU I 73 47.44 -42.47 -0.36
N ARG I 74 47.24 -43.70 0.12
CA ARG I 74 45.89 -44.22 0.34
C ARG I 74 45.10 -43.29 1.26
N GLY I 75 45.78 -42.71 2.22
CA GLY I 75 45.11 -41.81 3.15
C GLY I 75 44.63 -40.55 2.44
N VAL I 76 45.44 -40.06 1.50
CA VAL I 76 45.09 -38.86 0.74
C VAL I 76 43.86 -39.13 -0.11
N ILE I 77 43.88 -40.25 -0.82
CA ILE I 77 42.78 -40.64 -1.70
C ILE I 77 41.50 -40.85 -0.89
N ALA I 78 41.61 -41.61 0.21
CA ALA I 78 40.46 -41.89 1.05
C ALA I 78 39.82 -40.58 1.54
N GLU I 79 40.63 -39.66 2.04
CA GLU I 79 40.12 -38.39 2.53
C GLU I 79 39.43 -37.60 1.42
N LEU I 80 40.02 -37.61 0.24
CA LEU I 80 39.45 -36.87 -0.90
C LEU I 80 38.09 -37.40 -1.33
N LEU I 81 37.98 -38.71 -1.49
CA LEU I 81 36.72 -39.33 -1.88
C LEU I 81 35.69 -39.10 -0.78
N TRP I 82 36.21 -38.92 0.43
CA TRP I 82 35.39 -38.66 1.61
C TRP I 82 34.81 -37.25 1.47
N PHE I 83 35.65 -36.30 1.08
CA PHE I 83 35.20 -34.92 0.88
C PHE I 83 34.10 -34.90 -0.18
N VAL I 84 34.41 -35.49 -1.33
CA VAL I 84 33.51 -35.56 -2.46
C VAL I 84 32.14 -36.12 -2.08
N SER I 85 32.11 -37.16 -1.25
CA SER I 85 30.86 -37.77 -0.83
C SER I 85 30.03 -36.86 0.05
N GLY I 86 30.66 -35.79 0.54
CA GLY I 86 29.97 -34.85 1.41
C GLY I 86 29.85 -35.35 2.83
N CYS I 87 30.48 -36.49 3.11
CA CYS I 87 30.45 -37.09 4.44
C CYS I 87 31.32 -36.32 5.43
N THR I 88 30.87 -36.26 6.69
CA THR I 88 31.61 -35.55 7.72
C THR I 88 31.89 -36.44 8.94
N ASP I 89 31.71 -37.75 8.75
CA ASP I 89 31.95 -38.70 9.84
C ASP I 89 33.34 -39.32 9.69
N ALA I 90 34.24 -38.95 10.60
CA ALA I 90 35.61 -39.45 10.58
C ALA I 90 35.70 -40.98 10.69
N LYS I 91 34.66 -41.60 11.24
CA LYS I 91 34.66 -43.04 11.39
C LYS I 91 34.72 -43.71 10.03
N MET I 92 34.26 -43.01 8.99
CA MET I 92 34.26 -43.55 7.64
C MET I 92 35.70 -43.67 7.14
N LEU I 93 36.61 -42.92 7.75
CA LEU I 93 38.02 -42.96 7.37
C LEU I 93 38.77 -43.96 8.24
N SER I 94 38.53 -43.90 9.55
CA SER I 94 39.20 -44.81 10.48
C SER I 94 38.78 -46.26 10.24
N SER I 95 37.56 -46.46 9.75
CA SER I 95 37.06 -47.80 9.48
C SER I 95 37.83 -48.44 8.32
N GLN I 96 38.44 -47.60 7.48
CA GLN I 96 39.21 -48.10 6.36
C GLN I 96 40.71 -47.92 6.56
N GLY I 97 41.12 -47.81 7.82
CA GLY I 97 42.53 -47.66 8.14
C GLY I 97 43.16 -46.28 8.00
N VAL I 98 42.34 -45.24 7.98
CA VAL I 98 42.84 -43.88 7.86
C VAL I 98 42.42 -43.08 9.09
N GLY I 99 43.38 -42.75 9.94
CA GLY I 99 43.06 -42.00 11.15
C GLY I 99 43.54 -40.56 11.21
N ILE I 100 43.73 -39.93 10.06
CA ILE I 100 44.19 -38.55 10.03
C ILE I 100 43.26 -37.57 10.75
N TRP I 101 41.98 -37.92 10.82
CA TRP I 101 41.01 -37.07 11.50
C TRP I 101 40.55 -37.58 12.86
N ASP I 102 41.19 -38.63 13.35
CA ASP I 102 40.86 -39.20 14.66
C ASP I 102 41.16 -38.20 15.77
N GLY I 103 42.23 -37.44 15.60
CA GLY I 103 42.63 -36.47 16.60
C GLY I 103 41.60 -35.38 16.89
N ASN I 104 41.06 -34.76 15.83
CA ASN I 104 40.08 -33.70 16.01
C ASN I 104 38.66 -34.22 16.09
N GLY I 105 38.49 -35.53 15.91
CA GLY I 105 37.18 -36.13 15.97
C GLY I 105 36.98 -36.90 17.27
N SER I 106 38.02 -36.96 18.08
CA SER I 106 37.96 -37.67 19.36
C SER I 106 36.94 -37.04 20.29
N LYS I 107 36.36 -37.86 21.15
CA LYS I 107 35.36 -37.39 22.10
C LYS I 107 35.99 -36.36 23.02
N GLU I 108 37.30 -36.44 23.22
CA GLU I 108 38.02 -35.52 24.08
C GLU I 108 38.15 -34.13 23.47
N PHE I 109 38.52 -34.08 22.20
CA PHE I 109 38.69 -32.80 21.51
C PHE I 109 37.34 -32.11 21.31
N LEU I 110 36.34 -32.85 20.85
CA LEU I 110 35.02 -32.29 20.62
C LEU I 110 34.49 -31.60 21.87
N GLU I 111 34.53 -32.29 22.99
CA GLU I 111 34.06 -31.73 24.25
C GLU I 111 34.92 -30.52 24.62
N LYS I 112 36.18 -30.57 24.19
CA LYS I 112 37.13 -29.51 24.47
C LYS I 112 36.76 -28.20 23.76
N VAL I 113 36.20 -28.32 22.56
CA VAL I 113 35.79 -27.15 21.79
C VAL I 113 34.30 -26.82 21.90
N GLY I 114 33.65 -27.35 22.93
CA GLY I 114 32.24 -27.08 23.13
C GLY I 114 31.28 -27.86 22.27
N LEU I 115 31.72 -29.02 21.79
CA LEU I 115 30.87 -29.87 20.95
C LEU I 115 30.71 -31.25 21.58
N GLY I 116 30.48 -31.27 22.89
CA GLY I 116 30.33 -32.53 23.59
C GLY I 116 29.04 -33.29 23.31
N HIS I 117 28.06 -32.61 22.74
CA HIS I 117 26.77 -33.22 22.42
C HIS I 117 26.85 -34.12 21.20
N ARG I 118 28.01 -34.11 20.54
CA ARG I 118 28.19 -34.92 19.34
C ARG I 118 28.91 -36.24 19.63
N ARG I 119 28.59 -37.27 18.86
CA ARG I 119 29.22 -38.56 19.04
C ARG I 119 30.62 -38.48 18.45
N GLU I 120 31.53 -39.30 18.95
CA GLU I 120 32.90 -39.28 18.47
C GLU I 120 32.98 -39.48 16.96
N GLY I 121 33.74 -38.62 16.29
CA GLY I 121 33.88 -38.74 14.85
C GLY I 121 33.03 -37.76 14.07
N ASP I 122 32.01 -37.20 14.70
CA ASP I 122 31.13 -36.24 14.03
C ASP I 122 31.78 -34.86 14.07
N LEU I 123 32.55 -34.57 13.02
CA LEU I 123 33.28 -33.30 12.91
C LEU I 123 32.41 -32.08 12.67
N GLY I 124 31.17 -32.30 12.22
CA GLY I 124 30.29 -31.18 11.95
C GLY I 124 30.24 -30.86 10.47
N PRO I 125 29.68 -29.71 10.07
CA PRO I 125 29.59 -29.31 8.66
C PRO I 125 30.91 -28.85 8.05
N VAL I 126 31.89 -29.74 8.02
CA VAL I 126 33.20 -29.41 7.46
C VAL I 126 33.29 -29.65 5.95
N TYR I 127 34.49 -29.46 5.41
CA TYR I 127 34.79 -29.62 3.98
C TYR I 127 33.69 -30.23 3.10
N GLY I 128 33.62 -31.56 3.10
CA GLY I 128 32.64 -32.27 2.29
C GLY I 128 31.21 -31.73 2.32
N PHE I 129 30.72 -31.42 3.51
CA PHE I 129 29.36 -30.90 3.65
C PHE I 129 29.18 -29.56 2.95
N GLN I 130 30.13 -28.66 3.11
CA GLN I 130 30.05 -27.35 2.46
C GLN I 130 30.16 -27.51 0.94
N TRP I 131 31.05 -28.40 0.51
CA TRP I 131 31.27 -28.66 -0.90
C TRP I 131 30.01 -29.09 -1.67
N ARG I 132 29.22 -29.96 -1.05
CA ARG I 132 28.01 -30.47 -1.70
C ARG I 132 26.68 -29.96 -1.14
N HIS I 133 26.71 -29.34 0.04
CA HIS I 133 25.47 -28.86 0.66
C HIS I 133 25.62 -27.49 1.33
N PHE I 134 26.38 -26.59 0.73
CA PHE I 134 26.56 -25.27 1.33
C PHE I 134 25.22 -24.57 1.58
N GLY I 135 25.05 -24.08 2.81
CA GLY I 135 23.82 -23.38 3.15
C GLY I 135 22.79 -24.23 3.85
N ALA I 136 22.88 -25.55 3.68
CA ALA I 136 21.93 -26.46 4.30
C ALA I 136 22.07 -26.45 5.81
N GLU I 137 21.00 -26.81 6.51
CA GLU I 137 20.99 -26.86 7.96
C GLU I 137 21.65 -28.17 8.42
N TYR I 138 22.63 -28.06 9.30
CA TYR I 138 23.32 -29.25 9.80
C TYR I 138 22.77 -29.73 11.13
N THR I 139 22.46 -31.02 11.22
CA THR I 139 21.96 -31.61 12.44
C THR I 139 23.10 -32.44 13.02
N ASP I 140 23.37 -33.59 12.40
CA ASP I 140 24.47 -34.46 12.80
C ASP I 140 25.04 -35.11 11.54
N ALA I 141 26.01 -36.04 11.66
CA ALA I 141 26.56 -36.66 10.46
C ALA I 141 25.66 -37.66 9.75
N ASP I 142 24.58 -38.05 10.43
CA ASP I 142 23.64 -39.01 9.86
C ASP I 142 22.47 -38.32 9.17
N GLY I 143 22.43 -37.00 9.25
CA GLY I 143 21.36 -36.25 8.63
C GLY I 143 21.21 -36.49 7.14
N ASP I 144 19.98 -36.32 6.64
CA ASP I 144 19.70 -36.50 5.22
C ASP I 144 19.81 -35.15 4.53
N TYR I 145 20.91 -34.96 3.80
CA TYR I 145 21.16 -33.69 3.12
C TYR I 145 21.04 -33.78 1.61
N LYS I 146 20.67 -34.95 1.10
CA LYS I 146 20.54 -35.13 -0.35
C LYS I 146 19.59 -34.10 -0.94
N GLY I 147 20.08 -33.38 -1.95
CA GLY I 147 19.28 -32.36 -2.60
C GLY I 147 19.12 -31.08 -1.81
N LYS I 148 19.85 -30.96 -0.71
CA LYS I 148 19.78 -29.76 0.12
C LYS I 148 21.07 -28.95 0.03
N GLY I 149 20.92 -27.62 0.06
CA GLY I 149 22.08 -26.75 -0.02
C GLY I 149 22.60 -26.64 -1.44
N VAL I 150 23.69 -25.90 -1.62
CA VAL I 150 24.27 -25.72 -2.94
C VAL I 150 25.37 -26.73 -3.21
N ASP I 151 25.24 -27.45 -4.32
CA ASP I 151 26.24 -28.45 -4.70
C ASP I 151 27.29 -27.76 -5.57
N GLN I 152 28.26 -27.14 -4.91
CA GLN I 152 29.33 -26.43 -5.60
C GLN I 152 30.13 -27.32 -6.55
N LEU I 153 30.46 -28.52 -6.09
CA LEU I 153 31.25 -29.45 -6.89
C LEU I 153 30.62 -29.79 -8.23
N GLN I 154 29.36 -30.20 -8.23
CA GLN I 154 28.70 -30.54 -9.48
C GLN I 154 28.57 -29.32 -10.39
N ARG I 155 28.34 -28.15 -9.79
CA ARG I 155 28.22 -26.93 -10.58
C ARG I 155 29.54 -26.66 -11.29
N VAL I 156 30.64 -26.94 -10.60
CA VAL I 156 31.98 -26.75 -11.18
C VAL I 156 32.11 -27.65 -12.40
N ILE I 157 31.67 -28.90 -12.26
CA ILE I 157 31.73 -29.87 -13.35
C ILE I 157 30.90 -29.39 -14.53
N ASP I 158 29.66 -29.02 -14.26
CA ASP I 158 28.75 -28.55 -15.30
C ASP I 158 29.28 -27.30 -16.02
N THR I 159 29.85 -26.38 -15.25
CA THR I 159 30.39 -25.15 -15.80
C THR I 159 31.60 -25.37 -16.70
N ILE I 160 32.50 -26.25 -16.27
CA ILE I 160 33.69 -26.55 -17.05
C ILE I 160 33.32 -27.14 -18.40
N LYS I 161 32.26 -27.94 -18.41
CA LYS I 161 31.79 -28.59 -19.62
C LYS I 161 30.97 -27.71 -20.56
N ASN I 162 30.08 -26.89 -19.99
CA ASN I 162 29.20 -26.05 -20.80
C ASN I 162 29.52 -24.56 -20.90
N ASN I 163 30.38 -24.06 -20.01
CA ASN I 163 30.75 -22.65 -20.05
C ASN I 163 32.10 -22.47 -19.37
N PRO I 164 33.16 -23.07 -19.96
CA PRO I 164 34.55 -23.04 -19.49
C PRO I 164 35.16 -21.67 -19.22
N THR I 165 34.79 -20.65 -20.00
CA THR I 165 35.35 -19.32 -19.80
C THR I 165 34.72 -18.58 -18.64
N ASP I 166 33.77 -19.22 -17.95
CA ASP I 166 33.12 -18.60 -16.80
C ASP I 166 34.21 -18.26 -15.79
N ARG I 167 34.03 -17.16 -15.07
CA ARG I 167 35.01 -16.71 -14.10
C ARG I 167 34.61 -16.90 -12.64
N ARG I 168 33.63 -17.78 -12.42
CA ARG I 168 33.13 -18.07 -11.08
C ARG I 168 33.23 -19.56 -10.73
N ILE I 169 34.13 -20.29 -11.37
CA ILE I 169 34.28 -21.72 -11.10
C ILE I 169 34.97 -21.90 -9.76
N ILE I 170 34.22 -21.70 -8.68
CA ILE I 170 34.76 -21.79 -7.33
C ILE I 170 34.22 -22.94 -6.49
N LEU I 171 35.09 -23.50 -5.67
CA LEU I 171 34.75 -24.60 -4.76
C LEU I 171 35.26 -24.15 -3.39
N SER I 172 34.34 -23.75 -2.51
CA SER I 172 34.74 -23.27 -1.19
C SER I 172 34.05 -23.96 -0.02
N ALA I 173 34.80 -24.14 1.06
CA ALA I 173 34.29 -24.78 2.26
C ALA I 173 34.16 -23.77 3.39
N TRP I 174 34.61 -22.55 3.14
CA TRP I 174 34.53 -21.51 4.15
C TRP I 174 33.10 -21.03 4.35
N ASN I 175 32.61 -21.15 5.57
CA ASN I 175 31.25 -20.73 5.91
C ASN I 175 31.29 -20.10 7.30
N PRO I 176 31.38 -18.76 7.37
CA PRO I 176 31.43 -18.05 8.65
C PRO I 176 30.32 -18.43 9.62
N LYS I 177 29.14 -18.74 9.10
CA LYS I 177 28.01 -19.10 9.96
C LYS I 177 28.15 -20.49 10.59
N ASP I 178 28.71 -21.44 9.84
CA ASP I 178 28.87 -22.80 10.33
C ASP I 178 30.16 -23.06 11.11
N LEU I 179 31.12 -22.15 11.01
CA LEU I 179 32.40 -22.33 11.68
C LEU I 179 32.33 -22.88 13.11
N PRO I 180 31.55 -22.25 14.00
CA PRO I 180 31.45 -22.76 15.38
C PRO I 180 30.95 -24.20 15.51
N LEU I 181 30.31 -24.70 14.47
CA LEU I 181 29.80 -26.08 14.48
C LEU I 181 30.86 -27.06 13.99
N MET I 182 31.96 -26.50 13.49
CA MET I 182 33.06 -27.31 12.98
C MET I 182 34.11 -27.63 14.04
N ALA I 183 34.56 -28.88 14.04
CA ALA I 183 35.58 -29.31 15.00
C ALA I 183 36.84 -28.50 14.72
N LEU I 184 37.01 -28.11 13.46
CA LEU I 184 38.16 -27.35 13.03
C LEU I 184 37.79 -26.58 11.76
N PRO I 185 38.14 -25.28 11.69
CA PRO I 185 37.81 -24.49 10.50
C PRO I 185 38.61 -24.98 9.30
N PRO I 186 38.05 -24.86 8.09
CA PRO I 186 38.72 -25.30 6.86
C PRO I 186 40.10 -24.66 6.69
N CYS I 187 41.11 -25.47 6.41
CA CYS I 187 42.46 -24.96 6.19
C CYS I 187 42.51 -24.58 4.72
N HIS I 188 42.20 -25.53 3.84
CA HIS I 188 42.15 -25.23 2.42
C HIS I 188 40.71 -24.75 2.26
N MET I 189 40.52 -23.44 2.41
CA MET I 189 39.20 -22.84 2.35
C MET I 189 38.50 -22.72 1.00
N PHE I 190 39.25 -22.84 -0.10
CA PHE I 190 38.63 -22.75 -1.41
C PHE I 190 39.66 -22.86 -2.51
N CYS I 191 39.17 -23.11 -3.73
CA CYS I 191 40.03 -23.23 -4.89
C CYS I 191 39.24 -22.73 -6.10
N GLN I 192 39.96 -22.33 -7.14
CA GLN I 192 39.34 -21.84 -8.36
C GLN I 192 39.92 -22.58 -9.57
N PHE I 193 39.04 -23.06 -10.43
CA PHE I 193 39.48 -23.78 -11.63
C PHE I 193 39.46 -22.85 -12.82
N PHE I 194 40.35 -23.10 -13.76
CA PHE I 194 40.46 -22.30 -14.98
C PHE I 194 40.62 -23.24 -16.17
N VAL I 195 39.92 -22.94 -17.26
CA VAL I 195 39.99 -23.78 -18.45
C VAL I 195 40.53 -23.02 -19.66
N SER I 196 41.64 -23.51 -20.21
CA SER I 196 42.22 -22.88 -21.38
C SER I 196 41.62 -23.54 -22.61
N LEU I 197 41.08 -22.73 -23.52
CA LEU I 197 40.46 -23.24 -24.73
C LEU I 197 41.52 -23.79 -25.69
N PRO I 198 41.12 -24.75 -26.54
CA PRO I 198 42.04 -25.36 -27.51
C PRO I 198 42.63 -24.31 -28.44
N PRO I 199 43.96 -24.35 -28.65
CA PRO I 199 44.62 -23.39 -29.53
C PRO I 199 44.07 -23.44 -30.95
N PRO I 203 42.07 -27.27 -32.91
CA PRO I 203 40.82 -27.15 -32.15
C PRO I 203 40.28 -28.50 -31.68
N GLY I 204 40.99 -29.57 -32.03
CA GLY I 204 40.57 -30.90 -31.62
C GLY I 204 41.12 -31.30 -30.26
N SER I 205 42.16 -30.60 -29.82
CA SER I 205 42.78 -30.89 -28.53
C SER I 205 41.81 -30.65 -27.39
N LYS I 206 42.11 -31.25 -26.23
CA LYS I 206 41.28 -31.10 -25.05
C LYS I 206 41.63 -29.80 -24.32
N PRO I 207 40.61 -29.10 -23.79
CA PRO I 207 40.90 -27.86 -23.07
C PRO I 207 41.77 -28.19 -21.87
N LYS I 208 42.62 -27.25 -21.45
CA LYS I 208 43.49 -27.51 -20.31
C LYS I 208 42.87 -26.99 -19.01
N LEU I 209 42.91 -27.84 -17.97
CA LEU I 209 42.33 -27.48 -16.68
C LEU I 209 43.40 -27.18 -15.64
N SER I 210 43.24 -26.04 -14.96
CA SER I 210 44.17 -25.63 -13.91
C SER I 210 43.39 -25.40 -12.62
N CYS I 211 44.11 -25.41 -11.50
CA CYS I 211 43.48 -25.23 -10.20
C CYS I 211 44.35 -24.44 -9.23
N LEU I 212 43.75 -23.42 -8.61
CA LEU I 212 44.47 -22.61 -7.64
C LEU I 212 43.73 -22.77 -6.32
N MET I 213 44.46 -23.20 -5.29
CA MET I 213 43.87 -23.40 -3.97
C MET I 213 44.56 -22.50 -2.96
N TYR I 214 43.77 -21.91 -2.07
CA TYR I 214 44.30 -21.02 -1.05
C TYR I 214 44.14 -21.67 0.32
N GLN I 215 45.25 -21.80 1.04
CA GLN I 215 45.25 -22.42 2.35
C GLN I 215 45.60 -21.37 3.42
N ARG I 216 44.65 -21.07 4.30
CA ARG I 216 44.86 -20.07 5.35
C ARG I 216 45.93 -20.43 6.37
N SER I 217 45.98 -21.71 6.74
CA SER I 217 46.93 -22.20 7.71
C SER I 217 47.59 -23.46 7.15
N CYS I 218 48.92 -23.47 7.10
CA CYS I 218 49.62 -24.60 6.51
C CYS I 218 50.68 -25.29 7.37
N ASP I 219 50.42 -26.52 7.75
CA ASP I 219 51.35 -27.32 8.53
C ASP I 219 52.23 -27.97 7.49
N LEU I 220 53.35 -27.34 7.14
CA LEU I 220 54.23 -27.88 6.12
C LEU I 220 54.72 -29.30 6.36
N GLY I 221 55.01 -29.62 7.61
CA GLY I 221 55.49 -30.95 7.91
C GLY I 221 54.49 -32.05 7.61
N LEU I 222 53.28 -31.92 8.15
CA LEU I 222 52.25 -32.94 7.95
C LEU I 222 51.12 -32.60 6.98
N GLY I 223 50.60 -31.38 7.04
CA GLY I 223 49.50 -30.99 6.18
C GLY I 223 49.78 -30.79 4.70
N VAL I 224 50.63 -29.82 4.38
CA VAL I 224 50.96 -29.50 3.01
C VAL I 224 51.18 -30.69 2.07
N PRO I 225 51.92 -31.72 2.53
CA PRO I 225 52.13 -32.87 1.64
C PRO I 225 50.80 -33.48 1.18
N PHE I 226 49.84 -33.57 2.11
CA PHE I 226 48.53 -34.11 1.79
C PHE I 226 47.74 -33.15 0.90
N ASN I 227 47.73 -31.88 1.29
CA ASN I 227 47.01 -30.85 0.55
C ASN I 227 47.42 -30.78 -0.92
N ILE I 228 48.72 -30.83 -1.18
CA ILE I 228 49.22 -30.77 -2.55
C ILE I 228 48.73 -31.95 -3.38
N ALA I 229 48.93 -33.16 -2.88
CA ALA I 229 48.48 -34.35 -3.59
C ALA I 229 46.97 -34.40 -3.72
N SER I 230 46.27 -33.98 -2.67
CA SER I 230 44.82 -34.00 -2.68
C SER I 230 44.21 -33.16 -3.81
N TYR I 231 44.55 -31.88 -3.85
CA TYR I 231 44.01 -31.00 -4.89
C TYR I 231 44.51 -31.36 -6.28
N ALA I 232 45.69 -31.97 -6.34
CA ALA I 232 46.23 -32.38 -7.63
C ALA I 232 45.35 -33.52 -8.13
N LEU I 233 45.00 -34.42 -7.20
CA LEU I 233 44.15 -35.56 -7.54
C LEU I 233 42.74 -35.11 -7.91
N LEU I 234 42.24 -34.12 -7.18
CA LEU I 234 40.89 -33.61 -7.44
C LEU I 234 40.83 -33.05 -8.86
N THR I 235 41.90 -32.37 -9.27
CA THR I 235 41.97 -31.79 -10.60
C THR I 235 41.97 -32.89 -11.65
N HIS I 236 42.70 -33.96 -11.38
CA HIS I 236 42.76 -35.10 -12.30
C HIS I 236 41.38 -35.72 -12.42
N MET I 237 40.71 -35.87 -11.28
CA MET I 237 39.37 -36.44 -11.25
C MET I 237 38.40 -35.62 -12.09
N ILE I 238 38.36 -34.32 -11.82
CA ILE I 238 37.48 -33.41 -12.55
C ILE I 238 37.80 -33.39 -14.04
N ALA I 239 39.08 -33.47 -14.36
CA ALA I 239 39.52 -33.47 -15.75
C ALA I 239 38.93 -34.65 -16.52
N LEU I 240 38.89 -35.81 -15.87
CA LEU I 240 38.37 -37.02 -16.48
C LEU I 240 36.87 -36.90 -16.77
N ILE I 241 36.13 -36.37 -15.81
CA ILE I 241 34.69 -36.21 -15.95
C ILE I 241 34.27 -35.11 -16.91
N THR I 242 35.13 -34.11 -17.09
CA THR I 242 34.83 -32.99 -17.96
C THR I 242 35.53 -33.03 -19.32
N ASP I 243 36.23 -34.13 -19.60
CA ASP I 243 36.94 -34.29 -20.86
C ASP I 243 37.98 -33.19 -21.07
N THR I 244 38.66 -32.81 -19.99
CA THR I 244 39.69 -31.79 -20.08
C THR I 244 41.03 -32.41 -19.69
N GLU I 245 42.11 -31.71 -19.99
CA GLU I 245 43.45 -32.20 -19.70
C GLU I 245 44.07 -31.44 -18.53
N PRO I 246 44.42 -32.15 -17.44
CA PRO I 246 45.02 -31.48 -16.28
C PRO I 246 46.28 -30.73 -16.72
N HIS I 247 46.40 -29.49 -16.28
CA HIS I 247 47.54 -28.67 -16.67
C HIS I 247 48.44 -28.19 -15.54
N GLU I 248 47.88 -27.39 -14.63
CA GLU I 248 48.68 -26.87 -13.54
C GLU I 248 47.90 -26.69 -12.23
N PHE I 249 48.62 -26.86 -11.12
CA PHE I 249 48.03 -26.68 -9.80
C PHE I 249 48.84 -25.64 -9.04
N ILE I 250 48.16 -24.59 -8.60
CA ILE I 250 48.82 -23.52 -7.86
C ILE I 250 48.32 -23.52 -6.42
N LEU I 251 49.26 -23.37 -5.49
CA LEU I 251 48.92 -23.36 -4.06
C LEU I 251 49.44 -22.10 -3.38
N GLN I 252 48.51 -21.26 -2.93
CA GLN I 252 48.87 -20.03 -2.23
C GLN I 252 48.64 -20.23 -0.75
N MET I 253 49.64 -19.90 0.06
CA MET I 253 49.54 -20.07 1.50
C MET I 253 49.38 -18.77 2.26
N GLY I 254 48.70 -18.86 3.40
CA GLY I 254 48.50 -17.71 4.25
C GLY I 254 49.53 -17.86 5.35
N ASP I 255 49.11 -18.45 6.48
CA ASP I 255 50.01 -18.66 7.60
C ASP I 255 50.77 -19.96 7.36
N ALA I 256 51.97 -19.84 6.79
CA ALA I 256 52.83 -20.99 6.50
C ALA I 256 53.74 -21.21 7.69
N HIS I 257 53.58 -22.35 8.37
CA HIS I 257 54.38 -22.64 9.55
C HIS I 257 54.95 -24.04 9.67
N VAL I 258 55.94 -24.17 10.54
CA VAL I 258 56.60 -25.43 10.83
C VAL I 258 56.54 -25.58 12.36
N TYR I 259 55.84 -26.60 12.83
CA TYR I 259 55.73 -26.81 14.27
C TYR I 259 57.09 -27.05 14.91
N ARG I 260 57.25 -26.57 16.14
CA ARG I 260 58.50 -26.70 16.88
C ARG I 260 59.05 -28.12 16.90
N ASP I 261 58.17 -29.10 17.13
CA ASP I 261 58.58 -30.49 17.19
C ASP I 261 58.75 -31.16 15.82
N HIS I 262 58.73 -30.35 14.76
CA HIS I 262 58.90 -30.87 13.40
C HIS I 262 60.23 -30.42 12.81
N VAL I 263 60.83 -29.40 13.40
CA VAL I 263 62.11 -28.86 12.92
C VAL I 263 63.18 -29.92 12.70
N GLU I 264 63.53 -30.67 13.74
CA GLU I 264 64.56 -31.69 13.62
C GLU I 264 64.21 -32.77 12.59
N PRO I 265 62.98 -33.31 12.66
CA PRO I 265 62.62 -34.35 11.69
C PRO I 265 62.71 -33.86 10.24
N LEU I 266 62.33 -32.61 10.02
CA LEU I 266 62.38 -32.03 8.68
C LEU I 266 63.80 -31.80 8.18
N LYS I 267 64.72 -31.51 9.10
CA LYS I 267 66.12 -31.29 8.73
C LYS I 267 66.66 -32.54 8.05
N THR I 268 66.19 -33.70 8.49
CA THR I 268 66.61 -34.97 7.91
C THR I 268 66.09 -35.06 6.48
N GLN I 269 64.85 -34.63 6.28
CA GLN I 269 64.23 -34.67 4.96
C GLN I 269 64.89 -33.69 4.00
N LEU I 270 65.33 -32.55 4.51
CA LEU I 270 65.98 -31.54 3.69
C LEU I 270 67.28 -32.02 3.05
N GLU I 271 67.84 -33.09 3.60
CA GLU I 271 69.08 -33.65 3.09
C GLU I 271 68.86 -34.57 1.89
N ARG I 272 67.61 -34.95 1.65
CA ARG I 272 67.28 -35.85 0.56
C ARG I 272 67.00 -35.19 -0.78
N GLU I 273 67.45 -35.85 -1.85
CA GLU I 273 67.26 -35.36 -3.21
C GLU I 273 65.98 -36.00 -3.76
N PRO I 274 65.06 -35.17 -4.27
CA PRO I 274 63.80 -35.65 -4.83
C PRO I 274 63.93 -36.61 -6.01
N ARG I 275 62.98 -37.53 -6.11
CA ARG I 275 62.94 -38.49 -7.20
C ARG I 275 61.85 -37.95 -8.13
N ASP I 276 61.87 -38.32 -9.41
CA ASP I 276 60.85 -37.84 -10.34
C ASP I 276 59.47 -38.20 -9.80
N PHE I 277 58.51 -37.29 -9.94
CA PHE I 277 57.15 -37.53 -9.47
C PHE I 277 56.54 -38.71 -10.19
N PRO I 278 55.62 -39.42 -9.52
CA PRO I 278 54.94 -40.59 -10.13
C PRO I 278 53.86 -40.12 -11.08
N LYS I 279 53.23 -41.05 -11.78
CA LYS I 279 52.17 -40.71 -12.72
C LYS I 279 50.86 -41.38 -12.31
N LEU I 280 49.75 -40.72 -12.63
CA LEU I 280 48.43 -41.24 -12.29
C LEU I 280 47.73 -41.86 -13.50
N LYS I 281 47.13 -43.02 -13.29
CA LYS I 281 46.40 -43.72 -14.34
C LYS I 281 45.09 -44.20 -13.74
N TRP I 282 44.05 -44.31 -14.56
CA TRP I 282 42.75 -44.76 -14.07
C TRP I 282 42.55 -46.25 -14.36
N ALA I 283 42.05 -46.97 -13.36
CA ALA I 283 41.80 -48.41 -13.51
C ALA I 283 40.53 -48.66 -14.31
N ARG I 284 39.72 -47.63 -14.48
CA ARG I 284 38.47 -47.74 -15.22
C ARG I 284 38.32 -46.56 -16.17
N SER I 285 37.35 -46.65 -17.08
CA SER I 285 37.11 -45.59 -18.05
C SER I 285 36.16 -44.53 -17.50
N LYS I 286 36.06 -43.41 -18.21
CA LYS I 286 35.18 -42.32 -17.84
C LYS I 286 33.74 -42.82 -17.73
N GLU I 287 33.34 -43.60 -18.73
CA GLU I 287 31.99 -44.16 -18.77
C GLU I 287 31.69 -45.04 -17.57
N GLU I 288 32.66 -45.89 -17.21
CA GLU I 288 32.48 -46.80 -16.08
C GLU I 288 32.36 -46.02 -14.77
N ILE I 289 33.24 -45.04 -14.58
CA ILE I 289 33.21 -44.24 -13.37
C ILE I 289 31.93 -43.41 -13.35
N GLY I 290 31.52 -42.92 -14.53
CA GLY I 290 30.30 -42.16 -14.62
C GLY I 290 30.41 -40.68 -14.32
N ASP I 291 30.40 -40.33 -13.04
CA ASP I 291 30.51 -38.94 -12.63
C ASP I 291 31.49 -38.76 -11.47
N ILE I 292 31.53 -37.56 -10.91
CA ILE I 292 32.44 -37.25 -9.81
C ILE I 292 32.18 -38.11 -8.57
N ASP I 293 30.97 -38.65 -8.45
CA ASP I 293 30.62 -39.48 -7.30
C ASP I 293 30.84 -40.97 -7.53
N GLY I 294 31.41 -41.32 -8.69
CA GLY I 294 31.64 -42.72 -9.00
C GLY I 294 33.05 -43.25 -8.82
N PHE I 295 33.95 -42.44 -8.26
CA PHE I 295 35.32 -42.88 -8.07
C PHE I 295 35.49 -43.79 -6.86
N LYS I 296 36.46 -44.69 -6.95
CA LYS I 296 36.77 -45.64 -5.88
C LYS I 296 38.28 -45.60 -5.65
N VAL I 297 38.72 -45.92 -4.44
CA VAL I 297 40.14 -45.92 -4.12
C VAL I 297 40.96 -46.70 -5.14
N GLU I 298 40.49 -47.90 -5.48
CA GLU I 298 41.18 -48.76 -6.43
C GLU I 298 41.27 -48.22 -7.86
N ASP I 299 40.53 -47.14 -8.14
CA ASP I 299 40.56 -46.56 -9.47
C ASP I 299 41.86 -45.79 -9.68
N PHE I 300 42.45 -45.31 -8.60
CA PHE I 300 43.69 -44.55 -8.67
C PHE I 300 44.94 -45.43 -8.77
N VAL I 301 45.50 -45.52 -9.98
CA VAL I 301 46.70 -46.32 -10.20
C VAL I 301 47.92 -45.41 -10.31
N VAL I 302 48.63 -45.27 -9.19
CA VAL I 302 49.84 -44.44 -9.15
C VAL I 302 51.07 -45.30 -9.43
N GLU I 303 51.74 -45.02 -10.54
CA GLU I 303 52.94 -45.79 -10.91
C GLU I 303 54.19 -44.94 -10.90
N GLY I 304 55.32 -45.58 -10.57
CA GLY I 304 56.59 -44.88 -10.54
C GLY I 304 56.88 -44.11 -9.25
N TYR I 305 56.12 -44.37 -8.20
CA TYR I 305 56.35 -43.68 -6.93
C TYR I 305 57.56 -44.30 -6.24
N LYS I 306 58.62 -43.52 -6.09
CA LYS I 306 59.85 -44.00 -5.46
C LYS I 306 60.35 -43.01 -4.42
N PRO I 307 59.70 -42.98 -3.25
CA PRO I 307 60.06 -42.08 -2.15
C PRO I 307 61.14 -42.62 -1.23
N TRP I 308 61.67 -41.74 -0.39
CA TRP I 308 62.67 -42.14 0.58
C TRP I 308 61.90 -42.66 1.78
N GLY I 309 62.60 -42.99 2.86
CA GLY I 309 61.93 -43.49 4.04
C GLY I 309 60.95 -42.53 4.68
N LYS I 310 60.08 -43.08 5.53
CA LYS I 310 59.09 -42.26 6.21
C LYS I 310 59.77 -41.41 7.27
N ILE I 311 59.15 -40.29 7.60
CA ILE I 311 59.68 -39.40 8.62
C ILE I 311 58.58 -39.16 9.64
N ASP I 312 58.81 -39.63 10.86
CA ASP I 312 57.82 -39.49 11.92
C ASP I 312 57.67 -38.05 12.42
N MET I 313 56.43 -37.59 12.45
CA MET I 313 56.11 -36.26 12.94
C MET I 313 54.76 -36.30 13.64
N LYS I 314 54.73 -35.80 14.87
CA LYS I 314 53.51 -35.80 15.67
C LYS I 314 52.61 -34.63 15.29
N MET I 315 51.31 -34.90 15.20
CA MET I 315 50.34 -33.87 14.86
C MET I 315 49.84 -33.20 16.13
N SER I 316 49.78 -31.87 16.12
CA SER I 316 49.31 -31.13 17.27
C SER I 316 47.81 -30.88 17.13
N ALA I 317 47.03 -31.45 18.04
CA ALA I 317 45.57 -31.32 18.03
C ALA I 317 45.12 -29.89 18.32
N PRO J 16 63.71 1.18 -10.75
CA PRO J 16 63.23 -0.12 -11.28
C PRO J 16 62.56 -0.95 -10.19
N ASP J 17 62.73 -0.53 -8.94
CA ASP J 17 62.14 -1.24 -7.82
C ASP J 17 60.77 -0.69 -7.41
N HIS J 18 60.29 0.32 -8.14
CA HIS J 18 59.00 0.89 -7.83
C HIS J 18 57.94 -0.21 -7.95
N GLU J 19 57.17 -0.40 -6.88
CA GLU J 19 56.14 -1.42 -6.83
C GLU J 19 55.09 -1.33 -7.94
N GLU J 20 54.88 -0.14 -8.49
CA GLU J 20 53.87 0.02 -9.54
C GLU J 20 54.22 -0.74 -10.81
N TYR J 21 55.50 -1.06 -10.98
CA TYR J 21 55.93 -1.80 -12.17
C TYR J 21 55.33 -3.20 -12.20
N GLN J 22 54.96 -3.72 -11.03
CA GLN J 22 54.34 -5.04 -10.93
C GLN J 22 53.07 -5.00 -11.76
N TYR J 23 52.29 -3.95 -11.56
CA TYR J 23 51.03 -3.74 -12.27
C TYR J 23 51.26 -3.53 -13.77
N LEU J 24 52.20 -2.65 -14.09
CA LEU J 24 52.51 -2.35 -15.49
C LEU J 24 53.06 -3.57 -16.23
N ASP J 25 53.98 -4.28 -15.59
CA ASP J 25 54.58 -5.47 -16.19
C ASP J 25 53.56 -6.57 -16.47
N LEU J 26 52.64 -6.78 -15.53
CA LEU J 26 51.62 -7.82 -15.72
C LEU J 26 50.73 -7.50 -16.91
N ILE J 27 50.34 -6.24 -17.05
CA ILE J 27 49.50 -5.82 -18.16
C ILE J 27 50.24 -6.06 -19.47
N ARG J 28 51.52 -5.69 -19.50
CA ARG J 28 52.34 -5.87 -20.69
C ARG J 28 52.41 -7.35 -21.04
N ARG J 29 52.57 -8.19 -20.02
CA ARG J 29 52.65 -9.63 -20.24
C ARG J 29 51.34 -10.20 -20.75
N ILE J 30 50.22 -9.78 -20.16
CA ILE J 30 48.91 -10.25 -20.58
C ILE J 30 48.65 -9.92 -22.04
N ILE J 31 48.97 -8.68 -22.43
CA ILE J 31 48.77 -8.25 -23.81
C ILE J 31 49.66 -9.06 -24.76
N ASN J 32 50.89 -9.32 -24.33
CA ASN J 32 51.85 -10.07 -25.13
C ASN J 32 51.57 -11.55 -25.28
N VAL J 33 51.49 -12.28 -24.16
CA VAL J 33 51.25 -13.72 -24.22
C VAL J 33 49.91 -14.18 -23.67
N GLY J 34 49.03 -13.24 -23.34
CA GLY J 34 47.73 -13.60 -22.81
C GLY J 34 46.90 -14.37 -23.84
N GLU J 35 45.89 -15.09 -23.34
CA GLU J 35 45.02 -15.87 -24.22
C GLU J 35 43.73 -15.12 -24.51
N VAL J 36 43.41 -14.97 -25.79
CA VAL J 36 42.18 -14.28 -26.20
C VAL J 36 41.00 -15.17 -25.84
N ARG J 37 40.06 -14.62 -25.08
CA ARG J 37 38.91 -15.40 -24.64
C ARG J 37 37.59 -14.66 -24.66
N PRO J 38 36.48 -15.38 -24.84
CA PRO J 38 35.14 -14.80 -24.85
C PRO J 38 34.80 -14.60 -23.38
N ASP J 39 33.79 -13.80 -23.07
CA ASP J 39 33.43 -13.60 -21.67
C ASP J 39 31.97 -13.22 -21.49
N ARG J 40 31.55 -13.16 -20.23
CA ARG J 40 30.18 -12.82 -19.87
C ARG J 40 29.69 -11.50 -20.48
N THR J 41 30.53 -10.48 -20.45
CA THR J 41 30.16 -9.16 -20.97
C THR J 41 29.98 -9.13 -22.48
N GLY J 42 30.72 -9.97 -23.18
CA GLY J 42 30.61 -10.01 -24.63
C GLY J 42 31.63 -9.17 -25.38
N THR J 43 32.45 -8.42 -24.65
CA THR J 43 33.45 -7.57 -25.28
C THR J 43 34.74 -8.36 -25.53
N GLY J 44 34.94 -9.42 -24.78
CA GLY J 44 36.13 -10.24 -24.94
C GLY J 44 37.32 -9.73 -24.15
N THR J 45 38.27 -10.61 -23.86
CA THR J 45 39.46 -10.23 -23.10
C THR J 45 40.66 -11.08 -23.49
N VAL J 46 41.81 -10.72 -22.92
CA VAL J 46 43.06 -11.44 -23.12
C VAL J 46 43.45 -11.73 -21.66
N ALA J 47 43.67 -12.99 -21.33
CA ALA J 47 43.97 -13.30 -19.93
C ALA J 47 45.03 -14.36 -19.63
N LEU J 48 45.42 -14.37 -18.36
CA LEU J 48 46.39 -15.32 -17.81
C LEU J 48 45.84 -15.76 -16.46
N PHE J 49 46.01 -17.02 -16.11
CA PHE J 49 45.50 -17.52 -14.84
C PHE J 49 46.57 -17.64 -13.76
N ALA J 50 46.22 -17.22 -12.55
CA ALA J 50 47.09 -17.28 -11.40
C ALA J 50 48.52 -16.78 -11.60
N PRO J 51 48.68 -15.51 -12.03
CA PRO J 51 50.04 -15.00 -12.22
C PRO J 51 50.64 -14.71 -10.85
N PRO J 52 51.96 -14.45 -10.78
CA PRO J 52 52.58 -14.14 -9.49
C PRO J 52 51.82 -13.02 -8.78
N SER J 53 51.66 -13.16 -7.47
CA SER J 53 50.94 -12.16 -6.68
C SER J 53 51.68 -10.83 -6.57
N PHE J 54 50.94 -9.77 -6.26
CA PHE J 54 51.52 -8.44 -6.09
C PHE J 54 51.78 -8.21 -4.61
N ARG J 55 52.86 -7.50 -4.30
CA ARG J 55 53.21 -7.21 -2.92
C ARG J 55 53.46 -5.71 -2.81
N PHE J 56 52.75 -5.06 -1.89
CA PHE J 56 52.89 -3.63 -1.68
C PHE J 56 53.20 -3.31 -0.22
N SER J 57 54.19 -2.47 0.00
CA SER J 57 54.57 -2.09 1.35
C SER J 57 53.65 -1.00 1.86
N LEU J 58 53.15 -1.16 3.08
CA LEU J 58 52.26 -0.19 3.68
C LEU J 58 52.96 0.55 4.82
N ALA J 59 54.26 0.34 4.93
CA ALA J 59 55.07 0.98 5.96
C ALA J 59 55.22 2.47 5.68
N ASP J 60 55.53 3.24 6.72
CA ASP J 60 55.71 4.68 6.60
C ASP J 60 54.48 5.36 6.00
N ASN J 61 53.30 4.92 6.43
CA ASN J 61 52.02 5.48 5.98
C ASN J 61 51.86 5.47 4.46
N THR J 62 52.55 4.57 3.78
CA THR J 62 52.46 4.50 2.32
C THR J 62 51.15 3.94 1.82
N LEU J 63 50.59 4.57 0.79
CA LEU J 63 49.35 4.15 0.17
C LEU J 63 49.62 3.86 -1.31
N PRO J 64 49.54 2.58 -1.70
CA PRO J 64 49.77 2.17 -3.09
C PRO J 64 48.70 2.61 -4.08
N LEU J 65 48.58 3.93 -4.27
CA LEU J 65 47.61 4.49 -5.20
C LEU J 65 48.34 4.73 -6.51
N LEU J 66 48.00 3.96 -7.54
CA LEU J 66 48.66 4.06 -8.85
C LEU J 66 48.84 5.50 -9.32
N THR J 67 50.02 5.78 -9.87
CA THR J 67 50.36 7.11 -10.34
C THR J 67 50.48 7.23 -11.86
N THR J 68 50.51 6.12 -12.58
CA THR J 68 50.62 6.17 -14.03
C THR J 68 49.31 6.62 -14.69
N LYS J 69 48.33 6.96 -13.85
CA LYS J 69 47.04 7.45 -14.30
C LYS J 69 46.30 7.99 -13.09
N ARG J 70 45.45 8.99 -13.28
CA ARG J 70 44.71 9.56 -12.17
C ARG J 70 43.62 8.60 -11.72
N VAL J 71 43.70 8.17 -10.47
CA VAL J 71 42.72 7.25 -9.90
C VAL J 71 41.70 8.01 -9.06
N PHE J 72 40.43 7.68 -9.24
CA PHE J 72 39.34 8.32 -8.51
C PHE J 72 39.41 7.94 -7.03
N LEU J 73 40.34 8.57 -6.31
CA LEU J 73 40.53 8.29 -4.89
C LEU J 73 39.24 8.37 -4.07
N ARG J 74 38.52 9.47 -4.19
CA ARG J 74 37.28 9.65 -3.44
C ARG J 74 36.31 8.50 -3.69
N GLY J 75 36.31 7.99 -4.92
CA GLY J 75 35.43 6.89 -5.26
C GLY J 75 35.84 5.62 -4.52
N VAL J 76 37.14 5.40 -4.40
CA VAL J 76 37.66 4.22 -3.71
C VAL J 76 37.25 4.27 -2.24
N ILE J 77 37.52 5.41 -1.60
CA ILE J 77 37.18 5.61 -0.19
C ILE J 77 35.67 5.45 0.04
N ALA J 78 34.88 6.10 -0.79
CA ALA J 78 33.43 6.03 -0.65
C ALA J 78 32.94 4.59 -0.70
N GLU J 79 33.39 3.83 -1.70
CA GLU J 79 32.99 2.44 -1.84
C GLU J 79 33.40 1.61 -0.63
N LEU J 80 34.60 1.88 -0.11
CA LEU J 80 35.11 1.14 1.05
C LEU J 80 34.27 1.37 2.29
N LEU J 81 33.96 2.63 2.58
CA LEU J 81 33.15 2.96 3.76
C LEU J 81 31.75 2.40 3.56
N TRP J 82 31.38 2.26 2.29
CA TRP J 82 30.09 1.72 1.90
C TRP J 82 30.07 0.23 2.24
N PHE J 83 31.17 -0.46 1.95
CA PHE J 83 31.28 -1.89 2.24
C PHE J 83 31.17 -2.06 3.75
N VAL J 84 32.02 -1.34 4.48
CA VAL J 84 32.06 -1.39 5.93
C VAL J 84 30.71 -1.20 6.59
N SER J 85 29.91 -0.27 6.06
CA SER J 85 28.60 0.00 6.63
C SER J 85 27.66 -1.18 6.43
N GLY J 86 28.00 -2.07 5.50
CA GLY J 86 27.16 -3.22 5.24
C GLY J 86 26.04 -2.89 4.26
N CYS J 87 26.05 -1.66 3.76
CA CYS J 87 25.04 -1.19 2.82
C CYS J 87 25.20 -1.84 1.45
N THR J 88 24.08 -2.10 0.78
CA THR J 88 24.11 -2.72 -0.55
C THR J 88 23.31 -1.90 -1.55
N ASP J 89 23.03 -0.66 -1.21
CA ASP J 89 22.28 0.22 -2.09
C ASP J 89 23.25 1.14 -2.83
N ALA J 90 23.35 0.96 -4.14
CA ALA J 90 24.25 1.75 -4.98
C ALA J 90 23.92 3.23 -4.99
N LYS J 91 22.67 3.56 -4.68
CA LYS J 91 22.24 4.96 -4.66
C LYS J 91 23.01 5.73 -3.59
N MET J 92 23.51 5.02 -2.59
CA MET J 92 24.27 5.65 -1.52
C MET J 92 25.63 6.13 -2.04
N LEU J 93 26.03 5.59 -3.18
CA LEU J 93 27.30 5.99 -3.79
C LEU J 93 27.04 7.06 -4.84
N SER J 94 26.04 6.84 -5.69
CA SER J 94 25.71 7.79 -6.74
C SER J 94 25.23 9.13 -6.16
N SER J 95 24.60 9.08 -4.98
CA SER J 95 24.11 10.30 -4.34
C SER J 95 25.28 11.19 -3.90
N GLN J 96 26.46 10.59 -3.74
CA GLN J 96 27.62 11.36 -3.34
C GLN J 96 28.63 11.51 -4.49
N GLY J 97 28.13 11.37 -5.71
CA GLY J 97 28.97 11.52 -6.89
C GLY J 97 29.84 10.36 -7.32
N VAL J 98 29.53 9.15 -6.83
CA VAL J 98 30.29 7.97 -7.20
C VAL J 98 29.38 6.98 -7.93
N GLY J 99 29.60 6.81 -9.22
CA GLY J 99 28.77 5.91 -9.99
C GLY J 99 29.40 4.61 -10.48
N ILE J 100 30.44 4.14 -9.80
CA ILE J 100 31.10 2.91 -10.21
C ILE J 100 30.17 1.69 -10.22
N TRP J 101 29.12 1.73 -9.40
CA TRP J 101 28.17 0.62 -9.35
C TRP J 101 26.84 0.92 -10.04
N ASP J 102 26.77 2.03 -10.76
CA ASP J 102 25.54 2.39 -11.47
C ASP J 102 25.27 1.40 -12.60
N GLY J 103 26.34 0.90 -13.22
CA GLY J 103 26.19 -0.03 -14.32
C GLY J 103 25.50 -1.34 -13.97
N ASN J 104 25.93 -1.98 -12.89
CA ASN J 104 25.33 -3.25 -12.49
C ASN J 104 24.13 -3.06 -11.58
N GLY J 105 23.85 -1.81 -11.22
CA GLY J 105 22.70 -1.52 -10.36
C GLY J 105 21.55 -0.94 -11.15
N SER J 106 21.78 -0.66 -12.43
CA SER J 106 20.75 -0.09 -13.29
C SER J 106 19.55 -1.03 -13.38
N LYS J 107 18.37 -0.45 -13.57
CA LYS J 107 17.14 -1.22 -13.68
C LYS J 107 17.19 -2.13 -14.89
N GLU J 108 18.01 -1.77 -15.87
CA GLU J 108 18.15 -2.55 -17.10
C GLU J 108 18.96 -3.82 -16.85
N PHE J 109 20.06 -3.68 -16.12
CA PHE J 109 20.92 -4.82 -15.83
C PHE J 109 20.23 -5.80 -14.88
N LEU J 110 19.63 -5.25 -13.82
CA LEU J 110 18.95 -6.08 -12.83
C LEU J 110 17.90 -6.99 -13.47
N GLU J 111 17.07 -6.41 -14.33
CA GLU J 111 16.03 -7.18 -15.02
C GLU J 111 16.70 -8.18 -15.95
N LYS J 112 17.86 -7.79 -16.46
CA LYS J 112 18.63 -8.62 -17.38
C LYS J 112 19.08 -9.91 -16.70
N VAL J 113 19.46 -9.83 -15.43
CA VAL J 113 19.93 -11.00 -14.69
C VAL J 113 18.84 -11.65 -13.83
N GLY J 114 17.58 -11.37 -14.15
CA GLY J 114 16.48 -11.97 -13.41
C GLY J 114 16.17 -11.37 -12.06
N LEU J 115 16.53 -10.11 -11.86
CA LEU J 115 16.28 -9.44 -10.59
C LEU J 115 15.41 -8.20 -10.83
N GLY J 116 14.40 -8.34 -11.68
CA GLY J 116 13.52 -7.23 -11.99
C GLY J 116 12.63 -6.77 -10.86
N HIS J 117 12.44 -7.63 -9.86
CA HIS J 117 11.59 -7.32 -8.72
C HIS J 117 12.25 -6.36 -7.75
N ARG J 118 13.48 -5.95 -8.06
CA ARG J 118 14.20 -5.04 -7.19
C ARG J 118 14.24 -3.63 -7.75
N ARG J 119 14.26 -2.63 -6.87
CA ARG J 119 14.31 -1.25 -7.31
C ARG J 119 15.74 -0.97 -7.77
N GLU J 120 15.89 -0.01 -8.67
CA GLU J 120 17.21 0.34 -9.19
C GLU J 120 18.17 0.67 -8.06
N GLY J 121 19.38 0.11 -8.13
CA GLY J 121 20.36 0.37 -7.10
C GLY J 121 20.49 -0.73 -6.06
N ASP J 122 19.45 -1.57 -5.95
CA ASP J 122 19.46 -2.67 -4.98
C ASP J 122 20.26 -3.85 -5.55
N LEU J 123 21.54 -3.87 -5.25
CA LEU J 123 22.45 -4.91 -5.74
C LEU J 123 22.26 -6.29 -5.12
N GLY J 124 21.64 -6.34 -3.94
CA GLY J 124 21.43 -7.60 -3.27
C GLY J 124 22.42 -7.80 -2.14
N PRO J 125 22.54 -9.03 -1.61
CA PRO J 125 23.46 -9.31 -0.51
C PRO J 125 24.94 -9.39 -0.95
N VAL J 126 25.45 -8.28 -1.48
CA VAL J 126 26.82 -8.22 -1.95
C VAL J 126 27.81 -7.85 -0.82
N TYR J 127 29.07 -7.67 -1.21
CA TYR J 127 30.16 -7.33 -0.29
C TYR J 127 29.79 -6.93 1.13
N GLY J 128 29.44 -5.66 1.30
CA GLY J 128 29.07 -5.14 2.62
C GLY J 128 28.15 -5.99 3.47
N PHE J 129 27.10 -6.55 2.85
CA PHE J 129 26.14 -7.37 3.58
C PHE J 129 26.79 -8.65 4.11
N GLN J 130 27.59 -9.31 3.28
CA GLN J 130 28.26 -10.54 3.68
C GLN J 130 29.27 -10.26 4.79
N TRP J 131 29.99 -9.14 4.66
CA TRP J 131 31.00 -8.73 5.62
C TRP J 131 30.46 -8.54 7.03
N ARG J 132 29.29 -7.92 7.15
CA ARG J 132 28.72 -7.64 8.46
C ARG J 132 27.51 -8.50 8.85
N HIS J 133 26.90 -9.19 7.89
CA HIS J 133 25.73 -10.00 8.19
C HIS J 133 25.71 -11.36 7.49
N PHE J 134 26.87 -11.98 7.32
CA PHE J 134 26.92 -13.27 6.64
C PHE J 134 25.97 -14.30 7.25
N GLY J 135 25.14 -14.91 6.40
CA GLY J 135 24.20 -15.90 6.86
C GLY J 135 22.79 -15.39 7.07
N ALA J 136 22.66 -14.08 7.26
CA ALA J 136 21.35 -13.48 7.47
C ALA J 136 20.48 -13.58 6.22
N GLU J 137 19.17 -13.54 6.43
CA GLU J 137 18.20 -13.61 5.33
C GLU J 137 18.10 -12.23 4.69
N TYR J 138 18.26 -12.18 3.37
CA TYR J 138 18.18 -10.91 2.65
C TYR J 138 16.79 -10.70 2.06
N THR J 139 16.22 -9.52 2.30
CA THR J 139 14.91 -9.18 1.75
C THR J 139 15.18 -8.15 0.65
N ASP J 140 15.51 -6.92 1.05
CA ASP J 140 15.84 -5.86 0.11
C ASP J 140 16.92 -5.00 0.76
N ALA J 141 17.32 -3.87 0.13
CA ALA J 141 18.37 -3.05 0.74
C ALA J 141 17.94 -2.25 1.97
N ASP J 142 16.62 -2.14 2.16
CA ASP J 142 16.08 -1.40 3.28
C ASP J 142 15.84 -2.28 4.51
N GLY J 143 16.08 -3.57 4.35
CA GLY J 143 15.88 -4.51 5.45
C GLY J 143 16.68 -4.18 6.69
N ASP J 144 16.14 -4.58 7.84
CA ASP J 144 16.79 -4.36 9.12
C ASP J 144 17.65 -5.59 9.44
N TYR J 145 18.96 -5.44 9.30
CA TYR J 145 19.88 -6.55 9.53
C TYR J 145 20.75 -6.36 10.77
N LYS J 146 20.56 -5.26 11.48
CA LYS J 146 21.34 -4.99 12.68
C LYS J 146 21.28 -6.17 13.65
N GLY J 147 22.46 -6.66 14.04
CA GLY J 147 22.53 -7.78 14.97
C GLY J 147 22.20 -9.12 14.35
N LYS J 148 22.05 -9.17 13.03
CA LYS J 148 21.73 -10.41 12.34
C LYS J 148 22.91 -10.89 11.49
N GLY J 149 23.11 -12.20 11.46
CA GLY J 149 24.20 -12.76 10.68
C GLY J 149 25.53 -12.65 11.41
N VAL J 150 26.60 -13.08 10.75
CA VAL J 150 27.93 -13.03 11.36
C VAL J 150 28.68 -11.76 10.97
N ASP J 151 29.10 -10.99 11.97
CA ASP J 151 29.84 -9.77 11.71
C ASP J 151 31.33 -10.10 11.63
N GLN J 152 31.75 -10.54 10.45
CA GLN J 152 33.13 -10.92 10.22
C GLN J 152 34.13 -9.80 10.48
N LEU J 153 33.79 -8.59 10.04
CA LEU J 153 34.68 -7.45 10.23
C LEU J 153 35.00 -7.17 11.68
N GLN J 154 33.98 -7.05 12.52
CA GLN J 154 34.22 -6.78 13.93
C GLN J 154 34.99 -7.92 14.60
N ARG J 155 34.72 -9.14 14.16
CA ARG J 155 35.41 -10.30 14.73
C ARG J 155 36.89 -10.21 14.38
N VAL J 156 37.18 -9.70 13.19
CA VAL J 156 38.56 -9.55 12.75
C VAL J 156 39.26 -8.55 13.67
N ILE J 157 38.56 -7.46 13.97
CA ILE J 157 39.09 -6.41 14.84
C ILE J 157 39.36 -6.98 16.23
N ASP J 158 38.36 -7.64 16.80
CA ASP J 158 38.46 -8.23 18.13
C ASP J 158 39.59 -9.26 18.22
N THR J 159 39.75 -10.06 17.16
CA THR J 159 40.78 -11.09 17.15
C THR J 159 42.19 -10.52 17.06
N ILE J 160 42.36 -9.48 16.24
CA ILE J 160 43.67 -8.85 16.09
C ILE J 160 44.13 -8.23 17.40
N LYS J 161 43.17 -7.74 18.18
CA LYS J 161 43.47 -7.10 19.46
C LYS J 161 43.66 -8.05 20.63
N ASN J 162 42.87 -9.13 20.67
CA ASN J 162 42.95 -10.06 21.78
C ASN J 162 43.61 -11.42 21.51
N ASN J 163 43.75 -11.80 20.24
CA ASN J 163 44.39 -13.07 19.90
C ASN J 163 44.98 -12.98 18.50
N PRO J 164 45.97 -12.09 18.32
CA PRO J 164 46.68 -11.85 17.05
C PRO J 164 47.27 -13.06 16.33
N THR J 165 47.73 -14.05 17.09
CA THR J 165 48.33 -15.23 16.47
C THR J 165 47.28 -16.20 15.92
N ASP J 166 46.00 -15.85 16.08
CA ASP J 166 44.92 -16.70 15.57
C ASP J 166 45.16 -16.85 14.07
N ARG J 167 44.83 -18.01 13.52
CA ARG J 167 45.03 -18.28 12.11
C ARG J 167 43.75 -18.33 11.29
N ARG J 168 42.69 -17.73 11.82
CA ARG J 168 41.38 -17.70 11.14
C ARG J 168 40.88 -16.26 10.95
N ILE J 169 41.78 -15.30 10.92
CA ILE J 169 41.40 -13.89 10.76
C ILE J 169 41.01 -13.66 9.30
N ILE J 170 39.81 -14.11 8.95
CA ILE J 170 39.30 -14.02 7.59
C ILE J 170 38.08 -13.13 7.41
N LEU J 171 38.06 -12.40 6.29
CA LEU J 171 36.95 -11.52 5.93
C LEU J 171 36.55 -11.97 4.53
N SER J 172 35.39 -12.60 4.41
CA SER J 172 34.95 -13.10 3.11
C SER J 172 33.54 -12.67 2.72
N ALA J 173 33.35 -12.43 1.41
CA ALA J 173 32.05 -12.02 0.88
C ALA J 173 31.45 -13.14 0.04
N TRP J 174 32.23 -14.18 -0.20
CA TRP J 174 31.76 -15.31 -1.00
C TRP J 174 30.71 -16.12 -0.26
N ASN J 175 29.53 -16.23 -0.87
CA ASN J 175 28.42 -16.97 -0.29
C ASN J 175 27.68 -17.69 -1.42
N PRO J 176 28.00 -18.98 -1.65
CA PRO J 176 27.38 -19.79 -2.70
C PRO J 176 25.86 -19.77 -2.69
N LYS J 177 25.26 -19.66 -1.50
CA LYS J 177 23.81 -19.65 -1.38
C LYS J 177 23.18 -18.34 -1.84
N ASP J 178 23.83 -17.22 -1.52
CA ASP J 178 23.31 -15.90 -1.90
C ASP J 178 23.70 -15.42 -3.30
N LEU J 179 24.67 -16.07 -3.93
CA LEU J 179 25.12 -15.67 -5.26
C LEU J 179 24.01 -15.25 -6.24
N PRO J 180 23.01 -16.12 -6.47
CA PRO J 180 21.93 -15.76 -7.40
C PRO J 180 21.16 -14.48 -7.05
N LEU J 181 21.24 -14.05 -5.80
CA LEU J 181 20.54 -12.84 -5.37
C LEU J 181 21.41 -11.61 -5.62
N MET J 182 22.68 -11.85 -5.97
CA MET J 182 23.62 -10.77 -6.23
C MET J 182 23.62 -10.31 -7.68
N ALA J 183 23.64 -8.99 -7.87
CA ALA J 183 23.67 -8.43 -9.21
C ALA J 183 24.96 -8.89 -9.88
N LEU J 184 25.99 -9.10 -9.05
CA LEU J 184 27.30 -9.53 -9.54
C LEU J 184 28.03 -10.26 -8.41
N PRO J 185 28.61 -11.43 -8.71
CA PRO J 185 29.34 -12.19 -7.67
C PRO J 185 30.59 -11.44 -7.25
N PRO J 186 30.98 -11.57 -5.97
CA PRO J 186 32.17 -10.89 -5.45
C PRO J 186 33.44 -11.17 -6.25
N CYS J 187 34.16 -10.12 -6.62
CA CYS J 187 35.42 -10.28 -7.35
C CYS J 187 36.49 -10.52 -6.31
N HIS J 188 36.60 -9.61 -5.35
CA HIS J 188 37.55 -9.80 -4.26
C HIS J 188 36.72 -10.58 -3.25
N MET J 189 36.78 -11.90 -3.37
CA MET J 189 35.99 -12.77 -2.52
C MET J 189 36.39 -12.95 -1.06
N PHE J 190 37.60 -12.54 -0.70
CA PHE J 190 38.03 -12.66 0.69
C PHE J 190 39.46 -12.19 0.89
N CYS J 191 39.83 -11.99 2.15
CA CYS J 191 41.17 -11.57 2.50
C CYS J 191 41.51 -12.13 3.88
N GLN J 192 42.81 -12.29 4.13
CA GLN J 192 43.27 -12.80 5.41
C GLN J 192 44.27 -11.84 6.02
N PHE J 193 44.10 -11.55 7.30
CA PHE J 193 45.01 -10.65 8.00
C PHE J 193 45.99 -11.45 8.86
N PHE J 194 47.19 -10.90 9.00
CA PHE J 194 48.24 -11.54 9.78
C PHE J 194 48.90 -10.49 10.66
N VAL J 195 49.17 -10.86 11.91
CA VAL J 195 49.79 -9.94 12.85
C VAL J 195 51.14 -10.45 13.33
N SER J 196 52.19 -9.68 13.08
CA SER J 196 53.53 -10.05 13.53
C SER J 196 53.72 -9.45 14.91
N LEU J 197 54.12 -10.29 15.87
CA LEU J 197 54.34 -9.84 17.24
C LEU J 197 55.59 -8.99 17.34
N PRO J 198 55.64 -8.07 18.32
CA PRO J 198 56.79 -7.19 18.52
C PRO J 198 58.07 -7.99 18.74
N PRO J 199 59.14 -7.63 18.03
CA PRO J 199 60.43 -8.32 18.18
C PRO J 199 60.94 -8.29 19.62
N PRO J 203 59.88 -4.70 22.79
CA PRO J 203 58.51 -5.18 23.00
C PRO J 203 57.50 -4.04 23.08
N GLY J 204 57.99 -2.80 22.99
CA GLY J 204 57.11 -1.66 23.07
C GLY J 204 56.54 -1.26 21.72
N SER J 205 57.17 -1.74 20.64
CA SER J 205 56.73 -1.44 19.30
C SER J 205 55.33 -2.00 19.03
N LYS J 206 54.66 -1.44 18.02
CA LYS J 206 53.33 -1.90 17.64
C LYS J 206 53.42 -3.14 16.76
N PRO J 207 52.49 -4.10 16.94
CA PRO J 207 52.54 -5.29 16.12
C PRO J 207 52.32 -4.87 14.66
N LYS J 208 52.87 -5.63 13.72
CA LYS J 208 52.71 -5.30 12.31
C LYS J 208 51.55 -6.06 11.69
N LEU J 209 50.69 -5.32 10.98
CA LEU J 209 49.52 -5.92 10.34
C LEU J 209 49.69 -6.06 8.83
N SER J 210 49.42 -7.26 8.33
CA SER J 210 49.52 -7.55 6.91
C SER J 210 48.19 -8.10 6.40
N CYS J 211 47.96 -7.96 5.10
CA CYS J 211 46.72 -8.42 4.50
C CYS J 211 46.93 -9.06 3.13
N LEU J 212 46.35 -10.24 2.95
CA LEU J 212 46.43 -10.95 1.69
C LEU J 212 45.00 -11.08 1.17
N MET J 213 44.77 -10.61 -0.04
CA MET J 213 43.45 -10.66 -0.64
C MET J 213 43.49 -11.48 -1.93
N TYR J 214 42.45 -12.29 -2.13
CA TYR J 214 42.37 -13.12 -3.33
C TYR J 214 41.22 -12.64 -4.20
N GLN J 215 41.54 -12.33 -5.46
CA GLN J 215 40.54 -11.86 -6.40
C GLN J 215 40.37 -12.92 -7.50
N ARG J 216 39.17 -13.48 -7.59
CA ARG J 216 38.87 -14.51 -8.59
C ARG J 216 38.91 -14.00 -10.03
N SER J 217 38.41 -12.79 -10.24
CA SER J 217 38.38 -12.18 -11.57
C SER J 217 38.96 -10.79 -11.45
N CYS J 218 39.90 -10.44 -12.33
CA CYS J 218 40.54 -9.14 -12.24
C CYS J 218 40.62 -8.33 -13.53
N ASP J 219 39.87 -7.22 -13.54
CA ASP J 219 39.87 -6.30 -14.68
C ASP J 219 41.04 -5.37 -14.38
N LEU J 220 42.22 -5.68 -14.92
CA LEU J 220 43.39 -4.87 -14.66
C LEU J 220 43.28 -3.40 -15.04
N GLY J 221 42.58 -3.09 -16.13
CA GLY J 221 42.44 -1.72 -16.53
C GLY J 221 41.66 -0.86 -15.56
N LEU J 222 40.46 -1.29 -15.20
CA LEU J 222 39.60 -0.54 -14.29
C LEU J 222 39.51 -1.04 -12.85
N GLY J 223 39.30 -2.34 -12.67
CA GLY J 223 39.15 -2.89 -11.33
C GLY J 223 40.35 -2.91 -10.40
N VAL J 224 41.41 -3.58 -10.82
CA VAL J 224 42.63 -3.71 -10.01
C VAL J 224 43.12 -2.41 -9.36
N PRO J 225 43.10 -1.28 -10.10
CA PRO J 225 43.57 -0.04 -9.48
C PRO J 225 42.78 0.28 -8.20
N PHE J 226 41.47 0.05 -8.25
CA PHE J 226 40.61 0.29 -7.11
C PHE J 226 40.85 -0.76 -6.02
N ASN J 227 40.86 -2.03 -6.41
CA ASN J 227 41.07 -3.13 -5.47
C ASN J 227 42.33 -2.95 -4.63
N ILE J 228 43.44 -2.63 -5.29
CA ILE J 228 44.71 -2.43 -4.59
C ILE J 228 44.60 -1.33 -3.53
N ALA J 229 44.12 -0.17 -3.93
CA ALA J 229 43.99 0.96 -3.01
C ALA J 229 42.94 0.69 -1.93
N SER J 230 41.86 0.04 -2.30
CA SER J 230 40.79 -0.28 -1.36
C SER J 230 41.27 -1.10 -0.18
N TYR J 231 41.86 -2.26 -0.47
CA TYR J 231 42.35 -3.13 0.59
C TYR J 231 43.54 -2.56 1.34
N ALA J 232 44.30 -1.69 0.67
CA ALA J 232 45.43 -1.04 1.32
C ALA J 232 44.82 -0.12 2.37
N LEU J 233 43.77 0.60 1.97
CA LEU J 233 43.09 1.52 2.86
C LEU J 233 42.41 0.77 4.01
N LEU J 234 41.78 -0.34 3.70
CA LEU J 234 41.10 -1.13 4.73
C LEU J 234 42.09 -1.55 5.82
N THR J 235 43.29 -1.95 5.39
CA THR J 235 44.32 -2.38 6.32
C THR J 235 44.75 -1.21 7.20
N HIS J 236 44.86 -0.03 6.60
CA HIS J 236 45.24 1.17 7.34
C HIS J 236 44.16 1.47 8.39
N MET J 237 42.90 1.37 7.99
CA MET J 237 41.78 1.62 8.89
C MET J 237 41.83 0.67 10.08
N ILE J 238 41.93 -0.62 9.78
CA ILE J 238 41.96 -1.64 10.83
C ILE J 238 43.17 -1.45 11.74
N ALA J 239 44.29 -1.06 11.16
CA ALA J 239 45.50 -0.83 11.95
C ALA J 239 45.28 0.24 12.99
N LEU J 240 44.59 1.31 12.61
CA LEU J 240 44.30 2.41 13.52
C LEU J 240 43.43 1.96 14.69
N ILE J 241 42.38 1.21 14.39
CA ILE J 241 41.46 0.73 15.42
C ILE J 241 42.05 -0.34 16.33
N THR J 242 42.99 -1.12 15.81
CA THR J 242 43.61 -2.20 16.58
C THR J 242 44.98 -1.86 17.17
N ASP J 243 45.41 -0.61 17.01
CA ASP J 243 46.71 -0.19 17.54
C ASP J 243 47.86 -0.98 16.95
N THR J 244 47.76 -1.30 15.66
CA THR J 244 48.80 -2.03 14.96
C THR J 244 49.38 -1.15 13.86
N GLU J 245 50.52 -1.56 13.32
CA GLU J 245 51.20 -0.80 12.28
C GLU J 245 51.07 -1.51 10.92
N PRO J 246 50.44 -0.84 9.94
CA PRO J 246 50.29 -1.46 8.61
C PRO J 246 51.66 -1.85 8.08
N HIS J 247 51.77 -3.07 7.57
CA HIS J 247 53.05 -3.56 7.06
C HIS J 247 53.08 -3.92 5.58
N GLU J 248 52.27 -4.89 5.19
CA GLU J 248 52.26 -5.33 3.80
C GLU J 248 50.90 -5.80 3.29
N PHE J 249 50.66 -5.56 2.01
CA PHE J 249 49.42 -5.98 1.37
C PHE J 249 49.78 -6.88 0.20
N ILE J 250 49.22 -8.09 0.18
CA ILE J 250 49.48 -9.04 -0.89
C ILE J 250 48.19 -9.28 -1.66
N LEU J 251 48.29 -9.29 -2.99
CA LEU J 251 47.12 -9.52 -3.84
C LEU J 251 47.35 -10.67 -4.81
N GLN J 252 46.61 -11.77 -4.59
CA GLN J 252 46.71 -12.93 -5.46
C GLN J 252 45.53 -12.93 -6.42
N MET J 253 45.82 -13.04 -7.71
CA MET J 253 44.78 -13.03 -8.74
C MET J 253 44.47 -14.41 -9.30
N GLY J 254 43.21 -14.58 -9.73
CA GLY J 254 42.79 -15.82 -10.33
C GLY J 254 42.79 -15.57 -11.82
N ASP J 255 41.64 -15.18 -12.36
CA ASP J 255 41.53 -14.89 -13.78
C ASP J 255 41.93 -13.43 -14.00
N ALA J 256 43.21 -13.21 -14.33
CA ALA J 256 43.72 -11.86 -14.58
C ALA J 256 43.56 -11.56 -16.07
N HIS J 257 42.77 -10.54 -16.38
CA HIS J 257 42.52 -10.19 -17.78
C HIS J 257 42.53 -8.70 -18.12
N VAL J 258 42.65 -8.43 -19.41
CA VAL J 258 42.64 -7.07 -19.95
C VAL J 258 41.59 -7.08 -21.04
N TYR J 259 40.53 -6.30 -20.88
CA TYR J 259 39.47 -6.26 -21.88
C TYR J 259 39.99 -5.77 -23.23
N ARG J 260 39.43 -6.30 -24.31
CA ARG J 260 39.83 -5.95 -25.67
C ARG J 260 39.88 -4.44 -25.91
N ASP J 261 38.88 -3.72 -25.41
CA ASP J 261 38.81 -2.28 -25.61
C ASP J 261 39.66 -1.47 -24.63
N HIS J 262 40.51 -2.17 -23.87
CA HIS J 262 41.39 -1.52 -22.91
C HIS J 262 42.85 -1.60 -23.34
N VAL J 263 43.12 -2.49 -24.28
CA VAL J 263 44.48 -2.70 -24.79
C VAL J 263 45.19 -1.42 -25.23
N GLU J 264 44.58 -0.68 -26.16
CA GLU J 264 45.19 0.55 -26.65
C GLU J 264 45.34 1.61 -25.57
N PRO J 265 44.27 1.86 -24.78
CA PRO J 265 44.39 2.87 -23.73
C PRO J 265 45.51 2.54 -22.74
N LEU J 266 45.67 1.26 -22.43
CA LEU J 266 46.71 0.82 -21.49
C LEU J 266 48.11 0.98 -22.07
N LYS J 267 48.25 0.82 -23.38
CA LYS J 267 49.56 0.97 -24.00
C LYS J 267 50.10 2.38 -23.75
N THR J 268 49.20 3.34 -23.67
CA THR J 268 49.59 4.73 -23.41
C THR J 268 50.09 4.84 -21.97
N GLN J 269 49.44 4.13 -21.06
CA GLN J 269 49.83 4.14 -19.66
C GLN J 269 51.17 3.44 -19.43
N LEU J 270 51.42 2.39 -20.20
CA LEU J 270 52.67 1.63 -20.08
C LEU J 270 53.90 2.47 -20.39
N GLU J 271 53.71 3.58 -21.09
CA GLU J 271 54.81 4.46 -21.46
C GLU J 271 55.21 5.40 -20.33
N ARG J 272 54.36 5.51 -19.31
CA ARG J 272 54.62 6.40 -18.20
C ARG J 272 55.43 5.83 -17.05
N GLU J 273 56.29 6.66 -16.48
CA GLU J 273 57.13 6.27 -15.36
C GLU J 273 56.41 6.64 -14.07
N PRO J 274 56.27 5.68 -13.15
CA PRO J 274 55.60 5.90 -11.86
C PRO J 274 56.23 6.96 -10.98
N ARG J 275 55.39 7.65 -10.20
CA ARG J 275 55.86 8.67 -9.26
C ARG J 275 55.79 7.97 -7.90
N ASP J 276 56.55 8.44 -6.92
CA ASP J 276 56.50 7.82 -5.60
C ASP J 276 55.07 7.80 -5.08
N PHE J 277 54.69 6.70 -4.43
CA PHE J 277 53.34 6.60 -3.89
C PHE J 277 53.08 7.66 -2.85
N PRO J 278 51.81 8.08 -2.70
CA PRO J 278 51.45 9.10 -1.72
C PRO J 278 51.38 8.49 -0.33
N LYS J 279 51.16 9.32 0.69
CA LYS J 279 51.06 8.82 2.05
C LYS J 279 49.70 9.13 2.64
N LEU J 280 49.24 8.27 3.55
CA LEU J 280 47.95 8.45 4.20
C LEU J 280 48.08 8.99 5.61
N LYS J 281 47.22 9.95 5.94
CA LYS J 281 47.20 10.57 7.27
C LYS J 281 45.75 10.67 7.69
N TRP J 282 45.50 10.62 9.00
CA TRP J 282 44.14 10.72 9.51
C TRP J 282 43.82 12.14 9.98
N ALA J 283 42.65 12.63 9.61
CA ALA J 283 42.21 13.97 9.98
C ALA J 283 41.76 14.00 11.44
N ARG J 284 41.50 12.83 12.00
CA ARG J 284 41.06 12.71 13.38
C ARG J 284 41.85 11.62 14.10
N SER J 285 41.69 11.57 15.42
CA SER J 285 42.39 10.57 16.22
C SER J 285 41.60 9.27 16.34
N LYS J 286 42.25 8.24 16.85
CA LYS J 286 41.61 6.94 17.03
C LYS J 286 40.40 7.07 17.93
N GLU J 287 40.56 7.83 19.01
CA GLU J 287 39.48 8.05 19.97
C GLU J 287 38.29 8.74 19.32
N GLU J 288 38.55 9.75 18.52
CA GLU J 288 37.49 10.48 17.85
C GLU J 288 36.73 9.59 16.86
N ILE J 289 37.47 8.83 16.08
CA ILE J 289 36.87 7.92 15.11
C ILE J 289 36.11 6.82 15.85
N GLY J 290 36.67 6.37 16.97
CA GLY J 290 36.04 5.34 17.77
C GLY J 290 36.27 3.92 17.32
N ASP J 291 35.51 3.45 16.34
CA ASP J 291 35.64 2.10 15.82
C ASP J 291 35.63 2.07 14.29
N ILE J 292 35.63 0.86 13.74
CA ILE J 292 35.63 0.66 12.29
C ILE J 292 34.44 1.29 11.59
N ASP J 293 33.38 1.58 12.35
CA ASP J 293 32.19 2.19 11.78
C ASP J 293 32.13 3.70 11.95
N GLY J 294 33.21 4.28 12.47
CA GLY J 294 33.24 5.72 12.68
C GLY J 294 34.03 6.54 11.68
N PHE J 295 34.53 5.91 10.62
CA PHE J 295 35.30 6.64 9.61
C PHE J 295 34.42 7.46 8.67
N LYS J 296 34.98 8.55 8.17
CA LYS J 296 34.29 9.44 7.24
C LYS J 296 35.24 9.73 6.08
N VAL J 297 34.70 10.05 4.91
CA VAL J 297 35.52 10.34 3.75
C VAL J 297 36.60 11.38 4.06
N GLU J 298 36.20 12.46 4.71
CA GLU J 298 37.14 13.54 5.05
C GLU J 298 38.24 13.14 6.05
N ASP J 299 38.14 11.95 6.62
CA ASP J 299 39.15 11.50 7.56
C ASP J 299 40.42 11.08 6.83
N PHE J 300 40.26 10.68 5.58
CA PHE J 300 41.37 10.23 4.76
C PHE J 300 42.14 11.37 4.11
N VAL J 301 43.30 11.69 4.68
CA VAL J 301 44.14 12.77 4.15
C VAL J 301 45.31 12.17 3.38
N VAL J 302 45.18 12.12 2.05
CA VAL J 302 46.21 11.58 1.18
C VAL J 302 47.08 12.72 0.67
N GLU J 303 48.35 12.71 1.04
CA GLU J 303 49.27 13.76 0.61
C GLU J 303 50.39 13.24 -0.26
N GLY J 304 50.81 14.07 -1.22
CA GLY J 304 51.89 13.69 -2.12
C GLY J 304 51.45 12.90 -3.34
N TYR J 305 50.15 12.88 -3.63
CA TYR J 305 49.66 12.15 -4.79
C TYR J 305 49.95 12.96 -6.05
N LYS J 306 50.82 12.43 -6.91
CA LYS J 306 51.19 13.11 -8.13
C LYS J 306 51.12 12.19 -9.34
N PRO J 307 49.89 11.88 -9.79
CA PRO J 307 49.65 11.00 -10.94
C PRO J 307 49.72 11.70 -12.29
N TRP J 308 49.78 10.90 -13.35
CA TRP J 308 49.80 11.44 -14.70
C TRP J 308 48.33 11.67 -15.06
N GLY J 309 48.07 12.01 -16.32
CA GLY J 309 46.70 12.26 -16.74
C GLY J 309 45.80 11.05 -16.65
N LYS J 310 44.49 11.29 -16.70
CA LYS J 310 43.51 10.23 -16.64
C LYS J 310 43.52 9.46 -17.95
N ILE J 311 43.10 8.20 -17.90
CA ILE J 311 43.03 7.36 -19.08
C ILE J 311 41.63 6.78 -19.17
N ASP J 312 40.90 7.19 -20.19
CA ASP J 312 39.53 6.74 -20.38
C ASP J 312 39.44 5.27 -20.78
N MET J 313 38.61 4.52 -20.05
CA MET J 313 38.38 3.11 -20.32
C MET J 313 36.95 2.77 -19.98
N LYS J 314 36.24 2.18 -20.94
CA LYS J 314 34.84 1.82 -20.75
C LYS J 314 34.69 0.52 -19.97
N MET J 315 33.76 0.49 -19.03
CA MET J 315 33.53 -0.70 -18.24
C MET J 315 32.51 -1.59 -18.94
N SER J 316 32.79 -2.88 -18.99
CA SER J 316 31.88 -3.82 -19.63
C SER J 316 30.92 -4.39 -18.58
N ALA J 317 29.64 -4.07 -18.74
CA ALA J 317 28.61 -4.52 -17.81
C ALA J 317 28.45 -6.04 -17.83
N PRO K 16 -30.56 -4.49 -11.82
CA PRO K 16 -30.30 -5.83 -12.40
C PRO K 16 -28.82 -6.03 -12.72
N ASP K 17 -28.05 -4.95 -12.57
CA ASP K 17 -26.62 -5.01 -12.85
C ASP K 17 -25.79 -5.27 -11.59
N HIS K 18 -26.48 -5.46 -10.46
CA HIS K 18 -25.77 -5.71 -9.21
C HIS K 18 -24.94 -6.99 -9.34
N GLU K 19 -23.64 -6.86 -9.12
CA GLU K 19 -22.71 -7.98 -9.23
C GLU K 19 -23.08 -9.23 -8.42
N GLU K 20 -23.83 -9.06 -7.34
CA GLU K 20 -24.21 -10.20 -6.53
C GLU K 20 -25.12 -11.19 -7.26
N TYR K 21 -25.80 -10.72 -8.30
CA TYR K 21 -26.69 -11.58 -9.06
C TYR K 21 -25.92 -12.69 -9.78
N GLN K 22 -24.62 -12.48 -9.97
CA GLN K 22 -23.78 -13.48 -10.61
C GLN K 22 -23.80 -14.72 -9.72
N TYR K 23 -23.61 -14.49 -8.43
CA TYR K 23 -23.60 -15.55 -7.42
C TYR K 23 -24.98 -16.20 -7.30
N LEU K 24 -26.02 -15.39 -7.19
CA LEU K 24 -27.38 -15.90 -7.05
C LEU K 24 -27.82 -16.68 -8.30
N ASP K 25 -27.52 -16.14 -9.47
CA ASP K 25 -27.90 -16.80 -10.72
C ASP K 25 -27.22 -18.16 -10.89
N LEU K 26 -25.94 -18.23 -10.55
CA LEU K 26 -25.20 -19.49 -10.68
C LEU K 26 -25.81 -20.56 -9.79
N ILE K 27 -26.13 -20.20 -8.55
CA ILE K 27 -26.74 -21.15 -7.63
C ILE K 27 -28.05 -21.65 -8.20
N ARG K 28 -28.85 -20.72 -8.73
CA ARG K 28 -30.14 -21.08 -9.31
C ARG K 28 -29.93 -22.06 -10.46
N ARG K 29 -28.93 -21.79 -11.29
CA ARG K 29 -28.63 -22.65 -12.43
C ARG K 29 -28.18 -24.03 -11.99
N ILE K 30 -27.30 -24.08 -10.99
CA ILE K 30 -26.79 -25.36 -10.50
C ILE K 30 -27.94 -26.23 -9.96
N ILE K 31 -28.86 -25.60 -9.23
CA ILE K 31 -29.98 -26.33 -8.67
C ILE K 31 -30.90 -26.82 -9.78
N ASN K 32 -31.08 -26.00 -10.81
CA ASN K 32 -31.94 -26.34 -11.94
C ASN K 32 -31.39 -27.39 -12.89
N VAL K 33 -30.22 -27.13 -13.48
CA VAL K 33 -29.64 -28.07 -14.43
C VAL K 33 -28.36 -28.77 -13.96
N GLY K 34 -27.99 -28.55 -12.70
CA GLY K 34 -26.78 -29.19 -12.20
C GLY K 34 -26.90 -30.70 -12.17
N GLU K 35 -25.75 -31.38 -12.13
CA GLU K 35 -25.72 -32.83 -12.11
C GLU K 35 -25.58 -33.35 -10.67
N VAL K 36 -26.45 -34.27 -10.29
CA VAL K 36 -26.41 -34.85 -8.95
C VAL K 36 -25.23 -35.80 -8.91
N ARG K 37 -24.33 -35.60 -7.95
CA ARG K 37 -23.13 -36.42 -7.85
C ARG K 37 -22.74 -36.80 -6.43
N PRO K 38 -22.04 -37.93 -6.28
CA PRO K 38 -21.58 -38.40 -4.96
C PRO K 38 -20.33 -37.58 -4.71
N ASP K 39 -19.85 -37.56 -3.47
CA ASP K 39 -18.65 -36.79 -3.18
C ASP K 39 -17.89 -37.33 -1.97
N ARG K 40 -16.70 -36.76 -1.74
CA ARG K 40 -15.84 -37.16 -0.64
C ARG K 40 -16.53 -37.12 0.73
N THR K 41 -17.30 -36.07 0.98
CA THR K 41 -17.99 -35.91 2.25
C THR K 41 -19.10 -36.93 2.49
N GLY K 42 -19.74 -37.37 1.42
CA GLY K 42 -20.80 -38.34 1.55
C GLY K 42 -22.20 -37.75 1.61
N THR K 43 -22.30 -36.43 1.62
CA THR K 43 -23.62 -35.79 1.68
C THR K 43 -24.19 -35.62 0.29
N GLY K 44 -23.31 -35.62 -0.71
CA GLY K 44 -23.76 -35.47 -2.09
C GLY K 44 -23.91 -34.02 -2.50
N THR K 45 -23.87 -33.76 -3.80
CA THR K 45 -24.00 -32.40 -4.31
C THR K 45 -24.64 -32.39 -5.69
N VAL K 46 -24.84 -31.17 -6.20
CA VAL K 46 -25.37 -30.94 -7.53
C VAL K 46 -24.32 -30.00 -8.09
N ALA K 47 -23.77 -30.32 -9.25
CA ALA K 47 -22.71 -29.45 -9.78
C ALA K 47 -22.65 -29.22 -11.29
N LEU K 48 -21.83 -28.23 -11.63
CA LEU K 48 -21.56 -27.83 -13.00
C LEU K 48 -20.06 -27.56 -13.07
N PHE K 49 -19.43 -27.91 -14.18
CA PHE K 49 -17.99 -27.70 -14.31
C PHE K 49 -17.63 -26.49 -15.15
N ALA K 50 -16.68 -25.71 -14.66
CA ALA K 50 -16.18 -24.53 -15.36
C ALA K 50 -17.25 -23.57 -15.86
N PRO K 51 -18.10 -23.04 -14.97
CA PRO K 51 -19.12 -22.10 -15.43
C PRO K 51 -18.46 -20.76 -15.66
N PRO K 52 -19.16 -19.82 -16.30
CA PRO K 52 -18.56 -18.50 -16.55
C PRO K 52 -18.00 -17.91 -15.25
N SER K 53 -16.85 -17.26 -15.36
CA SER K 53 -16.20 -16.65 -14.19
C SER K 53 -16.95 -15.44 -13.65
N PHE K 54 -16.72 -15.14 -12.37
CA PHE K 54 -17.34 -13.99 -11.72
C PHE K 54 -16.39 -12.80 -11.82
N ARG K 55 -16.95 -11.60 -11.97
CA ARG K 55 -16.14 -10.39 -12.04
C ARG K 55 -16.70 -9.38 -11.05
N PHE K 56 -15.84 -8.86 -10.19
CA PHE K 56 -16.25 -7.89 -9.19
C PHE K 56 -15.37 -6.64 -9.23
N SER K 57 -16.00 -5.48 -9.27
CA SER K 57 -15.26 -4.23 -9.30
C SER K 57 -14.77 -3.90 -7.89
N LEU K 58 -13.51 -3.49 -7.79
CA LEU K 58 -12.92 -3.14 -6.51
C LEU K 58 -12.64 -1.64 -6.46
N ALA K 59 -13.13 -0.92 -7.47
CA ALA K 59 -12.94 0.51 -7.54
C ALA K 59 -13.76 1.22 -6.47
N ASP K 60 -13.38 2.46 -6.17
CA ASP K 60 -14.08 3.27 -5.17
C ASP K 60 -14.17 2.56 -3.82
N ASN K 61 -13.08 1.88 -3.44
CA ASN K 61 -13.01 1.16 -2.17
C ASN K 61 -14.11 0.15 -1.96
N THR K 62 -14.66 -0.38 -3.05
CA THR K 62 -15.75 -1.36 -2.95
C THR K 62 -15.27 -2.75 -2.52
N LEU K 63 -16.03 -3.36 -1.61
CA LEU K 63 -15.73 -4.69 -1.10
C LEU K 63 -16.91 -5.61 -1.39
N PRO K 64 -16.74 -6.58 -2.29
CA PRO K 64 -17.83 -7.50 -2.64
C PRO K 64 -18.19 -8.50 -1.54
N LEU K 65 -18.74 -7.98 -0.45
CA LEU K 65 -19.17 -8.81 0.67
C LEU K 65 -20.67 -9.04 0.46
N LEU K 66 -21.05 -10.28 0.14
CA LEU K 66 -22.44 -10.62 -0.12
C LEU K 66 -23.42 -10.03 0.89
N THR K 67 -24.55 -9.56 0.38
CA THR K 67 -25.56 -8.94 1.23
C THR K 67 -26.86 -9.73 1.37
N THR K 68 -27.06 -10.75 0.52
CA THR K 68 -28.28 -11.55 0.59
C THR K 68 -28.30 -12.45 1.83
N LYS K 69 -27.24 -12.36 2.63
CA LYS K 69 -27.12 -13.12 3.88
C LYS K 69 -25.98 -12.50 4.67
N ARG K 70 -26.05 -12.59 6.00
CA ARG K 70 -25.01 -12.03 6.83
C ARG K 70 -23.76 -12.90 6.76
N VAL K 71 -22.66 -12.32 6.28
CA VAL K 71 -21.40 -13.04 6.16
C VAL K 71 -20.49 -12.71 7.34
N PHE K 72 -19.86 -13.74 7.90
CA PHE K 72 -18.97 -13.58 9.04
C PHE K 72 -17.70 -12.84 8.59
N LEU K 73 -17.81 -11.53 8.46
CA LEU K 73 -16.68 -10.70 8.03
C LEU K 73 -15.41 -10.90 8.85
N ARG K 74 -15.53 -10.81 10.17
CA ARG K 74 -14.37 -10.97 11.04
C ARG K 74 -13.69 -12.32 10.80
N GLY K 75 -14.49 -13.33 10.48
CA GLY K 75 -13.94 -14.64 10.21
C GLY K 75 -13.11 -14.64 8.94
N VAL K 76 -13.58 -13.90 7.93
CA VAL K 76 -12.87 -13.80 6.65
C VAL K 76 -11.53 -13.11 6.85
N ILE K 77 -11.57 -11.97 7.52
CA ILE K 77 -10.36 -11.19 7.80
C ILE K 77 -9.37 -12.03 8.60
N ALA K 78 -9.85 -12.64 9.68
CA ALA K 78 -8.99 -13.46 10.53
C ALA K 78 -8.28 -14.56 9.74
N GLU K 79 -9.05 -15.29 8.94
CA GLU K 79 -8.47 -16.36 8.13
C GLU K 79 -7.42 -15.83 7.15
N LEU K 80 -7.71 -14.69 6.55
CA LEU K 80 -6.79 -14.08 5.58
C LEU K 80 -5.46 -13.68 6.21
N LEU K 81 -5.52 -12.96 7.33
CA LEU K 81 -4.30 -12.53 8.01
C LEU K 81 -3.54 -13.77 8.47
N TRP K 82 -4.29 -14.83 8.72
CA TRP K 82 -3.76 -16.10 9.15
C TRP K 82 -2.95 -16.67 7.98
N PHE K 83 -3.52 -16.64 6.78
CA PHE K 83 -2.83 -17.14 5.60
C PHE K 83 -1.52 -16.37 5.44
N VAL K 84 -1.63 -15.05 5.40
CA VAL K 84 -0.49 -14.16 5.24
C VAL K 84 0.64 -14.45 6.22
N SER K 85 0.30 -14.72 7.47
CA SER K 85 1.30 -15.01 8.49
C SER K 85 2.03 -16.32 8.22
N GLY K 86 1.46 -17.16 7.36
CA GLY K 86 2.08 -18.43 7.04
C GLY K 86 1.77 -19.49 8.07
N CYS K 87 0.91 -19.14 9.04
CA CYS K 87 0.53 -20.06 10.09
C CYS K 87 -0.43 -21.14 9.59
N THR K 88 -0.28 -22.34 10.14
CA THR K 88 -1.12 -23.47 9.73
C THR K 88 -1.81 -24.12 10.93
N ASP K 89 -1.83 -23.41 12.06
CA ASP K 89 -2.44 -23.91 13.28
C ASP K 89 -3.83 -23.32 13.45
N ALA K 90 -4.85 -24.14 13.25
CA ALA K 90 -6.25 -23.71 13.37
C ALA K 90 -6.59 -23.12 14.73
N LYS K 91 -5.82 -23.50 15.75
CA LYS K 91 -6.07 -22.99 17.10
C LYS K 91 -5.89 -21.47 17.13
N MET K 92 -5.12 -20.95 16.19
CA MET K 92 -4.88 -19.51 16.12
C MET K 92 -6.14 -18.78 15.67
N LEU K 93 -7.05 -19.53 15.06
CA LEU K 93 -8.32 -18.97 14.59
C LEU K 93 -9.41 -19.20 15.63
N SER K 94 -9.45 -20.40 16.19
CA SER K 94 -10.45 -20.73 17.20
C SER K 94 -10.23 -19.95 18.50
N SER K 95 -8.98 -19.59 18.76
CA SER K 95 -8.65 -18.84 19.97
C SER K 95 -9.21 -17.43 19.89
N GLN K 96 -9.47 -16.95 18.68
CA GLN K 96 -10.01 -15.62 18.49
C GLN K 96 -11.47 -15.67 18.04
N GLY K 97 -12.13 -16.78 18.36
CA GLY K 97 -13.54 -16.94 18.01
C GLY K 97 -13.90 -17.31 16.58
N VAL K 98 -12.94 -17.86 15.83
CA VAL K 98 -13.20 -18.24 14.44
C VAL K 98 -12.95 -19.74 14.31
N GLY K 99 -14.02 -20.52 14.14
CA GLY K 99 -13.87 -21.96 14.04
C GLY K 99 -14.14 -22.58 12.67
N ILE K 100 -13.97 -21.80 11.61
CA ILE K 100 -14.21 -22.31 10.26
C ILE K 100 -13.32 -23.50 9.92
N TRP K 101 -12.17 -23.60 10.57
CA TRP K 101 -11.25 -24.72 10.31
C TRP K 101 -11.23 -25.78 11.41
N ASP K 102 -12.13 -25.66 12.38
CA ASP K 102 -12.19 -26.62 13.47
C ASP K 102 -12.59 -28.00 12.94
N GLY K 103 -13.48 -28.02 11.95
CA GLY K 103 -13.94 -29.27 11.38
C GLY K 103 -12.85 -30.15 10.79
N ASN K 104 -12.01 -29.57 9.95
CA ASN K 104 -10.93 -30.35 9.32
C ASN K 104 -9.67 -30.39 10.16
N GLY K 105 -9.70 -29.71 11.30
CA GLY K 105 -8.54 -29.70 12.18
C GLY K 105 -8.78 -30.54 13.42
N SER K 106 -9.99 -31.06 13.56
CA SER K 106 -10.34 -31.88 14.71
C SER K 106 -9.48 -33.15 14.76
N LYS K 107 -9.21 -33.62 15.97
CA LYS K 107 -8.40 -34.80 16.17
C LYS K 107 -9.04 -36.03 15.52
N GLU K 108 -10.34 -35.96 15.28
CA GLU K 108 -11.06 -37.06 14.66
C GLU K 108 -10.82 -37.10 13.16
N PHE K 109 -10.99 -35.95 12.50
CA PHE K 109 -10.80 -35.87 11.06
C PHE K 109 -9.35 -36.19 10.68
N LEU K 110 -8.41 -35.61 11.42
CA LEU K 110 -7.00 -35.84 11.15
C LEU K 110 -6.67 -37.33 11.16
N GLU K 111 -7.09 -38.03 12.20
CA GLU K 111 -6.84 -39.47 12.30
C GLU K 111 -7.57 -40.19 11.17
N LYS K 112 -8.69 -39.61 10.74
CA LYS K 112 -9.50 -40.16 9.68
C LYS K 112 -8.77 -40.16 8.34
N VAL K 113 -7.97 -39.13 8.10
CA VAL K 113 -7.22 -39.02 6.84
C VAL K 113 -5.77 -39.50 6.96
N GLY K 114 -5.47 -40.26 8.00
CA GLY K 114 -4.13 -40.77 8.19
C GLY K 114 -3.12 -39.79 8.76
N LEU K 115 -3.60 -38.81 9.52
CA LEU K 115 -2.72 -37.82 10.12
C LEU K 115 -2.91 -37.80 11.64
N GLY K 116 -3.03 -38.99 12.23
CA GLY K 116 -3.24 -39.09 13.67
C GLY K 116 -2.05 -38.72 14.54
N HIS K 117 -0.88 -38.62 13.93
CA HIS K 117 0.34 -38.28 14.65
C HIS K 117 0.43 -36.78 14.94
N ARG K 118 -0.53 -36.02 14.41
CA ARG K 118 -0.53 -34.58 14.62
C ARG K 118 -1.49 -34.16 15.72
N ARG K 119 -1.16 -33.08 16.42
CA ARG K 119 -2.03 -32.59 17.48
C ARG K 119 -3.21 -31.91 16.82
N GLU K 120 -4.34 -31.85 17.52
CA GLU K 120 -5.54 -31.22 16.99
C GLU K 120 -5.27 -29.78 16.54
N GLY K 121 -5.72 -29.43 15.35
CA GLY K 121 -5.51 -28.08 14.85
C GLY K 121 -4.37 -27.97 13.87
N ASP K 122 -3.45 -28.93 13.89
CA ASP K 122 -2.31 -28.91 12.97
C ASP K 122 -2.74 -29.43 11.61
N LEU K 123 -3.13 -28.50 10.74
CA LEU K 123 -3.61 -28.82 9.41
C LEU K 123 -2.54 -29.28 8.43
N GLY K 124 -1.27 -28.98 8.74
CA GLY K 124 -0.19 -29.36 7.84
C GLY K 124 0.25 -28.19 6.99
N PRO K 125 1.04 -28.44 5.94
CA PRO K 125 1.53 -27.38 5.05
C PRO K 125 0.46 -26.85 4.08
N VAL K 126 -0.59 -26.25 4.63
CA VAL K 126 -1.67 -25.71 3.81
C VAL K 126 -1.41 -24.26 3.38
N TYR K 127 -2.41 -23.66 2.75
CA TYR K 127 -2.38 -22.28 2.26
C TYR K 127 -1.20 -21.42 2.71
N GLY K 128 -1.34 -20.83 3.90
CA GLY K 128 -0.30 -19.95 4.43
C GLY K 128 1.12 -20.42 4.32
N PHE K 129 1.36 -21.70 4.61
CA PHE K 129 2.71 -22.24 4.55
C PHE K 129 3.26 -22.22 3.12
N GLN K 130 2.44 -22.64 2.16
CA GLN K 130 2.85 -22.65 0.77
C GLN K 130 3.11 -21.22 0.28
N TRP K 131 2.22 -20.31 0.66
CA TRP K 131 2.33 -18.90 0.27
C TRP K 131 3.65 -18.24 0.68
N ARG K 132 4.11 -18.50 1.89
CA ARG K 132 5.33 -17.90 2.39
C ARG K 132 6.56 -18.81 2.48
N HIS K 133 6.37 -20.12 2.39
CA HIS K 133 7.49 -21.05 2.50
C HIS K 133 7.43 -22.22 1.52
N PHE K 134 6.90 -22.00 0.32
CA PHE K 134 6.80 -23.08 -0.66
C PHE K 134 8.13 -23.81 -0.86
N GLY K 135 8.08 -25.13 -0.77
CA GLY K 135 9.28 -25.93 -0.96
C GLY K 135 9.97 -26.34 0.32
N ALA K 136 9.75 -25.60 1.40
CA ALA K 136 10.37 -25.90 2.68
C ALA K 136 9.85 -27.22 3.25
N GLU K 137 10.69 -27.85 4.08
CA GLU K 137 10.33 -29.12 4.71
C GLU K 137 9.40 -28.84 5.88
N TYR K 138 8.27 -29.54 5.92
CA TYR K 138 7.30 -29.34 6.99
C TYR K 138 7.45 -30.39 8.09
N THR K 139 7.48 -29.94 9.33
CA THR K 139 7.57 -30.86 10.47
C THR K 139 6.21 -30.82 11.16
N ASP K 140 5.93 -29.72 11.84
CA ASP K 140 4.65 -29.54 12.52
C ASP K 140 4.31 -28.04 12.47
N ALA K 141 3.20 -27.60 13.09
CA ALA K 141 2.85 -26.19 13.03
C ALA K 141 3.76 -25.27 13.85
N ASP K 142 4.56 -25.87 14.74
CA ASP K 142 5.47 -25.09 15.59
C ASP K 142 6.86 -24.96 14.98
N GLY K 143 7.07 -25.62 13.84
CA GLY K 143 8.36 -25.56 13.19
C GLY K 143 8.82 -24.16 12.85
N ASP K 144 10.14 -23.97 12.81
CA ASP K 144 10.73 -22.67 12.48
C ASP K 144 10.99 -22.63 10.97
N TYR K 145 10.15 -21.89 10.25
CA TYR K 145 10.27 -21.79 8.80
C TYR K 145 10.73 -20.43 8.31
N LYS K 146 11.01 -19.53 9.24
CA LYS K 146 11.46 -18.19 8.87
C LYS K 146 12.67 -18.26 7.95
N GLY K 147 12.55 -17.62 6.79
CA GLY K 147 13.65 -17.61 5.84
C GLY K 147 13.81 -18.89 5.04
N LYS K 148 12.86 -19.80 5.20
CA LYS K 148 12.91 -21.07 4.47
C LYS K 148 11.81 -21.16 3.41
N GLY K 149 12.14 -21.79 2.29
CA GLY K 149 11.18 -21.92 1.22
C GLY K 149 11.04 -20.63 0.43
N VAL K 150 10.16 -20.63 -0.57
CA VAL K 150 9.95 -19.45 -1.40
C VAL K 150 8.81 -18.60 -0.87
N ASP K 151 9.09 -17.32 -0.62
CA ASP K 151 8.08 -16.40 -0.12
C ASP K 151 7.40 -15.77 -1.33
N GLN K 152 6.40 -16.47 -1.87
CA GLN K 152 5.65 -16.01 -3.03
C GLN K 152 4.97 -14.67 -2.82
N LEU K 153 4.36 -14.49 -1.65
CA LEU K 153 3.65 -13.25 -1.36
C LEU K 153 4.52 -12.01 -1.45
N GLN K 154 5.66 -12.02 -0.76
CA GLN K 154 6.54 -10.86 -0.79
C GLN K 154 7.07 -10.63 -2.20
N ARG K 155 7.33 -11.70 -2.94
CA ARG K 155 7.83 -11.56 -4.31
C ARG K 155 6.76 -10.85 -5.15
N VAL K 156 5.50 -11.17 -4.90
CA VAL K 156 4.40 -10.53 -5.62
C VAL K 156 4.43 -9.03 -5.33
N ILE K 157 4.63 -8.68 -4.06
CA ILE K 157 4.68 -7.29 -3.64
C ILE K 157 5.82 -6.56 -4.35
N ASP K 158 7.02 -7.16 -4.27
CA ASP K 158 8.21 -6.58 -4.88
C ASP K 158 8.07 -6.43 -6.39
N THR K 159 7.46 -7.42 -7.04
CA THR K 159 7.28 -7.39 -8.49
C THR K 159 6.30 -6.30 -8.93
N ILE K 160 5.18 -6.18 -8.22
CA ILE K 160 4.18 -5.17 -8.55
C ILE K 160 4.77 -3.77 -8.46
N LYS K 161 5.66 -3.57 -7.49
CA LYS K 161 6.30 -2.28 -7.27
C LYS K 161 7.46 -1.95 -8.22
N ASN K 162 8.29 -2.95 -8.51
CA ASN K 162 9.46 -2.71 -9.36
C ASN K 162 9.42 -3.22 -10.79
N ASN K 163 8.45 -4.09 -11.10
CA ASN K 163 8.33 -4.62 -12.45
C ASN K 163 6.89 -5.10 -12.68
N PRO K 164 5.93 -4.16 -12.65
CA PRO K 164 4.49 -4.40 -12.82
C PRO K 164 4.06 -5.15 -14.08
N THR K 165 4.75 -4.94 -15.19
CA THR K 165 4.38 -5.62 -16.43
C THR K 165 4.83 -7.08 -16.47
N ASP K 166 5.48 -7.54 -15.41
CA ASP K 166 5.92 -8.93 -15.34
C ASP K 166 4.68 -9.81 -15.49
N ARG K 167 4.83 -10.95 -16.15
CA ARG K 167 3.70 -11.84 -16.38
C ARG K 167 3.72 -13.11 -15.52
N ARG K 168 4.50 -13.08 -14.44
CA ARG K 168 4.61 -14.23 -13.54
C ARG K 168 4.21 -13.88 -12.10
N ILE K 169 3.39 -12.84 -11.93
CA ILE K 169 2.97 -12.43 -10.59
C ILE K 169 1.94 -13.43 -10.09
N ILE K 170 2.43 -14.60 -9.66
CA ILE K 170 1.59 -15.68 -9.17
C ILE K 170 1.73 -16.01 -7.69
N LEU K 171 0.60 -16.34 -7.07
CA LEU K 171 0.55 -16.73 -5.67
C LEU K 171 -0.19 -18.06 -5.66
N SER K 172 0.53 -19.15 -5.40
CA SER K 172 -0.09 -20.47 -5.42
C SER K 172 0.18 -21.32 -4.18
N ALA K 173 -0.82 -22.08 -3.77
CA ALA K 173 -0.70 -22.95 -2.61
C ALA K 173 -0.69 -24.42 -3.04
N TRP K 174 -0.89 -24.67 -4.33
CA TRP K 174 -0.92 -26.04 -4.83
C TRP K 174 0.48 -26.64 -4.85
N ASN K 175 0.65 -27.74 -4.11
CA ASN K 175 1.93 -28.42 -4.01
C ASN K 175 1.67 -29.92 -4.03
N PRO K 176 1.77 -30.56 -5.21
CA PRO K 176 1.55 -32.00 -5.35
C PRO K 176 2.32 -32.86 -4.36
N LYS K 177 3.52 -32.43 -4.00
CA LYS K 177 4.34 -33.20 -3.07
C LYS K 177 3.82 -33.15 -1.63
N ASP K 178 3.34 -31.99 -1.21
CA ASP K 178 2.84 -31.81 0.16
C ASP K 178 1.38 -32.18 0.38
N LEU K 179 0.63 -32.36 -0.71
CA LEU K 179 -0.80 -32.70 -0.60
C LEU K 179 -1.16 -33.72 0.48
N PRO K 180 -0.51 -34.90 0.46
CA PRO K 180 -0.82 -35.92 1.47
C PRO K 180 -0.61 -35.48 2.92
N LEU K 181 0.18 -34.44 3.13
CA LEU K 181 0.44 -33.94 4.47
C LEU K 181 -0.63 -32.93 4.88
N MET K 182 -1.47 -32.54 3.94
CA MET K 182 -2.52 -31.57 4.19
C MET K 182 -3.83 -32.21 4.63
N ALA K 183 -4.47 -31.61 5.64
CA ALA K 183 -5.74 -32.12 6.15
C ALA K 183 -6.75 -32.01 5.01
N LEU K 184 -6.54 -31.03 4.14
CA LEU K 184 -7.42 -30.79 3.01
C LEU K 184 -6.64 -30.06 1.91
N PRO K 185 -6.75 -30.53 0.66
CA PRO K 185 -6.03 -29.88 -0.44
C PRO K 185 -6.58 -28.47 -0.68
N PRO K 186 -5.73 -27.54 -1.15
CA PRO K 186 -6.16 -26.17 -1.40
C PRO K 186 -7.35 -26.07 -2.37
N CYS K 187 -8.37 -25.30 -2.00
CA CYS K 187 -9.52 -25.11 -2.86
C CYS K 187 -9.16 -23.97 -3.80
N HIS K 188 -8.81 -22.82 -3.23
CA HIS K 188 -8.37 -21.69 -4.04
C HIS K 188 -6.87 -21.96 -4.20
N MET K 189 -6.53 -22.75 -5.22
CA MET K 189 -5.16 -23.15 -5.48
C MET K 189 -4.16 -22.13 -6.00
N PHE K 190 -4.62 -20.97 -6.44
CA PHE K 190 -3.70 -19.94 -6.92
C PHE K 190 -4.42 -18.74 -7.50
N CYS K 191 -3.69 -17.64 -7.62
CA CYS K 191 -4.24 -16.42 -8.19
C CYS K 191 -3.13 -15.68 -8.92
N GLN K 192 -3.52 -14.82 -9.86
CA GLN K 192 -2.56 -14.05 -10.63
C GLN K 192 -2.94 -12.58 -10.58
N PHE K 193 -1.96 -11.73 -10.30
CA PHE K 193 -2.20 -10.30 -10.25
C PHE K 193 -1.75 -9.64 -11.53
N PHE K 194 -2.44 -8.55 -11.90
CA PHE K 194 -2.13 -7.81 -13.11
C PHE K 194 -2.14 -6.33 -12.77
N VAL K 195 -1.18 -5.59 -13.31
CA VAL K 195 -1.07 -4.17 -13.05
C VAL K 195 -1.17 -3.35 -14.34
N SER K 196 -2.18 -2.48 -14.40
CA SER K 196 -2.37 -1.62 -15.57
C SER K 196 -1.59 -0.33 -15.33
N LEU K 197 -0.74 0.03 -16.27
CA LEU K 197 0.07 1.24 -16.15
C LEU K 197 -0.80 2.49 -16.30
N PRO K 198 -0.38 3.60 -15.67
CA PRO K 198 -1.12 4.87 -15.74
C PRO K 198 -1.30 5.33 -17.19
N PRO K 199 -2.53 5.72 -17.55
CA PRO K 199 -2.81 6.18 -18.91
C PRO K 199 -1.95 7.37 -19.29
N PRO K 203 -0.15 10.56 -16.14
CA PRO K 203 0.88 9.65 -15.65
C PRO K 203 1.07 9.72 -14.13
N GLY K 204 0.32 10.61 -13.50
CA GLY K 204 0.41 10.76 -12.05
C GLY K 204 -0.49 9.82 -11.29
N SER K 205 -1.49 9.28 -11.98
CA SER K 205 -2.43 8.35 -11.37
C SER K 205 -1.75 7.07 -10.91
N LYS K 206 -2.40 6.37 -9.98
CA LYS K 206 -1.87 5.12 -9.45
C LYS K 206 -2.17 3.98 -10.39
N PRO K 207 -1.23 3.04 -10.57
CA PRO K 207 -1.47 1.91 -11.46
C PRO K 207 -2.66 1.11 -10.89
N LYS K 208 -3.42 0.47 -11.77
CA LYS K 208 -4.56 -0.32 -11.32
C LYS K 208 -4.18 -1.78 -11.10
N LEU K 209 -4.60 -2.33 -9.97
CA LEU K 209 -4.31 -3.71 -9.62
C LEU K 209 -5.54 -4.62 -9.74
N SER K 210 -5.38 -5.73 -10.46
CA SER K 210 -6.45 -6.69 -10.64
C SER K 210 -5.97 -8.05 -10.15
N CYS K 211 -6.91 -8.94 -9.86
CA CYS K 211 -6.58 -10.27 -9.38
C CYS K 211 -7.54 -11.34 -9.89
N LEU K 212 -6.97 -12.43 -10.40
CA LEU K 212 -7.77 -13.54 -10.89
C LEU K 212 -7.39 -14.74 -10.05
N MET K 213 -8.39 -15.37 -9.45
CA MET K 213 -8.17 -16.54 -8.61
C MET K 213 -8.92 -17.74 -9.17
N TYR K 214 -8.27 -18.90 -9.16
CA TYR K 214 -8.90 -20.11 -9.66
C TYR K 214 -9.19 -21.07 -8.50
N GLN K 215 -10.44 -21.48 -8.38
CA GLN K 215 -10.86 -22.38 -7.31
C GLN K 215 -11.28 -23.72 -7.91
N ARG K 216 -10.55 -24.78 -7.59
CA ARG K 216 -10.82 -26.12 -8.11
C ARG K 216 -12.16 -26.70 -7.64
N SER K 217 -12.49 -26.47 -6.39
CA SER K 217 -13.73 -26.97 -5.80
C SER K 217 -14.41 -25.80 -5.10
N CYS K 218 -15.70 -25.61 -5.38
CA CYS K 218 -16.43 -24.49 -4.81
C CYS K 218 -17.74 -24.81 -4.13
N ASP K 219 -17.77 -24.62 -2.82
CA ASP K 219 -18.97 -24.81 -2.02
C ASP K 219 -19.65 -23.44 -2.06
N LEU K 220 -20.54 -23.25 -3.04
CA LEU K 220 -21.22 -21.97 -3.18
C LEU K 220 -21.97 -21.48 -1.96
N GLY K 221 -22.61 -22.40 -1.24
CA GLY K 221 -23.34 -22.00 -0.06
C GLY K 221 -22.46 -21.41 1.04
N LEU K 222 -21.45 -22.15 1.46
CA LEU K 222 -20.57 -21.71 2.54
C LEU K 222 -19.19 -21.15 2.16
N GLY K 223 -18.51 -21.81 1.23
CA GLY K 223 -17.19 -21.38 0.83
C GLY K 223 -17.04 -20.13 -0.01
N VAL K 224 -17.68 -20.13 -1.19
CA VAL K 224 -17.59 -19.00 -2.12
C VAL K 224 -17.76 -17.62 -1.49
N PRO K 225 -18.75 -17.46 -0.58
CA PRO K 225 -18.92 -16.13 0.03
C PRO K 225 -17.62 -15.65 0.69
N PHE K 226 -16.93 -16.57 1.36
CA PHE K 226 -15.67 -16.25 2.03
C PHE K 226 -14.56 -16.02 1.02
N ASN K 227 -14.45 -16.92 0.05
CA ASN K 227 -13.42 -16.82 -0.99
C ASN K 227 -13.46 -15.48 -1.71
N ILE K 228 -14.66 -15.05 -2.10
CA ILE K 228 -14.81 -13.77 -2.81
C ILE K 228 -14.32 -12.59 -1.99
N ALA K 229 -14.78 -12.49 -0.75
CA ALA K 229 -14.39 -11.41 0.13
C ALA K 229 -12.91 -11.50 0.51
N SER K 230 -12.42 -12.72 0.70
CA SER K 230 -11.03 -12.94 1.08
C SER K 230 -10.06 -12.37 0.05
N TYR K 231 -10.17 -12.83 -1.19
CA TYR K 231 -9.28 -12.36 -2.24
C TYR K 231 -9.49 -10.89 -2.59
N ALA K 232 -10.70 -10.40 -2.38
CA ALA K 232 -11.00 -9.01 -2.66
C ALA K 232 -10.20 -8.19 -1.62
N LEU K 233 -10.21 -8.67 -0.38
CA LEU K 233 -9.51 -8.03 0.71
C LEU K 233 -8.00 -8.12 0.52
N LEU K 234 -7.52 -9.26 0.04
CA LEU K 234 -6.10 -9.45 -0.19
C LEU K 234 -5.61 -8.45 -1.22
N THR K 235 -6.42 -8.22 -2.24
CA THR K 235 -6.07 -7.28 -3.31
C THR K 235 -6.00 -5.86 -2.74
N HIS K 236 -6.93 -5.53 -1.84
CA HIS K 236 -6.95 -4.21 -1.23
C HIS K 236 -5.69 -4.03 -0.40
N MET K 237 -5.33 -5.07 0.35
CA MET K 237 -4.15 -5.06 1.19
C MET K 237 -2.90 -4.82 0.36
N ILE K 238 -2.71 -5.64 -0.66
CA ILE K 238 -1.56 -5.53 -1.54
C ILE K 238 -1.52 -4.16 -2.22
N ALA K 239 -2.68 -3.65 -2.60
CA ALA K 239 -2.76 -2.35 -3.26
C ALA K 239 -2.21 -1.25 -2.36
N LEU K 240 -2.51 -1.33 -1.07
CA LEU K 240 -2.04 -0.34 -0.11
C LEU K 240 -0.52 -0.35 0.05
N ILE K 241 0.05 -1.55 0.11
CA ILE K 241 1.49 -1.71 0.28
C ILE K 241 2.28 -1.40 -0.99
N THR K 242 1.66 -1.57 -2.15
CA THR K 242 2.33 -1.32 -3.42
C THR K 242 1.99 0.01 -4.08
N ASP K 243 1.21 0.84 -3.38
CA ASP K 243 0.82 2.14 -3.91
C ASP K 243 0.03 2.02 -5.22
N THR K 244 -0.81 1.00 -5.30
CA THR K 244 -1.63 0.81 -6.48
C THR K 244 -3.11 0.94 -6.11
N GLU K 245 -3.97 1.03 -7.12
CA GLU K 245 -5.40 1.18 -6.88
C GLU K 245 -6.15 -0.10 -7.25
N PRO K 246 -6.87 -0.69 -6.27
CA PRO K 246 -7.60 -1.92 -6.56
C PRO K 246 -8.59 -1.67 -7.70
N HIS K 247 -8.62 -2.58 -8.66
CA HIS K 247 -9.49 -2.41 -9.82
C HIS K 247 -10.54 -3.50 -10.01
N GLU K 248 -10.10 -4.73 -10.24
CA GLU K 248 -11.03 -5.82 -10.47
C GLU K 248 -10.58 -7.16 -9.91
N PHE K 249 -11.56 -7.98 -9.52
CA PHE K 249 -11.29 -9.31 -9.00
C PHE K 249 -12.08 -10.31 -9.83
N ILE K 250 -11.38 -11.27 -10.41
CA ILE K 250 -12.01 -12.30 -11.22
C ILE K 250 -11.89 -13.65 -10.53
N LEU K 251 -12.98 -14.41 -10.52
CA LEU K 251 -12.99 -15.72 -9.90
C LEU K 251 -13.45 -16.81 -10.85
N GLN K 252 -12.52 -17.70 -11.22
CA GLN K 252 -12.84 -18.80 -12.10
C GLN K 252 -13.01 -20.07 -11.29
N MET K 253 -14.11 -20.76 -11.50
CA MET K 253 -14.41 -21.98 -10.76
C MET K 253 -14.21 -23.24 -11.57
N GLY K 254 -13.88 -24.33 -10.87
CA GLY K 254 -13.71 -25.62 -11.52
C GLY K 254 -14.98 -26.38 -11.22
N ASP K 255 -14.94 -27.18 -10.15
CA ASP K 255 -16.11 -27.96 -9.75
C ASP K 255 -16.98 -27.07 -8.86
N ALA K 256 -17.96 -26.42 -9.48
CA ALA K 256 -18.89 -25.54 -8.78
C ALA K 256 -20.08 -26.38 -8.32
N HIS K 257 -20.29 -26.46 -7.01
CA HIS K 257 -21.37 -27.27 -6.48
C HIS K 257 -22.16 -26.68 -5.32
N VAL K 258 -23.35 -27.24 -5.12
CA VAL K 258 -24.25 -26.86 -4.04
C VAL K 258 -24.58 -28.15 -3.32
N TYR K 259 -24.19 -28.25 -2.04
CA TYR K 259 -24.46 -29.46 -1.29
C TYR K 259 -25.96 -29.72 -1.16
N ARG K 260 -26.32 -30.99 -1.07
CA ARG K 260 -27.72 -31.40 -0.97
C ARG K 260 -28.46 -30.70 0.17
N ASP K 261 -27.82 -30.60 1.32
CA ASP K 261 -28.44 -29.98 2.49
C ASP K 261 -28.37 -28.46 2.49
N HIS K 262 -27.99 -27.87 1.35
CA HIS K 262 -27.90 -26.42 1.22
C HIS K 262 -28.96 -25.89 0.26
N VAL K 263 -29.53 -26.79 -0.54
CA VAL K 263 -30.55 -26.42 -1.52
C VAL K 263 -31.70 -25.59 -0.95
N GLU K 264 -32.38 -26.13 0.06
CA GLU K 264 -33.50 -25.41 0.66
C GLU K 264 -33.09 -24.09 1.29
N PRO K 265 -32.03 -24.09 2.11
CA PRO K 265 -31.59 -22.84 2.73
C PRO K 265 -31.26 -21.76 1.71
N LEU K 266 -30.65 -22.17 0.60
CA LEU K 266 -30.28 -21.23 -0.45
C LEU K 266 -31.48 -20.67 -1.20
N LYS K 267 -32.54 -21.47 -1.30
CA LYS K 267 -33.75 -21.02 -1.98
C LYS K 267 -34.30 -19.79 -1.28
N THR K 268 -34.14 -19.74 0.04
CA THR K 268 -34.61 -18.61 0.83
C THR K 268 -33.78 -17.38 0.48
N GLN K 269 -32.48 -17.58 0.31
CA GLN K 269 -31.58 -16.48 -0.03
C GLN K 269 -31.85 -15.95 -1.42
N LEU K 270 -32.19 -16.83 -2.36
CA LEU K 270 -32.47 -16.45 -3.73
C LEU K 270 -33.64 -15.47 -3.86
N GLU K 271 -34.48 -15.42 -2.84
CA GLU K 271 -35.64 -14.53 -2.84
C GLU K 271 -35.28 -13.10 -2.46
N ARG K 272 -34.09 -12.92 -1.90
CA ARG K 272 -33.65 -11.61 -1.45
C ARG K 272 -32.94 -10.76 -2.49
N GLU K 273 -33.24 -9.46 -2.45
CA GLU K 273 -32.63 -8.49 -3.36
C GLU K 273 -31.39 -7.91 -2.70
N PRO K 274 -30.26 -7.95 -3.40
CA PRO K 274 -28.97 -7.43 -2.90
C PRO K 274 -28.98 -5.94 -2.53
N ARG K 275 -28.19 -5.60 -1.52
CA ARG K 275 -28.04 -4.21 -1.09
C ARG K 275 -26.70 -3.79 -1.69
N ASP K 276 -26.46 -2.50 -1.86
CA ASP K 276 -25.19 -2.04 -2.41
C ASP K 276 -24.03 -2.56 -1.54
N PHE K 277 -22.95 -2.98 -2.19
CA PHE K 277 -21.79 -3.49 -1.45
C PHE K 277 -21.21 -2.42 -0.54
N PRO K 278 -20.60 -2.85 0.58
CA PRO K 278 -20.01 -1.92 1.53
C PRO K 278 -18.66 -1.45 1.01
N LYS K 279 -18.04 -0.51 1.70
CA LYS K 279 -16.74 0.00 1.29
C LYS K 279 -15.69 -0.25 2.36
N LEU K 280 -14.45 -0.42 1.93
CA LEU K 280 -13.35 -0.69 2.85
C LEU K 280 -12.49 0.55 3.07
N LYS K 281 -12.14 0.78 4.34
CA LYS K 281 -11.30 1.91 4.72
C LYS K 281 -10.26 1.37 5.69
N TRP K 282 -9.09 2.01 5.74
CA TRP K 282 -8.04 1.57 6.65
C TRP K 282 -8.01 2.45 7.90
N ALA K 283 -7.87 1.80 9.06
CA ALA K 283 -7.83 2.51 10.33
C ALA K 283 -6.45 3.14 10.54
N ARG K 284 -5.47 2.71 9.76
CA ARG K 284 -4.12 3.23 9.85
C ARG K 284 -3.56 3.52 8.46
N SER K 285 -2.44 4.25 8.42
CA SER K 285 -1.80 4.60 7.16
C SER K 285 -0.86 3.51 6.67
N LYS K 286 -0.41 3.65 5.42
CA LYS K 286 0.50 2.69 4.82
C LYS K 286 1.78 2.61 5.63
N GLU K 287 2.28 3.77 6.06
CA GLU K 287 3.50 3.85 6.84
C GLU K 287 3.36 3.13 8.18
N GLU K 288 2.22 3.31 8.84
CA GLU K 288 1.99 2.68 10.14
C GLU K 288 1.90 1.16 10.00
N ILE K 289 1.18 0.71 8.98
CA ILE K 289 1.03 -0.73 8.73
C ILE K 289 2.39 -1.30 8.32
N GLY K 290 3.15 -0.52 7.56
CA GLY K 290 4.47 -0.95 7.12
C GLY K 290 4.50 -1.85 5.91
N ASP K 291 4.25 -3.14 6.11
CA ASP K 291 4.26 -4.11 5.02
C ASP K 291 3.09 -5.07 5.12
N ILE K 292 3.06 -6.05 4.22
CA ILE K 292 1.99 -7.03 4.17
C ILE K 292 1.81 -7.82 5.47
N ASP K 293 2.85 -7.84 6.31
CA ASP K 293 2.78 -8.56 7.57
C ASP K 293 2.39 -7.68 8.75
N GLY K 294 2.09 -6.41 8.48
CA GLY K 294 1.73 -5.50 9.54
C GLY K 294 0.25 -5.21 9.73
N PHE K 295 -0.61 -5.92 8.99
CA PHE K 295 -2.05 -5.70 9.12
C PHE K 295 -2.64 -6.34 10.38
N LYS K 296 -3.70 -5.72 10.90
CA LYS K 296 -4.40 -6.21 12.08
C LYS K 296 -5.90 -6.20 11.78
N VAL K 297 -6.65 -7.08 12.44
CA VAL K 297 -8.09 -7.15 12.22
C VAL K 297 -8.75 -5.78 12.32
N GLU K 298 -8.42 -5.03 13.36
CA GLU K 298 -8.98 -3.70 13.57
C GLU K 298 -8.63 -2.67 12.49
N ASP K 299 -7.68 -3.01 11.61
CA ASP K 299 -7.31 -2.09 10.55
C ASP K 299 -8.38 -2.03 9.47
N PHE K 300 -9.16 -3.11 9.36
CA PHE K 300 -10.21 -3.19 8.34
C PHE K 300 -11.51 -2.52 8.78
N VAL K 301 -11.76 -1.33 8.25
CA VAL K 301 -12.97 -0.59 8.57
C VAL K 301 -13.98 -0.70 7.43
N VAL K 302 -14.92 -1.63 7.58
CA VAL K 302 -15.94 -1.85 6.56
C VAL K 302 -17.20 -1.06 6.92
N GLU K 303 -17.52 -0.07 6.09
CA GLU K 303 -18.69 0.77 6.33
C GLU K 303 -19.77 0.60 5.28
N GLY K 304 -21.03 0.70 5.71
CA GLY K 304 -22.14 0.57 4.80
C GLY K 304 -22.61 -0.86 4.55
N TYR K 305 -22.16 -1.80 5.37
CA TYR K 305 -22.58 -3.19 5.19
C TYR K 305 -24.00 -3.35 5.73
N LYS K 306 -24.94 -3.65 4.84
CA LYS K 306 -26.34 -3.82 5.23
C LYS K 306 -26.91 -5.10 4.63
N PRO K 307 -26.57 -6.26 5.22
CA PRO K 307 -27.04 -7.56 4.76
C PRO K 307 -28.38 -7.99 5.34
N TRP K 308 -28.97 -9.03 4.75
CA TRP K 308 -30.22 -9.55 5.25
C TRP K 308 -29.85 -10.49 6.40
N GLY K 309 -30.82 -11.23 6.91
CA GLY K 309 -30.56 -12.15 8.00
C GLY K 309 -29.61 -13.28 7.63
N LYS K 310 -29.06 -13.94 8.65
CA LYS K 310 -28.15 -15.06 8.45
C LYS K 310 -28.92 -16.27 7.94
N ILE K 311 -28.22 -17.14 7.24
CA ILE K 311 -28.83 -18.35 6.72
C ILE K 311 -27.99 -19.54 7.16
N ASP K 312 -28.56 -20.37 8.02
CA ASP K 312 -27.85 -21.52 8.55
C ASP K 312 -27.62 -22.61 7.51
N MET K 313 -26.36 -23.05 7.43
CA MET K 313 -25.97 -24.11 6.52
C MET K 313 -24.85 -24.92 7.17
N LYS K 314 -25.02 -26.23 7.20
CA LYS K 314 -24.04 -27.12 7.81
C LYS K 314 -22.91 -27.42 6.85
N MET K 315 -21.68 -27.41 7.36
CA MET K 315 -20.52 -27.72 6.53
C MET K 315 -20.24 -29.20 6.57
N SER K 316 -19.98 -29.79 5.41
CA SER K 316 -19.69 -31.20 5.32
C SER K 316 -18.17 -31.41 5.41
N ALA K 317 -17.74 -32.07 6.48
CA ALA K 317 -16.32 -32.34 6.71
C ALA K 317 -15.75 -33.28 5.66
N PRO L 16 -21.98 -18.38 -37.78
CA PRO L 16 -21.55 -17.41 -36.76
C PRO L 16 -21.31 -18.07 -35.41
N ASP L 17 -21.60 -19.37 -35.33
CA ASP L 17 -21.42 -20.12 -34.09
C ASP L 17 -20.10 -20.90 -34.08
N HIS L 18 -19.32 -20.78 -35.15
CA HIS L 18 -18.05 -21.50 -35.21
C HIS L 18 -17.18 -21.09 -34.03
N GLU L 19 -16.72 -22.07 -33.27
CA GLU L 19 -15.90 -21.84 -32.10
C GLU L 19 -14.61 -21.05 -32.34
N GLU L 20 -14.10 -21.10 -33.57
CA GLU L 20 -12.86 -20.38 -33.87
C GLU L 20 -13.03 -18.87 -33.80
N TYR L 21 -14.27 -18.39 -33.89
CA TYR L 21 -14.52 -16.95 -33.81
C TYR L 21 -14.17 -16.41 -32.43
N GLN L 22 -14.14 -17.29 -31.43
CA GLN L 22 -13.78 -16.87 -30.07
C GLN L 22 -12.36 -16.32 -30.15
N TYR L 23 -11.50 -17.12 -30.78
CA TYR L 23 -10.09 -16.76 -30.94
C TYR L 23 -9.94 -15.49 -31.78
N LEU L 24 -10.58 -15.46 -32.93
CA LEU L 24 -10.51 -14.31 -33.82
C LEU L 24 -11.05 -13.03 -33.19
N ASP L 25 -12.19 -13.14 -32.50
CA ASP L 25 -12.79 -11.99 -31.85
C ASP L 25 -11.91 -11.42 -30.73
N LEU L 26 -11.28 -12.29 -29.95
CA LEU L 26 -10.42 -11.82 -28.87
C LEU L 26 -9.24 -11.03 -29.41
N ILE L 27 -8.63 -11.52 -30.50
CA ILE L 27 -7.50 -10.84 -31.11
C ILE L 27 -7.94 -9.47 -31.61
N ARG L 28 -9.11 -9.42 -32.22
CA ARG L 28 -9.65 -8.16 -32.74
C ARG L 28 -9.85 -7.18 -31.59
N ARG L 29 -10.37 -7.70 -30.47
CA ARG L 29 -10.61 -6.87 -29.29
C ARG L 29 -9.30 -6.37 -28.69
N ILE L 30 -8.32 -7.25 -28.55
CA ILE L 30 -7.03 -6.87 -27.98
C ILE L 30 -6.37 -5.77 -28.81
N ILE L 31 -6.43 -5.89 -30.12
CA ILE L 31 -5.83 -4.90 -31.00
C ILE L 31 -6.58 -3.57 -30.88
N ASN L 32 -7.90 -3.66 -30.77
CA ASN L 32 -8.75 -2.47 -30.66
C ASN L 32 -8.66 -1.72 -29.33
N VAL L 33 -8.95 -2.40 -28.23
CA VAL L 33 -8.93 -1.76 -26.92
C VAL L 33 -7.86 -2.25 -25.96
N GLY L 34 -6.94 -3.08 -26.47
CA GLY L 34 -5.87 -3.58 -25.62
C GLY L 34 -4.95 -2.47 -25.14
N GLU L 35 -4.21 -2.74 -24.07
CA GLU L 35 -3.29 -1.77 -23.51
C GLU L 35 -1.86 -2.04 -24.00
N VAL L 36 -1.22 -1.01 -24.55
CA VAL L 36 0.15 -1.14 -25.04
C VAL L 36 1.07 -1.25 -23.83
N ARG L 37 1.86 -2.32 -23.78
CA ARG L 37 2.73 -2.53 -22.64
C ARG L 37 4.12 -3.06 -22.99
N PRO L 38 5.12 -2.73 -22.15
CA PRO L 38 6.49 -3.19 -22.36
C PRO L 38 6.49 -4.62 -21.85
N ASP L 39 7.51 -5.41 -22.19
CA ASP L 39 7.55 -6.78 -21.73
C ASP L 39 8.96 -7.33 -21.65
N ARG L 40 9.07 -8.53 -21.10
CA ARG L 40 10.34 -9.21 -20.94
C ARG L 40 11.16 -9.33 -22.23
N THR L 41 10.50 -9.68 -23.33
CA THR L 41 11.18 -9.85 -24.61
C THR L 41 11.73 -8.55 -25.18
N GLY L 42 11.04 -7.44 -24.91
CA GLY L 42 11.49 -6.16 -25.41
C GLY L 42 10.83 -5.71 -26.70
N THR L 43 9.99 -6.56 -27.28
CA THR L 43 9.31 -6.20 -28.51
C THR L 43 8.02 -5.43 -28.22
N GLY L 44 7.48 -5.65 -27.02
CA GLY L 44 6.26 -4.97 -26.63
C GLY L 44 5.01 -5.70 -27.06
N THR L 45 3.89 -5.43 -26.39
CA THR L 45 2.64 -6.08 -26.71
C THR L 45 1.44 -5.18 -26.42
N VAL L 46 0.26 -5.68 -26.79
CA VAL L 46 -1.00 -5.01 -26.53
C VAL L 46 -1.74 -6.11 -25.79
N ALA L 47 -2.26 -5.81 -24.60
CA ALA L 47 -2.92 -6.87 -23.84
C ALA L 47 -4.16 -6.50 -23.04
N LEU L 48 -4.85 -7.56 -22.60
CA LEU L 48 -6.05 -7.48 -21.78
C LEU L 48 -5.90 -8.57 -20.73
N PHE L 49 -6.39 -8.32 -19.53
CA PHE L 49 -6.28 -9.30 -18.46
C PHE L 49 -7.58 -10.05 -18.19
N ALA L 50 -7.45 -11.35 -17.99
CA ALA L 50 -8.58 -12.22 -17.68
C ALA L 50 -9.82 -12.04 -18.55
N PRO L 51 -9.68 -12.19 -19.87
CA PRO L 51 -10.85 -12.04 -20.74
C PRO L 51 -11.71 -13.30 -20.62
N PRO L 52 -12.96 -13.24 -21.10
CA PRO L 52 -13.81 -14.43 -21.02
C PRO L 52 -13.08 -15.66 -21.55
N SER L 53 -13.28 -16.79 -20.89
CA SER L 53 -12.62 -18.04 -21.28
C SER L 53 -13.15 -18.61 -22.59
N PHE L 54 -12.35 -19.45 -23.24
CA PHE L 54 -12.74 -20.09 -24.48
C PHE L 54 -13.31 -21.47 -24.15
N ARG L 55 -14.30 -21.91 -24.93
CA ARG L 55 -14.90 -23.21 -24.73
C ARG L 55 -14.94 -23.92 -26.07
N PHE L 56 -14.40 -25.13 -26.10
CA PHE L 56 -14.36 -25.93 -27.32
C PHE L 56 -14.96 -27.31 -27.10
N SER L 57 -15.86 -27.70 -28.00
CA SER L 57 -16.49 -29.01 -27.90
C SER L 57 -15.54 -30.08 -28.44
N LEU L 58 -15.39 -31.17 -27.69
CA LEU L 58 -14.52 -32.26 -28.11
C LEU L 58 -15.35 -33.49 -28.48
N ALA L 59 -16.66 -33.31 -28.54
CA ALA L 59 -17.57 -34.40 -28.88
C ALA L 59 -17.43 -34.77 -30.35
N ASP L 60 -17.87 -35.97 -30.70
CA ASP L 60 -17.81 -36.46 -32.07
C ASP L 60 -16.39 -36.43 -32.63
N ASN L 61 -15.42 -36.77 -31.78
CA ASN L 61 -14.02 -36.82 -32.15
C ASN L 61 -13.49 -35.49 -32.72
N THR L 62 -14.11 -34.39 -32.33
CA THR L 62 -13.70 -33.07 -32.82
C THR L 62 -12.40 -32.57 -32.21
N LEU L 63 -11.53 -32.02 -33.05
CA LEU L 63 -10.26 -31.48 -32.62
C LEU L 63 -10.20 -30.00 -33.00
N PRO L 64 -10.20 -29.11 -31.99
CA PRO L 64 -10.15 -27.66 -32.25
C PRO L 64 -8.80 -27.16 -32.77
N LEU L 65 -8.46 -27.58 -33.99
CA LEU L 65 -7.21 -27.17 -34.62
C LEU L 65 -7.57 -26.00 -35.55
N LEU L 66 -7.14 -24.79 -35.17
CA LEU L 66 -7.45 -23.59 -35.94
C LEU L 66 -7.29 -23.76 -37.45
N THR L 67 -8.23 -23.19 -38.20
CA THR L 67 -8.23 -23.30 -39.65
C THR L 67 -7.93 -22.00 -40.38
N THR L 68 -8.01 -20.87 -39.69
CA THR L 68 -7.74 -19.59 -40.34
C THR L 68 -6.27 -19.41 -40.68
N LYS L 69 -5.49 -20.45 -40.42
CA LYS L 69 -4.05 -20.45 -40.73
C LYS L 69 -3.57 -21.89 -40.57
N ARG L 70 -2.52 -22.26 -41.29
CA ARG L 70 -2.01 -23.61 -41.19
C ARG L 70 -1.22 -23.78 -39.89
N VAL L 71 -1.67 -24.69 -39.04
CA VAL L 71 -1.01 -24.94 -37.77
C VAL L 71 -0.12 -26.17 -37.86
N PHE L 72 1.11 -26.05 -37.36
CA PHE L 72 2.07 -27.14 -37.38
C PHE L 72 1.60 -28.27 -36.46
N LEU L 73 0.63 -29.05 -36.95
CA LEU L 73 0.07 -30.16 -36.19
C LEU L 73 1.10 -31.12 -35.62
N ARG L 74 2.00 -31.60 -36.46
CA ARG L 74 3.04 -32.53 -36.03
C ARG L 74 3.84 -31.94 -34.87
N GLY L 75 4.07 -30.63 -34.92
CA GLY L 75 4.81 -29.97 -33.86
C GLY L 75 4.05 -30.01 -32.54
N VAL L 76 2.75 -29.81 -32.61
CA VAL L 76 1.90 -29.83 -31.42
C VAL L 76 1.94 -31.22 -30.79
N ILE L 77 1.72 -32.24 -31.61
CA ILE L 77 1.74 -33.63 -31.16
C ILE L 77 3.08 -34.00 -30.55
N ALA L 78 4.16 -33.69 -31.27
CA ALA L 78 5.50 -34.00 -30.80
C ALA L 78 5.77 -33.39 -29.43
N GLU L 79 5.45 -32.10 -29.28
CA GLU L 79 5.66 -31.42 -28.01
C GLU L 79 4.86 -32.08 -26.88
N LEU L 80 3.62 -32.46 -27.18
CA LEU L 80 2.76 -33.09 -26.18
C LEU L 80 3.32 -34.42 -25.70
N LEU L 81 3.67 -35.31 -26.63
CA LEU L 81 4.22 -36.61 -26.27
C LEU L 81 5.52 -36.39 -25.51
N TRP L 82 6.17 -35.28 -25.81
CA TRP L 82 7.42 -34.89 -25.17
C TRP L 82 7.11 -34.56 -23.71
N PHE L 83 6.04 -33.80 -23.47
CA PHE L 83 5.65 -33.44 -22.11
C PHE L 83 5.37 -34.72 -21.32
N VAL L 84 4.48 -35.54 -21.89
CA VAL L 84 4.09 -36.81 -21.28
C VAL L 84 5.28 -37.67 -20.87
N SER L 85 6.30 -37.71 -21.72
CA SER L 85 7.48 -38.53 -21.44
C SER L 85 8.28 -37.97 -20.26
N GLY L 86 7.97 -36.73 -19.87
CA GLY L 86 8.67 -36.11 -18.77
C GLY L 86 10.04 -35.57 -19.17
N CYS L 87 10.33 -35.65 -20.46
CA CYS L 87 11.61 -35.19 -21.00
C CYS L 87 11.69 -33.67 -21.03
N THR L 88 12.87 -33.13 -20.75
CA THR L 88 13.08 -31.69 -20.75
C THR L 88 14.21 -31.27 -21.68
N ASP L 89 14.58 -32.16 -22.59
CA ASP L 89 15.65 -31.89 -23.55
C ASP L 89 15.04 -31.50 -24.89
N ALA L 90 15.20 -30.23 -25.25
CA ALA L 90 14.66 -29.71 -26.51
C ALA L 90 15.23 -30.41 -27.74
N LYS L 91 16.40 -31.01 -27.61
CA LYS L 91 17.02 -31.71 -28.74
C LYS L 91 16.16 -32.88 -29.20
N MET L 92 15.31 -33.36 -28.30
CA MET L 92 14.43 -34.48 -28.64
C MET L 92 13.34 -34.02 -29.59
N LEU L 93 13.14 -32.70 -29.66
CA LEU L 93 12.13 -32.14 -30.55
C LEU L 93 12.78 -31.71 -31.85
N SER L 94 13.92 -31.03 -31.75
CA SER L 94 14.63 -30.55 -32.93
C SER L 94 15.17 -31.72 -33.76
N SER L 95 15.46 -32.84 -33.10
CA SER L 95 15.97 -34.01 -33.80
C SER L 95 14.90 -34.61 -34.70
N GLN L 96 13.63 -34.34 -34.38
CA GLN L 96 12.53 -34.85 -35.19
C GLN L 96 11.87 -33.74 -36.01
N GLY L 97 12.62 -32.67 -36.26
CA GLY L 97 12.12 -31.57 -37.06
C GLY L 97 11.21 -30.56 -36.41
N VAL L 98 11.23 -30.47 -35.08
CA VAL L 98 10.38 -29.53 -34.36
C VAL L 98 11.26 -28.59 -33.53
N GLY L 99 11.38 -27.34 -33.96
CA GLY L 99 12.23 -26.40 -33.26
C GLY L 99 11.53 -25.29 -32.48
N ILE L 100 10.32 -25.54 -32.01
CA ILE L 100 9.58 -24.53 -31.26
C ILE L 100 10.28 -24.12 -29.97
N TRP L 101 11.11 -25.01 -29.42
CA TRP L 101 11.83 -24.71 -28.18
C TRP L 101 13.32 -24.42 -28.40
N ASP L 102 13.73 -24.31 -29.65
CA ASP L 102 15.13 -24.02 -29.97
C ASP L 102 15.51 -22.63 -29.48
N GLY L 103 14.56 -21.70 -29.54
CA GLY L 103 14.81 -20.34 -29.11
C GLY L 103 15.19 -20.19 -27.64
N ASN L 104 14.41 -20.79 -26.76
CA ASN L 104 14.68 -20.70 -25.33
C ASN L 104 15.64 -21.77 -24.84
N GLY L 105 16.05 -22.66 -25.75
CA GLY L 105 16.98 -23.72 -25.38
C GLY L 105 18.35 -23.46 -25.94
N SER L 106 18.48 -22.40 -26.73
CA SER L 106 19.76 -22.05 -27.33
C SER L 106 20.77 -21.73 -26.25
N LYS L 107 22.04 -22.00 -26.55
CA LYS L 107 23.12 -21.76 -25.61
C LYS L 107 23.18 -20.27 -25.27
N GLU L 108 22.80 -19.44 -26.24
CA GLU L 108 22.82 -18.00 -26.05
C GLU L 108 21.78 -17.55 -25.01
N PHE L 109 20.56 -18.06 -25.14
CA PHE L 109 19.50 -17.70 -24.21
C PHE L 109 19.77 -18.22 -22.81
N LEU L 110 20.15 -19.49 -22.72
CA LEU L 110 20.44 -20.10 -21.43
C LEU L 110 21.47 -19.30 -20.64
N GLU L 111 22.56 -18.92 -21.29
CA GLU L 111 23.59 -18.14 -20.63
C GLU L 111 23.03 -16.77 -20.28
N LYS L 112 22.08 -16.31 -21.09
CA LYS L 112 21.43 -15.02 -20.91
C LYS L 112 20.63 -14.98 -19.61
N VAL L 113 19.99 -16.09 -19.26
CA VAL L 113 19.19 -16.17 -18.05
C VAL L 113 19.94 -16.80 -16.88
N GLY L 114 21.26 -16.81 -16.95
CA GLY L 114 22.07 -17.37 -15.88
C GLY L 114 22.14 -18.88 -15.80
N LEU L 115 21.91 -19.56 -16.91
CA LEU L 115 21.97 -21.01 -16.94
C LEU L 115 23.04 -21.49 -17.92
N GLY L 116 24.20 -20.83 -17.89
CA GLY L 116 25.27 -21.17 -18.80
C GLY L 116 25.97 -22.49 -18.52
N HIS L 117 25.74 -23.06 -17.34
CA HIS L 117 26.35 -24.32 -16.97
C HIS L 117 25.62 -25.50 -17.60
N ARG L 118 24.58 -25.22 -18.36
CA ARG L 118 23.81 -26.28 -19.00
C ARG L 118 24.14 -26.39 -20.48
N ARG L 119 24.05 -27.61 -21.01
CA ARG L 119 24.32 -27.81 -22.43
C ARG L 119 23.11 -27.29 -23.20
N GLU L 120 23.32 -26.91 -24.45
CA GLU L 120 22.24 -26.40 -25.29
C GLU L 120 21.08 -27.39 -25.34
N GLY L 121 19.86 -26.88 -25.17
CA GLY L 121 18.69 -27.74 -25.21
C GLY L 121 18.18 -28.19 -23.86
N ASP L 122 19.00 -28.07 -22.83
CA ASP L 122 18.60 -28.46 -21.48
C ASP L 122 17.80 -27.34 -20.84
N LEU L 123 16.48 -27.37 -21.04
CA LEU L 123 15.58 -26.34 -20.52
C LEU L 123 15.41 -26.35 -18.99
N GLY L 124 15.72 -27.48 -18.36
CA GLY L 124 15.57 -27.56 -16.92
C GLY L 124 14.31 -28.30 -16.53
N PRO L 125 13.90 -28.23 -15.25
CA PRO L 125 12.69 -28.92 -14.79
C PRO L 125 11.39 -28.27 -15.25
N VAL L 126 11.17 -28.24 -16.57
CA VAL L 126 9.96 -27.65 -17.12
C VAL L 126 8.80 -28.64 -17.23
N TYR L 127 7.71 -28.19 -17.86
CA TYR L 127 6.50 -28.97 -18.05
C TYR L 127 6.56 -30.46 -17.75
N GLY L 128 7.08 -31.23 -18.72
CA GLY L 128 7.17 -32.68 -18.56
C GLY L 128 7.74 -33.19 -17.25
N PHE L 129 8.80 -32.55 -16.77
CA PHE L 129 9.42 -32.97 -15.52
C PHE L 129 8.49 -32.78 -14.33
N GLN L 130 7.80 -31.64 -14.29
CA GLN L 130 6.88 -31.37 -13.19
C GLN L 130 5.68 -32.31 -13.25
N TRP L 131 5.22 -32.59 -14.47
CA TRP L 131 4.08 -33.48 -14.70
C TRP L 131 4.29 -34.91 -14.18
N ARG L 132 5.48 -35.45 -14.39
CA ARG L 132 5.77 -36.82 -13.98
C ARG L 132 6.71 -36.98 -12.78
N HIS L 133 7.39 -35.91 -12.39
CA HIS L 133 8.34 -36.00 -11.27
C HIS L 133 8.33 -34.79 -10.34
N PHE L 134 7.16 -34.19 -10.13
CA PHE L 134 7.07 -33.01 -9.27
C PHE L 134 7.70 -33.26 -7.90
N GLY L 135 8.57 -32.34 -7.48
CA GLY L 135 9.22 -32.48 -6.19
C GLY L 135 10.61 -33.11 -6.24
N ALA L 136 10.88 -33.88 -7.28
CA ALA L 136 12.17 -34.53 -7.43
C ALA L 136 13.29 -33.50 -7.64
N GLU L 137 14.51 -33.90 -7.27
CA GLU L 137 15.68 -33.05 -7.41
C GLU L 137 16.15 -33.09 -8.87
N TYR L 138 16.31 -31.92 -9.47
CA TYR L 138 16.75 -31.86 -10.86
C TYR L 138 18.26 -31.61 -10.97
N THR L 139 18.93 -32.44 -11.77
CA THR L 139 20.36 -32.29 -11.98
C THR L 139 20.53 -31.72 -13.39
N ASP L 140 20.27 -32.56 -14.39
CA ASP L 140 20.35 -32.14 -15.79
C ASP L 140 19.29 -32.93 -16.56
N ALA L 141 19.23 -32.80 -17.90
CA ALA L 141 18.21 -33.56 -18.64
C ALA L 141 18.47 -35.06 -18.75
N ASP L 142 19.69 -35.48 -18.47
CA ASP L 142 20.06 -36.89 -18.55
C ASP L 142 19.86 -37.61 -17.22
N GLY L 143 19.49 -36.87 -16.19
CA GLY L 143 19.29 -37.46 -14.87
C GLY L 143 18.26 -38.58 -14.85
N ASP L 144 18.44 -39.51 -13.92
CA ASP L 144 17.53 -40.64 -13.76
C ASP L 144 16.45 -40.27 -12.75
N TYR L 145 15.25 -39.99 -13.25
CA TYR L 145 14.14 -39.60 -12.40
C TYR L 145 13.04 -40.64 -12.28
N LYS L 146 13.23 -41.79 -12.94
CA LYS L 146 12.24 -42.85 -12.89
C LYS L 146 11.87 -43.20 -11.45
N GLY L 147 10.58 -43.15 -11.14
CA GLY L 147 10.13 -43.47 -9.79
C GLY L 147 10.38 -42.38 -8.77
N LYS L 148 10.83 -41.22 -9.24
CA LYS L 148 11.11 -40.11 -8.33
C LYS L 148 10.12 -38.96 -8.52
N GLY L 149 9.73 -38.33 -7.42
CA GLY L 149 8.79 -37.23 -7.48
C GLY L 149 7.36 -37.75 -7.63
N VAL L 150 6.41 -36.81 -7.72
CA VAL L 150 5.00 -37.18 -7.85
C VAL L 150 4.58 -37.26 -9.31
N ASP L 151 4.05 -38.41 -9.72
CA ASP L 151 3.60 -38.59 -11.08
C ASP L 151 2.14 -38.16 -11.17
N GLN L 152 1.93 -36.85 -11.37
CA GLN L 152 0.60 -36.28 -11.44
C GLN L 152 -0.24 -36.86 -12.57
N LEU L 153 0.37 -37.05 -13.74
CA LEU L 153 -0.35 -37.57 -14.90
C LEU L 153 -0.97 -38.94 -14.67
N GLN L 154 -0.18 -39.88 -14.14
CA GLN L 154 -0.71 -41.21 -13.90
C GLN L 154 -1.76 -41.18 -12.81
N ARG L 155 -1.58 -40.32 -11.82
CA ARG L 155 -2.55 -40.21 -10.73
C ARG L 155 -3.88 -39.73 -11.30
N VAL L 156 -3.81 -38.84 -12.28
CA VAL L 156 -5.01 -38.32 -12.92
C VAL L 156 -5.73 -39.47 -13.60
N ILE L 157 -4.96 -40.30 -14.30
CA ILE L 157 -5.52 -41.45 -15.01
C ILE L 157 -6.21 -42.40 -14.04
N ASP L 158 -5.50 -42.77 -12.98
CA ASP L 158 -6.03 -43.67 -11.96
C ASP L 158 -7.28 -43.13 -11.29
N THR L 159 -7.28 -41.83 -11.01
CA THR L 159 -8.42 -41.18 -10.36
C THR L 159 -9.66 -41.15 -11.24
N ILE L 160 -9.47 -40.85 -12.53
CA ILE L 160 -10.59 -40.78 -13.46
C ILE L 160 -11.25 -42.16 -13.57
N LYS L 161 -10.45 -43.21 -13.53
CA LYS L 161 -10.93 -44.58 -13.64
C LYS L 161 -11.55 -45.17 -12.37
N ASN L 162 -10.96 -44.85 -11.22
CA ASN L 162 -11.45 -45.41 -9.96
C ASN L 162 -12.22 -44.49 -9.02
N ASN L 163 -12.12 -43.18 -9.23
CA ASN L 163 -12.84 -42.23 -8.38
C ASN L 163 -13.05 -40.93 -9.16
N PRO L 164 -13.83 -41.01 -10.26
CA PRO L 164 -14.16 -39.90 -11.15
C PRO L 164 -14.74 -38.64 -10.50
N THR L 165 -15.52 -38.79 -9.44
CA THR L 165 -16.12 -37.64 -8.79
C THR L 165 -15.13 -36.89 -7.90
N ASP L 166 -13.89 -37.37 -7.84
CA ASP L 166 -12.86 -36.72 -7.03
C ASP L 166 -12.74 -35.29 -7.55
N ARG L 167 -12.47 -34.34 -6.66
CA ARG L 167 -12.36 -32.94 -7.06
C ARG L 167 -10.95 -32.39 -7.00
N ARG L 168 -9.97 -33.28 -7.05
CA ARG L 168 -8.55 -32.90 -7.03
C ARG L 168 -7.80 -33.43 -8.26
N ILE L 169 -8.53 -33.71 -9.34
CA ILE L 169 -7.90 -34.21 -10.56
C ILE L 169 -7.16 -33.07 -11.25
N ILE L 170 -5.98 -32.75 -10.71
CA ILE L 170 -5.16 -31.66 -11.21
C ILE L 170 -3.82 -32.09 -11.81
N LEU L 171 -3.41 -31.37 -12.85
CA LEU L 171 -2.13 -31.61 -13.53
C LEU L 171 -1.48 -30.25 -13.58
N SER L 172 -0.43 -30.04 -12.78
CA SER L 172 0.23 -28.74 -12.73
C SER L 172 1.74 -28.78 -12.93
N ALA L 173 2.26 -27.77 -13.62
CA ALA L 173 3.69 -27.67 -13.88
C ALA L 173 4.30 -26.52 -13.10
N TRP L 174 3.46 -25.76 -12.40
CA TRP L 174 3.94 -24.62 -11.64
C TRP L 174 4.65 -25.07 -10.37
N ASN L 175 5.91 -24.67 -10.25
CA ASN L 175 6.74 -25.03 -9.09
C ASN L 175 7.59 -23.83 -8.70
N PRO L 176 7.13 -23.03 -7.74
CA PRO L 176 7.85 -21.83 -7.28
C PRO L 176 9.32 -22.09 -6.94
N LYS L 177 9.62 -23.28 -6.42
CA LYS L 177 11.00 -23.60 -6.06
C LYS L 177 11.90 -23.83 -7.27
N ASP L 178 11.39 -24.54 -8.27
CA ASP L 178 12.16 -24.84 -9.47
C ASP L 178 12.20 -23.76 -10.55
N LEU L 179 11.32 -22.76 -10.44
CA LEU L 179 11.26 -21.69 -11.43
C LEU L 179 12.62 -21.18 -11.93
N PRO L 180 13.49 -20.74 -11.01
CA PRO L 180 14.81 -20.24 -11.43
C PRO L 180 15.66 -21.22 -12.23
N LEU L 181 15.34 -22.51 -12.14
CA LEU L 181 16.09 -23.53 -12.86
C LEU L 181 15.49 -23.74 -14.26
N MET L 182 14.37 -23.08 -14.51
CA MET L 182 13.68 -23.19 -15.79
C MET L 182 14.09 -22.12 -16.78
N ALA L 183 14.31 -22.52 -18.03
CA ALA L 183 14.68 -21.57 -19.07
C ALA L 183 13.53 -20.59 -19.24
N LEU L 184 12.33 -21.06 -18.95
CA LEU L 184 11.12 -20.24 -19.07
C LEU L 184 10.05 -20.81 -18.16
N PRO L 185 9.39 -19.96 -17.36
CA PRO L 185 8.34 -20.44 -16.45
C PRO L 185 7.15 -20.96 -17.27
N PRO L 186 6.42 -21.94 -16.72
CA PRO L 186 5.27 -22.53 -17.41
C PRO L 186 4.22 -21.49 -17.80
N CYS L 187 3.75 -21.55 -19.05
CA CYS L 187 2.71 -20.63 -19.51
C CYS L 187 1.39 -21.29 -19.14
N HIS L 188 1.19 -22.52 -19.60
CA HIS L 188 -0.01 -23.27 -19.23
C HIS L 188 0.44 -23.95 -17.95
N MET L 189 0.19 -23.28 -16.82
CA MET L 189 0.63 -23.76 -15.52
C MET L 189 -0.14 -24.92 -14.88
N PHE L 190 -1.33 -25.21 -15.37
CA PHE L 190 -2.10 -26.32 -14.82
C PHE L 190 -3.46 -26.47 -15.49
N CYS L 191 -4.09 -27.61 -15.26
CA CYS L 191 -5.39 -27.90 -15.81
C CYS L 191 -6.12 -28.81 -14.84
N GLN L 192 -7.44 -28.82 -14.93
CA GLN L 192 -8.27 -29.66 -14.07
C GLN L 192 -9.22 -30.47 -14.92
N PHE L 193 -9.33 -31.76 -14.62
CA PHE L 193 -10.22 -32.63 -15.36
C PHE L 193 -11.49 -32.89 -14.57
N PHE L 194 -12.59 -33.08 -15.29
CA PHE L 194 -13.88 -33.33 -14.67
C PHE L 194 -14.57 -34.46 -15.42
N VAL L 195 -15.18 -35.38 -14.67
CA VAL L 195 -15.86 -36.52 -15.26
C VAL L 195 -17.35 -36.53 -14.93
N SER L 196 -18.18 -36.48 -15.96
CA SER L 196 -19.62 -36.52 -15.76
C SER L 196 -20.04 -37.98 -15.79
N LEU L 197 -20.78 -38.40 -14.76
CA LEU L 197 -21.24 -39.78 -14.69
C LEU L 197 -22.34 -40.04 -15.72
N PRO L 198 -22.47 -41.32 -16.14
CA PRO L 198 -23.49 -41.69 -17.13
C PRO L 198 -24.89 -41.34 -16.63
N PRO L 199 -25.72 -40.72 -17.49
CA PRO L 199 -27.08 -40.35 -17.11
C PRO L 199 -27.92 -41.56 -16.69
N PRO L 203 -27.07 -46.05 -18.34
CA PRO L 203 -25.90 -46.25 -17.50
C PRO L 203 -24.77 -46.98 -18.23
N GLY L 204 -25.03 -47.36 -19.47
CA GLY L 204 -24.03 -48.06 -20.25
C GLY L 204 -23.10 -47.13 -21.01
N SER L 205 -23.52 -45.89 -21.16
CA SER L 205 -22.72 -44.88 -21.87
C SER L 205 -21.41 -44.61 -21.14
N LYS L 206 -20.44 -44.06 -21.87
CA LYS L 206 -19.14 -43.74 -21.28
C LYS L 206 -19.21 -42.40 -20.56
N PRO L 207 -18.50 -42.27 -19.43
CA PRO L 207 -18.52 -41.00 -18.70
C PRO L 207 -17.90 -39.94 -19.59
N LYS L 208 -18.33 -38.69 -19.43
CA LYS L 208 -17.78 -37.61 -20.26
C LYS L 208 -16.63 -36.91 -19.54
N LEU L 209 -15.54 -36.70 -20.29
CA LEU L 209 -14.35 -36.07 -19.74
C LEU L 209 -14.16 -34.64 -20.25
N SER L 210 -13.98 -33.70 -19.33
CA SER L 210 -13.76 -32.30 -19.68
C SER L 210 -12.43 -31.84 -19.08
N CYS L 211 -11.90 -30.75 -19.63
CA CYS L 211 -10.63 -30.22 -19.16
C CYS L 211 -10.60 -28.69 -19.16
N LEU L 212 -10.16 -28.11 -18.06
CA LEU L 212 -10.05 -26.67 -17.96
C LEU L 212 -8.58 -26.37 -17.70
N MET L 213 -7.99 -25.55 -18.56
CA MET L 213 -6.60 -25.18 -18.42
C MET L 213 -6.46 -23.68 -18.21
N TYR L 214 -5.55 -23.29 -17.32
CA TYR L 214 -5.31 -21.89 -17.05
C TYR L 214 -3.93 -21.50 -17.57
N GLN L 215 -3.88 -20.45 -18.37
CA GLN L 215 -2.63 -19.99 -18.96
C GLN L 215 -2.34 -18.58 -18.45
N ARG L 216 -1.27 -18.43 -17.68
CA ARG L 216 -0.89 -17.14 -17.11
C ARG L 216 -0.48 -16.08 -18.14
N SER L 217 0.20 -16.53 -19.19
CA SER L 217 0.66 -15.63 -20.24
C SER L 217 0.28 -16.27 -21.57
N CYS L 218 -0.36 -15.49 -22.45
CA CYS L 218 -0.82 -16.04 -23.71
C CYS L 218 -0.45 -15.26 -24.97
N ASP L 219 0.44 -15.85 -25.78
CA ASP L 219 0.86 -15.24 -27.04
C ASP L 219 -0.18 -15.73 -28.03
N LEU L 220 -1.23 -14.95 -28.22
CA LEU L 220 -2.30 -15.35 -29.13
C LEU L 220 -1.88 -15.65 -30.56
N GLY L 221 -0.86 -14.95 -31.05
CA GLY L 221 -0.42 -15.19 -32.41
C GLY L 221 0.20 -16.56 -32.61
N LEU L 222 1.20 -16.88 -31.79
CA LEU L 222 1.91 -18.15 -31.90
C LEU L 222 1.60 -19.22 -30.85
N GLY L 223 1.49 -18.81 -29.59
CA GLY L 223 1.23 -19.76 -28.53
C GLY L 223 -0.14 -20.40 -28.44
N VAL L 224 -1.17 -19.59 -28.25
CA VAL L 224 -2.54 -20.06 -28.12
C VAL L 224 -2.94 -21.15 -29.12
N PRO L 225 -2.63 -20.97 -30.41
CA PRO L 225 -3.01 -22.01 -31.37
C PRO L 225 -2.49 -23.39 -30.94
N PHE L 226 -1.25 -23.43 -30.47
CA PHE L 226 -0.65 -24.69 -30.01
C PHE L 226 -1.30 -25.16 -28.70
N ASN L 227 -1.42 -24.25 -27.75
CA ASN L 227 -2.01 -24.57 -26.45
C ASN L 227 -3.38 -25.21 -26.58
N ILE L 228 -4.25 -24.60 -27.39
CA ILE L 228 -5.60 -25.12 -27.58
C ILE L 228 -5.60 -26.55 -28.11
N ALA L 229 -4.86 -26.78 -29.20
CA ALA L 229 -4.79 -28.12 -29.80
C ALA L 229 -4.09 -29.11 -28.88
N SER L 230 -3.06 -28.64 -28.19
CA SER L 230 -2.30 -29.49 -27.27
C SER L 230 -3.18 -30.11 -26.18
N TYR L 231 -3.85 -29.27 -25.40
CA TYR L 231 -4.71 -29.74 -24.34
C TYR L 231 -5.93 -30.51 -24.84
N ALA L 232 -6.37 -30.18 -26.05
CA ALA L 232 -7.51 -30.87 -26.64
C ALA L 232 -7.04 -32.30 -26.90
N LEU L 233 -5.83 -32.43 -27.44
CA LEU L 233 -5.25 -33.72 -27.75
C LEU L 233 -4.98 -34.52 -26.47
N LEU L 234 -4.49 -33.85 -25.44
CA LEU L 234 -4.19 -34.51 -24.17
C LEU L 234 -5.48 -35.12 -23.61
N THR L 235 -6.57 -34.37 -23.72
CA THR L 235 -7.86 -34.84 -23.22
C THR L 235 -8.33 -36.06 -24.01
N HIS L 236 -8.07 -36.06 -25.32
CA HIS L 236 -8.44 -37.17 -26.17
C HIS L 236 -7.63 -38.40 -25.75
N MET L 237 -6.33 -38.19 -25.53
CA MET L 237 -5.42 -39.26 -25.12
C MET L 237 -5.91 -39.90 -23.81
N ILE L 238 -6.08 -39.06 -22.80
CA ILE L 238 -6.54 -39.52 -21.49
C ILE L 238 -7.89 -40.22 -21.58
N ALA L 239 -8.77 -39.73 -22.45
CA ALA L 239 -10.08 -40.33 -22.62
C ALA L 239 -9.97 -41.77 -23.10
N LEU L 240 -9.06 -42.00 -24.04
CA LEU L 240 -8.85 -43.34 -24.58
C LEU L 240 -8.36 -44.33 -23.52
N ILE L 241 -7.41 -43.87 -22.70
CA ILE L 241 -6.84 -44.72 -21.66
C ILE L 241 -7.79 -44.96 -20.48
N THR L 242 -8.70 -44.02 -20.24
CA THR L 242 -9.63 -44.14 -19.13
C THR L 242 -11.02 -44.62 -19.51
N ASP L 243 -11.21 -44.94 -20.79
CA ASP L 243 -12.51 -45.40 -21.27
C ASP L 243 -13.60 -44.35 -21.07
N THR L 244 -13.25 -43.08 -21.30
CA THR L 244 -14.20 -42.00 -21.17
C THR L 244 -14.36 -41.31 -22.52
N GLU L 245 -15.38 -40.48 -22.64
CA GLU L 245 -15.67 -39.77 -23.89
C GLU L 245 -15.30 -38.29 -23.77
N PRO L 246 -14.37 -37.80 -24.60
CA PRO L 246 -14.00 -36.40 -24.55
C PRO L 246 -15.24 -35.53 -24.73
N HIS L 247 -15.40 -34.52 -23.87
CA HIS L 247 -16.58 -33.67 -23.96
C HIS L 247 -16.30 -32.20 -24.24
N GLU L 248 -15.60 -31.53 -23.34
CA GLU L 248 -15.32 -30.12 -23.50
C GLU L 248 -13.97 -29.67 -22.96
N PHE L 249 -13.38 -28.67 -23.62
CA PHE L 249 -12.11 -28.11 -23.20
C PHE L 249 -12.30 -26.63 -22.96
N ILE L 250 -11.93 -26.17 -21.77
CA ILE L 250 -12.06 -24.77 -21.40
C ILE L 250 -10.68 -24.15 -21.20
N LEU L 251 -10.48 -22.96 -21.74
CA LEU L 251 -9.20 -22.28 -21.61
C LEU L 251 -9.34 -20.88 -21.01
N GLN L 252 -8.88 -20.72 -19.77
CA GLN L 252 -8.93 -19.42 -19.11
C GLN L 252 -7.57 -18.76 -19.20
N MET L 253 -7.56 -17.51 -19.65
CA MET L 253 -6.31 -16.78 -19.82
C MET L 253 -6.07 -15.73 -18.77
N GLY L 254 -4.79 -15.47 -18.50
CA GLY L 254 -4.41 -14.44 -17.55
C GLY L 254 -4.04 -13.24 -18.38
N ASP L 255 -2.75 -13.08 -18.62
CA ASP L 255 -2.26 -11.97 -19.44
C ASP L 255 -2.37 -12.38 -20.91
N ALA L 256 -3.46 -11.96 -21.56
CA ALA L 256 -3.69 -12.28 -22.96
C ALA L 256 -3.14 -11.12 -23.80
N HIS L 257 -2.14 -11.41 -24.63
CA HIS L 257 -1.52 -10.37 -25.44
C HIS L 257 -1.22 -10.73 -26.90
N VAL L 258 -1.01 -9.68 -27.68
CA VAL L 258 -0.67 -9.79 -29.09
C VAL L 258 0.62 -8.98 -29.25
N TYR L 259 1.70 -9.63 -29.66
CA TYR L 259 2.96 -8.93 -29.83
C TYR L 259 2.86 -7.86 -30.93
N ARG L 260 3.58 -6.77 -30.74
CA ARG L 260 3.58 -5.65 -31.68
C ARG L 260 3.83 -6.08 -33.13
N ASP L 261 4.77 -7.00 -33.32
CA ASP L 261 5.10 -7.47 -34.66
C ASP L 261 4.17 -8.56 -35.19
N HIS L 262 3.06 -8.79 -34.48
CA HIS L 262 2.08 -9.79 -34.89
C HIS L 262 0.79 -9.15 -35.35
N VAL L 263 0.62 -7.87 -35.01
CA VAL L 263 -0.59 -7.13 -35.36
C VAL L 263 -0.96 -7.19 -36.83
N GLU L 264 -0.04 -6.79 -37.71
CA GLU L 264 -0.32 -6.81 -39.14
C GLU L 264 -0.57 -8.21 -39.68
N PRO L 265 0.30 -9.18 -39.33
CA PRO L 265 0.07 -10.54 -39.84
C PRO L 265 -1.30 -11.09 -39.42
N LEU L 266 -1.70 -10.80 -38.18
CA LEU L 266 -2.97 -11.28 -37.67
C LEU L 266 -4.17 -10.63 -38.37
N LYS L 267 -4.02 -9.37 -38.79
CA LYS L 267 -5.10 -8.68 -39.48
C LYS L 267 -5.48 -9.45 -40.74
N THR L 268 -4.48 -10.06 -41.36
CA THR L 268 -4.71 -10.84 -42.57
C THR L 268 -5.52 -12.08 -42.23
N GLN L 269 -5.21 -12.68 -41.08
CA GLN L 269 -5.92 -13.87 -40.63
C GLN L 269 -7.37 -13.56 -40.27
N LEU L 270 -7.59 -12.39 -39.68
CA LEU L 270 -8.92 -11.97 -39.26
C LEU L 270 -9.91 -11.87 -40.42
N GLU L 271 -9.38 -11.77 -41.64
CA GLU L 271 -10.22 -11.65 -42.83
C GLU L 271 -10.73 -13.01 -43.31
N ARG L 272 -10.14 -14.08 -42.78
CA ARG L 272 -10.52 -15.43 -43.19
C ARG L 272 -11.67 -16.06 -42.41
N GLU L 273 -12.49 -16.81 -43.13
CA GLU L 273 -13.63 -17.51 -42.54
C GLU L 273 -13.20 -18.93 -42.20
N PRO L 274 -13.39 -19.34 -40.94
CA PRO L 274 -13.03 -20.67 -40.46
C PRO L 274 -13.69 -21.83 -41.21
N ARG L 275 -12.98 -22.94 -41.30
CA ARG L 275 -13.48 -24.15 -41.94
C ARG L 275 -13.86 -25.07 -40.76
N ASP L 276 -14.74 -26.04 -40.99
CA ASP L 276 -15.12 -26.93 -39.92
C ASP L 276 -13.88 -27.62 -39.35
N PHE L 277 -13.81 -27.73 -38.03
CA PHE L 277 -12.68 -28.38 -37.38
C PHE L 277 -12.53 -29.82 -37.86
N PRO L 278 -11.29 -30.33 -37.86
CA PRO L 278 -11.01 -31.70 -38.28
C PRO L 278 -11.37 -32.67 -37.16
N LYS L 279 -11.29 -33.97 -37.44
CA LYS L 279 -11.60 -34.98 -36.44
C LYS L 279 -10.39 -35.85 -36.16
N LEU L 280 -10.30 -36.33 -34.93
CA LEU L 280 -9.18 -37.18 -34.51
C LEU L 280 -9.56 -38.66 -34.46
N LYS L 281 -8.69 -39.49 -35.00
CA LYS L 281 -8.89 -40.94 -35.01
C LYS L 281 -7.58 -41.58 -34.56
N TRP L 282 -7.66 -42.76 -33.96
CA TRP L 282 -6.46 -43.46 -33.51
C TRP L 282 -6.06 -44.55 -34.49
N ALA L 283 -4.77 -44.61 -34.80
CA ALA L 283 -4.25 -45.60 -35.74
C ALA L 283 -4.15 -46.97 -35.09
N ARG L 284 -4.23 -47.00 -33.75
CA ARG L 284 -4.16 -48.25 -33.00
C ARG L 284 -5.25 -48.27 -31.94
N SER L 285 -5.42 -49.43 -31.31
CA SER L 285 -6.44 -49.60 -30.28
C SER L 285 -5.90 -49.26 -28.89
N LYS L 286 -6.81 -49.17 -27.93
CA LYS L 286 -6.45 -48.85 -26.56
C LYS L 286 -5.47 -49.89 -26.03
N GLU L 287 -5.76 -51.15 -26.30
CA GLU L 287 -4.92 -52.26 -25.87
C GLU L 287 -3.51 -52.16 -26.45
N GLU L 288 -3.42 -51.85 -27.73
CA GLU L 288 -2.12 -51.73 -28.39
C GLU L 288 -1.30 -50.58 -27.80
N ILE L 289 -1.94 -49.44 -27.62
CA ILE L 289 -1.26 -48.28 -27.05
C ILE L 289 -0.90 -48.56 -25.60
N GLY L 290 -1.77 -49.29 -24.91
CA GLY L 290 -1.51 -49.64 -23.52
C GLY L 290 -1.84 -48.59 -22.48
N ASP L 291 -0.94 -47.63 -22.30
CA ASP L 291 -1.14 -46.58 -21.32
C ASP L 291 -0.79 -45.21 -21.90
N ILE L 292 -0.81 -44.20 -21.03
CA ILE L 292 -0.52 -42.83 -21.44
C ILE L 292 0.90 -42.66 -22.01
N ASP L 293 1.78 -43.61 -21.71
CA ASP L 293 3.16 -43.54 -22.18
C ASP L 293 3.39 -44.34 -23.45
N GLY L 294 2.33 -44.92 -24.01
CA GLY L 294 2.47 -45.73 -25.20
C GLY L 294 2.09 -45.09 -26.52
N PHE L 295 1.76 -43.80 -26.51
CA PHE L 295 1.38 -43.11 -27.75
C PHE L 295 2.56 -42.76 -28.64
N LYS L 296 2.31 -42.72 -29.93
CA LYS L 296 3.33 -42.39 -30.93
C LYS L 296 2.73 -41.35 -31.88
N VAL L 297 3.58 -40.53 -32.48
CA VAL L 297 3.12 -39.50 -33.40
C VAL L 297 2.16 -40.06 -34.45
N GLU L 298 2.54 -41.18 -35.05
CA GLU L 298 1.74 -41.82 -36.09
C GLU L 298 0.39 -42.36 -35.61
N ASP L 299 0.16 -42.34 -34.30
CA ASP L 299 -1.11 -42.83 -33.76
C ASP L 299 -2.21 -41.79 -33.99
N PHE L 300 -1.81 -40.53 -34.11
CA PHE L 300 -2.76 -39.43 -34.30
C PHE L 300 -3.17 -39.25 -35.76
N VAL L 301 -4.36 -39.74 -36.10
CA VAL L 301 -4.87 -39.61 -37.45
C VAL L 301 -5.89 -38.48 -37.52
N VAL L 302 -5.44 -37.31 -37.97
CA VAL L 302 -6.31 -36.15 -38.08
C VAL L 302 -6.86 -36.05 -39.51
N GLU L 303 -8.17 -36.19 -39.64
CA GLU L 303 -8.79 -36.13 -40.96
C GLU L 303 -9.72 -34.94 -41.12
N GLY L 304 -9.79 -34.41 -42.34
CA GLY L 304 -10.65 -33.29 -42.62
C GLY L 304 -10.05 -31.93 -42.29
N TYR L 305 -8.75 -31.86 -42.08
CA TYR L 305 -8.10 -30.59 -41.78
C TYR L 305 -7.97 -29.78 -43.07
N LYS L 306 -8.67 -28.67 -43.15
CA LYS L 306 -8.63 -27.81 -44.34
C LYS L 306 -8.41 -26.35 -43.96
N PRO L 307 -7.17 -26.00 -43.60
CA PRO L 307 -6.81 -24.64 -43.21
C PRO L 307 -6.43 -23.73 -44.37
N TRP L 308 -6.36 -22.43 -44.10
CA TRP L 308 -5.96 -21.48 -45.11
C TRP L 308 -4.44 -21.48 -45.11
N GLY L 309 -3.85 -20.56 -45.87
CA GLY L 309 -2.40 -20.49 -45.93
C GLY L 309 -1.74 -20.18 -44.60
N LYS L 310 -0.43 -20.42 -44.53
CA LYS L 310 0.32 -20.16 -43.31
C LYS L 310 0.52 -18.66 -43.15
N ILE L 311 0.71 -18.23 -41.91
CA ILE L 311 0.94 -16.82 -41.62
C ILE L 311 2.22 -16.71 -40.81
N ASP L 312 3.23 -16.08 -41.39
CA ASP L 312 4.52 -15.94 -40.73
C ASP L 312 4.49 -14.94 -39.58
N MET L 313 4.98 -15.40 -38.43
CA MET L 313 5.06 -14.57 -37.23
C MET L 313 6.30 -14.94 -36.45
N LYS L 314 7.12 -13.95 -36.14
CA LYS L 314 8.36 -14.17 -35.40
C LYS L 314 8.11 -14.32 -33.91
N MET L 315 8.78 -15.27 -33.29
CA MET L 315 8.63 -15.51 -31.86
C MET L 315 9.66 -14.66 -31.11
N SER L 316 9.21 -13.98 -30.06
CA SER L 316 10.10 -13.15 -29.26
C SER L 316 10.67 -13.97 -28.12
N ALA L 317 11.99 -14.17 -28.14
CA ALA L 317 12.66 -14.95 -27.10
C ALA L 317 12.60 -14.28 -25.74
N PRO M 16 -27.69 -19.51 64.59
CA PRO M 16 -27.16 -18.50 63.64
C PRO M 16 -27.81 -18.64 62.27
N ASP M 17 -28.53 -19.73 62.07
CA ASP M 17 -29.20 -19.99 60.80
C ASP M 17 -30.64 -19.47 60.81
N HIS M 18 -31.06 -18.85 61.90
CA HIS M 18 -32.42 -18.32 61.99
C HIS M 18 -32.61 -17.30 60.87
N GLU M 19 -33.62 -17.53 60.03
CA GLU M 19 -33.93 -16.66 58.91
C GLU M 19 -34.13 -15.18 59.25
N GLU M 20 -34.52 -14.88 60.48
CA GLU M 20 -34.75 -13.50 60.87
C GLU M 20 -33.47 -12.66 60.86
N TYR M 21 -32.32 -13.32 60.96
CA TYR M 21 -31.05 -12.62 60.95
C TYR M 21 -30.81 -11.93 59.61
N GLN M 22 -31.50 -12.38 58.57
CA GLN M 22 -31.38 -11.77 57.25
C GLN M 22 -31.85 -10.33 57.38
N TYR M 23 -33.01 -10.17 58.04
CA TYR M 23 -33.61 -8.86 58.25
C TYR M 23 -32.77 -8.00 59.18
N LEU M 24 -32.32 -8.56 60.29
CA LEU M 24 -31.50 -7.84 61.25
C LEU M 24 -30.16 -7.42 60.67
N ASP M 25 -29.52 -8.33 59.94
CA ASP M 25 -28.22 -8.05 59.33
C ASP M 25 -28.30 -6.94 58.29
N LEU M 26 -29.35 -6.94 57.48
CA LEU M 26 -29.49 -5.92 56.46
C LEU M 26 -29.64 -4.55 57.08
N ILE M 27 -30.44 -4.45 58.14
CA ILE M 27 -30.63 -3.19 58.82
C ILE M 27 -29.31 -2.69 59.37
N ARG M 28 -28.55 -3.60 59.99
CA ARG M 28 -27.25 -3.26 60.56
C ARG M 28 -26.34 -2.74 59.45
N ARG M 29 -26.39 -3.39 58.29
CA ARG M 29 -25.55 -3.00 57.15
C ARG M 29 -25.95 -1.63 56.61
N ILE M 30 -27.26 -1.40 56.47
CA ILE M 30 -27.77 -0.13 55.96
C ILE M 30 -27.33 1.03 56.87
N ILE M 31 -27.44 0.81 58.18
CA ILE M 31 -27.06 1.84 59.14
C ILE M 31 -25.55 2.11 59.06
N ASN M 32 -24.77 1.03 58.90
CA ASN M 32 -23.32 1.14 58.83
C ASN M 32 -22.77 1.75 57.54
N VAL M 33 -23.08 1.15 56.40
CA VAL M 33 -22.56 1.64 55.13
C VAL M 33 -23.62 2.23 54.18
N GLY M 34 -24.83 2.41 54.68
CA GLY M 34 -25.88 2.97 53.84
C GLY M 34 -25.60 4.41 53.47
N GLU M 35 -26.24 4.88 52.40
CA GLU M 35 -26.06 6.25 51.92
C GLU M 35 -27.16 7.16 52.44
N VAL M 36 -26.77 8.26 53.08
CA VAL M 36 -27.73 9.22 53.60
C VAL M 36 -28.36 9.94 52.42
N ARG M 37 -29.69 9.89 52.33
CA ARG M 37 -30.38 10.50 51.20
C ARG M 37 -31.67 11.23 51.56
N PRO M 38 -32.02 12.25 50.77
CA PRO M 38 -33.25 13.03 50.98
C PRO M 38 -34.35 12.17 50.40
N ASP M 39 -35.60 12.42 50.77
CA ASP M 39 -36.69 11.62 50.22
C ASP M 39 -37.99 12.39 50.14
N ARG M 40 -38.99 11.76 49.53
CA ARG M 40 -40.30 12.36 49.36
C ARG M 40 -40.95 12.84 50.66
N THR M 41 -40.80 12.06 51.73
CA THR M 41 -41.40 12.40 53.02
C THR M 41 -40.76 13.60 53.70
N GLY M 42 -39.48 13.79 53.47
CA GLY M 42 -38.78 14.91 54.08
C GLY M 42 -38.05 14.57 55.37
N THR M 43 -38.20 13.35 55.85
CA THR M 43 -37.53 12.96 57.10
C THR M 43 -36.12 12.44 56.81
N GLY M 44 -35.89 12.02 55.57
CA GLY M 44 -34.58 11.50 55.19
C GLY M 44 -34.38 10.04 55.53
N THR M 45 -33.46 9.39 54.84
CA THR M 45 -33.18 7.98 55.06
C THR M 45 -31.73 7.63 54.79
N VAL M 46 -31.39 6.38 55.05
CA VAL M 46 -30.07 5.83 54.80
C VAL M 46 -30.44 4.60 53.97
N ALA M 47 -29.85 4.45 52.80
CA ALA M 47 -30.23 3.31 51.96
C ALA M 47 -29.16 2.65 51.12
N LEU M 48 -29.52 1.46 50.64
CA LEU M 48 -28.69 0.62 49.77
C LEU M 48 -29.61 0.14 48.66
N PHE M 49 -29.09 0.01 47.45
CA PHE M 49 -29.92 -0.44 46.34
C PHE M 49 -29.68 -1.90 45.97
N ALA M 50 -30.77 -2.62 45.71
CA ALA M 50 -30.73 -4.02 45.31
C ALA M 50 -29.83 -4.92 46.14
N PRO M 51 -30.04 -4.98 47.47
CA PRO M 51 -29.20 -5.86 48.28
C PRO M 51 -29.64 -7.30 48.07
N PRO M 52 -28.84 -8.28 48.54
CA PRO M 52 -29.23 -9.68 48.36
C PRO M 52 -30.66 -9.91 48.84
N SER M 53 -31.39 -10.75 48.12
CA SER M 53 -32.78 -11.05 48.46
C SER M 53 -32.92 -11.90 49.71
N PHE M 54 -34.12 -11.84 50.32
CA PHE M 54 -34.41 -12.62 51.52
C PHE M 54 -35.11 -13.91 51.09
N ARG M 55 -34.83 -14.99 51.80
CA ARG M 55 -35.46 -16.28 51.51
C ARG M 55 -36.04 -16.83 52.81
N PHE M 56 -37.31 -17.17 52.79
CA PHE M 56 -37.98 -17.71 53.97
C PHE M 56 -38.68 -19.02 53.64
N SER M 57 -38.46 -20.03 54.47
CA SER M 57 -39.08 -21.33 54.27
C SER M 57 -40.51 -21.30 54.78
N LEU M 58 -41.44 -21.82 53.98
CA LEU M 58 -42.84 -21.84 54.37
C LEU M 58 -43.28 -23.28 54.65
N ALA M 59 -42.32 -24.19 54.65
CA ALA M 59 -42.59 -25.59 54.91
C ALA M 59 -43.01 -25.81 56.37
N ASP M 60 -43.68 -26.93 56.63
CA ASP M 60 -44.13 -27.27 57.97
C ASP M 60 -45.00 -26.17 58.57
N ASN M 61 -45.87 -25.59 57.75
CA ASN M 61 -46.79 -24.54 58.18
C ASN M 61 -46.10 -23.34 58.83
N THR M 62 -44.83 -23.11 58.48
CA THR M 62 -44.08 -22.00 59.07
C THR M 62 -44.49 -20.63 58.52
N LEU M 63 -44.64 -19.67 59.42
CA LEU M 63 -45.00 -18.30 59.07
C LEU M 63 -43.90 -17.37 59.53
N PRO M 64 -43.18 -16.74 58.59
CA PRO M 64 -42.09 -15.82 58.93
C PRO M 64 -42.56 -14.49 59.54
N LEU M 65 -43.14 -14.57 60.73
CA LEU M 65 -43.61 -13.39 61.44
C LEU M 65 -42.49 -13.00 62.40
N LEU M 66 -41.84 -11.86 62.12
CA LEU M 66 -40.72 -11.39 62.94
C LEU M 66 -40.98 -11.48 64.44
N THR M 67 -39.97 -11.92 65.18
CA THR M 67 -40.09 -12.09 66.63
C THR M 67 -39.26 -11.09 67.45
N THR M 68 -38.34 -10.37 66.82
CA THR M 68 -37.53 -9.41 67.54
C THR M 68 -38.32 -8.17 67.96
N LYS M 69 -39.61 -8.19 67.64
CA LYS M 69 -40.53 -7.11 68.01
C LYS M 69 -41.95 -7.63 67.79
N ARG M 70 -42.91 -7.09 68.53
CA ARG M 70 -44.28 -7.53 68.37
C ARG M 70 -44.85 -6.93 67.08
N VAL M 71 -45.27 -7.80 66.16
CA VAL M 71 -45.83 -7.35 64.90
C VAL M 71 -47.36 -7.43 64.96
N PHE M 72 -48.02 -6.37 64.50
CA PHE M 72 -49.48 -6.31 64.48
C PHE M 72 -50.03 -7.32 63.47
N LEU M 73 -50.06 -8.59 63.88
CA LEU M 73 -50.55 -9.67 63.02
C LEU M 73 -51.93 -9.43 62.45
N ARG M 74 -52.90 -9.10 63.31
CA ARG M 74 -54.26 -8.86 62.85
C ARG M 74 -54.29 -7.77 61.78
N GLY M 75 -53.40 -6.80 61.89
CA GLY M 75 -53.33 -5.74 60.91
C GLY M 75 -52.85 -6.25 59.57
N VAL M 76 -51.89 -7.17 59.59
CA VAL M 76 -51.36 -7.76 58.37
C VAL M 76 -52.44 -8.55 57.65
N ILE M 77 -53.13 -9.40 58.40
CA ILE M 77 -54.20 -10.23 57.86
C ILE M 77 -55.32 -9.36 57.30
N ALA M 78 -55.75 -8.36 58.06
CA ALA M 78 -56.82 -7.47 57.63
C ALA M 78 -56.49 -6.78 56.31
N GLU M 79 -55.27 -6.26 56.20
CA GLU M 79 -54.84 -5.58 54.98
C GLU M 79 -54.81 -6.55 53.80
N LEU M 80 -54.35 -7.77 54.04
CA LEU M 80 -54.27 -8.78 53.00
C LEU M 80 -55.65 -9.16 52.46
N LEU M 81 -56.57 -9.49 53.35
CA LEU M 81 -57.92 -9.86 52.93
C LEU M 81 -58.56 -8.66 52.24
N TRP M 82 -58.08 -7.48 52.60
CA TRP M 82 -58.56 -6.23 52.03
C TRP M 82 -58.08 -6.15 50.58
N PHE M 83 -56.81 -6.49 50.34
CA PHE M 83 -56.26 -6.48 48.99
C PHE M 83 -57.07 -7.44 48.14
N VAL M 84 -57.15 -8.70 48.60
CA VAL M 84 -57.87 -9.75 47.91
C VAL M 84 -59.29 -9.36 47.51
N SER M 85 -59.98 -8.64 48.38
CA SER M 85 -61.35 -8.22 48.11
C SER M 85 -61.39 -7.19 46.98
N GLY M 86 -60.24 -6.62 46.65
CA GLY M 86 -60.19 -5.62 45.60
C GLY M 86 -60.62 -4.24 46.09
N CYS M 87 -60.89 -4.14 47.37
CA CYS M 87 -61.31 -2.88 47.98
C CYS M 87 -60.17 -1.88 48.09
N THR M 88 -60.50 -0.59 47.96
CA THR M 88 -59.51 0.46 48.03
C THR M 88 -59.91 1.55 49.03
N ASP M 89 -60.89 1.24 49.88
CA ASP M 89 -61.37 2.18 50.88
C ASP M 89 -60.71 1.87 52.22
N ALA M 90 -59.83 2.77 52.65
CA ALA M 90 -59.11 2.60 53.91
C ALA M 90 -60.03 2.53 55.14
N LYS M 91 -61.24 3.06 55.00
CA LYS M 91 -62.20 3.03 56.11
C LYS M 91 -62.56 1.59 56.46
N MET M 92 -62.41 0.69 55.51
CA MET M 92 -62.72 -0.72 55.73
C MET M 92 -61.71 -1.34 56.69
N LEU M 93 -60.56 -0.69 56.82
CA LEU M 93 -59.51 -1.17 57.71
C LEU M 93 -59.62 -0.46 59.06
N SER M 94 -59.80 0.85 59.03
CA SER M 94 -59.91 1.63 60.27
C SER M 94 -61.17 1.26 61.04
N SER M 95 -62.21 0.84 60.33
CA SER M 95 -63.47 0.46 60.98
C SER M 95 -63.28 -0.82 61.80
N GLN M 96 -62.25 -1.60 61.46
CA GLN M 96 -62.00 -2.83 62.19
C GLN M 96 -60.75 -2.71 63.06
N GLY M 97 -60.36 -1.48 63.38
CA GLY M 97 -59.21 -1.24 64.23
C GLY M 97 -57.84 -1.29 63.61
N VAL M 98 -57.77 -1.13 62.29
CA VAL M 98 -56.48 -1.15 61.58
C VAL M 98 -56.30 0.16 60.83
N GLY M 99 -55.41 1.01 61.34
CA GLY M 99 -55.21 2.31 60.71
C GLY M 99 -53.89 2.52 59.98
N ILE M 100 -53.29 1.44 59.48
CA ILE M 100 -52.02 1.55 58.77
C ILE M 100 -52.11 2.44 57.53
N TRP M 101 -53.31 2.54 56.95
CA TRP M 101 -53.50 3.36 55.76
C TRP M 101 -54.20 4.70 56.03
N ASP M 102 -54.40 5.01 57.31
CA ASP M 102 -55.06 6.27 57.67
C ASP M 102 -54.19 7.46 57.26
N GLY M 103 -52.88 7.31 57.39
CA GLY M 103 -51.96 8.37 57.05
C GLY M 103 -52.03 8.86 55.61
N ASN M 104 -52.03 7.92 54.66
CA ASN M 104 -52.09 8.31 53.25
C ASN M 104 -53.51 8.42 52.73
N GLY M 105 -54.48 8.08 53.59
CA GLY M 105 -55.87 8.17 53.21
C GLY M 105 -56.55 9.36 53.83
N SER M 106 -55.82 10.10 54.66
CA SER M 106 -56.37 11.29 55.31
C SER M 106 -56.75 12.34 54.28
N LYS M 107 -57.77 13.12 54.59
CA LYS M 107 -58.23 14.16 53.69
C LYS M 107 -57.12 15.20 53.47
N GLU M 108 -56.20 15.27 54.43
CA GLU M 108 -55.08 16.20 54.35
C GLU M 108 -54.04 15.76 53.32
N PHE M 109 -53.67 14.49 53.36
CA PHE M 109 -52.68 13.95 52.44
C PHE M 109 -53.21 13.92 51.01
N LEU M 110 -54.45 13.47 50.86
CA LEU M 110 -55.07 13.38 49.54
C LEU M 110 -55.06 14.73 48.83
N GLU M 111 -55.49 15.77 49.54
CA GLU M 111 -55.51 17.11 48.96
C GLU M 111 -54.08 17.55 48.68
N LYS M 112 -53.16 17.05 49.47
CA LYS M 112 -51.74 17.36 49.34
C LYS M 112 -51.15 16.84 48.03
N VAL M 113 -51.63 15.68 47.59
CA VAL M 113 -51.15 15.08 46.35
C VAL M 113 -52.05 15.33 45.15
N GLY M 114 -52.91 16.34 45.26
CA GLY M 114 -53.81 16.67 44.16
C GLY M 114 -55.03 15.77 44.00
N LEU M 115 -55.46 15.15 45.09
CA LEU M 115 -56.63 14.27 45.05
C LEU M 115 -57.69 14.76 46.04
N GLY M 116 -57.87 16.07 46.12
CA GLY M 116 -58.83 16.65 47.03
C GLY M 116 -60.29 16.37 46.73
N HIS M 117 -60.58 15.92 45.52
CA HIS M 117 -61.94 15.62 45.09
C HIS M 117 -62.43 14.28 45.64
N ARG M 118 -61.56 13.57 46.33
CA ARG M 118 -61.92 12.27 46.89
C ARG M 118 -62.25 12.36 48.38
N ARG M 119 -63.15 11.52 48.84
CA ARG M 119 -63.51 11.51 50.24
C ARG M 119 -62.37 10.84 51.01
N GLU M 120 -62.22 11.18 52.28
CA GLU M 120 -61.17 10.62 53.11
C GLU M 120 -61.24 9.09 53.08
N GLY M 121 -60.09 8.46 52.88
CA GLY M 121 -60.05 7.00 52.85
C GLY M 121 -60.00 6.40 51.46
N ASP M 122 -60.46 7.17 50.46
CA ASP M 122 -60.46 6.70 49.09
C ASP M 122 -59.06 6.84 48.50
N LEU M 123 -58.27 5.76 48.60
CA LEU M 123 -56.89 5.75 48.13
C LEU M 123 -56.74 5.71 46.61
N GLY M 124 -57.78 5.30 45.91
CA GLY M 124 -57.70 5.23 44.46
C GLY M 124 -57.50 3.80 43.99
N PRO M 125 -57.14 3.59 42.71
CA PRO M 125 -56.92 2.25 42.17
C PRO M 125 -55.60 1.61 42.61
N VAL M 126 -55.45 1.42 43.91
CA VAL M 126 -54.24 0.82 44.47
C VAL M 126 -54.31 -0.71 44.49
N TYR M 127 -53.28 -1.33 45.07
CA TYR M 127 -53.14 -2.79 45.18
C TYR M 127 -54.36 -3.64 44.81
N GLY M 128 -55.27 -3.81 45.76
CA GLY M 128 -56.45 -4.62 45.53
C GLY M 128 -57.19 -4.43 44.22
N PHE M 129 -57.34 -3.17 43.81
CA PHE M 129 -58.05 -2.88 42.57
C PHE M 129 -57.30 -3.41 41.36
N GLN M 130 -55.98 -3.22 41.34
CA GLN M 130 -55.17 -3.70 40.24
C GLN M 130 -55.15 -5.22 40.21
N TRP M 131 -55.08 -5.82 41.39
CA TRP M 131 -55.05 -7.27 41.53
C TRP M 131 -56.27 -7.97 40.93
N ARG M 132 -57.45 -7.42 41.18
CA ARG M 132 -58.69 -8.03 40.70
C ARG M 132 -59.38 -7.34 39.51
N HIS M 133 -58.98 -6.11 39.21
CA HIS M 133 -59.62 -5.37 38.11
C HIS M 133 -58.66 -4.57 37.25
N PHE M 134 -57.44 -5.07 37.06
CA PHE M 134 -56.45 -4.35 36.26
C PHE M 134 -56.99 -3.94 34.89
N GLY M 135 -56.86 -2.66 34.57
CA GLY M 135 -57.31 -2.17 33.29
C GLY M 135 -58.66 -1.48 33.34
N ALA M 136 -59.48 -1.80 34.34
CA ALA M 136 -60.79 -1.20 34.48
C ALA M 136 -60.71 0.29 34.79
N GLU M 137 -61.76 1.01 34.44
CA GLU M 137 -61.84 2.45 34.67
C GLU M 137 -62.21 2.68 36.13
N TYR M 138 -61.44 3.52 36.81
CA TYR M 138 -61.70 3.82 38.22
C TYR M 138 -62.45 5.13 38.40
N THR M 139 -63.53 5.08 39.18
CA THR M 139 -64.32 6.28 39.46
C THR M 139 -64.01 6.67 40.90
N ASP M 140 -64.54 5.90 41.85
CA ASP M 140 -64.29 6.12 43.26
C ASP M 140 -64.24 4.76 43.95
N ALA M 141 -64.14 4.70 45.30
CA ALA M 141 -64.09 3.40 45.95
C ALA M 141 -65.41 2.65 45.99
N ASP M 142 -66.50 3.36 45.71
CA ASP M 142 -67.83 2.76 45.73
C ASP M 142 -68.24 2.23 44.36
N GLY M 143 -67.40 2.45 43.36
CA GLY M 143 -67.71 2.00 42.02
C GLY M 143 -67.95 0.51 41.91
N ASP M 144 -68.74 0.12 40.92
CA ASP M 144 -69.05 -1.29 40.68
C ASP M 144 -68.06 -1.83 39.66
N TYR M 145 -67.10 -2.61 40.13
CA TYR M 145 -66.07 -3.17 39.26
C TYR M 145 -66.18 -4.68 39.06
N LYS M 146 -67.23 -5.28 39.62
CA LYS M 146 -67.42 -6.72 39.49
C LYS M 146 -67.43 -7.13 38.02
N GLY M 147 -66.56 -8.08 37.67
CA GLY M 147 -66.49 -8.56 36.30
C GLY M 147 -65.79 -7.61 35.33
N LYS M 148 -65.19 -6.56 35.87
CA LYS M 148 -64.48 -5.60 35.02
C LYS M 148 -62.97 -5.66 35.24
N GLY M 149 -62.21 -5.51 34.15
CA GLY M 149 -60.77 -5.57 34.24
C GLY M 149 -60.27 -6.99 34.31
N VAL M 150 -58.96 -7.16 34.45
CA VAL M 150 -58.35 -8.49 34.51
C VAL M 150 -58.18 -8.95 35.96
N ASP M 151 -58.73 -10.12 36.27
CA ASP M 151 -58.64 -10.67 37.62
C ASP M 151 -57.38 -11.52 37.70
N GLN M 152 -56.24 -10.87 37.90
CA GLN M 152 -54.95 -11.55 37.98
C GLN M 152 -54.90 -12.64 39.04
N LEU M 153 -55.44 -12.35 40.21
CA LEU M 153 -55.41 -13.30 41.32
C LEU M 153 -56.08 -14.63 40.97
N GLN M 154 -57.33 -14.59 40.51
CA GLN M 154 -58.02 -15.82 40.16
C GLN M 154 -57.31 -16.56 39.03
N ARG M 155 -56.74 -15.82 38.08
CA ARG M 155 -56.02 -16.44 36.97
C ARG M 155 -54.81 -17.19 37.55
N VAL M 156 -54.17 -16.62 38.55
CA VAL M 156 -53.02 -17.25 39.19
C VAL M 156 -53.47 -18.58 39.79
N ILE M 157 -54.62 -18.57 40.46
CA ILE M 157 -55.18 -19.76 41.08
C ILE M 157 -55.44 -20.83 40.01
N ASP M 158 -56.20 -20.44 39.00
CA ASP M 158 -56.55 -21.35 37.90
C ASP M 158 -55.32 -21.95 37.22
N THR M 159 -54.31 -21.12 36.99
CA THR M 159 -53.09 -21.55 36.34
C THR M 159 -52.30 -22.56 37.18
N ILE M 160 -52.19 -22.29 38.48
CA ILE M 160 -51.48 -23.18 39.38
C ILE M 160 -52.11 -24.57 39.38
N LYS M 161 -53.44 -24.60 39.33
CA LYS M 161 -54.20 -25.85 39.35
C LYS M 161 -54.24 -26.61 38.04
N ASN M 162 -54.35 -25.89 36.92
CA ASN M 162 -54.45 -26.54 35.62
C ASN M 162 -53.24 -26.50 34.71
N ASN M 163 -52.28 -25.62 35.00
CA ASN M 163 -51.08 -25.52 34.18
C ASN M 163 -49.95 -24.93 35.02
N PRO M 164 -49.53 -25.64 36.07
CA PRO M 164 -48.47 -25.26 37.01
C PRO M 164 -47.11 -24.89 36.42
N THR M 165 -46.75 -25.51 35.31
CA THR M 165 -45.46 -25.21 34.69
C THR M 165 -45.48 -23.92 33.87
N ASP M 166 -46.62 -23.24 33.85
CA ASP M 166 -46.75 -21.99 33.12
C ASP M 166 -45.73 -21.01 33.72
N ARG M 167 -45.11 -20.19 32.88
CA ARG M 167 -44.10 -19.25 33.34
C ARG M 167 -44.58 -17.80 33.40
N ARG M 168 -45.89 -17.61 33.41
CA ARG M 168 -46.49 -16.28 33.49
C ARG M 168 -47.40 -16.10 34.70
N ILE M 169 -47.17 -16.88 35.75
CA ILE M 169 -47.99 -16.80 36.95
C ILE M 169 -47.59 -15.54 37.71
N ILE M 170 -48.09 -14.40 37.24
CA ILE M 170 -47.76 -13.11 37.83
C ILE M 170 -48.95 -12.37 38.46
N LEU M 171 -48.67 -11.67 39.55
CA LEU M 171 -49.67 -10.87 40.26
C LEU M 171 -49.02 -9.50 40.41
N SER M 172 -49.50 -8.51 39.67
CA SER M 172 -48.91 -7.18 39.74
C SER M 172 -49.90 -6.05 39.96
N ALA M 173 -49.48 -5.05 40.73
CA ALA M 173 -50.30 -3.89 41.03
C ALA M 173 -49.77 -2.65 40.31
N TRP M 174 -48.60 -2.78 39.69
CA TRP M 174 -48.01 -1.65 38.98
C TRP M 174 -48.78 -1.32 37.71
N ASN M 175 -49.27 -0.10 37.65
CA ASN M 175 -50.04 0.39 36.49
C ASN M 175 -49.63 1.82 36.23
N PRO M 176 -48.67 2.04 35.30
CA PRO M 176 -48.20 3.38 34.95
C PRO M 176 -49.31 4.39 34.65
N LYS M 177 -50.39 3.92 34.03
CA LYS M 177 -51.50 4.80 33.69
C LYS M 177 -52.30 5.27 34.91
N ASP M 178 -52.51 4.37 35.87
CA ASP M 178 -53.28 4.71 37.07
C ASP M 178 -52.50 5.35 38.21
N LEU M 179 -51.18 5.30 38.14
CA LEU M 179 -50.33 5.87 39.19
C LEU M 179 -50.78 7.23 39.75
N PRO M 180 -51.00 8.23 38.88
CA PRO M 180 -51.42 9.53 39.37
C PRO M 180 -52.74 9.54 40.16
N LEU M 181 -53.55 8.50 39.99
CA LEU M 181 -54.83 8.40 40.69
C LEU M 181 -54.64 7.72 42.05
N MET M 182 -53.42 7.23 42.28
CA MET M 182 -53.10 6.55 43.53
C MET M 182 -52.53 7.48 44.58
N ALA M 183 -53.03 7.34 45.82
CA ALA M 183 -52.55 8.16 46.93
C ALA M 183 -51.07 7.87 47.10
N LEU M 184 -50.67 6.64 46.77
CA LEU M 184 -49.29 6.21 46.89
C LEU M 184 -49.04 5.07 45.90
N PRO M 185 -47.94 5.14 45.14
CA PRO M 185 -47.64 4.08 44.17
C PRO M 185 -47.35 2.78 44.91
N PRO M 186 -47.63 1.63 44.28
CA PRO M 186 -47.38 0.32 44.92
C PRO M 186 -45.92 0.13 45.31
N CYS M 187 -45.69 -0.33 46.53
CA CYS M 187 -44.33 -0.59 46.99
C CYS M 187 -44.00 -2.01 46.55
N HIS M 188 -44.84 -2.97 46.94
CA HIS M 188 -44.65 -4.33 46.49
C HIS M 188 -45.42 -4.35 45.17
N MET M 189 -44.71 -4.02 44.09
CA MET M 189 -45.31 -3.92 42.77
C MET M 189 -45.72 -5.20 42.05
N PHE M 190 -45.22 -6.35 42.49
CA PHE M 190 -45.60 -7.61 41.85
C PHE M 190 -44.89 -8.80 42.47
N CYS M 191 -45.38 -9.99 42.15
CA CYS M 191 -44.79 -11.22 42.64
C CYS M 191 -45.05 -12.32 41.62
N GLN M 192 -44.19 -13.33 41.63
CA GLN M 192 -44.32 -14.46 40.71
C GLN M 192 -44.37 -15.76 41.49
N PHE M 193 -45.29 -16.63 41.11
CA PHE M 193 -45.41 -17.92 41.78
C PHE M 193 -44.80 -19.02 40.92
N PHE M 194 -44.25 -20.03 41.59
CA PHE M 194 -43.63 -21.15 40.91
C PHE M 194 -44.10 -22.44 41.56
N VAL M 195 -44.40 -23.44 40.74
CA VAL M 195 -44.87 -24.71 41.24
C VAL M 195 -43.94 -25.86 40.86
N SER M 196 -43.39 -26.54 41.86
CA SER M 196 -42.51 -27.68 41.62
C SER M 196 -43.38 -28.92 41.55
N LEU M 197 -43.23 -29.69 40.49
CA LEU M 197 -44.01 -30.91 40.31
C LEU M 197 -43.56 -32.00 41.28
N PRO M 198 -44.46 -32.92 41.63
CA PRO M 198 -44.15 -34.01 42.56
C PRO M 198 -43.00 -34.86 42.04
N PRO M 199 -42.00 -35.15 42.90
CA PRO M 199 -40.84 -35.95 42.50
C PRO M 199 -41.26 -37.33 41.98
N PRO M 203 -45.32 -39.63 43.32
CA PRO M 203 -46.19 -38.79 42.51
C PRO M 203 -47.49 -38.43 43.23
N GLY M 204 -47.64 -38.94 44.45
CA GLY M 204 -48.84 -38.65 45.23
C GLY M 204 -48.72 -37.39 46.05
N SER M 205 -47.49 -36.94 46.27
CA SER M 205 -47.23 -35.74 47.06
C SER M 205 -47.83 -34.50 46.40
N LYS M 206 -48.03 -33.46 47.20
CA LYS M 206 -48.58 -32.20 46.69
C LYS M 206 -47.49 -31.36 46.05
N PRO M 207 -47.81 -30.68 44.94
CA PRO M 207 -46.80 -29.84 44.29
C PRO M 207 -46.37 -28.75 45.27
N LYS M 208 -45.12 -28.30 45.18
CA LYS M 208 -44.64 -27.26 46.08
C LYS M 208 -44.80 -25.87 45.46
N LEU M 209 -45.36 -24.96 46.23
CA LEU M 209 -45.59 -23.59 45.78
C LEU M 209 -44.61 -22.59 46.37
N SER M 210 -44.00 -21.79 45.50
CA SER M 210 -43.06 -20.77 45.93
C SER M 210 -43.49 -19.40 45.40
N CYS M 211 -43.02 -18.34 46.03
CA CYS M 211 -43.38 -17.00 45.64
C CYS M 211 -42.24 -16.01 45.76
N LEU M 212 -42.01 -15.24 44.70
CA LEU M 212 -40.97 -14.24 44.69
C LEU M 212 -41.66 -12.90 44.49
N MET M 213 -41.42 -11.96 45.41
CA MET M 213 -42.04 -10.65 45.33
C MET M 213 -40.95 -9.59 45.24
N TYR M 214 -41.20 -8.57 44.42
CA TYR M 214 -40.25 -7.48 44.26
C TYR M 214 -40.82 -6.19 44.83
N GLN M 215 -40.07 -5.58 45.74
CA GLN M 215 -40.49 -4.34 46.39
C GLN M 215 -39.55 -3.21 45.96
N ARG M 216 -40.11 -2.23 45.25
CA ARG M 216 -39.33 -1.08 44.74
C ARG M 216 -38.78 -0.18 45.84
N SER M 217 -39.57 0.03 46.89
CA SER M 217 -39.18 0.88 48.00
C SER M 217 -39.47 0.12 49.29
N CYS M 218 -38.48 0.00 50.16
CA CYS M 218 -38.66 -0.75 51.39
C CYS M 218 -38.33 -0.04 52.70
N ASP M 219 -39.35 0.19 53.50
CA ASP M 219 -39.20 0.82 54.80
C ASP M 219 -38.97 -0.37 55.73
N LEU M 220 -37.70 -0.70 55.96
CA LEU M 220 -37.37 -1.85 56.80
C LEU M 220 -37.92 -1.79 58.22
N GLY M 221 -38.00 -0.60 58.80
CA GLY M 221 -38.51 -0.50 60.16
C GLY M 221 -39.99 -0.87 60.28
N LEU M 222 -40.83 -0.24 59.46
CA LEU M 222 -42.27 -0.47 59.52
C LEU M 222 -42.89 -1.33 58.41
N GLY M 223 -42.48 -1.08 57.17
CA GLY M 223 -43.05 -1.81 56.05
C GLY M 223 -42.67 -3.27 55.86
N VAL M 224 -41.38 -3.55 55.69
CA VAL M 224 -40.89 -4.91 55.47
C VAL M 224 -41.48 -5.98 56.39
N PRO M 225 -41.59 -5.69 57.70
CA PRO M 225 -42.16 -6.72 58.58
C PRO M 225 -43.54 -7.15 58.11
N PHE M 226 -44.34 -6.18 57.65
CA PHE M 226 -45.68 -6.48 57.15
C PHE M 226 -45.60 -7.19 55.80
N ASN M 227 -44.80 -6.64 54.90
CA ASN M 227 -44.63 -7.21 53.56
C ASN M 227 -44.24 -8.69 53.59
N ILE M 228 -43.29 -9.04 54.46
CA ILE M 228 -42.84 -10.43 54.56
C ILE M 228 -43.96 -11.36 55.00
N ALA M 229 -44.64 -11.01 56.09
CA ALA M 229 -45.73 -11.82 56.61
C ALA M 229 -46.91 -11.85 55.63
N SER M 230 -47.20 -10.71 55.01
CA SER M 230 -48.31 -10.61 54.08
C SER M 230 -48.22 -11.60 52.93
N TYR M 231 -47.12 -11.54 52.18
CA TYR M 231 -46.93 -12.43 51.05
C TYR M 231 -46.74 -13.89 51.46
N ALA M 232 -46.25 -14.12 52.68
CA ALA M 232 -46.08 -15.48 53.16
C ALA M 232 -47.50 -16.02 53.37
N LEU M 233 -48.36 -15.18 53.96
CA LEU M 233 -49.74 -15.56 54.23
C LEU M 233 -50.52 -15.76 52.92
N LEU M 234 -50.27 -14.90 51.93
CA LEU M 234 -50.94 -15.02 50.64
C LEU M 234 -50.58 -16.36 50.01
N THR M 235 -49.32 -16.74 50.10
CA THR M 235 -48.85 -18.01 49.54
C THR M 235 -49.54 -19.17 50.24
N HIS M 236 -49.70 -19.07 51.56
CA HIS M 236 -50.36 -20.13 52.32
C HIS M 236 -51.82 -20.21 51.87
N MET M 237 -52.44 -19.04 51.68
CA MET M 237 -53.84 -18.98 51.24
C MET M 237 -54.01 -19.66 49.89
N ILE M 238 -53.19 -19.25 48.92
CA ILE M 238 -53.25 -19.81 47.58
C ILE M 238 -52.96 -21.31 47.59
N ALA M 239 -52.04 -21.73 48.45
CA ALA M 239 -51.68 -23.14 48.54
C ALA M 239 -52.88 -23.99 48.95
N LEU M 240 -53.68 -23.47 49.87
CA LEU M 240 -54.85 -24.18 50.36
C LEU M 240 -55.90 -24.35 49.26
N ILE M 241 -56.14 -23.28 48.51
CA ILE M 241 -57.12 -23.31 47.43
C ILE M 241 -56.68 -24.12 46.21
N THR M 242 -55.37 -24.21 46.00
CA THR M 242 -54.84 -24.94 44.85
C THR M 242 -54.31 -26.33 45.16
N ASP M 243 -54.51 -26.80 46.39
CA ASP M 243 -54.06 -28.12 46.78
C ASP M 243 -52.54 -28.28 46.62
N THR M 244 -51.80 -27.23 46.93
CA THR M 244 -50.35 -27.26 46.83
C THR M 244 -49.76 -27.05 48.21
N GLU M 245 -48.47 -27.33 48.36
CA GLU M 245 -47.79 -27.18 49.65
C GLU M 245 -46.85 -25.98 49.62
N PRO M 246 -47.08 -25.01 50.52
CA PRO M 246 -46.21 -23.83 50.56
C PRO M 246 -44.76 -24.27 50.76
N HIS M 247 -43.86 -23.71 49.97
CA HIS M 247 -42.45 -24.09 50.05
C HIS M 247 -41.49 -22.96 50.43
N GLU M 248 -41.41 -21.94 49.59
CA GLU M 248 -40.47 -20.85 49.85
C GLU M 248 -40.98 -19.49 49.38
N PHE M 249 -40.56 -18.45 50.09
CA PHE M 249 -40.92 -17.07 49.75
C PHE M 249 -39.64 -16.27 49.61
N ILE M 250 -39.47 -15.63 48.46
CA ILE M 250 -38.29 -14.82 48.19
C ILE M 250 -38.68 -13.36 48.06
N LEU M 251 -37.91 -12.49 48.68
CA LEU M 251 -38.19 -11.06 48.63
C LEU M 251 -37.00 -10.26 48.12
N GLN M 252 -37.14 -9.69 46.94
CA GLN M 252 -36.09 -8.88 46.34
C GLN M 252 -36.44 -7.41 46.52
N MET M 253 -35.51 -6.64 47.07
CA MET M 253 -35.72 -5.23 47.31
C MET M 253 -35.02 -4.31 46.33
N GLY M 254 -35.62 -3.14 46.09
CA GLY M 254 -35.03 -2.16 45.22
C GLY M 254 -34.35 -1.16 46.13
N ASP M 255 -35.06 -0.09 46.46
CA ASP M 255 -34.53 0.94 47.35
C ASP M 255 -34.80 0.51 48.79
N ALA M 256 -33.82 -0.14 49.41
CA ALA M 256 -33.94 -0.60 50.79
C ALA M 256 -33.42 0.50 51.71
N HIS M 257 -34.29 1.05 52.54
CA HIS M 257 -33.89 2.14 53.43
C HIS M 257 -34.39 2.06 54.87
N VAL M 258 -33.73 2.84 55.73
CA VAL M 258 -34.06 2.94 57.14
C VAL M 258 -34.25 4.43 57.40
N TYR M 259 -35.45 4.83 57.79
CA TYR M 259 -35.69 6.25 58.07
C TYR M 259 -34.83 6.76 59.22
N ARG M 260 -34.45 8.03 59.14
CA ARG M 260 -33.61 8.66 60.14
C ARG M 260 -34.14 8.48 61.55
N ASP M 261 -35.45 8.64 61.74
CA ASP M 261 -36.05 8.51 63.05
C ASP M 261 -36.32 7.07 63.47
N HIS M 262 -35.79 6.11 62.71
CA HIS M 262 -35.97 4.70 63.01
C HIS M 262 -34.65 4.07 63.48
N VAL M 263 -33.54 4.73 63.18
CA VAL M 263 -32.21 4.25 63.54
C VAL M 263 -32.08 3.81 65.00
N GLU M 264 -32.34 4.73 65.93
CA GLU M 264 -32.24 4.41 67.35
C GLU M 264 -33.19 3.30 67.79
N PRO M 265 -34.47 3.40 67.40
CA PRO M 265 -35.41 2.34 67.80
C PRO M 265 -34.98 0.97 67.31
N LEU M 266 -34.43 0.91 66.10
CA LEU M 266 -33.98 -0.35 65.52
C LEU M 266 -32.74 -0.91 66.23
N LYS M 267 -31.89 -0.03 66.72
CA LYS M 267 -30.68 -0.48 67.43
C LYS M 267 -31.08 -1.33 68.63
N THR M 268 -32.21 -1.01 69.24
CA THR M 268 -32.70 -1.75 70.38
C THR M 268 -33.14 -3.13 69.94
N GLN M 269 -33.76 -3.21 68.77
CA GLN M 269 -34.23 -4.47 68.22
C GLN M 269 -33.08 -5.38 67.81
N LEU M 270 -32.00 -4.77 67.32
CA LEU M 270 -30.83 -5.52 66.87
C LEU M 270 -30.15 -6.28 68.00
N GLU M 271 -30.44 -5.91 69.24
CA GLU M 271 -29.85 -6.55 70.41
C GLU M 271 -30.59 -7.84 70.78
N ARG M 272 -31.79 -8.01 70.24
CA ARG M 272 -32.61 -9.18 70.54
C ARG M 272 -32.36 -10.42 69.69
N GLU M 273 -32.44 -11.58 70.34
CA GLU M 273 -32.24 -12.85 69.67
C GLU M 273 -33.62 -13.39 69.24
N PRO M 274 -33.76 -13.74 67.94
CA PRO M 274 -35.01 -14.26 67.40
C PRO M 274 -35.51 -15.55 68.04
N ARG M 275 -36.83 -15.69 68.11
CA ARG M 275 -37.47 -16.88 68.65
C ARG M 275 -37.93 -17.66 67.42
N ASP M 276 -38.12 -18.97 67.55
CA ASP M 276 -38.56 -19.76 66.41
C ASP M 276 -39.85 -19.20 65.84
N PHE M 277 -39.94 -19.11 64.51
CA PHE M 277 -41.14 -18.59 63.87
C PHE M 277 -42.36 -19.41 64.25
N PRO M 278 -43.54 -18.76 64.28
CA PRO M 278 -44.79 -19.46 64.63
C PRO M 278 -45.28 -20.28 63.44
N LYS M 279 -46.35 -21.03 63.64
CA LYS M 279 -46.91 -21.83 62.57
C LYS M 279 -48.35 -21.42 62.27
N LEU M 280 -48.75 -21.59 61.02
CA LEU M 280 -50.10 -21.23 60.59
C LEU M 280 -51.00 -22.45 60.44
N LYS M 281 -52.23 -22.32 60.94
CA LYS M 281 -53.21 -23.39 60.85
C LYS M 281 -54.53 -22.75 60.42
N TRP M 282 -55.38 -23.52 59.76
CA TRP M 282 -56.66 -23.00 59.31
C TRP M 282 -57.80 -23.43 60.24
N ALA M 283 -58.67 -22.48 60.59
CA ALA M 283 -59.78 -22.76 61.47
C ALA M 283 -60.89 -23.50 60.74
N ARG M 284 -60.82 -23.49 59.41
CA ARG M 284 -61.82 -24.16 58.58
C ARG M 284 -61.14 -24.95 57.47
N SER M 285 -61.91 -25.80 56.79
CA SER M 285 -61.38 -26.63 55.71
C SER M 285 -61.41 -25.90 54.38
N LYS M 286 -60.73 -26.48 53.38
CA LYS M 286 -60.69 -25.90 52.05
C LYS M 286 -62.10 -25.76 51.50
N GLU M 287 -62.90 -26.81 51.69
CA GLU M 287 -64.27 -26.83 51.21
C GLU M 287 -65.11 -25.72 51.83
N GLU M 288 -64.96 -25.52 53.14
CA GLU M 288 -65.71 -24.49 53.85
C GLU M 288 -65.32 -23.10 53.35
N ILE M 289 -64.02 -22.86 53.24
CA ILE M 289 -63.53 -21.56 52.77
C ILE M 289 -63.96 -21.36 51.31
N GLY M 290 -63.94 -22.45 50.54
CA GLY M 290 -64.35 -22.39 49.15
C GLY M 290 -63.30 -21.91 48.15
N ASP M 291 -63.11 -20.60 48.09
CA ASP M 291 -62.12 -20.04 47.17
C ASP M 291 -61.31 -18.92 47.82
N ILE M 292 -60.47 -18.27 47.04
CA ILE M 292 -59.60 -17.20 47.52
C ILE M 292 -60.37 -16.03 48.14
N ASP M 293 -61.66 -15.92 47.81
CA ASP M 293 -62.50 -14.84 48.33
C ASP M 293 -63.29 -15.25 49.56
N GLY M 294 -63.09 -16.47 50.04
CA GLY M 294 -63.84 -16.94 51.20
C GLY M 294 -63.13 -16.92 52.54
N PHE M 295 -61.92 -16.37 52.60
CA PHE M 295 -61.17 -16.31 53.85
C PHE M 295 -61.67 -15.23 54.80
N LYS M 296 -61.53 -15.49 56.09
CA LYS M 296 -61.93 -14.55 57.14
C LYS M 296 -60.78 -14.43 58.13
N VAL M 297 -60.68 -13.28 58.80
CA VAL M 297 -59.61 -13.06 59.76
C VAL M 297 -59.48 -14.22 60.75
N GLU M 298 -60.61 -14.66 61.29
CA GLU M 298 -60.63 -15.76 62.27
C GLU M 298 -60.18 -17.11 61.72
N ASP M 299 -60.01 -17.21 60.40
CA ASP M 299 -59.57 -18.46 59.80
C ASP M 299 -58.08 -18.68 60.05
N PHE M 300 -57.36 -17.58 60.24
CA PHE M 300 -55.92 -17.64 60.47
C PHE M 300 -55.56 -17.94 61.91
N VAL M 301 -55.18 -19.18 62.18
CA VAL M 301 -54.79 -19.59 63.53
C VAL M 301 -53.27 -19.68 63.63
N VAL M 302 -52.65 -18.64 64.16
CA VAL M 302 -51.20 -18.59 64.32
C VAL M 302 -50.83 -19.05 65.72
N GLU M 303 -50.11 -20.16 65.81
CA GLU M 303 -49.71 -20.69 67.11
C GLU M 303 -48.21 -20.69 67.32
N GLY M 304 -47.80 -20.45 68.56
CA GLY M 304 -46.38 -20.44 68.88
C GLY M 304 -45.68 -19.11 68.65
N TYR M 305 -46.46 -18.04 68.49
CA TYR M 305 -45.85 -16.73 68.28
C TYR M 305 -45.36 -16.18 69.62
N LYS M 306 -44.04 -16.05 69.75
CA LYS M 306 -43.44 -15.55 70.98
C LYS M 306 -42.44 -14.44 70.70
N PRO M 307 -42.94 -13.23 70.42
CA PRO M 307 -42.09 -12.07 70.12
C PRO M 307 -41.66 -11.29 71.35
N TRP M 308 -40.69 -10.39 71.16
CA TRP M 308 -40.22 -9.55 72.24
C TRP M 308 -41.18 -8.37 72.27
N GLY M 309 -40.89 -7.39 73.12
CA GLY M 309 -41.76 -6.24 73.23
C GLY M 309 -41.87 -5.42 71.95
N LYS M 310 -42.89 -4.58 71.88
CA LYS M 310 -43.12 -3.74 70.71
C LYS M 310 -42.07 -2.64 70.66
N ILE M 311 -41.83 -2.13 69.47
CA ILE M 311 -40.87 -1.06 69.27
C ILE M 311 -41.56 0.06 68.51
N ASP M 312 -41.72 1.21 69.17
CA ASP M 312 -42.40 2.34 68.56
C ASP M 312 -41.59 3.03 67.47
N MET M 313 -42.23 3.19 66.31
CA MET M 313 -41.61 3.85 65.18
C MET M 313 -42.67 4.64 64.43
N LYS M 314 -42.39 5.91 64.19
CA LYS M 314 -43.33 6.78 63.50
C LYS M 314 -43.24 6.61 61.99
N MET M 315 -44.39 6.57 61.34
CA MET M 315 -44.42 6.41 59.89
C MET M 315 -44.39 7.78 59.23
N SER M 316 -43.58 7.90 58.18
CA SER M 316 -43.47 9.16 57.46
C SER M 316 -44.44 9.16 56.27
N ALA M 317 -45.43 10.05 56.34
CA ALA M 317 -46.44 10.16 55.29
C ALA M 317 -45.85 10.65 53.99
N PRO N 16 -10.84 -15.96 39.19
CA PRO N 16 -12.04 -16.57 39.81
C PRO N 16 -13.07 -15.52 40.17
N ASP N 17 -12.73 -14.24 39.99
CA ASP N 17 -13.65 -13.15 40.30
C ASP N 17 -14.31 -12.60 39.04
N HIS N 18 -14.02 -13.19 37.89
CA HIS N 18 -14.62 -12.72 36.65
C HIS N 18 -16.14 -12.88 36.73
N GLU N 19 -16.85 -11.77 36.54
CA GLU N 19 -18.30 -11.75 36.61
C GLU N 19 -19.03 -12.75 35.72
N GLU N 20 -18.38 -13.20 34.65
CA GLU N 20 -19.02 -14.15 33.75
C GLU N 20 -19.23 -15.53 34.38
N TYR N 21 -18.46 -15.82 35.44
CA TYR N 21 -18.60 -17.10 36.11
C TYR N 21 -19.98 -17.24 36.77
N GLN N 22 -20.61 -16.10 37.04
CA GLN N 22 -21.96 -16.11 37.64
C GLN N 22 -22.87 -16.85 36.66
N TYR N 23 -22.77 -16.46 35.39
CA TYR N 23 -23.56 -17.05 34.33
C TYR N 23 -23.23 -18.53 34.13
N LEU N 24 -21.93 -18.82 34.03
CA LEU N 24 -21.48 -20.19 33.83
C LEU N 24 -21.84 -21.11 35.00
N ASP N 25 -21.63 -20.62 36.22
CA ASP N 25 -21.94 -21.40 37.41
C ASP N 25 -23.43 -21.72 37.53
N LEU N 26 -24.28 -20.75 37.21
CA LEU N 26 -25.72 -20.96 37.30
C LEU N 26 -26.16 -22.06 36.33
N ILE N 27 -25.61 -22.04 35.12
CA ILE N 27 -25.95 -23.04 34.11
C ILE N 27 -25.53 -24.42 34.61
N ARG N 28 -24.32 -24.50 35.14
CA ARG N 28 -23.79 -25.75 35.67
C ARG N 28 -24.71 -26.26 36.78
N ARG N 29 -25.15 -25.36 37.65
CA ARG N 29 -26.04 -25.73 38.74
C ARG N 29 -27.40 -26.22 38.24
N ILE N 30 -27.97 -25.51 37.28
CA ILE N 30 -29.26 -25.88 36.70
C ILE N 30 -29.21 -27.27 36.08
N ILE N 31 -28.14 -27.55 35.35
CA ILE N 31 -27.97 -28.85 34.71
C ILE N 31 -27.82 -29.94 35.77
N ASN N 32 -27.08 -29.63 36.83
CA ASN N 32 -26.83 -30.58 37.91
C ASN N 32 -28.02 -30.88 38.81
N VAL N 33 -28.57 -29.85 39.45
CA VAL N 33 -29.70 -30.04 40.36
C VAL N 33 -31.04 -29.44 39.90
N GLY N 34 -31.08 -28.97 38.66
CA GLY N 34 -32.31 -28.39 38.16
C GLY N 34 -33.42 -29.42 38.03
N GLU N 35 -34.66 -28.96 37.99
CA GLU N 35 -35.82 -29.83 37.88
C GLU N 35 -36.28 -29.96 36.43
N VAL N 36 -36.40 -31.20 35.94
CA VAL N 36 -36.85 -31.45 34.58
C VAL N 36 -38.34 -31.10 34.51
N ARG N 37 -38.70 -30.20 33.60
CA ARG N 37 -40.09 -29.78 33.48
C ARG N 37 -40.59 -29.62 32.05
N PRO N 38 -41.92 -29.80 31.85
CA PRO N 38 -42.54 -29.66 30.54
C PRO N 38 -42.70 -28.16 30.36
N ASP N 39 -42.94 -27.70 29.14
CA ASP N 39 -43.11 -26.26 28.95
C ASP N 39 -43.97 -25.93 27.74
N ARG N 40 -44.27 -24.64 27.57
CA ARG N 40 -45.08 -24.15 26.48
C ARG N 40 -44.57 -24.59 25.10
N THR N 41 -43.27 -24.48 24.88
CA THR N 41 -42.67 -24.84 23.59
C THR N 41 -42.75 -26.32 23.25
N GLY N 42 -42.73 -27.17 24.27
CA GLY N 42 -42.81 -28.60 24.03
C GLY N 42 -41.47 -29.31 23.97
N THR N 43 -40.37 -28.56 24.07
CA THR N 43 -39.06 -29.19 24.00
C THR N 43 -38.60 -29.61 25.40
N GLY N 44 -39.16 -28.97 26.42
CA GLY N 44 -38.80 -29.31 27.79
C GLY N 44 -37.58 -28.56 28.28
N THR N 45 -37.45 -28.44 29.60
CA THR N 45 -36.32 -27.73 30.19
C THR N 45 -35.96 -28.29 31.56
N VAL N 46 -34.87 -27.77 32.10
CA VAL N 46 -34.39 -28.12 33.43
C VAL N 46 -34.33 -26.74 34.08
N ALA N 47 -34.96 -26.56 35.23
CA ALA N 47 -34.98 -25.24 35.85
C ALA N 47 -34.90 -25.12 37.36
N LEU N 48 -34.64 -23.90 37.80
CA LEU N 48 -34.54 -23.53 39.20
C LEU N 48 -35.28 -22.20 39.33
N PHE N 49 -35.97 -22.00 40.45
CA PHE N 49 -36.72 -20.77 40.65
C PHE N 49 -36.03 -19.78 41.57
N ALA N 50 -36.04 -18.51 41.17
CA ALA N 50 -35.45 -17.43 41.94
C ALA N 50 -34.02 -17.67 42.48
N PRO N 51 -33.08 -17.98 41.60
CA PRO N 51 -31.70 -18.20 42.06
C PRO N 51 -31.07 -16.86 42.40
N PRO N 52 -29.92 -16.85 43.10
CA PRO N 52 -29.29 -15.58 43.44
C PRO N 52 -29.15 -14.68 42.20
N SER N 53 -29.34 -13.39 42.38
CA SER N 53 -29.25 -12.44 41.27
C SER N 53 -27.84 -12.24 40.77
N PHE N 54 -27.71 -11.76 39.54
CA PHE N 54 -26.40 -11.49 38.94
C PHE N 54 -26.10 -10.02 39.14
N ARG N 55 -24.82 -9.70 39.34
CA ARG N 55 -24.38 -8.32 39.53
C ARG N 55 -23.22 -8.06 38.58
N PHE N 56 -23.34 -7.03 37.77
CA PHE N 56 -22.30 -6.68 36.80
C PHE N 56 -21.89 -5.22 36.95
N SER N 57 -20.59 -4.99 37.06
CA SER N 57 -20.08 -3.63 37.18
C SER N 57 -20.07 -2.95 35.82
N LEU N 58 -20.57 -1.71 35.78
CA LEU N 58 -20.62 -0.96 34.52
C LEU N 58 -19.62 0.21 34.59
N ALA N 59 -18.78 0.20 35.61
CA ALA N 59 -17.78 1.25 35.79
C ALA N 59 -16.67 1.12 34.76
N ASP N 60 -15.97 2.22 34.51
CA ASP N 60 -14.87 2.24 33.55
C ASP N 60 -15.33 1.83 32.15
N ASN N 61 -16.52 2.27 31.77
CA ASN N 61 -17.10 1.97 30.45
C ASN N 61 -17.21 0.47 30.15
N THR N 62 -17.27 -0.34 31.21
CA THR N 62 -17.37 -1.79 31.02
C THR N 62 -18.72 -2.27 30.51
N LEU N 63 -18.68 -3.19 29.55
CA LEU N 63 -19.90 -3.76 28.97
C LEU N 63 -19.87 -5.28 29.16
N PRO N 64 -20.77 -5.80 30.01
CA PRO N 64 -20.82 -7.24 30.26
C PRO N 64 -21.34 -8.08 29.09
N LEU N 65 -20.56 -8.10 28.01
CA LEU N 65 -20.90 -8.88 26.82
C LEU N 65 -20.15 -10.21 26.95
N LEU N 66 -20.89 -11.28 27.20
CA LEU N 66 -20.28 -12.60 27.38
C LEU N 66 -19.18 -12.94 26.37
N THR N 67 -18.11 -13.54 26.88
CA THR N 67 -16.97 -13.91 26.04
C THR N 67 -16.78 -15.41 25.81
N THR N 68 -17.47 -16.24 26.58
CA THR N 68 -17.34 -17.68 26.43
C THR N 68 -18.01 -18.19 25.15
N LYS N 69 -18.53 -17.27 24.36
CA LYS N 69 -19.17 -17.58 23.09
C LYS N 69 -19.37 -16.26 22.38
N ARG N 70 -19.39 -16.29 21.05
CA ARG N 70 -19.59 -15.05 20.29
C ARG N 70 -21.04 -14.64 20.37
N VAL N 71 -21.28 -13.43 20.89
CA VAL N 71 -22.64 -12.91 21.02
C VAL N 71 -22.91 -11.93 19.90
N PHE N 72 -24.08 -12.07 19.26
CA PHE N 72 -24.49 -11.20 18.16
C PHE N 72 -24.73 -9.79 18.69
N LEU N 73 -23.64 -9.05 18.93
CA LEU N 73 -23.72 -7.69 19.44
C LEU N 73 -24.66 -6.78 18.65
N ARG N 74 -24.47 -6.71 17.34
CA ARG N 74 -25.30 -5.86 16.51
C ARG N 74 -26.78 -6.18 16.70
N GLY N 75 -27.08 -7.46 16.89
CA GLY N 75 -28.45 -7.87 17.11
C GLY N 75 -28.99 -7.31 18.42
N VAL N 76 -28.15 -7.29 19.45
CA VAL N 76 -28.56 -6.77 20.75
C VAL N 76 -28.85 -5.28 20.64
N ILE N 77 -27.94 -4.55 20.01
CA ILE N 77 -28.08 -3.11 19.83
C ILE N 77 -29.32 -2.78 19.01
N ALA N 78 -29.49 -3.47 17.90
CA ALA N 78 -30.64 -3.25 17.01
C ALA N 78 -31.96 -3.45 17.75
N GLU N 79 -32.06 -4.54 18.50
CA GLU N 79 -33.29 -4.83 19.24
C GLU N 79 -33.56 -3.72 20.27
N LEU N 80 -32.51 -3.29 20.96
CA LEU N 80 -32.64 -2.25 21.98
C LEU N 80 -33.15 -0.93 21.40
N LEU N 81 -32.51 -0.45 20.34
CA LEU N 81 -32.92 0.81 19.70
C LEU N 81 -34.34 0.66 19.17
N TRP N 82 -34.70 -0.59 18.89
CA TRP N 82 -36.03 -0.93 18.39
C TRP N 82 -37.01 -0.75 19.54
N PHE N 83 -36.64 -1.22 20.73
CA PHE N 83 -37.50 -1.08 21.90
C PHE N 83 -37.74 0.40 22.16
N VAL N 84 -36.63 1.14 22.27
CA VAL N 84 -36.67 2.57 22.53
C VAL N 84 -37.60 3.31 21.58
N SER N 85 -37.54 2.98 20.29
CA SER N 85 -38.37 3.64 19.30
C SER N 85 -39.86 3.38 19.52
N GLY N 86 -40.16 2.35 20.31
CA GLY N 86 -41.55 2.01 20.59
C GLY N 86 -42.15 1.17 19.49
N CYS N 87 -41.33 0.80 18.50
CA CYS N 87 -41.78 -0.01 17.37
C CYS N 87 -42.03 -1.46 17.77
N THR N 88 -43.06 -2.07 17.19
CA THR N 88 -43.40 -3.45 17.48
C THR N 88 -43.42 -4.32 16.23
N ASP N 89 -42.86 -3.80 15.15
CA ASP N 89 -42.82 -4.53 13.88
C ASP N 89 -41.45 -5.22 13.74
N ALA N 90 -41.47 -6.55 13.78
CA ALA N 90 -40.25 -7.33 13.67
C ALA N 90 -39.53 -7.17 12.33
N LYS N 91 -40.27 -6.72 11.31
CA LYS N 91 -39.68 -6.52 9.99
C LYS N 91 -38.62 -5.42 10.05
N MET N 92 -38.71 -4.57 11.05
CA MET N 92 -37.75 -3.49 11.21
C MET N 92 -36.41 -4.06 11.66
N LEU N 93 -36.43 -5.27 12.19
CA LEU N 93 -35.22 -5.92 12.64
C LEU N 93 -34.68 -6.83 11.55
N SER N 94 -35.55 -7.62 10.94
CA SER N 94 -35.15 -8.53 9.87
C SER N 94 -34.65 -7.78 8.64
N SER N 95 -35.17 -6.57 8.41
CA SER N 95 -34.75 -5.78 7.27
C SER N 95 -33.31 -5.33 7.43
N GLN N 96 -32.82 -5.28 8.68
CA GLN N 96 -31.45 -4.88 8.93
C GLN N 96 -30.56 -6.06 9.33
N GLY N 97 -30.98 -7.26 8.92
CA GLY N 97 -30.22 -8.46 9.20
C GLY N 97 -30.32 -9.07 10.59
N VAL N 98 -31.39 -8.75 11.32
CA VAL N 98 -31.59 -9.27 12.67
C VAL N 98 -32.92 -10.03 12.71
N GLY N 99 -32.85 -11.36 12.84
CA GLY N 99 -34.07 -12.15 12.84
C GLY N 99 -34.41 -12.84 14.15
N ILE N 100 -33.99 -12.27 15.27
CA ILE N 100 -34.25 -12.87 16.57
C ILE N 100 -35.74 -12.95 16.90
N TRP N 101 -36.53 -12.09 16.27
CA TRP N 101 -37.98 -12.09 16.49
C TRP N 101 -38.78 -12.67 15.32
N ASP N 102 -38.09 -13.24 14.34
CA ASP N 102 -38.75 -13.83 13.18
C ASP N 102 -39.59 -15.04 13.60
N GLY N 103 -39.10 -15.77 14.60
CA GLY N 103 -39.80 -16.96 15.06
C GLY N 103 -41.18 -16.71 15.63
N ASN N 104 -41.29 -15.74 16.53
CA ASN N 104 -42.58 -15.43 17.14
C ASN N 104 -43.38 -14.41 16.32
N GLY N 105 -42.78 -13.91 15.24
CA GLY N 105 -43.47 -12.95 14.40
C GLY N 105 -43.94 -13.57 13.10
N SER N 106 -43.60 -14.84 12.90
CA SER N 106 -43.99 -15.55 11.69
C SER N 106 -45.51 -15.66 11.56
N LYS N 107 -45.99 -15.70 10.33
CA LYS N 107 -47.41 -15.80 10.05
C LYS N 107 -47.97 -17.10 10.61
N GLU N 108 -47.08 -18.08 10.79
CA GLU N 108 -47.48 -19.39 11.31
C GLU N 108 -47.68 -19.35 12.82
N PHE N 109 -46.77 -18.68 13.54
CA PHE N 109 -46.87 -18.60 14.99
C PHE N 109 -48.04 -17.72 15.40
N LEU N 110 -48.17 -16.57 14.76
CA LEU N 110 -49.25 -15.63 15.06
C LEU N 110 -50.61 -16.31 14.97
N GLU N 111 -50.85 -17.01 13.87
CA GLU N 111 -52.11 -17.71 13.69
C GLU N 111 -52.24 -18.81 14.74
N LYS N 112 -51.11 -19.35 15.14
CA LYS N 112 -51.05 -20.40 16.15
C LYS N 112 -51.54 -19.91 17.51
N VAL N 113 -51.25 -18.67 17.85
CA VAL N 113 -51.68 -18.09 19.12
C VAL N 113 -52.95 -17.26 19.02
N GLY N 114 -53.70 -17.46 17.94
CA GLY N 114 -54.95 -16.73 17.76
C GLY N 114 -54.83 -15.29 17.28
N LEU N 115 -53.72 -14.97 16.62
CA LEU N 115 -53.52 -13.62 16.10
C LEU N 115 -53.35 -13.67 14.58
N GLY N 116 -54.19 -14.46 13.92
CA GLY N 116 -54.12 -14.59 12.48
C GLY N 116 -54.51 -13.35 11.69
N HIS N 117 -55.22 -12.44 12.34
CA HIS N 117 -55.67 -11.22 11.70
C HIS N 117 -54.55 -10.19 11.53
N ARG N 118 -53.37 -10.54 12.03
CA ARG N 118 -52.23 -9.63 11.94
C ARG N 118 -51.26 -10.03 10.84
N ARG N 119 -50.65 -9.03 10.20
CA ARG N 119 -49.68 -9.31 9.15
C ARG N 119 -48.42 -9.82 9.82
N GLU N 120 -47.65 -10.62 9.09
CA GLU N 120 -46.41 -11.18 9.61
C GLU N 120 -45.50 -10.09 10.16
N GLY N 121 -44.97 -10.32 11.36
CA GLY N 121 -44.08 -9.33 11.98
C GLY N 121 -44.75 -8.45 13.01
N ASP N 122 -46.07 -8.34 12.95
CA ASP N 122 -46.80 -7.50 13.89
C ASP N 122 -46.97 -8.25 15.22
N LEU N 123 -46.01 -8.07 16.11
CA LEU N 123 -45.99 -8.73 17.41
C LEU N 123 -47.05 -8.25 18.39
N GLY N 124 -47.59 -7.06 18.16
CA GLY N 124 -48.60 -6.53 19.06
C GLY N 124 -48.00 -5.49 19.98
N PRO N 125 -48.70 -5.12 21.06
CA PRO N 125 -48.22 -4.12 22.02
C PRO N 125 -47.15 -4.66 22.98
N VAL N 126 -46.02 -5.07 22.42
CA VAL N 126 -44.93 -5.61 23.24
C VAL N 126 -43.98 -4.54 23.74
N TYR N 127 -42.91 -4.97 24.39
CA TYR N 127 -41.87 -4.10 24.95
C TYR N 127 -41.91 -2.63 24.58
N GLY N 128 -41.38 -2.31 23.40
CA GLY N 128 -41.34 -0.93 22.94
C GLY N 128 -42.61 -0.12 23.11
N PHE N 129 -43.75 -0.71 22.76
CA PHE N 129 -45.02 -0.02 22.88
C PHE N 129 -45.38 0.32 24.31
N GLN N 130 -45.21 -0.63 25.22
CA GLN N 130 -45.51 -0.40 26.63
C GLN N 130 -44.58 0.65 27.22
N TRP N 131 -43.30 0.57 26.84
CA TRP N 131 -42.28 1.50 27.32
C TRP N 131 -42.58 2.96 27.00
N ARG N 132 -43.07 3.22 25.80
CA ARG N 132 -43.35 4.60 25.38
C ARG N 132 -44.83 4.98 25.27
N HIS N 133 -45.73 4.00 25.30
CA HIS N 133 -47.16 4.29 25.16
C HIS N 133 -48.06 3.46 26.07
N PHE N 134 -47.58 3.11 27.26
CA PHE N 134 -48.38 2.30 28.17
C PHE N 134 -49.80 2.85 28.36
N GLY N 135 -50.79 1.98 28.21
CA GLY N 135 -52.17 2.38 28.38
C GLY N 135 -52.89 2.75 27.09
N ALA N 136 -52.13 3.11 26.06
CA ALA N 136 -52.72 3.49 24.79
C ALA N 136 -53.42 2.31 24.12
N GLU N 137 -54.39 2.60 23.27
CA GLU N 137 -55.14 1.59 22.54
C GLU N 137 -54.31 1.12 21.36
N TYR N 138 -54.11 -0.20 21.25
CA TYR N 138 -53.33 -0.77 20.16
C TYR N 138 -54.23 -1.24 19.02
N THR N 139 -53.89 -0.84 17.81
CA THR N 139 -54.63 -1.25 16.62
C THR N 139 -53.73 -2.24 15.90
N ASP N 140 -52.67 -1.74 15.28
CA ASP N 140 -51.71 -2.58 14.58
C ASP N 140 -50.32 -1.92 14.72
N ALA N 141 -49.28 -2.43 14.04
CA ALA N 141 -47.97 -1.81 14.20
C ALA N 141 -47.81 -0.48 13.46
N ASP N 142 -48.74 -0.17 12.57
CA ASP N 142 -48.67 1.06 11.80
C ASP N 142 -49.46 2.19 12.47
N GLY N 143 -50.16 1.86 13.55
CA GLY N 143 -50.94 2.87 14.25
C GLY N 143 -50.15 4.08 14.69
N ASP N 144 -50.84 5.21 14.81
CA ASP N 144 -50.21 6.46 15.24
C ASP N 144 -50.38 6.57 16.76
N TYR N 145 -49.29 6.36 17.48
CA TYR N 145 -49.32 6.42 18.94
C TYR N 145 -48.58 7.60 19.53
N LYS N 146 -48.02 8.45 18.67
CA LYS N 146 -47.28 9.61 19.14
C LYS N 146 -48.11 10.44 20.11
N GLY N 147 -47.56 10.68 21.30
CA GLY N 147 -48.25 11.46 22.30
C GLY N 147 -49.37 10.73 23.03
N LYS N 148 -49.49 9.43 22.76
CA LYS N 148 -50.54 8.63 23.40
C LYS N 148 -49.96 7.65 24.41
N GLY N 149 -50.67 7.46 25.52
CA GLY N 149 -50.21 6.55 26.55
C GLY N 149 -49.14 7.18 27.43
N VAL N 150 -48.60 6.42 28.37
CA VAL N 150 -47.57 6.92 29.27
C VAL N 150 -46.17 6.62 28.75
N ASP N 151 -45.36 7.66 28.60
CA ASP N 151 -43.99 7.49 28.12
C ASP N 151 -43.09 7.27 29.33
N GLN N 152 -43.01 6.03 29.77
CA GLN N 152 -42.20 5.66 30.94
C GLN N 152 -40.72 5.99 30.78
N LEU N 153 -40.18 5.72 29.60
CA LEU N 153 -38.76 5.98 29.34
C LEU N 153 -38.37 7.43 29.54
N GLN N 154 -39.09 8.34 28.91
CA GLN N 154 -38.76 9.76 29.04
C GLN N 154 -38.95 10.23 30.48
N ARG N 155 -39.94 9.67 31.16
CA ARG N 155 -40.19 10.06 32.55
C ARG N 155 -39.01 9.63 33.41
N VAL N 156 -38.45 8.46 33.08
CA VAL N 156 -37.28 7.95 33.81
C VAL N 156 -36.14 8.95 33.64
N ILE N 157 -35.93 9.40 32.41
CA ILE N 157 -34.89 10.35 32.08
C ILE N 157 -35.08 11.64 32.87
N ASP N 158 -36.28 12.21 32.78
CA ASP N 158 -36.61 13.44 33.46
C ASP N 158 -36.44 13.35 34.98
N THR N 159 -36.82 12.21 35.54
CA THR N 159 -36.73 11.99 36.99
C THR N 159 -35.28 11.87 37.47
N ILE N 160 -34.46 11.17 36.70
CA ILE N 160 -33.06 10.99 37.06
C ILE N 160 -32.33 12.34 37.08
N LYS N 161 -32.72 13.22 36.17
CA LYS N 161 -32.12 14.54 36.06
C LYS N 161 -32.63 15.58 37.05
N ASN N 162 -33.92 15.56 37.34
CA ASN N 162 -34.50 16.55 38.24
C ASN N 162 -34.89 16.08 39.65
N ASN N 163 -35.00 14.78 39.86
CA ASN N 163 -35.36 14.26 41.17
C ASN N 163 -34.81 12.83 41.31
N PRO N 164 -33.48 12.69 41.27
CA PRO N 164 -32.76 11.42 41.38
C PRO N 164 -33.07 10.53 42.57
N THR N 165 -33.42 11.12 43.70
CA THR N 165 -33.72 10.32 44.88
C THR N 165 -35.13 9.74 44.86
N ASP N 166 -35.88 10.03 43.79
CA ASP N 166 -37.23 9.51 43.65
C ASP N 166 -37.11 7.98 43.72
N ARG N 167 -38.13 7.34 44.27
CA ARG N 167 -38.10 5.89 44.42
C ARG N 167 -39.09 5.16 43.51
N ARG N 168 -39.53 5.83 42.45
CA ARG N 168 -40.48 5.26 41.50
C ARG N 168 -39.91 5.26 40.08
N ILE N 169 -38.59 5.31 39.94
CA ILE N 169 -37.97 5.32 38.62
C ILE N 169 -38.05 3.93 38.01
N ILE N 170 -39.25 3.60 37.52
CA ILE N 170 -39.53 2.29 36.94
C ILE N 170 -39.84 2.30 35.44
N LEU N 171 -39.39 1.26 34.75
CA LEU N 171 -39.63 1.09 33.32
C LEU N 171 -40.19 -0.33 33.20
N SER N 172 -41.49 -0.44 32.91
CA SER N 172 -42.13 -1.75 32.81
C SER N 172 -42.89 -1.98 31.52
N ALA N 173 -42.87 -3.23 31.06
CA ALA N 173 -43.56 -3.62 29.83
C ALA N 173 -44.70 -4.57 30.16
N TRP N 174 -44.84 -4.95 31.43
CA TRP N 174 -45.89 -5.86 31.84
C TRP N 174 -47.23 -5.15 31.85
N ASN N 175 -48.18 -5.68 31.08
CA ASN N 175 -49.53 -5.11 30.99
C ASN N 175 -50.53 -6.26 30.92
N PRO N 176 -51.12 -6.64 32.06
CA PRO N 176 -52.10 -7.73 32.12
C PRO N 176 -53.24 -7.61 31.12
N LYS N 177 -53.63 -6.37 30.80
CA LYS N 177 -54.72 -6.16 29.85
C LYS N 177 -54.31 -6.43 28.40
N ASP N 178 -53.10 -6.03 28.04
CA ASP N 178 -52.60 -6.22 26.67
C ASP N 178 -51.96 -7.57 26.37
N LEU N 179 -51.69 -8.36 27.41
CA LEU N 179 -51.04 -9.66 27.22
C LEU N 179 -51.59 -10.49 26.06
N PRO N 180 -52.90 -10.75 26.03
CA PRO N 180 -53.47 -11.56 24.94
C PRO N 180 -53.24 -11.01 23.53
N LEU N 181 -52.90 -9.73 23.42
CA LEU N 181 -52.64 -9.11 22.12
C LEU N 181 -51.16 -9.27 21.75
N MET N 182 -50.38 -9.76 22.69
CA MET N 182 -48.95 -9.94 22.47
C MET N 182 -48.62 -11.33 21.94
N ALA N 183 -47.73 -11.40 20.96
CA ALA N 183 -47.32 -12.67 20.37
C ALA N 183 -46.63 -13.45 21.48
N LEU N 184 -46.00 -12.74 22.40
CA LEU N 184 -45.28 -13.36 23.51
C LEU N 184 -45.23 -12.37 24.67
N PRO N 185 -45.56 -12.82 25.89
CA PRO N 185 -45.53 -11.94 27.06
C PRO N 185 -44.10 -11.51 27.36
N PRO N 186 -43.91 -10.29 27.91
CA PRO N 186 -42.58 -9.79 28.22
C PRO N 186 -41.80 -10.72 29.16
N CYS N 187 -40.54 -10.99 28.82
CA CYS N 187 -39.69 -11.83 29.67
C CYS N 187 -39.07 -10.88 30.68
N HIS N 188 -38.40 -9.84 30.20
CA HIS N 188 -37.83 -8.84 31.08
C HIS N 188 -38.99 -7.86 31.25
N MET N 189 -39.82 -8.13 32.25
CA MET N 189 -41.02 -7.35 32.51
C MET N 189 -40.86 -5.96 33.10
N PHE N 190 -39.68 -5.66 33.65
CA PHE N 190 -39.46 -4.32 34.21
C PHE N 190 -38.08 -4.18 34.83
N CYS N 191 -37.70 -2.93 35.07
CA CYS N 191 -36.42 -2.62 35.68
C CYS N 191 -36.57 -1.34 36.49
N GLN N 192 -35.69 -1.19 37.48
CA GLN N 192 -35.72 0.00 38.33
C GLN N 192 -34.34 0.64 38.34
N PHE N 193 -34.31 1.96 38.22
CA PHE N 193 -33.05 2.69 38.22
C PHE N 193 -32.83 3.37 39.57
N PHE N 194 -31.58 3.48 39.96
CA PHE N 194 -31.21 4.11 41.22
C PHE N 194 -30.05 5.05 40.98
N VAL N 195 -30.12 6.23 41.60
CA VAL N 195 -29.07 7.22 41.44
C VAL N 195 -28.40 7.56 42.77
N SER N 196 -27.10 7.35 42.84
CA SER N 196 -26.34 7.65 44.05
C SER N 196 -25.84 9.08 43.92
N LEU N 197 -26.11 9.89 44.93
CA LEU N 197 -25.69 11.29 44.90
C LEU N 197 -24.18 11.39 45.08
N PRO N 198 -23.57 12.46 44.57
CA PRO N 198 -22.13 12.69 44.68
C PRO N 198 -21.69 12.73 46.14
N PRO N 199 -20.62 12.00 46.49
CA PRO N 199 -20.11 11.97 47.85
C PRO N 199 -19.76 13.37 48.37
N PRO N 203 -18.34 16.87 45.44
CA PRO N 203 -19.69 17.14 44.92
C PRO N 203 -19.70 17.44 43.42
N GLY N 204 -18.51 17.43 42.82
CA GLY N 204 -18.41 17.71 41.40
C GLY N 204 -18.54 16.47 40.55
N SER N 205 -18.38 15.30 41.17
CA SER N 205 -18.48 14.03 40.47
C SER N 205 -19.88 13.79 39.94
N LYS N 206 -20.00 12.90 38.96
CA LYS N 206 -21.29 12.58 38.36
C LYS N 206 -22.02 11.56 39.23
N PRO N 207 -23.34 11.70 39.37
CA PRO N 207 -24.10 10.74 40.17
C PRO N 207 -23.95 9.36 39.54
N LYS N 208 -24.01 8.31 40.34
CA LYS N 208 -23.88 6.95 39.79
C LYS N 208 -25.24 6.34 39.50
N LEU N 209 -25.37 5.74 38.32
CA LEU N 209 -26.62 5.12 37.89
C LEU N 209 -26.56 3.60 37.92
N SER N 210 -27.56 2.99 38.57
CA SER N 210 -27.65 1.54 38.65
C SER N 210 -28.99 1.08 38.10
N CYS N 211 -29.06 -0.19 37.71
CA CYS N 211 -30.28 -0.74 37.15
C CYS N 211 -30.52 -2.18 37.59
N LEU N 212 -31.73 -2.45 38.05
CA LEU N 212 -32.11 -3.79 38.46
C LEU N 212 -33.26 -4.20 37.56
N MET N 213 -33.11 -5.34 36.89
CA MET N 213 -34.13 -5.83 35.99
C MET N 213 -34.60 -7.20 36.45
N TYR N 214 -35.91 -7.42 36.36
CA TYR N 214 -36.50 -8.71 36.75
C TYR N 214 -37.00 -9.44 35.52
N GLN N 215 -36.54 -10.68 35.35
CA GLN N 215 -36.95 -11.50 34.21
C GLN N 215 -37.73 -12.71 34.72
N ARG N 216 -39.02 -12.77 34.37
CA ARG N 216 -39.91 -13.86 34.78
C ARG N 216 -39.53 -15.22 34.22
N SER N 217 -39.06 -15.24 32.98
CA SER N 217 -38.67 -16.49 32.30
C SER N 217 -37.31 -16.27 31.65
N CYS N 218 -36.35 -17.12 31.96
CA CYS N 218 -35.01 -16.95 31.42
C CYS N 218 -34.42 -18.15 30.70
N ASP N 219 -34.22 -17.99 29.39
CA ASP N 219 -33.61 -19.02 28.55
C ASP N 219 -32.12 -18.70 28.64
N LEU N 220 -31.44 -19.32 29.60
CA LEU N 220 -30.02 -19.05 29.79
C LEU N 220 -29.13 -19.25 28.57
N GLY N 221 -29.43 -20.26 27.77
CA GLY N 221 -28.63 -20.52 26.59
C GLY N 221 -28.67 -19.40 25.55
N LEU N 222 -29.87 -19.01 25.14
CA LEU N 222 -30.02 -17.97 24.12
C LEU N 222 -30.47 -16.58 24.60
N GLY N 223 -31.44 -16.55 25.51
CA GLY N 223 -31.95 -15.28 25.99
C GLY N 223 -31.07 -14.44 26.91
N VAL N 224 -30.73 -15.00 28.07
CA VAL N 224 -29.91 -14.30 29.06
C VAL N 224 -28.70 -13.54 28.52
N PRO N 225 -27.96 -14.13 27.56
CA PRO N 225 -26.81 -13.40 27.04
C PRO N 225 -27.23 -12.06 26.44
N PHE N 226 -28.37 -12.05 25.76
CA PHE N 226 -28.89 -10.83 25.15
C PHE N 226 -29.43 -9.87 26.21
N ASN N 227 -30.23 -10.40 27.14
CA ASN N 227 -30.81 -9.59 28.18
C ASN N 227 -29.76 -8.84 28.99
N ILE N 228 -28.69 -9.53 29.38
CA ILE N 228 -27.61 -8.91 30.15
C ILE N 228 -26.98 -7.74 29.41
N ALA N 229 -26.59 -7.95 28.16
CA ALA N 229 -25.96 -6.91 27.36
C ALA N 229 -26.94 -5.79 27.04
N SER N 230 -28.19 -6.16 26.76
CA SER N 230 -29.22 -5.18 26.42
C SER N 230 -29.45 -4.15 27.52
N TYR N 231 -29.77 -4.60 28.72
CA TYR N 231 -30.01 -3.68 29.83
C TYR N 231 -28.75 -2.95 30.26
N ALA N 232 -27.58 -3.56 30.04
CA ALA N 232 -26.33 -2.93 30.38
C ALA N 232 -26.16 -1.74 29.44
N LEU N 233 -26.50 -1.97 28.17
CA LEU N 233 -26.42 -0.93 27.15
C LEU N 233 -27.44 0.17 27.40
N LEU N 234 -28.66 -0.22 27.78
CA LEU N 234 -29.71 0.75 28.06
C LEU N 234 -29.24 1.70 29.17
N THR N 235 -28.61 1.14 30.19
CA THR N 235 -28.12 1.93 31.31
C THR N 235 -27.03 2.90 30.84
N HIS N 236 -26.16 2.44 29.95
CA HIS N 236 -25.10 3.30 29.42
C HIS N 236 -25.72 4.44 28.63
N MET N 237 -26.75 4.11 27.84
CA MET N 237 -27.45 5.10 27.03
C MET N 237 -28.07 6.17 27.92
N ILE N 238 -28.86 5.73 28.89
CA ILE N 238 -29.53 6.64 29.81
C ILE N 238 -28.51 7.49 30.58
N ALA N 239 -27.39 6.87 30.95
CA ALA N 239 -26.34 7.58 31.68
C ALA N 239 -25.81 8.76 30.89
N LEU N 240 -25.64 8.57 29.58
CA LEU N 240 -25.13 9.62 28.71
C LEU N 240 -26.10 10.79 28.62
N ILE N 241 -27.38 10.48 28.48
CA ILE N 241 -28.40 11.52 28.35
C ILE N 241 -28.70 12.26 29.65
N THR N 242 -28.48 11.60 30.78
CA THR N 242 -28.75 12.19 32.08
C THR N 242 -27.51 12.72 32.81
N ASP N 243 -26.36 12.68 32.14
CA ASP N 243 -25.12 13.15 32.74
C ASP N 243 -24.76 12.39 34.01
N THR N 244 -25.03 11.08 34.00
CA THR N 244 -24.71 10.23 35.15
C THR N 244 -23.68 9.20 34.73
N GLU N 245 -23.07 8.54 35.72
CA GLU N 245 -22.06 7.54 35.46
C GLU N 245 -22.59 6.13 35.70
N PRO N 246 -22.57 5.27 34.67
CA PRO N 246 -23.07 3.91 34.86
C PRO N 246 -22.30 3.23 35.97
N HIS N 247 -23.02 2.57 36.88
CA HIS N 247 -22.37 1.91 38.01
C HIS N 247 -22.56 0.40 38.10
N GLU N 248 -23.80 -0.05 38.26
CA GLU N 248 -24.06 -1.47 38.40
C GLU N 248 -25.37 -1.91 37.78
N PHE N 249 -25.37 -3.15 37.28
CA PHE N 249 -26.56 -3.74 36.69
C PHE N 249 -26.86 -5.04 37.43
N ILE N 250 -28.08 -5.15 37.95
CA ILE N 250 -28.50 -6.33 38.69
C ILE N 250 -29.59 -7.04 37.91
N LEU N 251 -29.53 -8.36 37.84
CA LEU N 251 -30.53 -9.14 37.13
C LEU N 251 -31.09 -10.25 38.00
N GLN N 252 -32.37 -10.12 38.36
CA GLN N 252 -33.05 -11.12 39.17
C GLN N 252 -33.92 -11.98 38.26
N MET N 253 -33.75 -13.29 38.38
CA MET N 253 -34.51 -14.23 37.55
C MET N 253 -35.65 -14.93 38.28
N GLY N 254 -36.67 -15.29 37.51
CA GLY N 254 -37.79 -16.01 38.08
C GLY N 254 -37.58 -17.46 37.68
N ASP N 255 -38.20 -17.88 36.59
CA ASP N 255 -38.05 -19.24 36.10
C ASP N 255 -36.77 -19.31 35.26
N ALA N 256 -35.67 -19.71 35.90
CA ALA N 256 -34.38 -19.83 35.22
C ALA N 256 -34.26 -21.24 34.68
N HIS N 257 -34.22 -21.38 33.35
CA HIS N 257 -34.13 -22.71 32.75
C HIS N 257 -33.14 -22.88 31.59
N VAL N 258 -32.84 -24.14 31.32
CA VAL N 258 -31.94 -24.52 30.23
C VAL N 258 -32.70 -25.53 29.39
N TYR N 259 -32.99 -25.20 28.14
CA TYR N 259 -33.72 -26.11 27.28
C TYR N 259 -32.97 -27.42 27.08
N ARG N 260 -33.73 -28.51 26.99
CA ARG N 260 -33.17 -29.84 26.81
C ARG N 260 -32.13 -29.92 25.69
N ASP N 261 -32.43 -29.28 24.57
CA ASP N 261 -31.52 -29.31 23.43
C ASP N 261 -30.38 -28.31 23.52
N HIS N 262 -30.21 -27.69 24.68
CA HIS N 262 -29.13 -26.72 24.89
C HIS N 262 -28.07 -27.29 25.84
N VAL N 263 -28.43 -28.33 26.58
CA VAL N 263 -27.54 -28.97 27.54
C VAL N 263 -26.16 -29.30 26.99
N GLU N 264 -26.10 -30.11 25.94
CA GLU N 264 -24.82 -30.48 25.35
C GLU N 264 -24.05 -29.28 24.80
N PRO N 265 -24.71 -28.40 24.04
CA PRO N 265 -23.98 -27.24 23.50
C PRO N 265 -23.38 -26.38 24.61
N LEU N 266 -24.11 -26.22 25.70
CA LEU N 266 -23.65 -25.42 26.83
C LEU N 266 -22.47 -26.06 27.56
N LYS N 267 -22.43 -27.39 27.59
CA LYS N 267 -21.34 -28.11 28.25
C LYS N 267 -20.01 -27.72 27.61
N THR N 268 -20.04 -27.47 26.30
CA THR N 268 -18.85 -27.09 25.57
C THR N 268 -18.42 -25.69 26.01
N GLN N 269 -19.39 -24.81 26.24
CA GLN N 269 -19.12 -23.46 26.67
C GLN N 269 -18.59 -23.40 28.10
N LEU N 270 -19.07 -24.31 28.93
CA LEU N 270 -18.64 -24.36 30.34
C LEU N 270 -17.15 -24.68 30.49
N GLU N 271 -16.54 -25.23 29.44
CA GLU N 271 -15.13 -25.58 29.48
C GLU N 271 -14.23 -24.38 29.20
N ARG N 272 -14.82 -23.30 28.69
CA ARG N 272 -14.06 -22.10 28.34
C ARG N 272 -13.88 -21.09 29.47
N GLU N 273 -12.70 -20.50 29.51
CA GLU N 273 -12.37 -19.49 30.50
C GLU N 273 -12.66 -18.11 29.91
N PRO N 274 -13.43 -17.29 30.63
CA PRO N 274 -13.81 -15.94 30.20
C PRO N 274 -12.65 -14.98 29.94
N ARG N 275 -12.83 -14.09 28.99
CA ARG N 275 -11.83 -13.07 28.66
C ARG N 275 -12.37 -11.81 29.29
N ASP N 276 -11.51 -10.83 29.57
CA ASP N 276 -11.98 -9.59 30.17
C ASP N 276 -13.09 -8.98 29.31
N PHE N 277 -14.12 -8.43 29.96
CA PHE N 277 -15.22 -7.81 29.23
C PHE N 277 -14.73 -6.62 28.41
N PRO N 278 -15.40 -6.34 27.28
CA PRO N 278 -15.03 -5.22 26.42
C PRO N 278 -15.52 -3.91 27.03
N LYS N 279 -15.17 -2.80 26.39
CA LYS N 279 -15.60 -1.50 26.88
C LYS N 279 -16.44 -0.78 25.83
N LEU N 280 -17.35 0.07 26.29
CA LEU N 280 -18.22 0.81 25.39
C LEU N 280 -17.81 2.27 25.26
N LYS N 281 -17.79 2.75 24.02
CA LYS N 281 -17.44 4.14 23.73
C LYS N 281 -18.47 4.68 22.75
N TRP N 282 -18.71 5.98 22.79
CA TRP N 282 -19.69 6.59 21.89
C TRP N 282 -19.00 7.24 20.69
N ALA N 283 -19.55 7.01 19.50
CA ALA N 283 -18.98 7.58 18.28
C ALA N 283 -19.36 9.05 18.14
N ARG N 284 -20.31 9.50 18.94
CA ARG N 284 -20.75 10.88 18.92
C ARG N 284 -20.91 11.41 20.34
N SER N 285 -21.08 12.73 20.47
CA SER N 285 -21.24 13.36 21.76
C SER N 285 -22.69 13.39 22.22
N LYS N 286 -22.89 13.72 23.49
CA LYS N 286 -24.23 13.81 24.06
C LYS N 286 -25.07 14.80 23.27
N GLU N 287 -24.48 15.95 22.95
CA GLU N 287 -25.15 16.99 22.21
C GLU N 287 -25.59 16.52 20.83
N GLU N 288 -24.70 15.80 20.14
CA GLU N 288 -25.01 15.29 18.81
C GLU N 288 -26.14 14.27 18.84
N ILE N 289 -26.07 13.35 19.80
CA ILE N 289 -27.10 12.33 19.94
C ILE N 289 -28.42 13.00 20.36
N GLY N 290 -28.31 14.03 21.20
CA GLY N 290 -29.48 14.75 21.63
C GLY N 290 -30.24 14.14 22.80
N ASP N 291 -31.08 13.15 22.51
CA ASP N 291 -31.87 12.48 23.53
C ASP N 291 -31.88 10.97 23.35
N ILE N 292 -32.67 10.29 24.18
CA ILE N 292 -32.76 8.84 24.14
C ILE N 292 -33.22 8.28 22.78
N ASP N 293 -33.85 9.14 21.97
CA ASP N 293 -34.33 8.71 20.66
C ASP N 293 -33.36 9.05 19.54
N GLY N 294 -32.18 9.57 19.89
CA GLY N 294 -31.22 9.93 18.87
C GLY N 294 -30.07 8.97 18.64
N PHE N 295 -30.09 7.82 19.31
CA PHE N 295 -29.02 6.85 19.13
C PHE N 295 -29.11 6.07 17.82
N LYS N 296 -27.95 5.68 17.31
CA LYS N 296 -27.85 4.90 16.08
C LYS N 296 -26.91 3.72 16.34
N VAL N 297 -27.10 2.63 15.60
CA VAL N 297 -26.27 1.45 15.77
C VAL N 297 -24.78 1.80 15.74
N GLU N 298 -24.38 2.62 14.77
CA GLU N 298 -22.98 3.01 14.62
C GLU N 298 -22.45 3.87 15.76
N ASP N 299 -23.32 4.31 16.67
CA ASP N 299 -22.87 5.12 17.80
C ASP N 299 -22.19 4.25 18.85
N PHE N 300 -22.53 2.97 18.86
CA PHE N 300 -21.98 2.02 19.83
C PHE N 300 -20.63 1.46 19.40
N VAL N 301 -19.56 1.98 19.99
CA VAL N 301 -18.21 1.53 19.68
C VAL N 301 -17.71 0.60 20.77
N VAL N 302 -17.83 -0.71 20.53
CA VAL N 302 -17.38 -1.70 21.50
C VAL N 302 -15.96 -2.14 21.16
N GLU N 303 -15.02 -1.88 22.06
CA GLU N 303 -13.63 -2.23 21.83
C GLU N 303 -13.11 -3.26 22.84
N GLY N 304 -12.22 -4.12 22.37
CA GLY N 304 -11.65 -5.14 23.25
C GLY N 304 -12.47 -6.41 23.39
N TYR N 305 -13.46 -6.60 22.52
CA TYR N 305 -14.29 -7.80 22.59
C TYR N 305 -13.50 -8.97 21.99
N LYS N 306 -13.18 -9.94 22.84
CA LYS N 306 -12.42 -11.11 22.41
C LYS N 306 -13.07 -12.40 22.90
N PRO N 307 -14.18 -12.80 22.25
CA PRO N 307 -14.91 -14.02 22.61
C PRO N 307 -14.37 -15.29 21.97
N TRP N 308 -14.84 -16.44 22.45
CA TRP N 308 -14.44 -17.71 21.89
C TRP N 308 -15.37 -17.95 20.71
N GLY N 309 -15.32 -19.14 20.13
CA GLY N 309 -16.16 -19.44 18.99
C GLY N 309 -17.64 -19.44 19.30
N LYS N 310 -18.46 -19.34 18.25
CA LYS N 310 -19.91 -19.33 18.42
C LYS N 310 -20.38 -20.73 18.81
N ILE N 311 -21.53 -20.79 19.48
CA ILE N 311 -22.11 -22.05 19.90
C ILE N 311 -23.54 -22.10 19.40
N ASP N 312 -23.81 -23.02 18.48
CA ASP N 312 -25.14 -23.15 17.90
C ASP N 312 -26.17 -23.71 18.86
N MET N 313 -27.29 -23.00 18.98
CA MET N 313 -28.39 -23.42 19.84
C MET N 313 -29.70 -23.02 19.18
N LYS N 314 -30.60 -23.98 19.04
CA LYS N 314 -31.89 -23.75 18.42
C LYS N 314 -32.87 -23.11 19.39
N MET N 315 -33.62 -22.13 18.91
CA MET N 315 -34.61 -21.45 19.75
C MET N 315 -35.93 -22.17 19.62
N SER N 316 -36.59 -22.38 20.76
CA SER N 316 -37.88 -23.06 20.77
C SER N 316 -39.00 -22.02 20.72
N ALA N 317 -39.73 -22.02 19.61
CA ALA N 317 -40.83 -21.08 19.40
C ALA N 317 -41.95 -21.26 20.42
N PRO O 16 -11.28 -67.78 144.18
CA PRO O 16 -11.33 -67.36 142.75
C PRO O 16 -10.39 -66.20 142.50
N ASP O 17 -9.90 -65.59 143.57
CA ASP O 17 -8.99 -64.45 143.45
C ASP O 17 -7.53 -64.89 143.34
N HIS O 18 -7.29 -66.21 143.31
CA HIS O 18 -5.93 -66.71 143.20
C HIS O 18 -5.32 -66.20 141.90
N GLU O 19 -4.18 -65.51 142.02
CA GLU O 19 -3.49 -64.94 140.88
C GLU O 19 -3.14 -65.92 139.75
N GLU O 20 -3.03 -67.21 140.07
CA GLU O 20 -2.69 -68.20 139.06
C GLU O 20 -3.80 -68.37 138.01
N TYR O 21 -5.01 -67.98 138.36
CA TYR O 21 -6.12 -68.09 137.43
C TYR O 21 -5.92 -67.19 136.22
N GLN O 22 -5.07 -66.18 136.37
CA GLN O 22 -4.78 -65.26 135.29
C GLN O 22 -4.12 -66.06 134.17
N TYR O 23 -3.18 -66.91 134.56
CA TYR O 23 -2.45 -67.75 133.63
C TYR O 23 -3.35 -68.83 133.04
N LEU O 24 -4.12 -69.49 133.88
CA LEU O 24 -5.03 -70.54 133.43
C LEU O 24 -6.12 -70.01 132.51
N ASP O 25 -6.69 -68.85 132.86
CA ASP O 25 -7.75 -68.25 132.06
C ASP O 25 -7.26 -67.82 130.68
N LEU O 26 -6.05 -67.27 130.61
CA LEU O 26 -5.51 -66.84 129.33
C LEU O 26 -5.33 -68.02 128.39
N ILE O 27 -4.78 -69.12 128.92
CA ILE O 27 -4.56 -70.32 128.12
C ILE O 27 -5.91 -70.81 127.59
N ARG O 28 -6.90 -70.86 128.46
CA ARG O 28 -8.24 -71.30 128.07
C ARG O 28 -8.77 -70.42 126.95
N ARG O 29 -8.57 -69.11 127.09
CA ARG O 29 -9.02 -68.16 126.08
C ARG O 29 -8.29 -68.34 124.76
N ILE O 30 -6.96 -68.51 124.82
CA ILE O 30 -6.17 -68.70 123.62
C ILE O 30 -6.63 -69.93 122.85
N ILE O 31 -6.86 -71.03 123.58
CA ILE O 31 -7.31 -72.26 122.94
C ILE O 31 -8.69 -72.08 122.33
N ASN O 32 -9.57 -71.35 123.02
CA ASN O 32 -10.93 -71.11 122.56
C ASN O 32 -11.06 -70.17 121.37
N VAL O 33 -10.57 -68.94 121.52
CA VAL O 33 -10.69 -67.94 120.44
C VAL O 33 -9.38 -67.54 119.79
N GLY O 34 -8.29 -68.21 120.15
CA GLY O 34 -6.99 -67.88 119.58
C GLY O 34 -6.97 -68.14 118.08
N GLU O 35 -6.03 -67.50 117.40
CA GLU O 35 -5.89 -67.65 115.95
C GLU O 35 -4.81 -68.68 115.60
N VAL O 36 -5.17 -69.67 114.78
CA VAL O 36 -4.22 -70.70 114.36
C VAL O 36 -3.21 -70.07 113.40
N ARG O 37 -1.94 -70.16 113.74
CA ARG O 37 -0.90 -69.55 112.91
C ARG O 37 0.35 -70.39 112.72
N PRO O 38 1.02 -70.20 111.59
CA PRO O 38 2.27 -70.94 111.28
C PRO O 38 3.34 -70.21 112.09
N ASP O 39 4.51 -70.81 112.25
CA ASP O 39 5.56 -70.14 113.01
C ASP O 39 6.96 -70.60 112.62
N ARG O 40 7.96 -69.95 113.21
CA ARG O 40 9.35 -70.25 112.94
C ARG O 40 9.73 -71.71 113.19
N THR O 41 9.22 -72.28 114.27
CA THR O 41 9.53 -73.67 114.61
C THR O 41 8.92 -74.70 113.66
N GLY O 42 7.76 -74.37 113.11
CA GLY O 42 7.10 -75.29 112.19
C GLY O 42 6.06 -76.19 112.82
N THR O 43 5.88 -76.09 114.14
CA THR O 43 4.89 -76.93 114.81
C THR O 43 3.54 -76.22 114.80
N GLY O 44 3.57 -74.90 114.66
CA GLY O 44 2.33 -74.13 114.63
C GLY O 44 1.84 -73.77 116.01
N THR O 45 0.99 -72.75 116.10
CA THR O 45 0.45 -72.31 117.38
C THR O 45 -0.93 -71.69 117.22
N VAL O 46 -1.51 -71.31 118.34
CA VAL O 46 -2.81 -70.66 118.41
C VAL O 46 -2.45 -69.44 119.27
N ALA O 47 -2.72 -68.24 118.78
CA ALA O 47 -2.34 -67.06 119.55
C ALA O 47 -3.28 -65.86 119.57
N LEU O 48 -2.96 -64.94 120.50
CA LEU O 48 -3.68 -63.69 120.70
C LEU O 48 -2.60 -62.64 120.91
N PHE O 49 -2.83 -61.42 120.41
CA PHE O 49 -1.86 -60.36 120.55
C PHE O 49 -2.23 -59.37 121.65
N ALA O 50 -1.23 -58.96 122.42
CA ALA O 50 -1.39 -57.99 123.49
C ALA O 50 -2.59 -58.19 124.42
N PRO O 51 -2.69 -59.37 125.05
CA PRO O 51 -3.83 -59.59 125.95
C PRO O 51 -3.58 -58.82 127.25
N PRO O 52 -4.60 -58.70 128.11
CA PRO O 52 -4.41 -57.97 129.37
C PRO O 52 -3.18 -58.50 130.12
N SER O 53 -2.42 -57.60 130.73
CA SER O 53 -1.21 -57.98 131.46
C SER O 53 -1.51 -58.73 132.75
N PHE O 54 -0.52 -59.48 133.22
CA PHE O 54 -0.65 -60.23 134.47
C PHE O 54 -0.09 -59.39 135.61
N ARG O 55 -0.66 -59.54 136.80
CA ARG O 55 -0.18 -58.81 137.96
C ARG O 55 -0.03 -59.79 139.11
N PHE O 56 1.15 -59.80 139.71
CA PHE O 56 1.43 -60.71 140.82
C PHE O 56 1.99 -59.97 142.02
N SER O 57 1.39 -60.20 143.18
CA SER O 57 1.84 -59.56 144.41
C SER O 57 3.10 -60.25 144.92
N LEU O 58 4.10 -59.46 145.30
CA LEU O 58 5.35 -59.99 145.81
C LEU O 58 5.49 -59.67 147.29
N ALA O 59 4.40 -59.16 147.87
CA ALA O 59 4.38 -58.80 149.28
C ALA O 59 4.40 -60.05 150.15
N ASP O 60 4.83 -59.89 151.41
CA ASP O 60 4.88 -61.01 152.34
C ASP O 60 5.74 -62.15 151.83
N ASN O 61 6.86 -61.81 151.19
CA ASN O 61 7.80 -62.78 150.66
C ASN O 61 7.18 -63.77 149.68
N THR O 62 6.08 -63.39 149.04
CA THR O 62 5.40 -64.28 148.11
C THR O 62 6.15 -64.47 146.78
N LEU O 63 6.19 -65.71 146.32
CA LEU O 63 6.85 -66.04 145.06
C LEU O 63 5.83 -66.70 144.14
N PRO O 64 5.45 -66.01 143.04
CA PRO O 64 4.47 -66.57 142.10
C PRO O 64 4.99 -67.75 141.28
N LEU O 65 5.22 -68.86 141.96
CA LEU O 65 5.69 -70.08 141.30
C LEU O 65 4.44 -70.95 141.07
N LEU O 66 4.04 -71.08 139.81
CA LEU O 66 2.84 -71.84 139.46
C LEU O 66 2.74 -73.18 140.20
N THR O 67 1.52 -73.50 140.64
CA THR O 67 1.27 -74.73 141.38
C THR O 67 0.42 -75.77 140.65
N THR O 68 -0.18 -75.39 139.52
CA THR O 68 -0.99 -76.33 138.77
C THR O 68 -0.15 -77.36 138.03
N LYS O 69 1.16 -77.28 138.22
CA LYS O 69 2.11 -78.21 137.64
C LYS O 69 3.43 -77.99 138.34
N ARG O 70 4.28 -79.02 138.38
CA ARG O 70 5.56 -78.89 139.05
C ARG O 70 6.51 -78.11 138.15
N VAL O 71 6.99 -76.98 138.64
CA VAL O 71 7.92 -76.14 137.88
C VAL O 71 9.34 -76.40 138.35
N PHE O 72 10.26 -76.53 137.39
CA PHE O 72 11.67 -76.78 137.68
C PHE O 72 12.29 -75.53 138.33
N LEU O 73 12.01 -75.34 139.61
CA LEU O 73 12.52 -74.18 140.35
C LEU O 73 14.02 -73.97 140.21
N ARG O 74 14.79 -75.03 140.49
CA ARG O 74 16.25 -74.94 140.40
C ARG O 74 16.69 -74.45 139.03
N GLY O 75 15.95 -74.85 138.00
CA GLY O 75 16.29 -74.44 136.64
C GLY O 75 16.08 -72.94 136.47
N VAL O 76 15.00 -72.43 137.05
CA VAL O 76 14.67 -71.02 136.96
C VAL O 76 15.77 -70.20 137.66
N ILE O 77 16.13 -70.62 138.86
CA ILE O 77 17.16 -69.93 139.63
C ILE O 77 18.51 -69.97 138.92
N ALA O 78 18.91 -71.15 138.45
CA ALA O 78 20.17 -71.31 137.76
C ALA O 78 20.26 -70.39 136.55
N GLU O 79 19.21 -70.36 135.74
CA GLU O 79 19.19 -69.51 134.55
C GLU O 79 19.31 -68.03 134.92
N LEU O 80 18.62 -67.63 135.99
CA LEU O 80 18.64 -66.25 136.44
C LEU O 80 20.04 -65.81 136.89
N LEU O 81 20.66 -66.60 137.76
CA LEU O 81 22.00 -66.27 138.23
C LEU O 81 22.96 -66.28 137.05
N TRP O 82 22.60 -67.06 136.04
CA TRP O 82 23.38 -67.17 134.82
C TRP O 82 23.29 -65.84 134.07
N PHE O 83 22.06 -65.29 133.98
CA PHE O 83 21.83 -64.01 133.30
C PHE O 83 22.65 -62.93 134.00
N VAL O 84 22.48 -62.85 135.32
CA VAL O 84 23.17 -61.86 136.14
C VAL O 84 24.68 -61.89 135.95
N SER O 85 25.25 -63.08 135.85
CA SER O 85 26.70 -63.22 135.67
C SER O 85 27.16 -62.70 134.32
N GLY O 86 26.22 -62.49 133.41
CA GLY O 86 26.56 -62.00 132.09
C GLY O 86 27.07 -63.10 131.17
N CYS O 87 27.05 -64.33 131.67
CA CYS O 87 27.51 -65.49 130.92
C CYS O 87 26.54 -65.88 129.82
N THR O 88 27.08 -66.32 128.68
CA THR O 88 26.27 -66.72 127.54
C THR O 88 26.57 -68.15 127.09
N ASP O 89 27.27 -68.90 127.91
CA ASP O 89 27.62 -70.28 127.59
C ASP O 89 26.62 -71.21 128.25
N ALA O 90 25.81 -71.88 127.43
CA ALA O 90 24.79 -72.80 127.93
C ALA O 90 25.38 -73.98 128.69
N LYS O 91 26.65 -74.28 128.44
CA LYS O 91 27.30 -75.39 129.13
C LYS O 91 27.35 -75.13 130.64
N MET O 92 27.29 -73.86 131.01
CA MET O 92 27.32 -73.49 132.43
C MET O 92 26.01 -73.89 133.11
N LEU O 93 24.99 -74.13 132.30
CA LEU O 93 23.70 -74.54 132.83
C LEU O 93 23.56 -76.06 132.78
N SER O 94 23.97 -76.66 131.66
CA SER O 94 23.88 -78.10 131.49
C SER O 94 24.84 -78.82 132.43
N SER O 95 25.94 -78.16 132.78
CA SER O 95 26.92 -78.76 133.67
C SER O 95 26.35 -78.90 135.07
N GLN O 96 25.35 -78.09 135.38
CA GLN O 96 24.73 -78.15 136.70
C GLN O 96 23.34 -78.77 136.63
N GLY O 97 23.10 -79.57 135.61
CA GLY O 97 21.83 -80.26 135.46
C GLY O 97 20.65 -79.48 134.90
N VAL O 98 20.92 -78.37 134.22
CA VAL O 98 19.86 -77.56 133.64
C VAL O 98 20.05 -77.47 132.13
N GLY O 99 19.19 -78.14 131.38
CA GLY O 99 19.32 -78.14 129.93
C GLY O 99 18.30 -77.37 129.14
N ILE O 100 17.67 -76.37 129.75
CA ILE O 100 16.65 -75.58 129.06
C ILE O 100 17.18 -74.88 127.81
N TRP O 101 18.49 -74.62 127.77
CA TRP O 101 19.08 -73.95 126.61
C TRP O 101 19.91 -74.88 125.72
N ASP O 102 19.84 -76.17 125.98
CA ASP O 102 20.57 -77.14 125.18
C ASP O 102 20.02 -77.18 123.75
N GLY O 103 18.70 -77.01 123.64
CA GLY O 103 18.06 -77.03 122.33
C GLY O 103 18.55 -75.99 121.36
N ASN O 104 18.61 -74.73 121.80
CA ASN O 104 19.06 -73.65 120.92
C ASN O 104 20.57 -73.46 120.94
N GLY O 105 21.24 -74.23 121.79
CA GLY O 105 22.69 -74.13 121.89
C GLY O 105 23.38 -75.29 121.22
N SER O 106 22.60 -76.26 120.76
CA SER O 106 23.15 -77.44 120.10
C SER O 106 23.90 -77.04 118.83
N LYS O 107 24.94 -77.81 118.52
CA LYS O 107 25.77 -77.56 117.34
C LYS O 107 24.89 -77.55 116.10
N GLU O 108 23.86 -78.40 116.11
CA GLU O 108 22.94 -78.53 114.98
C GLU O 108 22.14 -77.25 114.75
N PHE O 109 21.56 -76.70 115.81
CA PHE O 109 20.77 -75.49 115.70
C PHE O 109 21.63 -74.29 115.30
N LEU O 110 22.78 -74.14 115.94
CA LEU O 110 23.68 -73.04 115.64
C LEU O 110 24.03 -73.02 114.16
N GLU O 111 24.46 -74.16 113.62
CA GLU O 111 24.81 -74.25 112.22
C GLU O 111 23.57 -73.97 111.37
N LYS O 112 22.42 -74.31 111.91
CA LYS O 112 21.14 -74.12 111.23
C LYS O 112 20.81 -72.64 111.03
N VAL O 113 21.20 -71.81 112.00
CA VAL O 113 20.94 -70.38 111.91
C VAL O 113 22.14 -69.57 111.44
N GLY O 114 23.09 -70.23 110.79
CA GLY O 114 24.26 -69.55 110.27
C GLY O 114 25.33 -69.20 111.30
N LEU O 115 25.38 -69.95 112.40
CA LEU O 115 26.37 -69.70 113.44
C LEU O 115 27.20 -70.96 113.67
N GLY O 116 27.60 -71.61 112.59
CA GLY O 116 28.39 -72.84 112.69
C GLY O 116 29.83 -72.65 113.13
N HIS O 117 30.30 -71.41 113.13
CA HIS O 117 31.67 -71.13 113.53
C HIS O 117 31.81 -71.11 115.06
N ARG O 118 30.70 -71.28 115.75
CA ARG O 118 30.70 -71.26 117.20
C ARG O 118 30.67 -72.66 117.80
N ARG O 119 31.33 -72.82 118.95
CA ARG O 119 31.34 -74.12 119.61
C ARG O 119 29.97 -74.33 120.24
N GLU O 120 29.57 -75.57 120.40
CA GLU O 120 28.28 -75.89 121.00
C GLU O 120 28.10 -75.22 122.36
N GLY O 121 26.94 -74.59 122.55
CA GLY O 121 26.68 -73.93 123.82
C GLY O 121 26.91 -72.43 123.79
N ASP O 122 27.65 -71.95 122.78
CA ASP O 122 27.91 -70.52 122.66
C ASP O 122 26.74 -69.85 121.97
N LEU O 123 25.79 -69.37 122.76
CA LEU O 123 24.58 -68.71 122.26
C LEU O 123 24.81 -67.33 121.65
N GLY O 124 25.94 -66.71 121.97
CA GLY O 124 26.21 -65.39 121.44
C GLY O 124 25.91 -64.32 122.48
N PRO O 125 25.82 -63.04 122.08
CA PRO O 125 25.53 -61.95 123.01
C PRO O 125 24.06 -61.86 123.43
N VAL O 126 23.58 -62.88 124.14
CA VAL O 126 22.20 -62.91 124.59
C VAL O 126 22.02 -62.27 125.97
N TYR O 127 20.80 -62.34 126.48
CA TYR O 127 20.40 -61.79 127.78
C TYR O 127 21.53 -61.27 128.67
N GLY O 128 22.17 -62.16 129.41
CA GLY O 128 23.23 -61.79 130.32
C GLY O 128 24.27 -60.81 129.80
N PHE O 129 24.73 -61.04 128.58
CA PHE O 129 25.74 -60.17 127.98
C PHE O 129 25.21 -58.74 127.80
N GLN O 130 23.99 -58.62 127.27
CA GLN O 130 23.40 -57.30 127.07
C GLN O 130 23.16 -56.60 128.41
N TRP O 131 22.70 -57.38 129.40
CA TRP O 131 22.43 -56.86 130.73
C TRP O 131 23.64 -56.20 131.40
N ARG O 132 24.80 -56.86 131.31
CA ARG O 132 26.00 -56.34 131.95
C ARG O 132 27.03 -55.70 131.01
N HIS O 133 26.92 -55.95 129.71
CA HIS O 133 27.89 -55.40 128.76
C HIS O 133 27.29 -54.86 127.47
N PHE O 134 26.11 -54.24 127.56
CA PHE O 134 25.46 -53.71 126.37
C PHE O 134 26.37 -52.77 125.58
N GLY O 135 26.50 -53.03 124.28
CA GLY O 135 27.33 -52.21 123.43
C GLY O 135 28.73 -52.75 123.19
N ALA O 136 29.20 -53.62 124.09
CA ALA O 136 30.53 -54.19 123.94
C ALA O 136 30.62 -55.10 122.72
N GLU O 137 31.82 -55.26 122.19
CA GLU O 137 32.05 -56.10 121.03
C GLU O 137 32.11 -57.56 121.48
N TYR O 138 31.32 -58.41 120.84
CA TYR O 138 31.28 -59.82 121.19
C TYR O 138 32.17 -60.66 120.28
N THR O 139 32.98 -61.51 120.89
CA THR O 139 33.86 -62.40 120.13
C THR O 139 33.29 -63.80 120.30
N ASP O 140 33.46 -64.37 121.49
CA ASP O 140 32.93 -65.69 121.79
C ASP O 140 32.52 -65.71 123.28
N ALA O 141 32.07 -66.85 123.82
CA ALA O 141 31.67 -66.86 125.22
C ALA O 141 32.82 -66.78 126.21
N ASP O 142 34.05 -66.97 125.73
CA ASP O 142 35.23 -66.93 126.58
C ASP O 142 35.86 -65.55 126.61
N GLY O 143 35.34 -64.64 125.81
CA GLY O 143 35.89 -63.30 125.75
C GLY O 143 35.91 -62.58 127.08
N ASP O 144 36.85 -61.65 127.22
CA ASP O 144 36.99 -60.87 128.44
C ASP O 144 36.19 -59.57 128.28
N TYR O 145 35.06 -59.50 128.94
CA TYR O 145 34.18 -58.32 128.83
C TYR O 145 34.12 -57.49 130.10
N LYS O 146 34.85 -57.90 131.14
CA LYS O 146 34.86 -57.18 132.39
C LYS O 146 35.17 -55.71 132.17
N GLY O 147 34.29 -54.84 132.67
CA GLY O 147 34.48 -53.41 132.53
C GLY O 147 34.17 -52.87 131.14
N LYS O 148 33.63 -53.71 130.27
CA LYS O 148 33.30 -53.29 128.92
C LYS O 148 31.79 -53.24 128.70
N GLY O 149 31.34 -52.23 127.95
CA GLY O 149 29.93 -52.08 127.68
C GLY O 149 29.19 -51.45 128.85
N VAL O 150 27.89 -51.27 128.72
CA VAL O 150 27.09 -50.68 129.78
C VAL O 150 26.52 -51.72 130.74
N ASP O 151 26.82 -51.57 132.02
CA ASP O 151 26.30 -52.50 133.02
C ASP O 151 24.96 -51.96 133.50
N GLN O 152 23.90 -52.30 132.78
CA GLN O 152 22.55 -51.85 133.11
C GLN O 152 22.10 -52.32 134.48
N LEU O 153 22.37 -53.58 134.80
CA LEU O 153 21.95 -54.13 136.08
C LEU O 153 22.48 -53.37 137.29
N GLN O 154 23.78 -53.09 137.33
CA GLN O 154 24.33 -52.36 138.46
C GLN O 154 23.80 -50.94 138.50
N ARG O 155 23.59 -50.34 137.33
CA ARG O 155 23.07 -48.99 137.28
C ARG O 155 21.66 -48.98 137.88
N VAL O 156 20.90 -50.03 137.62
CA VAL O 156 19.54 -50.14 138.15
C VAL O 156 19.62 -50.17 139.68
N ILE O 157 20.59 -50.92 140.21
CA ILE O 157 20.78 -51.03 141.65
C ILE O 157 21.14 -49.67 142.24
N ASP O 158 22.14 -49.03 141.66
CA ASP O 158 22.60 -47.72 142.12
C ASP O 158 21.50 -46.67 142.08
N THR O 159 20.70 -46.69 141.02
CA THR O 159 19.62 -45.72 140.85
C THR O 159 18.50 -45.91 141.88
N ILE O 160 18.14 -47.15 142.16
CA ILE O 160 17.09 -47.44 143.12
C ILE O 160 17.49 -46.96 144.52
N LYS O 161 18.78 -47.06 144.82
CA LYS O 161 19.31 -46.66 146.12
C LYS O 161 19.54 -45.15 146.28
N ASN O 162 20.04 -44.51 145.23
CA ASN O 162 20.35 -43.09 145.31
C ASN O 162 19.40 -42.11 144.62
N ASN O 163 18.56 -42.61 143.72
CA ASN O 163 17.60 -41.74 143.03
C ASN O 163 16.41 -42.57 142.56
N PRO O 164 15.66 -43.13 143.52
CA PRO O 164 14.47 -43.97 143.31
C PRO O 164 13.36 -43.40 142.42
N THR O 165 13.18 -42.08 142.43
CA THR O 165 12.13 -41.49 141.61
C THR O 165 12.55 -41.32 140.16
N ASP O 166 13.74 -41.80 139.82
CA ASP O 166 14.23 -41.72 138.45
C ASP O 166 13.25 -42.50 137.59
N ARG O 167 13.02 -42.03 136.36
CA ARG O 167 12.08 -42.70 135.47
C ARG O 167 12.74 -43.46 134.32
N ARG O 168 14.02 -43.76 134.47
CA ARG O 168 14.79 -44.50 133.46
C ARG O 168 15.39 -45.79 134.01
N ILE O 169 14.81 -46.34 135.07
CA ILE O 169 15.32 -47.58 135.67
C ILE O 169 14.95 -48.75 134.75
N ILE O 170 15.69 -48.89 133.67
CA ILE O 170 15.45 -49.93 132.67
C ILE O 170 16.54 -50.98 132.54
N LEU O 171 16.13 -52.22 132.32
CA LEU O 171 17.04 -53.34 132.13
C LEU O 171 16.58 -54.00 130.83
N SER O 172 17.35 -53.85 129.77
CA SER O 172 16.98 -54.42 128.48
C SER O 172 18.06 -55.25 127.81
N ALA O 173 17.62 -56.31 127.12
CA ALA O 173 18.52 -57.21 126.43
C ALA O 173 18.37 -57.06 124.91
N TRP O 174 17.40 -56.26 124.50
CA TRP O 174 17.14 -56.05 123.08
C TRP O 174 18.24 -55.20 122.45
N ASN O 175 18.89 -55.74 121.44
CA ASN O 175 19.97 -55.04 120.73
C ASN O 175 19.86 -55.38 119.25
N PRO O 176 19.22 -54.49 118.46
CA PRO O 176 19.05 -54.70 117.03
C PRO O 176 20.34 -55.03 116.27
N LYS O 177 21.45 -54.47 116.73
CA LYS O 177 22.74 -54.72 116.06
C LYS O 177 23.28 -56.13 116.33
N ASP O 178 23.12 -56.60 117.56
CA ASP O 178 23.62 -57.92 117.95
C ASP O 178 22.70 -59.10 117.65
N LEU O 179 21.44 -58.81 117.30
CA LEU O 179 20.47 -59.86 117.02
C LEU O 179 20.98 -61.02 116.16
N PRO O 180 21.53 -60.73 114.97
CA PRO O 180 22.02 -61.81 114.12
C PRO O 180 23.10 -62.71 114.75
N LEU O 181 23.74 -62.22 115.81
CA LEU O 181 24.79 -62.99 116.48
C LEU O 181 24.17 -63.85 117.57
N MET O 182 22.89 -63.65 117.84
CA MET O 182 22.18 -64.41 118.87
C MET O 182 21.53 -65.67 118.33
N ALA O 183 21.70 -66.78 119.04
CA ALA O 183 21.11 -68.04 118.62
C ALA O 183 19.59 -67.87 118.62
N LEU O 184 19.11 -66.96 119.45
CA LEU O 184 17.69 -66.68 119.56
C LEU O 184 17.50 -65.27 120.12
N PRO O 185 16.64 -64.45 119.49
CA PRO O 185 16.39 -63.09 119.98
C PRO O 185 15.73 -63.12 121.35
N PRO O 186 15.99 -62.11 122.19
CA PRO O 186 15.41 -62.04 123.54
C PRO O 186 13.88 -62.07 123.53
N CYS O 187 13.30 -62.95 124.34
CA CYS O 187 11.84 -63.03 124.45
C CYS O 187 11.44 -61.96 125.45
N HIS O 188 11.97 -62.04 126.66
CA HIS O 188 11.70 -61.00 127.64
C HIS O 188 12.76 -59.97 127.30
N MET O 189 12.38 -59.03 126.43
CA MET O 189 13.30 -58.00 125.96
C MET O 189 13.67 -56.85 126.89
N PHE O 190 12.93 -56.67 127.98
CA PHE O 190 13.24 -55.60 128.92
C PHE O 190 12.22 -55.51 130.04
N CYS O 191 12.59 -54.79 131.10
CA CYS O 191 11.71 -54.57 132.23
C CYS O 191 12.04 -53.22 132.85
N GLN O 192 11.06 -52.65 133.54
CA GLN O 192 11.24 -51.36 134.19
C GLN O 192 10.88 -51.46 135.67
N PHE O 193 11.75 -50.92 136.52
CA PHE O 193 11.51 -50.96 137.94
C PHE O 193 10.96 -49.63 138.43
N PHE O 194 10.14 -49.69 139.46
CA PHE O 194 9.52 -48.51 140.04
C PHE O 194 9.61 -48.60 141.56
N VAL O 195 9.95 -47.47 142.18
CA VAL O 195 10.08 -47.43 143.63
C VAL O 195 9.11 -46.45 144.27
N SER O 196 8.26 -46.96 145.15
CA SER O 196 7.29 -46.11 145.84
C SER O 196 7.96 -45.63 147.13
N LEU O 197 7.96 -44.32 147.34
CA LEU O 197 8.56 -43.75 148.53
C LEU O 197 7.73 -44.07 149.77
N PRO O 198 8.37 -44.11 150.94
CA PRO O 198 7.67 -44.40 152.21
C PRO O 198 6.56 -43.40 152.47
N PRO O 199 5.36 -43.89 152.84
CA PRO O 199 4.23 -43.01 153.12
C PRO O 199 4.55 -42.02 154.25
N PRO O 203 7.72 -42.87 157.78
CA PRO O 203 8.88 -42.66 156.92
C PRO O 203 10.01 -43.66 157.20
N GLY O 204 9.79 -44.54 158.17
CA GLY O 204 10.79 -45.52 158.52
C GLY O 204 10.66 -46.80 157.69
N SER O 205 9.50 -47.00 157.08
CA SER O 205 9.25 -48.17 156.27
C SER O 205 10.17 -48.22 155.06
N LYS O 206 10.31 -49.41 154.48
CA LYS O 206 11.15 -49.60 153.31
C LYS O 206 10.40 -49.23 152.05
N PRO O 207 11.07 -48.59 151.09
CA PRO O 207 10.39 -48.22 149.84
C PRO O 207 9.92 -49.50 149.15
N LYS O 208 8.80 -49.44 148.45
CA LYS O 208 8.29 -50.62 147.76
C LYS O 208 8.81 -50.70 146.33
N LEU O 209 9.27 -51.88 145.94
CA LEU O 209 9.82 -52.09 144.60
C LEU O 209 8.88 -52.92 143.72
N SER O 210 8.61 -52.41 142.53
CA SER O 210 7.76 -53.11 141.58
C SER O 210 8.53 -53.31 140.28
N CYS O 211 8.07 -54.24 139.45
CA CYS O 211 8.72 -54.55 138.20
C CYS O 211 7.75 -54.90 137.09
N LEU O 212 7.90 -54.26 135.94
CA LEU O 212 7.05 -54.52 134.79
C LEU O 212 7.97 -55.06 133.70
N MET O 213 7.64 -56.23 133.17
CA MET O 213 8.45 -56.84 132.12
C MET O 213 7.59 -57.04 130.88
N TYR O 214 8.17 -56.78 129.73
CA TYR O 214 7.45 -56.97 128.47
C TYR O 214 8.08 -58.13 127.70
N GLN O 215 7.23 -59.06 127.28
CA GLN O 215 7.68 -60.23 126.54
C GLN O 215 7.06 -60.22 125.15
N ARG O 216 7.91 -60.10 124.12
CA ARG O 216 7.44 -60.05 122.74
C ARG O 216 6.79 -61.35 122.25
N SER O 217 7.36 -62.47 122.66
CA SER O 217 6.86 -63.79 122.26
C SER O 217 6.73 -64.64 123.52
N CYS O 218 5.55 -65.21 123.75
CA CYS O 218 5.33 -65.98 124.95
C CYS O 218 4.79 -67.40 124.75
N ASP O 219 5.61 -68.38 125.10
CA ASP O 219 5.22 -69.79 125.01
C ASP O 219 4.58 -70.05 126.38
N LEU O 220 3.25 -69.93 126.45
CA LEU O 220 2.56 -70.11 127.72
C LEU O 220 2.74 -71.46 128.39
N GLY O 221 2.86 -72.51 127.59
CA GLY O 221 3.03 -73.84 128.17
C GLY O 221 4.35 -74.01 128.90
N LEU O 222 5.44 -73.73 128.20
CA LEU O 222 6.78 -73.90 128.77
C LEU O 222 7.51 -72.64 129.24
N GLY O 223 7.44 -71.57 128.45
CA GLY O 223 8.15 -70.36 128.80
C GLY O 223 7.60 -69.49 129.93
N VAL O 224 6.36 -69.05 129.78
CA VAL O 224 5.73 -68.18 130.77
C VAL O 224 5.92 -68.60 132.22
N PRO O 225 5.79 -69.91 132.52
CA PRO O 225 5.99 -70.32 133.91
C PRO O 225 7.37 -69.91 134.43
N PHE O 226 8.39 -70.06 133.59
CA PHE O 226 9.75 -69.69 133.96
C PHE O 226 9.90 -68.17 134.05
N ASN O 227 9.43 -67.47 133.02
CA ASN O 227 9.53 -66.01 132.98
C ASN O 227 8.92 -65.35 134.20
N ILE O 228 7.72 -65.79 134.60
CA ILE O 228 7.06 -65.21 135.76
C ILE O 228 7.89 -65.36 137.02
N ALA O 229 8.33 -66.59 137.29
CA ALA O 229 9.14 -66.87 138.49
C ALA O 229 10.49 -66.17 138.41
N SER O 230 11.07 -66.17 137.21
CA SER O 230 12.38 -65.56 137.00
C SER O 230 12.42 -64.09 137.38
N TYR O 231 11.53 -63.28 136.82
CA TYR O 231 11.51 -61.86 137.12
C TYR O 231 11.02 -61.56 138.53
N ALA O 232 10.21 -62.46 139.09
CA ALA O 232 9.72 -62.28 140.44
C ALA O 232 10.95 -62.44 141.35
N LEU O 233 11.78 -63.42 141.02
CA LEU O 233 12.99 -63.70 141.78
C LEU O 233 13.99 -62.56 141.64
N LEU O 234 14.13 -62.03 140.42
CA LEU O 234 15.05 -60.94 140.17
C LEU O 234 14.68 -59.74 141.04
N THR O 235 13.38 -59.47 141.14
CA THR O 235 12.88 -58.35 141.93
C THR O 235 13.18 -58.58 143.41
N HIS O 236 13.05 -59.82 143.87
CA HIS O 236 13.35 -60.14 145.27
C HIS O 236 14.84 -59.92 145.52
N MET O 237 15.66 -60.34 144.57
CA MET O 237 17.11 -60.18 144.68
C MET O 237 17.49 -58.70 144.79
N ILE O 238 17.03 -57.92 143.83
CA ILE O 238 17.31 -56.49 143.79
C ILE O 238 16.79 -55.79 145.04
N ALA O 239 15.65 -56.25 145.55
CA ALA O 239 15.07 -55.66 146.75
C ALA O 239 16.01 -55.83 147.94
N LEU O 240 16.60 -57.01 148.06
CA LEU O 240 17.53 -57.30 149.14
C LEU O 240 18.76 -56.41 149.11
N ILE O 241 19.32 -56.23 147.91
CA ILE O 241 20.52 -55.42 147.75
C ILE O 241 20.26 -53.93 147.89
N THR O 242 19.05 -53.49 147.57
CA THR O 242 18.71 -52.08 147.65
C THR O 242 17.92 -51.67 148.90
N ASP O 243 17.74 -52.60 149.82
CA ASP O 243 17.00 -52.31 151.05
C ASP O 243 15.58 -51.87 150.76
N THR O 244 14.96 -52.48 149.77
CA THR O 244 13.58 -52.15 149.42
C THR O 244 12.71 -53.38 149.64
N GLU O 245 11.40 -53.18 149.64
CA GLU O 245 10.45 -54.27 149.86
C GLU O 245 9.75 -54.64 148.56
N PRO O 246 9.89 -55.90 148.11
CA PRO O 246 9.23 -56.30 146.86
C PRO O 246 7.73 -56.07 146.98
N HIS O 247 7.13 -55.49 145.94
CA HIS O 247 5.71 -55.19 145.98
C HIS O 247 4.87 -55.86 144.90
N GLU O 248 5.14 -55.55 143.64
CA GLU O 248 4.35 -56.13 142.56
C GLU O 248 5.15 -56.41 141.30
N PHE O 249 4.72 -57.42 140.55
CA PHE O 249 5.36 -57.78 139.30
C PHE O 249 4.29 -57.80 138.23
N ILE O 250 4.51 -57.04 137.16
CA ILE O 250 3.56 -56.97 136.06
C ILE O 250 4.19 -57.58 134.81
N LEU O 251 3.42 -58.35 134.08
CA LEU O 251 3.93 -58.99 132.86
C LEU O 251 3.04 -58.72 131.66
N GLN O 252 3.54 -57.92 130.72
CA GLN O 252 2.80 -57.60 129.52
C GLN O 252 3.31 -58.46 128.37
N MET O 253 2.39 -59.10 127.66
CA MET O 253 2.75 -59.99 126.56
C MET O 253 2.43 -59.40 125.20
N GLY O 254 3.25 -59.79 124.22
CA GLY O 254 3.05 -59.35 122.86
C GLY O 254 2.32 -60.47 122.15
N ASP O 255 3.09 -61.38 121.55
CA ASP O 255 2.52 -62.52 120.86
C ASP O 255 2.38 -63.65 121.88
N ALA O 256 1.17 -63.78 122.44
CA ALA O 256 0.88 -64.80 123.44
C ALA O 256 0.33 -66.03 122.72
N HIS O 257 1.07 -67.14 122.76
CA HIS O 257 0.64 -68.34 122.07
C HIS O 257 0.77 -69.66 122.83
N VAL O 258 0.06 -70.66 122.32
CA VAL O 258 0.07 -72.01 122.87
C VAL O 258 0.40 -72.92 121.69
N TYR O 259 1.53 -73.62 121.76
CA TYR O 259 1.90 -74.51 120.67
C TYR O 259 0.88 -75.62 120.48
N ARG O 260 0.70 -76.03 119.23
CA ARG O 260 -0.26 -77.08 118.86
C ARG O 260 -0.12 -78.34 119.70
N ASP O 261 1.12 -78.76 119.94
CA ASP O 261 1.36 -79.98 120.72
C ASP O 261 1.32 -79.77 122.23
N HIS O 262 0.84 -78.60 122.65
CA HIS O 262 0.72 -78.29 124.09
C HIS O 262 -0.75 -78.21 124.51
N VAL O 263 -1.64 -78.09 123.53
CA VAL O 263 -3.07 -77.98 123.79
C VAL O 263 -3.63 -79.08 124.71
N GLU O 264 -3.45 -80.33 124.32
CA GLU O 264 -3.94 -81.44 125.13
C GLU O 264 -3.31 -81.51 126.52
N PRO O 265 -1.98 -81.38 126.60
CA PRO O 265 -1.34 -81.45 127.91
C PRO O 265 -1.84 -80.34 128.84
N LEU O 266 -2.07 -79.16 128.29
CA LEU O 266 -2.54 -78.01 129.06
C LEU O 266 -3.97 -78.21 129.54
N LYS O 267 -4.80 -78.90 128.76
CA LYS O 267 -6.18 -79.14 129.15
C LYS O 267 -6.23 -79.90 130.46
N THR O 268 -5.22 -80.74 130.69
CA THR O 268 -5.14 -81.52 131.91
C THR O 268 -4.84 -80.58 133.07
N GLN O 269 -3.96 -79.62 132.83
CA GLN O 269 -3.57 -78.65 133.84
C GLN O 269 -4.72 -77.71 134.20
N LEU O 270 -5.53 -77.37 133.20
CA LEU O 270 -6.66 -76.47 133.40
C LEU O 270 -7.69 -77.03 134.38
N GLU O 271 -7.66 -78.34 134.61
CA GLU O 271 -8.59 -78.99 135.52
C GLU O 271 -8.16 -78.88 136.97
N ARG O 272 -6.92 -78.48 137.19
CA ARG O 272 -6.37 -78.37 138.54
C ARG O 272 -6.57 -77.04 139.24
N GLU O 273 -6.88 -77.10 140.53
CA GLU O 273 -7.09 -75.92 141.35
C GLU O 273 -5.76 -75.53 141.98
N PRO O 274 -5.35 -74.27 141.82
CA PRO O 274 -4.09 -73.76 142.37
C PRO O 274 -3.97 -73.85 143.89
N ARG O 275 -2.74 -74.03 144.36
CA ARG O 275 -2.44 -74.08 145.78
C ARG O 275 -1.82 -72.73 146.10
N ASP O 276 -1.88 -72.30 147.35
CA ASP O 276 -1.31 -71.00 147.71
C ASP O 276 0.16 -70.96 147.28
N PHE O 277 0.58 -69.82 146.74
CA PHE O 277 1.96 -69.66 146.30
C PHE O 277 2.93 -69.83 147.47
N PRO O 278 4.14 -70.32 147.18
CA PRO O 278 5.16 -70.51 148.21
C PRO O 278 5.80 -69.18 148.57
N LYS O 279 6.66 -69.19 149.60
CA LYS O 279 7.33 -67.97 150.01
C LYS O 279 8.84 -68.10 149.87
N LEU O 280 9.51 -66.98 149.62
CA LEU O 280 10.95 -66.97 149.45
C LEU O 280 11.66 -66.43 150.68
N LYS O 281 12.74 -67.12 151.06
CA LYS O 281 13.54 -66.73 152.21
C LYS O 281 15.01 -66.84 151.79
N TRP O 282 15.87 -66.04 152.42
CA TRP O 282 17.28 -66.06 152.08
C TRP O 282 18.09 -66.88 153.09
N ALA O 283 18.98 -67.72 152.59
CA ALA O 283 19.80 -68.56 153.46
C ALA O 283 20.91 -67.74 154.11
N ARG O 284 21.20 -66.58 153.53
CA ARG O 284 22.24 -65.70 154.05
C ARG O 284 21.71 -64.26 154.16
N SER O 285 22.50 -63.40 154.80
CA SER O 285 22.11 -62.01 154.98
C SER O 285 22.58 -61.14 153.81
N LYS O 286 22.08 -59.92 153.79
CA LYS O 286 22.45 -58.96 152.74
C LYS O 286 23.95 -58.76 152.74
N GLU O 287 24.53 -58.58 153.93
CA GLU O 287 25.96 -58.36 154.07
C GLU O 287 26.78 -59.53 153.53
N GLU O 288 26.34 -60.75 153.84
CA GLU O 288 27.04 -61.94 153.38
C GLU O 288 26.99 -62.06 151.87
N ILE O 289 25.81 -61.85 151.30
CA ILE O 289 25.64 -61.92 149.85
C ILE O 289 26.43 -60.80 149.19
N GLY O 290 26.46 -59.65 149.84
CA GLY O 290 27.21 -58.51 149.31
C GLY O 290 26.49 -57.67 148.28
N ASP O 291 26.54 -58.12 147.03
CA ASP O 291 25.89 -57.40 145.93
C ASP O 291 25.10 -58.34 145.02
N ILE O 292 24.60 -57.81 143.92
CA ILE O 292 23.82 -58.59 142.97
C ILE O 292 24.59 -59.78 142.38
N ASP O 293 25.92 -59.72 142.42
CA ASP O 293 26.75 -60.79 141.88
C ASP O 293 27.16 -61.82 142.92
N GLY O 294 26.66 -61.67 144.14
CA GLY O 294 27.02 -62.60 145.21
C GLY O 294 26.03 -63.69 145.54
N PHE O 295 24.93 -63.79 144.79
CA PHE O 295 23.92 -64.81 145.04
C PHE O 295 24.35 -66.21 144.59
N LYS O 296 23.86 -67.22 145.30
CA LYS O 296 24.14 -68.61 144.98
C LYS O 296 22.82 -69.36 144.99
N VAL O 297 22.73 -70.45 144.22
CA VAL O 297 21.50 -71.23 144.15
C VAL O 297 20.97 -71.58 145.54
N GLU O 298 21.86 -72.07 146.41
CA GLU O 298 21.48 -72.45 147.76
C GLU O 298 20.98 -71.30 148.64
N ASP O 299 21.10 -70.06 148.16
CA ASP O 299 20.64 -68.92 148.94
C ASP O 299 19.12 -68.83 148.88
N PHE O 300 18.53 -69.33 147.80
CA PHE O 300 17.10 -69.30 147.60
C PHE O 300 16.36 -70.40 148.37
N VAL O 301 15.73 -70.03 149.47
CA VAL O 301 14.98 -70.99 150.28
C VAL O 301 13.49 -70.81 150.04
N VAL O 302 12.93 -71.64 149.17
CA VAL O 302 11.51 -71.58 148.84
C VAL O 302 10.76 -72.58 149.72
N GLU O 303 9.87 -72.07 150.56
CA GLU O 303 9.10 -72.92 151.45
C GLU O 303 7.60 -72.88 151.16
N GLY O 304 6.94 -74.01 151.38
CA GLY O 304 5.52 -74.09 151.16
C GLY O 304 5.09 -74.36 149.73
N TYR O 305 6.02 -74.80 148.89
CA TYR O 305 5.69 -75.09 147.50
C TYR O 305 4.98 -76.45 147.44
N LYS O 306 3.71 -76.43 147.04
CA LYS O 306 2.92 -77.66 146.95
C LYS O 306 2.19 -77.75 145.62
N PRO O 307 2.93 -78.07 144.55
CA PRO O 307 2.37 -78.19 143.20
C PRO O 307 1.77 -79.56 142.89
N TRP O 308 1.02 -79.62 141.80
CA TRP O 308 0.42 -80.88 141.36
C TRP O 308 1.51 -81.57 140.56
N GLY O 309 1.17 -82.70 139.94
CA GLY O 309 2.16 -83.43 139.16
C GLY O 309 2.71 -82.66 137.98
N LYS O 310 3.83 -83.15 137.44
CA LYS O 310 4.47 -82.51 136.30
C LYS O 310 3.63 -82.77 135.05
N ILE O 311 3.78 -81.92 134.05
CA ILE O 311 3.06 -82.06 132.81
C ILE O 311 4.07 -81.99 131.67
N ASP O 312 4.24 -83.10 130.96
CA ASP O 312 5.20 -83.16 129.88
C ASP O 312 4.79 -82.36 128.65
N MET O 313 5.68 -81.49 128.20
CA MET O 313 5.45 -80.67 127.02
C MET O 313 6.78 -80.50 126.29
N LYS O 314 6.77 -80.83 125.00
CA LYS O 314 7.96 -80.72 124.17
C LYS O 314 8.23 -79.29 123.72
N MET O 315 9.48 -78.89 123.75
CA MET O 315 9.85 -77.54 123.33
C MET O 315 10.17 -77.56 121.84
N SER O 316 9.67 -76.56 121.12
CA SER O 316 9.92 -76.46 119.70
C SER O 316 11.13 -75.56 119.44
N ALA O 317 12.21 -76.16 118.94
CA ALA O 317 13.44 -75.43 118.65
C ALA O 317 13.25 -74.38 117.57
N PRO P 16 -20.70 -44.23 126.88
CA PRO P 16 -19.77 -44.63 127.96
C PRO P 16 -18.66 -45.53 127.42
N ASP P 17 -18.83 -45.98 126.17
CA ASP P 17 -17.83 -46.85 125.55
C ASP P 17 -16.80 -46.08 124.74
N HIS P 18 -16.92 -44.76 124.70
CA HIS P 18 -15.96 -43.94 123.96
C HIS P 18 -14.56 -44.20 124.52
N GLU P 19 -13.65 -44.59 123.62
CA GLU P 19 -12.28 -44.90 124.00
C GLU P 19 -11.53 -43.79 124.71
N GLU P 20 -11.93 -42.54 124.51
CA GLU P 20 -11.24 -41.42 125.15
C GLU P 20 -11.42 -41.41 126.67
N TYR P 21 -12.44 -42.10 127.15
CA TYR P 21 -12.68 -42.14 128.59
C TYR P 21 -11.55 -42.88 129.30
N GLN P 22 -10.83 -43.71 128.56
CA GLN P 22 -9.69 -44.44 129.13
C GLN P 22 -8.70 -43.41 129.61
N TYR P 23 -8.42 -42.44 128.74
CA TYR P 23 -7.49 -41.37 129.03
C TYR P 23 -7.99 -40.48 130.17
N LEU P 24 -9.25 -40.07 130.09
CA LEU P 24 -9.86 -39.22 131.10
C LEU P 24 -9.93 -39.92 132.46
N ASP P 25 -10.34 -41.18 132.47
CA ASP P 25 -10.45 -41.94 133.70
C ASP P 25 -9.11 -42.13 134.41
N LEU P 26 -8.06 -42.37 133.65
CA LEU P 26 -6.73 -42.56 134.23
C LEU P 26 -6.24 -41.28 134.90
N ILE P 27 -6.48 -40.15 134.26
CA ILE P 27 -6.08 -38.87 134.82
C ILE P 27 -6.80 -38.64 136.14
N ARG P 28 -8.10 -38.91 136.13
CA ARG P 28 -8.92 -38.73 137.32
C ARG P 28 -8.39 -39.63 138.44
N ARG P 29 -8.02 -40.85 138.09
CA ARG P 29 -7.51 -41.81 139.06
C ARG P 29 -6.16 -41.36 139.63
N ILE P 30 -5.27 -40.90 138.75
CA ILE P 30 -3.94 -40.45 139.17
C ILE P 30 -4.06 -39.28 140.14
N ILE P 31 -4.94 -38.33 139.83
CA ILE P 31 -5.15 -37.18 140.70
C ILE P 31 -5.72 -37.60 142.05
N ASN P 32 -6.65 -38.56 142.01
CA ASN P 32 -7.29 -39.06 143.22
C ASN P 32 -6.42 -39.91 144.13
N VAL P 33 -5.89 -41.01 143.61
CA VAL P 33 -5.06 -41.90 144.42
C VAL P 33 -3.59 -41.97 144.03
N GLY P 34 -3.17 -41.09 143.13
CA GLY P 34 -1.78 -41.09 142.71
C GLY P 34 -0.85 -40.71 143.85
N GLU P 35 0.42 -41.04 143.71
CA GLU P 35 1.42 -40.74 144.73
C GLU P 35 2.19 -39.46 144.37
N VAL P 36 2.25 -38.52 145.31
CA VAL P 36 2.97 -37.27 145.09
C VAL P 36 4.46 -37.60 145.13
N ARG P 37 5.18 -37.25 144.06
CA ARG P 37 6.60 -37.55 143.98
C ARG P 37 7.44 -36.44 143.38
N PRO P 38 8.73 -36.36 143.79
CA PRO P 38 9.66 -35.36 143.28
C PRO P 38 10.06 -35.89 141.91
N ASP P 39 10.68 -35.06 141.09
CA ASP P 39 11.11 -35.53 139.77
C ASP P 39 12.27 -34.74 139.20
N ARG P 40 12.79 -35.22 138.08
CA ARG P 40 13.92 -34.58 137.41
C ARG P 40 13.71 -33.10 137.11
N THR P 41 12.52 -32.76 136.62
CA THR P 41 12.21 -31.36 136.27
C THR P 41 12.15 -30.42 137.47
N GLY P 42 11.74 -30.96 138.62
CA GLY P 42 11.66 -30.14 139.82
C GLY P 42 10.29 -29.56 140.10
N THR P 43 9.33 -29.79 139.20
CA THR P 43 7.99 -29.26 139.41
C THR P 43 7.14 -30.23 140.23
N GLY P 44 7.55 -31.50 140.25
CA GLY P 44 6.81 -32.49 141.00
C GLY P 44 5.66 -33.09 140.21
N THR P 45 5.20 -34.27 140.63
CA THR P 45 4.09 -34.94 139.94
C THR P 45 3.32 -35.84 140.89
N VAL P 46 2.24 -36.40 140.36
CA VAL P 46 1.41 -37.35 141.08
C VAL P 46 1.40 -38.52 140.11
N ALA P 47 1.77 -39.72 140.57
CA ALA P 47 1.83 -40.84 139.65
C ALA P 47 1.39 -42.21 140.14
N LEU P 48 1.26 -43.11 139.16
CA LEU P 48 0.89 -44.50 139.37
C LEU P 48 1.78 -45.31 138.43
N PHE P 49 2.16 -46.51 138.85
CA PHE P 49 3.02 -47.34 138.01
C PHE P 49 2.29 -48.48 137.34
N ALA P 50 2.58 -48.67 136.06
CA ALA P 50 1.98 -49.75 135.27
C ALA P 50 0.47 -49.90 135.35
N PRO P 51 -0.27 -48.83 135.04
CA PRO P 51 -1.73 -48.95 135.09
C PRO P 51 -2.22 -49.75 133.88
N PRO P 52 -3.49 -50.17 133.88
CA PRO P 52 -4.00 -50.93 132.74
C PRO P 52 -3.70 -50.21 131.43
N SER P 53 -3.32 -50.97 130.40
CA SER P 53 -2.99 -50.39 129.10
C SER P 53 -4.21 -49.82 128.37
N PHE P 54 -3.96 -48.89 127.46
CA PHE P 54 -5.02 -48.29 126.66
C PHE P 54 -5.15 -49.07 125.36
N ARG P 55 -6.37 -49.19 124.85
CA ARG P 55 -6.61 -49.89 123.60
C ARG P 55 -7.47 -48.99 122.71
N PHE P 56 -6.98 -48.75 121.50
CA PHE P 56 -7.69 -47.90 120.55
C PHE P 56 -7.89 -48.62 119.23
N SER P 57 -9.13 -48.61 118.73
CA SER P 57 -9.42 -49.25 117.45
C SER P 57 -8.99 -48.35 116.32
N LEU P 58 -8.33 -48.92 115.32
CA LEU P 58 -7.88 -48.17 114.16
C LEU P 58 -8.66 -48.55 112.92
N ALA P 59 -9.71 -49.35 113.11
CA ALA P 59 -10.55 -49.81 112.01
C ALA P 59 -11.37 -48.66 111.44
N ASP P 60 -11.84 -48.84 110.21
CA ASP P 60 -12.66 -47.83 109.53
C ASP P 60 -11.96 -46.48 109.46
N ASN P 61 -10.64 -46.50 109.23
CA ASN P 61 -9.83 -45.30 109.11
C ASN P 61 -9.88 -44.39 110.33
N THR P 62 -10.20 -44.95 111.49
CA THR P 62 -10.29 -44.16 112.72
C THR P 62 -8.94 -43.70 113.25
N LEU P 63 -8.88 -42.45 113.70
CA LEU P 63 -7.67 -41.88 114.26
C LEU P 63 -7.97 -41.39 115.68
N PRO P 64 -7.38 -42.05 116.70
CA PRO P 64 -7.61 -41.65 118.08
C PRO P 64 -6.98 -40.31 118.47
N LEU P 65 -7.48 -39.23 117.89
CA LEU P 65 -7.00 -37.90 118.19
C LEU P 65 -7.95 -37.32 119.24
N LEU P 66 -7.45 -37.17 120.46
CA LEU P 66 -8.28 -36.66 121.57
C LEU P 66 -9.14 -35.45 121.20
N THR P 67 -10.39 -35.47 121.66
CA THR P 67 -11.33 -34.39 121.37
C THR P 67 -11.70 -33.52 122.57
N THR P 68 -11.34 -33.94 123.77
CA THR P 68 -11.65 -33.14 124.96
C THR P 68 -10.79 -31.89 125.05
N LYS P 69 -9.94 -31.69 124.06
CA LYS P 69 -9.07 -30.53 123.97
C LYS P 69 -8.49 -30.49 122.56
N ARG P 70 -8.15 -29.31 122.07
CA ARG P 70 -7.60 -29.21 120.73
C ARG P 70 -6.14 -29.69 120.74
N VAL P 71 -5.86 -30.72 119.95
CA VAL P 71 -4.51 -31.25 119.87
C VAL P 71 -3.81 -30.72 118.61
N PHE P 72 -2.56 -30.31 118.77
CA PHE P 72 -1.77 -29.78 117.66
C PHE P 72 -1.45 -30.90 116.68
N LEU P 73 -2.43 -31.26 115.86
CA LEU P 73 -2.28 -32.32 114.88
C LEU P 73 -1.06 -32.18 114.00
N ARG P 74 -0.92 -31.02 113.36
CA ARG P 74 0.22 -30.78 112.47
C ARG P 74 1.53 -31.04 113.20
N GLY P 75 1.57 -30.70 114.48
CA GLY P 75 2.79 -30.93 115.26
C GLY P 75 3.08 -32.40 115.42
N VAL P 76 2.04 -33.20 115.62
CA VAL P 76 2.19 -34.63 115.76
C VAL P 76 2.73 -35.22 114.46
N ILE P 77 2.10 -34.86 113.35
CA ILE P 77 2.51 -35.36 112.04
C ILE P 77 3.96 -34.96 111.72
N ALA P 78 4.28 -33.69 111.92
CA ALA P 78 5.61 -33.18 111.64
C ALA P 78 6.66 -33.97 112.42
N GLU P 79 6.45 -34.14 113.73
CA GLU P 79 7.38 -34.88 114.56
C GLU P 79 7.53 -36.32 114.08
N LEU P 80 6.43 -36.95 113.69
CA LEU P 80 6.46 -38.32 113.22
C LEU P 80 7.28 -38.50 111.94
N LEU P 81 7.03 -37.65 110.94
CA LEU P 81 7.78 -37.72 109.70
C LEU P 81 9.24 -37.42 109.99
N TRP P 82 9.45 -36.63 111.03
CA TRP P 82 10.78 -36.25 111.47
C TRP P 82 11.49 -37.51 112.00
N PHE P 83 10.78 -38.29 112.82
CA PHE P 83 11.33 -39.52 113.37
C PHE P 83 11.72 -40.44 112.22
N VAL P 84 10.76 -40.70 111.35
CA VAL P 84 10.94 -41.56 110.19
C VAL P 84 12.17 -41.18 109.35
N SER P 85 12.37 -39.89 109.14
CA SER P 85 13.51 -39.42 108.35
C SER P 85 14.84 -39.71 109.04
N GLY P 86 14.79 -40.04 110.33
CA GLY P 86 16.00 -40.33 111.06
C GLY P 86 16.71 -39.07 111.52
N CYS P 87 16.10 -37.91 111.25
CA CYS P 87 16.67 -36.63 111.62
C CYS P 87 16.61 -36.40 113.13
N THR P 88 17.62 -35.74 113.67
CA THR P 88 17.68 -35.45 115.10
C THR P 88 17.89 -33.97 115.39
N ASP P 89 17.69 -33.14 114.37
CA ASP P 89 17.84 -31.70 114.50
C ASP P 89 16.49 -31.07 114.72
N ALA P 90 16.27 -30.54 115.92
CA ALA P 90 15.00 -29.91 116.27
C ALA P 90 14.69 -28.68 115.42
N LYS P 91 15.70 -28.09 114.79
CA LYS P 91 15.49 -26.92 113.95
C LYS P 91 14.62 -27.27 112.76
N MET P 92 14.59 -28.55 112.39
CA MET P 92 13.79 -29.01 111.27
C MET P 92 12.32 -28.96 111.62
N LEU P 93 12.02 -28.89 112.92
CA LEU P 93 10.65 -28.81 113.40
C LEU P 93 10.26 -27.36 113.63
N SER P 94 11.13 -26.61 114.30
CA SER P 94 10.86 -25.21 114.58
C SER P 94 10.80 -24.38 113.30
N SER P 95 11.52 -24.82 112.27
CA SER P 95 11.53 -24.09 111.00
C SER P 95 10.18 -24.22 110.31
N GLN P 96 9.40 -25.24 110.68
CA GLN P 96 8.09 -25.43 110.09
C GLN P 96 6.97 -25.12 111.07
N GLY P 97 7.30 -24.33 112.09
CA GLY P 97 6.31 -23.93 113.08
C GLY P 97 5.99 -24.91 114.20
N VAL P 98 6.87 -25.87 114.43
CA VAL P 98 6.65 -26.86 115.49
C VAL P 98 7.79 -26.78 116.51
N GLY P 99 7.51 -26.27 117.70
CA GLY P 99 8.54 -26.13 118.70
C GLY P 99 8.44 -27.03 119.92
N ILE P 100 7.82 -28.20 119.76
CA ILE P 100 7.68 -29.12 120.87
C ILE P 100 9.03 -29.60 121.42
N TRP P 101 10.07 -29.53 120.61
CA TRP P 101 11.40 -29.96 121.05
C TRP P 101 12.36 -28.80 121.28
N ASP P 102 11.86 -27.57 121.22
CA ASP P 102 12.69 -26.39 121.44
C ASP P 102 13.20 -26.35 122.88
N GLY P 103 12.37 -26.81 123.81
CA GLY P 103 12.73 -26.81 125.21
C GLY P 103 13.96 -27.63 125.56
N ASN P 104 14.02 -28.86 125.08
CA ASN P 104 15.15 -29.74 125.37
C ASN P 104 16.27 -29.60 124.35
N GLY P 105 16.04 -28.79 123.33
CA GLY P 105 17.05 -28.57 122.32
C GLY P 105 17.73 -27.23 122.47
N SER P 106 17.24 -26.42 123.41
CA SER P 106 17.80 -25.10 123.65
C SER P 106 19.25 -25.19 124.11
N LYS P 107 20.04 -24.17 123.79
CA LYS P 107 21.44 -24.15 124.17
C LYS P 107 21.57 -24.17 125.68
N GLU P 108 20.56 -23.63 126.36
CA GLU P 108 20.57 -23.60 127.82
C GLU P 108 20.44 -25.01 128.40
N PHE P 109 19.49 -25.78 127.88
CA PHE P 109 19.27 -27.13 128.36
C PHE P 109 20.44 -28.05 128.00
N LEU P 110 20.87 -27.99 126.75
CA LEU P 110 21.99 -28.83 126.30
C LEU P 110 23.20 -28.66 127.20
N GLU P 111 23.62 -27.41 127.42
CA GLU P 111 24.77 -27.14 128.26
C GLU P 111 24.49 -27.62 129.68
N LYS P 112 23.21 -27.58 130.05
CA LYS P 112 22.76 -28.00 131.37
C LYS P 112 22.99 -29.48 131.60
N VAL P 113 22.82 -30.28 130.55
CA VAL P 113 23.01 -31.73 130.66
C VAL P 113 24.37 -32.20 130.16
N GLY P 114 25.34 -31.28 130.13
CA GLY P 114 26.67 -31.64 129.69
C GLY P 114 26.88 -31.81 128.20
N LEU P 115 26.05 -31.16 127.40
CA LEU P 115 26.15 -31.26 125.94
C LEU P 115 26.35 -29.87 125.34
N GLY P 116 27.18 -29.06 125.97
CA GLY P 116 27.43 -27.71 125.48
C GLY P 116 28.22 -27.62 124.19
N HIS P 117 28.85 -28.72 123.79
CA HIS P 117 29.64 -28.75 122.57
C HIS P 117 28.77 -28.89 121.32
N ARG P 118 27.46 -29.00 121.52
CA ARG P 118 26.54 -29.14 120.41
C ARG P 118 25.82 -27.84 120.09
N ARG P 119 25.47 -27.65 118.83
CA ARG P 119 24.77 -26.44 118.43
C ARG P 119 23.32 -26.59 118.86
N GLU P 120 22.64 -25.48 119.06
CA GLU P 120 21.24 -25.51 119.48
C GLU P 120 20.39 -26.34 118.51
N GLY P 121 19.54 -27.20 119.06
CA GLY P 121 18.70 -28.02 118.23
C GLY P 121 19.23 -29.43 118.01
N ASP P 122 20.52 -29.63 118.22
CA ASP P 122 21.13 -30.94 118.04
C ASP P 122 20.86 -31.81 119.27
N LEU P 123 19.76 -32.55 119.22
CA LEU P 123 19.35 -33.42 120.32
C LEU P 123 20.21 -34.65 120.54
N GLY P 124 20.96 -35.05 119.52
CA GLY P 124 21.79 -36.23 119.64
C GLY P 124 21.14 -37.43 118.97
N PRO P 125 21.65 -38.65 119.19
CA PRO P 125 21.10 -39.87 118.59
C PRO P 125 19.76 -40.31 119.20
N VAL P 126 18.75 -39.47 119.09
CA VAL P 126 17.43 -39.80 119.65
C VAL P 126 16.56 -40.59 118.68
N TYR P 127 15.31 -40.81 119.07
CA TYR P 127 14.31 -41.56 118.30
C TYR P 127 14.67 -41.89 116.84
N GLY P 128 14.45 -40.93 115.95
CA GLY P 128 14.72 -41.14 114.54
C GLY P 128 16.03 -41.81 114.19
N PHE P 129 17.11 -41.39 114.84
CA PHE P 129 18.43 -41.97 114.57
C PHE P 129 18.49 -43.45 114.94
N GLN P 130 17.95 -43.80 116.10
CA GLN P 130 17.95 -45.19 116.53
C GLN P 130 17.06 -46.03 115.62
N TRP P 131 15.94 -45.45 115.21
CA TRP P 131 14.98 -46.12 114.33
C TRP P 131 15.56 -46.53 112.98
N ARG P 132 16.36 -45.66 112.38
CA ARG P 132 16.93 -45.95 111.06
C ARG P 132 18.43 -46.24 111.04
N HIS P 133 19.13 -45.94 112.14
CA HIS P 133 20.57 -46.17 112.17
C HIS P 133 21.09 -46.73 113.49
N PHE P 134 20.31 -47.59 114.15
CA PHE P 134 20.73 -48.15 115.41
C PHE P 134 22.12 -48.79 115.33
N GLY P 135 22.99 -48.42 116.27
CA GLY P 135 24.33 -48.98 116.30
C GLY P 135 25.39 -48.12 115.64
N ALA P 136 24.98 -47.25 114.73
CA ALA P 136 25.91 -46.38 114.03
C ALA P 136 26.56 -45.38 114.99
N GLU P 137 27.73 -44.88 114.60
CA GLU P 137 28.46 -43.90 115.41
C GLU P 137 27.88 -42.51 115.16
N TYR P 138 27.52 -41.82 116.23
CA TYR P 138 26.95 -40.48 116.10
C TYR P 138 27.99 -39.39 116.29
N THR P 139 28.02 -38.45 115.36
CA THR P 139 28.95 -37.32 115.45
C THR P 139 28.10 -36.10 115.82
N ASP P 140 27.33 -35.60 114.86
CA ASP P 140 26.44 -34.47 115.09
C ASP P 140 25.18 -34.68 114.23
N ALA P 141 24.26 -33.69 114.19
CA ALA P 141 23.06 -33.90 113.38
C ALA P 141 23.27 -33.80 111.88
N ASP P 142 24.43 -33.31 111.47
CA ASP P 142 24.74 -33.15 110.06
C ASP P 142 25.50 -34.35 109.50
N GLY P 143 25.86 -35.28 110.38
CA GLY P 143 26.60 -36.45 109.96
C GLY P 143 25.91 -37.27 108.88
N ASP P 144 26.71 -37.96 108.07
CA ASP P 144 26.20 -38.81 106.99
C ASP P 144 26.03 -40.22 107.52
N TYR P 145 24.78 -40.61 107.77
CA TYR P 145 24.48 -41.94 108.31
C TYR P 145 23.80 -42.86 107.32
N LYS P 146 23.60 -42.39 106.09
CA LYS P 146 22.95 -43.20 105.07
C LYS P 146 23.65 -44.55 104.92
N GLY P 147 22.87 -45.63 105.04
CA GLY P 147 23.42 -46.96 104.90
C GLY P 147 24.22 -47.44 106.11
N LYS P 148 24.18 -46.68 107.19
CA LYS P 148 24.91 -47.04 108.40
C LYS P 148 23.96 -47.42 109.53
N GLY P 149 24.35 -48.41 110.32
CA GLY P 149 23.51 -48.85 111.41
C GLY P 149 22.38 -49.75 110.94
N VAL P 150 21.54 -50.19 111.86
CA VAL P 150 20.42 -51.06 111.52
C VAL P 150 19.15 -50.25 111.26
N ASP P 151 18.56 -50.44 110.08
CA ASP P 151 17.33 -49.74 109.74
C ASP P 151 16.15 -50.59 110.20
N GLN P 152 15.78 -50.43 111.47
CA GLN P 152 14.68 -51.18 112.06
C GLN P 152 13.34 -50.95 111.37
N LEU P 153 13.06 -49.70 111.01
CA LEU P 153 11.80 -49.36 110.37
C LEU P 153 11.57 -50.09 109.06
N GLN P 154 12.56 -50.07 108.17
CA GLN P 154 12.42 -50.76 106.89
C GLN P 154 12.31 -52.26 107.10
N ARG P 155 13.07 -52.79 108.06
CA ARG P 155 13.03 -54.22 108.33
C ARG P 155 11.62 -54.60 108.77
N VAL P 156 10.98 -53.74 109.54
CA VAL P 156 9.62 -53.98 110.00
C VAL P 156 8.69 -54.07 108.78
N ILE P 157 8.87 -53.15 107.84
CA ILE P 157 8.07 -53.12 106.62
C ILE P 157 8.26 -54.40 105.83
N ASP P 158 9.52 -54.76 105.59
CA ASP P 158 9.87 -55.97 104.83
C ASP P 158 9.33 -57.24 105.49
N THR P 159 9.39 -57.30 106.82
CA THR P 159 8.92 -58.47 107.56
C THR P 159 7.41 -58.61 107.52
N ILE P 160 6.69 -57.50 107.61
CA ILE P 160 5.23 -57.53 107.58
C ILE P 160 4.75 -58.04 106.23
N LYS P 161 5.46 -57.66 105.18
CA LYS P 161 5.10 -58.06 103.82
C LYS P 161 5.52 -59.48 103.42
N ASN P 162 6.69 -59.91 103.88
CA ASN P 162 7.19 -61.23 103.50
C ASN P 162 7.16 -62.34 104.55
N ASN P 163 7.00 -61.97 105.82
CA ASN P 163 6.95 -62.98 106.88
C ASN P 163 6.20 -62.40 108.08
N PRO P 164 4.91 -62.08 107.88
CA PRO P 164 4.00 -61.51 108.88
C PRO P 164 3.89 -62.23 110.22
N THR P 165 4.02 -63.55 110.23
CA THR P 165 3.92 -64.29 111.48
C THR P 165 5.19 -64.21 112.32
N ASP P 166 6.20 -63.53 111.80
CA ASP P 166 7.46 -63.37 112.53
C ASP P 166 7.12 -62.74 113.88
N ARG P 167 7.86 -63.10 114.92
CA ARG P 167 7.59 -62.59 116.26
C ARG P 167 8.66 -61.61 116.76
N ARG P 168 9.40 -61.03 115.82
CA ARG P 168 10.45 -60.07 116.17
C ARG P 168 10.25 -58.73 115.47
N ILE P 169 9.01 -58.42 115.10
CA ILE P 169 8.72 -57.15 114.42
C ILE P 169 8.77 -56.02 115.46
N ILE P 170 9.99 -55.62 115.80
CA ILE P 170 10.21 -54.59 116.81
C ILE P 170 10.87 -53.32 116.29
N LEU P 171 10.40 -52.19 116.81
CA LEU P 171 10.94 -50.87 116.47
C LEU P 171 11.30 -50.24 117.80
N SER P 172 12.60 -50.12 118.09
CA SER P 172 13.02 -49.57 119.37
C SER P 172 14.04 -48.43 119.26
N ALA P 173 13.92 -47.47 120.17
CA ALA P 173 14.83 -46.32 120.19
C ALA P 173 15.72 -46.38 121.41
N TRP P 174 15.47 -47.34 122.30
CA TRP P 174 16.26 -47.48 123.51
C TRP P 174 17.66 -48.01 123.21
N ASN P 175 18.68 -47.25 123.57
CA ASN P 175 20.07 -47.63 123.35
C ASN P 175 20.90 -47.20 124.56
N PRO P 176 21.10 -48.13 125.51
CA PRO P 176 21.88 -47.85 126.73
C PRO P 176 23.22 -47.18 126.48
N LYS P 177 23.87 -47.50 125.37
CA LYS P 177 25.17 -46.91 125.06
C LYS P 177 25.08 -45.45 124.62
N ASP P 178 24.06 -45.11 123.85
CA ASP P 178 23.89 -43.75 123.35
C ASP P 178 23.14 -42.79 124.29
N LEU P 179 22.49 -43.32 125.32
CA LEU P 179 21.74 -42.50 126.25
C LEU P 179 22.40 -41.19 126.67
N PRO P 180 23.65 -41.25 127.16
CA PRO P 180 24.33 -40.01 127.58
C PRO P 180 24.49 -38.96 126.49
N LEU P 181 24.40 -39.38 125.23
CA LEU P 181 24.54 -38.46 124.11
C LEU P 181 23.19 -37.84 123.74
N MET P 182 22.14 -38.31 124.40
CA MET P 182 20.79 -37.82 124.14
C MET P 182 20.37 -36.70 125.07
N ALA P 183 19.78 -35.66 124.49
CA ALA P 183 19.32 -34.53 125.30
C ALA P 183 18.26 -35.05 126.27
N LEU P 184 17.58 -36.11 125.86
CA LEU P 184 16.54 -36.73 126.68
C LEU P 184 16.37 -38.18 126.27
N PRO P 185 16.32 -39.10 127.24
CA PRO P 185 16.15 -40.52 126.91
C PRO P 185 14.76 -40.78 126.31
N PRO P 186 14.65 -41.74 125.40
CA PRO P 186 13.36 -42.07 124.78
C PRO P 186 12.24 -42.35 125.78
N CYS P 187 11.08 -41.73 125.57
CA CYS P 187 9.94 -41.96 126.44
C CYS P 187 9.23 -43.18 125.88
N HIS P 188 8.85 -43.12 124.61
CA HIS P 188 8.24 -44.27 123.95
C HIS P 188 9.47 -45.03 123.45
N MET P 189 9.97 -45.93 124.28
CA MET P 189 11.18 -46.68 123.96
C MET P 189 11.09 -47.79 122.91
N PHE P 190 9.90 -48.24 122.58
CA PHE P 190 9.77 -49.29 121.56
C PHE P 190 8.32 -49.71 121.35
N CYS P 191 8.08 -50.40 120.25
CA CYS P 191 6.75 -50.89 119.93
C CYS P 191 6.90 -52.19 119.15
N GLN P 192 5.85 -53.01 119.19
CA GLN P 192 5.83 -54.28 118.49
C GLN P 192 4.61 -54.37 117.60
N PHE P 193 4.82 -54.78 116.34
CA PHE P 193 3.72 -54.92 115.40
C PHE P 193 3.30 -56.37 115.26
N PHE P 194 2.01 -56.59 115.06
CA PHE P 194 1.46 -57.94 114.91
C PHE P 194 0.53 -57.97 113.70
N VAL P 195 0.64 -59.03 112.91
CA VAL P 195 -0.19 -59.17 111.72
C VAL P 195 -1.09 -60.39 111.79
N SER P 196 -2.40 -60.16 111.72
CA SER P 196 -3.37 -61.25 111.75
C SER P 196 -3.61 -61.69 110.31
N LEU P 197 -3.48 -62.98 110.05
CA LEU P 197 -3.68 -63.51 108.72
C LEU P 197 -5.15 -63.50 108.34
N PRO P 198 -5.44 -63.41 107.03
CA PRO P 198 -6.83 -63.39 106.55
C PRO P 198 -7.59 -64.64 106.98
N PRO P 199 -8.81 -64.47 107.52
CA PRO P 199 -9.61 -65.60 107.97
C PRO P 199 -9.87 -66.60 106.84
N PRO P 203 -10.01 -65.31 102.11
CA PRO P 203 -8.55 -65.18 102.00
C PRO P 203 -8.13 -63.99 101.15
N GLY P 204 -9.11 -63.26 100.62
CA GLY P 204 -8.81 -62.11 99.80
C GLY P 204 -8.67 -60.84 100.60
N SER P 205 -9.18 -60.85 101.82
CA SER P 205 -9.10 -59.68 102.70
C SER P 205 -7.67 -59.33 103.04
N LYS P 206 -7.45 -58.09 103.47
CA LYS P 206 -6.12 -57.63 103.83
C LYS P 206 -5.79 -58.05 105.26
N PRO P 207 -4.53 -58.44 105.50
CA PRO P 207 -4.17 -58.85 106.86
C PRO P 207 -4.36 -57.64 107.79
N LYS P 208 -4.67 -57.90 109.06
CA LYS P 208 -4.85 -56.81 109.99
C LYS P 208 -3.57 -56.50 110.75
N LEU P 209 -3.24 -55.21 110.84
CA LEU P 209 -2.03 -54.77 111.52
C LEU P 209 -2.32 -54.09 112.86
N SER P 210 -1.64 -54.57 113.91
CA SER P 210 -1.80 -54.00 115.25
C SER P 210 -0.45 -53.50 115.75
N CYS P 211 -0.49 -52.65 116.76
CA CYS P 211 0.74 -52.08 117.32
C CYS P 211 0.65 -51.87 118.83
N LEU P 212 1.65 -52.36 119.54
CA LEU P 212 1.71 -52.19 120.99
C LEU P 212 2.96 -51.39 121.29
N MET P 213 2.80 -50.26 121.99
CA MET P 213 3.92 -49.40 122.32
C MET P 213 4.05 -49.26 123.83
N TYR P 214 5.29 -49.31 124.31
CA TYR P 214 5.54 -49.18 125.75
C TYR P 214 6.24 -47.86 126.02
N GLN P 215 5.66 -47.09 126.94
CA GLN P 215 6.21 -45.78 127.30
C GLN P 215 6.64 -45.83 128.77
N ARG P 216 7.95 -45.68 129.01
CA ARG P 216 8.51 -45.72 130.37
C ARG P 216 8.04 -44.57 131.26
N SER P 217 7.94 -43.39 130.68
CA SER P 217 7.52 -42.20 131.40
C SER P 217 6.40 -41.54 130.59
N CYS P 218 5.31 -41.18 131.25
CA CYS P 218 4.19 -40.60 130.55
C CYS P 218 3.59 -39.34 131.16
N ASP P 219 3.78 -38.22 130.47
CA ASP P 219 3.23 -36.95 130.88
C ASP P 219 1.83 -36.96 130.26
N LEU P 220 0.84 -37.37 131.04
CA LEU P 220 -0.52 -37.45 130.54
C LEU P 220 -1.11 -36.16 130.01
N GLY P 221 -0.75 -35.04 130.62
CA GLY P 221 -1.29 -33.77 130.17
C GLY P 221 -0.82 -33.36 128.79
N LEU P 222 0.49 -33.34 128.58
CA LEU P 222 1.06 -32.94 127.30
C LEU P 222 1.59 -34.05 126.40
N GLY P 223 2.28 -35.02 126.97
CA GLY P 223 2.84 -36.09 126.16
C GLY P 223 1.90 -37.12 125.57
N VAL P 224 1.20 -37.84 126.43
CA VAL P 224 0.29 -38.90 126.01
C VAL P 224 -0.62 -38.57 124.82
N PRO P 225 -1.19 -37.34 124.79
CA PRO P 225 -2.05 -37.01 123.66
C PRO P 225 -1.31 -37.16 122.34
N PHE P 226 -0.06 -36.70 122.32
CA PHE P 226 0.78 -36.80 121.13
C PHE P 226 1.17 -38.25 120.85
N ASN P 227 1.67 -38.94 121.88
CA ASN P 227 2.09 -40.33 121.74
C ASN P 227 1.02 -41.22 121.13
N ILE P 228 -0.21 -41.09 121.63
CA ILE P 228 -1.32 -41.89 121.12
C ILE P 228 -1.56 -41.66 119.63
N ALA P 229 -1.68 -40.39 119.24
CA ALA P 229 -1.92 -40.04 117.84
C ALA P 229 -0.73 -40.41 116.97
N SER P 230 0.47 -40.18 117.49
CA SER P 230 1.71 -40.46 116.75
C SER P 230 1.80 -41.92 116.32
N TYR P 231 1.72 -42.85 117.27
CA TYR P 231 1.81 -44.26 116.94
C TYR P 231 0.61 -44.77 116.16
N ALA P 232 -0.54 -44.14 116.36
CA ALA P 232 -1.74 -44.53 115.62
C ALA P 232 -1.46 -44.18 114.15
N LEU P 233 -0.87 -43.01 113.94
CA LEU P 233 -0.55 -42.55 112.60
C LEU P 233 0.54 -43.42 111.97
N LEU P 234 1.54 -43.79 112.76
CA LEU P 234 2.62 -44.63 112.26
C LEU P 234 2.07 -45.96 111.76
N THR P 235 1.11 -46.52 112.50
CA THR P 235 0.50 -47.78 112.13
C THR P 235 -0.26 -47.64 110.82
N HIS P 236 -0.93 -46.50 110.65
CA HIS P 236 -1.68 -46.24 109.42
C HIS P 236 -0.71 -46.15 108.26
N MET P 237 0.40 -45.45 108.48
CA MET P 237 1.42 -45.29 107.44
C MET P 237 1.97 -46.65 107.01
N ILE P 238 2.41 -47.43 107.99
CA ILE P 238 2.96 -48.75 107.70
C ILE P 238 1.93 -49.65 107.02
N ALA P 239 0.67 -49.52 107.43
CA ALA P 239 -0.40 -50.32 106.84
C ALA P 239 -0.52 -50.04 105.34
N LEU P 240 -0.43 -48.77 104.97
CA LEU P 240 -0.53 -48.38 103.57
C LEU P 240 0.60 -48.96 102.72
N ILE P 241 1.82 -48.88 103.24
CA ILE P 241 2.99 -49.38 102.53
C ILE P 241 3.08 -50.91 102.46
N THR P 242 2.48 -51.58 103.44
CA THR P 242 2.52 -53.05 103.49
C THR P 242 1.24 -53.73 103.01
N ASP P 243 0.29 -52.95 102.51
CA ASP P 243 -0.98 -53.50 102.03
C ASP P 243 -1.72 -54.24 103.13
N THR P 244 -1.71 -53.67 104.33
CA THR P 244 -2.42 -54.27 105.46
C THR P 244 -3.47 -53.29 105.97
N GLU P 245 -4.38 -53.79 106.81
CA GLU P 245 -5.44 -52.95 107.35
C GLU P 245 -5.20 -52.63 108.82
N PRO P 246 -5.09 -51.34 109.16
CA PRO P 246 -4.86 -50.98 110.57
C PRO P 246 -5.99 -51.55 111.41
N HIS P 247 -5.63 -52.17 112.54
CA HIS P 247 -6.63 -52.78 113.40
C HIS P 247 -6.72 -52.22 114.81
N GLU P 248 -5.64 -52.38 115.58
CA GLU P 248 -5.64 -51.91 116.96
C GLU P 248 -4.29 -51.36 117.43
N PHE P 249 -4.35 -50.39 118.32
CA PHE P 249 -3.16 -49.79 118.90
C PHE P 249 -3.24 -49.91 120.41
N ILE P 250 -2.24 -50.53 121.01
CA ILE P 250 -2.21 -50.71 122.46
C ILE P 250 -1.08 -49.88 123.05
N LEU P 251 -1.34 -49.24 124.18
CA LEU P 251 -0.33 -48.42 124.83
C LEU P 251 -0.15 -48.78 126.30
N GLN P 252 1.01 -49.33 126.62
CA GLN P 252 1.32 -49.72 127.99
C GLN P 252 2.24 -48.67 128.61
N MET P 253 1.86 -48.18 129.78
CA MET P 253 2.65 -47.16 130.46
C MET P 253 3.40 -47.67 131.67
N GLY P 254 4.54 -47.04 131.95
CA GLY P 254 5.34 -47.41 133.10
C GLY P 254 5.02 -46.38 134.16
N ASP P 255 5.79 -45.30 134.18
CA ASP P 255 5.57 -44.23 135.14
C ASP P 255 4.55 -43.24 134.56
N ALA P 256 3.27 -43.45 134.88
CA ALA P 256 2.19 -42.61 134.41
C ALA P 256 1.98 -41.49 135.43
N HIS P 257 2.25 -40.25 135.02
CA HIS P 257 2.13 -39.12 135.93
C HIS P 257 1.43 -37.88 135.38
N VAL P 258 1.02 -37.03 136.30
CA VAL P 258 0.37 -35.76 136.00
C VAL P 258 1.15 -34.71 136.76
N TYR P 259 1.76 -33.77 136.04
CA TYR P 259 2.54 -32.73 136.70
C TYR P 259 1.68 -31.86 137.61
N ARG P 260 2.27 -31.39 138.70
CA ARG P 260 1.57 -30.56 139.67
C ARG P 260 0.85 -29.37 139.04
N ASP P 261 1.49 -28.72 138.09
CA ASP P 261 0.90 -27.56 137.43
C ASP P 261 -0.07 -27.91 136.29
N HIS P 262 -0.42 -29.19 136.19
CA HIS P 262 -1.36 -29.65 135.16
C HIS P 262 -2.68 -30.08 135.77
N VAL P 263 -2.68 -30.31 137.08
CA VAL P 263 -3.88 -30.76 137.79
C VAL P 263 -5.11 -29.89 137.53
N GLU P 264 -5.02 -28.60 137.82
CA GLU P 264 -6.15 -27.70 137.62
C GLU P 264 -6.59 -27.63 136.16
N PRO P 265 -5.63 -27.44 135.23
CA PRO P 265 -6.02 -27.36 133.81
C PRO P 265 -6.74 -28.62 133.34
N LEU P 266 -6.30 -29.77 133.84
CA LEU P 266 -6.90 -31.05 133.46
C LEU P 266 -8.30 -31.23 134.04
N LYS P 267 -8.55 -30.67 135.21
CA LYS P 267 -9.86 -30.79 135.84
C LYS P 267 -10.91 -30.16 134.92
N THR P 268 -10.52 -29.14 134.18
CA THR P 268 -11.41 -28.48 133.25
C THR P 268 -11.72 -29.42 132.10
N GLN P 269 -10.71 -30.16 131.66
CA GLN P 269 -10.87 -31.10 130.54
C GLN P 269 -11.73 -32.28 130.93
N LEU P 270 -11.60 -32.73 132.19
CA LEU P 270 -12.36 -33.87 132.68
C LEU P 270 -13.87 -33.63 132.65
N GLU P 271 -14.27 -32.37 132.56
CA GLU P 271 -15.69 -32.01 132.54
C GLU P 271 -16.30 -32.16 131.15
N ARG P 272 -15.44 -32.27 130.14
CA ARG P 272 -15.89 -32.37 128.75
C ARG P 272 -16.20 -33.77 128.25
N GLU P 273 -17.26 -33.86 127.45
CA GLU P 273 -17.68 -35.13 126.86
C GLU P 273 -17.02 -35.27 125.49
N PRO P 274 -16.35 -36.41 125.26
CA PRO P 274 -15.65 -36.67 123.99
C PRO P 274 -16.56 -36.67 122.76
N ARG P 275 -15.99 -36.26 121.63
CA ARG P 275 -16.69 -36.25 120.36
C ARG P 275 -16.15 -37.46 119.61
N ASP P 276 -16.90 -38.00 118.66
CA ASP P 276 -16.42 -39.16 117.91
C ASP P 276 -15.07 -38.85 117.27
N PHE P 277 -14.14 -39.80 117.34
CA PHE P 277 -12.82 -39.61 116.77
C PHE P 277 -12.91 -39.32 115.27
N PRO P 278 -11.95 -38.57 114.73
CA PRO P 278 -11.92 -38.23 113.31
C PRO P 278 -11.39 -39.42 112.51
N LYS P 279 -11.40 -39.30 111.18
CA LYS P 279 -10.92 -40.37 110.34
C LYS P 279 -9.75 -39.89 109.48
N LEU P 280 -8.86 -40.81 109.14
CA LEU P 280 -7.69 -40.48 108.34
C LEU P 280 -7.84 -40.94 106.90
N LYS P 281 -7.45 -40.08 105.97
CA LYS P 281 -7.50 -40.39 104.55
C LYS P 281 -6.19 -39.92 103.95
N TRP P 282 -5.78 -40.54 102.84
CA TRP P 282 -4.53 -40.17 102.19
C TRP P 282 -4.78 -39.30 100.97
N ALA P 283 -4.02 -38.21 100.85
CA ALA P 283 -4.16 -37.29 99.74
C ALA P 283 -3.56 -37.88 98.47
N ARG P 284 -2.75 -38.93 98.62
CA ARG P 284 -2.13 -39.59 97.48
C ARG P 284 -2.25 -41.10 97.61
N SER P 285 -1.89 -41.82 96.56
CA SER P 285 -1.97 -43.27 96.56
C SER P 285 -0.68 -43.91 97.06
N LYS P 286 -0.75 -45.22 97.31
CA LYS P 286 0.40 -45.97 97.79
C LYS P 286 1.56 -45.84 96.80
N GLU P 287 1.24 -45.96 95.52
CA GLU P 287 2.23 -45.87 94.45
C GLU P 287 2.91 -44.50 94.44
N GLU P 288 2.13 -43.44 94.57
CA GLU P 288 2.67 -42.09 94.56
C GLU P 288 3.58 -41.85 95.75
N ILE P 289 3.13 -42.28 96.94
CA ILE P 289 3.94 -42.12 98.15
C ILE P 289 5.20 -42.99 98.05
N GLY P 290 5.04 -44.17 97.44
CA GLY P 290 6.18 -45.06 97.26
C GLY P 290 6.53 -45.94 98.45
N ASP P 291 7.24 -45.38 99.41
CA ASP P 291 7.63 -46.11 100.61
C ASP P 291 7.44 -45.30 101.88
N ILE P 292 7.91 -45.84 102.99
CA ILE P 292 7.77 -45.19 104.29
C ILE P 292 8.47 -43.83 104.37
N ASP P 293 9.38 -43.58 103.43
CA ASP P 293 10.11 -42.31 103.40
C ASP P 293 9.51 -41.30 102.43
N GLY P 294 8.39 -41.66 101.80
CA GLY P 294 7.77 -40.76 100.84
C GLY P 294 6.57 -39.96 101.32
N PHE P 295 6.26 -40.03 102.62
CA PHE P 295 5.11 -39.29 103.15
C PHE P 295 5.40 -37.80 103.36
N LYS P 296 4.35 -36.99 103.20
CA LYS P 296 4.44 -35.55 103.38
C LYS P 296 3.30 -35.11 104.29
N VAL P 297 3.50 -34.01 105.02
CA VAL P 297 2.47 -33.52 105.92
C VAL P 297 1.10 -33.41 105.24
N GLU P 298 1.09 -32.84 104.04
CA GLU P 298 -0.15 -32.66 103.28
C GLU P 298 -0.82 -33.97 102.86
N ASP P 299 -0.13 -35.09 103.04
CA ASP P 299 -0.72 -36.38 102.66
C ASP P 299 -1.76 -36.83 103.68
N PHE P 300 -1.63 -36.33 104.90
CA PHE P 300 -2.54 -36.69 105.98
C PHE P 300 -3.81 -35.85 105.99
N VAL P 301 -4.90 -36.43 105.49
CA VAL P 301 -6.18 -35.74 105.44
C VAL P 301 -7.08 -36.22 106.58
N VAL P 302 -7.12 -35.46 107.67
CA VAL P 302 -7.93 -35.81 108.82
C VAL P 302 -9.27 -35.09 108.73
N GLU P 303 -10.34 -35.85 108.61
CA GLU P 303 -11.68 -35.28 108.50
C GLU P 303 -12.58 -35.65 109.68
N GLY P 304 -13.45 -34.71 110.05
CA GLY P 304 -14.36 -34.94 111.15
C GLY P 304 -13.80 -34.64 112.53
N TYR P 305 -12.68 -33.92 112.60
CA TYR P 305 -12.09 -33.60 113.89
C TYR P 305 -12.87 -32.45 114.50
N LYS P 306 -13.53 -32.72 115.62
CA LYS P 306 -14.34 -31.70 116.30
C LYS P 306 -14.03 -31.66 117.79
N PRO P 307 -12.87 -31.09 118.16
CA PRO P 307 -12.45 -30.98 119.56
C PRO P 307 -12.99 -29.76 120.29
N TRP P 308 -12.85 -29.77 121.61
CA TRP P 308 -13.28 -28.64 122.43
C TRP P 308 -12.12 -27.66 122.40
N GLY P 309 -12.23 -26.58 123.17
CA GLY P 309 -11.17 -25.59 123.19
C GLY P 309 -9.84 -26.08 123.71
N LYS P 310 -8.77 -25.36 123.38
CA LYS P 310 -7.43 -25.74 123.81
C LYS P 310 -7.31 -25.55 125.32
N ILE P 311 -6.37 -26.29 125.91
CA ILE P 311 -6.12 -26.19 127.34
C ILE P 311 -4.64 -25.95 127.55
N ASP P 312 -4.30 -24.76 128.04
CA ASP P 312 -2.90 -24.39 128.25
C ASP P 312 -2.25 -25.17 129.39
N MET P 313 -1.09 -25.74 129.08
CA MET P 313 -0.31 -26.50 130.05
C MET P 313 1.17 -26.30 129.76
N LYS P 314 1.91 -25.87 130.78
CA LYS P 314 3.34 -25.63 130.63
C LYS P 314 4.12 -26.93 130.70
N MET P 315 5.12 -27.07 129.82
CA MET P 315 5.95 -28.25 129.80
C MET P 315 7.15 -28.05 130.71
N SER P 316 7.46 -29.08 131.50
CA SER P 316 8.61 -29.00 132.40
C SER P 316 9.84 -29.57 131.73
N ALA P 317 10.83 -28.71 131.49
CA ALA P 317 12.08 -29.12 130.84
C ALA P 317 12.87 -30.09 131.70
N1 UMP Q . 51.25 20.86 -66.59
C2 UMP Q . 51.86 20.57 -67.78
N3 UMP Q . 51.15 20.02 -68.78
C4 UMP Q . 49.86 19.57 -68.61
C5 UMP Q . 49.21 19.66 -67.24
C6 UMP Q . 49.78 20.80 -66.38
O2 UMP Q . 53.05 20.81 -67.95
O4 UMP Q . 49.24 19.11 -69.57
C1' UMP Q . 52.10 21.30 -65.46
C2' UMP Q . 52.29 22.83 -65.31
C3' UMP Q . 52.44 22.98 -63.80
C4' UMP Q . 51.42 21.99 -63.19
O3' UMP Q . 53.69 22.42 -63.39
O4' UMP Q . 51.39 20.92 -64.21
C5' UMP Q . 50.02 22.62 -63.09
O5' UMP Q . 50.05 23.45 -61.89
P UMP Q . 49.54 24.88 -62.03
OP1 UMP Q . 50.36 25.49 -63.15
OP2 UMP Q . 48.10 24.92 -62.36
OP3 UMP Q . 49.72 25.58 -60.73
N1 CB3 R . 51.58 18.42 -62.36
C2 CB3 R . 52.91 18.69 -62.45
NA2 CB3 R . 53.63 19.20 -61.43
N3 CB3 R . 53.54 18.42 -63.61
C4 CB3 R . 52.86 17.84 -64.66
O4 CB3 R . 53.37 17.79 -65.93
C4A CB3 R . 51.54 17.41 -64.54
C5 CB3 R . 50.91 16.76 -65.59
C6 CB3 R . 49.55 16.25 -65.48
C7 CB3 R . 48.85 16.48 -64.21
C8 CB3 R . 49.54 17.20 -63.13
C8A CB3 R . 50.89 17.68 -63.31
C9 CB3 R . 49.10 15.19 -66.48
N10 CB3 R . 50.15 14.55 -67.32
C11 CB3 R . 53.53 12.31 -65.80
C12 CB3 R . 52.45 12.61 -64.91
C13 CB3 R . 51.32 13.33 -65.44
C14 CB3 R . 51.24 13.76 -66.84
C15 CB3 R . 52.36 13.50 -67.65
C16 CB3 R . 53.53 12.78 -67.15
C CB3 R . 54.56 11.47 -65.26
O CB3 R . 54.62 11.28 -64.05
N CB3 R . 55.43 10.92 -66.04
CA CB3 R . 56.50 10.05 -65.57
CB CB3 R . 56.01 8.59 -65.45
CG CB3 R . 55.45 8.01 -66.75
CD CB3 R . 54.61 6.74 -66.53
OE1 CB3 R . 53.51 6.84 -65.99
OE2 CB3 R . 55.08 5.64 -66.92
CT CB3 R . 57.58 10.16 -66.65
O1 CB3 R . 57.25 10.66 -67.74
O2 CB3 R . 58.73 9.76 -66.38
CP1 CB3 R . 49.92 14.60 -68.83
CP2 CB3 R . 50.67 15.72 -69.44
CP3 CB3 R . 51.25 16.74 -69.70
N1 UMP S . 41.00 41.83 -86.14
C2 UMP S . 42.14 42.27 -85.60
N3 UMP S . 42.12 42.71 -84.32
C4 UMP S . 41.06 42.85 -83.50
C5 UMP S . 39.72 42.48 -84.08
C6 UMP S . 39.82 41.54 -85.30
O2 UMP S . 43.18 42.25 -86.26
O4 UMP S . 41.16 43.33 -82.35
C1' UMP S . 40.98 41.42 -87.61
C2' UMP S . 41.36 39.97 -87.95
C3' UMP S . 40.60 39.74 -89.25
C4' UMP S . 39.23 40.43 -89.01
O3' UMP S . 41.36 40.32 -90.41
O4' UMP S . 39.60 41.47 -88.03
C5' UMP S . 38.26 39.51 -88.28
O5' UMP S . 37.91 38.56 -89.27
P UMP S . 37.84 37.03 -88.89
OP1 UMP S . 39.18 36.54 -88.52
OP2 UMP S . 36.96 36.88 -87.69
OP3 UMP S . 37.28 36.37 -90.12
N1 CB3 T . 38.02 43.88 -89.33
C2 CB3 T . 39.15 43.79 -90.11
NA2 CB3 T . 39.10 43.26 -91.33
N3 CB3 T . 40.32 44.17 -89.58
C4 CB3 T . 40.38 44.68 -88.31
O4 CB3 T . 41.58 45.05 -87.79
C4A CB3 T . 39.25 44.81 -87.50
C5 CB3 T . 39.31 45.38 -86.23
C6 CB3 T . 38.12 45.64 -85.46
C7 CB3 T . 36.85 45.25 -86.03
C8 CB3 T . 36.78 44.63 -87.34
C8A CB3 T . 38.02 44.42 -88.09
C9 CB3 T . 38.16 46.61 -84.31
N10 CB3 T . 39.33 47.58 -84.15
C11 CB3 T . 40.26 50.36 -87.33
C12 CB3 T . 39.10 49.68 -87.37
C13 CB3 T . 38.81 48.79 -86.29
C14 CB3 T . 39.69 48.54 -85.14
C15 CB3 T . 40.88 49.27 -85.15
C16 CB3 T . 41.19 50.20 -86.26
C CB3 T . 40.40 51.33 -88.38
O CB3 T . 39.73 51.31 -89.42
N CB3 T . 41.30 52.23 -88.17
CA CB3 T . 41.66 53.16 -89.31
CB CB3 T . 40.85 54.43 -89.04
CG CB3 T . 41.05 54.98 -87.62
CD CB3 T . 40.13 56.12 -87.28
OE1 CB3 T . 38.92 55.89 -87.08
OE2 CB3 T . 40.62 57.28 -87.24
CT CB3 T . 43.17 53.43 -89.25
O1 CB3 T . 43.82 52.97 -88.28
O2 CB3 T . 43.68 54.08 -90.20
CP1 CB3 T . 40.11 47.46 -82.88
CP2 CB3 T . 41.30 46.64 -83.17
CP3 CB3 T . 42.21 45.90 -83.47
N1 UMP U . -8.84 23.25 -75.28
C2 UMP U . -9.18 24.58 -75.63
N3 UMP U . -8.29 25.60 -75.39
C4 UMP U . -7.15 25.41 -74.66
C5 UMP U . -6.86 24.04 -74.07
C6 UMP U . -7.47 22.87 -74.86
O2 UMP U . -10.25 24.84 -76.16
O4 UMP U . -6.40 26.36 -74.46
C1' UMP U . -9.79 22.13 -75.46
C2' UMP U . -9.70 21.33 -76.78
C3' UMP U . -10.25 19.97 -76.37
C4' UMP U . -9.64 19.65 -74.97
O3' UMP U . -11.65 20.09 -76.07
O4' UMP U . -9.59 21.02 -74.44
C5' UMP U . -8.21 19.10 -75.09
O5' UMP U . -8.33 17.71 -75.36
P UMP U . -7.58 17.15 -76.61
OP1 UMP U . -8.02 17.97 -77.80
OP2 UMP U . -6.10 17.22 -76.40
OP3 UMP U . -8.05 15.75 -76.71
N1 CB3 V . -10.54 20.57 -71.60
C2 CB3 V . -11.73 20.70 -72.24
NA2 CB3 V . -12.49 19.66 -72.42
N3 CB3 V . -12.09 21.95 -72.65
C4 CB3 V . -11.31 23.06 -72.44
O4 CB3 V . -11.65 24.29 -72.94
C4A CB3 V . -10.13 22.96 -71.70
C5 CB3 V . -9.35 24.08 -71.38
C6 CB3 V . -8.16 23.99 -70.50
C7 CB3 V . -7.82 22.67 -69.99
C8 CB3 V . -8.61 21.51 -70.35
C8A CB3 V . -9.78 21.66 -71.21
C9 CB3 V . -7.62 25.20 -69.79
N10 CB3 V . -8.48 26.39 -69.77
C11 CB3 V . -12.40 26.61 -68.02
C12 CB3 V . -11.55 25.55 -67.71
C13 CB3 V . -10.25 25.51 -68.31
C14 CB3 V . -9.79 26.52 -69.24
C15 CB3 V . -10.70 27.55 -69.61
C16 CB3 V . -12.01 27.60 -69.00
C CB3 V . -13.67 26.56 -67.36
O CB3 V . -14.05 25.56 -66.76
N CB3 V . -14.40 27.63 -67.43
CA CB3 V . -15.65 27.74 -66.75
CB CB3 V . -15.39 28.10 -65.27
CG CB3 V . -14.60 29.40 -65.06
CD CB3 V . -14.31 29.67 -63.57
OE1 CB3 V . -13.48 28.95 -62.97
OE2 CB3 V . -14.90 30.60 -63.01
CT CB3 V . -16.40 28.88 -67.43
O1 CB3 V . -15.74 29.67 -68.16
O2 CB3 V . -17.64 28.97 -67.24
CP1 CB3 V . -7.83 27.57 -70.35
CP2 CB3 V . -8.36 27.80 -71.73
CP3 CB3 V . -8.83 27.86 -72.83
N1 UMP W . 8.91 29.79 -99.16
C2 UMP W . 7.71 29.32 -99.59
N3 UMP W . 7.49 28.03 -99.50
C4 UMP W . 8.36 27.11 -99.09
C5 UMP W . 9.73 27.53 -98.66
C6 UMP W . 9.80 29.01 -98.31
O2 UMP W . 6.84 30.03 -100.07
O4 UMP W . 8.04 25.93 -99.15
C1' UMP W . 9.18 31.20 -99.44
C2' UMP W . 8.60 32.15 -98.41
C3' UMP W . 9.58 33.32 -98.52
C4' UMP W . 10.97 32.68 -98.67
O3' UMP W . 9.30 34.18 -99.71
O4' UMP W . 10.62 31.41 -99.34
C5' UMP W . 11.58 32.32 -97.31
O5' UMP W . 12.17 33.53 -96.82
P UMP W . 11.83 33.90 -95.30
OP1 UMP W . 10.33 33.97 -95.06
OP2 UMP W . 12.33 32.66 -94.46
OP3 UMP W . 12.57 35.19 -95.03
N1 CB3 X . 12.78 31.20 -101.51
C2 CB3 X . 11.87 32.13 -102.02
NA2 CB3 X . 12.13 33.40 -102.03
N3 CB3 X . 10.67 31.70 -102.49
C4 CB3 X . 10.37 30.37 -102.49
O4 CB3 X . 9.21 29.93 -102.94
C4A CB3 X . 11.27 29.38 -101.98
C5 CB3 X . 10.96 28.03 -102.00
C6 CB3 X . 11.96 27.03 -101.59
C7 CB3 X . 13.26 27.50 -101.16
C8 CB3 X . 13.56 28.89 -101.11
C8A CB3 X . 12.54 29.86 -101.53
C9 CB3 X . 11.88 25.58 -102.01
N10 CB3 X . 10.90 25.24 -103.12
C11 CB3 X . 11.17 27.01 -107.06
C12 CB3 X . 12.26 27.15 -106.17
C13 CB3 X . 12.13 26.53 -104.88
C14 CB3 X . 10.97 25.78 -104.44
C15 CB3 X . 9.87 25.69 -105.38
C16 CB3 X . 9.98 26.31 -106.69
C CB3 X . 11.40 27.56 -108.40
O CB3 X . 12.35 28.32 -108.65
N CB3 X . 10.53 27.22 -109.31
CA CB3 X . 10.71 27.75 -110.70
CB CB3 X . 11.63 26.83 -111.52
CG CB3 X . 11.17 25.36 -111.55
CD CB3 X . 12.23 24.40 -112.11
OE1 CB3 X . 13.23 24.13 -111.41
OE2 CB3 X . 12.07 23.94 -113.26
CT CB3 X . 9.31 27.82 -111.28
O1 CB3 X . 9.12 28.55 -112.27
O2 CB3 X . 8.41 27.14 -110.75
CP1 CB3 X . 9.81 24.35 -102.60
CP2 CB3 X . 8.60 25.14 -102.29
CP3 CB3 X . 7.64 25.84 -102.10
N1 UMP Y . -38.59 49.60 -23.22
C2 UMP Y . -38.29 48.35 -22.75
N3 UMP Y . -39.13 47.31 -22.94
C4 UMP Y . -40.36 47.45 -23.46
C5 UMP Y . -40.86 48.83 -23.87
C6 UMP Y . -39.71 49.82 -24.14
O2 UMP Y . -37.22 48.14 -22.19
O4 UMP Y . -41.07 46.46 -23.57
C1' UMP Y . -37.73 50.72 -22.86
C2' UMP Y . -36.58 51.02 -23.85
C3' UMP Y . -36.32 52.49 -23.65
C4' UMP Y . -37.71 53.12 -23.51
O3' UMP Y . -35.62 52.66 -22.37
O4' UMP Y . -38.39 52.01 -22.79
C5' UMP Y . -38.37 53.27 -24.87
O5' UMP Y . -37.68 54.44 -25.22
P UMP Y . -37.24 54.55 -26.76
OP1 UMP Y . -36.20 53.47 -26.90
OP2 UMP Y . -38.39 54.35 -27.67
OP3 UMP Y . -36.62 55.87 -26.92
N1 CB3 Z . -39.93 53.22 -20.57
C2 CB3 Z . -38.69 53.01 -20.02
NA2 CB3 Z . -37.80 54.00 -19.79
N3 CB3 Z . -38.38 51.75 -19.63
C4 CB3 Z . -39.18 50.67 -19.80
O4 CB3 Z . -38.73 49.39 -19.59
C4A CB3 Z . -40.50 50.87 -20.28
C5 CB3 Z . -41.42 49.82 -20.36
C6 CB3 Z . -42.79 49.99 -20.77
C7 CB3 Z . -43.19 51.34 -21.13
C8 CB3 Z . -42.25 52.43 -21.08
C8A CB3 Z . -40.88 52.20 -20.64
C9 CB3 Z . -43.82 49.00 -20.47
N10 CB3 Z . -43.48 48.02 -19.33
C11 CB3 Z . -42.55 49.03 -15.22
C12 CB3 Z . -42.95 50.04 -16.11
C13 CB3 Z . -43.24 49.67 -17.46
C14 CB3 Z . -43.14 48.32 -17.98
C15 CB3 Z . -42.70 47.32 -17.03
C16 CB3 Z . -42.42 47.66 -15.68
C CB3 Z . -42.11 49.46 -13.93
O CB3 Z . -42.21 50.64 -13.61
N CB3 Z . -41.59 48.57 -13.12
CA CB3 Z . -41.58 48.68 -11.65
CB CB3 Z . -42.91 48.79 -10.85
CG CB3 Z . -44.04 47.85 -11.43
CD CB3 Z . -45.44 47.97 -10.74
OE1 CB3 Z . -45.58 47.52 -9.58
OE2 CB3 Z . -46.42 48.44 -11.40
CT CB3 Z . -40.77 47.50 -11.17
O1 CB3 Z . -40.78 46.44 -11.84
O2 CB3 Z . -40.15 47.68 -10.10
CP1 CB3 Z . -43.56 46.59 -19.77
CP2 CB3 Z . -42.19 46.11 -20.20
CP3 CB3 Z . -41.09 45.84 -20.61
N1 UMP AA . -31.93 33.21 -48.07
C2 UMP AA . -30.77 33.74 -47.58
N3 UMP AA . -30.50 35.04 -47.81
C4 UMP AA . -31.30 35.89 -48.53
C5 UMP AA . -32.59 35.40 -49.12
C6 UMP AA . -33.04 34.07 -48.54
O2 UMP AA . -29.98 33.07 -46.95
O4 UMP AA . -30.92 37.04 -48.72
C1' UMP AA . -32.09 31.77 -48.05
C2' UMP AA . -32.64 31.16 -46.73
C3' UMP AA . -33.36 29.90 -47.25
C4' UMP AA . -34.03 30.31 -48.61
O3' UMP AA . -32.38 28.92 -47.61
O4' UMP AA . -33.08 31.35 -49.03
C5' UMP AA . -35.35 31.05 -48.43
O5' UMP AA . -36.20 30.00 -48.12
P UMP AA . -37.39 30.14 -47.06
OP1 UMP AA . -36.73 30.33 -45.76
OP2 UMP AA . -38.28 31.26 -47.37
OP3 UMP AA . -38.18 28.87 -47.14
N1 CB3 BA . -32.69 30.59 -51.97
C2 CB3 BA . -31.87 29.67 -51.38
NA2 CB3 BA . -32.22 28.39 -51.23
N3 CB3 BA . -30.68 30.13 -50.88
C4 CB3 BA . -30.34 31.47 -50.92
O4 CB3 BA . -29.26 31.93 -50.33
C4A CB3 BA . -31.14 32.37 -51.64
C5 CB3 BA . -30.71 33.67 -51.90
C6 CB3 BA . -31.49 34.52 -52.78
C7 CB3 BA . -32.72 33.99 -53.33
C8 CB3 BA . -33.19 32.68 -53.05
C8A CB3 BA . -32.36 31.86 -52.19
C9 CB3 BA . -30.91 35.74 -53.40
N10 CB3 BA . -29.41 35.89 -53.41
C11 CB3 BA . -26.77 32.98 -55.09
C12 CB3 BA . -28.13 32.97 -55.49
C13 CB3 BA . -28.97 33.94 -54.94
C14 CB3 BA . -28.52 34.94 -53.96
C15 CB3 BA . -27.14 34.86 -53.51
C16 CB3 BA . -26.26 33.88 -54.07
C CB3 BA . -25.92 32.23 -55.93
O CB3 BA . -26.39 31.29 -56.56
N CB3 BA . -24.63 32.58 -55.99
CA CB3 BA . -23.74 31.62 -56.68
CB CB3 BA . -23.19 32.23 -57.97
CG CB3 BA . -24.14 33.13 -58.70
CD CB3 BA . -23.46 33.90 -59.81
OE1 CB3 BA . -24.19 34.59 -60.53
OE2 CB3 BA . -22.20 33.83 -59.95
CT CB3 BA . -22.52 31.43 -55.78
O1 CB3 BA . -22.29 32.30 -54.93
O2 CB3 BA . -21.79 30.46 -56.01
CP1 CB3 BA . -28.85 37.06 -52.61
CP2 CB3 BA . -28.54 36.62 -51.22
CP3 CB3 BA . -28.24 36.22 -50.14
N1 UMP CA . 15.60 -19.19 49.60
C2 UMP CA . 14.98 -19.03 50.80
N3 UMP CA . 15.72 -18.61 51.88
C4 UMP CA . 17.07 -18.46 51.84
C5 UMP CA . 17.82 -18.78 50.55
C6 UMP CA . 16.96 -18.70 49.30
O2 UMP CA . 13.78 -19.26 50.84
O4 UMP CA . 17.66 -18.04 52.85
C1' UMP CA . 14.85 -19.90 48.57
C2' UMP CA . 14.03 -18.97 47.69
C3' UMP CA . 14.00 -19.76 46.41
C4' UMP CA . 15.43 -20.31 46.25
O3' UMP CA . 13.09 -20.87 46.60
O4' UMP CA . 15.76 -20.59 47.66
C5' UMP CA . 16.37 -19.23 45.72
O5' UMP CA . 16.03 -19.48 44.35
P UMP CA . 15.92 -18.09 43.50
OP1 UMP CA . 14.83 -17.33 44.12
OP2 UMP CA . 17.26 -17.43 43.66
OP3 UMP CA . 15.65 -18.54 42.06
N1 CB3 DA . 16.97 -23.44 47.75
C2 CB3 DA . 15.61 -23.66 47.80
NA2 CB3 DA . 14.90 -24.01 46.73
N3 CB3 DA . 14.97 -23.53 48.97
C4 CB3 DA . 15.59 -22.94 50.05
O4 CB3 DA . 14.82 -22.51 51.09
C4A CB3 DA . 17.01 -22.70 50.08
C5 CB3 DA . 17.70 -22.28 51.23
C6 CB3 DA . 19.17 -22.22 51.23
C7 CB3 DA . 19.90 -22.54 50.00
C8 CB3 DA . 19.16 -22.94 48.81
C8A CB3 DA . 17.71 -23.02 48.86
C9 CB3 DA . 19.95 -22.26 52.51
N10 CB3 DA . 19.28 -22.77 53.74
C11 CB3 DA . 17.33 -26.53 54.09
C12 CB3 DA . 18.18 -26.32 52.95
C13 CB3 DA . 18.83 -25.07 52.87
C14 CB3 DA . 18.66 -24.01 53.87
C15 CB3 DA . 17.78 -24.26 55.00
C16 CB3 DA . 17.11 -25.51 55.11
C CB3 DA . 16.85 -27.85 54.22
O CB3 DA . 16.99 -28.66 53.32
N CB3 DA . 16.26 -28.12 55.35
CA CB3 DA . 15.80 -29.46 55.57
CB CB3 DA . 16.94 -30.36 56.10
CG CB3 DA . 17.54 -29.89 57.44
CD CB3 DA . 18.78 -30.70 57.88
OE1 CB3 DA . 19.89 -30.49 57.34
OE2 CB3 DA . 18.63 -31.56 58.76
CT CB3 DA . 14.63 -29.38 56.57
O1 CB3 DA . 14.56 -28.41 57.36
O2 CB3 DA . 13.78 -30.28 56.53
CP1 CB3 DA . 19.15 -21.75 54.82
CP2 CB3 DA . 17.85 -21.00 54.82
CP3 CB3 DA . 16.86 -20.35 54.56
N1 UMP EA . 12.78 11.02 52.61
C2 UMP EA . 11.64 10.49 52.07
N3 UMP EA . 11.63 10.10 50.76
C4 UMP EA . 12.66 10.28 49.91
C5 UMP EA . 13.96 10.94 50.40
C6 UMP EA . 14.11 10.91 51.93
O2 UMP EA . 10.60 10.38 52.72
O4 UMP EA . 12.51 9.94 48.72
C1' UMP EA . 12.67 11.56 54.01
C2' UMP EA . 12.90 10.54 55.15
C3' UMP EA . 13.57 11.43 56.20
C4' UMP EA . 14.53 12.36 55.42
O3' UMP EA . 12.52 12.27 56.68
O4' UMP EA . 13.80 12.44 54.11
C5' UMP EA . 15.89 11.70 55.19
O5' UMP EA . 16.43 11.77 56.50
P UMP EA . 17.18 10.63 57.08
OP1 UMP EA . 16.37 9.50 57.30
OP2 UMP EA . 18.20 10.28 56.23
OP3 UMP EA . 17.75 10.97 58.28
N1 CB3 FA . 14.07 15.49 53.63
C2 CB3 FA . 13.02 15.46 54.50
NA2 CB3 FA . 13.06 15.92 55.76
N3 CB3 FA . 11.92 14.90 54.03
C4 CB3 FA . 11.75 14.49 52.74
O4 CB3 FA . 10.62 13.98 52.29
C4A CB3 FA . 12.80 14.61 51.85
C5 CB3 FA . 12.61 14.33 50.51
C6 CB3 FA . 13.67 14.58 49.59
C7 CB3 FA . 14.91 15.09 50.10
C8 CB3 FA . 15.11 15.36 51.49
C8A CB3 FA . 14.00 15.13 52.36
C9 CB3 FA . 13.39 14.65 48.14
N10 CB3 FA . 12.00 14.83 47.70
C11 CB3 FA . 9.56 18.19 48.84
C12 CB3 FA . 10.98 18.29 49.00
C13 CB3 FA . 11.76 17.20 48.57
C14 CB3 FA . 11.19 15.97 48.00
C15 CB3 FA . 9.76 15.91 47.88
C16 CB3 FA . 8.95 16.99 48.30
C CB3 FA . 8.80 19.31 49.18
O CB3 FA . 9.24 20.22 49.88
N CB3 FA . 7.55 19.38 48.72
CA CB3 FA . 6.80 20.56 49.15
CB CB3 FA . 7.03 21.67 48.11
CG CB3 FA . 6.46 21.32 46.75
CD CB3 FA . 6.88 22.29 45.66
OE1 CB3 FA . 8.05 22.25 45.23
OE2 CB3 FA . 6.06 23.11 45.23
CT CB3 FA . 5.34 20.13 49.12
O1 CB3 FA . 5.06 19.10 48.50
O2 CB3 FA . 4.50 20.85 49.71
CP1 CB3 FA . 11.51 13.69 46.87
CP2 CB3 FA . 10.78 12.73 47.74
CP3 CB3 FA . 10.14 11.95 48.38
N1 UMP GA . 45.73 -28.03 8.36
C2 UMP GA . 46.42 -28.26 7.19
N3 UMP GA . 45.73 -28.85 6.16
C4 UMP GA . 44.41 -29.23 6.20
C5 UMP GA . 43.57 -29.01 7.44
C6 UMP GA . 44.27 -28.12 8.49
O2 UMP GA . 47.61 -27.96 7.07
O4 UMP GA . 43.93 -29.74 5.20
C1' UMP GA . 46.51 -27.64 9.54
C2' UMP GA . 46.77 -26.13 9.59
C3' UMP GA . 47.31 -26.00 10.99
C4' UMP GA . 46.36 -26.80 11.88
O3' UMP GA . 48.55 -26.70 10.98
O4' UMP GA . 46.07 -27.94 10.95
C5' UMP GA . 45.07 -26.02 12.14
O5' UMP GA . 45.37 -24.83 12.92
P UMP GA . 44.15 -23.89 13.33
OP1 UMP GA . 43.71 -23.10 12.17
OP2 UMP GA . 43.04 -24.76 13.79
OP3 UMP GA . 44.57 -22.99 14.42
N1 UMP HA . 35.90 -6.77 -10.87
C2 UMP HA . 37.13 -6.37 -10.42
N3 UMP HA . 37.20 -5.90 -9.12
C4 UMP HA . 36.14 -5.79 -8.26
C5 UMP HA . 34.74 -6.20 -8.69
C6 UMP HA . 34.72 -6.98 -10.01
O2 UMP HA . 38.13 -6.42 -11.13
O4 UMP HA . 36.34 -5.35 -7.13
C1' UMP HA . 35.76 -7.06 -12.30
C2' UMP HA . 36.23 -8.48 -12.66
C3' UMP HA . 35.69 -8.59 -14.07
C4' UMP HA . 34.24 -8.09 -14.01
O3' UMP HA . 36.42 -7.62 -14.82
O4' UMP HA . 34.42 -6.98 -13.01
C5' UMP HA . 33.32 -9.16 -13.42
O5' UMP HA . 33.22 -10.30 -14.32
P UMP HA . 32.87 -11.75 -13.74
OP1 UMP HA . 34.11 -12.39 -13.26
OP2 UMP HA . 31.92 -11.64 -12.62
OP3 UMP HA . 32.29 -12.58 -14.82
N1 UMP IA . -13.77 -25.22 -0.25
C2 UMP IA . -14.16 -24.00 -0.75
N3 UMP IA . -13.35 -22.92 -0.49
C4 UMP IA . -12.20 -22.96 0.25
C5 UMP IA . -11.69 -24.25 0.85
C6 UMP IA . -12.41 -25.50 0.30
O2 UMP IA . -15.19 -23.88 -1.42
O4 UMP IA . -11.56 -21.91 0.41
C1' UMP IA . -14.72 -26.34 -0.30
C2' UMP IA . -14.72 -27.05 -1.65
C3' UMP IA . -15.55 -28.27 -1.30
C4' UMP IA . -14.98 -28.80 0.02
O3' UMP IA . -16.85 -27.77 -1.03
O4' UMP IA . -14.67 -27.48 0.68
C5' UMP IA . -13.69 -29.59 -0.21
O5' UMP IA . -13.98 -30.81 -0.96
P UMP IA . -12.79 -31.59 -1.68
OP1 UMP IA . -12.60 -31.03 -3.05
OP2 UMP IA . -11.54 -31.39 -0.90
OP3 UMP IA . -13.10 -33.03 -1.77
N1 UMP JA . 3.68 -18.91 -24.12
C2 UMP JA . 2.43 -19.33 -24.55
N3 UMP JA . 2.15 -20.67 -24.47
C4 UMP JA . 3.01 -21.63 -24.01
C5 UMP JA . 4.41 -21.26 -23.55
C6 UMP JA . 4.57 -19.76 -23.30
O2 UMP JA . 1.61 -18.53 -25.00
O4 UMP JA . 2.64 -22.80 -23.98
C1' UMP JA . 4.11 -17.54 -24.42
C2' UMP JA . 3.52 -16.52 -23.45
C3' UMP JA . 4.37 -15.31 -23.79
C4' UMP JA . 5.81 -15.81 -23.84
O3' UMP JA . 4.01 -14.97 -25.13
O4' UMP JA . 5.57 -17.16 -24.46
C5' UMP JA . 6.37 -16.00 -22.43
O5' UMP JA . 6.50 -14.72 -21.74
P UMP JA . 6.53 -14.66 -20.14
OP1 UMP JA . 5.15 -14.57 -19.64
OP2 UMP JA . 7.17 -15.89 -19.61
OP3 UMP JA . 7.30 -13.48 -19.69
N1 UMP KA . -43.67 0.98 51.63
C2 UMP KA . -43.20 -0.28 51.93
N3 UMP KA . -44.07 -1.33 51.77
C4 UMP KA . -45.38 -1.22 51.34
C5 UMP KA . -45.97 0.13 51.02
C6 UMP KA . -44.89 1.23 50.84
O2 UMP KA . -42.05 -0.47 52.33
O4 UMP KA . -46.07 -2.24 51.25
C1' UMP KA . -42.88 2.16 52.02
C2' UMP KA . -41.73 2.45 51.06
C3' UMP KA . -41.35 3.85 51.51
C4' UMP KA . -42.66 4.62 51.63
O3' UMP KA . -40.85 3.67 52.83
O4' UMP KA . -43.52 3.52 52.18
C5' UMP KA . -43.17 5.05 50.25
O5' UMP KA . -42.28 6.04 49.65
P UMP KA . -42.22 6.20 48.06
OP1 UMP KA . -41.33 5.16 47.51
OP2 UMP KA . -43.57 6.03 47.50
OP3 UMP KA . -41.70 7.53 47.70
N1 UMP LA . -37.03 -15.14 26.88
C2 UMP LA . -35.83 -14.74 27.42
N3 UMP LA . -35.49 -13.42 27.32
C4 UMP LA . -36.22 -12.46 26.66
C5 UMP LA . -37.53 -12.82 25.98
C6 UMP LA . -38.08 -14.19 26.43
O2 UMP LA . -35.08 -15.55 27.99
O4 UMP LA . -35.82 -11.29 26.65
C1' UMP LA . -37.32 -16.58 26.81
C2' UMP LA . -37.84 -17.15 28.12
C3' UMP LA . -38.30 -18.52 27.67
C4' UMP LA . -39.10 -18.28 26.37
O3' UMP LA . -37.09 -19.20 27.31
O4' UMP LA . -38.28 -17.16 25.79
C5' UMP LA . -40.51 -17.77 26.68
O5' UMP LA . -41.27 -18.83 27.34
P UMP LA . -42.70 -18.56 28.03
OP1 UMP LA . -42.48 -18.03 29.40
OP2 UMP LA . -43.44 -17.57 27.23
OP3 UMP LA . -43.47 -19.82 28.11
N1 UMP MA . 10.36 -67.88 124.86
C2 UMP MA . 9.65 -67.60 126.01
N3 UMP MA . 10.36 -67.10 127.07
C4 UMP MA . 11.70 -66.86 127.08
C5 UMP MA . 12.55 -67.16 125.86
C6 UMP MA . 11.71 -67.36 124.59
O2 UMP MA . 8.43 -67.78 126.08
O4 UMP MA . 12.22 -66.40 128.11
C1' UMP MA . 9.68 -68.68 123.82
C2' UMP MA . 8.80 -67.83 122.93
C3' UMP MA . 8.57 -68.76 121.76
C4' UMP MA . 9.95 -69.37 121.44
O3' UMP MA . 7.74 -69.82 122.25
O4' UMP MA . 10.47 -69.54 122.83
C5' UMP MA . 10.83 -68.37 120.69
O5' UMP MA . 10.26 -68.15 119.38
P UMP MA . 10.54 -66.77 118.67
OP1 UMP MA . 9.48 -65.81 119.05
OP2 UMP MA . 11.86 -66.24 119.11
OP3 UMP MA . 10.54 -66.95 117.21
N1 UMP NA . 7.50 -37.74 127.55
C2 UMP NA . 6.29 -38.23 127.11
N3 UMP NA . 6.19 -38.58 125.79
C4 UMP NA . 7.20 -38.49 124.86
C5 UMP NA . 8.57 -37.96 125.26
C6 UMP NA . 8.76 -37.83 126.78
O2 UMP NA . 5.32 -38.35 127.86
O4 UMP NA . 6.98 -38.84 123.72
C1' UMP NA . 7.57 -37.12 128.87
C2' UMP NA . 7.77 -38.14 130.00
C3' UMP NA . 8.11 -37.21 131.15
C4' UMP NA . 9.16 -36.23 130.59
O3' UMP NA . 6.92 -36.47 131.39
O4' UMP NA . 8.61 -36.07 129.20
C5' UMP NA . 10.53 -36.90 130.53
O5' UMP NA . 11.02 -37.14 131.88
P UMP NA . 12.07 -38.31 132.19
OP1 UMP NA . 11.31 -39.57 132.38
OP2 UMP NA . 13.01 -38.46 131.05
OP3 UMP NA . 12.82 -38.00 133.43
N ARG A 13 77.85 19.03 -81.73
CA ARG A 13 76.59 18.31 -82.06
C ARG A 13 76.66 17.69 -83.46
N SER A 14 76.40 16.39 -83.54
CA SER A 14 76.43 15.67 -84.80
C SER A 14 75.33 16.14 -85.75
N ASN A 15 74.21 16.56 -85.18
CA ASN A 15 73.06 17.05 -85.95
C ASN A 15 72.50 18.25 -85.20
N PRO A 16 73.15 19.40 -85.34
CA PRO A 16 72.77 20.67 -84.69
C PRO A 16 71.34 21.11 -84.95
N ASP A 17 70.80 20.70 -86.09
CA ASP A 17 69.46 21.12 -86.46
C ASP A 17 68.36 20.23 -85.91
N HIS A 18 68.72 19.19 -85.15
CA HIS A 18 67.70 18.31 -84.62
C HIS A 18 66.75 19.13 -83.77
N GLU A 19 65.46 19.02 -84.07
CA GLU A 19 64.45 19.78 -83.34
C GLU A 19 64.43 19.58 -81.84
N GLU A 20 64.88 18.43 -81.35
CA GLU A 20 64.88 18.17 -79.90
C GLU A 20 65.79 19.11 -79.14
N TYR A 21 66.77 19.69 -79.83
CA TYR A 21 67.65 20.65 -79.16
C TYR A 21 66.90 21.87 -78.64
N GLN A 22 65.74 22.16 -79.23
CA GLN A 22 64.93 23.29 -78.76
C GLN A 22 64.55 22.99 -77.30
N TYR A 23 64.09 21.77 -77.07
CA TYR A 23 63.68 21.36 -75.71
C TYR A 23 64.89 21.34 -74.75
N LEU A 24 65.98 20.72 -75.17
CA LEU A 24 67.19 20.64 -74.33
C LEU A 24 67.78 22.02 -74.04
N ASP A 25 67.85 22.85 -75.06
CA ASP A 25 68.40 24.20 -74.88
C ASP A 25 67.56 25.04 -73.90
N LEU A 26 66.24 24.95 -74.00
CA LEU A 26 65.40 25.73 -73.12
C LEU A 26 65.59 25.32 -71.67
N ILE A 27 65.67 24.02 -71.42
CA ILE A 27 65.88 23.52 -70.07
C ILE A 27 67.22 24.04 -69.53
N ARG A 28 68.24 24.00 -70.37
CA ARG A 28 69.57 24.50 -69.97
C ARG A 28 69.49 25.98 -69.63
N ARG A 29 68.78 26.74 -70.46
CA ARG A 29 68.63 28.17 -70.21
C ARG A 29 67.87 28.44 -68.91
N ILE A 30 66.77 27.73 -68.69
CA ILE A 30 66.00 27.93 -67.46
C ILE A 30 66.85 27.64 -66.23
N ILE A 31 67.60 26.55 -66.27
CA ILE A 31 68.44 26.20 -65.12
C ILE A 31 69.50 27.30 -64.93
N ASN A 32 70.06 27.79 -66.03
CA ASN A 32 71.10 28.82 -65.96
C ASN A 32 70.65 30.21 -65.53
N VAL A 33 69.69 30.79 -66.23
CA VAL A 33 69.23 32.13 -65.92
C VAL A 33 67.77 32.24 -65.44
N GLY A 34 67.12 31.11 -65.24
CA GLY A 34 65.74 31.15 -64.78
C GLY A 34 65.63 31.75 -63.39
N GLU A 35 64.44 32.21 -63.05
CA GLU A 35 64.20 32.82 -61.75
C GLU A 35 63.65 31.78 -60.74
N VAL A 36 64.25 31.71 -59.56
CA VAL A 36 63.81 30.78 -58.52
C VAL A 36 62.51 31.30 -57.94
N ARG A 37 61.46 30.48 -57.98
CA ARG A 37 60.17 30.93 -57.46
C ARG A 37 59.41 29.90 -56.65
N PRO A 38 58.51 30.38 -55.79
CA PRO A 38 57.67 29.51 -54.94
C PRO A 38 56.53 29.13 -55.88
N ASP A 39 55.78 28.10 -55.55
CA ASP A 39 54.67 27.70 -56.40
C ASP A 39 53.59 26.98 -55.62
N ARG A 40 52.46 26.74 -56.30
CA ARG A 40 51.33 26.07 -55.70
C ARG A 40 51.67 24.73 -55.04
N THR A 41 52.53 23.93 -55.68
CA THR A 41 52.86 22.60 -55.15
C THR A 41 53.74 22.64 -53.90
N GLY A 42 54.51 23.71 -53.74
CA GLY A 42 55.37 23.81 -52.60
C GLY A 42 56.78 23.27 -52.80
N THR A 43 57.05 22.68 -53.96
CA THR A 43 58.40 22.16 -54.19
C THR A 43 59.31 23.26 -54.73
N GLY A 44 58.73 24.26 -55.39
CA GLY A 44 59.54 25.34 -55.93
C GLY A 44 60.01 25.04 -57.34
N THR A 45 60.29 26.08 -58.13
CA THR A 45 60.75 25.91 -59.50
C THR A 45 61.72 27.03 -59.89
N VAL A 46 62.25 26.91 -61.09
CA VAL A 46 63.11 27.93 -61.67
C VAL A 46 62.35 28.18 -62.99
N ALA A 47 62.06 29.43 -63.33
CA ALA A 47 61.26 29.69 -64.53
C ALA A 47 61.61 30.91 -65.34
N LEU A 48 61.08 30.90 -66.57
CA LEU A 48 61.21 31.99 -67.53
C LEU A 48 59.80 32.15 -68.11
N PHE A 49 59.41 33.39 -68.42
CA PHE A 49 58.10 33.63 -69.00
C PHE A 49 58.14 33.89 -70.49
N ALA A 50 57.23 33.25 -71.22
CA ALA A 50 57.10 33.44 -72.66
C ALA A 50 58.39 33.32 -73.47
N PRO A 51 59.07 32.17 -73.37
CA PRO A 51 60.31 32.03 -74.15
C PRO A 51 59.91 31.76 -75.59
N PRO A 52 60.87 31.84 -76.53
CA PRO A 52 60.56 31.60 -77.93
C PRO A 52 59.80 30.26 -78.08
N SER A 53 58.84 30.22 -78.99
CA SER A 53 58.05 29.01 -79.20
C SER A 53 58.83 27.89 -79.87
N PHE A 54 58.35 26.65 -79.68
CA PHE A 54 58.97 25.48 -80.31
C PHE A 54 58.26 25.20 -81.61
N ARG A 55 59.01 24.72 -82.61
CA ARG A 55 58.40 24.36 -83.89
C ARG A 55 58.86 22.95 -84.25
N PHE A 56 57.92 22.10 -84.59
CA PHE A 56 58.24 20.73 -84.96
C PHE A 56 57.61 20.35 -86.29
N SER A 57 58.40 19.80 -87.19
CA SER A 57 57.85 19.38 -88.47
C SER A 57 57.10 18.06 -88.32
N LEU A 58 55.92 17.98 -88.94
CA LEU A 58 55.11 16.77 -88.90
C LEU A 58 55.06 16.14 -90.29
N ALA A 59 55.89 16.63 -91.20
CA ALA A 59 55.93 16.09 -92.55
C ALA A 59 56.58 14.71 -92.58
N ASP A 60 56.31 13.96 -93.64
CA ASP A 60 56.86 12.61 -93.79
C ASP A 60 56.51 11.71 -92.60
N ASN A 61 55.30 11.83 -92.10
CA ASN A 61 54.82 11.01 -90.99
C ASN A 61 55.65 11.12 -89.72
N THR A 62 56.36 12.23 -89.55
CA THR A 62 57.20 12.41 -88.38
C THR A 62 56.42 12.70 -87.08
N LEU A 63 56.85 12.05 -86.01
CA LEU A 63 56.24 12.23 -84.69
C LEU A 63 57.33 12.71 -83.73
N PRO A 64 57.22 13.96 -83.25
CA PRO A 64 58.22 14.49 -82.33
C PRO A 64 58.12 13.90 -80.93
N LEU A 65 58.46 12.62 -80.81
CA LEU A 65 58.47 11.92 -79.53
C LEU A 65 59.93 12.00 -79.06
N LEU A 66 60.19 12.71 -77.96
CA LEU A 66 61.54 12.90 -77.46
C LEU A 66 62.34 11.61 -77.33
N THR A 67 63.62 11.71 -77.69
CA THR A 67 64.50 10.56 -77.66
C THR A 67 65.57 10.60 -76.60
N THR A 68 65.77 11.75 -75.95
CA THR A 68 66.81 11.81 -74.94
C THR A 68 66.40 11.13 -73.65
N LYS A 69 65.19 10.58 -73.63
CA LYS A 69 64.69 9.82 -72.49
C LYS A 69 63.53 8.99 -73.03
N ARG A 70 63.23 7.86 -72.39
CA ARG A 70 62.13 7.02 -72.84
C ARG A 70 60.82 7.67 -72.43
N VAL A 71 59.97 7.98 -73.38
CA VAL A 71 58.67 8.62 -73.08
C VAL A 71 57.58 7.57 -73.12
N PHE A 72 56.70 7.59 -72.12
CA PHE A 72 55.60 6.62 -72.03
C PHE A 72 54.58 6.87 -73.17
N LEU A 73 54.92 6.45 -74.37
CA LEU A 73 54.07 6.64 -75.53
C LEU A 73 52.62 6.19 -75.34
N ARG A 74 52.45 4.97 -74.85
CA ARG A 74 51.11 4.44 -74.64
C ARG A 74 50.31 5.35 -73.73
N GLY A 75 50.97 5.94 -72.73
CA GLY A 75 50.28 6.84 -71.82
C GLY A 75 49.83 8.11 -72.55
N VAL A 76 50.65 8.60 -73.47
CA VAL A 76 50.30 9.82 -74.23
C VAL A 76 49.06 9.51 -75.08
N ILE A 77 49.11 8.43 -75.85
CA ILE A 77 47.98 8.02 -76.68
C ILE A 77 46.71 7.81 -75.85
N ALA A 78 46.82 7.05 -74.77
CA ALA A 78 45.66 6.80 -73.95
C ALA A 78 45.01 8.09 -73.44
N GLU A 79 45.83 9.00 -72.92
CA GLU A 79 45.31 10.27 -72.43
C GLU A 79 44.62 11.06 -73.56
N LEU A 80 45.22 11.06 -74.75
CA LEU A 80 44.66 11.79 -75.88
C LEU A 80 43.30 11.24 -76.32
N LEU A 81 43.18 9.91 -76.43
CA LEU A 81 41.93 9.29 -76.84
C LEU A 81 40.88 9.51 -75.76
N TRP A 82 41.35 9.70 -74.54
CA TRP A 82 40.52 9.95 -73.37
C TRP A 82 39.96 11.39 -73.51
N PHE A 83 40.81 12.33 -73.89
CA PHE A 83 40.37 13.72 -74.09
C PHE A 83 39.29 13.71 -75.17
N VAL A 84 39.64 13.13 -76.31
CA VAL A 84 38.73 13.09 -77.45
C VAL A 84 37.35 12.53 -77.09
N SER A 85 37.33 11.51 -76.24
CA SER A 85 36.08 10.88 -75.85
C SER A 85 35.24 11.79 -74.97
N GLY A 86 35.84 12.87 -74.46
CA GLY A 86 35.10 13.78 -73.59
C GLY A 86 35.02 13.29 -72.14
N CYS A 87 35.65 12.15 -71.86
CA CYS A 87 35.64 11.54 -70.54
C CYS A 87 36.51 12.30 -69.56
N THR A 88 36.06 12.40 -68.30
CA THR A 88 36.79 13.10 -67.27
C THR A 88 37.08 12.22 -66.04
N ASP A 89 36.90 10.91 -66.21
CA ASP A 89 37.14 9.94 -65.15
C ASP A 89 38.54 9.34 -65.29
N ALA A 90 39.43 9.71 -64.38
CA ALA A 90 40.81 9.22 -64.42
C ALA A 90 40.89 7.69 -64.28
N LYS A 91 39.84 7.06 -63.75
CA LYS A 91 39.87 5.60 -63.61
C LYS A 91 39.91 4.96 -64.99
N MET A 92 39.43 5.68 -66.01
CA MET A 92 39.45 5.13 -67.37
C MET A 92 40.89 5.03 -67.87
N LEU A 93 41.79 5.79 -67.25
CA LEU A 93 43.21 5.73 -67.61
C LEU A 93 43.95 4.71 -66.72
N SER A 94 43.73 4.77 -65.40
CA SER A 94 44.40 3.83 -64.51
C SER A 94 43.98 2.37 -64.76
N SER A 95 42.76 2.16 -65.25
CA SER A 95 42.29 0.80 -65.51
C SER A 95 43.04 0.20 -66.69
N GLN A 96 43.61 1.06 -67.53
CA GLN A 96 44.38 0.55 -68.64
C GLN A 96 45.89 0.72 -68.41
N GLY A 97 46.25 0.88 -67.14
CA GLY A 97 47.65 1.00 -66.77
C GLY A 97 48.31 2.35 -66.93
N VAL A 98 47.52 3.42 -67.00
CA VAL A 98 48.05 4.78 -67.15
C VAL A 98 47.66 5.60 -65.92
N GLY A 99 48.62 5.92 -65.06
CA GLY A 99 48.32 6.64 -63.84
C GLY A 99 48.75 8.10 -63.77
N ILE A 100 48.96 8.72 -64.93
CA ILE A 100 49.39 10.13 -64.93
C ILE A 100 48.42 11.06 -64.23
N TRP A 101 47.14 10.71 -64.19
CA TRP A 101 46.16 11.56 -63.52
C TRP A 101 45.72 11.05 -62.13
N ASP A 102 46.37 10.01 -61.64
CA ASP A 102 46.04 9.45 -60.32
C ASP A 102 46.34 10.46 -59.23
N GLY A 103 47.43 11.19 -59.38
CA GLY A 103 47.82 12.18 -58.41
C GLY A 103 46.79 13.27 -58.14
N ASN A 104 46.25 13.88 -59.20
CA ASN A 104 45.27 14.93 -59.01
C ASN A 104 43.83 14.41 -58.92
N GLY A 105 43.65 13.11 -59.14
CA GLY A 105 42.32 12.54 -59.03
C GLY A 105 42.12 11.78 -57.72
N SER A 106 43.16 11.70 -56.89
CA SER A 106 43.07 10.98 -55.62
C SER A 106 42.13 11.68 -54.65
N LYS A 107 41.54 10.95 -53.73
CA LYS A 107 40.63 11.59 -52.78
C LYS A 107 41.30 12.71 -51.96
N GLU A 108 42.53 12.47 -51.52
CA GLU A 108 43.28 13.46 -50.73
C GLU A 108 43.42 14.78 -51.48
N PHE A 109 43.76 14.68 -52.77
CA PHE A 109 43.93 15.93 -53.51
C PHE A 109 42.59 16.60 -53.73
N LEU A 110 41.60 15.83 -54.19
CA LEU A 110 40.26 16.38 -54.41
C LEU A 110 39.72 17.06 -53.15
N GLU A 111 39.79 16.37 -52.01
CA GLU A 111 39.30 16.95 -50.76
C GLU A 111 40.12 18.19 -50.43
N LYS A 112 41.39 18.14 -50.78
CA LYS A 112 42.31 19.23 -50.51
C LYS A 112 41.93 20.52 -51.25
N VAL A 113 41.38 20.37 -52.46
CA VAL A 113 40.98 21.55 -53.23
C VAL A 113 39.49 21.86 -53.13
N GLY A 114 38.83 21.34 -52.11
CA GLY A 114 37.41 21.60 -51.94
C GLY A 114 36.46 20.78 -52.79
N LEU A 115 36.92 19.63 -53.29
CA LEU A 115 36.05 18.79 -54.11
C LEU A 115 35.88 17.42 -53.45
N GLY A 116 35.69 17.41 -52.12
CA GLY A 116 35.53 16.17 -51.39
C GLY A 116 34.26 15.39 -51.66
N HIS A 117 33.28 16.03 -52.29
CA HIS A 117 32.01 15.37 -52.60
C HIS A 117 32.10 14.48 -53.81
N ARG A 118 33.27 14.48 -54.46
CA ARG A 118 33.44 13.65 -55.65
C ARG A 118 34.14 12.33 -55.35
N ARG A 119 33.82 11.30 -56.13
CA ARG A 119 34.48 10.02 -55.94
C ARG A 119 35.89 10.15 -56.52
N GLU A 120 36.80 9.34 -56.02
CA GLU A 120 38.17 9.37 -56.49
C GLU A 120 38.25 9.22 -58.00
N GLY A 121 39.06 10.03 -58.66
CA GLY A 121 39.19 9.94 -60.10
C GLY A 121 38.29 10.88 -60.89
N ASP A 122 37.28 11.44 -60.24
CA ASP A 122 36.38 12.37 -60.95
C ASP A 122 36.99 13.75 -60.93
N LEU A 123 37.74 14.07 -61.99
CA LEU A 123 38.47 15.34 -62.08
C LEU A 123 37.60 16.57 -62.33
N GLY A 124 36.35 16.36 -62.73
CA GLY A 124 35.50 17.52 -62.98
C GLY A 124 35.47 17.79 -64.48
N PRO A 125 34.93 18.94 -64.93
CA PRO A 125 34.84 19.32 -66.35
C PRO A 125 36.14 19.78 -66.94
N VAL A 126 37.13 18.88 -66.97
CA VAL A 126 38.44 19.20 -67.52
C VAL A 126 38.52 18.96 -69.05
N TYR A 127 39.72 19.13 -69.59
CA TYR A 127 40.00 18.98 -71.02
C TYR A 127 38.92 18.40 -71.92
N GLY A 128 38.84 17.07 -71.93
CA GLY A 128 37.87 16.38 -72.77
C GLY A 128 36.44 16.88 -72.72
N PHE A 129 35.95 17.19 -71.54
CA PHE A 129 34.60 17.67 -71.39
C PHE A 129 34.41 19.03 -72.09
N GLN A 130 35.37 19.94 -71.89
CA GLN A 130 35.28 21.26 -72.53
C GLN A 130 35.38 21.11 -74.06
N TRP A 131 36.27 20.24 -74.52
CA TRP A 131 36.48 20.00 -75.95
C TRP A 131 35.23 19.54 -76.69
N ARG A 132 34.46 18.65 -76.07
CA ARG A 132 33.26 18.10 -76.71
C ARG A 132 31.93 18.63 -76.18
N HIS A 133 31.93 19.25 -75.00
CA HIS A 133 30.67 19.71 -74.41
C HIS A 133 30.76 21.07 -73.75
N PHE A 134 31.59 21.96 -74.30
CA PHE A 134 31.75 23.28 -73.70
C PHE A 134 30.42 23.96 -73.42
N GLY A 135 30.26 24.44 -72.19
CA GLY A 135 29.05 25.13 -71.83
C GLY A 135 27.99 24.26 -71.16
N ALA A 136 28.08 22.95 -71.34
CA ALA A 136 27.10 22.07 -70.72
C ALA A 136 27.28 22.08 -69.20
N GLU A 137 26.20 21.72 -68.50
CA GLU A 137 26.20 21.68 -67.04
C GLU A 137 26.86 20.37 -66.60
N TYR A 138 27.84 20.47 -65.71
CA TYR A 138 28.53 19.27 -65.25
C TYR A 138 27.93 18.77 -63.93
N THR A 139 27.65 17.48 -63.87
CA THR A 139 27.14 16.91 -62.62
C THR A 139 28.29 16.11 -62.03
N ASP A 140 28.59 14.95 -62.62
CA ASP A 140 29.72 14.12 -62.19
C ASP A 140 30.28 13.46 -63.45
N ALA A 141 31.29 12.57 -63.35
CA ALA A 141 31.85 11.95 -64.55
C ALA A 141 30.96 10.93 -65.24
N ASP A 142 29.88 10.53 -64.57
CA ASP A 142 28.95 9.56 -65.14
C ASP A 142 27.78 10.24 -65.86
N GLY A 143 27.72 11.56 -65.77
CA GLY A 143 26.63 12.29 -66.39
C GLY A 143 26.47 12.03 -67.88
N ASP A 144 25.26 12.20 -68.37
CA ASP A 144 24.97 12.00 -69.78
C ASP A 144 25.08 13.35 -70.50
N TYR A 145 26.17 13.54 -71.22
CA TYR A 145 26.41 14.81 -71.92
C TYR A 145 26.28 14.71 -73.44
N LYS A 146 25.90 13.54 -73.93
CA LYS A 146 25.77 13.36 -75.35
C LYS A 146 24.84 14.40 -75.97
N GLY A 147 25.31 15.11 -76.98
CA GLY A 147 24.50 16.12 -77.63
C GLY A 147 24.36 17.41 -76.84
N LYS A 148 25.07 17.53 -75.72
CA LYS A 148 25.00 18.74 -74.91
C LYS A 148 26.30 19.55 -74.97
N GLY A 149 26.16 20.88 -74.94
CA GLY A 149 27.32 21.75 -75.00
C GLY A 149 27.84 21.87 -76.42
N VAL A 150 28.91 22.64 -76.61
CA VAL A 150 29.50 22.81 -77.94
C VAL A 150 30.60 21.80 -78.22
N ASP A 151 30.45 21.06 -79.32
CA ASP A 151 31.44 20.09 -79.70
C ASP A 151 32.48 20.81 -80.57
N GLN A 152 33.46 21.41 -79.92
CA GLN A 152 34.52 22.13 -80.61
C GLN A 152 35.33 21.26 -81.54
N LEU A 153 35.66 20.05 -81.09
CA LEU A 153 36.47 19.14 -81.90
C LEU A 153 35.84 18.79 -83.24
N GLN A 154 34.58 18.37 -83.24
CA GLN A 154 33.92 18.01 -84.50
C GLN A 154 33.77 19.25 -85.39
N ARG A 155 33.54 20.42 -84.79
CA ARG A 155 33.42 21.66 -85.55
C ARG A 155 34.75 21.94 -86.24
N VAL A 156 35.87 21.69 -85.55
CA VAL A 156 37.19 21.87 -86.15
C VAL A 156 37.32 20.97 -87.39
N ILE A 157 36.94 19.70 -87.24
CA ILE A 157 37.00 18.74 -88.33
C ILE A 157 36.19 19.20 -89.54
N ASP A 158 34.92 19.55 -89.29
CA ASP A 158 34.01 20.00 -90.32
C ASP A 158 34.53 21.25 -91.03
N THR A 159 35.09 22.17 -90.25
CA THR A 159 35.62 23.43 -90.80
C THR A 159 36.84 23.23 -91.68
N ILE A 160 37.75 22.36 -91.26
CA ILE A 160 38.93 22.06 -92.05
C ILE A 160 38.54 21.45 -93.40
N LYS A 161 37.52 20.60 -93.38
CA LYS A 161 37.06 19.95 -94.60
C LYS A 161 36.24 20.85 -95.54
N ASN A 162 35.37 21.68 -94.98
CA ASN A 162 34.47 22.50 -95.80
C ASN A 162 34.77 23.98 -95.91
N ASN A 163 35.59 24.50 -95.01
CA ASN A 163 35.93 25.92 -95.06
C ASN A 163 37.30 26.13 -94.41
N PRO A 164 38.34 25.52 -95.00
CA PRO A 164 39.73 25.58 -94.53
C PRO A 164 40.35 26.95 -94.26
N THR A 165 39.92 27.98 -94.99
CA THR A 165 40.50 29.30 -94.77
C THR A 165 39.85 30.05 -93.60
N ASP A 166 38.90 29.41 -92.94
CA ASP A 166 38.25 30.01 -91.78
C ASP A 166 39.36 30.35 -90.78
N ARG A 167 39.18 31.41 -90.02
CA ARG A 167 40.20 31.84 -89.08
C ARG A 167 39.81 31.58 -87.63
N ARG A 168 38.78 30.76 -87.42
CA ARG A 168 38.31 30.48 -86.06
C ARG A 168 38.40 28.99 -85.73
N ILE A 169 39.35 28.29 -86.34
CA ILE A 169 39.50 26.86 -86.11
C ILE A 169 40.20 26.69 -84.78
N ILE A 170 39.43 26.88 -83.71
CA ILE A 170 39.97 26.84 -82.35
C ILE A 170 39.43 25.67 -81.50
N LEU A 171 40.31 25.08 -80.69
CA LEU A 171 39.94 24.01 -79.79
C LEU A 171 40.45 24.49 -78.42
N SER A 172 39.52 24.78 -77.50
CA SER A 172 39.91 25.31 -76.20
C SER A 172 39.25 24.63 -75.02
N ALA A 173 40.01 24.46 -73.95
CA ALA A 173 39.48 23.85 -72.73
C ALA A 173 39.35 24.88 -71.63
N TRP A 174 39.81 26.11 -71.88
CA TRP A 174 39.72 27.15 -70.87
C TRP A 174 38.27 27.59 -70.65
N ASN A 175 37.77 27.49 -69.41
CA ASN A 175 36.40 27.89 -69.11
C ASN A 175 36.41 28.50 -67.72
N PRO A 176 36.52 29.84 -67.66
CA PRO A 176 36.55 30.58 -66.38
C PRO A 176 35.42 30.19 -65.41
N LYS A 177 34.24 29.87 -65.94
CA LYS A 177 33.12 29.52 -65.09
C LYS A 177 33.30 28.16 -64.44
N ASP A 178 33.81 27.19 -65.21
CA ASP A 178 33.99 25.82 -64.70
C ASP A 178 35.29 25.56 -63.91
N LEU A 179 36.24 26.49 -63.99
CA LEU A 179 37.53 26.32 -63.30
C LEU A 179 37.46 25.78 -61.88
N PRO A 180 36.67 26.40 -61.00
CA PRO A 180 36.60 25.87 -59.63
C PRO A 180 36.12 24.42 -59.51
N LEU A 181 35.47 23.91 -60.55
CA LEU A 181 34.99 22.54 -60.52
C LEU A 181 36.05 21.54 -60.98
N MET A 182 37.16 22.08 -61.49
CA MET A 182 38.25 21.30 -62.01
C MET A 182 39.31 20.98 -60.96
N ALA A 183 39.75 19.74 -60.94
CA ALA A 183 40.80 19.33 -59.98
C ALA A 183 42.04 20.17 -60.28
N LEU A 184 42.22 20.52 -61.55
CA LEU A 184 43.35 21.33 -61.98
C LEU A 184 42.94 22.11 -63.23
N PRO A 185 43.29 23.41 -63.31
CA PRO A 185 42.91 24.17 -64.51
C PRO A 185 43.74 23.69 -65.71
N PRO A 186 43.18 23.81 -66.92
CA PRO A 186 43.88 23.38 -68.14
C PRO A 186 45.28 24.01 -68.30
N CYS A 187 46.29 23.21 -68.60
CA CYS A 187 47.64 23.72 -68.82
C CYS A 187 47.70 24.08 -70.31
N HIS A 188 47.36 23.13 -71.17
CA HIS A 188 47.32 23.42 -72.60
C HIS A 188 45.90 23.94 -72.74
N MET A 189 45.76 25.26 -72.68
CA MET A 189 44.45 25.86 -72.70
C MET A 189 43.74 26.01 -74.01
N PHE A 190 44.49 25.91 -75.11
CA PHE A 190 43.84 25.97 -76.41
C PHE A 190 44.84 25.85 -77.55
N CYS A 191 44.33 25.56 -78.73
CA CYS A 191 45.17 25.45 -79.90
C CYS A 191 44.38 25.96 -81.10
N GLN A 192 45.11 26.30 -82.15
CA GLN A 192 44.50 26.80 -83.37
C GLN A 192 45.07 26.00 -84.55
N PHE A 193 44.21 25.59 -85.47
CA PHE A 193 44.64 24.86 -86.64
C PHE A 193 44.62 25.80 -87.84
N PHE A 194 45.50 25.53 -88.79
CA PHE A 194 45.63 26.33 -90.00
C PHE A 194 45.80 25.38 -91.16
N VAL A 195 45.13 25.69 -92.27
CA VAL A 195 45.20 24.84 -93.46
C VAL A 195 45.73 25.63 -94.64
N SER A 196 46.84 25.16 -95.22
CA SER A 196 47.42 25.80 -96.40
C SER A 196 46.80 25.11 -97.60
N LEU A 197 46.29 25.91 -98.53
CA LEU A 197 45.66 25.38 -99.73
C LEU A 197 46.72 24.83 -100.68
N PRO A 198 46.34 23.87 -101.54
CA PRO A 198 47.26 23.26 -102.50
C PRO A 198 47.85 24.33 -103.44
N PRO A 199 49.18 24.31 -103.65
CA PRO A 199 49.84 25.28 -104.53
C PRO A 199 49.30 25.19 -105.96
N ALA A 200 49.52 26.22 -106.76
CA ALA A 200 49.06 26.23 -108.15
C ALA A 200 49.70 25.10 -108.97
N ASP A 201 51.01 24.94 -108.84
CA ASP A 201 51.76 23.92 -109.56
C ASP A 201 51.37 22.47 -109.22
N SER A 202 50.18 22.27 -108.66
CA SER A 202 49.67 20.94 -108.30
C SER A 202 48.46 21.02 -107.39
N PRO A 203 47.29 21.35 -107.94
CA PRO A 203 46.07 21.46 -107.15
C PRO A 203 45.54 20.11 -106.65
N GLY A 204 46.21 19.03 -107.05
CA GLY A 204 45.77 17.72 -106.63
C GLY A 204 46.30 17.36 -105.26
N SER A 205 47.36 18.04 -104.83
CA SER A 205 47.98 17.76 -103.54
C SER A 205 47.01 17.98 -102.38
N LYS A 206 47.32 17.35 -101.26
CA LYS A 206 46.48 17.50 -100.07
C LYS A 206 46.83 18.81 -99.35
N PRO A 207 45.82 19.52 -98.81
CA PRO A 207 46.10 20.76 -98.10
C PRO A 207 47.00 20.42 -96.90
N LYS A 208 47.80 21.38 -96.46
CA LYS A 208 48.68 21.12 -95.33
C LYS A 208 48.07 21.64 -94.02
N LEU A 209 48.11 20.80 -92.99
CA LEU A 209 47.54 21.13 -91.69
C LEU A 209 48.58 21.45 -90.64
N SER A 210 48.44 22.60 -89.99
CA SER A 210 49.35 23.01 -88.93
C SER A 210 48.55 23.27 -87.65
N CYS A 211 49.24 23.24 -86.53
CA CYS A 211 48.60 23.43 -85.24
C CYS A 211 49.50 24.24 -84.29
N LEU A 212 48.93 25.25 -83.68
CA LEU A 212 49.66 26.06 -82.70
C LEU A 212 48.92 25.87 -81.38
N MET A 213 49.65 25.46 -80.34
CA MET A 213 49.04 25.27 -79.03
C MET A 213 49.71 26.19 -78.04
N TYR A 214 48.92 26.76 -77.13
CA TYR A 214 49.45 27.65 -76.12
C TYR A 214 49.27 27.00 -74.75
N GLN A 215 50.37 26.87 -74.01
CA GLN A 215 50.38 26.25 -72.69
C GLN A 215 50.74 27.29 -71.64
N ARG A 216 49.80 27.61 -70.76
CA ARG A 216 50.01 28.61 -69.71
C ARG A 216 51.09 28.23 -68.67
N SER A 217 51.23 26.94 -68.41
CA SER A 217 52.14 26.47 -67.36
C SER A 217 52.76 25.22 -67.90
N CYS A 218 54.09 25.18 -67.93
CA CYS A 218 54.80 24.07 -68.50
C CYS A 218 55.87 23.43 -67.62
N ASP A 219 55.61 22.19 -67.21
CA ASP A 219 56.57 21.41 -66.41
C ASP A 219 57.45 20.78 -67.48
N LEU A 220 58.62 21.37 -67.72
CA LEU A 220 59.48 20.87 -68.80
C LEU A 220 59.97 19.45 -68.62
N GLY A 221 60.25 19.08 -67.37
CA GLY A 221 60.70 17.73 -67.14
C GLY A 221 59.65 16.67 -67.48
N LEU A 222 58.47 16.79 -66.88
CA LEU A 222 57.42 15.79 -67.06
C LEU A 222 56.29 16.07 -68.05
N GLY A 223 55.76 17.28 -68.00
CA GLY A 223 54.63 17.62 -68.87
C GLY A 223 54.94 17.85 -70.33
N VAL A 224 55.82 18.80 -70.62
CA VAL A 224 56.15 19.15 -72.02
C VAL A 224 56.39 17.97 -72.95
N PRO A 225 57.14 16.94 -72.50
CA PRO A 225 57.35 15.81 -73.40
C PRO A 225 56.02 15.18 -73.83
N PHE A 226 55.05 15.14 -72.92
CA PHE A 226 53.74 14.55 -73.23
C PHE A 226 52.96 15.54 -74.13
N ASN A 227 52.97 16.81 -73.73
CA ASN A 227 52.22 17.82 -74.48
C ASN A 227 52.64 17.87 -75.94
N ILE A 228 53.94 17.81 -76.19
CA ILE A 228 54.45 17.86 -77.54
C ILE A 228 53.95 16.69 -78.39
N ALA A 229 54.11 15.47 -77.87
CA ALA A 229 53.68 14.29 -78.58
C ALA A 229 52.16 14.24 -78.73
N SER A 230 51.44 14.65 -77.68
CA SER A 230 49.99 14.64 -77.69
C SER A 230 49.39 15.51 -78.82
N TYR A 231 49.75 16.78 -78.87
CA TYR A 231 49.23 17.66 -79.91
C TYR A 231 49.75 17.27 -81.30
N ALA A 232 50.94 16.68 -81.37
CA ALA A 232 51.45 16.23 -82.67
C ALA A 232 50.55 15.08 -83.12
N LEU A 233 50.23 14.16 -82.20
CA LEU A 233 49.38 13.05 -82.54
C LEU A 233 47.95 13.53 -82.90
N LEU A 234 47.44 14.51 -82.16
CA LEU A 234 46.10 15.03 -82.44
C LEU A 234 46.05 15.59 -83.87
N THR A 235 47.10 16.29 -84.26
CA THR A 235 47.16 16.84 -85.61
C THR A 235 47.19 15.72 -86.66
N HIS A 236 47.93 14.66 -86.39
CA HIS A 236 48.01 13.52 -87.32
C HIS A 236 46.61 12.89 -87.43
N MET A 237 45.93 12.76 -86.30
CA MET A 237 44.57 12.17 -86.29
C MET A 237 43.62 13.01 -87.13
N ILE A 238 43.59 14.30 -86.83
CA ILE A 238 42.69 15.20 -87.56
C ILE A 238 43.02 15.18 -89.04
N ALA A 239 44.31 15.12 -89.37
CA ALA A 239 44.74 15.12 -90.77
C ALA A 239 44.17 13.92 -91.50
N LEU A 240 44.11 12.78 -90.84
CA LEU A 240 43.59 11.57 -91.45
C LEU A 240 42.10 11.70 -91.76
N ILE A 241 41.34 12.20 -90.80
CA ILE A 241 39.90 12.35 -90.95
C ILE A 241 39.50 13.45 -91.93
N THR A 242 40.36 14.46 -92.10
CA THR A 242 40.04 15.57 -92.98
C THR A 242 40.73 15.54 -94.33
N ASP A 243 41.46 14.46 -94.61
CA ASP A 243 42.16 14.33 -95.88
C ASP A 243 43.19 15.43 -96.07
N THR A 244 43.85 15.82 -94.99
CA THR A 244 44.89 16.83 -95.08
C THR A 244 46.24 16.19 -94.71
N GLU A 245 47.33 16.91 -94.96
CA GLU A 245 48.66 16.40 -94.69
C GLU A 245 49.28 17.16 -93.52
N PRO A 246 49.63 16.46 -92.45
CA PRO A 246 50.22 17.15 -91.29
C PRO A 246 51.46 17.92 -91.74
N HIS A 247 51.60 19.14 -91.27
CA HIS A 247 52.73 19.96 -91.68
C HIS A 247 53.62 20.45 -90.54
N GLU A 248 53.06 21.22 -89.62
CA GLU A 248 53.88 21.77 -88.54
C GLU A 248 53.10 21.89 -87.22
N PHE A 249 53.83 21.77 -86.12
CA PHE A 249 53.22 21.93 -84.80
C PHE A 249 54.04 22.98 -84.07
N ILE A 250 53.37 24.01 -83.57
CA ILE A 250 54.03 25.08 -82.86
C ILE A 250 53.53 25.11 -81.41
N LEU A 251 54.46 25.26 -80.48
CA LEU A 251 54.10 25.29 -79.07
C LEU A 251 54.63 26.54 -78.38
N GLN A 252 53.71 27.41 -77.95
CA GLN A 252 54.07 28.63 -77.26
C GLN A 252 53.80 28.43 -75.78
N MET A 253 54.78 28.76 -74.97
CA MET A 253 54.67 28.58 -73.52
C MET A 253 54.52 29.88 -72.77
N GLY A 254 53.84 29.80 -71.63
CA GLY A 254 53.67 30.97 -70.78
C GLY A 254 54.69 30.81 -69.68
N ASP A 255 54.26 30.26 -68.54
CA ASP A 255 55.18 30.04 -67.41
C ASP A 255 55.92 28.73 -67.69
N ALA A 256 57.15 28.86 -68.19
CA ALA A 256 57.98 27.71 -68.53
C ALA A 256 58.90 27.46 -67.35
N HIS A 257 58.75 26.31 -66.70
CA HIS A 257 59.55 26.05 -65.50
C HIS A 257 60.12 24.65 -65.34
N VAL A 258 61.14 24.54 -64.50
CA VAL A 258 61.79 23.27 -64.21
C VAL A 258 61.67 23.13 -62.70
N TYR A 259 61.02 22.07 -62.21
CA TYR A 259 60.91 21.88 -60.77
C TYR A 259 62.27 21.67 -60.13
N ARG A 260 62.41 22.13 -58.89
CA ARG A 260 63.66 22.01 -58.14
C ARG A 260 64.20 20.58 -58.11
N ASP A 261 63.30 19.62 -57.88
CA ASP A 261 63.74 18.22 -57.82
C ASP A 261 63.93 17.57 -59.20
N HIS A 262 63.88 18.37 -60.26
CA HIS A 262 64.08 17.84 -61.61
C HIS A 262 65.41 18.28 -62.19
N VAL A 263 66.01 19.30 -61.57
CA VAL A 263 67.28 19.87 -62.06
C VAL A 263 68.37 18.82 -62.27
N GLU A 264 68.69 18.06 -61.22
CA GLU A 264 69.73 17.04 -61.37
C GLU A 264 69.38 15.96 -62.38
N PRO A 265 68.15 15.42 -62.34
CA PRO A 265 67.82 14.38 -63.32
C PRO A 265 67.93 14.90 -64.77
N LEU A 266 67.56 16.15 -64.98
CA LEU A 266 67.59 16.73 -66.32
C LEU A 266 69.02 16.95 -66.80
N LYS A 267 69.93 17.25 -65.88
CA LYS A 267 71.33 17.45 -66.27
C LYS A 267 71.85 16.20 -66.94
N THR A 268 71.39 15.04 -66.46
CA THR A 268 71.80 13.76 -67.05
C THR A 268 71.27 13.67 -68.48
N GLN A 269 70.02 14.08 -68.66
CA GLN A 269 69.40 14.04 -69.99
C GLN A 269 70.09 15.02 -70.96
N LEU A 270 70.51 16.18 -70.46
CA LEU A 270 71.15 17.19 -71.30
C LEU A 270 72.44 16.71 -71.96
N GLU A 271 73.04 15.66 -71.40
CA GLU A 271 74.30 15.12 -71.94
C GLU A 271 74.07 14.19 -73.12
N ARG A 272 72.82 13.83 -73.38
CA ARG A 272 72.51 12.91 -74.46
C ARG A 272 72.20 13.54 -75.80
N GLU A 273 72.68 12.89 -76.85
CA GLU A 273 72.46 13.34 -78.21
C GLU A 273 71.19 12.70 -78.76
N PRO A 274 70.26 13.51 -79.26
CA PRO A 274 68.99 13.03 -79.82
C PRO A 274 69.15 12.05 -80.98
N ARG A 275 68.18 11.14 -81.10
CA ARG A 275 68.17 10.18 -82.19
C ARG A 275 67.08 10.73 -83.12
N ASP A 276 67.12 10.35 -84.40
CA ASP A 276 66.09 10.83 -85.32
C ASP A 276 64.71 10.46 -84.79
N PHE A 277 63.75 11.37 -84.94
CA PHE A 277 62.39 11.14 -84.48
C PHE A 277 61.76 9.96 -85.21
N PRO A 278 60.86 9.23 -84.54
CA PRO A 278 60.18 8.08 -85.12
C PRO A 278 59.10 8.55 -86.10
N LYS A 279 58.48 7.60 -86.78
CA LYS A 279 57.41 7.93 -87.72
C LYS A 279 56.11 7.29 -87.29
N LEU A 280 55.00 7.91 -87.65
CA LEU A 280 53.69 7.38 -87.29
C LEU A 280 52.99 6.79 -88.50
N LYS A 281 52.44 5.60 -88.33
CA LYS A 281 51.68 4.92 -89.38
C LYS A 281 50.36 4.46 -88.75
N TRP A 282 49.33 4.26 -89.57
CA TRP A 282 48.03 3.84 -89.05
C TRP A 282 47.81 2.35 -89.33
N ALA A 283 47.30 1.64 -88.33
CA ALA A 283 47.05 0.21 -88.47
C ALA A 283 45.79 -0.05 -89.27
N ARG A 284 44.96 0.98 -89.43
CA ARG A 284 43.72 0.87 -90.20
C ARG A 284 43.56 2.04 -91.15
N SER A 285 42.60 1.94 -92.05
CA SER A 285 42.37 3.00 -93.01
C SER A 285 41.42 4.07 -92.47
N LYS A 286 41.36 5.19 -93.19
CA LYS A 286 40.47 6.27 -92.81
C LYS A 286 39.02 5.77 -92.70
N GLU A 287 38.61 4.99 -93.70
CA GLU A 287 37.26 4.43 -93.75
C GLU A 287 36.98 3.54 -92.56
N GLU A 288 37.93 2.70 -92.19
CA GLU A 288 37.73 1.81 -91.06
C GLU A 288 37.62 2.59 -89.77
N ILE A 289 38.52 3.57 -89.57
CA ILE A 289 38.48 4.40 -88.36
C ILE A 289 37.19 5.21 -88.36
N GLY A 290 36.80 5.69 -89.54
CA GLY A 290 35.55 6.44 -89.67
C GLY A 290 35.63 7.92 -89.36
N ASP A 291 35.69 8.27 -88.07
CA ASP A 291 35.76 9.67 -87.65
C ASP A 291 36.70 9.82 -86.46
N ILE A 292 36.77 11.03 -85.93
CA ILE A 292 37.66 11.34 -84.81
C ILE A 292 37.41 10.50 -83.56
N ASP A 293 36.23 9.91 -83.46
CA ASP A 293 35.87 9.11 -82.30
C ASP A 293 36.11 7.62 -82.52
N GLY A 294 36.62 7.26 -83.70
CA GLY A 294 36.85 5.87 -83.99
C GLY A 294 38.27 5.34 -83.77
N PHE A 295 39.19 6.16 -83.29
CA PHE A 295 40.57 5.71 -83.07
C PHE A 295 40.72 4.80 -81.85
N LYS A 296 41.69 3.89 -81.92
CA LYS A 296 42.01 2.96 -80.84
C LYS A 296 43.51 2.99 -80.63
N VAL A 297 43.95 2.67 -79.41
CA VAL A 297 45.37 2.70 -79.11
C VAL A 297 46.19 1.93 -80.13
N GLU A 298 45.73 0.73 -80.48
CA GLU A 298 46.41 -0.12 -81.44
C GLU A 298 46.48 0.43 -82.85
N ASP A 299 45.76 1.52 -83.13
CA ASP A 299 45.80 2.09 -84.47
C ASP A 299 47.11 2.83 -84.68
N PHE A 300 47.70 3.31 -83.59
CA PHE A 300 48.93 4.07 -83.65
C PHE A 300 50.18 3.20 -83.76
N VAL A 301 50.73 3.11 -84.97
CA VAL A 301 51.93 2.33 -85.19
C VAL A 301 53.16 3.23 -85.30
N VAL A 302 53.91 3.35 -84.21
CA VAL A 302 55.10 4.19 -84.17
C VAL A 302 56.34 3.36 -84.45
N GLU A 303 57.00 3.66 -85.56
CA GLU A 303 58.19 2.89 -85.92
C GLU A 303 59.46 3.72 -85.88
N GLY A 304 60.57 3.07 -85.53
CA GLY A 304 61.86 3.73 -85.49
C GLY A 304 62.10 4.52 -84.22
N TYR A 305 61.34 4.26 -83.17
CA TYR A 305 61.56 5.01 -81.92
C TYR A 305 62.78 4.39 -81.22
N LYS A 306 63.84 5.18 -81.07
CA LYS A 306 65.08 4.70 -80.46
C LYS A 306 65.58 5.66 -79.40
N PRO A 307 64.90 5.68 -78.25
CA PRO A 307 65.27 6.57 -77.15
C PRO A 307 66.40 6.05 -76.24
N TRP A 308 66.94 6.96 -75.44
CA TRP A 308 67.94 6.59 -74.46
C TRP A 308 67.13 6.06 -73.27
N GLY A 309 67.80 5.77 -72.16
CA GLY A 309 67.13 5.25 -70.98
C GLY A 309 66.15 6.21 -70.33
N LYS A 310 65.27 5.67 -69.50
CA LYS A 310 64.28 6.47 -68.80
C LYS A 310 64.99 7.31 -67.75
N ILE A 311 64.36 8.42 -67.40
CA ILE A 311 64.90 9.31 -66.39
C ILE A 311 63.78 9.54 -65.37
N ASP A 312 64.02 9.10 -64.16
CA ASP A 312 63.02 9.23 -63.09
C ASP A 312 62.85 10.65 -62.59
N MET A 313 61.61 11.12 -62.57
CA MET A 313 61.30 12.45 -62.06
C MET A 313 59.97 12.37 -61.35
N LYS A 314 59.94 12.92 -60.13
CA LYS A 314 58.72 12.91 -59.34
C LYS A 314 57.80 14.06 -59.74
N MET A 315 56.49 13.77 -59.81
CA MET A 315 55.52 14.80 -60.15
C MET A 315 55.04 15.48 -58.88
N SER A 316 54.97 16.82 -58.91
CA SER A 316 54.51 17.55 -57.74
C SER A 316 53.02 17.80 -57.91
N ALA A 317 52.23 17.25 -56.97
CA ALA A 317 50.77 17.37 -57.00
C ALA A 317 50.29 18.77 -56.70
N ARG B 13 69.64 50.91 -91.69
CA ARG B 13 68.79 51.29 -90.52
C ARG B 13 69.59 52.02 -89.46
N SER B 14 69.32 53.31 -89.32
CA SER B 14 69.99 54.11 -88.30
C SER B 14 69.96 53.36 -86.96
N ASN B 15 68.81 52.80 -86.61
CA ASN B 15 68.70 52.04 -85.37
C ASN B 15 68.00 50.71 -85.65
N PRO B 16 68.77 49.70 -86.06
CA PRO B 16 68.32 48.36 -86.40
C PRO B 16 67.63 47.62 -85.25
N ASP B 17 67.87 48.05 -84.01
CA ASP B 17 67.24 47.38 -82.88
C ASP B 17 65.89 47.96 -82.48
N HIS B 18 65.41 48.95 -83.22
CA HIS B 18 64.10 49.53 -82.88
C HIS B 18 63.03 48.44 -82.98
N GLU B 19 62.27 48.26 -81.91
CA GLU B 19 61.24 47.23 -81.87
C GLU B 19 60.21 47.28 -82.98
N GLU B 20 59.98 48.47 -83.55
CA GLU B 20 58.99 48.61 -84.60
C GLU B 20 59.38 47.84 -85.87
N TYR B 21 60.67 47.55 -86.03
CA TYR B 21 61.10 46.78 -87.21
C TYR B 21 60.49 45.38 -87.21
N GLN B 22 60.10 44.88 -86.03
CA GLN B 22 59.46 43.55 -85.95
C GLN B 22 58.19 43.58 -86.78
N TYR B 23 57.42 44.65 -86.58
CA TYR B 23 56.17 44.85 -87.29
C TYR B 23 56.40 45.06 -88.78
N LEU B 24 57.33 45.96 -89.12
CA LEU B 24 57.62 46.25 -90.54
C LEU B 24 58.18 45.04 -91.26
N ASP B 25 59.10 44.32 -90.61
CA ASP B 25 59.70 43.13 -91.22
C ASP B 25 58.66 42.03 -91.48
N LEU B 26 57.74 41.83 -90.55
CA LEU B 26 56.72 40.78 -90.74
C LEU B 26 55.82 41.09 -91.93
N ILE B 27 55.45 42.36 -92.07
CA ILE B 27 54.61 42.78 -93.20
C ILE B 27 55.36 42.52 -94.51
N ARG B 28 56.64 42.88 -94.53
CA ARG B 28 57.45 42.68 -95.73
C ARG B 28 57.51 41.19 -96.07
N ARG B 29 57.70 40.36 -95.03
CA ARG B 29 57.76 38.93 -95.23
C ARG B 29 56.43 38.37 -95.76
N ILE B 30 55.32 38.79 -95.17
CA ILE B 30 54.02 38.31 -95.61
C ILE B 30 53.76 38.68 -97.07
N ILE B 31 54.09 39.91 -97.43
CA ILE B 31 53.90 40.34 -98.81
C ILE B 31 54.78 39.51 -99.73
N ASN B 32 56.03 39.28 -99.32
CA ASN B 32 56.99 38.51 -100.12
C ASN B 32 56.72 37.01 -100.27
N VAL B 33 56.59 36.30 -99.15
CA VAL B 33 56.36 34.86 -99.21
C VAL B 33 55.03 34.37 -98.63
N GLY B 34 54.15 35.29 -98.27
CA GLY B 34 52.85 34.90 -97.75
C GLY B 34 52.02 34.17 -98.79
N GLU B 35 51.05 33.40 -98.32
CA GLU B 35 50.15 32.65 -99.21
C GLU B 35 48.86 33.44 -99.52
N VAL B 36 48.53 33.57 -100.80
CA VAL B 36 47.32 34.28 -101.23
C VAL B 36 46.11 33.42 -100.88
N ARG B 37 45.18 33.97 -100.12
CA ARG B 37 44.02 33.19 -99.70
C ARG B 37 42.70 33.94 -99.72
N PRO B 38 41.60 33.21 -99.88
CA PRO B 38 40.25 33.77 -99.88
C PRO B 38 39.96 33.95 -98.38
N ASP B 39 38.94 34.72 -98.03
CA ASP B 39 38.61 34.91 -96.63
C ASP B 39 37.16 35.30 -96.47
N ARG B 40 36.72 35.33 -95.21
CA ARG B 40 35.35 35.67 -94.87
C ARG B 40 34.85 36.98 -95.49
N THR B 41 35.69 38.02 -95.48
CA THR B 41 35.28 39.33 -95.98
C THR B 41 35.09 39.41 -97.49
N GLY B 42 35.80 38.54 -98.21
CA GLY B 42 35.69 38.56 -99.67
C GLY B 42 36.76 39.41 -100.35
N THR B 43 37.54 40.17 -99.59
CA THR B 43 38.57 40.98 -100.24
C THR B 43 39.84 40.17 -100.53
N GLY B 44 40.10 39.14 -99.73
CA GLY B 44 41.29 38.34 -99.95
C GLY B 44 42.49 38.82 -99.15
N THR B 45 43.40 37.93 -98.83
CA THR B 45 44.59 38.32 -98.08
C THR B 45 45.81 37.52 -98.49
N VAL B 46 46.95 37.88 -97.95
CA VAL B 46 48.19 37.14 -98.15
C VAL B 46 48.52 36.83 -96.68
N ALA B 47 48.85 35.57 -96.37
CA ALA B 47 49.09 35.24 -94.96
C ALA B 47 50.15 34.21 -94.64
N LEU B 48 50.56 34.21 -93.36
CA LEU B 48 51.53 33.28 -92.80
C LEU B 48 50.95 32.83 -91.44
N PHE B 49 51.15 31.57 -91.07
CA PHE B 49 50.61 31.08 -89.81
C PHE B 49 51.68 30.99 -88.74
N ALA B 50 51.34 31.43 -87.54
CA ALA B 50 52.23 31.35 -86.38
C ALA B 50 53.65 31.85 -86.58
N PRO B 51 53.81 33.11 -87.02
CA PRO B 51 55.17 33.61 -87.21
C PRO B 51 55.77 33.90 -85.83
N PRO B 52 57.08 34.13 -85.77
CA PRO B 52 57.70 34.43 -84.47
C PRO B 52 56.95 35.56 -83.76
N SER B 53 56.82 35.45 -82.45
CA SER B 53 56.10 36.44 -81.68
C SER B 53 56.82 37.78 -81.59
N PHE B 54 56.07 38.85 -81.29
CA PHE B 54 56.65 40.19 -81.13
C PHE B 54 56.91 40.41 -79.64
N ARG B 55 57.96 41.16 -79.33
CA ARG B 55 58.29 41.46 -77.94
C ARG B 55 58.53 42.95 -77.86
N PHE B 56 57.87 43.60 -76.90
CA PHE B 56 58.03 45.04 -76.72
C PHE B 56 58.32 45.35 -75.27
N SER B 57 59.36 46.14 -75.04
CA SER B 57 59.70 46.54 -73.68
C SER B 57 58.76 47.63 -73.19
N LEU B 58 58.26 47.49 -71.97
CA LEU B 58 57.37 48.49 -71.38
C LEU B 58 58.09 49.22 -70.24
N ALA B 59 59.39 49.01 -70.13
CA ALA B 59 60.19 49.66 -69.09
C ALA B 59 60.32 51.15 -69.37
N ASP B 60 60.66 51.91 -68.33
CA ASP B 60 60.83 53.35 -68.44
C ASP B 60 59.61 54.04 -69.04
N ASN B 61 58.42 53.60 -68.62
CA ASN B 61 57.16 54.17 -69.10
C ASN B 61 56.99 54.15 -70.61
N THR B 62 57.65 53.21 -71.29
CA THR B 62 57.54 53.15 -72.74
C THR B 62 56.22 52.58 -73.25
N LEU B 63 55.68 53.22 -74.29
CA LEU B 63 54.44 52.78 -74.91
C LEU B 63 54.71 52.48 -76.39
N PRO B 64 54.61 51.20 -76.78
CA PRO B 64 54.87 50.82 -78.17
C PRO B 64 53.77 51.25 -79.13
N LEU B 65 53.64 52.56 -79.32
CA LEU B 65 52.63 53.12 -80.23
C LEU B 65 53.39 53.35 -81.54
N LEU B 66 53.07 52.59 -82.58
CA LEU B 66 53.77 52.68 -83.85
C LEU B 66 53.95 54.12 -84.36
N THR B 67 55.12 54.39 -84.92
CA THR B 67 55.47 55.70 -85.43
C THR B 67 55.59 55.81 -86.94
N THR B 68 55.60 54.68 -87.64
CA THR B 68 55.71 54.74 -89.09
C THR B 68 54.41 55.19 -89.76
N LYS B 69 53.40 55.43 -88.95
CA LYS B 69 52.12 55.98 -89.41
C LYS B 69 51.43 56.56 -88.17
N ARG B 70 50.56 57.54 -88.38
CA ARG B 70 49.85 58.12 -87.25
C ARG B 70 48.78 57.14 -86.78
N VAL B 71 48.85 56.75 -85.52
CA VAL B 71 47.87 55.83 -84.96
C VAL B 71 46.84 56.59 -84.14
N PHE B 72 45.56 56.26 -84.32
CA PHE B 72 44.48 56.94 -83.61
C PHE B 72 44.52 56.56 -82.12
N LEU B 73 45.46 57.16 -81.39
CA LEU B 73 45.63 56.88 -79.96
C LEU B 73 44.35 56.96 -79.14
N ARG B 74 43.61 58.05 -79.28
CA ARG B 74 42.38 58.22 -78.54
C ARG B 74 41.40 57.06 -78.80
N GLY B 75 41.40 56.56 -80.02
CA GLY B 75 40.53 55.46 -80.36
C GLY B 75 40.95 54.19 -79.62
N VAL B 76 42.26 53.97 -79.49
CA VAL B 76 42.77 52.81 -78.77
C VAL B 76 42.35 52.91 -77.30
N ILE B 77 42.62 54.06 -76.67
CA ILE B 77 42.28 54.26 -75.27
C ILE B 77 40.78 54.11 -75.03
N ALA B 78 39.97 54.76 -75.87
CA ALA B 78 38.54 54.67 -75.72
C ALA B 78 38.04 53.21 -75.80
N GLU B 79 38.53 52.47 -76.79
CA GLU B 79 38.10 51.09 -76.96
C GLU B 79 38.51 50.25 -75.72
N LEU B 80 39.71 50.52 -75.20
CA LEU B 80 40.21 49.78 -74.05
C LEU B 80 39.37 50.01 -72.80
N LEU B 81 39.04 51.27 -72.53
CA LEU B 81 38.26 51.58 -71.32
C LEU B 81 36.86 51.01 -71.50
N TRP B 82 36.46 50.88 -72.75
CA TRP B 82 35.17 50.36 -73.10
C TRP B 82 35.18 48.86 -72.73
N PHE B 83 36.25 48.15 -73.12
CA PHE B 83 36.40 46.72 -72.80
C PHE B 83 36.32 46.55 -71.30
N VAL B 84 37.17 47.31 -70.59
CA VAL B 84 37.22 47.25 -69.13
C VAL B 84 35.86 47.42 -68.49
N SER B 85 35.07 48.38 -68.99
CA SER B 85 33.74 48.64 -68.44
C SER B 85 32.78 47.48 -68.65
N GLY B 86 33.14 46.53 -69.52
CA GLY B 86 32.27 45.40 -69.77
C GLY B 86 31.14 45.72 -70.74
N CYS B 87 31.15 46.95 -71.27
CA CYS B 87 30.13 47.41 -72.20
C CYS B 87 30.30 46.76 -73.58
N THR B 88 29.19 46.49 -74.27
CA THR B 88 29.24 45.89 -75.60
C THR B 88 28.44 46.71 -76.61
N ASP B 89 28.11 47.94 -76.24
CA ASP B 89 27.36 48.82 -77.15
C ASP B 89 28.34 49.74 -77.88
N ALA B 90 28.49 49.52 -79.18
CA ALA B 90 29.38 50.33 -80.00
C ALA B 90 29.03 51.83 -80.02
N LYS B 91 27.77 52.16 -79.73
CA LYS B 91 27.36 53.55 -79.72
C LYS B 91 28.12 54.32 -78.63
N MET B 92 28.62 53.61 -77.62
CA MET B 92 29.37 54.27 -76.55
C MET B 92 30.72 54.74 -77.08
N LEU B 93 31.15 54.19 -78.22
CA LEU B 93 32.41 54.60 -78.83
C LEU B 93 32.13 55.66 -79.90
N SER B 94 31.12 55.44 -80.74
CA SER B 94 30.81 56.40 -81.79
C SER B 94 30.32 57.74 -81.21
N SER B 95 29.70 57.71 -80.04
CA SER B 95 29.22 58.93 -79.42
C SER B 95 30.39 59.80 -78.99
N GLN B 96 31.55 59.19 -78.78
CA GLN B 96 32.74 59.95 -78.40
C GLN B 96 33.72 60.08 -79.58
N GLY B 97 33.19 59.95 -80.78
CA GLY B 97 34.02 60.08 -81.98
C GLY B 97 34.94 58.94 -82.38
N VAL B 98 34.60 57.71 -81.95
CA VAL B 98 35.43 56.55 -82.28
C VAL B 98 34.54 55.57 -83.01
N GLY B 99 34.77 55.39 -84.32
CA GLY B 99 33.90 54.51 -85.07
C GLY B 99 34.47 53.19 -85.52
N ILE B 100 35.55 52.72 -84.87
CA ILE B 100 36.18 51.47 -85.26
C ILE B 100 35.27 50.26 -85.25
N TRP B 101 34.22 50.31 -84.43
CA TRP B 101 33.26 49.20 -84.37
C TRP B 101 31.94 49.49 -85.09
N ASP B 102 31.87 50.63 -85.78
CA ASP B 102 30.64 50.98 -86.50
C ASP B 102 30.36 49.99 -87.62
N GLY B 103 31.41 49.50 -88.26
CA GLY B 103 31.25 48.57 -89.36
C GLY B 103 30.61 47.24 -88.99
N ASN B 104 31.04 46.63 -87.88
CA ASN B 104 30.46 45.34 -87.48
C ASN B 104 29.23 45.53 -86.57
N GLY B 105 28.94 46.77 -86.22
CA GLY B 105 27.79 47.03 -85.38
C GLY B 105 26.64 47.63 -86.16
N SER B 106 26.84 47.85 -87.45
CA SER B 106 25.80 48.42 -88.28
C SER B 106 24.61 47.49 -88.41
N LYS B 107 23.44 48.11 -88.58
CA LYS B 107 22.20 47.38 -88.75
C LYS B 107 22.37 46.43 -89.92
N GLU B 108 23.00 46.91 -91.00
CA GLU B 108 23.20 46.05 -92.16
C GLU B 108 24.05 44.80 -91.89
N PHE B 109 25.14 44.91 -91.14
CA PHE B 109 26.01 43.76 -90.85
C PHE B 109 25.32 42.78 -89.88
N LEU B 110 24.75 43.31 -88.81
CA LEU B 110 24.06 42.47 -87.82
C LEU B 110 22.99 41.57 -88.48
N GLU B 111 22.17 42.17 -89.33
CA GLU B 111 21.15 41.39 -90.02
C GLU B 111 21.80 40.36 -90.93
N LYS B 112 22.95 40.73 -91.49
CA LYS B 112 23.71 39.88 -92.37
C LYS B 112 24.19 38.59 -91.68
N VAL B 113 24.59 38.70 -90.42
CA VAL B 113 25.06 37.52 -89.67
C VAL B 113 23.97 36.88 -88.81
N GLY B 114 22.70 37.12 -89.15
CA GLY B 114 21.59 36.55 -88.41
C GLY B 114 21.27 37.18 -87.06
N LEU B 115 21.69 38.43 -86.84
CA LEU B 115 21.42 39.11 -85.58
C LEU B 115 20.52 40.34 -85.82
N GLY B 116 19.51 40.15 -86.66
CA GLY B 116 18.59 41.23 -87.02
C GLY B 116 17.70 41.70 -85.88
N HIS B 117 17.56 40.89 -84.84
CA HIS B 117 16.72 41.25 -83.69
C HIS B 117 17.43 42.24 -82.75
N ARG B 118 18.66 42.59 -83.04
CA ARG B 118 19.36 43.52 -82.19
C ARG B 118 19.32 44.94 -82.73
N ARG B 119 19.38 45.92 -81.83
CA ARG B 119 19.40 47.31 -82.28
C ARG B 119 20.83 47.58 -82.77
N GLU B 120 20.98 48.57 -83.64
CA GLU B 120 22.30 48.89 -84.18
C GLU B 120 23.29 49.18 -83.07
N GLY B 121 24.51 48.65 -83.19
CA GLY B 121 25.52 48.89 -82.17
C GLY B 121 25.61 47.80 -81.10
N ASP B 122 24.57 46.98 -80.98
CA ASP B 122 24.58 45.92 -79.96
C ASP B 122 25.34 44.73 -80.51
N LEU B 123 26.65 44.70 -80.25
CA LEU B 123 27.54 43.66 -80.73
C LEU B 123 27.34 42.27 -80.10
N GLY B 124 26.71 42.21 -78.94
CA GLY B 124 26.52 40.90 -78.32
C GLY B 124 27.51 40.74 -77.19
N PRO B 125 27.65 39.53 -76.63
CA PRO B 125 28.58 39.27 -75.53
C PRO B 125 30.06 39.19 -75.97
N VAL B 126 30.58 40.31 -76.49
CA VAL B 126 31.95 40.35 -76.95
C VAL B 126 32.92 40.71 -75.83
N TYR B 127 34.18 40.92 -76.21
CA TYR B 127 35.26 41.24 -75.29
C TYR B 127 34.93 41.64 -73.85
N GLY B 128 34.54 42.90 -73.67
CA GLY B 128 34.22 43.41 -72.35
C GLY B 128 33.28 42.56 -71.51
N PHE B 129 32.26 42.00 -72.13
CA PHE B 129 31.30 41.20 -71.41
C PHE B 129 31.94 39.92 -70.88
N GLN B 130 32.74 39.26 -71.72
CA GLN B 130 33.40 38.04 -71.31
C GLN B 130 34.43 38.33 -70.21
N TRP B 131 35.14 39.45 -70.36
CA TRP B 131 36.15 39.87 -69.40
C TRP B 131 35.62 40.07 -67.98
N ARG B 132 34.46 40.69 -67.87
CA ARG B 132 33.88 40.98 -66.56
C ARG B 132 32.69 40.12 -66.14
N HIS B 133 32.09 39.38 -67.07
CA HIS B 133 30.88 38.57 -66.77
C HIS B 133 30.85 37.21 -67.46
N PHE B 134 32.02 36.60 -67.67
CA PHE B 134 32.07 35.32 -68.36
C PHE B 134 31.11 34.29 -67.77
N GLY B 135 30.30 33.67 -68.63
CA GLY B 135 29.35 32.68 -68.15
C GLY B 135 27.95 33.21 -67.92
N ALA B 136 27.82 34.52 -67.70
CA ALA B 136 26.51 35.11 -67.48
C ALA B 136 25.66 34.99 -68.74
N GLU B 137 24.34 35.01 -68.57
CA GLU B 137 23.38 34.92 -69.66
C GLU B 137 23.25 36.30 -70.30
N TYR B 138 23.42 36.38 -71.61
CA TYR B 138 23.32 37.67 -72.31
C TYR B 138 21.93 37.90 -72.89
N THR B 139 21.35 39.06 -72.62
CA THR B 139 20.05 39.39 -73.19
C THR B 139 20.34 40.38 -74.30
N ASP B 140 20.65 41.61 -73.94
CA ASP B 140 20.99 42.67 -74.92
C ASP B 140 22.07 43.54 -74.25
N ALA B 141 22.50 44.65 -74.89
CA ALA B 141 23.53 45.48 -74.27
C ALA B 141 23.09 46.28 -73.06
N ASP B 142 21.78 46.38 -72.85
CA ASP B 142 21.23 47.13 -71.73
C ASP B 142 20.99 46.27 -70.49
N GLY B 143 21.20 44.97 -70.64
CA GLY B 143 21.00 44.05 -69.54
C GLY B 143 21.79 44.38 -68.29
N ASP B 144 21.28 43.95 -67.14
CA ASP B 144 21.93 44.21 -65.86
C ASP B 144 22.78 43.00 -65.52
N TYR B 145 24.09 43.15 -65.68
CA TYR B 145 25.02 42.06 -65.43
C TYR B 145 25.88 42.25 -64.19
N LYS B 146 25.66 43.33 -63.48
CA LYS B 146 26.43 43.61 -62.29
C LYS B 146 26.40 42.42 -61.32
N GLY B 147 27.59 41.95 -60.94
CA GLY B 147 27.68 40.82 -60.02
C GLY B 147 27.37 39.48 -60.66
N LYS B 148 27.20 39.44 -61.98
CA LYS B 148 26.88 38.18 -62.65
C LYS B 148 28.06 37.70 -63.50
N GLY B 149 28.26 36.38 -63.53
CA GLY B 149 29.34 35.79 -64.30
C GLY B 149 30.67 35.95 -63.60
N VAL B 150 31.74 35.49 -64.23
CA VAL B 150 33.07 35.58 -63.65
C VAL B 150 33.80 36.88 -64.03
N ASP B 151 34.22 37.65 -63.04
CA ASP B 151 34.96 38.87 -63.30
C ASP B 151 36.44 38.52 -63.40
N GLN B 152 36.88 38.12 -64.59
CA GLN B 152 38.26 37.72 -64.81
C GLN B 152 39.27 38.83 -64.55
N LEU B 153 38.90 40.04 -64.95
CA LEU B 153 39.81 41.17 -64.80
C LEU B 153 40.12 41.49 -63.34
N GLN B 154 39.10 41.57 -62.49
CA GLN B 154 39.35 41.85 -61.09
C GLN B 154 40.12 40.69 -60.46
N ARG B 155 39.84 39.47 -60.89
CA ARG B 155 40.54 38.31 -60.33
C ARG B 155 42.03 38.42 -60.65
N VAL B 156 42.33 38.89 -61.87
CA VAL B 156 43.71 39.07 -62.28
C VAL B 156 44.40 40.06 -61.35
N ILE B 157 43.72 41.17 -61.09
CA ILE B 157 44.26 42.23 -60.21
C ILE B 157 44.52 41.66 -58.80
N ASP B 158 43.52 40.98 -58.25
CA ASP B 158 43.63 40.40 -56.91
C ASP B 158 44.77 39.39 -56.82
N THR B 159 44.92 38.58 -57.86
CA THR B 159 45.95 37.55 -57.88
C THR B 159 47.38 38.13 -57.98
N ILE B 160 47.53 39.17 -58.79
CA ILE B 160 48.83 39.80 -58.96
C ILE B 160 49.28 40.39 -57.61
N LYS B 161 48.33 40.95 -56.88
CA LYS B 161 48.61 41.57 -55.59
C LYS B 161 48.81 40.58 -54.43
N ASN B 162 48.00 39.54 -54.38
CA ASN B 162 48.09 38.59 -53.26
C ASN B 162 48.74 37.24 -53.52
N ASN B 163 48.90 36.85 -54.77
CA ASN B 163 49.54 35.59 -55.08
C ASN B 163 50.14 35.65 -56.48
N PRO B 164 51.14 36.54 -56.67
CA PRO B 164 51.86 36.79 -57.94
C PRO B 164 52.44 35.61 -58.67
N THR B 165 52.90 34.59 -57.95
CA THR B 165 53.48 33.43 -58.61
C THR B 165 52.42 32.45 -59.15
N ASP B 166 51.16 32.77 -58.96
CA ASP B 166 50.08 31.93 -59.46
C ASP B 166 50.34 31.77 -60.98
N ARG B 167 49.95 30.63 -61.54
CA ARG B 167 50.16 30.38 -62.96
C ARG B 167 48.90 30.42 -63.79
N ARG B 168 47.82 30.94 -63.22
CA ARG B 168 46.52 30.99 -63.90
C ARG B 168 46.02 32.44 -64.06
N ILE B 169 46.93 33.40 -64.16
CA ILE B 169 46.53 34.79 -64.28
C ILE B 169 46.15 35.03 -65.73
N ILE B 170 44.94 34.58 -66.07
CA ILE B 170 44.45 34.63 -67.44
C ILE B 170 43.23 35.55 -67.62
N LEU B 171 43.19 36.23 -68.76
CA LEU B 171 42.09 37.12 -69.10
C LEU B 171 41.68 36.65 -70.50
N SER B 172 40.50 36.05 -70.61
CA SER B 172 40.07 35.53 -71.90
C SER B 172 38.66 35.94 -72.32
N ALA B 173 38.51 36.20 -73.62
CA ALA B 173 37.23 36.56 -74.16
C ALA B 173 36.64 35.43 -75.00
N TRP B 174 37.39 34.35 -75.18
CA TRP B 174 36.92 33.24 -75.99
C TRP B 174 35.87 32.43 -75.25
N ASN B 175 34.68 32.31 -75.87
CA ASN B 175 33.57 31.58 -75.27
C ASN B 175 32.81 30.86 -76.40
N PRO B 176 33.12 29.59 -76.62
CA PRO B 176 32.49 28.78 -77.66
C PRO B 176 30.98 28.79 -77.64
N LYS B 177 30.41 28.87 -76.44
CA LYS B 177 28.95 28.89 -76.33
C LYS B 177 28.33 30.21 -76.79
N ASP B 178 28.98 31.34 -76.48
CA ASP B 178 28.48 32.65 -76.87
C ASP B 178 28.83 33.14 -78.27
N LEU B 179 29.79 32.49 -78.91
CA LEU B 179 30.23 32.90 -80.25
C LEU B 179 29.16 33.29 -81.24
N PRO B 180 28.13 32.44 -81.42
CA PRO B 180 27.07 32.80 -82.38
C PRO B 180 26.29 34.06 -82.03
N LEU B 181 26.39 34.52 -80.79
CA LEU B 181 25.68 35.71 -80.37
C LEU B 181 26.53 36.95 -80.64
N MET B 182 27.79 36.73 -80.99
CA MET B 182 28.74 37.82 -81.24
C MET B 182 28.75 38.29 -82.68
N ALA B 183 28.77 39.61 -82.87
CA ALA B 183 28.80 40.17 -84.21
C ALA B 183 30.10 39.70 -84.86
N LEU B 184 31.13 39.50 -84.06
CA LEU B 184 32.43 39.04 -84.55
C LEU B 184 33.11 38.30 -83.40
N PRO B 185 33.73 37.14 -83.68
CA PRO B 185 34.41 36.39 -82.60
C PRO B 185 35.67 37.15 -82.18
N PRO B 186 36.09 36.99 -80.94
CA PRO B 186 37.28 37.68 -80.43
C PRO B 186 38.52 37.41 -81.29
N CYS B 187 39.29 38.46 -81.59
CA CYS B 187 40.52 38.32 -82.36
C CYS B 187 41.61 38.11 -81.30
N HIS B 188 41.71 39.02 -80.35
CA HIS B 188 42.68 38.84 -79.28
C HIS B 188 41.84 38.01 -78.30
N MET B 189 42.01 36.70 -78.36
CA MET B 189 41.21 35.81 -77.54
C MET B 189 41.59 35.64 -76.09
N PHE B 190 42.82 35.97 -75.74
CA PHE B 190 43.22 35.89 -74.35
C PHE B 190 44.65 36.35 -74.12
N CYS B 191 44.97 36.61 -72.87
CA CYS B 191 46.31 36.98 -72.52
C CYS B 191 46.64 36.44 -71.13
N GLN B 192 47.93 36.29 -70.88
CA GLN B 192 48.41 35.79 -69.60
C GLN B 192 49.42 36.77 -68.98
N PHE B 193 49.22 37.10 -67.70
CA PHE B 193 50.14 37.98 -67.00
C PHE B 193 51.12 37.17 -66.17
N PHE B 194 52.31 37.73 -65.99
CA PHE B 194 53.37 37.09 -65.23
C PHE B 194 54.03 38.18 -64.38
N VAL B 195 54.31 37.83 -63.13
CA VAL B 195 54.94 38.74 -62.18
C VAL B 195 56.31 38.23 -61.70
N SER B 196 57.36 39.00 -61.97
CA SER B 196 58.68 38.61 -61.49
C SER B 196 58.85 39.19 -60.11
N LEU B 197 59.28 38.37 -59.16
CA LEU B 197 59.48 38.84 -57.80
C LEU B 197 60.73 39.72 -57.72
N PRO B 198 60.79 40.63 -56.72
CA PRO B 198 61.93 41.52 -56.53
C PRO B 198 63.21 40.72 -56.30
N PRO B 199 64.30 41.07 -57.00
CA PRO B 199 65.58 40.36 -56.86
C PRO B 199 66.03 40.40 -55.40
N ALA B 200 66.80 39.40 -54.99
CA ALA B 200 67.30 39.28 -53.62
C ALA B 200 68.12 40.49 -53.16
N ASP B 201 68.98 41.00 -54.04
CA ASP B 201 69.83 42.14 -53.69
C ASP B 201 69.09 43.41 -53.31
N SER B 202 67.84 43.53 -53.73
CA SER B 202 67.05 44.72 -53.41
C SER B 202 65.57 44.36 -53.42
N PRO B 203 65.04 43.87 -52.28
CA PRO B 203 63.64 43.45 -52.09
C PRO B 203 62.63 44.58 -51.99
N GLY B 204 63.11 45.82 -52.05
CA GLY B 204 62.21 46.95 -51.96
C GLY B 204 61.64 47.31 -53.32
N SER B 205 62.30 46.88 -54.38
CA SER B 205 61.85 47.17 -55.74
C SER B 205 60.46 46.63 -56.02
N LYS B 206 59.80 47.19 -57.04
CA LYS B 206 58.46 46.75 -57.41
C LYS B 206 58.54 45.48 -58.28
N PRO B 207 57.62 44.54 -58.08
CA PRO B 207 57.66 43.33 -58.90
C PRO B 207 57.46 43.77 -60.36
N LYS B 208 57.98 43.00 -61.30
CA LYS B 208 57.83 43.34 -62.72
C LYS B 208 56.66 42.60 -63.34
N LEU B 209 55.83 43.32 -64.09
CA LEU B 209 54.65 42.74 -64.73
C LEU B 209 54.81 42.59 -66.24
N SER B 210 54.55 41.37 -66.73
CA SER B 210 54.63 41.09 -68.16
C SER B 210 53.27 40.55 -68.64
N CYS B 211 53.06 40.64 -69.95
CA CYS B 211 51.82 40.17 -70.54
C CYS B 211 52.06 39.51 -71.89
N LEU B 212 51.47 38.34 -72.07
CA LEU B 212 51.55 37.65 -73.35
C LEU B 212 50.11 37.54 -73.86
N MET B 213 49.87 38.01 -75.09
CA MET B 213 48.54 37.96 -75.67
C MET B 213 48.59 37.13 -76.93
N TYR B 214 47.56 36.32 -77.14
CA TYR B 214 47.49 35.49 -78.33
C TYR B 214 46.34 35.98 -79.20
N GLN B 215 46.64 36.23 -80.47
CA GLN B 215 45.64 36.76 -81.40
C GLN B 215 45.50 35.75 -82.53
N ARG B 216 44.31 35.16 -82.64
CA ARG B 216 44.00 34.14 -83.64
C ARG B 216 44.02 34.62 -85.09
N SER B 217 43.62 35.87 -85.30
CA SER B 217 43.52 36.48 -86.63
C SER B 217 44.06 37.90 -86.51
N CYS B 218 45.00 38.26 -87.38
CA CYS B 218 45.65 39.55 -87.26
C CYS B 218 45.72 40.36 -88.55
N ASP B 219 44.95 41.43 -88.59
CA ASP B 219 44.95 42.34 -89.74
C ASP B 219 46.15 43.23 -89.46
N LEU B 220 47.28 42.94 -90.08
CA LEU B 220 48.48 43.73 -89.79
C LEU B 220 48.38 45.20 -90.11
N GLY B 221 47.69 45.54 -91.20
CA GLY B 221 47.55 46.94 -91.56
C GLY B 221 46.76 47.75 -90.56
N LEU B 222 45.53 47.32 -90.27
CA LEU B 222 44.67 48.04 -89.36
C LEU B 222 44.56 47.59 -87.91
N GLY B 223 44.44 46.30 -87.68
CA GLY B 223 44.28 45.82 -86.33
C GLY B 223 45.47 45.75 -85.42
N VAL B 224 46.54 45.13 -85.88
CA VAL B 224 47.74 44.94 -85.06
C VAL B 224 48.25 46.20 -84.39
N PRO B 225 48.24 47.35 -85.12
CA PRO B 225 48.73 48.57 -84.45
C PRO B 225 47.89 48.88 -83.21
N PHE B 226 46.58 48.67 -83.31
CA PHE B 226 45.71 48.92 -82.17
C PHE B 226 45.93 47.86 -81.08
N ASN B 227 45.98 46.59 -81.47
CA ASN B 227 46.17 45.50 -80.51
C ASN B 227 47.42 45.66 -79.70
N ILE B 228 48.52 46.04 -80.36
CA ILE B 228 49.78 46.23 -79.64
C ILE B 228 49.69 47.33 -78.59
N ALA B 229 49.17 48.50 -79.00
CA ALA B 229 49.07 49.61 -78.06
C ALA B 229 48.03 49.32 -76.97
N SER B 230 46.93 48.68 -77.35
CA SER B 230 45.88 48.34 -76.40
C SER B 230 46.39 47.47 -75.23
N TYR B 231 47.01 46.34 -75.55
CA TYR B 231 47.49 45.47 -74.46
C TYR B 231 48.67 46.08 -73.70
N ALA B 232 49.44 46.92 -74.37
CA ALA B 232 50.55 47.60 -73.68
C ALA B 232 49.90 48.53 -72.64
N LEU B 233 48.85 49.24 -73.06
CA LEU B 233 48.16 50.16 -72.17
C LEU B 233 47.47 49.41 -71.02
N LEU B 234 46.86 48.27 -71.34
CA LEU B 234 46.20 47.49 -70.30
C LEU B 234 47.22 47.10 -69.23
N THR B 235 48.40 46.69 -69.66
CA THR B 235 49.45 46.26 -68.72
C THR B 235 49.90 47.44 -67.87
N HIS B 236 50.00 48.62 -68.48
CA HIS B 236 50.38 49.81 -67.71
C HIS B 236 49.29 50.09 -66.66
N MET B 237 48.03 49.99 -67.07
CA MET B 237 46.90 50.24 -66.16
C MET B 237 46.94 49.27 -64.98
N ILE B 238 47.04 47.99 -65.29
CA ILE B 238 47.07 46.97 -64.24
C ILE B 238 48.27 47.17 -63.32
N ALA B 239 49.39 47.59 -63.89
CA ALA B 239 50.59 47.82 -63.10
C ALA B 239 50.36 48.90 -62.05
N LEU B 240 49.66 49.96 -62.45
CA LEU B 240 49.39 51.05 -61.54
C LEU B 240 48.54 50.60 -60.37
N ILE B 241 47.46 49.87 -60.67
CA ILE B 241 46.56 49.39 -59.63
C ILE B 241 47.17 48.32 -58.70
N THR B 242 48.14 47.57 -59.21
CA THR B 242 48.74 46.48 -58.43
C THR B 242 50.10 46.80 -57.85
N ASP B 243 50.53 48.05 -58.00
CA ASP B 243 51.84 48.45 -57.50
C ASP B 243 52.99 47.64 -58.09
N THR B 244 52.88 47.32 -59.38
CA THR B 244 53.95 46.60 -60.06
C THR B 244 54.52 47.48 -61.16
N GLU B 245 55.66 47.08 -61.71
CA GLU B 245 56.32 47.83 -62.76
C GLU B 245 56.18 47.14 -64.12
N PRO B 246 55.55 47.81 -65.08
CA PRO B 246 55.40 47.18 -66.41
C PRO B 246 56.77 46.77 -66.96
N HIS B 247 56.85 45.56 -67.48
CA HIS B 247 58.13 45.06 -67.98
C HIS B 247 58.15 44.74 -69.47
N GLU B 248 57.35 43.76 -69.89
CA GLU B 248 57.35 43.31 -71.28
C GLU B 248 55.98 42.87 -71.78
N PHE B 249 55.74 43.10 -73.06
CA PHE B 249 54.50 42.69 -73.69
C PHE B 249 54.89 41.80 -74.86
N ILE B 250 54.31 40.59 -74.91
CA ILE B 250 54.61 39.64 -75.97
C ILE B 250 53.31 39.37 -76.72
N LEU B 251 53.41 39.35 -78.05
CA LEU B 251 52.24 39.11 -78.88
C LEU B 251 52.46 37.94 -79.84
N GLN B 252 51.68 36.87 -79.63
CA GLN B 252 51.77 35.70 -80.51
C GLN B 252 50.60 35.71 -81.48
N MET B 253 50.89 35.53 -82.76
CA MET B 253 49.85 35.56 -83.77
C MET B 253 49.57 34.21 -84.36
N GLY B 254 48.32 34.02 -84.78
CA GLY B 254 47.92 32.78 -85.41
C GLY B 254 47.89 33.09 -86.90
N ASP B 255 46.72 33.41 -87.43
CA ASP B 255 46.61 33.72 -88.86
C ASP B 255 47.03 35.18 -89.03
N ALA B 256 48.28 35.41 -89.41
CA ALA B 256 48.82 36.76 -89.60
C ALA B 256 48.67 37.10 -91.09
N HIS B 257 47.89 38.12 -91.41
CA HIS B 257 47.65 38.46 -92.80
C HIS B 257 47.65 39.95 -93.15
N VAL B 258 47.80 40.21 -94.43
CA VAL B 258 47.77 41.56 -94.98
C VAL B 258 46.68 41.54 -96.04
N TYR B 259 45.63 42.34 -95.88
CA TYR B 259 44.56 42.37 -96.88
C TYR B 259 45.09 42.86 -98.23
N ARG B 260 44.49 42.35 -99.31
CA ARG B 260 44.90 42.68 -100.67
C ARG B 260 44.95 44.19 -100.91
N ASP B 261 43.95 44.90 -100.41
CA ASP B 261 43.88 46.35 -100.63
C ASP B 261 44.74 47.14 -99.66
N HIS B 262 45.56 46.45 -98.88
CA HIS B 262 46.47 47.11 -97.94
C HIS B 262 47.92 47.03 -98.42
N VAL B 263 48.19 46.13 -99.35
CA VAL B 263 49.55 45.95 -99.85
C VAL B 263 50.24 47.24 -100.30
N GLU B 264 49.63 47.96 -101.23
CA GLU B 264 50.23 49.20 -101.71
C GLU B 264 50.38 50.25 -100.63
N PRO B 265 49.33 50.47 -99.82
CA PRO B 265 49.48 51.48 -98.77
C PRO B 265 50.61 51.14 -97.79
N LEU B 266 50.76 49.86 -97.47
CA LEU B 266 51.80 49.43 -96.53
C LEU B 266 53.22 49.59 -97.11
N LYS B 267 53.36 49.44 -98.42
CA LYS B 267 54.67 49.60 -99.06
C LYS B 267 55.19 51.00 -98.81
N THR B 268 54.28 51.96 -98.74
CA THR B 268 54.66 53.34 -98.46
C THR B 268 55.16 53.42 -97.03
N GLN B 269 54.48 52.73 -96.12
CA GLN B 269 54.88 52.74 -94.71
C GLN B 269 56.23 52.07 -94.50
N LEU B 270 56.47 51.01 -95.26
CA LEU B 270 57.73 50.24 -95.13
C LEU B 270 58.99 51.07 -95.43
N GLU B 271 58.82 52.18 -96.13
CA GLU B 271 59.93 53.05 -96.49
C GLU B 271 60.32 53.99 -95.35
N ARG B 272 59.49 54.06 -94.33
CA ARG B 272 59.74 54.98 -93.23
C ARG B 272 60.55 54.42 -92.07
N GLU B 273 61.41 55.26 -91.52
CA GLU B 273 62.24 54.91 -90.38
C GLU B 273 61.50 55.27 -89.09
N PRO B 274 61.37 54.31 -88.17
CA PRO B 274 60.69 54.54 -86.90
C PRO B 274 61.32 55.64 -86.04
N ARG B 275 60.49 56.30 -85.24
CA ARG B 275 60.95 57.32 -84.30
C ARG B 275 60.88 56.63 -82.95
N ASP B 276 61.63 57.11 -81.97
CA ASP B 276 61.61 56.49 -80.65
C ASP B 276 60.16 56.46 -80.13
N PHE B 277 59.78 55.36 -79.49
CA PHE B 277 58.45 55.24 -78.95
C PHE B 277 58.19 56.30 -77.90
N PRO B 278 56.92 56.72 -77.75
CA PRO B 278 56.54 57.72 -76.77
C PRO B 278 56.50 57.12 -75.36
N LYS B 279 56.27 57.97 -74.36
CA LYS B 279 56.18 57.48 -72.99
C LYS B 279 54.80 57.77 -72.42
N LEU B 280 54.37 56.94 -71.48
CA LEU B 280 53.06 57.11 -70.86
C LEU B 280 53.19 57.64 -69.44
N LYS B 281 52.36 58.62 -69.10
CA LYS B 281 52.34 59.19 -67.76
C LYS B 281 50.89 59.28 -67.34
N TRP B 282 50.63 59.26 -66.04
CA TRP B 282 49.25 59.35 -65.55
C TRP B 282 48.94 60.78 -65.08
N ALA B 283 47.76 61.28 -65.45
CA ALA B 283 47.34 62.62 -65.06
C ALA B 283 46.86 62.63 -63.62
N ARG B 284 46.62 61.45 -63.04
CA ARG B 284 46.17 61.35 -61.66
C ARG B 284 46.94 60.25 -60.93
N SER B 285 46.78 60.21 -59.61
CA SER B 285 47.48 59.21 -58.81
C SER B 285 46.70 57.90 -58.70
N LYS B 286 47.38 56.88 -58.20
CA LYS B 286 46.75 55.58 -58.02
C LYS B 286 45.53 55.72 -57.14
N GLU B 287 45.68 56.47 -56.05
CA GLU B 287 44.61 56.70 -55.10
C GLU B 287 43.41 57.40 -55.73
N GLU B 288 43.68 58.39 -56.57
CA GLU B 288 42.60 59.13 -57.21
C GLU B 288 41.87 58.22 -58.19
N ILE B 289 42.62 57.46 -58.99
CA ILE B 289 42.01 56.56 -59.95
C ILE B 289 41.25 55.46 -59.20
N GLY B 290 41.84 54.98 -58.11
CA GLY B 290 41.18 53.99 -57.28
C GLY B 290 41.38 52.54 -57.69
N ASP B 291 40.67 52.11 -58.72
CA ASP B 291 40.79 50.74 -59.19
C ASP B 291 40.75 50.69 -60.71
N ILE B 292 40.73 49.48 -61.27
CA ILE B 292 40.73 49.29 -62.72
C ILE B 292 39.55 49.94 -63.42
N ASP B 293 38.47 50.20 -62.67
CA ASP B 293 37.29 50.82 -63.25
C ASP B 293 37.26 52.34 -63.12
N GLY B 294 38.31 52.91 -62.55
CA GLY B 294 38.33 54.35 -62.37
C GLY B 294 39.13 55.17 -63.38
N PHE B 295 39.60 54.56 -64.45
CA PHE B 295 40.39 55.29 -65.44
C PHE B 295 39.51 56.09 -66.39
N LYS B 296 40.06 57.22 -66.87
CA LYS B 296 39.37 58.10 -67.81
C LYS B 296 40.33 58.38 -68.95
N VAL B 297 39.79 58.68 -70.13
CA VAL B 297 40.64 58.95 -71.28
C VAL B 297 41.71 59.99 -70.96
N GLU B 298 41.31 61.08 -70.31
CA GLU B 298 42.23 62.16 -69.97
C GLU B 298 43.32 61.78 -68.97
N ASP B 299 43.24 60.58 -68.38
CA ASP B 299 44.27 60.15 -67.44
C ASP B 299 45.54 59.72 -68.18
N PHE B 300 45.39 59.35 -69.45
CA PHE B 300 46.50 58.88 -70.27
C PHE B 300 47.26 60.02 -70.93
N VAL B 301 48.42 60.35 -70.36
CA VAL B 301 49.26 61.42 -70.90
C VAL B 301 50.43 60.83 -71.66
N VAL B 302 50.30 60.80 -72.99
CA VAL B 302 51.33 60.25 -73.85
C VAL B 302 52.21 61.37 -74.36
N GLU B 303 53.49 61.31 -74.00
CA GLU B 303 54.42 62.36 -74.43
C GLU B 303 55.51 61.86 -75.34
N GLY B 304 55.94 62.72 -76.26
CA GLY B 304 56.99 62.35 -77.19
C GLY B 304 56.53 61.54 -78.39
N TYR B 305 55.22 61.52 -78.67
CA TYR B 305 54.76 60.77 -79.82
C TYR B 305 55.05 61.59 -81.08
N LYS B 306 55.92 61.06 -81.95
CA LYS B 306 56.30 61.75 -83.18
C LYS B 306 56.19 60.85 -84.39
N PRO B 307 54.96 60.58 -84.84
CA PRO B 307 54.74 59.71 -85.99
C PRO B 307 54.83 60.38 -87.36
N TRP B 308 54.94 59.54 -88.38
CA TRP B 308 54.94 60.03 -89.74
C TRP B 308 53.46 60.24 -90.07
N GLY B 309 53.17 60.59 -91.31
CA GLY B 309 51.80 60.83 -91.72
C GLY B 309 50.88 59.62 -91.66
N LYS B 310 49.58 59.88 -91.69
CA LYS B 310 48.61 58.82 -91.64
C LYS B 310 48.63 58.08 -92.97
N ILE B 311 48.22 56.82 -92.93
CA ILE B 311 48.15 55.98 -94.12
C ILE B 311 46.75 55.42 -94.21
N ASP B 312 46.01 55.81 -95.24
CA ASP B 312 44.65 55.35 -95.40
C ASP B 312 44.53 53.88 -95.79
N MET B 313 43.71 53.15 -95.06
CA MET B 313 43.48 51.73 -95.33
C MET B 313 42.04 51.42 -95.01
N LYS B 314 41.35 50.79 -95.96
CA LYS B 314 39.95 50.46 -95.77
C LYS B 314 39.80 49.16 -94.96
N MET B 315 38.83 49.12 -94.07
CA MET B 315 38.61 47.94 -93.27
C MET B 315 37.61 47.05 -93.98
N SER B 316 37.87 45.75 -94.00
CA SER B 316 36.95 44.82 -94.65
C SER B 316 36.03 44.25 -93.59
N ALA B 317 34.74 44.51 -93.76
CA ALA B 317 33.72 44.07 -92.81
C ALA B 317 33.48 42.57 -92.84
N ARG C 13 -31.04 41.32 -86.21
CA ARG C 13 -29.94 41.75 -85.31
C ARG C 13 -29.74 43.26 -85.38
N SER C 14 -29.68 43.88 -84.21
CA SER C 14 -29.50 45.32 -84.08
C SER C 14 -28.15 45.83 -84.57
N ASN C 15 -27.13 45.00 -84.43
CA ASN C 15 -25.77 45.35 -84.84
C ASN C 15 -25.20 44.07 -85.44
N PRO C 16 -25.61 43.77 -86.69
CA PRO C 16 -25.21 42.59 -87.48
C PRO C 16 -23.70 42.41 -87.63
N ASP C 17 -22.96 43.52 -87.58
CA ASP C 17 -21.52 43.45 -87.78
C ASP C 17 -20.72 43.19 -86.51
N HIS C 18 -21.41 43.01 -85.39
CA HIS C 18 -20.69 42.76 -84.15
C HIS C 18 -19.87 41.51 -84.30
N GLU C 19 -18.57 41.63 -84.06
CA GLU C 19 -17.65 40.50 -84.18
C GLU C 19 -18.00 39.26 -83.39
N GLU C 20 -18.76 39.41 -82.31
CA GLU C 20 -19.12 38.24 -81.49
C GLU C 20 -20.04 37.28 -82.25
N TYR C 21 -20.74 37.78 -83.27
CA TYR C 21 -21.60 36.89 -84.05
C TYR C 21 -20.81 35.78 -84.75
N GLN C 22 -19.52 36.00 -84.97
CA GLN C 22 -18.67 34.97 -85.58
C GLN C 22 -18.69 33.77 -84.66
N TYR C 23 -18.49 34.01 -83.35
CA TYR C 23 -18.47 32.94 -82.36
C TYR C 23 -19.85 32.27 -82.25
N LEU C 24 -20.91 33.08 -82.12
CA LEU C 24 -22.27 32.55 -82.01
C LEU C 24 -22.69 31.78 -83.26
N ASP C 25 -22.40 32.33 -84.44
CA ASP C 25 -22.77 31.66 -85.68
C ASP C 25 -22.08 30.31 -85.85
N LEU C 26 -20.79 30.23 -85.50
CA LEU C 26 -20.07 28.97 -85.63
C LEU C 26 -20.68 27.91 -84.72
N ILE C 27 -21.00 28.28 -83.50
CA ILE C 27 -21.62 27.32 -82.58
C ILE C 27 -22.94 26.81 -83.15
N ARG C 28 -23.72 27.73 -83.70
CA ARG C 28 -25.02 27.35 -84.28
C ARG C 28 -24.79 26.37 -85.42
N ARG C 29 -23.79 26.67 -86.26
CA ARG C 29 -23.49 25.81 -87.39
C ARG C 29 -23.03 24.43 -86.93
N ILE C 30 -22.13 24.38 -85.95
CA ILE C 30 -21.64 23.08 -85.46
C ILE C 30 -22.80 22.25 -84.91
N ILE C 31 -23.68 22.88 -84.15
CA ILE C 31 -24.81 22.14 -83.59
C ILE C 31 -25.72 21.64 -84.73
N ASN C 32 -25.93 22.48 -85.73
CA ASN C 32 -26.78 22.14 -86.88
C ASN C 32 -26.24 21.08 -87.83
N VAL C 33 -25.05 21.32 -88.39
CA VAL C 33 -24.48 20.38 -89.35
C VAL C 33 -23.17 19.70 -88.91
N GLY C 34 -22.77 19.90 -87.66
CA GLY C 34 -21.56 19.26 -87.19
C GLY C 34 -21.69 17.75 -87.15
N GLU C 35 -20.55 17.07 -87.13
CA GLU C 35 -20.54 15.61 -87.09
C GLU C 35 -20.40 15.09 -85.65
N VAL C 36 -21.28 14.17 -85.25
CA VAL C 36 -21.24 13.60 -83.91
C VAL C 36 -20.07 12.66 -83.83
N ARG C 37 -19.19 12.87 -82.86
CA ARG C 37 -18.00 12.04 -82.75
C ARG C 37 -17.62 11.66 -81.35
N PRO C 38 -16.89 10.55 -81.20
CA PRO C 38 -16.42 10.05 -79.90
C PRO C 38 -15.14 10.89 -79.66
N ASP C 39 -14.65 10.93 -78.44
CA ASP C 39 -13.44 11.71 -78.17
C ASP C 39 -12.70 11.15 -76.96
N ARG C 40 -11.51 11.70 -76.74
CA ARG C 40 -10.66 11.30 -75.63
C ARG C 40 -11.36 11.34 -74.26
N THR C 41 -12.15 12.38 -74.02
CA THR C 41 -12.81 12.56 -72.72
C THR C 41 -13.93 11.57 -72.45
N GLY C 42 -14.55 11.07 -73.51
CA GLY C 42 -15.64 10.13 -73.34
C GLY C 42 -17.01 10.78 -73.30
N THR C 43 -17.08 12.11 -73.31
CA THR C 43 -18.40 12.73 -73.27
C THR C 43 -18.97 12.88 -74.67
N GLY C 44 -18.09 12.93 -75.67
CA GLY C 44 -18.57 13.05 -77.04
C GLY C 44 -18.73 14.50 -77.45
N THR C 45 -18.68 14.75 -78.75
CA THR C 45 -18.83 16.12 -79.26
C THR C 45 -19.47 16.12 -80.64
N VAL C 46 -19.75 17.32 -81.12
CA VAL C 46 -20.28 17.52 -82.48
C VAL C 46 -19.19 18.47 -83.03
N ALA C 47 -18.65 18.18 -84.21
CA ALA C 47 -17.55 19.01 -84.72
C ALA C 47 -17.49 19.25 -86.22
N LEU C 48 -16.71 20.27 -86.57
CA LEU C 48 -16.41 20.66 -87.94
C LEU C 48 -14.90 20.90 -87.99
N PHE C 49 -14.27 20.58 -89.12
CA PHE C 49 -12.83 20.78 -89.25
C PHE C 49 -12.50 21.99 -90.08
N ALA C 50 -11.54 22.79 -89.58
CA ALA C 50 -11.04 23.97 -90.27
C ALA C 50 -12.10 24.93 -90.80
N PRO C 51 -12.95 25.47 -89.91
CA PRO C 51 -13.97 26.39 -90.39
C PRO C 51 -13.30 27.73 -90.63
N PRO C 52 -13.99 28.65 -91.32
CA PRO C 52 -13.38 29.97 -91.57
C PRO C 52 -12.84 30.55 -90.27
N SER C 53 -11.72 31.24 -90.35
CA SER C 53 -11.09 31.84 -89.18
C SER C 53 -11.84 33.05 -88.63
N PHE C 54 -11.61 33.35 -87.36
CA PHE C 54 -12.25 34.50 -86.71
C PHE C 54 -11.29 35.68 -86.80
N ARG C 55 -11.83 36.88 -86.93
CA ARG C 55 -11.01 38.08 -86.99
C ARG C 55 -11.59 39.07 -85.99
N PHE C 56 -10.74 39.63 -85.16
CA PHE C 56 -11.18 40.59 -84.15
C PHE C 56 -10.31 41.83 -84.21
N SER C 57 -10.93 43.00 -84.27
CA SER C 57 -10.16 44.24 -84.30
C SER C 57 -9.69 44.58 -82.88
N LEU C 58 -8.42 44.98 -82.76
CA LEU C 58 -7.85 45.35 -81.46
C LEU C 58 -7.56 46.86 -81.42
N ALA C 59 -8.06 47.57 -82.43
CA ALA C 59 -7.87 49.01 -82.52
C ALA C 59 -8.69 49.74 -81.46
N ASP C 60 -8.30 50.97 -81.16
CA ASP C 60 -8.99 51.78 -80.16
C ASP C 60 -9.08 51.08 -78.81
N ASN C 61 -8.01 50.40 -78.42
CA ASN C 61 -7.94 49.69 -77.13
C ASN C 61 -9.02 48.65 -76.93
N THR C 62 -9.56 48.11 -78.01
CA THR C 62 -10.63 47.12 -77.90
C THR C 62 -10.15 45.73 -77.45
N LEU C 63 -10.93 45.12 -76.57
CA LEU C 63 -10.62 43.79 -76.05
C LEU C 63 -11.82 42.89 -76.36
N PRO C 64 -11.63 41.90 -77.23
CA PRO C 64 -12.73 41.00 -77.59
C PRO C 64 -13.07 39.99 -76.48
N LEU C 65 -13.59 40.51 -75.38
CA LEU C 65 -14.03 39.68 -74.26
C LEU C 65 -15.53 39.45 -74.47
N LEU C 66 -15.92 38.21 -74.75
CA LEU C 66 -17.31 37.87 -75.05
C LEU C 66 -18.30 38.45 -74.05
N THR C 67 -19.42 38.93 -74.57
CA THR C 67 -20.45 39.53 -73.75
C THR C 67 -21.74 38.71 -73.64
N THR C 68 -21.91 37.68 -74.46
CA THR C 68 -23.13 36.89 -74.36
C THR C 68 -23.14 35.98 -73.15
N LYS C 69 -22.07 36.04 -72.36
CA LYS C 69 -21.98 35.28 -71.10
C LYS C 69 -20.87 35.95 -70.30
N ARG C 70 -20.93 35.84 -68.97
CA ARG C 70 -19.88 36.44 -68.15
C ARG C 70 -18.63 35.58 -68.25
N VAL C 71 -17.54 36.17 -68.73
CA VAL C 71 -16.28 35.44 -68.85
C VAL C 71 -15.39 35.76 -67.66
N PHE C 72 -14.77 34.74 -67.07
CA PHE C 72 -13.87 34.92 -65.92
C PHE C 72 -12.59 35.66 -66.37
N LEU C 73 -12.68 36.96 -66.56
CA LEU C 73 -11.57 37.79 -66.98
C LEU C 73 -10.30 37.60 -66.13
N ARG C 74 -10.43 37.69 -64.81
CA ARG C 74 -9.27 37.52 -63.93
C ARG C 74 -8.58 36.19 -64.19
N GLY C 75 -9.38 35.16 -64.46
CA GLY C 75 -8.81 33.86 -64.74
C GLY C 75 -7.99 33.87 -66.04
N VAL C 76 -8.47 34.60 -67.04
CA VAL C 76 -7.76 34.69 -68.31
C VAL C 76 -6.42 35.38 -68.10
N ILE C 77 -6.45 36.55 -67.45
CA ILE C 77 -5.24 37.31 -67.17
C ILE C 77 -4.25 36.47 -66.34
N ALA C 78 -4.73 35.87 -65.26
CA ALA C 78 -3.84 35.05 -64.43
C ALA C 78 -3.16 33.97 -65.23
N GLU C 79 -3.93 33.21 -66.00
CA GLU C 79 -3.36 32.15 -66.82
C GLU C 79 -2.31 32.69 -67.80
N LEU C 80 -2.61 33.83 -68.42
CA LEU C 80 -1.68 34.45 -69.39
C LEU C 80 -0.34 34.88 -68.75
N LEU C 81 -0.41 35.56 -67.60
CA LEU C 81 0.81 35.99 -66.91
C LEU C 81 1.59 34.76 -66.44
N TRP C 82 0.86 33.68 -66.21
CA TRP C 82 1.42 32.40 -65.77
C TRP C 82 2.22 31.82 -66.96
N PHE C 83 1.62 31.86 -68.16
CA PHE C 83 2.32 31.35 -69.35
C PHE C 83 3.61 32.15 -69.50
N VAL C 84 3.46 33.48 -69.55
CA VAL C 84 4.60 34.37 -69.75
C VAL C 84 5.74 34.08 -68.77
N SER C 85 5.40 33.76 -67.53
CA SER C 85 6.42 33.51 -66.51
C SER C 85 7.15 32.23 -66.78
N GLY C 86 6.61 31.39 -67.65
CA GLY C 86 7.25 30.12 -67.96
C GLY C 86 6.93 29.04 -66.94
N CYS C 87 6.08 29.37 -65.97
CA CYS C 87 5.69 28.46 -64.90
C CYS C 87 4.73 27.39 -65.40
N THR C 88 4.87 26.18 -64.85
CA THR C 88 4.03 25.06 -65.24
C THR C 88 3.35 24.40 -64.04
N ASP C 89 3.35 25.09 -62.91
CA ASP C 89 2.72 24.60 -61.68
C ASP C 89 1.32 25.20 -61.55
N ALA C 90 0.30 24.38 -61.71
CA ALA C 90 -1.08 24.84 -61.62
C ALA C 90 -1.42 25.39 -60.23
N LYS C 91 -0.67 25.02 -59.20
CA LYS C 91 -0.95 25.55 -57.87
C LYS C 91 -0.75 27.06 -57.86
N MET C 92 0.05 27.58 -58.80
CA MET C 92 0.27 29.03 -58.85
C MET C 92 -1.01 29.73 -59.29
N LEU C 93 -1.89 28.98 -59.96
CA LEU C 93 -3.18 29.57 -60.38
C LEU C 93 -4.25 29.32 -59.29
N SER C 94 -4.32 28.09 -58.79
CA SER C 94 -5.32 27.79 -57.75
C SER C 94 -5.09 28.59 -56.47
N SER C 95 -3.84 28.92 -56.18
CA SER C 95 -3.53 29.69 -54.98
C SER C 95 -4.07 31.10 -55.09
N GLN C 96 -4.27 31.57 -56.33
CA GLN C 96 -4.84 32.89 -56.50
C GLN C 96 -6.31 32.83 -56.93
N GLY C 97 -6.95 31.70 -56.65
CA GLY C 97 -8.37 31.55 -56.96
C GLY C 97 -8.75 31.20 -58.39
N VAL C 98 -7.82 30.64 -59.15
CA VAL C 98 -8.09 30.26 -60.54
C VAL C 98 -7.87 28.77 -60.67
N GLY C 99 -8.94 28.00 -60.86
CA GLY C 99 -8.82 26.56 -60.93
C GLY C 99 -9.01 25.92 -62.28
N ILE C 100 -8.84 26.70 -63.37
CA ILE C 100 -9.05 26.16 -64.70
C ILE C 100 -8.17 24.99 -65.03
N TRP C 101 -6.99 24.91 -64.41
CA TRP C 101 -6.09 23.79 -64.66
C TRP C 101 -6.08 22.72 -63.55
N ASP C 102 -6.98 22.85 -62.58
CA ASP C 102 -7.04 21.87 -61.48
C ASP C 102 -7.44 20.50 -62.01
N GLY C 103 -8.33 20.49 -62.99
CA GLY C 103 -8.78 19.24 -63.56
C GLY C 103 -7.68 18.37 -64.18
N ASN C 104 -6.83 18.97 -65.01
CA ASN C 104 -5.77 18.19 -65.62
C ASN C 104 -4.51 18.12 -64.78
N GLY C 105 -4.47 18.84 -63.67
CA GLY C 105 -3.31 18.81 -62.81
C GLY C 105 -3.55 17.96 -61.56
N SER C 106 -4.75 17.41 -61.43
CA SER C 106 -5.09 16.60 -60.26
C SER C 106 -4.29 15.30 -60.28
N LYS C 107 -4.06 14.70 -59.13
CA LYS C 107 -3.32 13.47 -59.08
C LYS C 107 -3.99 12.38 -59.93
N GLU C 108 -5.30 12.25 -59.82
CA GLU C 108 -6.01 11.21 -60.57
C GLU C 108 -5.79 11.33 -62.06
N PHE C 109 -5.83 12.55 -62.57
CA PHE C 109 -5.63 12.68 -63.99
C PHE C 109 -4.19 12.39 -64.35
N LEU C 110 -3.25 12.96 -63.60
CA LEU C 110 -1.82 12.73 -63.88
C LEU C 110 -1.49 11.24 -63.86
N GLU C 111 -1.93 10.54 -62.81
CA GLU C 111 -1.67 9.10 -62.71
C GLU C 111 -2.35 8.40 -63.87
N LYS C 112 -3.49 8.93 -64.28
CA LYS C 112 -4.26 8.35 -65.36
C LYS C 112 -3.52 8.38 -66.70
N VAL C 113 -2.74 9.43 -66.93
CA VAL C 113 -1.99 9.54 -68.18
C VAL C 113 -0.53 9.10 -68.05
N GLY C 114 -0.23 8.30 -67.04
CA GLY C 114 1.14 7.83 -66.86
C GLY C 114 2.12 8.80 -66.24
N LEU C 115 1.63 9.82 -65.52
CA LEU C 115 2.51 10.79 -64.89
C LEU C 115 2.31 10.77 -63.37
N GLY C 116 2.19 9.57 -62.80
CA GLY C 116 1.97 9.44 -61.36
C GLY C 116 3.13 9.86 -60.48
N HIS C 117 4.32 9.95 -61.05
CA HIS C 117 5.52 10.34 -60.30
C HIS C 117 5.55 11.84 -60.00
N ARG C 118 4.60 12.59 -60.55
CA ARG C 118 4.60 14.03 -60.33
C ARG C 118 3.67 14.43 -59.20
N ARG C 119 4.00 15.53 -58.52
CA ARG C 119 3.13 16.01 -57.47
C ARG C 119 1.94 16.68 -58.16
N GLU C 120 0.81 16.74 -57.45
CA GLU C 120 -0.38 17.33 -58.00
C GLU C 120 -0.13 18.76 -58.47
N GLY C 121 -0.62 19.09 -59.67
CA GLY C 121 -0.43 20.44 -60.18
C GLY C 121 0.75 20.61 -61.12
N ASP C 122 1.66 19.65 -61.10
CA ASP C 122 2.84 19.73 -61.98
C ASP C 122 2.45 19.19 -63.36
N LEU C 123 2.04 20.09 -64.24
CA LEU C 123 1.58 19.73 -65.58
C LEU C 123 2.65 19.27 -66.55
N GLY C 124 3.90 19.57 -66.24
CA GLY C 124 4.95 19.16 -67.15
C GLY C 124 5.39 20.36 -67.98
N PRO C 125 6.20 20.15 -69.04
CA PRO C 125 6.69 21.23 -69.90
C PRO C 125 5.67 21.77 -70.87
N VAL C 126 4.58 22.32 -70.33
CA VAL C 126 3.49 22.86 -71.14
C VAL C 126 3.73 24.32 -71.56
N TYR C 127 2.72 24.92 -72.19
CA TYR C 127 2.77 26.28 -72.71
C TYR C 127 3.92 27.18 -72.30
N GLY C 128 3.80 27.76 -71.10
CA GLY C 128 4.82 28.65 -70.58
C GLY C 128 6.26 28.19 -70.67
N PHE C 129 6.50 26.92 -70.37
CA PHE C 129 7.84 26.39 -70.41
C PHE C 129 8.39 26.39 -71.85
N GLN C 130 7.57 25.98 -72.80
CA GLN C 130 8.00 25.94 -74.20
C GLN C 130 8.24 27.36 -74.71
N TRP C 131 7.36 28.28 -74.34
CA TRP C 131 7.46 29.69 -74.74
C TRP C 131 8.79 30.35 -74.33
N ARG C 132 9.24 30.09 -73.10
CA ARG C 132 10.46 30.71 -72.59
C ARG C 132 11.70 29.81 -72.52
N HIS C 133 11.53 28.49 -72.60
CA HIS C 133 12.65 27.57 -72.47
C HIS C 133 12.60 26.39 -73.45
N PHE C 134 12.10 26.63 -74.66
CA PHE C 134 11.99 25.55 -75.62
C PHE C 134 13.30 24.79 -75.80
N GLY C 135 13.23 23.47 -75.71
CA GLY C 135 14.43 22.68 -75.85
C GLY C 135 15.13 22.31 -74.56
N ALA C 136 14.89 23.07 -73.51
CA ALA C 136 15.52 22.76 -72.24
C ALA C 136 15.01 21.42 -71.69
N GLU C 137 15.82 20.80 -70.84
CA GLU C 137 15.48 19.53 -70.22
C GLU C 137 14.53 19.79 -69.04
N TYR C 138 13.40 19.11 -69.02
CA TYR C 138 12.44 19.32 -67.93
C TYR C 138 12.62 18.29 -66.82
N THR C 139 12.67 18.75 -65.58
CA THR C 139 12.79 17.81 -64.46
C THR C 139 11.41 17.82 -63.80
N ASP C 140 11.12 18.89 -63.05
CA ASP C 140 9.80 19.05 -62.43
C ASP C 140 9.46 20.54 -62.49
N ALA C 141 8.34 20.98 -61.90
CA ALA C 141 7.99 22.41 -61.98
C ALA C 141 8.84 23.33 -61.14
N ASP C 142 9.66 22.76 -60.26
CA ASP C 142 10.52 23.57 -59.40
C ASP C 142 11.92 23.72 -60.00
N GLY C 143 12.16 23.07 -61.14
CA GLY C 143 13.46 23.14 -61.77
C GLY C 143 13.93 24.54 -62.08
N ASP C 144 15.24 24.72 -62.15
CA ASP C 144 15.84 26.01 -62.44
C ASP C 144 16.11 26.08 -63.96
N TYR C 145 15.26 26.80 -64.68
CA TYR C 145 15.37 26.89 -66.13
C TYR C 145 15.84 28.24 -66.62
N LYS C 146 16.12 29.14 -65.68
CA LYS C 146 16.56 30.48 -66.07
C LYS C 146 17.77 30.42 -67.01
N GLY C 147 17.66 31.08 -68.15
CA GLY C 147 18.75 31.09 -69.12
C GLY C 147 18.89 29.80 -69.90
N LYS C 148 17.95 28.88 -69.73
CA LYS C 148 18.02 27.61 -70.45
C LYS C 148 16.93 27.52 -71.53
N GLY C 149 17.29 26.90 -72.66
CA GLY C 149 16.35 26.73 -73.74
C GLY C 149 16.19 28.01 -74.52
N VAL C 150 15.31 27.99 -75.53
CA VAL C 150 15.08 29.17 -76.34
C VAL C 150 13.93 30.03 -75.80
N ASP C 151 14.22 31.31 -75.58
CA ASP C 151 13.21 32.23 -75.11
C ASP C 151 12.53 32.83 -76.33
N GLN C 152 11.52 32.14 -76.84
CA GLN C 152 10.78 32.60 -78.01
C GLN C 152 10.08 33.92 -77.81
N LEU C 153 9.49 34.11 -76.62
CA LEU C 153 8.77 35.34 -76.34
C LEU C 153 9.64 36.58 -76.40
N GLN C 154 10.79 36.56 -75.73
CA GLN C 154 11.65 37.73 -75.76
C GLN C 154 12.19 37.97 -77.18
N ARG C 155 12.42 36.90 -77.91
CA ARG C 155 12.92 37.02 -79.28
C ARG C 155 11.86 37.72 -80.13
N VAL C 156 10.58 37.39 -79.88
CA VAL C 156 9.47 38.03 -80.59
C VAL C 156 9.51 39.53 -80.32
N ILE C 157 9.64 39.90 -79.05
CA ILE C 157 9.70 41.31 -78.65
C ILE C 157 10.85 42.04 -79.36
N ASP C 158 12.05 41.49 -79.24
CA ASP C 158 13.25 42.05 -79.85
C ASP C 158 13.12 42.20 -81.37
N THR C 159 12.55 41.20 -82.01
CA THR C 159 12.35 41.23 -83.46
C THR C 159 11.35 42.29 -83.93
N ILE C 160 10.25 42.44 -83.20
CA ILE C 160 9.24 43.43 -83.53
C ILE C 160 9.84 44.84 -83.44
N LYS C 161 10.68 45.05 -82.43
CA LYS C 161 11.32 46.34 -82.24
C LYS C 161 12.47 46.66 -83.20
N ASN C 162 13.31 45.66 -83.50
CA ASN C 162 14.49 45.89 -84.33
C ASN C 162 14.45 45.38 -85.76
N ASN C 163 13.53 44.47 -86.07
CA ASN C 163 13.42 43.96 -87.42
C ASN C 163 11.99 43.49 -87.69
N PRO C 164 11.03 44.44 -87.62
CA PRO C 164 9.60 44.21 -87.83
C PRO C 164 9.16 43.47 -89.08
N THR C 165 9.91 43.60 -90.18
CA THR C 165 9.50 42.92 -91.40
C THR C 165 9.96 41.46 -91.45
N ASP C 166 10.62 41.00 -90.39
CA ASP C 166 11.06 39.62 -90.30
C ASP C 166 9.79 38.76 -90.48
N ARG C 167 9.95 37.58 -91.07
CA ARG C 167 8.81 36.71 -91.32
C ARG C 167 8.84 35.47 -90.44
N ARG C 168 9.63 35.50 -89.37
CA ARG C 168 9.73 34.35 -88.47
C ARG C 168 9.30 34.69 -87.05
N ILE C 169 8.43 35.68 -86.88
CA ILE C 169 8.03 36.13 -85.56
C ILE C 169 7.01 35.14 -85.05
N ILE C 170 7.52 34.00 -84.61
CA ILE C 170 6.68 32.90 -84.16
C ILE C 170 6.83 32.58 -82.66
N LEU C 171 5.71 32.24 -82.03
CA LEU C 171 5.68 31.86 -80.64
C LEU C 171 4.93 30.52 -80.62
N SER C 172 5.63 29.42 -80.32
CA SER C 172 5.02 28.10 -80.36
C SER C 172 5.29 27.25 -79.13
N ALA C 173 4.29 26.47 -78.75
CA ALA C 173 4.39 25.59 -77.59
C ALA C 173 4.44 24.13 -78.03
N TRP C 174 4.25 23.90 -79.32
CA TRP C 174 4.27 22.54 -79.81
C TRP C 174 5.68 21.96 -79.78
N ASN C 175 5.83 20.80 -79.11
CA ASN C 175 7.13 20.16 -79.01
C ASN C 175 6.88 18.67 -79.00
N PRO C 176 7.00 18.02 -80.18
CA PRO C 176 6.77 16.58 -80.32
C PRO C 176 7.56 15.72 -79.34
N LYS C 177 8.77 16.15 -78.98
CA LYS C 177 9.58 15.39 -78.06
C LYS C 177 9.03 15.45 -76.62
N ASP C 178 8.58 16.64 -76.19
CA ASP C 178 8.06 16.82 -74.84
C ASP C 178 6.59 16.42 -74.60
N LEU C 179 5.82 16.25 -75.67
CA LEU C 179 4.40 15.88 -75.56
C LEU C 179 4.05 14.83 -74.50
N PRO C 180 4.72 13.67 -74.51
CA PRO C 180 4.38 12.66 -73.48
C PRO C 180 4.59 13.11 -72.04
N LEU C 181 5.38 14.17 -71.82
CA LEU C 181 5.63 14.67 -70.48
C LEU C 181 4.58 15.70 -70.05
N MET C 182 3.72 16.07 -70.99
CA MET C 182 2.67 17.03 -70.76
C MET C 182 1.37 16.40 -70.32
N ALA C 183 0.73 16.99 -69.33
CA ALA C 183 -0.57 16.46 -68.85
C ALA C 183 -1.55 16.54 -70.01
N LEU C 184 -1.37 17.57 -70.85
CA LEU C 184 -2.23 17.75 -72.02
C LEU C 184 -1.42 18.46 -73.11
N PRO C 185 -1.54 18.02 -74.36
CA PRO C 185 -0.77 18.68 -75.43
C PRO C 185 -1.34 20.08 -75.68
N PRO C 186 -0.51 21.00 -76.12
CA PRO C 186 -0.96 22.38 -76.40
C PRO C 186 -2.17 22.44 -77.35
N CYS C 187 -3.20 23.21 -77.00
CA CYS C 187 -4.36 23.40 -77.89
C CYS C 187 -4.02 24.57 -78.82
N HIS C 188 -3.65 25.70 -78.23
CA HIS C 188 -3.22 26.83 -79.04
C HIS C 188 -1.74 26.51 -79.21
N MET C 189 -1.41 25.87 -80.33
CA MET C 189 -0.06 25.43 -80.54
C MET C 189 0.96 26.43 -81.01
N PHE C 190 0.51 27.55 -81.57
CA PHE C 190 1.46 28.58 -81.97
C PHE C 190 0.74 29.79 -82.54
N CYS C 191 1.46 30.88 -82.64
CA CYS C 191 0.89 32.09 -83.20
C CYS C 191 2.00 32.83 -83.94
N GLN C 192 1.61 33.72 -84.85
CA GLN C 192 2.56 34.49 -85.62
C GLN C 192 2.18 35.96 -85.53
N PHE C 193 3.17 36.81 -85.30
CA PHE C 193 2.92 38.24 -85.24
C PHE C 193 3.36 38.90 -86.56
N PHE C 194 2.68 39.98 -86.91
CA PHE C 194 2.98 40.74 -88.13
C PHE C 194 2.95 42.21 -87.79
N VAL C 195 3.90 42.97 -88.31
CA VAL C 195 3.98 44.39 -88.05
C VAL C 195 3.87 45.20 -89.34
N SER C 196 2.87 46.07 -89.43
CA SER C 196 2.69 46.94 -90.59
C SER C 196 3.47 48.21 -90.33
N LEU C 197 4.32 48.59 -91.28
CA LEU C 197 5.11 49.80 -91.14
C LEU C 197 4.23 51.05 -91.27
N PRO C 198 4.64 52.16 -90.67
CA PRO C 198 3.90 53.42 -90.73
C PRO C 198 3.72 53.87 -92.18
N PRO C 199 2.50 54.25 -92.58
CA PRO C 199 2.22 54.71 -93.95
C PRO C 199 3.07 55.91 -94.33
N ALA C 200 3.15 56.16 -95.64
CA ALA C 200 3.90 57.28 -96.20
C ALA C 200 3.46 58.62 -95.63
N ASP C 201 2.16 58.88 -95.67
CA ASP C 201 1.61 60.15 -95.19
C ASP C 201 1.49 60.27 -93.66
N SER C 202 2.53 59.84 -92.95
CA SER C 202 2.58 59.90 -91.48
C SER C 202 3.58 58.89 -90.91
N PRO C 203 4.86 59.06 -91.22
CA PRO C 203 5.87 58.13 -90.70
C PRO C 203 6.06 58.22 -89.19
N GLY C 204 5.34 59.14 -88.55
CA GLY C 204 5.46 59.28 -87.12
C GLY C 204 4.57 58.29 -86.39
N SER C 205 3.55 57.79 -87.07
CA SER C 205 2.62 56.84 -86.47
C SER C 205 3.29 55.58 -85.98
N LYS C 206 2.65 54.91 -85.04
CA LYS C 206 3.19 53.66 -84.50
C LYS C 206 2.89 52.51 -85.45
N PRO C 207 3.84 51.57 -85.61
CA PRO C 207 3.59 50.43 -86.50
C PRO C 207 2.40 49.66 -85.95
N LYS C 208 1.67 48.96 -86.80
CA LYS C 208 0.51 48.21 -86.33
C LYS C 208 0.86 46.73 -86.12
N LEU C 209 0.45 46.19 -84.98
CA LEU C 209 0.75 44.81 -84.62
C LEU C 209 -0.45 43.88 -84.74
N SER C 210 -0.29 42.77 -85.47
CA SER C 210 -1.35 41.80 -85.64
C SER C 210 -0.86 40.42 -85.16
N CYS C 211 -1.80 39.55 -84.88
CA CYS C 211 -1.49 38.23 -84.37
C CYS C 211 -2.43 37.19 -84.93
N LEU C 212 -1.86 36.11 -85.46
CA LEU C 212 -2.67 34.99 -85.95
C LEU C 212 -2.29 33.78 -85.07
N MET C 213 -3.30 33.16 -84.47
CA MET C 213 -3.07 31.99 -83.62
C MET C 213 -3.80 30.79 -84.21
N TYR C 214 -3.19 29.62 -84.13
CA TYR C 214 -3.79 28.42 -84.67
C TYR C 214 -4.03 27.47 -83.52
N GLN C 215 -5.28 27.05 -83.36
CA GLN C 215 -5.71 26.15 -82.28
C GLN C 215 -6.14 24.81 -82.88
N ARG C 216 -5.39 23.75 -82.59
CA ARG C 216 -5.68 22.42 -83.12
C ARG C 216 -7.00 21.82 -82.66
N SER C 217 -7.40 22.13 -81.43
CA SER C 217 -8.60 21.56 -80.80
C SER C 217 -9.27 22.70 -80.05
N CYS C 218 -10.56 22.92 -80.32
CA CYS C 218 -11.26 24.05 -79.75
C CYS C 218 -12.59 23.73 -79.09
N ASP C 219 -12.63 23.86 -77.77
CA ASP C 219 -13.85 23.63 -76.99
C ASP C 219 -14.55 24.97 -77.07
N LEU C 220 -15.52 25.09 -77.98
CA LEU C 220 -16.15 26.39 -78.16
C LEU C 220 -16.88 26.94 -76.95
N GLY C 221 -17.53 26.06 -76.20
CA GLY C 221 -18.24 26.54 -75.02
C GLY C 221 -17.31 27.11 -73.96
N LEU C 222 -16.30 26.34 -73.53
CA LEU C 222 -15.40 26.77 -72.46
C LEU C 222 -14.02 27.33 -72.83
N GLY C 223 -13.34 26.69 -73.77
CA GLY C 223 -12.02 27.16 -74.15
C GLY C 223 -11.92 28.40 -75.00
N VAL C 224 -12.55 28.38 -76.17
CA VAL C 224 -12.49 29.50 -77.10
C VAL C 224 -12.68 30.88 -76.50
N PRO C 225 -13.65 31.05 -75.58
CA PRO C 225 -13.82 32.37 -75.00
C PRO C 225 -12.54 32.82 -74.29
N PHE C 226 -11.85 31.88 -73.65
CA PHE C 226 -10.59 32.23 -72.96
C PHE C 226 -9.48 32.48 -73.99
N ASN C 227 -9.36 31.57 -74.95
CA ASN C 227 -8.33 31.67 -75.99
C ASN C 227 -8.37 33.01 -76.72
N ILE C 228 -9.58 33.47 -77.04
CA ILE C 228 -9.74 34.73 -77.76
C ILE C 228 -9.25 35.91 -76.94
N ALA C 229 -9.72 36.02 -75.71
CA ALA C 229 -9.32 37.12 -74.86
C ALA C 229 -7.83 37.02 -74.50
N SER C 230 -7.34 35.80 -74.26
CA SER C 230 -5.94 35.60 -73.91
C SER C 230 -4.96 36.12 -75.00
N TYR C 231 -5.12 35.66 -76.24
CA TYR C 231 -4.22 36.13 -77.30
C TYR C 231 -4.44 37.60 -77.62
N ALA C 232 -5.66 38.09 -77.42
CA ALA C 232 -5.91 39.53 -77.65
C ALA C 232 -5.11 40.30 -76.59
N LEU C 233 -5.16 39.82 -75.35
CA LEU C 233 -4.41 40.48 -74.26
C LEU C 233 -2.90 40.37 -74.49
N LEU C 234 -2.43 39.21 -74.94
CA LEU C 234 -1.00 39.05 -75.22
C LEU C 234 -0.52 40.09 -76.25
N THR C 235 -1.34 40.29 -77.28
CA THR C 235 -0.99 41.25 -78.32
C THR C 235 -0.94 42.66 -77.76
N HIS C 236 -1.89 43.01 -76.89
CA HIS C 236 -1.90 44.32 -76.26
C HIS C 236 -0.63 44.48 -75.43
N MET C 237 -0.26 43.43 -74.69
CA MET C 237 0.93 43.47 -73.85
C MET C 237 2.19 43.70 -74.69
N ILE C 238 2.34 42.89 -75.72
CA ILE C 238 3.50 42.99 -76.58
C ILE C 238 3.55 44.37 -77.25
N ALA C 239 2.37 44.87 -77.62
CA ALA C 239 2.29 46.18 -78.28
C ALA C 239 2.84 47.27 -77.37
N LEU C 240 2.53 47.18 -76.08
CA LEU C 240 3.01 48.17 -75.12
C LEU C 240 4.52 48.17 -75.00
N ILE C 241 5.10 46.97 -74.87
CA ILE C 241 6.55 46.83 -74.73
C ILE C 241 7.34 47.16 -76.02
N THR C 242 6.72 47.01 -77.18
CA THR C 242 7.42 47.26 -78.43
C THR C 242 7.08 48.59 -79.09
N ASP C 243 6.26 49.40 -78.42
CA ASP C 243 5.86 50.68 -78.97
C ASP C 243 5.08 50.53 -80.28
N THR C 244 4.23 49.50 -80.34
CA THR C 244 3.43 49.32 -81.54
C THR C 244 1.96 49.48 -81.16
N GLU C 245 1.09 49.55 -82.15
CA GLU C 245 -0.35 49.71 -81.92
C GLU C 245 -1.10 48.43 -82.26
N PRO C 246 -1.77 47.82 -81.29
CA PRO C 246 -2.51 46.60 -81.59
C PRO C 246 -3.49 46.83 -82.73
N HIS C 247 -3.56 45.89 -83.66
CA HIS C 247 -4.43 46.06 -84.82
C HIS C 247 -5.47 44.97 -85.01
N GLU C 248 -5.03 43.74 -85.19
CA GLU C 248 -5.98 42.65 -85.45
C GLU C 248 -5.53 41.33 -84.86
N PHE C 249 -6.49 40.51 -84.46
CA PHE C 249 -6.21 39.18 -83.95
C PHE C 249 -7.00 38.21 -84.79
N ILE C 250 -6.32 37.22 -85.35
CA ILE C 250 -6.96 36.20 -86.19
C ILE C 250 -6.82 34.83 -85.52
N LEU C 251 -7.91 34.08 -85.51
CA LEU C 251 -7.89 32.75 -84.89
C LEU C 251 -8.37 31.68 -85.85
N GLN C 252 -7.46 30.79 -86.21
CA GLN C 252 -7.78 29.69 -87.11
C GLN C 252 -7.90 28.43 -86.29
N MET C 253 -8.98 27.71 -86.49
CA MET C 253 -9.24 26.49 -85.74
C MET C 253 -9.08 25.24 -86.54
N GLY C 254 -8.68 24.16 -85.86
CA GLY C 254 -8.59 22.87 -86.53
C GLY C 254 -9.87 22.11 -86.16
N ASP C 255 -9.79 21.25 -85.14
CA ASP C 255 -10.98 20.50 -84.71
C ASP C 255 -11.83 21.44 -83.84
N ALA C 256 -12.87 22.01 -84.43
CA ALA C 256 -13.75 22.94 -83.74
C ALA C 256 -14.97 22.14 -83.30
N HIS C 257 -15.15 22.03 -81.99
CA HIS C 257 -16.24 21.22 -81.46
C HIS C 257 -17.05 21.79 -80.28
N VAL C 258 -18.24 21.22 -80.11
CA VAL C 258 -19.14 21.61 -79.03
C VAL C 258 -19.40 20.31 -78.27
N TYR C 259 -19.03 20.25 -76.99
CA TYR C 259 -19.28 19.04 -76.22
C TYR C 259 -20.78 18.78 -76.08
N ARG C 260 -21.14 17.50 -76.03
CA ARG C 260 -22.54 17.09 -75.94
C ARG C 260 -23.27 17.75 -74.79
N ASP C 261 -22.63 17.85 -73.62
CA ASP C 261 -23.27 18.47 -72.47
C ASP C 261 -23.21 20.00 -72.49
N HIS C 262 -22.78 20.58 -73.61
CA HIS C 262 -22.74 22.04 -73.72
C HIS C 262 -23.82 22.55 -74.67
N VAL C 263 -24.39 21.67 -75.47
CA VAL C 263 -25.40 22.04 -76.45
C VAL C 263 -26.57 22.83 -75.88
N GLU C 264 -27.21 22.29 -74.84
CA GLU C 264 -28.34 23.01 -74.25
C GLU C 264 -27.94 24.33 -73.60
N PRO C 265 -26.84 24.34 -72.83
CA PRO C 265 -26.45 25.62 -72.22
C PRO C 265 -26.15 26.69 -73.28
N LEU C 266 -25.53 26.29 -74.39
CA LEU C 266 -25.17 27.23 -75.44
C LEU C 266 -26.39 27.77 -76.18
N LYS C 267 -27.44 26.96 -76.28
CA LYS C 267 -28.66 27.42 -76.95
C LYS C 267 -29.21 28.65 -76.23
N THR C 268 -29.04 28.68 -74.91
CA THR C 268 -29.49 29.80 -74.12
C THR C 268 -28.66 31.04 -74.47
N GLN C 269 -27.35 30.82 -74.61
CA GLN C 269 -26.45 31.93 -74.95
C GLN C 269 -26.74 32.45 -76.38
N LEU C 270 -27.11 31.56 -77.28
CA LEU C 270 -27.37 31.95 -78.68
C LEU C 270 -28.52 32.94 -78.84
N GLU C 271 -29.36 33.02 -77.82
CA GLU C 271 -30.52 33.90 -77.84
C GLU C 271 -30.15 35.32 -77.45
N ARG C 272 -28.95 35.51 -76.93
CA ARG C 272 -28.53 36.83 -76.47
C ARG C 272 -27.83 37.71 -77.49
N GLU C 273 -28.14 39.00 -77.44
CA GLU C 273 -27.55 39.98 -78.33
C GLU C 273 -26.30 40.55 -77.67
N PRO C 274 -25.17 40.53 -78.39
CA PRO C 274 -23.89 41.04 -77.87
C PRO C 274 -23.91 42.51 -77.50
N ARG C 275 -23.13 42.87 -76.49
CA ARG C 275 -22.98 44.26 -76.09
C ARG C 275 -21.63 44.67 -76.68
N ASP C 276 -21.40 45.97 -76.87
CA ASP C 276 -20.12 46.43 -77.41
C ASP C 276 -18.97 45.93 -76.55
N PHE C 277 -17.89 45.50 -77.20
CA PHE C 277 -16.72 45.00 -76.46
C PHE C 277 -16.15 46.07 -75.56
N PRO C 278 -15.57 45.66 -74.42
CA PRO C 278 -14.95 46.59 -73.47
C PRO C 278 -13.61 47.08 -74.01
N LYS C 279 -12.99 48.02 -73.31
CA LYS C 279 -11.69 48.53 -73.72
C LYS C 279 -10.64 48.24 -72.65
N LEU C 280 -9.39 48.12 -73.08
CA LEU C 280 -8.29 47.84 -72.17
C LEU C 280 -7.43 49.07 -71.96
N LYS C 281 -7.09 49.33 -70.70
CA LYS C 281 -6.24 50.46 -70.33
C LYS C 281 -5.19 49.91 -69.35
N TRP C 282 -4.03 50.56 -69.28
CA TRP C 282 -2.96 50.11 -68.39
C TRP C 282 -2.94 50.97 -67.13
N ALA C 283 -2.78 50.32 -65.98
CA ALA C 283 -2.74 51.04 -64.71
C ALA C 283 -1.38 51.67 -64.50
N ARG C 284 -0.40 51.25 -65.29
CA ARG C 284 0.95 51.78 -65.18
C ARG C 284 1.51 52.08 -66.54
N SER C 285 2.63 52.79 -66.58
CA SER C 285 3.26 53.15 -67.86
C SER C 285 4.21 52.05 -68.37
N LYS C 286 4.61 52.19 -69.63
CA LYS C 286 5.53 51.24 -70.23
C LYS C 286 6.82 51.15 -69.39
N GLU C 287 7.32 52.32 -68.99
CA GLU C 287 8.55 52.41 -68.20
C GLU C 287 8.41 51.70 -66.87
N GLU C 288 7.28 51.88 -66.20
CA GLU C 288 7.06 51.24 -64.91
C GLU C 288 6.96 49.73 -65.08
N ILE C 289 6.22 49.28 -66.08
CA ILE C 289 6.08 47.84 -66.32
C ILE C 289 7.45 47.28 -66.73
N GLY C 290 8.19 48.06 -67.53
CA GLY C 290 9.52 47.64 -67.94
C GLY C 290 9.61 46.73 -69.15
N ASP C 291 9.30 45.45 -68.96
CA ASP C 291 9.34 44.48 -70.05
C ASP C 291 8.19 43.50 -69.96
N ILE C 292 8.17 42.52 -70.85
CA ILE C 292 7.10 41.52 -70.89
C ILE C 292 6.93 40.74 -69.57
N ASP C 293 7.97 40.73 -68.74
CA ASP C 293 7.90 40.02 -67.47
C ASP C 293 7.49 40.90 -66.29
N GLY C 294 7.21 42.16 -66.57
CA GLY C 294 6.83 43.07 -65.51
C GLY C 294 5.35 43.33 -65.29
N PHE C 295 4.46 42.66 -66.04
CA PHE C 295 3.03 42.87 -65.87
C PHE C 295 2.46 42.20 -64.62
N LYS C 296 1.43 42.84 -64.07
CA LYS C 296 0.72 42.33 -62.90
C LYS C 296 -0.77 42.34 -63.21
N VAL C 297 -1.53 41.45 -62.57
CA VAL C 297 -2.98 41.39 -62.81
C VAL C 297 -3.62 42.76 -62.71
N GLU C 298 -3.28 43.52 -61.66
CA GLU C 298 -3.85 44.84 -61.46
C GLU C 298 -3.49 45.88 -62.52
N ASP C 299 -2.57 45.54 -63.43
CA ASP C 299 -2.20 46.47 -64.48
C ASP C 299 -3.29 46.53 -65.54
N PHE C 300 -4.05 45.45 -65.66
CA PHE C 300 -5.12 45.34 -66.65
C PHE C 300 -6.42 46.01 -66.22
N VAL C 301 -6.68 47.20 -66.75
CA VAL C 301 -7.90 47.92 -66.42
C VAL C 301 -8.90 47.80 -67.57
N VAL C 302 -9.86 46.89 -67.43
CA VAL C 302 -10.86 46.67 -68.45
C VAL C 302 -12.12 47.48 -68.12
N GLU C 303 -12.45 48.43 -68.98
CA GLU C 303 -13.62 49.26 -68.74
C GLU C 303 -14.74 49.06 -69.75
N GLY C 304 -15.98 49.22 -69.30
CA GLY C 304 -17.13 49.05 -70.18
C GLY C 304 -17.55 47.62 -70.43
N TYR C 305 -17.11 46.69 -69.59
CA TYR C 305 -17.49 45.30 -69.81
C TYR C 305 -18.91 45.13 -69.29
N LYS C 306 -19.85 44.81 -70.18
CA LYS C 306 -21.26 44.65 -69.81
C LYS C 306 -21.84 43.36 -70.35
N PRO C 307 -21.47 42.23 -69.75
CA PRO C 307 -21.95 40.93 -70.19
C PRO C 307 -23.32 40.52 -69.64
N TRP C 308 -23.88 39.48 -70.26
CA TRP C 308 -25.13 38.92 -69.79
C TRP C 308 -24.70 37.99 -68.67
N GLY C 309 -25.66 37.23 -68.13
CA GLY C 309 -25.35 36.33 -67.02
C GLY C 309 -24.44 35.18 -67.36
N LYS C 310 -23.87 34.55 -66.33
CA LYS C 310 -22.99 33.42 -66.54
C LYS C 310 -23.79 32.24 -67.04
N ILE C 311 -23.11 31.34 -67.74
CA ILE C 311 -23.71 30.13 -68.26
C ILE C 311 -22.84 28.96 -67.80
N ASP C 312 -23.42 28.11 -66.97
CA ASP C 312 -22.70 26.96 -66.43
C ASP C 312 -22.44 25.87 -67.45
N MET C 313 -21.19 25.45 -67.55
CA MET C 313 -20.80 24.39 -68.45
C MET C 313 -19.71 23.59 -67.79
N LYS C 314 -19.87 22.28 -67.77
CA LYS C 314 -18.89 21.39 -67.16
C LYS C 314 -17.74 21.10 -68.12
N MET C 315 -16.52 21.10 -67.58
CA MET C 315 -15.34 20.80 -68.39
C MET C 315 -15.08 19.31 -68.38
N SER C 316 -14.81 18.74 -69.56
CA SER C 316 -14.51 17.31 -69.65
C SER C 316 -13.00 17.13 -69.56
N ALA C 317 -12.55 16.42 -68.52
CA ALA C 317 -11.13 16.18 -68.29
C ALA C 317 -10.54 15.22 -69.30
N ARG D 13 -15.79 35.05 -116.39
CA ARG D 13 -15.23 33.72 -116.01
C ARG D 13 -16.19 32.59 -116.40
N SER D 14 -15.77 31.78 -117.36
CA SER D 14 -16.56 30.66 -117.81
C SER D 14 -16.99 29.76 -116.63
N ASN D 15 -16.03 29.44 -115.75
CA ASN D 15 -16.32 28.62 -114.57
C ASN D 15 -15.74 29.34 -113.36
N PRO D 16 -16.49 30.33 -112.83
CA PRO D 16 -16.16 31.17 -111.68
C PRO D 16 -15.98 30.40 -110.37
N ASP D 17 -16.41 29.14 -110.33
CA ASP D 17 -16.23 28.38 -109.10
C ASP D 17 -14.93 27.57 -109.11
N HIS D 18 -14.14 27.72 -110.17
CA HIS D 18 -12.89 26.98 -110.25
C HIS D 18 -12.01 27.40 -109.07
N GLU D 19 -11.57 26.40 -108.30
CA GLU D 19 -10.75 26.67 -107.12
C GLU D 19 -9.49 27.48 -107.37
N GLU D 20 -8.95 27.43 -108.59
CA GLU D 20 -7.73 28.15 -108.89
C GLU D 20 -7.92 29.67 -108.80
N TYR D 21 -9.16 30.14 -108.92
CA TYR D 21 -9.40 31.58 -108.81
C TYR D 21 -9.04 32.10 -107.40
N GLN D 22 -9.03 31.21 -106.42
CA GLN D 22 -8.63 31.64 -105.06
C GLN D 22 -7.19 32.15 -105.12
N TYR D 23 -6.35 31.40 -105.80
CA TYR D 23 -4.95 31.75 -105.95
C TYR D 23 -4.78 33.03 -106.79
N LEU D 24 -5.46 33.08 -107.94
CA LEU D 24 -5.36 34.25 -108.84
C LEU D 24 -5.92 35.50 -108.17
N ASP D 25 -7.07 35.37 -107.52
CA ASP D 25 -7.68 36.51 -106.84
C ASP D 25 -6.79 37.06 -105.73
N LEU D 26 -6.15 36.18 -104.97
CA LEU D 26 -5.30 36.67 -103.88
C LEU D 26 -4.12 37.46 -104.42
N ILE D 27 -3.53 36.98 -105.51
CA ILE D 27 -2.40 37.68 -106.12
C ILE D 27 -2.84 39.05 -106.58
N ARG D 28 -4.01 39.10 -107.22
CA ARG D 28 -4.53 40.38 -107.71
C ARG D 28 -4.73 41.33 -106.53
N ARG D 29 -5.30 40.81 -105.44
CA ARG D 29 -5.52 41.63 -104.25
C ARG D 29 -4.20 42.14 -103.64
N ILE D 30 -3.22 41.27 -103.52
CA ILE D 30 -1.92 41.68 -102.96
C ILE D 30 -1.28 42.78 -103.81
N ILE D 31 -1.30 42.60 -105.12
CA ILE D 31 -0.74 43.60 -106.00
C ILE D 31 -1.48 44.91 -105.85
N ASN D 32 -2.81 44.84 -105.78
CA ASN D 32 -3.67 46.03 -105.65
C ASN D 32 -3.60 46.78 -104.31
N VAL D 33 -3.84 46.08 -103.20
CA VAL D 33 -3.83 46.73 -101.89
C VAL D 33 -2.77 46.24 -100.92
N GLY D 34 -1.87 45.39 -101.39
CA GLY D 34 -0.82 44.90 -100.51
C GLY D 34 0.13 46.01 -100.09
N GLU D 35 0.83 45.80 -98.99
CA GLU D 35 1.77 46.78 -98.46
C GLU D 35 3.20 46.52 -98.96
N VAL D 36 3.84 47.56 -99.50
CA VAL D 36 5.21 47.44 -100.01
C VAL D 36 6.15 47.32 -98.83
N ARG D 37 6.94 46.25 -98.79
CA ARG D 37 7.84 46.05 -97.67
C ARG D 37 9.23 45.57 -98.01
N PRO D 38 10.21 45.85 -97.14
CA PRO D 38 11.58 45.42 -97.33
C PRO D 38 11.55 43.95 -96.82
N ASP D 39 12.57 43.16 -97.14
CA ASP D 39 12.58 41.78 -96.67
C ASP D 39 14.00 41.25 -96.59
N ARG D 40 14.13 40.07 -96.02
CA ARG D 40 15.43 39.40 -95.86
C ARG D 40 16.25 39.31 -97.17
N THR D 41 15.59 38.95 -98.27
CA THR D 41 16.30 38.76 -99.54
C THR D 41 16.84 40.05 -100.15
N GLY D 42 16.21 41.18 -99.84
CA GLY D 42 16.67 42.43 -100.41
C GLY D 42 15.94 42.82 -101.69
N THR D 43 15.10 41.95 -102.24
CA THR D 43 14.40 42.32 -103.46
C THR D 43 13.13 43.11 -103.17
N GLY D 44 12.54 42.89 -102.00
CA GLY D 44 11.31 43.61 -101.64
C GLY D 44 10.06 42.87 -102.07
N THR D 45 8.95 43.12 -101.37
CA THR D 45 7.71 42.46 -101.71
C THR D 45 6.51 43.37 -101.45
N VAL D 46 5.35 42.88 -101.84
CA VAL D 46 4.09 43.57 -101.55
C VAL D 46 3.36 42.47 -100.76
N ALA D 47 2.80 42.79 -99.60
CA ALA D 47 2.18 41.73 -98.80
C ALA D 47 0.91 42.05 -98.00
N LEU D 48 0.23 40.97 -97.59
CA LEU D 48 -0.97 41.03 -96.78
C LEU D 48 -0.80 39.94 -95.73
N PHE D 49 -1.26 40.19 -94.51
CA PHE D 49 -1.13 39.20 -93.45
C PHE D 49 -2.43 38.45 -93.19
N ALA D 50 -2.31 37.14 -93.02
CA ALA D 50 -3.44 36.30 -92.70
C ALA D 50 -4.69 36.45 -93.57
N PRO D 51 -4.55 36.34 -94.90
CA PRO D 51 -5.74 36.47 -95.73
C PRO D 51 -6.58 35.22 -95.58
N PRO D 52 -7.84 35.25 -96.07
CA PRO D 52 -8.69 34.05 -95.96
C PRO D 52 -7.94 32.83 -96.50
N SER D 53 -8.16 31.69 -95.86
CA SER D 53 -7.50 30.46 -96.26
C SER D 53 -8.02 29.89 -97.59
N PHE D 54 -7.22 29.04 -98.24
CA PHE D 54 -7.61 28.40 -99.50
C PHE D 54 -8.16 27.03 -99.17
N ARG D 55 -9.13 26.58 -99.96
CA ARG D 55 -9.71 25.27 -99.75
C ARG D 55 -9.73 24.56 -101.10
N PHE D 56 -9.24 23.34 -101.14
CA PHE D 56 -9.21 22.57 -102.36
C PHE D 56 -9.78 21.18 -102.13
N SER D 57 -10.70 20.79 -103.01
CA SER D 57 -11.30 19.47 -102.91
C SER D 57 -10.34 18.42 -103.45
N LEU D 58 -10.20 17.31 -102.72
CA LEU D 58 -9.33 16.23 -103.15
C LEU D 58 -10.17 15.01 -103.52
N ALA D 59 -11.49 15.20 -103.60
CA ALA D 59 -12.39 14.11 -103.94
C ALA D 59 -12.25 13.74 -105.42
N ASP D 60 -12.66 12.52 -105.75
CA ASP D 60 -12.59 12.02 -107.12
C ASP D 60 -11.16 12.05 -107.67
N ASN D 61 -10.20 11.71 -106.82
CA ASN D 61 -8.79 11.68 -107.21
C ASN D 61 -8.25 13.01 -107.75
N THR D 62 -8.87 14.11 -107.36
CA THR D 62 -8.45 15.42 -107.85
C THR D 62 -7.14 15.94 -107.25
N LEU D 63 -6.28 16.48 -108.11
CA LEU D 63 -5.01 17.04 -107.68
C LEU D 63 -4.98 18.52 -108.05
N PRO D 64 -4.99 19.42 -107.04
CA PRO D 64 -4.96 20.86 -107.32
C PRO D 64 -3.60 21.35 -107.82
N LEU D 65 -3.22 20.92 -109.01
CA LEU D 65 -1.96 21.34 -109.63
C LEU D 65 -2.37 22.53 -110.55
N LEU D 66 -1.91 23.72 -110.22
CA LEU D 66 -2.29 24.92 -110.96
C LEU D 66 -2.12 24.76 -112.48
N THR D 67 -3.07 25.30 -113.22
CA THR D 67 -3.07 25.22 -114.67
C THR D 67 -2.80 26.54 -115.40
N THR D 68 -2.82 27.66 -114.68
CA THR D 68 -2.57 28.94 -115.33
C THR D 68 -1.09 29.15 -115.68
N LYS D 69 -0.27 28.16 -115.33
CA LYS D 69 1.14 28.16 -115.69
C LYS D 69 1.60 26.72 -115.56
N ARG D 70 2.64 26.33 -116.29
CA ARG D 70 3.14 24.96 -116.20
C ARG D 70 3.90 24.83 -114.88
N VAL D 71 3.50 23.88 -114.05
CA VAL D 71 4.14 23.66 -112.76
C VAL D 71 5.02 22.43 -112.87
N PHE D 72 6.25 22.54 -112.35
CA PHE D 72 7.23 21.45 -112.40
C PHE D 72 6.78 20.30 -111.48
N LEU D 73 5.82 19.53 -111.96
CA LEU D 73 5.27 18.41 -111.19
C LEU D 73 6.31 17.45 -110.63
N ARG D 74 7.23 17.00 -111.48
CA ARG D 74 8.26 16.06 -111.03
C ARG D 74 9.07 16.64 -109.88
N GLY D 75 9.29 17.95 -109.90
CA GLY D 75 10.04 18.60 -108.85
C GLY D 75 9.27 18.56 -107.53
N VAL D 76 7.96 18.74 -107.62
CA VAL D 76 7.12 18.71 -106.44
C VAL D 76 7.17 17.31 -105.82
N ILE D 77 6.92 16.29 -106.64
CA ILE D 77 6.94 14.92 -106.18
C ILE D 77 8.33 14.54 -105.59
N ALA D 78 9.40 14.87 -106.32
CA ALA D 78 10.74 14.56 -105.84
C ALA D 78 11.00 15.20 -104.46
N GLU D 79 10.66 16.47 -104.31
CA GLU D 79 10.86 17.16 -103.05
C GLU D 79 10.08 16.51 -101.94
N LEU D 80 8.84 16.11 -102.25
CA LEU D 80 7.97 15.48 -101.25
C LEU D 80 8.51 14.13 -100.76
N LEU D 81 8.95 13.30 -101.68
CA LEU D 81 9.48 11.98 -101.30
C LEU D 81 10.78 12.16 -100.54
N TRP D 82 11.44 13.27 -100.83
CA TRP D 82 12.70 13.63 -100.19
C TRP D 82 12.36 13.98 -98.72
N PHE D 83 11.29 14.77 -98.50
CA PHE D 83 10.87 15.14 -97.14
C PHE D 83 10.56 13.87 -96.37
N VAL D 84 9.69 13.04 -96.95
CA VAL D 84 9.28 11.78 -96.35
C VAL D 84 10.46 10.91 -95.93
N SER D 85 11.49 10.83 -96.79
CA SER D 85 12.67 10.04 -96.47
C SER D 85 13.47 10.58 -95.28
N GLY D 86 13.20 11.81 -94.89
CA GLY D 86 13.91 12.41 -93.77
C GLY D 86 15.27 12.96 -94.19
N CYS D 87 15.57 12.89 -95.47
CA CYS D 87 16.84 13.38 -96.02
C CYS D 87 16.92 14.92 -96.03
N THR D 88 18.10 15.47 -95.78
CA THR D 88 18.27 16.91 -95.78
C THR D 88 19.40 17.35 -96.73
N ASP D 89 19.82 16.45 -97.61
CA ASP D 89 20.88 16.74 -98.57
C ASP D 89 20.26 17.12 -99.92
N ALA D 90 20.39 18.39 -100.26
CA ALA D 90 19.84 18.89 -101.51
C ALA D 90 20.41 18.21 -102.75
N LYS D 91 21.59 17.59 -102.62
CA LYS D 91 22.20 16.93 -103.76
C LYS D 91 21.33 15.76 -104.21
N MET D 92 20.51 15.25 -103.30
CA MET D 92 19.64 14.13 -103.64
C MET D 92 18.54 14.60 -104.59
N LEU D 93 18.34 15.91 -104.64
CA LEU D 93 17.34 16.46 -105.55
C LEU D 93 18.03 16.89 -106.85
N SER D 94 19.15 17.60 -106.75
CA SER D 94 19.86 18.06 -107.95
C SER D 94 20.39 16.88 -108.78
N SER D 95 20.70 15.76 -108.14
CA SER D 95 21.19 14.60 -108.86
C SER D 95 20.08 14.01 -109.74
N GLN D 96 18.84 14.26 -109.40
CA GLN D 96 17.73 13.76 -110.20
C GLN D 96 17.10 14.90 -111.02
N GLY D 97 17.86 15.96 -111.24
CA GLY D 97 17.37 17.08 -112.04
C GLY D 97 16.43 18.08 -111.41
N VAL D 98 16.43 18.16 -110.08
CA VAL D 98 15.55 19.09 -109.36
C VAL D 98 16.44 20.04 -108.57
N GLY D 99 16.48 21.31 -108.99
CA GLY D 99 17.37 22.25 -108.31
C GLY D 99 16.73 23.32 -107.47
N ILE D 100 15.48 23.10 -107.03
CA ILE D 100 14.76 24.09 -106.24
C ILE D 100 15.46 24.49 -104.94
N TRP D 101 16.26 23.56 -104.40
CA TRP D 101 17.00 23.85 -103.17
C TRP D 101 18.47 24.16 -103.39
N ASP D 102 18.90 24.27 -104.66
CA ASP D 102 20.29 24.58 -104.97
C ASP D 102 20.67 25.96 -104.47
N GLY D 103 19.74 26.90 -104.55
CA GLY D 103 20.02 28.26 -104.12
C GLY D 103 20.33 28.43 -102.63
N ASN D 104 19.57 27.77 -101.76
CA ASN D 104 19.83 27.88 -100.34
C ASN D 104 20.82 26.83 -99.84
N GLY D 105 21.18 25.91 -100.71
CA GLY D 105 22.13 24.87 -100.33
C GLY D 105 23.52 25.14 -100.89
N SER D 106 23.66 26.21 -101.67
CA SER D 106 24.93 26.55 -102.28
C SER D 106 25.97 26.91 -101.22
N LYS D 107 27.21 26.61 -101.55
CA LYS D 107 28.34 26.89 -100.67
C LYS D 107 28.32 28.35 -100.30
N GLU D 108 28.02 29.21 -101.28
CA GLU D 108 27.98 30.64 -101.06
C GLU D 108 26.92 31.09 -100.04
N PHE D 109 25.71 30.52 -100.13
CA PHE D 109 24.65 30.92 -99.22
C PHE D 109 24.92 30.39 -97.80
N LEU D 110 25.33 29.13 -97.72
CA LEU D 110 25.62 28.51 -96.42
C LEU D 110 26.65 29.33 -95.64
N GLU D 111 27.74 29.70 -96.30
CA GLU D 111 28.76 30.51 -95.65
C GLU D 111 28.21 31.88 -95.27
N LYS D 112 27.28 32.37 -96.09
CA LYS D 112 26.63 33.65 -95.86
C LYS D 112 25.81 33.66 -94.57
N VAL D 113 25.14 32.56 -94.25
CA VAL D 113 24.33 32.48 -93.03
C VAL D 113 25.07 31.84 -91.84
N GLY D 114 26.40 31.82 -91.91
CA GLY D 114 27.19 31.25 -90.82
C GLY D 114 27.28 29.73 -90.77
N LEU D 115 27.05 29.06 -91.88
CA LEU D 115 27.10 27.60 -91.94
C LEU D 115 28.21 27.16 -92.91
N GLY D 116 29.35 27.84 -92.84
CA GLY D 116 30.47 27.53 -93.71
C GLY D 116 31.13 26.18 -93.45
N HIS D 117 30.86 25.59 -92.29
CA HIS D 117 31.46 24.31 -91.94
C HIS D 117 30.74 23.13 -92.59
N ARG D 118 29.69 23.42 -93.35
CA ARG D 118 28.96 22.35 -93.98
C ARG D 118 29.31 22.20 -95.45
N ARG D 119 29.21 20.98 -95.97
CA ARG D 119 29.49 20.80 -97.39
C ARG D 119 28.27 21.31 -98.16
N GLU D 120 28.50 21.70 -99.41
CA GLU D 120 27.43 22.21 -100.23
C GLU D 120 26.24 21.25 -100.29
N GLY D 121 25.02 21.78 -100.14
CA GLY D 121 23.84 20.93 -100.19
C GLY D 121 23.35 20.46 -98.83
N ASP D 122 24.19 20.55 -97.80
CA ASP D 122 23.77 20.11 -96.46
C ASP D 122 22.98 21.22 -95.81
N LEU D 123 21.67 21.20 -96.00
CA LEU D 123 20.76 22.23 -95.49
C LEU D 123 20.59 22.26 -93.96
N GLY D 124 20.92 21.17 -93.28
CA GLY D 124 20.75 21.16 -91.84
C GLY D 124 19.51 20.38 -91.50
N PRO D 125 19.05 20.43 -90.23
CA PRO D 125 17.86 19.71 -89.78
C PRO D 125 16.54 20.34 -90.23
N VAL D 126 16.34 20.41 -91.55
CA VAL D 126 15.13 20.99 -92.10
C VAL D 126 14.00 19.98 -92.22
N TYR D 127 12.92 20.40 -92.87
CA TYR D 127 11.70 19.61 -93.04
C TYR D 127 11.75 18.13 -92.74
N GLY D 128 12.26 17.35 -93.69
CA GLY D 128 12.34 15.90 -93.54
C GLY D 128 12.93 15.39 -92.22
N PHE D 129 13.99 16.03 -91.74
CA PHE D 129 14.62 15.60 -90.50
C PHE D 129 13.68 15.81 -89.31
N GLN D 130 13.02 16.95 -89.25
CA GLN D 130 12.07 17.22 -88.16
C GLN D 130 10.88 16.27 -88.23
N TRP D 131 10.39 16.02 -89.44
CA TRP D 131 9.25 15.13 -89.67
C TRP D 131 9.45 13.70 -89.16
N ARG D 132 10.63 13.15 -89.39
CA ARG D 132 10.94 11.78 -88.98
C ARG D 132 11.85 11.62 -87.76
N HIS D 133 12.53 12.68 -87.34
CA HIS D 133 13.49 12.58 -86.22
C HIS D 133 13.46 13.78 -85.28
N PHE D 134 12.28 14.39 -85.09
CA PHE D 134 12.20 15.59 -84.24
C PHE D 134 12.83 15.38 -82.87
N GLY D 135 13.72 16.29 -82.47
CA GLY D 135 14.38 16.17 -81.19
C GLY D 135 15.74 15.52 -81.24
N ALA D 136 16.03 14.77 -82.30
CA ALA D 136 17.32 14.10 -82.41
C ALA D 136 18.42 15.14 -82.58
N GLU D 137 19.64 14.75 -82.22
CA GLU D 137 20.81 15.63 -82.34
C GLU D 137 21.30 15.57 -83.79
N TYR D 138 21.45 16.73 -84.43
CA TYR D 138 21.89 16.77 -85.83
C TYR D 138 23.40 16.98 -85.93
N THR D 139 24.08 16.16 -86.71
CA THR D 139 25.52 16.32 -86.90
C THR D 139 25.65 16.89 -88.30
N ASP D 140 25.47 16.07 -89.32
CA ASP D 140 25.53 16.54 -90.73
C ASP D 140 24.48 15.73 -91.49
N ALA D 141 24.38 15.86 -92.82
CA ALA D 141 23.37 15.10 -93.55
C ALA D 141 23.64 13.61 -93.69
N ASP D 142 24.85 13.19 -93.36
CA ASP D 142 25.23 11.78 -93.46
C ASP D 142 25.04 11.04 -92.15
N GLY D 143 24.66 11.77 -91.11
CA GLY D 143 24.46 11.16 -89.81
C GLY D 143 23.44 10.03 -89.79
N ASP D 144 23.62 9.11 -88.85
CA ASP D 144 22.73 7.96 -88.72
C ASP D 144 21.64 8.33 -87.71
N TYR D 145 20.44 8.59 -88.22
CA TYR D 145 19.33 9.01 -87.38
C TYR D 145 18.23 7.95 -87.25
N LYS D 146 18.44 6.81 -87.89
CA LYS D 146 17.44 5.74 -87.84
C LYS D 146 17.08 5.40 -86.40
N GLY D 147 15.79 5.44 -86.09
CA GLY D 147 15.32 5.13 -84.75
C GLY D 147 15.54 6.24 -83.73
N LYS D 148 16.03 7.39 -84.18
CA LYS D 148 16.29 8.51 -83.28
C LYS D 148 15.29 9.64 -83.48
N GLY D 149 14.91 10.27 -82.37
CA GLY D 149 13.95 11.37 -82.44
C GLY D 149 12.52 10.89 -82.59
N VAL D 150 11.58 11.81 -82.69
CA VAL D 150 10.18 11.45 -82.84
C VAL D 150 9.77 11.33 -84.32
N ASP D 151 9.24 10.17 -84.70
CA ASP D 151 8.79 9.98 -86.07
C ASP D 151 7.35 10.43 -86.15
N GLN D 152 7.15 11.74 -86.34
CA GLN D 152 5.81 12.30 -86.43
C GLN D 152 4.96 11.74 -87.56
N LEU D 153 5.59 11.51 -88.71
CA LEU D 153 4.86 11.01 -89.87
C LEU D 153 4.25 9.64 -89.65
N GLN D 154 5.05 8.69 -89.16
CA GLN D 154 4.51 7.37 -88.90
C GLN D 154 3.45 7.43 -87.80
N ARG D 155 3.61 8.32 -86.83
CA ARG D 155 2.64 8.43 -85.75
C ARG D 155 1.32 8.91 -86.33
N VAL D 156 1.39 9.81 -87.31
CA VAL D 156 0.19 10.30 -87.96
C VAL D 156 -0.53 9.14 -88.64
N ILE D 157 0.23 8.32 -89.34
CA ILE D 157 -0.33 7.16 -90.05
C ILE D 157 -1.02 6.20 -89.04
N ASP D 158 -0.29 5.86 -87.98
CA ASP D 158 -0.81 4.94 -86.96
C ASP D 158 -2.07 5.46 -86.30
N THR D 159 -2.11 6.76 -86.05
CA THR D 159 -3.24 7.38 -85.38
C THR D 159 -4.47 7.42 -86.28
N ILE D 160 -4.27 7.72 -87.57
CA ILE D 160 -5.39 7.78 -88.49
C ILE D 160 -6.04 6.39 -88.58
N LYS D 161 -5.22 5.36 -88.56
CA LYS D 161 -5.72 3.98 -88.66
C LYS D 161 -6.34 3.42 -87.37
N ASN D 162 -5.72 3.72 -86.23
CA ASN D 162 -6.22 3.16 -84.97
C ASN D 162 -7.00 4.08 -84.03
N ASN D 163 -6.91 5.38 -84.23
CA ASN D 163 -7.63 6.31 -83.39
C ASN D 163 -7.88 7.62 -84.15
N PRO D 164 -8.65 7.53 -85.24
CA PRO D 164 -9.02 8.66 -86.13
C PRO D 164 -9.59 9.92 -85.53
N THR D 165 -10.33 9.79 -84.43
CA THR D 165 -10.91 10.96 -83.81
C THR D 165 -9.94 11.71 -82.91
N ASP D 166 -8.71 11.21 -82.83
CA ASP D 166 -7.68 11.89 -82.02
C ASP D 166 -7.58 13.32 -82.54
N ARG D 167 -7.27 14.27 -81.67
CA ARG D 167 -7.17 15.68 -82.07
C ARG D 167 -5.74 16.19 -82.11
N ARG D 168 -4.76 15.29 -82.10
CA ARG D 168 -3.34 15.69 -82.11
C ARG D 168 -2.62 15.13 -83.33
N ILE D 169 -3.33 14.93 -84.43
CA ILE D 169 -2.70 14.37 -85.63
C ILE D 169 -1.96 15.49 -86.32
N ILE D 170 -0.79 15.80 -85.78
CA ILE D 170 0.02 16.92 -86.25
C ILE D 170 1.38 16.50 -86.83
N LEU D 171 1.77 17.19 -87.89
CA LEU D 171 3.05 16.94 -88.54
C LEU D 171 3.70 18.32 -88.59
N SER D 172 4.79 18.51 -87.84
CA SER D 172 5.42 19.83 -87.78
C SER D 172 6.93 19.81 -87.96
N ALA D 173 7.43 20.83 -88.66
CA ALA D 173 8.85 20.96 -88.89
C ALA D 173 9.43 22.10 -88.08
N TRP D 174 8.57 22.85 -87.40
CA TRP D 174 9.05 23.98 -86.62
C TRP D 174 9.79 23.54 -85.35
N ASN D 175 11.05 23.95 -85.23
CA ASN D 175 11.86 23.59 -84.07
C ASN D 175 12.73 24.78 -83.70
N PRO D 176 12.27 25.58 -82.73
CA PRO D 176 13.00 26.77 -82.28
C PRO D 176 14.46 26.51 -81.91
N LYS D 177 14.73 25.34 -81.37
CA LYS D 177 16.11 25.02 -81.00
C LYS D 177 17.01 24.77 -82.19
N ASP D 178 16.50 24.08 -83.21
CA ASP D 178 17.28 23.77 -84.43
C ASP D 178 17.32 24.87 -85.50
N LEU D 179 16.46 25.86 -85.41
CA LEU D 179 16.42 26.93 -86.41
C LEU D 179 17.76 27.47 -86.89
N PRO D 180 18.65 27.85 -85.98
CA PRO D 180 19.96 28.37 -86.42
C PRO D 180 20.82 27.40 -87.21
N LEU D 181 20.51 26.11 -87.13
CA LEU D 181 21.28 25.12 -87.86
C LEU D 181 20.70 24.94 -89.28
N MET D 182 19.55 25.54 -89.53
CA MET D 182 18.85 25.42 -90.80
C MET D 182 19.23 26.48 -91.81
N ALA D 183 19.47 26.08 -93.06
CA ALA D 183 19.82 27.03 -94.09
C ALA D 183 18.67 28.01 -94.24
N LEU D 184 17.47 27.54 -93.97
CA LEU D 184 16.28 28.37 -94.07
C LEU D 184 15.24 27.77 -93.13
N PRO D 185 14.52 28.62 -92.37
CA PRO D 185 13.50 28.10 -91.45
C PRO D 185 12.31 27.60 -92.23
N PRO D 186 11.60 26.60 -91.71
CA PRO D 186 10.43 26.03 -92.40
C PRO D 186 9.38 27.08 -92.79
N CYS D 187 8.91 27.01 -94.04
CA CYS D 187 7.89 27.93 -94.51
C CYS D 187 6.56 27.25 -94.15
N HIS D 188 6.35 26.03 -94.62
CA HIS D 188 5.16 25.29 -94.26
C HIS D 188 5.61 24.67 -92.94
N MET D 189 5.26 25.33 -91.84
CA MET D 189 5.71 24.88 -90.54
C MET D 189 4.98 23.72 -89.90
N PHE D 190 3.75 23.46 -90.34
CA PHE D 190 3.03 22.31 -89.80
C PHE D 190 1.67 22.11 -90.46
N CYS D 191 1.14 20.91 -90.30
CA CYS D 191 -0.18 20.62 -90.82
C CYS D 191 -0.93 19.70 -89.85
N GLN D 192 -2.25 19.73 -89.93
CA GLN D 192 -3.08 18.90 -89.08
C GLN D 192 -4.03 18.09 -89.95
N PHE D 193 -4.13 16.79 -89.67
CA PHE D 193 -5.03 15.92 -90.40
C PHE D 193 -6.30 15.67 -89.60
N PHE D 194 -7.40 15.47 -90.30
CA PHE D 194 -8.70 15.22 -89.69
C PHE D 194 -9.37 14.07 -90.45
N VAL D 195 -9.99 13.16 -89.70
CA VAL D 195 -10.67 12.02 -90.29
C VAL D 195 -12.16 12.03 -89.97
N SER D 196 -12.98 12.05 -91.01
CA SER D 196 -14.43 12.01 -90.81
C SER D 196 -14.82 10.56 -90.82
N LEU D 197 -15.58 10.13 -89.82
CA LEU D 197 -16.04 8.76 -89.73
C LEU D 197 -17.12 8.48 -90.77
N PRO D 198 -17.27 7.22 -91.20
CA PRO D 198 -18.27 6.82 -92.19
C PRO D 198 -19.68 7.16 -91.69
N PRO D 199 -20.50 7.79 -92.55
CA PRO D 199 -21.87 8.17 -92.16
C PRO D 199 -22.65 6.93 -91.71
N ALA D 200 -23.61 7.15 -90.81
CA ALA D 200 -24.43 6.09 -90.24
C ALA D 200 -25.09 5.16 -91.24
N ASP D 201 -25.76 5.75 -92.23
CA ASP D 201 -26.48 5.02 -93.27
C ASP D 201 -25.57 4.50 -94.39
N SER D 202 -24.41 3.95 -94.01
CA SER D 202 -23.45 3.42 -94.97
C SER D 202 -22.07 3.35 -94.31
N PRO D 203 -21.93 2.49 -93.30
CA PRO D 203 -20.70 2.28 -92.53
C PRO D 203 -19.56 1.56 -93.26
N GLY D 204 -19.83 1.14 -94.48
CA GLY D 204 -18.81 0.43 -95.24
C GLY D 204 -17.88 1.39 -95.95
N SER D 205 -18.34 2.63 -96.15
CA SER D 205 -17.55 3.63 -96.83
C SER D 205 -16.22 3.91 -96.13
N LYS D 206 -15.27 4.45 -96.87
CA LYS D 206 -13.97 4.78 -96.31
C LYS D 206 -14.04 6.12 -95.56
N PRO D 207 -13.34 6.22 -94.42
CA PRO D 207 -13.37 7.50 -93.69
C PRO D 207 -12.76 8.56 -94.61
N LYS D 208 -13.17 9.82 -94.45
CA LYS D 208 -12.62 10.88 -95.28
C LYS D 208 -11.45 11.62 -94.59
N LEU D 209 -10.36 11.81 -95.33
CA LEU D 209 -9.18 12.47 -94.78
C LEU D 209 -8.98 13.89 -95.27
N SER D 210 -8.83 14.82 -94.32
CA SER D 210 -8.59 16.23 -94.65
C SER D 210 -7.27 16.70 -94.03
N CYS D 211 -6.74 17.78 -94.58
CA CYS D 211 -5.47 18.32 -94.12
C CYS D 211 -5.47 19.83 -94.14
N LEU D 212 -5.07 20.42 -93.01
CA LEU D 212 -4.95 21.86 -92.94
C LEU D 212 -3.45 22.13 -92.72
N MET D 213 -2.87 23.00 -93.55
CA MET D 213 -1.45 23.34 -93.43
C MET D 213 -1.31 24.82 -93.20
N TYR D 214 -0.39 25.21 -92.33
CA TYR D 214 -0.19 26.63 -92.04
C TYR D 214 1.19 27.01 -92.53
N GLN D 215 1.24 28.07 -93.34
CA GLN D 215 2.50 28.52 -93.92
C GLN D 215 2.76 29.92 -93.43
N ARG D 216 3.83 30.11 -92.66
CA ARG D 216 4.19 31.41 -92.11
C ARG D 216 4.59 32.48 -93.11
N SER D 217 5.23 32.05 -94.20
CA SER D 217 5.73 32.96 -95.24
C SER D 217 5.40 32.32 -96.58
N CYS D 218 4.75 33.07 -97.46
CA CYS D 218 4.32 32.50 -98.72
C CYS D 218 4.68 33.31 -99.96
N ASP D 219 5.58 32.76 -100.75
CA ASP D 219 6.01 33.38 -102.01
C ASP D 219 4.91 32.90 -102.97
N LEU D 220 3.93 33.75 -103.24
CA LEU D 220 2.84 33.32 -104.11
C LEU D 220 3.25 32.96 -105.53
N GLY D 221 4.22 33.67 -106.08
CA GLY D 221 4.66 33.37 -107.44
C GLY D 221 5.30 32.01 -107.59
N LEU D 222 6.31 31.72 -106.76
CA LEU D 222 7.04 30.48 -106.85
C LEU D 222 6.73 29.39 -105.85
N GLY D 223 6.66 29.75 -104.58
CA GLY D 223 6.41 28.74 -103.56
C GLY D 223 5.03 28.12 -103.44
N VAL D 224 4.00 28.96 -103.32
CA VAL D 224 2.63 28.48 -103.13
C VAL D 224 2.16 27.42 -104.11
N PRO D 225 2.50 27.58 -105.42
CA PRO D 225 2.06 26.54 -106.35
C PRO D 225 2.63 25.17 -105.95
N PHE D 226 3.88 25.15 -105.46
CA PHE D 226 4.49 23.89 -105.05
C PHE D 226 3.84 23.42 -103.72
N ASN D 227 3.69 24.34 -102.78
CA ASN D 227 3.13 23.99 -101.46
C ASN D 227 1.75 23.37 -101.56
N ILE D 228 0.90 23.96 -102.41
CA ILE D 228 -0.46 23.44 -102.60
C ILE D 228 -0.44 22.01 -103.14
N ALA D 229 0.35 21.79 -104.19
CA ALA D 229 0.40 20.46 -104.80
C ALA D 229 1.10 19.46 -103.86
N SER D 230 2.16 19.92 -103.19
CA SER D 230 2.88 19.05 -102.27
C SER D 230 1.97 18.47 -101.15
N TYR D 231 1.28 19.34 -100.42
CA TYR D 231 0.43 18.84 -99.34
C TYR D 231 -0.79 18.08 -99.84
N ALA D 232 -1.25 18.41 -101.04
CA ALA D 232 -2.37 17.67 -101.63
C ALA D 232 -1.86 16.25 -101.89
N LEU D 233 -0.65 16.14 -102.44
CA LEU D 233 -0.07 14.84 -102.73
C LEU D 233 0.21 14.05 -101.45
N LEU D 234 0.71 14.73 -100.43
CA LEU D 234 0.98 14.06 -99.17
C LEU D 234 -0.32 13.43 -98.63
N THR D 235 -1.41 14.17 -98.73
CA THR D 235 -2.70 13.69 -98.24
C THR D 235 -3.15 12.48 -99.03
N HIS D 236 -2.97 12.51 -100.35
CA HIS D 236 -3.32 11.37 -101.20
C HIS D 236 -2.48 10.16 -100.77
N MET D 237 -1.18 10.37 -100.54
CA MET D 237 -0.26 9.30 -100.13
C MET D 237 -0.73 8.68 -98.82
N ILE D 238 -0.94 9.52 -97.82
CA ILE D 238 -1.38 9.05 -96.52
C ILE D 238 -2.71 8.33 -96.61
N ALA D 239 -3.59 8.82 -97.46
CA ALA D 239 -4.90 8.19 -97.65
C ALA D 239 -4.77 6.77 -98.13
N LEU D 240 -3.83 6.54 -99.06
CA LEU D 240 -3.62 5.21 -99.61
C LEU D 240 -3.14 4.24 -98.53
N ILE D 241 -2.17 4.67 -97.74
CA ILE D 241 -1.61 3.81 -96.70
C ILE D 241 -2.57 3.56 -95.54
N THR D 242 -3.48 4.50 -95.28
CA THR D 242 -4.42 4.37 -94.16
C THR D 242 -5.83 3.92 -94.55
N ASP D 243 -6.02 3.56 -95.81
CA ASP D 243 -7.33 3.13 -96.29
C ASP D 243 -8.40 4.19 -96.08
N THR D 244 -8.05 5.46 -96.30
CA THR D 244 -9.02 6.54 -96.17
C THR D 244 -9.18 7.22 -97.53
N GLU D 245 -10.20 8.04 -97.67
CA GLU D 245 -10.46 8.74 -98.91
C GLU D 245 -10.11 10.21 -98.79
N PRO D 246 -9.18 10.70 -99.61
CA PRO D 246 -8.82 12.12 -99.54
C PRO D 246 -10.06 12.99 -99.73
N HIS D 247 -10.20 14.01 -98.89
CA HIS D 247 -11.37 14.86 -98.97
C HIS D 247 -11.10 16.33 -99.26
N GLU D 248 -10.39 16.99 -98.34
CA GLU D 248 -10.14 18.42 -98.51
C GLU D 248 -8.77 18.83 -97.99
N PHE D 249 -8.18 19.83 -98.64
CA PHE D 249 -6.91 20.41 -98.24
C PHE D 249 -7.15 21.89 -98.00
N ILE D 250 -6.76 22.37 -96.81
CA ILE D 250 -6.93 23.76 -96.47
C ILE D 250 -5.56 24.38 -96.24
N LEU D 251 -5.35 25.57 -96.77
CA LEU D 251 -4.08 26.25 -96.62
C LEU D 251 -4.25 27.63 -96.00
N GLN D 252 -3.69 27.82 -94.81
CA GLN D 252 -3.75 29.12 -94.14
C GLN D 252 -2.40 29.78 -94.23
N MET D 253 -2.39 31.02 -94.67
CA MET D 253 -1.15 31.76 -94.84
C MET D 253 -0.94 32.82 -93.77
N GLY D 254 0.33 33.11 -93.49
CA GLY D 254 0.66 34.15 -92.53
C GLY D 254 1.10 35.32 -93.40
N ASP D 255 2.42 35.48 -93.61
CA ASP D 255 2.91 36.59 -94.42
C ASP D 255 2.76 36.17 -95.89
N ALA D 256 1.68 36.60 -96.53
CA ALA D 256 1.42 36.26 -97.93
C ALA D 256 1.93 37.40 -98.78
N HIS D 257 2.93 37.13 -99.61
CA HIS D 257 3.54 38.17 -100.42
C HIS D 257 3.86 37.82 -101.88
N VAL D 258 4.08 38.87 -102.66
CA VAL D 258 4.43 38.77 -104.08
C VAL D 258 5.72 39.58 -104.21
N TYR D 259 6.81 38.94 -104.62
CA TYR D 259 8.08 39.64 -104.79
C TYR D 259 7.98 40.70 -105.88
N ARG D 260 8.73 41.77 -105.71
CA ARG D 260 8.71 42.89 -106.64
C ARG D 260 8.95 42.46 -108.08
N ASP D 261 9.90 41.55 -108.28
CA ASP D 261 10.23 41.10 -109.63
C ASP D 261 9.30 40.04 -110.16
N HIS D 262 8.21 39.77 -109.44
CA HIS D 262 7.22 38.78 -109.87
C HIS D 262 5.92 39.46 -110.33
N VAL D 263 5.75 40.72 -109.97
CA VAL D 263 4.53 41.46 -110.32
C VAL D 263 4.16 41.40 -111.80
N GLU D 264 5.07 41.80 -112.67
CA GLU D 264 4.81 41.78 -114.11
C GLU D 264 4.58 40.37 -114.65
N PRO D 265 5.44 39.41 -114.28
CA PRO D 265 5.21 38.05 -114.79
C PRO D 265 3.83 37.50 -114.37
N LEU D 266 3.40 37.80 -113.14
CA LEU D 266 2.13 37.31 -112.65
C LEU D 266 0.94 37.96 -113.37
N LYS D 267 1.11 39.22 -113.77
CA LYS D 267 0.02 39.91 -114.48
C LYS D 267 -0.35 39.13 -115.73
N THR D 268 0.66 38.54 -116.36
CA THR D 268 0.44 37.74 -117.56
C THR D 268 -0.37 36.50 -117.18
N GLN D 269 -0.05 35.91 -116.03
CA GLN D 269 -0.74 34.71 -115.59
C GLN D 269 -2.20 35.02 -115.23
N LEU D 270 -2.42 36.19 -114.66
CA LEU D 270 -3.77 36.59 -114.24
C LEU D 270 -4.76 36.69 -115.37
N GLU D 271 -4.27 36.79 -116.60
CA GLU D 271 -5.11 36.90 -117.78
C GLU D 271 -5.61 35.56 -118.25
N ARG D 272 -5.06 34.47 -117.71
CA ARG D 272 -5.42 33.13 -118.15
C ARG D 272 -6.55 32.48 -117.39
N GLU D 273 -7.37 31.74 -118.12
CA GLU D 273 -8.50 31.02 -117.55
C GLU D 273 -8.05 29.61 -117.18
N PRO D 274 -8.29 29.20 -115.93
CA PRO D 274 -7.91 27.87 -115.46
C PRO D 274 -8.57 26.72 -116.24
N ARG D 275 -7.87 25.60 -116.33
CA ARG D 275 -8.37 24.40 -116.97
C ARG D 275 -8.72 23.49 -115.79
N ASP D 276 -9.61 22.52 -116.00
CA ASP D 276 -9.98 21.61 -114.93
C ASP D 276 -8.73 20.93 -114.34
N PHE D 277 -8.69 20.77 -113.03
CA PHE D 277 -7.54 20.16 -112.39
C PHE D 277 -7.37 18.73 -112.85
N PRO D 278 -6.12 18.23 -112.84
CA PRO D 278 -5.84 16.86 -113.25
C PRO D 278 -6.23 15.88 -112.15
N LYS D 279 -6.13 14.59 -112.47
CA LYS D 279 -6.43 13.57 -111.48
C LYS D 279 -5.20 12.72 -111.18
N LEU D 280 -5.13 12.18 -109.97
CA LEU D 280 -4.00 11.38 -109.56
C LEU D 280 -4.39 9.91 -109.49
N LYS D 281 -3.51 9.05 -110.02
CA LYS D 281 -3.75 7.60 -110.00
C LYS D 281 -2.43 6.97 -109.56
N TRP D 282 -2.49 5.79 -108.97
CA TRP D 282 -1.28 5.11 -108.53
C TRP D 282 -0.85 4.03 -109.52
N ALA D 283 0.44 3.98 -109.83
CA ALA D 283 0.95 2.98 -110.76
C ALA D 283 1.06 1.62 -110.08
N ARG D 284 0.99 1.60 -108.76
CA ARG D 284 1.08 0.34 -108.01
C ARG D 284 0.00 0.29 -106.93
N SER D 285 -0.18 -0.88 -106.33
CA SER D 285 -1.20 -1.05 -105.30
C SER D 285 -0.66 -0.70 -103.90
N LYS D 286 -1.58 -0.58 -102.96
CA LYS D 286 -1.23 -0.28 -101.58
C LYS D 286 -0.25 -1.31 -101.05
N GLU D 287 -0.55 -2.58 -101.33
CA GLU D 287 0.29 -3.69 -100.90
C GLU D 287 1.70 -3.60 -101.48
N GLU D 288 1.79 -3.26 -102.76
CA GLU D 288 3.09 -3.16 -103.41
C GLU D 288 3.89 -2.02 -102.82
N ILE D 289 3.25 -0.87 -102.64
CA ILE D 289 3.93 0.29 -102.08
C ILE D 289 4.31 -0.02 -100.63
N GLY D 290 3.40 -0.69 -99.92
CA GLY D 290 3.68 -1.08 -98.54
C GLY D 290 3.37 -0.05 -97.47
N ASP D 291 4.22 0.94 -97.34
CA ASP D 291 4.02 1.98 -96.35
C ASP D 291 4.40 3.34 -96.90
N ILE D 292 4.36 4.37 -96.04
CA ILE D 292 4.68 5.73 -96.45
C ILE D 292 6.10 5.89 -97.01
N ASP D 293 6.98 4.97 -96.69
CA ASP D 293 8.36 5.04 -97.18
C ASP D 293 8.58 4.25 -98.46
N GLY D 294 7.52 3.65 -99.01
CA GLY D 294 7.70 2.85 -100.21
C GLY D 294 7.31 3.50 -101.53
N PHE D 295 7.01 4.79 -101.52
CA PHE D 295 6.60 5.47 -102.76
C PHE D 295 7.79 5.82 -103.65
N LYS D 296 7.54 5.83 -104.96
CA LYS D 296 8.56 6.17 -105.95
C LYS D 296 7.96 7.20 -106.89
N VAL D 297 8.80 8.03 -107.48
CA VAL D 297 8.30 9.07 -108.38
C VAL D 297 7.35 8.51 -109.44
N GLU D 298 7.74 7.39 -110.03
CA GLU D 298 6.94 6.75 -111.08
C GLU D 298 5.60 6.20 -110.60
N ASP D 299 5.37 6.21 -109.29
CA ASP D 299 4.09 5.72 -108.78
C ASP D 299 2.99 6.74 -109.00
N PHE D 300 3.37 8.00 -109.14
CA PHE D 300 2.44 9.11 -109.32
C PHE D 300 2.02 9.29 -110.78
N VAL D 301 0.84 8.80 -111.13
CA VAL D 301 0.32 8.95 -112.47
C VAL D 301 -0.72 10.07 -112.53
N VAL D 302 -0.29 11.23 -113.00
CA VAL D 302 -1.15 12.40 -113.10
C VAL D 302 -1.72 12.50 -114.52
N GLU D 303 -3.03 12.39 -114.63
CA GLU D 303 -3.65 12.44 -115.95
C GLU D 303 -4.55 13.63 -116.12
N GLY D 304 -4.60 14.14 -117.35
CA GLY D 304 -5.45 15.27 -117.65
C GLY D 304 -4.86 16.63 -117.31
N TYR D 305 -3.55 16.70 -117.08
CA TYR D 305 -2.94 17.98 -116.76
C TYR D 305 -2.79 18.77 -118.05
N LYS D 306 -3.48 19.91 -118.14
CA LYS D 306 -3.46 20.75 -119.32
C LYS D 306 -3.21 22.20 -119.00
N PRO D 307 -1.97 22.53 -118.62
CA PRO D 307 -1.61 23.88 -118.26
C PRO D 307 -1.27 24.81 -119.42
N TRP D 308 -1.27 26.11 -119.12
CA TRP D 308 -0.86 27.11 -120.08
C TRP D 308 0.66 27.10 -120.03
N GLY D 309 1.28 28.01 -120.78
CA GLY D 309 2.73 28.07 -120.83
C GLY D 309 3.40 28.40 -119.51
N LYS D 310 4.71 28.12 -119.44
CA LYS D 310 5.47 28.40 -118.25
C LYS D 310 5.65 29.90 -118.12
N ILE D 311 5.84 30.35 -116.88
CA ILE D 311 6.05 31.75 -116.60
C ILE D 311 7.32 31.87 -115.79
N ASP D 312 8.35 32.48 -116.39
CA ASP D 312 9.63 32.63 -115.72
C ASP D 312 9.59 33.62 -114.54
N MET D 313 10.10 33.16 -113.41
CA MET D 313 10.16 33.99 -112.20
C MET D 313 11.44 33.63 -111.45
N LYS D 314 12.22 34.65 -111.10
CA LYS D 314 13.47 34.41 -110.40
C LYS D 314 13.22 34.24 -108.90
N MET D 315 13.94 33.32 -108.28
CA MET D 315 13.78 33.09 -106.85
C MET D 315 14.78 33.97 -106.12
N SER D 316 14.33 34.62 -105.05
CA SER D 316 15.22 35.46 -104.26
C SER D 316 15.76 34.62 -103.12
N ALA D 317 17.09 34.46 -103.10
CA ALA D 317 17.77 33.65 -102.08
C ALA D 317 17.76 34.28 -100.70
N ARG E 13 -19.41 32.51 -6.22
CA ARG E 13 -20.78 32.17 -6.70
C ARG E 13 -21.05 30.69 -6.45
N SER E 14 -22.00 30.40 -5.58
CA SER E 14 -22.33 29.02 -5.29
C SER E 14 -22.75 28.26 -6.54
N ASN E 15 -23.47 28.92 -7.45
CA ASN E 15 -23.89 28.29 -8.69
C ASN E 15 -23.63 29.24 -9.86
N PRO E 16 -22.38 29.27 -10.34
CA PRO E 16 -21.91 30.12 -11.44
C PRO E 16 -22.65 29.94 -12.76
N ASP E 17 -23.36 28.83 -12.91
CA ASP E 17 -24.07 28.58 -14.17
C ASP E 17 -25.50 29.07 -14.16
N HIS E 18 -25.92 29.70 -13.06
CA HIS E 18 -27.29 30.19 -12.98
C HIS E 18 -27.49 31.21 -14.10
N GLU E 19 -28.52 30.99 -14.92
CA GLU E 19 -28.82 31.86 -16.06
C GLU E 19 -29.02 33.32 -15.72
N GLU E 20 -29.40 33.62 -14.47
CA GLU E 20 -29.62 35.01 -14.09
C GLU E 20 -28.34 35.84 -14.09
N TYR E 21 -27.19 35.17 -14.00
CA TYR E 21 -25.92 35.90 -14.03
C TYR E 21 -25.71 36.59 -15.38
N GLN E 22 -26.37 36.12 -16.43
CA GLN E 22 -26.26 36.76 -17.75
C GLN E 22 -26.77 38.17 -17.60
N TYR E 23 -27.92 38.31 -16.93
CA TYR E 23 -28.53 39.62 -16.72
C TYR E 23 -27.67 40.50 -15.78
N LEU E 24 -27.26 39.94 -14.66
CA LEU E 24 -26.43 40.70 -13.71
C LEU E 24 -25.08 41.09 -14.33
N ASP E 25 -24.44 40.17 -15.03
CA ASP E 25 -23.13 40.47 -15.64
C ASP E 25 -23.22 41.57 -16.70
N LEU E 26 -24.29 41.59 -17.48
CA LEU E 26 -24.44 42.61 -18.52
C LEU E 26 -24.60 43.99 -17.88
N ILE E 27 -25.40 44.06 -16.82
CA ILE E 27 -25.59 45.32 -16.13
C ILE E 27 -24.27 45.82 -15.59
N ARG E 28 -23.49 44.91 -14.99
CA ARG E 28 -22.18 45.27 -14.44
C ARG E 28 -21.28 45.80 -15.57
N ARG E 29 -21.31 45.13 -16.71
CA ARG E 29 -20.50 45.53 -17.84
C ARG E 29 -20.91 46.91 -18.38
N ILE E 30 -22.22 47.13 -18.52
CA ILE E 30 -22.71 48.42 -19.02
C ILE E 30 -22.29 49.56 -18.08
N ILE E 31 -22.43 49.35 -16.78
CA ILE E 31 -22.03 50.37 -15.82
C ILE E 31 -20.53 50.62 -15.91
N ASN E 32 -19.75 49.55 -16.06
CA ASN E 32 -18.28 49.66 -16.13
C ASN E 32 -17.72 50.27 -17.41
N VAL E 33 -18.06 49.70 -18.56
CA VAL E 33 -17.54 50.20 -19.84
C VAL E 33 -18.56 50.79 -20.80
N GLY E 34 -19.81 50.92 -20.36
CA GLY E 34 -20.83 51.47 -21.21
C GLY E 34 -20.57 52.93 -21.56
N GLU E 35 -21.16 53.40 -22.64
CA GLU E 35 -20.98 54.77 -23.08
C GLU E 35 -22.10 55.68 -22.54
N VAL E 36 -21.73 56.80 -21.93
CA VAL E 36 -22.70 57.74 -21.38
C VAL E 36 -23.35 58.47 -22.54
N ARG E 37 -24.66 58.44 -22.62
CA ARG E 37 -25.36 59.09 -23.72
C ARG E 37 -26.63 59.82 -23.35
N PRO E 38 -27.01 60.80 -24.17
CA PRO E 38 -28.23 61.58 -23.97
C PRO E 38 -29.32 60.68 -24.55
N ASP E 39 -30.59 60.94 -24.24
CA ASP E 39 -31.65 60.12 -24.79
C ASP E 39 -32.95 60.88 -24.86
N ARG E 40 -33.94 60.27 -25.49
CA ARG E 40 -35.26 60.85 -25.66
C ARG E 40 -35.91 61.33 -24.34
N THR E 41 -35.78 60.52 -23.28
CA THR E 41 -36.42 60.87 -22.00
C THR E 41 -35.77 62.06 -21.29
N GLY E 42 -34.49 62.30 -21.57
CA GLY E 42 -33.82 63.41 -20.92
C GLY E 42 -33.10 63.03 -19.63
N THR E 43 -33.25 61.79 -19.17
CA THR E 43 -32.54 61.40 -17.94
C THR E 43 -31.11 60.93 -18.23
N GLY E 44 -30.88 60.44 -19.45
CA GLY E 44 -29.54 59.97 -19.79
C GLY E 44 -29.32 58.49 -19.44
N THR E 45 -28.43 57.84 -20.17
CA THR E 45 -28.15 56.43 -19.92
C THR E 45 -26.68 56.11 -20.16
N VAL E 46 -26.32 54.87 -19.84
CA VAL E 46 -25.00 54.35 -20.12
C VAL E 46 -25.39 53.14 -20.98
N ALA E 47 -24.76 52.97 -22.14
CA ALA E 47 -25.16 51.87 -23.02
C ALA E 47 -24.09 51.17 -23.83
N LEU E 48 -24.46 49.98 -24.31
CA LEU E 48 -23.63 49.14 -25.17
C LEU E 48 -24.56 48.68 -26.29
N PHE E 49 -24.05 48.56 -27.50
CA PHE E 49 -24.87 48.09 -28.63
C PHE E 49 -24.61 46.63 -28.96
N ALA E 50 -25.69 45.91 -29.23
CA ALA E 50 -25.62 44.52 -29.61
C ALA E 50 -24.74 43.59 -28.77
N PRO E 51 -24.95 43.53 -27.46
CA PRO E 51 -24.12 42.65 -26.64
C PRO E 51 -24.55 41.21 -26.90
N PRO E 52 -23.76 40.23 -26.44
CA PRO E 52 -24.12 38.82 -26.67
C PRO E 52 -25.54 38.59 -26.20
N SER E 53 -26.27 37.73 -26.89
CA SER E 53 -27.66 37.46 -26.55
C SER E 53 -27.81 36.60 -25.29
N PHE E 54 -28.98 36.68 -24.66
CA PHE E 54 -29.28 35.89 -23.46
C PHE E 54 -29.97 34.61 -23.88
N ARG E 55 -29.70 33.51 -23.17
CA ARG E 55 -30.35 32.25 -23.48
C ARG E 55 -30.92 31.69 -22.18
N PHE E 56 -32.19 31.31 -22.20
CA PHE E 56 -32.83 30.77 -21.00
C PHE E 56 -33.54 29.46 -21.32
N SER E 57 -33.26 28.44 -20.52
CA SER E 57 -33.91 27.15 -20.73
C SER E 57 -35.35 27.19 -20.21
N LEU E 58 -36.27 26.66 -21.00
CA LEU E 58 -37.68 26.60 -20.61
C LEU E 58 -38.11 25.16 -20.36
N ALA E 59 -37.15 24.25 -20.34
CA ALA E 59 -37.42 22.84 -20.08
C ALA E 59 -37.83 22.63 -18.62
N ASP E 60 -38.47 21.51 -18.36
CA ASP E 60 -38.95 21.17 -17.02
C ASP E 60 -39.83 22.26 -16.43
N ASN E 61 -40.69 22.85 -17.25
CA ASN E 61 -41.62 23.90 -16.81
C ASN E 61 -40.96 25.11 -16.16
N THR E 62 -39.69 25.34 -16.47
CA THR E 62 -38.98 26.48 -15.90
C THR E 62 -39.41 27.84 -16.47
N LEU E 63 -39.53 28.83 -15.57
CA LEU E 63 -39.90 30.18 -15.92
C LEU E 63 -38.79 31.11 -15.45
N PRO E 64 -38.09 31.76 -16.40
CA PRO E 64 -37.00 32.67 -16.03
C PRO E 64 -37.49 33.99 -15.47
N LEU E 65 -38.09 33.91 -14.28
CA LEU E 65 -38.57 35.10 -13.59
C LEU E 65 -37.44 35.49 -12.62
N LEU E 66 -36.79 36.63 -12.87
CA LEU E 66 -35.67 37.07 -12.06
C LEU E 66 -35.93 36.98 -10.55
N THR E 67 -34.92 36.52 -9.82
CA THR E 67 -35.00 36.37 -8.38
C THR E 67 -34.19 37.38 -7.56
N THR E 68 -33.30 38.13 -8.20
CA THR E 68 -32.49 39.08 -7.45
C THR E 68 -33.26 40.31 -7.03
N LYS E 69 -34.53 40.35 -7.41
CA LYS E 69 -35.44 41.42 -7.03
C LYS E 69 -36.84 40.87 -7.24
N ARG E 70 -37.81 41.39 -6.49
CA ARG E 70 -39.19 40.92 -6.65
C ARG E 70 -39.77 41.51 -7.94
N VAL E 71 -40.15 40.65 -8.86
CA VAL E 71 -40.73 41.09 -10.14
C VAL E 71 -42.25 41.01 -10.07
N PHE E 72 -42.93 42.05 -10.56
CA PHE E 72 -44.39 42.11 -10.54
C PHE E 72 -44.95 41.10 -11.55
N LEU E 73 -44.97 39.82 -11.16
CA LEU E 73 -45.44 38.76 -12.01
C LEU E 73 -46.83 39.00 -12.59
N ARG E 74 -47.79 39.35 -11.73
CA ARG E 74 -49.15 39.58 -12.19
C ARG E 74 -49.17 40.65 -13.27
N GLY E 75 -48.29 41.64 -13.12
CA GLY E 75 -48.24 42.71 -14.11
C GLY E 75 -47.77 42.18 -15.46
N VAL E 76 -46.80 41.27 -15.43
CA VAL E 76 -46.26 40.66 -16.64
C VAL E 76 -47.36 39.88 -17.36
N ILE E 77 -48.01 38.98 -16.62
CA ILE E 77 -49.09 38.18 -17.15
C ILE E 77 -50.22 39.05 -17.71
N ALA E 78 -50.65 40.04 -16.93
CA ALA E 78 -51.72 40.92 -17.40
C ALA E 78 -51.38 41.61 -18.72
N GLU E 79 -50.17 42.16 -18.79
CA GLU E 79 -49.75 42.85 -20.00
C GLU E 79 -49.72 41.88 -21.19
N LEU E 80 -49.24 40.65 -20.95
CA LEU E 80 -49.17 39.65 -22.00
C LEU E 80 -50.54 39.24 -22.56
N LEU E 81 -51.49 38.97 -21.68
CA LEU E 81 -52.85 38.59 -22.11
C LEU E 81 -53.50 39.77 -22.81
N TRP E 82 -53.07 40.97 -22.43
CA TRP E 82 -53.55 42.20 -23.02
C TRP E 82 -53.02 42.27 -24.48
N PHE E 83 -51.74 41.93 -24.69
CA PHE E 83 -51.15 41.92 -26.04
C PHE E 83 -51.93 40.92 -26.91
N VAL E 84 -52.04 39.71 -26.39
CA VAL E 84 -52.73 38.64 -27.10
C VAL E 84 -54.14 39.03 -27.53
N SER E 85 -54.86 39.72 -26.65
CA SER E 85 -56.22 40.16 -26.95
C SER E 85 -56.27 41.21 -28.06
N GLY E 86 -55.13 41.77 -28.42
CA GLY E 86 -55.10 42.79 -29.46
C GLY E 86 -55.53 44.17 -28.96
N CYS E 87 -55.80 44.26 -27.66
CA CYS E 87 -56.24 45.51 -27.05
C CYS E 87 -55.12 46.52 -26.90
N THR E 88 -55.44 47.81 -27.09
CA THR E 88 -54.45 48.87 -27.00
C THR E 88 -54.86 49.96 -26.00
N ASP E 89 -55.84 49.65 -25.17
CA ASP E 89 -56.30 50.60 -24.17
C ASP E 89 -55.64 50.27 -22.83
N ALA E 90 -54.75 51.15 -22.39
CA ALA E 90 -54.05 50.97 -21.13
C ALA E 90 -54.99 50.91 -19.90
N LYS E 91 -56.21 51.43 -20.05
CA LYS E 91 -57.16 51.40 -18.93
C LYS E 91 -57.52 49.96 -18.60
N MET E 92 -57.36 49.06 -19.57
CA MET E 92 -57.68 47.65 -19.33
C MET E 92 -56.64 47.05 -18.39
N LEU E 93 -55.49 47.71 -18.26
CA LEU E 93 -54.45 47.23 -17.36
C LEU E 93 -54.58 47.95 -16.01
N SER E 94 -54.76 49.27 -16.03
CA SER E 94 -54.89 50.01 -14.78
C SER E 94 -56.14 49.64 -14.00
N SER E 95 -57.18 49.19 -14.72
CA SER E 95 -58.41 48.81 -14.05
C SER E 95 -58.22 47.53 -13.25
N GLN E 96 -57.18 46.76 -13.59
CA GLN E 96 -56.90 45.53 -12.84
C GLN E 96 -55.66 45.68 -11.98
N GLY E 97 -55.31 46.93 -11.69
CA GLY E 97 -54.17 47.23 -10.84
C GLY E 97 -52.79 47.16 -11.45
N VAL E 98 -52.69 47.30 -12.76
CA VAL E 98 -51.39 47.25 -13.44
C VAL E 98 -51.19 48.60 -14.12
N GLY E 99 -50.25 49.40 -13.62
CA GLY E 99 -50.05 50.71 -14.19
C GLY E 99 -48.80 50.92 -15.03
N ILE E 100 -48.20 49.85 -15.49
CA ILE E 100 -46.96 49.98 -16.26
C ILE E 100 -47.08 50.84 -17.51
N TRP E 101 -48.28 50.96 -18.06
CA TRP E 101 -48.47 51.78 -19.26
C TRP E 101 -49.16 53.12 -19.00
N ASP E 102 -49.38 53.44 -17.72
CA ASP E 102 -50.04 54.70 -17.34
C ASP E 102 -49.18 55.88 -17.76
N GLY E 103 -47.87 55.73 -17.61
CA GLY E 103 -46.98 56.81 -17.95
C GLY E 103 -47.02 57.26 -19.41
N ASN E 104 -47.03 56.32 -20.35
CA ASN E 104 -47.06 56.70 -21.76
C ASN E 104 -48.48 56.83 -22.29
N GLY E 105 -49.46 56.49 -21.46
CA GLY E 105 -50.84 56.59 -21.88
C GLY E 105 -51.54 57.81 -21.28
N SER E 106 -50.83 58.56 -20.44
CA SER E 106 -51.40 59.75 -19.79
C SER E 106 -51.65 60.84 -20.83
N LYS E 107 -52.57 61.76 -20.56
CA LYS E 107 -52.84 62.86 -21.49
C LYS E 107 -51.62 63.73 -21.75
N GLU E 108 -50.86 64.01 -20.70
CA GLU E 108 -49.66 64.85 -20.84
C GLU E 108 -48.74 64.25 -21.87
N PHE E 109 -48.46 62.96 -21.72
CA PHE E 109 -47.54 62.35 -22.65
C PHE E 109 -48.11 62.30 -24.05
N LEU E 110 -49.35 61.83 -24.18
CA LEU E 110 -49.99 61.75 -25.50
C LEU E 110 -49.99 63.12 -26.20
N GLU E 111 -50.40 64.15 -25.48
CA GLU E 111 -50.44 65.50 -26.07
C GLU E 111 -49.02 65.92 -26.41
N LYS E 112 -48.07 65.47 -25.59
CA LYS E 112 -46.67 65.80 -25.77
C LYS E 112 -46.10 65.25 -27.08
N VAL E 113 -46.57 64.07 -27.49
CA VAL E 113 -46.09 63.46 -28.73
C VAL E 113 -47.01 63.70 -29.92
N GLY E 114 -47.89 64.68 -29.82
CA GLY E 114 -48.79 64.99 -30.93
C GLY E 114 -50.02 64.11 -31.05
N LEU E 115 -50.41 63.47 -29.96
CA LEU E 115 -51.59 62.61 -29.99
C LEU E 115 -52.64 63.11 -28.99
N GLY E 116 -52.83 64.44 -28.95
CA GLY E 116 -53.77 65.05 -28.04
C GLY E 116 -55.24 64.76 -28.32
N HIS E 117 -55.53 64.27 -29.52
CA HIS E 117 -56.90 63.97 -29.90
C HIS E 117 -57.38 62.65 -29.32
N ARG E 118 -56.50 61.93 -28.66
CA ARG E 118 -56.88 60.64 -28.09
C ARG E 118 -57.23 60.74 -26.62
N ARG E 119 -58.12 59.88 -26.17
CA ARG E 119 -58.48 59.88 -24.75
C ARG E 119 -57.31 59.23 -24.00
N GLU E 120 -57.19 59.55 -22.72
CA GLU E 120 -56.12 59.01 -21.91
C GLU E 120 -56.14 57.49 -21.95
N GLY E 121 -54.97 56.87 -22.11
CA GLY E 121 -54.88 55.42 -22.13
C GLY E 121 -54.92 54.79 -23.53
N ASP E 122 -55.33 55.55 -24.53
CA ASP E 122 -55.39 55.03 -25.91
C ASP E 122 -54.01 55.20 -26.53
N LEU E 123 -53.20 54.15 -26.43
CA LEU E 123 -51.81 54.15 -26.91
C LEU E 123 -51.65 54.13 -28.43
N GLY E 124 -52.70 53.75 -29.14
CA GLY E 124 -52.60 53.68 -30.58
C GLY E 124 -52.43 52.23 -31.02
N PRO E 125 -52.04 52.00 -32.29
CA PRO E 125 -51.84 50.65 -32.82
C PRO E 125 -50.53 49.99 -32.38
N VAL E 126 -50.39 49.79 -31.05
CA VAL E 126 -49.18 49.19 -30.52
C VAL E 126 -49.22 47.67 -30.50
N TYR E 127 -48.21 47.05 -29.89
CA TYR E 127 -48.05 45.60 -29.81
C TYR E 127 -49.23 44.70 -30.20
N GLY E 128 -50.16 44.53 -29.26
CA GLY E 128 -51.31 43.67 -29.48
C GLY E 128 -52.07 43.91 -30.78
N PHE E 129 -52.23 45.17 -31.18
CA PHE E 129 -52.95 45.47 -32.40
C PHE E 129 -52.20 44.93 -33.61
N GLN E 130 -50.88 45.16 -33.65
CA GLN E 130 -50.06 44.69 -34.77
C GLN E 130 -50.05 43.16 -34.81
N TRP E 131 -49.92 42.54 -33.64
CA TRP E 131 -49.90 41.09 -33.50
C TRP E 131 -51.14 40.40 -34.09
N ARG E 132 -52.33 40.95 -33.82
CA ARG E 132 -53.56 40.32 -34.29
C ARG E 132 -54.24 41.01 -35.48
N HIS E 133 -53.84 42.25 -35.79
CA HIS E 133 -54.52 42.97 -36.89
C HIS E 133 -53.57 43.78 -37.76
N PHE E 134 -52.34 43.29 -37.94
CA PHE E 134 -51.37 44.01 -38.74
C PHE E 134 -51.91 44.45 -40.08
N GLY E 135 -51.78 45.74 -40.38
CA GLY E 135 -52.24 46.26 -41.66
C GLY E 135 -53.62 46.88 -41.60
N ALA E 136 -54.39 46.55 -40.58
CA ALA E 136 -55.72 47.13 -40.44
C ALA E 136 -55.63 48.62 -40.18
N GLU E 137 -56.70 49.33 -40.51
CA GLU E 137 -56.77 50.78 -40.31
C GLU E 137 -57.15 51.04 -38.83
N TYR E 138 -56.39 51.88 -38.16
CA TYR E 138 -56.66 52.16 -36.76
C TYR E 138 -57.47 53.44 -36.61
N THR E 139 -58.52 53.38 -35.81
CA THR E 139 -59.32 54.57 -35.55
C THR E 139 -58.99 54.97 -34.11
N ASP E 140 -59.52 54.24 -33.15
CA ASP E 140 -59.20 54.48 -31.74
C ASP E 140 -59.19 53.11 -31.04
N ALA E 141 -59.01 53.06 -29.71
CA ALA E 141 -58.98 51.76 -29.04
C ALA E 141 -60.28 51.02 -28.96
N ASP E 142 -61.38 51.71 -29.26
CA ASP E 142 -62.71 51.09 -29.22
C ASP E 142 -63.13 50.54 -30.58
N GLY E 143 -62.31 50.78 -31.60
CA GLY E 143 -62.65 50.31 -32.93
C GLY E 143 -62.90 48.82 -33.03
N ASP E 144 -63.68 48.43 -34.05
CA ASP E 144 -63.99 47.03 -34.27
C ASP E 144 -63.00 46.48 -35.29
N TYR E 145 -62.03 45.70 -34.82
CA TYR E 145 -61.00 45.14 -35.68
C TYR E 145 -61.12 43.65 -35.91
N LYS E 146 -62.14 43.03 -35.32
CA LYS E 146 -62.33 41.61 -35.47
C LYS E 146 -62.34 41.19 -36.94
N GLY E 147 -61.50 40.22 -37.30
CA GLY E 147 -61.42 39.75 -38.67
C GLY E 147 -60.71 40.71 -39.62
N LYS E 148 -60.10 41.77 -39.08
CA LYS E 148 -59.40 42.73 -39.91
C LYS E 148 -57.88 42.66 -39.70
N GLY E 149 -57.13 42.87 -40.78
CA GLY E 149 -55.68 42.82 -40.71
C GLY E 149 -55.17 41.40 -40.63
N VAL E 150 -53.86 41.24 -40.52
CA VAL E 150 -53.27 39.91 -40.44
C VAL E 150 -53.11 39.43 -38.99
N ASP E 151 -53.65 38.25 -38.71
CA ASP E 151 -53.53 37.70 -37.37
C ASP E 151 -52.27 36.86 -37.35
N GLN E 152 -51.15 37.50 -37.09
CA GLN E 152 -49.86 36.82 -37.04
C GLN E 152 -49.82 35.75 -35.95
N LEU E 153 -50.37 36.04 -34.77
CA LEU E 153 -50.32 35.09 -33.66
C LEU E 153 -50.99 33.76 -33.99
N GLN E 154 -52.21 33.79 -34.51
CA GLN E 154 -52.90 32.54 -34.83
C GLN E 154 -52.18 31.82 -35.96
N ARG E 155 -51.61 32.58 -36.90
CA ARG E 155 -50.88 31.95 -38.00
C ARG E 155 -49.68 31.19 -37.42
N VAL E 156 -49.01 31.80 -36.44
CA VAL E 156 -47.88 31.15 -35.79
C VAL E 156 -48.33 29.81 -35.17
N ILE E 157 -49.47 29.82 -34.48
CA ILE E 157 -50.01 28.62 -33.85
C ILE E 157 -50.28 27.55 -34.91
N ASP E 158 -51.05 27.92 -35.92
CA ASP E 158 -51.39 27.01 -37.03
C ASP E 158 -50.15 26.44 -37.70
N THR E 159 -49.13 27.26 -37.89
CA THR E 159 -47.91 26.81 -38.58
C THR E 159 -47.10 25.83 -37.71
N ILE E 160 -46.99 26.11 -36.42
CA ILE E 160 -46.27 25.21 -35.54
C ILE E 160 -46.93 23.83 -35.53
N LYS E 161 -48.25 23.80 -35.56
CA LYS E 161 -49.00 22.54 -35.56
C LYS E 161 -49.02 21.78 -36.89
N ASN E 162 -49.15 22.49 -38.01
CA ASN E 162 -49.28 21.82 -39.31
C ASN E 162 -48.07 21.89 -40.25
N ASN E 163 -47.13 22.79 -39.97
CA ASN E 163 -45.94 22.87 -40.79
C ASN E 163 -44.77 23.45 -39.97
N PRO E 164 -44.37 22.72 -38.90
CA PRO E 164 -43.29 23.09 -37.97
C PRO E 164 -41.95 23.47 -38.56
N THR E 165 -41.57 22.90 -39.70
CA THR E 165 -40.27 23.22 -40.28
C THR E 165 -40.32 24.50 -41.12
N ASP E 166 -41.47 25.15 -41.15
CA ASP E 166 -41.59 26.42 -41.88
C ASP E 166 -40.54 27.38 -41.26
N ARG E 167 -39.99 28.26 -42.09
CA ARG E 167 -38.98 29.19 -41.65
C ARG E 167 -39.48 30.62 -41.53
N ARG E 168 -40.80 30.82 -41.60
CA ARG E 168 -41.38 32.15 -41.48
C ARG E 168 -42.27 32.30 -40.24
N ILE E 169 -42.00 31.53 -39.19
CA ILE E 169 -42.84 31.61 -37.98
C ILE E 169 -42.47 32.87 -37.20
N ILE E 170 -42.95 34.00 -37.70
CA ILE E 170 -42.63 35.29 -37.16
C ILE E 170 -43.83 36.04 -36.55
N LEU E 171 -43.57 36.72 -35.43
CA LEU E 171 -44.56 37.51 -34.74
C LEU E 171 -43.91 38.89 -34.59
N SER E 172 -44.43 39.88 -35.31
CA SER E 172 -43.82 41.21 -35.27
C SER E 172 -44.79 42.34 -35.03
N ALA E 173 -44.36 43.32 -34.25
CA ALA E 173 -45.17 44.51 -33.97
C ALA E 173 -44.64 45.74 -34.71
N TRP E 174 -43.48 45.62 -35.34
CA TRP E 174 -42.90 46.75 -36.06
C TRP E 174 -43.70 47.09 -37.31
N ASN E 175 -44.17 48.33 -37.40
CA ASN E 175 -44.97 48.76 -38.56
C ASN E 175 -44.57 50.21 -38.81
N PRO E 176 -43.63 50.44 -39.75
CA PRO E 176 -43.16 51.79 -40.09
C PRO E 176 -44.28 52.77 -40.42
N LYS E 177 -45.35 52.27 -41.04
CA LYS E 177 -46.46 53.17 -41.37
C LYS E 177 -47.24 53.64 -40.14
N ASP E 178 -47.46 52.74 -39.19
CA ASP E 178 -48.24 53.07 -37.99
C ASP E 178 -47.44 53.73 -36.85
N LEU E 179 -46.11 53.71 -36.94
CA LEU E 179 -45.27 54.28 -35.87
C LEU E 179 -45.72 55.63 -35.31
N PRO E 180 -45.95 56.62 -36.16
CA PRO E 180 -46.39 57.94 -35.65
C PRO E 180 -47.71 57.92 -34.87
N LEU E 181 -48.51 56.88 -35.04
CA LEU E 181 -49.78 56.79 -34.32
C LEU E 181 -49.60 56.11 -32.96
N MET E 182 -48.39 55.59 -32.72
CA MET E 182 -48.08 54.91 -31.48
C MET E 182 -47.52 55.85 -30.41
N ALA E 183 -47.99 55.70 -29.18
CA ALA E 183 -47.49 56.54 -28.09
C ALA E 183 -45.99 56.26 -27.97
N LEU E 184 -45.62 55.01 -28.24
CA LEU E 184 -44.21 54.61 -28.16
C LEU E 184 -43.99 53.49 -29.18
N PRO E 185 -42.88 53.55 -29.94
CA PRO E 185 -42.62 52.49 -30.91
C PRO E 185 -42.28 51.19 -30.16
N PRO E 186 -42.59 50.03 -30.76
CA PRO E 186 -42.32 48.72 -30.14
C PRO E 186 -40.83 48.53 -29.77
N CYS E 187 -40.58 48.08 -28.54
CA CYS E 187 -39.22 47.81 -28.06
C CYS E 187 -38.91 46.38 -28.47
N HIS E 188 -39.76 45.44 -28.08
CA HIS E 188 -39.56 44.08 -28.52
C HIS E 188 -40.29 44.09 -29.86
N MET E 189 -39.54 44.31 -30.94
CA MET E 189 -40.15 44.44 -32.25
C MET E 189 -40.55 43.19 -32.98
N PHE E 190 -40.01 42.04 -32.59
CA PHE E 190 -40.42 40.80 -33.22
C PHE E 190 -39.72 39.60 -32.61
N CYS E 191 -40.25 38.43 -32.93
CA CYS E 191 -39.66 37.20 -32.43
C CYS E 191 -39.90 36.12 -33.46
N GLN E 192 -39.09 35.08 -33.40
CA GLN E 192 -39.19 33.96 -34.32
C GLN E 192 -39.24 32.68 -33.52
N PHE E 193 -40.14 31.78 -33.90
CA PHE E 193 -40.26 30.49 -33.23
C PHE E 193 -39.64 29.42 -34.09
N PHE E 194 -39.13 28.37 -33.42
CA PHE E 194 -38.48 27.27 -34.09
C PHE E 194 -38.93 26.00 -33.42
N VAL E 195 -39.21 24.98 -34.24
CA VAL E 195 -39.68 23.71 -33.73
C VAL E 195 -38.73 22.59 -34.09
N SER E 196 -38.21 21.87 -33.09
CA SER E 196 -37.33 20.75 -33.35
C SER E 196 -38.21 19.53 -33.42
N LEU E 197 -38.03 18.74 -34.48
CA LEU E 197 -38.82 17.52 -34.65
C LEU E 197 -38.37 16.45 -33.67
N PRO E 198 -39.26 15.51 -33.32
CA PRO E 198 -38.93 14.43 -32.38
C PRO E 198 -37.77 13.59 -32.91
N PRO E 199 -36.78 13.29 -32.06
CA PRO E 199 -35.62 12.49 -32.47
C PRO E 199 -36.07 11.10 -32.96
N ALA E 200 -35.20 10.43 -33.71
CA ALA E 200 -35.49 9.11 -34.25
C ALA E 200 -35.75 8.06 -33.18
N ASP E 201 -34.89 8.01 -32.18
CA ASP E 201 -35.03 7.02 -31.12
C ASP E 201 -36.19 7.24 -30.15
N SER E 202 -37.26 7.88 -30.64
CA SER E 202 -38.46 8.17 -29.86
C SER E 202 -39.35 9.20 -30.55
N PRO E 203 -40.05 8.80 -31.62
CA PRO E 203 -40.93 9.68 -32.40
C PRO E 203 -42.23 10.04 -31.69
N GLY E 204 -42.41 9.49 -30.49
CA GLY E 204 -43.62 9.78 -29.75
C GLY E 204 -43.50 11.06 -28.95
N SER E 205 -42.27 11.48 -28.68
CA SER E 205 -42.01 12.69 -27.92
C SER E 205 -42.62 13.93 -28.58
N LYS E 206 -42.83 14.96 -27.77
CA LYS E 206 -43.40 16.21 -28.26
C LYS E 206 -42.30 17.04 -28.92
N PRO E 207 -42.62 17.74 -30.01
CA PRO E 207 -41.62 18.57 -30.68
C PRO E 207 -41.20 19.65 -29.68
N LYS E 208 -39.97 20.13 -29.77
CA LYS E 208 -39.50 21.18 -28.86
C LYS E 208 -39.64 22.57 -29.49
N LEU E 209 -40.19 23.50 -28.70
CA LEU E 209 -40.43 24.86 -29.16
C LEU E 209 -39.46 25.87 -28.57
N SER E 210 -38.84 26.66 -29.44
CA SER E 210 -37.91 27.69 -29.02
C SER E 210 -38.37 29.04 -29.58
N CYS E 211 -37.91 30.10 -28.94
CA CYS E 211 -38.28 31.45 -29.32
C CYS E 211 -37.10 32.42 -29.23
N LEU E 212 -36.90 33.19 -30.30
CA LEU E 212 -35.86 34.21 -30.30
C LEU E 212 -36.56 35.57 -30.47
N MET E 213 -36.31 36.47 -29.54
CA MET E 213 -36.91 37.79 -29.61
C MET E 213 -35.82 38.83 -29.74
N TYR E 214 -36.08 39.84 -30.55
CA TYR E 214 -35.13 40.91 -30.74
C TYR E 214 -35.75 42.18 -30.20
N GLN E 215 -35.03 42.84 -29.29
CA GLN E 215 -35.47 44.07 -28.65
C GLN E 215 -34.52 45.21 -29.05
N ARG E 216 -35.05 46.21 -29.76
CA ARG E 216 -34.23 47.34 -30.24
C ARG E 216 -33.69 48.26 -29.15
N SER E 217 -34.45 48.41 -28.08
CA SER E 217 -34.10 49.31 -26.99
C SER E 217 -34.43 48.57 -25.71
N CYS E 218 -33.48 48.49 -24.79
CA CYS E 218 -33.67 47.72 -23.58
C CYS E 218 -33.29 48.44 -22.29
N ASP E 219 -34.31 48.72 -21.49
CA ASP E 219 -34.11 49.34 -20.19
C ASP E 219 -33.82 48.15 -19.28
N LEU E 220 -32.55 47.89 -19.04
CA LEU E 220 -32.20 46.73 -18.22
C LEU E 220 -32.80 46.70 -16.82
N GLY E 221 -32.87 47.86 -16.18
CA GLY E 221 -33.42 47.93 -14.83
C GLY E 221 -34.89 47.57 -14.74
N LEU E 222 -35.72 48.23 -15.54
CA LEU E 222 -37.17 48.02 -15.49
C LEU E 222 -37.82 47.16 -16.58
N GLY E 223 -37.45 47.39 -17.83
CA GLY E 223 -38.03 46.60 -18.92
C GLY E 223 -37.60 45.15 -19.12
N VAL E 224 -36.30 44.91 -19.24
CA VAL E 224 -35.79 43.57 -19.48
C VAL E 224 -36.35 42.49 -18.57
N PRO E 225 -36.48 42.77 -17.26
CA PRO E 225 -37.03 41.73 -16.39
C PRO E 225 -38.43 41.33 -16.86
N PHE E 226 -39.21 42.31 -17.30
CA PHE E 226 -40.55 42.00 -17.80
C PHE E 226 -40.48 41.27 -19.17
N ASN E 227 -39.66 41.81 -20.08
CA ASN E 227 -39.53 41.21 -21.42
C ASN E 227 -39.13 39.74 -21.36
N ILE E 228 -38.19 39.41 -20.47
CA ILE E 228 -37.73 38.04 -20.38
C ILE E 228 -38.86 37.10 -19.95
N ALA E 229 -39.54 37.46 -18.86
CA ALA E 229 -40.64 36.63 -18.37
C ALA E 229 -41.82 36.59 -19.35
N SER E 230 -42.09 37.72 -19.98
CA SER E 230 -43.20 37.82 -20.91
C SER E 230 -43.07 36.84 -22.08
N TYR E 231 -41.94 36.92 -22.81
CA TYR E 231 -41.74 36.01 -23.93
C TYR E 231 -41.57 34.57 -23.49
N ALA E 232 -41.04 34.36 -22.28
CA ALA E 232 -40.93 32.99 -21.79
C ALA E 232 -42.35 32.45 -21.60
N LEU E 233 -43.21 33.26 -20.99
CA LEU E 233 -44.61 32.88 -20.76
C LEU E 233 -45.38 32.68 -22.10
N LEU E 234 -45.11 33.55 -23.07
CA LEU E 234 -45.78 33.41 -24.36
C LEU E 234 -45.44 32.06 -24.98
N THR E 235 -44.18 31.67 -24.87
CA THR E 235 -43.71 30.41 -25.41
C THR E 235 -44.38 29.22 -24.72
N HIS E 236 -44.51 29.30 -23.39
CA HIS E 236 -45.19 28.25 -22.63
C HIS E 236 -46.66 28.21 -23.09
N MET E 237 -47.29 29.36 -23.25
CA MET E 237 -48.69 29.39 -23.72
C MET E 237 -48.85 28.74 -25.09
N ILE E 238 -48.01 29.15 -26.04
CA ILE E 238 -48.08 28.61 -27.39
C ILE E 238 -47.80 27.10 -27.36
N ALA E 239 -46.85 26.70 -26.54
CA ALA E 239 -46.52 25.29 -26.43
C ALA E 239 -47.73 24.47 -26.02
N LEU E 240 -48.51 24.97 -25.07
CA LEU E 240 -49.71 24.26 -24.60
C LEU E 240 -50.73 24.08 -25.72
N ILE E 241 -50.99 25.15 -26.46
CA ILE E 241 -51.97 25.11 -27.54
C ILE E 241 -51.52 24.27 -28.74
N THR E 242 -50.21 24.17 -28.97
CA THR E 242 -49.69 23.43 -30.12
C THR E 242 -49.16 22.04 -29.80
N ASP E 243 -49.35 21.59 -28.56
CA ASP E 243 -48.86 20.28 -28.16
C ASP E 243 -47.35 20.14 -28.33
N THR E 244 -46.61 21.21 -28.07
CA THR E 244 -45.16 21.15 -28.15
C THR E 244 -44.60 21.36 -26.74
N GLU E 245 -43.30 21.12 -26.58
CA GLU E 245 -42.63 21.25 -25.29
C GLU E 245 -41.69 22.45 -25.32
N PRO E 246 -41.91 23.42 -24.42
CA PRO E 246 -41.05 24.60 -24.40
C PRO E 246 -39.59 24.18 -24.22
N HIS E 247 -38.70 24.78 -25.00
CA HIS E 247 -37.30 24.40 -24.92
C HIS E 247 -36.34 25.52 -24.53
N GLU E 248 -36.27 26.56 -25.35
CA GLU E 248 -35.34 27.64 -25.09
C GLU E 248 -35.86 28.99 -25.54
N PHE E 249 -35.48 30.04 -24.82
CA PHE E 249 -35.85 31.40 -25.16
C PHE E 249 -34.53 32.18 -25.30
N ILE E 250 -34.38 32.85 -26.44
CA ILE E 250 -33.19 33.63 -26.73
C ILE E 250 -33.58 35.09 -26.88
N LEU E 251 -32.80 35.96 -26.24
CA LEU E 251 -33.08 37.39 -26.33
C LEU E 251 -31.88 38.18 -26.85
N GLN E 252 -32.04 38.77 -28.04
CA GLN E 252 -30.98 39.59 -28.63
C GLN E 252 -31.35 41.06 -28.47
N MET E 253 -30.42 41.84 -27.94
CA MET E 253 -30.66 43.25 -27.71
C MET E 253 -29.94 44.17 -28.68
N GLY E 254 -30.56 45.31 -28.94
CA GLY E 254 -29.94 46.32 -29.79
C GLY E 254 -29.29 47.32 -28.85
N ASP E 255 -29.97 48.41 -28.57
CA ASP E 255 -29.45 49.44 -27.66
C ASP E 255 -29.75 48.96 -26.23
N ALA E 256 -28.75 48.37 -25.59
CA ALA E 256 -28.89 47.85 -24.23
C ALA E 256 -28.36 48.94 -23.30
N HIS E 257 -29.23 49.49 -22.44
CA HIS E 257 -28.82 50.58 -21.56
C HIS E 257 -29.32 50.54 -20.11
N VAL E 258 -28.63 51.30 -19.26
CA VAL E 258 -29.00 51.41 -17.86
C VAL E 258 -29.21 52.89 -17.65
N TYR E 259 -30.42 53.29 -17.22
CA TYR E 259 -30.68 54.71 -16.97
C TYR E 259 -29.82 55.22 -15.83
N ARG E 260 -29.44 56.49 -15.91
CA ARG E 260 -28.58 57.13 -14.91
C ARG E 260 -29.13 56.97 -13.49
N ASP E 261 -30.44 57.14 -13.31
CA ASP E 261 -31.03 57.01 -11.99
C ASP E 261 -31.30 55.56 -11.57
N HIS E 262 -30.77 54.61 -12.34
CA HIS E 262 -30.92 53.19 -12.00
C HIS E 262 -29.62 52.57 -11.53
N VAL E 263 -28.51 53.25 -11.82
CA VAL E 263 -27.19 52.75 -11.45
C VAL E 263 -27.03 52.36 -9.98
N GLU E 264 -27.33 53.28 -9.08
CA GLU E 264 -27.20 52.96 -7.66
C GLU E 264 -28.15 51.87 -7.21
N PRO E 265 -29.43 51.93 -7.62
CA PRO E 265 -30.34 50.86 -7.18
C PRO E 265 -29.89 49.50 -7.67
N LEU E 266 -29.35 49.44 -8.90
CA LEU E 266 -28.91 48.17 -9.46
C LEU E 266 -27.67 47.60 -8.75
N LYS E 267 -26.80 48.49 -8.26
CA LYS E 267 -25.60 48.04 -7.55
C LYS E 267 -26.01 47.21 -6.35
N THR E 268 -27.13 47.56 -5.74
CA THR E 268 -27.64 46.81 -4.60
C THR E 268 -28.07 45.41 -5.07
N GLN E 269 -28.74 45.37 -6.22
CA GLN E 269 -29.19 44.09 -6.76
C GLN E 269 -28.01 43.20 -7.17
N LEU E 270 -26.94 43.81 -7.68
CA LEU E 270 -25.77 43.05 -8.11
C LEU E 270 -25.09 42.25 -7.01
N GLU E 271 -25.35 42.63 -5.76
CA GLU E 271 -24.75 41.96 -4.61
C GLU E 271 -25.50 40.69 -4.24
N ARG E 272 -26.66 40.49 -4.83
CA ARG E 272 -27.48 39.34 -4.48
C ARG E 272 -27.25 38.10 -5.33
N GLU E 273 -27.31 36.94 -4.67
CA GLU E 273 -27.14 35.65 -5.30
C GLU E 273 -28.52 35.13 -5.73
N PRO E 274 -28.66 34.77 -7.01
CA PRO E 274 -29.91 34.25 -7.56
C PRO E 274 -30.42 32.99 -6.89
N ARG E 275 -31.74 32.84 -6.84
CA ARG E 275 -32.35 31.63 -6.29
C ARG E 275 -32.79 30.84 -7.52
N ASP E 276 -32.98 29.54 -7.39
CA ASP E 276 -33.41 28.74 -8.53
C ASP E 276 -34.70 29.32 -9.10
N PHE E 277 -34.82 29.34 -10.42
CA PHE E 277 -36.01 29.89 -11.07
C PHE E 277 -37.25 29.07 -10.69
N PRO E 278 -38.42 29.70 -10.68
CA PRO E 278 -39.68 29.03 -10.34
C PRO E 278 -40.16 28.19 -11.53
N LYS E 279 -41.23 27.44 -11.30
CA LYS E 279 -41.79 26.61 -12.36
C LYS E 279 -43.21 27.04 -12.67
N LEU E 280 -43.64 26.83 -13.91
CA LEU E 280 -44.98 27.22 -14.33
C LEU E 280 -45.86 26.01 -14.50
N LYS E 281 -47.08 26.09 -13.98
CA LYS E 281 -48.05 25.01 -14.10
C LYS E 281 -49.37 25.65 -14.52
N TRP E 282 -50.24 24.90 -15.18
CA TRP E 282 -51.51 25.45 -15.63
C TRP E 282 -52.64 25.02 -14.70
N ALA E 283 -53.52 25.96 -14.38
CA ALA E 283 -54.65 25.66 -13.49
C ALA E 283 -55.73 24.93 -14.23
N ARG E 284 -55.67 24.95 -15.55
CA ARG E 284 -56.66 24.27 -16.37
C ARG E 284 -56.00 23.46 -17.48
N SER E 285 -56.78 22.61 -18.15
CA SER E 285 -56.22 21.78 -19.23
C SER E 285 -56.24 22.52 -20.57
N LYS E 286 -55.55 21.95 -21.54
CA LYS E 286 -55.50 22.51 -22.88
C LYS E 286 -56.92 22.64 -23.44
N GLU E 287 -57.72 21.59 -23.25
CA GLU E 287 -59.11 21.55 -23.72
C GLU E 287 -59.95 22.65 -23.10
N GLU E 288 -59.79 22.85 -21.79
CA GLU E 288 -60.54 23.90 -21.12
C GLU E 288 -60.14 25.29 -21.60
N ILE E 289 -58.83 25.53 -21.71
CA ILE E 289 -58.35 26.82 -22.19
C ILE E 289 -58.78 27.00 -23.64
N GLY E 290 -58.75 25.92 -24.42
CA GLY E 290 -59.19 25.98 -25.81
C GLY E 290 -58.18 26.46 -26.81
N ASP E 291 -57.93 27.78 -26.87
CA ASP E 291 -56.95 28.32 -27.82
C ASP E 291 -56.16 29.44 -27.17
N ILE E 292 -55.34 30.13 -27.96
CA ILE E 292 -54.49 31.20 -27.46
C ILE E 292 -55.27 32.37 -26.84
N ASP E 293 -56.54 32.49 -27.19
CA ASP E 293 -57.37 33.55 -26.65
C ASP E 293 -58.17 33.13 -25.41
N GLY E 294 -57.94 31.91 -24.93
CA GLY E 294 -58.71 31.48 -23.77
C GLY E 294 -58.00 31.51 -22.43
N PHE E 295 -56.80 32.05 -22.38
CA PHE E 295 -56.06 32.11 -21.12
C PHE E 295 -56.55 33.19 -20.18
N LYS E 296 -56.43 32.90 -18.88
CA LYS E 296 -56.84 33.84 -17.84
C LYS E 296 -55.69 33.99 -16.84
N VAL E 297 -55.59 35.14 -16.20
CA VAL E 297 -54.50 35.35 -15.23
C VAL E 297 -54.38 34.19 -14.26
N GLU E 298 -55.51 33.74 -13.71
CA GLU E 298 -55.51 32.64 -12.73
C GLU E 298 -55.07 31.30 -13.28
N ASP E 299 -54.89 31.21 -14.60
CA ASP E 299 -54.45 29.96 -15.19
C ASP E 299 -52.96 29.74 -14.91
N PHE E 300 -52.24 30.83 -14.72
CA PHE E 300 -50.80 30.76 -14.49
C PHE E 300 -50.43 30.47 -13.04
N VAL E 301 -50.04 29.23 -12.78
CA VAL E 301 -49.65 28.83 -11.43
C VAL E 301 -48.13 28.75 -11.33
N VAL E 302 -47.50 29.77 -10.77
CA VAL E 302 -46.06 29.84 -10.63
C VAL E 302 -45.67 29.37 -9.23
N GLU E 303 -44.96 28.26 -9.16
CA GLU E 303 -44.57 27.74 -7.86
C GLU E 303 -43.06 27.80 -7.63
N GLY E 304 -42.68 27.98 -6.37
CA GLY E 304 -41.27 28.04 -6.02
C GLY E 304 -40.59 29.36 -6.29
N TYR E 305 -41.35 30.43 -6.46
CA TYR E 305 -40.74 31.74 -6.71
C TYR E 305 -40.23 32.29 -5.37
N LYS E 306 -38.92 32.44 -5.23
CA LYS E 306 -38.32 32.93 -4.00
C LYS E 306 -37.35 34.06 -4.24
N PRO E 307 -37.87 35.24 -4.55
CA PRO E 307 -37.03 36.41 -4.82
C PRO E 307 -36.57 37.18 -3.59
N TRP E 308 -35.58 38.04 -3.78
CA TRP E 308 -35.09 38.91 -2.74
C TRP E 308 -36.07 40.07 -2.74
N GLY E 309 -35.79 41.09 -1.94
CA GLY E 309 -36.66 42.25 -1.85
C GLY E 309 -36.80 43.07 -3.12
N LYS E 310 -37.83 43.90 -3.16
CA LYS E 310 -38.06 44.75 -4.32
C LYS E 310 -37.01 45.84 -4.34
N ILE E 311 -36.75 46.37 -5.53
CA ILE E 311 -35.80 47.42 -5.71
C ILE E 311 -36.51 48.52 -6.48
N ASP E 312 -36.67 49.67 -5.83
CA ASP E 312 -37.36 50.79 -6.44
C ASP E 312 -36.56 51.46 -7.54
N MET E 313 -37.19 51.64 -8.70
CA MET E 313 -36.55 52.31 -9.83
C MET E 313 -37.62 53.10 -10.56
N LYS E 314 -37.33 54.37 -10.83
CA LYS E 314 -38.28 55.23 -11.51
C LYS E 314 -38.22 55.03 -13.03
N MET E 315 -39.37 55.03 -13.68
CA MET E 315 -39.41 54.87 -15.12
C MET E 315 -39.35 56.22 -15.78
N SER E 316 -38.55 56.36 -16.82
CA SER E 316 -38.44 57.63 -17.52
C SER E 316 -39.41 57.61 -18.70
N ALA E 317 -40.38 58.51 -18.68
CA ALA E 317 -41.40 58.60 -19.72
C ALA E 317 -40.84 59.10 -21.05
N ARG F 13 -4.23 26.75 -37.02
CA ARG F 13 -4.60 28.01 -37.71
C ARG F 13 -3.54 29.08 -37.54
N SER F 14 -2.98 29.50 -38.67
CA SER F 14 -1.96 30.54 -38.70
C SER F 14 -2.47 31.80 -38.02
N ASN F 15 -3.75 32.10 -38.25
CA ASN F 15 -4.38 33.29 -37.67
C ASN F 15 -5.76 32.95 -37.13
N PRO F 16 -5.80 32.31 -35.95
CA PRO F 16 -7.05 31.90 -35.27
C PRO F 16 -8.06 33.01 -35.02
N ASP F 17 -7.60 34.26 -34.97
CA ASP F 17 -8.53 35.35 -34.72
C ASP F 17 -9.20 35.88 -35.99
N HIS F 18 -8.87 35.31 -37.15
CA HIS F 18 -9.48 35.78 -38.37
C HIS F 18 -11.02 35.63 -38.27
N GLU F 19 -11.73 36.72 -38.49
CA GLU F 19 -13.18 36.71 -38.40
C GLU F 19 -13.90 35.67 -39.26
N GLU F 20 -13.28 35.28 -40.38
CA GLU F 20 -13.92 34.30 -41.25
C GLU F 20 -14.09 32.94 -40.59
N TYR F 21 -13.30 32.66 -39.55
CA TYR F 21 -13.45 31.38 -38.87
C TYR F 21 -14.84 31.25 -38.22
N GLN F 22 -15.48 32.37 -37.96
CA GLN F 22 -16.85 32.36 -37.36
C GLN F 22 -17.77 31.63 -38.33
N TYR F 23 -17.65 32.00 -39.61
CA TYR F 23 -18.44 31.42 -40.67
C TYR F 23 -18.09 29.93 -40.88
N LEU F 24 -16.79 29.64 -40.99
CA LEU F 24 -16.34 28.27 -41.18
C LEU F 24 -16.70 27.36 -39.98
N ASP F 25 -16.50 27.88 -38.77
CA ASP F 25 -16.81 27.08 -37.57
C ASP F 25 -18.29 26.77 -37.45
N LEU F 26 -19.15 27.72 -37.81
CA LEU F 26 -20.58 27.47 -37.72
C LEU F 26 -21.01 26.38 -38.69
N ILE F 27 -20.47 26.43 -39.91
CA ILE F 27 -20.80 25.42 -40.89
C ILE F 27 -20.37 24.05 -40.40
N ARG F 28 -19.18 23.97 -39.85
CA ARG F 28 -18.66 22.70 -39.32
C ARG F 28 -19.60 22.21 -38.21
N ARG F 29 -20.01 23.12 -37.34
CA ARG F 29 -20.92 22.74 -36.25
C ARG F 29 -22.27 22.24 -36.77
N ILE F 30 -22.84 22.95 -37.74
CA ILE F 30 -24.14 22.55 -38.30
C ILE F 30 -24.07 21.16 -38.93
N ILE F 31 -22.99 20.91 -39.67
CA ILE F 31 -22.81 19.61 -40.30
C ILE F 31 -22.67 18.54 -39.20
N ASN F 32 -21.88 18.84 -38.17
CA ASN F 32 -21.64 17.89 -37.08
C ASN F 32 -22.83 17.59 -36.16
N VAL F 33 -23.42 18.62 -35.56
CA VAL F 33 -24.54 18.42 -34.66
C VAL F 33 -25.87 19.01 -35.10
N GLY F 34 -25.93 19.54 -36.32
CA GLY F 34 -27.18 20.11 -36.79
C GLY F 34 -28.27 19.05 -36.93
N GLU F 35 -29.52 19.48 -36.93
CA GLU F 35 -30.66 18.57 -37.05
C GLU F 35 -31.11 18.45 -38.52
N VAL F 36 -31.27 17.21 -39.00
CA VAL F 36 -31.70 16.96 -40.38
C VAL F 36 -33.18 17.28 -40.50
N ARG F 37 -33.54 18.17 -41.42
CA ARG F 37 -34.93 18.57 -41.54
C ARG F 37 -35.43 18.72 -42.96
N PRO F 38 -36.75 18.58 -43.16
CA PRO F 38 -37.41 18.72 -44.45
C PRO F 38 -37.54 20.24 -44.58
N ASP F 39 -37.81 20.74 -45.76
CA ASP F 39 -37.94 22.17 -45.94
C ASP F 39 -38.80 22.49 -47.17
N ARG F 40 -39.15 23.76 -47.31
CA ARG F 40 -39.96 24.24 -48.41
C ARG F 40 -39.46 23.80 -49.80
N THR F 41 -38.15 23.87 -50.03
CA THR F 41 -37.56 23.55 -51.35
C THR F 41 -37.60 22.07 -51.72
N GLY F 42 -37.64 21.21 -50.71
CA GLY F 42 -37.67 19.78 -50.97
C GLY F 42 -36.30 19.13 -50.99
N THR F 43 -35.22 19.91 -50.93
CA THR F 43 -33.90 19.31 -50.97
C THR F 43 -33.45 18.83 -49.58
N GLY F 44 -33.98 19.47 -48.53
CA GLY F 44 -33.61 19.10 -47.18
C GLY F 44 -32.39 19.87 -46.69
N THR F 45 -32.27 20.03 -45.37
CA THR F 45 -31.15 20.74 -44.79
C THR F 45 -30.76 20.14 -43.43
N VAL F 46 -29.69 20.66 -42.87
CA VAL F 46 -29.23 20.30 -41.54
C VAL F 46 -29.20 21.68 -40.90
N ALA F 47 -29.80 21.83 -39.72
CA ALA F 47 -29.88 23.17 -39.12
C ALA F 47 -29.76 23.30 -37.62
N LEU F 48 -29.46 24.53 -37.19
CA LEU F 48 -29.36 24.93 -35.78
C LEU F 48 -30.12 26.25 -35.65
N PHE F 49 -30.85 26.43 -34.55
CA PHE F 49 -31.60 27.67 -34.36
C PHE F 49 -30.89 28.64 -33.45
N ALA F 50 -30.88 29.91 -33.85
CA ALA F 50 -30.30 30.99 -33.05
C ALA F 50 -28.89 30.77 -32.52
N PRO F 51 -27.93 30.47 -33.41
CA PRO F 51 -26.56 30.26 -32.92
C PRO F 51 -25.96 31.61 -32.56
N PRO F 52 -24.83 31.60 -31.84
CA PRO F 52 -24.20 32.89 -31.49
C PRO F 52 -24.07 33.77 -32.75
N SER F 53 -24.24 35.08 -32.59
CA SER F 53 -24.15 36.01 -33.70
C SER F 53 -22.72 36.20 -34.22
N PHE F 54 -22.60 36.68 -35.45
CA PHE F 54 -21.28 36.93 -36.04
C PHE F 54 -20.98 38.40 -35.84
N ARG F 55 -19.71 38.74 -35.68
CA ARG F 55 -19.31 40.14 -35.51
C ARG F 55 -18.14 40.39 -36.46
N PHE F 56 -18.23 41.45 -37.25
CA PHE F 56 -17.18 41.78 -38.19
C PHE F 56 -16.79 43.23 -38.05
N SER F 57 -15.50 43.49 -37.95
CA SER F 57 -15.01 44.86 -37.82
C SER F 57 -15.01 45.54 -39.18
N LEU F 58 -15.50 46.78 -39.24
CA LEU F 58 -15.54 47.52 -40.48
C LEU F 58 -14.56 48.68 -40.42
N ALA F 59 -13.71 48.66 -39.38
CA ALA F 59 -12.71 49.73 -39.20
C ALA F 59 -11.60 49.62 -40.27
N ASP F 60 -10.90 50.72 -40.49
CA ASP F 60 -9.81 50.77 -41.45
C ASP F 60 -10.26 50.35 -42.84
N ASN F 61 -11.45 50.78 -43.24
CA ASN F 61 -12.02 50.45 -44.55
C ASN F 61 -12.15 48.97 -44.86
N THR F 62 -12.22 48.14 -43.83
CA THR F 62 -12.32 46.71 -44.02
C THR F 62 -13.66 46.22 -44.54
N LEU F 63 -13.64 45.29 -45.50
CA LEU F 63 -14.84 44.71 -46.07
C LEU F 63 -14.80 43.20 -45.85
N PRO F 64 -15.70 42.68 -45.01
CA PRO F 64 -15.72 41.24 -44.76
C PRO F 64 -16.25 40.40 -45.92
N LEU F 65 -15.50 40.39 -47.03
CA LEU F 65 -15.85 39.61 -48.21
C LEU F 65 -15.09 38.30 -48.05
N LEU F 66 -15.81 37.19 -47.84
CA LEU F 66 -15.19 35.90 -47.61
C LEU F 66 -14.09 35.55 -48.62
N THR F 67 -13.00 34.96 -48.10
CA THR F 67 -11.87 34.58 -48.93
C THR F 67 -11.70 33.09 -49.16
N THR F 68 -12.39 32.26 -48.37
CA THR F 68 -12.24 30.81 -48.55
C THR F 68 -12.93 30.30 -49.80
N LYS F 69 -13.55 31.22 -50.54
CA LYS F 69 -14.12 30.87 -51.84
C LYS F 69 -14.28 32.20 -52.60
N ARG F 70 -14.30 32.17 -53.93
CA ARG F 70 -14.46 33.41 -54.67
C ARG F 70 -15.93 33.84 -54.58
N VAL F 71 -16.18 35.03 -54.06
CA VAL F 71 -17.54 35.55 -53.93
C VAL F 71 -17.82 36.51 -55.07
N PHE F 72 -18.99 36.42 -55.67
CA PHE F 72 -19.39 37.27 -56.80
C PHE F 72 -19.65 38.67 -56.29
N LEU F 73 -18.56 39.41 -56.04
CA LEU F 73 -18.64 40.78 -55.53
C LEU F 73 -19.56 41.70 -56.34
N ARG F 74 -19.41 41.69 -57.66
CA ARG F 74 -20.24 42.56 -58.50
C ARG F 74 -21.72 42.24 -58.29
N GLY F 75 -22.03 40.97 -58.08
CA GLY F 75 -23.42 40.61 -57.88
C GLY F 75 -23.94 41.16 -56.56
N VAL F 76 -23.09 41.17 -55.54
CA VAL F 76 -23.49 41.68 -54.23
C VAL F 76 -23.78 43.16 -54.36
N ILE F 77 -22.85 43.90 -54.96
CA ILE F 77 -23.03 45.33 -55.14
C ILE F 77 -24.29 45.64 -55.98
N ALA F 78 -24.43 44.98 -57.11
CA ALA F 78 -25.59 45.21 -57.97
C ALA F 78 -26.90 44.99 -57.22
N GLU F 79 -27.00 43.87 -56.51
CA GLU F 79 -28.22 43.58 -55.75
C GLU F 79 -28.49 44.67 -54.71
N LEU F 80 -27.44 45.12 -54.04
CA LEU F 80 -27.58 46.16 -53.01
C LEU F 80 -28.09 47.51 -53.58
N LEU F 81 -27.49 47.94 -54.69
CA LEU F 81 -27.91 49.22 -55.27
C LEU F 81 -29.33 49.08 -55.80
N TRP F 82 -29.69 47.85 -56.11
CA TRP F 82 -31.01 47.52 -56.62
C TRP F 82 -31.99 47.70 -55.45
N PHE F 83 -31.64 47.15 -54.28
CA PHE F 83 -32.49 47.31 -53.07
C PHE F 83 -32.68 48.80 -52.82
N VAL F 84 -31.57 49.52 -52.70
CA VAL F 84 -31.60 50.95 -52.44
C VAL F 84 -32.52 51.72 -53.39
N SER F 85 -32.49 51.36 -54.68
CA SER F 85 -33.32 52.03 -55.67
C SER F 85 -34.82 51.75 -55.44
N GLY F 86 -35.13 50.73 -54.65
CA GLY F 86 -36.53 50.43 -54.39
C GLY F 86 -37.15 49.58 -55.47
N CYS F 87 -36.33 49.19 -56.44
CA CYS F 87 -36.75 48.37 -57.56
C CYS F 87 -37.01 46.92 -57.18
N THR F 88 -38.01 46.31 -57.80
CA THR F 88 -38.35 44.92 -57.50
C THR F 88 -38.39 44.06 -58.76
N ASP F 89 -37.85 44.59 -59.85
CA ASP F 89 -37.80 43.85 -61.13
C ASP F 89 -36.44 43.17 -61.25
N ALA F 90 -36.42 41.84 -61.20
CA ALA F 90 -35.20 41.07 -61.30
C ALA F 90 -34.48 41.26 -62.66
N LYS F 91 -35.23 41.69 -63.67
CA LYS F 91 -34.61 41.89 -64.98
C LYS F 91 -33.56 42.97 -64.91
N MET F 92 -33.66 43.84 -63.91
CA MET F 92 -32.69 44.93 -63.77
C MET F 92 -31.34 44.36 -63.32
N LEU F 93 -31.38 43.14 -62.79
CA LEU F 93 -30.14 42.48 -62.36
C LEU F 93 -29.64 41.57 -63.47
N SER F 94 -30.54 40.79 -64.06
CA SER F 94 -30.10 39.90 -65.13
C SER F 94 -29.60 40.67 -66.36
N SER F 95 -30.11 41.87 -66.58
CA SER F 95 -29.69 42.65 -67.73
C SER F 95 -28.25 43.11 -67.55
N GLN F 96 -27.78 43.14 -66.31
CA GLN F 96 -26.40 43.55 -66.07
C GLN F 96 -25.55 42.35 -65.69
N GLY F 97 -26.02 41.15 -66.04
CA GLY F 97 -25.27 39.95 -65.78
C GLY F 97 -25.32 39.34 -64.40
N VAL F 98 -26.36 39.68 -63.63
CA VAL F 98 -26.51 39.15 -62.27
C VAL F 98 -27.81 38.36 -62.23
N GLY F 99 -27.69 37.04 -62.10
CA GLY F 99 -28.89 36.20 -62.13
C GLY F 99 -29.32 35.58 -60.83
N ILE F 100 -28.86 36.12 -59.70
CA ILE F 100 -29.18 35.54 -58.40
C ILE F 100 -30.67 35.46 -58.11
N TRP F 101 -31.46 36.35 -58.71
CA TRP F 101 -32.90 36.34 -58.50
C TRP F 101 -33.69 35.76 -59.66
N ASP F 102 -33.00 35.21 -60.66
CA ASP F 102 -33.69 34.60 -61.82
C ASP F 102 -34.50 33.40 -61.41
N GLY F 103 -33.98 32.65 -60.43
CA GLY F 103 -34.69 31.47 -59.97
C GLY F 103 -36.06 31.73 -59.37
N ASN F 104 -36.17 32.71 -58.48
CA ASN F 104 -37.46 33.01 -57.86
C ASN F 104 -38.28 34.00 -58.67
N GLY F 105 -37.70 34.52 -59.75
CA GLY F 105 -38.42 35.47 -60.57
C GLY F 105 -38.89 34.85 -61.87
N SER F 106 -38.55 33.58 -62.08
CA SER F 106 -38.94 32.88 -63.30
C SER F 106 -40.44 32.73 -63.39
N LYS F 107 -40.92 32.73 -64.65
CA LYS F 107 -42.34 32.57 -64.90
C LYS F 107 -42.82 31.28 -64.24
N GLU F 108 -41.98 30.25 -64.30
CA GLU F 108 -42.35 28.97 -63.71
C GLU F 108 -42.55 29.04 -62.20
N PHE F 109 -41.67 29.72 -61.47
CA PHE F 109 -41.77 29.81 -60.02
C PHE F 109 -42.94 30.68 -59.61
N LEU F 110 -43.07 31.84 -60.24
CA LEU F 110 -44.15 32.76 -59.94
C LEU F 110 -45.52 32.07 -60.05
N GLU F 111 -45.74 31.36 -61.15
CA GLU F 111 -47.00 30.66 -61.33
C GLU F 111 -47.15 29.58 -60.24
N LYS F 112 -46.03 29.00 -59.84
CA LYS F 112 -45.99 27.96 -58.82
C LYS F 112 -46.49 28.47 -57.47
N VAL F 113 -46.16 29.72 -57.13
CA VAL F 113 -46.59 30.30 -55.85
C VAL F 113 -47.87 31.15 -55.95
N GLY F 114 -48.65 30.93 -57.02
CA GLY F 114 -49.88 31.67 -57.20
C GLY F 114 -49.73 33.10 -57.73
N LEU F 115 -48.61 33.42 -58.37
CA LEU F 115 -48.42 34.78 -58.88
C LEU F 115 -48.29 34.73 -60.41
N GLY F 116 -49.13 33.91 -61.05
CA GLY F 116 -49.10 33.77 -62.50
C GLY F 116 -49.49 35.02 -63.29
N HIS F 117 -50.16 35.96 -62.62
CA HIS F 117 -50.58 37.20 -63.28
C HIS F 117 -49.44 38.21 -63.43
N ARG F 118 -48.26 37.86 -62.95
CA ARG F 118 -47.15 38.78 -63.06
C ARG F 118 -46.22 38.43 -64.23
N ARG F 119 -45.56 39.43 -64.78
CA ARG F 119 -44.63 39.12 -65.85
C ARG F 119 -43.35 38.58 -65.20
N GLU F 120 -42.59 37.79 -65.94
CA GLU F 120 -41.36 37.22 -65.41
C GLU F 120 -40.46 38.30 -64.83
N GLY F 121 -39.92 38.06 -63.64
CA GLY F 121 -39.03 39.03 -63.01
C GLY F 121 -39.67 39.97 -62.02
N ASP F 122 -40.99 40.08 -62.06
CA ASP F 122 -41.71 40.94 -61.13
C ASP F 122 -41.90 40.18 -59.81
N LEU F 123 -40.96 40.38 -58.90
CA LEU F 123 -40.94 39.69 -57.61
C LEU F 123 -42.01 40.15 -56.63
N GLY F 124 -42.56 41.33 -56.86
CA GLY F 124 -43.56 41.83 -55.94
C GLY F 124 -42.95 42.87 -55.01
N PRO F 125 -43.66 43.25 -53.93
CA PRO F 125 -43.16 44.26 -52.99
C PRO F 125 -42.09 43.73 -52.04
N VAL F 126 -40.96 43.29 -52.61
CA VAL F 126 -39.88 42.76 -51.79
C VAL F 126 -38.93 43.84 -51.25
N TYR F 127 -37.82 43.42 -50.66
CA TYR F 127 -36.82 44.30 -50.05
C TYR F 127 -36.85 45.77 -50.39
N GLY F 128 -36.31 46.12 -51.54
CA GLY F 128 -36.26 47.52 -51.95
C GLY F 128 -37.57 48.31 -51.83
N PHE F 129 -38.68 47.69 -52.21
CA PHE F 129 -39.96 48.37 -52.13
C PHE F 129 -40.33 48.70 -50.66
N GLN F 130 -40.15 47.74 -49.76
CA GLN F 130 -40.45 47.98 -48.35
C GLN F 130 -39.51 49.03 -47.76
N TRP F 131 -38.24 48.97 -48.14
CA TRP F 131 -37.23 49.90 -47.66
C TRP F 131 -37.54 51.36 -47.97
N ARG F 132 -38.04 51.62 -49.17
CA ARG F 132 -38.33 52.99 -49.61
C ARG F 132 -39.79 53.40 -49.70
N HIS F 133 -40.70 52.43 -49.67
CA HIS F 133 -42.14 52.72 -49.82
C HIS F 133 -43.02 51.87 -48.89
N PHE F 134 -42.52 51.53 -47.72
CA PHE F 134 -43.30 50.71 -46.81
C PHE F 134 -44.72 51.23 -46.62
N GLY F 135 -45.70 50.36 -46.80
CA GLY F 135 -47.08 50.75 -46.61
C GLY F 135 -47.80 51.14 -47.88
N ALA F 136 -47.06 51.50 -48.93
CA ALA F 136 -47.68 51.90 -50.19
C ALA F 136 -48.38 50.70 -50.80
N GLU F 137 -49.34 50.96 -51.67
CA GLU F 137 -50.09 49.92 -52.37
C GLU F 137 -49.27 49.44 -53.59
N TYR F 138 -49.06 48.14 -53.71
CA TYR F 138 -48.26 47.62 -54.81
C TYR F 138 -49.13 47.17 -55.97
N THR F 139 -48.82 47.61 -57.18
CA THR F 139 -49.57 47.17 -58.34
C THR F 139 -48.66 46.16 -59.04
N ASP F 140 -47.63 46.65 -59.74
CA ASP F 140 -46.67 45.78 -60.40
C ASP F 140 -45.30 46.46 -60.26
N ALA F 141 -44.24 45.93 -60.89
CA ALA F 141 -42.94 46.58 -60.74
C ALA F 141 -42.78 47.89 -61.47
N ASP F 142 -43.71 48.20 -62.36
CA ASP F 142 -43.64 49.44 -63.16
C ASP F 142 -44.42 50.58 -62.51
N GLY F 143 -45.08 50.26 -61.40
CA GLY F 143 -45.88 51.25 -60.70
C GLY F 143 -45.10 52.48 -60.28
N ASP F 144 -45.80 53.61 -60.15
CA ASP F 144 -45.19 54.86 -59.75
C ASP F 144 -45.33 54.99 -58.24
N TYR F 145 -44.25 54.78 -57.52
CA TYR F 145 -44.27 54.82 -56.07
C TYR F 145 -43.55 56.01 -55.48
N LYS F 146 -43.02 56.86 -56.35
CA LYS F 146 -42.28 58.03 -55.87
C LYS F 146 -43.10 58.85 -54.88
N GLY F 147 -42.52 59.11 -53.71
CA GLY F 147 -43.22 59.87 -52.69
C GLY F 147 -44.32 59.11 -51.97
N LYS F 148 -44.45 57.81 -52.23
CA LYS F 148 -45.49 57.02 -51.59
C LYS F 148 -44.89 56.05 -50.60
N GLY F 149 -45.60 55.85 -49.48
CA GLY F 149 -45.13 54.94 -48.45
C GLY F 149 -44.06 55.57 -47.58
N VAL F 150 -43.54 54.82 -46.61
CA VAL F 150 -42.51 55.34 -45.73
C VAL F 150 -41.12 55.05 -46.26
N ASP F 151 -40.31 56.10 -46.42
CA ASP F 151 -38.94 55.91 -46.90
C ASP F 151 -38.04 55.69 -45.69
N GLN F 152 -37.97 54.44 -45.25
CA GLN F 152 -37.17 54.09 -44.08
C GLN F 152 -35.69 54.40 -44.24
N LEU F 153 -35.17 54.16 -45.44
CA LEU F 153 -33.74 54.39 -45.66
C LEU F 153 -33.33 55.83 -45.47
N GLN F 154 -34.05 56.75 -46.11
CA GLN F 154 -33.71 58.16 -45.97
C GLN F 154 -33.92 58.61 -44.53
N ARG F 155 -34.92 58.06 -43.85
CA ARG F 155 -35.17 58.42 -42.46
C ARG F 155 -33.98 58.00 -41.61
N VAL F 156 -33.41 56.83 -41.92
CA VAL F 156 -32.23 56.35 -41.20
C VAL F 156 -31.07 57.33 -41.39
N ILE F 157 -30.89 57.80 -42.62
CA ILE F 157 -29.82 58.74 -42.93
C ILE F 157 -30.01 60.05 -42.15
N ASP F 158 -31.22 60.60 -42.22
CA ASP F 158 -31.55 61.85 -41.54
C ASP F 158 -31.37 61.73 -40.03
N THR F 159 -31.77 60.60 -39.47
CA THR F 159 -31.67 60.39 -38.03
C THR F 159 -30.24 60.26 -37.55
N ILE F 160 -29.40 59.58 -38.34
CA ILE F 160 -28.01 59.41 -37.97
C ILE F 160 -27.31 60.79 -37.94
N LYS F 161 -27.66 61.64 -38.89
CA LYS F 161 -27.08 62.97 -38.99
C LYS F 161 -27.60 63.99 -37.97
N ASN F 162 -28.90 63.97 -37.69
CA ASN F 162 -29.49 64.95 -36.79
C ASN F 162 -29.89 64.50 -35.39
N ASN F 163 -29.99 63.20 -35.15
CA ASN F 163 -30.33 62.70 -33.84
C ASN F 163 -29.80 61.28 -33.69
N PRO F 164 -28.46 61.14 -33.73
CA PRO F 164 -27.72 59.87 -33.62
C PRO F 164 -28.03 58.97 -32.44
N THR F 165 -28.40 59.54 -31.29
CA THR F 165 -28.69 58.71 -30.13
C THR F 165 -30.10 58.13 -30.16
N ASP F 166 -30.84 58.45 -31.21
CA ASP F 166 -32.20 57.90 -31.36
C ASP F 166 -32.09 56.36 -31.27
N ARG F 167 -33.11 55.70 -30.74
CA ARG F 167 -33.08 54.24 -30.60
C ARG F 167 -34.01 53.52 -31.58
N ARG F 168 -34.48 54.23 -32.59
CA ARG F 168 -35.40 53.64 -33.56
C ARG F 168 -34.82 53.68 -34.97
N ILE F 169 -33.51 53.65 -35.11
CA ILE F 169 -32.88 53.70 -36.43
C ILE F 169 -32.98 52.31 -37.04
N ILE F 170 -34.16 51.99 -37.56
CA ILE F 170 -34.47 50.67 -38.09
C ILE F 170 -34.78 50.69 -39.59
N LEU F 171 -34.33 49.65 -40.27
CA LEU F 171 -34.57 49.48 -41.70
C LEU F 171 -35.15 48.07 -41.80
N SER F 172 -36.43 47.95 -42.16
CA SER F 172 -37.06 46.63 -42.22
C SER F 172 -37.85 46.37 -43.51
N ALA F 173 -37.80 45.13 -43.95
CA ALA F 173 -38.51 44.73 -45.16
C ALA F 173 -39.66 43.80 -44.81
N TRP F 174 -39.76 43.42 -43.55
CA TRP F 174 -40.83 42.53 -43.12
C TRP F 174 -42.19 43.25 -43.11
N ASN F 175 -43.14 42.73 -43.87
CA ASN F 175 -44.48 43.31 -43.97
C ASN F 175 -45.49 42.18 -44.08
N PRO F 176 -46.05 41.77 -42.93
CA PRO F 176 -47.04 40.68 -42.87
C PRO F 176 -48.18 40.82 -43.88
N LYS F 177 -48.59 42.05 -44.15
CA LYS F 177 -49.67 42.27 -45.11
C LYS F 177 -49.27 41.97 -46.56
N ASP F 178 -48.05 42.38 -46.93
CA ASP F 178 -47.55 42.18 -48.29
C ASP F 178 -46.92 40.83 -48.61
N LEU F 179 -46.61 40.04 -47.59
CA LEU F 179 -45.98 38.73 -47.77
C LEU F 179 -46.53 37.88 -48.92
N PRO F 180 -47.84 37.66 -48.96
CA PRO F 180 -48.38 36.84 -50.05
C PRO F 180 -48.14 37.37 -51.46
N LEU F 181 -47.80 38.65 -51.57
CA LEU F 181 -47.56 39.26 -52.88
C LEU F 181 -46.10 39.08 -53.28
N MET F 182 -45.30 38.58 -52.33
CA MET F 182 -43.88 38.41 -52.55
C MET F 182 -43.49 37.04 -53.08
N ALA F 183 -42.61 37.02 -54.09
CA ALA F 183 -42.19 35.75 -54.64
C ALA F 183 -41.51 34.95 -53.52
N LEU F 184 -40.88 35.67 -52.61
CA LEU F 184 -40.20 35.05 -51.47
C LEU F 184 -40.20 36.06 -50.32
N PRO F 185 -40.49 35.61 -49.09
CA PRO F 185 -40.50 36.53 -47.94
C PRO F 185 -39.06 36.94 -47.62
N PRO F 186 -38.86 38.15 -47.10
CA PRO F 186 -37.52 38.64 -46.76
C PRO F 186 -36.74 37.69 -45.85
N CYS F 187 -35.47 37.45 -46.18
CA CYS F 187 -34.61 36.59 -45.36
C CYS F 187 -33.95 37.52 -44.34
N HIS F 188 -33.31 38.57 -44.83
CA HIS F 188 -32.73 39.57 -43.94
C HIS F 188 -33.93 40.48 -43.73
N MET F 189 -34.66 40.27 -42.63
CA MET F 189 -35.87 41.02 -42.39
C MET F 189 -35.74 42.42 -41.83
N PHE F 190 -34.61 42.73 -41.22
CA PHE F 190 -34.41 44.08 -40.72
C PHE F 190 -33.03 44.25 -40.10
N CYS F 191 -32.65 45.50 -39.92
CA CYS F 191 -31.38 45.81 -39.30
C CYS F 191 -31.55 47.07 -38.49
N GLN F 192 -30.65 47.27 -37.53
CA GLN F 192 -30.67 48.44 -36.67
C GLN F 192 -29.28 49.07 -36.68
N PHE F 193 -29.26 50.40 -36.83
CA PHE F 193 -28.00 51.13 -36.80
C PHE F 193 -27.81 51.79 -35.45
N PHE F 194 -26.55 51.96 -35.06
CA PHE F 194 -26.19 52.57 -33.80
C PHE F 194 -25.01 53.51 -34.04
N VAL F 195 -25.06 54.67 -33.42
CA VAL F 195 -24.00 55.67 -33.59
C VAL F 195 -23.33 55.98 -32.26
N SER F 196 -22.03 55.77 -32.18
CA SER F 196 -21.30 56.09 -30.95
C SER F 196 -20.82 57.53 -31.11
N LEU F 197 -21.05 58.34 -30.10
CA LEU F 197 -20.63 59.73 -30.12
C LEU F 197 -19.12 59.83 -29.94
N PRO F 198 -18.49 60.90 -30.47
CA PRO F 198 -17.05 61.13 -30.36
C PRO F 198 -16.62 61.18 -28.89
N PRO F 199 -15.56 60.46 -28.52
CA PRO F 199 -15.07 60.44 -27.13
C PRO F 199 -14.73 61.87 -26.69
N ALA F 200 -14.82 62.14 -25.40
CA ALA F 200 -14.54 63.49 -24.89
C ALA F 200 -13.16 63.99 -25.32
N ASP F 201 -12.16 63.13 -25.15
CA ASP F 201 -10.77 63.45 -25.49
C ASP F 201 -10.47 63.44 -26.98
N SER F 202 -11.39 63.99 -27.78
CA SER F 202 -11.25 64.05 -29.24
C SER F 202 -12.62 64.26 -29.86
N PRO F 203 -13.30 65.37 -29.52
CA PRO F 203 -14.62 65.62 -30.08
C PRO F 203 -14.64 65.91 -31.58
N GLY F 204 -13.45 65.96 -32.19
CA GLY F 204 -13.38 66.23 -33.61
C GLY F 204 -13.55 64.98 -34.45
N SER F 205 -13.31 63.82 -33.84
CA SER F 205 -13.44 62.54 -34.52
C SER F 205 -14.84 62.29 -35.06
N LYS F 206 -14.93 61.42 -36.05
CA LYS F 206 -16.23 61.09 -36.63
C LYS F 206 -16.95 60.07 -35.76
N PRO F 207 -18.28 60.20 -35.63
CA PRO F 207 -19.02 59.24 -34.80
C PRO F 207 -18.86 57.86 -35.45
N LYS F 208 -18.91 56.81 -34.66
CA LYS F 208 -18.78 55.47 -35.22
C LYS F 208 -20.16 54.84 -35.50
N LEU F 209 -20.28 54.23 -36.68
CA LEU F 209 -21.54 53.61 -37.09
C LEU F 209 -21.48 52.09 -37.07
N SER F 210 -22.46 51.48 -36.43
CA SER F 210 -22.56 50.03 -36.35
C SER F 210 -23.92 49.59 -36.89
N CYS F 211 -23.99 48.31 -37.26
CA CYS F 211 -25.21 47.75 -37.82
C CYS F 211 -25.42 46.31 -37.36
N LEU F 212 -26.64 46.03 -36.89
CA LEU F 212 -27.00 44.68 -36.47
C LEU F 212 -28.15 44.27 -37.39
N MET F 213 -28.00 43.13 -38.07
CA MET F 213 -29.02 42.64 -38.97
C MET F 213 -29.47 41.28 -38.50
N TYR F 214 -30.77 41.05 -38.58
CA TYR F 214 -31.33 39.77 -38.17
C TYR F 214 -31.87 39.05 -39.40
N GLN F 215 -31.43 37.82 -39.60
CA GLN F 215 -31.83 37.01 -40.75
C GLN F 215 -32.59 35.80 -40.22
N ARG F 216 -33.86 35.69 -40.59
CA ARG F 216 -34.72 34.59 -40.12
C ARG F 216 -34.35 33.21 -40.66
N SER F 217 -33.85 33.18 -41.90
CA SER F 217 -33.51 31.94 -42.59
C SER F 217 -32.16 32.18 -43.28
N CYS F 218 -31.19 31.31 -43.05
CA CYS F 218 -29.87 31.52 -43.59
C CYS F 218 -29.26 30.32 -44.31
N ASP F 219 -29.08 30.49 -45.61
CA ASP F 219 -28.48 29.45 -46.43
C ASP F 219 -26.99 29.76 -46.28
N LEU F 220 -26.32 29.05 -45.38
CA LEU F 220 -24.91 29.32 -45.17
C LEU F 220 -24.00 29.18 -46.40
N GLY F 221 -24.26 28.17 -47.21
CA GLY F 221 -23.44 27.97 -48.40
C GLY F 221 -23.54 29.12 -49.39
N LEU F 222 -24.76 29.45 -49.82
CA LEU F 222 -24.95 30.50 -50.83
C LEU F 222 -25.36 31.86 -50.38
N GLY F 223 -26.33 31.93 -49.47
CA GLY F 223 -26.79 33.23 -49.02
C GLY F 223 -25.94 34.07 -48.08
N VAL F 224 -25.58 33.48 -46.95
CA VAL F 224 -24.81 34.18 -45.94
C VAL F 224 -23.61 34.95 -46.46
N PRO F 225 -22.83 34.37 -47.41
CA PRO F 225 -21.67 35.12 -47.91
C PRO F 225 -22.13 36.44 -48.53
N PHE F 226 -23.26 36.41 -49.22
CA PHE F 226 -23.79 37.64 -49.83
C PHE F 226 -24.34 38.57 -48.76
N ASN F 227 -25.13 38.02 -47.82
CA ASN F 227 -25.70 38.84 -46.75
C ASN F 227 -24.66 39.59 -45.96
N ILE F 228 -23.58 38.91 -45.62
CA ILE F 228 -22.52 39.56 -44.84
C ILE F 228 -21.90 40.72 -45.59
N ALA F 229 -21.53 40.50 -46.85
CA ALA F 229 -20.90 41.55 -47.64
C ALA F 229 -21.90 42.67 -47.94
N SER F 230 -23.13 42.29 -48.23
CA SER F 230 -24.16 43.28 -48.54
C SER F 230 -24.37 44.29 -47.39
N TYR F 231 -24.64 43.80 -46.19
CA TYR F 231 -24.86 44.75 -45.10
C TYR F 231 -23.64 45.52 -44.71
N ALA F 232 -22.47 44.91 -44.85
CA ALA F 232 -21.23 45.60 -44.56
C ALA F 232 -21.12 46.75 -45.56
N LEU F 233 -21.42 46.47 -46.83
CA LEU F 233 -21.36 47.53 -47.86
C LEU F 233 -22.39 48.62 -47.59
N LEU F 234 -23.60 48.23 -47.20
CA LEU F 234 -24.63 49.21 -46.91
C LEU F 234 -24.15 50.15 -45.81
N THR F 235 -23.54 49.59 -44.77
CA THR F 235 -23.04 50.40 -43.66
C THR F 235 -21.95 51.37 -44.13
N HIS F 236 -21.06 50.89 -45.01
CA HIS F 236 -20.02 51.77 -45.54
C HIS F 236 -20.70 52.91 -46.33
N MET F 237 -21.69 52.57 -47.14
CA MET F 237 -22.42 53.59 -47.94
C MET F 237 -23.05 54.64 -47.05
N ILE F 238 -23.80 54.18 -46.05
CA ILE F 238 -24.47 55.10 -45.16
C ILE F 238 -23.45 55.96 -44.40
N ALA F 239 -22.33 55.35 -44.03
CA ALA F 239 -21.30 56.09 -43.31
C ALA F 239 -20.78 57.25 -44.13
N LEU F 240 -20.62 57.03 -45.43
CA LEU F 240 -20.12 58.08 -46.31
C LEU F 240 -21.09 59.24 -46.38
N ILE F 241 -22.36 58.94 -46.57
CA ILE F 241 -23.39 59.98 -46.67
C ILE F 241 -23.65 60.72 -45.35
N THR F 242 -23.41 60.06 -44.22
CA THR F 242 -23.69 60.68 -42.93
C THR F 242 -22.46 61.22 -42.19
N ASP F 243 -21.31 61.20 -42.87
CA ASP F 243 -20.09 61.65 -42.25
C ASP F 243 -19.74 60.87 -40.97
N THR F 244 -19.99 59.56 -40.99
CA THR F 244 -19.64 58.73 -39.83
C THR F 244 -18.59 57.71 -40.25
N GLU F 245 -18.01 57.02 -39.28
CA GLU F 245 -16.98 56.04 -39.55
C GLU F 245 -17.51 54.63 -39.31
N PRO F 246 -17.49 53.78 -40.34
CA PRO F 246 -17.99 52.41 -40.15
C PRO F 246 -17.24 51.72 -39.03
N HIS F 247 -17.96 51.06 -38.14
CA HIS F 247 -17.30 50.41 -37.01
C HIS F 247 -17.48 48.91 -36.92
N GLU F 248 -18.72 48.46 -36.76
CA GLU F 248 -18.97 47.03 -36.61
C GLU F 248 -20.27 46.57 -37.25
N PHE F 249 -20.28 45.33 -37.73
CA PHE F 249 -21.48 44.74 -38.34
C PHE F 249 -21.73 43.46 -37.58
N ILE F 250 -22.96 43.32 -37.07
CA ILE F 250 -23.34 42.13 -36.31
C ILE F 250 -24.46 41.43 -37.05
N LEU F 251 -24.36 40.11 -37.15
CA LEU F 251 -25.38 39.32 -37.84
C LEU F 251 -25.96 38.24 -36.95
N GLN F 252 -27.26 38.35 -36.64
CA GLN F 252 -27.91 37.34 -35.81
C GLN F 252 -28.79 36.47 -36.70
N MET F 253 -28.64 35.16 -36.57
CA MET F 253 -29.39 34.24 -37.38
C MET F 253 -30.52 33.55 -36.63
N GLY F 254 -31.55 33.19 -37.37
CA GLY F 254 -32.68 32.45 -36.82
C GLY F 254 -32.44 31.01 -37.22
N ASP F 255 -33.11 30.57 -38.29
CA ASP F 255 -32.93 29.21 -38.80
C ASP F 255 -31.64 29.18 -39.65
N ALA F 256 -30.54 28.73 -39.04
CA ALA F 256 -29.24 28.64 -39.70
C ALA F 256 -29.08 27.23 -40.25
N HIS F 257 -29.00 27.11 -41.57
CA HIS F 257 -28.92 25.80 -42.19
C HIS F 257 -27.94 25.60 -43.36
N VAL F 258 -27.63 24.35 -43.61
CA VAL F 258 -26.76 23.95 -44.70
C VAL F 258 -27.56 22.96 -45.53
N TYR F 259 -27.82 23.30 -46.80
CA TYR F 259 -28.57 22.38 -47.65
C TYR F 259 -27.84 21.08 -47.86
N ARG F 260 -28.59 19.99 -47.99
CA ARG F 260 -28.02 18.65 -48.16
C ARG F 260 -27.02 18.57 -49.28
N ASP F 261 -27.32 19.23 -50.41
CA ASP F 261 -26.40 19.18 -51.54
C ASP F 261 -25.26 20.18 -51.44
N HIS F 262 -25.11 20.83 -50.28
CA HIS F 262 -24.02 21.76 -50.07
C HIS F 262 -22.96 21.18 -49.11
N VAL F 263 -23.32 20.14 -48.38
CA VAL F 263 -22.40 19.53 -47.41
C VAL F 263 -21.02 19.18 -47.98
N GLU F 264 -20.99 18.37 -49.04
CA GLU F 264 -19.70 18.00 -49.64
C GLU F 264 -18.93 19.18 -50.21
N PRO F 265 -19.60 20.09 -50.93
CA PRO F 265 -18.85 21.24 -51.47
C PRO F 265 -18.23 22.08 -50.35
N LEU F 266 -18.98 22.27 -49.27
CA LEU F 266 -18.48 23.06 -48.15
C LEU F 266 -17.30 22.40 -47.42
N LYS F 267 -17.28 21.07 -47.38
CA LYS F 267 -16.16 20.37 -46.73
C LYS F 267 -14.86 20.76 -47.39
N THR F 268 -14.90 20.99 -48.71
CA THR F 268 -13.72 21.41 -49.44
C THR F 268 -13.33 22.80 -49.00
N GLN F 269 -14.32 23.66 -48.79
CA GLN F 269 -14.03 25.03 -48.36
C GLN F 269 -13.46 25.07 -46.93
N LEU F 270 -13.97 24.19 -46.08
CA LEU F 270 -13.53 24.13 -44.67
C LEU F 270 -12.02 23.86 -44.51
N GLU F 271 -11.42 23.29 -45.54
CA GLU F 271 -9.99 22.97 -45.52
C GLU F 271 -9.11 24.17 -45.80
N ARG F 272 -9.71 25.25 -46.29
CA ARG F 272 -8.94 26.45 -46.65
C ARG F 272 -8.73 27.47 -45.56
N GLU F 273 -7.54 28.05 -45.55
CA GLU F 273 -7.18 29.07 -44.58
C GLU F 273 -7.53 30.44 -45.17
N PRO F 274 -8.27 31.26 -44.41
CA PRO F 274 -8.68 32.59 -44.86
C PRO F 274 -7.50 33.52 -45.15
N ARG F 275 -7.71 34.44 -46.08
CA ARG F 275 -6.72 35.46 -46.41
C ARG F 275 -7.26 36.73 -45.75
N ASP F 276 -6.40 37.69 -45.48
CA ASP F 276 -6.87 38.94 -44.87
C ASP F 276 -7.97 39.55 -45.74
N PHE F 277 -9.00 40.10 -45.09
CA PHE F 277 -10.12 40.69 -45.82
C PHE F 277 -9.63 41.88 -46.62
N PRO F 278 -10.33 42.17 -47.74
CA PRO F 278 -9.97 43.29 -48.61
C PRO F 278 -10.43 44.61 -48.00
N LYS F 279 -10.09 45.71 -48.65
CA LYS F 279 -10.50 47.01 -48.16
C LYS F 279 -11.36 47.71 -49.22
N LEU F 280 -12.25 48.57 -48.77
CA LEU F 280 -13.13 49.30 -49.65
C LEU F 280 -12.73 50.75 -49.77
N LYS F 281 -12.72 51.26 -51.00
CA LYS F 281 -12.39 52.67 -51.25
C LYS F 281 -13.44 53.20 -52.22
N TRP F 282 -13.68 54.50 -52.20
CA TRP F 282 -14.66 55.09 -53.11
C TRP F 282 -13.97 55.73 -54.33
N ALA F 283 -14.52 55.51 -55.51
CA ALA F 283 -13.97 56.07 -56.74
C ALA F 283 -14.34 57.53 -56.87
N ARG F 284 -15.30 57.97 -56.06
CA ARG F 284 -15.75 59.38 -56.10
C ARG F 284 -15.90 59.93 -54.69
N SER F 285 -16.11 61.24 -54.58
CA SER F 285 -16.27 61.86 -53.27
C SER F 285 -17.72 61.89 -52.80
N LYS F 286 -17.91 62.21 -51.53
CA LYS F 286 -19.23 62.29 -50.94
C LYS F 286 -20.07 63.27 -51.73
N GLU F 287 -19.47 64.42 -52.05
CA GLU F 287 -20.17 65.46 -52.79
C GLU F 287 -20.59 64.99 -54.16
N GLU F 288 -19.71 64.27 -54.85
CA GLU F 288 -20.03 63.78 -56.19
C GLU F 288 -21.17 62.75 -56.13
N ILE F 289 -21.07 61.81 -55.19
CA ILE F 289 -22.11 60.80 -55.04
C ILE F 289 -23.40 61.48 -54.62
N GLY F 290 -23.29 62.48 -53.73
CA GLY F 290 -24.45 63.22 -53.29
C GLY F 290 -25.26 62.63 -52.15
N ASP F 291 -26.05 61.60 -52.43
CA ASP F 291 -26.85 60.97 -51.39
C ASP F 291 -26.88 59.45 -51.58
N ILE F 292 -27.68 58.77 -50.77
CA ILE F 292 -27.76 57.30 -50.82
C ILE F 292 -28.23 56.78 -52.17
N ASP F 293 -28.86 57.63 -52.96
CA ASP F 293 -29.34 57.19 -54.27
C ASP F 293 -28.37 57.51 -55.39
N GLY F 294 -27.20 58.05 -55.06
CA GLY F 294 -26.25 58.40 -56.10
C GLY F 294 -25.10 57.44 -56.34
N PHE F 295 -25.10 56.28 -55.68
CA PHE F 295 -24.01 55.32 -55.88
C PHE F 295 -24.13 54.53 -57.18
N LYS F 296 -22.97 54.15 -57.71
CA LYS F 296 -22.89 53.36 -58.94
C LYS F 296 -21.95 52.19 -58.67
N VAL F 297 -22.13 51.10 -59.39
CA VAL F 297 -21.27 49.93 -59.19
C VAL F 297 -19.78 50.30 -59.23
N GLU F 298 -19.39 51.09 -60.24
CA GLU F 298 -17.99 51.51 -60.39
C GLU F 298 -17.46 52.38 -59.25
N ASP F 299 -18.33 52.80 -58.33
CA ASP F 299 -17.86 53.63 -57.21
C ASP F 299 -17.15 52.77 -56.16
N PHE F 300 -17.49 51.48 -56.15
CA PHE F 300 -16.94 50.53 -55.18
C PHE F 300 -15.59 49.96 -55.62
N VAL F 301 -14.52 50.48 -55.03
CA VAL F 301 -13.18 50.02 -55.37
C VAL F 301 -12.68 49.10 -54.26
N VAL F 302 -12.76 47.80 -54.49
CA VAL F 302 -12.32 46.80 -53.53
C VAL F 302 -10.88 46.37 -53.85
N GLU F 303 -9.96 46.66 -52.94
CA GLU F 303 -8.57 46.30 -53.17
C GLU F 303 -8.05 45.25 -52.20
N GLY F 304 -7.15 44.41 -52.68
CA GLY F 304 -6.58 43.36 -51.84
C GLY F 304 -7.42 42.11 -51.68
N TYR F 305 -8.40 41.92 -52.54
CA TYR F 305 -9.24 40.73 -52.44
C TYR F 305 -8.45 39.55 -53.04
N LYS F 306 -8.12 38.58 -52.20
CA LYS F 306 -7.35 37.42 -52.62
C LYS F 306 -8.00 36.12 -52.16
N PRO F 307 -9.09 35.73 -52.82
CA PRO F 307 -9.80 34.49 -52.46
C PRO F 307 -9.25 33.23 -53.09
N TRP F 308 -9.67 32.10 -52.53
CA TRP F 308 -9.32 30.81 -53.08
C TRP F 308 -10.31 30.60 -54.25
N GLY F 309 -10.28 29.42 -54.85
CA GLY F 309 -11.12 29.15 -55.99
C GLY F 309 -12.62 29.13 -55.68
N LYS F 310 -13.42 29.24 -56.73
CA LYS F 310 -14.86 29.21 -56.57
C LYS F 310 -15.28 27.81 -56.17
N ILE F 311 -16.42 27.73 -55.49
CA ILE F 311 -16.99 26.46 -55.08
C ILE F 311 -18.41 26.41 -55.60
N ASP F 312 -18.70 25.48 -56.50
CA ASP F 312 -20.02 25.35 -57.07
C ASP F 312 -21.05 24.80 -56.10
N MET F 313 -22.18 25.50 -56.00
CA MET F 313 -23.28 25.09 -55.13
C MET F 313 -24.58 25.47 -55.80
N LYS F 314 -25.48 24.50 -55.92
CA LYS F 314 -26.77 24.74 -56.55
C LYS F 314 -27.74 25.39 -55.58
N MET F 315 -28.51 26.35 -56.07
CA MET F 315 -29.49 27.03 -55.22
C MET F 315 -30.81 26.28 -55.32
N SER F 316 -31.45 26.07 -54.18
CA SER F 316 -32.75 25.38 -54.16
C SER F 316 -33.84 26.43 -54.20
N ALA F 317 -34.64 26.41 -55.28
CA ALA F 317 -35.74 27.37 -55.48
C ALA F 317 -36.89 27.17 -54.50
N ARG G 13 -9.27 -23.83 66.67
CA ARG G 13 -7.93 -23.52 67.23
C ARG G 13 -8.09 -23.18 68.71
N SER G 14 -7.33 -23.85 69.57
CA SER G 14 -7.40 -23.58 71.00
C SER G 14 -6.78 -22.24 71.33
N ASN G 15 -5.73 -21.87 70.59
CA ASN G 15 -5.08 -20.58 70.80
C ASN G 15 -4.97 -19.97 69.41
N PRO G 16 -6.02 -19.29 68.97
CA PRO G 16 -6.10 -18.65 67.65
C PRO G 16 -5.07 -17.56 67.43
N ASP G 17 -4.55 -16.99 68.51
CA ASP G 17 -3.59 -15.90 68.39
C ASP G 17 -2.14 -16.34 68.30
N HIS G 18 -1.89 -17.65 68.28
CA HIS G 18 -0.52 -18.14 68.19
C HIS G 18 0.09 -17.62 66.89
N GLU G 19 1.24 -16.96 67.00
CA GLU G 19 1.92 -16.38 65.85
C GLU G 19 2.23 -17.34 64.74
N GLU G 20 2.35 -18.64 65.05
CA GLU G 20 2.68 -19.62 64.01
C GLU G 20 1.58 -19.76 62.98
N TYR G 21 0.34 -19.41 63.36
CA TYR G 21 -0.75 -19.49 62.39
C TYR G 21 -0.54 -18.57 61.20
N GLN G 22 0.29 -17.54 61.36
CA GLN G 22 0.59 -16.64 60.24
C GLN G 22 1.26 -17.46 59.16
N TYR G 23 2.21 -18.30 59.57
CA TYR G 23 2.95 -19.15 58.64
C TYR G 23 2.04 -20.23 58.03
N LEU G 24 1.29 -20.93 58.87
CA LEU G 24 0.37 -21.96 58.40
C LEU G 24 -0.71 -21.40 57.47
N ASP G 25 -1.29 -20.27 57.85
CA ASP G 25 -2.36 -19.65 57.03
C ASP G 25 -1.84 -19.21 55.66
N LEU G 26 -0.61 -18.70 55.60
CA LEU G 26 -0.08 -18.25 54.31
C LEU G 26 0.12 -19.42 53.38
N ILE G 27 0.61 -20.53 53.93
CA ILE G 27 0.83 -21.72 53.12
C ILE G 27 -0.51 -22.22 52.57
N ARG G 28 -1.51 -22.23 53.44
CA ARG G 28 -2.84 -22.67 53.03
C ARG G 28 -3.36 -21.77 51.90
N ARG G 29 -3.15 -20.46 52.05
CA ARG G 29 -3.61 -19.52 51.04
C ARG G 29 -2.87 -19.72 49.71
N ILE G 30 -1.55 -19.87 49.78
CA ILE G 30 -0.78 -20.08 48.55
C ILE G 30 -1.24 -21.34 47.81
N ILE G 31 -1.44 -22.42 48.56
CA ILE G 31 -1.89 -23.65 47.94
C ILE G 31 -3.27 -23.45 47.32
N ASN G 32 -4.15 -22.75 48.02
CA ASN G 32 -5.52 -22.51 47.55
C ASN G 32 -5.67 -21.56 46.36
N VAL G 33 -5.15 -20.34 46.49
CA VAL G 33 -5.28 -19.35 45.43
C VAL G 33 -3.97 -18.90 44.78
N GLY G 34 -2.86 -19.55 45.13
CA GLY G 34 -1.58 -19.18 44.53
C GLY G 34 -1.55 -19.48 43.04
N GLU G 35 -0.64 -18.82 42.33
CA GLU G 35 -0.50 -19.00 40.90
C GLU G 35 0.58 -20.05 40.58
N VAL G 36 0.25 -21.02 39.71
CA VAL G 36 1.18 -22.06 39.33
C VAL G 36 2.18 -21.46 38.38
N ARG G 37 3.47 -21.59 38.69
CA ARG G 37 4.50 -20.97 37.86
C ARG G 37 5.74 -21.82 37.67
N PRO G 38 6.45 -21.58 36.55
CA PRO G 38 7.68 -22.28 36.22
C PRO G 38 8.73 -21.54 37.05
N ASP G 39 9.90 -22.12 37.25
CA ASP G 39 10.94 -21.44 38.00
C ASP G 39 12.31 -21.90 37.60
N ARG G 40 13.31 -21.24 38.14
CA ARG G 40 14.70 -21.55 37.88
C ARG G 40 15.08 -23.01 38.10
N THR G 41 14.61 -23.60 39.20
CA THR G 41 14.95 -24.98 39.55
C THR G 41 14.33 -26.03 38.63
N GLY G 42 13.21 -25.70 38.01
CA GLY G 42 12.56 -26.63 37.13
C GLY G 42 11.51 -27.49 37.80
N THR G 43 11.35 -27.38 39.13
CA THR G 43 10.35 -28.20 39.79
C THR G 43 8.99 -27.53 39.76
N GLY G 44 8.99 -26.21 39.67
CA GLY G 44 7.72 -25.48 39.62
C GLY G 44 7.21 -25.10 41.02
N THR G 45 6.40 -24.05 41.10
CA THR G 45 5.87 -23.62 42.38
C THR G 45 4.48 -23.05 42.22
N VAL G 46 3.87 -22.72 43.35
CA VAL G 46 2.58 -22.03 43.40
C VAL G 46 2.97 -20.81 44.24
N ALA G 47 2.64 -19.61 43.78
CA ALA G 47 3.06 -18.40 44.49
C ALA G 47 2.12 -17.21 44.53
N LEU G 48 2.39 -16.33 45.49
CA LEU G 48 1.69 -15.07 45.69
C LEU G 48 2.78 -14.03 45.88
N PHE G 49 2.54 -12.81 45.39
CA PHE G 49 3.53 -11.73 45.54
C PHE G 49 3.17 -10.76 46.65
N ALA G 50 4.17 -10.39 47.43
CA ALA G 50 4.00 -9.40 48.49
C ALA G 50 2.81 -9.60 49.43
N PRO G 51 2.69 -10.78 50.06
CA PRO G 51 1.55 -10.98 50.96
C PRO G 51 1.80 -10.20 52.24
N PRO G 52 0.77 -10.04 53.09
CA PRO G 52 0.97 -9.30 54.34
C PRO G 52 2.19 -9.83 55.08
N SER G 53 2.94 -8.95 55.73
CA SER G 53 4.14 -9.34 56.44
C SER G 53 3.87 -10.13 57.73
N PHE G 54 4.88 -10.86 58.21
CA PHE G 54 4.74 -11.64 59.45
C PHE G 54 5.31 -10.82 60.59
N ARG G 55 4.71 -10.92 61.76
CA ARG G 55 5.21 -10.19 62.92
C ARG G 55 5.36 -11.19 64.06
N PHE G 56 6.52 -11.20 64.70
CA PHE G 56 6.78 -12.12 65.80
C PHE G 56 7.32 -11.35 66.99
N SER G 57 6.74 -11.60 68.16
CA SER G 57 7.21 -10.94 69.36
C SER G 57 8.48 -11.63 69.86
N LEU G 58 9.48 -10.83 70.25
CA LEU G 58 10.73 -11.38 70.78
C LEU G 58 10.86 -11.04 72.26
N ALA G 59 9.77 -10.53 72.84
CA ALA G 59 9.77 -10.17 74.26
C ALA G 59 9.80 -11.42 75.13
N ASP G 60 10.19 -11.25 76.38
CA ASP G 60 10.28 -12.36 77.33
C ASP G 60 11.14 -13.51 76.82
N ASN G 61 12.26 -13.18 76.18
CA ASN G 61 13.19 -14.17 75.65
C ASN G 61 12.57 -15.16 74.67
N THR G 62 11.47 -14.79 74.03
CA THR G 62 10.82 -15.69 73.08
C THR G 62 11.58 -15.85 71.76
N LEU G 63 11.63 -17.09 71.27
CA LEU G 63 12.27 -17.43 70.01
C LEU G 63 11.24 -18.09 69.13
N PRO G 64 10.88 -17.44 68.01
CA PRO G 64 9.88 -17.99 67.09
C PRO G 64 10.39 -19.16 66.26
N LEU G 65 10.68 -20.27 66.94
CA LEU G 65 11.15 -21.49 66.26
C LEU G 65 9.90 -22.34 66.03
N LEU G 66 9.51 -22.51 64.78
CA LEU G 66 8.29 -23.24 64.44
C LEU G 66 8.17 -24.58 65.17
N THR G 67 6.95 -24.87 65.63
CA THR G 67 6.68 -26.10 66.36
C THR G 67 5.85 -27.14 65.60
N THR G 68 5.24 -26.78 64.47
CA THR G 68 4.44 -27.72 63.73
C THR G 68 5.28 -28.74 62.98
N LYS G 69 6.60 -28.62 63.10
CA LYS G 69 7.54 -29.57 62.53
C LYS G 69 8.85 -29.36 63.26
N ARG G 70 9.68 -30.39 63.34
CA ARG G 70 10.96 -30.25 64.02
C ARG G 70 11.92 -29.47 63.11
N VAL G 71 12.37 -28.33 63.60
CA VAL G 71 13.30 -27.48 62.83
C VAL G 71 14.73 -27.74 63.29
N PHE G 72 15.64 -27.90 62.34
CA PHE G 72 17.06 -28.15 62.64
C PHE G 72 17.68 -26.91 63.27
N LEU G 73 17.40 -26.69 64.56
CA LEU G 73 17.92 -25.52 65.29
C LEU G 73 19.43 -25.33 65.16
N ARG G 74 20.19 -26.38 65.44
CA ARG G 74 21.64 -26.30 65.36
C ARG G 74 22.10 -25.80 63.99
N GLY G 75 21.41 -26.21 62.95
CA GLY G 75 21.75 -25.79 61.62
C GLY G 75 21.50 -24.30 61.43
N VAL G 76 20.42 -23.79 62.04
CA VAL G 76 20.09 -22.37 61.94
C VAL G 76 21.19 -21.54 62.62
N ILE G 77 21.54 -21.92 63.85
CA ILE G 77 22.56 -21.25 64.61
C ILE G 77 23.90 -21.30 63.87
N ALA G 78 24.29 -22.49 63.41
CA ALA G 78 25.57 -22.63 62.73
C ALA G 78 25.65 -21.71 61.50
N GLU G 79 24.59 -21.71 60.69
CA GLU G 79 24.57 -20.87 59.48
C GLU G 79 24.68 -19.38 59.87
N LEU G 80 23.99 -19.00 60.94
CA LEU G 80 24.01 -17.62 61.39
C LEU G 80 25.41 -17.15 61.85
N LEU G 81 26.08 -17.95 62.69
CA LEU G 81 27.41 -17.62 63.17
C LEU G 81 28.38 -17.62 62.01
N TRP G 82 28.05 -18.38 60.99
CA TRP G 82 28.85 -18.49 59.78
C TRP G 82 28.69 -17.15 59.01
N PHE G 83 27.47 -16.64 58.91
CA PHE G 83 27.23 -15.34 58.25
C PHE G 83 28.04 -14.26 58.97
N VAL G 84 27.84 -14.19 60.28
CA VAL G 84 28.51 -13.21 61.10
C VAL G 84 30.02 -13.21 60.93
N SER G 85 30.61 -14.39 60.83
CA SER G 85 32.06 -14.52 60.66
C SER G 85 32.51 -14.00 59.30
N GLY G 86 31.59 -13.78 58.37
CA GLY G 86 31.97 -13.28 57.05
C GLY G 86 32.48 -14.39 56.14
N CYS G 87 32.44 -15.63 56.64
CA CYS G 87 32.90 -16.79 55.86
C CYS G 87 31.94 -17.17 54.74
N THR G 88 32.48 -17.63 53.61
CA THR G 88 31.65 -18.02 52.48
C THR G 88 31.97 -19.45 52.00
N ASP G 89 32.64 -20.22 52.85
CA ASP G 89 33.01 -21.59 52.53
C ASP G 89 32.01 -22.54 53.18
N ALA G 90 31.18 -23.17 52.36
CA ALA G 90 30.18 -24.11 52.87
C ALA G 90 30.80 -25.29 53.64
N LYS G 91 32.07 -25.59 53.39
CA LYS G 91 32.69 -26.71 54.09
C LYS G 91 32.76 -26.42 55.59
N MET G 92 32.68 -25.15 55.96
CA MET G 92 32.74 -24.79 57.37
C MET G 92 31.43 -25.20 58.04
N LEU G 93 30.39 -25.44 57.23
CA LEU G 93 29.10 -25.86 57.79
C LEU G 93 29.02 -27.38 57.72
N SER G 94 29.39 -27.97 56.58
CA SER G 94 29.34 -29.43 56.43
C SER G 94 30.31 -30.13 57.38
N SER G 95 31.41 -29.48 57.71
CA SER G 95 32.37 -30.10 58.63
C SER G 95 31.78 -30.21 60.02
N GLN G 96 30.79 -29.40 60.33
CA GLN G 96 30.15 -29.48 61.64
C GLN G 96 28.78 -30.13 61.57
N GLY G 97 28.55 -30.88 60.50
CA GLY G 97 27.30 -31.59 60.34
C GLY G 97 26.10 -30.81 59.81
N VAL G 98 26.34 -29.70 59.12
CA VAL G 98 25.24 -28.89 58.59
C VAL G 98 25.43 -28.82 57.07
N GLY G 99 24.53 -29.47 56.33
CA GLY G 99 24.68 -29.50 54.89
C GLY G 99 23.71 -28.67 54.09
N ILE G 100 23.07 -27.69 54.71
CA ILE G 100 22.09 -26.90 53.99
C ILE G 100 22.61 -26.19 52.75
N TRP G 101 23.92 -25.93 52.71
CA TRP G 101 24.51 -25.26 51.56
C TRP G 101 25.30 -26.19 50.64
N ASP G 102 25.26 -27.50 50.91
CA ASP G 102 26.00 -28.47 50.11
C ASP G 102 25.45 -28.50 48.69
N GLY G 103 24.14 -28.38 48.57
CA GLY G 103 23.51 -28.39 47.26
C GLY G 103 23.97 -27.29 46.31
N ASN G 104 24.06 -26.05 46.77
CA ASN G 104 24.50 -24.97 45.89
C ASN G 104 26.00 -24.78 45.90
N GLY G 105 26.69 -25.51 46.76
CA GLY G 105 28.14 -25.40 46.81
C GLY G 105 28.84 -26.57 46.14
N SER G 106 28.07 -27.53 45.64
CA SER G 106 28.63 -28.72 44.99
C SER G 106 29.31 -28.30 43.68
N LYS G 107 30.30 -29.07 43.23
CA LYS G 107 30.98 -28.74 41.98
C LYS G 107 29.99 -28.68 40.79
N GLU G 108 29.06 -29.63 40.75
CA GLU G 108 28.09 -29.68 39.65
C GLU G 108 27.28 -28.40 39.58
N PHE G 109 26.83 -27.94 40.73
CA PHE G 109 26.04 -26.73 40.67
C PHE G 109 26.91 -25.54 40.29
N LEU G 110 28.07 -25.42 40.94
CA LEU G 110 28.98 -24.32 40.63
C LEU G 110 29.34 -24.30 39.14
N GLU G 111 29.73 -25.45 38.61
CA GLU G 111 30.10 -25.53 37.19
C GLU G 111 28.88 -25.19 36.34
N LYS G 112 27.71 -25.57 36.84
CA LYS G 112 26.45 -25.35 36.15
C LYS G 112 26.13 -23.86 35.99
N VAL G 113 26.48 -23.06 36.99
CA VAL G 113 26.24 -21.62 36.92
C VAL G 113 27.46 -20.81 36.45
N GLY G 114 28.41 -21.46 35.80
CA GLY G 114 29.59 -20.75 35.31
C GLY G 114 30.67 -20.44 36.32
N LEU G 115 30.69 -21.17 37.44
CA LEU G 115 31.71 -20.95 38.45
C LEU G 115 32.56 -22.20 38.65
N GLY G 116 32.92 -22.86 37.54
CA GLY G 116 33.72 -24.09 37.60
C GLY G 116 35.14 -23.93 38.08
N HIS G 117 35.65 -22.70 38.08
CA HIS G 117 36.99 -22.44 38.54
C HIS G 117 37.11 -22.46 40.05
N ARG G 118 35.99 -22.61 40.73
CA ARG G 118 36.01 -22.61 42.19
C ARG G 118 36.03 -23.98 42.79
N ARG G 119 36.66 -24.13 43.95
CA ARG G 119 36.67 -25.44 44.60
C ARG G 119 35.29 -25.63 45.19
N GLU G 120 34.89 -26.89 45.38
CA GLU G 120 33.58 -27.21 45.93
C GLU G 120 33.39 -26.53 47.28
N GLY G 121 32.22 -25.94 47.49
CA GLY G 121 31.93 -25.26 48.74
C GLY G 121 32.19 -23.77 48.75
N ASP G 122 32.94 -23.27 47.78
CA ASP G 122 33.25 -21.83 47.69
C ASP G 122 32.10 -21.16 46.97
N LEU G 123 31.14 -20.65 47.75
CA LEU G 123 29.94 -20.02 47.23
C LEU G 123 30.15 -18.63 46.61
N GLY G 124 31.28 -18.01 46.90
CA GLY G 124 31.48 -16.67 46.37
C GLY G 124 31.20 -15.62 47.44
N PRO G 125 31.12 -14.33 47.06
CA PRO G 125 30.86 -13.24 48.01
C PRO G 125 29.40 -13.13 48.46
N VAL G 126 28.89 -14.21 49.09
CA VAL G 126 27.50 -14.23 49.54
C VAL G 126 27.32 -13.59 50.92
N TYR G 127 26.11 -13.69 51.46
CA TYR G 127 25.72 -13.13 52.76
C TYR G 127 26.81 -12.57 53.67
N GLY G 128 27.45 -13.46 54.42
CA GLY G 128 28.49 -13.05 55.36
C GLY G 128 29.56 -12.12 54.82
N PHE G 129 30.00 -12.34 53.59
CA PHE G 129 31.04 -11.51 53.01
C PHE G 129 30.51 -10.08 52.82
N GLN G 130 29.30 -9.94 52.30
CA GLN G 130 28.70 -8.61 52.06
C GLN G 130 28.47 -7.89 53.40
N TRP G 131 27.97 -8.65 54.37
CA TRP G 131 27.70 -8.15 55.71
C TRP G 131 28.93 -7.52 56.38
N ARG G 132 30.09 -8.18 56.27
CA ARG G 132 31.29 -7.68 56.94
C ARG G 132 32.33 -7.02 56.03
N HIS G 133 32.23 -7.21 54.72
CA HIS G 133 33.23 -6.67 53.80
C HIS G 133 32.64 -6.09 52.51
N PHE G 134 31.45 -5.53 52.57
CA PHE G 134 30.80 -5.02 51.38
C PHE G 134 31.72 -4.10 50.60
N GLY G 135 31.85 -4.37 49.31
CA GLY G 135 32.68 -3.54 48.46
C GLY G 135 34.08 -4.07 48.24
N ALA G 136 34.55 -4.93 49.16
CA ALA G 136 35.89 -5.51 48.98
C ALA G 136 35.94 -6.40 47.73
N GLU G 137 37.15 -6.58 47.22
CA GLU G 137 37.37 -7.41 46.05
C GLU G 137 37.43 -8.88 46.49
N TYR G 138 36.64 -9.74 45.84
CA TYR G 138 36.61 -11.14 46.21
C TYR G 138 37.54 -11.97 45.35
N THR G 139 38.36 -12.79 45.98
CA THR G 139 39.24 -13.67 45.21
C THR G 139 38.64 -15.07 45.33
N ASP G 140 38.79 -15.68 46.51
CA ASP G 140 38.22 -16.99 46.77
C ASP G 140 37.84 -17.02 48.25
N ALA G 141 37.33 -18.14 48.78
CA ALA G 141 36.93 -18.15 50.19
C ALA G 141 38.07 -18.09 51.20
N ASP G 142 39.29 -18.29 50.72
CA ASP G 142 40.47 -18.26 51.60
C ASP G 142 41.13 -16.89 51.64
N GLY G 143 40.61 -15.95 50.84
CA GLY G 143 41.17 -14.61 50.79
C GLY G 143 41.21 -13.90 52.13
N ASP G 144 42.15 -12.98 52.27
CA ASP G 144 42.30 -12.19 53.49
C ASP G 144 41.51 -10.89 53.33
N TYR G 145 40.35 -10.84 53.98
CA TYR G 145 39.47 -9.66 53.88
C TYR G 145 39.41 -8.83 55.15
N LYS G 146 40.19 -9.22 56.15
CA LYS G 146 40.19 -8.50 57.41
C LYS G 146 40.49 -7.02 57.18
N GLY G 147 39.63 -6.16 57.70
CA GLY G 147 39.79 -4.72 57.55
C GLY G 147 39.47 -4.20 56.16
N LYS G 148 38.97 -5.05 55.27
CA LYS G 148 38.61 -4.62 53.93
C LYS G 148 37.10 -4.55 53.74
N GLY G 149 36.67 -3.57 52.95
CA GLY G 149 35.24 -3.36 52.68
C GLY G 149 34.51 -2.73 53.85
N VAL G 150 33.19 -2.56 53.72
CA VAL G 150 32.41 -1.96 54.80
C VAL G 150 31.84 -3.01 55.76
N ASP G 151 32.15 -2.86 57.04
CA ASP G 151 31.64 -3.78 58.04
C ASP G 151 30.29 -3.24 58.51
N GLN G 152 29.24 -3.59 57.77
CA GLN G 152 27.89 -3.15 58.09
C GLN G 152 27.43 -3.62 59.46
N LEU G 153 27.73 -4.87 59.81
CA LEU G 153 27.26 -5.43 61.07
C LEU G 153 27.78 -4.65 62.28
N GLN G 154 29.08 -4.41 62.32
CA GLN G 154 29.63 -3.68 63.47
C GLN G 154 29.08 -2.23 63.49
N ARG G 155 28.89 -1.65 62.31
CA ARG G 155 28.35 -0.29 62.25
C ARG G 155 26.94 -0.28 62.87
N VAL G 156 26.16 -1.32 62.57
CA VAL G 156 24.81 -1.44 63.14
C VAL G 156 24.90 -1.47 64.68
N ILE G 157 25.84 -2.24 65.20
CA ILE G 157 26.04 -2.36 66.65
C ILE G 157 26.38 -1.00 67.25
N ASP G 158 27.41 -0.35 66.68
CA ASP G 158 27.87 0.95 67.14
C ASP G 158 26.76 2.01 67.08
N THR G 159 25.94 1.96 66.04
CA THR G 159 24.86 2.94 65.88
C THR G 159 23.72 2.73 66.90
N ILE G 160 23.38 1.47 67.16
CA ILE G 160 22.34 1.19 68.12
C ILE G 160 22.76 1.70 69.51
N LYS G 161 24.03 1.52 69.83
CA LYS G 161 24.56 1.95 71.12
C LYS G 161 24.78 3.46 71.26
N ASN G 162 25.27 4.12 70.21
CA ASN G 162 25.60 5.55 70.30
C ASN G 162 24.68 6.53 69.59
N ASN G 163 23.86 6.04 68.68
CA ASN G 163 22.91 6.92 68.01
C ASN G 163 21.69 6.12 67.55
N PRO G 164 20.95 5.55 68.53
CA PRO G 164 19.76 4.72 68.32
C PRO G 164 18.66 5.27 67.42
N THR G 165 18.48 6.59 67.40
CA THR G 165 17.42 7.16 66.57
C THR G 165 17.83 7.34 65.11
N ASP G 166 19.04 6.90 64.78
CA ASP G 166 19.53 6.99 63.41
C ASP G 166 18.53 6.18 62.54
N ARG G 167 18.35 6.60 61.30
CA ARG G 167 17.40 5.94 60.42
C ARG G 167 18.05 5.15 59.32
N ARG G 168 19.36 4.90 59.45
CA ARG G 168 20.10 4.13 58.45
C ARG G 168 20.69 2.84 59.03
N ILE G 169 20.06 2.28 60.06
CA ILE G 169 20.59 1.06 60.67
C ILE G 169 20.21 -0.12 59.78
N ILE G 170 20.95 -0.25 58.67
CA ILE G 170 20.71 -1.26 57.68
C ILE G 170 21.83 -2.31 57.55
N LEU G 171 21.41 -3.56 57.34
CA LEU G 171 22.33 -4.68 57.13
C LEU G 171 21.87 -5.31 55.82
N SER G 172 22.70 -5.22 54.78
CA SER G 172 22.30 -5.75 53.48
C SER G 172 23.35 -6.58 52.79
N ALA G 173 22.90 -7.64 52.13
CA ALA G 173 23.78 -8.52 51.39
C ALA G 173 23.63 -8.33 49.87
N TRP G 174 22.66 -7.54 49.46
CA TRP G 174 22.44 -7.32 48.03
C TRP G 174 23.56 -6.46 47.43
N ASN G 175 24.21 -6.99 46.40
CA ASN G 175 25.31 -6.29 45.74
C ASN G 175 25.23 -6.63 44.27
N PRO G 176 24.57 -5.77 43.47
CA PRO G 176 24.40 -5.97 42.02
C PRO G 176 25.71 -6.29 41.28
N LYS G 177 26.81 -5.69 41.73
CA LYS G 177 28.09 -5.94 41.07
C LYS G 177 28.63 -7.35 41.33
N ASP G 178 28.47 -7.85 42.55
CA ASP G 178 28.97 -9.18 42.93
C ASP G 178 28.03 -10.37 42.61
N LEU G 179 26.78 -10.09 42.29
CA LEU G 179 25.81 -11.16 42.01
C LEU G 179 26.32 -12.31 41.15
N PRO G 180 26.86 -12.01 39.96
CA PRO G 180 27.36 -13.10 39.11
C PRO G 180 28.45 -13.98 39.74
N LEU G 181 29.11 -13.49 40.78
CA LEU G 181 30.15 -14.29 41.45
C LEU G 181 29.53 -15.17 42.55
N MET G 182 28.24 -14.98 42.80
CA MET G 182 27.53 -15.72 43.84
C MET G 182 26.88 -16.99 43.31
N ALA G 183 27.02 -18.10 44.05
CA ALA G 183 26.41 -19.36 43.64
C ALA G 183 24.91 -19.13 43.57
N LEU G 184 24.42 -18.29 44.48
CA LEU G 184 23.00 -17.97 44.54
C LEU G 184 22.87 -16.53 45.05
N PRO G 185 21.96 -15.72 44.47
CA PRO G 185 21.80 -14.35 44.94
C PRO G 185 21.12 -14.37 46.32
N PRO G 186 21.36 -13.36 47.16
CA PRO G 186 20.75 -13.31 48.50
C PRO G 186 19.21 -13.36 48.48
N CYS G 187 18.61 -14.20 49.33
CA CYS G 187 17.16 -14.29 49.42
C CYS G 187 16.74 -13.25 50.45
N HIS G 188 17.33 -13.32 51.65
CA HIS G 188 17.05 -12.31 52.62
C HIS G 188 18.06 -11.24 52.23
N MET G 189 17.61 -10.26 51.46
CA MET G 189 18.52 -9.25 50.96
C MET G 189 18.91 -8.11 51.85
N PHE G 190 18.15 -7.88 52.92
CA PHE G 190 18.51 -6.84 53.86
C PHE G 190 17.51 -6.75 54.98
N CYS G 191 17.90 -6.04 56.02
CA CYS G 191 17.04 -5.84 57.17
C CYS G 191 17.36 -4.49 57.78
N GLN G 192 16.40 -3.96 58.55
CA GLN G 192 16.57 -2.67 59.18
C GLN G 192 16.23 -2.83 60.65
N PHE G 193 17.04 -2.22 61.50
CA PHE G 193 16.80 -2.29 62.94
C PHE G 193 16.26 -0.94 63.40
N PHE G 194 15.46 -0.99 64.46
CA PHE G 194 14.84 0.18 65.04
C PHE G 194 14.93 0.06 66.55
N VAL G 195 15.24 1.17 67.19
CA VAL G 195 15.38 1.22 68.63
C VAL G 195 14.39 2.21 69.24
N SER G 196 13.53 1.72 70.13
CA SER G 196 12.57 2.59 70.81
C SER G 196 13.26 3.05 72.07
N LEU G 197 13.20 4.35 72.32
CA LEU G 197 13.84 4.90 73.52
C LEU G 197 13.01 4.57 74.76
N PRO G 198 13.64 4.54 75.94
CA PRO G 198 12.95 4.24 77.21
C PRO G 198 11.82 5.25 77.46
N PRO G 199 10.63 4.78 77.83
CA PRO G 199 9.49 5.67 78.11
C PRO G 199 9.80 6.62 79.25
N ALA G 200 8.99 7.67 79.39
CA ALA G 200 9.16 8.68 80.43
C ALA G 200 9.06 8.11 81.84
N ASP G 201 8.02 7.33 82.09
CA ASP G 201 7.79 6.73 83.41
C ASP G 201 8.93 5.84 83.92
N SER G 202 9.88 5.49 83.06
CA SER G 202 10.99 4.63 83.48
C SER G 202 12.17 4.77 82.55
N PRO G 203 12.96 5.84 82.70
CA PRO G 203 14.11 6.02 81.83
C PRO G 203 15.25 5.04 82.11
N GLY G 204 15.04 4.19 83.11
CA GLY G 204 16.07 3.20 83.45
C GLY G 204 15.94 1.96 82.60
N SER G 205 14.76 1.74 82.03
CA SER G 205 14.51 0.57 81.21
C SER G 205 15.44 0.51 79.99
N LYS G 206 15.61 -0.70 79.46
CA LYS G 206 16.46 -0.89 78.29
C LYS G 206 15.68 -0.50 77.03
N PRO G 207 16.36 0.11 76.05
CA PRO G 207 15.66 0.48 74.81
C PRO G 207 15.18 -0.80 74.16
N LYS G 208 14.11 -0.74 73.40
CA LYS G 208 13.61 -1.93 72.73
C LYS G 208 14.11 -2.02 71.28
N LEU G 209 14.58 -3.20 70.90
CA LEU G 209 15.13 -3.44 69.58
C LEU G 209 14.21 -4.26 68.68
N SER G 210 13.97 -3.75 67.47
CA SER G 210 13.11 -4.42 66.51
C SER G 210 13.87 -4.60 65.21
N CYS G 211 13.41 -5.55 64.40
CA CYS G 211 14.06 -5.87 63.15
C CYS G 211 13.06 -6.20 62.06
N LEU G 212 13.24 -5.58 60.89
CA LEU G 212 12.40 -5.85 59.74
C LEU G 212 13.32 -6.39 58.65
N MET G 213 13.01 -7.59 58.15
CA MET G 213 13.79 -8.20 57.09
C MET G 213 12.94 -8.39 55.87
N TYR G 214 13.55 -8.17 54.71
CA TYR G 214 12.83 -8.32 53.45
C TYR G 214 13.47 -9.45 52.69
N GLN G 215 12.66 -10.42 52.29
CA GLN G 215 13.10 -11.59 51.56
C GLN G 215 12.46 -11.58 50.17
N ARG G 216 13.31 -11.47 49.14
CA ARG G 216 12.81 -11.41 47.75
C ARG G 216 12.16 -12.69 47.23
N SER G 217 12.68 -13.83 47.70
CA SER G 217 12.22 -15.15 47.27
C SER G 217 12.10 -16.01 48.52
N CYS G 218 10.94 -16.63 48.72
CA CYS G 218 10.71 -17.40 49.94
C CYS G 218 10.15 -18.81 49.73
N ASP G 219 10.96 -19.79 50.04
CA ASP G 219 10.57 -21.19 49.94
C ASP G 219 9.91 -21.42 51.31
N LEU G 220 8.57 -21.35 51.34
CA LEU G 220 7.88 -21.52 52.60
C LEU G 220 8.11 -22.82 53.31
N GLY G 221 8.19 -23.92 52.56
CA GLY G 221 8.41 -25.22 53.18
C GLY G 221 9.76 -25.35 53.89
N LEU G 222 10.84 -25.07 53.17
CA LEU G 222 12.19 -25.22 53.74
C LEU G 222 12.93 -23.99 54.23
N GLY G 223 12.89 -22.91 53.44
CA GLY G 223 13.60 -21.69 53.82
C GLY G 223 13.04 -20.82 54.92
N VAL G 224 11.80 -20.39 54.79
CA VAL G 224 11.17 -19.51 55.75
C VAL G 224 11.33 -19.95 57.19
N PRO G 225 11.16 -21.25 57.49
CA PRO G 225 11.32 -21.64 58.90
C PRO G 225 12.71 -21.25 59.39
N PHE G 226 13.71 -21.40 58.53
CA PHE G 226 15.08 -21.04 58.93
C PHE G 226 15.25 -19.51 59.01
N ASN G 227 14.76 -18.81 57.97
CA ASN G 227 14.87 -17.35 57.95
C ASN G 227 14.25 -16.69 59.17
N ILE G 228 13.09 -17.17 59.59
CA ILE G 228 12.43 -16.58 60.75
C ILE G 228 13.26 -16.74 62.01
N ALA G 229 13.69 -17.97 62.29
CA ALA G 229 14.50 -18.22 63.49
C ALA G 229 15.84 -17.49 63.41
N SER G 230 16.46 -17.51 62.23
CA SER G 230 17.75 -16.88 62.03
C SER G 230 17.74 -15.38 62.39
N TYR G 231 16.84 -14.60 61.77
CA TYR G 231 16.79 -13.17 62.09
C TYR G 231 16.32 -12.91 63.50
N ALA G 232 15.49 -13.80 64.04
CA ALA G 232 15.06 -13.61 65.43
C ALA G 232 16.28 -13.77 66.30
N LEU G 233 17.10 -14.79 66.01
CA LEU G 233 18.33 -15.03 66.78
C LEU G 233 19.34 -13.89 66.62
N LEU G 234 19.47 -13.37 65.39
CA LEU G 234 20.38 -12.25 65.16
C LEU G 234 20.01 -11.06 66.03
N THR G 235 18.70 -10.80 66.13
CA THR G 235 18.21 -9.70 66.92
C THR G 235 18.51 -9.91 68.40
N HIS G 236 18.32 -11.14 68.89
CA HIS G 236 18.65 -11.46 70.27
C HIS G 236 20.15 -11.25 70.48
N MET G 237 20.98 -11.68 69.52
CA MET G 237 22.43 -11.51 69.66
C MET G 237 22.80 -10.03 69.75
N ILE G 238 22.32 -9.23 68.80
CA ILE G 238 22.61 -7.81 68.77
C ILE G 238 22.08 -7.14 70.04
N ALA G 239 20.92 -7.56 70.52
CA ALA G 239 20.37 -6.97 71.73
C ALA G 239 21.31 -7.16 72.90
N LEU G 240 21.90 -8.35 73.01
CA LEU G 240 22.84 -8.63 74.11
C LEU G 240 24.05 -7.72 74.08
N ILE G 241 24.65 -7.57 72.90
CA ILE G 241 25.84 -6.74 72.74
C ILE G 241 25.58 -5.24 72.88
N THR G 242 24.35 -4.81 72.60
CA THR G 242 24.03 -3.38 72.66
C THR G 242 23.23 -2.97 73.89
N ASP G 243 23.04 -3.90 74.83
CA ASP G 243 22.28 -3.58 76.02
C ASP G 243 20.85 -3.12 75.72
N THR G 244 20.22 -3.73 74.71
CA THR G 244 18.86 -3.42 74.39
C THR G 244 18.02 -4.67 74.63
N GLU G 245 16.70 -4.51 74.58
CA GLU G 245 15.76 -5.61 74.81
C GLU G 245 15.07 -5.98 73.51
N PRO G 246 15.21 -7.23 73.08
CA PRO G 246 14.54 -7.63 71.83
C PRO G 246 13.04 -7.40 71.94
N HIS G 247 12.46 -6.81 70.90
CA HIS G 247 11.04 -6.52 70.94
C HIS G 247 10.20 -7.21 69.86
N GLU G 248 10.49 -6.93 68.58
CA GLU G 248 9.68 -7.49 67.51
C GLU G 248 10.49 -7.76 66.25
N PHE G 249 10.11 -8.81 65.53
CA PHE G 249 10.74 -9.15 64.27
C PHE G 249 9.65 -9.17 63.22
N ILE G 250 9.87 -8.43 62.12
CA ILE G 250 8.91 -8.34 61.03
C ILE G 250 9.54 -8.91 59.77
N LEU G 251 8.78 -9.75 59.07
CA LEU G 251 9.28 -10.34 57.84
C LEU G 251 8.37 -10.03 56.66
N GLN G 252 8.89 -9.28 55.69
CA GLN G 252 8.12 -8.94 54.48
C GLN G 252 8.65 -9.78 53.34
N MET G 253 7.75 -10.45 52.64
CA MET G 253 8.14 -11.31 51.55
C MET G 253 7.83 -10.75 50.17
N GLY G 254 8.64 -11.13 49.20
CA GLY G 254 8.41 -10.72 47.83
C GLY G 254 7.72 -11.90 47.15
N ASP G 255 8.48 -12.72 46.45
CA ASP G 255 7.92 -13.90 45.78
C ASP G 255 7.78 -15.00 46.86
N ALA G 256 6.56 -15.18 47.37
CA ALA G 256 6.30 -16.17 48.40
C ALA G 256 5.74 -17.41 47.70
N HIS G 257 6.45 -18.53 47.80
CA HIS G 257 6.03 -19.73 47.07
C HIS G 257 6.15 -21.05 47.82
N VAL G 258 5.41 -22.04 47.32
CA VAL G 258 5.44 -23.39 47.86
C VAL G 258 5.81 -24.27 46.67
N TYR G 259 6.92 -25.01 46.78
CA TYR G 259 7.33 -25.88 45.69
C TYR G 259 6.31 -27.00 45.46
N ARG G 260 6.17 -27.42 44.22
CA ARG G 260 5.20 -28.46 43.85
C ARG G 260 5.34 -29.73 44.70
N ASP G 261 6.58 -30.14 44.93
CA ASP G 261 6.81 -31.36 45.72
C ASP G 261 6.73 -31.14 47.22
N HIS G 262 6.29 -29.96 47.63
CA HIS G 262 6.14 -29.64 49.06
C HIS G 262 4.68 -29.59 49.48
N VAL G 263 3.79 -29.45 48.50
CA VAL G 263 2.35 -29.35 48.77
C VAL G 263 1.80 -30.47 49.67
N GLU G 264 2.01 -31.72 49.29
CA GLU G 264 1.50 -32.83 50.11
C GLU G 264 2.14 -32.88 51.49
N PRO G 265 3.47 -32.77 51.57
CA PRO G 265 4.09 -32.82 52.92
C PRO G 265 3.56 -31.70 53.82
N LEU G 266 3.32 -30.52 53.26
CA LEU G 266 2.83 -29.39 54.03
C LEU G 266 1.39 -29.59 54.52
N LYS G 267 0.58 -30.27 53.72
CA LYS G 267 -0.80 -30.51 54.12
C LYS G 267 -0.81 -31.27 55.44
N THR G 268 0.19 -32.13 55.64
CA THR G 268 0.28 -32.90 56.87
C THR G 268 0.59 -31.94 58.03
N GLN G 269 1.47 -30.97 57.76
CA GLN G 269 1.84 -30.01 58.78
C GLN G 269 0.68 -29.07 59.13
N LEU G 270 -0.13 -28.73 58.13
CA LEU G 270 -1.26 -27.83 58.36
C LEU G 270 -2.30 -28.37 59.34
N GLU G 271 -2.28 -29.68 59.56
CA GLU G 271 -3.22 -30.31 60.47
C GLU G 271 -2.79 -30.19 61.91
N ARG G 272 -1.56 -29.76 62.15
CA ARG G 272 -1.04 -29.70 63.50
C ARG G 272 -1.25 -28.36 64.22
N GLU G 273 -1.52 -28.46 65.52
CA GLU G 273 -1.72 -27.29 66.36
C GLU G 273 -0.38 -26.89 66.98
N PRO G 274 0.00 -25.61 66.84
CA PRO G 274 1.26 -25.10 67.37
C PRO G 274 1.39 -25.22 68.87
N ARG G 275 2.64 -25.39 69.33
CA ARG G 275 2.91 -25.45 70.77
C ARG G 275 3.51 -24.08 71.08
N ASP G 276 3.45 -23.65 72.34
CA ASP G 276 4.03 -22.36 72.69
C ASP G 276 5.51 -22.30 72.25
N PHE G 277 5.94 -21.16 71.70
CA PHE G 277 7.31 -21.00 71.27
C PHE G 277 8.28 -21.17 72.45
N PRO G 278 9.50 -21.62 72.16
CA PRO G 278 10.52 -21.82 73.21
C PRO G 278 11.15 -20.49 73.58
N LYS G 279 11.99 -20.50 74.60
CA LYS G 279 12.67 -19.29 75.03
C LYS G 279 14.17 -19.42 74.85
N LEU G 280 14.85 -18.29 74.66
CA LEU G 280 16.29 -18.28 74.46
C LEU G 280 17.01 -17.75 75.69
N LYS G 281 18.06 -18.43 76.10
CA LYS G 281 18.85 -18.00 77.25
C LYS G 281 20.32 -18.10 76.81
N TRP G 282 21.19 -17.32 77.43
CA TRP G 282 22.60 -17.36 77.07
C TRP G 282 23.39 -18.18 78.08
N ALA G 283 24.31 -19.00 77.59
CA ALA G 283 25.13 -19.84 78.47
C ALA G 283 26.25 -19.02 79.08
N ARG G 284 26.51 -17.85 78.52
CA ARG G 284 27.56 -16.97 79.04
C ARG G 284 27.07 -15.54 79.16
N SER G 285 27.84 -14.68 79.82
CA SER G 285 27.45 -13.29 80.00
C SER G 285 27.89 -12.42 78.82
N LYS G 286 27.38 -11.20 78.79
CA LYS G 286 27.72 -10.25 77.74
C LYS G 286 29.24 -10.04 77.73
N GLU G 287 29.81 -9.84 78.92
CA GLU G 287 31.25 -9.62 79.08
C GLU G 287 32.06 -10.79 78.55
N GLU G 288 31.64 -12.01 78.86
CA GLU G 288 32.35 -13.20 78.40
C GLU G 288 32.27 -13.30 76.87
N ILE G 289 31.10 -13.10 76.30
CA ILE G 289 30.94 -13.18 74.85
C ILE G 289 31.72 -12.04 74.21
N GLY G 290 31.71 -10.87 74.85
CA GLY G 290 32.48 -9.73 74.37
C GLY G 290 31.82 -8.90 73.29
N ASP G 291 31.80 -9.40 72.06
CA ASP G 291 31.18 -8.68 70.96
C ASP G 291 30.43 -9.63 70.03
N ILE G 292 29.93 -9.10 68.91
CA ILE G 292 29.16 -9.87 67.96
C ILE G 292 29.92 -11.05 67.37
N ASP G 293 31.25 -11.00 67.44
CA ASP G 293 32.08 -12.06 66.90
C ASP G 293 32.48 -13.09 67.95
N GLY G 294 31.99 -12.96 69.17
CA GLY G 294 32.38 -13.90 70.21
C GLY G 294 31.37 -14.99 70.54
N PHE G 295 30.28 -15.09 69.80
CA PHE G 295 29.29 -16.11 70.08
C PHE G 295 29.71 -17.49 69.60
N LYS G 296 29.23 -18.51 70.32
CA LYS G 296 29.50 -19.92 70.00
C LYS G 296 28.16 -20.67 70.00
N VAL G 297 28.08 -21.73 69.21
CA VAL G 297 26.84 -22.51 69.16
C VAL G 297 26.34 -22.85 70.56
N GLU G 298 27.23 -23.32 71.43
CA GLU G 298 26.84 -23.70 72.80
C GLU G 298 26.34 -22.55 73.66
N ASP G 299 26.49 -21.31 73.18
CA ASP G 299 26.01 -20.17 73.95
C ASP G 299 24.47 -20.08 73.90
N PHE G 300 23.89 -20.64 72.84
CA PHE G 300 22.45 -20.58 72.65
C PHE G 300 21.70 -21.70 73.40
N VAL G 301 21.08 -21.33 74.52
CA VAL G 301 20.33 -22.30 75.31
C VAL G 301 18.83 -22.10 75.06
N VAL G 302 18.25 -22.94 74.20
CA VAL G 302 16.84 -22.88 73.88
C VAL G 302 16.07 -23.86 74.75
N GLU G 303 15.18 -23.33 75.59
CA GLU G 303 14.42 -24.19 76.47
C GLU G 303 12.94 -24.19 76.15
N GLY G 304 12.30 -25.33 76.41
CA GLY G 304 10.87 -25.45 76.16
C GLY G 304 10.48 -25.70 74.71
N TYR G 305 11.42 -26.15 73.88
CA TYR G 305 11.07 -26.41 72.48
C TYR G 305 10.36 -27.76 72.42
N LYS G 306 9.09 -27.75 72.00
CA LYS G 306 8.28 -28.96 71.94
C LYS G 306 7.59 -29.11 70.61
N PRO G 307 8.34 -29.43 69.56
CA PRO G 307 7.77 -29.58 68.23
C PRO G 307 7.14 -30.93 67.94
N TRP G 308 6.37 -30.96 66.86
CA TRP G 308 5.78 -32.19 66.38
C TRP G 308 6.91 -32.86 65.59
N GLY G 309 6.60 -33.97 64.92
CA GLY G 309 7.58 -34.70 64.16
C GLY G 309 8.14 -33.96 62.97
N LYS G 310 9.27 -34.44 62.47
CA LYS G 310 9.89 -33.82 61.30
C LYS G 310 9.05 -34.12 60.08
N ILE G 311 9.17 -33.26 59.08
CA ILE G 311 8.45 -33.42 57.84
C ILE G 311 9.48 -33.33 56.72
N ASP G 312 9.65 -34.43 56.00
CA ASP G 312 10.62 -34.48 54.92
C ASP G 312 10.22 -33.68 53.69
N MET G 313 11.13 -32.83 53.25
CA MET G 313 10.92 -32.02 52.06
C MET G 313 12.23 -31.90 51.31
N LYS G 314 12.19 -32.18 50.01
CA LYS G 314 13.38 -32.09 49.21
C LYS G 314 13.65 -30.65 48.76
N MET G 315 14.92 -30.24 48.78
CA MET G 315 15.28 -28.90 48.35
C MET G 315 15.60 -28.91 46.87
N SER G 316 15.08 -27.94 46.13
CA SER G 316 15.33 -27.84 44.70
C SER G 316 16.55 -26.92 44.48
N ALA G 317 17.63 -27.49 43.95
CA ALA G 317 18.85 -26.76 43.70
C ALA G 317 18.69 -25.73 42.59
N ARG H 13 -17.40 8.37 56.35
CA ARG H 13 -16.68 8.34 55.04
C ARG H 13 -17.58 7.85 53.92
N SER H 14 -17.81 8.73 52.95
CA SER H 14 -18.64 8.41 51.79
C SER H 14 -18.10 7.18 51.06
N ASN H 15 -16.79 7.08 50.95
CA ASN H 15 -16.17 5.95 50.26
C ASN H 15 -15.01 5.40 51.08
N PRO H 16 -15.32 4.62 52.14
CA PRO H 16 -14.33 4.00 53.04
C PRO H 16 -13.28 3.11 52.39
N ASP H 17 -13.55 2.63 51.19
CA ASP H 17 -12.56 1.76 50.57
C ASP H 17 -11.54 2.54 49.75
N HIS H 18 -11.66 3.86 49.72
CA HIS H 18 -10.70 4.66 48.95
C HIS H 18 -9.29 4.40 49.50
N GLU H 19 -8.38 4.00 48.63
CA GLU H 19 -7.03 3.69 49.00
C GLU H 19 -6.29 4.81 49.72
N GLU H 20 -6.70 6.07 49.52
CA GLU H 20 -6.01 7.18 50.17
C GLU H 20 -6.18 7.17 51.69
N TYR H 21 -7.22 6.50 52.17
CA TYR H 21 -7.42 6.43 53.61
C TYR H 21 -6.29 5.67 54.30
N GLN H 22 -5.56 4.86 53.55
CA GLN H 22 -4.40 4.14 54.13
C GLN H 22 -3.40 5.18 54.62
N TYR H 23 -3.15 6.16 53.75
CA TYR H 23 -2.22 7.24 54.03
C TYR H 23 -2.73 8.13 55.18
N LEU H 24 -4.00 8.54 55.09
CA LEU H 24 -4.58 9.40 56.13
C LEU H 24 -4.66 8.67 57.49
N ASP H 25 -5.10 7.41 57.48
CA ASP H 25 -5.20 6.64 58.73
C ASP H 25 -3.85 6.46 59.41
N LEU H 26 -2.80 6.21 58.62
CA LEU H 26 -1.46 6.02 59.22
C LEU H 26 -0.99 7.30 59.88
N ILE H 27 -1.22 8.44 59.23
CA ILE H 27 -0.82 9.72 59.81
C ILE H 27 -1.54 9.94 61.13
N ARG H 28 -2.84 9.65 61.13
CA ARG H 28 -3.64 9.83 62.34
C ARG H 28 -3.07 8.92 63.44
N ARG H 29 -2.75 7.68 63.09
CA ARG H 29 -2.20 6.74 64.07
C ARG H 29 -0.86 7.21 64.62
N ILE H 30 0.02 7.68 63.75
CA ILE H 30 1.33 8.15 64.18
C ILE H 30 1.20 9.33 65.14
N ILE H 31 0.31 10.26 64.81
CA ILE H 31 0.11 11.42 65.67
C ILE H 31 -0.45 10.97 67.01
N ASN H 32 -1.39 10.01 66.98
CA ASN H 32 -2.03 9.51 68.20
C ASN H 32 -1.16 8.65 69.12
N VAL H 33 -0.58 7.58 68.58
CA VAL H 33 0.24 6.69 69.40
C VAL H 33 1.71 6.62 69.03
N GLY H 34 2.13 7.46 68.07
CA GLY H 34 3.54 7.44 67.68
C GLY H 34 4.46 7.85 68.82
N GLU H 35 5.73 7.46 68.72
CA GLU H 35 6.71 7.81 69.74
C GLU H 35 7.45 9.10 69.36
N VAL H 36 7.54 10.04 70.31
CA VAL H 36 8.23 11.31 70.09
C VAL H 36 9.73 11.03 70.13
N ARG H 37 10.44 11.40 69.06
CA ARG H 37 11.86 11.12 68.99
C ARG H 37 12.71 12.23 68.40
N PRO H 38 14.00 12.28 68.77
CA PRO H 38 14.95 13.27 68.27
C PRO H 38 15.34 12.70 66.91
N ASP H 39 15.94 13.50 66.05
CA ASP H 39 16.35 13.01 64.75
C ASP H 39 17.51 13.84 64.18
N ARG H 40 18.07 13.34 63.09
CA ARG H 40 19.18 13.98 62.40
C ARG H 40 18.96 15.48 62.13
N THR H 41 17.77 15.84 61.67
CA THR H 41 17.47 17.23 61.29
C THR H 41 17.38 18.20 62.46
N GLY H 42 17.05 17.67 63.64
CA GLY H 42 16.94 18.52 64.80
C GLY H 42 15.54 19.05 65.04
N THR H 43 14.60 18.80 64.12
CA THR H 43 13.25 19.31 64.34
C THR H 43 12.43 18.35 65.21
N GLY H 44 12.78 17.07 65.19
CA GLY H 44 12.04 16.08 65.97
C GLY H 44 10.88 15.50 65.18
N THR H 45 10.49 14.28 65.54
CA THR H 45 9.37 13.62 64.88
C THR H 45 8.59 12.75 65.84
N VAL H 46 7.49 12.21 65.35
CA VAL H 46 6.67 11.25 66.09
C VAL H 46 6.70 10.06 65.12
N ALA H 47 7.01 8.86 65.60
CA ALA H 47 7.13 7.74 64.67
C ALA H 47 6.68 6.36 65.13
N LEU H 48 6.48 5.50 64.14
CA LEU H 48 6.11 4.09 64.33
C LEU H 48 7.01 3.29 63.38
N PHE H 49 7.46 2.13 63.82
CA PHE H 49 8.33 1.30 62.98
C PHE H 49 7.57 0.17 62.30
N ALA H 50 7.86 -0.03 61.01
CA ALA H 50 7.28 -1.12 60.23
C ALA H 50 5.76 -1.28 60.31
N PRO H 51 5.01 -0.21 60.03
CA PRO H 51 3.56 -0.35 60.09
C PRO H 51 3.09 -1.17 58.89
N PRO H 52 1.83 -1.62 58.89
CA PRO H 52 1.34 -2.41 57.74
C PRO H 52 1.63 -1.66 56.42
N SER H 53 1.94 -2.41 55.38
CA SER H 53 2.27 -1.82 54.09
C SER H 53 1.06 -1.23 53.38
N PHE H 54 1.31 -0.33 52.42
CA PHE H 54 0.22 0.30 51.65
C PHE H 54 0.10 -0.49 50.35
N ARG H 55 -1.11 -0.60 49.83
CA ARG H 55 -1.34 -1.29 48.56
C ARG H 55 -2.18 -0.39 47.68
N PHE H 56 -1.75 -0.18 46.46
CA PHE H 56 -2.47 0.69 45.53
C PHE H 56 -2.67 -0.04 44.21
N SER H 57 -3.90 -0.04 43.71
CA SER H 57 -4.18 -0.67 42.44
C SER H 57 -3.74 0.24 41.29
N LEU H 58 -3.07 -0.32 40.29
CA LEU H 58 -2.63 0.47 39.15
C LEU H 58 -3.43 0.05 37.92
N ALA H 59 -4.48 -0.74 38.14
CA ALA H 59 -5.32 -1.21 37.05
C ALA H 59 -6.14 -0.05 36.44
N ASP H 60 -6.60 -0.24 35.20
CA ASP H 60 -7.40 0.77 34.52
C ASP H 60 -6.70 2.12 34.47
N ASN H 61 -5.41 2.11 34.19
CA ASN H 61 -4.60 3.32 34.09
C ASN H 61 -4.64 4.22 35.32
N THR H 62 -4.90 3.65 36.49
CA THR H 62 -4.99 4.43 37.70
C THR H 62 -3.64 4.90 38.26
N LEU H 63 -3.59 6.16 38.66
CA LEU H 63 -2.37 6.74 39.24
C LEU H 63 -2.70 7.22 40.65
N PRO H 64 -2.13 6.57 41.67
CA PRO H 64 -2.40 6.96 43.06
C PRO H 64 -1.73 8.27 43.47
N LEU H 65 -2.19 9.38 42.87
CA LEU H 65 -1.68 10.71 43.17
C LEU H 65 -2.64 11.26 44.23
N LEU H 66 -2.16 11.45 45.46
CA LEU H 66 -3.01 11.92 46.55
C LEU H 66 -3.87 13.14 46.21
N THR H 67 -5.13 13.11 46.66
CA THR H 67 -6.07 14.18 46.38
C THR H 67 -6.39 15.08 47.56
N THR H 68 -6.06 14.64 48.78
CA THR H 68 -6.39 15.45 49.95
C THR H 68 -5.51 16.68 50.06
N LYS H 69 -4.59 16.83 49.11
CA LYS H 69 -3.77 18.04 49.04
C LYS H 69 -3.25 18.10 47.62
N ARG H 70 -2.91 19.28 47.11
CA ARG H 70 -2.38 19.37 45.75
C ARG H 70 -0.93 18.89 45.77
N VAL H 71 -0.63 17.88 44.96
CA VAL H 71 0.72 17.33 44.88
C VAL H 71 1.40 17.86 43.63
N PHE H 72 2.66 18.28 43.77
CA PHE H 72 3.44 18.84 42.66
C PHE H 72 3.78 17.73 41.67
N LEU H 73 2.79 17.34 40.87
CA LEU H 73 2.95 16.28 39.88
C LEU H 73 4.16 16.42 38.97
N ARG H 74 4.34 17.61 38.40
CA ARG H 74 5.46 17.85 37.49
C ARG H 74 6.79 17.59 38.22
N GLY H 75 6.81 17.90 39.51
CA GLY H 75 8.03 17.70 40.26
C GLY H 75 8.32 16.23 40.42
N VAL H 76 7.26 15.44 40.60
CA VAL H 76 7.41 13.99 40.75
C VAL H 76 7.96 13.40 39.45
N ILE H 77 7.30 13.71 38.33
CA ILE H 77 7.72 13.23 37.03
C ILE H 77 9.17 13.65 36.73
N ALA H 78 9.49 14.92 36.91
CA ALA H 78 10.84 15.41 36.63
C ALA H 78 11.89 14.64 37.43
N GLU H 79 11.66 14.49 38.74
CA GLU H 79 12.59 13.75 39.57
C GLU H 79 12.76 12.32 39.08
N LEU H 80 11.66 11.69 38.70
CA LEU H 80 11.70 10.30 38.21
C LEU H 80 12.54 10.15 36.94
N LEU H 81 12.29 11.00 35.94
CA LEU H 81 13.02 10.92 34.68
C LEU H 81 14.50 11.23 34.94
N TRP H 82 14.76 12.00 35.99
CA TRP H 82 16.09 12.39 36.40
C TRP H 82 16.78 11.13 36.95
N PHE H 83 16.09 10.39 37.83
CA PHE H 83 16.62 9.13 38.36
C PHE H 83 16.97 8.20 37.19
N VAL H 84 15.98 7.99 36.33
CA VAL H 84 16.15 7.11 35.17
C VAL H 84 17.37 7.46 34.34
N SER H 85 17.60 8.75 34.14
CA SER H 85 18.74 9.20 33.34
C SER H 85 20.08 8.90 34.02
N GLY H 86 20.04 8.57 35.31
CA GLY H 86 21.27 8.27 36.01
C GLY H 86 21.99 9.51 36.47
N CYS H 87 21.38 10.68 36.24
CA CYS H 87 21.95 11.97 36.62
C CYS H 87 21.88 12.23 38.12
N THR H 88 22.88 12.90 38.66
CA THR H 88 22.92 13.19 40.10
C THR H 88 23.13 14.67 40.37
N ASP H 89 22.96 15.49 39.33
CA ASP H 89 23.11 16.94 39.48
C ASP H 89 21.72 17.57 39.70
N ALA H 90 21.49 18.11 40.89
CA ALA H 90 20.22 18.72 41.24
C ALA H 90 19.90 19.97 40.39
N LYS H 91 20.92 20.54 39.77
CA LYS H 91 20.68 21.72 38.94
C LYS H 91 19.82 21.34 37.75
N MET H 92 19.81 20.05 37.40
CA MET H 92 19.01 19.59 36.25
C MET H 92 17.52 19.64 36.62
N LEU H 93 17.24 19.69 37.92
CA LEU H 93 15.86 19.79 38.38
C LEU H 93 15.51 21.27 38.61
N SER H 94 16.39 21.99 39.30
CA SER H 94 16.09 23.40 39.56
C SER H 94 16.01 24.23 38.27
N SER H 95 16.75 23.82 37.25
CA SER H 95 16.74 24.56 35.99
C SER H 95 15.36 24.42 35.32
N GLN H 96 14.63 23.37 35.66
CA GLN H 96 13.29 23.19 35.08
C GLN H 96 12.22 23.52 36.11
N GLY H 97 12.57 24.31 37.11
CA GLY H 97 11.62 24.72 38.13
C GLY H 97 11.24 23.74 39.22
N VAL H 98 12.11 22.77 39.50
CA VAL H 98 11.83 21.77 40.52
C VAL H 98 12.96 21.87 41.53
N GLY H 99 12.65 22.35 42.72
CA GLY H 99 13.68 22.56 43.73
C GLY H 99 13.67 21.62 44.92
N ILE H 100 13.04 20.46 44.78
CA ILE H 100 12.95 19.51 45.89
C ILE H 100 14.29 19.04 46.42
N TRP H 101 15.32 19.08 45.58
CA TRP H 101 16.65 18.66 46.04
C TRP H 101 17.61 19.84 46.29
N ASP H 102 17.11 21.06 46.18
CA ASP H 102 17.94 22.25 46.41
C ASP H 102 18.44 22.29 47.85
N GLY H 103 17.62 21.81 48.77
CA GLY H 103 18.01 21.83 50.18
C GLY H 103 19.21 20.97 50.52
N ASN H 104 19.24 19.74 50.02
CA ASN H 104 20.38 18.87 50.32
C ASN H 104 21.53 19.03 49.31
N GLY H 105 21.29 19.83 48.28
CA GLY H 105 22.33 20.05 47.29
C GLY H 105 22.98 21.41 47.42
N SER H 106 22.51 22.19 48.38
CA SER H 106 23.06 23.53 48.60
C SER H 106 24.50 23.44 49.06
N LYS H 107 25.25 24.46 48.64
CA LYS H 107 26.67 24.57 48.98
C LYS H 107 26.77 24.50 50.49
N GLU H 108 25.76 25.05 51.15
CA GLU H 108 25.76 25.08 52.59
C GLU H 108 25.65 23.72 53.24
N PHE H 109 24.76 22.87 52.72
CA PHE H 109 24.54 21.54 53.26
C PHE H 109 25.70 20.62 52.93
N LEU H 110 26.15 20.65 51.67
CA LEU H 110 27.26 19.81 51.25
C LEU H 110 28.49 20.02 52.14
N GLU H 111 28.85 21.27 52.39
CA GLU H 111 30.00 21.56 53.24
C GLU H 111 29.75 21.05 54.66
N LYS H 112 28.49 21.12 55.07
CA LYS H 112 28.06 20.68 56.38
C LYS H 112 28.28 19.17 56.57
N VAL H 113 28.08 18.37 55.53
CA VAL H 113 28.27 16.92 55.65
C VAL H 113 29.64 16.45 55.15
N GLY H 114 30.60 17.38 55.10
CA GLY H 114 31.95 17.03 54.66
C GLY H 114 32.14 16.89 53.15
N LEU H 115 31.28 17.49 52.35
CA LEU H 115 31.41 17.36 50.88
C LEU H 115 31.64 18.74 50.27
N GLY H 116 32.47 19.54 50.93
CA GLY H 116 32.77 20.88 50.48
C GLY H 116 33.51 20.99 49.16
N HIS H 117 34.13 19.91 48.75
CA HIS H 117 34.90 19.87 47.50
C HIS H 117 33.99 19.74 46.27
N ARG H 118 32.70 19.62 46.49
CA ARG H 118 31.77 19.49 45.39
C ARG H 118 31.10 20.81 45.03
N ARG H 119 30.78 20.98 43.75
CA ARG H 119 30.09 22.20 43.37
C ARG H 119 28.62 22.03 43.82
N GLU H 120 27.94 23.15 44.03
CA GLU H 120 26.55 23.11 44.46
C GLU H 120 25.70 22.28 43.50
N GLY H 121 24.86 21.40 44.06
CA GLY H 121 24.01 20.57 43.25
C GLY H 121 24.53 19.18 42.95
N ASP H 122 25.82 18.95 43.19
CA ASP H 122 26.42 17.65 42.94
C ASP H 122 26.18 16.80 44.17
N LEU H 123 25.08 16.06 44.16
CA LEU H 123 24.67 15.21 45.27
C LEU H 123 25.54 13.97 45.52
N GLY H 124 26.31 13.57 44.52
CA GLY H 124 27.13 12.38 44.68
C GLY H 124 26.46 11.20 43.99
N PRO H 125 26.93 9.98 44.24
CA PRO H 125 26.38 8.77 43.63
C PRO H 125 25.05 8.32 44.23
N VAL H 126 24.04 9.17 44.12
CA VAL H 126 22.72 8.87 44.63
C VAL H 126 21.84 8.05 43.66
N TYR H 127 20.56 7.89 44.02
CA TYR H 127 19.60 7.12 43.24
C TYR H 127 19.94 6.77 41.80
N GLY H 128 19.75 7.72 40.90
CA GLY H 128 19.99 7.45 39.49
C GLY H 128 21.33 6.83 39.14
N PHE H 129 22.40 7.26 39.82
CA PHE H 129 23.72 6.68 39.53
C PHE H 129 23.77 5.20 39.92
N GLN H 130 23.20 4.85 41.07
CA GLN H 130 23.22 3.45 41.51
C GLN H 130 22.36 2.60 40.57
N TRP H 131 21.20 3.14 40.19
CA TRP H 131 20.27 2.47 39.31
C TRP H 131 20.84 2.06 37.96
N ARG H 132 21.65 2.94 37.38
CA ARG H 132 22.21 2.68 36.05
C ARG H 132 23.71 2.35 36.01
N HIS H 133 24.44 2.61 37.10
CA HIS H 133 25.90 2.39 37.11
C HIS H 133 26.41 1.80 38.45
N PHE H 134 25.60 0.98 39.11
CA PHE H 134 26.01 0.44 40.39
C PHE H 134 27.40 -0.19 40.34
N GLY H 135 28.27 0.22 41.25
CA GLY H 135 29.60 -0.34 41.31
C GLY H 135 30.66 0.51 40.64
N ALA H 136 30.24 1.39 39.73
CA ALA H 136 31.19 2.25 39.03
C ALA H 136 31.82 3.21 40.01
N GLU H 137 33.00 3.73 39.64
CA GLU H 137 33.73 4.69 40.46
C GLU H 137 33.14 6.08 40.19
N TYR H 138 32.77 6.78 41.25
CA TYR H 138 32.20 8.12 41.09
C TYR H 138 33.26 9.20 41.26
N THR H 139 33.30 10.14 40.31
CA THR H 139 34.24 11.26 40.40
C THR H 139 33.39 12.45 40.81
N ASP H 140 32.63 13.00 39.86
CA ASP H 140 31.73 14.12 40.13
C ASP H 140 30.49 13.91 39.26
N ALA H 141 29.53 14.85 39.23
CA ALA H 141 28.34 14.64 38.41
C ALA H 141 28.57 14.74 36.91
N ASP H 142 29.73 15.26 36.50
CA ASP H 142 30.04 15.42 35.07
C ASP H 142 30.79 14.23 34.51
N GLY H 143 31.14 13.30 35.39
CA GLY H 143 31.88 12.12 34.96
C GLY H 143 31.21 11.31 33.87
N ASP H 144 32.02 10.62 33.07
CA ASP H 144 31.52 9.80 31.99
C ASP H 144 31.33 8.38 32.53
N TYR H 145 30.08 7.99 32.75
CA TYR H 145 29.77 6.68 33.28
C TYR H 145 29.10 5.74 32.28
N LYS H 146 28.94 6.22 31.05
CA LYS H 146 28.29 5.41 30.03
C LYS H 146 28.97 4.05 29.90
N GLY H 147 28.17 2.98 29.98
CA GLY H 147 28.71 1.64 29.89
C GLY H 147 29.48 1.18 31.12
N LYS H 148 29.49 1.96 32.19
CA LYS H 148 30.21 1.57 33.40
C LYS H 148 29.25 1.20 34.53
N GLY H 149 29.65 0.20 35.31
CA GLY H 149 28.81 -0.25 36.41
C GLY H 149 27.66 -1.13 35.96
N VAL H 150 26.83 -1.57 36.89
CA VAL H 150 25.70 -2.42 36.53
C VAL H 150 24.44 -1.61 36.22
N ASP H 151 23.87 -1.80 35.03
CA ASP H 151 22.63 -1.10 34.69
C ASP H 151 21.46 -1.94 35.17
N GLN H 152 21.07 -1.77 36.43
CA GLN H 152 19.98 -2.52 37.03
C GLN H 152 18.63 -2.31 36.35
N LEU H 153 18.35 -1.07 35.96
CA LEU H 153 17.09 -0.76 35.33
C LEU H 153 16.89 -1.49 34.00
N GLN H 154 17.88 -1.45 33.11
CA GLN H 154 17.72 -2.13 31.83
C GLN H 154 17.65 -3.65 32.05
N ARG H 155 18.36 -4.15 33.06
CA ARG H 155 18.33 -5.58 33.36
C ARG H 155 16.91 -5.96 33.79
N VAL H 156 16.27 -5.08 34.55
CA VAL H 156 14.89 -5.33 34.99
C VAL H 156 13.98 -5.43 33.77
N ILE H 157 14.15 -4.51 32.84
CA ILE H 157 13.35 -4.50 31.61
C ILE H 157 13.55 -5.80 30.82
N ASP H 158 14.81 -6.14 30.60
CA ASP H 158 15.16 -7.34 29.85
C ASP H 158 14.62 -8.60 30.50
N THR H 159 14.70 -8.67 31.82
CA THR H 159 14.21 -9.83 32.54
C THR H 159 12.68 -9.97 32.51
N ILE H 160 11.97 -8.85 32.59
CA ILE H 160 10.52 -8.90 32.56
C ILE H 160 10.05 -9.44 31.21
N LYS H 161 10.74 -9.01 30.16
CA LYS H 161 10.41 -9.43 28.80
C LYS H 161 10.83 -10.86 28.43
N ASN H 162 12.02 -11.28 28.85
CA ASN H 162 12.51 -12.61 28.50
C ASN H 162 12.49 -13.69 29.56
N ASN H 163 12.31 -13.34 30.82
CA ASN H 163 12.27 -14.35 31.87
C ASN H 163 11.49 -13.81 33.06
N PRO H 164 10.21 -13.47 32.85
CA PRO H 164 9.28 -12.92 33.84
C PRO H 164 9.17 -13.62 35.17
N THR H 165 9.35 -14.93 35.21
CA THR H 165 9.22 -15.65 36.48
C THR H 165 10.50 -15.59 37.31
N ASP H 166 11.51 -14.91 36.79
CA ASP H 166 12.76 -14.73 37.54
C ASP H 166 12.39 -14.12 38.90
N ARG H 167 13.15 -14.46 39.95
CA ARG H 167 12.86 -13.94 41.28
C ARG H 167 13.88 -12.92 41.74
N ARG H 168 14.67 -12.38 40.82
CA ARG H 168 15.70 -11.39 41.19
C ARG H 168 15.49 -10.05 40.46
N ILE H 169 14.26 -9.73 40.12
CA ILE H 169 13.98 -8.49 39.41
C ILE H 169 14.00 -7.34 40.40
N ILE H 170 15.22 -6.94 40.77
CA ILE H 170 15.45 -5.93 41.77
C ILE H 170 16.09 -4.66 41.25
N LEU H 171 15.65 -3.54 41.81
CA LEU H 171 16.21 -2.23 41.45
C LEU H 171 16.59 -1.61 42.78
N SER H 172 17.88 -1.46 43.04
CA SER H 172 18.33 -0.92 44.34
C SER H 172 19.33 0.22 44.25
N ALA H 173 19.19 1.18 45.14
CA ALA H 173 20.11 2.32 45.20
C ALA H 173 21.00 2.25 46.43
N TRP H 174 20.74 1.26 47.29
CA TRP H 174 21.53 1.14 48.52
C TRP H 174 22.94 0.62 48.19
N ASN H 175 23.96 1.38 48.56
CA ASN H 175 25.36 1.00 48.32
C ASN H 175 26.17 1.43 49.52
N PRO H 176 26.39 0.50 50.47
CA PRO H 176 27.15 0.80 51.70
C PRO H 176 28.51 1.47 51.44
N LYS H 177 29.16 1.10 50.34
CA LYS H 177 30.47 1.67 50.06
C LYS H 177 30.37 3.14 49.62
N ASP H 178 29.34 3.46 48.84
CA ASP H 178 29.15 4.84 48.34
C ASP H 178 28.43 5.82 49.26
N LEU H 179 27.78 5.32 50.30
CA LEU H 179 27.03 6.16 51.23
C LEU H 179 27.69 7.47 51.66
N PRO H 180 28.93 7.40 52.15
CA PRO H 180 29.58 8.64 52.57
C PRO H 180 29.76 9.68 51.48
N LEU H 181 29.67 9.26 50.23
CA LEU H 181 29.84 10.21 49.12
C LEU H 181 28.52 10.88 48.78
N MET H 182 27.43 10.35 49.37
CA MET H 182 26.08 10.83 49.10
C MET H 182 25.64 11.96 50.03
N ALA H 183 25.02 13.00 49.46
CA ALA H 183 24.55 14.11 50.25
C ALA H 183 23.53 13.57 51.23
N LEU H 184 22.81 12.55 50.78
CA LEU H 184 21.80 11.92 51.63
C LEU H 184 21.67 10.46 51.21
N PRO H 185 21.61 9.53 52.17
CA PRO H 185 21.47 8.12 51.81
C PRO H 185 20.06 7.86 51.24
N PRO H 186 19.94 6.89 50.32
CA PRO H 186 18.65 6.56 49.71
C PRO H 186 17.55 6.29 50.74
N CYS H 187 16.37 6.88 50.51
CA CYS H 187 15.23 6.66 51.40
C CYS H 187 14.49 5.44 50.82
N HIS H 188 14.14 5.51 49.54
CA HIS H 188 13.52 4.38 48.88
C HIS H 188 14.76 3.63 48.42
N MET H 189 15.16 2.64 49.22
CA MET H 189 16.38 1.91 48.94
C MET H 189 16.33 0.81 47.90
N PHE H 190 15.14 0.31 47.60
CA PHE H 190 15.04 -0.71 46.57
C PHE H 190 13.60 -1.12 46.33
N CYS H 191 13.38 -1.78 45.20
CA CYS H 191 12.05 -2.26 44.88
C CYS H 191 12.20 -3.56 44.12
N GLN H 192 11.13 -4.36 44.13
CA GLN H 192 11.12 -5.63 43.44
C GLN H 192 9.90 -5.70 42.56
N PHE H 193 10.09 -6.16 41.33
CA PHE H 193 8.98 -6.31 40.39
C PHE H 193 8.58 -7.76 40.28
N PHE H 194 7.31 -7.99 40.01
CA PHE H 194 6.76 -9.32 39.87
C PHE H 194 5.83 -9.33 38.66
N VAL H 195 5.91 -10.40 37.88
CA VAL H 195 5.08 -10.53 36.69
C VAL H 195 4.17 -11.75 36.78
N SER H 196 2.86 -11.53 36.70
CA SER H 196 1.92 -12.64 36.72
C SER H 196 1.71 -13.06 35.27
N LEU H 197 1.81 -14.36 35.02
CA LEU H 197 1.63 -14.88 33.68
C LEU H 197 0.14 -14.87 33.30
N PRO H 198 -0.15 -14.77 31.99
CA PRO H 198 -1.53 -14.74 31.49
C PRO H 198 -2.28 -16.00 31.94
N PRO H 199 -3.51 -15.84 32.47
CA PRO H 199 -4.32 -16.99 32.92
C PRO H 199 -4.60 -17.95 31.76
N ALA H 200 -5.01 -19.16 32.07
CA ALA H 200 -5.34 -20.18 31.06
C ALA H 200 -6.18 -19.66 29.87
N ASP H 201 -7.27 -18.95 30.17
CA ASP H 201 -8.23 -18.43 29.16
C ASP H 201 -7.74 -17.78 27.91
N SER H 202 -7.39 -16.52 28.09
CA SER H 202 -6.94 -15.70 27.00
C SER H 202 -5.46 -15.53 27.11
N PRO H 203 -4.72 -16.65 26.97
CA PRO H 203 -3.26 -16.55 27.04
C PRO H 203 -2.82 -15.35 26.19
N GLY H 204 -3.79 -14.67 25.57
CA GLY H 204 -3.50 -13.50 24.76
C GLY H 204 -3.34 -12.24 25.60
N SER H 205 -3.90 -12.25 26.80
CA SER H 205 -3.82 -11.11 27.71
C SER H 205 -2.37 -10.73 28.03
N LYS H 206 -2.17 -9.48 28.44
CA LYS H 206 -0.84 -9.01 28.81
C LYS H 206 -0.51 -9.45 30.24
N PRO H 207 0.74 -9.83 30.49
CA PRO H 207 1.12 -10.25 31.84
C PRO H 207 0.91 -9.05 32.77
N LYS H 208 0.66 -9.29 34.04
CA LYS H 208 0.43 -8.20 34.97
C LYS H 208 1.71 -7.87 35.75
N LEU H 209 2.03 -6.58 35.85
CA LEU H 209 3.23 -6.10 36.53
C LEU H 209 2.96 -5.45 37.88
N SER H 210 3.64 -5.93 38.90
CA SER H 210 3.50 -5.37 40.23
C SER H 210 4.86 -4.90 40.74
N CYS H 211 4.83 -4.02 41.73
CA CYS H 211 6.05 -3.48 42.29
C CYS H 211 5.93 -3.31 43.79
N LEU H 212 6.95 -3.77 44.51
CA LEU H 212 7.00 -3.61 45.95
C LEU H 212 8.25 -2.78 46.23
N MET H 213 8.08 -1.69 46.96
CA MET H 213 9.21 -0.81 47.27
C MET H 213 9.35 -0.71 48.77
N TYR H 214 10.59 -0.76 49.24
CA TYR H 214 10.82 -0.62 50.67
C TYR H 214 11.50 0.72 50.93
N GLN H 215 10.94 1.50 51.85
CA GLN H 215 11.48 2.81 52.21
C GLN H 215 11.90 2.77 53.68
N ARG H 216 13.21 2.91 53.92
CA ARG H 216 13.77 2.86 55.29
C ARG H 216 13.35 4.01 56.20
N SER H 217 13.12 5.19 55.61
CA SER H 217 12.77 6.40 56.35
C SER H 217 11.68 7.12 55.56
N CYS H 218 10.58 7.44 56.22
CA CYS H 218 9.46 8.03 55.50
C CYS H 218 8.86 9.27 56.13
N ASP H 219 9.08 10.40 55.47
CA ASP H 219 8.52 11.68 55.91
C ASP H 219 7.10 11.63 55.32
N LEU H 220 6.12 11.28 56.15
CA LEU H 220 4.77 11.15 55.65
C LEU H 220 4.17 12.44 55.08
N GLY H 221 4.44 13.57 55.71
CA GLY H 221 3.92 14.81 55.20
C GLY H 221 4.41 15.19 53.81
N LEU H 222 5.73 15.22 53.62
CA LEU H 222 6.31 15.64 52.33
C LEU H 222 6.80 14.58 51.39
N GLY H 223 7.50 13.57 51.92
CA GLY H 223 8.06 12.56 51.06
C GLY H 223 7.14 11.48 50.50
N VAL H 224 6.42 10.82 51.38
CA VAL H 224 5.56 9.72 50.97
C VAL H 224 4.64 10.04 49.80
N PRO H 225 4.04 11.24 49.77
CA PRO H 225 3.16 11.54 48.63
C PRO H 225 3.95 11.44 47.32
N PHE H 226 5.19 11.90 47.34
CA PHE H 226 6.05 11.81 46.14
C PHE H 226 6.47 10.36 45.87
N ASN H 227 6.91 9.65 46.91
CA ASN H 227 7.34 8.27 46.74
C ASN H 227 6.26 7.41 46.14
N ILE H 228 5.03 7.54 46.63
CA ILE H 228 3.93 6.74 46.12
C ILE H 228 3.71 6.98 44.64
N ALA H 229 3.60 8.25 44.25
CA ALA H 229 3.34 8.57 42.84
C ALA H 229 4.53 8.19 41.97
N SER H 230 5.73 8.43 42.49
CA SER H 230 6.94 8.12 41.75
C SER H 230 7.03 6.64 41.34
N TYR H 231 6.93 5.74 42.32
CA TYR H 231 7.03 4.34 41.97
C TYR H 231 5.85 3.83 41.16
N ALA H 232 4.68 4.43 41.38
CA ALA H 232 3.52 4.05 40.60
C ALA H 232 3.84 4.43 39.15
N LEU H 233 4.38 5.63 38.95
CA LEU H 233 4.72 6.08 37.60
C LEU H 233 5.81 5.22 36.97
N LEU H 234 6.82 4.86 37.78
CA LEU H 234 7.90 4.02 37.26
C LEU H 234 7.32 2.70 36.72
N THR H 235 6.39 2.12 37.48
CA THR H 235 5.78 0.85 37.09
C THR H 235 4.99 1.02 35.79
N HIS H 236 4.30 2.15 35.65
CA HIS H 236 3.54 2.40 34.42
C HIS H 236 4.53 2.48 33.27
N MET H 237 5.63 3.21 33.47
CA MET H 237 6.67 3.37 32.45
C MET H 237 7.23 2.01 32.02
N ILE H 238 7.64 1.21 32.99
CA ILE H 238 8.21 -0.09 32.69
C ILE H 238 7.18 -0.99 32.00
N ALA H 239 5.92 -0.88 32.40
CA ALA H 239 4.87 -1.68 31.80
C ALA H 239 4.75 -1.39 30.32
N LEU H 240 4.86 -0.11 29.94
CA LEU H 240 4.74 0.29 28.55
C LEU H 240 5.86 -0.31 27.72
N ILE H 241 7.09 -0.22 28.23
CA ILE H 241 8.25 -0.73 27.51
C ILE H 241 8.30 -2.24 27.43
N THR H 242 7.72 -2.92 28.42
CA THR H 242 7.76 -4.38 28.44
C THR H 242 6.50 -5.08 27.98
N ASP H 243 5.55 -4.31 27.45
CA ASP H 243 4.28 -4.86 27.00
C ASP H 243 3.53 -5.60 28.12
N THR H 244 3.56 -5.05 29.34
CA THR H 244 2.84 -5.65 30.44
C THR H 244 1.79 -4.67 30.94
N GLU H 245 0.87 -5.14 31.77
CA GLU H 245 -0.20 -4.32 32.31
C GLU H 245 0.04 -4.00 33.79
N PRO H 246 0.15 -2.71 34.13
CA PRO H 246 0.39 -2.36 35.54
C PRO H 246 -0.72 -2.94 36.42
N HIS H 247 -0.34 -3.54 37.53
CA HIS H 247 -1.33 -4.17 38.39
C HIS H 247 -1.39 -3.62 39.81
N GLU H 248 -0.31 -3.74 40.55
CA GLU H 248 -0.33 -3.28 41.94
C GLU H 248 1.00 -2.70 42.40
N PHE H 249 0.93 -1.74 43.31
CA PHE H 249 2.13 -1.13 43.88
C PHE H 249 2.01 -1.29 45.39
N ILE H 250 3.04 -1.88 46.00
CA ILE H 250 3.05 -2.09 47.43
C ILE H 250 4.19 -1.29 48.03
N LEU H 251 3.93 -0.61 49.13
CA LEU H 251 4.96 0.19 49.77
C LEU H 251 5.14 -0.22 51.23
N GLN H 252 6.33 -0.73 51.56
CA GLN H 252 6.61 -1.12 52.96
C GLN H 252 7.52 -0.08 53.57
N MET H 253 7.16 0.40 54.75
CA MET H 253 7.95 1.43 55.43
C MET H 253 8.73 0.88 56.61
N GLY H 254 9.85 1.55 56.89
CA GLY H 254 10.67 1.21 58.03
C GLY H 254 10.34 2.25 59.09
N ASP H 255 11.16 3.29 59.20
CA ASP H 255 10.92 4.36 60.15
C ASP H 255 9.88 5.32 59.54
N ALA H 256 8.62 5.15 59.94
CA ALA H 256 7.51 5.96 59.44
C ALA H 256 7.27 7.09 60.44
N HIS H 257 7.50 8.33 60.01
CA HIS H 257 7.37 9.45 60.92
C HIS H 257 6.67 10.70 60.37
N VAL H 258 6.25 11.54 61.32
CA VAL H 258 5.61 12.81 61.01
C VAL H 258 6.44 13.85 61.74
N TYR H 259 7.02 14.79 61.00
CA TYR H 259 7.82 15.83 61.66
C TYR H 259 6.96 16.69 62.57
N ARG H 260 7.56 17.17 63.66
CA ARG H 260 6.86 18.00 64.65
C ARG H 260 6.14 19.19 64.03
N ASP H 261 6.81 19.86 63.09
CA ASP H 261 6.20 21.02 62.45
C ASP H 261 5.21 20.68 61.35
N HIS H 262 4.89 19.39 61.20
CA HIS H 262 3.92 18.95 60.18
C HIS H 262 2.60 18.51 60.82
N VAL H 263 2.63 18.28 62.13
CA VAL H 263 1.42 17.82 62.84
C VAL H 263 0.18 18.68 62.58
N GLU H 264 0.28 19.98 62.85
CA GLU H 264 -0.87 20.86 62.64
C GLU H 264 -1.30 20.96 61.19
N PRO H 265 -0.35 21.12 60.26
CA PRO H 265 -0.77 21.19 58.85
C PRO H 265 -1.49 19.91 58.40
N LEU H 266 -1.01 18.76 58.86
CA LEU H 266 -1.63 17.49 58.48
C LEU H 266 -3.04 17.32 59.06
N LYS H 267 -3.28 17.86 60.26
CA LYS H 267 -4.61 17.75 60.88
C LYS H 267 -5.64 18.38 59.96
N THR H 268 -5.24 19.44 59.26
CA THR H 268 -6.16 20.08 58.31
C THR H 268 -6.43 19.12 57.16
N GLN H 269 -5.40 18.44 56.70
CA GLN H 269 -5.57 17.49 55.60
C GLN H 269 -6.44 16.30 55.99
N LEU H 270 -6.30 15.85 57.24
CA LEU H 270 -7.07 14.70 57.73
C LEU H 270 -8.58 14.91 57.69
N GLU H 271 -9.00 16.17 57.63
CA GLU H 271 -10.41 16.50 57.59
C GLU H 271 -11.02 16.35 56.20
N ARG H 272 -10.17 16.21 55.19
CA ARG H 272 -10.65 16.13 53.82
C ARG H 272 -10.95 14.75 53.29
N GLU H 273 -12.01 14.67 52.50
CA GLU H 273 -12.43 13.42 51.90
C GLU H 273 -11.75 13.29 50.54
N PRO H 274 -11.10 12.14 50.29
CA PRO H 274 -10.40 11.89 49.01
C PRO H 274 -11.32 11.92 47.80
N ARG H 275 -10.76 12.32 46.65
CA ARG H 275 -11.48 12.32 45.40
C ARG H 275 -10.93 11.11 44.66
N ASP H 276 -11.67 10.58 43.68
CA ASP H 276 -11.17 9.43 42.95
C ASP H 276 -9.81 9.75 42.34
N PHE H 277 -8.90 8.78 42.34
CA PHE H 277 -7.57 8.97 41.79
C PHE H 277 -7.66 9.25 40.30
N PRO H 278 -6.69 10.00 39.76
CA PRO H 278 -6.65 10.34 38.34
C PRO H 278 -6.17 9.16 37.53
N LYS H 279 -6.19 9.31 36.21
CA LYS H 279 -5.71 8.25 35.35
C LYS H 279 -4.53 8.74 34.51
N LEU H 280 -3.64 7.81 34.16
CA LEU H 280 -2.47 8.16 33.37
C LEU H 280 -2.62 7.69 31.92
N LYS H 281 -2.28 8.56 30.99
CA LYS H 281 -2.32 8.23 29.55
C LYS H 281 -1.00 8.70 28.95
N TRP H 282 -0.58 8.09 27.85
CA TRP H 282 0.67 8.48 27.22
C TRP H 282 0.41 9.37 25.99
N ALA H 283 1.20 10.42 25.85
CA ALA H 283 1.04 11.34 24.73
C ALA H 283 1.66 10.77 23.48
N ARG H 284 2.46 9.72 23.63
CA ARG H 284 3.11 9.06 22.49
C ARG H 284 3.00 7.56 22.61
N SER H 285 3.35 6.86 21.53
CA SER H 285 3.27 5.41 21.53
C SER H 285 4.55 4.75 22.05
N LYS H 286 4.47 3.45 22.31
CA LYS H 286 5.62 2.70 22.79
C LYS H 286 6.77 2.83 21.80
N GLU H 287 6.44 2.70 20.52
CA GLU H 287 7.45 2.81 19.47
C GLU H 287 8.11 4.17 19.43
N GLU H 288 7.32 5.23 19.59
CA GLU H 288 7.87 6.58 19.56
C GLU H 288 8.79 6.80 20.76
N ILE H 289 8.34 6.39 21.96
CA ILE H 289 9.15 6.54 23.16
C ILE H 289 10.40 5.67 23.02
N GLY H 290 10.22 4.48 22.47
CA GLY H 290 11.35 3.58 22.26
C GLY H 290 11.75 2.71 23.42
N ASP H 291 12.42 3.28 24.41
CA ASP H 291 12.85 2.51 25.57
C ASP H 291 12.70 3.34 26.85
N ILE H 292 13.16 2.79 27.97
CA ILE H 292 13.04 3.46 29.26
C ILE H 292 13.73 4.81 29.32
N ASP H 293 14.63 5.06 28.38
CA ASP H 293 15.35 6.34 28.37
C ASP H 293 14.73 7.36 27.42
N GLY H 294 13.63 7.00 26.78
CA GLY H 294 13.01 7.90 25.83
C GLY H 294 11.81 8.71 26.31
N PHE H 295 11.49 8.64 27.60
CA PHE H 295 10.36 9.38 28.13
C PHE H 295 10.65 10.87 28.35
N LYS H 296 9.62 11.69 28.19
CA LYS H 296 9.70 13.14 28.37
C LYS H 296 8.57 13.55 29.27
N VAL H 297 8.74 14.64 30.01
CA VAL H 297 7.71 15.11 30.93
C VAL H 297 6.34 15.20 30.24
N GLU H 298 6.33 15.80 29.05
CA GLU H 298 5.08 15.97 28.28
C GLU H 298 4.43 14.66 27.84
N ASP H 299 5.11 13.54 28.04
CA ASP H 299 4.52 12.25 27.64
C ASP H 299 3.47 11.81 28.65
N PHE H 300 3.59 12.31 29.88
CA PHE H 300 2.68 11.94 30.99
C PHE H 300 1.41 12.78 30.99
N VAL H 301 0.32 12.21 30.50
CA VAL H 301 -0.96 12.90 30.46
C VAL H 301 -1.85 12.39 31.59
N VAL H 302 -1.89 13.15 32.69
CA VAL H 302 -2.71 12.80 33.85
C VAL H 302 -4.08 13.49 33.76
N GLU H 303 -5.14 12.70 33.66
CA GLU H 303 -6.45 13.27 33.55
C GLU H 303 -7.34 12.95 34.74
N GLY H 304 -8.23 13.88 35.08
CA GLY H 304 -9.13 13.65 36.20
C GLY H 304 -8.56 13.95 37.57
N TYR H 305 -7.45 14.67 37.63
CA TYR H 305 -6.85 14.98 38.92
C TYR H 305 -7.65 16.14 39.54
N LYS H 306 -8.30 15.88 40.67
CA LYS H 306 -9.11 16.86 41.34
C LYS H 306 -8.80 16.93 42.82
N PRO H 307 -7.65 17.52 43.18
CA PRO H 307 -7.22 17.65 44.57
C PRO H 307 -7.78 18.84 45.31
N TRP H 308 -7.71 18.78 46.63
CA TRP H 308 -8.09 19.89 47.47
C TRP H 308 -6.90 20.87 47.42
N GLY H 309 -6.97 21.93 48.22
CA GLY H 309 -5.92 22.92 48.22
C GLY H 309 -4.57 22.42 48.72
N LYS H 310 -3.53 23.18 48.41
CA LYS H 310 -2.20 22.83 48.83
C LYS H 310 -2.08 23.03 50.34
N ILE H 311 -1.16 22.29 50.95
CA ILE H 311 -0.91 22.40 52.38
C ILE H 311 0.57 22.65 52.55
N ASP H 312 0.92 23.81 53.07
CA ASP H 312 2.31 24.18 53.25
C ASP H 312 2.98 23.40 54.38
N MET H 313 4.15 22.83 54.09
CA MET H 313 4.93 22.07 55.06
C MET H 313 6.39 22.30 54.76
N LYS H 314 7.14 22.67 55.79
CA LYS H 314 8.56 22.95 55.63
C LYS H 314 9.38 21.66 55.68
N MET H 315 10.37 21.56 54.81
CA MET H 315 11.22 20.38 54.78
C MET H 315 12.39 20.57 55.71
N SER H 316 12.69 19.55 56.51
CA SER H 316 13.82 19.65 57.43
C SER H 316 15.04 19.07 56.74
N ALA H 317 16.06 19.93 56.52
CA ALA H 317 17.31 19.52 55.84
C ALA H 317 18.14 18.56 56.68
N PRO I 16 64.59 -23.51 -6.66
CA PRO I 16 64.31 -22.29 -5.87
C PRO I 16 62.93 -21.71 -6.21
N ASP I 17 62.29 -22.28 -7.22
CA ASP I 17 60.98 -21.81 -7.64
C ASP I 17 59.86 -22.69 -7.10
N HIS I 18 60.22 -23.73 -6.34
CA HIS I 18 59.21 -24.62 -5.78
C HIS I 18 58.27 -23.81 -4.90
N GLU I 19 56.98 -23.88 -5.22
CA GLU I 19 55.95 -23.13 -4.49
C GLU I 19 55.92 -23.35 -2.98
N GLU I 20 56.39 -24.49 -2.51
CA GLU I 20 56.38 -24.78 -1.08
C GLU I 20 57.28 -23.84 -0.29
N TYR I 21 58.25 -23.21 -0.96
CA TYR I 21 59.15 -22.29 -0.29
C TYR I 21 58.41 -21.08 0.23
N GLN I 22 57.25 -20.80 -0.36
CA GLN I 22 56.43 -19.66 0.08
C GLN I 22 56.05 -19.91 1.53
N TYR I 23 55.61 -21.14 1.79
CA TYR I 23 55.20 -21.56 3.13
C TYR I 23 56.37 -21.60 4.10
N LEU I 24 57.47 -22.20 3.67
CA LEU I 24 58.67 -22.29 4.50
C LEU I 24 59.26 -20.92 4.82
N ASP I 25 59.35 -20.06 3.80
CA ASP I 25 59.90 -18.73 3.98
C ASP I 25 59.08 -17.89 4.95
N LEU I 26 57.76 -17.96 4.85
CA LEU I 26 56.90 -17.18 5.73
C LEU I 26 57.11 -17.58 7.19
N ILE I 27 57.20 -18.88 7.44
CA ILE I 27 57.42 -19.39 8.79
C ILE I 27 58.74 -18.87 9.33
N ARG I 28 59.76 -18.92 8.48
CA ARG I 28 61.09 -18.45 8.86
C ARG I 28 61.02 -16.96 9.21
N ARG I 29 60.26 -16.21 8.42
CA ARG I 29 60.12 -14.77 8.63
C ARG I 29 59.38 -14.49 9.95
N ILE I 30 58.27 -15.20 10.16
CA ILE I 30 57.48 -15.01 11.37
C ILE I 30 58.31 -15.27 12.62
N ILE I 31 59.12 -16.32 12.59
CA ILE I 31 59.97 -16.67 13.73
C ILE I 31 61.04 -15.59 13.93
N ASN I 32 61.57 -15.07 12.84
CA ASN I 32 62.62 -14.05 12.88
C ASN I 32 62.15 -12.66 13.31
N VAL I 33 61.18 -12.10 12.59
CA VAL I 33 60.70 -10.75 12.89
C VAL I 33 59.26 -10.67 13.38
N GLY I 34 58.65 -11.83 13.63
CA GLY I 34 57.27 -11.83 14.09
C GLY I 34 57.14 -11.21 15.47
N GLU I 35 55.93 -10.78 15.80
CA GLU I 35 55.66 -10.15 17.09
C GLU I 35 55.11 -11.17 18.08
N VAL I 36 55.73 -11.23 19.26
CA VAL I 36 55.29 -12.16 20.31
C VAL I 36 53.99 -11.61 20.87
N ARG I 37 52.94 -12.43 20.87
CA ARG I 37 51.64 -11.97 21.35
C ARG I 37 50.87 -13.01 22.15
N PRO I 38 49.98 -12.54 23.04
CA PRO I 38 49.16 -13.43 23.87
C PRO I 38 48.01 -13.83 22.95
N ASP I 39 47.26 -14.87 23.31
CA ASP I 39 46.15 -15.28 22.47
C ASP I 39 45.06 -16.01 23.24
N ARG I 40 43.96 -16.28 22.55
CA ARG I 40 42.81 -16.96 23.14
C ARG I 40 43.16 -18.29 23.81
N THR I 41 44.00 -19.08 23.15
CA THR I 41 44.40 -20.39 23.68
C THR I 41 45.25 -20.31 24.94
N GLY I 42 46.04 -19.25 25.07
CA GLY I 42 46.89 -19.10 26.24
C GLY I 42 48.30 -19.62 26.07
N THR I 43 48.61 -20.22 24.92
CA THR I 43 49.95 -20.75 24.69
C THR I 43 50.86 -19.67 24.11
N GLY I 44 50.25 -18.66 23.51
CA GLY I 44 51.02 -17.58 22.93
C GLY I 44 51.49 -17.88 21.52
N THR I 45 51.79 -16.84 20.75
CA THR I 45 52.26 -17.00 19.38
C THR I 45 53.20 -15.87 18.97
N VAL I 46 53.70 -15.99 17.75
CA VAL I 46 54.57 -14.98 17.15
C VAL I 46 53.85 -14.75 15.83
N ALA I 47 53.49 -13.51 15.53
CA ALA I 47 52.74 -13.26 14.31
C ALA I 47 53.05 -12.02 13.49
N LEU I 48 52.53 -12.03 12.27
CA LEU I 48 52.66 -10.94 11.31
C LEU I 48 51.27 -10.77 10.70
N PHE I 49 50.89 -9.54 10.37
CA PHE I 49 49.57 -9.30 9.80
C PHE I 49 49.62 -9.04 8.29
N ALA I 50 48.66 -9.63 7.58
CA ALA I 50 48.55 -9.48 6.14
C ALA I 50 49.84 -9.61 5.33
N PRO I 51 50.54 -10.74 5.46
CA PRO I 51 51.78 -10.90 4.69
C PRO I 51 51.41 -11.20 3.24
N PRO I 52 52.39 -11.14 2.32
CA PRO I 52 52.08 -11.42 0.92
C PRO I 52 51.34 -12.75 0.77
N SER I 53 50.34 -12.77 -0.10
CA SER I 53 49.54 -13.97 -0.32
C SER I 53 50.33 -15.09 -1.00
N PHE I 54 49.83 -16.32 -0.85
CA PHE I 54 50.45 -17.49 -1.46
C PHE I 54 49.75 -17.79 -2.79
N ARG I 55 50.50 -18.26 -3.77
CA ARG I 55 49.93 -18.60 -5.07
C ARG I 55 50.39 -20.00 -5.45
N PHE I 56 49.44 -20.88 -5.74
CA PHE I 56 49.74 -22.26 -6.10
C PHE I 56 49.09 -22.64 -7.42
N SER I 57 49.88 -23.20 -8.32
CA SER I 57 49.36 -23.62 -9.62
C SER I 57 48.62 -24.93 -9.48
N LEU I 58 47.44 -25.01 -10.09
CA LEU I 58 46.64 -26.23 -10.04
C LEU I 58 46.60 -26.89 -11.41
N ALA I 59 47.39 -26.37 -12.33
CA ALA I 59 47.46 -26.90 -13.69
C ALA I 59 48.11 -28.28 -13.71
N ASP I 60 47.84 -29.04 -14.77
CA ASP I 60 48.41 -30.38 -14.92
C ASP I 60 48.06 -31.29 -13.74
N ASN I 61 46.83 -31.16 -13.24
CA ASN I 61 46.34 -31.96 -12.12
C ASN I 61 47.20 -31.86 -10.86
N THR I 62 47.91 -30.75 -10.71
CA THR I 62 48.77 -30.57 -9.55
C THR I 62 48.00 -30.28 -8.26
N LEU I 63 48.44 -30.91 -7.17
CA LEU I 63 47.83 -30.73 -5.86
C LEU I 63 48.91 -30.25 -4.89
N PRO I 64 48.79 -29.00 -4.41
CA PRO I 64 49.78 -28.44 -3.48
C PRO I 64 49.72 -29.04 -2.08
N LEU I 65 50.08 -30.32 -1.97
CA LEU I 65 50.10 -31.02 -0.70
C LEU I 65 51.54 -30.95 -0.19
N LEU I 66 51.76 -30.16 0.84
CA LEU I 66 53.11 -29.99 1.40
C LEU I 66 53.89 -31.30 1.51
N THR I 67 55.17 -31.24 1.18
CA THR I 67 56.03 -32.41 1.20
C THR I 67 57.11 -32.39 2.29
N THR I 68 57.36 -31.21 2.87
CA THR I 68 58.39 -31.11 3.91
C THR I 68 57.97 -31.80 5.20
N LYS I 69 56.78 -32.40 5.19
CA LYS I 69 56.26 -33.16 6.34
C LYS I 69 55.07 -33.97 5.83
N ARG I 70 54.82 -35.11 6.45
CA ARG I 70 53.69 -35.93 6.03
C ARG I 70 52.39 -35.31 6.48
N VAL I 71 51.54 -34.98 5.50
CA VAL I 71 50.25 -34.37 5.79
C VAL I 71 49.15 -35.42 5.76
N PHE I 72 48.25 -35.37 6.75
CA PHE I 72 47.15 -36.32 6.84
C PHE I 72 46.15 -36.06 5.71
N LEU I 73 46.50 -36.53 4.51
CA LEU I 73 45.66 -36.35 3.33
C LEU I 73 44.21 -36.81 3.52
N ARG I 74 44.02 -38.03 4.01
CA ARG I 74 42.68 -38.56 4.22
C ARG I 74 41.87 -37.65 5.14
N GLY I 75 42.55 -37.04 6.11
CA GLY I 75 41.87 -36.14 7.03
C GLY I 75 41.39 -34.89 6.31
N VAL I 76 42.19 -34.39 5.38
CA VAL I 76 41.85 -33.19 4.62
C VAL I 76 40.61 -33.47 3.76
N ILE I 77 40.65 -34.59 3.05
CA ILE I 77 39.54 -34.99 2.19
C ILE I 77 38.27 -35.21 2.99
N ALA I 78 38.38 -35.96 4.08
CA ALA I 78 37.23 -36.24 4.93
C ALA I 78 36.58 -34.95 5.40
N GLU I 79 37.39 -34.03 5.91
CA GLU I 79 36.87 -32.75 6.40
C GLU I 79 36.18 -31.96 5.30
N LEU I 80 36.77 -31.96 4.10
CA LEU I 80 36.22 -31.24 2.97
C LEU I 80 34.85 -31.77 2.54
N LEU I 81 34.74 -33.09 2.39
CA LEU I 81 33.48 -33.71 1.98
C LEU I 81 32.45 -33.48 3.09
N TRP I 82 32.97 -33.31 4.30
CA TRP I 82 32.14 -33.05 5.48
C TRP I 82 31.56 -31.64 5.33
N PHE I 83 32.39 -30.69 4.93
CA PHE I 83 31.93 -29.31 4.74
C PHE I 83 30.84 -29.30 3.68
N VAL I 84 31.16 -29.89 2.53
CA VAL I 84 30.24 -29.97 1.41
C VAL I 84 28.87 -30.53 1.78
N SER I 85 28.86 -31.57 2.62
CA SER I 85 27.61 -32.19 3.04
C SER I 85 26.78 -31.26 3.91
N GLY I 86 27.40 -30.20 4.41
CA GLY I 86 26.69 -29.26 5.27
C GLY I 86 26.58 -29.76 6.69
N CYS I 87 27.22 -30.89 6.98
CA CYS I 87 27.19 -31.49 8.30
C CYS I 87 28.05 -30.73 9.29
N THR I 88 27.62 -30.66 10.54
CA THR I 88 28.35 -29.94 11.58
C THR I 88 28.63 -30.84 12.80
N ASP I 89 28.47 -32.14 12.61
CA ASP I 89 28.71 -33.09 13.69
C ASP I 89 30.10 -33.70 13.56
N ALA I 90 31.00 -33.32 14.47
CA ALA I 90 32.37 -33.81 14.45
C ALA I 90 32.48 -35.33 14.57
N LYS I 91 31.45 -35.97 15.11
CA LYS I 91 31.45 -37.42 15.26
C LYS I 91 31.50 -38.09 13.89
N MET I 92 31.04 -37.38 12.87
CA MET I 92 31.05 -37.92 11.52
C MET I 92 32.48 -38.05 11.01
N LEU I 93 33.38 -37.29 11.62
CA LEU I 93 34.79 -37.33 11.25
C LEU I 93 35.55 -38.32 12.11
N SER I 94 35.30 -38.26 13.42
CA SER I 94 35.98 -39.17 14.35
C SER I 94 35.56 -40.61 14.12
N SER I 95 34.35 -40.82 13.62
CA SER I 95 33.86 -42.17 13.36
C SER I 95 34.63 -42.79 12.20
N GLN I 96 35.23 -41.95 11.36
CA GLN I 96 36.01 -42.47 10.24
C GLN I 96 37.51 -42.26 10.44
N GLY I 97 37.93 -42.16 11.71
CA GLY I 97 39.33 -42.01 12.02
C GLY I 97 39.95 -40.62 11.89
N VAL I 98 39.11 -39.58 11.86
CA VAL I 98 39.62 -38.22 11.74
C VAL I 98 39.19 -37.41 12.95
N GLY I 99 40.15 -37.07 13.81
CA GLY I 99 39.83 -36.32 15.01
C GLY I 99 40.32 -34.90 15.08
N ILE I 100 40.48 -34.25 13.92
CA ILE I 100 40.95 -32.87 13.90
C ILE I 100 40.01 -31.91 14.62
N TRP I 101 38.73 -32.26 14.70
CA TRP I 101 37.75 -31.41 15.37
C TRP I 101 37.30 -31.92 16.74
N ASP I 102 37.95 -32.97 17.22
CA ASP I 102 37.60 -33.53 18.53
C ASP I 102 37.91 -32.53 19.64
N GLY I 103 38.96 -31.76 19.46
CA GLY I 103 39.36 -30.78 20.46
C GLY I 103 38.34 -29.71 20.74
N ASN I 104 37.79 -29.10 19.70
CA ASN I 104 36.81 -28.04 19.87
C ASN I 104 35.38 -28.57 19.95
N GLY I 105 35.24 -29.88 19.77
CA GLY I 105 33.92 -30.49 19.83
C GLY I 105 33.72 -31.25 21.12
N SER I 106 34.77 -31.31 21.95
CA SER I 106 34.71 -32.02 23.22
C SER I 106 33.70 -31.39 24.16
N LYS I 107 33.11 -32.21 25.01
CA LYS I 107 32.11 -31.75 25.97
C LYS I 107 32.73 -30.70 26.89
N GLU I 108 34.05 -30.79 27.08
CA GLU I 108 34.76 -29.86 27.95
C GLU I 108 34.88 -28.47 27.34
N PHE I 109 35.25 -28.41 26.06
CA PHE I 109 35.41 -27.14 25.36
C PHE I 109 34.06 -26.45 25.16
N LEU I 110 33.07 -27.21 24.70
CA LEU I 110 31.74 -26.65 24.47
C LEU I 110 31.21 -25.95 25.72
N GLU I 111 31.25 -26.65 26.85
CA GLU I 111 30.77 -26.08 28.10
C GLU I 111 31.63 -24.87 28.47
N LYS I 112 32.89 -24.91 28.06
CA LYS I 112 33.85 -23.85 28.32
C LYS I 112 33.46 -22.55 27.61
N VAL I 113 32.89 -22.67 26.41
CA VAL I 113 32.49 -21.50 25.63
C VAL I 113 31.00 -21.18 25.75
N GLY I 114 30.35 -21.71 26.78
CA GLY I 114 28.94 -21.45 26.98
C GLY I 114 27.98 -22.25 26.12
N LEU I 115 28.43 -23.41 25.64
CA LEU I 115 27.59 -24.25 24.80
C LEU I 115 27.42 -25.63 25.43
N GLY I 116 27.20 -25.65 26.75
CA GLY I 116 27.05 -26.91 27.45
C GLY I 116 25.77 -27.67 27.18
N HIS I 117 24.78 -26.99 26.59
CA HIS I 117 23.51 -27.61 26.28
C HIS I 117 23.59 -28.52 25.05
N ARG I 118 24.75 -28.51 24.40
CA ARG I 118 24.93 -29.31 23.20
C ARG I 118 25.64 -30.62 23.50
N ARG I 119 25.33 -31.66 22.72
CA ARG I 119 25.97 -32.95 22.91
C ARG I 119 27.37 -32.85 22.32
N GLU I 120 28.28 -33.67 22.82
CA GLU I 120 29.66 -33.66 22.33
C GLU I 120 29.73 -33.86 20.83
N GLY I 121 30.50 -33.00 20.15
CA GLY I 121 30.64 -33.11 18.72
C GLY I 121 29.79 -32.13 17.93
N ASP I 122 28.76 -31.58 18.56
CA ASP I 122 27.88 -30.62 17.91
C ASP I 122 28.52 -29.24 17.93
N LEU I 123 29.30 -28.95 16.89
CA LEU I 123 30.00 -27.67 16.76
C LEU I 123 29.12 -26.45 16.51
N GLY I 124 27.89 -26.68 16.07
CA GLY I 124 27.01 -25.56 15.80
C GLY I 124 26.95 -25.25 14.32
N PRO I 125 26.39 -24.10 13.92
CA PRO I 125 26.29 -23.71 12.51
C PRO I 125 27.61 -23.25 11.90
N VAL I 126 28.60 -24.14 11.87
CA VAL I 126 29.91 -23.82 11.32
C VAL I 126 30.00 -24.04 9.81
N TYR I 127 31.20 -23.85 9.27
CA TYR I 127 31.49 -24.00 7.84
C TYR I 127 30.40 -24.62 6.96
N GLY I 128 30.35 -25.94 6.95
CA GLY I 128 29.37 -26.66 6.15
C GLY I 128 27.94 -26.14 6.17
N PHE I 129 27.44 -25.84 7.37
CA PHE I 129 26.08 -25.33 7.50
C PHE I 129 25.89 -23.98 6.79
N GLN I 130 26.85 -23.08 6.96
CA GLN I 130 26.77 -21.77 6.32
C GLN I 130 26.87 -21.92 4.80
N TRP I 131 27.76 -22.80 4.36
CA TRP I 131 27.98 -23.07 2.95
C TRP I 131 26.73 -23.52 2.19
N ARG I 132 25.93 -24.38 2.82
CA ARG I 132 24.73 -24.89 2.15
C ARG I 132 23.41 -24.39 2.71
N HIS I 133 23.42 -23.77 3.89
CA HIS I 133 22.18 -23.29 4.50
C HIS I 133 22.31 -21.92 5.18
N PHE I 134 23.08 -21.01 4.58
CA PHE I 134 23.25 -19.70 5.17
C PHE I 134 21.92 -19.00 5.42
N GLY I 135 21.73 -18.51 6.64
CA GLY I 135 20.50 -17.82 6.98
C GLY I 135 19.47 -18.68 7.68
N ALA I 136 19.57 -19.98 7.52
CA ALA I 136 18.63 -20.91 8.15
C ALA I 136 18.77 -20.90 9.66
N GLU I 137 17.70 -21.26 10.36
CA GLU I 137 17.69 -21.31 11.81
C GLU I 137 18.36 -22.61 12.27
N TYR I 138 19.33 -22.50 13.16
CA TYR I 138 20.04 -23.68 13.65
C TYR I 138 19.48 -24.16 14.99
N THR I 139 19.18 -25.46 15.07
CA THR I 139 18.67 -26.05 16.30
C THR I 139 19.83 -26.88 16.87
N ASP I 140 20.10 -28.02 16.25
CA ASP I 140 21.20 -28.87 16.66
C ASP I 140 21.78 -29.53 15.39
N ALA I 141 22.74 -30.46 15.52
CA ALA I 141 23.31 -31.07 14.32
C ALA I 141 22.39 -32.07 13.61
N ASP I 142 21.33 -32.48 14.28
CA ASP I 142 20.39 -33.43 13.72
C ASP I 142 19.22 -32.76 13.03
N GLY I 143 19.19 -31.43 13.11
CA GLY I 143 18.11 -30.68 12.49
C GLY I 143 17.96 -30.92 11.00
N ASP I 144 16.73 -30.77 10.51
CA ASP I 144 16.44 -30.94 9.09
C ASP I 144 16.56 -29.60 8.39
N TYR I 145 17.64 -29.41 7.66
CA TYR I 145 17.88 -28.14 6.98
C TYR I 145 17.78 -28.24 5.45
N LYS I 146 17.40 -29.40 4.96
CA LYS I 146 17.27 -29.59 3.52
C LYS I 146 16.33 -28.55 2.92
N GLY I 147 16.82 -27.84 1.91
CA GLY I 147 15.99 -26.83 1.26
C GLY I 147 15.84 -25.54 2.04
N LYS I 148 16.57 -25.41 3.15
CA LYS I 148 16.50 -24.22 3.97
C LYS I 148 17.78 -23.40 3.89
N GLY I 149 17.63 -22.08 3.90
CA GLY I 149 18.77 -21.20 3.82
C GLY I 149 19.30 -21.08 2.40
N VAL I 150 20.38 -20.34 2.23
CA VAL I 150 20.97 -20.15 0.90
C VAL I 150 22.06 -21.18 0.64
N ASP I 151 21.94 -21.89 -0.48
CA ASP I 151 22.95 -22.89 -0.85
C ASP I 151 23.99 -22.21 -1.72
N GLN I 152 24.96 -21.57 -1.06
CA GLN I 152 26.03 -20.86 -1.76
C GLN I 152 26.84 -21.74 -2.69
N LEU I 153 27.17 -22.95 -2.24
CA LEU I 153 27.96 -23.87 -3.04
C LEU I 153 27.34 -24.22 -4.38
N GLN I 154 26.08 -24.62 -4.38
CA GLN I 154 25.42 -24.98 -5.63
C GLN I 154 25.28 -23.76 -6.54
N ARG I 155 25.05 -22.59 -5.95
CA ARG I 155 24.92 -21.37 -6.73
C ARG I 155 26.23 -21.09 -7.43
N VAL I 156 27.34 -21.37 -6.75
CA VAL I 156 28.67 -21.18 -7.32
C VAL I 156 28.81 -22.07 -8.55
N ILE I 157 28.37 -23.33 -8.40
CA ILE I 157 28.44 -24.30 -9.49
C ILE I 157 27.62 -23.83 -10.68
N ASP I 158 26.37 -23.45 -10.42
CA ASP I 158 25.46 -22.99 -11.45
C ASP I 158 25.99 -21.75 -12.17
N THR I 159 26.55 -20.83 -11.40
CA THR I 159 27.08 -19.58 -11.95
C THR I 159 28.29 -19.81 -12.85
N ILE I 160 29.21 -20.68 -12.42
CA ILE I 160 30.40 -20.98 -13.20
C ILE I 160 30.03 -21.57 -14.55
N LYS I 161 28.97 -22.37 -14.56
CA LYS I 161 28.50 -23.03 -15.78
C LYS I 161 27.67 -22.16 -16.71
N ASN I 162 26.78 -21.34 -16.14
CA ASN I 162 25.90 -20.50 -16.96
C ASN I 162 26.22 -19.01 -17.06
N ASN I 163 27.07 -18.51 -16.18
CA ASN I 163 27.44 -17.10 -16.21
C ASN I 163 28.80 -16.90 -15.54
N PRO I 164 29.84 -17.50 -16.12
CA PRO I 164 31.23 -17.45 -15.64
C PRO I 164 31.84 -16.07 -15.37
N THR I 165 31.46 -15.08 -16.16
CA THR I 165 32.02 -13.75 -15.96
C THR I 165 31.40 -13.00 -14.79
N ASP I 166 30.43 -13.63 -14.13
CA ASP I 166 29.78 -13.03 -12.97
C ASP I 166 30.87 -12.67 -11.95
N ARG I 167 30.71 -11.56 -11.26
CA ARG I 167 31.71 -11.12 -10.28
C ARG I 167 31.29 -11.31 -8.82
N ARG I 168 30.30 -12.19 -8.60
CA ARG I 168 29.80 -12.48 -7.25
C ARG I 168 29.90 -13.97 -6.89
N ILE I 169 30.80 -14.69 -7.54
CA ILE I 169 30.96 -16.12 -7.27
C ILE I 169 31.65 -16.31 -5.92
N ILE I 170 30.89 -16.11 -4.84
CA ILE I 170 31.42 -16.19 -3.49
C ILE I 170 30.89 -17.34 -2.64
N LEU I 171 31.78 -17.92 -1.83
CA LEU I 171 31.44 -19.00 -0.91
C LEU I 171 31.95 -18.55 0.45
N SER I 172 31.03 -18.15 1.33
CA SER I 172 31.41 -17.66 2.65
C SER I 172 30.74 -18.37 3.82
N ALA I 173 31.48 -18.54 4.90
CA ALA I 173 30.97 -19.18 6.11
C ALA I 173 30.84 -18.16 7.24
N TRP I 174 31.29 -16.94 6.98
CA TRP I 174 31.21 -15.90 7.99
C TRP I 174 29.78 -15.42 8.19
N ASN I 175 29.28 -15.56 9.41
CA ASN I 175 27.92 -15.14 9.74
C ASN I 175 27.95 -14.50 11.15
N PRO I 176 28.05 -13.16 11.20
CA PRO I 176 28.09 -12.44 12.48
C PRO I 176 26.97 -12.81 13.46
N LYS I 177 25.80 -13.14 12.94
CA LYS I 177 24.67 -13.51 13.80
C LYS I 177 24.83 -14.89 14.44
N ASP I 178 25.37 -15.85 13.68
CA ASP I 178 25.54 -17.21 14.19
C ASP I 178 26.84 -17.46 14.95
N LEU I 179 27.80 -16.54 14.85
CA LEU I 179 29.07 -16.70 15.53
C LEU I 179 29.01 -17.26 16.95
N PRO I 180 28.22 -16.63 17.84
CA PRO I 180 28.12 -17.13 19.22
C PRO I 180 27.64 -18.58 19.36
N LEU I 181 26.98 -19.10 18.32
CA LEU I 181 26.49 -20.47 18.33
C LEU I 181 27.55 -21.43 17.85
N MET I 182 28.66 -20.89 17.35
CA MET I 182 29.75 -21.69 16.83
C MET I 182 30.79 -22.01 17.89
N ALA I 183 31.26 -23.26 17.90
CA ALA I 183 32.29 -23.66 18.86
C ALA I 183 33.54 -22.86 18.57
N LEU I 184 33.71 -22.48 17.31
CA LEU I 184 34.86 -21.70 16.86
C LEU I 184 34.49 -20.93 15.60
N PRO I 185 34.83 -19.63 15.54
CA PRO I 185 34.50 -18.84 14.35
C PRO I 185 35.30 -19.32 13.15
N PRO I 186 34.73 -19.22 11.94
CA PRO I 186 35.42 -19.66 10.72
C PRO I 186 36.79 -19.02 10.54
N CYS I 187 37.80 -19.83 10.26
CA CYS I 187 39.15 -19.31 10.03
C CYS I 187 39.20 -18.93 8.56
N HIS I 188 38.90 -19.88 7.68
CA HIS I 188 38.85 -19.57 6.26
C HIS I 188 37.40 -19.11 6.10
N MET I 189 37.21 -17.80 6.24
CA MET I 189 35.87 -17.21 6.19
C MET I 189 35.18 -17.09 4.85
N PHE I 190 35.92 -17.23 3.75
CA PHE I 190 35.31 -17.12 2.43
C PHE I 190 36.34 -17.24 1.32
N CYS I 191 35.85 -17.51 0.11
CA CYS I 191 36.71 -17.61 -1.05
C CYS I 191 35.92 -17.13 -2.27
N GLN I 192 36.64 -16.71 -3.29
CA GLN I 192 36.02 -16.22 -4.52
C GLN I 192 36.60 -16.95 -5.73
N PHE I 193 35.72 -17.46 -6.59
CA PHE I 193 36.16 -18.17 -7.77
C PHE I 193 36.13 -17.25 -8.99
N PHE I 194 37.05 -17.50 -9.92
CA PHE I 194 37.14 -16.69 -11.13
C PHE I 194 37.31 -17.63 -12.32
N VAL I 195 36.62 -17.34 -13.41
CA VAL I 195 36.68 -18.17 -14.60
C VAL I 195 37.22 -17.41 -15.80
N SER I 196 38.32 -17.90 -16.36
CA SER I 196 38.91 -17.27 -17.54
C SER I 196 38.30 -17.93 -18.77
N LEU I 197 37.76 -17.12 -19.67
CA LEU I 197 37.14 -17.64 -20.88
C LEU I 197 38.21 -18.19 -21.84
N PRO I 198 37.82 -19.15 -22.69
CA PRO I 198 38.74 -19.76 -23.66
C PRO I 198 39.33 -18.70 -24.60
N PRO I 199 40.65 -18.73 -24.80
CA PRO I 199 41.32 -17.78 -25.68
C PRO I 199 40.76 -17.83 -27.10
N PRO I 203 38.78 -21.67 -29.06
CA PRO I 203 37.52 -21.56 -28.31
C PRO I 203 37.00 -22.91 -27.82
N GLY I 204 37.71 -23.98 -28.17
CA GLY I 204 37.29 -25.31 -27.76
C GLY I 204 37.84 -25.70 -26.41
N SER I 205 38.88 -25.00 -25.96
CA SER I 205 39.50 -25.29 -24.68
C SER I 205 38.53 -25.05 -23.53
N LYS I 206 38.83 -25.64 -22.38
CA LYS I 206 38.00 -25.49 -21.19
C LYS I 206 38.34 -24.19 -20.48
N PRO I 207 37.33 -23.50 -19.93
CA PRO I 207 37.61 -22.25 -19.22
C PRO I 207 38.47 -22.58 -18.01
N LYS I 208 39.32 -21.65 -17.59
CA LYS I 208 40.19 -21.89 -16.45
C LYS I 208 39.57 -21.39 -15.16
N LEU I 209 39.62 -22.22 -14.12
CA LEU I 209 39.05 -21.86 -12.82
C LEU I 209 40.10 -21.55 -11.77
N SER I 210 39.94 -20.42 -11.10
CA SER I 210 40.86 -20.00 -10.06
C SER I 210 40.09 -19.77 -8.76
N CYS I 211 40.80 -19.79 -7.64
CA CYS I 211 40.17 -19.61 -6.33
C CYS I 211 41.03 -18.81 -5.38
N LEU I 212 40.44 -17.78 -4.77
CA LEU I 212 41.15 -16.96 -3.80
C LEU I 212 40.42 -17.12 -2.47
N MET I 213 41.15 -17.55 -1.45
CA MET I 213 40.56 -17.75 -0.13
C MET I 213 41.24 -16.84 0.89
N TYR I 214 40.44 -16.25 1.77
CA TYR I 214 40.97 -15.37 2.80
C TYR I 214 40.81 -16.01 4.17
N GLN I 215 41.92 -16.15 4.88
CA GLN I 215 41.92 -16.76 6.20
C GLN I 215 42.27 -15.71 7.26
N ARG I 216 41.32 -15.41 8.14
CA ARG I 216 41.51 -14.42 9.19
C ARG I 216 42.59 -14.78 10.21
N SER I 217 42.64 -16.05 10.59
CA SER I 217 43.61 -16.53 11.57
C SER I 217 44.27 -17.78 11.00
N CYS I 218 45.59 -17.78 10.94
CA CYS I 218 46.31 -18.92 10.35
C CYS I 218 47.37 -19.58 11.21
N ASP I 219 47.10 -20.82 11.59
CA ASP I 219 48.04 -21.61 12.37
C ASP I 219 48.94 -22.28 11.34
N LEU I 220 50.05 -21.62 10.99
CA LEU I 220 50.94 -22.16 9.98
C LEU I 220 51.43 -23.58 10.21
N GLY I 221 51.73 -23.90 11.46
CA GLY I 221 52.21 -25.24 11.77
C GLY I 221 51.22 -26.34 11.46
N LEU I 222 50.01 -26.21 12.01
CA LEU I 222 48.97 -27.22 11.82
C LEU I 222 47.82 -26.91 10.85
N GLY I 223 47.33 -25.68 10.90
CA GLY I 223 46.21 -25.31 10.04
C GLY I 223 46.49 -25.11 8.56
N VAL I 224 47.33 -24.12 8.25
CA VAL I 224 47.67 -23.80 6.86
C VAL I 224 47.90 -25.00 5.94
N PRO I 225 48.64 -26.03 6.38
CA PRO I 225 48.86 -27.17 5.50
C PRO I 225 47.53 -27.79 5.05
N PHE I 226 46.57 -27.88 5.98
CA PHE I 226 45.26 -28.43 5.65
C PHE I 226 44.47 -27.47 4.77
N ASN I 227 44.46 -26.20 5.15
CA ASN I 227 43.73 -25.17 4.41
C ASN I 227 44.15 -25.10 2.94
N ILE I 228 45.45 -25.15 2.68
CA ILE I 228 45.96 -25.09 1.31
C ILE I 228 45.45 -26.27 0.47
N ALA I 229 45.66 -27.48 0.98
CA ALA I 229 45.23 -28.68 0.28
C ALA I 229 43.71 -28.74 0.14
N SER I 230 43.01 -28.32 1.19
CA SER I 230 41.54 -28.34 1.18
C SER I 230 40.95 -27.52 0.04
N TYR I 231 41.27 -26.23 0.00
CA TYR I 231 40.74 -25.36 -1.03
C TYR I 231 41.24 -25.71 -2.42
N ALA I 232 42.42 -26.32 -2.49
CA ALA I 232 42.96 -26.73 -3.78
C ALA I 232 42.09 -27.88 -4.27
N LEU I 233 41.74 -28.77 -3.35
CA LEU I 233 40.90 -29.92 -3.67
C LEU I 233 39.49 -29.48 -4.03
N LEU I 234 38.97 -28.48 -3.31
CA LEU I 234 37.63 -27.98 -3.57
C LEU I 234 37.56 -27.42 -4.99
N THR I 235 38.62 -26.74 -5.41
CA THR I 235 38.69 -26.16 -6.74
C THR I 235 38.70 -27.27 -7.79
N HIS I 236 39.44 -28.34 -7.51
CA HIS I 236 39.50 -29.47 -8.44
C HIS I 236 38.12 -30.10 -8.55
N MET I 237 37.45 -30.25 -7.42
CA MET I 237 36.11 -30.82 -7.38
C MET I 237 35.14 -30.00 -8.22
N ILE I 238 35.10 -28.70 -7.96
CA ILE I 238 34.21 -27.80 -8.69
C ILE I 238 34.54 -27.77 -10.18
N ALA I 239 35.82 -27.86 -10.51
CA ALA I 239 36.25 -27.85 -11.90
C ALA I 239 35.66 -29.04 -12.66
N LEU I 240 35.65 -30.21 -12.01
CA LEU I 240 35.12 -31.41 -12.63
C LEU I 240 33.62 -31.31 -12.91
N ILE I 241 32.88 -30.78 -11.94
CA ILE I 241 31.43 -30.64 -12.09
C ILE I 241 31.02 -29.52 -13.05
N THR I 242 31.88 -28.52 -13.23
CA THR I 242 31.56 -27.41 -14.11
C THR I 242 32.26 -27.45 -15.47
N ASP I 243 32.97 -28.55 -15.74
CA ASP I 243 33.67 -28.69 -17.01
C ASP I 243 34.72 -27.59 -17.22
N THR I 244 35.38 -27.21 -16.14
CA THR I 244 36.42 -26.19 -16.22
C THR I 244 37.76 -26.81 -15.84
N GLU I 245 38.84 -26.09 -16.13
CA GLU I 245 40.18 -26.57 -15.83
C GLU I 245 40.79 -25.81 -14.67
N PRO I 246 41.15 -26.52 -13.59
CA PRO I 246 41.75 -25.84 -12.43
C PRO I 246 42.99 -25.09 -12.85
N HIS I 247 43.11 -23.84 -12.43
CA HIS I 247 44.25 -23.03 -12.82
C HIS I 247 45.14 -22.55 -11.68
N GLU I 248 44.59 -21.75 -10.78
CA GLU I 248 45.38 -21.20 -9.68
C GLU I 248 44.61 -21.05 -8.38
N PHE I 249 45.32 -21.19 -7.27
CA PHE I 249 44.73 -21.03 -5.95
C PHE I 249 45.54 -19.98 -5.19
N ILE I 250 44.85 -18.93 -4.75
CA ILE I 250 45.50 -17.85 -4.01
C ILE I 250 45.01 -17.84 -2.57
N LEU I 251 45.94 -17.71 -1.63
CA LEU I 251 45.60 -17.69 -0.22
C LEU I 251 46.11 -16.43 0.47
N GLN I 252 45.18 -15.58 0.91
CA GLN I 252 45.54 -14.35 1.60
C GLN I 252 45.30 -14.55 3.10
N MET I 253 46.31 -14.22 3.90
CA MET I 253 46.21 -14.39 5.35
C MET I 253 46.04 -13.09 6.11
N GLY I 254 45.35 -13.18 7.25
CA GLY I 254 45.16 -12.02 8.09
C GLY I 254 46.18 -12.16 9.20
N ASP I 255 45.77 -12.74 10.32
CA ASP I 255 46.67 -12.96 11.44
C ASP I 255 47.45 -14.26 11.19
N ALA I 256 48.64 -14.13 10.63
CA ALA I 256 49.49 -15.28 10.34
C ALA I 256 50.41 -15.50 11.54
N HIS I 257 50.26 -16.64 12.21
CA HIS I 257 51.06 -16.92 13.40
C HIS I 257 51.64 -18.32 13.52
N VAL I 258 52.63 -18.43 14.39
CA VAL I 258 53.30 -19.70 14.69
C VAL I 258 53.23 -19.83 16.21
N TYR I 259 52.54 -20.86 16.69
CA TYR I 259 52.43 -21.07 18.13
C TYR I 259 53.79 -21.30 18.76
N ARG I 260 53.95 -20.83 19.99
CA ARG I 260 55.20 -20.95 20.73
C ARG I 260 55.74 -22.38 20.74
N ASP I 261 54.87 -23.35 20.98
CA ASP I 261 55.30 -24.74 21.04
C ASP I 261 55.46 -25.41 19.68
N HIS I 262 55.44 -24.62 18.61
CA HIS I 262 55.61 -25.12 17.25
C HIS I 262 56.95 -24.67 16.66
N VAL I 263 57.54 -23.65 17.27
CA VAL I 263 58.81 -23.10 16.79
C VAL I 263 59.90 -24.15 16.56
N GLU I 264 60.24 -24.90 17.60
CA GLU I 264 61.28 -25.92 17.47
C GLU I 264 60.93 -27.01 16.46
N PRO I 265 59.71 -27.55 16.52
CA PRO I 265 59.35 -28.60 15.56
C PRO I 265 59.44 -28.11 14.11
N LEU I 266 59.05 -26.86 13.88
CA LEU I 266 59.10 -26.28 12.55
C LEU I 266 60.52 -26.06 12.05
N LYS I 267 61.44 -25.74 12.97
CA LYS I 267 62.83 -25.52 12.58
C LYS I 267 63.39 -26.76 11.91
N THR I 268 62.92 -27.93 12.36
CA THR I 268 63.35 -29.18 11.78
C THR I 268 62.82 -29.29 10.35
N GLN I 269 61.59 -28.86 10.15
CA GLN I 269 60.96 -28.91 8.83
C GLN I 269 61.63 -27.93 7.86
N LEU I 270 62.05 -26.79 8.37
CA LEU I 270 62.70 -25.77 7.55
C LEU I 270 64.00 -26.25 6.91
N GLU I 271 64.58 -27.32 7.46
CA GLU I 271 65.82 -27.89 6.96
C GLU I 271 65.61 -28.80 5.76
N ARG I 272 64.35 -29.17 5.53
CA ARG I 272 64.02 -30.08 4.43
C ARG I 272 63.74 -29.43 3.08
N GLU I 273 64.19 -30.08 2.03
CA GLU I 273 63.99 -29.60 0.67
C GLU I 273 62.72 -30.24 0.10
N PRO I 274 61.79 -29.42 -0.39
CA PRO I 274 60.52 -29.90 -0.95
C PRO I 274 60.67 -30.87 -2.13
N ARG I 275 59.72 -31.80 -2.24
CA ARG I 275 59.69 -32.75 -3.33
C ARG I 275 58.60 -32.23 -4.26
N ASP I 276 58.63 -32.59 -5.54
CA ASP I 276 57.61 -32.12 -6.45
C ASP I 276 56.23 -32.48 -5.93
N PHE I 277 55.27 -31.58 -6.07
CA PHE I 277 53.92 -31.83 -5.61
C PHE I 277 53.30 -33.02 -6.32
N PRO I 278 52.38 -33.73 -5.65
CA PRO I 278 51.71 -34.89 -6.25
C PRO I 278 50.62 -34.43 -7.21
N LYS I 279 49.99 -35.37 -7.91
CA LYS I 279 48.93 -35.03 -8.83
C LYS I 279 47.63 -35.72 -8.44
N LEU I 280 46.52 -35.06 -8.75
CA LEU I 280 45.20 -35.60 -8.42
C LEU I 280 44.51 -36.20 -9.63
N LYS I 281 43.91 -37.38 -9.42
CA LYS I 281 43.18 -38.08 -10.46
C LYS I 281 41.87 -38.56 -9.86
N TRP I 282 40.83 -38.69 -10.68
CA TRP I 282 39.53 -39.14 -10.19
C TRP I 282 39.34 -40.63 -10.47
N ALA I 283 38.84 -41.34 -9.48
CA ALA I 283 38.61 -42.79 -9.62
C ALA I 283 37.33 -43.05 -10.42
N ARG I 284 36.51 -42.01 -10.59
CA ARG I 284 35.28 -42.14 -11.35
C ARG I 284 35.12 -40.96 -12.29
N SER I 285 34.14 -41.06 -13.19
CA SER I 285 33.90 -40.00 -14.16
C SER I 285 32.94 -38.94 -13.62
N LYS I 286 32.84 -37.82 -14.34
CA LYS I 286 31.96 -36.74 -13.96
C LYS I 286 30.53 -37.26 -13.85
N GLU I 287 30.12 -38.02 -14.86
CA GLU I 287 28.77 -38.58 -14.90
C GLU I 287 28.49 -39.47 -13.69
N GLU I 288 29.45 -40.32 -13.34
CA GLU I 288 29.29 -41.22 -12.20
C GLU I 288 29.17 -40.45 -10.89
N ILE I 289 30.03 -39.46 -10.71
CA ILE I 289 30.00 -38.66 -9.49
C ILE I 289 28.71 -37.83 -9.48
N GLY I 290 28.31 -37.36 -10.65
CA GLY I 290 27.08 -36.59 -10.75
C GLY I 290 27.18 -35.10 -10.45
N ASP I 291 27.16 -34.76 -9.17
CA ASP I 291 27.26 -33.37 -8.76
C ASP I 291 28.25 -33.19 -7.60
N ILE I 292 28.28 -31.98 -7.05
CA ILE I 292 29.19 -31.68 -5.94
C ILE I 292 28.94 -32.53 -4.70
N ASP I 293 27.73 -33.08 -4.58
CA ASP I 293 27.38 -33.90 -3.43
C ASP I 293 27.62 -35.39 -3.66
N GLY I 294 28.19 -35.73 -4.82
CA GLY I 294 28.42 -37.13 -5.13
C GLY I 294 29.83 -37.66 -4.95
N PHE I 295 30.72 -36.84 -4.40
CA PHE I 295 32.11 -37.28 -4.20
C PHE I 295 32.27 -38.18 -2.98
N LYS I 296 33.24 -39.09 -3.08
CA LYS I 296 33.56 -40.03 -2.01
C LYS I 296 35.06 -39.99 -1.78
N VAL I 297 35.51 -40.31 -0.57
CA VAL I 297 36.92 -40.29 -0.24
C VAL I 297 37.76 -41.08 -1.27
N GLU I 298 37.29 -42.27 -1.59
CA GLU I 298 37.99 -43.13 -2.55
C GLU I 298 38.06 -42.59 -3.97
N ASP I 299 37.33 -41.52 -4.26
CA ASP I 299 37.36 -40.93 -5.60
C ASP I 299 38.66 -40.16 -5.81
N PHE I 300 39.24 -39.68 -4.72
CA PHE I 300 40.48 -38.91 -4.78
C PHE I 300 41.72 -39.79 -4.89
N VAL I 301 42.29 -39.86 -6.09
CA VAL I 301 43.49 -40.67 -6.32
C VAL I 301 44.72 -39.75 -6.43
N VAL I 302 45.43 -39.61 -5.31
CA VAL I 302 46.63 -38.78 -5.27
C VAL I 302 47.86 -39.63 -5.55
N GLU I 303 48.53 -39.35 -6.66
CA GLU I 303 49.72 -40.10 -7.03
C GLU I 303 50.99 -39.25 -7.02
N GLY I 304 52.11 -39.89 -6.69
CA GLY I 304 53.37 -39.18 -6.65
C GLY I 304 53.65 -38.40 -5.38
N TYR I 305 52.91 -38.67 -4.32
CA TYR I 305 53.13 -37.98 -3.06
C TYR I 305 54.34 -38.59 -2.37
N LYS I 306 55.40 -37.81 -2.21
CA LYS I 306 56.63 -38.29 -1.59
C LYS I 306 57.14 -37.30 -0.54
N PRO I 307 56.46 -37.24 0.63
CA PRO I 307 56.83 -36.34 1.72
C PRO I 307 57.90 -36.88 2.65
N TRP I 308 58.44 -36.00 3.48
CA TRP I 308 59.44 -36.39 4.46
C TRP I 308 58.67 -36.91 5.66
N GLY I 309 59.37 -37.23 6.74
CA GLY I 309 58.71 -37.74 7.91
C GLY I 309 57.72 -36.79 8.55
N LYS I 310 56.85 -37.33 9.40
CA LYS I 310 55.85 -36.53 10.09
C LYS I 310 56.54 -35.67 11.14
N ILE I 311 55.91 -34.55 11.48
CA ILE I 311 56.44 -33.66 12.50
C ILE I 311 55.33 -33.42 13.51
N ASP I 312 55.56 -33.89 14.74
CA ASP I 312 54.58 -33.76 15.79
C ASP I 312 54.42 -32.32 16.28
N MET I 313 53.17 -31.86 16.33
CA MET I 313 52.85 -30.52 16.81
C MET I 313 51.50 -30.58 17.51
N LYS I 314 51.47 -30.08 18.73
CA LYS I 314 50.25 -30.06 19.54
C LYS I 314 49.33 -28.91 19.16
N MET I 315 48.03 -29.19 19.06
CA MET I 315 47.07 -28.16 18.72
C MET I 315 46.56 -27.49 19.99
N SER I 316 46.50 -26.16 19.98
CA SER I 316 46.01 -25.42 21.13
C SER I 316 44.52 -25.17 20.99
N ALA I 317 43.75 -25.76 21.89
CA ALA I 317 42.29 -25.63 21.90
C ALA I 317 41.84 -24.20 22.18
N PRO J 16 60.28 6.90 -6.93
CA PRO J 16 59.81 5.61 -7.47
C PRO J 16 59.14 4.77 -6.38
N ASP J 17 59.30 5.20 -5.12
CA ASP J 17 58.72 4.48 -4.00
C ASP J 17 57.35 5.03 -3.60
N HIS J 18 56.87 6.03 -4.33
CA HIS J 18 55.56 6.59 -4.02
C HIS J 18 54.51 5.50 -4.14
N GLU J 19 53.75 5.30 -3.07
CA GLU J 19 52.72 4.28 -3.02
C GLU J 19 51.67 4.36 -4.13
N GLU J 20 51.44 5.55 -4.67
CA GLU J 20 50.44 5.70 -5.73
C GLU J 20 50.80 4.95 -7.00
N TYR J 21 52.08 4.63 -7.17
CA TYR J 21 52.51 3.89 -8.35
C TYR J 21 51.91 2.48 -8.37
N GLN J 22 51.54 1.97 -7.20
CA GLN J 22 50.93 0.65 -7.11
C GLN J 22 49.66 0.67 -7.93
N TYR J 23 48.88 1.73 -7.74
CA TYR J 23 47.62 1.92 -8.44
C TYR J 23 47.85 2.15 -9.94
N LEU J 24 48.79 3.02 -10.27
CA LEU J 24 49.09 3.32 -11.66
C LEU J 24 49.65 2.10 -12.40
N ASP J 25 50.57 1.39 -11.76
CA ASP J 25 51.17 0.21 -12.37
C ASP J 25 50.16 -0.89 -12.65
N LEU J 26 49.25 -1.11 -11.71
CA LEU J 26 48.24 -2.15 -11.89
C LEU J 26 47.34 -1.84 -13.08
N ILE J 27 46.95 -0.58 -13.22
CA ILE J 27 46.10 -0.16 -14.33
C ILE J 27 46.84 -0.40 -15.65
N ARG J 28 48.11 -0.03 -15.67
CA ARG J 28 48.94 -0.21 -16.86
C ARG J 28 49.01 -1.69 -17.21
N ARG J 29 49.18 -2.52 -16.20
CA ARG J 29 49.28 -3.97 -16.40
C ARG J 29 47.96 -4.55 -16.93
N ILE J 30 46.84 -4.13 -16.33
CA ILE J 30 45.54 -4.62 -16.75
C ILE J 30 45.27 -4.29 -18.22
N ILE J 31 45.59 -3.05 -18.60
CA ILE J 31 45.39 -2.61 -19.98
C ILE J 31 46.28 -3.42 -20.92
N ASN J 32 47.51 -3.67 -20.49
CA ASN J 32 48.48 -4.41 -21.30
C ASN J 32 48.21 -5.90 -21.46
N VAL J 33 48.13 -6.63 -20.34
CA VAL J 33 47.89 -8.07 -20.38
C VAL J 33 46.55 -8.54 -19.84
N GLY J 34 45.67 -7.60 -19.52
CA GLY J 34 44.37 -7.97 -18.99
C GLY J 34 43.55 -8.74 -20.00
N GLU J 35 42.55 -9.47 -19.51
CA GLU J 35 41.68 -10.25 -20.38
C GLU J 35 40.38 -9.50 -20.67
N VAL J 36 40.06 -9.36 -21.96
CA VAL J 36 38.84 -8.68 -22.38
C VAL J 36 37.66 -9.57 -22.01
N ARG J 37 36.70 -9.03 -21.25
CA ARG J 37 35.57 -9.81 -20.81
C ARG J 37 34.23 -9.07 -20.83
N PRO J 38 33.13 -9.80 -21.01
CA PRO J 38 31.79 -9.21 -21.02
C PRO J 38 31.44 -9.02 -19.55
N ASP J 39 30.43 -8.22 -19.25
CA ASP J 39 30.07 -8.03 -17.84
C ASP J 39 28.61 -7.65 -17.66
N ARG J 40 28.18 -7.60 -16.40
CA ARG J 40 26.81 -7.25 -16.05
C ARG J 40 26.32 -5.95 -16.66
N THR J 41 27.15 -4.92 -16.62
CA THR J 41 26.78 -3.60 -17.15
C THR J 41 26.59 -3.58 -18.66
N GLY J 42 27.36 -4.41 -19.37
CA GLY J 42 27.25 -4.46 -20.80
C GLY J 42 28.25 -3.61 -21.55
N THR J 43 29.08 -2.86 -20.82
CA THR J 43 30.07 -2.01 -21.47
C THR J 43 31.36 -2.78 -21.71
N GLY J 44 31.56 -3.84 -20.95
CA GLY J 44 32.76 -4.66 -21.11
C GLY J 44 33.94 -4.14 -20.32
N THR J 45 34.90 -5.01 -20.03
CA THR J 45 36.08 -4.64 -19.28
C THR J 45 37.30 -5.47 -19.67
N VAL J 46 38.43 -5.11 -19.08
CA VAL J 46 39.68 -5.82 -19.28
C VAL J 46 40.07 -6.11 -17.84
N ALA J 47 40.31 -7.37 -17.49
CA ALA J 47 40.61 -7.68 -16.10
C ALA J 47 41.66 -8.74 -15.79
N LEU J 48 42.06 -8.75 -14.51
CA LEU J 48 43.03 -9.67 -13.97
C LEU J 48 42.47 -10.12 -12.63
N PHE J 49 42.68 -11.39 -12.27
CA PHE J 49 42.16 -11.89 -11.00
C PHE J 49 43.23 -12.00 -9.93
N ALA J 50 42.87 -11.58 -8.72
CA ALA J 50 43.75 -11.64 -7.56
C ALA J 50 45.18 -11.13 -7.77
N PRO J 51 45.33 -9.86 -8.19
CA PRO J 51 46.69 -9.34 -8.37
C PRO J 51 47.28 -9.03 -7.01
N PRO J 52 48.60 -8.77 -6.94
CA PRO J 52 49.23 -8.46 -5.66
C PRO J 52 48.46 -7.34 -4.95
N SER J 53 48.29 -7.47 -3.63
CA SER J 53 47.56 -6.48 -2.85
C SER J 53 48.30 -5.15 -2.74
N PHE J 54 47.55 -4.09 -2.45
CA PHE J 54 48.13 -2.76 -2.27
C PHE J 54 48.39 -2.52 -0.79
N ARG J 55 49.46 -1.81 -0.48
CA ARG J 55 49.81 -1.51 0.91
C ARG J 55 50.05 -0.01 1.01
N PHE J 56 49.34 0.63 1.94
CA PHE J 56 49.48 2.07 2.14
C PHE J 56 49.79 2.38 3.59
N SER J 57 50.78 3.22 3.82
CA SER J 57 51.16 3.62 5.16
C SER J 57 50.22 4.70 5.67
N LEU J 58 49.73 4.54 6.89
CA LEU J 58 48.83 5.51 7.49
C LEU J 58 49.53 6.26 8.62
N ALA J 59 50.84 6.05 8.74
CA ALA J 59 51.63 6.70 9.77
C ALA J 59 51.77 8.19 9.49
N ASP J 60 52.08 8.96 10.53
CA ASP J 60 52.26 10.40 10.40
C ASP J 60 51.03 11.09 9.81
N ASN J 61 49.85 10.63 10.24
CA ASN J 61 48.57 11.18 9.78
C ASN J 61 48.39 11.17 8.26
N THR J 62 49.10 10.27 7.59
CA THR J 62 49.01 10.19 6.13
C THR J 62 47.69 9.62 5.63
N LEU J 63 47.15 10.26 4.60
CA LEU J 63 45.90 9.83 3.98
C LEU J 63 46.17 9.53 2.51
N PRO J 64 46.10 8.25 2.11
CA PRO J 64 46.33 7.85 0.72
C PRO J 64 45.25 8.28 -0.27
N LEU J 65 45.12 9.59 -0.46
CA LEU J 65 44.15 10.16 -1.39
C LEU J 65 44.89 10.39 -2.71
N LEU J 66 44.55 9.61 -3.73
CA LEU J 66 45.22 9.72 -5.03
C LEU J 66 45.39 11.17 -5.51
N THR J 67 46.57 11.44 -6.07
CA THR J 67 46.91 12.77 -6.54
C THR J 67 47.02 12.90 -8.05
N THR J 68 47.06 11.78 -8.77
CA THR J 68 47.16 11.84 -10.22
C THR J 68 45.86 12.29 -10.88
N LYS J 69 44.87 12.61 -10.05
CA LYS J 69 43.57 13.09 -10.50
C LYS J 69 42.84 13.65 -9.28
N ARG J 70 41.98 14.63 -9.49
CA ARG J 70 41.24 15.21 -8.37
C ARG J 70 40.15 14.23 -7.91
N VAL J 71 40.24 13.80 -6.66
CA VAL J 71 39.27 12.88 -6.09
C VAL J 71 38.23 13.65 -5.26
N PHE J 72 36.97 13.32 -5.45
CA PHE J 72 35.88 13.96 -4.71
C PHE J 72 35.94 13.57 -3.24
N LEU J 73 36.86 14.20 -2.51
CA LEU J 73 37.06 13.92 -1.09
C LEU J 73 35.78 14.00 -0.26
N ARG J 74 35.04 15.09 -0.39
CA ARG J 74 33.80 15.26 0.36
C ARG J 74 32.84 14.11 0.11
N GLY J 75 32.85 13.59 -1.12
CA GLY J 75 31.98 12.49 -1.47
C GLY J 75 32.39 11.23 -0.73
N VAL J 76 33.69 11.01 -0.61
CA VAL J 76 34.21 9.84 0.08
C VAL J 76 33.80 9.89 1.55
N ILE J 77 34.06 11.03 2.20
CA ILE J 77 33.72 11.22 3.60
C ILE J 77 32.22 11.06 3.84
N ALA J 78 31.41 11.71 3.01
CA ALA J 78 29.97 11.63 3.15
C ALA J 78 29.48 10.19 3.09
N GLU J 79 29.93 9.44 2.09
CA GLU J 79 29.54 8.04 1.97
C GLU J 79 29.97 7.22 3.18
N LEU J 80 31.16 7.49 3.69
CA LEU J 80 31.67 6.76 4.85
C LEU J 80 30.84 6.98 6.10
N LEU J 81 30.52 8.24 6.39
CA LEU J 81 29.71 8.58 7.57
C LEU J 81 28.31 8.01 7.36
N TRP J 82 27.95 7.85 6.10
CA TRP J 82 26.65 7.30 5.71
C TRP J 82 26.65 5.82 6.05
N PHE J 83 27.75 5.13 5.75
CA PHE J 83 27.87 3.70 6.06
C PHE J 83 27.74 3.53 7.57
N VAL J 84 28.60 4.26 8.29
CA VAL J 84 28.64 4.21 9.74
C VAL J 84 27.27 4.39 10.39
N SER J 85 26.48 5.32 9.88
CA SER J 85 25.17 5.59 10.43
C SER J 85 24.22 4.41 10.22
N GLY J 86 24.58 3.51 9.31
CA GLY J 86 23.74 2.36 9.04
C GLY J 86 22.62 2.68 8.06
N CYS J 87 22.63 3.93 7.57
CA CYS J 87 21.62 4.39 6.63
C CYS J 87 21.79 3.73 5.26
N THR J 88 20.67 3.46 4.58
CA THR J 88 20.71 2.84 3.26
C THR J 88 19.91 3.65 2.25
N ASP J 89 19.61 4.89 2.59
CA ASP J 89 18.84 5.78 1.71
C ASP J 89 19.81 6.71 0.98
N ALA J 90 19.94 6.50 -0.33
CA ALA J 90 20.82 7.30 -1.16
C ALA J 90 20.47 8.79 -1.18
N LYS J 91 19.21 9.11 -0.88
CA LYS J 91 18.79 10.50 -0.86
C LYS J 91 19.56 11.29 0.20
N MET J 92 20.06 10.58 1.21
CA MET J 92 20.81 11.21 2.28
C MET J 92 22.16 11.69 1.76
N LEU J 93 22.58 11.15 0.63
CA LEU J 93 23.83 11.55 0.02
C LEU J 93 23.58 12.62 -1.04
N SER J 94 22.57 12.40 -1.89
CA SER J 94 22.25 13.36 -2.94
C SER J 94 21.77 14.68 -2.37
N SER J 95 21.14 14.64 -1.19
CA SER J 95 20.64 15.85 -0.55
C SER J 95 21.80 16.75 -0.12
N GLN J 96 22.98 16.16 0.04
CA GLN J 96 24.14 16.92 0.46
C GLN J 96 25.14 17.08 -0.70
N GLY J 97 24.65 16.93 -1.92
CA GLY J 97 25.50 17.10 -3.09
C GLY J 97 26.37 15.93 -3.52
N VAL J 98 26.06 14.72 -3.04
CA VAL J 98 26.83 13.55 -3.40
C VAL J 98 25.92 12.55 -4.13
N GLY J 99 26.15 12.38 -5.43
CA GLY J 99 25.32 11.47 -6.19
C GLY J 99 25.95 10.19 -6.68
N ILE J 100 26.99 9.72 -6.00
CA ILE J 100 27.66 8.48 -6.41
C ILE J 100 26.73 7.27 -6.41
N TRP J 101 25.68 7.31 -5.60
CA TRP J 101 24.74 6.19 -5.54
C TRP J 101 23.41 6.46 -6.23
N ASP J 102 23.33 7.58 -6.95
CA ASP J 102 22.10 7.93 -7.67
C ASP J 102 21.83 6.93 -8.79
N GLY J 103 22.90 6.45 -9.41
CA GLY J 103 22.77 5.51 -10.50
C GLY J 103 22.08 4.20 -10.16
N ASN J 104 22.51 3.56 -9.08
CA ASN J 104 21.93 2.29 -8.68
C ASN J 104 20.72 2.48 -7.77
N GLY J 105 20.42 3.71 -7.41
CA GLY J 105 19.29 4.00 -6.55
C GLY J 105 18.12 4.58 -7.33
N SER J 106 18.36 4.87 -8.61
CA SER J 106 17.32 5.43 -9.47
C SER J 106 16.12 4.49 -9.56
N LYS J 107 14.95 5.07 -9.77
CA LYS J 107 13.73 4.28 -9.87
C LYS J 107 13.79 3.37 -11.09
N GLU J 108 14.61 3.75 -12.07
CA GLU J 108 14.75 2.96 -13.29
C GLU J 108 15.56 1.69 -13.04
N PHE J 109 16.65 1.83 -12.30
CA PHE J 109 17.51 0.70 -12.01
C PHE J 109 16.84 -0.28 -11.06
N LEU J 110 16.24 0.24 -10.00
CA LEU J 110 15.55 -0.57 -9.01
C LEU J 110 14.51 -1.48 -9.66
N GLU J 111 13.67 -0.90 -10.52
CA GLU J 111 12.64 -1.68 -11.20
C GLU J 111 13.30 -2.67 -12.13
N LYS J 112 14.47 -2.29 -12.64
CA LYS J 112 15.24 -3.12 -13.56
C LYS J 112 15.71 -4.40 -12.88
N VAL J 113 16.09 -4.31 -11.61
CA VAL J 113 16.55 -5.48 -10.87
C VAL J 113 15.47 -6.14 -10.00
N GLY J 114 14.21 -5.87 -10.33
CA GLY J 114 13.12 -6.47 -9.59
C GLY J 114 12.82 -5.88 -8.22
N LEU J 115 13.14 -4.61 -8.03
CA LEU J 115 12.89 -3.93 -6.76
C LEU J 115 12.02 -2.69 -7.00
N GLY J 116 11.01 -2.85 -7.85
CA GLY J 116 10.13 -1.74 -8.17
C GLY J 116 9.23 -1.28 -7.04
N HIS J 117 9.04 -2.15 -6.04
CA HIS J 117 8.19 -1.83 -4.91
C HIS J 117 8.85 -0.86 -3.94
N ARG J 118 10.08 -0.45 -4.25
CA ARG J 118 10.80 0.46 -3.38
C ARG J 118 10.84 1.88 -3.94
N ARG J 119 10.84 2.87 -3.06
CA ARG J 119 10.88 4.25 -3.51
C ARG J 119 12.31 4.54 -3.96
N GLU J 120 12.45 5.50 -4.86
CA GLU J 120 13.78 5.86 -5.39
C GLU J 120 14.74 6.19 -4.26
N GLY J 121 15.94 5.63 -4.31
CA GLY J 121 16.93 5.90 -3.29
C GLY J 121 17.05 4.80 -2.26
N ASP J 122 16.02 3.96 -2.14
CA ASP J 122 16.04 2.86 -1.18
C ASP J 122 16.85 1.70 -1.74
N LEU J 123 18.14 1.67 -1.44
CA LEU J 123 19.05 0.64 -1.93
C LEU J 123 18.85 -0.73 -1.30
N GLY J 124 18.25 -0.78 -0.12
CA GLY J 124 18.04 -2.05 0.54
C GLY J 124 19.04 -2.26 1.68
N PRO J 125 19.16 -3.48 2.21
CA PRO J 125 20.09 -3.77 3.30
C PRO J 125 21.56 -3.82 2.87
N VAL J 126 22.05 -2.72 2.32
CA VAL J 126 23.43 -2.64 1.87
C VAL J 126 24.41 -2.27 2.99
N TYR J 127 25.68 -2.09 2.60
CA TYR J 127 26.77 -1.74 3.52
C TYR J 127 26.39 -1.35 4.94
N GLY J 128 26.03 -0.07 5.13
CA GLY J 128 25.67 0.44 6.44
C GLY J 128 24.74 -0.42 7.28
N PHE J 129 23.70 -0.96 6.66
CA PHE J 129 22.75 -1.80 7.38
C PHE J 129 23.38 -3.08 7.92
N GLN J 130 24.22 -3.72 7.10
CA GLN J 130 24.87 -4.95 7.51
C GLN J 130 25.90 -4.67 8.62
N TRP J 131 26.61 -3.55 8.47
CA TRP J 131 27.61 -3.12 9.44
C TRP J 131 27.07 -2.93 10.85
N ARG J 132 25.91 -2.31 10.96
CA ARG J 132 25.33 -2.04 12.28
C ARG J 132 24.13 -2.91 12.67
N HIS J 133 23.52 -3.60 11.71
CA HIS J 133 22.35 -4.41 12.01
C HIS J 133 22.33 -5.78 11.31
N PHE J 134 23.49 -6.40 11.15
CA PHE J 134 23.55 -7.69 10.47
C PHE J 134 22.60 -8.72 11.07
N GLY J 135 21.79 -9.33 10.21
CA GLY J 135 20.84 -10.34 10.68
C GLY J 135 19.44 -9.82 10.90
N ALA J 136 19.30 -8.51 11.08
CA ALA J 136 17.98 -7.92 11.30
C ALA J 136 17.12 -8.03 10.06
N GLU J 137 15.81 -7.99 10.25
CA GLU J 137 14.85 -8.07 9.16
C GLU J 137 14.73 -6.70 8.52
N TYR J 138 14.89 -6.64 7.19
CA TYR J 138 14.81 -5.37 6.47
C TYR J 138 13.42 -5.17 5.87
N THR J 139 12.84 -4.00 6.12
CA THR J 139 11.53 -3.66 5.56
C THR J 139 11.80 -2.64 4.46
N ASP J 140 12.11 -1.40 4.87
CA ASP J 140 12.44 -0.34 3.92
C ASP J 140 13.52 0.53 4.57
N ALA J 141 13.91 1.66 3.94
CA ALA J 141 14.96 2.48 4.55
C ALA J 141 14.52 3.28 5.77
N ASP J 142 13.20 3.38 5.97
CA ASP J 142 12.65 4.14 7.09
C ASP J 142 12.42 3.25 8.31
N GLY J 143 12.67 1.95 8.16
CA GLY J 143 12.47 1.03 9.25
C GLY J 143 13.26 1.35 10.50
N ASP J 144 12.73 0.95 11.65
CA ASP J 144 13.39 1.17 12.94
C ASP J 144 14.25 -0.04 13.26
N TYR J 145 15.55 0.10 13.12
CA TYR J 145 16.48 -1.00 13.36
C TYR J 145 17.35 -0.81 14.59
N LYS J 146 17.15 0.29 15.30
CA LYS J 146 17.93 0.57 16.50
C LYS J 146 17.88 -0.60 17.47
N GLY J 147 19.05 -1.09 17.85
CA GLY J 147 19.13 -2.20 18.78
C GLY J 147 18.81 -3.56 18.17
N LYS J 148 18.66 -3.59 16.85
CA LYS J 148 18.36 -4.85 16.17
C LYS J 148 19.53 -5.32 15.32
N GLY J 149 19.74 -6.63 15.28
CA GLY J 149 20.84 -7.18 14.51
C GLY J 149 22.17 -7.07 15.23
N VAL J 150 23.24 -7.50 14.58
CA VAL J 150 24.56 -7.44 15.20
C VAL J 150 25.30 -6.16 14.79
N ASP J 151 25.73 -5.39 15.79
CA ASP J 151 26.45 -4.16 15.52
C ASP J 151 27.94 -4.49 15.45
N GLN J 152 28.37 -4.93 14.27
CA GLN J 152 29.76 -5.30 14.04
C GLN J 152 30.75 -4.17 14.30
N LEU J 153 30.41 -2.97 13.87
CA LEU J 153 31.28 -1.82 14.04
C LEU J 153 31.60 -1.53 15.50
N GLN J 154 30.59 -1.43 16.34
CA GLN J 154 30.83 -1.14 17.76
C GLN J 154 31.59 -2.29 18.42
N ARG J 155 31.33 -3.51 17.98
CA ARG J 155 32.02 -4.67 18.55
C ARG J 155 33.51 -4.58 18.21
N VAL J 156 33.80 -4.07 17.01
CA VAL J 156 35.18 -3.91 16.57
C VAL J 156 35.87 -2.91 17.49
N ILE J 157 35.17 -1.81 17.78
CA ILE J 157 35.68 -0.77 18.66
C ILE J 157 35.97 -1.32 20.04
N ASP J 158 34.97 -1.99 20.62
CA ASP J 158 35.08 -2.57 21.95
C ASP J 158 36.21 -3.60 22.04
N THR J 159 36.37 -4.40 20.99
CA THR J 159 37.40 -5.44 20.98
C THR J 159 38.81 -4.85 20.89
N ILE J 160 38.97 -3.81 20.08
CA ILE J 160 40.27 -3.18 19.91
C ILE J 160 40.73 -2.56 21.22
N LYS J 161 39.79 -2.06 22.00
CA LYS J 161 40.07 -1.42 23.28
C LYS J 161 40.27 -2.38 24.45
N ASN J 162 39.48 -3.45 24.50
CA ASN J 162 39.56 -4.39 25.61
C ASN J 162 40.24 -5.74 25.34
N ASN J 163 40.37 -6.11 24.07
CA ASN J 163 41.02 -7.37 23.74
C ASN J 163 41.60 -7.29 22.33
N PRO J 164 42.60 -6.41 22.15
CA PRO J 164 43.30 -6.16 20.88
C PRO J 164 43.90 -7.36 20.16
N THR J 165 44.36 -8.36 20.93
CA THR J 165 44.96 -9.53 20.31
C THR J 165 43.92 -10.51 19.77
N ASP J 166 42.64 -10.16 19.91
CA ASP J 166 41.57 -11.02 19.41
C ASP J 166 41.80 -11.16 17.90
N ARG J 167 41.48 -12.33 17.36
CA ARG J 167 41.69 -12.59 15.93
C ARG J 167 40.40 -12.66 15.12
N ARG J 168 39.33 -12.06 15.65
CA ARG J 168 38.03 -12.03 14.98
C ARG J 168 37.52 -10.61 14.79
N ILE J 169 38.42 -9.63 14.75
CA ILE J 169 38.03 -8.23 14.59
C ILE J 169 37.64 -8.01 13.13
N ILE J 170 36.44 -8.46 12.78
CA ILE J 170 35.94 -8.38 11.41
C ILE J 170 34.72 -7.49 11.23
N LEU J 171 34.69 -6.76 10.12
CA LEU J 171 33.58 -5.89 9.76
C LEU J 171 33.18 -6.32 8.35
N SER J 172 32.02 -6.99 8.23
CA SER J 172 31.58 -7.47 6.94
C SER J 172 30.16 -7.06 6.53
N ALA J 173 29.98 -6.81 5.24
CA ALA J 173 28.68 -6.42 4.71
C ALA J 173 28.09 -7.53 3.86
N TRP J 174 28.87 -8.59 3.63
CA TRP J 174 28.41 -9.71 2.83
C TRP J 174 27.36 -10.53 3.57
N ASN J 175 26.18 -10.64 2.97
CA ASN J 175 25.06 -11.39 3.54
C ASN J 175 24.33 -12.12 2.41
N PRO J 176 24.67 -13.40 2.20
CA PRO J 176 24.05 -14.22 1.14
C PRO J 176 22.52 -14.21 1.15
N LYS J 177 21.93 -14.10 2.33
CA LYS J 177 20.48 -14.10 2.46
C LYS J 177 19.84 -12.79 1.99
N ASP J 178 20.48 -11.67 2.30
CA ASP J 178 19.96 -10.35 1.94
C ASP J 178 20.33 -9.87 0.53
N LEU J 179 21.31 -10.51 -0.10
CA LEU J 179 21.77 -10.11 -1.43
C LEU J 179 20.67 -9.70 -2.41
N PRO J 180 19.66 -10.57 -2.64
CA PRO J 180 18.58 -10.22 -3.57
C PRO J 180 17.80 -8.95 -3.22
N LEU J 181 17.89 -8.52 -1.97
CA LEU J 181 17.18 -7.31 -1.55
C LEU J 181 18.04 -6.08 -1.80
N MET J 182 19.30 -6.30 -2.14
CA MET J 182 20.24 -5.22 -2.40
C MET J 182 20.24 -4.76 -3.85
N ALA J 183 20.26 -3.44 -4.05
CA ALA J 183 20.28 -2.88 -5.39
C ALA J 183 21.58 -3.33 -6.05
N LEU J 184 22.61 -3.54 -5.23
CA LEU J 184 23.91 -3.97 -5.71
C LEU J 184 24.64 -4.70 -4.58
N PRO J 185 25.23 -5.86 -4.88
CA PRO J 185 25.95 -6.61 -3.84
C PRO J 185 27.21 -5.86 -3.42
N PRO J 186 27.61 -5.99 -2.14
CA PRO J 186 28.80 -5.30 -1.62
C PRO J 186 30.06 -5.58 -2.44
N CYS J 187 30.79 -4.53 -2.79
CA CYS J 187 32.04 -4.67 -3.53
C CYS J 187 33.11 -4.91 -2.49
N HIS J 188 33.23 -3.99 -1.54
CA HIS J 188 34.17 -4.18 -0.44
C HIS J 188 33.34 -4.96 0.56
N MET J 189 33.41 -6.29 0.45
CA MET J 189 32.62 -7.16 1.30
C MET J 189 33.03 -7.33 2.76
N PHE J 190 34.24 -6.92 3.12
CA PHE J 190 34.66 -7.05 4.52
C PHE J 190 36.08 -6.57 4.72
N CYS J 191 36.45 -6.36 5.98
CA CYS J 191 37.80 -5.94 6.33
C CYS J 191 38.14 -6.50 7.70
N GLN J 192 39.43 -6.65 7.96
CA GLN J 192 39.90 -7.16 9.24
C GLN J 192 40.90 -6.18 9.85
N PHE J 193 40.73 -5.89 11.13
CA PHE J 193 41.63 -4.98 11.83
C PHE J 193 42.62 -5.77 12.68
N PHE J 194 43.81 -5.21 12.83
CA PHE J 194 44.86 -5.85 13.61
C PHE J 194 45.52 -4.79 14.49
N VAL J 195 45.79 -5.14 15.73
CA VAL J 195 46.41 -4.22 16.68
C VAL J 195 47.75 -4.74 17.17
N SER J 196 48.80 -3.96 16.91
CA SER J 196 50.14 -4.32 17.36
C SER J 196 50.33 -3.73 18.74
N LEU J 197 50.74 -4.56 19.70
CA LEU J 197 50.95 -4.11 21.07
C LEU J 197 52.20 -3.25 21.16
N PRO J 198 52.24 -2.34 22.15
CA PRO J 198 53.39 -1.45 22.33
C PRO J 198 54.67 -2.24 22.57
N PRO J 199 55.75 -1.87 21.86
CA PRO J 199 57.03 -2.57 22.01
C PRO J 199 57.55 -2.54 23.45
N PRO J 203 56.47 1.06 26.60
CA PRO J 203 55.10 0.58 26.82
C PRO J 203 54.08 1.71 26.90
N GLY J 204 54.57 2.95 26.81
CA GLY J 204 53.68 4.09 26.89
C GLY J 204 53.11 4.48 25.54
N SER J 205 53.74 4.01 24.46
CA SER J 205 53.29 4.31 23.11
C SER J 205 51.91 3.75 22.84
N LYS J 206 51.24 4.28 21.83
CA LYS J 206 49.91 3.83 21.46
C LYS J 206 50.00 2.59 20.58
N PRO J 207 49.08 1.63 20.77
CA PRO J 207 49.13 0.42 19.94
C PRO J 207 48.91 0.84 18.48
N LYS J 208 49.47 0.09 17.55
CA LYS J 208 49.31 0.42 16.13
C LYS J 208 48.14 -0.36 15.51
N LEU J 209 47.28 0.37 14.80
CA LEU J 209 46.12 -0.22 14.16
C LEU J 209 46.29 -0.37 12.65
N SER J 210 46.03 -1.57 12.15
CA SER J 210 46.13 -1.87 10.72
C SER J 210 44.80 -2.41 10.21
N CYS J 211 44.57 -2.27 8.91
CA CYS J 211 43.32 -2.74 8.31
C CYS J 211 43.54 -3.39 6.95
N LEU J 212 42.97 -4.57 6.77
CA LEU J 212 43.07 -5.28 5.50
C LEU J 212 41.64 -5.41 4.99
N MET J 213 41.40 -4.95 3.78
CA MET J 213 40.07 -5.01 3.18
C MET J 213 40.11 -5.83 1.90
N TYR J 214 39.09 -6.66 1.70
CA TYR J 214 39.01 -7.48 0.50
C TYR J 214 37.87 -7.01 -0.38
N GLN J 215 38.17 -6.69 -1.63
CA GLN J 215 37.17 -6.23 -2.58
C GLN J 215 37.00 -7.30 -3.66
N ARG J 216 35.80 -7.85 -3.77
CA ARG J 216 35.51 -8.89 -4.76
C ARG J 216 35.56 -8.39 -6.20
N SER J 217 35.03 -7.18 -6.41
CA SER J 217 35.01 -6.57 -7.73
C SER J 217 35.59 -5.18 -7.60
N CYS J 218 36.52 -4.83 -8.49
CA CYS J 218 37.16 -3.53 -8.42
C CYS J 218 37.23 -2.71 -9.70
N ASP J 219 36.49 -1.61 -9.72
CA ASP J 219 36.48 -0.70 -10.85
C ASP J 219 37.65 0.25 -10.56
N LEU J 220 38.82 -0.06 -11.10
CA LEU J 220 39.99 0.77 -10.84
C LEU J 220 39.87 2.23 -11.22
N GLY J 221 39.16 2.52 -12.30
CA GLY J 221 39.00 3.90 -12.73
C GLY J 221 38.24 4.76 -11.74
N LEU J 222 37.03 4.32 -11.39
CA LEU J 222 36.18 5.07 -10.47
C LEU J 222 36.08 4.57 -9.04
N GLY J 223 35.88 3.28 -8.86
CA GLY J 223 35.73 2.71 -7.53
C GLY J 223 36.92 2.70 -6.59
N VAL J 224 38.01 2.05 -7.00
CA VAL J 224 39.22 1.93 -6.20
C VAL J 224 39.71 3.23 -5.56
N PRO J 225 39.67 4.35 -6.29
CA PRO J 225 40.14 5.60 -5.66
C PRO J 225 39.34 5.93 -4.39
N PHE J 226 38.03 5.66 -4.44
CA PHE J 226 37.17 5.91 -3.29
C PHE J 226 37.42 4.86 -2.20
N ASN J 227 37.45 3.59 -2.60
CA ASN J 227 37.66 2.51 -1.66
C ASN J 227 38.92 2.68 -0.82
N ILE J 228 40.03 3.03 -1.47
CA ILE J 228 41.29 3.22 -0.77
C ILE J 228 41.19 4.31 0.28
N ALA J 229 40.69 5.48 -0.12
CA ALA J 229 40.55 6.61 0.79
C ALA J 229 39.52 6.34 1.88
N SER J 230 38.43 5.68 1.50
CA SER J 230 37.36 5.37 2.45
C SER J 230 37.86 4.53 3.64
N TYR J 231 38.45 3.38 3.34
CA TYR J 231 38.94 2.51 4.40
C TYR J 231 40.13 3.09 5.15
N ALA J 232 40.87 3.96 4.49
CA ALA J 232 42.01 4.61 5.14
C ALA J 232 41.40 5.54 6.19
N LEU J 233 40.35 6.25 5.79
CA LEU J 233 39.65 7.18 6.68
C LEU J 233 38.98 6.43 7.82
N LEU J 234 38.36 5.30 7.51
CA LEU J 234 37.68 4.51 8.53
C LEU J 234 38.67 4.09 9.62
N THR J 235 39.87 3.70 9.20
CA THR J 235 40.91 3.27 10.13
C THR J 235 41.34 4.45 11.00
N HIS J 236 41.42 5.63 10.41
CA HIS J 236 41.81 6.83 11.15
C HIS J 236 40.72 7.12 12.20
N MET J 237 39.47 7.03 11.79
CA MET J 237 38.34 7.28 12.69
C MET J 237 38.39 6.33 13.88
N ILE J 238 38.50 5.03 13.59
CA ILE J 238 38.55 4.02 14.63
C ILE J 238 39.75 4.21 15.55
N ALA J 239 40.88 4.62 14.98
CA ALA J 239 42.08 4.84 15.76
C ALA J 239 41.85 5.92 16.81
N LEU J 240 41.15 6.98 16.42
CA LEU J 240 40.86 8.09 17.34
C LEU J 240 39.98 7.64 18.51
N ILE J 241 38.94 6.88 18.20
CA ILE J 241 38.03 6.40 19.24
C ILE J 241 38.62 5.33 20.14
N THR J 242 39.57 4.56 19.63
CA THR J 242 40.18 3.49 20.40
C THR J 242 41.55 3.82 20.99
N ASP J 243 41.98 5.07 20.83
CA ASP J 243 43.27 5.50 21.36
C ASP J 243 44.43 4.70 20.76
N THR J 244 44.33 4.40 19.47
CA THR J 244 45.39 3.66 18.78
C THR J 244 45.95 4.54 17.68
N GLU J 245 47.10 4.14 17.14
CA GLU J 245 47.77 4.90 16.09
C GLU J 245 47.64 4.20 14.74
N PRO J 246 47.02 4.86 13.75
CA PRO J 246 46.87 4.24 12.43
C PRO J 246 48.25 3.85 11.91
N HIS J 247 48.35 2.63 11.39
CA HIS J 247 49.63 2.14 10.88
C HIS J 247 49.66 1.79 9.41
N GLU J 248 48.86 0.80 9.01
CA GLU J 248 48.86 0.36 7.62
C GLU J 248 47.50 -0.10 7.12
N PHE J 249 47.26 0.12 5.84
CA PHE J 249 46.02 -0.31 5.19
C PHE J 249 46.39 -1.20 4.02
N ILE J 250 45.83 -2.41 4.00
CA ILE J 250 46.09 -3.35 2.93
C ILE J 250 44.81 -3.62 2.15
N LEU J 251 44.91 -3.61 0.83
CA LEU J 251 43.75 -3.85 -0.01
C LEU J 251 43.97 -5.01 -0.98
N GLN J 252 43.24 -6.11 -0.76
CA GLN J 252 43.34 -7.26 -1.63
C GLN J 252 42.17 -7.29 -2.59
N MET J 253 42.46 -7.40 -3.88
CA MET J 253 41.43 -7.40 -4.91
C MET J 253 41.11 -8.78 -5.46
N GLY J 254 39.86 -8.95 -5.88
CA GLY J 254 39.44 -10.20 -6.49
C GLY J 254 39.45 -9.95 -7.98
N ASP J 255 38.30 -9.57 -8.53
CA ASP J 255 38.19 -9.27 -9.95
C ASP J 255 38.58 -7.81 -10.17
N ALA J 256 39.85 -7.58 -10.49
CA ALA J 256 40.35 -6.24 -10.75
C ALA J 256 40.19 -5.92 -12.23
N HIS J 257 39.40 -4.92 -12.55
CA HIS J 257 39.14 -4.57 -13.94
C HIS J 257 39.14 -3.09 -14.28
N VAL J 258 39.27 -2.81 -15.58
CA VAL J 258 39.25 -1.45 -16.12
C VAL J 258 38.20 -1.47 -17.23
N TYR J 259 37.13 -0.70 -17.06
CA TYR J 259 36.08 -0.67 -18.07
C TYR J 259 36.60 -0.16 -19.41
N ARG J 260 36.03 -0.70 -20.49
CA ARG J 260 36.43 -0.35 -21.85
C ARG J 260 36.47 1.15 -22.10
N ASP J 261 35.46 1.87 -21.60
CA ASP J 261 35.39 3.31 -21.79
C ASP J 261 36.25 4.12 -20.81
N HIS J 262 37.09 3.44 -20.06
CA HIS J 262 37.98 4.10 -19.09
C HIS J 262 39.44 4.01 -19.53
N VAL J 263 39.71 3.12 -20.48
CA VAL J 263 41.07 2.93 -20.98
C VAL J 263 41.78 4.20 -21.42
N GLU J 264 41.16 4.94 -22.35
CA GLU J 264 41.76 6.17 -22.85
C GLU J 264 41.91 7.22 -21.75
N PRO J 265 40.84 7.47 -20.97
CA PRO J 265 40.95 8.48 -19.92
C PRO J 265 42.08 8.16 -18.94
N LEU J 266 42.24 6.89 -18.62
CA LEU J 266 43.28 6.46 -17.68
C LEU J 266 44.68 6.62 -18.25
N LYS J 267 44.82 6.47 -19.56
CA LYS J 267 46.13 6.62 -20.19
C LYS J 267 46.67 8.02 -19.93
N THR J 268 45.76 8.99 -19.86
CA THR J 268 46.14 10.37 -19.61
C THR J 268 46.65 10.48 -18.16
N GLN J 269 46.00 9.76 -17.26
CA GLN J 269 46.38 9.79 -15.85
C GLN J 269 47.73 9.10 -15.62
N LEU J 270 47.99 8.05 -16.39
CA LEU J 270 49.23 7.30 -16.26
C LEU J 270 50.47 8.13 -16.58
N GLU J 271 50.27 9.25 -17.28
CA GLU J 271 51.37 10.13 -17.66
C GLU J 271 51.76 11.07 -16.52
N ARG J 272 50.91 11.18 -15.51
CA ARG J 272 51.16 12.08 -14.39
C ARG J 272 51.97 11.50 -13.25
N GLU J 273 52.82 12.35 -12.67
CA GLU J 273 53.66 11.96 -11.55
C GLU J 273 52.95 12.33 -10.27
N PRO J 274 52.81 11.37 -9.33
CA PRO J 274 52.13 11.59 -8.05
C PRO J 274 52.77 12.66 -7.18
N ARG J 275 51.94 13.34 -6.40
CA ARG J 275 52.39 14.36 -5.45
C ARG J 275 52.32 13.66 -4.09
N ASP J 276 53.07 14.14 -3.11
CA ASP J 276 53.05 13.52 -1.80
C ASP J 276 51.61 13.49 -1.27
N PHE J 277 51.23 12.40 -0.63
CA PHE J 277 49.88 12.29 -0.10
C PHE J 277 49.62 13.36 0.95
N PRO J 278 48.35 13.76 1.10
CA PRO J 278 47.98 14.78 2.08
C PRO J 278 47.91 14.17 3.48
N LYS J 279 47.68 15.00 4.48
CA LYS J 279 47.59 14.50 5.85
C LYS J 279 46.22 14.82 6.44
N LEU J 280 45.77 13.96 7.34
CA LEU J 280 44.47 14.13 7.98
C LEU J 280 44.61 14.67 9.41
N LYS J 281 43.74 15.63 9.73
CA LYS J 281 43.73 16.25 11.06
C LYS J 281 42.27 16.35 11.50
N TRP J 282 42.02 16.30 12.80
CA TRP J 282 40.65 16.39 13.30
C TRP J 282 40.33 17.79 13.78
N ALA J 283 39.15 18.29 13.40
CA ALA J 283 38.72 19.62 13.78
C ALA J 283 38.27 19.66 15.23
N ARG J 284 38.01 18.48 15.79
CA ARG J 284 37.58 18.37 17.18
C ARG J 284 38.36 17.29 17.89
N SER J 285 38.21 17.23 19.22
CA SER J 285 38.91 16.24 20.03
C SER J 285 38.12 14.95 20.15
N LYS J 286 38.78 13.90 20.64
CA LYS J 286 38.15 12.60 20.83
C LYS J 286 36.93 12.74 21.74
N GLU J 287 37.10 13.50 22.81
CA GLU J 287 36.02 13.72 23.77
C GLU J 287 34.81 14.40 23.13
N GLU J 288 35.07 15.41 22.31
CA GLU J 288 33.99 16.14 21.64
C GLU J 288 33.25 15.24 20.67
N ILE J 289 34.00 14.48 19.88
CA ILE J 289 33.39 13.56 18.91
C ILE J 289 32.64 12.46 19.66
N GLY J 290 33.22 12.01 20.77
CA GLY J 290 32.58 10.98 21.57
C GLY J 290 32.83 9.55 21.13
N ASP J 291 32.06 9.10 20.14
CA ASP J 291 32.20 7.74 19.63
C ASP J 291 32.20 7.70 18.10
N ILE J 292 32.18 6.49 17.55
CA ILE J 292 32.20 6.29 16.10
C ILE J 292 31.01 6.92 15.40
N ASP J 293 29.94 7.21 16.16
CA ASP J 293 28.74 7.80 15.59
C ASP J 293 28.69 9.31 15.75
N GLY J 294 29.77 9.90 16.27
CA GLY J 294 29.79 11.33 16.48
C GLY J 294 30.58 12.16 15.48
N PHE J 295 31.07 11.53 14.42
CA PHE J 295 31.84 12.27 13.41
C PHE J 295 30.95 13.07 12.47
N LYS J 296 31.51 14.18 11.98
CA LYS J 296 30.81 15.06 11.04
C LYS J 296 31.78 15.35 9.88
N VAL J 297 31.22 15.68 8.71
CA VAL J 297 32.04 15.96 7.55
C VAL J 297 33.11 17.00 7.84
N GLU J 298 32.71 18.09 8.51
CA GLU J 298 33.64 19.17 8.86
C GLU J 298 34.74 18.78 9.84
N ASP J 299 34.65 17.59 10.42
CA ASP J 299 35.66 17.14 11.36
C ASP J 299 36.94 16.71 10.63
N PHE J 300 36.77 16.33 9.37
CA PHE J 300 37.89 15.88 8.55
C PHE J 300 38.66 17.03 7.90
N VAL J 301 39.81 17.35 8.48
CA VAL J 301 40.65 18.42 7.94
C VAL J 301 41.81 17.83 7.17
N VAL J 302 41.69 17.79 5.86
CA VAL J 302 42.73 17.24 4.98
C VAL J 302 43.59 18.39 4.46
N GLU J 303 44.86 18.39 4.83
CA GLU J 303 45.78 19.44 4.41
C GLU J 303 46.90 18.92 3.52
N GLY J 304 47.32 19.75 2.57
CA GLY J 304 48.40 19.37 1.67
C GLY J 304 47.96 18.58 0.45
N TYR J 305 46.66 18.56 0.16
CA TYR J 305 46.17 17.83 -1.00
C TYR J 305 46.46 18.63 -2.26
N LYS J 306 47.33 18.11 -3.11
CA LYS J 306 47.71 18.80 -4.34
C LYS J 306 47.63 17.86 -5.54
N PRO J 307 46.40 17.55 -5.99
CA PRO J 307 46.18 16.67 -7.13
C PRO J 307 46.24 17.36 -8.49
N TRP J 308 46.30 16.56 -9.55
CA TRP J 308 46.31 17.10 -10.91
C TRP J 308 44.85 17.32 -11.27
N GLY J 309 44.59 17.68 -12.52
CA GLY J 309 43.22 17.92 -12.94
C GLY J 309 42.32 16.69 -12.86
N LYS J 310 41.01 16.93 -12.91
CA LYS J 310 40.03 15.85 -12.85
C LYS J 310 40.04 15.08 -14.16
N ILE J 311 39.63 13.82 -14.10
CA ILE J 311 39.57 12.98 -15.28
C ILE J 311 38.17 12.40 -15.36
N ASP J 312 37.43 12.80 -16.40
CA ASP J 312 36.07 12.33 -16.58
C ASP J 312 35.99 10.86 -16.97
N MET J 313 35.16 10.11 -16.24
CA MET J 313 34.94 8.70 -16.50
C MET J 313 33.51 8.35 -16.16
N LYS J 314 32.80 7.77 -17.13
CA LYS J 314 31.40 7.40 -16.94
C LYS J 314 31.27 6.10 -16.16
N MET J 315 30.32 6.07 -15.23
CA MET J 315 30.10 4.87 -14.43
C MET J 315 29.08 3.99 -15.14
N SER J 316 29.37 2.69 -15.18
CA SER J 316 28.46 1.74 -15.82
C SER J 316 27.52 1.18 -14.77
N ALA J 317 26.23 1.48 -14.92
CA ALA J 317 25.21 1.02 -13.99
C ALA J 317 25.04 -0.50 -14.02
N PRO K 16 -33.96 0.78 -8.01
CA PRO K 16 -33.70 -0.55 -8.60
C PRO K 16 -32.22 -0.73 -8.92
N ASP K 17 -31.45 0.34 -8.77
CA ASP K 17 -30.02 0.30 -9.05
C ASP K 17 -29.20 0.04 -7.79
N HIS K 18 -29.88 -0.16 -6.66
CA HIS K 18 -29.17 -0.40 -5.40
C HIS K 18 -28.34 -1.67 -5.54
N GLU K 19 -27.03 -1.54 -5.31
CA GLU K 19 -26.10 -2.66 -5.42
C GLU K 19 -26.46 -3.91 -4.62
N GLU K 20 -27.21 -3.73 -3.53
CA GLU K 20 -27.58 -4.88 -2.71
C GLU K 20 -28.49 -5.87 -3.45
N TYR K 21 -29.17 -5.40 -4.48
CA TYR K 21 -30.07 -6.28 -5.24
C TYR K 21 -29.29 -7.38 -5.95
N GLN K 22 -27.99 -7.16 -6.15
CA GLN K 22 -27.14 -8.17 -6.79
C GLN K 22 -27.16 -9.40 -5.90
N TYR K 23 -26.95 -9.17 -4.61
CA TYR K 23 -26.95 -10.24 -3.61
C TYR K 23 -28.32 -10.89 -3.48
N LEU K 24 -29.37 -10.07 -3.37
CA LEU K 24 -30.73 -10.59 -3.24
C LEU K 24 -31.17 -11.38 -4.47
N ASP K 25 -30.88 -10.84 -5.65
CA ASP K 25 -31.25 -11.50 -6.90
C ASP K 25 -30.56 -12.85 -7.06
N LEU K 26 -29.27 -12.92 -6.74
CA LEU K 26 -28.54 -14.17 -6.86
C LEU K 26 -29.13 -15.25 -5.97
N ILE K 27 -29.46 -14.90 -4.74
CA ILE K 27 -30.06 -15.85 -3.80
C ILE K 27 -31.39 -16.35 -4.37
N ARG K 28 -32.18 -15.44 -4.90
CA ARG K 28 -33.47 -15.79 -5.49
C ARG K 28 -33.26 -16.76 -6.64
N ARG K 29 -32.25 -16.49 -7.46
CA ARG K 29 -31.95 -17.35 -8.60
C ARG K 29 -31.49 -18.74 -8.16
N ILE K 30 -30.61 -18.78 -7.17
CA ILE K 30 -30.09 -20.06 -6.66
C ILE K 30 -31.23 -20.92 -6.13
N ILE K 31 -32.15 -20.31 -5.39
CA ILE K 31 -33.28 -21.04 -4.83
C ILE K 31 -34.20 -21.54 -5.94
N ASN K 32 -34.37 -20.71 -6.98
CA ASN K 32 -35.23 -21.06 -8.10
C ASN K 32 -34.68 -22.12 -9.06
N VAL K 33 -33.51 -21.85 -9.64
CA VAL K 33 -32.93 -22.79 -10.59
C VAL K 33 -31.65 -23.48 -10.11
N GLY K 34 -31.27 -23.27 -8.87
CA GLY K 34 -30.07 -23.89 -8.35
C GLY K 34 -30.18 -25.40 -8.34
N GLU K 35 -29.04 -26.07 -8.28
CA GLU K 35 -28.99 -27.53 -8.27
C GLU K 35 -28.85 -28.04 -6.83
N VAL K 36 -29.72 -28.97 -6.44
CA VAL K 36 -29.67 -29.54 -5.09
C VAL K 36 -28.48 -30.49 -5.05
N ARG K 37 -27.58 -30.27 -4.10
CA ARG K 37 -26.39 -31.11 -4.00
C ARG K 37 -25.99 -31.47 -2.58
N PRO K 38 -25.30 -32.61 -2.43
CA PRO K 38 -24.83 -33.07 -1.12
C PRO K 38 -23.58 -32.24 -0.86
N ASP K 39 -23.10 -32.21 0.38
CA ASP K 39 -21.89 -31.44 0.67
C ASP K 39 -21.13 -31.97 1.88
N ARG K 40 -19.95 -31.40 2.11
CA ARG K 40 -19.09 -31.79 3.22
C ARG K 40 -19.78 -31.76 4.58
N THR K 41 -20.55 -30.71 4.83
CA THR K 41 -21.24 -30.55 6.11
C THR K 41 -22.34 -31.57 6.35
N GLY K 42 -22.99 -32.01 5.27
CA GLY K 42 -24.04 -33.00 5.40
C GLY K 42 -25.44 -32.41 5.47
N THR K 43 -25.56 -31.08 5.47
CA THR K 43 -26.87 -30.46 5.54
C THR K 43 -27.44 -30.29 4.13
N GLY K 44 -26.56 -30.28 3.14
CA GLY K 44 -27.00 -30.13 1.76
C GLY K 44 -27.17 -28.68 1.36
N THR K 45 -27.14 -28.42 0.06
CA THR K 45 -27.28 -27.07 -0.46
C THR K 45 -27.92 -27.06 -1.83
N VAL K 46 -28.12 -25.85 -2.36
CA VAL K 46 -28.65 -25.63 -3.68
C VAL K 46 -27.61 -24.68 -4.25
N ALA K 47 -27.04 -24.99 -5.41
CA ALA K 47 -25.99 -24.13 -5.94
C ALA K 47 -25.93 -23.90 -7.44
N LEU K 48 -25.12 -22.91 -7.80
CA LEU K 48 -24.85 -22.49 -9.17
C LEU K 48 -23.35 -22.22 -9.23
N PHE K 49 -22.72 -22.57 -10.35
CA PHE K 49 -21.29 -22.36 -10.48
C PHE K 49 -20.92 -21.15 -11.32
N ALA K 50 -19.98 -20.36 -10.83
CA ALA K 50 -19.49 -19.19 -11.53
C ALA K 50 -20.57 -18.22 -12.03
N PRO K 51 -21.42 -17.71 -11.14
CA PRO K 51 -22.45 -16.78 -11.59
C PRO K 51 -21.78 -15.42 -11.82
N PRO K 52 -22.49 -14.49 -12.48
CA PRO K 52 -21.90 -13.17 -12.72
C PRO K 52 -21.34 -12.58 -11.43
N SER K 53 -20.20 -11.91 -11.53
CA SER K 53 -19.55 -11.31 -10.37
C SER K 53 -20.29 -10.10 -9.83
N PHE K 54 -20.07 -9.80 -8.55
CA PHE K 54 -20.70 -8.64 -7.91
C PHE K 54 -19.76 -7.45 -8.00
N ARG K 55 -20.32 -6.26 -8.16
CA ARG K 55 -19.51 -5.04 -8.24
C ARG K 55 -20.08 -4.03 -7.25
N PHE K 56 -19.22 -3.50 -6.38
CA PHE K 56 -19.64 -2.54 -5.38
C PHE K 56 -18.77 -1.29 -5.44
N SER K 57 -19.40 -0.13 -5.47
CA SER K 57 -18.67 1.12 -5.49
C SER K 57 -18.18 1.46 -4.09
N LEU K 58 -16.92 1.88 -3.99
CA LEU K 58 -16.33 2.24 -2.70
C LEU K 58 -16.06 3.73 -2.66
N ALA K 59 -16.55 4.44 -3.66
CA ALA K 59 -16.37 5.89 -3.74
C ALA K 59 -17.20 6.60 -2.67
N ASP K 60 -16.82 7.84 -2.37
CA ASP K 60 -17.52 8.64 -1.38
C ASP K 60 -17.61 7.93 -0.03
N ASN K 61 -16.53 7.26 0.36
CA ASN K 61 -16.44 6.55 1.63
C ASN K 61 -17.54 5.51 1.84
N THR K 62 -18.09 4.99 0.75
CA THR K 62 -19.17 4.01 0.85
C THR K 62 -18.68 2.62 1.29
N LEU K 63 -19.44 2.01 2.19
CA LEU K 63 -19.12 0.68 2.70
C LEU K 63 -20.32 -0.24 2.41
N PRO K 64 -20.13 -1.22 1.51
CA PRO K 64 -21.22 -2.15 1.16
C PRO K 64 -21.58 -3.14 2.26
N LEU K 65 -22.14 -2.62 3.35
CA LEU K 65 -22.56 -3.45 4.47
C LEU K 65 -24.05 -3.68 4.26
N LEU K 66 -24.42 -4.93 3.95
CA LEU K 66 -25.82 -5.28 3.70
C LEU K 66 -26.80 -4.69 4.70
N THR K 67 -27.93 -4.21 4.19
CA THR K 67 -28.95 -3.60 5.03
C THR K 67 -30.24 -4.41 5.18
N THR K 68 -30.43 -5.43 4.34
CA THR K 68 -31.65 -6.23 4.41
C THR K 68 -31.66 -7.15 5.64
N LYS K 69 -30.62 -7.03 6.45
CA LYS K 69 -30.49 -7.80 7.69
C LYS K 69 -29.35 -7.17 8.49
N ARG K 70 -29.42 -7.27 9.81
CA ARG K 70 -28.38 -6.69 10.64
C ARG K 70 -27.12 -7.56 10.57
N VAL K 71 -26.03 -6.97 10.09
CA VAL K 71 -24.77 -7.69 9.97
C VAL K 71 -23.86 -7.36 11.15
N PHE K 72 -23.24 -8.39 11.72
CA PHE K 72 -22.33 -8.22 12.86
C PHE K 72 -21.07 -7.47 12.41
N LEU K 73 -21.18 -6.16 12.27
CA LEU K 73 -20.06 -5.33 11.84
C LEU K 73 -18.78 -5.51 12.66
N ARG K 74 -18.91 -5.43 13.99
CA ARG K 74 -17.75 -5.59 14.85
C ARG K 74 -17.06 -6.93 14.61
N GLY K 75 -17.85 -7.94 14.29
CA GLY K 75 -17.30 -9.25 14.03
C GLY K 75 -16.47 -9.25 12.75
N VAL K 76 -16.94 -8.51 11.75
CA VAL K 76 -16.23 -8.41 10.47
C VAL K 76 -14.90 -7.71 10.67
N ILE K 77 -14.94 -6.56 11.34
CA ILE K 77 -13.74 -5.79 11.61
C ILE K 77 -12.74 -6.61 12.42
N ALA K 78 -13.22 -7.23 13.50
CA ALA K 78 -12.36 -8.04 14.35
C ALA K 78 -11.65 -9.13 13.56
N GLU K 79 -12.41 -9.88 12.76
CA GLU K 79 -11.82 -10.95 11.95
C GLU K 79 -10.78 -10.42 10.97
N LEU K 80 -11.07 -9.27 10.36
CA LEU K 80 -10.16 -8.66 9.40
C LEU K 80 -8.83 -8.26 10.03
N LEU K 81 -8.89 -7.54 11.15
CA LEU K 81 -7.67 -7.10 11.83
C LEU K 81 -6.91 -8.33 12.29
N TRP K 82 -7.66 -9.39 12.54
CA TRP K 82 -7.11 -10.67 12.97
C TRP K 82 -6.30 -11.24 11.81
N PHE K 83 -6.87 -11.21 10.61
CA PHE K 83 -6.18 -11.70 9.42
C PHE K 83 -4.87 -10.93 9.27
N VAL K 84 -5.00 -9.60 9.23
CA VAL K 84 -3.85 -8.71 9.07
C VAL K 84 -2.72 -8.99 10.05
N SER K 85 -3.07 -9.27 11.30
CA SER K 85 -2.07 -9.55 12.32
C SER K 85 -1.33 -10.86 12.05
N GLY K 86 -1.90 -11.69 11.19
CA GLY K 86 -1.27 -12.97 10.87
C GLY K 86 -1.58 -14.03 11.91
N CYS K 87 -2.43 -13.68 12.86
CA CYS K 87 -2.81 -14.59 13.93
C CYS K 87 -3.77 -15.68 13.43
N THR K 88 -3.61 -16.89 13.96
CA THR K 88 -4.45 -18.01 13.57
C THR K 88 -5.12 -18.66 14.77
N ASP K 89 -5.15 -17.95 15.89
CA ASP K 89 -5.76 -18.46 17.12
C ASP K 89 -7.16 -17.87 17.28
N ALA K 90 -8.17 -18.71 17.09
CA ALA K 90 -9.56 -18.27 17.20
C ALA K 90 -9.90 -17.68 18.56
N LYS K 91 -9.15 -18.06 19.59
CA LYS K 91 -9.40 -17.55 20.94
C LYS K 91 -9.22 -16.04 20.97
N MET K 92 -8.45 -15.50 20.02
CA MET K 92 -8.22 -14.07 19.95
C MET K 92 -9.48 -13.35 19.52
N LEU K 93 -10.39 -14.10 18.89
CA LEU K 93 -11.66 -13.54 18.42
C LEU K 93 -12.75 -13.78 19.46
N SER K 94 -12.79 -14.98 20.02
CA SER K 94 -13.78 -15.31 21.03
C SER K 94 -13.56 -14.53 22.32
N SER K 95 -12.31 -14.16 22.59
CA SER K 95 -11.99 -13.41 23.79
C SER K 95 -12.55 -12.00 23.72
N GLN K 96 -12.82 -11.53 22.50
CA GLN K 96 -13.37 -10.20 22.31
C GLN K 96 -14.83 -10.25 21.86
N GLY K 97 -15.49 -11.37 22.16
CA GLY K 97 -16.88 -11.53 21.83
C GLY K 97 -17.25 -11.90 20.40
N VAL K 98 -16.29 -12.45 19.66
CA VAL K 98 -16.54 -12.85 18.28
C VAL K 98 -16.29 -14.34 18.14
N GLY K 99 -17.35 -15.12 17.96
CA GLY K 99 -17.18 -16.57 17.86
C GLY K 99 -17.45 -17.19 16.50
N ILE K 100 -17.29 -16.42 15.44
CA ILE K 100 -17.54 -16.93 14.09
C ILE K 100 -16.63 -18.11 13.74
N TRP K 101 -15.49 -18.22 14.40
CA TRP K 101 -14.57 -19.32 14.13
C TRP K 101 -14.54 -20.37 15.24
N ASP K 102 -15.44 -20.25 16.22
CA ASP K 102 -15.50 -21.21 17.31
C ASP K 102 -15.89 -22.60 16.79
N GLY K 103 -16.77 -22.62 15.79
CA GLY K 103 -17.23 -23.87 15.22
C GLY K 103 -16.14 -24.75 14.63
N ASN K 104 -15.29 -24.17 13.79
CA ASN K 104 -14.22 -24.93 13.15
C ASN K 104 -12.96 -24.98 14.00
N GLY K 105 -12.99 -24.29 15.14
CA GLY K 105 -11.83 -24.27 16.02
C GLY K 105 -12.05 -25.12 17.26
N SER K 106 -13.27 -25.64 17.40
CA SER K 106 -13.62 -26.46 18.56
C SER K 106 -12.76 -27.72 18.61
N LYS K 107 -12.48 -28.20 19.82
CA LYS K 107 -11.66 -29.37 20.03
C LYS K 107 -12.29 -30.61 19.37
N GLU K 108 -13.59 -30.54 19.13
CA GLU K 108 -14.31 -31.65 18.52
C GLU K 108 -14.07 -31.69 17.02
N PHE K 109 -14.25 -30.55 16.36
CA PHE K 109 -14.05 -30.47 14.91
C PHE K 109 -12.61 -30.77 14.53
N LEU K 110 -11.67 -30.19 15.27
CA LEU K 110 -10.25 -30.42 15.01
C LEU K 110 -9.92 -31.90 15.01
N GLU K 111 -10.34 -32.60 16.06
CA GLU K 111 -10.08 -34.04 16.16
C GLU K 111 -10.80 -34.76 15.03
N LYS K 112 -11.93 -34.19 14.61
CA LYS K 112 -12.74 -34.75 13.54
C LYS K 112 -12.01 -34.74 12.20
N VAL K 113 -11.21 -33.71 11.95
CA VAL K 113 -10.46 -33.60 10.70
C VAL K 113 -9.00 -34.06 10.81
N GLY K 114 -8.72 -34.83 11.86
CA GLY K 114 -7.37 -35.33 12.05
C GLY K 114 -6.36 -34.35 12.63
N LEU K 115 -6.84 -33.37 13.38
CA LEU K 115 -5.95 -32.37 13.98
C LEU K 115 -6.15 -32.35 15.49
N GLY K 116 -6.27 -33.54 16.08
CA GLY K 116 -6.48 -33.64 17.51
C GLY K 116 -5.29 -33.27 18.38
N HIS K 117 -4.12 -33.15 17.79
CA HIS K 117 -2.91 -32.81 18.51
C HIS K 117 -2.83 -31.31 18.81
N ARG K 118 -3.79 -30.56 18.28
CA ARG K 118 -3.80 -29.11 18.48
C ARG K 118 -4.77 -28.70 19.57
N ARG K 119 -4.44 -27.62 20.27
CA ARG K 119 -5.31 -27.13 21.32
C ARG K 119 -6.50 -26.45 20.66
N GLU K 120 -7.62 -26.40 21.37
CA GLU K 120 -8.83 -25.77 20.83
C GLU K 120 -8.56 -24.33 20.39
N GLY K 121 -9.02 -23.99 19.19
CA GLY K 121 -8.82 -22.64 18.69
C GLY K 121 -7.66 -22.51 17.71
N ASP K 122 -6.75 -23.48 17.73
CA ASP K 122 -5.60 -23.46 16.83
C ASP K 122 -6.04 -23.98 15.45
N LEU K 123 -6.44 -23.05 14.58
CA LEU K 123 -6.91 -23.38 13.24
C LEU K 123 -5.83 -23.83 12.27
N GLY K 124 -4.57 -23.52 12.57
CA GLY K 124 -3.49 -23.90 11.70
C GLY K 124 -3.05 -22.73 10.83
N PRO K 125 -2.26 -22.98 9.78
CA PRO K 125 -1.77 -21.92 8.88
C PRO K 125 -2.84 -21.39 7.91
N VAL K 126 -3.90 -20.81 8.46
CA VAL K 126 -4.97 -20.27 7.64
C VAL K 126 -4.73 -18.82 7.21
N TYR K 127 -5.73 -18.23 6.59
CA TYR K 127 -5.70 -16.85 6.08
C TYR K 127 -4.53 -15.98 6.54
N GLY K 128 -4.67 -15.38 7.72
CA GLY K 128 -3.64 -14.50 8.26
C GLY K 128 -2.20 -14.96 8.15
N PHE K 129 -1.96 -16.24 8.44
CA PHE K 129 -0.61 -16.79 8.39
C PHE K 129 -0.06 -16.76 6.95
N GLN K 130 -0.89 -17.18 5.99
CA GLN K 130 -0.47 -17.19 4.60
C GLN K 130 -0.22 -15.76 4.12
N TRP K 131 -1.11 -14.85 4.49
CA TRP K 131 -1.01 -13.44 4.10
C TRP K 131 0.30 -12.78 4.49
N ARG K 132 0.77 -13.04 5.72
CA ARG K 132 1.99 -12.43 6.22
C ARG K 132 3.22 -13.33 6.31
N HIS K 133 3.04 -14.64 6.22
CA HIS K 133 4.16 -15.57 6.34
C HIS K 133 4.11 -16.74 5.35
N PHE K 134 3.58 -16.52 4.15
CA PHE K 134 3.48 -17.60 3.18
C PHE K 134 4.80 -18.33 2.98
N GLY K 135 4.77 -19.66 3.07
CA GLY K 135 5.97 -20.45 2.89
C GLY K 135 6.67 -20.85 4.17
N ALA K 136 6.44 -20.11 5.24
CA ALA K 136 7.07 -20.41 6.52
C ALA K 136 6.57 -21.72 7.10
N GLU K 137 7.39 -22.36 7.91
CA GLU K 137 7.04 -23.62 8.55
C GLU K 137 6.11 -23.34 9.72
N TYR K 138 4.98 -24.04 9.77
CA TYR K 138 4.02 -23.85 10.84
C TYR K 138 4.16 -24.90 11.93
N THR K 139 4.20 -24.45 13.18
CA THR K 139 4.29 -25.35 14.31
C THR K 139 2.93 -25.33 15.00
N ASP K 140 2.64 -24.23 15.69
CA ASP K 140 1.36 -24.05 16.36
C ASP K 140 1.00 -22.56 16.31
N ALA K 141 -0.10 -22.12 16.94
CA ALA K 141 -0.45 -20.71 16.87
C ALA K 141 0.45 -19.79 17.70
N ASP K 142 1.25 -20.38 18.58
CA ASP K 142 2.15 -19.61 19.42
C ASP K 142 3.55 -19.47 18.82
N GLY K 143 3.76 -20.12 17.69
CA GLY K 143 5.06 -20.06 17.04
C GLY K 143 5.51 -18.65 16.69
N ASP K 144 6.83 -18.46 16.65
CA ASP K 144 7.41 -17.17 16.31
C ASP K 144 7.66 -17.12 14.81
N TYR K 145 6.82 -16.39 14.09
CA TYR K 145 6.94 -16.29 12.65
C TYR K 145 7.40 -14.93 12.14
N LYS K 146 7.67 -14.01 13.07
CA LYS K 146 8.12 -12.68 12.70
C LYS K 146 9.33 -12.75 11.77
N GLY K 147 9.21 -12.11 10.62
CA GLY K 147 10.30 -12.09 9.66
C GLY K 147 10.47 -13.37 8.86
N LYS K 148 9.53 -14.29 9.03
CA LYS K 148 9.58 -15.56 8.31
C LYS K 148 8.49 -15.66 7.26
N GLY K 149 8.81 -16.28 6.14
CA GLY K 149 7.84 -16.42 5.06
C GLY K 149 7.71 -15.14 4.27
N VAL K 150 6.84 -15.14 3.27
CA VAL K 150 6.62 -13.96 2.44
C VAL K 150 5.47 -13.11 2.97
N ASP K 151 5.74 -11.83 3.22
CA ASP K 151 4.72 -10.93 3.70
C ASP K 151 4.04 -10.29 2.49
N GLN K 152 3.04 -11.00 1.97
CA GLN K 152 2.30 -10.54 0.79
C GLN K 152 1.61 -9.20 1.00
N LEU K 153 0.99 -9.02 2.16
CA LEU K 153 0.28 -7.79 2.46
C LEU K 153 1.15 -6.55 2.37
N GLN K 154 2.29 -6.54 3.06
CA GLN K 154 3.16 -5.38 3.03
C GLN K 154 3.70 -5.15 1.62
N ARG K 155 3.95 -6.22 0.88
CA ARG K 155 4.45 -6.09 -0.48
C ARG K 155 3.39 -5.38 -1.33
N VAL K 156 2.13 -5.71 -1.08
CA VAL K 156 1.03 -5.08 -1.81
C VAL K 156 1.05 -3.58 -1.52
N ILE K 157 1.24 -3.23 -0.25
CA ILE K 157 1.28 -1.83 0.17
C ILE K 157 2.43 -1.10 -0.53
N ASP K 158 3.62 -1.69 -0.46
CA ASP K 158 4.81 -1.12 -1.07
C ASP K 158 4.68 -0.96 -2.58
N THR K 159 4.07 -1.95 -3.23
CA THR K 159 3.89 -1.92 -4.68
C THR K 159 2.90 -0.84 -5.12
N ILE K 160 1.79 -0.72 -4.40
CA ILE K 160 0.78 0.28 -4.74
C ILE K 160 1.37 1.68 -4.64
N LYS K 161 2.25 1.89 -3.68
CA LYS K 161 2.89 3.19 -3.46
C LYS K 161 4.05 3.51 -4.41
N ASN K 162 4.88 2.52 -4.71
CA ASN K 162 6.05 2.76 -5.55
C ASN K 162 6.00 2.25 -6.98
N ASN K 163 5.06 1.37 -7.29
CA ASN K 163 4.93 0.84 -8.65
C ASN K 163 3.50 0.35 -8.87
N PRO K 164 2.53 1.29 -8.84
CA PRO K 164 1.10 1.05 -9.01
C PRO K 164 0.66 0.29 -10.26
N THR K 165 1.36 0.50 -11.37
CA THR K 165 0.99 -0.18 -12.61
C THR K 165 1.44 -1.64 -12.66
N ASP K 166 2.10 -2.10 -11.59
CA ASP K 166 2.55 -3.49 -11.52
C ASP K 166 1.31 -4.37 -11.67
N ARG K 167 1.47 -5.51 -12.34
CA ARG K 167 0.35 -6.41 -12.58
C ARG K 167 0.38 -7.68 -11.71
N ARG K 168 1.14 -7.64 -10.63
CA ARG K 168 1.25 -8.78 -9.72
C ARG K 168 0.85 -8.43 -8.28
N ILE K 169 0.05 -7.40 -8.10
CA ILE K 169 -0.40 -6.99 -6.77
C ILE K 169 -1.42 -8.00 -6.26
N ILE K 170 -0.92 -9.16 -5.83
CA ILE K 170 -1.76 -10.25 -5.35
C ILE K 170 -1.63 -10.56 -3.86
N LEU K 171 -2.74 -10.91 -3.25
CA LEU K 171 -2.80 -11.30 -1.84
C LEU K 171 -3.54 -12.62 -1.85
N SER K 172 -2.81 -13.71 -1.58
CA SER K 172 -3.43 -15.03 -1.59
C SER K 172 -3.14 -15.87 -0.35
N ALA K 173 -4.14 -16.64 0.06
CA ALA K 173 -4.03 -17.51 1.22
C ALA K 173 -4.01 -18.98 0.81
N TRP K 174 -4.22 -19.23 -0.49
CA TRP K 174 -4.23 -20.60 -0.99
C TRP K 174 -2.82 -21.20 -1.01
N ASN K 175 -2.65 -22.29 -0.26
CA ASN K 175 -1.37 -22.97 -0.17
C ASN K 175 -1.61 -24.48 -0.18
N PRO K 176 -1.51 -25.12 -1.36
CA PRO K 176 -1.73 -26.56 -1.51
C PRO K 176 -0.95 -27.42 -0.52
N LYS K 177 0.25 -26.98 -0.15
CA LYS K 177 1.07 -27.74 0.78
C LYS K 177 0.55 -27.69 2.21
N ASP K 178 0.06 -26.53 2.64
CA ASP K 178 -0.44 -26.36 4.00
C ASP K 178 -1.90 -26.74 4.22
N LEU K 179 -2.65 -26.92 3.14
CA LEU K 179 -4.08 -27.26 3.24
C LEU K 179 -4.43 -28.29 4.32
N PRO K 180 -3.77 -29.46 4.32
CA PRO K 180 -4.09 -30.48 5.33
C PRO K 180 -3.88 -30.04 6.78
N LEU K 181 -3.09 -28.99 6.98
CA LEU K 181 -2.83 -28.48 8.33
C LEU K 181 -3.90 -27.48 8.74
N MET K 182 -4.74 -27.10 7.78
CA MET K 182 -5.80 -26.14 8.04
C MET K 182 -7.11 -26.78 8.48
N ALA K 183 -7.74 -26.18 9.49
CA ALA K 183 -9.01 -26.69 9.99
C ALA K 183 -10.02 -26.60 8.86
N LEU K 184 -9.81 -25.61 7.99
CA LEU K 184 -10.70 -25.38 6.86
C LEU K 184 -9.93 -24.66 5.75
N PRO K 185 -10.03 -25.12 4.50
CA PRO K 185 -9.32 -24.47 3.40
C PRO K 185 -9.88 -23.06 3.16
N PRO K 186 -9.03 -22.14 2.69
CA PRO K 186 -9.47 -20.76 2.44
C PRO K 186 -10.64 -20.67 1.48
N CYS K 187 -11.68 -19.90 1.85
CA CYS K 187 -12.84 -19.72 0.98
C CYS K 187 -12.46 -18.58 0.04
N HIS K 188 -12.12 -17.43 0.61
CA HIS K 188 -11.69 -16.30 -0.21
C HIS K 188 -10.19 -16.56 -0.37
N MET K 189 -9.85 -17.34 -1.39
CA MET K 189 -8.48 -17.74 -1.64
C MET K 189 -7.48 -16.72 -2.16
N PHE K 190 -7.95 -15.56 -2.62
CA PHE K 190 -7.03 -14.53 -3.09
C PHE K 190 -7.76 -13.33 -3.68
N CYS K 191 -7.04 -12.22 -3.79
CA CYS K 191 -7.59 -11.01 -4.37
C CYS K 191 -6.48 -10.27 -5.10
N GLN K 192 -6.87 -9.42 -6.04
CA GLN K 192 -5.91 -8.63 -6.81
C GLN K 192 -6.31 -7.17 -6.77
N PHE K 193 -5.33 -6.32 -6.50
CA PHE K 193 -5.58 -4.88 -6.43
C PHE K 193 -5.13 -4.21 -7.71
N PHE K 194 -5.83 -3.15 -8.09
CA PHE K 194 -5.52 -2.40 -9.30
C PHE K 194 -5.54 -0.92 -8.96
N VAL K 195 -4.58 -0.18 -9.51
CA VAL K 195 -4.47 1.25 -9.25
C VAL K 195 -4.58 2.06 -10.53
N SER K 196 -5.60 2.92 -10.60
CA SER K 196 -5.78 3.78 -11.76
C SER K 196 -5.01 5.07 -11.52
N LEU K 197 -4.16 5.45 -12.47
CA LEU K 197 -3.36 6.66 -12.34
C LEU K 197 -4.23 7.90 -12.49
N PRO K 198 -3.82 9.02 -11.88
CA PRO K 198 -4.56 10.28 -11.94
C PRO K 198 -4.76 10.74 -13.39
N PRO K 199 -5.98 11.12 -13.75
CA PRO K 199 -6.27 11.57 -15.12
C PRO K 199 -5.41 12.78 -15.50
N PRO K 203 -3.63 15.98 -12.36
CA PRO K 203 -2.58 15.07 -11.86
C PRO K 203 -2.40 15.15 -10.35
N GLY K 204 -3.16 16.03 -9.70
CA GLY K 204 -3.06 16.19 -8.27
C GLY K 204 -3.96 15.24 -7.51
N SER K 205 -4.95 14.69 -8.20
CA SER K 205 -5.91 13.76 -7.58
C SER K 205 -5.21 12.49 -7.11
N LYS K 206 -5.86 11.78 -6.19
CA LYS K 206 -5.31 10.55 -5.66
C LYS K 206 -5.62 9.39 -6.60
N PRO K 207 -4.66 8.46 -6.77
CA PRO K 207 -4.91 7.32 -7.66
C PRO K 207 -6.07 6.52 -7.10
N LYS K 208 -6.84 5.88 -7.97
CA LYS K 208 -7.98 5.09 -7.51
C LYS K 208 -7.60 3.63 -7.30
N LEU K 209 -8.03 3.07 -6.17
CA LEU K 209 -7.73 1.69 -5.82
C LEU K 209 -8.95 0.78 -5.94
N SER K 210 -8.79 -0.32 -6.66
CA SER K 210 -9.85 -1.29 -6.82
C SER K 210 -9.36 -2.65 -6.33
N CYS K 211 -10.29 -3.54 -6.06
CA CYS K 211 -9.96 -4.87 -5.56
C CYS K 211 -10.91 -5.94 -6.08
N LEU K 212 -10.35 -7.03 -6.58
CA LEU K 212 -11.13 -8.15 -7.08
C LEU K 212 -10.75 -9.35 -6.23
N MET K 213 -11.74 -9.97 -5.61
CA MET K 213 -11.51 -11.15 -4.77
C MET K 213 -12.25 -12.35 -5.34
N TYR K 214 -11.61 -13.51 -5.32
CA TYR K 214 -12.23 -14.72 -5.83
C TYR K 214 -12.51 -15.68 -4.66
N GLN K 215 -13.76 -16.09 -4.53
CA GLN K 215 -14.17 -17.00 -3.47
C GLN K 215 -14.60 -18.34 -4.07
N ARG K 216 -13.85 -19.39 -3.75
CA ARG K 216 -14.12 -20.73 -4.27
C ARG K 216 -15.45 -21.33 -3.82
N SER K 217 -15.79 -21.08 -2.54
CA SER K 217 -17.03 -21.59 -1.96
C SER K 217 -17.72 -20.43 -1.27
N CYS K 218 -19.01 -20.24 -1.55
CA CYS K 218 -19.73 -19.13 -0.97
C CYS K 218 -21.05 -19.45 -0.29
N ASP K 219 -21.08 -19.25 1.02
CA ASP K 219 -22.29 -19.46 1.81
C ASP K 219 -22.97 -18.10 1.77
N LEU K 220 -23.85 -17.91 0.79
CA LEU K 220 -24.54 -16.64 0.64
C LEU K 220 -25.29 -16.15 1.86
N GLY K 221 -25.91 -17.07 2.59
CA GLY K 221 -26.65 -16.68 3.79
C GLY K 221 -25.79 -16.08 4.88
N LEU K 222 -24.77 -16.81 5.30
CA LEU K 222 -23.89 -16.36 6.38
C LEU K 222 -22.52 -15.79 5.98
N GLY K 223 -21.84 -16.46 5.06
CA GLY K 223 -20.51 -16.03 4.66
C GLY K 223 -20.38 -14.78 3.80
N VAL K 224 -21.01 -14.78 2.63
CA VAL K 224 -20.93 -13.65 1.70
C VAL K 224 -21.11 -12.26 2.33
N PRO K 225 -22.08 -12.10 3.24
CA PRO K 225 -22.27 -10.78 3.85
C PRO K 225 -20.98 -10.29 4.51
N PHE K 226 -20.28 -11.21 5.18
CA PHE K 226 -19.03 -10.88 5.86
C PHE K 226 -17.92 -10.64 4.83
N ASN K 227 -17.80 -11.55 3.87
CA ASN K 227 -16.78 -11.45 2.84
C ASN K 227 -16.82 -10.11 2.11
N ILE K 228 -18.02 -9.67 1.72
CA ILE K 228 -18.17 -8.41 1.01
C ILE K 228 -17.68 -7.22 1.84
N ALA K 229 -18.16 -7.12 3.07
CA ALA K 229 -17.76 -6.02 3.95
C ALA K 229 -16.28 -6.11 4.32
N SER K 230 -15.79 -7.33 4.52
CA SER K 230 -14.41 -7.54 4.89
C SER K 230 -13.43 -6.98 3.86
N TYR K 231 -13.54 -7.44 2.62
CA TYR K 231 -12.64 -6.96 1.57
C TYR K 231 -12.86 -5.50 1.22
N ALA K 232 -14.09 -5.02 1.42
CA ALA K 232 -14.39 -3.62 1.15
C ALA K 232 -13.61 -2.81 2.19
N LEU K 233 -13.61 -3.29 3.43
CA LEU K 233 -12.91 -2.63 4.53
C LEU K 233 -11.39 -2.70 4.33
N LEU K 234 -10.91 -3.86 3.85
CA LEU K 234 -9.48 -4.04 3.62
C LEU K 234 -9.00 -3.03 2.60
N THR K 235 -9.80 -2.82 1.57
CA THR K 235 -9.45 -1.87 0.51
C THR K 235 -9.40 -0.45 1.07
N HIS K 236 -10.34 -0.12 1.95
CA HIS K 236 -10.36 1.20 2.57
C HIS K 236 -9.10 1.39 3.40
N MET K 237 -8.74 0.35 4.16
CA MET K 237 -7.55 0.38 5.00
C MET K 237 -6.30 0.62 4.17
N ILE K 238 -6.11 -0.21 3.15
CA ILE K 238 -4.96 -0.10 2.26
C ILE K 238 -4.91 1.26 1.59
N ALA K 239 -6.09 1.78 1.21
CA ALA K 239 -6.18 3.07 0.55
C ALA K 239 -5.63 4.18 1.45
N LEU K 240 -5.93 4.09 2.74
CA LEU K 240 -5.47 5.10 3.70
C LEU K 240 -3.95 5.09 3.85
N ILE K 241 -3.37 3.89 3.93
CA ILE K 241 -1.93 3.74 4.08
C ILE K 241 -1.14 4.06 2.82
N THR K 242 -1.77 3.88 1.66
CA THR K 242 -1.08 4.13 0.39
C THR K 242 -1.43 5.47 -0.27
N ASP K 243 -2.23 6.28 0.43
CA ASP K 243 -2.62 7.58 -0.11
C ASP K 243 -3.40 7.45 -1.42
N THR K 244 -4.25 6.45 -1.50
CA THR K 244 -5.07 6.23 -2.69
C THR K 244 -6.54 6.36 -2.30
N GLU K 245 -7.40 6.46 -3.31
CA GLU K 245 -8.83 6.59 -3.09
C GLU K 245 -9.57 5.31 -3.44
N PRO K 246 -10.27 4.71 -2.47
CA PRO K 246 -11.02 3.48 -2.76
C PRO K 246 -12.00 3.73 -3.90
N HIS K 247 -12.04 2.81 -4.86
CA HIS K 247 -12.91 2.97 -6.00
C HIS K 247 -13.95 1.88 -6.21
N GLU K 248 -13.49 0.65 -6.42
CA GLU K 248 -14.43 -0.45 -6.66
C GLU K 248 -13.98 -1.78 -6.10
N PHE K 249 -14.96 -2.60 -5.71
CA PHE K 249 -14.68 -3.93 -5.19
C PHE K 249 -15.46 -4.93 -6.02
N ILE K 250 -14.75 -5.89 -6.60
CA ILE K 250 -15.39 -6.93 -7.42
C ILE K 250 -15.26 -8.27 -6.72
N LEU K 251 -16.34 -9.04 -6.71
CA LEU K 251 -16.34 -10.34 -6.08
C LEU K 251 -16.80 -11.45 -7.02
N GLN K 252 -15.87 -12.33 -7.39
CA GLN K 252 -16.18 -13.44 -8.28
C GLN K 252 -16.34 -14.70 -7.44
N MET K 253 -17.46 -15.39 -7.66
CA MET K 253 -17.74 -16.62 -6.92
C MET K 253 -17.53 -17.89 -7.74
N GLY K 254 -17.20 -18.97 -7.03
CA GLY K 254 -17.01 -20.26 -7.68
C GLY K 254 -18.28 -21.03 -7.38
N ASP K 255 -18.24 -21.82 -6.31
CA ASP K 255 -19.40 -22.60 -5.91
C ASP K 255 -20.27 -21.73 -5.03
N ALA K 256 -21.26 -21.07 -5.66
CA ALA K 256 -22.18 -20.20 -4.95
C ALA K 256 -23.37 -21.04 -4.49
N HIS K 257 -23.58 -21.12 -3.18
CA HIS K 257 -24.66 -21.93 -2.65
C HIS K 257 -25.46 -21.35 -1.48
N VAL K 258 -26.64 -21.91 -1.28
CA VAL K 258 -27.55 -21.53 -0.21
C VAL K 258 -27.87 -22.84 0.53
N TYR K 259 -27.49 -22.93 1.79
CA TYR K 259 -27.75 -24.14 2.56
C TYR K 259 -29.24 -24.39 2.67
N ARG K 260 -29.60 -25.67 2.76
CA ARG K 260 -30.99 -26.08 2.87
C ARG K 260 -31.75 -25.40 4.01
N ASP K 261 -31.09 -25.29 5.16
CA ASP K 261 -31.72 -24.67 6.32
C ASP K 261 -31.66 -23.15 6.33
N HIS K 262 -31.28 -22.56 5.19
CA HIS K 262 -31.21 -21.11 5.06
C HIS K 262 -32.27 -20.59 4.09
N VAL K 263 -32.83 -21.49 3.29
CA VAL K 263 -33.85 -21.12 2.31
C VAL K 263 -35.00 -20.30 2.88
N GLU K 264 -35.69 -20.84 3.89
CA GLU K 264 -36.80 -20.13 4.49
C GLU K 264 -36.40 -18.81 5.13
N PRO K 265 -35.34 -18.80 5.95
CA PRO K 265 -34.91 -17.54 6.57
C PRO K 265 -34.59 -16.46 5.54
N LEU K 266 -33.96 -16.86 4.43
CA LEU K 266 -33.60 -15.93 3.38
C LEU K 266 -34.81 -15.38 2.63
N LYS K 267 -35.87 -16.18 2.54
CA LYS K 267 -37.07 -15.74 1.84
C LYS K 267 -37.64 -14.51 2.54
N THR K 268 -37.47 -14.47 3.86
CA THR K 268 -37.95 -13.34 4.64
C THR K 268 -37.13 -12.10 4.30
N GLN K 269 -35.83 -12.29 4.13
CA GLN K 269 -34.93 -11.19 3.80
C GLN K 269 -35.20 -10.65 2.40
N LEU K 270 -35.54 -11.54 1.47
CA LEU K 270 -35.82 -11.16 0.10
C LEU K 270 -36.99 -10.19 -0.04
N GLU K 271 -37.84 -10.14 0.98
CA GLU K 271 -39.01 -9.26 0.98
C GLU K 271 -38.65 -7.83 1.37
N ARG K 272 -37.45 -7.64 1.91
CA ARG K 272 -37.02 -6.33 2.36
C ARG K 272 -36.31 -5.46 1.32
N GLU K 273 -36.62 -4.18 1.36
CA GLU K 273 -36.03 -3.20 0.45
C GLU K 273 -34.78 -2.62 1.10
N PRO K 274 -33.65 -2.64 0.40
CA PRO K 274 -32.37 -2.12 0.91
C PRO K 274 -32.38 -0.64 1.26
N ARG K 275 -31.60 -0.29 2.28
CA ARG K 275 -31.44 1.10 2.70
C ARG K 275 -30.09 1.52 2.12
N ASP K 276 -29.88 2.81 1.94
CA ASP K 276 -28.60 3.27 1.39
C ASP K 276 -27.46 2.76 2.26
N PHE K 277 -26.37 2.34 1.62
CA PHE K 277 -25.21 1.84 2.35
C PHE K 277 -24.63 2.92 3.27
N PRO K 278 -24.02 2.50 4.38
CA PRO K 278 -23.42 3.43 5.33
C PRO K 278 -22.07 3.91 4.81
N LYS K 279 -21.46 4.86 5.50
CA LYS K 279 -20.16 5.37 5.09
C LYS K 279 -19.12 5.11 6.16
N LEU K 280 -17.87 4.95 5.73
CA LEU K 280 -16.77 4.70 6.65
C LEU K 280 -15.91 5.93 6.87
N LYS K 281 -15.58 6.17 8.14
CA LYS K 281 -14.74 7.30 8.51
C LYS K 281 -13.70 6.78 9.49
N TRP K 282 -12.53 7.42 9.53
CA TRP K 282 -11.47 6.99 10.44
C TRP K 282 -11.44 7.86 11.69
N ALA K 283 -11.30 7.21 12.85
CA ALA K 283 -11.26 7.93 14.12
C ALA K 283 -9.89 8.56 14.33
N ARG K 284 -8.91 8.14 13.55
CA ARG K 284 -7.56 8.66 13.64
C ARG K 284 -7.00 8.97 12.25
N SER K 285 -5.88 9.69 12.22
CA SER K 285 -5.26 10.05 10.95
C SER K 285 -4.30 8.96 10.46
N LYS K 286 -3.87 9.09 9.22
CA LYS K 286 -2.94 8.15 8.61
C LYS K 286 -1.66 8.07 9.44
N GLU K 287 -1.17 9.23 9.85
CA GLU K 287 0.05 9.32 10.65
C GLU K 287 -0.08 8.59 11.98
N GLU K 288 -1.22 8.79 12.65
CA GLU K 288 -1.46 8.15 13.94
C GLU K 288 -1.54 6.64 13.79
N ILE K 289 -2.27 6.17 12.78
CA ILE K 289 -2.39 4.73 12.54
C ILE K 289 -1.03 4.17 12.12
N GLY K 290 -0.28 4.95 11.36
CA GLY K 290 1.05 4.53 10.92
C GLY K 290 1.09 3.62 9.70
N ASP K 291 0.84 2.33 9.92
CA ASP K 291 0.86 1.36 8.83
C ASP K 291 -0.33 0.40 8.92
N ILE K 292 -0.33 -0.59 8.03
CA ILE K 292 -1.41 -1.57 7.99
C ILE K 292 -1.58 -2.35 9.28
N ASP K 293 -0.54 -2.38 10.12
CA ASP K 293 -0.60 -3.10 11.39
C ASP K 293 -1.00 -2.21 12.56
N GLY K 294 -1.31 -0.94 12.29
CA GLY K 294 -1.67 -0.03 13.35
C GLY K 294 -3.15 0.24 13.55
N PHE K 295 -4.01 -0.46 12.82
CA PHE K 295 -5.45 -0.25 12.94
C PHE K 295 -6.05 -0.90 14.19
N LYS K 296 -7.10 -0.29 14.71
CA LYS K 296 -7.80 -0.78 15.90
C LYS K 296 -9.30 -0.77 15.60
N VAL K 297 -10.04 -1.64 16.25
CA VAL K 297 -11.49 -1.73 16.04
C VAL K 297 -12.15 -0.36 16.13
N GLU K 298 -11.82 0.40 17.17
CA GLU K 298 -12.39 1.72 17.37
C GLU K 298 -12.04 2.74 16.30
N ASP K 299 -11.10 2.41 15.41
CA ASP K 299 -10.73 3.34 14.36
C ASP K 299 -11.80 3.39 13.27
N PHE K 300 -12.57 2.31 13.16
CA PHE K 300 -13.62 2.21 12.15
C PHE K 300 -14.92 2.88 12.59
N VAL K 301 -15.18 4.07 12.05
CA VAL K 301 -16.40 4.80 12.38
C VAL K 301 -17.41 4.69 11.24
N VAL K 302 -18.35 3.75 11.38
CA VAL K 302 -19.37 3.53 10.37
C VAL K 302 -20.62 4.32 10.73
N GLU K 303 -20.95 5.30 9.89
CA GLU K 303 -22.12 6.13 10.12
C GLU K 303 -23.21 5.95 9.08
N GLY K 304 -24.46 6.05 9.51
CA GLY K 304 -25.57 5.91 8.60
C GLY K 304 -26.03 4.49 8.34
N TYR K 305 -25.59 3.55 9.16
CA TYR K 305 -25.99 2.16 8.99
C TYR K 305 -27.40 1.99 9.52
N LYS K 306 -28.35 1.67 8.64
CA LYS K 306 -29.74 1.50 9.02
C LYS K 306 -30.31 0.22 8.43
N PRO K 307 -29.97 -0.93 9.02
CA PRO K 307 -30.43 -2.25 8.57
C PRO K 307 -31.77 -2.67 9.16
N TRP K 308 -32.36 -3.71 8.56
CA TRP K 308 -33.61 -4.25 9.06
C TRP K 308 -33.23 -5.19 10.20
N GLY K 309 -34.20 -5.93 10.72
CA GLY K 309 -33.92 -6.84 11.81
C GLY K 309 -32.98 -7.98 11.45
N LYS K 310 -32.42 -8.61 12.47
CA LYS K 310 -31.51 -9.73 12.26
C LYS K 310 -32.28 -10.94 11.76
N ILE K 311 -31.58 -11.82 11.06
CA ILE K 311 -32.18 -13.03 10.54
C ILE K 311 -31.34 -14.22 10.98
N ASP K 312 -31.90 -15.04 11.86
CA ASP K 312 -31.19 -16.19 12.37
C ASP K 312 -30.94 -17.29 11.35
N MET K 313 -29.68 -17.72 11.26
CA MET K 313 -29.28 -18.77 10.34
C MET K 313 -28.16 -19.57 11.00
N LYS K 314 -28.33 -20.89 11.04
CA LYS K 314 -27.34 -21.77 11.65
C LYS K 314 -26.20 -22.07 10.68
N MET K 315 -24.98 -22.05 11.19
CA MET K 315 -23.81 -22.35 10.38
C MET K 315 -23.53 -23.85 10.41
N SER K 316 -23.26 -24.43 9.25
CA SER K 316 -22.96 -25.85 9.18
C SER K 316 -21.45 -26.04 9.26
N ALA K 317 -21.02 -26.70 10.32
CA ALA K 317 -19.60 -26.96 10.56
C ALA K 317 -19.01 -27.90 9.50
N PRO L 16 -25.32 -13.11 -33.96
CA PRO L 16 -24.89 -12.12 -32.93
C PRO L 16 -24.64 -12.78 -31.58
N ASP L 17 -24.93 -14.08 -31.50
CA ASP L 17 -24.74 -14.82 -30.26
C ASP L 17 -23.43 -15.61 -30.25
N HIS L 18 -22.65 -15.49 -31.32
CA HIS L 18 -21.38 -16.20 -31.39
C HIS L 18 -20.50 -15.78 -30.20
N GLU L 19 -20.03 -16.77 -29.44
CA GLU L 19 -19.22 -16.52 -28.27
C GLU L 19 -17.94 -15.73 -28.51
N GLU L 20 -17.42 -15.77 -29.74
CA GLU L 20 -16.19 -15.05 -30.04
C GLU L 20 -16.36 -13.53 -29.96
N TYR L 21 -17.60 -13.07 -30.06
CA TYR L 21 -17.86 -11.63 -29.98
C TYR L 21 -17.51 -11.08 -28.61
N GLN L 22 -17.48 -11.95 -27.61
CA GLN L 22 -17.11 -11.53 -26.25
C GLN L 22 -15.70 -10.99 -26.32
N TYR L 23 -14.83 -11.77 -26.95
CA TYR L 23 -13.43 -11.40 -27.12
C TYR L 23 -13.27 -10.14 -27.96
N LEU L 24 -13.93 -10.11 -29.11
CA LEU L 24 -13.87 -8.96 -30.01
C LEU L 24 -14.41 -7.69 -29.36
N ASP L 25 -15.54 -7.80 -28.68
CA ASP L 25 -16.16 -6.65 -28.03
C ASP L 25 -15.29 -6.07 -26.91
N LEU L 26 -14.63 -6.93 -26.13
CA LEU L 26 -13.78 -6.47 -25.06
C LEU L 26 -12.60 -5.67 -25.60
N ILE L 27 -12.00 -6.16 -26.68
CA ILE L 27 -10.88 -5.48 -27.30
C ILE L 27 -11.32 -4.11 -27.79
N ARG L 28 -12.49 -4.07 -28.41
CA ARG L 28 -13.03 -2.82 -28.93
C ARG L 28 -13.23 -1.85 -27.77
N ARG L 29 -13.75 -2.35 -26.66
CA ARG L 29 -14.00 -1.53 -25.49
C ARG L 29 -12.69 -1.00 -24.88
N ILE L 30 -11.70 -1.89 -24.74
CA ILE L 30 -10.41 -1.50 -24.17
C ILE L 30 -9.76 -0.40 -24.99
N ILE L 31 -9.82 -0.53 -26.31
CA ILE L 31 -9.23 0.47 -27.19
C ILE L 31 -9.98 1.79 -27.07
N ASN L 32 -11.30 1.71 -26.95
CA ASN L 32 -12.16 2.89 -26.85
C ASN L 32 -12.08 3.64 -25.53
N VAL L 33 -12.36 2.95 -24.42
CA VAL L 33 -12.35 3.60 -23.11
C VAL L 33 -11.27 3.11 -22.16
N GLY L 34 -10.35 2.30 -22.67
CA GLY L 34 -9.28 1.80 -21.81
C GLY L 34 -8.37 2.91 -21.33
N GLU L 35 -7.61 2.64 -20.27
CA GLU L 35 -6.70 3.62 -19.71
C GLU L 35 -5.27 3.37 -20.18
N VAL L 36 -4.64 4.39 -20.75
CA VAL L 36 -3.27 4.27 -21.24
C VAL L 36 -2.35 4.17 -20.02
N ARG L 37 -1.55 3.11 -19.97
CA ARG L 37 -0.68 2.90 -18.83
C ARG L 37 0.71 2.38 -19.17
N PRO L 38 1.71 2.71 -18.35
CA PRO L 38 3.09 2.26 -18.55
C PRO L 38 3.09 0.83 -18.03
N ASP L 39 4.11 0.05 -18.38
CA ASP L 39 4.16 -1.33 -17.90
C ASP L 39 5.58 -1.87 -17.84
N ARG L 40 5.70 -3.07 -17.28
CA ARG L 40 6.97 -3.74 -17.11
C ARG L 40 7.78 -3.86 -18.41
N THR L 41 7.12 -4.21 -19.50
CA THR L 41 7.81 -4.39 -20.79
C THR L 41 8.35 -3.08 -21.36
N GLY L 42 7.67 -1.98 -21.10
CA GLY L 42 8.12 -0.70 -21.61
C GLY L 42 7.44 -0.25 -22.89
N THR L 43 6.60 -1.10 -23.47
CA THR L 43 5.92 -0.75 -24.71
C THR L 43 4.63 0.01 -24.41
N GLY L 44 4.08 -0.21 -23.21
CA GLY L 44 2.86 0.46 -22.82
C GLY L 44 1.62 -0.29 -23.25
N THR L 45 0.50 -0.01 -22.57
CA THR L 45 -0.76 -0.66 -22.89
C THR L 45 -1.96 0.23 -22.59
N VAL L 46 -3.13 -0.27 -22.97
CA VAL L 46 -4.40 0.40 -22.71
C VAL L 46 -5.14 -0.71 -21.98
N ALA L 47 -5.66 -0.42 -20.79
CA ALA L 47 -6.32 -1.48 -20.03
C ALA L 47 -7.56 -1.12 -19.24
N LEU L 48 -8.23 -2.17 -18.78
CA LEU L 48 -9.44 -2.09 -17.97
C LEU L 48 -9.29 -3.19 -16.91
N PHE L 49 -9.78 -2.92 -15.70
CA PHE L 49 -9.67 -3.91 -14.65
C PHE L 49 -10.96 -4.66 -14.36
N ALA L 50 -10.83 -5.97 -14.17
CA ALA L 50 -11.95 -6.85 -13.86
C ALA L 50 -13.19 -6.69 -14.73
N PRO L 51 -13.05 -6.82 -16.06
CA PRO L 51 -14.21 -6.68 -16.92
C PRO L 51 -15.06 -7.93 -16.80
N PRO L 52 -16.31 -7.90 -17.29
CA PRO L 52 -17.17 -9.09 -17.20
C PRO L 52 -16.43 -10.32 -17.72
N SER L 53 -16.62 -11.45 -17.05
CA SER L 53 -15.95 -12.69 -17.45
C SER L 53 -16.48 -13.28 -18.75
N PHE L 54 -15.67 -14.09 -19.40
CA PHE L 54 -16.07 -14.74 -20.65
C PHE L 54 -16.62 -16.12 -20.32
N ARG L 55 -17.62 -16.56 -21.09
CA ARG L 55 -18.22 -17.87 -20.89
C ARG L 55 -18.25 -18.59 -22.23
N PHE L 56 -17.71 -19.81 -22.25
CA PHE L 56 -17.66 -20.60 -23.48
C PHE L 56 -18.26 -21.98 -23.26
N SER L 57 -19.16 -22.38 -24.14
CA SER L 57 -19.78 -23.70 -24.06
C SER L 57 -18.83 -24.75 -24.60
N LEU L 58 -18.67 -25.84 -23.85
CA LEU L 58 -17.79 -26.92 -24.27
C LEU L 58 -18.61 -28.15 -24.64
N ALA L 59 -19.93 -27.98 -24.70
CA ALA L 59 -20.83 -29.07 -25.03
C ALA L 59 -20.68 -29.45 -26.51
N ASP L 60 -21.13 -30.66 -26.84
CA ASP L 60 -21.06 -31.15 -28.22
C ASP L 60 -19.64 -31.11 -28.78
N ASN L 61 -18.67 -31.45 -27.92
CA ASN L 61 -17.26 -31.49 -28.31
C ASN L 61 -16.75 -30.17 -28.87
N THR L 62 -17.36 -29.06 -28.49
CA THR L 62 -16.97 -27.75 -28.97
C THR L 62 -15.66 -27.23 -28.36
N LEU L 63 -14.81 -26.68 -29.22
CA LEU L 63 -13.52 -26.13 -28.77
C LEU L 63 -13.48 -24.65 -29.16
N PRO L 64 -13.47 -23.76 -28.15
CA PRO L 64 -13.43 -22.32 -28.41
C PRO L 64 -12.09 -21.82 -28.93
N LEU L 65 -11.74 -22.23 -30.15
CA LEU L 65 -10.49 -21.81 -30.79
C LEU L 65 -10.86 -20.64 -31.70
N LEU L 66 -10.44 -19.43 -31.33
CA LEU L 66 -10.75 -18.24 -32.11
C LEU L 66 -10.60 -18.41 -33.62
N THR L 67 -11.54 -17.84 -34.36
CA THR L 67 -11.53 -17.95 -35.82
C THR L 67 -11.25 -16.65 -36.56
N THR L 68 -11.32 -15.52 -35.86
CA THR L 68 -11.07 -14.24 -36.50
C THR L 68 -9.60 -14.05 -36.85
N LYS L 69 -8.81 -15.09 -36.60
CA LYS L 69 -7.38 -15.08 -36.90
C LYS L 69 -6.89 -16.52 -36.73
N ARG L 70 -5.84 -16.89 -37.46
CA ARG L 70 -5.31 -18.24 -37.34
C ARG L 70 -4.53 -18.40 -36.05
N VAL L 71 -4.98 -19.31 -35.20
CA VAL L 71 -4.31 -19.56 -33.92
C VAL L 71 -3.40 -20.79 -34.02
N PHE L 72 -2.18 -20.65 -33.51
CA PHE L 72 -1.22 -21.74 -33.53
C PHE L 72 -1.69 -22.88 -32.61
N LEU L 73 -2.66 -23.65 -33.09
CA LEU L 73 -3.22 -24.77 -32.34
C LEU L 73 -2.17 -25.72 -31.77
N ARG L 74 -1.27 -26.19 -32.62
CA ARG L 74 -0.23 -27.11 -32.18
C ARG L 74 0.57 -26.52 -31.02
N GLY L 75 0.80 -25.22 -31.07
CA GLY L 75 1.54 -24.55 -30.01
C GLY L 75 0.79 -24.60 -28.70
N VAL L 76 -0.53 -24.41 -28.76
CA VAL L 76 -1.38 -24.42 -27.58
C VAL L 76 -1.33 -25.81 -26.94
N ILE L 77 -1.54 -26.84 -27.76
CA ILE L 77 -1.53 -28.22 -27.31
C ILE L 77 -0.18 -28.59 -26.69
N ALA L 78 0.90 -28.29 -27.42
CA ALA L 78 2.24 -28.58 -26.94
C ALA L 78 2.50 -27.96 -25.58
N GLU L 79 2.18 -26.68 -25.43
CA GLU L 79 2.39 -25.99 -24.16
C GLU L 79 1.59 -26.65 -23.03
N LEU L 80 0.36 -27.03 -23.33
CA LEU L 80 -0.50 -27.67 -22.33
C LEU L 80 0.06 -29.00 -21.85
N LEU L 81 0.42 -29.88 -22.77
CA LEU L 81 0.97 -31.18 -22.41
C LEU L 81 2.27 -30.95 -21.65
N TRP L 82 2.92 -29.84 -21.96
CA TRP L 82 4.17 -29.45 -21.32
C TRP L 82 3.85 -29.12 -19.86
N PHE L 83 2.77 -28.37 -19.63
CA PHE L 83 2.38 -28.01 -18.26
C PHE L 83 2.11 -29.29 -17.47
N VAL L 84 1.23 -30.11 -18.03
CA VAL L 84 0.84 -31.37 -17.41
C VAL L 84 2.03 -32.24 -17.02
N SER L 85 3.05 -32.27 -17.87
CA SER L 85 4.24 -33.07 -17.59
C SER L 85 5.03 -32.51 -16.41
N GLY L 86 4.72 -31.27 -16.02
CA GLY L 86 5.42 -30.65 -14.91
C GLY L 86 6.78 -30.12 -15.31
N CYS L 87 7.07 -30.18 -16.60
CA CYS L 87 8.35 -29.72 -17.14
C CYS L 87 8.42 -28.19 -17.18
N THR L 88 9.60 -27.64 -16.91
CA THR L 88 9.81 -26.20 -16.91
C THR L 88 10.94 -25.79 -17.84
N ASP L 89 11.32 -26.69 -18.75
CA ASP L 89 12.39 -26.41 -19.69
C ASP L 89 11.78 -26.03 -21.04
N ALA L 90 11.92 -24.76 -21.41
CA ALA L 90 11.38 -24.24 -22.66
C ALA L 90 11.95 -24.93 -23.90
N LYS L 91 13.13 -25.53 -23.76
CA LYS L 91 13.75 -26.22 -24.88
C LYS L 91 12.90 -27.40 -25.35
N MET L 92 12.05 -27.89 -24.44
CA MET L 92 11.18 -29.00 -24.77
C MET L 92 10.07 -28.56 -25.72
N LEU L 93 9.87 -27.24 -25.80
CA LEU L 93 8.86 -26.68 -26.69
C LEU L 93 9.51 -26.24 -28.00
N SER L 94 10.65 -25.56 -27.90
CA SER L 94 11.37 -25.10 -29.08
C SER L 94 11.90 -26.26 -29.91
N SER L 95 12.19 -27.38 -29.25
CA SER L 95 12.71 -28.55 -29.95
C SER L 95 11.63 -29.15 -30.84
N GLN L 96 10.37 -28.88 -30.53
CA GLN L 96 9.28 -29.39 -31.33
C GLN L 96 8.61 -28.30 -32.15
N GLY L 97 9.35 -27.22 -32.41
CA GLY L 97 8.85 -26.13 -33.21
C GLY L 97 7.92 -25.12 -32.55
N VAL L 98 7.96 -25.04 -31.22
CA VAL L 98 7.10 -24.09 -30.50
C VAL L 98 7.98 -23.15 -29.68
N GLY L 99 8.07 -21.89 -30.11
CA GLY L 99 8.92 -20.94 -29.41
C GLY L 99 8.23 -19.85 -28.62
N ILE L 100 7.02 -20.10 -28.17
CA ILE L 100 6.27 -19.10 -27.40
C ILE L 100 6.98 -18.69 -26.11
N TRP L 101 7.82 -19.56 -25.58
CA TRP L 101 8.54 -19.25 -24.35
C TRP L 101 10.01 -18.95 -24.56
N ASP L 102 10.43 -18.84 -25.82
CA ASP L 102 11.82 -18.54 -26.13
C ASP L 102 12.20 -17.15 -25.65
N GLY L 103 11.24 -16.23 -25.70
CA GLY L 103 11.49 -14.87 -25.27
C GLY L 103 11.87 -14.71 -23.81
N ASN L 104 11.09 -15.33 -22.92
CA ASN L 104 11.36 -15.22 -21.49
C ASN L 104 12.33 -16.29 -21.00
N GLY L 105 12.72 -17.19 -21.90
CA GLY L 105 13.65 -18.24 -21.54
C GLY L 105 15.04 -17.96 -22.09
N SER L 106 15.15 -16.91 -22.90
CA SER L 106 16.44 -16.56 -23.49
C SER L 106 17.46 -16.22 -22.41
N LYS L 107 18.73 -16.50 -22.70
CA LYS L 107 19.81 -16.23 -21.76
C LYS L 107 19.85 -14.74 -21.44
N GLU L 108 19.47 -13.92 -22.41
CA GLU L 108 19.47 -12.48 -22.22
C GLU L 108 18.44 -12.03 -21.18
N PHE L 109 17.21 -12.54 -21.32
CA PHE L 109 16.15 -12.18 -20.39
C PHE L 109 16.43 -12.70 -18.99
N LEU L 110 16.82 -13.98 -18.89
CA LEU L 110 17.11 -14.59 -17.60
C LEU L 110 18.13 -13.77 -16.81
N GLU L 111 19.23 -13.41 -17.46
CA GLU L 111 20.26 -12.61 -16.80
C GLU L 111 19.68 -11.25 -16.45
N LYS L 112 18.73 -10.80 -17.26
CA LYS L 112 18.09 -9.51 -17.08
C LYS L 112 17.28 -9.46 -15.79
N VAL L 113 16.66 -10.58 -15.43
CA VAL L 113 15.85 -10.66 -14.22
C VAL L 113 16.59 -11.28 -13.04
N GLY L 114 17.92 -11.29 -13.11
CA GLY L 114 18.72 -11.84 -12.03
C GLY L 114 18.80 -13.36 -11.95
N LEU L 115 18.57 -14.03 -13.08
CA LEU L 115 18.64 -15.49 -13.11
C LEU L 115 19.72 -15.96 -14.09
N GLY L 116 20.86 -15.29 -14.06
CA GLY L 116 21.96 -15.62 -14.96
C GLY L 116 22.66 -16.95 -14.68
N HIS L 117 22.42 -17.51 -13.50
CA HIS L 117 23.04 -18.78 -13.12
C HIS L 117 22.32 -19.97 -13.75
N ARG L 118 21.27 -19.68 -14.51
CA ARG L 118 20.51 -20.75 -15.14
C ARG L 118 20.84 -20.86 -16.63
N ARG L 119 20.74 -22.07 -17.17
CA ARG L 119 21.03 -22.28 -18.58
C ARG L 119 19.82 -21.77 -19.35
N GLU L 120 20.03 -21.40 -20.61
CA GLU L 120 18.94 -20.90 -21.43
C GLU L 120 17.78 -21.89 -21.50
N GLY L 121 16.56 -21.38 -21.33
CA GLY L 121 15.40 -22.24 -21.38
C GLY L 121 14.88 -22.70 -20.02
N ASP L 122 15.71 -22.57 -18.98
CA ASP L 122 15.31 -22.96 -17.64
C ASP L 122 14.50 -21.84 -17.00
N LEU L 123 13.18 -21.89 -17.20
CA LEU L 123 12.27 -20.87 -16.67
C LEU L 123 12.11 -20.87 -15.16
N GLY L 124 12.42 -21.98 -14.52
CA GLY L 124 12.27 -22.06 -13.07
C GLY L 124 11.02 -22.81 -12.67
N PRO L 125 10.61 -22.74 -11.40
CA PRO L 125 9.40 -23.44 -10.94
C PRO L 125 8.09 -22.80 -11.41
N VAL L 126 7.88 -22.78 -12.72
CA VAL L 126 6.66 -22.18 -13.28
C VAL L 126 5.50 -23.18 -13.39
N TYR L 127 4.42 -22.73 -14.01
CA TYR L 127 3.20 -23.52 -14.21
C TYR L 127 3.28 -25.01 -13.91
N GLY L 128 3.79 -25.77 -14.87
CA GLY L 128 3.90 -27.22 -14.71
C GLY L 128 4.47 -27.73 -13.41
N PHE L 129 5.53 -27.08 -12.92
CA PHE L 129 6.16 -27.50 -11.68
C PHE L 129 5.22 -27.32 -10.48
N GLN L 130 4.54 -26.19 -10.43
CA GLN L 130 3.60 -25.93 -9.34
C GLN L 130 2.41 -26.87 -9.40
N TRP L 131 1.96 -27.15 -10.62
CA TRP L 131 0.82 -28.04 -10.85
C TRP L 131 1.03 -29.46 -10.33
N ARG L 132 2.23 -30.00 -10.54
CA ARG L 132 2.52 -31.37 -10.12
C ARG L 132 3.46 -31.52 -8.93
N HIS L 133 4.14 -30.45 -8.53
CA HIS L 133 5.08 -30.53 -7.41
C HIS L 133 5.06 -29.32 -6.49
N PHE L 134 3.89 -28.73 -6.29
CA PHE L 134 3.81 -27.55 -5.42
C PHE L 134 4.43 -27.79 -4.06
N GLY L 135 5.30 -26.87 -3.62
CA GLY L 135 5.94 -27.01 -2.33
C GLY L 135 7.33 -27.63 -2.38
N ALA L 136 7.60 -28.41 -3.42
CA ALA L 136 8.91 -29.04 -3.56
C ALA L 136 10.02 -28.02 -3.78
N GLU L 137 11.24 -28.40 -3.42
CA GLU L 137 12.41 -27.54 -3.57
C GLU L 137 12.89 -27.58 -5.01
N TYR L 138 13.05 -26.42 -5.62
CA TYR L 138 13.48 -26.35 -7.01
C TYR L 138 14.98 -26.10 -7.11
N THR L 139 15.66 -26.92 -7.91
CA THR L 139 17.10 -26.77 -8.12
C THR L 139 17.25 -26.21 -9.54
N ASP L 140 17.00 -27.04 -10.54
CA ASP L 140 17.08 -26.62 -11.93
C ASP L 140 16.03 -27.42 -12.71
N ALA L 141 15.98 -27.30 -14.04
CA ALA L 141 14.96 -28.07 -14.78
C ALA L 141 15.22 -29.56 -14.88
N ASP L 142 16.44 -29.98 -14.61
CA ASP L 142 16.81 -31.38 -14.68
C ASP L 142 16.63 -32.11 -13.35
N GLY L 143 16.24 -31.36 -12.32
CA GLY L 143 16.04 -31.95 -11.01
C GLY L 143 15.02 -33.07 -10.99
N ASP L 144 15.21 -34.00 -10.05
CA ASP L 144 14.31 -35.13 -9.89
C ASP L 144 13.22 -34.77 -8.89
N TYR L 145 12.01 -34.50 -9.39
CA TYR L 145 10.90 -34.10 -8.54
C TYR L 145 9.81 -35.16 -8.42
N LYS L 146 10.01 -36.29 -9.07
CA LYS L 146 9.02 -37.36 -9.02
C LYS L 146 8.66 -37.72 -7.58
N GLY L 147 7.37 -37.67 -7.28
CA GLY L 147 6.91 -37.99 -5.93
C GLY L 147 7.16 -36.90 -4.91
N LYS L 148 7.60 -35.74 -5.36
CA LYS L 148 7.87 -34.62 -4.46
C LYS L 148 6.88 -33.48 -4.67
N GLY L 149 6.49 -32.85 -3.56
CA GLY L 149 5.54 -31.75 -3.63
C GLY L 149 4.12 -32.27 -3.77
N VAL L 150 3.16 -31.35 -3.86
CA VAL L 150 1.76 -31.73 -3.99
C VAL L 150 1.35 -31.81 -5.46
N ASP L 151 0.81 -32.96 -5.87
CA ASP L 151 0.36 -33.14 -7.23
C ASP L 151 -1.10 -32.71 -7.31
N GLN L 152 -1.31 -31.41 -7.51
CA GLN L 152 -2.65 -30.85 -7.59
C GLN L 152 -3.49 -31.45 -8.71
N LEU L 153 -2.89 -31.62 -9.88
CA LEU L 153 -3.60 -32.14 -11.04
C LEU L 153 -4.21 -33.52 -10.81
N GLN L 154 -3.41 -34.45 -10.28
CA GLN L 154 -3.92 -35.79 -10.04
C GLN L 154 -4.99 -35.77 -8.95
N ARG L 155 -4.83 -34.90 -7.95
CA ARG L 155 -5.79 -34.81 -6.87
C ARG L 155 -7.12 -34.33 -7.44
N VAL L 156 -7.05 -33.42 -8.41
CA VAL L 156 -8.26 -32.92 -9.07
C VAL L 156 -8.97 -34.07 -9.75
N ILE L 157 -8.20 -34.91 -10.44
CA ILE L 157 -8.75 -36.06 -11.14
C ILE L 157 -9.43 -37.01 -10.18
N ASP L 158 -8.72 -37.36 -9.11
CA ASP L 158 -9.24 -38.28 -8.10
C ASP L 158 -10.50 -37.73 -7.43
N THR L 159 -10.51 -36.44 -7.15
CA THR L 159 -11.65 -35.80 -6.50
C THR L 159 -12.89 -35.77 -7.39
N ILE L 160 -12.71 -35.47 -8.66
CA ILE L 160 -13.82 -35.42 -9.60
C ILE L 160 -14.48 -36.79 -9.72
N LYS L 161 -13.66 -37.83 -9.66
CA LYS L 161 -14.15 -39.20 -9.77
C LYS L 161 -14.75 -39.79 -8.51
N ASN L 162 -14.18 -39.47 -7.35
CA ASN L 162 -14.66 -40.04 -6.09
C ASN L 162 -15.44 -39.11 -5.15
N ASN L 163 -15.35 -37.81 -5.37
CA ASN L 163 -16.07 -36.86 -4.52
C ASN L 163 -16.29 -35.57 -5.29
N PRO L 164 -17.06 -35.65 -6.39
CA PRO L 164 -17.40 -34.54 -7.28
C PRO L 164 -17.98 -33.28 -6.65
N THR L 165 -18.77 -33.45 -5.58
CA THR L 165 -19.37 -32.29 -4.94
C THR L 165 -18.38 -31.53 -4.06
N ASP L 166 -17.14 -32.00 -4.00
CA ASP L 166 -16.12 -31.34 -3.19
C ASP L 166 -16.00 -29.91 -3.70
N ARG L 167 -15.74 -28.97 -2.80
CA ARG L 167 -15.63 -27.57 -3.20
C ARG L 167 -14.22 -27.01 -3.14
N ARG L 168 -13.24 -27.90 -3.21
CA ARG L 168 -11.82 -27.53 -3.18
C ARG L 168 -11.07 -28.03 -4.41
N ILE L 169 -11.79 -28.32 -5.48
CA ILE L 169 -11.16 -28.82 -6.71
C ILE L 169 -10.42 -27.68 -7.39
N ILE L 170 -9.25 -27.35 -6.86
CA ILE L 170 -8.44 -26.26 -7.37
C ILE L 170 -7.09 -26.68 -7.95
N LEU L 171 -6.69 -25.98 -9.01
CA LEU L 171 -5.41 -26.21 -9.68
C LEU L 171 -4.76 -24.83 -9.73
N SER L 172 -3.72 -24.62 -8.93
CA SER L 172 -3.05 -23.32 -8.89
C SER L 172 -1.55 -23.36 -9.09
N ALA L 173 -1.03 -22.35 -9.77
CA ALA L 173 0.41 -22.24 -10.03
C ALA L 173 1.01 -21.08 -9.25
N TRP L 174 0.15 -20.32 -8.56
CA TRP L 174 0.64 -19.18 -7.80
C TRP L 174 1.35 -19.63 -6.54
N ASN L 175 2.60 -19.22 -6.41
CA ASN L 175 3.43 -19.58 -5.25
C ASN L 175 4.27 -18.36 -4.87
N PRO L 176 3.81 -17.57 -3.89
CA PRO L 176 4.52 -16.37 -3.44
C PRO L 176 6.00 -16.61 -3.11
N LYS L 177 6.30 -17.80 -2.58
CA LYS L 177 7.68 -18.12 -2.23
C LYS L 177 8.59 -18.35 -3.44
N ASP L 178 8.09 -19.05 -4.44
CA ASP L 178 8.86 -19.36 -5.64
C ASP L 178 8.90 -18.27 -6.71
N LEU L 179 8.00 -17.29 -6.61
CA LEU L 179 7.94 -16.22 -7.61
C LEU L 179 9.30 -15.68 -8.09
N PRO L 180 10.17 -15.25 -7.17
CA PRO L 180 11.48 -14.75 -7.60
C PRO L 180 12.34 -15.73 -8.40
N LEU L 181 12.02 -17.02 -8.30
CA LEU L 181 12.78 -18.03 -9.03
C LEU L 181 12.18 -18.26 -10.41
N MET L 182 11.04 -17.60 -10.67
CA MET L 182 10.36 -17.71 -11.95
C MET L 182 10.77 -16.63 -12.94
N ALA L 183 10.99 -17.03 -14.18
CA ALA L 183 11.37 -16.09 -15.23
C ALA L 183 10.22 -15.11 -15.39
N LEU L 184 9.01 -15.59 -15.12
CA LEU L 184 7.81 -14.78 -15.24
C LEU L 184 6.72 -15.35 -14.33
N PRO L 185 6.06 -14.49 -13.52
CA PRO L 185 5.01 -14.97 -12.62
C PRO L 185 3.83 -15.51 -13.43
N PRO L 186 3.11 -16.50 -12.89
CA PRO L 186 1.96 -17.08 -13.58
C PRO L 186 0.90 -16.06 -13.96
N CYS L 187 0.43 -16.12 -15.20
CA CYS L 187 -0.62 -15.21 -15.67
C CYS L 187 -1.93 -15.87 -15.30
N HIS L 188 -2.14 -17.10 -15.76
CA HIS L 188 -3.32 -17.85 -15.39
C HIS L 188 -2.86 -18.52 -14.10
N MET L 189 -3.12 -17.85 -12.99
CA MET L 189 -2.68 -18.34 -11.68
C MET L 189 -3.43 -19.50 -11.05
N PHE L 190 -4.63 -19.80 -11.54
CA PHE L 190 -5.39 -20.92 -10.98
C PHE L 190 -6.75 -21.07 -11.64
N CYS L 191 -7.37 -22.22 -11.42
CA CYS L 191 -8.68 -22.52 -11.96
C CYS L 191 -9.41 -23.43 -10.99
N GLN L 192 -10.73 -23.44 -11.08
CA GLN L 192 -11.56 -24.28 -10.23
C GLN L 192 -12.51 -25.10 -11.08
N PHE L 193 -12.60 -26.39 -10.79
CA PHE L 193 -13.49 -27.27 -11.52
C PHE L 193 -14.75 -27.53 -10.74
N PHE L 194 -15.86 -27.72 -11.45
CA PHE L 194 -17.14 -27.98 -10.83
C PHE L 194 -17.82 -29.12 -11.58
N VAL L 195 -18.43 -30.03 -10.83
CA VAL L 195 -19.11 -31.18 -11.42
C VAL L 195 -20.60 -31.19 -11.07
N SER L 196 -21.43 -31.15 -12.10
CA SER L 196 -22.88 -31.19 -11.91
C SER L 196 -23.29 -32.65 -11.92
N LEU L 197 -24.02 -33.07 -10.91
CA LEU L 197 -24.47 -34.46 -10.82
C LEU L 197 -25.57 -34.74 -11.86
N PRO L 198 -25.70 -36.00 -12.28
CA PRO L 198 -26.71 -36.38 -13.27
C PRO L 198 -28.12 -36.04 -12.77
N PRO L 199 -28.94 -35.43 -13.63
CA PRO L 199 -30.31 -35.05 -13.26
C PRO L 199 -31.14 -36.28 -12.84
N PRO L 203 -30.28 -40.76 -14.47
CA PRO L 203 -29.10 -40.94 -13.63
C PRO L 203 -27.97 -41.68 -14.36
N GLY L 204 -28.22 -42.06 -15.61
CA GLY L 204 -27.22 -42.76 -16.38
C GLY L 204 -26.30 -41.83 -17.14
N SER L 205 -26.72 -40.58 -17.30
CA SER L 205 -25.93 -39.59 -18.01
C SER L 205 -24.62 -39.30 -17.28
N LYS L 206 -23.66 -38.74 -18.00
CA LYS L 206 -22.36 -38.41 -17.42
C LYS L 206 -22.43 -37.07 -16.69
N PRO L 207 -21.73 -36.94 -15.57
CA PRO L 207 -21.75 -35.67 -14.84
C PRO L 207 -21.13 -34.61 -15.73
N LYS L 208 -21.56 -33.36 -15.58
CA LYS L 208 -21.02 -32.28 -16.40
C LYS L 208 -19.86 -31.58 -15.69
N LEU L 209 -18.78 -31.36 -16.44
CA LEU L 209 -17.59 -30.71 -15.89
C LEU L 209 -17.41 -29.30 -16.41
N SER L 210 -17.24 -28.36 -15.48
CA SER L 210 -17.04 -26.96 -15.83
C SER L 210 -15.70 -26.49 -15.23
N CYS L 211 -15.18 -25.39 -15.77
CA CYS L 211 -13.91 -24.86 -15.31
C CYS L 211 -13.89 -23.34 -15.32
N LEU L 212 -13.46 -22.75 -14.21
CA LEU L 212 -13.35 -21.30 -14.11
C LEU L 212 -11.89 -20.99 -13.87
N MET L 213 -11.30 -20.16 -14.73
CA MET L 213 -9.90 -19.79 -14.58
C MET L 213 -9.77 -18.29 -14.37
N TYR L 214 -8.86 -17.90 -13.49
CA TYR L 214 -8.64 -16.49 -13.23
C TYR L 214 -7.26 -16.11 -13.73
N GLN L 215 -7.20 -15.06 -14.55
CA GLN L 215 -5.94 -14.58 -15.12
C GLN L 215 -5.67 -13.17 -14.62
N ARG L 216 -4.60 -13.02 -13.85
CA ARG L 216 -4.22 -11.72 -13.27
C ARG L 216 -3.83 -10.67 -14.31
N SER L 217 -3.14 -11.11 -15.35
CA SER L 217 -2.68 -10.21 -16.42
C SER L 217 -3.06 -10.85 -17.74
N CYS L 218 -3.71 -10.08 -18.62
CA CYS L 218 -4.16 -10.63 -19.88
C CYS L 218 -3.80 -9.86 -21.15
N ASP L 219 -2.90 -10.43 -21.94
CA ASP L 219 -2.49 -9.83 -23.20
C ASP L 219 -3.53 -10.33 -24.20
N LEU L 220 -4.59 -9.55 -24.41
CA LEU L 220 -5.65 -9.95 -25.31
C LEU L 220 -5.23 -10.26 -26.74
N GLY L 221 -4.22 -9.56 -27.23
CA GLY L 221 -3.77 -9.81 -28.59
C GLY L 221 -3.13 -11.17 -28.79
N LEU L 222 -2.13 -11.48 -27.96
CA LEU L 222 -1.41 -12.74 -28.07
C LEU L 222 -1.71 -13.81 -27.02
N GLY L 223 -1.85 -13.39 -25.76
CA GLY L 223 -2.09 -14.35 -24.69
C GLY L 223 -3.46 -15.00 -24.60
N VAL L 224 -4.50 -14.19 -24.42
CA VAL L 224 -5.86 -14.69 -24.28
C VAL L 224 -6.26 -15.77 -25.29
N PRO L 225 -5.94 -15.58 -26.58
CA PRO L 225 -6.32 -16.63 -27.53
C PRO L 225 -5.80 -18.00 -27.11
N PHE L 226 -4.56 -18.05 -26.61
CA PHE L 226 -3.96 -19.29 -26.16
C PHE L 226 -4.59 -19.77 -24.86
N ASN L 227 -4.72 -18.86 -23.90
CA ASN L 227 -5.31 -19.20 -22.61
C ASN L 227 -6.69 -19.83 -22.75
N ILE L 228 -7.54 -19.21 -23.56
CA ILE L 228 -8.90 -19.74 -23.75
C ILE L 228 -8.90 -21.17 -24.28
N ALA L 229 -8.16 -21.41 -25.36
CA ALA L 229 -8.08 -22.74 -25.95
C ALA L 229 -7.37 -23.74 -25.03
N SER L 230 -6.33 -23.26 -24.35
CA SER L 230 -5.57 -24.10 -23.43
C SER L 230 -6.45 -24.71 -22.34
N TYR L 231 -7.12 -23.87 -21.56
CA TYR L 231 -7.98 -24.36 -20.49
C TYR L 231 -9.19 -25.12 -21.00
N ALA L 232 -9.65 -24.79 -22.20
CA ALA L 232 -10.79 -25.49 -22.78
C ALA L 232 -10.32 -26.93 -23.04
N LEU L 233 -9.11 -27.05 -23.58
CA LEU L 233 -8.52 -28.35 -23.89
C LEU L 233 -8.24 -29.15 -22.63
N LEU L 234 -7.76 -28.46 -21.59
CA LEU L 234 -7.46 -29.12 -20.32
C LEU L 234 -8.73 -29.73 -19.75
N THR L 235 -9.83 -28.99 -19.86
CA THR L 235 -11.12 -29.47 -19.37
C THR L 235 -11.58 -30.68 -20.16
N HIS L 236 -11.31 -30.68 -21.47
CA HIS L 236 -11.68 -31.81 -22.33
C HIS L 236 -10.85 -33.03 -21.91
N MET L 237 -9.57 -32.81 -21.67
CA MET L 237 -8.66 -33.88 -21.26
C MET L 237 -9.14 -34.51 -19.96
N ILE L 238 -9.33 -33.67 -18.94
CA ILE L 238 -9.77 -34.13 -17.64
C ILE L 238 -11.12 -34.84 -17.73
N ALA L 239 -12.00 -34.36 -18.59
CA ALA L 239 -13.31 -34.96 -18.75
C ALA L 239 -13.19 -36.41 -19.24
N LEU L 240 -12.27 -36.64 -20.17
CA LEU L 240 -12.07 -37.97 -20.71
C LEU L 240 -11.56 -38.95 -19.65
N ILE L 241 -10.62 -38.50 -18.83
CA ILE L 241 -10.05 -39.34 -17.79
C ILE L 241 -10.99 -39.58 -16.62
N THR L 242 -11.91 -38.65 -16.37
CA THR L 242 -12.84 -38.78 -15.26
C THR L 242 -14.23 -39.26 -15.64
N ASP L 243 -14.43 -39.58 -16.92
CA ASP L 243 -15.72 -40.05 -17.41
C ASP L 243 -16.81 -39.00 -17.22
N THR L 244 -16.47 -37.74 -17.45
CA THR L 244 -17.42 -36.65 -17.32
C THR L 244 -17.58 -35.98 -18.67
N GLU L 245 -18.61 -35.14 -18.79
CA GLU L 245 -18.90 -34.44 -20.04
C GLU L 245 -18.55 -32.96 -19.92
N PRO L 246 -17.62 -32.48 -20.75
CA PRO L 246 -17.26 -31.06 -20.68
C PRO L 246 -18.50 -30.20 -20.88
N HIS L 247 -18.66 -29.19 -20.03
CA HIS L 247 -19.84 -28.34 -20.11
C HIS L 247 -19.57 -26.87 -20.40
N GLU L 248 -18.88 -26.20 -19.48
CA GLU L 248 -18.61 -24.78 -19.65
C GLU L 248 -17.25 -24.33 -19.11
N PHE L 249 -16.68 -23.33 -19.77
CA PHE L 249 -15.41 -22.76 -19.36
C PHE L 249 -15.59 -21.27 -19.11
N ILE L 250 -15.23 -20.81 -17.92
CA ILE L 250 -15.37 -19.42 -17.56
C ILE L 250 -13.99 -18.79 -17.36
N LEU L 251 -13.80 -17.59 -17.89
CA LEU L 251 -12.52 -16.92 -17.77
C LEU L 251 -12.67 -15.52 -17.17
N GLN L 252 -12.21 -15.35 -15.94
CA GLN L 252 -12.26 -14.05 -15.27
C GLN L 252 -10.90 -13.38 -15.39
N MET L 253 -10.91 -12.13 -15.83
CA MET L 253 -9.66 -11.40 -16.00
C MET L 253 -9.42 -10.34 -14.94
N GLY L 254 -8.14 -10.08 -14.68
CA GLY L 254 -7.77 -9.04 -13.72
C GLY L 254 -7.41 -7.84 -14.56
N ASP L 255 -6.11 -7.67 -14.81
CA ASP L 255 -5.64 -6.57 -15.62
C ASP L 255 -5.74 -6.98 -17.09
N ALA L 256 -6.82 -6.56 -17.74
CA ALA L 256 -7.05 -6.87 -19.15
C ALA L 256 -6.52 -5.73 -19.99
N HIS L 257 -5.50 -6.01 -20.80
CA HIS L 257 -4.89 -4.97 -21.62
C HIS L 257 -4.60 -5.32 -23.07
N VAL L 258 -4.38 -4.27 -23.86
CA VAL L 258 -4.05 -4.38 -25.28
C VAL L 258 -2.77 -3.57 -25.44
N TYR L 259 -1.68 -4.22 -25.84
CA TYR L 259 -0.42 -3.50 -26.02
C TYR L 259 -0.53 -2.44 -27.11
N ARG L 260 0.19 -1.35 -26.93
CA ARG L 260 0.18 -0.24 -27.87
C ARG L 260 0.44 -0.66 -29.31
N ASP L 261 1.39 -1.58 -29.51
CA ASP L 261 1.71 -2.05 -30.85
C ASP L 261 0.79 -3.15 -31.37
N HIS L 262 -0.32 -3.38 -30.67
CA HIS L 262 -1.28 -4.40 -31.07
C HIS L 262 -2.59 -3.75 -31.53
N VAL L 263 -2.76 -2.47 -31.19
CA VAL L 263 -3.97 -1.74 -31.55
C VAL L 263 -4.35 -1.81 -33.02
N GLU L 264 -3.44 -1.40 -33.90
CA GLU L 264 -3.70 -1.43 -35.32
C GLU L 264 -3.95 -2.83 -35.87
N PRO L 265 -3.07 -3.79 -35.52
CA PRO L 265 -3.30 -5.15 -36.01
C PRO L 265 -4.66 -5.71 -35.60
N LEU L 266 -5.07 -5.42 -34.37
CA LEU L 266 -6.34 -5.90 -33.85
C LEU L 266 -7.54 -5.26 -34.54
N LYS L 267 -7.39 -4.01 -34.98
CA LYS L 267 -8.47 -3.32 -35.66
C LYS L 267 -8.85 -4.09 -36.92
N THR L 268 -7.85 -4.69 -37.55
CA THR L 268 -8.08 -5.48 -38.76
C THR L 268 -8.88 -6.72 -38.41
N GLN L 269 -8.57 -7.32 -37.26
CA GLN L 269 -9.28 -8.52 -36.81
C GLN L 269 -10.72 -8.21 -36.45
N LEU L 270 -10.95 -7.04 -35.85
CA LEU L 270 -12.29 -6.63 -35.44
C LEU L 270 -13.27 -6.54 -36.60
N GLU L 271 -12.75 -6.42 -37.82
CA GLU L 271 -13.58 -6.32 -39.01
C GLU L 271 -14.08 -7.68 -39.49
N ARG L 272 -13.50 -8.75 -38.96
CA ARG L 272 -13.86 -10.10 -39.36
C ARG L 272 -15.01 -10.73 -38.59
N GLU L 273 -15.83 -11.50 -39.31
CA GLU L 273 -16.95 -12.19 -38.72
C GLU L 273 -16.52 -13.61 -38.38
N PRO L 274 -16.71 -14.02 -37.11
CA PRO L 274 -16.34 -15.35 -36.62
C PRO L 274 -17.00 -16.51 -37.37
N ARG L 275 -16.28 -17.63 -37.47
CA ARG L 275 -16.79 -18.84 -38.10
C ARG L 275 -17.16 -19.75 -36.93
N ASP L 276 -18.04 -20.72 -37.16
CA ASP L 276 -18.42 -21.62 -36.08
C ASP L 276 -17.18 -22.30 -35.52
N PHE L 277 -17.10 -22.42 -34.19
CA PHE L 277 -15.96 -23.05 -33.55
C PHE L 277 -15.80 -24.48 -34.01
N PRO L 278 -14.57 -24.99 -34.02
CA PRO L 278 -14.28 -26.37 -34.44
C PRO L 278 -14.61 -27.34 -33.31
N LYS L 279 -14.55 -28.64 -33.60
CA LYS L 279 -14.85 -29.64 -32.59
C LYS L 279 -13.63 -30.50 -32.30
N LEU L 280 -13.55 -30.99 -31.07
CA LEU L 280 -12.43 -31.84 -30.66
C LEU L 280 -12.80 -33.31 -30.59
N LYS L 281 -11.93 -34.14 -31.14
CA LYS L 281 -12.12 -35.59 -31.13
C LYS L 281 -10.80 -36.22 -30.71
N TRP L 282 -10.87 -37.40 -30.09
CA TRP L 282 -9.68 -38.09 -29.63
C TRP L 282 -9.26 -39.18 -30.62
N ALA L 283 -7.97 -39.24 -30.94
CA ALA L 283 -7.45 -40.23 -31.86
C ALA L 283 -7.34 -41.60 -31.21
N ARG L 284 -7.42 -41.62 -29.88
CA ARG L 284 -7.34 -42.87 -29.13
C ARG L 284 -8.44 -42.91 -28.07
N SER L 285 -8.60 -44.07 -27.44
CA SER L 285 -9.63 -44.24 -26.40
C SER L 285 -9.09 -43.88 -25.02
N LYS L 286 -9.99 -43.79 -24.05
CA LYS L 286 -9.63 -43.47 -22.68
C LYS L 286 -8.64 -44.51 -22.16
N GLU L 287 -8.94 -45.78 -22.43
CA GLU L 287 -8.09 -46.88 -21.99
C GLU L 287 -6.68 -46.79 -22.56
N GLU L 288 -6.59 -46.47 -23.85
CA GLU L 288 -5.30 -46.35 -24.51
C GLU L 288 -4.48 -45.19 -23.93
N ILE L 289 -5.12 -44.04 -23.75
CA ILE L 289 -4.46 -42.88 -23.18
C ILE L 289 -4.08 -43.17 -21.73
N GLY L 290 -4.97 -43.88 -21.03
CA GLY L 290 -4.70 -44.24 -19.65
C GLY L 290 -5.03 -43.19 -18.61
N ASP L 291 -4.12 -42.23 -18.43
CA ASP L 291 -4.34 -41.17 -17.45
C ASP L 291 -3.99 -39.80 -18.03
N ILE L 292 -4.01 -38.79 -17.17
CA ILE L 292 -3.73 -37.42 -17.58
C ILE L 292 -2.32 -37.25 -18.15
N ASP L 293 -1.44 -38.19 -17.84
CA ASP L 293 -0.06 -38.13 -18.31
C ASP L 293 0.18 -38.92 -19.59
N GLY L 294 -0.88 -39.52 -20.14
CA GLY L 294 -0.74 -40.32 -21.33
C GLY L 294 -1.13 -39.68 -22.66
N PHE L 295 -1.45 -38.38 -22.64
CA PHE L 295 -1.84 -37.70 -23.87
C PHE L 295 -0.66 -37.35 -24.77
N LYS L 296 -0.91 -37.32 -26.07
CA LYS L 296 0.11 -36.98 -27.06
C LYS L 296 -0.49 -35.93 -28.01
N VAL L 297 0.35 -35.12 -28.62
CA VAL L 297 -0.11 -34.08 -29.53
C VAL L 297 -1.07 -34.65 -30.58
N GLU L 298 -0.68 -35.77 -31.18
CA GLU L 298 -1.48 -36.42 -32.22
C GLU L 298 -2.83 -36.96 -31.74
N ASP L 299 -3.06 -36.95 -30.44
CA ASP L 299 -4.33 -37.45 -29.91
C ASP L 299 -5.43 -36.42 -30.13
N PHE L 300 -5.04 -35.15 -30.25
CA PHE L 300 -5.99 -34.07 -30.44
C PHE L 300 -6.40 -33.88 -31.90
N VAL L 301 -7.59 -34.38 -32.24
CA VAL L 301 -8.10 -34.25 -33.60
C VAL L 301 -9.13 -33.12 -33.67
N VAL L 302 -8.68 -31.95 -34.12
CA VAL L 302 -9.56 -30.80 -34.23
C VAL L 302 -10.10 -30.70 -35.65
N GLU L 303 -11.41 -30.85 -35.79
CA GLU L 303 -12.04 -30.79 -37.11
C GLU L 303 -12.98 -29.60 -37.27
N GLY L 304 -13.05 -29.09 -38.49
CA GLY L 304 -13.91 -27.96 -38.77
C GLY L 304 -13.32 -26.60 -38.45
N TYR L 305 -12.01 -26.52 -38.23
CA TYR L 305 -11.38 -25.24 -37.93
C TYR L 305 -11.25 -24.44 -39.22
N LYS L 306 -11.97 -23.33 -39.31
CA LYS L 306 -11.93 -22.47 -40.49
C LYS L 306 -11.70 -21.01 -40.12
N PRO L 307 -10.46 -20.65 -39.75
CA PRO L 307 -10.11 -19.29 -39.36
C PRO L 307 -9.74 -18.39 -40.53
N TRP L 308 -9.67 -17.09 -40.26
CA TRP L 308 -9.28 -16.12 -41.27
C TRP L 308 -7.76 -16.11 -41.28
N GLY L 309 -7.16 -15.19 -42.03
CA GLY L 309 -5.72 -15.12 -42.10
C GLY L 309 -5.06 -14.81 -40.76
N LYS L 310 -3.76 -15.05 -40.70
CA LYS L 310 -3.00 -14.78 -39.47
C LYS L 310 -2.81 -13.28 -39.32
N ILE L 311 -2.60 -12.84 -38.08
CA ILE L 311 -2.40 -11.44 -37.80
C ILE L 311 -1.12 -11.31 -36.98
N ASP L 312 -0.11 -10.69 -37.58
CA ASP L 312 1.18 -10.53 -36.91
C ASP L 312 1.15 -9.54 -35.75
N MET L 313 1.64 -9.98 -34.60
CA MET L 313 1.70 -9.16 -33.40
C MET L 313 2.96 -9.52 -32.62
N LYS L 314 3.76 -8.52 -32.31
CA LYS L 314 5.00 -8.73 -31.58
C LYS L 314 4.75 -8.88 -30.08
N MET L 315 5.43 -9.85 -29.47
CA MET L 315 5.28 -10.06 -28.04
C MET L 315 6.30 -9.22 -27.29
N SER L 316 5.85 -8.54 -26.24
CA SER L 316 6.74 -7.69 -25.44
C SER L 316 7.31 -8.52 -24.29
N ALA L 317 8.63 -8.72 -24.31
CA ALA L 317 9.32 -9.49 -23.28
C ALA L 317 9.24 -8.82 -21.92
N PRO M 16 -31.04 -14.10 68.41
CA PRO M 16 -30.50 -13.09 67.47
C PRO M 16 -31.16 -13.23 66.09
N ASP M 17 -31.87 -14.33 65.90
CA ASP M 17 -32.55 -14.58 64.63
C ASP M 17 -33.98 -14.08 64.63
N HIS M 18 -34.40 -13.45 65.72
CA HIS M 18 -35.76 -12.94 65.80
C HIS M 18 -35.97 -11.92 64.68
N GLU M 19 -36.98 -12.16 63.85
CA GLU M 19 -37.28 -11.29 62.72
C GLU M 19 -37.49 -9.82 63.06
N GLU M 20 -37.89 -9.52 64.29
CA GLU M 20 -38.13 -8.13 64.68
C GLU M 20 -36.86 -7.29 64.66
N TYR M 21 -35.70 -7.95 64.78
CA TYR M 21 -34.44 -7.22 64.76
C TYR M 21 -34.20 -6.54 63.42
N GLN M 22 -34.88 -7.00 62.39
CA GLN M 22 -34.76 -6.39 61.06
C GLN M 22 -35.24 -4.95 61.19
N TYR M 23 -36.39 -4.79 61.84
CA TYR M 23 -37.00 -3.49 62.06
C TYR M 23 -36.17 -2.62 62.98
N LEU M 24 -35.72 -3.18 64.10
CA LEU M 24 -34.91 -2.46 65.06
C LEU M 24 -33.56 -2.04 64.47
N ASP M 25 -32.92 -2.95 63.74
CA ASP M 25 -31.63 -2.66 63.14
C ASP M 25 -31.70 -1.55 62.10
N LEU M 26 -32.75 -1.56 61.29
CA LEU M 26 -32.90 -0.54 60.26
C LEU M 26 -33.05 0.84 60.88
N ILE M 27 -33.85 0.93 61.95
CA ILE M 27 -34.06 2.20 62.62
C ILE M 27 -32.73 2.70 63.16
N ARG M 28 -31.97 1.81 63.79
CA ARG M 28 -30.68 2.15 64.35
C ARG M 28 -29.77 2.67 63.25
N ARG M 29 -29.80 2.02 62.09
CA ARG M 29 -28.97 2.42 60.96
C ARG M 29 -29.39 3.78 60.41
N ILE M 30 -30.69 4.00 60.27
CA ILE M 30 -31.21 5.27 59.76
C ILE M 30 -30.78 6.42 60.66
N ILE M 31 -30.88 6.21 61.98
CA ILE M 31 -30.49 7.25 62.93
C ILE M 31 -29.00 7.51 62.85
N ASN M 32 -28.22 6.44 62.70
CA ASN M 32 -26.77 6.55 62.62
C ASN M 32 -26.20 7.16 61.35
N VAL M 33 -26.53 6.57 60.20
CA VAL M 33 -26.01 7.07 58.93
C VAL M 33 -27.06 7.64 57.97
N GLY M 34 -28.28 7.81 58.47
CA GLY M 34 -29.33 8.36 57.62
C GLY M 34 -29.05 9.81 57.25
N GLU M 35 -29.70 10.27 56.19
CA GLU M 35 -29.52 11.64 55.71
C GLU M 35 -30.63 12.55 56.23
N VAL M 36 -30.25 13.65 56.87
CA VAL M 36 -31.22 14.61 57.40
C VAL M 36 -31.85 15.32 56.20
N ARG M 37 -33.18 15.27 56.12
CA ARG M 37 -33.87 15.89 54.99
C ARG M 37 -35.15 16.61 55.34
N PRO M 38 -35.52 17.62 54.55
CA PRO M 38 -36.74 18.39 54.76
C PRO M 38 -37.86 17.52 54.19
N ASP M 39 -39.10 17.79 54.54
CA ASP M 39 -40.18 16.97 54.01
C ASP M 39 -41.49 17.74 53.92
N ARG M 40 -42.49 17.09 53.32
CA ARG M 40 -43.81 17.68 53.15
C ARG M 40 -44.45 18.16 54.45
N THR M 41 -44.31 17.38 55.52
CA THR M 41 -44.91 17.73 56.81
C THR M 41 -44.26 18.92 57.49
N GLY M 42 -42.97 19.12 57.25
CA GLY M 42 -42.28 20.25 57.84
C GLY M 42 -41.55 19.92 59.14
N THR M 43 -41.69 18.70 59.63
CA THR M 43 -41.02 18.31 60.87
C THR M 43 -39.61 17.80 60.58
N GLY M 44 -39.38 17.36 59.35
CA GLY M 44 -38.07 16.86 58.97
C GLY M 44 -37.87 15.40 59.32
N THR M 45 -36.94 14.76 58.61
CA THR M 45 -36.66 13.34 58.85
C THR M 45 -35.20 13.00 58.57
N VAL M 46 -34.87 11.75 58.84
CA VAL M 46 -33.54 11.21 58.58
C VAL M 46 -33.90 9.98 57.77
N ALA M 47 -33.31 9.83 56.58
CA ALA M 47 -33.68 8.70 55.74
C ALA M 47 -32.61 8.03 54.90
N LEU M 48 -32.97 6.84 54.42
CA LEU M 48 -32.12 6.01 53.56
C LEU M 48 -33.05 5.51 52.46
N PHE M 49 -32.53 5.39 51.25
CA PHE M 49 -33.34 4.93 50.13
C PHE M 49 -33.11 3.47 49.77
N ALA M 50 -34.19 2.75 49.51
CA ALA M 50 -34.15 1.35 49.11
C ALA M 50 -33.24 0.45 49.93
N PRO M 51 -33.46 0.38 51.27
CA PRO M 51 -32.62 -0.48 52.08
C PRO M 51 -33.05 -1.93 51.88
N PRO M 52 -32.24 -2.90 52.35
CA PRO M 52 -32.61 -4.30 52.17
C PRO M 52 -34.05 -4.54 52.65
N SER M 53 -34.79 -5.39 51.92
CA SER M 53 -36.17 -5.68 52.26
C SER M 53 -36.32 -6.54 53.51
N PHE M 54 -37.50 -6.48 54.13
CA PHE M 54 -37.79 -7.26 55.33
C PHE M 54 -38.49 -8.56 54.91
N ARG M 55 -38.19 -9.64 55.62
CA ARG M 55 -38.82 -10.92 55.33
C ARG M 55 -39.38 -11.48 56.63
N PHE M 56 -40.67 -11.83 56.61
CA PHE M 56 -41.34 -12.36 57.80
C PHE M 56 -42.02 -13.68 57.45
N SER M 57 -41.80 -14.68 58.29
CA SER M 57 -42.41 -15.99 58.09
C SER M 57 -43.85 -15.96 58.60
N LEU M 58 -44.77 -16.49 57.81
CA LEU M 58 -46.17 -16.52 58.19
C LEU M 58 -46.60 -17.95 58.48
N ALA M 59 -45.64 -18.87 58.48
CA ALA M 59 -45.91 -20.28 58.75
C ALA M 59 -46.32 -20.48 60.20
N ASP M 60 -46.99 -21.61 60.46
CA ASP M 60 -47.44 -21.95 61.80
C ASP M 60 -48.32 -20.85 62.41
N ASN M 61 -49.19 -20.28 61.58
CA ASN M 61 -50.11 -19.22 62.01
C ASN M 61 -49.43 -18.03 62.65
N THR M 62 -48.16 -17.79 62.32
CA THR M 62 -47.42 -16.68 62.89
C THR M 62 -47.84 -15.31 62.34
N LEU M 63 -47.98 -14.35 63.24
CA LEU M 63 -48.35 -12.99 62.89
C LEU M 63 -47.25 -12.04 63.35
N PRO M 64 -46.54 -11.41 62.40
CA PRO M 64 -45.46 -10.48 62.75
C PRO M 64 -45.92 -9.16 63.36
N LEU M 65 -46.51 -9.24 64.54
CA LEU M 65 -46.99 -8.05 65.26
C LEU M 65 -45.87 -7.65 66.21
N LEU M 66 -45.23 -6.53 65.92
CA LEU M 66 -44.11 -6.05 66.75
C LEU M 66 -44.37 -6.14 68.25
N THR M 67 -43.36 -6.58 68.99
CA THR M 67 -43.47 -6.73 70.44
C THR M 67 -42.65 -5.74 71.26
N THR M 68 -41.74 -5.01 70.62
CA THR M 68 -40.92 -4.05 71.35
C THR M 68 -41.73 -2.82 71.77
N LYS M 69 -43.02 -2.83 71.45
CA LYS M 69 -43.93 -1.75 71.82
C LYS M 69 -45.34 -2.29 71.59
N ARG M 70 -46.31 -1.75 72.33
CA ARG M 70 -47.68 -2.20 72.16
C ARG M 70 -48.26 -1.61 70.88
N VAL M 71 -48.68 -2.48 69.97
CA VAL M 71 -49.24 -2.03 68.70
C VAL M 71 -50.77 -2.11 68.77
N PHE M 72 -51.43 -1.07 68.29
CA PHE M 72 -52.89 -1.00 68.28
C PHE M 72 -53.43 -2.03 67.28
N LEU M 73 -53.47 -3.29 67.69
CA LEU M 73 -53.95 -4.38 66.84
C LEU M 73 -55.33 -4.14 66.25
N ARG M 74 -56.29 -3.82 67.11
CA ARG M 74 -57.66 -3.57 66.66
C ARG M 74 -57.69 -2.50 65.57
N GLY M 75 -56.80 -1.52 65.69
CA GLY M 75 -56.73 -0.45 64.70
C GLY M 75 -56.26 -0.97 63.37
N VAL M 76 -55.30 -1.89 63.40
CA VAL M 76 -54.75 -2.48 62.18
C VAL M 76 -55.84 -3.27 61.47
N ILE M 77 -56.52 -4.12 62.21
CA ILE M 77 -57.60 -4.96 61.67
C ILE M 77 -58.73 -4.10 61.10
N ALA M 78 -59.15 -3.09 61.86
CA ALA M 78 -60.23 -2.21 61.44
C ALA M 78 -59.90 -1.53 60.11
N GLU M 79 -58.68 -1.00 60.01
CA GLU M 79 -58.25 -0.32 58.79
C GLU M 79 -58.23 -1.29 57.60
N LEU M 80 -57.76 -2.50 57.85
CA LEU M 80 -57.67 -3.52 56.80
C LEU M 80 -59.04 -3.90 56.26
N LEU M 81 -59.97 -4.23 57.16
CA LEU M 81 -61.32 -4.61 56.75
C LEU M 81 -61.96 -3.41 56.04
N TRP M 82 -61.48 -2.23 56.40
CA TRP M 82 -61.97 -0.98 55.83
C TRP M 82 -61.48 -0.92 54.38
N PHE M 83 -60.22 -1.25 54.15
CA PHE M 83 -59.67 -1.24 52.80
C PHE M 83 -60.47 -2.21 51.94
N VAL M 84 -60.53 -3.45 52.40
CA VAL M 84 -61.26 -4.52 51.71
C VAL M 84 -62.68 -4.12 51.32
N SER M 85 -63.38 -3.42 52.19
CA SER M 85 -64.74 -2.99 51.91
C SER M 85 -64.80 -1.96 50.78
N GLY M 86 -63.64 -1.38 50.45
CA GLY M 86 -63.58 -0.39 49.39
C GLY M 86 -64.03 0.99 49.87
N CYS M 87 -64.29 1.08 51.17
CA CYS M 87 -64.73 2.33 51.77
C CYS M 87 -63.59 3.35 51.87
N THR M 88 -63.94 4.62 51.75
CA THR M 88 -62.94 5.70 51.82
C THR M 88 -63.36 6.78 52.81
N ASP M 89 -64.33 6.47 53.66
CA ASP M 89 -64.82 7.40 54.67
C ASP M 89 -64.15 7.11 56.00
N ALA M 90 -63.28 8.01 56.44
CA ALA M 90 -62.56 7.85 57.71
C ALA M 90 -63.48 7.78 58.93
N LYS M 91 -64.70 8.29 58.79
CA LYS M 91 -65.64 8.27 59.90
C LYS M 91 -66.00 6.83 60.26
N MET M 92 -65.84 5.92 59.29
CA MET M 92 -66.15 4.51 59.53
C MET M 92 -65.15 3.90 60.49
N LEU M 93 -63.98 4.55 60.61
CA LEU M 93 -62.95 4.08 61.51
C LEU M 93 -63.05 4.78 62.86
N SER M 94 -63.24 6.10 62.82
CA SER M 94 -63.36 6.87 64.06
C SER M 94 -64.62 6.50 64.83
N SER M 95 -65.67 6.08 64.12
CA SER M 95 -66.91 5.70 64.77
C SER M 95 -66.71 4.41 65.58
N GLN M 96 -65.68 3.64 65.24
CA GLN M 96 -65.42 2.41 65.98
C GLN M 96 -64.17 2.53 66.85
N GLY M 97 -63.80 3.77 67.17
CA GLY M 97 -62.65 4.02 68.02
C GLY M 97 -61.28 3.98 67.39
N VAL M 98 -61.20 4.14 66.07
CA VAL M 98 -59.92 4.12 65.37
C VAL M 98 -59.74 5.44 64.63
N GLY M 99 -58.86 6.30 65.13
CA GLY M 99 -58.64 7.59 64.50
C GLY M 99 -57.34 7.80 63.77
N ILE M 100 -56.73 6.72 63.27
CA ILE M 100 -55.47 6.84 62.56
C ILE M 100 -55.57 7.72 61.32
N TRP M 101 -56.77 7.82 60.74
CA TRP M 101 -56.95 8.64 59.54
C TRP M 101 -57.66 9.97 59.81
N ASP M 102 -57.87 10.28 61.09
CA ASP M 102 -58.53 11.54 61.45
C ASP M 102 -57.68 12.73 61.04
N GLY M 103 -56.36 12.58 61.17
CA GLY M 103 -55.44 13.65 60.82
C GLY M 103 -55.51 14.13 59.39
N ASN M 104 -55.50 13.21 58.44
CA ASN M 104 -55.57 13.59 57.03
C ASN M 104 -56.98 13.70 56.51
N GLY M 105 -57.95 13.36 57.37
CA GLY M 105 -59.35 13.43 56.98
C GLY M 105 -60.03 14.63 57.60
N SER M 106 -59.31 15.36 58.43
CA SER M 106 -59.87 16.54 59.08
C SER M 106 -60.24 17.60 58.05
N LYS M 107 -61.27 18.37 58.36
CA LYS M 107 -61.73 19.41 57.46
C LYS M 107 -60.64 20.44 57.24
N GLU M 108 -59.71 20.52 58.19
CA GLU M 108 -58.61 21.47 58.12
C GLU M 108 -57.56 21.03 57.09
N PHE M 109 -57.18 19.76 57.14
CA PHE M 109 -56.18 19.23 56.21
C PHE M 109 -56.71 19.18 54.78
N LEU M 110 -57.95 18.72 54.63
CA LEU M 110 -58.57 18.63 53.31
C LEU M 110 -58.56 19.99 52.60
N GLU M 111 -59.00 21.02 53.30
CA GLU M 111 -59.03 22.36 52.73
C GLU M 111 -57.60 22.81 52.44
N LYS M 112 -56.67 22.30 53.24
CA LYS M 112 -55.26 22.63 53.11
C LYS M 112 -54.67 22.10 51.80
N VAL M 113 -55.15 20.94 51.35
CA VAL M 113 -54.65 20.34 50.12
C VAL M 113 -55.56 20.59 48.92
N GLY M 114 -56.42 21.59 49.02
CA GLY M 114 -57.32 21.91 47.92
C GLY M 114 -58.53 21.02 47.77
N LEU M 115 -58.97 20.39 48.86
CA LEU M 115 -60.13 19.52 48.83
C LEU M 115 -61.19 19.99 49.82
N GLY M 116 -61.38 21.31 49.88
CA GLY M 116 -62.35 21.89 50.80
C GLY M 116 -63.81 21.59 50.49
N HIS M 117 -64.09 21.14 49.27
CA HIS M 117 -65.46 20.83 48.86
C HIS M 117 -65.94 19.50 49.42
N ARG M 118 -65.06 18.79 50.11
CA ARG M 118 -65.41 17.49 50.68
C ARG M 118 -65.74 17.59 52.16
N ARG M 119 -66.64 16.72 52.62
CA ARG M 119 -67.00 16.73 54.02
C ARG M 119 -65.87 16.06 54.79
N GLU M 120 -65.72 16.40 56.06
CA GLU M 120 -64.66 15.85 56.88
C GLU M 120 -64.71 14.32 56.87
N GLY M 121 -63.55 13.69 56.65
CA GLY M 121 -63.50 12.24 56.64
C GLY M 121 -63.46 11.64 55.23
N ASP M 122 -63.91 12.41 54.25
CA ASP M 122 -63.92 11.94 52.87
C ASP M 122 -62.52 12.09 52.28
N LEU M 123 -61.73 11.01 52.39
CA LEU M 123 -60.35 11.00 51.91
C LEU M 123 -60.19 10.96 50.39
N GLY M 124 -61.25 10.54 49.69
CA GLY M 124 -61.16 10.47 48.25
C GLY M 124 -60.95 9.04 47.77
N PRO M 125 -60.59 8.82 46.50
CA PRO M 125 -60.36 7.49 45.96
C PRO M 125 -59.05 6.85 46.41
N VAL M 126 -58.90 6.66 47.72
CA VAL M 126 -57.70 6.06 48.26
C VAL M 126 -57.76 4.53 48.30
N TYR M 127 -56.72 3.92 48.87
CA TYR M 127 -56.58 2.47 48.99
C TYR M 127 -57.77 1.60 48.61
N GLY M 128 -58.70 1.44 49.56
CA GLY M 128 -59.87 0.62 49.34
C GLY M 128 -60.61 0.81 48.03
N PHE M 129 -60.78 2.06 47.61
CA PHE M 129 -61.48 2.35 46.37
C PHE M 129 -60.72 1.82 45.16
N GLN M 130 -59.40 2.03 45.13
CA GLN M 130 -58.58 1.54 44.03
C GLN M 130 -58.56 0.01 44.01
N TRP M 131 -58.47 -0.58 45.19
CA TRP M 131 -58.45 -2.04 45.34
C TRP M 131 -59.67 -2.74 44.73
N ARG M 132 -60.85 -2.19 44.97
CA ARG M 132 -62.08 -2.80 44.49
C ARG M 132 -62.76 -2.12 43.31
N HIS M 133 -62.38 -0.88 43.01
CA HIS M 133 -63.03 -0.15 41.92
C HIS M 133 -62.06 0.65 41.05
N PHE M 134 -60.85 0.17 40.86
CA PHE M 134 -59.86 0.89 40.07
C PHE M 134 -60.41 1.29 38.70
N GLY M 135 -60.28 2.56 38.37
CA GLY M 135 -60.74 3.06 37.08
C GLY M 135 -62.10 3.74 37.13
N ALA M 136 -62.89 3.42 38.14
CA ALA M 136 -64.22 4.01 38.28
C ALA M 136 -64.14 5.50 38.58
N GLU M 137 -65.20 6.21 38.23
CA GLU M 137 -65.29 7.65 38.46
C GLU M 137 -65.66 7.88 39.92
N TYR M 138 -64.89 8.74 40.60
CA TYR M 138 -65.15 9.03 42.01
C TYR M 138 -65.91 10.34 42.17
N THR M 139 -66.98 10.30 42.96
CA THR M 139 -67.77 11.48 43.23
C THR M 139 -67.48 11.87 44.68
N ASP M 140 -67.99 11.09 45.63
CA ASP M 140 -67.75 11.32 47.05
C ASP M 140 -67.70 9.96 47.75
N ALA M 141 -67.60 9.91 49.07
CA ALA M 141 -67.54 8.60 49.74
C ALA M 141 -68.87 7.86 49.78
N ASP M 142 -69.96 8.56 49.50
CA ASP M 142 -71.28 7.94 49.52
C ASP M 142 -71.69 7.41 48.15
N GLY M 143 -70.85 7.65 47.14
CA GLY M 143 -71.17 7.19 45.80
C GLY M 143 -71.40 5.70 45.70
N ASP M 144 -72.19 5.30 44.71
CA ASP M 144 -72.49 3.89 44.47
C ASP M 144 -71.50 3.34 43.44
N TYR M 145 -70.52 2.57 43.92
CA TYR M 145 -69.49 2.02 43.05
C TYR M 145 -69.60 0.51 42.85
N LYS M 146 -70.64 -0.10 43.41
CA LYS M 146 -70.83 -1.54 43.28
C LYS M 146 -70.83 -1.96 41.82
N GLY M 147 -69.96 -2.90 41.47
CA GLY M 147 -69.89 -3.38 40.10
C GLY M 147 -69.20 -2.44 39.14
N LYS M 148 -68.59 -1.37 39.66
CA LYS M 148 -67.88 -0.41 38.82
C LYS M 148 -66.38 -0.46 39.04
N GLY M 149 -65.62 -0.31 37.95
CA GLY M 149 -64.17 -0.36 38.04
C GLY M 149 -63.67 -1.80 38.10
N VAL M 150 -62.36 -1.95 38.24
CA VAL M 150 -61.75 -3.28 38.31
C VAL M 150 -61.58 -3.73 39.76
N ASP M 151 -62.13 -4.89 40.09
CA ASP M 151 -62.02 -5.44 41.43
C ASP M 151 -60.76 -6.29 41.51
N GLN M 152 -59.62 -5.62 41.71
CA GLN M 152 -58.34 -6.29 41.79
C GLN M 152 -58.28 -7.39 42.85
N LEU M 153 -58.81 -7.10 44.03
CA LEU M 153 -58.79 -8.06 45.13
C LEU M 153 -59.45 -9.39 44.79
N GLN M 154 -60.69 -9.36 44.31
CA GLN M 154 -61.38 -10.59 43.97
C GLN M 154 -60.66 -11.33 42.84
N ARG M 155 -60.09 -10.58 41.90
CA ARG M 155 -59.37 -11.21 40.80
C ARG M 155 -58.17 -11.96 41.36
N VAL M 156 -57.52 -11.37 42.37
CA VAL M 156 -56.37 -12.00 43.00
C VAL M 156 -56.82 -13.34 43.60
N ILE M 157 -57.96 -13.32 44.27
CA ILE M 157 -58.52 -14.52 44.90
C ILE M 157 -58.78 -15.58 43.84
N ASP M 158 -59.55 -15.21 42.81
CA ASP M 158 -59.89 -16.13 41.73
C ASP M 158 -58.65 -16.71 41.05
N THR M 159 -57.65 -15.87 40.82
CA THR M 159 -56.41 -16.31 40.16
C THR M 159 -55.63 -17.31 41.00
N ILE M 160 -55.53 -17.05 42.30
CA ILE M 160 -54.81 -17.93 43.20
C ILE M 160 -55.44 -19.32 43.21
N LYS M 161 -56.76 -19.35 43.15
CA LYS M 161 -57.51 -20.61 43.18
C LYS M 161 -57.55 -21.37 41.86
N ASN M 162 -57.67 -20.65 40.75
CA ASN M 162 -57.77 -21.31 39.45
C ASN M 162 -56.55 -21.26 38.53
N ASN M 163 -55.60 -20.38 38.82
CA ASN M 163 -54.39 -20.27 38.00
C ASN M 163 -53.27 -19.67 38.83
N PRO M 164 -52.85 -20.38 39.90
CA PRO M 164 -51.79 -19.99 40.84
C PRO M 164 -50.44 -19.61 40.25
N THR M 165 -50.06 -20.23 39.14
CA THR M 165 -48.77 -19.92 38.52
C THR M 165 -48.80 -18.63 37.71
N ASP M 166 -49.94 -17.97 37.68
CA ASP M 166 -50.07 -16.71 36.95
C ASP M 166 -49.05 -15.73 37.54
N ARG M 167 -48.45 -14.91 36.69
CA ARG M 167 -47.43 -13.95 37.13
C ARG M 167 -47.92 -12.50 37.21
N ARG M 168 -49.24 -12.33 37.23
CA ARG M 168 -49.85 -11.00 37.30
C ARG M 168 -50.76 -10.84 38.52
N ILE M 169 -50.52 -11.62 39.56
CA ILE M 169 -51.34 -11.53 40.77
C ILE M 169 -50.95 -10.26 41.53
N ILE M 170 -51.45 -9.13 41.07
CA ILE M 170 -51.13 -7.83 41.65
C ILE M 170 -52.33 -7.11 42.26
N LEU M 171 -52.05 -6.39 43.36
CA LEU M 171 -53.06 -5.60 44.06
C LEU M 171 -52.42 -4.22 44.22
N SER M 172 -52.91 -3.24 43.48
CA SER M 172 -52.32 -1.91 43.54
C SER M 172 -53.31 -0.78 43.76
N ALA M 173 -52.89 0.22 44.52
CA ALA M 173 -53.71 1.37 44.82
C ALA M 173 -53.20 2.61 44.09
N TRP M 174 -52.03 2.49 43.48
CA TRP M 174 -51.44 3.62 42.77
C TRP M 174 -52.20 3.95 41.50
N ASN M 175 -52.71 5.18 41.44
CA ASN M 175 -53.47 5.65 40.29
C ASN M 175 -53.07 7.10 40.02
N PRO M 176 -52.12 7.31 39.10
CA PRO M 176 -51.65 8.65 38.74
C PRO M 176 -52.76 9.65 38.43
N LYS M 177 -53.84 9.17 37.82
CA LYS M 177 -54.95 10.04 37.48
C LYS M 177 -55.74 10.52 38.70
N ASP M 178 -55.97 9.63 39.66
CA ASP M 178 -56.74 9.95 40.86
C ASP M 178 -55.96 10.61 41.99
N LEU M 179 -54.64 10.56 41.93
CA LEU M 179 -53.79 11.14 42.98
C LEU M 179 -54.25 12.49 43.53
N PRO M 180 -54.47 13.49 42.66
CA PRO M 180 -54.91 14.80 43.15
C PRO M 180 -56.23 14.80 43.93
N LEU M 181 -57.02 13.75 43.77
CA LEU M 181 -58.29 13.65 44.47
C LEU M 181 -58.10 12.97 45.82
N MET M 182 -56.89 12.48 46.06
CA MET M 182 -56.56 11.80 47.30
C MET M 182 -56.00 12.74 48.37
N ALA M 183 -56.49 12.58 49.59
CA ALA M 183 -56.03 13.41 50.70
C ALA M 183 -54.54 13.14 50.88
N LEU M 184 -54.14 11.91 50.56
CA LEU M 184 -52.76 11.49 50.68
C LEU M 184 -52.52 10.36 49.69
N PRO M 185 -51.40 10.42 48.93
CA PRO M 185 -51.10 9.36 47.96
C PRO M 185 -50.80 8.06 48.71
N PRO M 186 -51.08 6.91 48.08
CA PRO M 186 -50.82 5.62 48.71
C PRO M 186 -49.36 5.41 49.10
N CYS M 187 -49.11 4.95 50.33
CA CYS M 187 -47.76 4.70 50.79
C CYS M 187 -47.42 3.29 50.35
N HIS M 188 -48.26 2.33 50.73
CA HIS M 188 -48.07 0.96 50.28
C HIS M 188 -48.83 0.94 48.97
N MET M 189 -48.12 1.27 47.90
CA MET M 189 -48.73 1.36 46.57
C MET M 189 -49.14 0.07 45.86
N PHE M 190 -48.62 -1.07 46.30
CA PHE M 190 -49.00 -2.32 45.65
C PHE M 190 -48.28 -3.51 46.28
N CYS M 191 -48.78 -4.71 45.96
CA CYS M 191 -48.19 -5.93 46.46
C CYS M 191 -48.43 -7.02 45.45
N GLN M 192 -47.57 -8.03 45.46
CA GLN M 192 -47.68 -9.16 44.54
C GLN M 192 -47.73 -10.47 45.32
N PHE M 193 -48.65 -11.34 44.94
CA PHE M 193 -48.77 -12.63 45.60
C PHE M 193 -48.15 -13.72 44.75
N PHE M 194 -47.60 -14.74 45.42
CA PHE M 194 -46.96 -15.85 44.74
C PHE M 194 -47.42 -17.15 45.39
N VAL M 195 -47.73 -18.14 44.56
CA VAL M 195 -48.19 -19.43 45.07
C VAL M 195 -47.25 -20.57 44.69
N SER M 196 -46.71 -21.25 45.70
CA SER M 196 -45.82 -22.38 45.45
C SER M 196 -46.68 -23.62 45.39
N LEU M 197 -46.52 -24.40 44.33
CA LEU M 197 -47.31 -25.62 44.15
C LEU M 197 -46.84 -26.70 45.12
N PRO M 198 -47.75 -27.62 45.47
CA PRO M 198 -47.42 -28.71 46.40
C PRO M 198 -46.26 -29.56 45.89
N PRO M 199 -45.26 -29.84 46.74
CA PRO M 199 -44.11 -30.64 46.34
C PRO M 199 -44.51 -32.03 45.84
N PRO M 203 -48.56 -34.34 47.18
CA PRO M 203 -49.44 -33.50 46.37
C PRO M 203 -50.73 -33.14 47.09
N GLY M 204 -50.90 -33.65 48.30
CA GLY M 204 -52.09 -33.37 49.08
C GLY M 204 -51.98 -32.10 49.90
N SER M 205 -50.75 -31.66 50.12
CA SER M 205 -50.50 -30.45 50.91
C SER M 205 -51.11 -29.21 50.25
N LYS M 206 -51.30 -28.17 51.04
CA LYS M 206 -51.87 -26.92 50.53
C LYS M 206 -50.77 -26.08 49.89
N PRO M 207 -51.10 -25.39 48.77
CA PRO M 207 -50.09 -24.56 48.12
C PRO M 207 -49.68 -23.46 49.10
N LYS M 208 -48.43 -23.01 49.02
CA LYS M 208 -47.95 -21.96 49.90
C LYS M 208 -48.11 -20.58 49.30
N LEU M 209 -48.68 -19.66 50.06
CA LEU M 209 -48.92 -18.29 49.60
C LEU M 209 -47.94 -17.28 50.20
N SER M 210 -47.34 -16.48 49.34
CA SER M 210 -46.39 -15.46 49.75
C SER M 210 -46.85 -14.11 49.23
N CYS M 211 -46.37 -13.04 49.86
CA CYS M 211 -46.74 -11.69 49.46
C CYS M 211 -45.59 -10.70 49.57
N LEU M 212 -45.38 -9.93 48.52
CA LEU M 212 -44.34 -8.92 48.50
C LEU M 212 -45.04 -7.58 48.31
N MET M 213 -44.81 -6.65 49.23
CA MET M 213 -45.43 -5.33 49.15
C MET M 213 -44.35 -4.26 49.06
N TYR M 214 -44.60 -3.26 48.23
CA TYR M 214 -43.66 -2.16 48.06
C TYR M 214 -44.24 -0.88 48.64
N GLN M 215 -43.48 -0.25 49.54
CA GLN M 215 -43.91 0.99 50.18
C GLN M 215 -42.99 2.13 49.75
N ARG M 216 -43.53 3.10 49.02
CA ARG M 216 -42.76 4.24 48.52
C ARG M 216 -42.22 5.15 49.63
N SER M 217 -43.02 5.35 50.67
CA SER M 217 -42.63 6.20 51.79
C SER M 217 -42.91 5.44 53.08
N CYS M 218 -41.92 5.34 53.96
CA CYS M 218 -42.09 4.58 55.19
C CYS M 218 -41.77 5.30 56.49
N ASP M 219 -42.80 5.54 57.30
CA ASP M 219 -42.65 6.17 58.60
C ASP M 219 -42.40 4.98 59.52
N LEU M 220 -41.14 4.64 59.75
CA LEU M 220 -40.81 3.51 60.60
C LEU M 220 -41.37 3.55 62.01
N GLY M 221 -41.45 4.74 62.60
CA GLY M 221 -41.96 4.84 63.95
C GLY M 221 -43.43 4.47 64.06
N LEU M 222 -44.27 5.10 63.26
CA LEU M 222 -45.71 4.86 63.31
C LEU M 222 -46.32 3.99 62.21
N GLY M 223 -45.93 4.24 60.96
CA GLY M 223 -46.48 3.50 59.84
C GLY M 223 -46.09 2.04 59.66
N VAL M 224 -44.80 1.78 59.48
CA VAL M 224 -44.29 0.43 59.27
C VAL M 224 -44.88 -0.64 60.20
N PRO M 225 -45.01 -0.35 61.51
CA PRO M 225 -45.57 -1.38 62.40
C PRO M 225 -46.95 -1.82 61.92
N PHE M 226 -47.75 -0.86 61.45
CA PHE M 226 -49.09 -1.17 60.95
C PHE M 226 -49.00 -1.89 59.61
N ASN M 227 -48.21 -1.33 58.70
CA ASN M 227 -48.04 -1.90 57.37
C ASN M 227 -47.63 -3.38 57.40
N ILE M 228 -46.67 -3.73 58.26
CA ILE M 228 -46.22 -5.10 58.37
C ILE M 228 -47.35 -6.04 58.81
N ALA M 229 -48.02 -5.69 59.90
CA ALA M 229 -49.12 -6.51 60.42
C ALA M 229 -50.30 -6.55 59.45
N SER M 230 -50.60 -5.41 58.82
CA SER M 230 -51.71 -5.31 57.88
C SER M 230 -51.59 -6.32 56.74
N TYR M 231 -50.50 -6.23 55.98
CA TYR M 231 -50.30 -7.13 54.86
C TYR M 231 -50.11 -8.59 55.27
N ALA M 232 -49.61 -8.81 56.49
CA ALA M 232 -49.45 -10.17 56.98
C ALA M 232 -50.86 -10.72 57.19
N LEU M 233 -51.73 -9.88 57.77
CA LEU M 233 -53.11 -10.28 58.03
C LEU M 233 -53.88 -10.48 56.73
N LEU M 234 -53.62 -9.63 55.75
CA LEU M 234 -54.29 -9.74 54.46
C LEU M 234 -53.95 -11.08 53.82
N THR M 235 -52.67 -11.46 53.92
CA THR M 235 -52.21 -12.72 53.35
C THR M 235 -52.89 -13.90 54.06
N HIS M 236 -53.04 -13.80 55.37
CA HIS M 236 -53.71 -14.84 56.14
C HIS M 236 -55.17 -14.94 55.70
N MET M 237 -55.79 -13.78 55.50
CA MET M 237 -57.18 -13.71 55.07
C MET M 237 -57.36 -14.41 53.72
N ILE M 238 -56.55 -13.99 52.75
CA ILE M 238 -56.61 -14.55 51.41
C ILE M 238 -56.30 -16.05 51.41
N ALA M 239 -55.38 -16.47 52.27
CA ALA M 239 -55.00 -17.87 52.37
C ALA M 239 -56.19 -18.73 52.77
N LEU M 240 -56.99 -18.21 53.70
CA LEU M 240 -58.17 -18.93 54.18
C LEU M 240 -59.21 -19.11 53.08
N ILE M 241 -59.46 -18.04 52.33
CA ILE M 241 -60.45 -18.06 51.26
C ILE M 241 -60.00 -18.89 50.05
N THR M 242 -58.69 -18.97 49.83
CA THR M 242 -58.15 -19.69 48.68
C THR M 242 -57.62 -21.08 48.99
N ASP M 243 -57.83 -21.54 50.22
CA ASP M 243 -57.35 -22.87 50.62
C ASP M 243 -55.84 -23.02 50.45
N THR M 244 -55.11 -21.96 50.75
CA THR M 244 -53.65 -21.98 50.66
C THR M 244 -53.07 -21.77 52.05
N GLU M 245 -51.77 -22.04 52.19
CA GLU M 245 -51.10 -21.89 53.46
C GLU M 245 -50.17 -20.69 53.46
N PRO M 246 -50.39 -19.71 54.35
CA PRO M 246 -49.52 -18.53 54.39
C PRO M 246 -48.08 -18.95 54.59
N HIS M 247 -47.18 -18.40 53.79
CA HIS M 247 -45.77 -18.77 53.88
C HIS M 247 -44.82 -17.65 54.25
N GLU M 248 -44.74 -16.62 53.42
CA GLU M 248 -43.82 -15.52 53.68
C GLU M 248 -44.33 -14.17 53.20
N PHE M 249 -43.91 -13.12 53.90
CA PHE M 249 -44.28 -11.75 53.58
C PHE M 249 -43.00 -10.94 53.42
N ILE M 250 -42.85 -10.29 52.27
CA ILE M 250 -41.67 -9.49 52.00
C ILE M 250 -42.06 -8.03 51.87
N LEU M 251 -41.29 -7.15 52.50
CA LEU M 251 -41.57 -5.72 52.45
C LEU M 251 -40.38 -4.92 51.94
N GLN M 252 -40.54 -4.34 50.76
CA GLN M 252 -39.48 -3.54 50.15
C GLN M 252 -39.83 -2.08 50.33
N MET M 253 -38.90 -1.30 50.88
CA MET M 253 -39.13 0.11 51.11
C MET M 253 -38.43 1.03 50.13
N GLY M 254 -39.04 2.20 49.89
CA GLY M 254 -38.45 3.18 49.01
C GLY M 254 -37.78 4.19 49.92
N ASP M 255 -38.49 5.25 50.25
CA ASP M 255 -37.96 6.28 51.14
C ASP M 255 -38.24 5.86 52.58
N ALA M 256 -37.26 5.21 53.20
CA ALA M 256 -37.38 4.76 54.58
C ALA M 256 -36.86 5.86 55.50
N HIS M 257 -37.74 6.42 56.33
CA HIS M 257 -37.35 7.51 57.21
C HIS M 257 -37.84 7.43 58.65
N VAL M 258 -37.18 8.20 59.51
CA VAL M 258 -37.51 8.30 60.93
C VAL M 258 -37.71 9.79 61.19
N TYR M 259 -38.91 10.19 61.59
CA TYR M 259 -39.16 11.61 61.85
C TYR M 259 -38.29 12.12 62.99
N ARG M 260 -37.92 13.39 62.90
CA ARG M 260 -37.08 14.02 63.92
C ARG M 260 -37.61 13.84 65.34
N ASP M 261 -38.92 14.00 65.51
CA ASP M 261 -39.53 13.87 66.84
C ASP M 261 -39.79 12.43 67.26
N HIS M 262 -39.26 11.47 66.50
CA HIS M 262 -39.43 10.06 66.81
C HIS M 262 -38.11 9.44 67.27
N VAL M 263 -37.01 10.12 66.97
CA VAL M 263 -35.68 9.64 67.33
C VAL M 263 -35.54 9.21 68.78
N GLU M 264 -35.81 10.12 69.72
CA GLU M 264 -35.70 9.81 71.14
C GLU M 264 -36.64 8.69 71.57
N PRO M 265 -37.93 8.78 71.18
CA PRO M 265 -38.86 7.73 71.58
C PRO M 265 -38.42 6.34 71.10
N LEU M 266 -37.88 6.29 69.89
CA LEU M 266 -37.42 5.02 69.31
C LEU M 266 -36.19 4.47 70.03
N LYS M 267 -35.32 5.36 70.52
CA LYS M 267 -34.13 4.91 71.22
C LYS M 267 -34.51 4.06 72.42
N THR M 268 -35.65 4.40 73.04
CA THR M 268 -36.14 3.65 74.19
C THR M 268 -36.57 2.26 73.74
N GLN M 269 -37.19 2.18 72.58
CA GLN M 269 -37.66 0.91 72.03
C GLN M 269 -36.49 0.01 71.61
N LEU M 270 -35.42 0.62 71.12
CA LEU M 270 -34.25 -0.13 70.68
C LEU M 270 -33.56 -0.88 71.81
N GLU M 271 -33.86 -0.51 73.04
CA GLU M 271 -33.26 -1.15 74.21
C GLU M 271 -33.99 -2.43 74.59
N ARG M 272 -35.19 -2.61 74.04
CA ARG M 272 -36.00 -3.78 74.35
C ARG M 272 -35.75 -5.02 73.50
N GLU M 273 -35.83 -6.18 74.15
CA GLU M 273 -35.63 -7.46 73.48
C GLU M 273 -36.99 -8.00 73.05
N PRO M 274 -37.13 -8.36 71.77
CA PRO M 274 -38.38 -8.88 71.22
C PRO M 274 -38.88 -10.17 71.87
N ARG M 275 -40.19 -10.31 71.93
CA ARG M 275 -40.83 -11.52 72.47
C ARG M 275 -41.28 -12.30 71.24
N ASP M 276 -41.46 -13.61 71.37
CA ASP M 276 -41.90 -14.41 70.23
C ASP M 276 -43.20 -13.84 69.67
N PHE M 277 -43.29 -13.76 68.34
CA PHE M 277 -44.49 -13.24 67.70
C PHE M 277 -45.71 -14.06 68.08
N PRO M 278 -46.89 -13.43 68.10
CA PRO M 278 -48.14 -14.13 68.45
C PRO M 278 -48.62 -14.95 67.27
N LYS M 279 -49.69 -15.70 67.47
CA LYS M 279 -50.25 -16.52 66.39
C LYS M 279 -51.69 -16.11 66.10
N LEU M 280 -52.08 -16.28 64.84
CA LEU M 280 -53.44 -15.93 64.41
C LEU M 280 -54.33 -17.16 64.27
N LYS M 281 -55.56 -17.04 64.76
CA LYS M 281 -56.54 -18.10 64.68
C LYS M 281 -57.86 -17.47 64.24
N TRP M 282 -58.71 -18.24 63.59
CA TRP M 282 -60.00 -17.73 63.13
C TRP M 282 -61.12 -18.17 64.07
N ALA M 283 -61.99 -17.23 64.42
CA ALA M 283 -63.12 -17.51 65.30
C ALA M 283 -64.22 -18.26 64.55
N ARG M 284 -64.15 -18.25 63.23
CA ARG M 284 -65.14 -18.93 62.40
C ARG M 284 -64.46 -19.72 61.29
N SER M 285 -65.23 -20.57 60.62
CA SER M 285 -64.68 -21.40 59.55
C SER M 285 -64.73 -20.67 58.20
N LYS M 286 -64.05 -21.24 57.22
CA LYS M 286 -64.00 -20.67 55.88
C LYS M 286 -65.42 -20.54 55.33
N GLU M 287 -66.21 -21.59 55.52
CA GLU M 287 -67.59 -21.62 55.04
C GLU M 287 -68.42 -20.51 55.67
N GLU M 288 -68.28 -20.32 56.97
CA GLU M 288 -69.03 -19.28 57.67
C GLU M 288 -68.65 -17.89 57.18
N ILE M 289 -67.35 -17.64 57.06
CA ILE M 289 -66.88 -16.34 56.58
C ILE M 289 -67.30 -16.15 55.13
N GLY M 290 -67.27 -17.23 54.36
CA GLY M 290 -67.68 -17.19 52.97
C GLY M 290 -66.63 -16.70 51.97
N ASP M 291 -66.45 -15.39 51.90
CA ASP M 291 -65.47 -14.82 50.98
C ASP M 291 -64.67 -13.70 51.64
N ILE M 292 -63.82 -13.05 50.85
CA ILE M 292 -62.96 -11.97 51.35
C ILE M 292 -63.74 -10.80 51.96
N ASP M 293 -65.02 -10.70 51.63
CA ASP M 293 -65.86 -9.62 52.15
C ASP M 293 -66.66 -10.03 53.37
N GLY M 294 -66.44 -11.25 53.86
CA GLY M 294 -67.19 -11.73 55.01
C GLY M 294 -66.48 -11.71 56.35
N PHE M 295 -65.27 -11.14 56.42
CA PHE M 295 -64.54 -11.09 57.67
C PHE M 295 -65.05 -10.00 58.61
N LYS M 296 -64.90 -10.25 59.91
CA LYS M 296 -65.31 -9.32 60.95
C LYS M 296 -64.16 -9.19 61.93
N VAL M 297 -64.06 -8.04 62.61
CA VAL M 297 -62.99 -7.81 63.58
C VAL M 297 -62.86 -8.97 64.56
N GLU M 298 -63.99 -9.41 65.11
CA GLU M 298 -64.00 -10.51 66.08
C GLU M 298 -63.54 -11.86 65.53
N ASP M 299 -63.35 -11.96 64.21
CA ASP M 299 -62.91 -13.21 63.61
C ASP M 299 -61.43 -13.42 63.87
N PHE M 300 -60.71 -12.33 64.05
CA PHE M 300 -59.27 -12.37 64.28
C PHE M 300 -58.90 -12.66 65.73
N VAL M 301 -58.53 -13.91 66.01
CA VAL M 301 -58.13 -14.31 67.36
C VAL M 301 -56.62 -14.40 67.46
N VAL M 302 -56.01 -13.34 67.98
CA VAL M 302 -54.56 -13.29 68.14
C VAL M 302 -54.18 -13.74 69.55
N GLU M 303 -53.46 -14.86 69.64
CA GLU M 303 -53.06 -15.38 70.93
C GLU M 303 -51.55 -15.38 71.13
N GLY M 304 -51.13 -15.14 72.38
CA GLY M 304 -49.72 -15.11 72.70
C GLY M 304 -49.04 -13.79 72.47
N TYR M 305 -49.80 -12.71 72.30
CA TYR M 305 -49.21 -11.40 72.09
C TYR M 305 -48.72 -10.85 73.43
N LYS M 306 -47.40 -10.71 73.57
CA LYS M 306 -46.81 -10.22 74.80
C LYS M 306 -45.81 -9.10 74.52
N PRO M 307 -46.31 -7.89 74.22
CA PRO M 307 -45.48 -6.73 73.93
C PRO M 307 -45.03 -5.95 75.16
N TRP M 308 -44.09 -5.04 74.97
CA TRP M 308 -43.62 -4.19 76.05
C TRP M 308 -44.59 -3.02 76.09
N GLY M 309 -44.31 -2.03 76.94
CA GLY M 309 -45.18 -0.88 77.04
C GLY M 309 -45.29 -0.08 75.76
N LYS M 310 -46.32 0.76 75.68
CA LYS M 310 -46.54 1.60 74.51
C LYS M 310 -45.50 2.71 74.46
N ILE M 311 -45.26 3.22 73.27
CA ILE M 311 -44.29 4.30 73.08
C ILE M 311 -45.01 5.41 72.31
N ASP M 312 -45.16 6.55 72.96
CA ASP M 312 -45.85 7.69 72.36
C ASP M 312 -45.05 8.38 71.25
N MET M 313 -45.68 8.54 70.10
CA MET M 313 -45.06 9.19 68.96
C MET M 313 -46.14 9.97 68.21
N LYS M 314 -45.86 11.25 67.97
CA LYS M 314 -46.81 12.12 67.28
C LYS M 314 -46.71 11.94 65.77
N MET M 315 -47.86 11.90 65.12
CA MET M 315 -47.89 11.73 63.67
C MET M 315 -47.86 13.10 63.01
N SER M 316 -47.06 13.23 61.96
CA SER M 316 -46.95 14.48 61.24
C SER M 316 -47.92 14.48 60.06
N ALA M 317 -48.92 15.37 60.12
CA ALA M 317 -49.92 15.47 59.07
C ALA M 317 -49.33 15.95 57.76
N PRO N 16 -14.19 -10.51 43.01
CA PRO N 16 -15.39 -11.12 43.64
C PRO N 16 -16.44 -10.07 44.00
N ASP N 17 -16.09 -8.80 43.80
CA ASP N 17 -17.01 -7.72 44.12
C ASP N 17 -17.70 -7.16 42.86
N HIS N 18 -17.39 -7.75 41.70
CA HIS N 18 -17.99 -7.29 40.46
C HIS N 18 -19.51 -7.47 40.54
N GLU N 19 -20.22 -6.36 40.37
CA GLU N 19 -21.68 -6.35 40.44
C GLU N 19 -22.39 -7.36 39.54
N GLU N 20 -21.75 -7.79 38.46
CA GLU N 20 -22.38 -8.74 37.56
C GLU N 20 -22.58 -10.11 38.21
N TYR N 21 -21.82 -10.41 39.26
CA TYR N 21 -21.95 -11.69 39.94
C TYR N 21 -23.33 -11.82 40.60
N GLN N 22 -23.98 -10.70 40.86
CA GLN N 22 -25.31 -10.71 41.46
C GLN N 22 -26.23 -11.46 40.49
N TYR N 23 -26.12 -11.07 39.22
CA TYR N 23 -26.91 -11.67 38.15
C TYR N 23 -26.57 -13.14 37.95
N LEU N 24 -25.28 -13.44 37.85
CA LEU N 24 -24.82 -14.80 37.65
C LEU N 24 -25.18 -15.71 38.83
N ASP N 25 -24.96 -15.22 40.05
CA ASP N 25 -25.27 -16.00 41.24
C ASP N 25 -26.77 -16.33 41.36
N LEU N 26 -27.62 -15.37 41.04
CA LEU N 26 -29.05 -15.58 41.12
C LEU N 26 -29.49 -16.69 40.15
N ILE N 27 -28.93 -16.67 38.94
CA ILE N 27 -29.28 -17.68 37.94
C ILE N 27 -28.84 -19.05 38.45
N ARG N 28 -27.63 -19.12 38.99
CA ARG N 28 -27.10 -20.37 39.51
C ARG N 28 -28.02 -20.88 40.61
N ARG N 29 -28.47 -19.99 41.49
CA ARG N 29 -29.35 -20.36 42.58
C ARG N 29 -30.71 -20.85 42.07
N ILE N 30 -31.28 -20.14 41.10
CA ILE N 30 -32.58 -20.52 40.54
C ILE N 30 -32.51 -21.91 39.93
N ILE N 31 -31.44 -22.18 39.18
CA ILE N 31 -31.28 -23.49 38.55
C ILE N 31 -31.11 -24.57 39.60
N ASN N 32 -30.37 -24.26 40.67
CA ASN N 32 -30.12 -25.20 41.74
C ASN N 32 -31.32 -25.51 42.64
N VAL N 33 -31.87 -24.48 43.29
CA VAL N 33 -32.99 -24.69 44.20
C VAL N 33 -34.33 -24.09 43.74
N GLY N 34 -34.38 -23.62 42.50
CA GLY N 34 -35.61 -23.05 41.99
C GLY N 34 -36.71 -24.09 41.87
N GLU N 35 -37.96 -23.62 41.82
CA GLU N 35 -39.11 -24.51 41.71
C GLU N 35 -39.58 -24.63 40.26
N VAL N 36 -39.68 -25.87 39.78
CA VAL N 36 -40.14 -26.13 38.43
C VAL N 36 -41.63 -25.79 38.35
N ARG N 37 -41.99 -24.90 37.44
CA ARG N 37 -43.39 -24.48 37.32
C ARG N 37 -43.88 -24.32 35.89
N PRO N 38 -45.20 -24.51 35.69
CA PRO N 38 -45.83 -24.38 34.37
C PRO N 38 -46.00 -22.87 34.20
N ASP N 39 -46.23 -22.41 32.98
CA ASP N 39 -46.42 -20.97 32.78
C ASP N 39 -47.28 -20.66 31.57
N ARG N 40 -47.58 -19.37 31.41
CA ARG N 40 -48.40 -18.88 30.31
C ARG N 40 -47.89 -19.32 28.92
N THR N 41 -46.58 -19.18 28.70
CA THR N 41 -45.98 -19.55 27.41
C THR N 41 -46.07 -21.03 27.08
N GLY N 42 -46.03 -21.89 28.10
CA GLY N 42 -46.11 -23.31 27.85
C GLY N 42 -44.77 -24.03 27.79
N THR N 43 -43.68 -23.28 27.89
CA THR N 43 -42.35 -23.89 27.84
C THR N 43 -41.90 -24.31 29.23
N GLY N 44 -42.46 -23.68 30.25
CA GLY N 44 -42.10 -24.02 31.62
C GLY N 44 -40.89 -23.24 32.12
N THR N 45 -40.75 -23.14 33.44
CA THR N 45 -39.63 -22.41 34.03
C THR N 45 -39.26 -22.97 35.40
N VAL N 46 -38.17 -22.45 35.94
CA VAL N 46 -37.70 -22.80 37.28
C VAL N 46 -37.64 -21.40 37.92
N ALA N 47 -38.28 -21.23 39.07
CA ALA N 47 -38.30 -19.90 39.67
C ALA N 47 -38.22 -19.79 41.19
N LEU N 48 -37.95 -18.56 41.62
CA LEU N 48 -37.86 -18.18 43.03
C LEU N 48 -38.61 -16.86 43.15
N PHE N 49 -39.31 -16.67 44.27
CA PHE N 49 -40.06 -15.43 44.47
C PHE N 49 -39.37 -14.44 45.40
N ALA N 50 -39.38 -13.18 45.00
CA ALA N 50 -38.80 -12.09 45.78
C ALA N 50 -37.38 -12.33 46.30
N PRO N 51 -36.42 -12.63 45.41
CA PRO N 51 -35.05 -12.85 45.89
C PRO N 51 -34.43 -11.49 46.22
N PRO N 52 -33.28 -11.49 46.91
CA PRO N 52 -32.65 -10.20 47.26
C PRO N 52 -32.52 -9.32 46.02
N SER N 53 -32.72 -8.02 46.20
CA SER N 53 -32.64 -7.08 45.09
C SER N 53 -31.21 -6.88 44.59
N PHE N 54 -31.09 -6.39 43.35
CA PHE N 54 -29.79 -6.12 42.75
C PHE N 54 -29.49 -4.64 42.95
N ARG N 55 -28.21 -4.33 43.16
CA ARG N 55 -27.79 -2.94 43.33
C ARG N 55 -26.62 -2.67 42.39
N PHE N 56 -26.75 -1.64 41.57
CA PHE N 56 -25.71 -1.29 40.61
C PHE N 56 -25.30 0.17 40.76
N SER N 57 -24.00 0.41 40.86
CA SER N 57 -23.49 1.77 40.99
C SER N 57 -23.49 2.46 39.62
N LEU N 58 -24.00 3.69 39.58
CA LEU N 58 -24.05 4.44 38.33
C LEU N 58 -23.06 5.60 38.39
N ALA N 59 -22.22 5.60 39.41
CA ALA N 59 -21.22 6.66 39.59
C ALA N 59 -20.12 6.53 38.55
N ASP N 60 -19.42 7.63 38.31
CA ASP N 60 -18.32 7.66 37.34
C ASP N 60 -18.77 7.23 35.95
N ASN N 61 -19.97 7.68 35.56
CA ASN N 61 -20.54 7.38 34.25
C ASN N 61 -20.65 5.88 33.96
N THR N 62 -20.70 5.06 35.01
CA THR N 62 -20.79 3.62 34.82
C THR N 62 -22.15 3.13 34.31
N LEU N 63 -22.11 2.21 33.35
CA LEU N 63 -23.32 1.64 32.77
C LEU N 63 -23.28 0.12 32.97
N PRO N 64 -24.18 -0.41 33.82
CA PRO N 64 -24.21 -1.85 34.07
C PRO N 64 -24.73 -2.69 32.89
N LEU N 65 -23.94 -2.73 31.82
CA LEU N 65 -24.28 -3.50 30.64
C LEU N 65 -23.53 -4.82 30.77
N LEU N 66 -24.26 -5.90 31.02
CA LEU N 66 -23.66 -7.23 31.20
C LEU N 66 -22.55 -7.55 30.20
N THR N 67 -21.48 -8.15 30.70
CA THR N 67 -20.35 -8.50 29.86
C THR N 67 -20.15 -10.00 29.64
N THR N 68 -20.83 -10.84 30.40
CA THR N 68 -20.69 -12.28 30.25
C THR N 68 -21.35 -12.80 28.98
N LYS N 69 -21.89 -11.88 28.18
CA LYS N 69 -22.52 -12.20 26.91
C LYS N 69 -22.74 -10.87 26.20
N ARG N 70 -22.74 -10.89 24.87
CA ARG N 70 -22.94 -9.67 24.11
C ARG N 70 -24.40 -9.27 24.20
N VAL N 71 -24.64 -8.05 24.69
CA VAL N 71 -26.01 -7.54 24.83
C VAL N 71 -26.30 -6.56 23.70
N PHE N 72 -27.46 -6.71 23.07
CA PHE N 72 -27.87 -5.84 21.98
C PHE N 72 -28.11 -4.42 22.49
N LEU N 73 -27.03 -3.69 22.74
CA LEU N 73 -27.11 -2.32 23.25
C LEU N 73 -28.05 -1.42 22.47
N ARG N 74 -27.86 -1.35 21.15
CA ARG N 74 -28.70 -0.51 20.31
C ARG N 74 -30.18 -0.84 20.52
N GLY N 75 -30.47 -2.12 20.72
CA GLY N 75 -31.84 -2.54 20.92
C GLY N 75 -32.40 -1.99 22.23
N VAL N 76 -31.57 -1.95 23.26
CA VAL N 76 -31.97 -1.44 24.56
C VAL N 76 -32.26 0.06 24.45
N ILE N 77 -31.35 0.79 23.82
CA ILE N 77 -31.50 2.22 23.63
C ILE N 77 -32.74 2.55 22.81
N ALA N 78 -32.91 1.84 21.69
CA ALA N 78 -34.04 2.07 20.81
C ALA N 78 -35.37 1.87 21.55
N GLU N 79 -35.48 0.77 22.29
CA GLU N 79 -36.70 0.49 23.04
C GLU N 79 -36.97 1.60 24.07
N LEU N 80 -35.92 2.04 24.77
CA LEU N 80 -36.05 3.08 25.78
C LEU N 80 -36.57 4.40 25.20
N LEU N 81 -35.94 4.87 24.14
CA LEU N 81 -36.35 6.12 23.50
C LEU N 81 -37.77 5.97 22.96
N TRP N 82 -38.14 4.71 22.69
CA TRP N 82 -39.45 4.36 22.19
C TRP N 82 -40.45 4.52 23.34
N PHE N 83 -40.06 4.08 24.53
CA PHE N 83 -40.93 4.21 25.71
C PHE N 83 -41.17 5.69 25.96
N VAL N 84 -40.08 6.44 26.06
CA VAL N 84 -40.12 7.86 26.31
C VAL N 84 -41.04 8.61 25.36
N SER N 85 -40.98 8.27 24.07
CA SER N 85 -41.82 8.93 23.08
C SER N 85 -43.30 8.66 23.31
N GLY N 86 -43.59 7.63 24.10
CA GLY N 86 -44.98 7.29 24.38
C GLY N 86 -45.59 6.45 23.28
N CYS N 87 -44.77 6.08 22.30
CA CYS N 87 -45.22 5.26 21.17
C CYS N 87 -45.45 3.81 21.57
N THR N 88 -46.48 3.20 20.98
CA THR N 88 -46.81 1.81 21.28
C THR N 88 -46.83 0.94 20.03
N ASP N 89 -46.26 1.46 18.94
CA ASP N 89 -46.22 0.74 17.68
C ASP N 89 -44.86 0.05 17.54
N ALA N 90 -44.86 -1.28 17.58
CA ALA N 90 -43.64 -2.07 17.47
C ALA N 90 -42.93 -1.90 16.13
N LYS N 91 -43.66 -1.45 15.11
CA LYS N 91 -43.08 -1.25 13.80
C LYS N 91 -42.02 -0.15 13.85
N MET N 92 -42.13 0.72 14.85
CA MET N 92 -41.16 1.79 15.01
C MET N 92 -39.82 1.24 15.45
N LEU N 93 -39.84 0.02 16.00
CA LEU N 93 -38.63 -0.63 16.44
C LEU N 93 -38.07 -1.53 15.33
N SER N 94 -38.95 -2.34 14.74
CA SER N 94 -38.54 -3.23 13.68
C SER N 94 -38.04 -2.48 12.45
N SER N 95 -38.57 -1.28 12.22
CA SER N 95 -38.16 -0.48 11.07
C SER N 95 -36.71 -0.03 11.23
N GLN N 96 -36.23 0.02 12.48
CA GLN N 96 -34.85 0.43 12.73
C GLN N 96 -33.97 -0.75 13.12
N GLY N 97 -34.38 -1.95 12.73
CA GLY N 97 -33.61 -3.15 13.01
C GLY N 97 -33.72 -3.75 14.41
N VAL N 98 -34.79 -3.44 15.13
CA VAL N 98 -34.98 -3.97 16.47
C VAL N 98 -36.31 -4.73 16.51
N GLY N 99 -36.23 -6.05 16.64
CA GLY N 99 -37.45 -6.85 16.65
C GLY N 99 -37.78 -7.55 17.95
N ILE N 100 -37.35 -6.98 19.08
CA ILE N 100 -37.61 -7.58 20.38
C ILE N 100 -39.10 -7.65 20.70
N TRP N 101 -39.91 -6.81 20.06
CA TRP N 101 -41.35 -6.80 20.30
C TRP N 101 -42.15 -7.38 19.13
N ASP N 102 -41.45 -7.96 18.16
CA ASP N 102 -42.12 -8.55 17.00
C ASP N 102 -42.95 -9.77 17.41
N GLY N 103 -42.45 -10.49 18.41
CA GLY N 103 -43.15 -11.68 18.88
C GLY N 103 -44.54 -11.43 19.45
N ASN N 104 -44.66 -10.46 20.34
CA ASN N 104 -45.94 -10.15 20.95
C ASN N 104 -46.74 -9.15 20.14
N GLY N 105 -46.14 -8.65 19.06
CA GLY N 105 -46.83 -7.69 18.22
C GLY N 105 -47.30 -8.31 16.92
N SER N 106 -46.96 -9.58 16.72
CA SER N 106 -47.35 -10.29 15.50
C SER N 106 -48.86 -10.41 15.38
N LYS N 107 -49.34 -10.46 14.14
CA LYS N 107 -50.76 -10.56 13.86
C LYS N 107 -51.31 -11.87 14.42
N GLU N 108 -50.43 -12.84 14.62
CA GLU N 108 -50.81 -14.15 15.14
C GLU N 108 -51.02 -14.12 16.65
N PHE N 109 -50.11 -13.44 17.35
CA PHE N 109 -50.21 -13.35 18.81
C PHE N 109 -51.38 -12.47 19.23
N LEU N 110 -51.52 -11.33 18.58
CA LEU N 110 -52.60 -10.39 18.87
C LEU N 110 -53.96 -11.09 18.78
N GLU N 111 -54.20 -11.79 17.68
CA GLU N 111 -55.46 -12.49 17.51
C GLU N 111 -55.58 -13.59 18.56
N LYS N 112 -54.44 -14.12 18.97
CA LYS N 112 -54.37 -15.18 19.97
C LYS N 112 -54.89 -14.69 21.33
N VAL N 113 -54.59 -13.44 21.66
CA VAL N 113 -55.02 -12.87 22.94
C VAL N 113 -56.29 -12.04 22.83
N GLY N 114 -57.05 -12.24 21.76
CA GLY N 114 -58.30 -11.52 21.59
C GLY N 114 -58.19 -10.09 21.09
N LEU N 115 -57.08 -9.76 20.42
CA LEU N 115 -56.88 -8.41 19.90
C LEU N 115 -56.71 -8.46 18.39
N GLY N 116 -57.55 -9.25 17.73
CA GLY N 116 -57.47 -9.38 16.28
C GLY N 116 -57.87 -8.16 15.50
N HIS N 117 -58.59 -7.24 16.14
CA HIS N 117 -59.05 -6.02 15.49
C HIS N 117 -57.93 -4.99 15.35
N ARG N 118 -56.74 -5.32 15.83
CA ARG N 118 -55.61 -4.41 15.74
C ARG N 118 -54.63 -4.81 14.65
N ARG N 119 -54.03 -3.80 14.00
CA ARG N 119 -53.07 -4.09 12.96
C ARG N 119 -51.80 -4.60 13.62
N GLU N 120 -51.03 -5.39 12.89
CA GLU N 120 -49.79 -5.94 13.43
C GLU N 120 -48.89 -4.84 13.98
N GLY N 121 -48.35 -5.05 15.17
CA GLY N 121 -47.47 -4.07 15.77
C GLY N 121 -48.13 -3.20 16.82
N ASP N 122 -49.46 -3.07 16.75
CA ASP N 122 -50.20 -2.25 17.70
C ASP N 122 -50.36 -3.01 19.01
N LEU N 123 -49.40 -2.83 19.91
CA LEU N 123 -49.39 -3.50 21.21
C LEU N 123 -50.44 -3.01 22.20
N GLY N 124 -51.00 -1.83 21.96
CA GLY N 124 -52.00 -1.30 22.86
C GLY N 124 -51.41 -0.25 23.77
N PRO N 125 -52.11 0.12 24.87
CA PRO N 125 -51.62 1.14 25.82
C PRO N 125 -50.56 0.61 26.78
N VAL N 126 -49.43 0.18 26.23
CA VAL N 126 -48.34 -0.35 27.05
C VAL N 126 -47.39 0.73 27.54
N TYR N 127 -46.31 0.30 28.20
CA TYR N 127 -45.29 1.17 28.76
C TYR N 127 -45.34 2.65 28.38
N GLY N 128 -44.80 2.97 27.21
CA GLY N 128 -44.77 4.35 26.75
C GLY N 128 -46.04 5.16 26.91
N PHE N 129 -47.17 4.56 26.56
CA PHE N 129 -48.46 5.24 26.66
C PHE N 129 -48.82 5.59 28.11
N GLN N 130 -48.64 4.64 29.01
CA GLN N 130 -48.95 4.85 30.42
C GLN N 130 -48.01 5.91 31.00
N TRP N 131 -46.73 5.84 30.64
CA TRP N 131 -45.71 6.77 31.10
C TRP N 131 -46.04 8.23 30.79
N ARG N 132 -46.52 8.50 29.58
CA ARG N 132 -46.81 9.87 29.16
C ARG N 132 -48.29 10.25 29.06
N HIS N 133 -49.18 9.27 29.08
CA HIS N 133 -50.61 9.56 28.94
C HIS N 133 -51.51 8.72 29.85
N PHE N 134 -51.03 8.37 31.04
CA PHE N 134 -51.83 7.55 31.95
C PHE N 134 -53.24 8.10 32.14
N GLY N 135 -54.23 7.23 31.99
CA GLY N 135 -55.61 7.64 32.17
C GLY N 135 -56.33 8.01 30.89
N ALA N 136 -55.58 8.36 29.86
CA ALA N 136 -56.17 8.73 28.57
C ALA N 136 -56.86 7.54 27.92
N GLU N 137 -57.82 7.84 27.05
CA GLU N 137 -58.57 6.80 26.34
C GLU N 137 -57.75 6.33 25.14
N TYR N 138 -57.53 5.02 25.05
CA TYR N 138 -56.75 4.46 23.96
C TYR N 138 -57.65 3.98 22.83
N THR N 139 -57.31 4.39 21.60
CA THR N 139 -58.06 3.96 20.42
C THR N 139 -57.16 2.97 19.69
N ASP N 140 -56.10 3.48 19.07
CA ASP N 140 -55.12 2.64 18.37
C ASP N 140 -53.75 3.31 18.52
N ALA N 141 -52.71 2.80 17.83
CA ALA N 141 -51.39 3.43 17.99
C ALA N 141 -51.23 4.75 17.25
N ASP N 142 -52.17 5.06 16.36
CA ASP N 142 -52.12 6.30 15.59
C ASP N 142 -52.91 7.41 16.24
N GLY N 143 -53.60 7.09 17.33
CA GLY N 143 -54.39 8.09 18.03
C GLY N 143 -53.60 9.31 18.48
N ASP N 144 -54.29 10.43 18.59
CA ASP N 144 -53.68 11.68 19.03
C ASP N 144 -53.84 11.80 20.53
N TYR N 145 -52.75 11.60 21.27
CA TYR N 145 -52.79 11.65 22.72
C TYR N 145 -52.04 12.84 23.32
N LYS N 146 -51.49 13.69 22.45
CA LYS N 146 -50.76 14.86 22.91
C LYS N 146 -51.60 15.68 23.89
N GLY N 147 -51.04 15.93 25.08
CA GLY N 147 -51.74 16.70 26.08
C GLY N 147 -52.85 15.96 26.80
N LYS N 148 -52.97 14.67 26.54
CA LYS N 148 -54.01 13.86 27.18
C LYS N 148 -53.42 12.89 28.20
N GLY N 149 -54.13 12.70 29.31
CA GLY N 149 -53.67 11.80 30.33
C GLY N 149 -52.60 12.44 31.20
N VAL N 150 -52.07 11.68 32.15
CA VAL N 150 -51.03 12.19 33.04
C VAL N 150 -49.64 11.89 32.52
N ASP N 151 -48.82 12.93 32.37
CA ASP N 151 -47.46 12.77 31.90
C ASP N 151 -46.56 12.55 33.11
N GLN N 152 -46.46 11.31 33.55
CA GLN N 152 -45.66 10.95 34.72
C GLN N 152 -44.18 11.29 34.56
N LEU N 153 -43.63 11.01 33.39
CA LEU N 153 -42.22 11.27 33.14
C LEU N 153 -41.83 12.74 33.32
N GLN N 154 -42.56 13.64 32.69
CA GLN N 154 -42.25 15.05 32.82
C GLN N 154 -42.44 15.52 34.26
N ARG N 155 -43.43 14.97 34.95
CA ARG N 155 -43.69 15.35 36.33
C ARG N 155 -42.49 14.92 37.17
N VAL N 156 -41.92 13.77 36.86
CA VAL N 156 -40.76 13.27 37.58
C VAL N 156 -39.62 14.27 37.42
N ILE N 157 -39.41 14.72 36.19
CA ILE N 157 -38.37 15.68 35.86
C ILE N 157 -38.56 16.97 36.65
N ASP N 158 -39.77 17.53 36.55
CA ASP N 158 -40.10 18.77 37.24
C ASP N 158 -39.93 18.67 38.75
N THR N 159 -40.31 17.53 39.32
CA THR N 159 -40.21 17.33 40.76
C THR N 159 -38.77 17.21 41.24
N ILE N 160 -37.94 16.50 40.48
CA ILE N 160 -36.54 16.33 40.84
C ILE N 160 -35.82 17.67 40.86
N LYS N 161 -36.22 18.56 39.94
CA LYS N 161 -35.62 19.88 39.83
C LYS N 161 -36.13 20.92 40.82
N ASN N 162 -37.43 20.89 41.12
CA ASN N 162 -38.02 21.88 42.02
C ASN N 162 -38.41 21.42 43.42
N ASN N 163 -38.50 20.11 43.64
CA ASN N 163 -38.86 19.60 44.95
C ASN N 163 -38.31 18.17 45.09
N PRO N 164 -36.97 18.04 45.05
CA PRO N 164 -36.25 16.77 45.15
C PRO N 164 -36.56 15.87 46.35
N THR N 165 -36.91 16.46 47.48
CA THR N 165 -37.21 15.66 48.67
C THR N 165 -38.62 15.08 48.63
N ASP N 166 -39.36 15.36 47.57
CA ASP N 166 -40.71 14.83 47.43
C ASP N 166 -40.59 13.31 47.50
N ARG N 167 -41.59 12.65 48.07
CA ARG N 167 -41.54 11.19 48.21
C ARG N 167 -42.53 10.46 47.30
N ARG N 168 -42.98 11.14 46.25
CA ARG N 168 -43.93 10.56 45.29
C ARG N 168 -43.37 10.56 43.86
N ILE N 169 -42.05 10.64 43.73
CA ILE N 169 -41.42 10.65 42.40
C ILE N 169 -41.51 9.24 41.79
N ILE N 170 -42.70 8.92 41.30
CA ILE N 170 -42.98 7.60 40.72
C ILE N 170 -43.29 7.60 39.23
N LEU N 171 -42.83 6.57 38.55
CA LEU N 171 -43.07 6.39 37.12
C LEU N 171 -43.62 4.97 37.00
N SER N 172 -44.91 4.86 36.70
CA SER N 172 -45.56 3.55 36.61
C SER N 172 -46.31 3.31 35.31
N ALA N 173 -46.29 2.06 34.85
CA ALA N 173 -46.97 1.66 33.63
C ALA N 173 -48.12 0.71 33.95
N TRP N 174 -48.24 0.33 35.22
CA TRP N 174 -49.29 -0.58 35.64
C TRP N 174 -50.63 0.12 35.66
N ASN N 175 -51.58 -0.41 34.88
CA ASN N 175 -52.92 0.15 34.79
C ASN N 175 -53.92 -1.00 34.72
N PRO N 176 -54.50 -1.39 35.87
CA PRO N 176 -55.48 -2.48 35.93
C PRO N 176 -56.63 -2.37 34.92
N LYS N 177 -57.02 -1.13 34.60
CA LYS N 177 -58.11 -0.92 33.65
C LYS N 177 -57.72 -1.20 32.20
N ASP N 178 -56.50 -0.79 31.83
CA ASP N 178 -56.01 -0.97 30.47
C ASP N 178 -55.35 -2.33 30.18
N LEU N 179 -55.07 -3.11 31.22
CA LEU N 179 -54.43 -4.40 31.03
C LEU N 179 -54.96 -5.25 29.87
N PRO N 180 -56.28 -5.53 29.84
CA PRO N 180 -56.85 -6.32 28.75
C PRO N 180 -56.62 -5.78 27.34
N LEU N 181 -56.28 -4.51 27.24
CA LEU N 181 -56.03 -3.89 25.93
C LEU N 181 -54.55 -4.04 25.56
N MET N 182 -53.76 -4.53 26.49
CA MET N 182 -52.34 -4.71 26.28
C MET N 182 -52.00 -6.10 25.75
N ALA N 183 -51.12 -6.15 24.75
CA ALA N 183 -50.70 -7.42 24.19
C ALA N 183 -49.99 -8.21 25.28
N LEU N 184 -49.37 -7.48 26.20
CA LEU N 184 -48.65 -8.09 27.31
C LEU N 184 -48.59 -7.10 28.48
N PRO N 185 -48.93 -7.56 29.70
CA PRO N 185 -48.90 -6.67 30.87
C PRO N 185 -47.47 -6.24 31.17
N PRO N 186 -47.30 -5.01 31.69
CA PRO N 186 -45.96 -4.50 32.02
C PRO N 186 -45.18 -5.41 32.98
N CYS N 187 -43.93 -5.69 32.62
CA CYS N 187 -43.07 -6.52 33.47
C CYS N 187 -42.45 -5.58 34.49
N HIS N 188 -41.79 -4.53 34.00
CA HIS N 188 -41.22 -3.53 34.90
C HIS N 188 -42.38 -2.57 35.06
N MET N 189 -43.23 -2.85 36.05
CA MET N 189 -44.42 -2.05 36.31
C MET N 189 -44.26 -0.66 36.90
N PHE N 190 -43.09 -0.35 37.45
CA PHE N 190 -42.88 0.98 38.00
C PHE N 190 -41.49 1.13 38.62
N CYS N 191 -41.11 2.38 38.86
CA CYS N 191 -39.84 2.69 39.48
C CYS N 191 -40.00 3.98 40.29
N GLN N 192 -39.13 4.14 41.27
CA GLN N 192 -39.15 5.33 42.12
C GLN N 192 -37.78 5.97 42.13
N PHE N 193 -37.75 7.29 42.00
CA PHE N 193 -36.49 8.02 42.01
C PHE N 193 -36.28 8.72 43.35
N PHE N 194 -35.02 8.82 43.75
CA PHE N 194 -34.67 9.46 45.01
C PHE N 194 -33.50 10.41 44.77
N VAL N 195 -33.58 11.59 45.38
CA VAL N 195 -32.53 12.60 45.22
C VAL N 195 -31.88 12.94 46.55
N SER N 196 -30.56 12.71 46.62
CA SER N 196 -29.82 13.03 47.84
C SER N 196 -29.32 14.46 47.69
N LEU N 197 -29.59 15.28 48.71
CA LEU N 197 -29.18 16.68 48.69
C LEU N 197 -27.67 16.79 48.87
N PRO N 198 -27.06 17.86 48.34
CA PRO N 198 -25.62 18.08 48.45
C PRO N 198 -25.18 18.14 49.92
N PRO N 199 -24.11 17.40 50.27
CA PRO N 199 -23.60 17.40 51.65
C PRO N 199 -23.25 18.79 52.15
N PRO N 203 -21.86 22.30 49.21
CA PRO N 203 -23.21 22.56 48.69
C PRO N 203 -23.22 22.86 47.20
N GLY N 204 -22.03 22.85 46.59
CA GLY N 204 -21.93 23.13 45.17
C GLY N 204 -22.06 21.87 44.32
N SER N 205 -21.89 20.72 44.95
CA SER N 205 -21.98 19.44 44.24
C SER N 205 -23.38 19.21 43.72
N LYS N 206 -23.50 18.31 42.74
CA LYS N 206 -24.78 17.98 42.15
C LYS N 206 -25.51 16.96 43.02
N PRO N 207 -26.83 17.09 43.15
CA PRO N 207 -27.59 16.13 43.96
C PRO N 207 -27.43 14.75 43.32
N LYS N 208 -27.49 13.70 44.11
CA LYS N 208 -27.34 12.35 43.57
C LYS N 208 -28.71 11.72 43.28
N LEU N 209 -28.83 11.12 42.10
CA LEU N 209 -30.08 10.49 41.68
C LEU N 209 -30.01 8.97 41.71
N SER N 210 -31.00 8.37 42.36
CA SER N 210 -31.09 6.91 42.45
C SER N 210 -32.43 6.44 41.90
N CYS N 211 -32.48 5.18 41.50
CA CYS N 211 -33.71 4.61 40.95
C CYS N 211 -33.95 3.18 41.39
N LEU N 212 -35.15 2.90 41.84
CA LEU N 212 -35.53 1.56 42.25
C LEU N 212 -36.67 1.13 41.35
N MET N 213 -36.51 -0.01 40.69
CA MET N 213 -37.53 -0.50 39.79
C MET N 213 -38.01 -1.87 40.25
N TYR N 214 -39.31 -2.10 40.17
CA TYR N 214 -39.89 -3.38 40.55
C TYR N 214 -40.38 -4.12 39.32
N GLN N 215 -39.92 -5.36 39.16
CA GLN N 215 -40.32 -6.19 38.02
C GLN N 215 -41.12 -7.39 38.54
N ARG N 216 -42.38 -7.46 38.16
CA ARG N 216 -43.27 -8.55 38.59
C ARG N 216 -42.89 -9.93 38.04
N SER N 217 -42.41 -9.95 36.80
CA SER N 217 -42.02 -11.19 36.14
C SER N 217 -40.67 -10.96 35.47
N CYS N 218 -39.70 -11.81 35.78
CA CYS N 218 -38.36 -11.64 35.24
C CYS N 218 -37.76 -12.82 34.51
N ASP N 219 -37.57 -12.66 33.21
CA ASP N 219 -36.95 -13.70 32.37
C ASP N 219 -35.46 -13.37 32.47
N LEU N 220 -34.78 -13.98 33.43
CA LEU N 220 -33.36 -13.71 33.62
C LEU N 220 -32.47 -13.90 32.39
N GLY N 221 -32.77 -14.92 31.59
CA GLY N 221 -31.97 -15.17 30.41
C GLY N 221 -32.00 -14.05 29.37
N LEU N 222 -33.21 -13.67 28.96
CA LEU N 222 -33.37 -12.64 27.94
C LEU N 222 -33.83 -11.26 28.43
N GLY N 223 -34.80 -11.23 29.33
CA GLY N 223 -35.32 -9.96 29.82
C GLY N 223 -34.45 -9.11 30.72
N VAL N 224 -34.09 -9.67 31.88
CA VAL N 224 -33.28 -8.96 32.86
C VAL N 224 -32.07 -8.19 32.32
N PRO N 225 -31.32 -8.78 31.39
CA PRO N 225 -30.17 -8.04 30.86
C PRO N 225 -30.60 -6.71 30.24
N PHE N 226 -31.75 -6.70 29.57
CA PHE N 226 -32.28 -5.49 28.96
C PHE N 226 -32.82 -4.53 30.01
N ASN N 227 -33.61 -5.05 30.94
CA ASN N 227 -34.20 -4.24 32.01
C ASN N 227 -33.14 -3.49 32.80
N ILE N 228 -32.08 -4.18 33.19
CA ILE N 228 -31.01 -3.55 33.96
C ILE N 228 -30.38 -2.38 33.22
N ALA N 229 -29.98 -2.59 31.97
CA ALA N 229 -29.37 -1.55 31.17
C ALA N 229 -30.35 -0.43 30.84
N SER N 230 -31.59 -0.81 30.56
CA SER N 230 -32.63 0.16 30.22
C SER N 230 -32.86 1.20 31.31
N TYR N 231 -33.18 0.74 32.52
CA TYR N 231 -33.41 1.67 33.62
C TYR N 231 -32.16 2.41 34.05
N ALA N 232 -31.00 1.79 33.84
CA ALA N 232 -29.74 2.43 34.19
C ALA N 232 -29.59 3.62 33.23
N LEU N 233 -29.92 3.39 31.97
CA LEU N 233 -29.84 4.43 30.95
C LEU N 233 -30.88 5.52 31.20
N LEU N 234 -32.09 5.12 31.59
CA LEU N 234 -33.13 6.10 31.85
C LEU N 234 -32.68 7.05 32.97
N THR N 235 -32.04 6.50 33.98
CA THR N 235 -31.55 7.29 35.10
C THR N 235 -30.48 8.26 34.64
N HIS N 236 -29.61 7.82 33.74
CA HIS N 236 -28.55 8.67 33.21
C HIS N 236 -29.18 9.80 32.42
N MET N 237 -30.20 9.46 31.63
CA MET N 237 -30.90 10.45 30.82
C MET N 237 -31.54 11.52 31.70
N ILE N 238 -32.32 11.08 32.69
CA ILE N 238 -32.99 11.99 33.60
C ILE N 238 -31.98 12.84 34.38
N ALA N 239 -30.86 12.24 34.73
CA ALA N 239 -29.81 12.95 35.47
C ALA N 239 -29.28 14.13 34.67
N LEU N 240 -29.11 13.93 33.36
CA LEU N 240 -28.62 14.99 32.49
C LEU N 240 -29.59 16.15 32.39
N ILE N 241 -30.87 15.84 32.26
CA ILE N 241 -31.90 16.87 32.13
C ILE N 241 -32.19 17.61 33.43
N THR N 242 -31.97 16.94 34.56
CA THR N 242 -32.24 17.55 35.87
C THR N 242 -31.00 18.08 36.58
N ASP N 243 -29.86 18.04 35.92
CA ASP N 243 -28.61 18.52 36.51
C ASP N 243 -28.25 17.76 37.79
N THR N 244 -28.51 16.46 37.78
CA THR N 244 -28.19 15.61 38.92
C THR N 244 -27.16 14.58 38.51
N GLU N 245 -26.54 13.94 39.50
CA GLU N 245 -25.52 12.93 39.24
C GLU N 245 -26.05 11.52 39.49
N PRO N 246 -26.03 10.66 38.46
CA PRO N 246 -26.53 9.30 38.65
C PRO N 246 -25.75 8.61 39.77
N HIS N 247 -26.46 7.95 40.68
CA HIS N 247 -25.81 7.31 41.80
C HIS N 247 -25.98 5.80 41.89
N GLU N 248 -27.23 5.35 42.06
CA GLU N 248 -27.49 3.92 42.20
C GLU N 248 -28.80 3.46 41.57
N PHE N 249 -28.80 2.22 41.09
CA PHE N 249 -29.98 1.62 40.49
C PHE N 249 -30.28 0.33 41.23
N ILE N 250 -31.49 0.22 41.76
CA ILE N 250 -31.90 -0.97 42.49
C ILE N 250 -32.99 -1.67 41.71
N LEU N 251 -32.92 -3.00 41.64
CA LEU N 251 -33.90 -3.78 40.93
C LEU N 251 -34.48 -4.90 41.80
N GLN N 252 -35.76 -4.76 42.16
CA GLN N 252 -36.42 -5.77 42.97
C GLN N 252 -37.29 -6.63 42.07
N MET N 253 -37.13 -7.95 42.19
CA MET N 253 -37.88 -8.89 41.36
C MET N 253 -39.01 -9.59 42.10
N GLY N 254 -40.03 -9.97 41.34
CA GLY N 254 -41.16 -10.69 41.89
C GLY N 254 -40.93 -12.13 41.51
N ASP N 255 -41.56 -12.55 40.41
CA ASP N 255 -41.40 -13.92 39.93
C ASP N 255 -40.12 -13.98 39.08
N ALA N 256 -39.02 -14.39 39.72
CA ALA N 256 -37.72 -14.49 39.04
C ALA N 256 -37.58 -15.91 38.51
N HIS N 257 -37.55 -16.05 37.18
CA HIS N 257 -37.45 -17.37 36.57
C HIS N 257 -36.48 -17.54 35.41
N VAL N 258 -36.16 -18.79 35.14
CA VAL N 258 -35.27 -19.18 34.06
C VAL N 258 -36.03 -20.20 33.23
N TYR N 259 -36.31 -19.87 31.96
CA TYR N 259 -37.04 -20.79 31.11
C TYR N 259 -36.28 -22.09 30.91
N ARG N 260 -37.03 -23.18 30.83
CA ARG N 260 -36.47 -24.52 30.66
C ARG N 260 -35.44 -24.59 29.53
N ASP N 261 -35.73 -23.95 28.41
CA ASP N 261 -34.82 -23.97 27.27
C ASP N 261 -33.67 -22.97 27.36
N HIS N 262 -33.50 -22.35 28.53
CA HIS N 262 -32.43 -21.38 28.74
C HIS N 262 -31.37 -21.94 29.69
N VAL N 263 -31.73 -22.99 30.42
CA VAL N 263 -30.84 -23.61 31.39
C VAL N 263 -29.45 -23.94 30.83
N GLU N 264 -29.39 -24.73 29.78
CA GLU N 264 -28.11 -25.11 29.20
C GLU N 264 -27.34 -23.92 28.64
N PRO N 265 -28.00 -23.03 27.87
CA PRO N 265 -27.28 -21.88 27.33
C PRO N 265 -26.68 -21.01 28.44
N LEU N 266 -27.42 -20.86 29.53
CA LEU N 266 -26.95 -20.06 30.67
C LEU N 266 -25.78 -20.69 31.40
N LYS N 267 -25.73 -22.02 31.43
CA LYS N 267 -24.64 -22.72 32.09
C LYS N 267 -23.31 -22.33 31.45
N THR N 268 -23.35 -22.09 30.14
CA THR N 268 -22.15 -21.70 29.41
C THR N 268 -21.73 -20.31 29.85
N GLN N 269 -22.70 -19.43 30.07
CA GLN N 269 -22.44 -18.06 30.49
C GLN N 269 -21.91 -18.00 31.93
N LEU N 270 -22.38 -18.92 32.77
CA LEU N 270 -21.95 -18.96 34.17
C LEU N 270 -20.47 -19.27 34.33
N GLU N 271 -19.87 -19.81 33.28
CA GLU N 271 -18.44 -20.17 33.32
C GLU N 271 -17.55 -18.95 33.03
N ARG N 272 -18.15 -17.89 32.53
CA ARG N 272 -17.40 -16.68 32.18
C ARG N 272 -17.22 -15.67 33.31
N GLU N 273 -16.04 -15.06 33.33
CA GLU N 273 -15.71 -14.06 34.33
C GLU N 273 -16.01 -12.68 33.74
N PRO N 274 -16.78 -11.86 34.46
CA PRO N 274 -17.17 -10.51 34.03
C PRO N 274 -16.00 -9.57 33.76
N ARG N 275 -16.19 -8.67 32.80
CA ARG N 275 -15.19 -7.65 32.47
C ARG N 275 -15.75 -6.38 33.12
N ASP N 276 -14.89 -5.40 33.38
CA ASP N 276 -15.38 -4.16 33.98
C ASP N 276 -16.48 -3.56 33.12
N PHE N 277 -17.51 -3.01 33.76
CA PHE N 277 -18.62 -2.40 33.04
C PHE N 277 -18.13 -1.21 32.22
N PRO N 278 -18.81 -0.93 31.10
CA PRO N 278 -18.43 0.19 30.23
C PRO N 278 -18.94 1.49 30.83
N LYS N 279 -18.58 2.62 30.20
CA LYS N 279 -19.02 3.91 30.68
C LYS N 279 -19.85 4.63 29.63
N LEU N 280 -20.79 5.46 30.09
CA LEU N 280 -21.66 6.20 29.18
C LEU N 280 -21.26 7.66 29.05
N LYS N 281 -21.23 8.14 27.81
CA LYS N 281 -20.89 9.52 27.52
C LYS N 281 -21.93 10.06 26.55
N TRP N 282 -22.17 11.37 26.57
CA TRP N 282 -23.14 11.97 25.67
C TRP N 282 -22.46 12.62 24.48
N ALA N 283 -23.01 12.40 23.29
CA ALA N 283 -22.45 12.96 22.07
C ALA N 283 -22.83 14.43 21.92
N ARG N 284 -23.79 14.87 22.72
CA ARG N 284 -24.24 16.25 22.70
C ARG N 284 -24.40 16.79 24.12
N SER N 285 -24.58 18.10 24.23
CA SER N 285 -24.73 18.73 25.54
C SER N 285 -26.19 18.75 26.00
N LYS N 286 -26.39 19.09 27.27
CA LYS N 286 -27.73 19.17 27.84
C LYS N 286 -28.58 20.16 27.04
N GLU N 287 -27.98 21.31 26.73
CA GLU N 287 -28.67 22.35 25.98
C GLU N 287 -29.10 21.87 24.60
N GLU N 288 -28.21 21.16 23.91
CA GLU N 288 -28.51 20.65 22.58
C GLU N 288 -29.65 19.62 22.62
N ILE N 289 -29.57 18.69 23.57
CA ILE N 289 -30.59 17.67 23.72
C ILE N 289 -31.91 18.35 24.13
N GLY N 290 -31.80 19.37 24.97
CA GLY N 290 -32.99 20.09 25.42
C GLY N 290 -33.75 19.48 26.57
N ASP N 291 -34.58 18.48 26.28
CA ASP N 291 -35.36 17.82 27.31
C ASP N 291 -35.36 16.30 27.13
N ILE N 292 -36.15 15.61 27.95
CA ILE N 292 -36.23 14.16 27.93
C ILE N 292 -36.69 13.61 26.57
N ASP N 293 -37.32 14.45 25.76
CA ASP N 293 -37.81 14.02 24.44
C ASP N 293 -36.84 14.36 23.33
N GLY N 294 -35.66 14.89 23.67
CA GLY N 294 -34.70 15.25 22.66
C GLY N 294 -33.54 14.31 22.43
N PHE N 295 -33.55 13.15 23.09
CA PHE N 295 -32.47 12.19 22.91
C PHE N 295 -32.56 11.40 21.61
N LYS N 296 -31.41 11.01 21.09
CA LYS N 296 -31.30 10.24 19.86
C LYS N 296 -30.36 9.07 20.12
N VAL N 297 -30.54 7.97 19.40
CA VAL N 297 -29.70 6.79 19.57
C VAL N 297 -28.22 7.15 19.54
N GLU N 298 -27.82 7.96 18.56
CA GLU N 298 -26.43 8.36 18.41
C GLU N 298 -25.89 9.22 19.55
N ASP N 299 -26.76 9.66 20.46
CA ASP N 299 -26.32 10.48 21.58
C ASP N 299 -25.64 9.62 22.64
N PHE N 300 -25.99 8.33 22.66
CA PHE N 300 -25.43 7.39 23.62
C PHE N 300 -24.06 6.84 23.19
N VAL N 301 -23.00 7.37 23.78
CA VAL N 301 -21.65 6.92 23.46
C VAL N 301 -21.13 5.99 24.55
N VAL N 302 -21.26 4.69 24.34
CA VAL N 302 -20.80 3.69 25.29
C VAL N 302 -19.38 3.26 24.95
N GLU N 303 -18.45 3.52 25.86
CA GLU N 303 -17.05 3.17 25.63
C GLU N 303 -16.53 2.15 26.63
N GLY N 304 -15.63 1.28 26.18
CA GLY N 304 -15.06 0.28 27.05
C GLY N 304 -15.88 -0.99 27.19
N TYR N 305 -16.87 -1.18 26.34
CA TYR N 305 -17.68 -2.39 26.40
C TYR N 305 -16.89 -3.56 25.82
N LYS N 306 -16.57 -4.53 26.67
CA LYS N 306 -15.80 -5.69 26.23
C LYS N 306 -16.45 -7.00 26.71
N PRO N 307 -17.54 -7.40 26.07
CA PRO N 307 -18.28 -8.62 26.42
C PRO N 307 -17.74 -9.89 25.77
N TRP N 308 -18.20 -11.02 26.27
CA TRP N 308 -17.80 -12.31 25.71
C TRP N 308 -18.73 -12.55 24.53
N GLY N 309 -18.66 -13.75 23.96
CA GLY N 309 -19.51 -14.05 22.82
C GLY N 309 -20.99 -14.05 23.13
N LYS N 310 -21.81 -13.96 22.08
CA LYS N 310 -23.26 -13.96 22.24
C LYS N 310 -23.72 -15.35 22.63
N ILE N 311 -24.86 -15.42 23.30
CA ILE N 311 -25.43 -16.69 23.73
C ILE N 311 -26.87 -16.73 23.22
N ASP N 312 -27.13 -17.67 22.31
CA ASP N 312 -28.46 -17.80 21.73
C ASP N 312 -29.50 -18.36 22.70
N MET N 313 -30.61 -17.66 22.81
CA MET N 313 -31.71 -18.07 23.67
C MET N 313 -33.02 -17.69 23.01
N LYS N 314 -33.91 -18.65 22.88
CA LYS N 314 -35.21 -18.42 22.25
C LYS N 314 -36.20 -17.79 23.22
N MET N 315 -36.95 -16.81 22.74
CA MET N 315 -37.94 -16.13 23.57
C MET N 315 -39.26 -16.87 23.46
N SER N 316 -39.91 -17.09 24.60
CA SER N 316 -41.20 -17.76 24.62
C SER N 316 -42.32 -16.73 24.54
N ALA N 317 -43.06 -16.75 23.44
CA ALA N 317 -44.15 -15.80 23.23
C ALA N 317 -45.27 -15.98 24.25
N PRO O 16 -14.42 -62.17 148.07
CA PRO O 16 -14.47 -61.76 146.65
C PRO O 16 -13.53 -60.59 146.39
N ASP O 17 -13.04 -59.98 147.46
CA ASP O 17 -12.14 -58.84 147.34
C ASP O 17 -10.68 -59.27 147.23
N HIS O 18 -10.44 -60.58 147.21
CA HIS O 18 -9.07 -61.07 147.10
C HIS O 18 -8.46 -60.56 145.80
N GLU O 19 -7.33 -59.87 145.92
CA GLU O 19 -6.64 -59.30 144.77
C GLU O 19 -6.29 -60.28 143.65
N GLU O 20 -6.18 -61.57 143.97
CA GLU O 20 -5.83 -62.55 142.96
C GLU O 20 -6.92 -62.73 141.92
N TYR O 21 -8.15 -62.35 142.27
CA TYR O 21 -9.27 -62.47 141.32
C TYR O 21 -9.07 -61.55 140.12
N GLN O 22 -8.21 -60.55 140.27
CA GLN O 22 -7.93 -59.63 139.18
C GLN O 22 -7.26 -60.43 138.07
N TYR O 23 -6.33 -61.28 138.47
CA TYR O 23 -5.59 -62.12 137.54
C TYR O 23 -6.48 -63.19 136.94
N LEU O 24 -7.24 -63.87 137.79
CA LEU O 24 -8.15 -64.92 137.33
C LEU O 24 -9.25 -64.39 136.42
N ASP O 25 -9.82 -63.24 136.77
CA ASP O 25 -10.87 -62.65 135.96
C ASP O 25 -10.39 -62.21 134.58
N LEU O 26 -9.19 -61.66 134.51
CA LEU O 26 -8.64 -61.22 133.23
C LEU O 26 -8.45 -62.41 132.30
N ILE O 27 -7.90 -63.50 132.82
CA ILE O 27 -7.68 -64.71 132.03
C ILE O 27 -9.02 -65.22 131.50
N ARG O 28 -10.02 -65.25 132.37
CA ARG O 28 -11.35 -65.71 131.99
C ARG O 28 -11.88 -64.83 130.86
N ARG O 29 -11.67 -63.52 130.99
CA ARG O 29 -12.14 -62.57 129.99
C ARG O 29 -11.41 -62.76 128.67
N ILE O 30 -10.10 -62.91 128.73
CA ILE O 30 -9.30 -63.09 127.52
C ILE O 30 -9.75 -64.34 126.75
N ILE O 31 -9.97 -65.43 127.47
CA ILE O 31 -10.41 -66.66 126.85
C ILE O 31 -11.81 -66.49 126.23
N ASN O 32 -12.67 -65.77 126.93
CA ASN O 32 -14.04 -65.54 126.46
C ASN O 32 -14.18 -64.60 125.28
N VAL O 33 -13.69 -63.36 125.42
CA VAL O 33 -13.81 -62.37 124.34
C VAL O 33 -12.51 -61.95 123.70
N GLY O 34 -11.41 -62.63 124.06
CA GLY O 34 -10.12 -62.29 123.47
C GLY O 34 -10.10 -62.55 121.98
N GLU O 35 -9.16 -61.91 121.29
CA GLU O 35 -9.02 -62.06 119.85
C GLU O 35 -7.94 -63.08 119.50
N VAL O 36 -8.28 -64.08 118.70
CA VAL O 36 -7.34 -65.11 118.29
C VAL O 36 -6.33 -64.47 117.32
N ARG O 37 -5.05 -64.55 117.65
CA ARG O 37 -4.03 -63.95 116.82
C ARG O 37 -2.78 -64.79 116.63
N PRO O 38 -2.08 -64.59 115.50
CA PRO O 38 -0.84 -65.31 115.19
C PRO O 38 0.22 -64.58 116.00
N ASP O 39 1.39 -65.18 116.16
CA ASP O 39 2.44 -64.50 116.92
C ASP O 39 3.84 -64.96 116.53
N ARG O 40 4.83 -64.30 117.11
CA ARG O 40 6.23 -64.59 116.84
C ARG O 40 6.61 -66.06 117.08
N THR O 41 6.10 -66.64 118.17
CA THR O 41 6.42 -68.02 118.52
C THR O 41 5.82 -69.05 117.58
N GLY O 42 4.66 -68.72 117.01
CA GLY O 42 4.01 -69.64 116.10
C GLY O 42 2.98 -70.55 116.74
N THR O 43 2.80 -70.44 118.05
CA THR O 43 1.81 -71.29 118.72
C THR O 43 0.44 -70.59 118.72
N GLY O 44 0.46 -69.27 118.57
CA GLY O 44 -0.77 -68.51 118.55
C GLY O 44 -1.26 -68.14 119.93
N THR O 45 -2.12 -67.13 120.01
CA THR O 45 -2.66 -66.68 121.29
C THR O 45 -4.04 -66.08 121.12
N VAL O 46 -4.62 -65.70 122.26
CA VAL O 46 -5.92 -65.04 122.32
C VAL O 46 -5.57 -63.82 123.18
N ALA O 47 -5.85 -62.62 122.68
CA ALA O 47 -5.47 -61.44 123.44
C ALA O 47 -6.42 -60.25 123.47
N LEU O 48 -6.12 -59.34 124.39
CA LEU O 48 -6.84 -58.08 124.58
C LEU O 48 -5.76 -57.02 124.80
N PHE O 49 -5.99 -55.81 124.30
CA PHE O 49 -5.02 -54.74 124.45
C PHE O 49 -5.40 -53.75 125.55
N ALA O 50 -4.39 -53.32 126.30
CA ALA O 50 -4.56 -52.37 127.38
C ALA O 50 -5.77 -52.58 128.30
N PRO O 51 -5.86 -53.74 128.94
CA PRO O 51 -7.00 -53.97 129.84
C PRO O 51 -6.75 -53.20 131.14
N PRO O 52 -7.78 -53.09 132.00
CA PRO O 52 -7.59 -52.36 133.26
C PRO O 52 -6.36 -52.88 134.00
N SER O 53 -5.60 -51.97 134.62
CA SER O 53 -4.40 -52.35 135.35
C SER O 53 -4.69 -53.09 136.65
N PHE O 54 -3.70 -53.85 137.11
CA PHE O 54 -3.83 -54.59 138.36
C PHE O 54 -3.27 -53.74 139.49
N ARG O 55 -3.83 -53.90 140.67
CA ARG O 55 -3.36 -53.15 141.84
C ARG O 55 -3.20 -54.14 142.99
N PHE O 56 -2.02 -54.15 143.60
CA PHE O 56 -1.74 -55.05 144.71
C PHE O 56 -1.19 -54.31 145.91
N SER O 57 -1.78 -54.54 147.07
CA SER O 57 -1.34 -53.89 148.30
C SER O 57 -0.07 -54.58 148.80
N LEU O 58 0.92 -53.78 149.18
CA LEU O 58 2.17 -54.31 149.70
C LEU O 58 2.31 -53.99 151.18
N ALA O 59 1.23 -53.47 151.77
CA ALA O 59 1.22 -53.12 153.17
C ALA O 59 1.24 -54.37 154.05
N ASP O 60 1.65 -54.20 155.29
CA ASP O 60 1.72 -55.31 156.24
C ASP O 60 2.58 -56.45 155.73
N ASN O 61 3.69 -56.10 155.09
CA ASN O 61 4.64 -57.08 154.55
C ASN O 61 4.01 -58.08 153.58
N THR O 62 2.92 -57.70 152.94
CA THR O 62 2.25 -58.60 152.00
C THR O 62 3.00 -58.77 150.68
N LEU O 63 3.05 -60.01 150.21
CA LEU O 63 3.71 -60.36 148.95
C LEU O 63 2.68 -61.02 148.04
N PRO O 64 2.31 -60.33 146.94
CA PRO O 64 1.33 -60.89 146.00
C PRO O 64 1.86 -62.07 145.18
N LEU O 65 2.09 -63.18 145.85
CA LEU O 65 2.56 -64.40 145.21
C LEU O 65 1.33 -65.28 144.98
N LEU O 66 0.92 -65.41 143.72
CA LEU O 66 -0.27 -66.18 143.37
C LEU O 66 -0.37 -67.52 144.12
N THR O 67 -1.59 -67.84 144.56
CA THR O 67 -1.84 -69.06 145.31
C THR O 67 -2.69 -70.10 144.56
N THR O 68 -3.27 -69.73 143.43
CA THR O 68 -4.08 -70.68 142.68
C THR O 68 -3.23 -71.71 141.94
N LYS O 69 -1.93 -71.62 142.14
CA LYS O 69 -0.97 -72.55 141.55
C LYS O 69 0.35 -72.32 142.26
N ARG O 70 1.19 -73.35 142.30
CA ARG O 70 2.48 -73.21 142.96
C ARG O 70 3.43 -72.43 142.07
N VAL O 71 3.90 -71.28 142.56
CA VAL O 71 4.81 -70.45 141.80
C VAL O 71 6.24 -70.69 142.26
N PHE O 72 7.15 -70.83 141.30
CA PHE O 72 8.56 -71.08 141.60
C PHE O 72 9.18 -69.83 142.23
N LEU O 73 8.91 -69.62 143.52
CA LEU O 73 9.40 -68.47 144.25
C LEU O 73 10.91 -68.25 144.12
N ARG O 74 11.69 -69.30 144.41
CA ARG O 74 13.14 -69.20 144.32
C ARG O 74 13.58 -68.71 142.94
N GLY O 75 12.85 -69.12 141.91
CA GLY O 75 13.18 -68.71 140.56
C GLY O 75 12.97 -67.22 140.38
N VAL O 76 11.87 -66.72 140.95
CA VAL O 76 11.56 -65.29 140.87
C VAL O 76 12.64 -64.47 141.56
N ILE O 77 13.01 -64.89 142.77
CA ILE O 77 14.05 -64.20 143.54
C ILE O 77 15.39 -64.23 142.83
N ALA O 78 15.78 -65.41 142.35
CA ALA O 78 17.06 -65.56 141.66
C ALA O 78 17.14 -64.65 140.45
N GLU O 79 16.08 -64.62 139.66
CA GLU O 79 16.05 -63.77 138.47
C GLU O 79 16.18 -62.30 138.84
N LEU O 80 15.47 -61.90 139.89
CA LEU O 80 15.50 -60.51 140.35
C LEU O 80 16.88 -60.07 140.79
N LEU O 81 17.52 -60.84 141.66
CA LEU O 81 18.86 -60.50 142.13
C LEU O 81 19.82 -60.51 140.95
N TRP O 82 19.47 -61.30 139.94
CA TRP O 82 20.25 -61.41 138.72
C TRP O 82 20.14 -60.08 137.97
N PHE O 83 18.92 -59.54 137.88
CA PHE O 83 18.68 -58.28 137.21
C PHE O 83 19.48 -57.18 137.90
N VAL O 84 19.31 -57.10 139.22
CA VAL O 84 20.00 -56.11 140.04
C VAL O 84 21.51 -56.13 139.85
N SER O 85 22.09 -57.31 139.75
CA SER O 85 23.54 -57.44 139.58
C SER O 85 24.00 -56.93 138.22
N GLY O 86 23.06 -56.73 137.30
CA GLY O 86 23.39 -56.24 135.98
C GLY O 86 23.90 -57.34 135.07
N CYS O 87 23.90 -58.56 135.58
CA CYS O 87 24.37 -59.72 134.83
C CYS O 87 23.39 -60.12 133.71
N THR O 88 23.93 -60.56 132.59
CA THR O 88 23.13 -60.97 131.45
C THR O 88 23.44 -62.39 130.98
N ASP O 89 24.14 -63.14 131.83
CA ASP O 89 24.50 -64.50 131.50
C ASP O 89 23.50 -65.46 132.15
N ALA O 90 22.70 -66.12 131.34
CA ALA O 90 21.68 -67.04 131.84
C ALA O 90 22.28 -68.23 132.60
N LYS O 91 23.55 -68.52 132.36
CA LYS O 91 24.20 -69.63 133.05
C LYS O 91 24.25 -69.37 134.56
N MET O 92 24.18 -68.09 134.93
CA MET O 92 24.22 -67.72 136.34
C MET O 92 22.91 -68.12 137.02
N LEU O 93 21.88 -68.37 136.22
CA LEU O 93 20.59 -68.78 136.75
C LEU O 93 20.46 -70.30 136.70
N SER O 94 20.88 -70.89 135.58
CA SER O 94 20.80 -72.34 135.42
C SER O 94 21.76 -73.06 136.35
N SER O 95 22.86 -72.40 136.70
CA SER O 95 23.85 -73.00 137.59
C SER O 95 23.28 -73.13 139.00
N GLN O 96 22.27 -72.32 139.30
CA GLN O 96 21.64 -72.38 140.62
C GLN O 96 20.25 -73.01 140.55
N GLY O 97 20.02 -73.82 139.53
CA GLY O 97 18.75 -74.52 139.37
C GLY O 97 17.57 -73.74 138.82
N VAL O 98 17.84 -72.63 138.14
CA VAL O 98 16.76 -71.82 137.56
C VAL O 98 16.96 -71.74 136.05
N GLY O 99 16.10 -72.40 135.30
CA GLY O 99 16.25 -72.41 133.85
C GLY O 99 15.20 -71.64 133.06
N ILE O 100 14.58 -70.63 133.67
CA ILE O 100 13.56 -69.86 132.98
C ILE O 100 14.08 -69.16 131.73
N TRP O 101 15.39 -68.89 131.69
CA TRP O 101 15.98 -68.23 130.53
C TRP O 101 16.80 -69.15 129.64
N ASP O 102 16.75 -70.45 129.89
CA ASP O 102 17.49 -71.41 129.09
C ASP O 102 16.93 -71.46 127.67
N GLY O 103 15.61 -71.29 127.56
CA GLY O 103 14.97 -71.32 126.26
C GLY O 103 15.45 -70.27 125.27
N ASN O 104 15.50 -69.01 125.71
CA ASN O 104 15.95 -67.93 124.85
C ASN O 104 17.46 -67.73 124.86
N GLY O 105 18.15 -68.50 125.71
CA GLY O 105 19.59 -68.38 125.80
C GLY O 105 20.29 -69.55 125.13
N SER O 106 19.52 -70.52 124.67
CA SER O 106 20.07 -71.70 124.02
C SER O 106 20.82 -71.31 122.76
N LYS O 107 21.86 -72.07 122.44
CA LYS O 107 22.68 -71.81 121.27
C LYS O 107 21.80 -71.82 120.02
N GLU O 108 20.78 -72.67 120.03
CA GLU O 108 19.87 -72.80 118.91
C GLU O 108 19.05 -71.53 118.68
N PHE O 109 18.47 -70.98 119.74
CA PHE O 109 17.68 -69.77 119.62
C PHE O 109 18.52 -68.57 119.22
N LEU O 110 19.68 -68.42 119.86
CA LEU O 110 20.57 -67.30 119.55
C LEU O 110 20.93 -67.29 118.07
N GLU O 111 21.35 -68.42 117.54
CA GLU O 111 21.70 -68.52 116.13
C GLU O 111 20.47 -68.24 115.28
N LYS O 112 19.31 -68.59 115.82
CA LYS O 112 18.03 -68.41 115.15
C LYS O 112 17.70 -66.93 114.95
N VAL O 113 18.09 -66.10 115.91
CA VAL O 113 17.81 -64.66 115.82
C VAL O 113 19.01 -63.84 115.35
N GLY O 114 19.97 -64.51 114.71
CA GLY O 114 21.14 -63.81 114.19
C GLY O 114 22.21 -63.47 115.22
N LEU O 115 22.26 -64.21 116.31
CA LEU O 115 23.24 -63.96 117.36
C LEU O 115 24.09 -65.22 117.59
N GLY O 116 24.49 -65.87 116.50
CA GLY O 116 25.27 -67.08 116.60
C GLY O 116 26.72 -66.90 117.03
N HIS O 117 27.18 -65.66 117.05
CA HIS O 117 28.55 -65.37 117.45
C HIS O 117 28.70 -65.34 118.96
N ARG O 118 27.59 -65.52 119.66
CA ARG O 118 27.59 -65.50 121.11
C ARG O 118 27.56 -66.89 121.72
N ARG O 119 28.22 -67.06 122.86
CA ARG O 119 28.24 -68.35 123.52
C ARG O 119 26.87 -68.56 124.15
N GLU O 120 26.48 -69.82 124.33
CA GLU O 120 25.19 -70.13 124.92
C GLU O 120 25.00 -69.46 126.27
N GLY O 121 23.84 -68.83 126.47
CA GLY O 121 23.58 -68.17 127.73
C GLY O 121 23.80 -66.67 127.69
N ASP O 122 24.54 -66.20 126.69
CA ASP O 122 24.79 -64.76 126.57
C ASP O 122 23.62 -64.10 125.88
N LEU O 123 22.66 -63.61 126.67
CA LEU O 123 21.46 -62.97 126.17
C LEU O 123 21.67 -61.59 125.56
N GLY O 124 22.80 -60.96 125.88
CA GLY O 124 23.08 -59.64 125.36
C GLY O 124 22.77 -58.57 126.39
N PRO O 125 22.66 -57.30 125.99
CA PRO O 125 22.38 -56.20 126.92
C PRO O 125 20.91 -56.12 127.35
N VAL O 126 20.43 -57.15 128.04
CA VAL O 126 19.04 -57.18 128.49
C VAL O 126 18.87 -56.55 129.86
N TYR O 127 17.63 -56.63 130.38
CA TYR O 127 17.25 -56.07 131.67
C TYR O 127 18.36 -55.53 132.56
N GLY O 128 19.01 -56.43 133.31
CA GLY O 128 20.06 -56.04 134.22
C GLY O 128 21.10 -55.06 133.69
N PHE O 129 21.56 -55.28 132.47
CA PHE O 129 22.56 -54.40 131.88
C PHE O 129 22.03 -52.98 131.70
N GLN O 130 20.81 -52.87 131.18
CA GLN O 130 20.20 -51.56 130.96
C GLN O 130 19.97 -50.86 132.30
N TRP O 131 19.52 -51.63 133.29
CA TRP O 131 19.24 -51.12 134.62
C TRP O 131 20.45 -50.45 135.30
N ARG O 132 21.61 -51.09 135.20
CA ARG O 132 22.82 -50.58 135.84
C ARG O 132 23.85 -49.94 134.91
N HIS O 133 23.73 -50.18 133.61
CA HIS O 133 24.70 -49.63 132.66
C HIS O 133 24.09 -49.09 131.37
N PHE O 134 22.91 -48.49 131.45
CA PHE O 134 22.26 -47.96 130.25
C PHE O 134 23.17 -47.02 129.46
N GLY O 135 23.30 -47.27 128.17
CA GLY O 135 24.13 -46.44 127.32
C GLY O 135 25.52 -46.98 127.08
N ALA O 136 26.00 -47.84 127.97
CA ALA O 136 27.33 -48.42 127.83
C ALA O 136 27.42 -49.33 126.61
N GLU O 137 28.64 -49.48 126.08
CA GLU O 137 28.88 -50.33 124.92
C GLU O 137 28.93 -51.78 125.37
N TYR O 138 28.13 -52.64 124.73
CA TYR O 138 28.10 -54.05 125.09
C TYR O 138 29.00 -54.88 124.19
N THR O 139 29.82 -55.73 124.79
CA THR O 139 30.70 -56.62 124.03
C THR O 139 30.15 -58.02 124.19
N ASP O 140 30.32 -58.59 125.39
CA ASP O 140 29.79 -59.91 125.70
C ASP O 140 29.38 -59.93 127.19
N ALA O 141 28.93 -61.07 127.72
CA ALA O 141 28.54 -61.08 129.13
C ALA O 141 29.69 -61.00 130.13
N ASP O 142 30.91 -61.17 129.64
CA ASP O 142 32.09 -61.13 130.49
C ASP O 142 32.73 -59.75 130.51
N GLY O 143 32.18 -58.85 129.71
CA GLY O 143 32.73 -57.50 129.64
C GLY O 143 32.76 -56.78 130.98
N ASP O 144 33.69 -55.84 131.12
CA ASP O 144 33.83 -55.05 132.34
C ASP O 144 33.04 -53.76 132.18
N TYR O 145 31.88 -53.69 132.84
CA TYR O 145 31.01 -52.53 132.73
C TYR O 145 30.94 -51.69 134.01
N LYS O 146 31.68 -52.11 135.03
CA LYS O 146 31.68 -51.38 136.29
C LYS O 146 31.98 -49.89 136.07
N GLY O 147 31.09 -49.04 136.56
CA GLY O 147 31.29 -47.60 136.41
C GLY O 147 30.97 -47.07 135.03
N LYS O 148 30.43 -47.92 134.16
CA LYS O 148 30.09 -47.50 132.81
C LYS O 148 28.59 -47.45 132.59
N GLY O 149 28.14 -46.45 131.83
CA GLY O 149 26.72 -46.31 131.56
C GLY O 149 25.99 -45.68 132.74
N VAL O 150 24.68 -45.51 132.60
CA VAL O 150 23.88 -44.91 133.66
C VAL O 150 23.31 -45.96 134.61
N ASP O 151 23.61 -45.81 135.89
CA ASP O 151 23.10 -46.73 136.91
C ASP O 151 21.76 -46.20 137.39
N GLN O 152 20.71 -46.55 136.66
CA GLN O 152 19.36 -46.11 136.98
C GLN O 152 18.89 -46.57 138.37
N LEU O 153 19.17 -47.82 138.69
CA LEU O 153 18.75 -48.38 139.97
C LEU O 153 19.27 -47.62 141.18
N GLN O 154 20.57 -47.33 141.21
CA GLN O 154 21.13 -46.60 142.35
C GLN O 154 20.59 -45.18 142.39
N ARG O 155 20.37 -44.59 141.21
CA ARG O 155 19.84 -43.23 141.16
C ARG O 155 18.44 -43.21 141.75
N VAL O 156 17.68 -44.28 141.50
CA VAL O 156 16.33 -44.40 142.04
C VAL O 156 16.40 -44.42 143.56
N ILE O 157 17.36 -45.16 144.09
CA ILE O 157 17.56 -45.28 145.53
C ILE O 157 17.90 -43.91 146.12
N ASP O 158 18.92 -43.27 145.55
CA ASP O 158 19.37 -41.96 146.00
C ASP O 158 18.26 -40.91 145.96
N THR O 159 17.46 -40.94 144.90
CA THR O 159 16.38 -39.97 144.74
C THR O 159 15.26 -40.17 145.76
N ILE O 160 14.91 -41.42 146.03
CA ILE O 160 13.86 -41.71 147.01
C ILE O 160 14.26 -41.22 148.39
N LYS O 161 15.55 -41.32 148.70
CA LYS O 161 16.07 -40.91 149.99
C LYS O 161 16.30 -39.40 150.15
N ASN O 162 16.79 -38.76 149.10
CA ASN O 162 17.09 -37.33 149.18
C ASN O 162 16.14 -36.36 148.49
N ASN O 163 15.30 -36.86 147.58
CA ASN O 163 14.35 -36.00 146.90
C ASN O 163 13.15 -36.83 146.43
N PRO O 164 12.41 -37.40 147.39
CA PRO O 164 11.22 -38.24 147.17
C PRO O 164 10.10 -37.68 146.30
N THR O 165 9.92 -36.37 146.30
CA THR O 165 8.87 -35.77 145.49
C THR O 165 9.29 -35.61 144.03
N ASP O 166 10.48 -36.09 143.70
CA ASP O 166 10.97 -36.00 142.33
C ASP O 166 9.98 -36.78 141.46
N ARG O 167 9.78 -36.33 140.23
CA ARG O 167 8.84 -36.99 139.34
C ARG O 167 9.49 -37.76 138.19
N ARG O 168 10.79 -38.05 138.33
CA ARG O 168 11.55 -38.79 137.33
C ARG O 168 12.16 -40.09 137.89
N ILE O 169 11.58 -40.63 138.94
CA ILE O 169 12.10 -41.86 139.54
C ILE O 169 11.73 -43.04 138.64
N ILE O 170 12.48 -43.17 137.54
CA ILE O 170 12.23 -44.22 136.56
C ILE O 170 13.34 -45.26 136.43
N LEU O 171 12.92 -46.50 136.20
CA LEU O 171 13.83 -47.62 136.02
C LEU O 171 13.37 -48.29 134.72
N SER O 172 14.15 -48.14 133.66
CA SER O 172 13.77 -48.70 132.37
C SER O 172 14.86 -49.53 131.70
N ALA O 173 14.43 -50.58 131.01
CA ALA O 173 15.34 -51.48 130.30
C ALA O 173 15.18 -51.34 128.80
N TRP O 174 14.20 -50.54 128.38
CA TRP O 174 13.95 -50.34 126.96
C TRP O 174 15.04 -49.47 126.33
N ASN O 175 15.70 -50.02 125.32
CA ASN O 175 16.77 -49.32 124.62
C ASN O 175 16.66 -49.66 123.13
N PRO O 176 16.03 -48.77 122.35
CA PRO O 176 15.86 -48.98 120.91
C PRO O 176 17.14 -49.30 120.16
N LYS O 177 18.26 -48.75 120.62
CA LYS O 177 19.53 -48.99 119.96
C LYS O 177 20.09 -50.39 120.23
N ASP O 178 19.94 -50.88 121.46
CA ASP O 178 20.44 -52.19 121.84
C ASP O 178 19.52 -53.37 121.54
N LEU O 179 18.27 -53.08 121.20
CA LEU O 179 17.30 -54.14 120.92
C LEU O 179 17.81 -55.30 120.07
N PRO O 180 18.36 -55.01 118.87
CA PRO O 180 18.87 -56.10 118.02
C PRO O 180 19.95 -56.98 118.65
N LEU O 181 20.58 -56.48 119.71
CA LEU O 181 21.62 -57.24 120.39
C LEU O 181 21.02 -58.12 121.47
N MET O 182 19.74 -57.91 121.75
CA MET O 182 19.03 -58.67 122.77
C MET O 182 18.39 -59.94 122.22
N ALA O 183 18.56 -61.05 122.94
CA ALA O 183 17.97 -62.32 122.53
C ALA O 183 16.46 -62.15 122.51
N LEU O 184 15.98 -61.23 123.36
CA LEU O 184 14.54 -60.97 123.46
C LEU O 184 14.35 -59.56 124.02
N PRO O 185 13.49 -58.75 123.39
CA PRO O 185 13.23 -57.39 123.88
C PRO O 185 12.56 -57.42 125.25
N PRO O 186 12.83 -56.40 126.09
CA PRO O 186 12.25 -56.33 127.44
C PRO O 186 10.72 -56.37 127.43
N CYS O 187 10.13 -57.25 128.25
CA CYS O 187 8.68 -57.35 128.34
C CYS O 187 8.26 -56.26 129.34
N HIS O 188 8.79 -56.35 130.56
CA HIS O 188 8.52 -55.31 131.54
C HIS O 188 9.57 -54.27 131.20
N MET O 189 9.20 -53.33 130.33
CA MET O 189 10.12 -52.31 129.85
C MET O 189 10.48 -51.16 130.78
N PHE O 190 9.75 -50.98 131.87
CA PHE O 190 10.06 -49.90 132.81
C PHE O 190 9.04 -49.81 133.93
N CYS O 191 9.41 -49.09 134.98
CA CYS O 191 8.53 -48.88 136.11
C CYS O 191 8.84 -47.51 136.74
N GLN O 192 7.86 -46.95 137.43
CA GLN O 192 8.02 -45.66 138.07
C GLN O 192 7.67 -45.77 139.54
N PHE O 193 8.53 -45.22 140.39
CA PHE O 193 8.30 -45.26 141.82
C PHE O 193 7.75 -43.92 142.31
N PHE O 194 6.92 -43.99 143.34
CA PHE O 194 6.30 -42.81 143.92
C PHE O 194 6.39 -42.89 145.43
N VAL O 195 6.74 -41.77 146.07
CA VAL O 195 6.86 -41.73 147.51
C VAL O 195 5.88 -40.76 148.14
N SER O 196 5.03 -41.27 149.02
CA SER O 196 4.06 -40.43 149.71
C SER O 196 4.71 -39.94 151.00
N LEU O 197 4.71 -38.62 151.21
CA LEU O 197 5.30 -38.04 152.40
C LEU O 197 4.47 -38.36 153.64
N PRO O 198 5.11 -38.41 154.82
CA PRO O 198 4.42 -38.70 156.07
C PRO O 198 3.31 -37.69 156.34
N PRO O 199 2.11 -38.19 156.71
CA PRO O 199 0.97 -37.31 156.99
C PRO O 199 1.28 -36.32 158.11
N PRO O 203 4.46 -37.15 161.66
CA PRO O 203 5.63 -36.94 160.78
C PRO O 203 6.76 -37.92 161.07
N GLY O 204 6.54 -38.81 162.04
CA GLY O 204 7.55 -39.79 162.38
C GLY O 204 7.43 -41.07 161.57
N SER O 205 6.27 -41.26 160.96
CA SER O 205 6.01 -42.46 160.15
C SER O 205 6.93 -42.50 158.93
N LYS O 206 7.09 -43.68 158.37
CA LYS O 206 7.93 -43.87 157.19
C LYS O 206 7.17 -43.51 155.93
N PRO O 207 7.85 -42.87 154.96
CA PRO O 207 7.15 -42.50 153.72
C PRO O 207 6.69 -43.79 153.03
N LYS O 208 5.58 -43.73 152.32
CA LYS O 208 5.07 -44.92 151.63
C LYS O 208 5.58 -44.99 150.20
N LEU O 209 6.06 -46.17 149.82
CA LEU O 209 6.60 -46.39 148.48
C LEU O 209 5.67 -47.23 147.60
N SER O 210 5.40 -46.71 146.41
CA SER O 210 4.56 -47.41 145.45
C SER O 210 5.33 -47.62 144.16
N CYS O 211 4.86 -48.56 143.34
CA CYS O 211 5.52 -48.86 142.07
C CYS O 211 4.55 -49.22 140.97
N LEU O 212 4.70 -48.58 139.82
CA LEU O 212 3.86 -48.85 138.67
C LEU O 212 4.77 -49.36 137.56
N MET O 213 4.46 -50.55 137.06
CA MET O 213 5.26 -51.16 136.01
C MET O 213 4.40 -51.37 134.76
N TYR O 214 4.97 -51.11 133.61
CA TYR O 214 4.27 -51.29 132.35
C TYR O 214 4.89 -52.46 131.60
N GLN O 215 4.06 -53.40 131.17
CA GLN O 215 4.52 -54.57 130.43
C GLN O 215 3.89 -54.56 129.03
N ARG O 216 4.73 -54.44 128.01
CA ARG O 216 4.28 -54.38 126.62
C ARG O 216 3.62 -55.67 126.14
N SER O 217 4.18 -56.81 126.55
CA SER O 217 3.68 -58.12 126.16
C SER O 217 3.58 -58.97 127.42
N CYS O 218 2.40 -59.56 127.64
CA CYS O 218 2.19 -60.34 128.84
C CYS O 218 1.65 -61.75 128.64
N ASP O 219 2.47 -62.73 128.99
CA ASP O 219 2.09 -64.14 128.92
C ASP O 219 1.45 -64.39 130.27
N LEU O 220 0.14 -64.27 130.35
CA LEU O 220 -0.55 -64.46 131.62
C LEU O 220 -0.36 -65.81 132.29
N GLY O 221 -0.25 -66.86 131.50
CA GLY O 221 -0.08 -68.19 132.09
C GLY O 221 1.25 -68.36 132.81
N LEU O 222 2.34 -68.08 132.12
CA LEU O 222 3.67 -68.24 132.69
C LEU O 222 4.39 -66.96 133.16
N GLY O 223 4.33 -65.91 132.36
CA GLY O 223 5.03 -64.68 132.71
C GLY O 223 4.49 -63.81 133.82
N VAL O 224 3.24 -63.38 133.68
CA VAL O 224 2.60 -62.51 134.67
C VAL O 224 2.80 -62.94 136.12
N PRO O 225 2.67 -64.24 136.42
CA PRO O 225 2.87 -64.65 137.82
C PRO O 225 4.24 -64.23 138.34
N PHE O 226 5.27 -64.39 137.50
CA PHE O 226 6.62 -64.00 137.86
C PHE O 226 6.77 -62.49 137.95
N ASN O 227 6.30 -61.78 136.92
CA ASN O 227 6.38 -60.33 136.88
C ASN O 227 5.78 -59.66 138.11
N ILE O 228 4.59 -60.10 138.50
CA ILE O 228 3.91 -59.53 139.65
C ILE O 228 4.74 -59.68 140.93
N ALA O 229 5.20 -60.90 141.19
CA ALA O 229 6.00 -61.17 142.38
C ALA O 229 7.36 -60.49 142.32
N SER O 230 7.94 -60.45 141.12
CA SER O 230 9.24 -59.84 140.91
C SER O 230 9.27 -58.36 141.30
N TYR O 231 8.38 -57.57 140.72
CA TYR O 231 8.35 -56.14 141.02
C TYR O 231 7.85 -55.85 142.42
N ALA O 232 7.05 -56.76 142.98
CA ALA O 232 6.57 -56.58 144.34
C ALA O 232 7.79 -56.73 145.23
N LEU O 233 8.63 -57.72 144.93
CA LEU O 233 9.83 -57.98 145.69
C LEU O 233 10.82 -56.83 145.54
N LEU O 234 10.96 -56.31 144.32
CA LEU O 234 11.88 -55.21 144.08
C LEU O 234 11.49 -54.01 144.94
N THR O 235 10.20 -53.75 145.04
CA THR O 235 9.69 -52.64 145.82
C THR O 235 10.00 -52.86 147.31
N HIS O 236 9.86 -54.09 147.77
CA HIS O 236 10.17 -54.42 149.16
C HIS O 236 11.65 -54.19 149.42
N MET O 237 12.49 -54.60 148.47
CA MET O 237 13.94 -54.44 148.58
C MET O 237 14.31 -52.96 148.68
N ILE O 238 13.83 -52.18 147.71
CA ILE O 238 14.11 -50.75 147.67
C ILE O 238 13.58 -50.04 148.92
N ALA O 239 12.46 -50.52 149.44
CA ALA O 239 11.86 -49.93 150.64
C ALA O 239 12.81 -50.09 151.82
N LEU O 240 13.42 -51.27 151.95
CA LEU O 240 14.34 -51.55 153.04
C LEU O 240 15.57 -50.66 153.00
N ILE O 241 16.13 -50.48 151.81
CA ILE O 241 17.32 -49.67 151.65
C ILE O 241 17.06 -48.17 151.79
N THR O 242 15.85 -47.73 151.46
CA THR O 242 15.51 -46.32 151.53
C THR O 242 14.71 -45.92 152.78
N ASP O 243 14.54 -46.86 153.71
CA ASP O 243 13.80 -46.57 154.93
C ASP O 243 12.36 -46.13 154.65
N THR O 244 11.74 -46.75 153.64
CA THR O 244 10.36 -46.43 153.30
C THR O 244 9.49 -47.66 153.51
N GLU O 245 8.19 -47.46 153.53
CA GLU O 245 7.25 -48.55 153.75
C GLU O 245 6.54 -48.93 152.45
N PRO O 246 6.70 -50.18 151.99
CA PRO O 246 6.03 -50.59 150.76
C PRO O 246 4.54 -50.37 150.87
N HIS O 247 3.94 -49.79 149.83
CA HIS O 247 2.51 -49.50 149.86
C HIS O 247 1.68 -50.19 148.79
N GLU O 248 1.94 -49.87 147.53
CA GLU O 248 1.16 -50.44 146.45
C GLU O 248 1.96 -50.73 145.18
N PHE O 249 1.54 -51.75 144.45
CA PHE O 249 2.17 -52.11 143.19
C PHE O 249 1.11 -52.12 142.11
N ILE O 250 1.33 -51.37 141.05
CA ILE O 250 0.38 -51.31 139.95
C ILE O 250 1.03 -51.90 138.70
N LEU O 251 0.25 -52.69 137.96
CA LEU O 251 0.75 -53.33 136.76
C LEU O 251 -0.14 -53.06 135.56
N GLN O 252 0.36 -52.27 134.61
CA GLN O 252 -0.38 -51.95 133.41
C GLN O 252 0.13 -52.82 132.27
N MET O 253 -0.79 -53.46 131.55
CA MET O 253 -0.43 -54.34 130.46
C MET O 253 -0.74 -53.77 129.08
N GLY O 254 0.09 -54.13 128.10
CA GLY O 254 -0.13 -53.70 126.74
C GLY O 254 -0.84 -54.83 126.03
N ASP O 255 -0.07 -55.73 125.44
CA ASP O 255 -0.63 -56.89 124.75
C ASP O 255 -0.77 -58.01 125.78
N ALA O 256 -1.96 -58.14 126.34
CA ALA O 256 -2.26 -59.17 127.34
C ALA O 256 -2.81 -60.39 126.61
N HIS O 257 -2.07 -61.50 126.67
CA HIS O 257 -2.49 -62.71 125.97
C HIS O 257 -2.35 -64.02 126.73
N VAL O 258 -3.05 -65.03 126.23
CA VAL O 258 -3.04 -66.38 126.78
C VAL O 258 -2.71 -67.30 125.60
N TYR O 259 -1.58 -68.00 125.68
CA TYR O 259 -1.20 -68.89 124.59
C TYR O 259 -2.22 -69.99 124.39
N ARG O 260 -2.40 -70.40 123.14
CA ARG O 260 -3.34 -71.46 122.77
C ARG O 260 -3.20 -72.71 123.61
N ASP O 261 -1.95 -73.13 123.86
CA ASP O 261 -1.70 -74.33 124.64
C ASP O 261 -1.77 -74.12 126.15
N HIS O 262 -2.25 -72.96 126.58
CA HIS O 262 -2.37 -72.65 128.00
C HIS O 262 -3.83 -72.58 128.43
N VAL O 263 -4.73 -72.46 127.45
CA VAL O 263 -6.16 -72.37 127.72
C VAL O 263 -6.70 -73.46 128.63
N GLU O 264 -6.52 -74.72 128.25
CA GLU O 264 -7.01 -75.83 129.05
C GLU O 264 -6.37 -75.89 130.44
N PRO O 265 -5.04 -75.75 130.52
CA PRO O 265 -4.41 -75.81 131.84
C PRO O 265 -4.92 -74.71 132.78
N LEU O 266 -5.14 -73.53 132.21
CA LEU O 266 -5.63 -72.39 132.99
C LEU O 266 -7.06 -72.59 133.46
N LYS O 267 -7.88 -73.28 132.67
CA LYS O 267 -9.26 -73.52 133.06
C LYS O 267 -9.30 -74.28 134.38
N THR O 268 -8.30 -75.13 134.60
CA THR O 268 -8.21 -75.90 135.83
C THR O 268 -7.91 -74.97 136.99
N GLN O 269 -7.04 -73.99 136.74
CA GLN O 269 -6.66 -73.03 137.77
C GLN O 269 -7.81 -72.09 138.12
N LEU O 270 -8.62 -71.75 137.12
CA LEU O 270 -9.76 -70.86 137.32
C LEU O 270 -10.79 -71.42 138.30
N GLU O 271 -10.74 -72.73 138.53
CA GLU O 271 -11.67 -73.39 139.43
C GLU O 271 -11.25 -73.27 140.90
N ARG O 272 -10.00 -72.87 141.11
CA ARG O 272 -9.46 -72.76 142.46
C ARG O 272 -9.67 -71.41 143.16
N GLU O 273 -9.98 -71.48 144.45
CA GLU O 273 -10.19 -70.30 145.27
C GLU O 273 -8.86 -69.91 145.90
N PRO O 274 -8.46 -68.63 145.73
CA PRO O 274 -7.20 -68.12 146.28
C PRO O 274 -7.08 -68.21 147.80
N ARG O 275 -5.85 -68.39 148.27
CA ARG O 275 -5.55 -68.44 149.70
C ARG O 275 -4.94 -67.07 150.01
N ASP O 276 -5.00 -66.64 151.27
CA ASP O 276 -4.44 -65.34 151.63
C ASP O 276 -2.97 -65.29 151.19
N PHE O 277 -2.56 -64.15 150.65
CA PHE O 277 -1.17 -63.99 150.21
C PHE O 277 -0.20 -64.15 151.38
N PRO O 278 1.02 -64.63 151.09
CA PRO O 278 2.04 -64.83 152.12
C PRO O 278 2.68 -63.49 152.48
N LYS O 279 3.53 -63.50 153.50
CA LYS O 279 4.19 -62.27 153.92
C LYS O 279 5.71 -62.39 153.77
N LEU O 280 6.37 -61.28 153.52
CA LEU O 280 7.81 -61.25 153.35
C LEU O 280 8.52 -60.71 154.59
N LYS O 281 9.60 -61.39 154.97
CA LYS O 281 10.40 -60.99 156.12
C LYS O 281 11.86 -61.09 155.70
N TRP O 282 12.72 -60.30 156.32
CA TRP O 282 14.14 -60.32 155.98
C TRP O 282 14.94 -61.12 157.00
N ALA O 283 15.84 -61.96 156.50
CA ALA O 283 16.67 -62.79 157.37
C ALA O 283 17.78 -61.97 158.01
N ARG O 284 18.05 -60.81 157.43
CA ARG O 284 19.09 -59.92 157.96
C ARG O 284 18.57 -58.49 158.06
N SER O 285 19.34 -57.62 158.70
CA SER O 285 18.96 -56.23 158.88
C SER O 285 19.41 -55.36 157.70
N LYS O 286 18.91 -54.13 157.68
CA LYS O 286 19.27 -53.18 156.64
C LYS O 286 20.77 -52.97 156.62
N GLU O 287 21.34 -52.79 157.81
CA GLU O 287 22.77 -52.57 157.96
C GLU O 287 23.60 -53.72 157.43
N GLU O 288 23.17 -54.95 157.74
CA GLU O 288 23.88 -56.14 157.28
C GLU O 288 23.82 -56.25 155.76
N ILE O 289 22.64 -56.05 155.20
CA ILE O 289 22.48 -56.13 153.75
C ILE O 289 23.27 -55.01 153.09
N GLY O 290 23.28 -53.84 153.73
CA GLY O 290 24.03 -52.71 153.20
C GLY O 290 23.31 -51.87 152.17
N ASP O 291 23.35 -52.33 150.92
CA ASP O 291 22.70 -51.61 149.83
C ASP O 291 21.92 -52.56 148.92
N ILE O 292 21.41 -52.03 147.82
CA ILE O 292 20.64 -52.81 146.87
C ILE O 292 21.41 -54.00 146.28
N ASP O 293 22.74 -53.94 146.32
CA ASP O 293 23.57 -55.01 145.77
C ASP O 293 23.99 -56.03 146.83
N GLY O 294 23.49 -55.89 148.05
CA GLY O 294 23.85 -56.81 149.10
C GLY O 294 22.86 -57.90 149.45
N PHE O 295 21.78 -58.01 148.68
CA PHE O 295 20.77 -59.04 148.96
C PHE O 295 21.20 -60.42 148.50
N LYS O 296 20.71 -61.44 149.20
CA LYS O 296 21.00 -62.84 148.89
C LYS O 296 19.68 -63.60 148.90
N VAL O 297 19.61 -64.68 148.13
CA VAL O 297 18.39 -65.48 148.06
C VAL O 297 17.86 -65.82 149.45
N GLU O 298 18.74 -66.30 150.33
CA GLU O 298 18.36 -66.68 151.68
C GLU O 298 17.86 -65.54 152.55
N ASP O 299 17.98 -64.30 152.08
CA ASP O 299 17.51 -63.15 152.85
C ASP O 299 15.98 -63.07 152.79
N PHE O 300 15.42 -63.58 151.71
CA PHE O 300 13.97 -63.55 151.52
C PHE O 300 13.25 -64.65 152.27
N VAL O 301 12.60 -64.28 153.39
CA VAL O 301 11.86 -65.25 154.19
C VAL O 301 10.37 -65.07 153.95
N VAL O 302 9.82 -65.92 153.08
CA VAL O 302 8.39 -65.86 152.76
C VAL O 302 7.64 -66.86 153.63
N GLU O 303 6.75 -66.35 154.47
CA GLU O 303 5.99 -67.21 155.36
C GLU O 303 4.49 -67.17 155.08
N GLY O 304 3.83 -68.30 155.30
CA GLY O 304 2.41 -68.39 155.08
C GLY O 304 1.98 -68.67 153.65
N TYR O 305 2.92 -69.12 152.81
CA TYR O 305 2.59 -69.41 151.41
C TYR O 305 1.88 -70.76 151.36
N LYS O 306 0.62 -70.75 150.96
CA LYS O 306 -0.16 -71.99 150.87
C LYS O 306 -0.90 -72.08 149.54
N PRO O 307 -0.16 -72.39 148.46
CA PRO O 307 -0.72 -72.51 147.12
C PRO O 307 -1.32 -73.89 146.81
N TRP O 308 -2.07 -73.96 145.71
CA TRP O 308 -2.65 -75.22 145.28
C TRP O 308 -1.56 -75.91 144.48
N GLY O 309 -1.89 -77.04 143.87
CA GLY O 309 -0.90 -77.77 143.08
C GLY O 309 -0.36 -76.99 141.90
N LYS O 310 0.77 -77.47 141.37
CA LYS O 310 1.40 -76.83 140.23
C LYS O 310 0.57 -77.11 138.98
N ILE O 311 0.71 -76.25 137.98
CA ILE O 311 0.00 -76.40 136.72
C ILE O 311 1.00 -76.32 135.60
N ASP O 312 1.19 -77.42 134.89
CA ASP O 312 2.15 -77.50 133.80
C ASP O 312 1.73 -76.70 132.58
N MET O 313 2.62 -75.82 132.13
CA MET O 313 2.38 -75.00 130.95
C MET O 313 3.70 -74.84 130.21
N LYS O 314 3.69 -75.15 128.92
CA LYS O 314 4.90 -75.05 128.09
C LYS O 314 5.14 -73.63 127.64
N MET O 315 6.40 -73.21 127.68
CA MET O 315 6.76 -71.87 127.25
C MET O 315 7.09 -71.87 125.76
N SER O 316 6.57 -70.89 125.04
CA SER O 316 6.83 -70.78 123.61
C SER O 316 8.03 -69.88 123.37
N ALA O 317 9.11 -70.47 122.86
CA ALA O 317 10.34 -69.74 122.57
C ALA O 317 10.15 -68.70 121.48
N PRO P 16 -23.94 -38.68 130.74
CA PRO P 16 -23.00 -39.09 131.82
C PRO P 16 -21.90 -39.99 131.28
N ASP P 17 -22.06 -40.43 130.04
CA ASP P 17 -21.07 -41.30 129.42
C ASP P 17 -20.03 -40.52 128.62
N HIS P 18 -20.16 -39.20 128.58
CA HIS P 18 -19.20 -38.40 127.83
C HIS P 18 -17.80 -38.64 128.38
N GLU P 19 -16.90 -39.03 127.49
CA GLU P 19 -15.51 -39.34 127.86
C GLU P 19 -14.77 -38.22 128.58
N GLU P 20 -15.17 -36.97 128.36
CA GLU P 20 -14.49 -35.85 129.00
C GLU P 20 -14.67 -35.84 130.52
N TYR P 21 -15.71 -36.52 131.01
CA TYR P 21 -15.94 -36.57 132.45
C TYR P 21 -14.80 -37.29 133.16
N GLN P 22 -14.08 -38.13 132.43
CA GLN P 22 -12.95 -38.86 132.99
C GLN P 22 -11.95 -37.81 133.48
N TYR P 23 -11.69 -36.84 132.61
CA TYR P 23 -10.75 -35.76 132.90
C TYR P 23 -11.26 -34.87 134.03
N LEU P 24 -12.53 -34.49 133.95
CA LEU P 24 -13.13 -33.63 134.96
C LEU P 24 -13.20 -34.32 136.33
N ASP P 25 -13.61 -35.59 136.33
CA ASP P 25 -13.71 -36.34 137.57
C ASP P 25 -12.37 -36.53 138.27
N LEU P 26 -11.31 -36.76 137.50
CA LEU P 26 -9.99 -36.95 138.09
C LEU P 26 -9.50 -35.67 138.77
N ILE P 27 -9.74 -34.54 138.12
CA ILE P 27 -9.33 -33.25 138.68
C ILE P 27 -10.07 -33.02 140.00
N ARG P 28 -11.37 -33.31 140.00
CA ARG P 28 -12.20 -33.14 141.18
C ARG P 28 -11.65 -34.02 142.30
N ARG P 29 -11.29 -35.25 141.96
CA ARG P 29 -10.76 -36.19 142.94
C ARG P 29 -9.41 -35.74 143.49
N ILE P 30 -8.53 -35.28 142.62
CA ILE P 30 -7.20 -34.81 143.04
C ILE P 30 -7.33 -33.64 144.01
N ILE P 31 -8.22 -32.71 143.69
CA ILE P 31 -8.43 -31.54 144.56
C ILE P 31 -9.01 -31.98 145.90
N ASN P 32 -9.92 -32.94 145.87
CA ASN P 32 -10.57 -33.44 147.08
C ASN P 32 -9.70 -34.30 148.00
N VAL P 33 -9.15 -35.38 147.48
CA VAL P 33 -8.32 -36.27 148.29
C VAL P 33 -6.84 -36.33 147.89
N GLY P 34 -6.43 -35.44 146.99
CA GLY P 34 -5.05 -35.43 146.57
C GLY P 34 -4.12 -35.05 147.71
N GLU P 35 -2.84 -35.38 147.57
CA GLU P 35 -1.84 -35.07 148.59
C GLU P 35 -1.07 -33.79 148.23
N VAL P 36 -1.02 -32.86 149.17
CA VAL P 36 -0.31 -31.60 148.96
C VAL P 36 1.19 -31.91 148.99
N ARG P 37 1.89 -31.57 147.92
CA ARG P 37 3.32 -31.86 147.85
C ARG P 37 4.16 -30.74 147.24
N PRO P 38 5.44 -30.67 147.65
CA PRO P 38 6.37 -29.66 147.14
C PRO P 38 6.79 -30.18 145.77
N ASP P 39 7.40 -29.36 144.94
CA ASP P 39 7.81 -29.83 143.63
C ASP P 39 8.98 -29.03 143.06
N ARG P 40 9.50 -29.51 141.94
CA ARG P 40 10.63 -28.87 141.26
C ARG P 40 10.40 -27.38 140.98
N THR P 41 9.23 -27.05 140.47
CA THR P 41 8.90 -25.66 140.12
C THR P 41 8.84 -24.72 141.31
N GLY P 42 8.44 -25.24 142.47
CA GLY P 42 8.35 -24.42 143.66
C GLY P 42 6.97 -23.85 143.95
N THR P 43 6.02 -24.08 143.05
CA THR P 43 4.67 -23.57 143.27
C THR P 43 3.83 -24.54 144.09
N GLY P 44 4.24 -25.80 144.11
CA GLY P 44 3.51 -26.81 144.85
C GLY P 44 2.36 -27.40 144.07
N THR P 45 1.92 -28.60 144.46
CA THR P 45 0.81 -29.26 143.80
C THR P 45 0.04 -30.17 144.74
N VAL P 46 -1.04 -30.74 144.22
CA VAL P 46 -1.87 -31.69 144.94
C VAL P 46 -1.88 -32.87 143.98
N ALA P 47 -1.51 -34.06 144.44
CA ALA P 47 -1.43 -35.19 143.53
C ALA P 47 -1.86 -36.56 144.01
N LEU P 48 -1.99 -37.46 143.04
CA LEU P 48 -2.36 -38.85 143.24
C LEU P 48 -1.46 -39.65 142.31
N PHE P 49 -1.07 -40.84 142.71
CA PHE P 49 -0.20 -41.67 141.88
C PHE P 49 -0.94 -42.83 141.22
N ALA P 50 -0.66 -43.02 139.93
CA ALA P 50 -1.24 -44.10 139.14
C ALA P 50 -2.75 -44.26 139.22
N PRO P 51 -3.51 -43.18 138.92
CA PRO P 51 -4.97 -43.31 138.98
C PRO P 51 -5.44 -44.10 137.76
N PRO P 52 -6.71 -44.54 137.75
CA PRO P 52 -7.21 -45.31 136.62
C PRO P 52 -6.92 -44.57 135.30
N SER P 53 -6.54 -45.33 134.28
CA SER P 53 -6.21 -44.75 132.98
C SER P 53 -7.43 -44.20 132.24
N PHE P 54 -7.18 -43.27 131.33
CA PHE P 54 -8.25 -42.69 130.53
C PHE P 54 -8.36 -43.47 129.23
N ARG P 55 -9.59 -43.59 128.72
CA ARG P 55 -9.83 -44.30 127.47
C ARG P 55 -10.67 -43.41 126.58
N PHE P 56 -10.20 -43.16 125.37
CA PHE P 56 -10.91 -42.31 124.42
C PHE P 56 -11.11 -43.03 123.10
N SER P 57 -12.34 -43.03 122.59
CA SER P 57 -12.64 -43.67 121.33
C SER P 57 -12.22 -42.77 120.19
N LEU P 58 -11.56 -43.34 119.19
CA LEU P 58 -11.11 -42.58 118.03
C LEU P 58 -11.88 -42.98 116.79
N ALA P 59 -12.93 -43.79 116.98
CA ALA P 59 -13.76 -44.25 115.89
C ALA P 59 -14.59 -43.10 115.31
N ASP P 60 -15.06 -43.28 114.07
CA ASP P 60 -15.87 -42.28 113.40
C ASP P 60 -15.18 -40.92 113.31
N ASN P 61 -13.87 -40.96 113.10
CA ASN P 61 -13.05 -39.75 112.98
C ASN P 61 -13.11 -38.83 114.19
N THR P 62 -13.44 -39.39 115.35
CA THR P 62 -13.54 -38.60 116.58
C THR P 62 -12.18 -38.14 117.12
N LEU P 63 -12.13 -36.89 117.56
CA LEU P 63 -10.92 -36.30 118.13
C LEU P 63 -11.22 -35.82 119.54
N PRO P 64 -10.63 -36.46 120.56
CA PRO P 64 -10.87 -36.07 121.94
C PRO P 64 -10.23 -34.73 122.34
N LEU P 65 -10.75 -33.65 121.75
CA LEU P 65 -10.27 -32.31 122.05
C LEU P 65 -11.22 -31.74 123.10
N LEU P 66 -10.73 -31.57 124.33
CA LEU P 66 -11.56 -31.07 125.43
C LEU P 66 -12.42 -29.87 125.06
N THR P 67 -13.67 -29.89 125.51
CA THR P 67 -14.62 -28.82 125.21
C THR P 67 -14.98 -27.94 126.41
N THR P 68 -14.61 -28.36 127.62
CA THR P 68 -14.95 -27.56 128.80
C THR P 68 -14.09 -26.31 128.90
N LYS P 69 -13.23 -26.11 127.89
CA LYS P 69 -12.36 -24.94 127.81
C LYS P 69 -11.79 -24.91 126.40
N ARG P 70 -11.46 -23.73 125.91
CA ARG P 70 -10.91 -23.62 124.57
C ARG P 70 -9.46 -24.09 124.57
N VAL P 71 -9.17 -25.12 123.80
CA VAL P 71 -7.81 -25.66 123.71
C VAL P 71 -7.12 -25.12 122.46
N PHE P 72 -5.87 -24.70 122.62
CA PHE P 72 -5.09 -24.16 121.51
C PHE P 72 -4.76 -25.28 120.53
N LEU P 73 -5.74 -25.65 119.71
CA LEU P 73 -5.59 -26.71 118.72
C LEU P 73 -4.36 -26.56 117.83
N ARG P 74 -4.23 -25.41 117.20
CA ARG P 74 -3.09 -25.16 116.31
C ARG P 74 -1.78 -25.41 117.04
N GLY P 75 -1.73 -25.08 118.33
CA GLY P 75 -0.52 -25.30 119.11
C GLY P 75 -0.22 -26.77 119.26
N VAL P 76 -1.26 -27.57 119.45
CA VAL P 76 -1.09 -29.00 119.61
C VAL P 76 -0.54 -29.60 118.30
N ILE P 77 -1.19 -29.25 117.19
CA ILE P 77 -0.77 -29.74 115.88
C ILE P 77 0.66 -29.33 115.56
N ALA P 78 0.97 -28.05 115.77
CA ALA P 78 2.31 -27.54 115.49
C ALA P 78 3.37 -28.32 116.27
N GLU P 79 3.16 -28.48 117.57
CA GLU P 79 4.10 -29.23 118.41
C GLU P 79 4.26 -30.66 117.93
N LEU P 80 3.15 -31.30 117.55
CA LEU P 80 3.19 -32.67 117.08
C LEU P 80 4.02 -32.84 115.80
N LEU P 81 3.77 -32.00 114.81
CA LEU P 81 4.52 -32.08 113.56
C LEU P 81 5.97 -31.75 113.85
N TRP P 82 6.17 -30.97 114.89
CA TRP P 82 7.50 -30.59 115.32
C TRP P 82 8.21 -31.84 115.85
N PHE P 83 7.52 -32.61 116.68
CA PHE P 83 8.07 -33.85 117.22
C PHE P 83 8.47 -34.76 116.08
N VAL P 84 7.50 -35.02 115.21
CA VAL P 84 7.69 -35.89 114.05
C VAL P 84 8.91 -35.51 113.22
N SER P 85 9.11 -34.22 113.00
CA SER P 85 10.25 -33.75 112.22
C SER P 85 11.58 -34.03 112.90
N GLY P 86 11.54 -34.35 114.19
CA GLY P 86 12.75 -34.64 114.93
C GLY P 86 13.45 -33.37 115.39
N CYS P 87 12.83 -32.23 115.11
CA CYS P 87 13.40 -30.93 115.49
C CYS P 87 13.34 -30.71 117.00
N THR P 88 14.35 -30.03 117.53
CA THR P 88 14.40 -29.76 118.96
C THR P 88 14.62 -28.27 119.23
N ASP P 89 14.40 -27.45 118.22
CA ASP P 89 14.55 -26.01 118.35
C ASP P 89 13.17 -25.37 118.58
N ALA P 90 12.98 -24.82 119.77
CA ALA P 90 11.70 -24.20 120.12
C ALA P 90 11.37 -22.98 119.27
N LYS P 91 12.38 -22.39 118.64
CA LYS P 91 12.16 -21.23 117.79
C LYS P 91 11.29 -21.59 116.60
N MET P 92 11.27 -22.88 116.25
CA MET P 92 10.48 -23.35 115.13
C MET P 92 8.99 -23.30 115.48
N LEU P 93 8.70 -23.21 116.78
CA LEU P 93 7.33 -23.15 117.25
C LEU P 93 6.94 -21.69 117.48
N SER P 94 7.80 -20.94 118.15
CA SER P 94 7.52 -19.54 118.42
C SER P 94 7.47 -18.71 117.14
N SER P 95 8.19 -19.16 116.11
CA SER P 95 8.19 -18.43 114.85
C SER P 95 6.84 -18.57 114.15
N GLN P 96 6.08 -19.58 114.52
CA GLN P 96 4.77 -19.77 113.92
C GLN P 96 3.64 -19.47 114.92
N GLY P 97 3.97 -18.68 115.93
CA GLY P 97 2.98 -18.28 116.92
C GLY P 97 2.66 -19.25 118.03
N VAL P 98 3.55 -20.22 118.28
CA VAL P 98 3.33 -21.20 119.34
C VAL P 98 4.47 -21.11 120.35
N GLY P 99 4.17 -20.60 121.54
CA GLY P 99 5.22 -20.47 122.55
C GLY P 99 5.12 -21.37 123.76
N ILE P 100 4.53 -22.54 123.60
CA ILE P 100 4.37 -23.47 124.72
C ILE P 100 5.71 -23.94 125.28
N TRP P 101 6.77 -23.86 124.46
CA TRP P 101 8.09 -24.27 124.90
C TRP P 101 9.05 -23.11 125.13
N ASP P 102 8.53 -21.89 125.07
CA ASP P 102 9.36 -20.70 125.29
C ASP P 102 9.87 -20.66 126.72
N GLY P 103 9.04 -21.12 127.65
CA GLY P 103 9.41 -21.12 129.06
C GLY P 103 10.65 -21.93 129.40
N ASN P 104 10.70 -23.17 128.92
CA ASN P 104 11.84 -24.04 129.21
C ASN P 104 12.95 -23.90 128.19
N GLY P 105 12.72 -23.08 127.18
CA GLY P 105 13.72 -22.86 126.16
C GLY P 105 14.40 -21.51 126.31
N SER P 106 13.91 -20.71 127.24
CA SER P 106 14.47 -19.38 127.49
C SER P 106 15.92 -19.48 127.94
N LYS P 107 16.69 -18.45 127.64
CA LYS P 107 18.10 -18.42 128.01
C LYS P 107 18.22 -18.44 129.52
N GLU P 108 17.22 -17.91 130.20
CA GLU P 108 17.23 -17.87 131.67
C GLU P 108 17.11 -19.27 132.24
N PHE P 109 16.15 -20.04 131.72
CA PHE P 109 15.94 -21.40 132.19
C PHE P 109 17.12 -22.32 131.85
N LEU P 110 17.56 -22.26 130.60
CA LEU P 110 18.67 -23.09 130.15
C LEU P 110 19.90 -22.91 131.04
N GLU P 111 20.30 -21.67 131.27
CA GLU P 111 21.45 -21.38 132.11
C GLU P 111 21.16 -21.86 133.53
N LYS P 112 19.89 -21.83 133.90
CA LYS P 112 19.44 -22.25 135.23
C LYS P 112 19.67 -23.74 135.45
N VAL P 113 19.51 -24.54 134.41
CA VAL P 113 19.70 -25.98 134.51
C VAL P 113 21.07 -26.45 134.02
N GLY P 114 22.03 -25.53 133.98
CA GLY P 114 23.37 -25.87 133.55
C GLY P 114 23.58 -26.05 132.05
N LEU P 115 22.73 -25.40 131.25
CA LEU P 115 22.86 -25.51 129.79
C LEU P 115 23.04 -24.12 129.19
N GLY P 116 23.89 -23.30 129.81
CA GLY P 116 24.12 -21.96 129.33
C GLY P 116 24.91 -21.85 128.04
N HIS P 117 25.53 -22.96 127.64
CA HIS P 117 26.33 -22.98 126.42
C HIS P 117 25.46 -23.13 125.18
N ARG P 118 24.16 -23.26 125.38
CA ARG P 118 23.23 -23.41 124.26
C ARG P 118 22.52 -22.10 123.94
N ARG P 119 22.15 -21.92 122.68
CA ARG P 119 21.45 -20.71 122.28
C ARG P 119 19.99 -20.86 122.71
N GLU P 120 19.31 -19.74 122.92
CA GLU P 120 17.92 -19.78 123.33
C GLU P 120 17.07 -20.62 122.36
N GLY P 121 16.23 -21.49 122.91
CA GLY P 121 15.38 -22.31 122.08
C GLY P 121 15.91 -23.72 121.86
N ASP P 122 17.21 -23.92 122.08
CA ASP P 122 17.82 -25.23 121.89
C ASP P 122 17.56 -26.10 123.12
N LEU P 123 16.46 -26.84 123.08
CA LEU P 123 16.05 -27.70 124.19
C LEU P 123 16.93 -28.94 124.40
N GLY P 124 17.68 -29.33 123.39
CA GLY P 124 18.51 -30.50 123.50
C GLY P 124 17.87 -31.71 122.84
N PRO P 125 18.39 -32.92 123.06
CA PRO P 125 17.83 -34.14 122.46
C PRO P 125 16.51 -34.60 123.08
N VAL P 126 15.48 -33.78 122.96
CA VAL P 126 14.17 -34.10 123.51
C VAL P 126 13.30 -34.89 122.55
N TYR P 127 12.05 -35.12 122.94
CA TYR P 127 11.06 -35.86 122.16
C TYR P 127 11.43 -36.20 120.71
N GLY P 128 11.19 -35.25 119.82
CA GLY P 128 11.47 -35.45 118.40
C GLY P 128 12.78 -36.12 118.05
N PHE P 129 13.86 -35.68 118.69
CA PHE P 129 15.18 -36.26 118.43
C PHE P 129 15.24 -37.74 118.80
N GLN P 130 14.71 -38.09 119.97
CA GLN P 130 14.71 -39.49 120.40
C GLN P 130 13.84 -40.33 119.49
N TRP P 131 12.69 -39.75 119.09
CA TRP P 131 11.75 -40.43 118.21
C TRP P 131 12.33 -40.86 116.87
N ARG P 132 13.12 -39.98 116.25
CA ARG P 132 13.69 -40.26 114.94
C ARG P 132 15.19 -40.55 114.92
N HIS P 133 15.89 -40.25 116.00
CA HIS P 133 17.34 -40.46 116.04
C HIS P 133 17.87 -41.02 117.36
N PHE P 134 17.08 -41.87 118.03
CA PHE P 134 17.50 -42.43 119.29
C PHE P 134 18.90 -43.06 119.22
N GLY P 135 19.76 -42.69 120.15
CA GLY P 135 21.10 -43.24 120.19
C GLY P 135 22.16 -42.38 119.53
N ALA P 136 21.74 -41.51 118.61
CA ALA P 136 22.68 -40.64 117.92
C ALA P 136 23.32 -39.64 118.87
N GLU P 137 24.49 -39.12 118.48
CA GLU P 137 25.22 -38.15 119.29
C GLU P 137 24.63 -36.76 119.03
N TYR P 138 24.26 -36.07 120.11
CA TYR P 138 23.68 -34.74 119.97
C TYR P 138 24.74 -33.65 120.15
N THR P 139 24.74 -32.69 119.24
CA THR P 139 25.67 -31.56 119.31
C THR P 139 24.83 -30.35 119.68
N ASP P 140 24.04 -29.86 118.73
CA ASP P 140 23.15 -28.73 118.96
C ASP P 140 21.89 -28.94 118.10
N ALA P 141 20.98 -27.97 118.04
CA ALA P 141 19.77 -28.17 117.24
C ALA P 141 19.98 -28.09 115.74
N ASP P 142 21.14 -27.57 115.33
CA ASP P 142 21.45 -27.43 113.91
C ASP P 142 22.22 -28.62 113.36
N GLY P 143 22.58 -29.55 114.24
CA GLY P 143 23.32 -30.73 113.82
C GLY P 143 22.64 -31.54 112.74
N ASP P 144 23.45 -32.23 111.94
CA ASP P 144 22.94 -33.08 110.87
C ASP P 144 22.77 -34.50 111.40
N TYR P 145 21.52 -34.89 111.64
CA TYR P 145 21.23 -36.21 112.18
C TYR P 145 20.54 -37.15 111.19
N LYS P 146 20.35 -36.68 109.96
CA LYS P 146 19.70 -37.49 108.94
C LYS P 146 20.40 -38.84 108.78
N GLY P 147 19.64 -39.92 108.91
CA GLY P 147 20.19 -41.25 108.78
C GLY P 147 20.99 -41.72 109.98
N LYS P 148 20.96 -40.95 111.06
CA LYS P 148 21.69 -41.31 112.28
C LYS P 148 20.73 -41.69 113.40
N GLY P 149 21.13 -42.68 114.19
CA GLY P 149 20.30 -43.13 115.30
C GLY P 149 19.18 -44.03 114.82
N VAL P 150 18.33 -44.47 115.75
CA VAL P 150 17.21 -45.35 115.40
C VAL P 150 15.94 -44.56 115.14
N ASP P 151 15.35 -44.75 113.97
CA ASP P 151 14.12 -44.06 113.62
C ASP P 151 12.94 -44.91 114.08
N GLN P 152 12.57 -44.74 115.35
CA GLN P 152 11.47 -45.50 115.94
C GLN P 152 10.14 -45.28 115.25
N LEU P 153 9.84 -44.02 114.89
CA LEU P 153 8.58 -43.70 114.26
C LEU P 153 8.36 -44.44 112.94
N GLN P 154 9.35 -44.40 112.05
CA GLN P 154 9.20 -45.09 110.78
C GLN P 154 9.11 -46.60 110.98
N ARG P 155 9.88 -47.12 111.94
CA ARG P 155 9.84 -48.55 112.21
C ARG P 155 8.44 -48.94 112.66
N VAL P 156 7.78 -48.07 113.41
CA VAL P 156 6.43 -48.32 113.88
C VAL P 156 5.50 -48.42 112.66
N ILE P 157 5.68 -47.50 111.72
CA ILE P 157 4.87 -47.47 110.50
C ILE P 157 5.07 -48.76 109.71
N ASP P 158 6.32 -49.12 109.47
CA ASP P 158 6.68 -50.32 108.73
C ASP P 158 6.14 -51.59 109.38
N THR P 159 6.21 -51.64 110.71
CA THR P 159 5.76 -52.80 111.45
C THR P 159 4.24 -52.97 111.41
N ILE P 160 3.51 -51.87 111.52
CA ILE P 160 2.05 -51.91 111.48
C ILE P 160 1.57 -52.41 110.12
N LYS P 161 2.29 -52.04 109.07
CA LYS P 161 1.93 -52.43 107.71
C LYS P 161 2.35 -53.85 107.31
N ASN P 162 3.53 -54.28 107.76
CA ASN P 162 4.03 -55.61 107.39
C ASN P 162 4.01 -56.71 108.44
N ASN P 163 3.85 -56.34 109.71
CA ASN P 163 3.80 -57.34 110.77
C ASN P 163 3.05 -56.77 111.97
N PRO P 164 1.76 -56.46 111.78
CA PRO P 164 0.84 -55.90 112.77
C PRO P 164 0.73 -56.60 114.11
N THR P 165 0.88 -57.93 114.12
CA THR P 165 0.78 -58.67 115.37
C THR P 165 2.04 -58.57 116.22
N ASP P 166 3.05 -57.89 115.71
CA ASP P 166 4.30 -57.71 116.44
C ASP P 166 3.96 -57.09 117.79
N ARG P 167 4.71 -57.46 118.83
CA ARG P 167 4.45 -56.95 120.17
C ARG P 167 5.50 -55.96 120.66
N ARG P 168 6.24 -55.36 119.74
CA ARG P 168 7.28 -54.40 120.06
C ARG P 168 7.07 -53.06 119.37
N ILE P 169 5.84 -52.76 118.99
CA ILE P 169 5.54 -51.49 118.30
C ILE P 169 5.59 -50.37 119.34
N ILE P 170 6.80 -49.95 119.68
CA ILE P 170 7.01 -48.92 120.69
C ILE P 170 7.66 -47.65 120.18
N LEU P 171 7.19 -46.52 120.69
CA LEU P 171 7.72 -45.20 120.34
C LEU P 171 8.09 -44.57 121.69
N SER P 172 9.37 -44.44 121.97
CA SER P 172 9.80 -43.88 123.25
C SER P 172 10.81 -42.74 123.14
N ALA P 173 10.70 -41.78 124.04
CA ALA P 173 11.59 -40.63 124.07
C ALA P 173 12.50 -40.68 125.29
N TRP P 174 12.24 -41.64 126.18
CA TRP P 174 13.03 -41.77 127.40
C TRP P 174 14.43 -42.30 127.08
N ASN P 175 15.44 -41.53 127.46
CA ASN P 175 16.84 -41.91 127.22
C ASN P 175 17.66 -41.48 128.44
N PRO P 176 17.87 -42.39 129.39
CA PRO P 176 18.64 -42.12 130.61
C PRO P 176 19.99 -41.44 130.36
N LYS P 177 20.64 -41.77 129.25
CA LYS P 177 21.93 -41.17 128.94
C LYS P 177 21.83 -39.70 128.51
N ASP P 178 20.81 -39.37 127.72
CA ASP P 178 20.64 -38.01 127.23
C ASP P 178 19.90 -37.05 128.16
N LEU P 179 19.25 -37.58 129.19
CA LEU P 179 18.48 -36.76 130.13
C LEU P 179 19.14 -35.45 130.55
N PRO P 180 20.39 -35.50 131.03
CA PRO P 180 21.07 -34.27 131.45
C PRO P 180 21.24 -33.22 130.35
N LEU P 181 21.13 -33.64 129.10
CA LEU P 181 21.28 -32.71 127.98
C LEU P 181 19.93 -32.09 127.61
N MET P 182 18.87 -32.58 128.25
CA MET P 182 17.52 -32.10 128.00
C MET P 182 17.10 -30.98 128.93
N ALA P 183 16.49 -29.94 128.36
CA ALA P 183 16.02 -28.81 129.15
C ALA P 183 14.97 -29.33 130.13
N LEU P 184 14.29 -30.40 129.72
CA LEU P 184 13.27 -31.01 130.54
C LEU P 184 13.10 -32.47 130.12
N PRO P 185 13.06 -33.40 131.09
CA PRO P 185 12.90 -34.81 130.76
C PRO P 185 11.52 -35.06 130.18
N PRO P 186 11.39 -36.05 129.28
CA PRO P 186 10.11 -36.37 128.64
C PRO P 186 8.99 -36.66 129.64
N CYS P 187 7.83 -36.04 129.44
CA CYS P 187 6.68 -36.28 130.31
C CYS P 187 5.98 -37.51 129.74
N HIS P 188 5.59 -37.45 128.47
CA HIS P 188 4.99 -38.61 127.82
C HIS P 188 6.22 -39.35 127.31
N MET P 189 6.74 -40.26 128.14
CA MET P 189 7.94 -41.00 127.83
C MET P 189 7.87 -42.11 126.78
N PHE P 190 6.67 -42.57 126.45
CA PHE P 190 6.55 -43.62 125.43
C PHE P 190 5.10 -44.03 125.22
N CYS P 191 4.87 -44.74 124.13
CA CYS P 191 3.54 -45.24 123.80
C CYS P 191 3.69 -46.55 123.03
N GLN P 192 2.64 -47.36 123.06
CA GLN P 192 2.63 -48.64 122.37
C GLN P 192 1.41 -48.74 121.49
N PHE P 193 1.61 -49.15 120.23
CA PHE P 193 0.52 -49.29 119.28
C PHE P 193 0.11 -50.74 119.15
N PHE P 194 -1.19 -50.96 118.94
CA PHE P 194 -1.72 -52.31 118.80
C PHE P 194 -2.65 -52.35 117.59
N VAL P 195 -2.55 -53.42 116.80
CA VAL P 195 -3.36 -53.56 115.62
C VAL P 195 -4.27 -54.78 115.69
N SER P 196 -5.58 -54.56 115.62
CA SER P 196 -6.53 -55.66 115.64
C SER P 196 -6.77 -56.10 114.21
N LEU P 197 -6.63 -57.38 113.95
CA LEU P 197 -6.83 -57.92 112.61
C LEU P 197 -8.30 -57.91 112.23
N PRO P 198 -8.60 -57.83 110.92
CA PRO P 198 -9.98 -57.82 110.43
C PRO P 198 -10.74 -59.07 110.87
N PRO P 199 -11.95 -58.90 111.42
CA PRO P 199 -12.75 -60.04 111.86
C PRO P 199 -13.01 -61.04 110.73
N PRO P 203 -13.15 -59.76 106.01
CA PRO P 203 -11.69 -59.62 105.90
C PRO P 203 -11.28 -58.42 105.05
N GLY P 204 -12.26 -57.71 104.52
CA GLY P 204 -11.97 -56.56 103.68
C GLY P 204 -11.83 -55.27 104.49
N SER P 205 -12.34 -55.29 105.72
CA SER P 205 -12.27 -54.12 106.59
C SER P 205 -10.83 -53.76 106.92
N LYS P 206 -10.62 -52.52 107.35
CA LYS P 206 -9.29 -52.04 107.72
C LYS P 206 -8.97 -52.47 109.14
N PRO P 207 -7.71 -52.86 109.40
CA PRO P 207 -7.34 -53.26 110.75
C PRO P 207 -7.53 -52.07 111.67
N LYS P 208 -7.83 -52.31 112.95
CA LYS P 208 -8.03 -51.22 113.88
C LYS P 208 -6.76 -50.90 114.64
N LEU P 209 -6.43 -49.61 114.72
CA LEU P 209 -5.22 -49.16 115.40
C LEU P 209 -5.51 -48.49 116.74
N SER P 210 -4.83 -48.95 117.79
CA SER P 210 -5.00 -48.39 119.12
C SER P 210 -3.65 -47.90 119.63
N CYS P 211 -3.69 -47.03 120.64
CA CYS P 211 -2.47 -46.47 121.20
C CYS P 211 -2.56 -46.26 122.70
N LEU P 212 -1.55 -46.74 123.42
CA LEU P 212 -1.50 -46.56 124.87
C LEU P 212 -0.25 -45.74 125.16
N MET P 213 -0.42 -44.62 125.86
CA MET P 213 0.70 -43.75 126.20
C MET P 213 0.84 -43.61 127.71
N TYR P 214 2.07 -43.65 128.20
CA TYR P 214 2.32 -43.52 129.62
C TYR P 214 3.02 -42.20 129.90
N GLN P 215 2.44 -41.42 130.81
CA GLN P 215 2.97 -40.12 131.18
C GLN P 215 3.40 -40.17 132.65
N ARG P 216 4.70 -40.01 132.89
CA ARG P 216 5.27 -40.05 134.24
C ARG P 216 4.80 -38.90 135.13
N SER P 217 4.69 -37.71 134.54
CA SER P 217 4.27 -36.52 135.27
C SER P 217 3.15 -35.87 134.46
N CYS P 218 2.05 -35.53 135.12
CA CYS P 218 0.93 -34.94 134.41
C CYS P 218 0.33 -33.67 135.02
N ASP P 219 0.50 -32.56 134.32
CA ASP P 219 -0.05 -31.28 134.74
C ASP P 219 -1.44 -31.30 134.13
N LEU P 220 -2.43 -31.73 134.91
CA LEU P 220 -3.80 -31.82 134.39
C LEU P 220 -4.39 -30.52 133.87
N GLY P 221 -4.04 -29.41 134.48
CA GLY P 221 -4.57 -28.13 134.03
C GLY P 221 -4.11 -27.73 132.64
N LEU P 222 -2.80 -27.71 132.43
CA LEU P 222 -2.23 -27.30 131.15
C LEU P 222 -1.71 -28.41 130.24
N GLY P 223 -1.00 -29.38 130.82
CA GLY P 223 -0.44 -30.45 130.02
C GLY P 223 -1.37 -31.49 129.43
N VAL P 224 -2.06 -32.22 130.28
CA VAL P 224 -2.97 -33.27 129.85
C VAL P 224 -3.88 -32.92 128.67
N PRO P 225 -4.48 -31.72 128.65
CA PRO P 225 -5.34 -31.39 127.51
C PRO P 225 -4.58 -31.53 126.19
N PHE P 226 -3.32 -31.07 126.17
CA PHE P 226 -2.49 -31.16 124.99
C PHE P 226 -2.09 -32.61 124.71
N ASN P 227 -1.60 -33.30 125.73
CA ASN P 227 -1.17 -34.69 125.60
C ASN P 227 -2.25 -35.59 124.99
N ILE P 228 -3.48 -35.46 125.49
CA ILE P 228 -4.58 -36.27 124.99
C ILE P 228 -4.82 -36.04 123.49
N ALA P 229 -4.94 -34.78 123.11
CA ALA P 229 -5.18 -34.44 121.70
C ALA P 229 -3.99 -34.79 120.84
N SER P 230 -2.78 -34.55 121.35
CA SER P 230 -1.56 -34.83 120.62
C SER P 230 -1.44 -36.29 120.19
N TYR P 231 -1.53 -37.21 121.14
CA TYR P 231 -1.43 -38.62 120.81
C TYR P 231 -2.64 -39.14 120.02
N ALA P 232 -3.79 -38.51 120.22
CA ALA P 232 -4.98 -38.91 119.48
C ALA P 232 -4.72 -38.57 118.03
N LEU P 233 -4.13 -37.40 117.80
CA LEU P 233 -3.80 -36.94 116.46
C LEU P 233 -2.71 -37.80 115.83
N LEU P 234 -1.71 -38.17 116.62
CA LEU P 234 -0.62 -39.00 116.13
C LEU P 234 -1.16 -40.34 115.63
N THR P 235 -2.11 -40.90 116.38
CA THR P 235 -2.72 -42.16 116.01
C THR P 235 -3.49 -42.02 114.70
N HIS P 236 -4.17 -40.89 114.52
CA HIS P 236 -4.92 -40.63 113.30
C HIS P 236 -3.95 -40.55 112.13
N MET P 237 -2.85 -39.83 112.33
CA MET P 237 -1.82 -39.67 111.31
C MET P 237 -1.27 -41.03 110.88
N ILE P 238 -0.82 -41.81 111.85
CA ILE P 238 -0.27 -43.13 111.58
C ILE P 238 -1.29 -44.03 110.90
N ALA P 239 -2.55 -43.91 111.30
CA ALA P 239 -3.61 -44.72 110.71
C ALA P 239 -3.74 -44.44 109.22
N LEU P 240 -3.64 -43.17 108.85
CA LEU P 240 -3.75 -42.77 107.44
C LEU P 240 -2.61 -43.36 106.60
N ILE P 241 -1.40 -43.27 107.12
CA ILE P 241 -0.23 -43.77 106.40
C ILE P 241 -0.14 -45.29 106.34
N THR P 242 -0.73 -45.98 107.32
CA THR P 242 -0.69 -47.43 107.36
C THR P 242 -1.96 -48.12 106.90
N ASP P 243 -2.92 -47.34 106.39
CA ASP P 243 -4.17 -47.90 105.92
C ASP P 243 -4.92 -48.64 107.01
N THR P 244 -4.91 -48.07 108.22
CA THR P 244 -5.61 -48.68 109.34
C THR P 244 -6.67 -47.70 109.85
N GLU P 245 -7.57 -48.20 110.68
CA GLU P 245 -8.65 -47.37 111.23
C GLU P 245 -8.40 -47.05 112.70
N PRO P 246 -8.30 -45.76 113.04
CA PRO P 246 -8.08 -45.39 114.44
C PRO P 246 -9.20 -45.96 115.29
N HIS P 247 -8.84 -46.59 116.41
CA HIS P 247 -9.84 -47.20 117.27
C HIS P 247 -9.92 -46.63 118.70
N GLU P 248 -8.84 -46.79 119.45
CA GLU P 248 -8.84 -46.32 120.83
C GLU P 248 -7.50 -45.76 121.31
N PHE P 249 -7.56 -44.78 122.20
CA PHE P 249 -6.37 -44.17 122.77
C PHE P 249 -6.46 -44.29 124.28
N ILE P 250 -5.45 -44.91 124.89
CA ILE P 250 -5.42 -45.09 126.33
C ILE P 250 -4.28 -44.25 126.91
N LEU P 251 -4.55 -43.60 128.05
CA LEU P 251 -3.55 -42.77 128.70
C LEU P 251 -3.38 -43.14 130.17
N GLN P 252 -2.20 -43.69 130.50
CA GLN P 252 -1.91 -44.07 131.87
C GLN P 252 -0.99 -43.03 132.50
N MET P 253 -1.38 -42.52 133.66
CA MET P 253 -0.60 -41.50 134.34
C MET P 253 0.16 -42.02 135.55
N GLY P 254 1.30 -41.38 135.82
CA GLY P 254 2.11 -41.74 136.97
C GLY P 254 1.78 -40.71 138.03
N ASP P 255 2.54 -39.62 138.05
CA ASP P 255 2.32 -38.56 139.02
C ASP P 255 1.30 -37.58 138.43
N ALA P 256 0.03 -37.79 138.76
CA ALA P 256 -1.06 -36.95 138.29
C ALA P 256 -1.28 -35.83 139.29
N HIS P 257 -1.00 -34.60 138.89
CA HIS P 257 -1.14 -33.47 139.79
C HIS P 257 -1.84 -32.23 139.24
N VAL P 258 -2.26 -31.38 140.17
CA VAL P 258 -2.92 -30.12 139.86
C VAL P 258 -2.14 -29.05 140.61
N TYR P 259 -1.53 -28.11 139.90
CA TYR P 259 -0.76 -27.08 140.56
C TYR P 259 -1.63 -26.21 141.46
N ARG P 260 -1.03 -25.73 142.54
CA ARG P 260 -1.74 -24.90 143.52
C ARG P 260 -2.47 -23.72 142.89
N ASP P 261 -1.83 -23.06 141.92
CA ASP P 261 -2.43 -21.90 141.27
C ASP P 261 -3.41 -22.27 140.14
N HIS P 262 -3.75 -23.54 140.03
CA HIS P 262 -4.67 -24.00 139.00
C HIS P 262 -6.00 -24.44 139.62
N VAL P 263 -5.99 -24.68 140.93
CA VAL P 263 -7.19 -25.12 141.64
C VAL P 263 -8.43 -24.27 141.39
N GLU P 264 -8.34 -22.97 141.66
CA GLU P 264 -9.47 -22.09 141.46
C GLU P 264 -9.91 -22.01 140.00
N PRO P 265 -8.96 -21.82 139.07
CA PRO P 265 -9.34 -21.74 137.66
C PRO P 265 -10.06 -23.01 137.18
N LEU P 266 -9.61 -24.16 137.68
CA LEU P 266 -10.21 -25.44 137.30
C LEU P 266 -11.61 -25.63 137.88
N LYS P 267 -11.85 -25.06 139.06
CA LYS P 267 -13.16 -25.18 139.68
C LYS P 267 -14.23 -24.58 138.77
N THR P 268 -13.83 -23.55 138.03
CA THR P 268 -14.74 -22.89 137.09
C THR P 268 -15.03 -23.83 135.94
N GLN P 269 -14.02 -24.57 135.50
CA GLN P 269 -14.17 -25.51 134.40
C GLN P 269 -15.03 -26.71 134.78
N LEU P 270 -14.91 -27.13 136.04
CA LEU P 270 -15.66 -28.28 136.54
C LEU P 270 -17.17 -28.04 136.51
N GLU P 271 -17.58 -26.79 136.42
CA GLU P 271 -18.99 -26.44 136.39
C GLU P 271 -19.60 -26.58 135.00
N ARG P 272 -18.75 -26.70 133.99
CA ARG P 272 -19.19 -26.80 132.60
C ARG P 272 -19.48 -28.21 132.10
N GLU P 273 -20.55 -28.31 131.30
CA GLU P 273 -20.96 -29.58 130.72
C GLU P 273 -20.30 -29.72 129.35
N PRO P 274 -19.63 -30.85 129.11
CA PRO P 274 -18.94 -31.12 127.85
C PRO P 274 -19.83 -31.13 126.61
N ARG P 275 -19.27 -30.71 125.49
CA ARG P 275 -19.97 -30.71 124.21
C ARG P 275 -19.42 -31.92 123.45
N ASP P 276 -20.18 -32.47 122.52
CA ASP P 276 -19.69 -33.62 121.76
C ASP P 276 -18.34 -33.30 121.13
N PHE P 277 -17.41 -34.24 121.21
CA PHE P 277 -16.09 -34.04 120.63
C PHE P 277 -16.18 -33.76 119.13
N PRO P 278 -15.21 -33.00 118.59
CA PRO P 278 -15.19 -32.67 117.16
C PRO P 278 -14.65 -33.86 116.37
N LYS P 279 -14.66 -33.75 115.05
CA LYS P 279 -14.17 -34.82 114.21
C LYS P 279 -13.02 -34.32 113.34
N LEU P 280 -12.11 -35.23 113.00
CA LEU P 280 -10.95 -34.91 112.20
C LEU P 280 -11.10 -35.37 110.75
N LYS P 281 -10.70 -34.50 109.83
CA LYS P 281 -10.77 -34.81 108.41
C LYS P 281 -9.45 -34.34 107.80
N TRP P 282 -9.04 -34.97 106.71
CA TRP P 282 -7.79 -34.60 106.05
C TRP P 282 -8.04 -33.72 104.83
N ALA P 283 -7.28 -32.64 104.71
CA ALA P 283 -7.43 -31.71 103.59
C ALA P 283 -6.83 -32.30 102.32
N ARG P 284 -6.03 -33.35 102.47
CA ARG P 284 -5.39 -34.01 101.34
C ARG P 284 -5.51 -35.52 101.47
N SER P 285 -5.14 -36.24 100.42
CA SER P 285 -5.21 -37.69 100.42
C SER P 285 -3.92 -38.33 100.93
N LYS P 286 -3.98 -39.63 101.18
CA LYS P 286 -2.82 -40.38 101.66
C LYS P 286 -1.68 -40.23 100.67
N GLU P 287 -2.00 -40.37 99.39
CA GLU P 287 -1.00 -40.26 98.32
C GLU P 287 -0.33 -38.90 98.31
N GLU P 288 -1.12 -37.84 98.44
CA GLU P 288 -0.58 -36.49 98.43
C GLU P 288 0.33 -36.26 99.63
N ILE P 289 -0.11 -36.68 100.80
CA ILE P 289 0.69 -36.51 102.01
C ILE P 289 1.94 -37.38 101.92
N GLY P 290 1.80 -38.56 101.31
CA GLY P 290 2.94 -39.45 101.14
C GLY P 290 3.30 -40.32 102.33
N ASP P 291 4.01 -39.75 103.30
CA ASP P 291 4.41 -40.49 104.48
C ASP P 291 4.20 -39.67 105.75
N ILE P 292 4.68 -40.20 106.87
CA ILE P 292 4.55 -39.55 108.17
C ILE P 292 5.23 -38.19 108.24
N ASP P 293 6.14 -37.93 107.29
CA ASP P 293 6.85 -36.67 107.26
C ASP P 293 6.26 -35.66 106.29
N GLY P 294 5.12 -36.03 105.68
CA GLY P 294 4.51 -35.13 104.72
C GLY P 294 3.31 -34.33 105.19
N PHE P 295 2.99 -34.40 106.48
CA PHE P 295 1.85 -33.67 107.01
C PHE P 295 2.13 -32.17 107.21
N LYS P 296 1.08 -31.38 107.07
CA LYS P 296 1.16 -29.93 107.24
C LYS P 296 0.01 -29.49 108.14
N VAL P 297 0.21 -28.40 108.87
CA VAL P 297 -0.83 -27.91 109.78
C VAL P 297 -2.19 -27.80 109.09
N GLU P 298 -2.21 -27.23 107.89
CA GLU P 298 -3.45 -27.06 107.14
C GLU P 298 -4.10 -28.38 106.70
N ASP P 299 -3.42 -29.50 106.89
CA ASP P 299 -3.98 -30.79 106.51
C ASP P 299 -5.02 -31.24 107.53
N PHE P 300 -4.91 -30.74 108.76
CA PHE P 300 -5.82 -31.10 109.84
C PHE P 300 -7.09 -30.28 109.84
N VAL P 301 -8.18 -30.86 109.35
CA VAL P 301 -9.45 -30.16 109.30
C VAL P 301 -10.35 -30.66 110.44
N VAL P 302 -10.39 -29.88 111.52
CA VAL P 302 -11.21 -30.24 112.68
C VAL P 302 -12.56 -29.53 112.59
N GLU P 303 -13.62 -30.30 112.46
CA GLU P 303 -14.96 -29.73 112.34
C GLU P 303 -15.85 -30.10 113.53
N GLY P 304 -16.72 -29.16 113.90
CA GLY P 304 -17.64 -29.41 115.00
C GLY P 304 -17.09 -29.09 116.38
N TYR P 305 -15.96 -28.39 116.45
CA TYR P 305 -15.38 -28.05 117.74
C TYR P 305 -16.17 -26.89 118.34
N LYS P 306 -16.84 -27.15 119.47
CA LYS P 306 -17.64 -26.14 120.14
C LYS P 306 -17.33 -26.10 121.64
N PRO P 307 -16.18 -25.52 122.01
CA PRO P 307 -15.76 -25.42 123.41
C PRO P 307 -16.30 -24.20 124.14
N TRP P 308 -16.17 -24.21 125.46
CA TRP P 308 -16.59 -23.09 126.27
C TRP P 308 -15.43 -22.10 126.25
N GLY P 309 -15.55 -21.02 127.01
CA GLY P 309 -14.50 -20.01 127.04
C GLY P 309 -13.17 -20.51 127.55
N LYS P 310 -12.10 -19.77 127.22
CA LYS P 310 -10.76 -20.13 127.65
C LYS P 310 -10.63 -19.95 129.15
N ILE P 311 -9.70 -20.67 129.75
CA ILE P 311 -9.45 -20.58 131.18
C ILE P 311 -7.97 -20.33 131.37
N ASP P 312 -7.63 -19.14 131.88
CA ASP P 312 -6.25 -18.78 132.09
C ASP P 312 -5.58 -19.55 133.22
N MET P 313 -4.43 -20.12 132.93
CA MET P 313 -3.64 -20.86 133.90
C MET P 313 -2.16 -20.65 133.60
N LYS P 314 -1.42 -20.23 134.62
CA LYS P 314 0.01 -19.98 134.48
C LYS P 314 0.81 -21.27 134.54
N MET P 315 1.79 -21.39 133.65
CA MET P 315 2.63 -22.58 133.64
C MET P 315 3.83 -22.37 134.56
N SER P 316 4.16 -23.39 135.34
CA SER P 316 5.28 -23.31 136.26
C SER P 316 6.53 -23.88 135.59
N ALA P 317 7.52 -23.03 135.35
CA ALA P 317 8.76 -23.43 134.70
C ALA P 317 9.57 -24.40 135.55
N1 UMP Q . 51.25 20.86 -66.59
C2 UMP Q . 51.86 20.57 -67.78
N3 UMP Q . 51.15 20.02 -68.78
C4 UMP Q . 49.86 19.57 -68.61
C5 UMP Q . 49.21 19.66 -67.24
C6 UMP Q . 49.78 20.80 -66.38
O2 UMP Q . 53.05 20.81 -67.95
O4 UMP Q . 49.24 19.11 -69.57
C1' UMP Q . 52.10 21.30 -65.46
C2' UMP Q . 52.29 22.83 -65.31
C3' UMP Q . 52.44 22.98 -63.80
C4' UMP Q . 51.42 21.99 -63.19
O3' UMP Q . 53.69 22.42 -63.39
O4' UMP Q . 51.39 20.92 -64.21
C5' UMP Q . 50.02 22.62 -63.09
O5' UMP Q . 50.05 23.45 -61.89
P UMP Q . 49.54 24.88 -62.03
OP1 UMP Q . 50.36 25.49 -63.15
OP2 UMP Q . 48.10 24.92 -62.36
OP3 UMP Q . 49.72 25.58 -60.73
N1 CB3 R . 51.58 18.42 -62.36
C2 CB3 R . 52.91 18.69 -62.45
NA2 CB3 R . 53.63 19.20 -61.43
N3 CB3 R . 53.54 18.42 -63.61
C4 CB3 R . 52.86 17.84 -64.66
O4 CB3 R . 53.37 17.79 -65.93
C4A CB3 R . 51.54 17.41 -64.54
C5 CB3 R . 50.91 16.76 -65.59
C6 CB3 R . 49.55 16.25 -65.48
C7 CB3 R . 48.85 16.48 -64.21
C8 CB3 R . 49.54 17.20 -63.13
C8A CB3 R . 50.89 17.68 -63.31
C9 CB3 R . 49.10 15.19 -66.48
N10 CB3 R . 50.15 14.55 -67.32
C11 CB3 R . 53.53 12.31 -65.80
C12 CB3 R . 52.45 12.61 -64.91
C13 CB3 R . 51.32 13.33 -65.44
C14 CB3 R . 51.24 13.76 -66.84
C15 CB3 R . 52.36 13.50 -67.65
C16 CB3 R . 53.53 12.78 -67.15
C CB3 R . 54.56 11.47 -65.26
O CB3 R . 54.62 11.28 -64.05
N CB3 R . 55.43 10.92 -66.04
CA CB3 R . 56.50 10.05 -65.57
CB CB3 R . 56.01 8.59 -65.45
CG CB3 R . 55.45 8.01 -66.75
CD CB3 R . 54.61 6.74 -66.53
OE1 CB3 R . 53.51 6.84 -65.99
OE2 CB3 R . 55.08 5.64 -66.92
CT CB3 R . 57.58 10.16 -66.65
O1 CB3 R . 57.25 10.66 -67.74
O2 CB3 R . 58.73 9.76 -66.38
CP1 CB3 R . 49.92 14.60 -68.83
CP2 CB3 R . 50.67 15.72 -69.44
CP3 CB3 R . 51.25 16.74 -69.70
N1 UMP S . 41.00 41.83 -86.14
C2 UMP S . 42.14 42.27 -85.60
N3 UMP S . 42.12 42.71 -84.32
C4 UMP S . 41.06 42.85 -83.50
C5 UMP S . 39.72 42.48 -84.08
C6 UMP S . 39.82 41.54 -85.30
O2 UMP S . 43.18 42.25 -86.26
O4 UMP S . 41.16 43.33 -82.35
C1' UMP S . 40.98 41.42 -87.61
C2' UMP S . 41.36 39.97 -87.95
C3' UMP S . 40.60 39.74 -89.25
C4' UMP S . 39.23 40.43 -89.01
O3' UMP S . 41.36 40.32 -90.41
O4' UMP S . 39.60 41.47 -88.03
C5' UMP S . 38.26 39.51 -88.28
O5' UMP S . 37.91 38.56 -89.27
P UMP S . 37.84 37.03 -88.89
OP1 UMP S . 39.18 36.54 -88.52
OP2 UMP S . 36.96 36.88 -87.69
OP3 UMP S . 37.28 36.37 -90.12
N1 CB3 T . 38.02 43.88 -89.33
C2 CB3 T . 39.15 43.79 -90.11
NA2 CB3 T . 39.10 43.26 -91.33
N3 CB3 T . 40.32 44.17 -89.58
C4 CB3 T . 40.38 44.68 -88.31
O4 CB3 T . 41.58 45.05 -87.79
C4A CB3 T . 39.25 44.81 -87.50
C5 CB3 T . 39.31 45.38 -86.23
C6 CB3 T . 38.12 45.64 -85.46
C7 CB3 T . 36.85 45.25 -86.03
C8 CB3 T . 36.78 44.63 -87.34
C8A CB3 T . 38.02 44.42 -88.09
C9 CB3 T . 38.16 46.61 -84.31
N10 CB3 T . 39.33 47.58 -84.15
C11 CB3 T . 40.26 50.36 -87.33
C12 CB3 T . 39.10 49.68 -87.37
C13 CB3 T . 38.81 48.79 -86.29
C14 CB3 T . 39.69 48.54 -85.14
C15 CB3 T . 40.88 49.27 -85.15
C16 CB3 T . 41.19 50.20 -86.26
C CB3 T . 40.40 51.33 -88.38
O CB3 T . 39.73 51.31 -89.42
N CB3 T . 41.30 52.23 -88.17
CA CB3 T . 41.66 53.16 -89.31
CB CB3 T . 40.85 54.43 -89.04
CG CB3 T . 41.05 54.98 -87.62
CD CB3 T . 40.13 56.12 -87.28
OE1 CB3 T . 38.92 55.89 -87.08
OE2 CB3 T . 40.62 57.28 -87.24
CT CB3 T . 43.17 53.43 -89.25
O1 CB3 T . 43.82 52.97 -88.28
O2 CB3 T . 43.68 54.08 -90.20
CP1 CB3 T . 40.11 47.46 -82.88
CP2 CB3 T . 41.30 46.64 -83.17
CP3 CB3 T . 42.21 45.90 -83.47
N1 UMP U . -8.84 23.25 -75.28
C2 UMP U . -9.18 24.58 -75.63
N3 UMP U . -8.29 25.60 -75.39
C4 UMP U . -7.15 25.41 -74.66
C5 UMP U . -6.86 24.04 -74.07
C6 UMP U . -7.47 22.87 -74.86
O2 UMP U . -10.25 24.84 -76.16
O4 UMP U . -6.40 26.36 -74.46
C1' UMP U . -9.79 22.13 -75.46
C2' UMP U . -9.70 21.33 -76.78
C3' UMP U . -10.25 19.97 -76.37
C4' UMP U . -9.64 19.65 -74.97
O3' UMP U . -11.65 20.09 -76.07
O4' UMP U . -9.59 21.02 -74.44
C5' UMP U . -8.21 19.10 -75.09
O5' UMP U . -8.33 17.71 -75.36
P UMP U . -7.58 17.15 -76.61
OP1 UMP U . -8.02 17.97 -77.80
OP2 UMP U . -6.10 17.22 -76.40
OP3 UMP U . -8.05 15.75 -76.71
N1 CB3 V . -10.54 20.57 -71.60
C2 CB3 V . -11.73 20.70 -72.24
NA2 CB3 V . -12.49 19.66 -72.42
N3 CB3 V . -12.09 21.95 -72.65
C4 CB3 V . -11.31 23.06 -72.44
O4 CB3 V . -11.65 24.29 -72.94
C4A CB3 V . -10.13 22.96 -71.70
C5 CB3 V . -9.35 24.08 -71.38
C6 CB3 V . -8.16 23.99 -70.50
C7 CB3 V . -7.82 22.67 -69.99
C8 CB3 V . -8.61 21.51 -70.35
C8A CB3 V . -9.78 21.66 -71.21
C9 CB3 V . -7.62 25.20 -69.79
N10 CB3 V . -8.48 26.39 -69.77
C11 CB3 V . -12.40 26.61 -68.02
C12 CB3 V . -11.55 25.55 -67.71
C13 CB3 V . -10.25 25.51 -68.31
C14 CB3 V . -9.79 26.52 -69.24
C15 CB3 V . -10.70 27.55 -69.61
C16 CB3 V . -12.01 27.60 -69.00
C CB3 V . -13.67 26.56 -67.36
O CB3 V . -14.05 25.56 -66.76
N CB3 V . -14.40 27.63 -67.43
CA CB3 V . -15.65 27.74 -66.75
CB CB3 V . -15.39 28.10 -65.27
CG CB3 V . -14.60 29.40 -65.06
CD CB3 V . -14.31 29.67 -63.57
OE1 CB3 V . -13.48 28.95 -62.97
OE2 CB3 V . -14.90 30.60 -63.01
CT CB3 V . -16.40 28.88 -67.43
O1 CB3 V . -15.74 29.67 -68.16
O2 CB3 V . -17.64 28.97 -67.24
CP1 CB3 V . -7.83 27.57 -70.35
CP2 CB3 V . -8.36 27.80 -71.73
CP3 CB3 V . -8.83 27.86 -72.83
N1 UMP W . 8.91 29.79 -99.16
C2 UMP W . 7.71 29.32 -99.59
N3 UMP W . 7.49 28.03 -99.50
C4 UMP W . 8.36 27.11 -99.09
C5 UMP W . 9.73 27.53 -98.66
C6 UMP W . 9.80 29.01 -98.31
O2 UMP W . 6.84 30.03 -100.07
O4 UMP W . 8.04 25.93 -99.15
C1' UMP W . 9.18 31.20 -99.44
C2' UMP W . 8.60 32.15 -98.41
C3' UMP W . 9.58 33.32 -98.52
C4' UMP W . 10.97 32.68 -98.67
O3' UMP W . 9.30 34.18 -99.71
O4' UMP W . 10.62 31.41 -99.34
C5' UMP W . 11.58 32.32 -97.31
O5' UMP W . 12.17 33.53 -96.82
P UMP W . 11.83 33.90 -95.30
OP1 UMP W . 10.33 33.97 -95.06
OP2 UMP W . 12.33 32.66 -94.46
OP3 UMP W . 12.57 35.19 -95.03
N1 CB3 X . 12.78 31.20 -101.51
C2 CB3 X . 11.87 32.13 -102.02
NA2 CB3 X . 12.13 33.40 -102.03
N3 CB3 X . 10.67 31.70 -102.49
C4 CB3 X . 10.37 30.37 -102.49
O4 CB3 X . 9.21 29.93 -102.94
C4A CB3 X . 11.27 29.38 -101.98
C5 CB3 X . 10.96 28.03 -102.00
C6 CB3 X . 11.96 27.03 -101.59
C7 CB3 X . 13.26 27.50 -101.16
C8 CB3 X . 13.56 28.89 -101.11
C8A CB3 X . 12.54 29.86 -101.53
C9 CB3 X . 11.88 25.58 -102.01
N10 CB3 X . 10.90 25.24 -103.12
C11 CB3 X . 11.17 27.01 -107.06
C12 CB3 X . 12.26 27.15 -106.17
C13 CB3 X . 12.13 26.53 -104.88
C14 CB3 X . 10.97 25.78 -104.44
C15 CB3 X . 9.87 25.69 -105.38
C16 CB3 X . 9.98 26.31 -106.69
C CB3 X . 11.40 27.56 -108.40
O CB3 X . 12.35 28.32 -108.65
N CB3 X . 10.53 27.22 -109.31
CA CB3 X . 10.71 27.75 -110.70
CB CB3 X . 11.63 26.83 -111.52
CG CB3 X . 11.17 25.36 -111.55
CD CB3 X . 12.23 24.40 -112.11
OE1 CB3 X . 13.23 24.13 -111.41
OE2 CB3 X . 12.07 23.94 -113.26
CT CB3 X . 9.31 27.82 -111.28
O1 CB3 X . 9.12 28.55 -112.27
O2 CB3 X . 8.41 27.14 -110.75
CP1 CB3 X . 9.81 24.35 -102.60
CP2 CB3 X . 8.60 25.14 -102.29
CP3 CB3 X . 7.64 25.84 -102.10
N1 UMP Y . -38.59 49.60 -23.22
C2 UMP Y . -38.29 48.35 -22.75
N3 UMP Y . -39.13 47.31 -22.94
C4 UMP Y . -40.36 47.45 -23.46
C5 UMP Y . -40.86 48.83 -23.87
C6 UMP Y . -39.71 49.82 -24.14
O2 UMP Y . -37.22 48.14 -22.19
O4 UMP Y . -41.07 46.46 -23.57
C1' UMP Y . -37.73 50.72 -22.86
C2' UMP Y . -36.58 51.02 -23.85
C3' UMP Y . -36.32 52.49 -23.65
C4' UMP Y . -37.71 53.12 -23.51
O3' UMP Y . -35.62 52.66 -22.37
O4' UMP Y . -38.39 52.01 -22.79
C5' UMP Y . -38.37 53.27 -24.87
O5' UMP Y . -37.68 54.44 -25.22
P UMP Y . -37.24 54.55 -26.76
OP1 UMP Y . -36.20 53.47 -26.90
OP2 UMP Y . -38.39 54.35 -27.67
OP3 UMP Y . -36.62 55.87 -26.92
N1 CB3 Z . -39.93 53.22 -20.57
C2 CB3 Z . -38.69 53.01 -20.02
NA2 CB3 Z . -37.80 54.00 -19.79
N3 CB3 Z . -38.38 51.75 -19.63
C4 CB3 Z . -39.18 50.67 -19.80
O4 CB3 Z . -38.73 49.39 -19.59
C4A CB3 Z . -40.50 50.87 -20.28
C5 CB3 Z . -41.42 49.82 -20.36
C6 CB3 Z . -42.79 49.99 -20.77
C7 CB3 Z . -43.19 51.34 -21.13
C8 CB3 Z . -42.25 52.43 -21.08
C8A CB3 Z . -40.88 52.20 -20.64
C9 CB3 Z . -43.82 49.00 -20.47
N10 CB3 Z . -43.48 48.02 -19.33
C11 CB3 Z . -42.55 49.03 -15.22
C12 CB3 Z . -42.95 50.04 -16.11
C13 CB3 Z . -43.24 49.67 -17.46
C14 CB3 Z . -43.14 48.32 -17.98
C15 CB3 Z . -42.70 47.32 -17.03
C16 CB3 Z . -42.42 47.66 -15.68
C CB3 Z . -42.11 49.46 -13.93
O CB3 Z . -42.21 50.64 -13.61
N CB3 Z . -41.59 48.57 -13.12
CA CB3 Z . -41.58 48.68 -11.65
CB CB3 Z . -42.91 48.79 -10.85
CG CB3 Z . -44.04 47.85 -11.43
CD CB3 Z . -45.44 47.97 -10.74
OE1 CB3 Z . -45.58 47.52 -9.58
OE2 CB3 Z . -46.42 48.44 -11.40
CT CB3 Z . -40.77 47.50 -11.17
O1 CB3 Z . -40.78 46.44 -11.84
O2 CB3 Z . -40.15 47.68 -10.10
CP1 CB3 Z . -43.56 46.59 -19.77
CP2 CB3 Z . -42.19 46.11 -20.20
CP3 CB3 Z . -41.09 45.84 -20.61
N1 UMP AA . -31.93 33.21 -48.07
C2 UMP AA . -30.77 33.74 -47.58
N3 UMP AA . -30.50 35.04 -47.81
C4 UMP AA . -31.30 35.89 -48.53
C5 UMP AA . -32.59 35.40 -49.12
C6 UMP AA . -33.04 34.07 -48.54
O2 UMP AA . -29.98 33.07 -46.95
O4 UMP AA . -30.92 37.04 -48.72
C1' UMP AA . -32.09 31.77 -48.05
C2' UMP AA . -32.64 31.16 -46.73
C3' UMP AA . -33.36 29.90 -47.25
C4' UMP AA . -34.03 30.31 -48.61
O3' UMP AA . -32.38 28.92 -47.61
O4' UMP AA . -33.08 31.35 -49.03
C5' UMP AA . -35.35 31.05 -48.43
O5' UMP AA . -36.20 30.00 -48.12
P UMP AA . -37.39 30.14 -47.06
OP1 UMP AA . -36.73 30.33 -45.76
OP2 UMP AA . -38.28 31.26 -47.37
OP3 UMP AA . -38.18 28.87 -47.14
N1 CB3 BA . -32.69 30.59 -51.97
C2 CB3 BA . -31.87 29.67 -51.38
NA2 CB3 BA . -32.22 28.39 -51.23
N3 CB3 BA . -30.68 30.13 -50.88
C4 CB3 BA . -30.34 31.47 -50.92
O4 CB3 BA . -29.26 31.93 -50.33
C4A CB3 BA . -31.14 32.37 -51.64
C5 CB3 BA . -30.71 33.67 -51.90
C6 CB3 BA . -31.49 34.52 -52.78
C7 CB3 BA . -32.72 33.99 -53.33
C8 CB3 BA . -33.19 32.68 -53.05
C8A CB3 BA . -32.36 31.86 -52.19
C9 CB3 BA . -30.91 35.74 -53.40
N10 CB3 BA . -29.41 35.89 -53.41
C11 CB3 BA . -26.77 32.98 -55.09
C12 CB3 BA . -28.13 32.97 -55.49
C13 CB3 BA . -28.97 33.94 -54.94
C14 CB3 BA . -28.52 34.94 -53.96
C15 CB3 BA . -27.14 34.86 -53.51
C16 CB3 BA . -26.26 33.88 -54.07
C CB3 BA . -25.92 32.23 -55.93
O CB3 BA . -26.39 31.29 -56.56
N CB3 BA . -24.63 32.58 -55.99
CA CB3 BA . -23.74 31.62 -56.68
CB CB3 BA . -23.19 32.23 -57.97
CG CB3 BA . -24.14 33.13 -58.70
CD CB3 BA . -23.46 33.90 -59.81
OE1 CB3 BA . -24.19 34.59 -60.53
OE2 CB3 BA . -22.20 33.83 -59.95
CT CB3 BA . -22.52 31.43 -55.78
O1 CB3 BA . -22.29 32.30 -54.93
O2 CB3 BA . -21.79 30.46 -56.01
CP1 CB3 BA . -28.85 37.06 -52.61
CP2 CB3 BA . -28.54 36.62 -51.22
CP3 CB3 BA . -28.24 36.22 -50.14
N1 UMP CA . 15.60 -19.19 49.60
C2 UMP CA . 14.98 -19.03 50.80
N3 UMP CA . 15.72 -18.61 51.88
C4 UMP CA . 17.07 -18.46 51.84
C5 UMP CA . 17.82 -18.78 50.55
C6 UMP CA . 16.96 -18.70 49.30
O2 UMP CA . 13.78 -19.26 50.84
O4 UMP CA . 17.66 -18.04 52.85
C1' UMP CA . 14.85 -19.90 48.57
C2' UMP CA . 14.03 -18.97 47.69
C3' UMP CA . 14.00 -19.76 46.41
C4' UMP CA . 15.43 -20.31 46.25
O3' UMP CA . 13.09 -20.87 46.60
O4' UMP CA . 15.76 -20.59 47.66
C5' UMP CA . 16.37 -19.23 45.72
O5' UMP CA . 16.03 -19.48 44.35
P UMP CA . 15.92 -18.09 43.50
OP1 UMP CA . 14.83 -17.33 44.12
OP2 UMP CA . 17.26 -17.43 43.66
OP3 UMP CA . 15.65 -18.54 42.06
N1 CB3 DA . 16.97 -23.44 47.75
C2 CB3 DA . 15.61 -23.66 47.80
NA2 CB3 DA . 14.90 -24.01 46.73
N3 CB3 DA . 14.97 -23.53 48.97
C4 CB3 DA . 15.59 -22.94 50.05
O4 CB3 DA . 14.82 -22.51 51.09
C4A CB3 DA . 17.01 -22.70 50.08
C5 CB3 DA . 17.70 -22.28 51.23
C6 CB3 DA . 19.17 -22.22 51.23
C7 CB3 DA . 19.90 -22.54 50.00
C8 CB3 DA . 19.16 -22.94 48.81
C8A CB3 DA . 17.71 -23.02 48.86
C9 CB3 DA . 19.95 -22.26 52.51
N10 CB3 DA . 19.28 -22.77 53.74
C11 CB3 DA . 17.33 -26.53 54.09
C12 CB3 DA . 18.18 -26.32 52.95
C13 CB3 DA . 18.83 -25.07 52.87
C14 CB3 DA . 18.66 -24.01 53.87
C15 CB3 DA . 17.78 -24.26 55.00
C16 CB3 DA . 17.11 -25.51 55.11
C CB3 DA . 16.85 -27.85 54.22
O CB3 DA . 16.99 -28.66 53.32
N CB3 DA . 16.26 -28.12 55.35
CA CB3 DA . 15.80 -29.46 55.57
CB CB3 DA . 16.94 -30.36 56.10
CG CB3 DA . 17.54 -29.89 57.44
CD CB3 DA . 18.78 -30.70 57.88
OE1 CB3 DA . 19.89 -30.49 57.34
OE2 CB3 DA . 18.63 -31.56 58.76
CT CB3 DA . 14.63 -29.38 56.57
O1 CB3 DA . 14.56 -28.41 57.36
O2 CB3 DA . 13.78 -30.28 56.53
CP1 CB3 DA . 19.15 -21.75 54.82
CP2 CB3 DA . 17.85 -21.00 54.82
CP3 CB3 DA . 16.86 -20.35 54.56
N1 UMP EA . 12.78 11.02 52.61
C2 UMP EA . 11.64 10.49 52.07
N3 UMP EA . 11.63 10.10 50.76
C4 UMP EA . 12.66 10.28 49.91
C5 UMP EA . 13.96 10.94 50.40
C6 UMP EA . 14.11 10.91 51.93
O2 UMP EA . 10.60 10.38 52.72
O4 UMP EA . 12.51 9.94 48.72
C1' UMP EA . 12.67 11.56 54.01
C2' UMP EA . 12.90 10.54 55.15
C3' UMP EA . 13.57 11.43 56.20
C4' UMP EA . 14.53 12.36 55.42
O3' UMP EA . 12.52 12.27 56.68
O4' UMP EA . 13.80 12.44 54.11
C5' UMP EA . 15.89 11.70 55.19
O5' UMP EA . 16.43 11.77 56.50
P UMP EA . 17.18 10.63 57.08
OP1 UMP EA . 16.37 9.50 57.30
OP2 UMP EA . 18.20 10.28 56.23
OP3 UMP EA . 17.75 10.97 58.28
N1 CB3 FA . 14.07 15.49 53.63
C2 CB3 FA . 13.02 15.46 54.50
NA2 CB3 FA . 13.06 15.92 55.76
N3 CB3 FA . 11.92 14.90 54.03
C4 CB3 FA . 11.75 14.49 52.74
O4 CB3 FA . 10.62 13.98 52.29
C4A CB3 FA . 12.80 14.61 51.85
C5 CB3 FA . 12.61 14.33 50.51
C6 CB3 FA . 13.67 14.58 49.59
C7 CB3 FA . 14.91 15.09 50.10
C8 CB3 FA . 15.11 15.36 51.49
C8A CB3 FA . 14.00 15.13 52.36
C9 CB3 FA . 13.39 14.65 48.14
N10 CB3 FA . 12.00 14.83 47.70
C11 CB3 FA . 9.56 18.19 48.84
C12 CB3 FA . 10.98 18.29 49.00
C13 CB3 FA . 11.76 17.20 48.57
C14 CB3 FA . 11.19 15.97 48.00
C15 CB3 FA . 9.76 15.91 47.88
C16 CB3 FA . 8.95 16.99 48.30
C CB3 FA . 8.80 19.31 49.18
O CB3 FA . 9.24 20.22 49.88
N CB3 FA . 7.55 19.38 48.72
CA CB3 FA . 6.80 20.56 49.15
CB CB3 FA . 7.03 21.67 48.11
CG CB3 FA . 6.46 21.32 46.75
CD CB3 FA . 6.88 22.29 45.66
OE1 CB3 FA . 8.05 22.25 45.23
OE2 CB3 FA . 6.06 23.11 45.23
CT CB3 FA . 5.34 20.13 49.12
O1 CB3 FA . 5.06 19.10 48.50
O2 CB3 FA . 4.50 20.85 49.71
CP1 CB3 FA . 11.51 13.69 46.87
CP2 CB3 FA . 10.78 12.73 47.74
CP3 CB3 FA . 10.14 11.95 48.38
N1 UMP GA . 42.44 -22.36 12.22
C2 UMP GA . 43.13 -22.59 11.04
N3 UMP GA . 42.44 -23.18 10.02
C4 UMP GA . 41.12 -23.55 10.05
C5 UMP GA . 40.28 -23.35 11.30
C6 UMP GA . 40.97 -22.46 12.35
O2 UMP GA . 44.31 -22.28 10.93
O4 UMP GA . 40.63 -24.09 9.05
C1' UMP GA . 43.22 -21.96 13.40
C2' UMP GA . 43.47 -20.45 13.43
C3' UMP GA . 44.01 -20.31 14.84
C4' UMP GA . 43.06 -21.11 15.74
O3' UMP GA . 45.24 -21.02 14.83
O4' UMP GA . 42.78 -22.26 14.81
C5' UMP GA . 41.76 -20.34 15.99
O5' UMP GA . 42.05 -19.14 16.77
P UMP GA . 40.83 -18.22 17.17
OP1 UMP GA . 40.39 -17.43 16.01
OP2 UMP GA . 39.72 -19.09 17.63
OP3 UMP GA . 41.26 -17.31 18.26
N1 UMP HA . 32.50 -1.18 -7.06
C2 UMP HA . 33.74 -0.77 -6.59
N3 UMP HA . 33.80 -0.29 -5.31
C4 UMP HA . 32.74 -0.19 -4.43
C5 UMP HA . 31.34 -0.61 -4.86
C6 UMP HA . 31.32 -1.40 -6.19
O2 UMP HA . 34.74 -0.82 -7.31
O4 UMP HA . 32.93 0.27 -3.31
C1' UMP HA . 32.36 -1.47 -8.49
C2' UMP HA . 32.84 -2.89 -8.84
C3' UMP HA . 32.30 -3.00 -10.24
C4' UMP HA . 30.85 -2.51 -10.18
O3' UMP HA . 33.05 -2.03 -10.99
O4' UMP HA . 31.03 -1.39 -9.19
C5' UMP HA . 29.94 -3.59 -9.59
O5' UMP HA . 29.86 -4.72 -10.49
P UMP HA . 29.50 -6.18 -9.91
OP1 UMP HA . 30.74 -6.82 -9.43
OP2 UMP HA . 28.53 -6.06 -8.79
OP3 UMP HA . 28.92 -7.01 -10.99
N1 UMP IA . -17.08 -19.84 3.59
C2 UMP IA . -17.47 -18.63 3.08
N3 UMP IA . -16.67 -17.55 3.35
C4 UMP IA . -15.51 -17.56 4.09
C5 UMP IA . -15.01 -18.86 4.70
C6 UMP IA . -15.73 -20.11 4.13
O2 UMP IA . -18.50 -18.51 2.42
O4 UMP IA . -14.89 -16.52 4.23
C1' UMP IA . -18.03 -20.96 3.54
C2' UMP IA . -18.02 -21.69 2.20
C3' UMP IA . -18.84 -22.90 2.54
C4' UMP IA . -18.28 -23.43 3.87
O3' UMP IA . -20.15 -22.41 2.81
O4' UMP IA . -17.97 -22.10 4.52
C5' UMP IA . -16.98 -24.21 3.63
O5' UMP IA . -17.27 -25.43 2.89
P UMP IA . -16.06 -26.21 2.16
OP1 UMP IA . -15.89 -25.65 0.81
OP2 UMP IA . -14.82 -26.00 2.94
OP3 UMP IA . -16.37 -27.65 2.08
N1 UMP JA . 0.34 -13.49 -20.28
C2 UMP JA . -0.91 -13.91 -20.71
N3 UMP JA . -1.18 -15.26 -20.63
C4 UMP JA . -0.31 -16.21 -20.17
C5 UMP JA . 1.08 -15.83 -19.70
C6 UMP JA . 1.24 -14.32 -19.47
O2 UMP JA . -1.73 -13.12 -21.17
O4 UMP JA . -0.68 -17.39 -20.14
C1' UMP JA . 0.77 -12.11 -20.59
C2' UMP JA . 0.17 -11.08 -19.63
C3' UMP JA . 1.02 -9.87 -19.97
C4' UMP JA . 2.47 -10.37 -20.01
O3' UMP JA . 0.66 -9.54 -21.31
O4' UMP JA . 2.23 -11.73 -20.63
C5' UMP JA . 3.02 -10.55 -18.60
O5' UMP JA . 3.15 -9.26 -17.92
P UMP JA . 3.18 -9.22 -16.32
OP1 UMP JA . 1.79 -9.12 -15.82
OP2 UMP JA . 3.82 -10.44 -15.79
OP3 UMP JA . 3.94 -8.02 -15.87
N1 UMP KA . -47.11 6.29 55.41
C2 UMP KA . -46.64 5.04 55.73
N3 UMP KA . -47.51 3.98 55.57
C4 UMP KA . -48.81 4.08 55.14
C5 UMP KA . -49.40 5.44 54.81
C6 UMP KA . -48.33 6.52 54.63
O2 UMP KA . -45.49 4.85 56.12
O4 UMP KA . -49.49 3.06 55.04
C1' UMP KA . -46.33 7.48 55.81
C2' UMP KA . -45.19 7.77 54.84
C3' UMP KA . -44.80 9.17 55.29
C4' UMP KA . -46.12 9.95 55.41
O3' UMP KA . -44.30 9.00 56.61
O4' UMP KA . -46.99 8.84 55.97
C5' UMP KA . -46.64 10.36 54.03
O5' UMP KA . -45.75 11.36 53.44
P UMP KA . -45.69 11.52 51.84
OP1 UMP KA . -44.79 10.47 51.30
OP2 UMP KA . -47.04 11.34 51.28
OP3 UMP KA . -45.17 12.85 51.48
N1 UMP LA . -40.38 -9.84 30.69
C2 UMP LA . -39.19 -9.43 31.24
N3 UMP LA . -38.86 -8.10 31.13
C4 UMP LA . -39.59 -7.14 30.48
C5 UMP LA . -40.90 -7.53 29.80
C6 UMP LA . -41.44 -8.90 30.25
O2 UMP LA . -38.44 -10.24 31.81
O4 UMP LA . -39.19 -5.98 30.46
C1' UMP LA . -40.67 -11.28 30.63
C2' UMP LA . -41.19 -11.84 31.94
C3' UMP LA . -41.65 -13.21 31.49
C4' UMP LA . -42.44 -12.98 30.20
O3' UMP LA . -40.44 -13.89 31.14
O4' UMP LA . -41.63 -11.86 29.61
C5' UMP LA . -43.86 -12.49 30.51
O5' UMP LA . -44.61 -13.55 31.16
P UMP LA . -46.04 -13.28 31.85
OP1 UMP LA . -45.83 -12.75 33.22
OP2 UMP LA . -46.79 -12.30 31.06
OP3 UMP LA . -46.80 -14.54 31.94
N1 UMP MA . 7.22 -62.21 128.76
C2 UMP MA . 6.51 -61.92 129.93
N3 UMP MA . 7.21 -61.38 130.98
C4 UMP MA . 8.55 -61.14 130.99
C5 UMP MA . 9.41 -61.45 129.77
C6 UMP MA . 8.57 -61.67 128.50
O2 UMP MA . 5.30 -62.13 129.99
O4 UMP MA . 9.06 -60.66 132.00
C1' UMP MA . 6.55 -63.02 127.73
C2' UMP MA . 5.66 -62.16 126.84
C3' UMP MA . 5.45 -63.09 125.66
C4' UMP MA . 6.82 -63.69 125.35
O3' UMP MA . 4.61 -64.12 126.15
O4' UMP MA . 7.35 -63.84 126.75
C5' UMP MA . 7.71 -62.68 124.61
O5' UMP MA . 7.13 -62.46 123.30
P UMP MA . 7.41 -61.08 122.58
OP1 UMP MA . 6.34 -60.12 122.95
OP2 UMP MA . 8.72 -60.56 123.02
OP3 UMP MA . 7.40 -61.27 121.10
N1 UMP NA . 4.23 -32.07 131.41
C2 UMP NA . 3.02 -32.57 130.97
N3 UMP NA . 2.92 -32.92 129.65
C4 UMP NA . 3.93 -32.82 128.73
C5 UMP NA . 5.30 -32.28 129.11
C6 UMP NA . 5.49 -32.16 130.64
O2 UMP NA . 2.05 -32.69 131.72
O4 UMP NA . 3.70 -33.18 127.57
C1' UMP NA . 4.29 -31.45 132.74
C2' UMP NA . 4.48 -32.47 133.86
C3' UMP NA . 4.83 -31.53 135.00
C4' UMP NA . 5.87 -30.55 134.45
O3' UMP NA . 3.64 -30.80 135.25
O4' UMP NA . 5.33 -30.39 133.06
C5' UMP NA . 7.25 -31.21 134.39
O5' UMP NA . 7.74 -31.44 135.74
P UMP NA . 8.79 -32.61 136.06
OP1 UMP NA . 8.05 -33.87 136.24
OP2 UMP NA . 9.73 -32.75 134.92
OP3 UMP NA . 9.54 -32.30 137.29
#